data_7A01
#
_entry.id   7A01
#
_cell.length_a   1.00
_cell.length_b   1.00
_cell.length_c   1.00
_cell.angle_alpha   90.00
_cell.angle_beta   90.00
_cell.angle_gamma   90.00
#
_symmetry.space_group_name_H-M   'P 1'
#
loop_
_entity.id
_entity.type
_entity.pdbx_description
1 polymer 'INTERNAL RIBOSOME ENTRY SITE'
2 polymer '28S RIBOSOMAL RNA'
3 polymer '5.8S RIBOSOMAL RNA'
4 polymer '5S RIBOSOMAL RNA'
5 polymer 'Uncharacterized protein'
6 polymer eL14
7 polymer 'Ribosomal protein L24'
8 polymer 'Uncharacterized protein'
9 polymer 'Ribosomal protein L26'
10 polymer uL15
11 polymer '60S ribosomal protein L29'
12 polymer uL4
13 polymer eL31
14 polymer eL32
15 polymer '60S RIBOSOMAL PROTEIN UL13'
16 polymer eL33
17 polymer eL34
18 polymer 'Uncharacterized protein'
19 polymer uL29
20 polymer '60S ribosomal protein L36'
21 polymer 'Ribosomal protein L37'
22 polymer 'ribosomal protein eL39'
23 polymer '60S RIBOSOMAL PROTEIN EL40'
24 polymer eL42
25 polymer '60S ribosomal protein L5'
26 polymer uL22
27 polymer 'ribosomal protein eL43'
28 polymer 'Uncharacterized protein'
29 polymer '60S acidic ribosomal protein P0'
30 polymer 'Ribosomal protein L10 (Predicted)'
31 polymer 'Uncharacterized protein'
32 polymer 'Ribosomal_L6e_N domain-containing protein'
33 polymer '60S RIBOSOMAL PROTEIN EL18'
34 polymer '60S ribosomal protein L6'
35 polymer uL30
36 polymer '60S RIBOSOMAL PROTEIN EL8'
37 polymer 'Uncharacterized protein'
38 polymer 'Ribosomal protein L10 (Predicted)'
39 polymer 'Ribosomal protein L11'
40 polymer 'Ribosomal protein L14'
41 polymer 'Ribosomal protein L15'
42 polymer '60S ribosomal protein L27'
43 polymer '60S RIBOSOMAL PROTEIN EL19'
44 polymer 'Ribosomal protein'
45 polymer uL3
46 polymer '60S RIBOSOMAL PROTEIN EL20'
47 polymer eL21
48 polymer 'Ribosomal protein L22'
49 polymer '18S RIBOSOMAL RNA'
50 polymer '40S RIBOSOMAL PROTEIN ES30'
51 polymer 'Ribosomal protein L30'
52 polymer '40S ribosomal protein S27a'
53 polymer 'Ribosomal protein S11'
54 polymer 'ribosomal protein uS13'
55 polymer 'ribosomal protein RACK1'
56 polymer 'Uncharacterized protein'
57 polymer 'ribosomal protein uS19'
58 polymer 'Ribosomal protein S23'
59 polymer '40S_SA_C domain-containing protein'
60 polymer '40S ribosomal protein S3a'
61 polymer 'S5 DRBM domain-containing protein'
62 polymer '60s ribosomal protein l41'
63 polymer 'Ribosomal protein S3'
64 polymer '40S ribosomal protein S4,40S ribosomal protein S4'
65 polymer 'Ribosomal protein S15a'
66 polymer 'Ribosomal protein S5'
67 polymer '40S ribosomal protein S6'
68 polymer 'Uncharacterized protein'
69 polymer 'ribosomal protein eS28'
70 polymer 'ribosomal protein uS15'
71 polymer '40S ribosomal protein S8'
72 polymer 'Uncharacterized protein'
73 polymer 'Ribosomal protein S9 (Predicted)'
74 polymer '40S RIBOSOMAL PROTEIN ES21'
75 polymer '40S ribosomal protein S12'
76 polymer 'S10_plectin domain-containing protein'
77 polymer 'ribosomal protein uS14'
78 polymer 'Uncharacterized protein'
79 polymer '40S RIBOSOMAL PROTEIN ES7'
80 polymer 'Ribosomal_S10 domain-containing protein'
81 polymer '40S ribosomal protein S24'
82 polymer '40S ribosomal protein S27'
83 polymer 'ribosomal protein eS25'
84 polymer '40S RIBOSOMAL PROTEIN ES26'
85 polymer '60S ribosomal protein L13'
86 non-polymer 'ZINC ION'
#
loop_
_entity_poly.entity_id
_entity_poly.type
_entity_poly.pdbx_seq_one_letter_code
_entity_poly.pdbx_strand_id
1 'polyribonucleotide'
;AAAACAUGUGAUCUUAUCACUUUUAUAGUUUAUGAAAUCUUUAUUAUUGUUAUUGCUAUGUUUUAAAUUUCUUUUUCAAA
AUUCAUCCUGUUCCAGCAAUGGUUUUAAAGGAACUUGUAUAUGAAAACCGCCACUAUUACAUCAACAACAUCA
;
E1
2 'polyribonucleotide'
;CGCGACCUCAGAUCAGACGUGGCGACCCGCUGAAUUUAAGCAUAUUAGUCAGCGGAGGAGAAGAAACUAACCAGGAUUCC
CUCAGUAACGGCGAGUGAACAGGGAAGAGCCCAGCGCCGAAUCCCCGCCCCGCGGCGGGGCGCGGGACAUGUGGCGUACG
GAAGACCCGCUCCCCGGCGCCGCUCGUGGGGGGCCCAAGUCCUUCUGAUCGAGGCCCAGCCCGUGGACGGUGUGAGGCCG
GUAGCGGCCCCCGGCGCGCCGGGCCCGGGUCUUCCCGGAGUCGGGUUGCUUGGGAAUGCAGCCCAAAGCGGGUGGUAAAC
UCCAUCUAAGGCUAAAUACCGGCACGAGACCGAUAGUCAACAAGUACCGUAAGGGAAAGUUGAAAAGAACUUUGAAGAGA
GAGUUCAAGAGGGCGUGAAACCGUUAAGAGGUAAACGGGUGGGGUCCGCGCAGUCCGCCCGGAGGAUUCAACCCGGCGGC
GGGUCCGGCCGUGUCGGCGGCCCGGCGGAUCUUUCCCGCCCCCCGUGGGGUCGGCGGGGGACCGUCCCCCGACCGGCGAC
CGGCCGCCGCCGGGCGCAUUUCCACCGCGGCGGUGCGCCGCGACCGGCUCCGGGACGGCUGGGAAGGCCCGGCGGGGAAG
GUGGCUCGGCCCGAGUGUUACAGCCCCCCCGGCAGCAGCACUCGCCGAAUCCCGGGGCCGAGGGAGCGAGACCCGUCGCC
GCGCUCUCCCCCCUCGGCGUCUCCUCGUGGGGGGGCCGGGCCACCCCUCCCACGGCGCGACCGCUCUCCCACCCCUCGUC
GGGGGGCGGGGCGGACUGUCCCCAGUGCGCCCCGGGCGGGUCGCGCCGUCGGGCCCGGGGGAGGUUCUCUCGGGGCCACG
CGCGCGUCCCCCGAAGAGGGGGACGGCGGAGCGAGCGCACGGGGUCGGCGGCGACGUCGGCUACCCACCCGACCCGUCUU
GAAACACGGACCAAGGAGUCUAACACGUGCGCGAGUCGGGGGCUCGCACGAAAGCCGCCGUGGCGCAAUGAAGGUGAAGG
CCGGCGCGCUCGCCGGCCGAGGUGGGAUCCCGAGGCCUCUCCAGUCCGCCGAGGGCGCACCACCGGCCCGUCUCGCCCGC
CGCGCCGGGGAGGUGGAGCACGAGCGCACGUGUUAGGACCCGAAAGAUGGUGAACUAUGCCUGGGCAGGGCGAAGCCAGA
GGAAACUCUGGUGGAGGUCCGUAGCGGUCCUGACGUGCAAAUCGGUCGUCCGACCUGGGUAUAGGGGCGAAAGACUAAUC
GAACCAUCUAGUAGCUGGUUCCCUCCGAAGUUUCCCUCAGGAUAGCUGGCGCUCUCGCAGACCCGACGCACCCCCGCCAC
GCAGUUUUAUCCGGUAAAGCGAAUGAUUAGAGGUCUUGGGGCCGAAACGAUCUCAACCUAUUCUCAAACUUUAAAUGGGU
AAGAAGCCCGGCUCGCUGGCGUGAGCCGGGCGUGGAAUGGAGUGCCUAGUGGGCCACUUUUGGUAAGCAGAACUGGCGCU
GCGGGAUGAACCGAACGCCGGGUUAAGGCGCCCGAUGCCGACGCUCAUCAGACCCCAGAAAAGGUGUUGGUUGAUAUAGA
CAGCAGGACGGUGGCCAUGGAAGUCGGAAUCCGCUAAGGAGUGUGUAACAACUCACCUGCCGAAUCAACUAGCCCUGAAA
AUGGAUGGCGCUGGAGCGUCGGGCCCAUACCCGGCCGUCGCCGGCAGUCGAGAGUGGACGGGAGCGGCGGGGGCGGCGCG
CGCGCGCGCCCGCCCCCGGAGCCCCGCGGACGCUACGCCGCGACGAGUAGGAGGGCCGCUGCGGUGAGCCUUGAAGCCUA
GGGCGCGGGCCCGGGUGGAGCCGCCGCAGGUGCAGAUCUUGGUGGUAGUAGCAAAUAUUCAAACGAGAACUUUGAAGGCC
GAAGUGGAGAAGGGUUCCAUGUGAACAGCAGUUGAACAUGGGUCAGUCGGUCCUGAGAGAUGGGCGAGCGCCGUUCCGAA
GGGACGGGCGAUGGCCUCCGUUGCCCUCGGCCGAUCGAAAGGGAGUCGGGUUCAGAUCCCCGAAUCCGGAGUGGCGGAGA
UGGGCGCCGCGAGGCGUCCAGUGCGGUAACGCGACCGAUCCCGGAGAAGCCGGCGGGAGCCCCGGGGAGAGUUCUCUUUU
CUUUGUGAAGGGCAGGGCGCCCUGGAAUGGGUUCGCCCCGAGAGAGGGGCCCGUGCCUUGGAAAGCGUCGCGGUUCCGGC
GGCGUCCGGUGAGCUCUCGCUGGCCCUUGAAAAUCCGGGGGAGAGGGUGUAAAUCUCGCGCCGGGCCGUACCCAUAUCCG
CAGCAGGUCUCCAAGGUGAACAGCCUCUGGCAUGUUGGAACAAUGUAGGUAAGGGAAGUCGGCAAGCCGGAUCCGUAACU
UCGGGAUAAGGAUUGGCUCUAAGGGCUGCAGCCGACUUAGAACUGGUGCGGACCAGGGGAAUCCGACUGUUUAAUUAAAA
CAAAGCAUCGCGAAGGCCCGCGGCGGGUGUUGACGCGAUGUGAUUUCUGCCCAGUGCUCUGAAUGUCAAAGUGAAGAAAU
UCAAUGAAGCGCGGGUAAACGGCGGGAGUAACUAUGACUCUCUUAAGGUAGCCAAAUGCCUCGUCAUCUAAUUAGUGACG
CGCAUGAAUGGAUGAACGAGAUUCCCACUGUCCCUACCUACUAUCCAGCGAAACCACAGCCAAGGGAACGGGCUUGGCGG
AAUCAGCGGGGAAAGAAGACCCUGUUGAGCUUGACUCUAGUCUGGCACGGUGAAGAGACAUGAGAGGUGUAGAAUAAGUG
GGAGGCCCCCGGCGCCCCCCCGGUGUCCCCGCGAGGGGCCCGGGGCGGGGUCCGCCGGCCCUGCGGGCCGCCGGUGAAAU
ACCACUACUCUGAUCGUUUUUUCACUGACCCGGUGAGGCGGGGGGGCGAGCCCCGAGGGGCUCUCGCUUCUGGCGCCAAG
CGCCCGGCCGCGCGCCGGCCGGGCGCGACCCGCUCCGGGGACAGUGCCAGGUGGGGAGUUUGACUGGGGCGGUACACCUG
UCAAACGGUAACGCAGGUGUCCUAAGGCGAGCUCAGGGAGGACAGAAACCUCCCGUGGAGCAGAAGGGCAAAAGCUCGCU
UGAUCUUGAUUUUCAGUACGAAUACAGACCGUGAAAGCGGGGCCUCACGAUCCUUCUGACCUUUUGGGUUUUAAGCAGGA
GGUGUCAGAAAAGUUACCACAGGGAUAACUGGCUUGUGGCGGCCAAGCGUUCAUAGCGACGUCGCUUUUUGAUCCUUCGA
UGUCGGCUCUUCCUAUCAUUGUGAAGCAGAAUUCACCAAGCGUUGGAUUGUUCACCCACUAAUAGGGAACGUGAGCUGGG
UUUAGACCGUCGUGAGACAGGUUAGUUUUACCCUACUGAUGAUGUGUUGUUGCCAUGGUAAUCCUGCUCAGUACGAGAGG
AACCGCAGGUUCAGACAUUUGGUGUAUGUGCUUGGCUGAGGAGCCAAUGGGGCGAAGCUACCAUCUGUGGGAUUAUGACU
GAACGCCUCUAAGUCAGAAUCCCGCCCAGGCGGAACGAUACGGCAGCGCCGCGGAGCCUCGGUUGGCCUCGGAUAGCCGG
UCCCCCGCCGGGACCGGGGUCCGGUGCGGAGUGCCCUUCGUCCUGGGAAACGGGGCGCGGCCGGAGAGGCGGCCGCCCCC
UCGCCCGUCACGCACCGGCCGUUCGUGGGGAACCUGGCGCUAAACCAUUCGUAGACGACCUGCUUCUGGGUCGGGGUUUC
GUACGUAGCAGAGCAGCUCCCUCGCUGCGAUCUAUUGAAAGUCAGCCCUCGACACAAGGGUUUGU
;
e2
3 'polyribonucleotide'
;CGACUCUUAGCGGUGGAUCACUCGGCUCGUGCGUCGAUGAAGAACGCAGCUAGCUGCGAGAAUUAAUGUGAAUUGCAGGA
CACAUUGAUCAUCGACACUUCGAACGCACUUGCGGCCCCGGGUUCCUCCCGGGGCUACGCCUGUCUGAGCGUCGCU
;
h2
4 'polyribonucleotide'
;GUCUACGGCCAUACCACCCUGAACGCGCCCGAUCUCGUCUGAUCUCGGAAGCUAAGCAGGGUCGGGCCUGGUUAGUACUU
GGAUGGGAGACCGCCUGGGAAUACCGGGUGCUGUAGGCUU
;
d2
5 'polypeptide(L)' PRKIEEIKDFLLTARRKDAKSVNIKKNKDNVKFKVRCSRYLYTLVITDKEKAEKLKQSLPPGLAVKELK p2
6 'polypeptide(L)'
;SGAKFRISLGLPVGAVINCADNTGAKNLYIISVKGIKGRLNRLPAAGVGDMVMATVKKGKPELRKKVHPAVVIRQRKSYR
RKDGVFLYFEDNAGVIVNNKGEMKGSAITGPVAKECADLWPRIASNAGSIA
;
k2
7 'polypeptide(L)' MKVELCSFSGYKIYPGHGRRYARTDGKVFQFLNAKCESAFLSKRNPRQINWTVLYRRKHKKGQ l2
8 'polypeptide(L)'
;KKIRTSPTFRRPKTLRLRRQPKYPRKSAPRRNKLDHYAIIKFPLTTESAMKKIEDNNTLVFIVDVKANKHQIKQAVKKLY
DIDVAKVNTLIRPDGEKKAYVRLAPDYDALDVANKIGII
;
m2
9 'polypeptide(L)'
;MKFNPFVTSDRSKNRKRHFNAPSHIRRKIMSSPLSKELRQKYNVRSMPIRKDDEVQVVRGHYKGQQIGKVVQVYRKKYVI
YIERVQREKANGTTVHVGIHPSKVVITRLKLDKDRKKILERKAKSRQVGKEKGK
;
o2
10 'polypeptide(L)'
;PSRLRKTRKLRGHVSHGHGRIGKHRKHPGGRGNAGGMHHHRINFDKYHPGYFGKVGMRHYHLKRNQSFCPTVNLDKLWTL
VSEQTRVNAAKNKTGAAPIIDVVRSGYYKVLGKGKLPKQPVIVKAKFFSRRAEEKIKGVGGACVLVA
;
q2
11 'polypeptide(L)' AKSKNHTTHNQSRKWHRNGIKKPRSQRYESLKGVDPKFLRNMRFAKKHNKKGLKKMQANNAKAMAARAEAIKALV r2
12 'polypeptide(L)'
;ACARPLISVYSEKGESSGKNVTLPAVFKAPIRPDIVNFVHTNLRKNNRQPYAVSELAGHQTSAESWGTGRAVARIPRVRG
GGTHRSGQGAFGNMCRGGRMFAPTKTWRRWHRRVNTTQKRYAICSALAASALPALVMSKGHRIEEVPELPLVVEDKVEGY
KKTKEAVLLLKKLKAWNDIKKVYASQRMRAGKGKMRNRRRIQRRGPCVIYNEDNGIVKAFRNIPGITLLNVTKLNILKLA
PGGHVGRFCIWTESAFRKLDDLYGTWRKAASLKSNYNLPMHKMLNTDLSRILKSPEIQRALRAPRKKIHRRVLKKNPLKN
LRIMLKLNPYAKTMRRNTILRQARNHKLRVERAAAALAAKSD
;
t2
13 'polypeptide(L)'
;NEVVTREYTINIHKRIHGVGFKKRAPRALKEIRKFAMKEMGTPDVRIDTRLNKAVWAKGIRNVPYRIRVRLSRKRNEDED
SPNKLYTLVTYVPVTTFKNLQTVNVDE
;
u2
14 'polypeptide(L)'
;AALRPLVKPKIVKKRTKKFIRHQSDRYVKIKRNWRKPRGIDNRVRRRFKGQILMPNIGYGSNKKTKHMLPSGFRKFLVHN
VKELEVLLMCNKSYCAEIAHNVSSKNRKAIVERAAQLAIRVTNPNARL
;
v2
15 'polypeptide(L)'
;QVLVLDGRGHLLGRLAAIVAKQVLLGRKVVVVRCEGINISGNFYRNKLKYLAFLRKRMNTNPSRGPYHFRAPSRIFWRTV
RGMLPHKTKRGQAALDRLKVFDGIPPPYDKKKRMVVPAALKVVRLKPTRKFAYLGRLAHEVGWKYQAVTATLEEKRKEKA
KIHYRKKKQLMRLRKQAEKNVEKKISKFTDVLKTHGLLV
;
w2
16 'polypeptide(L)'
;SGRLWCKAIFAGYKRGLRNQREHTALLKIEGVYARDETEFYLGKRCAYVYKAKNNTVTPGGKPNKTRVIWGKVTRAHGNS
GMVRAKFRSNLPAKAIGHRIRVMLYPSRI
;
x2
17 'polypeptide(L)'
;VQRLTYRRRLSYNTASNKTRLSRTPGNRIVYLYTKKVGKAPKSACGVCPGRLRGVRAVRPKVLMRLSKTKKHVSRAYGGS
MCAKCVRDRIKRAFLIEEQKIVVKVLKAQAQSQK
;
y2
18 'polypeptide(L)'
;GRVIRGQRKGAGSVFRAHVKHRKGAARLRAVDFAERHGYIKGIVKDIIHDPGRGAPLAKVVFRDPYRFKKRTELFIAAEG
IHTGQFVYCGKKAQLNIGNVLPVGTMPEGTIVCCLEEKPGDRGKLARASGNYATVISHNPETKKTRVKLPSGSKKVISSA
NRAVVGVVAGGGRIDKPILKAGRAYHKYKAKRNCWPRVRGVAMNPVEHPFGGGNHQHIGKPSTIRRDAPAGRKVGLIAAR
RTGR
;
92
19 'polypeptide(L)'
;AKIKARDLRGKKKEELLKQLDDLKVELSQLRVAKVTGGAASKLSKIRVVRKSIARVLTVINQTQKENLRKFYKGKKYKPL
DLRPKKTRAMRRRLNKHEESLKTKKQQRKERLYPLRKYAVKA
;
A2
20 'polypeptide(L)'
;ALRYPMAVGLNKGHKVTKNVSKPRHSRRRGRLTKHTKFVRDMIREVCGFAPYERRAMELLKVSKDKRALKFIKKRVGTHI
RAKRKREELSSVLAAMRKAAAK
;
B2
21 'polypeptide(L)'
;TKGTSSFGKRRNKTHTLCRRCGSKAYHLQKSTCGKCGYPAKRKRKYNWSAKAKRRNTTGTGRMRHLKIVYRRFRHGFREG
TTPKPK
;
C2
22 'polypeptide(L)' SSHKTFRIKRFLAKKQKQNRPIPQWIRMKTGNKIRYNSKRRHWRRTKLGL D2
23 'polypeptide(L)' IIEPSLRQLAQKYNCDKMICRKCYARLHPRAVNCRKKKCGHTNNLRPKKKVK E2
24 'polypeptide(L)'
;VNVPKTRRTFCKKCGKHQPHKVTQYKKGKDSLYAQGKRRYDRKQSGYGGQTKPIFRKKAKTTKKIVLRLECVEPNCRSKR
MLAIKRCKHFELGGDKKRKGQVIQ
;
F2
25 'polypeptide(L)'
;FVKVVKNKAYFKRYQVKFRRRREGKTDYYARKRLVIQDKNKYNTPKYRMIVRVTNRDIICQIAYARIEGDMIVCAAYAHE
LPKYGVKVGLTNYAAAYCTGLLLARRLLNRFGMDKIYEGQVEVTGDEYNVESIDGQPGAFTCYLDAGLARTTTGNKVFGA
LKGAVDGGLSIPHSTKRFPGYDSESKEFNAEVHRKHIMGQNVADYMRYLMEEDEDAYKKQFSQYIKNNVTPDMMEEMYKK
AHAAIRENPVYEKKPKREVKKKRWNRPKMSLAQKKDRVAQKKASFLRAQERA
;
G2
26 'polypeptide(L)'
;VRYSLDPENPTKSCKSRGSNLRVHFKNTRETAQAIKGMHIRKATKYLKDVTLKKQCVPFRRYNGGVGRCAQAKQWGWTQG
RWPKKSAEFLLHMLKNAESNAELKGLDVDSLVIEHIQVNKAPKMRRRTYRAHGRINPYMSSPCHIEMILTEKE
;
H2
27 'polypeptide(L)'
;AKRTKKVGIVGKYGTRYGASLRKMVKKIEISQHAKYTCSFCGKTKMKRRAVGIWHCGSCMKTVAGGAWTYNTTSAVTVKS
AIRRLKELKDQ
;
I2
28 'polypeptide(L)'
;SAHLQWMVVRNCSSFLIKRNKQTYSTEPNNLKARNSFRYNGLIHRKTVGVEPAADGKGVVVVMKRRSGQRKPATSYVRTT
INKNARATLSSIRHMIRKNKYHPDLRMAAIRRASAILRSQKPVMV
;
J2
29 'polypeptide(L)'
;DRATWKSNYFLKIIQLLDDYPKCFIVGADNVGSKQMQQIRMSLRGKAVVLMGKNTMMRKAIRGHLENNPALEKLLPHIRG
NVGFVFTKEDLTEIRDMLLANKVPAAARAGAIAPCEVTVPAQNTGLGPEKTSFFQALGITTKISRGTIEILSDVQLIKTG
DKVGASEATLLNMLNISPFSFGLIIQQVFDNGSIYNPE
;
K2
30 'polypeptide(L)'
;GRRPARCYRYCKNKPYPKSRFCRGVPDAKIRIFDLGRKKAKVDEFPLCGHMVSDEYEQLSSEALEAARICANKYMVKSCG
KDGFHIRVRLHPFHVIRINKML
;
L2
31 'polypeptide(L)'
;MPPKFDPNEIKVVYLRCTGGEVGATSALAPKIGPLGLSPKKVGDDIAKATGDWKGLRITVKLTIQNRQAQIEVVPSASAL
IIKALKEPPRDRKKQKNIKHSGNITFDEIVNIARQMRHRSLARELSGTIKEILGTAQSVGCNVDGRHPHDIIDDINSGAV
ECP
;
M2
32 'polypeptide(L)' PHCSRNPVLVRGIGRYSRSAMYSRKALYKRKYAAP R2
33 'polypeptide(L)'
;GVDIRHNKDRKVRRKEPKSQDIYLRLLVKLYRFLARRTNSTFNQVVLKRLFMSRTNRPPLSLSRMIRKMKLPGRENKTAV
VVGTITDDVRVQEVPKLKVCALRVTSRARSRILRAGGKILTFDQLALDSPKGCGTVLLSGPRKGREVYRHFGKAPGTPHS
HTKPYVRSKGRKFERARGRRASRGYKN
;
S2
34 'polypeptide(L)'
;VLATVTKPVGGDKNGGTRVVKLRKMPRYYPTEDVPRKLLSHGKKPFSQHVRKLRASITPGTILIILTGRHRGKRVVFLKQ
LSSGLLLVTGPLSLNRVPLRRTHQKFVIATSTKIDISGVKIPKHLTDAYFKKKQLRKPRHKEGEIFDTEKEKYEITEQRK
VDQKAVDSQILPKIKAVPQLQGYLRSVFALTNGVYPHKLVF
;
T2
35 'polypeptide(L)'
;NFAELKIKRLRKKFAQKMLRKARRKLIYEKAKHYHKEYRQMYRTEIRMARMARKAGNFYVPAEPKLAFVIRIRGINGVSP
KVRKVLQLLRLRQIFNGTFVKLNKASINMLRIVEPYIAWGYPNLKSVNELIYKRGYGKINKKRIALTDNTLIARSLGKYN
IICMEDLIHEIYTVGKHFKEANNFLWPFKLSSPRGGMKKKTTHFVEGGDAGNREDQINRLIRRMN
;
U2
36 'polypeptide(L)'
;KVVNPLFEKRPKNFGIGQDIQPKRDLTRFVKWPRYIRLQRQRAILYKRLKVPPAINQFTQALDRQTATQLLKLAHKYRPE
TKQEKKQRLLARAEKKAAGKGDVPTKRPPVLRAGVNTVTTLVENKKAQLVVIAHDVDPIELVVFLPALCRKMGVPYCIIK
GKARLGRLVHRKTCTTVAFTQVNSEDKGALAKLVEAIRTNYNDRYDEIRRHWGGNVLGPKSVARIAKLEKAKAKELATKL
G
;
V2
37 'polypeptide(L)'
;MKTILSNQTVDIPENVDISLKGRTVIVKGPRGTLRRDFNHINVELSLLGKKKKRLRVDKWWGNRKELATVRTICSHVQNM
IKGVTLGFRYKMRSVYAHFPINVVIQENGSLVEIRNFLGEKYIRRVRMRPGVACSVSQAQKDELVLEGNDIELVSNSAAL
IQQATTVKNKDIRKFLDGIYVSEKGTVQQA
;
W2
38 'polypeptide(L)'
;TGMRGAFGKPQGTVARVHIGQVIMSIRTKLQNKEHVVEALRRAKFKFPGRQKIHISKKWGFTKFNADEFEDMVAEKRLIP
DGCGVKYIPNRGPLDKWRALHS
;
X2
39 'polypeptide(L)'
;ENPMRELRIRKLCLNICVGESGDRLTRAAKVLEQLTGQTPVFSKARYTVRSFGIRRNEKIAVHCTVRGAKAEEILEKGLK
VREYELRKNNFSDTGNFGFGIQEHIDLGIKYDPSIGIYGLDFYVVLGRPGFSIADKKRRTGCIGAKHRISKEEAMRWFQQ
KYDGIILPG
;
Y2
40 'polypeptide(L)'
;VFRRFVEVGRVAYVSFGPHAGKLVAIVDVIDQNRALVDGPCTRVRRQAMPFKCMQLTDFILKFPHSARQKYVRKAWEKAD
INTKWAATRWAKKIEARERKAKMTDFDRYKVMKAKKMRNRIIKNEVKKLQRAALLKAS
;
02
41 'polypeptide(L)'
;GAYKYIQELWRKKQSDVMRFLLRVRCWQYRQLSALHRAPRPTRPDKARRLGYKAKQGYVIYRIRVRRGGRKRPVPKGATY
GKPVHHGVNQLKFARSLQSVAEERAGRHCGALRVLNSYWVGEDSTYKFFEVILIDPFHKAIRRNPDTQWITKPVHKHREM
RGLTSAGRKSRGLGKGHKFHHTIGGSRRAAWRRRNTLQLHRYR
;
12
42 'polypeptide(L)'
;GKFMKPGKVVLVLAGRYSGRKAVIVKNIDDGTSDRPYSHALVAGIDRYPRKVTAAMGKKKIAKRSKIKSFVKVYNYNHLM
PTRYSVDIPLDKTVVNKDVFRDPALKRKARREAKVKFEERYKTGKNKWFFQKLRF
;
22
43 'polypeptide(L)'
;SMLRLQKRLASSVLRCGKKKVWLDPNETNEIANANSRQQIRKLIKDGLIIRKPVTVHSRARCRKNTLARRKGRHMGIGKR
KGTANARMPEKVTWMRRMRILRRLLRRYRESKKIDRHMYHSLYLKVKGNVFKNKRILMEHIHKLKADKARKKLLADQAEA
RRSKTKEARKRREERLQAKK
;
32
44 'polypeptide(L)'
;MSSKVSRDTLYEAVREVLHGNQRKRRKFLETVELQISLKNYDPQKDKRFSGTVRLKSTPRPKFSVCVLGDQQHCDEAKAV
DIPHMDIEALKKLNKNKKLVKKLAKKYDAFLASESLIKQIPRILGPGLNKAGKFPSLLTHNENMVAKVDEVKSTIKFQMK
KVLCLAVAVGHVKMTDDELVYNIHLAVNFLVSLLKKNWQNVRALYIKSTMGKPQRLY
;
42
45 'polypeptide(L)'
;SHRKFSAPRHGSLGFLPRKRSSRHRGKVKSFPKDDPSKPVHLTAFLGYKAGMTHIVREVDRPGSKVNKKEVVEAVTIVET
PPMVVVGIVGYVETPRGLRTFKTVFAEHISDECKRRFYKNWHKSKKKAFTKYCKKWQDDAGKRQLDKDFSSMKKYCQVIR
VLAHTQMRLLPLRQKKAHLMEIQVNGGTVAEKLDWARERLEQQVPVSQVFGQDEMIDVIGVTKGKGYKGVTSRWHTKKLP
RKTHRGLRKVACIGAWHPARVAFSVARAGQKGYHHRTEINKKIYKIGQGYLIKDGKLIKNNASTDYDLSDKSINPLGGFV
HYGEVTNDFVMLKGCVVGTKKRVLTLRKSLLVQTKRRALEKIDLKFIDTTSKFGHGRFQTVEEKKAFMGPLKKD
;
52
46 'polypeptide(L)'
;KASGTLREYKVVGRCLPTPKCHTPPLYRMRIFAPNHVVAKSRFWYFVSQLKKMKKSSGEIVYCGQVFEKSPLRVKNFGIW
LRYDSRSGTHNMYREYRDLTTAGAVTQCYRDMGARHRARAHSIQIMKVEEIAASKCRRPAVKQFHDSKIKFPLPHRVLRR
QHKPRFTTKRPNTFF
;
62
47 'polypeptide(L)'
;TNTKGKRRGTRYMFSRPFRKHGVVPLATYMRIYKKGDIVDIKGMGTVQKGMPHKCYHGKTGRVYNVTQHAVGIVVNKQVK
GKILAKRINVRIEHIKHSKSRDSFLKRVKENDQKKKEAKEKGTWVQLKRQPAPPREAHFVRTNGKEPELLEPIPYEFMA
;
72
48 'polypeptide(L)'
;QVLKFTLDCTHPVEDGIMDAANFEQFLQERIKVNGKAGNLGGGVVTIERSKSKITVTSEVPFSKRYLKYLTKKYLKKNNL
RDWLRVVANSKESYELRYF
;
82
49 'polyribonucleotide'
;UACCUGGUUGAUCCUGCCAGUAGCAUAUGCUUGUCUCAAAGAUUAAGCCAUGCAUGUCUAAGUACGCACGGCCGGUACAG
UGAAACUGCGAAUGGCUCAUUAAAUCAGUUAUGGUUCCUUUGGUCGCUCGCUCCUCUCCCACUUGGAUAACUGUGGUAAU
UCUAGAGCUAAUACAUGCCGACGGGCGCUGACCCCCUUCGCGGGGGGGAUGCGUGCAUUUAUCAGAUCAAAACCAACCCG
GUCAGCCCCUGGCGGGCGCCGGCGGCUUUGGUGACUCUAGAUAACCUCGGGCCGAUCGCACGCCCCCCGUGGCGGCGACG
ACCCAUUCGAACGUCUGCCCUAUCAACUUUCGAUGGUAGUCGCCGUGCCUACCAUGGUGACCACGGGUGACGGGGAAUCA
GGGUUCGAUUCCGGAGAGGGAGCCUGAGAAACGGCUACCACAUCCAAGGAAGGCAGCAGGCGCGCAAAUUACCCACUCCC
GACCCGGGGAGGUAGUGACGAAAAAUAACAAUACAGGACUCUUUCGAGGCCCUGUAAUUGGAAUGAGUCCACUUUAAAUC
CUUUAACGAGGAUCCAUUGGAGGGCAAGUCUGGUGCCAGCAGCCGCGGUAAUUCCAGCUCCAAUAGCGUAUAUUAAAGUU
GCUGCAGUUAAAAAGCUCGUAGUUGGAUCUUGGGAGCGGGCGGGCGCGCCCGUCCCCGCCCCUUGCCUCUCGGCGCCCGG
GCCCGAAGCGUUUACUUUGAAAAAAUUAGAGUGUUCAAAGCAGGCCCGAGCCGCCUGGAUACCGCAGCUAGGAAUAAUGG
AAUAGGACCGCGGUUCUAUUUUGUUGGUUUUCGGAACUGAGGCCAUGAUUAAGAGGGACGGCCGGGGGCAUUCGUAUUGC
GCCGCUAGAGGUGAAAUUCUUGGACCGGCGCAAGACGGACCAGAGCGAAAGCAUUUGCCAAGAAUGUUUUCAUUAAUCAA
GAACGAAAGUCGGAGGUUCGAAGACGAUCAGAUACCGUCGUAGUUCCGACCAUAAACGAUGCCGACCGGCGAUGCGGCGG
CGUUAUUCCCAUGACCCGCCGGGCAGCUUCCGGGAAACCAAAGUCUUUGGGUUCCGGGGGGAGUAUGGUUGCAAAGCUGA
AACUUAAAGGAAUUGACGGAAGGGCACCACCAGGAGUGGAGCCUGCGGCUUAAUUUGACUCAACACGGGAAACCUCACCC
GGCCCGGACACGGACAGGAUUGACAGAUUGAUAGCUCUUUCUCGAUUCCGUGGGUGGUGGUGCAUGGCCGUUCUUAGUUG
GUGGAGCGAUUUGUCUGGUUAAUUCCGAUAACGAACGAGACUCUGGCAUGCUAACUAGUUACGCGACCCCCGAGCGGUCG
GCGUCCCCCAACUUCUUAGAGGGACAAGUGGCGUUCAGCCACCCGAGAUUGAGCAAUAACAGGUCUGUGAUGCCCUUAGA
UGUCCGGGGCUGCACGCGCGCUACACUGACUGGCUCAGCGUGUGCCUACCCUACGCCGGCAGGCGCGGGUAACCCGUUGA
ACCCCAUUCGUGAUGGGGAUCGGGGAUUGCAAUUAUUCCCCAUGAACGAGGAAUUCCCAGUAAGUGCGGGUCAUAAGCUU
GCGUUGAUUAAGUCCCUGCCCUUUGUACACACCGCCCGUCGCUACUACCGAUUGGAUGGUUUAGUGAGGCCCUCGGAUCG
GCCCCGCCGGGGUCGGCCCACGGCCCUGGCGGAGCGCUGAGAAGACGGUCGAACUUGACUAUCUAGAGGAAGUAAAAGUC
GUAACAAGGUUUCCGUAGGUGAACCUGCGGAAGGAUCAUUA
;
K3
50 'polypeptide(L)' VHGSLARAGKVRGQTPKVAKQEKKKKKTGRAKRRMQYNRRFVN s3
51 'polypeptide(L)'
;SINSRLQLVMKSGKYVLGYKQSLKMIRQGKAKLVILANNCPALRKSEIEYYAMLAKTGVHHYSGNNIELGTACGKYYRVC
TLSIIDPGDSDIIR
;
13
52 'polypeptide(L)'
;MARHPLYQGSGIWCGRLRGGAFGGGAGKPRGPAALFLFDPPSARRWARHQDADLRENPYGEDHHARGIPPDQQRLIFAGK
QLEDGRTLSDYNIQKESTLHLVLRLRGGAKKRKKKSYTTPKKNKHKRKKVKLAVLKYYKVDENGKISRLRRECPSDECGA
GVFMASHFDRHYCGKCCLTYCFNKPEDK
;
Q3
53 'polypeptide(L)'
;ADIQTERAYQKQPTIFQNKKRVLLGETGKEKLPRYYKNIGLGFKTPKEAIEGTYIDKKCPFTGNVSIRGRILSGVVTKMK
MQRTIVIRRDYLHYIRKYNRFEKRHKNMSVHLSPCFRDVQIGDIVTVGECRPLSKTVRFNVLKVTKAAGTKKQ
;
G3
54 'polypeptide(L)'
;PEKFQHILRVLNTNIDGRRKIAFAITAIKGVGRRYAHVVLRKADIDLTKRAGELTEDEVERVITIMQNPRQYKIPDWFLN
RQKDVKDGKYSQVLANGLDNKLREDLERLKKIRAHRGLRHFWGLRVRGQHTKTTGRR
;
G5
55 'polypeptide(L)'
;TEQMTLRGTLKGHNGWVTQIATTPQFPDMILSASRDKTIIMWKLTRDETNYGIPQRALRGHSHFVSDVVISSDGQFALSG
SWDGTLRLWDLTTGTTTRRFVGHTKDVLSVAFSSDNRQIVSGSRDKTIKLWNTLGVCKYTVQDESHSEWVSCVRFSPNSS
NPIIVSCGWDKLVKVWNLANCKLKTNHIGHTGYLNTVTVSPDGSLCASGGKDGQAMLWDLNEGKHLYTLDGGDIINALCF
SPNRYWLCAATGPSIKIWDLEGKIIVDELKQEVISTSSKAEPPQCTSLAWSADGQTLFAGYTDNLVRVWQVTI
;
a3
56 'polypeptide(L)'
;SLGPQVAEGENVFGVCHIFASFNDTFVHVTDLSGKETICRVTGGMKVKADRDESSPYAAMLAAQDVAQRCKELGITALHI
KLRATGGNRTKTPGPGAQSALRALARSGMKIGRIEDVTPIPSDSTRRKGGRRGRRL
;
a5
57 'polypeptide(L)'
;VEQKKKRTFRKFTYRGVDLDQLLDMSYEQLMQLYSARQRRRLSRGLRRKQHSLLKRLRKAKKEAPPMEKPEVVKTHLRDM
IILPEMVGSMVGVYNGKTFNQVEIKPEMIGHYLGEFSITYKPVKHGR
;
A3
58 'polypeptide(L)'
;GKCRGLRTARKLRSHRRDQKWHDKQYKKAHLGTALKANPFGGASHAKGIVLEKVGVEAKQPNSAIRKCVRVQLIKNGKKI
TAFVPNDGCLNFIEENDEVLVAGFGRKGHAVGDIPGVRFKVVKVANVSLLALYKGKKERPR
;
T3
59 'polypeptide(L)'
;SGALDVLQMKEEDVLKFLAAGTHLGGTNLDFQMEQYIYKRKSDGIYIINLKRTWEKLLLAARAIVAIENPADVSVISSRN
TGQRAVLKFAAATGATPIAGRFTPGTFTNQIQTAFREPRLLVVTDPRADHQPLTEASYVNLPTIALCNTDSPLRYVDIAI
PCNNKGAHSVGLMWWMLAREVLRMRGTISREHPWEVMPDLYFYRDPEE
;
U3
60 'polypeptide(L)'
;VVDPFSKKDWYDVKAPAMFNIRNIGKTLVTRTQGTKIASDGLKGRVFEVSLADLQNDEVAFRKFKLITEDVQGKNCLTNF
HGMDLTRDKMCSMVKKWQTMIEAHVDVKTTDGYLLRLFCVGFTKKRNNQIRKTSYAQHQQVRQIRKKMMEIMTREVQTND
LKEVVNKLIPDSIGKDIEKACQSIYPLHDVFVRKVKMLKKPKFELGKLMELHG
;
V3
61 'polypeptide(L)'
;EWMPVTKLGRLMKDVKIKSLEEIYLFSLPIKESEIIDFFLGASLKDEVLKIMPVQKQTRAGQRTRFKAFVAIGDYNGHVG
LGVKCSKEVATAIRGAIILAKLSIVPVRRGYWGNKIGKPHTVPCKVTGRCGSVLVRLIPAPRGTGIVSAPVPKKLLMMAG
IDDCYTSARGCTATLGNFAKATFDAISKTYSYLTPDLWKETVFTKSPYQEFTDHLVKT
;
W3
62 'polypeptide(L)' RAKWRKKRMRRLKRKRRKMRQRS X3
63 'polypeptide(L)'
;MAVQISKKRKFVADGIFKAELNEFLTRELAEDGYSGVEVRVTPTRTEIIILATRTQNVLGEKGRRIRELTAVVQKRFGFP
EGSVELYAEKVATRGLCAIAQAESLRYKLLGGLAVRRACYGVLRFIMESGAKGCEVVVSGKLRGQRAKSMKFVDGLMIHS
GDPVNYYVDTAVRHVLLRQGVLGIKVKIMLPWDPSGKIGPKKPLPDHVSIVEPKDEILPTTPISEQK
;
Y3
64 'polypeptide(L)'
;ARGPKKHLKRVAAPKHWMLDKLTSVFAPRPSTGPHKLRECLPLIIFLRNKLKYALTGDEVKKICMQRFIKIDGKVRADIT
YPAGFMDVISIDKTGENFRLIYDTKGRFAVHRITPEEAKYKLCKVRKIFVGTKGIPHLVTHDARTIRYPDPLIKMNDTIQ
IDLETGKITDFIKFDTGNLCMVTGGANLGRIGVITNRERHPGSFDVVHVKDANGNSFATRLSNIFVIGKGNKPWISLPRG
KGIRLTIAEERDKRLAAKQSSG
;
j3
65 'polypeptide(L)'
;VRMNVLADALKSINNAEKRGKRQVLIRPCSKVIVRFLTVMMKHGYIGEFEIIDDHRAGKIVVNLTGRLNKCGVISPRFDV
QLKDLEKWQNNLLPSRQFGFIVLTTSAGIMDHEEARRKHTGGKILGFFF
;
J5
66 'polypeptide(L)'
;TPDIKLFGKWSTDDVQINDISLQDYIAVKEKYAKYLPHSAGRYAAKRFRKAQCPIVERLTNSMMMHGRNNGKKLMTVRIV
KHAFEIIHLLTGENPLQVLVNAIINSGPREDSTRIGRAGTVRRQAVDVSPLRRVNQAIWLLCTGAREAAFRNIKTIAECL
ADELINAAKGSSNSYAIKKKDELERVAKSNR
;
N3
67 'polypeptide(L)'
;MKLNISFPATGCQKLIEVDDERKLRTFYEKRMATEVAADALGEEWKGYVVRISGGNDKQGFPMKQGVLTHGRVRLLLSKG
HSCYRPRRTGERKRKSVRGCIVDANLSVLNLVIVKKGEKDIPGLTDTTVPRRLGPKRASRIRKLFNLSKEDDVRQYVVRK
PLNKEGKKPRTKAPKIQRLVTPRVLQHKRRRIALKKQRTKKNKEEAAEYAKLLAKRMKEAKEKRQEQIAKRRRLSSL
;
b3
68 'polypeptide(L)'
;PLQSVQVFGRKKTATAVAHCKRGNGLIKVNGRPLEMIEPRTLQYKLLEPVLLLGKERFAGVDIRVRVKGGGHVAQIYAIR
QSISKALVAYYQKYVDEASKKEIKDILIQYDRTLLVADPRRCESKKFGGPGARARYQKSYR
;
B3
69 'polypeptide(L)' RVQPIKLARVTKVLGRTGSQGQCTQVRVEFMDDTSRSIIRNVKGPVREGDVLTLLESEREARRL f3
70 'polypeptide(L)'
;GRMHAPGKGLSQSALPYRRSVPTWLKLTSDDVKEQIYKLAKKGLTPSQIGVILRDSHGVAQVRFVTGNKILRILKSKGLA
PDLPEDLYHLIKKAVAVRKHLERNRKDKDAKFRLILIESRIHRLARYYKTKRVLPPNWKYESSTASALVA
;
F3
71 'polypeptide(L)'
;GISRDNWHKRRKTGGKRKPYHKKRKYELGRPAANTKIGPRRIHTVRVRGGNKKYRALRLDVGNFSWGSECCTRKTRIIDV
VYNASNNELVRTKTLVKNCIVLIDSTPYRQWYESHYALPLGRKKGAKLTPEEEEILNKKRSKKIQKKYDERKKNAKISSL
LEEQFQQGKLLACIASRPGQCGRADGYVLEGKELEFYLRKIKARKG
;
c3
72 'polypeptide(L)'
;MGRVRTKTVKKAARVIIEKYYTRLGNDFHTNKRVCEEIAIIPSKKLRNKIAGYVTHLMKRIQRGPVRGISIKLQEEERER
RDNYVPEVSALDQEIIEVDPDTKEMLKLLDFGSLSNLQVTQPTVGMNFK
;
C3
73 'polypeptide(L)'
;PVARSWVCRKTYVTPRRPFEKSRLDQELKLIGEYGLRNKREVWRVKFTLAKIRKAARELLTLDEKDPRRLFEGNALLRRL
VRIGVLDEGKMKLDYILGLKIEDFLERRLQTQVFKLGLAKSIHHARVLIRQRHIRVRKQVVNIPSFIVRLDSQKHIDFSL
RSPYGGGRPGRVKRKNAKKGQGGAG
;
d3
74 'polypeptide(L)'
;MQSNAGEFVDLYVPRKCSASNRIIGAKDHASIPMNVAEVDKVTGRFNGQSKTYAICGAIRRMGESDDSILRLAKSHGIVS
QNF
;
D3
75 'polypeptide(L)'
;GGVMDVNTALQEVLKTALIHDGLARGIREAAKALDKRQAHLCVLASNCDEPMYVKLVEALCAEHQINLIKVDDNKKLGEW
VGLCKIDREGKPRKVVGCSCVVVKDYGKESQAKDVIEEYFKCKK
;
e3
76 'polypeptide(L)'
;MLMPKKNRIAIYELLFKEGVMVAKKDVHMPKHPELADKNVPNLHVMKAMQSLKSRGYVKEQFAWRHFYWYLTNEGIQYLR
DYLHLPPEIVPATLRRSR
;
E3
77 'polypeptide(L)' QQLYWSHPRKFGQGSRSCRVCSNRHGLIRKYGLNMCRQCFRQYAKDIGFIKLD H3
78 'polypeptide(L)'
;VTVKDVNQQEFVRALAAFLKKSGKLKVPEWVDTVKLAKHKELAPYDENWFYTRAASTARHLYLRGGAGVGSMTKIYGGRQ
RNGVMPSHFSRGSKSVARRVLQALEGLKMVEKDQDWGRKLTPQGQRDLDRIAGQVAAAKKK
;
H5
79 'polypeptide(L)'
;SAKIVKPNGEKPDEFESGISQALLELEMNSDLKAQLRELNITAAKEIEVGGGRKAIIIFVPVPQLKSFQKIQVRLVRELE
KKFSGKHVVFIAQRRILPKPTRKSRTKNKQKRPRSRTLTAVHDAILEDLVFPSEIVGKRIRVKLDGSRLIKVHLDKAQQN
NVEHKVETFSGVYKKLTGKDVNFEFPEFQ
;
P3
80 'polypeptide(L)'
;AIHRIRITLTSRNVKSLEKVCADLIRGAKEKNLKVKGPVRMPTKTLRITTRKTPCGEGSKTWDRFQMRIHKRLIDLHSPS
EIVKQITSISIEPGVEVEVTIADA
;
I3
81 'polypeptide(L)'
;DTVTIRTRKFMTNRLLQRKQMVIDVLHPGKATVPKTEIREKLAKMYKTTPDVIFVFGFRTHFGGGKTTGFGMIYDSLDYA
KKNEPKHRLARHGLYEKKKTSRKQRKERKNRMKKVRGTAKANVGAG
;
I5
82 'polypeptide(L)'
;PLAKDLLHPSPEEEKRKHKKKRLVQSPNSYFMDVKCPGCYKITTVFSHAQTVVLCVGCSTVLCQPTGGKARLTEGCSFRR
KQH
;
L3
83 'polypeptide(L)' RDKLNNLVLFDKATYDKLCKEVPNYKLITPAVVSERLKIRGSLARAALQELLSKGLIKLVSKHRAQVIYTRNTKG M3
84 'polypeptide(L)'
;TKKRRNNGRAKKGRGHVQPIRCTNCARCVPKDKAIKKFVIRNIVEAAAVRDISEASVFDAYVLPKLYVKLHYCVSCAIHS
KVVRNRSREARKDRTPPP
;
O3
85 'polypeptide(L)'
;APSRNGMILKPHFHKDWQRRVATWFNQPARKIRRRKARQARARRIAPRPAAGPIRPIVRCPTVRYHTKVRAGRGFSLEEL
RVAGIHKKVARTIGISVDPRRRNKSTESLQANVQRLKEYRSKLVLFPRKPSAPKKGDSSAEELKLATQLTGPVMPIRNVF
KKEKARVITEEEKNFKAFASLRMARANARLFGIRAKRAKEAAEQDVEKKK
;
a7
#
loop_
_chem_comp.id
_chem_comp.type
_chem_comp.name
_chem_comp.formula
A RNA linking ADENOSINE-5'-MONOPHOSPHATE 'C10 H14 N5 O7 P'
C RNA linking CYTIDINE-5'-MONOPHOSPHATE 'C9 H14 N3 O8 P'
G RNA linking GUANOSINE-5'-MONOPHOSPHATE 'C10 H14 N5 O8 P'
U RNA linking URIDINE-5'-MONOPHOSPHATE 'C9 H13 N2 O9 P'
ZN non-polymer 'ZINC ION' 'Zn 2'
#
# COMPACT_ATOMS: atom_id res chain seq x y z
N PRO E 1 -65.66 74.11 -9.72
CA PRO E 1 -66.80 75.00 -9.45
C PRO E 1 -66.43 76.08 -8.47
N ARG E 2 -67.36 76.98 -8.15
CA ARG E 2 -67.14 77.92 -7.07
C ARG E 2 -68.47 78.23 -6.42
N LYS E 3 -68.41 78.62 -5.15
CA LYS E 3 -69.59 79.02 -4.39
C LYS E 3 -69.50 80.51 -4.10
N ILE E 4 -70.60 81.22 -4.27
CA ILE E 4 -70.65 82.65 -3.98
C ILE E 4 -71.58 82.87 -2.81
N GLU E 5 -71.02 83.35 -1.70
CA GLU E 5 -71.79 83.61 -0.49
C GLU E 5 -72.45 84.96 -0.50
N GLU E 6 -72.19 85.77 -1.53
CA GLU E 6 -72.61 87.16 -1.49
C GLU E 6 -73.45 87.48 -2.72
N ILE E 7 -74.68 87.92 -2.47
CA ILE E 7 -75.66 88.17 -3.52
C ILE E 7 -75.19 89.26 -4.49
N LYS E 8 -74.64 90.35 -3.98
CA LYS E 8 -74.21 91.44 -4.85
C LYS E 8 -73.08 91.00 -5.79
N ASP E 9 -72.08 90.30 -5.25
CA ASP E 9 -70.99 89.82 -6.10
C ASP E 9 -71.49 88.80 -7.11
N PHE E 10 -72.39 87.92 -6.68
CA PHE E 10 -73.06 87.04 -7.62
C PHE E 10 -73.67 87.83 -8.77
N LEU E 11 -74.38 88.90 -8.43
CA LEU E 11 -74.98 89.75 -9.46
C LEU E 11 -73.93 90.37 -10.37
N LEU E 12 -72.79 90.76 -9.79
CA LEU E 12 -71.74 91.36 -10.59
C LEU E 12 -71.23 90.37 -11.62
N THR E 13 -71.03 89.12 -11.20
CA THR E 13 -70.72 88.08 -12.16
C THR E 13 -71.82 87.93 -13.19
N ALA E 14 -73.08 88.06 -12.74
CA ALA E 14 -74.22 87.89 -13.63
C ALA E 14 -74.23 88.93 -14.74
N ARG E 15 -73.86 90.17 -14.42
CA ARG E 15 -73.80 91.22 -15.42
C ARG E 15 -72.38 91.46 -15.92
N ARG E 16 -71.46 90.53 -15.68
CA ARG E 16 -70.24 90.52 -16.45
C ARG E 16 -70.57 90.24 -17.93
N LYS E 17 -69.57 90.31 -18.78
CA LYS E 17 -69.78 90.23 -20.22
C LYS E 17 -69.54 88.83 -20.77
N ASP E 18 -69.36 87.83 -19.92
CA ASP E 18 -68.88 86.55 -20.41
C ASP E 18 -69.64 85.35 -19.85
N ALA E 19 -70.68 85.55 -19.04
CA ALA E 19 -71.49 84.46 -18.55
C ALA E 19 -72.36 83.93 -19.68
N LYS E 20 -72.26 82.63 -19.97
CA LYS E 20 -73.13 82.03 -20.98
C LYS E 20 -74.58 82.05 -20.53
N SER E 21 -74.85 81.67 -19.29
CA SER E 21 -76.23 81.58 -18.83
C SER E 21 -76.28 81.49 -17.32
N VAL E 22 -77.49 81.35 -16.81
CA VAL E 22 -77.77 81.17 -15.40
C VAL E 22 -78.93 80.18 -15.26
N ASN E 23 -78.75 79.16 -14.45
CA ASN E 23 -79.80 78.17 -14.24
C ASN E 23 -80.39 78.38 -12.85
N ILE E 24 -81.70 78.58 -12.79
CA ILE E 24 -82.42 78.63 -11.53
C ILE E 24 -82.92 77.22 -11.23
N LYS E 25 -82.73 76.77 -10.00
CA LYS E 25 -83.21 75.46 -9.60
C LYS E 25 -83.84 75.54 -8.22
N LYS E 26 -84.94 74.83 -8.04
CA LYS E 26 -85.75 74.87 -6.83
C LYS E 26 -85.69 73.52 -6.14
N ASN E 27 -85.83 73.51 -4.82
CA ASN E 27 -86.17 72.28 -4.11
C ASN E 27 -86.71 72.67 -2.74
N LYS E 28 -87.51 71.77 -2.16
CA LYS E 28 -88.24 72.12 -0.94
C LYS E 28 -87.32 72.51 0.20
N ASP E 29 -86.02 72.45 0.01
CA ASP E 29 -85.07 72.75 1.05
C ASP E 29 -84.27 74.03 0.82
N ASN E 30 -84.29 74.57 -0.41
CA ASN E 30 -83.29 75.53 -0.85
C ASN E 30 -83.62 75.95 -2.26
N VAL E 31 -82.94 76.98 -2.75
CA VAL E 31 -83.00 77.32 -4.16
C VAL E 31 -81.62 77.80 -4.58
N LYS E 32 -81.11 77.26 -5.69
CA LYS E 32 -79.77 77.62 -6.10
C LYS E 32 -79.74 78.11 -7.54
N PHE E 33 -79.05 79.22 -7.73
CA PHE E 33 -78.76 79.77 -9.05
C PHE E 33 -77.36 79.34 -9.44
N LYS E 34 -77.14 79.20 -10.74
CA LYS E 34 -75.82 78.75 -11.20
C LYS E 34 -75.50 79.57 -12.44
N VAL E 35 -74.63 80.54 -12.29
CA VAL E 35 -74.14 81.31 -13.42
C VAL E 35 -72.95 80.55 -14.00
N ARG E 36 -73.08 80.12 -15.25
CA ARG E 36 -71.98 79.47 -15.94
C ARG E 36 -71.13 80.55 -16.59
N CYS E 37 -70.08 80.98 -15.91
CA CYS E 37 -69.22 82.02 -16.46
C CYS E 37 -68.34 81.39 -17.52
N SER E 38 -67.32 82.12 -17.96
CA SER E 38 -66.51 81.59 -19.05
C SER E 38 -65.71 80.38 -18.60
N ARG E 39 -65.23 80.37 -17.37
CA ARG E 39 -64.35 79.29 -16.95
C ARG E 39 -64.87 78.53 -15.75
N TYR E 40 -65.69 79.13 -14.92
CA TYR E 40 -66.16 78.49 -13.69
C TYR E 40 -67.67 78.45 -13.64
N LEU E 41 -68.21 77.48 -12.93
CA LEU E 41 -69.62 77.45 -12.61
C LEU E 41 -69.81 78.05 -11.22
N TYR E 42 -70.37 79.25 -11.16
CA TYR E 42 -70.55 79.95 -9.90
C TYR E 42 -71.94 79.64 -9.37
N THR E 43 -72.02 78.96 -8.23
CA THR E 43 -73.29 78.59 -7.62
C THR E 43 -73.62 79.53 -6.47
N LEU E 44 -74.87 79.98 -6.43
CA LEU E 44 -75.42 80.74 -5.33
C LEU E 44 -76.51 79.90 -4.68
N VAL E 45 -76.50 79.85 -3.36
CA VAL E 45 -77.37 78.97 -2.59
C VAL E 45 -78.21 79.84 -1.66
N ILE E 46 -79.42 80.18 -2.07
CA ILE E 46 -80.31 81.01 -1.27
C ILE E 46 -81.29 80.09 -0.54
N THR E 47 -81.32 80.22 0.79
CA THR E 47 -82.15 79.38 1.64
C THR E 47 -83.41 80.10 2.13
N ASP E 48 -83.82 81.19 1.49
CA ASP E 48 -85.00 81.96 1.87
C ASP E 48 -85.75 82.33 0.61
N LYS E 49 -86.79 81.56 0.27
CA LYS E 49 -87.41 81.63 -1.04
C LYS E 49 -87.98 83.00 -1.37
N GLU E 50 -88.33 83.81 -0.37
CA GLU E 50 -88.83 85.15 -0.68
C GLU E 50 -87.72 86.03 -1.23
N LYS E 51 -86.57 86.07 -0.54
CA LYS E 51 -85.44 86.81 -1.09
C LYS E 51 -84.93 86.15 -2.36
N ALA E 52 -85.13 84.83 -2.50
CA ALA E 52 -84.77 84.17 -3.75
C ALA E 52 -85.61 84.67 -4.92
N GLU E 53 -86.91 84.79 -4.72
CA GLU E 53 -87.71 85.30 -5.83
C GLU E 53 -87.47 86.75 -6.07
N LYS E 54 -87.16 87.56 -5.07
CA LYS E 54 -86.74 88.92 -5.35
C LYS E 54 -85.42 89.01 -6.11
N LEU E 55 -84.44 88.18 -5.77
CA LEU E 55 -83.21 88.12 -6.54
C LEU E 55 -83.45 87.63 -7.97
N LYS E 56 -84.40 86.71 -8.16
CA LYS E 56 -84.71 86.22 -9.49
C LYS E 56 -85.00 87.37 -10.44
N GLN E 57 -85.86 88.29 -10.00
CA GLN E 57 -86.08 89.50 -10.77
C GLN E 57 -84.90 90.45 -10.72
N SER E 58 -84.09 90.40 -9.65
CA SER E 58 -82.93 91.28 -9.58
C SER E 58 -81.97 91.06 -10.74
N LEU E 59 -81.75 89.79 -11.12
CA LEU E 59 -80.77 89.41 -12.15
C LEU E 59 -80.99 90.18 -13.44
N PRO E 60 -80.15 91.15 -13.76
CA PRO E 60 -80.47 92.13 -14.81
C PRO E 60 -80.42 91.59 -16.22
N PRO E 61 -79.28 90.99 -16.68
CA PRO E 61 -78.98 91.05 -18.12
C PRO E 61 -79.86 90.18 -19.01
N GLY E 62 -79.45 90.09 -20.28
CA GLY E 62 -80.24 89.41 -21.30
C GLY E 62 -80.02 87.92 -21.36
N LEU E 63 -79.38 87.33 -20.36
CA LEU E 63 -79.17 85.88 -20.29
C LEU E 63 -79.78 85.35 -19.00
N ALA E 64 -80.96 84.74 -19.10
CA ALA E 64 -81.76 84.34 -17.94
C ALA E 64 -82.24 82.90 -17.98
N VAL E 65 -82.18 82.23 -19.13
CA VAL E 65 -82.42 80.80 -19.21
C VAL E 65 -81.31 80.11 -18.42
N LYS E 66 -81.63 78.98 -17.79
CA LYS E 66 -82.93 78.34 -17.86
C LYS E 66 -83.42 78.01 -16.45
N GLU E 67 -84.72 77.77 -16.29
CA GLU E 67 -85.32 77.46 -15.00
C GLU E 67 -85.71 75.99 -14.96
N LEU E 68 -85.26 75.29 -13.92
CA LEU E 68 -85.24 73.84 -13.88
C LEU E 68 -86.35 73.31 -12.97
N LYS E 69 -86.29 72.01 -12.70
CA LYS E 69 -87.11 71.39 -11.68
C LYS E 69 -86.18 70.51 -10.84
N SER F 1 -58.43 -46.46 17.50
CA SER F 1 -58.61 -45.13 16.94
C SER F 1 -57.28 -44.40 16.87
N GLY F 2 -57.28 -43.15 17.31
CA GLY F 2 -56.11 -42.31 17.24
C GLY F 2 -56.06 -41.38 16.04
N ALA F 3 -57.14 -41.30 15.27
CA ALA F 3 -57.14 -40.54 14.02
C ALA F 3 -56.92 -39.06 14.29
N LYS F 4 -56.58 -38.35 13.21
CA LYS F 4 -56.21 -36.94 13.27
C LYS F 4 -56.88 -36.15 12.15
N PHE F 5 -58.21 -36.25 12.07
CA PHE F 5 -58.99 -35.49 11.10
C PHE F 5 -58.42 -34.10 10.88
N ARG F 6 -58.19 -33.75 9.62
CA ARG F 6 -57.46 -32.55 9.28
C ARG F 6 -58.19 -31.30 9.74
N ILE F 7 -57.42 -30.33 10.22
CA ILE F 7 -57.94 -29.03 10.63
C ILE F 7 -57.39 -27.99 9.67
N SER F 8 -57.83 -26.76 9.86
CA SER F 8 -57.33 -25.66 9.05
C SER F 8 -55.92 -25.28 9.49
N LEU F 9 -54.92 -25.84 8.84
CA LEU F 9 -53.53 -25.59 9.20
C LEU F 9 -53.22 -24.12 8.96
N GLY F 10 -53.05 -23.36 10.04
CA GLY F 10 -53.01 -21.92 9.90
C GLY F 10 -51.96 -21.15 10.68
N LEU F 11 -50.83 -21.77 10.98
CA LEU F 11 -49.68 -21.07 11.54
C LEU F 11 -48.44 -21.46 10.75
N PRO F 12 -48.15 -20.77 9.66
CA PRO F 12 -46.95 -21.09 8.88
C PRO F 12 -45.69 -20.74 9.66
N VAL F 13 -44.51 -20.99 9.10
CA VAL F 13 -43.31 -20.66 9.85
C VAL F 13 -43.21 -19.15 10.00
N GLY F 14 -42.33 -18.73 10.89
CA GLY F 14 -42.23 -17.35 11.27
C GLY F 14 -43.13 -16.97 12.44
N ALA F 15 -44.25 -17.65 12.59
CA ALA F 15 -45.19 -17.29 13.65
C ALA F 15 -44.54 -17.39 15.01
N VAL F 16 -44.80 -16.38 15.84
CA VAL F 16 -44.30 -16.29 17.20
C VAL F 16 -45.47 -16.57 18.12
N ILE F 17 -45.44 -17.71 18.78
CA ILE F 17 -46.56 -18.22 19.56
C ILE F 17 -46.16 -18.26 21.03
N ASN F 18 -47.09 -17.86 21.88
CA ASN F 18 -46.82 -17.77 23.30
C ASN F 18 -46.46 -19.12 23.88
N CYS F 19 -45.44 -19.14 24.72
CA CYS F 19 -45.16 -20.34 25.49
C CYS F 19 -46.18 -20.46 26.59
N ALA F 20 -46.88 -21.59 26.64
CA ALA F 20 -48.00 -21.74 27.56
C ALA F 20 -47.67 -22.65 28.73
N ASP F 21 -46.41 -23.02 28.90
CA ASP F 21 -45.97 -23.66 30.13
C ASP F 21 -45.01 -22.73 30.86
N ASN F 22 -44.91 -22.93 32.16
CA ASN F 22 -44.04 -22.11 32.99
C ASN F 22 -42.70 -22.83 33.15
N THR F 23 -42.08 -23.11 32.00
CA THR F 23 -40.67 -23.45 31.96
C THR F 23 -39.78 -22.27 32.25
N GLY F 24 -40.03 -21.14 31.60
CA GLY F 24 -39.16 -19.99 31.67
C GLY F 24 -39.06 -19.23 30.38
N ALA F 25 -39.51 -19.81 29.27
CA ALA F 25 -39.58 -19.09 28.01
C ALA F 25 -40.93 -18.39 27.89
N LYS F 26 -40.99 -17.41 27.01
CA LYS F 26 -42.24 -16.74 26.71
C LYS F 26 -42.67 -16.93 25.27
N ASN F 27 -41.79 -16.64 24.31
CA ASN F 27 -42.09 -16.81 22.91
C ASN F 27 -41.52 -18.12 22.38
N LEU F 28 -42.17 -18.64 21.37
CA LEU F 28 -41.67 -19.73 20.54
C LEU F 28 -41.73 -19.24 19.11
N TYR F 29 -40.71 -19.54 18.34
CA TYR F 29 -40.62 -19.03 16.98
C TYR F 29 -40.59 -20.24 16.06
N ILE F 30 -41.69 -20.49 15.34
CA ILE F 30 -41.79 -21.68 14.51
C ILE F 30 -40.65 -21.69 13.48
N ILE F 31 -40.08 -22.86 13.24
CA ILE F 31 -39.06 -23.00 12.21
C ILE F 31 -39.45 -23.97 11.10
N SER F 32 -40.25 -24.98 11.39
CA SER F 32 -40.68 -25.96 10.40
C SER F 32 -41.91 -26.64 10.98
N VAL F 33 -42.30 -27.78 10.42
CA VAL F 33 -43.31 -28.64 11.03
C VAL F 33 -42.90 -30.06 10.78
N LYS F 34 -43.00 -30.91 11.81
CA LYS F 34 -42.46 -32.25 11.72
C LYS F 34 -43.37 -33.13 10.85
N GLY F 35 -42.83 -33.56 9.71
CA GLY F 35 -43.57 -34.40 8.79
C GLY F 35 -44.30 -33.63 7.71
N ILE F 36 -43.61 -32.75 7.00
CA ILE F 36 -44.21 -32.03 5.88
C ILE F 36 -43.33 -32.17 4.66
N LYS F 37 -43.96 -32.54 3.54
CA LYS F 37 -43.25 -32.84 2.32
C LYS F 37 -43.23 -31.70 1.30
N GLY F 38 -44.06 -30.67 1.47
CA GLY F 38 -43.87 -29.43 0.76
C GLY F 38 -44.20 -29.45 -0.72
N ARG F 39 -43.80 -28.37 -1.38
CA ARG F 39 -44.03 -28.06 -2.78
C ARG F 39 -43.28 -26.78 -3.11
N LEU F 40 -42.94 -26.61 -4.38
CA LEU F 40 -42.22 -25.42 -4.80
C LEU F 40 -42.91 -24.14 -4.34
N ASN F 41 -42.20 -23.38 -3.50
CA ASN F 41 -42.66 -22.10 -2.98
C ASN F 41 -43.97 -22.26 -2.21
N ARG F 42 -43.94 -23.10 -1.18
CA ARG F 42 -45.09 -23.33 -0.33
C ARG F 42 -44.62 -23.46 1.10
N LEU F 43 -45.33 -22.87 2.00
CA LEU F 43 -44.64 -22.91 3.28
C LEU F 43 -45.17 -24.03 4.16
N PRO F 44 -44.33 -24.61 5.01
CA PRO F 44 -44.85 -25.48 6.07
C PRO F 44 -45.78 -24.72 6.99
N ALA F 45 -46.74 -25.43 7.55
CA ALA F 45 -47.73 -24.82 8.41
C ALA F 45 -48.15 -25.80 9.50
N ALA F 46 -48.34 -25.29 10.71
CA ALA F 46 -48.78 -26.07 11.84
C ALA F 46 -50.15 -25.59 12.28
N GLY F 47 -51.01 -26.54 12.64
CA GLY F 47 -52.33 -26.19 13.12
C GLY F 47 -52.38 -26.21 14.63
N VAL F 48 -53.06 -27.20 15.20
CA VAL F 48 -52.99 -27.45 16.61
C VAL F 48 -52.59 -28.90 16.81
N GLY F 49 -51.87 -29.16 17.90
CA GLY F 49 -51.53 -30.53 18.26
C GLY F 49 -50.74 -31.24 17.19
N ASP F 50 -49.52 -30.79 16.94
CA ASP F 50 -48.58 -31.50 16.09
C ASP F 50 -47.14 -31.02 16.30
N MET F 51 -46.22 -31.96 16.41
CA MET F 51 -44.85 -31.61 16.78
C MET F 51 -44.26 -30.63 15.80
N VAL F 52 -43.89 -29.46 16.31
CA VAL F 52 -43.34 -28.38 15.51
C VAL F 52 -42.03 -27.94 16.14
N MET F 53 -40.96 -27.90 15.35
CA MET F 53 -39.69 -27.47 15.92
C MET F 53 -39.68 -25.96 16.01
N ALA F 54 -39.22 -25.43 17.14
CA ALA F 54 -39.28 -24.00 17.38
C ALA F 54 -38.18 -23.58 18.33
N THR F 55 -37.73 -22.34 18.17
CA THR F 55 -36.71 -21.74 19.00
C THR F 55 -37.31 -20.61 19.81
N VAL F 56 -36.85 -20.46 21.05
CA VAL F 56 -37.33 -19.35 21.86
C VAL F 56 -36.78 -18.05 21.29
N LYS F 57 -37.52 -16.96 21.45
CA LYS F 57 -37.05 -15.66 21.03
C LYS F 57 -37.29 -14.55 22.03
N LYS F 58 -37.88 -14.85 23.19
CA LYS F 58 -37.91 -13.91 24.30
C LYS F 58 -38.13 -14.69 25.58
N GLY F 59 -37.10 -14.85 26.39
CA GLY F 59 -37.27 -15.62 27.61
C GLY F 59 -35.99 -15.85 28.39
N LYS F 60 -35.86 -17.04 28.96
CA LYS F 60 -34.67 -17.36 29.74
C LYS F 60 -33.41 -17.17 28.90
N PRO F 61 -32.26 -17.01 29.55
CA PRO F 61 -31.00 -16.99 28.81
C PRO F 61 -30.46 -18.38 28.52
N GLU F 62 -31.08 -19.41 29.08
CA GLU F 62 -30.68 -20.80 28.85
C GLU F 62 -31.49 -21.46 27.74
N LEU F 63 -32.82 -21.36 27.82
CA LEU F 63 -33.67 -21.99 26.82
C LEU F 63 -33.41 -21.44 25.43
N ARG F 64 -32.97 -20.19 25.35
CA ARG F 64 -32.85 -19.51 24.07
C ARG F 64 -31.65 -20.02 23.29
N LYS F 65 -31.49 -19.46 22.09
CA LYS F 65 -30.34 -19.62 21.21
C LYS F 65 -30.26 -21.02 20.60
N LYS F 66 -31.09 -21.96 21.01
CA LYS F 66 -31.01 -23.30 20.41
C LYS F 66 -32.40 -23.86 20.22
N VAL F 67 -32.47 -24.90 19.41
CA VAL F 67 -33.72 -25.41 18.87
C VAL F 67 -34.37 -26.36 19.87
N HIS F 68 -35.65 -26.14 20.15
CA HIS F 68 -36.43 -27.06 20.97
C HIS F 68 -37.62 -27.59 20.18
N PRO F 69 -38.00 -28.84 20.37
CA PRO F 69 -39.21 -29.33 19.70
C PRO F 69 -40.44 -29.13 20.57
N ALA F 70 -41.46 -28.47 20.06
CA ALA F 70 -42.62 -28.10 20.87
C ALA F 70 -43.88 -28.66 20.24
N VAL F 71 -45.00 -28.38 20.90
CA VAL F 71 -46.32 -28.79 20.43
C VAL F 71 -47.27 -27.62 20.59
N VAL F 72 -48.10 -27.39 19.59
CA VAL F 72 -49.02 -26.26 19.61
C VAL F 72 -50.23 -26.62 20.46
N ILE F 73 -50.65 -25.68 21.30
CA ILE F 73 -51.78 -25.86 22.20
C ILE F 73 -53.03 -25.22 21.63
N ARG F 74 -52.96 -23.95 21.27
CA ARG F 74 -54.10 -23.21 20.78
C ARG F 74 -53.67 -22.25 19.67
N GLN F 75 -54.63 -21.88 18.82
CA GLN F 75 -54.41 -21.05 17.64
C GLN F 75 -55.53 -20.02 17.53
N ARG F 76 -55.35 -19.02 16.65
CA ARG F 76 -56.44 -18.08 16.39
C ARG F 76 -57.07 -18.21 15.03
N LYS F 77 -56.64 -19.13 14.19
CA LYS F 77 -57.40 -19.40 12.98
C LYS F 77 -58.35 -20.55 13.26
N SER F 78 -59.65 -20.31 13.11
CA SER F 78 -60.62 -21.29 13.54
C SER F 78 -60.51 -22.56 12.72
N TYR F 79 -60.92 -23.67 13.31
CA TYR F 79 -60.96 -24.94 12.62
C TYR F 79 -62.30 -25.59 12.91
N ARG F 80 -62.57 -26.68 12.21
CA ARG F 80 -63.85 -27.37 12.30
C ARG F 80 -63.66 -28.65 13.10
N ARG F 81 -64.38 -28.78 14.20
CA ARG F 81 -64.53 -30.09 14.80
C ARG F 81 -65.31 -30.96 13.84
N LYS F 82 -65.10 -32.27 13.92
CA LYS F 82 -65.85 -33.13 13.00
C LYS F 82 -67.26 -33.31 13.55
N ASP F 83 -67.92 -32.20 13.85
CA ASP F 83 -69.34 -32.21 14.15
C ASP F 83 -70.07 -31.01 13.56
N GLY F 84 -69.35 -29.99 13.11
CA GLY F 84 -69.95 -28.76 12.66
C GLY F 84 -69.86 -27.60 13.63
N VAL F 85 -68.77 -27.48 14.38
CA VAL F 85 -68.52 -26.31 15.20
C VAL F 85 -67.15 -25.77 14.84
N PHE F 86 -67.10 -24.48 14.53
CA PHE F 86 -65.82 -23.83 14.24
C PHE F 86 -65.34 -23.19 15.53
N LEU F 87 -64.16 -23.59 15.98
CA LEU F 87 -63.76 -23.41 17.37
C LEU F 87 -62.35 -22.84 17.43
N TYR F 88 -62.21 -21.54 17.69
CA TYR F 88 -60.91 -20.90 17.72
C TYR F 88 -60.63 -20.27 19.07
N PHE F 89 -59.37 -20.30 19.47
CA PHE F 89 -58.94 -19.74 20.74
C PHE F 89 -58.43 -18.32 20.53
N GLU F 90 -58.30 -17.59 21.63
CA GLU F 90 -57.87 -16.20 21.58
C GLU F 90 -56.39 -16.05 21.34
N ASP F 91 -55.58 -16.98 21.79
CA ASP F 91 -54.14 -16.84 21.70
C ASP F 91 -53.55 -17.72 20.61
N ASN F 92 -52.23 -17.81 20.61
CA ASN F 92 -51.50 -18.90 20.00
C ASN F 92 -50.50 -19.39 21.02
N ALA F 93 -50.41 -20.70 21.20
CA ALA F 93 -49.54 -21.15 22.27
C ALA F 93 -48.98 -22.53 21.97
N GLY F 94 -47.85 -22.80 22.59
CA GLY F 94 -47.21 -24.10 22.49
C GLY F 94 -46.38 -24.35 23.72
N VAL F 95 -45.97 -25.60 23.88
CA VAL F 95 -45.15 -26.01 25.00
C VAL F 95 -44.01 -26.88 24.51
N ILE F 96 -42.83 -26.67 25.09
CA ILE F 96 -41.69 -27.50 24.75
C ILE F 96 -41.98 -28.95 25.11
N VAL F 97 -41.32 -29.87 24.45
CA VAL F 97 -41.53 -31.29 24.71
C VAL F 97 -40.38 -32.11 24.14
N ASN F 98 -39.87 -33.04 24.93
CA ASN F 98 -38.94 -34.02 24.37
C ASN F 98 -39.69 -34.91 23.41
N ASN F 99 -39.03 -35.30 22.33
CA ASN F 99 -39.84 -35.76 21.21
C ASN F 99 -40.62 -37.04 21.48
N LYS F 100 -40.62 -37.53 22.72
CA LYS F 100 -41.54 -38.60 23.10
C LYS F 100 -42.91 -38.08 23.52
N GLY F 101 -42.98 -36.90 24.10
CA GLY F 101 -44.20 -36.40 24.70
C GLY F 101 -44.03 -35.86 26.10
N GLU F 102 -42.89 -36.14 26.74
CA GLU F 102 -42.61 -35.57 28.06
C GLU F 102 -42.55 -34.05 27.96
N MET F 103 -43.37 -33.36 28.75
CA MET F 103 -43.20 -31.92 28.85
C MET F 103 -41.92 -31.60 29.60
N LYS F 104 -41.39 -30.42 29.35
CA LYS F 104 -40.25 -29.95 30.14
C LYS F 104 -40.70 -29.21 31.39
N GLY F 105 -41.87 -28.60 31.37
CA GLY F 105 -42.34 -27.81 32.48
C GLY F 105 -43.15 -28.59 33.49
N SER F 106 -44.13 -27.91 34.09
CA SER F 106 -44.96 -28.55 35.11
C SER F 106 -46.45 -28.38 34.84
N ALA F 107 -46.87 -27.21 34.37
CA ALA F 107 -48.30 -26.94 34.26
C ALA F 107 -48.55 -25.89 33.19
N ILE F 108 -49.77 -25.90 32.68
CA ILE F 108 -50.15 -25.16 31.49
C ILE F 108 -51.28 -24.20 31.84
N THR F 109 -51.11 -22.93 31.47
CA THR F 109 -52.15 -21.93 31.67
C THR F 109 -53.09 -21.90 30.48
N GLY F 110 -54.32 -21.48 30.73
CA GLY F 110 -55.31 -21.40 29.68
C GLY F 110 -55.73 -22.78 29.21
N PRO F 111 -56.84 -22.85 28.47
CA PRO F 111 -57.34 -24.14 28.01
C PRO F 111 -56.38 -24.81 27.03
N VAL F 112 -56.73 -26.03 26.66
CA VAL F 112 -55.94 -26.85 25.74
C VAL F 112 -56.88 -27.48 24.73
N ALA F 113 -56.45 -27.54 23.49
CA ALA F 113 -57.33 -28.03 22.43
C ALA F 113 -57.56 -29.52 22.56
N LYS F 114 -58.81 -29.93 22.42
CA LYS F 114 -59.19 -31.30 22.72
C LYS F 114 -58.49 -32.28 21.80
N GLU F 115 -58.25 -31.91 20.56
CA GLU F 115 -57.56 -32.81 19.64
C GLU F 115 -56.13 -33.05 20.10
N CYS F 116 -55.45 -31.98 20.51
CA CYS F 116 -54.11 -32.12 21.07
C CYS F 116 -54.15 -33.01 22.30
N ALA F 117 -55.19 -32.88 23.11
CA ALA F 117 -55.30 -33.74 24.29
C ALA F 117 -55.45 -35.20 23.90
N ASP F 118 -56.29 -35.49 22.91
CA ASP F 118 -56.49 -36.88 22.51
C ASP F 118 -55.22 -37.48 21.91
N LEU F 119 -54.41 -36.67 21.24
CA LEU F 119 -53.16 -37.23 20.73
C LEU F 119 -52.10 -37.40 21.80
N TRP F 120 -51.68 -36.30 22.42
CA TRP F 120 -50.55 -36.40 23.34
C TRP F 120 -51.09 -36.68 24.73
N PRO F 121 -50.90 -37.90 25.24
CA PRO F 121 -51.54 -38.24 26.52
C PRO F 121 -50.89 -37.57 27.72
N ARG F 122 -49.57 -37.45 27.73
CA ARG F 122 -48.91 -36.81 28.87
C ARG F 122 -49.35 -35.35 28.98
N ILE F 123 -49.45 -34.65 27.85
CA ILE F 123 -49.93 -33.28 27.85
C ILE F 123 -51.36 -33.22 28.36
N ALA F 124 -52.18 -34.22 27.99
CA ALA F 124 -53.55 -34.25 28.46
C ALA F 124 -53.61 -34.33 29.98
N SER F 125 -52.75 -35.16 30.58
CA SER F 125 -52.69 -35.21 32.03
C SER F 125 -52.24 -33.90 32.62
N ASN F 126 -51.23 -33.28 32.02
CA ASN F 126 -50.67 -32.06 32.59
C ASN F 126 -51.57 -30.84 32.40
N ALA F 127 -52.53 -30.90 31.48
CA ALA F 127 -53.31 -29.73 31.13
C ALA F 127 -54.26 -29.32 32.26
N GLY F 128 -54.68 -28.07 32.24
CA GLY F 128 -55.61 -27.56 33.23
C GLY F 128 -57.05 -27.79 32.85
N SER F 129 -57.46 -27.24 31.71
CA SER F 129 -58.83 -27.36 31.22
C SER F 129 -58.81 -27.66 29.74
N ILE F 130 -59.39 -28.80 29.36
CA ILE F 130 -59.42 -29.22 27.97
C ILE F 130 -60.69 -28.65 27.37
N ALA F 131 -60.55 -27.55 26.62
CA ALA F 131 -61.70 -26.82 26.10
C ALA F 131 -62.49 -27.63 25.11
N MET G 1 -78.29 -32.86 21.05
CA MET G 1 -77.45 -32.26 20.04
C MET G 1 -77.56 -30.73 20.10
N LYS G 2 -76.93 -30.02 19.17
CA LYS G 2 -76.60 -28.60 19.30
C LYS G 2 -77.89 -27.79 19.27
N VAL G 3 -78.56 -27.76 20.41
CA VAL G 3 -79.65 -26.84 20.67
C VAL G 3 -78.99 -25.76 21.50
N GLU G 4 -77.67 -25.65 21.35
CA GLU G 4 -76.87 -24.70 22.10
C GLU G 4 -77.40 -23.29 21.88
N LEU G 5 -77.70 -22.61 22.97
CA LEU G 5 -78.13 -21.23 22.86
C LEU G 5 -76.93 -20.32 22.65
N CYS G 6 -77.16 -19.17 22.03
CA CYS G 6 -76.09 -18.23 21.75
C CYS G 6 -75.51 -17.68 23.05
N SER G 7 -74.54 -16.78 22.91
CA SER G 7 -73.95 -16.10 24.06
C SER G 7 -73.95 -14.59 23.87
N PHE G 8 -74.72 -14.09 22.92
CA PHE G 8 -74.95 -12.66 22.79
C PHE G 8 -76.42 -12.31 22.58
N SER G 9 -77.21 -13.25 22.08
CA SER G 9 -78.66 -13.13 21.94
C SER G 9 -79.20 -14.54 21.94
N GLY G 10 -79.92 -14.90 22.99
CA GLY G 10 -80.02 -16.30 23.38
C GLY G 10 -80.71 -17.23 22.40
N TYR G 11 -80.86 -16.79 21.14
CA TYR G 11 -81.50 -17.60 20.13
C TYR G 11 -80.87 -18.99 20.05
N LYS G 12 -81.66 -19.95 19.60
CA LYS G 12 -81.15 -21.29 19.38
C LYS G 12 -80.12 -21.25 18.25
N ILE G 13 -79.13 -22.13 18.33
CA ILE G 13 -78.14 -22.26 17.28
C ILE G 13 -78.31 -23.66 16.69
N TYR G 14 -79.04 -23.74 15.59
CA TYR G 14 -79.34 -25.05 15.03
C TYR G 14 -78.06 -25.70 14.53
N PRO G 15 -77.95 -27.02 14.66
CA PRO G 15 -76.63 -27.64 14.84
C PRO G 15 -75.66 -27.49 13.68
N GLY G 16 -75.98 -26.73 12.65
CA GLY G 16 -74.98 -26.59 11.61
C GLY G 16 -74.25 -25.27 11.57
N HIS G 17 -74.60 -24.35 12.46
CA HIS G 17 -74.28 -22.94 12.29
C HIS G 17 -73.38 -22.45 13.41
N GLY G 18 -72.97 -21.19 13.29
CA GLY G 18 -72.32 -20.48 14.36
C GLY G 18 -70.83 -20.75 14.45
N ARG G 19 -70.18 -20.03 15.36
CA ARG G 19 -68.80 -20.27 15.72
C ARG G 19 -68.66 -20.29 17.22
N ARG G 20 -67.71 -21.06 17.72
CA ARG G 20 -67.56 -21.26 19.16
C ARG G 20 -66.21 -20.70 19.60
N TYR G 21 -66.24 -19.50 20.15
CA TYR G 21 -65.02 -18.79 20.54
C TYR G 21 -64.62 -19.21 21.95
N ALA G 22 -63.44 -19.78 22.08
CA ALA G 22 -62.95 -20.30 23.35
C ALA G 22 -61.86 -19.38 23.88
N ARG G 23 -62.21 -18.59 24.88
CA ARG G 23 -61.32 -17.57 25.42
C ARG G 23 -60.13 -18.20 26.13
N THR G 24 -59.16 -17.37 26.52
CA THR G 24 -57.98 -17.79 27.26
C THR G 24 -58.25 -17.84 28.76
N ASP G 25 -59.27 -17.14 29.24
CA ASP G 25 -59.65 -17.19 30.64
C ASP G 25 -60.11 -18.58 31.05
N GLY G 26 -60.72 -19.34 30.15
CA GLY G 26 -61.31 -20.62 30.44
C GLY G 26 -62.71 -20.76 29.91
N LYS G 27 -63.48 -19.69 29.94
CA LYS G 27 -64.86 -19.71 29.46
C LYS G 27 -64.89 -19.97 27.96
N VAL G 28 -66.09 -20.19 27.45
CA VAL G 28 -66.29 -20.47 26.03
C VAL G 28 -67.69 -20.02 25.64
N PHE G 29 -67.81 -19.40 24.47
CA PHE G 29 -69.03 -18.73 24.07
C PHE G 29 -69.43 -19.18 22.67
N GLN G 30 -70.66 -19.65 22.52
CA GLN G 30 -71.18 -19.85 21.18
C GLN G 30 -71.47 -18.50 20.54
N PHE G 31 -71.72 -18.51 19.24
CA PHE G 31 -71.98 -17.27 18.53
C PHE G 31 -72.78 -17.59 17.28
N LEU G 32 -73.92 -16.91 17.12
CA LEU G 32 -74.79 -17.18 15.99
C LEU G 32 -74.11 -16.84 14.66
N ASN G 33 -73.60 -15.63 14.54
CA ASN G 33 -72.99 -15.20 13.28
C ASN G 33 -72.09 -14.00 13.55
N ALA G 34 -71.57 -13.41 12.48
CA ALA G 34 -70.71 -12.24 12.66
C ALA G 34 -71.46 -11.06 13.24
N LYS G 35 -72.74 -10.94 12.93
CA LYS G 35 -73.55 -9.82 13.43
C LYS G 35 -73.42 -9.69 14.94
N CYS G 36 -73.43 -10.82 15.64
CA CYS G 36 -73.29 -10.81 17.08
C CYS G 36 -71.84 -10.97 17.51
N GLU G 37 -71.03 -11.66 16.70
CA GLU G 37 -69.63 -11.84 17.03
C GLU G 37 -68.91 -10.50 17.16
N SER G 38 -69.05 -9.66 16.14
CA SER G 38 -68.39 -8.36 16.18
C SER G 38 -68.85 -7.55 17.38
N ALA G 39 -70.15 -7.56 17.66
CA ALA G 39 -70.66 -6.77 18.77
C ALA G 39 -70.08 -7.25 20.09
N PHE G 40 -70.05 -8.56 20.31
CA PHE G 40 -69.50 -9.03 21.58
C PHE G 40 -68.02 -8.72 21.69
N LEU G 41 -67.27 -8.88 20.60
CA LEU G 41 -65.84 -8.63 20.72
C LEU G 41 -65.53 -7.15 20.84
N SER G 42 -66.44 -6.27 20.43
CA SER G 42 -66.24 -4.84 20.54
C SER G 42 -66.71 -4.28 21.87
N LYS G 43 -66.82 -5.12 22.90
CA LYS G 43 -67.18 -4.69 24.25
C LYS G 43 -68.51 -3.96 24.29
N ARG G 44 -69.48 -4.45 23.53
CA ARG G 44 -70.85 -4.00 23.68
C ARG G 44 -71.62 -4.98 24.57
N ASN G 45 -72.65 -4.48 25.21
CA ASN G 45 -73.49 -5.38 25.96
C ASN G 45 -74.76 -5.68 25.19
N PRO G 46 -75.25 -6.91 25.24
CA PRO G 46 -76.59 -7.16 24.72
C PRO G 46 -77.64 -6.35 25.42
N ARG G 47 -77.35 -5.89 26.64
CA ARG G 47 -78.36 -5.25 27.47
C ARG G 47 -79.00 -4.05 26.81
N GLN G 48 -78.31 -3.38 25.88
CA GLN G 48 -78.82 -2.16 25.27
C GLN G 48 -79.02 -2.31 23.77
N ILE G 49 -79.19 -3.52 23.28
CA ILE G 49 -79.27 -3.77 21.85
C ILE G 49 -80.66 -4.29 21.52
N ASN G 50 -81.40 -3.53 20.72
CA ASN G 50 -82.85 -3.63 20.67
C ASN G 50 -83.36 -4.97 20.15
N TRP G 51 -82.53 -5.77 19.48
CA TRP G 51 -83.03 -7.01 18.90
C TRP G 51 -82.61 -8.25 19.67
N THR G 52 -81.80 -8.13 20.70
CA THR G 52 -81.43 -9.31 21.46
C THR G 52 -82.60 -9.79 22.32
N VAL G 53 -82.47 -11.01 22.84
CA VAL G 53 -83.40 -11.48 23.85
C VAL G 53 -83.30 -10.62 25.08
N LEU G 54 -82.07 -10.29 25.49
CA LEU G 54 -81.85 -9.66 26.80
C LEU G 54 -82.46 -8.28 26.86
N TYR G 55 -82.45 -7.54 25.74
CA TYR G 55 -83.06 -6.22 25.77
C TYR G 55 -84.54 -6.30 26.08
N ARG G 56 -85.23 -7.30 25.50
CA ARG G 56 -86.65 -7.45 25.75
C ARG G 56 -86.91 -8.04 27.14
N ARG G 57 -86.06 -8.95 27.60
CA ARG G 57 -86.13 -9.42 28.99
C ARG G 57 -85.75 -8.36 30.01
N LYS G 58 -85.13 -7.26 29.59
CA LYS G 58 -84.91 -6.17 30.52
C LYS G 58 -86.01 -5.13 30.47
N HIS G 59 -86.52 -4.82 29.28
CA HIS G 59 -87.62 -3.88 29.16
C HIS G 59 -88.98 -4.56 29.19
N LYS G 60 -89.03 -5.82 29.65
CA LYS G 60 -90.27 -6.50 29.99
C LYS G 60 -91.28 -6.48 28.84
N LYS G 61 -90.78 -6.66 27.62
CA LYS G 61 -91.63 -6.66 26.45
C LYS G 61 -92.01 -8.06 25.99
N GLY G 62 -91.57 -9.08 26.72
CA GLY G 62 -91.93 -10.45 26.41
C GLY G 62 -90.70 -11.31 26.11
N GLN G 63 -90.89 -12.29 25.24
CA GLN G 63 -89.85 -13.29 24.99
C GLN G 63 -89.28 -13.17 23.59
N LYS H 1 -6.70 96.54 -26.09
CA LYS H 1 -5.77 95.43 -26.03
C LYS H 1 -6.44 94.24 -25.36
N LYS H 2 -6.25 94.11 -24.05
CA LYS H 2 -6.82 93.02 -23.27
C LYS H 2 -6.45 91.66 -23.88
N ILE H 3 -5.16 91.38 -23.88
CA ILE H 3 -4.66 90.24 -24.66
C ILE H 3 -4.95 88.89 -24.04
N ARG H 4 -5.18 88.80 -22.72
CA ARG H 4 -5.44 87.49 -22.16
C ARG H 4 -6.11 87.61 -20.80
N THR H 5 -6.98 86.65 -20.51
CA THR H 5 -7.46 86.41 -19.15
C THR H 5 -7.52 84.94 -18.79
N SER H 6 -7.42 84.03 -19.74
CA SER H 6 -7.57 82.60 -19.52
C SER H 6 -6.45 81.85 -20.21
N PRO H 7 -6.02 80.72 -19.65
CA PRO H 7 -4.95 79.93 -20.28
C PRO H 7 -5.41 79.14 -21.50
N THR H 8 -6.71 79.02 -21.72
CA THR H 8 -7.24 78.19 -22.80
C THR H 8 -7.32 79.00 -24.08
N PHE H 9 -6.46 78.69 -25.04
CA PHE H 9 -6.62 79.28 -26.36
C PHE H 9 -7.93 78.79 -26.96
N ARG H 10 -8.71 79.72 -27.49
CA ARG H 10 -10.00 79.40 -28.06
C ARG H 10 -10.07 79.95 -29.49
N ARG H 11 -10.68 79.19 -30.38
CA ARG H 11 -10.68 79.54 -31.78
C ARG H 11 -11.30 80.93 -31.96
N PRO H 12 -10.75 81.77 -32.82
CA PRO H 12 -11.37 83.08 -33.04
C PRO H 12 -12.75 82.92 -33.63
N LYS H 13 -13.51 84.01 -33.63
CA LYS H 13 -14.86 83.99 -34.18
C LYS H 13 -14.84 84.84 -35.44
N THR H 14 -14.64 84.20 -36.57
CA THR H 14 -14.45 84.90 -37.84
C THR H 14 -15.77 85.48 -38.30
N LEU H 15 -15.78 86.00 -39.53
CA LEU H 15 -16.98 86.54 -40.14
C LEU H 15 -17.44 85.59 -41.23
N ARG H 16 -18.72 85.23 -41.20
CA ARG H 16 -19.28 84.26 -42.12
C ARG H 16 -20.33 84.91 -43.01
N LEU H 17 -20.48 84.38 -44.22
CA LEU H 17 -21.31 85.01 -45.24
C LEU H 17 -22.56 84.19 -45.52
N ARG H 18 -23.33 84.63 -46.51
CA ARG H 18 -24.59 84.02 -46.89
C ARG H 18 -24.58 83.72 -48.38
N ARG H 19 -25.31 82.67 -48.76
CA ARG H 19 -25.32 82.23 -50.15
C ARG H 19 -25.82 83.33 -51.08
N GLN H 20 -24.99 83.70 -52.05
CA GLN H 20 -25.39 84.61 -53.12
C GLN H 20 -25.32 83.87 -54.45
N PRO H 21 -26.07 82.78 -54.59
CA PRO H 21 -25.79 81.82 -55.67
C PRO H 21 -25.87 82.45 -57.04
N LYS H 22 -24.92 82.09 -57.89
CA LYS H 22 -24.93 82.58 -59.27
C LYS H 22 -26.16 82.08 -60.00
N TYR H 23 -26.38 80.77 -59.98
CA TYR H 23 -27.54 80.17 -60.59
C TYR H 23 -28.38 79.54 -59.49
N PRO H 24 -29.68 79.76 -59.46
CA PRO H 24 -30.52 79.02 -58.51
C PRO H 24 -30.33 77.54 -58.76
N ARG H 25 -30.16 76.78 -57.67
CA ARG H 25 -29.68 75.42 -57.79
C ARG H 25 -30.63 74.56 -58.62
N LYS H 26 -31.93 74.71 -58.39
CA LYS H 26 -32.92 74.06 -59.23
C LYS H 26 -33.49 75.09 -60.19
N SER H 27 -34.58 74.72 -60.86
CA SER H 27 -35.13 75.58 -61.91
C SER H 27 -36.22 76.51 -61.39
N ALA H 28 -37.25 75.94 -60.79
CA ALA H 28 -38.52 76.64 -60.64
C ALA H 28 -39.26 76.05 -59.45
N PRO H 29 -40.33 76.71 -58.99
CA PRO H 29 -41.12 76.15 -57.90
C PRO H 29 -41.73 74.80 -58.28
N ARG H 30 -41.76 73.88 -57.32
CA ARG H 30 -42.53 72.65 -57.43
C ARG H 30 -43.90 72.88 -56.83
N ARG H 31 -44.94 72.82 -57.65
CA ARG H 31 -46.26 73.19 -57.14
C ARG H 31 -46.66 72.24 -56.02
N ASN H 32 -47.67 72.65 -55.25
CA ASN H 32 -48.21 71.77 -54.24
C ASN H 32 -48.74 70.51 -54.90
N LYS H 33 -48.29 69.36 -54.41
CA LYS H 33 -48.85 68.11 -54.88
C LYS H 33 -50.20 67.83 -54.23
N LEU H 34 -50.68 68.73 -53.38
CA LEU H 34 -51.98 68.57 -52.72
C LEU H 34 -52.51 69.99 -52.48
N ASP H 35 -53.58 70.35 -53.19
CA ASP H 35 -54.05 71.74 -53.17
C ASP H 35 -55.14 71.91 -52.12
N HIS H 36 -56.32 71.38 -52.43
CA HIS H 36 -57.31 70.98 -51.44
C HIS H 36 -57.95 69.66 -51.84
N TYR H 37 -57.98 69.36 -53.13
CA TYR H 37 -58.70 68.23 -53.68
C TYR H 37 -57.98 66.93 -53.44
N ALA H 38 -56.69 66.97 -53.14
CA ALA H 38 -55.97 65.78 -52.73
C ALA H 38 -56.04 65.54 -51.24
N ILE H 39 -56.21 66.60 -50.43
CA ILE H 39 -56.50 66.38 -49.03
C ILE H 39 -57.89 65.80 -48.86
N ILE H 40 -58.86 66.23 -49.65
CA ILE H 40 -60.20 65.68 -49.55
C ILE H 40 -60.49 64.81 -50.76
N LYS H 41 -60.41 63.49 -50.55
CA LYS H 41 -60.54 62.54 -51.65
C LYS H 41 -61.99 62.25 -51.99
N PHE H 42 -62.75 61.72 -51.04
CA PHE H 42 -64.19 61.57 -51.25
C PHE H 42 -64.85 61.38 -49.91
N PRO H 43 -66.12 61.76 -49.77
CA PRO H 43 -66.84 61.53 -48.52
C PRO H 43 -67.07 60.04 -48.33
N LEU H 44 -67.71 59.71 -47.23
CA LEU H 44 -68.01 58.32 -46.89
C LEU H 44 -69.48 58.19 -46.58
N THR H 45 -70.09 57.07 -46.97
CA THR H 45 -71.51 56.82 -46.73
C THR H 45 -71.69 55.41 -46.19
N THR H 46 -71.92 55.32 -44.88
CA THR H 46 -72.30 54.07 -44.23
C THR H 46 -73.32 54.42 -43.15
N GLU H 47 -74.02 53.39 -42.67
CA GLU H 47 -74.97 53.62 -41.60
C GLU H 47 -74.29 54.22 -40.38
N SER H 48 -73.11 53.72 -40.05
CA SER H 48 -72.28 54.23 -38.96
C SER H 48 -71.59 55.53 -39.33
N ALA H 49 -72.05 56.18 -40.39
CA ALA H 49 -71.67 57.54 -40.74
C ALA H 49 -72.87 58.48 -40.81
N MET H 50 -73.99 58.06 -41.40
CA MET H 50 -75.17 58.89 -41.34
C MET H 50 -75.73 58.97 -39.94
N LYS H 51 -75.45 58.00 -39.07
CA LYS H 51 -75.78 58.19 -37.66
C LYS H 51 -75.01 59.38 -37.11
N LYS H 52 -73.73 59.49 -37.46
CA LYS H 52 -72.95 60.65 -37.04
C LYS H 52 -73.53 61.93 -37.60
N ILE H 53 -73.92 61.92 -38.88
CA ILE H 53 -74.45 63.13 -39.51
C ILE H 53 -75.72 63.59 -38.80
N GLU H 54 -76.68 62.68 -38.62
CA GLU H 54 -77.97 63.12 -38.12
C GLU H 54 -78.00 63.27 -36.61
N ASP H 55 -77.00 62.73 -35.91
CA ASP H 55 -76.97 62.87 -34.45
C ASP H 55 -75.93 63.87 -33.98
N ASN H 56 -74.69 63.77 -34.47
CA ASN H 56 -73.60 64.57 -33.94
C ASN H 56 -73.20 65.74 -34.84
N ASN H 57 -74.00 66.04 -35.86
CA ASN H 57 -73.77 67.21 -36.72
C ASN H 57 -72.36 67.19 -37.30
N THR H 58 -71.89 66.00 -37.66
CA THR H 58 -70.50 65.77 -38.02
C THR H 58 -70.42 65.20 -39.43
N LEU H 59 -69.36 65.57 -40.14
CA LEU H 59 -69.08 65.01 -41.46
C LEU H 59 -67.96 63.99 -41.36
N VAL H 60 -67.91 63.08 -42.32
CA VAL H 60 -66.95 61.99 -42.32
C VAL H 60 -66.29 61.93 -43.69
N PHE H 61 -65.08 62.46 -43.81
CA PHE H 61 -64.36 62.44 -45.07
C PHE H 61 -63.23 61.42 -45.01
N ILE H 62 -62.59 61.21 -46.15
CA ILE H 62 -61.43 60.34 -46.25
C ILE H 62 -60.31 61.13 -46.91
N VAL H 63 -59.15 61.16 -46.27
CA VAL H 63 -58.08 62.06 -46.66
C VAL H 63 -56.80 61.27 -46.88
N ASP H 64 -55.93 61.86 -47.71
CA ASP H 64 -54.63 61.31 -48.04
C ASP H 64 -53.77 61.19 -46.80
N VAL H 65 -53.19 60.01 -46.58
CA VAL H 65 -52.57 59.63 -45.31
C VAL H 65 -51.67 60.72 -44.76
N LYS H 66 -51.03 61.49 -45.62
CA LYS H 66 -50.23 62.64 -45.17
C LYS H 66 -51.11 63.87 -45.31
N ALA H 67 -51.85 64.18 -44.26
CA ALA H 67 -52.68 65.39 -44.23
C ALA H 67 -52.97 65.73 -42.78
N ASN H 68 -52.37 66.80 -42.29
CA ASN H 68 -52.52 67.19 -40.89
C ASN H 68 -53.97 67.49 -40.56
N LYS H 69 -54.27 67.54 -39.27
CA LYS H 69 -55.58 68.01 -38.86
C LYS H 69 -55.80 69.46 -39.29
N HIS H 70 -54.77 70.29 -39.14
CA HIS H 70 -54.88 71.67 -39.58
C HIS H 70 -55.14 71.75 -41.07
N GLN H 71 -54.41 70.96 -41.85
CA GLN H 71 -54.58 70.98 -43.31
C GLN H 71 -55.98 70.52 -43.70
N ILE H 72 -56.46 69.44 -43.09
CA ILE H 72 -57.81 68.96 -43.38
C ILE H 72 -58.82 70.06 -43.07
N LYS H 73 -58.71 70.64 -41.88
CA LYS H 73 -59.65 71.68 -41.47
C LYS H 73 -59.69 72.79 -42.50
N GLN H 74 -58.53 73.34 -42.85
CA GLN H 74 -58.50 74.47 -43.76
C GLN H 74 -59.02 74.08 -45.13
N ALA H 75 -58.64 72.90 -45.63
CA ALA H 75 -59.02 72.56 -46.99
C ALA H 75 -60.52 72.28 -47.11
N VAL H 76 -61.12 71.60 -46.13
CA VAL H 76 -62.55 71.37 -46.20
C VAL H 76 -63.31 72.68 -46.06
N LYS H 77 -62.83 73.55 -45.16
CA LYS H 77 -63.50 74.83 -44.99
C LYS H 77 -63.42 75.65 -46.27
N LYS H 78 -62.29 75.63 -46.96
CA LYS H 78 -62.19 76.37 -48.21
C LYS H 78 -63.05 75.76 -49.29
N LEU H 79 -63.09 74.43 -49.37
CA LEU H 79 -63.93 73.78 -50.38
C LEU H 79 -65.39 74.13 -50.21
N TYR H 80 -66.00 73.69 -49.13
CA TYR H 80 -67.44 73.81 -48.97
C TYR H 80 -67.85 75.12 -48.31
N ASP H 81 -66.88 76.00 -48.04
CA ASP H 81 -67.11 77.27 -47.37
C ASP H 81 -67.78 77.08 -46.02
N ILE H 82 -67.50 75.96 -45.37
CA ILE H 82 -68.17 75.56 -44.13
C ILE H 82 -67.17 75.62 -43.00
N ASP H 83 -67.51 76.35 -41.95
CA ASP H 83 -66.64 76.46 -40.79
C ASP H 83 -66.70 75.19 -39.93
N VAL H 84 -65.55 74.80 -39.41
CA VAL H 84 -65.37 73.52 -38.73
C VAL H 84 -65.13 73.76 -37.25
N ALA H 85 -65.88 73.04 -36.41
CA ALA H 85 -65.67 73.17 -34.97
C ALA H 85 -64.41 72.44 -34.51
N LYS H 86 -64.18 71.23 -35.02
CA LYS H 86 -62.95 70.51 -34.67
C LYS H 86 -62.81 69.30 -35.59
N VAL H 87 -61.65 68.65 -35.52
CA VAL H 87 -61.30 67.56 -36.43
C VAL H 87 -60.52 66.50 -35.67
N ASN H 88 -60.90 65.25 -35.83
CA ASN H 88 -60.12 64.12 -35.33
C ASN H 88 -60.06 63.04 -36.38
N THR H 89 -58.90 62.42 -36.54
CA THR H 89 -58.66 61.50 -37.64
C THR H 89 -58.22 60.15 -37.10
N LEU H 90 -58.04 59.21 -38.03
CA LEU H 90 -57.49 57.91 -37.72
C LEU H 90 -57.06 57.25 -39.02
N ILE H 91 -56.29 56.18 -38.88
CA ILE H 91 -55.72 55.46 -40.01
C ILE H 91 -56.41 54.12 -40.09
N ARG H 92 -57.35 53.95 -41.01
CA ARG H 92 -58.02 52.67 -41.08
C ARG H 92 -57.01 51.59 -41.48
N PRO H 93 -57.22 50.34 -41.06
CA PRO H 93 -56.27 49.28 -41.41
C PRO H 93 -56.05 49.13 -42.90
N ASP H 94 -56.86 49.80 -43.73
CA ASP H 94 -56.56 49.85 -45.16
C ASP H 94 -55.37 50.75 -45.43
N GLY H 95 -55.42 51.99 -44.97
CA GLY H 95 -54.35 52.91 -45.25
C GLY H 95 -54.81 54.29 -45.68
N GLU H 96 -56.08 54.58 -45.51
CA GLU H 96 -56.63 55.91 -45.73
C GLU H 96 -56.87 56.55 -44.38
N LYS H 97 -56.64 57.86 -44.29
CA LYS H 97 -56.89 58.56 -43.04
C LYS H 97 -58.36 58.94 -43.04
N LYS H 98 -59.18 58.21 -42.32
CA LYS H 98 -60.57 58.62 -42.17
C LYS H 98 -60.61 59.80 -41.22
N ALA H 99 -61.31 60.86 -41.61
CA ALA H 99 -61.30 62.11 -40.87
C ALA H 99 -62.72 62.46 -40.47
N TYR H 100 -63.01 62.39 -39.17
CA TYR H 100 -64.25 62.90 -38.63
C TYR H 100 -64.08 64.39 -38.40
N VAL H 101 -65.01 65.18 -38.90
CA VAL H 101 -64.93 66.62 -38.89
C VAL H 101 -66.20 67.14 -38.24
N ARG H 102 -66.10 67.56 -36.97
CA ARG H 102 -67.24 68.15 -36.29
C ARG H 102 -67.45 69.56 -36.81
N LEU H 103 -68.53 69.74 -37.56
CA LEU H 103 -68.95 71.02 -38.08
C LEU H 103 -69.23 71.98 -36.93
N ALA H 104 -69.18 73.27 -37.24
CA ALA H 104 -69.47 74.29 -36.24
C ALA H 104 -70.96 74.27 -35.88
N PRO H 105 -71.31 74.71 -34.68
CA PRO H 105 -72.72 74.60 -34.25
C PRO H 105 -73.69 75.38 -35.11
N ASP H 106 -73.23 76.33 -35.91
CA ASP H 106 -74.11 77.20 -36.67
C ASP H 106 -74.58 76.60 -38.00
N TYR H 107 -74.11 75.40 -38.36
CA TYR H 107 -74.44 74.80 -39.65
C TYR H 107 -75.22 73.50 -39.45
N ASP H 108 -76.12 73.22 -40.40
CA ASP H 108 -76.96 72.02 -40.36
C ASP H 108 -76.32 70.93 -41.21
N ALA H 109 -75.90 69.85 -40.56
CA ALA H 109 -75.23 68.77 -41.25
C ALA H 109 -76.12 68.15 -42.33
N LEU H 110 -77.39 67.94 -42.02
CA LEU H 110 -78.31 67.38 -43.01
C LEU H 110 -78.50 68.29 -44.20
N ASP H 111 -78.26 69.59 -44.05
CA ASP H 111 -78.36 70.50 -45.18
C ASP H 111 -77.09 70.46 -46.02
N VAL H 112 -75.93 70.62 -45.37
CA VAL H 112 -74.69 70.63 -46.13
C VAL H 112 -74.39 69.28 -46.76
N ALA H 113 -74.82 68.18 -46.16
CA ALA H 113 -74.57 66.86 -46.74
C ALA H 113 -75.24 66.75 -48.11
N ASN H 114 -76.55 66.94 -48.15
CA ASN H 114 -77.25 66.88 -49.42
C ASN H 114 -76.86 68.03 -50.33
N LYS H 115 -76.20 69.06 -49.79
CA LYS H 115 -75.50 69.97 -50.71
C LYS H 115 -74.36 69.23 -51.40
N ILE H 116 -73.52 68.55 -50.63
CA ILE H 116 -72.31 67.93 -51.16
C ILE H 116 -72.61 66.79 -52.12
N GLY H 117 -73.63 65.99 -51.85
CA GLY H 117 -74.07 64.93 -52.75
C GLY H 117 -74.45 63.65 -52.04
N ILE H 118 -73.84 63.39 -50.89
CA ILE H 118 -74.08 62.17 -50.14
C ILE H 118 -75.53 62.10 -49.69
N ILE H 119 -75.96 60.93 -49.25
CA ILE H 119 -77.33 60.75 -48.81
C ILE H 119 -77.44 61.00 -47.31
N MET I 1 -34.49 32.95 -102.29
CA MET I 1 -34.28 32.41 -100.97
C MET I 1 -34.00 33.58 -100.05
N LYS I 2 -34.26 33.43 -98.76
CA LYS I 2 -34.00 34.51 -97.83
C LYS I 2 -32.52 34.81 -97.84
N PHE I 3 -32.15 35.94 -98.44
CA PHE I 3 -30.75 36.35 -98.48
C PHE I 3 -30.40 37.45 -97.52
N ASN I 4 -31.36 38.19 -96.99
CA ASN I 4 -31.05 39.12 -95.93
C ASN I 4 -30.41 38.36 -94.78
N PRO I 5 -29.29 38.79 -94.28
CA PRO I 5 -28.82 38.24 -93.02
C PRO I 5 -29.45 39.00 -91.87
N PHE I 6 -30.73 39.31 -92.00
CA PHE I 6 -31.44 40.03 -90.96
C PHE I 6 -32.88 39.58 -90.78
N VAL I 7 -33.37 38.64 -91.57
CA VAL I 7 -34.71 38.15 -91.41
C VAL I 7 -34.65 36.80 -90.69
N THR I 8 -35.74 36.49 -90.00
CA THR I 8 -35.74 35.40 -89.04
C THR I 8 -35.71 34.03 -89.71
N SER I 9 -36.75 33.70 -90.46
CA SER I 9 -36.86 32.41 -91.14
C SER I 9 -36.70 31.25 -90.18
N ASP I 10 -37.31 31.36 -89.00
CA ASP I 10 -37.32 30.26 -88.06
C ASP I 10 -38.71 30.14 -87.46
N ARG I 11 -39.06 28.92 -87.06
CA ARG I 11 -40.44 28.65 -86.63
C ARG I 11 -40.78 29.42 -85.36
N SER I 12 -39.95 29.29 -84.34
CA SER I 12 -40.21 30.00 -83.09
C SER I 12 -40.17 31.50 -83.29
N LYS I 13 -39.13 31.99 -83.95
CA LYS I 13 -38.96 33.43 -84.09
C LYS I 13 -40.01 34.06 -85.01
N ASN I 14 -40.68 33.27 -85.84
CA ASN I 14 -41.78 33.75 -86.67
C ASN I 14 -43.10 33.71 -85.93
N ARG I 15 -43.40 32.58 -85.30
CA ARG I 15 -44.67 32.47 -84.58
C ARG I 15 -44.72 33.44 -83.41
N LYS I 16 -43.58 33.73 -82.78
CA LYS I 16 -43.60 34.71 -81.69
C LYS I 16 -44.08 36.07 -82.18
N ARG I 17 -43.49 36.56 -83.27
CA ARG I 17 -43.94 37.83 -83.83
C ARG I 17 -45.38 37.76 -84.28
N HIS I 18 -45.78 36.66 -84.91
CA HIS I 18 -47.14 36.64 -85.44
C HIS I 18 -48.19 36.50 -84.36
N PHE I 19 -47.82 36.01 -83.17
CA PHE I 19 -48.79 35.81 -82.12
C PHE I 19 -48.68 36.82 -81.00
N ASN I 20 -47.69 37.70 -81.03
CA ASN I 20 -47.68 38.86 -80.15
C ASN I 20 -47.65 40.17 -80.92
N ALA I 21 -48.16 40.17 -82.14
CA ALA I 21 -48.10 41.36 -82.97
C ALA I 21 -48.97 42.45 -82.38
N PRO I 22 -48.50 43.69 -82.38
CA PRO I 22 -49.35 44.80 -81.94
C PRO I 22 -50.48 45.09 -82.91
N SER I 23 -51.28 46.12 -82.63
CA SER I 23 -52.56 46.29 -83.33
C SER I 23 -52.36 46.58 -84.81
N HIS I 24 -51.52 47.55 -85.14
CA HIS I 24 -51.43 47.94 -86.55
C HIS I 24 -50.66 46.91 -87.38
N ILE I 25 -49.66 46.27 -86.79
CA ILE I 25 -49.02 45.17 -87.49
C ILE I 25 -50.02 44.05 -87.71
N ARG I 26 -50.90 43.83 -86.74
CA ARG I 26 -52.00 42.92 -86.98
C ARG I 26 -52.88 43.41 -88.12
N ARG I 27 -53.07 44.71 -88.24
CA ARG I 27 -53.86 45.24 -89.34
C ARG I 27 -53.27 44.81 -90.66
N LYS I 28 -51.97 45.05 -90.84
CA LYS I 28 -51.31 44.60 -92.06
C LYS I 28 -51.45 43.10 -92.24
N ILE I 29 -51.49 42.34 -91.15
CA ILE I 29 -51.67 40.89 -91.27
C ILE I 29 -53.08 40.56 -91.75
N MET I 30 -54.09 41.32 -91.29
CA MET I 30 -55.49 40.97 -91.47
C MET I 30 -55.95 41.16 -92.90
N SER I 31 -55.10 41.69 -93.78
CA SER I 31 -55.55 42.08 -95.11
C SER I 31 -56.03 40.87 -95.90
N SER I 32 -57.11 41.05 -96.63
CA SER I 32 -57.71 40.04 -97.48
C SER I 32 -57.83 40.57 -98.89
N PRO I 33 -57.90 39.71 -99.89
CA PRO I 33 -57.83 40.16 -101.27
C PRO I 33 -59.16 40.70 -101.79
N LEU I 34 -59.07 41.45 -102.87
CA LEU I 34 -60.21 42.11 -103.47
C LEU I 34 -60.94 41.19 -104.43
N SER I 35 -61.98 41.72 -105.07
CA SER I 35 -62.64 41.01 -106.15
C SER I 35 -61.96 41.36 -107.46
N LYS I 36 -62.32 40.63 -108.51
CA LYS I 36 -61.60 40.77 -109.78
C LYS I 36 -61.82 42.15 -110.39
N GLU I 37 -63.04 42.67 -110.34
CA GLU I 37 -63.32 43.97 -110.94
C GLU I 37 -62.59 45.09 -110.19
N LEU I 38 -62.65 45.08 -108.86
CA LEU I 38 -61.95 46.08 -108.08
C LEU I 38 -60.43 45.95 -108.26
N ARG I 39 -59.94 44.71 -108.33
CA ARG I 39 -58.52 44.50 -108.55
C ARG I 39 -58.09 45.06 -109.90
N GLN I 40 -58.93 44.87 -110.92
CA GLN I 40 -58.71 45.50 -112.21
C GLN I 40 -58.69 47.00 -112.10
N LYS I 41 -59.63 47.57 -111.33
CA LYS I 41 -59.78 49.02 -111.30
C LYS I 41 -58.68 49.70 -110.50
N TYR I 42 -58.09 49.03 -109.52
CA TYR I 42 -57.14 49.67 -108.63
C TYR I 42 -55.70 49.21 -108.80
N ASN I 43 -55.46 48.05 -109.40
CA ASN I 43 -54.12 47.46 -109.47
C ASN I 43 -53.54 47.27 -108.07
N VAL I 44 -54.17 46.37 -107.32
CA VAL I 44 -53.77 46.12 -105.94
C VAL I 44 -53.84 44.64 -105.64
N ARG I 45 -52.82 44.11 -104.97
CA ARG I 45 -52.93 42.75 -104.45
C ARG I 45 -54.12 42.64 -103.51
N SER I 46 -54.08 43.37 -102.41
CA SER I 46 -55.03 43.21 -101.32
C SER I 46 -55.21 44.52 -100.59
N MET I 47 -56.28 44.63 -99.83
CA MET I 47 -56.53 45.80 -99.02
C MET I 47 -56.61 45.42 -97.54
N PRO I 48 -56.15 46.29 -96.65
CA PRO I 48 -56.41 46.07 -95.23
C PRO I 48 -57.91 46.11 -94.96
N ILE I 49 -58.41 45.04 -94.34
CA ILE I 49 -59.82 44.97 -94.03
C ILE I 49 -60.20 46.13 -93.11
N ARG I 50 -61.46 46.53 -93.18
CA ARG I 50 -61.91 47.65 -92.37
C ARG I 50 -63.26 47.30 -91.77
N LYS I 51 -63.59 47.97 -90.68
CA LYS I 51 -64.81 47.71 -89.93
C LYS I 51 -66.04 47.60 -90.81
N ASP I 52 -66.09 48.36 -91.90
CA ASP I 52 -67.27 48.40 -92.76
C ASP I 52 -66.87 48.21 -94.21
N ASP I 53 -66.76 46.96 -94.64
CA ASP I 53 -66.51 46.61 -96.02
C ASP I 53 -67.40 45.44 -96.41
N GLU I 54 -67.61 45.28 -97.71
CA GLU I 54 -68.47 44.23 -98.24
C GLU I 54 -67.62 43.02 -98.57
N VAL I 55 -67.86 41.90 -97.89
CA VAL I 55 -67.11 40.67 -98.16
C VAL I 55 -68.08 39.56 -98.52
N GLN I 56 -67.50 38.44 -98.93
CA GLN I 56 -68.26 37.30 -99.40
C GLN I 56 -67.38 36.07 -99.19
N VAL I 57 -67.69 35.31 -98.14
CA VAL I 57 -66.78 34.24 -97.70
C VAL I 57 -66.57 33.24 -98.83
N VAL I 58 -65.35 32.70 -98.89
CA VAL I 58 -64.99 31.74 -99.93
C VAL I 58 -64.61 30.38 -99.38
N ARG I 59 -64.41 30.22 -98.08
CA ARG I 59 -64.02 28.93 -97.53
C ARG I 59 -64.73 28.70 -96.21
N GLY I 60 -64.94 27.43 -95.90
CA GLY I 60 -65.62 27.04 -94.67
C GLY I 60 -67.07 26.66 -94.92
N HIS I 61 -67.75 26.37 -93.82
CA HIS I 61 -69.16 26.01 -93.91
C HIS I 61 -69.97 27.13 -94.53
N TYR I 62 -69.74 28.36 -94.10
CA TYR I 62 -70.50 29.49 -94.59
C TYR I 62 -70.00 29.98 -95.94
N LYS I 63 -69.32 29.12 -96.69
CA LYS I 63 -69.13 29.40 -98.10
C LYS I 63 -70.45 29.75 -98.75
N GLY I 64 -70.46 30.84 -99.49
CA GLY I 64 -71.69 31.33 -100.05
C GLY I 64 -71.43 32.37 -101.12
N GLN I 65 -72.47 32.67 -101.87
CA GLN I 65 -72.46 33.72 -102.87
C GLN I 65 -73.45 34.81 -102.45
N GLN I 66 -73.00 35.69 -101.57
CA GLN I 66 -73.82 36.78 -101.07
C GLN I 66 -72.96 38.01 -100.97
N ILE I 67 -73.44 39.06 -100.31
CA ILE I 67 -72.64 40.23 -100.02
C ILE I 67 -72.94 40.62 -98.59
N GLY I 68 -72.08 40.24 -97.66
CA GLY I 68 -72.18 40.72 -96.30
C GLY I 68 -71.28 41.91 -96.08
N LYS I 69 -71.66 42.74 -95.12
CA LYS I 69 -70.95 43.97 -94.82
C LYS I 69 -70.32 43.81 -93.45
N VAL I 70 -68.98 43.83 -93.42
CA VAL I 70 -68.24 43.59 -92.19
C VAL I 70 -68.81 44.44 -91.06
N VAL I 71 -68.90 43.85 -89.88
CA VAL I 71 -69.38 44.55 -88.71
C VAL I 71 -68.24 44.89 -87.76
N GLN I 72 -67.44 43.90 -87.38
CA GLN I 72 -66.41 44.08 -86.38
C GLN I 72 -65.15 43.35 -86.80
N VAL I 73 -64.00 43.97 -86.55
CA VAL I 73 -62.70 43.38 -86.86
C VAL I 73 -62.00 43.15 -85.52
N TYR I 74 -62.18 41.96 -84.97
CA TYR I 74 -61.78 41.68 -83.60
C TYR I 74 -60.31 41.28 -83.60
N ARG I 75 -59.45 42.28 -83.79
CA ARG I 75 -58.03 41.99 -83.97
C ARG I 75 -57.39 41.32 -82.76
N LYS I 76 -58.14 41.05 -81.69
CA LYS I 76 -57.56 40.30 -80.59
C LYS I 76 -57.51 38.82 -80.90
N LYS I 77 -58.29 38.37 -81.89
CA LYS I 77 -58.35 36.95 -82.24
C LYS I 77 -58.05 36.68 -83.70
N TYR I 78 -57.66 37.69 -84.47
CA TYR I 78 -57.44 37.53 -85.90
C TYR I 78 -58.70 36.99 -86.58
N VAL I 79 -59.79 37.75 -86.48
CA VAL I 79 -61.04 37.30 -87.04
C VAL I 79 -62.03 38.46 -87.13
N ILE I 80 -62.94 38.41 -88.10
CA ILE I 80 -63.93 39.45 -88.31
C ILE I 80 -65.30 38.81 -88.27
N TYR I 81 -66.31 39.64 -88.06
CA TYR I 81 -67.70 39.19 -88.06
C TYR I 81 -68.42 39.81 -89.25
N ILE I 82 -69.35 39.06 -89.83
CA ILE I 82 -70.11 39.52 -90.97
C ILE I 82 -71.57 39.65 -90.54
N GLU I 83 -72.36 40.32 -91.38
CA GLU I 83 -73.75 40.57 -91.03
C GLU I 83 -74.58 39.29 -90.96
N ARG I 84 -74.22 38.28 -91.74
CA ARG I 84 -75.04 37.09 -91.84
C ARG I 84 -74.48 35.87 -91.15
N VAL I 85 -73.19 35.86 -90.80
CA VAL I 85 -72.55 34.64 -90.36
C VAL I 85 -72.88 34.40 -88.89
N GLN I 86 -73.98 33.69 -88.62
CA GLN I 86 -74.49 33.54 -87.27
C GLN I 86 -74.70 32.08 -86.94
N ARG I 87 -74.57 31.76 -85.66
CA ARG I 87 -74.93 30.45 -85.13
C ARG I 87 -75.84 30.62 -83.92
N GLU I 88 -76.86 29.77 -83.85
CA GLU I 88 -77.72 29.74 -82.67
C GLU I 88 -76.93 29.30 -81.45
N LYS I 89 -77.12 30.00 -80.33
CA LYS I 89 -76.37 29.74 -79.12
C LYS I 89 -77.00 28.65 -78.27
N ALA I 90 -77.87 27.84 -78.87
CA ALA I 90 -78.62 26.82 -78.15
C ALA I 90 -79.57 27.44 -77.13
N ASN I 91 -80.01 28.66 -77.38
CA ASN I 91 -81.03 29.29 -76.55
C ASN I 91 -82.16 29.84 -77.41
N GLY I 92 -81.80 30.46 -78.51
CA GLY I 92 -82.63 31.41 -79.18
C GLY I 92 -81.96 32.76 -79.35
N THR I 93 -80.66 32.85 -79.09
CA THR I 93 -79.87 34.04 -79.37
C THR I 93 -78.86 33.67 -80.44
N THR I 94 -78.85 34.41 -81.54
CA THR I 94 -77.93 34.14 -82.63
C THR I 94 -76.67 34.97 -82.45
N VAL I 95 -75.55 34.29 -82.24
CA VAL I 95 -74.26 34.94 -82.03
C VAL I 95 -73.49 34.93 -83.35
N HIS I 96 -72.93 36.08 -83.70
CA HIS I 96 -72.03 36.13 -84.85
C HIS I 96 -70.85 35.21 -84.60
N VAL I 97 -70.55 34.37 -85.57
CA VAL I 97 -69.34 33.57 -85.49
C VAL I 97 -68.38 34.12 -86.54
N GLY I 98 -67.10 34.03 -86.26
CA GLY I 98 -66.12 34.75 -87.03
C GLY I 98 -65.46 33.91 -88.10
N ILE I 99 -64.98 34.60 -89.13
CA ILE I 99 -64.21 33.98 -90.19
C ILE I 99 -62.90 34.73 -90.32
N HIS I 100 -61.79 34.02 -90.21
CA HIS I 100 -60.49 34.63 -90.37
C HIS I 100 -60.44 35.34 -91.72
N PRO I 101 -59.88 36.51 -91.79
CA PRO I 101 -59.69 37.15 -93.10
C PRO I 101 -58.65 36.37 -93.87
N SER I 102 -58.33 36.79 -95.09
CA SER I 102 -57.53 36.02 -96.03
C SER I 102 -58.26 34.76 -96.47
N LYS I 103 -59.51 34.57 -96.05
CA LYS I 103 -60.43 33.61 -96.63
C LYS I 103 -61.70 34.30 -97.09
N VAL I 104 -61.60 35.56 -97.51
CA VAL I 104 -62.73 36.34 -97.96
C VAL I 104 -62.30 37.16 -99.18
N VAL I 105 -63.26 37.84 -99.78
CA VAL I 105 -63.00 38.75 -100.90
C VAL I 105 -63.89 39.96 -100.75
N ILE I 106 -63.33 41.15 -101.02
CA ILE I 106 -64.09 42.39 -100.91
C ILE I 106 -65.02 42.53 -102.12
N THR I 107 -66.31 42.30 -101.89
CA THR I 107 -67.27 42.30 -103.01
C THR I 107 -67.40 43.69 -103.61
N ARG I 108 -67.65 44.69 -102.78
CA ARG I 108 -67.63 46.08 -103.22
C ARG I 108 -67.13 46.94 -102.08
N LEU I 109 -65.86 47.31 -102.15
CA LEU I 109 -65.30 48.22 -101.16
C LEU I 109 -66.18 49.45 -101.09
N LYS I 110 -66.69 49.75 -99.91
CA LYS I 110 -67.56 50.90 -99.71
C LYS I 110 -66.70 52.06 -99.23
N LEU I 111 -66.88 53.23 -99.85
CA LEU I 111 -65.96 54.33 -99.68
C LEU I 111 -66.58 55.34 -98.73
N ASP I 112 -66.39 55.14 -97.43
CA ASP I 112 -66.92 56.02 -96.39
C ASP I 112 -66.13 57.31 -96.38
N LYS I 113 -66.33 58.15 -95.35
CA LYS I 113 -65.45 59.30 -95.16
C LYS I 113 -64.01 58.84 -94.97
N ASP I 114 -63.82 57.80 -94.15
CA ASP I 114 -62.49 57.22 -94.00
C ASP I 114 -62.02 56.59 -95.32
N ARG I 115 -62.88 55.80 -95.95
CA ARG I 115 -62.56 55.15 -97.20
C ARG I 115 -62.62 56.12 -98.38
N LYS I 116 -62.62 57.42 -98.08
CA LYS I 116 -61.98 58.44 -98.89
C LYS I 116 -60.63 58.84 -98.31
N LYS I 117 -60.66 59.44 -97.10
CA LYS I 117 -59.55 60.26 -96.64
C LYS I 117 -58.24 59.48 -96.68
N ILE I 118 -58.29 58.21 -96.29
CA ILE I 118 -57.08 57.41 -96.26
C ILE I 118 -57.11 56.29 -97.27
N LEU I 119 -58.30 55.86 -97.74
CA LEU I 119 -58.32 54.99 -98.90
C LEU I 119 -57.46 55.55 -100.02
N GLU I 120 -57.83 56.71 -100.58
CA GLU I 120 -57.08 57.16 -101.74
C GLU I 120 -55.59 57.26 -101.43
N ARG I 121 -55.24 57.84 -100.28
CA ARG I 121 -53.83 58.00 -99.96
C ARG I 121 -53.11 56.67 -99.81
N LYS I 122 -53.83 55.57 -99.57
CA LYS I 122 -53.16 54.28 -99.48
C LYS I 122 -53.19 53.53 -100.82
N ALA I 123 -54.39 53.34 -101.36
CA ALA I 123 -54.55 52.57 -102.59
C ALA I 123 -53.81 53.20 -103.76
N LYS I 124 -53.82 54.53 -103.86
CA LYS I 124 -53.11 55.15 -104.97
C LYS I 124 -51.60 55.01 -104.80
N SER I 125 -51.11 55.12 -103.57
CA SER I 125 -49.68 54.93 -103.35
C SER I 125 -49.27 53.50 -103.71
N ARG I 126 -50.08 52.53 -103.33
CA ARG I 126 -49.76 51.14 -103.68
C ARG I 126 -49.83 50.93 -105.18
N GLN I 127 -50.78 51.58 -105.85
CA GLN I 127 -50.83 51.53 -107.30
C GLN I 127 -49.56 52.08 -107.92
N VAL I 128 -49.09 53.22 -107.42
CA VAL I 128 -47.85 53.81 -107.93
C VAL I 128 -46.69 52.85 -107.73
N GLY I 129 -46.60 52.23 -106.55
CA GLY I 129 -45.54 51.26 -106.32
C GLY I 129 -45.61 50.09 -107.30
N LYS I 130 -46.81 49.58 -107.52
CA LYS I 130 -46.96 48.46 -108.44
C LYS I 130 -46.55 48.82 -109.87
N GLU I 131 -46.96 50.01 -110.34
CA GLU I 131 -46.57 50.42 -111.69
C GLU I 131 -45.09 50.70 -111.79
N LYS I 132 -44.47 51.20 -110.71
CA LYS I 132 -43.02 51.30 -110.68
C LYS I 132 -42.37 49.94 -110.55
N GLY I 133 -43.16 48.90 -110.31
CA GLY I 133 -42.63 47.56 -110.37
C GLY I 133 -42.25 47.12 -111.77
N LYS I 134 -42.04 48.08 -112.67
CA LYS I 134 -41.57 47.78 -114.01
C LYS I 134 -40.49 48.77 -114.46
N PRO J 1 -16.35 6.78 -84.81
CA PRO J 1 -17.72 6.45 -84.46
C PRO J 1 -17.82 5.67 -83.18
N SER J 2 -18.96 5.79 -82.50
CA SER J 2 -19.22 5.05 -81.27
C SER J 2 -20.24 3.94 -81.48
N ARG J 3 -20.71 3.74 -82.69
CA ARG J 3 -21.55 2.60 -83.02
C ARG J 3 -20.72 1.38 -83.38
N LEU J 4 -19.44 1.39 -83.04
CA LEU J 4 -18.53 0.29 -83.34
C LEU J 4 -17.72 -0.12 -82.13
N ARG J 5 -17.76 0.65 -81.05
CA ARG J 5 -16.85 0.46 -79.94
C ARG J 5 -17.10 -0.87 -79.28
N LYS J 6 -16.30 -1.20 -78.25
CA LYS J 6 -16.56 -2.43 -77.52
C LYS J 6 -17.79 -2.32 -76.65
N THR J 7 -17.94 -1.20 -75.94
CA THR J 7 -19.01 -1.14 -74.97
C THR J 7 -20.38 -1.23 -75.63
N ARG J 8 -20.58 -0.55 -76.75
CA ARG J 8 -21.89 -0.52 -77.38
C ARG J 8 -22.26 -1.91 -77.88
N LYS J 9 -21.37 -2.86 -77.67
CA LYS J 9 -21.67 -4.27 -77.85
C LYS J 9 -21.55 -5.05 -76.57
N LEU J 10 -20.72 -4.63 -75.63
CA LEU J 10 -20.56 -5.34 -74.36
C LEU J 10 -21.52 -4.76 -73.33
N ARG J 11 -22.79 -4.64 -73.73
CA ARG J 11 -23.79 -3.95 -72.94
C ARG J 11 -24.48 -4.86 -71.96
N GLY J 12 -24.85 -6.05 -72.37
CA GLY J 12 -25.55 -6.97 -71.49
C GLY J 12 -24.75 -7.53 -70.34
N HIS J 13 -23.49 -7.88 -70.62
CA HIS J 13 -22.72 -8.63 -69.64
C HIS J 13 -22.36 -7.76 -68.44
N VAL J 14 -22.29 -8.39 -67.28
CA VAL J 14 -22.49 -7.68 -66.02
C VAL J 14 -21.46 -6.57 -65.85
N SER J 15 -20.22 -6.81 -66.18
CA SER J 15 -19.23 -5.74 -66.11
C SER J 15 -18.37 -5.77 -67.35
N HIS J 16 -18.10 -4.61 -67.90
CA HIS J 16 -17.40 -4.56 -69.18
C HIS J 16 -15.99 -5.05 -68.96
N GLY J 17 -15.82 -6.36 -68.91
CA GLY J 17 -14.51 -6.73 -68.53
C GLY J 17 -14.28 -6.33 -67.09
N HIS J 18 -13.02 -6.17 -66.75
CA HIS J 18 -12.62 -5.77 -65.41
C HIS J 18 -13.11 -6.75 -64.36
N GLY J 19 -13.46 -7.94 -64.81
CA GLY J 19 -13.79 -9.04 -63.97
C GLY J 19 -14.92 -8.75 -63.00
N ARG J 20 -15.10 -9.71 -62.12
CA ARG J 20 -15.96 -9.52 -60.97
C ARG J 20 -15.25 -9.75 -59.67
N ILE J 21 -14.03 -10.28 -59.68
CA ILE J 21 -13.30 -10.43 -58.42
C ILE J 21 -12.56 -9.16 -58.07
N GLY J 22 -11.54 -8.82 -58.85
CA GLY J 22 -10.89 -7.54 -58.66
C GLY J 22 -11.51 -6.48 -59.55
N LYS J 23 -12.46 -5.76 -59.02
CA LYS J 23 -13.33 -4.94 -59.82
C LYS J 23 -12.60 -3.68 -60.28
N HIS J 24 -13.15 -2.99 -61.28
CA HIS J 24 -12.43 -1.86 -61.86
C HIS J 24 -12.44 -0.73 -60.85
N ARG J 25 -11.58 -0.86 -59.84
CA ARG J 25 -11.49 0.17 -58.83
C ARG J 25 -10.98 1.47 -59.45
N LYS J 26 -11.00 2.53 -58.66
CA LYS J 26 -10.68 3.86 -59.17
C LYS J 26 -9.24 3.94 -59.66
N HIS J 27 -8.28 3.81 -58.75
CA HIS J 27 -6.86 3.88 -59.10
C HIS J 27 -6.11 2.92 -58.22
N PRO J 28 -6.08 1.65 -58.58
CA PRO J 28 -5.31 0.69 -57.78
C PRO J 28 -3.85 0.70 -58.18
N GLY J 29 -2.98 1.08 -57.26
CA GLY J 29 -1.58 1.20 -57.58
C GLY J 29 -1.15 2.60 -57.98
N GLY J 30 -1.53 3.60 -57.20
CA GLY J 30 -0.95 4.92 -57.35
C GLY J 30 -1.35 5.67 -58.59
N ARG J 31 -1.33 6.99 -58.51
CA ARG J 31 -1.70 7.83 -59.65
C ARG J 31 -0.52 8.00 -60.59
N GLY J 32 -0.81 7.95 -61.88
CA GLY J 32 0.24 8.17 -62.82
C GLY J 32 1.33 7.12 -62.66
N ASN J 33 2.52 7.50 -63.11
CA ASN J 33 3.67 6.61 -63.06
C ASN J 33 4.39 6.72 -61.72
N ALA J 34 3.63 6.48 -60.66
CA ALA J 34 4.16 6.60 -59.32
C ALA J 34 5.01 5.38 -59.00
N GLY J 35 5.37 5.22 -57.74
CA GLY J 35 6.21 4.10 -57.36
C GLY J 35 7.56 4.18 -58.03
N GLY J 36 7.82 3.30 -58.98
CA GLY J 36 9.07 3.36 -59.71
C GLY J 36 10.24 2.86 -58.90
N MET J 37 10.35 3.33 -57.66
CA MET J 37 11.39 2.86 -56.77
C MET J 37 10.86 1.94 -55.68
N HIS J 38 9.57 1.69 -55.64
CA HIS J 38 9.06 0.90 -54.53
C HIS J 38 8.32 -0.35 -54.95
N HIS J 39 7.34 -0.25 -55.86
CA HIS J 39 6.68 -1.48 -56.26
C HIS J 39 6.44 -1.64 -57.75
N HIS J 40 6.71 -0.63 -58.59
CA HIS J 40 6.86 -0.85 -60.01
C HIS J 40 8.31 -0.91 -60.42
N ARG J 41 9.20 -1.23 -59.48
CA ARG J 41 10.61 -1.38 -59.78
C ARG J 41 10.83 -2.33 -60.93
N ILE J 42 10.10 -3.43 -60.95
CA ILE J 42 10.30 -4.45 -61.98
C ILE J 42 10.12 -3.85 -63.37
N ASN J 43 8.97 -3.24 -63.62
CA ASN J 43 8.72 -2.68 -64.92
C ASN J 43 9.69 -1.54 -65.22
N PHE J 44 9.82 -0.59 -64.30
CA PHE J 44 10.62 0.57 -64.63
C PHE J 44 12.07 0.23 -64.89
N ASP J 45 12.58 -0.87 -64.36
CA ASP J 45 13.97 -1.21 -64.58
C ASP J 45 14.17 -2.48 -65.39
N LYS J 46 13.13 -3.00 -66.04
CA LYS J 46 13.36 -3.94 -67.12
C LYS J 46 12.68 -3.53 -68.42
N TYR J 47 12.04 -2.35 -68.47
CA TYR J 47 11.53 -1.81 -69.71
C TYR J 47 12.01 -0.38 -69.97
N HIS J 48 12.75 0.20 -69.05
CA HIS J 48 13.42 1.47 -69.21
C HIS J 48 14.73 1.37 -68.47
N PRO J 49 15.81 1.02 -69.16
CA PRO J 49 16.99 0.49 -68.46
C PRO J 49 17.55 1.44 -67.46
N GLY J 50 17.08 2.68 -67.45
CA GLY J 50 17.48 3.61 -66.42
C GLY J 50 16.61 4.82 -66.44
N TYR J 51 16.09 5.19 -65.29
CA TYR J 51 15.23 6.34 -65.23
C TYR J 51 15.58 7.23 -64.07
N PHE J 52 16.26 6.68 -63.09
CA PHE J 52 16.66 7.38 -61.89
C PHE J 52 18.14 7.70 -61.96
N GLY J 53 18.48 8.93 -61.60
CA GLY J 53 19.87 9.36 -61.61
C GLY J 53 20.08 10.48 -62.60
N LYS J 54 21.34 10.87 -62.74
CA LYS J 54 21.65 12.00 -63.61
C LYS J 54 23.06 11.85 -64.17
N VAL J 55 23.30 12.58 -65.25
CA VAL J 55 24.59 12.61 -65.93
C VAL J 55 25.00 14.06 -66.13
N GLY J 56 26.28 14.34 -65.86
CA GLY J 56 26.74 15.71 -65.64
C GLY J 56 26.73 16.68 -66.80
N MET J 57 27.47 17.78 -66.64
CA MET J 57 27.49 18.91 -67.56
C MET J 57 26.10 19.51 -67.72
N ARG J 58 25.61 20.08 -66.62
CA ARG J 58 24.49 21.01 -66.75
C ARG J 58 24.94 22.19 -67.58
N HIS J 59 24.12 22.57 -68.56
CA HIS J 59 24.46 23.70 -69.40
C HIS J 59 23.29 24.68 -69.34
N TYR J 60 23.57 25.91 -68.93
CA TYR J 60 22.52 26.74 -68.36
C TYR J 60 21.64 27.40 -69.41
N HIS J 61 22.07 27.42 -70.66
CA HIS J 61 21.24 28.03 -71.68
C HIS J 61 21.77 27.55 -73.02
N LEU J 62 20.99 26.76 -73.73
CA LEU J 62 21.41 26.22 -75.03
C LEU J 62 20.53 26.82 -76.10
N LYS J 63 20.91 28.00 -76.55
CA LYS J 63 20.37 28.50 -77.80
C LYS J 63 20.72 27.50 -78.88
N ARG J 64 19.74 26.76 -79.39
CA ARG J 64 20.02 25.73 -80.39
C ARG J 64 20.19 26.37 -81.77
N ASN J 65 21.17 27.26 -81.84
CA ASN J 65 21.61 27.82 -83.09
C ASN J 65 23.11 27.91 -83.22
N GLN J 66 23.87 27.75 -82.13
CA GLN J 66 25.31 27.59 -82.27
C GLN J 66 25.70 26.17 -82.63
N SER J 67 24.73 25.26 -82.74
CA SER J 67 25.03 23.91 -83.21
C SER J 67 24.02 23.47 -84.24
N PHE J 68 23.71 24.32 -85.20
CA PHE J 68 22.83 23.93 -86.31
C PHE J 68 23.68 23.63 -87.52
N CYS J 69 24.20 22.41 -87.59
CA CYS J 69 25.00 21.97 -88.73
C CYS J 69 24.38 20.69 -89.28
N PRO J 70 23.34 20.82 -90.09
CA PRO J 70 22.81 19.66 -90.82
C PRO J 70 23.77 19.26 -91.92
N THR J 71 23.60 18.02 -92.38
CA THR J 71 24.62 17.35 -93.18
C THR J 71 23.98 16.68 -94.38
N VAL J 72 24.84 16.15 -95.27
CA VAL J 72 24.40 15.34 -96.39
C VAL J 72 25.53 14.45 -96.87
N ASN J 73 25.23 13.17 -97.09
CA ASN J 73 26.26 12.24 -97.50
C ASN J 73 26.62 12.44 -98.96
N LEU J 74 27.81 11.95 -99.33
CA LEU J 74 28.22 12.02 -100.73
C LEU J 74 27.22 11.32 -101.62
N ASP J 75 26.81 10.11 -101.25
CA ASP J 75 25.89 9.35 -102.07
C ASP J 75 24.56 10.07 -102.23
N LYS J 76 24.40 11.20 -101.56
CA LYS J 76 23.29 12.10 -101.83
C LYS J 76 23.78 13.47 -102.27
N LEU J 77 25.08 13.63 -102.53
CA LEU J 77 25.57 14.94 -102.94
C LEU J 77 25.05 15.34 -104.31
N TRP J 78 25.12 14.44 -105.28
CA TRP J 78 24.88 14.86 -106.65
C TRP J 78 23.43 15.24 -106.94
N THR J 79 22.55 15.26 -105.95
CA THR J 79 21.16 15.63 -106.18
C THR J 79 20.85 17.07 -105.78
N LEU J 80 21.85 17.93 -105.65
CA LEU J 80 21.58 19.31 -105.33
C LEU J 80 21.49 20.19 -106.56
N VAL J 81 22.32 19.94 -107.57
CA VAL J 81 22.11 20.52 -108.89
C VAL J 81 21.12 19.67 -109.66
N SER J 82 20.59 20.24 -110.74
CA SER J 82 19.61 19.52 -111.56
C SER J 82 20.29 18.30 -112.17
N GLU J 83 19.53 17.47 -112.86
CA GLU J 83 20.16 16.38 -113.59
C GLU J 83 20.89 16.89 -114.81
N GLN J 84 20.47 18.04 -115.34
CA GLN J 84 21.04 18.52 -116.60
C GLN J 84 22.50 18.90 -116.45
N THR J 85 22.85 19.60 -115.38
CA THR J 85 24.25 20.01 -115.20
C THR J 85 25.14 18.79 -115.25
N ARG J 86 24.79 17.77 -114.46
CA ARG J 86 25.53 16.53 -114.46
C ARG J 86 25.51 15.82 -115.80
N VAL J 87 24.43 15.96 -116.56
CA VAL J 87 24.34 15.36 -117.89
C VAL J 87 25.62 15.61 -118.68
N ASN J 88 26.21 16.78 -118.48
CA ASN J 88 27.41 17.14 -119.21
C ASN J 88 28.65 16.67 -118.47
N ALA J 89 29.14 15.49 -118.85
CA ALA J 89 30.43 15.01 -118.39
C ALA J 89 31.59 15.79 -118.99
N ALA J 90 31.54 16.10 -120.28
CA ALA J 90 32.55 16.93 -120.92
C ALA J 90 31.98 17.88 -121.95
N LYS J 91 30.66 17.99 -122.07
CA LYS J 91 30.00 18.53 -123.25
C LYS J 91 29.20 19.78 -122.91
N ASN J 92 28.95 20.60 -123.93
CA ASN J 92 28.04 21.75 -123.85
C ASN J 92 28.42 22.70 -122.71
N LYS J 93 29.60 23.32 -122.86
CA LYS J 93 30.09 24.32 -121.91
C LYS J 93 30.19 23.73 -120.50
N THR J 94 30.93 22.64 -120.41
CA THR J 94 31.20 21.96 -119.14
C THR J 94 32.61 21.40 -119.21
N GLY J 95 33.54 22.09 -118.55
CA GLY J 95 34.95 21.75 -118.69
C GLY J 95 35.32 20.61 -117.78
N ALA J 96 36.30 20.82 -116.92
CA ALA J 96 36.69 19.77 -115.99
C ALA J 96 35.56 19.48 -115.00
N ALA J 97 35.03 20.50 -114.34
CA ALA J 97 34.10 20.18 -113.27
C ALA J 97 33.19 21.34 -112.88
N PRO J 98 31.94 21.05 -112.55
CA PRO J 98 31.06 22.09 -112.02
C PRO J 98 31.30 22.30 -110.54
N ILE J 99 30.51 23.17 -109.93
CA ILE J 99 30.62 23.50 -108.51
C ILE J 99 29.25 23.38 -107.89
N ILE J 100 29.20 22.80 -106.68
CA ILE J 100 27.96 22.65 -105.94
C ILE J 100 28.09 23.37 -104.61
N ASP J 101 27.22 24.35 -104.37
CA ASP J 101 27.27 25.21 -103.18
C ASP J 101 26.32 24.63 -102.14
N VAL J 102 26.87 23.77 -101.27
CA VAL J 102 26.02 23.05 -100.34
C VAL J 102 25.38 24.00 -99.34
N VAL J 103 26.09 25.05 -98.92
CA VAL J 103 25.46 26.04 -98.06
C VAL J 103 24.29 26.69 -98.78
N ARG J 104 24.46 27.00 -100.06
CA ARG J 104 23.36 27.56 -100.83
C ARG J 104 22.17 26.62 -100.83
N SER J 105 22.42 25.32 -100.92
CA SER J 105 21.33 24.36 -100.93
C SER J 105 20.82 24.02 -99.54
N GLY J 106 21.46 24.51 -98.48
CA GLY J 106 20.93 24.39 -97.14
C GLY J 106 21.72 23.52 -96.20
N TYR J 107 22.67 22.73 -96.68
CA TYR J 107 23.40 21.80 -95.83
C TYR J 107 24.79 22.37 -95.54
N TYR J 108 25.24 22.23 -94.30
CA TYR J 108 26.55 22.78 -93.94
C TYR J 108 27.69 21.77 -94.07
N LYS J 109 27.64 20.69 -93.29
CA LYS J 109 28.75 19.76 -93.16
C LYS J 109 28.53 18.57 -94.07
N VAL J 110 29.46 18.34 -94.98
CA VAL J 110 29.32 17.27 -95.97
C VAL J 110 30.04 16.04 -95.45
N LEU J 111 29.27 15.04 -95.01
CA LEU J 111 29.82 13.81 -94.48
C LEU J 111 30.28 12.92 -95.62
N GLY J 112 30.65 11.68 -95.30
CA GLY J 112 31.04 10.72 -96.31
C GLY J 112 30.35 9.40 -96.16
N LYS J 113 29.68 8.93 -97.20
CA LYS J 113 29.03 7.62 -97.16
C LYS J 113 28.78 7.14 -98.58
N GLY J 114 29.15 5.90 -98.86
CA GLY J 114 28.84 5.32 -100.14
C GLY J 114 29.85 5.66 -101.22
N LYS J 115 29.44 5.38 -102.45
CA LYS J 115 30.32 5.41 -103.62
C LYS J 115 29.88 6.53 -104.54
N LEU J 116 30.79 7.47 -104.80
CA LEU J 116 30.55 8.65 -105.61
C LEU J 116 30.99 8.42 -107.04
N PRO J 117 30.27 9.00 -108.02
CA PRO J 117 30.59 8.73 -109.42
C PRO J 117 31.95 9.26 -109.83
N LYS J 118 32.57 8.53 -110.76
CA LYS J 118 33.89 8.88 -111.28
C LYS J 118 33.74 10.05 -112.26
N GLN J 119 33.58 11.23 -111.69
CA GLN J 119 33.40 12.44 -112.47
C GLN J 119 33.82 13.66 -111.66
N PRO J 120 34.83 14.39 -112.11
CA PRO J 120 35.37 15.49 -111.29
C PRO J 120 34.32 16.52 -110.98
N VAL J 121 34.39 17.05 -109.76
CA VAL J 121 33.39 17.95 -109.20
C VAL J 121 34.08 18.94 -108.26
N ILE J 122 33.36 19.98 -107.89
CA ILE J 122 33.84 20.90 -106.86
C ILE J 122 32.76 21.02 -105.81
N VAL J 123 33.14 20.90 -104.55
CA VAL J 123 32.20 20.98 -103.44
C VAL J 123 32.51 22.25 -102.67
N LYS J 124 31.47 22.97 -102.26
CA LYS J 124 31.62 24.11 -101.38
C LYS J 124 30.83 23.85 -100.10
N ALA J 125 31.47 23.99 -98.95
CA ALA J 125 30.74 23.82 -97.70
C ALA J 125 31.50 24.48 -96.57
N LYS J 126 30.96 24.35 -95.35
CA LYS J 126 31.63 24.87 -94.16
C LYS J 126 32.45 23.83 -93.45
N PHE J 127 32.05 22.57 -93.50
CA PHE J 127 32.68 21.52 -92.73
C PHE J 127 32.79 20.28 -93.59
N PHE J 128 33.99 19.74 -93.72
CA PHE J 128 34.19 18.47 -94.38
C PHE J 128 34.57 17.42 -93.33
N SER J 129 34.60 16.17 -93.77
CA SER J 129 35.03 15.09 -92.92
C SER J 129 36.10 14.29 -93.64
N ARG J 130 36.91 13.58 -92.85
CA ARG J 130 38.12 12.97 -93.39
C ARG J 130 37.80 12.08 -94.57
N ARG J 131 36.86 11.15 -94.41
CA ARG J 131 36.51 10.31 -95.53
C ARG J 131 35.79 11.12 -96.59
N ALA J 132 34.96 12.07 -96.17
CA ALA J 132 34.20 12.88 -97.10
C ALA J 132 35.09 13.63 -98.06
N GLU J 133 36.34 13.87 -97.70
CA GLU J 133 37.26 14.51 -98.60
C GLU J 133 38.27 13.56 -99.21
N GLU J 134 38.63 12.47 -98.54
CA GLU J 134 39.48 11.48 -99.19
C GLU J 134 38.80 10.92 -100.44
N LYS J 135 37.52 10.59 -100.34
CA LYS J 135 36.81 10.13 -101.52
C LYS J 135 36.70 11.23 -102.57
N ILE J 136 36.45 12.47 -102.13
CA ILE J 136 36.23 13.53 -103.10
C ILE J 136 37.50 13.81 -103.89
N LYS J 137 38.65 13.73 -103.22
CA LYS J 137 39.89 14.01 -103.92
C LYS J 137 40.42 12.79 -104.66
N GLY J 138 40.01 11.59 -104.25
CA GLY J 138 40.32 10.42 -105.05
C GLY J 138 39.56 10.41 -106.36
N VAL J 139 38.29 10.81 -106.34
CA VAL J 139 37.50 10.82 -107.57
C VAL J 139 38.16 11.69 -108.62
N GLY J 140 38.64 12.86 -108.22
CA GLY J 140 39.17 13.82 -109.17
C GLY J 140 38.50 15.16 -109.00
N GLY J 141 37.82 15.33 -107.87
CA GLY J 141 37.21 16.59 -107.53
C GLY J 141 38.08 17.39 -106.59
N ALA J 142 37.52 18.49 -106.11
CA ALA J 142 38.22 19.30 -105.12
C ALA J 142 37.23 19.95 -104.15
N CYS J 143 37.74 20.23 -102.97
CA CYS J 143 36.95 20.71 -101.85
C CYS J 143 37.26 22.16 -101.56
N VAL J 144 36.23 22.96 -101.25
CA VAL J 144 36.37 24.38 -101.01
C VAL J 144 35.50 24.76 -99.82
N LEU J 145 36.01 25.65 -98.98
CA LEU J 145 35.34 26.04 -97.75
C LEU J 145 34.66 27.39 -97.91
N VAL J 146 33.85 27.70 -96.91
CA VAL J 146 33.24 29.00 -96.73
C VAL J 146 33.28 29.31 -95.25
N ALA J 147 32.65 30.42 -94.86
CA ALA J 147 32.69 30.94 -93.49
C ALA J 147 32.72 29.87 -92.41
N ALA K 1 -4.79 -9.01 -40.53
CA ALA K 1 -5.47 -10.13 -39.91
C ALA K 1 -4.64 -11.39 -40.08
N LYS K 2 -5.31 -12.52 -40.35
CA LYS K 2 -4.64 -13.77 -40.65
C LYS K 2 -4.87 -14.11 -42.12
N SER K 3 -3.85 -14.70 -42.74
CA SER K 3 -3.95 -15.18 -44.11
C SER K 3 -3.47 -16.62 -44.15
N LYS K 4 -3.86 -17.31 -45.21
CA LYS K 4 -3.49 -18.70 -45.38
C LYS K 4 -2.39 -18.79 -46.43
N ASN K 5 -1.37 -19.60 -46.12
CA ASN K 5 -0.19 -19.70 -46.93
C ASN K 5 -0.51 -20.40 -48.24
N HIS K 6 0.52 -20.61 -49.06
CA HIS K 6 0.30 -20.97 -50.45
C HIS K 6 -0.06 -22.45 -50.60
N THR K 7 -0.10 -22.90 -51.85
CA THR K 7 -0.29 -24.29 -52.26
C THR K 7 0.06 -24.35 -53.74
N THR K 8 0.97 -25.23 -54.12
CA THR K 8 1.66 -25.11 -55.41
C THR K 8 1.57 -26.40 -56.24
N HIS K 9 0.44 -26.62 -56.92
CA HIS K 9 0.33 -27.87 -57.65
C HIS K 9 -0.09 -27.73 -59.12
N ASN K 10 -0.92 -26.75 -59.46
CA ASN K 10 -1.36 -26.65 -60.85
C ASN K 10 -0.30 -26.08 -61.79
N GLN K 11 0.80 -25.58 -61.25
CA GLN K 11 1.86 -25.03 -62.07
C GLN K 11 2.68 -26.11 -62.76
N SER K 12 2.21 -27.36 -62.76
CA SER K 12 2.83 -28.40 -63.57
C SER K 12 2.08 -28.60 -64.87
N ARG K 13 0.75 -28.52 -64.84
CA ARG K 13 -0.03 -28.49 -66.07
C ARG K 13 0.05 -27.14 -66.76
N LYS K 14 0.23 -26.07 -65.97
CA LYS K 14 0.30 -24.75 -66.58
C LYS K 14 1.34 -24.71 -67.70
N TRP K 15 2.53 -25.26 -67.46
CA TRP K 15 3.56 -25.25 -68.50
C TRP K 15 3.12 -26.09 -69.70
N HIS K 16 2.83 -27.36 -69.46
CA HIS K 16 2.65 -28.29 -70.57
C HIS K 16 1.43 -27.99 -71.38
N ARG K 17 0.58 -27.05 -70.96
CA ARG K 17 -0.52 -26.64 -71.83
C ARG K 17 -0.06 -26.50 -73.27
N ASN K 18 0.96 -25.68 -73.53
CA ASN K 18 1.61 -25.72 -74.82
C ASN K 18 3.11 -25.45 -74.77
N GLY K 19 3.79 -25.80 -73.68
CA GLY K 19 5.19 -25.42 -73.53
C GLY K 19 6.12 -26.15 -74.48
N ILE K 20 7.08 -25.41 -75.05
CA ILE K 20 8.13 -25.94 -75.91
C ILE K 20 9.03 -26.83 -75.07
N LYS K 21 9.91 -27.58 -75.72
CA LYS K 21 10.78 -28.47 -74.97
C LYS K 21 12.22 -28.52 -75.49
N LYS K 22 12.54 -27.85 -76.59
CA LYS K 22 13.89 -27.93 -77.14
C LYS K 22 14.43 -26.52 -77.31
N PRO K 23 15.76 -26.36 -77.28
CA PRO K 23 16.35 -25.02 -77.34
C PRO K 23 16.46 -24.43 -78.74
N ARG K 24 15.73 -24.95 -79.72
CA ARG K 24 15.72 -24.41 -81.08
C ARG K 24 17.12 -24.48 -81.70
N SER K 25 17.57 -25.72 -81.90
CA SER K 25 18.93 -25.97 -82.35
C SER K 25 19.19 -25.29 -83.70
N GLN K 26 20.47 -25.22 -84.05
CA GLN K 26 20.92 -24.62 -85.31
C GLN K 26 22.31 -25.13 -85.63
N ARG K 27 22.73 -24.88 -86.87
CA ARG K 27 24.09 -25.20 -87.27
C ARG K 27 25.02 -24.13 -86.72
N TYR K 28 26.26 -24.10 -87.18
CA TYR K 28 27.35 -23.37 -86.55
C TYR K 28 26.93 -22.02 -85.99
N GLU K 29 27.40 -21.77 -84.76
CA GLU K 29 26.80 -20.86 -83.80
C GLU K 29 27.77 -19.74 -83.42
N SER K 30 27.39 -18.96 -82.41
CA SER K 30 28.10 -17.75 -82.07
C SER K 30 29.27 -18.04 -81.15
N LEU K 31 30.48 -17.77 -81.62
CA LEU K 31 31.67 -17.92 -80.80
C LEU K 31 31.69 -16.77 -79.80
N LYS K 32 30.82 -16.87 -78.80
CA LYS K 32 30.83 -15.94 -77.67
C LYS K 32 31.28 -16.70 -76.44
N GLY K 33 32.48 -16.41 -75.97
CA GLY K 33 33.02 -17.04 -74.80
C GLY K 33 34.13 -18.03 -75.05
N VAL K 34 34.56 -18.21 -76.29
CA VAL K 34 35.70 -19.08 -76.52
C VAL K 34 36.97 -18.43 -75.99
N ASP K 35 38.01 -19.24 -75.83
CA ASP K 35 39.29 -18.75 -75.34
C ASP K 35 39.79 -17.64 -76.24
N PRO K 36 39.83 -16.39 -75.76
CA PRO K 36 40.06 -15.26 -76.66
C PRO K 36 41.38 -15.33 -77.40
N LYS K 37 42.40 -15.98 -76.85
CA LYS K 37 43.62 -16.16 -77.62
C LYS K 37 43.36 -16.99 -78.87
N PHE K 38 42.66 -18.12 -78.70
CA PHE K 38 42.24 -18.90 -79.85
C PHE K 38 41.38 -18.07 -80.77
N LEU K 39 40.54 -17.20 -80.21
CA LEU K 39 39.67 -16.36 -81.02
C LEU K 39 40.49 -15.47 -81.93
N ARG K 40 41.43 -14.73 -81.37
CA ARG K 40 42.30 -13.88 -82.17
C ARG K 40 43.01 -14.67 -83.24
N ASN K 41 43.62 -15.79 -82.86
CA ASN K 41 44.43 -16.53 -83.82
C ASN K 41 43.58 -17.05 -84.97
N MET K 42 42.48 -17.71 -84.65
CA MET K 42 41.59 -18.19 -85.69
C MET K 42 41.08 -17.06 -86.57
N ARG K 43 40.88 -15.88 -86.00
CA ARG K 43 40.48 -14.75 -86.83
C ARG K 43 41.58 -14.38 -87.80
N PHE K 44 42.83 -14.42 -87.37
CA PHE K 44 43.90 -14.12 -88.32
C PHE K 44 43.89 -15.14 -89.45
N ALA K 45 43.67 -16.41 -89.10
CA ALA K 45 43.56 -17.42 -90.14
C ALA K 45 42.45 -17.05 -91.11
N LYS K 46 41.32 -16.59 -90.60
CA LYS K 46 40.19 -16.29 -91.48
C LYS K 46 40.48 -15.09 -92.37
N LYS K 47 41.13 -14.06 -91.81
CA LYS K 47 41.42 -12.86 -92.57
C LYS K 47 42.43 -13.15 -93.66
N HIS K 48 43.44 -13.96 -93.37
CA HIS K 48 44.38 -14.34 -94.41
C HIS K 48 43.88 -15.50 -95.26
N ASN K 49 42.71 -16.04 -94.96
CA ASN K 49 42.02 -16.98 -95.83
C ASN K 49 41.26 -16.26 -96.93
N LYS K 50 40.44 -15.29 -96.54
CA LYS K 50 39.74 -14.47 -97.52
C LYS K 50 40.59 -13.31 -98.04
N LYS K 51 41.83 -13.22 -97.57
CA LYS K 51 42.99 -12.76 -98.32
C LYS K 51 43.85 -13.97 -98.66
N GLY K 52 45.00 -13.70 -99.27
CA GLY K 52 45.81 -14.80 -99.75
C GLY K 52 45.04 -15.68 -100.71
N LEU K 53 44.32 -15.08 -101.66
CA LEU K 53 43.61 -15.87 -102.67
C LEU K 53 44.51 -16.21 -103.84
N LYS K 54 45.46 -15.34 -104.16
CA LYS K 54 46.62 -15.77 -104.93
C LYS K 54 47.52 -16.66 -104.10
N LYS K 55 47.24 -16.79 -102.81
CA LYS K 55 47.75 -17.91 -102.01
C LYS K 55 46.76 -19.07 -102.05
N MET K 56 45.55 -18.87 -101.53
CA MET K 56 44.61 -19.97 -101.37
C MET K 56 44.21 -20.58 -102.70
N GLN K 57 43.50 -19.82 -103.53
CA GLN K 57 43.01 -20.42 -104.77
C GLN K 57 44.13 -20.67 -105.75
N ALA K 58 45.24 -19.94 -105.67
CA ALA K 58 46.35 -20.23 -106.56
C ALA K 58 47.18 -21.42 -106.11
N ASN K 59 47.00 -21.90 -104.88
CA ASN K 59 47.55 -23.17 -104.44
C ASN K 59 46.47 -24.20 -104.18
N ASN K 60 45.25 -23.94 -104.61
CA ASN K 60 44.18 -24.93 -104.58
C ASN K 60 43.57 -25.19 -105.95
N ALA K 61 43.84 -24.36 -106.96
CA ALA K 61 43.48 -24.73 -108.32
C ALA K 61 44.11 -26.05 -108.67
N LYS K 62 45.29 -26.33 -108.11
CA LYS K 62 45.93 -27.62 -108.31
C LYS K 62 45.06 -28.75 -107.79
N ALA K 63 44.55 -28.64 -106.55
CA ALA K 63 43.75 -29.72 -106.00
C ALA K 63 42.41 -29.82 -106.69
N MET K 64 41.88 -28.69 -107.17
CA MET K 64 40.67 -28.73 -107.98
C MET K 64 40.88 -29.56 -109.23
N ALA K 65 41.94 -29.27 -109.99
CA ALA K 65 42.27 -30.09 -111.13
C ALA K 65 42.41 -31.55 -110.73
N ALA K 66 43.12 -31.81 -109.62
CA ALA K 66 43.46 -33.17 -109.25
C ALA K 66 42.23 -34.00 -108.90
N ARG K 67 41.35 -33.48 -108.05
CA ARG K 67 40.15 -34.23 -107.72
C ARG K 67 39.21 -34.31 -108.93
N ALA K 68 39.03 -33.20 -109.65
CA ALA K 68 38.13 -33.18 -110.80
C ALA K 68 38.59 -34.11 -111.91
N GLU K 69 39.87 -34.47 -111.92
CA GLU K 69 40.33 -35.48 -112.88
C GLU K 69 40.25 -36.88 -112.30
N ALA K 70 40.69 -37.07 -111.05
CA ALA K 70 40.81 -38.42 -110.50
C ALA K 70 39.46 -39.08 -110.24
N ILE K 71 38.46 -38.29 -109.82
CA ILE K 71 37.15 -38.86 -109.49
C ILE K 71 36.55 -39.58 -110.70
N LYS K 72 36.96 -39.22 -111.91
CA LYS K 72 36.64 -40.01 -113.09
C LYS K 72 37.75 -40.99 -113.42
N ALA K 73 39.01 -40.54 -113.34
CA ALA K 73 40.16 -41.33 -113.75
C ALA K 73 40.29 -42.66 -113.01
N LEU K 74 39.48 -42.89 -111.99
CA LEU K 74 39.39 -44.25 -111.46
C LEU K 74 38.85 -45.23 -112.50
N VAL K 75 38.05 -44.76 -113.45
CA VAL K 75 37.43 -45.65 -114.42
C VAL K 75 38.47 -46.15 -115.43
N ALA L 1 -6.56 5.16 -120.57
CA ALA L 1 -7.12 6.01 -121.61
C ALA L 1 -7.49 5.19 -122.82
N CYS L 2 -8.56 5.60 -123.50
CA CYS L 2 -8.95 4.99 -124.78
C CYS L 2 -9.40 6.10 -125.72
N ALA L 3 -8.44 6.67 -126.43
CA ALA L 3 -8.70 7.50 -127.60
C ALA L 3 -9.92 8.39 -127.43
N ARG L 4 -9.80 9.31 -126.47
CA ARG L 4 -10.90 10.18 -126.06
C ARG L 4 -11.70 10.66 -127.26
N PRO L 5 -12.99 10.37 -127.33
CA PRO L 5 -13.77 10.69 -128.53
C PRO L 5 -14.20 12.14 -128.61
N LEU L 6 -15.04 12.43 -129.59
CA LEU L 6 -15.45 13.80 -129.87
C LEU L 6 -16.82 14.05 -129.24
N ILE L 7 -16.85 14.88 -128.19
CA ILE L 7 -18.10 15.24 -127.55
C ILE L 7 -18.77 16.35 -128.34
N SER L 8 -20.08 16.21 -128.55
CA SER L 8 -20.86 17.15 -129.32
C SER L 8 -21.45 18.21 -128.40
N VAL L 9 -21.07 19.47 -128.61
CA VAL L 9 -21.68 20.57 -127.87
C VAL L 9 -23.01 20.93 -128.53
N TYR L 10 -23.96 21.36 -127.72
CA TYR L 10 -25.32 21.54 -128.17
C TYR L 10 -25.61 23.02 -128.42
N SER L 11 -26.79 23.27 -128.94
CA SER L 11 -27.33 24.62 -129.07
C SER L 11 -28.28 24.91 -127.92
N GLU L 12 -28.78 26.13 -127.87
CA GLU L 12 -29.74 26.50 -126.84
C GLU L 12 -31.18 26.19 -127.24
N LYS L 13 -31.37 25.28 -128.19
CA LYS L 13 -32.70 24.75 -128.50
C LYS L 13 -32.62 23.26 -128.76
N GLY L 14 -31.77 22.56 -128.01
CA GLY L 14 -31.47 21.21 -128.42
C GLY L 14 -30.70 21.25 -129.72
N GLU L 15 -30.86 20.21 -130.54
CA GLU L 15 -30.37 20.20 -131.92
C GLU L 15 -28.86 20.45 -131.96
N SER L 16 -28.13 19.44 -131.50
CA SER L 16 -26.67 19.46 -131.44
C SER L 16 -26.06 20.18 -132.64
N SER L 17 -25.06 21.01 -132.36
CA SER L 17 -24.34 21.70 -133.41
C SER L 17 -23.02 20.96 -133.71
N GLY L 18 -22.44 21.31 -134.85
CA GLY L 18 -21.21 20.66 -135.28
C GLY L 18 -19.98 21.21 -134.60
N LYS L 19 -20.07 21.46 -133.30
CA LYS L 19 -18.93 21.84 -132.49
C LYS L 19 -18.57 20.69 -131.57
N ASN L 20 -17.30 20.33 -131.55
CA ASN L 20 -16.83 19.21 -130.77
C ASN L 20 -15.75 19.66 -129.81
N VAL L 21 -15.64 18.92 -128.72
CA VAL L 21 -14.49 19.01 -127.83
C VAL L 21 -13.94 17.61 -127.62
N THR L 22 -12.62 17.49 -127.67
CA THR L 22 -12.01 16.26 -127.19
C THR L 22 -12.34 16.10 -125.72
N LEU L 23 -12.77 14.91 -125.34
CA LEU L 23 -13.16 14.66 -123.97
C LEU L 23 -11.95 14.87 -123.05
N PRO L 24 -12.14 15.40 -121.86
CA PRO L 24 -11.00 15.66 -120.98
C PRO L 24 -10.42 14.38 -120.40
N ALA L 25 -9.53 14.49 -119.41
CA ALA L 25 -8.83 13.33 -118.84
C ALA L 25 -9.40 12.84 -117.53
N VAL L 26 -9.88 13.75 -116.69
CA VAL L 26 -10.44 13.34 -115.40
C VAL L 26 -11.55 12.32 -115.61
N PHE L 27 -12.25 12.40 -116.74
CA PHE L 27 -13.31 11.45 -116.98
C PHE L 27 -12.80 10.03 -117.08
N LYS L 28 -11.68 9.83 -117.76
CA LYS L 28 -11.07 8.51 -117.81
C LYS L 28 -10.23 8.22 -116.58
N ALA L 29 -10.11 9.17 -115.67
CA ALA L 29 -9.48 8.88 -114.38
C ALA L 29 -10.31 7.86 -113.60
N PRO L 30 -9.72 7.16 -112.63
CA PRO L 30 -10.37 6.00 -112.03
C PRO L 30 -11.50 6.35 -111.08
N ILE L 31 -12.40 5.38 -110.88
CA ILE L 31 -13.62 5.65 -110.12
C ILE L 31 -13.44 5.40 -108.63
N ARG L 32 -13.26 4.13 -108.24
CA ARG L 32 -12.89 3.76 -106.88
C ARG L 32 -13.73 4.48 -105.81
N PRO L 33 -15.01 4.10 -105.63
CA PRO L 33 -15.89 4.90 -104.77
C PRO L 33 -15.52 4.89 -103.31
N ASP L 34 -14.59 4.03 -102.89
CA ASP L 34 -14.11 4.06 -101.52
C ASP L 34 -13.64 5.46 -101.15
N ILE L 35 -12.79 6.06 -101.97
CA ILE L 35 -12.20 7.35 -101.62
C ILE L 35 -13.30 8.39 -101.52
N VAL L 36 -14.26 8.36 -102.45
CA VAL L 36 -15.34 9.33 -102.40
C VAL L 36 -16.11 9.19 -101.09
N ASN L 37 -16.50 7.97 -100.75
CA ASN L 37 -17.35 7.80 -99.58
C ASN L 37 -16.57 7.81 -98.28
N PHE L 38 -15.26 8.02 -98.35
CA PHE L 38 -14.45 8.29 -97.15
C PHE L 38 -14.17 9.77 -96.97
N VAL L 39 -13.68 10.42 -98.01
CA VAL L 39 -13.39 11.84 -97.89
C VAL L 39 -14.68 12.62 -97.74
N HIS L 40 -15.79 12.10 -98.27
CA HIS L 40 -17.05 12.81 -98.10
C HIS L 40 -17.45 12.86 -96.63
N THR L 41 -17.20 11.76 -95.91
CA THR L 41 -17.53 11.72 -94.49
C THR L 41 -16.55 12.50 -93.64
N ASN L 42 -15.29 12.57 -94.02
CA ASN L 42 -14.43 13.46 -93.26
C ASN L 42 -14.47 14.90 -93.73
N LEU L 43 -15.25 15.22 -94.76
CA LEU L 43 -15.52 16.61 -95.04
C LEU L 43 -16.81 17.08 -94.39
N ARG L 44 -17.94 16.44 -94.71
CA ARG L 44 -19.24 16.94 -94.29
C ARG L 44 -19.25 17.34 -92.83
N LYS L 45 -18.44 16.68 -92.00
CA LYS L 45 -18.41 17.00 -90.58
C LYS L 45 -17.86 18.38 -90.29
N ASN L 46 -17.20 19.03 -91.25
CA ASN L 46 -16.68 20.37 -91.00
C ASN L 46 -17.78 21.42 -90.88
N ASN L 47 -18.98 21.13 -91.39
CA ASN L 47 -20.10 22.05 -91.19
C ASN L 47 -20.44 22.18 -89.71
N ARG L 48 -20.38 21.07 -88.98
CA ARG L 48 -21.05 20.91 -87.69
C ARG L 48 -20.99 22.17 -86.85
N GLN L 49 -22.15 22.62 -86.42
CA GLN L 49 -21.97 23.69 -85.48
C GLN L 49 -22.06 23.13 -84.07
N PRO L 50 -21.25 23.60 -83.13
CA PRO L 50 -21.15 22.92 -81.84
C PRO L 50 -22.46 22.90 -81.08
N TYR L 51 -22.57 21.93 -80.18
CA TYR L 51 -23.68 21.86 -79.25
C TYR L 51 -23.20 21.23 -77.95
N ALA L 52 -23.62 21.79 -76.83
CA ALA L 52 -23.12 21.31 -75.55
C ALA L 52 -24.07 21.73 -74.45
N VAL L 53 -23.94 21.08 -73.31
CA VAL L 53 -24.85 21.25 -72.20
C VAL L 53 -24.17 22.06 -71.11
N SER L 54 -24.98 22.74 -70.30
CA SER L 54 -24.51 23.77 -69.37
C SER L 54 -23.22 23.38 -68.68
N GLU L 55 -22.21 24.22 -68.85
CA GLU L 55 -20.85 23.91 -68.42
C GLU L 55 -20.60 24.37 -66.99
N LEU L 56 -21.66 24.45 -66.19
CA LEU L 56 -21.55 24.55 -64.74
C LEU L 56 -22.01 23.22 -64.17
N ALA L 57 -21.17 22.62 -63.33
CA ALA L 57 -21.36 21.24 -62.91
C ALA L 57 -22.56 21.13 -61.97
N GLY L 58 -22.74 19.93 -61.43
CA GLY L 58 -23.98 19.55 -60.78
C GLY L 58 -24.54 20.58 -59.81
N HIS L 59 -23.68 21.51 -59.42
CA HIS L 59 -23.79 22.19 -58.14
C HIS L 59 -24.58 23.49 -58.24
N GLN L 60 -25.82 23.42 -58.68
CA GLN L 60 -26.73 24.54 -58.49
C GLN L 60 -27.46 24.45 -57.17
N THR L 61 -27.26 23.39 -56.41
CA THR L 61 -28.02 23.12 -55.20
C THR L 61 -27.07 22.64 -54.12
N SER L 62 -27.13 23.26 -52.95
CA SER L 62 -26.24 22.87 -51.85
C SER L 62 -26.72 21.53 -51.31
N ALA L 63 -26.25 20.46 -51.91
CA ALA L 63 -26.70 19.12 -51.59
C ALA L 63 -25.62 18.42 -50.77
N GLU L 64 -26.04 17.61 -49.80
CA GLU L 64 -25.11 16.91 -48.94
C GLU L 64 -25.58 15.49 -48.72
N SER L 65 -24.66 14.64 -48.28
CA SER L 65 -24.94 13.23 -48.11
C SER L 65 -25.81 12.97 -46.90
N TRP L 66 -26.54 11.86 -46.96
CA TRP L 66 -27.16 11.24 -45.81
C TRP L 66 -26.64 9.81 -45.76
N GLY L 67 -25.98 9.45 -44.67
CA GLY L 67 -25.24 8.21 -44.70
C GLY L 67 -25.85 7.05 -43.96
N THR L 68 -24.99 6.32 -43.26
CA THR L 68 -25.40 5.31 -42.31
C THR L 68 -26.46 5.81 -41.36
N GLY L 69 -27.61 5.13 -41.35
CA GLY L 69 -28.54 5.31 -40.27
C GLY L 69 -29.95 5.77 -40.60
N ARG L 70 -30.42 5.49 -41.81
CA ARG L 70 -31.81 5.74 -42.16
C ARG L 70 -32.24 4.66 -43.15
N ALA L 71 -33.37 4.89 -43.82
CA ALA L 71 -33.70 4.13 -45.01
C ALA L 71 -33.31 4.88 -46.27
N VAL L 72 -32.36 5.79 -46.16
CA VAL L 72 -31.89 6.59 -47.27
C VAL L 72 -30.95 5.77 -48.13
N ALA L 73 -30.56 6.30 -49.28
CA ALA L 73 -29.75 5.55 -50.22
C ALA L 73 -28.44 6.25 -50.54
N ARG L 74 -27.86 6.97 -49.58
CA ARG L 74 -26.48 7.44 -49.65
C ARG L 74 -26.23 8.38 -50.83
N ILE L 75 -27.23 8.68 -51.64
CA ILE L 75 -27.13 9.69 -52.68
C ILE L 75 -27.25 11.05 -52.01
N PRO L 76 -26.43 12.03 -52.38
CA PRO L 76 -26.55 13.35 -51.74
C PRO L 76 -27.91 13.97 -52.00
N ARG L 77 -28.42 14.67 -51.00
CA ARG L 77 -29.78 15.19 -51.04
C ARG L 77 -29.77 16.70 -50.81
N VAL L 78 -30.76 17.39 -51.40
CA VAL L 78 -30.97 18.79 -51.10
C VAL L 78 -31.27 18.94 -49.61
N ARG L 79 -30.97 20.11 -49.06
CA ARG L 79 -30.97 20.29 -47.63
C ARG L 79 -32.15 21.10 -47.10
N GLY L 80 -32.92 21.71 -47.97
CA GLY L 80 -34.00 22.57 -47.53
C GLY L 80 -35.12 21.83 -46.83
N GLY L 81 -36.10 22.60 -46.36
CA GLY L 81 -37.29 22.03 -45.77
C GLY L 81 -38.56 22.62 -46.36
N GLY L 82 -39.62 21.84 -46.38
CA GLY L 82 -40.88 22.34 -46.91
C GLY L 82 -40.94 22.58 -48.39
N THR L 83 -40.38 21.69 -49.20
CA THR L 83 -40.56 21.74 -50.64
C THR L 83 -40.82 20.34 -51.19
N HIS L 84 -41.32 20.31 -52.42
CA HIS L 84 -42.16 19.19 -52.86
C HIS L 84 -41.32 17.99 -53.26
N ARG L 85 -40.48 18.13 -54.29
CA ARG L 85 -39.59 17.06 -54.74
C ARG L 85 -38.11 17.40 -54.57
N SER L 86 -37.76 18.68 -54.48
CA SER L 86 -36.45 19.12 -54.00
C SER L 86 -36.51 19.56 -52.55
N GLY L 87 -37.36 18.92 -51.75
CA GLY L 87 -37.15 18.87 -50.33
C GLY L 87 -36.20 17.78 -49.92
N GLN L 88 -35.83 16.92 -50.87
CA GLN L 88 -34.90 15.81 -50.66
C GLN L 88 -34.58 15.11 -51.97
N GLY L 89 -33.40 14.51 -52.05
CA GLY L 89 -32.99 13.68 -53.16
C GLY L 89 -32.21 14.45 -54.21
N ALA L 90 -31.92 13.75 -55.31
CA ALA L 90 -31.72 14.37 -56.61
C ALA L 90 -30.53 15.34 -56.64
N PHE L 91 -29.34 14.78 -56.56
CA PHE L 91 -28.16 15.52 -57.01
C PHE L 91 -27.39 14.88 -58.15
N GLY L 92 -27.16 13.58 -58.13
CA GLY L 92 -26.15 12.97 -58.96
C GLY L 92 -26.54 12.76 -60.41
N ASN L 93 -26.24 11.57 -60.90
CA ASN L 93 -26.44 11.21 -62.30
C ASN L 93 -27.69 10.41 -62.51
N MET L 94 -28.10 9.65 -61.50
CA MET L 94 -29.15 8.65 -61.64
C MET L 94 -30.53 9.18 -61.34
N CYS L 95 -30.66 10.48 -61.06
CA CYS L 95 -31.86 10.98 -60.42
C CYS L 95 -32.36 12.22 -61.14
N ARG L 96 -33.54 12.67 -60.72
CA ARG L 96 -34.01 13.99 -61.11
C ARG L 96 -32.95 15.03 -60.79
N GLY L 97 -33.07 16.19 -61.40
CA GLY L 97 -32.01 17.16 -61.32
C GLY L 97 -31.14 16.85 -62.50
N GLY L 98 -31.27 17.66 -63.55
CA GLY L 98 -30.81 17.26 -64.87
C GLY L 98 -29.31 17.13 -65.00
N ARG L 99 -28.62 17.04 -63.86
CA ARG L 99 -27.18 17.23 -63.80
C ARG L 99 -26.54 15.90 -64.22
N MET L 100 -26.40 15.72 -65.53
CA MET L 100 -26.27 14.44 -66.20
C MET L 100 -24.84 13.91 -66.13
N PHE L 101 -24.60 12.89 -66.95
CA PHE L 101 -23.31 12.21 -67.03
C PHE L 101 -22.50 12.73 -68.21
N ALA L 102 -21.22 13.05 -67.95
CA ALA L 102 -20.29 13.47 -68.99
C ALA L 102 -20.89 14.61 -69.77
N PRO L 103 -20.90 15.80 -69.22
CA PRO L 103 -21.86 16.83 -69.64
C PRO L 103 -21.84 17.23 -71.10
N THR L 104 -21.11 16.50 -71.95
CA THR L 104 -21.12 16.75 -73.39
C THR L 104 -20.49 18.10 -73.65
N LYS L 105 -19.22 18.24 -73.32
CA LYS L 105 -18.58 19.54 -73.40
C LYS L 105 -18.26 19.92 -74.84
N THR L 106 -18.13 21.23 -75.05
CA THR L 106 -18.02 21.78 -76.39
C THR L 106 -16.78 21.31 -77.11
N TRP L 107 -15.61 21.47 -76.49
CA TRP L 107 -14.37 21.16 -77.17
C TRP L 107 -14.37 19.69 -77.56
N ARG L 108 -14.43 19.44 -78.86
CA ARG L 108 -14.31 18.09 -79.38
C ARG L 108 -13.52 18.18 -80.67
N ARG L 109 -13.56 17.12 -81.45
CA ARG L 109 -13.08 17.19 -82.82
C ARG L 109 -14.32 17.38 -83.68
N TRP L 110 -14.88 18.58 -83.60
CA TRP L 110 -15.95 18.97 -84.49
C TRP L 110 -15.46 19.26 -85.89
N HIS L 111 -14.23 18.93 -86.22
CA HIS L 111 -13.75 19.16 -87.58
C HIS L 111 -12.68 18.14 -87.90
N ARG L 112 -12.75 17.58 -89.09
CA ARG L 112 -11.76 16.65 -89.58
C ARG L 112 -11.01 17.30 -90.73
N ARG L 113 -9.95 16.63 -91.18
CA ARG L 113 -9.26 17.10 -92.36
C ARG L 113 -8.63 15.91 -93.07
N VAL L 114 -8.46 16.06 -94.38
CA VAL L 114 -7.95 14.99 -95.23
C VAL L 114 -6.83 15.55 -96.10
N ASN L 115 -5.95 14.66 -96.54
CA ASN L 115 -4.84 15.07 -97.38
C ASN L 115 -5.36 15.71 -98.66
N THR L 116 -4.77 16.84 -99.04
CA THR L 116 -5.25 17.56 -100.20
C THR L 116 -5.15 16.73 -101.48
N THR L 117 -4.15 15.85 -101.56
CA THR L 117 -4.10 14.95 -102.70
C THR L 117 -5.32 14.06 -102.73
N GLN L 118 -5.81 13.64 -101.57
CA GLN L 118 -7.02 12.84 -101.55
C GLN L 118 -8.25 13.67 -101.88
N LYS L 119 -8.31 14.92 -101.42
CA LYS L 119 -9.43 15.77 -101.81
C LYS L 119 -9.53 15.85 -103.34
N ARG L 120 -8.41 16.19 -103.98
CA ARG L 120 -8.43 16.28 -105.43
C ARG L 120 -8.69 14.92 -106.06
N TYR L 121 -8.17 13.84 -105.47
CA TYR L 121 -8.44 12.52 -106.02
C TYR L 121 -9.93 12.24 -106.04
N ALA L 122 -10.61 12.55 -104.94
CA ALA L 122 -12.03 12.28 -104.85
C ALA L 122 -12.79 13.10 -105.87
N ILE L 123 -12.41 14.36 -106.06
CA ILE L 123 -13.10 15.14 -107.07
C ILE L 123 -12.85 14.56 -108.45
N CYS L 124 -11.63 14.04 -108.69
CA CYS L 124 -11.35 13.37 -109.95
C CYS L 124 -12.31 12.21 -110.17
N SER L 125 -12.45 11.36 -109.16
CA SER L 125 -13.30 10.17 -109.30
C SER L 125 -14.76 10.55 -109.51
N ALA L 126 -15.26 11.47 -108.68
CA ALA L 126 -16.65 11.89 -108.83
C ALA L 126 -16.90 12.48 -110.20
N LEU L 127 -15.93 13.21 -110.76
CA LEU L 127 -16.10 13.70 -112.11
C LEU L 127 -16.10 12.56 -113.11
N ALA L 128 -15.22 11.58 -112.92
CA ALA L 128 -15.18 10.45 -113.84
C ALA L 128 -16.47 9.68 -113.84
N ALA L 129 -17.19 9.68 -112.74
CA ALA L 129 -18.46 8.96 -112.71
C ALA L 129 -19.46 9.56 -113.70
N SER L 130 -19.45 10.88 -113.84
CA SER L 130 -20.48 11.56 -114.61
C SER L 130 -20.51 11.13 -116.05
N ALA L 131 -19.44 10.51 -116.55
CA ALA L 131 -19.37 10.07 -117.94
C ALA L 131 -19.73 8.60 -118.10
N LEU L 132 -20.46 8.02 -117.15
CA LEU L 132 -20.96 6.66 -117.27
C LEU L 132 -22.48 6.67 -117.13
N PRO L 133 -23.22 6.55 -118.23
CA PRO L 133 -24.67 6.65 -118.12
C PRO L 133 -25.27 5.58 -117.23
N ALA L 134 -24.59 4.45 -117.05
CA ALA L 134 -25.08 3.47 -116.09
C ALA L 134 -25.05 4.05 -114.68
N LEU L 135 -23.94 4.67 -114.31
CA LEU L 135 -23.81 5.18 -112.94
C LEU L 135 -24.83 6.27 -112.66
N VAL L 136 -24.89 7.28 -113.52
CA VAL L 136 -25.81 8.38 -113.23
C VAL L 136 -27.24 7.88 -113.28
N MET L 137 -27.50 6.84 -114.09
CA MET L 137 -28.79 6.17 -114.02
C MET L 137 -29.03 5.59 -112.64
N SER L 138 -27.98 5.04 -112.02
CA SER L 138 -28.16 4.41 -110.72
C SER L 138 -28.75 5.39 -109.71
N LYS L 139 -28.41 6.66 -109.80
CA LYS L 139 -29.10 7.54 -108.86
C LYS L 139 -30.51 7.84 -109.28
N GLY L 140 -31.05 7.12 -110.25
CA GLY L 140 -32.45 7.23 -110.56
C GLY L 140 -32.87 8.49 -111.25
N HIS L 141 -31.92 9.28 -111.75
CA HIS L 141 -32.28 10.48 -112.47
C HIS L 141 -33.13 10.13 -113.68
N ARG L 142 -33.93 11.10 -114.13
CA ARG L 142 -34.73 10.91 -115.34
C ARG L 142 -33.91 11.42 -116.53
N ILE L 143 -32.67 10.93 -116.58
CA ILE L 143 -31.73 11.24 -117.64
C ILE L 143 -32.05 10.46 -118.91
N GLU L 144 -33.13 9.68 -118.89
CA GLU L 144 -33.40 8.62 -119.85
C GLU L 144 -33.70 9.13 -121.25
N GLU L 145 -33.50 10.42 -121.50
CA GLU L 145 -33.61 10.93 -122.86
C GLU L 145 -32.55 11.97 -123.16
N VAL L 146 -31.57 12.18 -122.29
CA VAL L 146 -30.53 13.17 -122.52
C VAL L 146 -29.55 12.60 -123.54
N PRO L 147 -29.34 13.25 -124.66
CA PRO L 147 -28.34 12.76 -125.62
C PRO L 147 -26.95 13.23 -125.25
N GLU L 148 -25.96 12.39 -125.57
CA GLU L 148 -24.54 12.69 -125.34
C GLU L 148 -24.28 12.98 -123.86
N LEU L 149 -24.38 11.91 -123.07
CA LEU L 149 -24.45 11.93 -121.61
C LEU L 149 -23.64 13.05 -120.95
N PRO L 150 -22.35 13.24 -121.27
CA PRO L 150 -21.68 14.45 -120.76
C PRO L 150 -22.24 15.67 -121.46
N LEU L 151 -23.48 16.01 -121.13
CA LEU L 151 -24.21 17.05 -121.84
C LEU L 151 -23.47 18.38 -121.75
N VAL L 152 -23.48 19.13 -122.84
CA VAL L 152 -22.74 20.38 -122.94
C VAL L 152 -23.62 21.41 -123.65
N VAL L 153 -23.45 22.68 -123.29
CA VAL L 153 -24.18 23.77 -123.93
C VAL L 153 -23.22 24.91 -124.22
N GLU L 154 -23.55 25.69 -125.25
CA GLU L 154 -22.60 26.66 -125.76
C GLU L 154 -22.51 27.84 -124.80
N ASP L 155 -21.45 28.63 -124.96
CA ASP L 155 -21.16 29.66 -123.98
C ASP L 155 -22.03 30.89 -124.20
N LYS L 156 -23.32 30.67 -124.41
CA LYS L 156 -24.31 31.73 -124.42
C LYS L 156 -25.36 31.53 -123.34
N VAL L 157 -25.30 30.41 -122.63
CA VAL L 157 -26.25 30.19 -121.54
C VAL L 157 -25.91 31.03 -120.32
N GLU L 158 -24.65 31.45 -120.17
CA GLU L 158 -24.30 32.30 -119.04
C GLU L 158 -25.02 33.63 -119.07
N GLY L 159 -25.56 34.03 -120.22
CA GLY L 159 -26.39 35.21 -120.32
C GLY L 159 -27.84 35.00 -120.01
N TYR L 160 -28.25 33.77 -119.71
CA TYR L 160 -29.62 33.53 -119.32
C TYR L 160 -29.88 34.14 -117.96
N LYS L 161 -30.93 34.96 -117.86
CA LYS L 161 -31.26 35.54 -116.56
C LYS L 161 -32.76 35.62 -116.34
N LYS L 162 -33.55 34.79 -117.01
CA LYS L 162 -34.97 34.72 -116.74
C LYS L 162 -35.35 33.27 -116.51
N THR L 163 -36.06 33.03 -115.40
CA THR L 163 -36.48 31.67 -115.10
C THR L 163 -37.26 31.07 -116.24
N LYS L 164 -38.00 31.88 -116.99
CA LYS L 164 -38.72 31.36 -118.13
C LYS L 164 -37.76 30.80 -119.18
N GLU L 165 -36.68 31.53 -119.45
CA GLU L 165 -35.69 31.02 -120.38
C GLU L 165 -35.00 29.78 -119.84
N ALA L 166 -34.76 29.74 -118.54
CA ALA L 166 -34.12 28.57 -117.96
C ALA L 166 -35.01 27.33 -118.10
N VAL L 167 -36.30 27.50 -117.85
CA VAL L 167 -37.24 26.40 -118.03
C VAL L 167 -37.27 25.96 -119.49
N LEU L 168 -37.26 26.93 -120.41
CA LEU L 168 -37.22 26.58 -121.81
C LEU L 168 -35.97 25.79 -122.15
N LEU L 169 -34.83 26.17 -121.57
CA LEU L 169 -33.59 25.44 -121.83
C LEU L 169 -33.70 24.00 -121.35
N LEU L 170 -34.14 23.80 -120.11
CA LEU L 170 -34.24 22.44 -119.61
C LEU L 170 -35.22 21.62 -120.45
N LYS L 171 -36.36 22.20 -120.81
CA LYS L 171 -37.33 21.46 -121.62
C LYS L 171 -36.73 21.09 -122.96
N LYS L 172 -36.03 22.02 -123.62
CA LYS L 172 -35.48 21.76 -124.93
C LYS L 172 -34.21 20.92 -124.88
N LEU L 173 -33.69 20.65 -123.70
CA LEU L 173 -32.66 19.63 -123.53
C LEU L 173 -33.19 18.39 -122.81
N LYS L 174 -34.50 18.28 -122.67
CA LYS L 174 -35.19 17.03 -122.38
C LYS L 174 -34.95 16.50 -120.97
N ALA L 175 -34.12 17.16 -120.17
CA ALA L 175 -33.92 16.71 -118.79
C ALA L 175 -34.92 17.33 -117.82
N TRP L 176 -35.89 18.09 -118.32
CA TRP L 176 -36.86 18.73 -117.43
C TRP L 176 -37.66 17.70 -116.64
N ASN L 177 -37.82 16.50 -117.18
CA ASN L 177 -38.53 15.47 -116.45
C ASN L 177 -37.88 15.21 -115.10
N ASP L 178 -36.57 15.47 -114.97
CA ASP L 178 -35.92 15.33 -113.69
C ASP L 178 -36.49 16.30 -112.68
N ILE L 179 -36.53 17.59 -113.03
CA ILE L 179 -37.06 18.56 -112.09
C ILE L 179 -38.51 18.26 -111.79
N LYS L 180 -39.23 17.70 -112.75
CA LYS L 180 -40.58 17.25 -112.46
C LYS L 180 -40.58 16.15 -111.40
N LYS L 181 -39.62 15.23 -111.49
CA LYS L 181 -39.50 14.21 -110.46
C LYS L 181 -39.29 14.85 -109.09
N VAL L 182 -38.42 15.85 -109.03
CA VAL L 182 -38.13 16.48 -107.74
C VAL L 182 -39.37 17.17 -107.20
N TYR L 183 -40.08 17.91 -108.05
CA TYR L 183 -41.40 18.43 -107.70
C TYR L 183 -42.20 17.37 -106.99
N ALA L 184 -42.31 16.20 -107.61
CA ALA L 184 -43.03 15.11 -106.95
C ALA L 184 -42.40 14.75 -105.61
N SER L 185 -41.07 14.79 -105.54
CA SER L 185 -40.36 14.36 -104.35
C SER L 185 -40.52 15.29 -103.17
N GLN L 186 -41.01 16.51 -103.37
CA GLN L 186 -41.23 17.40 -102.23
C GLN L 186 -42.17 16.74 -101.21
N ARG L 187 -41.76 16.77 -99.95
CA ARG L 187 -42.46 16.10 -98.86
C ARG L 187 -41.74 16.43 -97.57
N MET L 188 -42.36 16.04 -96.45
CA MET L 188 -41.92 16.50 -95.14
C MET L 188 -40.98 15.50 -94.48
N ARG L 189 -40.21 15.99 -93.51
CA ARG L 189 -39.18 15.19 -92.87
C ARG L 189 -39.73 14.43 -91.68
N ALA L 190 -39.17 13.26 -91.42
CA ALA L 190 -39.71 12.34 -90.44
C ALA L 190 -39.49 12.81 -89.01
N GLY L 191 -38.25 12.97 -88.59
CA GLY L 191 -37.98 13.10 -87.17
C GLY L 191 -38.35 14.42 -86.55
N LYS L 192 -37.61 14.83 -85.52
CA LYS L 192 -37.85 16.11 -84.88
C LYS L 192 -37.20 17.26 -85.64
N GLY L 193 -36.77 17.03 -86.87
CA GLY L 193 -36.37 18.15 -87.70
C GLY L 193 -37.51 19.09 -88.00
N LYS L 194 -38.75 18.61 -87.94
CA LYS L 194 -39.90 19.46 -88.14
C LYS L 194 -39.91 20.60 -87.14
N MET L 195 -39.46 20.36 -85.92
CA MET L 195 -39.41 21.38 -84.90
C MET L 195 -38.01 21.86 -84.59
N ARG L 196 -36.99 21.32 -85.27
CA ARG L 196 -35.68 21.96 -85.31
C ARG L 196 -35.47 22.75 -86.60
N ASN L 197 -36.53 22.98 -87.36
CA ASN L 197 -36.53 23.85 -88.54
C ASN L 197 -35.75 23.26 -89.71
N ARG L 198 -36.08 22.02 -90.07
CA ARG L 198 -35.64 21.37 -91.29
C ARG L 198 -36.82 20.66 -91.93
N ARG L 199 -37.91 21.41 -92.15
CA ARG L 199 -39.24 20.86 -92.33
C ARG L 199 -39.48 20.23 -93.69
N ARG L 200 -38.68 20.53 -94.70
CA ARG L 200 -38.92 20.01 -96.04
C ARG L 200 -37.66 19.41 -96.63
N ILE L 201 -37.84 18.42 -97.51
CA ILE L 201 -36.75 17.78 -98.24
C ILE L 201 -37.16 17.53 -99.68
N GLN L 202 -36.19 17.12 -100.49
CA GLN L 202 -36.38 16.76 -101.88
C GLN L 202 -35.06 16.21 -102.39
N ARG L 203 -35.08 15.59 -103.57
CA ARG L 203 -33.90 14.90 -104.09
C ARG L 203 -33.08 15.88 -104.91
N ARG L 204 -31.78 15.89 -104.69
CA ARG L 204 -30.90 16.86 -105.36
C ARG L 204 -30.86 16.63 -106.86
N GLY L 205 -31.31 17.63 -107.61
CA GLY L 205 -31.37 17.55 -109.05
C GLY L 205 -30.02 17.76 -109.71
N PRO L 206 -30.05 18.15 -110.97
CA PRO L 206 -28.82 18.28 -111.74
C PRO L 206 -27.93 19.40 -111.24
N CYS L 207 -26.65 19.27 -111.52
CA CYS L 207 -25.64 20.26 -111.15
C CYS L 207 -25.13 20.90 -112.43
N VAL L 208 -25.46 22.17 -112.62
CA VAL L 208 -25.01 22.91 -113.79
C VAL L 208 -23.73 23.64 -113.43
N ILE L 209 -22.69 23.42 -114.21
CA ILE L 209 -21.38 24.00 -113.94
C ILE L 209 -21.09 25.03 -115.03
N TYR L 210 -20.65 26.21 -114.63
CA TYR L 210 -20.35 27.28 -115.56
C TYR L 210 -18.94 27.78 -115.34
N ASN L 211 -18.57 28.81 -116.07
CA ASN L 211 -17.27 29.46 -115.94
C ASN L 211 -17.38 30.82 -115.29
N GLU L 212 -18.30 31.65 -115.75
CA GLU L 212 -18.51 32.97 -115.18
C GLU L 212 -19.95 33.38 -115.42
N ASP L 213 -20.57 33.92 -114.39
CA ASP L 213 -22.00 34.24 -114.40
C ASP L 213 -22.22 35.63 -114.96
N ASN L 214 -23.07 35.73 -115.98
CA ASN L 214 -23.67 37.01 -116.32
C ASN L 214 -25.09 37.09 -115.83
N GLY L 215 -25.85 36.02 -115.96
CA GLY L 215 -27.10 35.88 -115.24
C GLY L 215 -27.41 34.46 -114.84
N ILE L 216 -26.54 33.51 -115.18
CA ILE L 216 -26.91 32.10 -115.10
C ILE L 216 -27.20 31.69 -113.65
N VAL L 217 -26.38 32.17 -112.71
CA VAL L 217 -26.61 31.84 -111.32
C VAL L 217 -27.86 32.54 -110.81
N LYS L 218 -28.26 33.62 -111.47
CA LYS L 218 -29.48 34.32 -111.11
C LYS L 218 -30.68 33.81 -111.86
N ALA L 219 -30.50 32.84 -112.75
CA ALA L 219 -31.60 32.31 -113.52
C ALA L 219 -31.96 30.89 -113.11
N PHE L 220 -30.97 30.00 -113.04
CA PHE L 220 -31.26 28.64 -112.66
C PHE L 220 -31.64 28.50 -111.21
N ARG L 221 -31.45 29.55 -110.41
CA ARG L 221 -31.50 29.40 -108.96
C ARG L 221 -32.86 28.97 -108.45
N ASN L 222 -33.93 29.53 -109.00
CA ASN L 222 -35.24 29.40 -108.39
C ASN L 222 -35.90 28.06 -108.63
N ILE L 223 -35.52 27.33 -109.66
CA ILE L 223 -36.14 26.06 -110.00
C ILE L 223 -35.47 24.97 -109.17
N PRO L 224 -36.23 24.18 -108.42
CA PRO L 224 -35.63 23.39 -107.34
C PRO L 224 -34.70 22.30 -107.86
N GLY L 225 -33.79 21.86 -106.99
CA GLY L 225 -32.88 20.80 -107.30
C GLY L 225 -31.69 21.21 -108.14
N ILE L 226 -31.84 22.19 -109.03
CA ILE L 226 -30.74 22.66 -109.84
C ILE L 226 -29.72 23.32 -108.92
N THR L 227 -28.49 22.85 -108.96
CA THR L 227 -27.42 23.47 -108.18
C THR L 227 -26.30 23.90 -109.12
N LEU L 228 -25.83 25.12 -108.94
CA LEU L 228 -24.88 25.74 -109.87
C LEU L 228 -23.50 25.78 -109.26
N LEU L 229 -22.49 25.58 -110.09
CA LEU L 229 -21.11 25.64 -109.64
C LEU L 229 -20.29 26.53 -110.55
N ASN L 230 -19.28 27.16 -109.96
CA ASN L 230 -18.21 27.78 -110.71
C ASN L 230 -17.13 26.73 -110.83
N VAL L 231 -16.69 26.46 -112.06
CA VAL L 231 -15.93 25.25 -112.32
C VAL L 231 -14.64 25.21 -111.51
N THR L 232 -13.98 26.34 -111.33
CA THR L 232 -12.71 26.36 -110.61
C THR L 232 -12.88 26.14 -109.11
N LYS L 233 -14.08 25.87 -108.63
CA LYS L 233 -14.36 25.76 -107.20
C LYS L 233 -15.26 24.57 -106.92
N LEU L 234 -14.89 23.40 -107.44
CA LEU L 234 -15.74 22.22 -107.30
C LEU L 234 -15.89 21.80 -105.85
N ASN L 235 -17.00 21.14 -105.55
CA ASN L 235 -17.29 20.61 -104.24
C ASN L 235 -17.65 19.13 -104.35
N ILE L 236 -17.24 18.37 -103.34
CA ILE L 236 -17.67 16.98 -103.27
C ILE L 236 -19.07 16.87 -102.70
N LEU L 237 -19.36 17.69 -101.68
CA LEU L 237 -20.68 17.72 -101.04
C LEU L 237 -21.72 18.25 -102.00
N LYS L 238 -21.30 18.64 -103.20
CA LYS L 238 -22.20 19.05 -104.27
C LYS L 238 -22.12 18.15 -105.49
N LEU L 239 -20.93 17.63 -105.80
CA LEU L 239 -20.78 16.79 -106.98
C LEU L 239 -21.22 15.36 -106.71
N ALA L 240 -20.74 14.78 -105.63
CA ALA L 240 -21.24 13.48 -105.22
C ALA L 240 -22.21 13.71 -104.07
N PRO L 241 -23.48 13.92 -104.35
CA PRO L 241 -24.37 14.52 -103.37
C PRO L 241 -24.65 13.65 -102.17
N GLY L 242 -23.63 13.24 -101.46
CA GLY L 242 -23.83 12.64 -100.16
C GLY L 242 -23.87 11.14 -100.16
N GLY L 243 -22.79 10.51 -99.74
CA GLY L 243 -22.76 9.07 -99.61
C GLY L 243 -22.81 8.29 -100.91
N HIS L 244 -22.99 8.97 -102.03
CA HIS L 244 -23.16 8.28 -103.30
C HIS L 244 -22.39 9.06 -104.36
N VAL L 245 -22.20 8.45 -105.52
CA VAL L 245 -21.14 8.85 -106.43
C VAL L 245 -21.63 9.53 -107.71
N GLY L 246 -22.59 8.98 -108.44
CA GLY L 246 -22.89 9.56 -109.74
C GLY L 246 -23.97 10.61 -109.71
N ARG L 247 -23.68 11.81 -110.20
CA ARG L 247 -24.66 12.88 -110.23
C ARG L 247 -24.71 13.52 -111.61
N PHE L 248 -25.93 13.80 -112.07
CA PHE L 248 -26.13 14.50 -113.32
C PHE L 248 -25.49 15.88 -113.28
N CYS L 249 -24.71 16.20 -114.31
CA CYS L 249 -24.12 17.51 -114.45
C CYS L 249 -24.32 18.00 -115.87
N ILE L 250 -24.52 19.30 -115.99
CA ILE L 250 -24.68 19.97 -117.29
C ILE L 250 -23.60 21.03 -117.39
N TRP L 251 -22.78 20.93 -118.42
CA TRP L 251 -21.63 21.80 -118.56
C TRP L 251 -21.88 22.87 -119.61
N THR L 252 -21.30 24.03 -119.38
CA THR L 252 -21.18 25.04 -120.42
C THR L 252 -19.89 24.80 -121.18
N GLU L 253 -19.82 25.35 -122.39
CA GLU L 253 -18.71 24.99 -123.27
C GLU L 253 -17.39 25.48 -122.72
N SER L 254 -17.34 26.69 -122.17
CA SER L 254 -16.11 27.19 -121.58
C SER L 254 -15.67 26.33 -120.40
N ALA L 255 -16.57 26.11 -119.46
CA ALA L 255 -16.23 25.30 -118.28
C ALA L 255 -15.99 23.85 -118.62
N PHE L 256 -16.28 23.43 -119.84
CA PHE L 256 -15.92 22.07 -120.22
C PHE L 256 -14.62 22.03 -120.99
N ARG L 257 -14.26 23.11 -121.67
CA ARG L 257 -12.91 23.20 -122.18
C ARG L 257 -11.91 23.37 -121.05
N LYS L 258 -12.36 23.92 -119.93
CA LYS L 258 -11.43 24.30 -118.87
C LYS L 258 -10.80 23.10 -118.17
N LEU L 259 -11.51 21.96 -118.14
CA LEU L 259 -11.09 20.87 -117.27
C LEU L 259 -9.72 20.31 -117.63
N ASP L 260 -9.42 20.24 -118.93
CA ASP L 260 -8.15 19.64 -119.34
C ASP L 260 -6.98 20.40 -118.75
N ASP L 261 -7.01 21.72 -118.84
CA ASP L 261 -5.95 22.56 -118.32
C ASP L 261 -6.14 22.90 -116.85
N LEU L 262 -7.26 22.47 -116.26
CA LEU L 262 -7.50 22.60 -114.83
C LEU L 262 -7.02 21.39 -114.05
N TYR L 263 -6.89 20.24 -114.69
CA TYR L 263 -6.48 19.02 -113.99
C TYR L 263 -5.29 18.29 -114.60
N GLY L 264 -4.86 18.61 -115.81
CA GLY L 264 -3.72 17.93 -116.41
C GLY L 264 -4.12 16.57 -116.95
N THR L 265 -3.70 16.21 -118.15
CA THR L 265 -4.26 15.00 -118.72
C THR L 265 -3.54 13.76 -118.20
N TRP L 266 -2.39 13.45 -118.76
CA TRP L 266 -1.35 12.69 -118.09
C TRP L 266 0.01 13.08 -118.62
N ARG L 267 0.07 14.01 -119.56
CA ARG L 267 1.29 14.40 -120.24
C ARG L 267 1.65 15.84 -119.92
N LYS L 268 0.89 16.48 -119.04
CA LYS L 268 1.25 17.77 -118.49
C LYS L 268 0.67 17.85 -117.09
N ALA L 269 1.42 18.48 -116.20
CA ALA L 269 0.83 18.84 -114.91
C ALA L 269 -0.19 19.94 -115.12
N ALA L 270 -1.21 19.94 -114.27
CA ALA L 270 -2.29 20.91 -114.42
C ALA L 270 -1.73 22.33 -114.43
N SER L 271 -2.28 23.16 -115.31
CA SER L 271 -1.77 24.51 -115.46
C SER L 271 -1.98 25.36 -114.20
N LEU L 272 -2.99 25.07 -113.41
CA LEU L 272 -3.30 25.89 -112.24
C LEU L 272 -2.73 25.33 -110.95
N LYS L 273 -3.12 24.13 -110.57
CA LYS L 273 -2.68 23.53 -109.31
C LYS L 273 -1.21 23.16 -109.46
N SER L 274 -0.34 23.98 -108.88
CA SER L 274 1.09 23.71 -108.95
C SER L 274 1.41 22.34 -108.36
N ASN L 275 2.21 21.57 -109.08
CA ASN L 275 2.65 20.24 -108.65
C ASN L 275 1.46 19.31 -108.44
N TYR L 276 0.81 18.97 -109.57
CA TYR L 276 -0.25 17.98 -109.55
C TYR L 276 -0.39 17.36 -110.93
N ASN L 277 -0.65 16.06 -110.94
CA ASN L 277 -1.01 15.36 -112.16
C ASN L 277 -1.92 14.20 -111.79
N LEU L 278 -2.72 13.76 -112.75
CA LEU L 278 -3.79 12.83 -112.45
C LEU L 278 -3.23 11.52 -111.92
N PRO L 279 -3.97 10.83 -111.06
CA PRO L 279 -3.44 9.63 -110.42
C PRO L 279 -3.58 8.38 -111.25
N MET L 280 -2.47 7.82 -111.69
CA MET L 280 -2.52 6.71 -112.64
C MET L 280 -3.18 5.49 -112.00
N HIS L 281 -3.43 4.48 -112.83
CA HIS L 281 -4.26 3.35 -112.44
C HIS L 281 -3.46 2.20 -111.87
N LYS L 282 -4.22 1.23 -111.35
CA LYS L 282 -3.76 -0.10 -110.97
C LYS L 282 -4.09 -1.14 -112.01
N MET L 283 -5.15 -0.91 -112.78
CA MET L 283 -5.63 -1.80 -113.82
C MET L 283 -5.90 -0.97 -115.06
N LEU L 284 -5.43 -1.45 -116.21
CA LEU L 284 -5.59 -0.71 -117.44
C LEU L 284 -6.63 -1.32 -118.36
N ASN L 285 -7.18 -2.48 -118.02
CA ASN L 285 -8.34 -3.03 -118.71
C ASN L 285 -9.23 -3.64 -117.64
N THR L 286 -10.29 -2.95 -117.28
CA THR L 286 -11.16 -3.34 -116.19
C THR L 286 -12.20 -4.38 -116.61
N ASP L 287 -12.24 -4.76 -117.88
CA ASP L 287 -13.21 -5.73 -118.36
C ASP L 287 -12.65 -7.13 -118.14
N LEU L 288 -13.40 -7.95 -117.40
CA LEU L 288 -12.97 -9.31 -117.13
C LEU L 288 -13.41 -10.29 -118.21
N SER L 289 -14.47 -9.97 -118.95
CA SER L 289 -14.93 -10.85 -120.00
C SER L 289 -13.85 -11.04 -121.06
N ARG L 290 -13.35 -9.94 -121.61
CA ARG L 290 -12.36 -9.99 -122.67
C ARG L 290 -10.94 -10.16 -122.16
N ILE L 291 -10.77 -10.58 -120.91
CA ILE L 291 -9.52 -11.16 -120.44
C ILE L 291 -9.68 -12.65 -120.21
N LEU L 292 -10.71 -13.04 -119.46
CA LEU L 292 -10.93 -14.46 -119.19
C LEU L 292 -11.16 -15.22 -120.48
N LYS L 293 -11.95 -14.67 -121.39
CA LYS L 293 -12.23 -15.36 -122.65
C LYS L 293 -11.30 -14.93 -123.76
N SER L 294 -10.11 -14.52 -123.43
CA SER L 294 -9.08 -14.24 -124.41
C SER L 294 -8.18 -15.47 -124.57
N PRO L 295 -8.02 -15.99 -125.78
CA PRO L 295 -7.32 -17.28 -125.94
C PRO L 295 -5.97 -17.33 -125.27
N GLU L 296 -5.34 -16.18 -125.02
CA GLU L 296 -4.02 -16.16 -124.41
C GLU L 296 -4.00 -16.84 -123.05
N ILE L 297 -5.14 -16.90 -122.37
CA ILE L 297 -5.24 -17.63 -121.11
C ILE L 297 -5.78 -19.04 -121.31
N GLN L 298 -6.80 -19.17 -122.17
CA GLN L 298 -7.42 -20.46 -122.42
C GLN L 298 -6.41 -21.50 -122.86
N ARG L 299 -5.49 -21.12 -123.75
CA ARG L 299 -4.60 -22.11 -124.33
C ARG L 299 -3.65 -22.70 -123.29
N ALA L 300 -3.41 -22.00 -122.19
CA ALA L 300 -2.53 -22.48 -121.15
C ALA L 300 -3.26 -22.92 -119.90
N LEU L 301 -4.57 -22.72 -119.84
CA LEU L 301 -5.32 -23.06 -118.65
C LEU L 301 -5.43 -24.57 -118.49
N ARG L 302 -5.26 -25.06 -117.25
CA ARG L 302 -5.52 -26.47 -116.95
C ARG L 302 -7.02 -26.70 -116.91
N ALA L 303 -7.57 -27.01 -118.08
CA ALA L 303 -8.97 -27.32 -118.34
C ALA L 303 -9.49 -28.29 -117.28
N PRO L 304 -10.79 -28.28 -116.98
CA PRO L 304 -11.25 -28.95 -115.77
C PRO L 304 -10.85 -30.40 -115.73
N ARG L 305 -10.48 -30.87 -114.54
CA ARG L 305 -10.30 -32.29 -114.26
C ARG L 305 -11.40 -32.65 -113.25
N LYS L 306 -12.37 -33.44 -113.71
CA LYS L 306 -13.57 -33.65 -112.91
C LYS L 306 -13.25 -34.55 -111.72
N LYS L 307 -13.57 -34.03 -110.52
CA LYS L 307 -13.14 -34.62 -109.27
C LYS L 307 -14.29 -35.13 -108.42
N ILE L 308 -15.22 -34.26 -108.06
CA ILE L 308 -16.12 -34.50 -106.94
C ILE L 308 -17.47 -34.97 -107.46
N HIS L 309 -18.03 -35.95 -106.76
CA HIS L 309 -19.41 -36.34 -106.93
C HIS L 309 -19.98 -36.58 -105.54
N ARG L 310 -21.29 -36.52 -105.44
CA ARG L 310 -21.95 -36.39 -104.15
C ARG L 310 -21.76 -37.67 -103.33
N ARG L 311 -21.78 -37.53 -102.01
CA ARG L 311 -21.32 -38.60 -101.14
C ARG L 311 -22.10 -39.88 -101.37
N VAL L 312 -21.38 -40.99 -101.39
CA VAL L 312 -21.96 -42.28 -101.73
C VAL L 312 -22.54 -42.90 -100.48
N LEU L 313 -23.64 -43.63 -100.65
CA LEU L 313 -24.25 -44.31 -99.52
C LEU L 313 -23.50 -45.59 -99.25
N LYS L 314 -22.97 -45.71 -98.03
CA LYS L 314 -22.37 -46.97 -97.61
C LYS L 314 -23.41 -48.07 -97.65
N LYS L 315 -23.02 -49.23 -98.17
CA LYS L 315 -23.88 -50.40 -98.13
C LYS L 315 -23.04 -51.60 -97.71
N ASN L 316 -23.50 -52.29 -96.69
CA ASN L 316 -22.69 -53.27 -96.00
C ASN L 316 -22.33 -54.44 -96.91
N PRO L 317 -21.04 -54.79 -97.03
CA PRO L 317 -20.66 -55.86 -97.94
C PRO L 317 -20.77 -57.26 -97.37
N LEU L 318 -20.84 -57.41 -96.04
CA LEU L 318 -21.07 -58.73 -95.48
C LEU L 318 -22.50 -59.20 -95.71
N LYS L 319 -23.37 -58.31 -96.16
CA LYS L 319 -24.78 -58.63 -96.38
C LYS L 319 -25.14 -58.63 -97.86
N ASN L 320 -24.84 -57.55 -98.57
CA ASN L 320 -25.11 -57.52 -99.99
C ASN L 320 -24.15 -58.42 -100.74
N LEU L 321 -24.49 -58.70 -101.99
CA LEU L 321 -23.57 -59.44 -102.85
C LEU L 321 -23.12 -58.65 -104.06
N ARG L 322 -23.91 -57.70 -104.57
CA ARG L 322 -23.37 -56.84 -105.60
C ARG L 322 -22.22 -56.02 -105.06
N ILE L 323 -22.40 -55.44 -103.86
CA ILE L 323 -21.30 -54.75 -103.20
C ILE L 323 -20.17 -55.72 -102.87
N MET L 324 -20.52 -56.94 -102.43
CA MET L 324 -19.49 -57.91 -102.12
C MET L 324 -18.65 -58.24 -103.34
N LEU L 325 -19.30 -58.39 -104.50
CA LEU L 325 -18.55 -58.63 -105.73
C LEU L 325 -17.64 -57.45 -106.03
N LYS L 326 -18.21 -56.24 -106.07
CA LYS L 326 -17.41 -55.09 -106.45
C LYS L 326 -16.19 -54.95 -105.56
N LEU L 327 -16.33 -55.26 -104.27
CA LEU L 327 -15.17 -55.30 -103.39
C LEU L 327 -14.22 -56.42 -103.77
N ASN L 328 -14.73 -57.61 -104.02
CA ASN L 328 -13.87 -58.78 -104.12
C ASN L 328 -14.57 -59.90 -104.87
N PRO L 329 -14.41 -59.97 -106.20
CA PRO L 329 -15.26 -60.88 -106.99
C PRO L 329 -15.12 -62.35 -106.64
N TYR L 330 -14.02 -62.77 -106.01
CA TYR L 330 -13.86 -64.20 -105.75
C TYR L 330 -14.81 -64.70 -104.67
N ALA L 331 -15.45 -63.79 -103.93
CA ALA L 331 -16.49 -64.21 -103.01
C ALA L 331 -17.60 -64.95 -103.72
N LYS L 332 -17.88 -64.59 -104.98
CA LYS L 332 -18.91 -65.29 -105.73
C LYS L 332 -18.55 -66.75 -105.91
N THR L 333 -17.29 -67.05 -106.19
CA THR L 333 -16.89 -68.44 -106.31
C THR L 333 -16.88 -69.14 -104.97
N MET L 334 -16.36 -68.49 -103.93
CA MET L 334 -16.35 -69.15 -102.62
C MET L 334 -17.76 -69.42 -102.14
N ARG L 335 -18.73 -68.62 -102.60
CA ARG L 335 -20.08 -68.73 -102.11
C ARG L 335 -21.02 -69.38 -103.11
N ARG L 336 -20.53 -69.75 -104.29
CA ARG L 336 -21.17 -70.80 -105.06
C ARG L 336 -20.71 -72.17 -104.56
N ASN L 337 -19.39 -72.35 -104.47
CA ASN L 337 -18.90 -73.40 -103.60
C ASN L 337 -19.36 -73.11 -102.17
N THR L 338 -19.23 -74.11 -101.31
CA THR L 338 -19.57 -74.00 -99.90
C THR L 338 -21.07 -73.80 -99.72
N ILE L 339 -21.80 -73.55 -100.80
CA ILE L 339 -23.24 -73.74 -100.82
C ILE L 339 -23.59 -75.02 -101.58
N LEU L 340 -23.05 -75.17 -102.79
CA LEU L 340 -23.23 -76.42 -103.50
C LEU L 340 -22.55 -77.57 -102.75
N ARG L 341 -21.38 -77.29 -102.17
CA ARG L 341 -20.67 -78.29 -101.38
C ARG L 341 -21.53 -78.75 -100.20
N GLN L 342 -22.14 -77.81 -99.50
CA GLN L 342 -23.02 -78.17 -98.38
C GLN L 342 -24.23 -78.95 -98.89
N ALA L 343 -24.70 -78.63 -100.09
CA ALA L 343 -25.80 -79.40 -100.68
C ALA L 343 -25.42 -80.87 -100.81
N ARG L 344 -24.27 -81.17 -101.43
CA ARG L 344 -23.91 -82.57 -101.55
C ARG L 344 -23.68 -83.19 -100.18
N ASN L 345 -23.06 -82.44 -99.26
CA ASN L 345 -22.78 -83.02 -97.95
C ASN L 345 -24.06 -83.43 -97.25
N HIS L 346 -25.06 -82.55 -97.23
CA HIS L 346 -26.31 -82.88 -96.59
C HIS L 346 -27.02 -84.02 -97.30
N LYS L 347 -27.05 -83.99 -98.62
CA LYS L 347 -27.76 -85.05 -99.35
C LYS L 347 -27.14 -86.42 -99.07
N LEU L 348 -25.82 -86.54 -99.25
CA LEU L 348 -25.18 -87.82 -99.02
C LEU L 348 -25.28 -88.22 -97.55
N ARG L 349 -25.24 -87.25 -96.64
CA ARG L 349 -25.28 -87.60 -95.22
C ARG L 349 -26.64 -88.15 -94.83
N VAL L 350 -27.71 -87.51 -95.28
CA VAL L 350 -29.03 -88.04 -94.94
C VAL L 350 -29.27 -89.33 -95.69
N GLU L 351 -28.64 -89.52 -96.85
CA GLU L 351 -28.70 -90.83 -97.50
C GLU L 351 -28.06 -91.89 -96.63
N ARG L 352 -26.88 -91.59 -96.05
CA ARG L 352 -26.21 -92.55 -95.19
C ARG L 352 -26.96 -92.76 -93.89
N ALA L 353 -27.76 -91.78 -93.47
CA ALA L 353 -28.63 -92.00 -92.32
C ALA L 353 -29.79 -92.93 -92.68
N ALA L 354 -30.36 -92.75 -93.87
CA ALA L 354 -31.37 -93.69 -94.35
C ALA L 354 -30.78 -95.10 -94.46
N ALA L 355 -29.54 -95.19 -94.92
CA ALA L 355 -28.86 -96.48 -94.98
C ALA L 355 -28.53 -97.00 -93.59
N ALA L 356 -28.32 -96.12 -92.62
CA ALA L 356 -28.15 -96.57 -91.24
C ALA L 356 -29.43 -97.19 -90.70
N LEU L 357 -30.57 -96.60 -91.06
CA LEU L 357 -31.86 -97.19 -90.67
C LEU L 357 -32.06 -98.55 -91.35
N ALA L 358 -31.85 -98.60 -92.67
CA ALA L 358 -31.94 -99.88 -93.38
C ALA L 358 -30.93 -100.87 -92.85
N ALA L 359 -29.85 -100.39 -92.25
CA ALA L 359 -28.89 -101.26 -91.58
C ALA L 359 -29.38 -101.67 -90.21
N LYS L 360 -30.22 -100.84 -89.58
CA LYS L 360 -30.89 -101.29 -88.37
C LYS L 360 -31.79 -102.46 -88.67
N SER L 361 -32.54 -102.39 -89.78
CA SER L 361 -33.24 -103.58 -90.25
C SER L 361 -32.26 -104.70 -90.55
N ASP L 362 -31.09 -104.34 -91.10
CA ASP L 362 -30.01 -105.29 -91.24
C ASP L 362 -29.33 -105.52 -89.88
N ASN M 1 -111.15 2.08 -26.58
CA ASN M 1 -110.83 2.87 -27.76
C ASN M 1 -109.34 3.03 -27.92
N GLU M 2 -108.89 4.25 -28.25
CA GLU M 2 -107.48 4.50 -28.48
C GLU M 2 -106.92 5.69 -27.72
N VAL M 3 -107.69 6.32 -26.84
CA VAL M 3 -107.25 7.53 -26.17
C VAL M 3 -107.40 7.42 -24.66
N VAL M 4 -107.19 6.23 -24.13
CA VAL M 4 -107.38 6.01 -22.70
C VAL M 4 -106.13 6.45 -21.94
N THR M 5 -106.32 6.60 -20.62
CA THR M 5 -105.27 6.96 -19.68
C THR M 5 -105.28 6.00 -18.50
N ARG M 6 -104.11 5.47 -18.18
CA ARG M 6 -103.95 4.53 -17.07
C ARG M 6 -102.89 5.05 -16.13
N GLU M 7 -103.19 5.01 -14.84
CA GLU M 7 -102.17 5.25 -13.85
C GLU M 7 -101.30 4.02 -13.74
N TYR M 8 -99.99 4.22 -13.67
CA TYR M 8 -99.06 3.11 -13.53
C TYR M 8 -98.09 3.45 -12.42
N THR M 9 -97.52 2.42 -11.81
CA THR M 9 -96.37 2.62 -10.92
C THR M 9 -95.20 1.83 -11.49
N ILE M 10 -94.09 2.51 -11.70
CA ILE M 10 -92.90 1.88 -12.25
C ILE M 10 -91.91 1.65 -11.12
N ASN M 11 -91.40 0.41 -11.05
CA ASN M 11 -90.40 0.04 -10.06
C ASN M 11 -89.03 0.19 -10.70
N ILE M 12 -88.53 1.43 -10.69
CA ILE M 12 -87.24 1.70 -11.29
C ILE M 12 -86.14 0.87 -10.67
N HIS M 13 -86.20 0.62 -9.36
CA HIS M 13 -85.15 -0.12 -8.69
C HIS M 13 -84.99 -1.55 -9.22
N LYS M 14 -85.74 -1.93 -10.24
CA LYS M 14 -85.53 -3.18 -10.94
C LYS M 14 -85.07 -2.97 -12.37
N ARG M 15 -85.21 -1.76 -12.91
CA ARG M 15 -84.69 -1.45 -14.23
C ARG M 15 -83.35 -0.77 -14.16
N ILE M 16 -82.99 -0.22 -13.00
CA ILE M 16 -81.74 0.50 -12.82
C ILE M 16 -80.73 -0.34 -12.08
N HIS M 17 -81.11 -1.52 -11.60
CA HIS M 17 -80.32 -2.30 -10.67
C HIS M 17 -79.07 -2.85 -11.32
N GLY M 18 -77.96 -2.13 -11.18
CA GLY M 18 -76.68 -2.63 -11.62
C GLY M 18 -75.90 -1.75 -12.57
N VAL M 19 -76.35 -0.52 -12.84
CA VAL M 19 -75.64 0.35 -13.73
C VAL M 19 -74.73 1.26 -12.90
N GLY M 20 -73.76 1.86 -13.58
CA GLY M 20 -72.82 2.71 -12.88
C GLY M 20 -73.50 3.97 -12.38
N PHE M 21 -72.85 4.60 -11.40
CA PHE M 21 -73.43 5.79 -10.79
C PHE M 21 -73.70 6.88 -11.81
N LYS M 22 -72.69 7.22 -12.62
CA LYS M 22 -72.81 8.37 -13.48
C LYS M 22 -73.74 8.15 -14.65
N LYS M 23 -74.52 7.09 -14.65
CA LYS M 23 -75.42 6.80 -15.74
C LYS M 23 -76.81 6.40 -15.28
N ARG M 24 -77.04 6.34 -13.97
CA ARG M 24 -78.29 5.80 -13.46
C ARG M 24 -79.49 6.54 -14.02
N ALA M 25 -79.65 7.82 -13.68
CA ALA M 25 -80.85 8.54 -14.09
C ALA M 25 -81.11 8.49 -15.59
N PRO M 26 -80.12 8.68 -16.47
CA PRO M 26 -80.39 8.46 -17.89
C PRO M 26 -80.86 7.06 -18.22
N ARG M 27 -80.29 6.03 -17.61
CA ARG M 27 -80.80 4.68 -17.87
C ARG M 27 -82.21 4.52 -17.35
N ALA M 28 -82.53 5.19 -16.25
CA ALA M 28 -83.89 5.14 -15.72
C ALA M 28 -84.87 5.72 -16.73
N LEU M 29 -84.51 6.84 -17.36
CA LEU M 29 -85.41 7.42 -18.36
C LEU M 29 -85.52 6.54 -19.59
N LYS M 30 -84.40 5.96 -20.04
CA LYS M 30 -84.49 5.01 -21.15
C LYS M 30 -85.45 3.88 -20.82
N GLU M 31 -85.39 3.37 -19.59
CA GLU M 31 -86.28 2.27 -19.21
C GLU M 31 -87.73 2.73 -19.11
N ILE M 32 -87.97 3.95 -18.63
CA ILE M 32 -89.32 4.49 -18.65
C ILE M 32 -89.88 4.48 -20.05
N ARG M 33 -89.09 4.97 -21.02
CA ARG M 33 -89.59 5.04 -22.38
C ARG M 33 -89.82 3.64 -22.94
N LYS M 34 -88.95 2.69 -22.60
CA LYS M 34 -89.18 1.32 -23.03
C LYS M 34 -90.49 0.79 -22.46
N PHE M 35 -90.75 1.06 -21.18
CA PHE M 35 -91.99 0.65 -20.56
C PHE M 35 -93.19 1.22 -21.29
N ALA M 36 -93.12 2.52 -21.60
CA ALA M 36 -94.24 3.16 -22.28
C ALA M 36 -94.47 2.55 -23.65
N MET M 37 -93.40 2.35 -24.43
CA MET M 37 -93.57 1.79 -25.77
C MET M 37 -94.13 0.38 -25.70
N LYS M 38 -93.57 -0.47 -24.83
CA LYS M 38 -94.01 -1.85 -24.78
C LYS M 38 -95.36 -2.02 -24.11
N GLU M 39 -95.85 -1.00 -23.42
CA GLU M 39 -97.17 -1.09 -22.82
C GLU M 39 -98.24 -0.47 -23.72
N MET M 40 -98.12 0.81 -24.02
CA MET M 40 -99.17 1.52 -24.74
C MET M 40 -99.03 1.41 -26.25
N GLY M 41 -98.20 0.52 -26.74
CA GLY M 41 -98.15 0.22 -28.16
C GLY M 41 -97.26 1.05 -29.04
N THR M 42 -97.47 2.36 -29.08
CA THR M 42 -96.82 3.18 -30.09
C THR M 42 -95.31 3.23 -29.86
N PRO M 43 -94.51 3.33 -30.93
CA PRO M 43 -93.08 3.58 -30.78
C PRO M 43 -92.71 5.05 -30.67
N ASP M 44 -93.67 5.91 -30.34
CA ASP M 44 -93.43 7.35 -30.20
C ASP M 44 -93.94 7.76 -28.83
N VAL M 45 -93.02 8.07 -27.93
CA VAL M 45 -93.35 8.36 -26.54
C VAL M 45 -92.63 9.62 -26.10
N ARG M 46 -93.39 10.61 -25.64
CA ARG M 46 -92.80 11.83 -25.09
C ARG M 46 -93.09 11.88 -23.60
N ILE M 47 -92.05 11.78 -22.80
CA ILE M 47 -92.15 11.94 -21.36
C ILE M 47 -92.21 13.42 -21.05
N ASP M 48 -92.63 13.75 -19.84
CA ASP M 48 -92.91 15.13 -19.52
C ASP M 48 -91.76 15.76 -18.75
N THR M 49 -91.62 17.07 -18.91
CA THR M 49 -90.60 17.81 -18.17
C THR M 49 -90.78 17.66 -16.67
N ARG M 50 -92.04 17.56 -16.23
CA ARG M 50 -92.28 17.33 -14.81
C ARG M 50 -91.64 16.03 -14.34
N LEU M 51 -91.78 14.96 -15.14
CA LEU M 51 -91.10 13.71 -14.82
C LEU M 51 -89.59 13.86 -14.86
N ASN M 52 -89.07 14.56 -15.86
CA ASN M 52 -87.62 14.73 -15.89
C ASN M 52 -87.14 15.33 -14.58
N LYS M 53 -87.82 16.39 -14.13
CA LYS M 53 -87.47 17.02 -12.86
C LYS M 53 -87.64 16.07 -11.70
N ALA M 54 -88.72 15.29 -11.71
CA ALA M 54 -89.00 14.41 -10.58
C ALA M 54 -87.94 13.32 -10.47
N VAL M 55 -87.64 12.65 -11.58
CA VAL M 55 -86.66 11.57 -11.57
C VAL M 55 -85.30 12.11 -11.17
N TRP M 56 -84.93 13.29 -11.66
CA TRP M 56 -83.63 13.80 -11.32
C TRP M 56 -83.57 14.37 -9.90
N ALA M 57 -84.71 14.68 -9.30
CA ALA M 57 -84.77 15.42 -8.05
C ALA M 57 -83.78 14.90 -7.02
N LYS M 58 -83.50 13.61 -7.04
CA LYS M 58 -82.60 12.99 -6.07
C LYS M 58 -81.19 12.84 -6.64
N GLY M 59 -80.76 13.73 -7.51
CA GLY M 59 -79.39 13.69 -7.98
C GLY M 59 -79.13 12.52 -8.90
N ILE M 60 -78.06 12.65 -9.67
CA ILE M 60 -77.79 11.76 -10.78
C ILE M 60 -77.42 10.35 -10.33
N ARG M 61 -77.01 10.17 -9.08
CA ARG M 61 -76.68 8.81 -8.66
C ARG M 61 -77.90 8.09 -8.11
N ASN M 62 -78.50 8.59 -7.05
CA ASN M 62 -79.53 7.85 -6.33
C ASN M 62 -80.90 8.28 -6.82
N VAL M 63 -81.47 7.51 -7.74
CA VAL M 63 -82.78 7.85 -8.29
C VAL M 63 -83.85 7.35 -7.33
N PRO M 64 -85.08 7.85 -7.40
CA PRO M 64 -86.14 7.31 -6.54
C PRO M 64 -86.32 5.83 -6.84
N TYR M 65 -86.70 5.07 -5.81
CA TYR M 65 -86.91 3.65 -6.03
C TYR M 65 -88.14 3.39 -6.89
N ARG M 66 -89.24 4.07 -6.60
CA ARG M 66 -90.48 3.88 -7.33
C ARG M 66 -90.98 5.22 -7.84
N ILE M 67 -91.67 5.18 -8.98
CA ILE M 67 -92.23 6.40 -9.54
C ILE M 67 -93.66 6.12 -9.98
N ARG M 68 -94.47 7.18 -10.03
CA ARG M 68 -95.85 7.08 -10.49
C ARG M 68 -96.00 7.81 -11.82
N VAL M 69 -96.82 7.25 -12.70
CA VAL M 69 -96.92 7.71 -14.08
C VAL M 69 -98.39 7.73 -14.48
N ARG M 70 -98.74 8.64 -15.38
CA ARG M 70 -100.09 8.68 -15.94
C ARG M 70 -99.97 8.52 -17.45
N LEU M 71 -99.91 7.28 -17.93
CA LEU M 71 -99.76 7.06 -19.36
C LEU M 71 -101.07 7.38 -20.06
N SER M 72 -100.99 7.95 -21.24
CA SER M 72 -102.19 8.32 -22.01
C SER M 72 -101.89 8.20 -23.49
N ARG M 73 -102.69 7.44 -24.23
CA ARG M 73 -102.55 7.43 -25.67
C ARG M 73 -103.32 8.60 -26.26
N LYS M 74 -102.81 9.15 -27.35
CA LYS M 74 -103.41 10.31 -27.98
C LYS M 74 -103.23 10.20 -29.49
N ARG M 75 -104.35 10.26 -30.22
CA ARG M 75 -104.36 9.99 -31.66
C ARG M 75 -103.81 11.19 -32.41
N ASN M 76 -102.48 11.29 -32.43
CA ASN M 76 -101.77 12.44 -32.97
C ASN M 76 -102.49 13.73 -32.65
N GLU M 77 -102.76 13.91 -31.35
CA GLU M 77 -103.27 15.18 -30.84
C GLU M 77 -102.40 16.34 -31.24
N ASP M 78 -101.19 16.07 -31.72
CA ASP M 78 -100.19 17.10 -31.95
C ASP M 78 -100.11 17.49 -33.41
N GLU M 79 -99.82 16.54 -34.30
CA GLU M 79 -99.63 16.81 -35.71
C GLU M 79 -100.10 15.60 -36.51
N ASP M 80 -99.69 15.54 -37.78
CA ASP M 80 -99.88 14.35 -38.59
C ASP M 80 -98.50 13.83 -38.99
N SER M 81 -98.30 12.52 -38.79
CA SER M 81 -96.96 11.95 -38.62
C SER M 81 -96.82 10.62 -39.35
N PRO M 82 -95.65 9.95 -39.27
CA PRO M 82 -95.54 8.59 -39.82
C PRO M 82 -96.17 7.50 -38.96
N ASN M 83 -96.96 7.88 -37.97
CA ASN M 83 -97.79 6.92 -37.24
C ASN M 83 -99.00 7.65 -36.68
N LYS M 84 -100.04 6.88 -36.37
CA LYS M 84 -101.35 7.46 -36.13
C LYS M 84 -101.54 7.93 -34.68
N LEU M 85 -101.04 7.17 -33.71
CA LEU M 85 -101.10 7.58 -32.32
C LEU M 85 -99.73 8.03 -31.84
N TYR M 86 -99.68 8.39 -30.56
CA TYR M 86 -98.45 8.61 -29.83
C TYR M 86 -98.80 8.63 -28.37
N THR M 87 -97.82 8.32 -27.52
CA THR M 87 -98.07 8.19 -26.10
C THR M 87 -97.30 9.25 -25.32
N LEU M 88 -98.01 9.91 -24.42
CA LEU M 88 -97.50 11.00 -23.61
C LEU M 88 -97.44 10.53 -22.18
N VAL M 89 -96.28 10.68 -21.56
CA VAL M 89 -96.08 10.24 -20.19
C VAL M 89 -96.17 11.45 -19.28
N THR M 90 -96.57 11.26 -18.03
CA THR M 90 -96.90 12.39 -17.16
C THR M 90 -96.54 12.05 -15.73
N TYR M 91 -96.27 13.08 -14.94
CA TYR M 91 -96.03 12.88 -13.51
C TYR M 91 -97.34 12.88 -12.75
N VAL M 92 -97.45 11.94 -11.81
CA VAL M 92 -98.50 11.95 -10.80
C VAL M 92 -97.82 11.86 -9.45
N PRO M 93 -98.10 12.78 -8.53
CA PRO M 93 -97.44 12.73 -7.22
C PRO M 93 -98.22 11.89 -6.23
N VAL M 94 -97.47 11.15 -5.41
CA VAL M 94 -98.06 10.30 -4.39
C VAL M 94 -97.25 10.43 -3.11
N THR M 95 -97.86 9.99 -2.00
CA THR M 95 -97.19 9.90 -0.72
C THR M 95 -96.73 8.48 -0.40
N THR M 96 -97.59 7.49 -0.63
CA THR M 96 -97.25 6.09 -0.42
C THR M 96 -97.38 5.35 -1.73
N PHE M 97 -96.74 4.17 -1.77
CA PHE M 97 -96.88 3.27 -2.89
C PHE M 97 -97.57 1.97 -2.51
N LYS M 98 -97.72 1.69 -1.23
CA LYS M 98 -98.37 0.46 -0.79
C LYS M 98 -99.81 0.41 -1.27
N ASN M 99 -100.34 -0.79 -1.38
CA ASN M 99 -101.77 -0.99 -1.64
C ASN M 99 -102.20 -0.27 -2.91
N LEU M 100 -101.50 -0.57 -3.99
CA LEU M 100 -101.70 0.13 -5.26
C LEU M 100 -101.83 -0.87 -6.39
N GLN M 101 -102.38 -0.41 -7.50
CA GLN M 101 -102.53 -1.24 -8.68
C GLN M 101 -103.01 -0.35 -9.83
N THR M 102 -102.60 -0.71 -11.04
CA THR M 102 -102.70 0.21 -12.16
C THR M 102 -104.13 0.42 -12.60
N VAL M 103 -104.85 1.30 -11.92
CA VAL M 103 -106.21 1.63 -12.30
C VAL M 103 -106.18 2.49 -13.55
N ASN M 104 -107.30 2.52 -14.26
CA ASN M 104 -107.46 3.37 -15.43
C ASN M 104 -108.46 4.46 -15.13
N VAL M 105 -108.18 5.68 -15.58
CA VAL M 105 -109.10 6.79 -15.41
C VAL M 105 -109.44 7.35 -16.78
N ASP M 106 -110.64 7.92 -16.88
CA ASP M 106 -111.17 8.36 -18.15
C ASP M 106 -111.68 9.79 -18.02
N GLU M 107 -111.58 10.54 -19.11
CA GLU M 107 -112.06 11.91 -19.12
C GLU M 107 -113.57 11.95 -19.11
N ALA N 1 -59.21 -24.17 -104.73
CA ALA N 1 -58.00 -24.31 -105.53
C ALA N 1 -57.59 -23.00 -106.19
N ALA N 2 -56.97 -22.11 -105.41
CA ALA N 2 -56.68 -20.77 -105.91
C ALA N 2 -55.28 -20.66 -106.48
N LEU N 3 -54.24 -20.82 -105.65
CA LEU N 3 -52.86 -20.66 -106.10
C LEU N 3 -52.03 -21.78 -105.50
N ARG N 4 -51.08 -22.25 -106.22
CA ARG N 4 -50.24 -23.30 -105.69
C ARG N 4 -48.78 -22.92 -105.73
N PRO N 5 -47.98 -23.49 -104.85
CA PRO N 5 -46.54 -23.26 -104.87
C PRO N 5 -45.85 -24.12 -105.90
N LEU N 6 -44.56 -23.86 -106.14
CA LEU N 6 -43.80 -24.66 -107.09
C LEU N 6 -43.60 -26.06 -106.55
N VAL N 7 -43.06 -26.17 -105.35
CA VAL N 7 -42.96 -27.43 -104.62
C VAL N 7 -43.42 -27.16 -103.20
N LYS N 8 -44.19 -28.10 -102.65
CA LYS N 8 -44.73 -27.93 -101.30
C LYS N 8 -44.20 -29.03 -100.41
N PRO N 9 -42.95 -28.95 -99.99
CA PRO N 9 -42.36 -30.03 -99.18
C PRO N 9 -42.75 -29.92 -97.72
N LYS N 10 -42.87 -31.09 -97.09
CA LYS N 10 -43.19 -31.14 -95.68
C LYS N 10 -42.13 -30.41 -94.88
N ILE N 11 -42.55 -29.52 -93.99
CA ILE N 11 -41.66 -28.73 -93.16
C ILE N 11 -41.72 -29.27 -91.75
N VAL N 12 -40.56 -29.50 -91.15
CA VAL N 12 -40.48 -30.05 -89.81
C VAL N 12 -39.63 -29.11 -88.97
N LYS N 13 -40.28 -28.14 -88.36
CA LYS N 13 -39.62 -27.30 -87.38
C LYS N 13 -39.38 -28.09 -86.12
N LYS N 14 -38.30 -27.74 -85.41
CA LYS N 14 -38.06 -28.40 -84.13
C LYS N 14 -39.06 -27.91 -83.10
N ARG N 15 -38.99 -26.64 -82.73
CA ARG N 15 -40.06 -25.97 -82.00
C ARG N 15 -39.77 -24.48 -81.97
N THR N 16 -40.66 -23.68 -82.54
CA THR N 16 -40.62 -22.23 -82.34
C THR N 16 -41.69 -21.83 -81.34
N LYS N 17 -42.20 -22.80 -80.59
CA LYS N 17 -43.11 -22.55 -79.49
C LYS N 17 -42.39 -21.68 -78.48
N LYS N 18 -42.76 -20.39 -78.49
CA LYS N 18 -41.88 -19.29 -78.13
C LYS N 18 -41.01 -19.58 -76.92
N PHE N 19 -39.72 -19.25 -77.04
CA PHE N 19 -38.86 -19.25 -75.88
C PHE N 19 -39.20 -18.07 -75.01
N ILE N 20 -39.22 -18.30 -73.70
CA ILE N 20 -39.57 -17.25 -72.75
C ILE N 20 -38.40 -17.08 -71.80
N ARG N 21 -38.43 -15.98 -71.06
CA ARG N 21 -37.31 -15.62 -70.23
C ARG N 21 -37.47 -16.19 -68.84
N HIS N 22 -36.36 -16.66 -68.28
CA HIS N 22 -36.36 -17.19 -66.92
C HIS N 22 -36.96 -16.19 -65.95
N GLN N 23 -38.10 -16.54 -65.39
CA GLN N 23 -38.90 -15.64 -64.57
C GLN N 23 -39.47 -14.49 -65.41
N SER N 24 -40.04 -14.84 -66.55
CA SER N 24 -40.94 -13.94 -67.25
C SER N 24 -42.36 -14.15 -66.84
N ASP N 25 -42.61 -15.02 -65.87
CA ASP N 25 -43.93 -15.38 -65.41
C ASP N 25 -44.24 -14.92 -63.99
N ARG N 26 -43.25 -14.94 -63.11
CA ARG N 26 -43.48 -14.46 -61.75
C ARG N 26 -43.85 -12.99 -61.73
N TYR N 27 -42.93 -12.11 -62.09
CA TYR N 27 -43.16 -10.68 -62.08
C TYR N 27 -43.80 -10.25 -63.40
N VAL N 28 -43.99 -8.94 -63.55
CA VAL N 28 -44.37 -8.36 -64.83
C VAL N 28 -43.47 -7.21 -65.24
N LYS N 29 -42.57 -6.76 -64.37
CA LYS N 29 -41.48 -5.89 -64.81
C LYS N 29 -40.48 -6.61 -65.65
N ILE N 30 -40.76 -7.86 -65.99
CA ILE N 30 -39.99 -8.65 -66.94
C ILE N 30 -40.93 -9.06 -68.05
N LYS N 31 -40.49 -8.92 -69.30
CA LYS N 31 -41.32 -9.29 -70.43
C LYS N 31 -40.82 -10.59 -71.04
N ARG N 32 -41.62 -11.14 -71.94
CA ARG N 32 -41.37 -12.48 -72.47
C ARG N 32 -40.12 -12.57 -73.33
N ASN N 33 -39.52 -11.44 -73.71
CA ASN N 33 -38.36 -11.47 -74.58
C ASN N 33 -37.22 -12.27 -73.94
N TRP N 34 -36.48 -13.00 -74.76
CA TRP N 34 -35.42 -13.82 -74.22
C TRP N 34 -34.21 -12.98 -73.88
N ARG N 35 -33.51 -13.36 -72.82
CA ARG N 35 -32.26 -12.75 -72.40
C ARG N 35 -31.44 -13.82 -71.71
N LYS N 36 -30.26 -14.10 -72.22
CA LYS N 36 -29.46 -15.18 -71.66
C LYS N 36 -28.97 -14.78 -70.28
N PRO N 37 -29.31 -15.51 -69.24
CA PRO N 37 -28.99 -15.07 -67.88
C PRO N 37 -27.54 -15.27 -67.49
N ARG N 38 -26.76 -14.20 -67.48
CA ARG N 38 -25.36 -14.25 -67.06
C ARG N 38 -25.35 -14.13 -65.54
N GLY N 39 -25.37 -15.27 -64.86
CA GLY N 39 -25.34 -15.29 -63.42
C GLY N 39 -24.38 -16.34 -62.91
N ILE N 40 -24.24 -16.38 -61.58
CA ILE N 40 -23.38 -17.36 -60.95
C ILE N 40 -24.14 -18.33 -60.07
N ASP N 41 -25.43 -18.09 -59.84
CA ASP N 41 -26.28 -19.03 -59.13
C ASP N 41 -27.34 -19.63 -60.05
N ASN N 42 -27.33 -19.28 -61.32
CA ASN N 42 -28.54 -19.29 -62.12
C ASN N 42 -28.82 -20.67 -62.69
N ARG N 43 -29.96 -21.24 -62.32
CA ARG N 43 -30.29 -22.59 -62.76
C ARG N 43 -30.40 -22.68 -64.27
N VAL N 44 -31.05 -21.70 -64.91
CA VAL N 44 -31.30 -21.80 -66.34
C VAL N 44 -29.99 -21.82 -67.12
N ARG N 45 -29.09 -20.88 -66.85
CA ARG N 45 -27.79 -20.92 -67.52
C ARG N 45 -27.06 -22.20 -67.17
N ARG N 46 -27.07 -22.56 -65.89
CA ARG N 46 -26.32 -23.71 -65.44
C ARG N 46 -26.84 -25.00 -66.04
N ARG N 47 -28.02 -24.96 -66.66
CA ARG N 47 -28.59 -26.08 -67.43
C ARG N 47 -29.03 -27.23 -66.53
N PHE N 48 -29.71 -26.91 -65.44
CA PHE N 48 -30.34 -27.96 -64.65
C PHE N 48 -31.50 -28.57 -65.42
N LYS N 49 -31.76 -29.85 -65.17
CA LYS N 49 -32.82 -30.52 -65.89
C LYS N 49 -34.18 -30.05 -65.40
N GLY N 50 -35.16 -30.08 -66.30
CA GLY N 50 -36.47 -29.58 -65.96
C GLY N 50 -36.54 -28.08 -65.79
N GLN N 51 -35.68 -27.33 -66.46
CA GLN N 51 -35.66 -25.88 -66.38
C GLN N 51 -35.96 -25.29 -67.75
N ILE N 52 -36.31 -24.01 -67.75
CA ILE N 52 -36.60 -23.34 -69.02
C ILE N 52 -35.41 -23.51 -69.93
N LEU N 53 -35.67 -23.95 -71.15
CA LEU N 53 -34.59 -24.18 -72.08
C LEU N 53 -33.95 -22.86 -72.46
N MET N 54 -32.75 -22.96 -73.03
CA MET N 54 -32.13 -21.83 -73.69
C MET N 54 -32.15 -22.08 -75.19
N PRO N 55 -31.97 -21.04 -76.00
CA PRO N 55 -31.81 -21.27 -77.43
C PRO N 55 -30.38 -21.63 -77.76
N ASN N 56 -30.23 -22.66 -78.58
CA ASN N 56 -28.94 -23.09 -79.09
C ASN N 56 -29.08 -23.26 -80.58
N ILE N 57 -27.99 -23.06 -81.31
CA ILE N 57 -28.09 -22.92 -82.75
C ILE N 57 -28.55 -24.21 -83.43
N GLY N 58 -28.53 -25.32 -82.71
CA GLY N 58 -29.11 -26.53 -83.26
C GLY N 58 -30.57 -26.36 -83.63
N TYR N 59 -31.31 -25.60 -82.80
CA TYR N 59 -32.75 -25.49 -82.99
C TYR N 59 -33.12 -24.89 -84.33
N GLY N 60 -32.17 -24.53 -85.17
CA GLY N 60 -32.51 -23.89 -86.42
C GLY N 60 -33.26 -24.80 -87.37
N SER N 61 -33.85 -24.20 -88.38
CA SER N 61 -34.60 -24.93 -89.39
C SER N 61 -33.78 -25.04 -90.65
N ASN N 62 -33.86 -26.20 -91.31
CA ASN N 62 -32.98 -26.47 -92.44
C ASN N 62 -33.23 -25.47 -93.56
N LYS N 63 -32.16 -24.93 -94.12
CA LYS N 63 -32.25 -23.78 -95.00
C LYS N 63 -33.00 -24.06 -96.26
N LYS N 64 -33.53 -25.26 -96.45
CA LYS N 64 -34.40 -25.50 -97.58
C LYS N 64 -35.80 -24.96 -97.34
N THR N 65 -36.13 -24.56 -96.12
CA THR N 65 -37.48 -24.07 -95.85
C THR N 65 -37.56 -22.89 -94.89
N LYS N 66 -36.50 -22.11 -94.69
CA LYS N 66 -36.63 -20.90 -93.89
C LYS N 66 -37.71 -20.00 -94.48
N HIS N 67 -38.51 -19.41 -93.59
CA HIS N 67 -39.57 -18.46 -93.96
C HIS N 67 -40.66 -19.11 -94.80
N MET N 68 -40.60 -20.41 -94.99
CA MET N 68 -41.57 -21.10 -95.83
C MET N 68 -42.90 -21.02 -95.10
N LEU N 69 -43.77 -20.12 -95.54
CA LEU N 69 -45.08 -20.01 -94.92
C LEU N 69 -45.78 -21.36 -94.94
N PRO N 70 -46.49 -21.74 -93.89
CA PRO N 70 -47.16 -23.04 -93.89
C PRO N 70 -48.13 -23.18 -95.04
N SER N 71 -48.68 -22.08 -95.53
CA SER N 71 -49.50 -22.14 -96.73
C SER N 71 -48.69 -22.40 -97.97
N GLY N 72 -47.37 -22.30 -97.91
CA GLY N 72 -46.54 -22.68 -99.03
C GLY N 72 -45.93 -21.56 -99.84
N PHE N 73 -45.35 -20.56 -99.20
CA PHE N 73 -44.67 -19.49 -99.92
C PHE N 73 -43.60 -18.88 -99.02
N ARG N 74 -42.79 -17.99 -99.57
CA ARG N 74 -42.04 -17.02 -98.80
C ARG N 74 -42.82 -15.72 -98.74
N LYS N 75 -42.68 -15.00 -97.64
CA LYS N 75 -43.33 -13.71 -97.49
C LYS N 75 -42.66 -12.67 -98.37
N PHE N 76 -43.36 -11.55 -98.58
CA PHE N 76 -42.73 -10.37 -99.15
C PHE N 76 -43.65 -9.19 -98.90
N LEU N 77 -43.07 -8.02 -98.70
CA LEU N 77 -43.83 -6.85 -98.27
C LEU N 77 -43.86 -5.81 -99.38
N VAL N 78 -45.06 -5.32 -99.69
CA VAL N 78 -45.29 -4.50 -100.88
C VAL N 78 -45.86 -3.15 -100.46
N HIS N 79 -45.61 -2.13 -101.28
CA HIS N 79 -46.24 -0.84 -101.07
C HIS N 79 -47.18 -0.44 -102.18
N ASN N 80 -46.76 -0.52 -103.45
CA ASN N 80 -47.66 -0.16 -104.53
C ASN N 80 -47.26 -0.88 -105.81
N VAL N 81 -47.99 -0.58 -106.88
CA VAL N 81 -47.89 -1.38 -108.11
C VAL N 81 -46.47 -1.42 -108.61
N LYS N 82 -45.79 -0.27 -108.62
CA LYS N 82 -44.43 -0.20 -109.14
C LYS N 82 -43.51 -1.14 -108.37
N GLU N 83 -43.87 -1.52 -107.15
CA GLU N 83 -43.14 -2.52 -106.38
C GLU N 83 -43.90 -3.83 -106.29
N LEU N 84 -44.95 -4.00 -107.08
CA LEU N 84 -45.54 -5.31 -107.24
C LEU N 84 -45.02 -6.06 -108.45
N GLU N 85 -44.50 -5.35 -109.46
CA GLU N 85 -44.00 -6.02 -110.65
C GLU N 85 -42.77 -6.88 -110.34
N VAL N 86 -41.99 -6.52 -109.33
CA VAL N 86 -40.70 -7.13 -109.08
C VAL N 86 -40.86 -8.61 -108.77
N LEU N 87 -42.09 -9.10 -108.80
CA LEU N 87 -42.35 -10.52 -108.60
C LEU N 87 -42.98 -11.18 -109.81
N LEU N 88 -42.94 -10.55 -110.98
CA LEU N 88 -43.60 -11.11 -112.15
C LEU N 88 -43.04 -12.48 -112.49
N MET N 89 -41.75 -12.53 -112.85
CA MET N 89 -41.15 -13.81 -113.21
C MET N 89 -41.03 -14.74 -112.02
N CYS N 90 -40.71 -14.20 -110.85
CA CYS N 90 -40.59 -15.01 -109.65
C CYS N 90 -41.89 -14.97 -108.87
N ASN N 91 -42.92 -15.60 -109.43
CA ASN N 91 -44.24 -15.56 -108.83
C ASN N 91 -44.75 -16.93 -108.42
N LYS N 92 -43.86 -17.88 -108.14
CA LYS N 92 -44.30 -19.17 -107.66
C LYS N 92 -43.72 -19.57 -106.31
N SER N 93 -42.92 -18.72 -105.69
CA SER N 93 -42.50 -18.98 -104.32
C SER N 93 -42.50 -17.72 -103.47
N TYR N 94 -43.29 -16.71 -103.81
CA TYR N 94 -43.21 -15.43 -103.14
C TYR N 94 -44.56 -14.74 -103.21
N CYS N 95 -45.19 -14.55 -102.05
CA CYS N 95 -46.52 -13.99 -101.95
C CYS N 95 -46.42 -12.57 -101.42
N ALA N 96 -47.07 -11.63 -102.09
CA ALA N 96 -47.07 -10.25 -101.65
C ALA N 96 -47.80 -10.11 -100.32
N GLU N 97 -47.34 -9.19 -99.50
CA GLU N 97 -48.02 -8.81 -98.26
C GLU N 97 -48.15 -7.30 -98.27
N ILE N 98 -49.28 -6.80 -98.77
CA ILE N 98 -49.52 -5.37 -98.74
C ILE N 98 -49.45 -4.88 -97.30
N ALA N 99 -48.88 -3.70 -97.11
CA ALA N 99 -48.45 -3.28 -95.79
C ALA N 99 -49.60 -2.69 -95.00
N HIS N 100 -49.34 -2.44 -93.71
CA HIS N 100 -50.36 -1.91 -92.82
C HIS N 100 -50.75 -0.49 -93.17
N ASN N 101 -49.98 0.19 -94.02
CA ASN N 101 -50.11 1.63 -94.18
C ASN N 101 -50.73 2.05 -95.50
N VAL N 102 -51.05 1.12 -96.39
CA VAL N 102 -51.72 1.50 -97.62
C VAL N 102 -53.15 1.90 -97.29
N SER N 103 -53.86 2.46 -98.26
CA SER N 103 -55.23 2.90 -98.08
C SER N 103 -56.10 2.27 -99.15
N SER N 104 -57.41 2.26 -98.89
CA SER N 104 -58.35 1.54 -99.74
C SER N 104 -58.17 1.92 -101.20
N LYS N 105 -58.11 3.22 -101.48
CA LYS N 105 -58.12 3.68 -102.87
C LYS N 105 -56.94 3.12 -103.65
N ASN N 106 -55.85 2.77 -102.97
CA ASN N 106 -54.75 2.07 -103.62
C ASN N 106 -54.74 0.57 -103.36
N ARG N 107 -55.28 0.14 -102.22
CA ARG N 107 -55.23 -1.27 -101.88
C ARG N 107 -56.10 -2.10 -102.81
N LYS N 108 -57.24 -1.55 -103.23
CA LYS N 108 -58.07 -2.25 -104.20
C LYS N 108 -57.32 -2.46 -105.51
N ALA N 109 -56.63 -1.43 -105.99
CA ALA N 109 -55.86 -1.56 -107.21
C ALA N 109 -54.75 -2.59 -107.04
N ILE N 110 -54.05 -2.55 -105.91
CA ILE N 110 -52.98 -3.53 -105.69
C ILE N 110 -53.54 -4.94 -105.79
N VAL N 111 -54.61 -5.22 -105.06
CA VAL N 111 -55.12 -6.58 -105.03
C VAL N 111 -55.62 -6.99 -106.40
N GLU N 112 -56.36 -6.12 -107.07
CA GLU N 112 -56.91 -6.48 -108.38
C GLU N 112 -55.84 -6.68 -109.42
N ARG N 113 -54.77 -5.89 -109.40
CA ARG N 113 -53.71 -6.06 -110.37
C ARG N 113 -52.83 -7.25 -110.04
N ALA N 114 -52.62 -7.53 -108.75
CA ALA N 114 -51.97 -8.78 -108.36
C ALA N 114 -52.72 -9.96 -108.94
N ALA N 115 -54.05 -9.96 -108.82
CA ALA N 115 -54.83 -11.04 -109.40
C ALA N 115 -54.56 -11.20 -110.88
N GLN N 116 -54.35 -10.10 -111.60
CA GLN N 116 -53.95 -10.20 -112.99
C GLN N 116 -52.59 -10.88 -113.11
N LEU N 117 -51.67 -10.53 -112.22
CA LEU N 117 -50.33 -11.09 -112.29
C LEU N 117 -50.26 -12.54 -111.84
N ALA N 118 -51.30 -13.04 -111.18
CA ALA N 118 -51.30 -14.36 -110.58
C ALA N 118 -50.19 -14.50 -109.55
N ILE N 119 -50.28 -13.67 -108.51
CA ILE N 119 -49.42 -13.74 -107.33
C ILE N 119 -50.34 -13.78 -106.12
N ARG N 120 -50.39 -14.91 -105.44
CA ARG N 120 -51.28 -14.99 -104.29
C ARG N 120 -50.87 -13.95 -103.26
N VAL N 121 -51.86 -13.33 -102.63
CA VAL N 121 -51.64 -12.25 -101.68
C VAL N 121 -51.97 -12.76 -100.28
N THR N 122 -51.02 -12.58 -99.36
CA THR N 122 -51.24 -12.96 -97.98
C THR N 122 -52.36 -12.15 -97.34
N ASN N 123 -52.72 -11.02 -97.94
CA ASN N 123 -53.77 -10.16 -97.42
C ASN N 123 -54.78 -9.98 -98.55
N PRO N 124 -55.64 -10.96 -98.78
CA PRO N 124 -56.82 -10.70 -99.60
C PRO N 124 -57.76 -9.82 -98.83
N ASN N 125 -59.00 -9.62 -99.30
CA ASN N 125 -59.82 -8.50 -98.90
C ASN N 125 -59.66 -8.15 -97.42
N ALA N 126 -59.24 -6.91 -97.18
CA ALA N 126 -58.94 -6.40 -95.84
C ALA N 126 -59.82 -5.24 -95.43
N ARG N 127 -59.93 -4.22 -96.27
CA ARG N 127 -60.80 -3.07 -96.02
C ARG N 127 -61.79 -2.94 -97.17
N LEU N 128 -62.86 -2.19 -96.91
CA LEU N 128 -63.96 -2.13 -97.86
C LEU N 128 -64.37 -0.70 -98.23
N GLN O 1 -65.44 -59.90 -62.41
CA GLN O 1 -65.89 -58.99 -61.38
C GLN O 1 -64.73 -58.22 -60.79
N VAL O 2 -64.65 -58.23 -59.47
CA VAL O 2 -63.54 -57.64 -58.75
C VAL O 2 -62.84 -58.73 -57.96
N LEU O 3 -61.52 -58.61 -57.88
CA LEU O 3 -60.74 -59.60 -57.18
C LEU O 3 -61.08 -59.56 -55.69
N VAL O 4 -61.13 -60.74 -55.07
CA VAL O 4 -61.34 -60.84 -53.62
C VAL O 4 -60.37 -61.88 -53.08
N LEU O 5 -59.62 -61.52 -52.06
CA LEU O 5 -58.60 -62.40 -51.49
C LEU O 5 -58.93 -62.72 -50.05
N ASP O 6 -59.02 -64.01 -49.75
CA ASP O 6 -58.97 -64.47 -48.38
C ASP O 6 -57.73 -63.93 -47.70
N GLY O 7 -57.91 -63.39 -46.50
CA GLY O 7 -56.77 -62.96 -45.73
C GLY O 7 -56.19 -64.02 -44.83
N ARG O 8 -56.84 -65.15 -44.66
CA ARG O 8 -56.37 -66.14 -43.70
C ARG O 8 -55.17 -66.87 -44.28
N GLY O 9 -54.11 -66.98 -43.48
CA GLY O 9 -52.96 -67.78 -43.84
C GLY O 9 -51.90 -67.07 -44.63
N HIS O 10 -52.15 -65.86 -45.09
CA HIS O 10 -51.15 -65.16 -45.89
C HIS O 10 -50.19 -64.39 -45.00
N LEU O 11 -49.05 -64.03 -45.56
CA LEU O 11 -48.13 -63.13 -44.88
C LEU O 11 -48.56 -61.69 -45.11
N LEU O 12 -47.98 -60.78 -44.35
CA LEU O 12 -48.39 -59.39 -44.47
C LEU O 12 -47.77 -58.73 -45.70
N GLY O 13 -46.44 -58.64 -45.74
CA GLY O 13 -45.81 -57.96 -46.86
C GLY O 13 -46.01 -58.68 -48.18
N ARG O 14 -45.88 -60.00 -48.17
CA ARG O 14 -46.01 -60.78 -49.39
C ARG O 14 -47.41 -60.72 -49.98
N LEU O 15 -48.38 -60.24 -49.22
CA LEU O 15 -49.70 -59.97 -49.78
C LEU O 15 -49.90 -58.50 -50.08
N ALA O 16 -49.31 -57.63 -49.27
CA ALA O 16 -49.44 -56.20 -49.48
C ALA O 16 -48.85 -55.80 -50.83
N ALA O 17 -47.69 -56.35 -51.17
CA ALA O 17 -47.04 -55.94 -52.42
C ALA O 17 -47.90 -56.27 -53.63
N ILE O 18 -48.37 -57.50 -53.72
CA ILE O 18 -49.18 -57.89 -54.88
C ILE O 18 -50.48 -57.12 -54.90
N VAL O 19 -51.10 -56.91 -53.74
CA VAL O 19 -52.36 -56.17 -53.75
C VAL O 19 -52.13 -54.75 -54.23
N ALA O 20 -51.06 -54.11 -53.77
CA ALA O 20 -50.78 -52.75 -54.19
C ALA O 20 -50.53 -52.67 -55.69
N LYS O 21 -49.74 -53.59 -56.21
CA LYS O 21 -49.50 -53.59 -57.65
C LYS O 21 -50.80 -53.76 -58.43
N GLN O 22 -51.64 -54.70 -58.00
CA GLN O 22 -52.87 -54.95 -58.72
C GLN O 22 -53.78 -53.74 -58.68
N VAL O 23 -53.91 -53.11 -57.51
CA VAL O 23 -54.74 -51.92 -57.39
C VAL O 23 -54.24 -50.85 -58.34
N LEU O 24 -52.94 -50.57 -58.31
CA LEU O 24 -52.43 -49.47 -59.10
C LEU O 24 -52.53 -49.77 -60.59
N LEU O 25 -52.56 -51.05 -60.97
CA LEU O 25 -52.89 -51.39 -62.35
C LEU O 25 -54.37 -51.23 -62.67
N GLY O 26 -55.25 -51.43 -61.71
CA GLY O 26 -56.66 -51.12 -61.90
C GLY O 26 -57.64 -52.13 -61.36
N ARG O 27 -57.24 -53.35 -61.05
CA ARG O 27 -58.18 -54.31 -60.48
C ARG O 27 -58.68 -53.80 -59.14
N LYS O 28 -59.99 -53.86 -58.93
CA LYS O 28 -60.60 -53.36 -57.69
C LYS O 28 -60.51 -54.44 -56.63
N VAL O 29 -59.32 -54.58 -56.06
CA VAL O 29 -59.02 -55.67 -55.12
C VAL O 29 -59.76 -55.44 -53.81
N VAL O 30 -60.31 -56.51 -53.26
CA VAL O 30 -60.94 -56.51 -51.96
C VAL O 30 -60.29 -57.60 -51.13
N VAL O 31 -59.97 -57.28 -49.88
CA VAL O 31 -59.32 -58.22 -48.97
C VAL O 31 -60.30 -58.53 -47.85
N VAL O 32 -60.50 -59.81 -47.55
CA VAL O 32 -61.45 -60.21 -46.51
C VAL O 32 -60.76 -61.16 -45.55
N ARG O 33 -61.40 -61.34 -44.39
CA ARG O 33 -60.79 -62.05 -43.27
C ARG O 33 -59.43 -61.45 -42.94
N CYS O 34 -59.38 -60.15 -42.92
CA CYS O 34 -58.10 -59.49 -42.72
C CYS O 34 -57.63 -59.59 -41.26
N GLU O 35 -58.23 -60.45 -40.44
CA GLU O 35 -57.78 -60.60 -39.07
C GLU O 35 -56.89 -61.82 -38.86
N GLY O 36 -56.96 -62.80 -39.74
CA GLY O 36 -56.15 -63.98 -39.61
C GLY O 36 -54.93 -63.94 -40.51
N ILE O 37 -54.43 -62.73 -40.76
CA ILE O 37 -53.24 -62.54 -41.59
C ILE O 37 -52.01 -62.77 -40.73
N ASN O 38 -51.08 -63.57 -41.22
CA ASN O 38 -49.94 -63.96 -40.42
C ASN O 38 -48.86 -62.89 -40.50
N ILE O 39 -47.91 -62.98 -39.58
CA ILE O 39 -46.69 -62.17 -39.62
C ILE O 39 -45.51 -63.07 -39.28
N SER O 40 -44.44 -62.95 -40.04
CA SER O 40 -43.29 -63.82 -39.87
C SER O 40 -42.43 -63.33 -38.71
N GLY O 41 -42.25 -64.19 -37.71
CA GLY O 41 -41.58 -63.82 -36.47
C GLY O 41 -42.47 -64.10 -35.28
N ASN O 42 -41.82 -64.24 -34.13
CA ASN O 42 -42.55 -64.61 -32.92
C ASN O 42 -43.42 -63.43 -32.49
N PHE O 43 -44.15 -63.60 -31.39
CA PHE O 43 -45.18 -62.63 -31.06
C PHE O 43 -44.61 -61.40 -30.36
N TYR O 44 -43.66 -61.59 -29.45
CA TYR O 44 -43.25 -60.46 -28.63
C TYR O 44 -42.37 -59.52 -29.41
N ARG O 45 -41.61 -60.03 -30.37
CA ARG O 45 -40.85 -59.15 -31.23
C ARG O 45 -41.76 -58.27 -32.05
N ASN O 46 -42.86 -58.82 -32.57
CA ASN O 46 -43.77 -58.00 -33.35
C ASN O 46 -44.57 -57.05 -32.49
N LYS O 47 -44.95 -57.47 -31.28
CA LYS O 47 -45.61 -56.54 -30.38
C LYS O 47 -44.68 -55.39 -30.01
N LEU O 48 -43.39 -55.68 -29.85
CA LEU O 48 -42.42 -54.61 -29.64
C LEU O 48 -42.35 -53.70 -30.85
N LYS O 49 -42.35 -54.27 -32.05
CA LYS O 49 -42.31 -53.42 -33.23
C LYS O 49 -43.63 -52.71 -33.47
N TYR O 50 -44.67 -53.06 -32.74
CA TYR O 50 -45.86 -52.24 -32.83
C TYR O 50 -45.83 -51.12 -31.80
N LEU O 51 -45.47 -51.41 -30.55
CA LEU O 51 -45.35 -50.32 -29.59
C LEU O 51 -44.30 -49.31 -30.02
N ALA O 52 -43.24 -49.77 -30.68
CA ALA O 52 -42.22 -48.86 -31.18
C ALA O 52 -42.75 -47.95 -32.27
N PHE O 53 -43.84 -48.32 -32.90
CA PHE O 53 -44.61 -47.42 -33.74
C PHE O 53 -45.62 -46.61 -32.97
N LEU O 54 -46.16 -47.16 -31.89
CA LEU O 54 -47.25 -46.50 -31.20
C LEU O 54 -46.74 -45.35 -30.35
N ARG O 55 -45.44 -45.35 -30.07
CA ARG O 55 -44.82 -44.21 -29.40
C ARG O 55 -44.49 -43.08 -30.35
N LYS O 56 -44.68 -43.26 -31.66
CA LYS O 56 -44.25 -42.26 -32.64
C LYS O 56 -45.20 -41.11 -32.77
N ARG O 57 -46.06 -40.89 -31.79
CA ARG O 57 -46.94 -39.74 -31.76
C ARG O 57 -46.12 -38.47 -31.52
N MET O 58 -46.81 -37.35 -31.40
CA MET O 58 -46.12 -36.11 -31.06
C MET O 58 -45.98 -35.96 -29.55
N ASN O 59 -45.81 -34.71 -29.14
CA ASN O 59 -45.98 -34.32 -27.76
C ASN O 59 -47.37 -34.71 -27.24
N THR O 60 -48.42 -34.07 -27.77
CA THR O 60 -49.78 -34.53 -27.50
C THR O 60 -50.58 -34.68 -28.79
N ASN O 61 -50.24 -33.89 -29.81
CA ASN O 61 -51.19 -33.55 -30.84
C ASN O 61 -51.54 -34.74 -31.72
N PRO O 62 -52.70 -34.71 -32.35
CA PRO O 62 -52.94 -35.53 -33.55
C PRO O 62 -52.57 -34.80 -34.82
N SER O 63 -52.60 -33.48 -34.79
CA SER O 63 -52.28 -32.69 -35.97
C SER O 63 -50.86 -33.00 -36.41
N ARG O 64 -49.91 -32.58 -35.61
CA ARG O 64 -48.51 -32.73 -35.91
C ARG O 64 -48.08 -34.19 -35.94
N GLY O 65 -49.01 -35.12 -35.71
CA GLY O 65 -48.64 -36.47 -35.37
C GLY O 65 -49.41 -37.56 -36.10
N PRO O 66 -48.80 -38.73 -36.19
CA PRO O 66 -49.37 -39.78 -37.01
C PRO O 66 -50.63 -40.32 -36.40
N TYR O 67 -51.49 -40.83 -37.27
CA TYR O 67 -52.71 -41.49 -36.84
C TYR O 67 -52.42 -42.97 -36.85
N HIS O 68 -52.15 -43.52 -35.67
CA HIS O 68 -52.08 -44.96 -35.54
C HIS O 68 -53.41 -45.57 -35.93
N PHE O 69 -53.39 -46.86 -36.21
CA PHE O 69 -54.63 -47.56 -36.44
C PHE O 69 -54.48 -48.94 -35.84
N ARG O 70 -55.48 -49.38 -35.11
CA ARG O 70 -55.32 -50.55 -34.30
C ARG O 70 -56.17 -51.72 -34.76
N ALA O 71 -57.00 -51.54 -35.75
CA ALA O 71 -57.72 -52.73 -36.16
C ALA O 71 -56.97 -53.40 -37.31
N PRO O 72 -57.09 -54.73 -37.44
CA PRO O 72 -56.36 -55.41 -38.51
C PRO O 72 -56.66 -54.86 -39.89
N SER O 73 -57.91 -54.51 -40.14
CA SER O 73 -58.26 -53.91 -41.42
C SER O 73 -57.34 -52.76 -41.72
N ARG O 74 -57.31 -51.76 -40.85
CA ARG O 74 -56.59 -50.56 -41.19
C ARG O 74 -55.08 -50.70 -40.99
N ILE O 75 -54.59 -51.69 -40.24
CA ILE O 75 -53.16 -51.94 -40.32
C ILE O 75 -52.77 -52.43 -41.69
N PHE O 76 -53.53 -53.38 -42.24
CA PHE O 76 -53.24 -53.81 -43.60
C PHE O 76 -53.35 -52.64 -44.56
N TRP O 77 -54.38 -51.83 -44.39
CA TRP O 77 -54.58 -50.69 -45.26
C TRP O 77 -53.41 -49.72 -45.16
N ARG O 78 -52.85 -49.56 -43.97
CA ARG O 78 -51.67 -48.70 -43.82
C ARG O 78 -50.49 -49.26 -44.57
N THR O 79 -50.24 -50.57 -44.46
CA THR O 79 -49.08 -51.12 -45.17
C THR O 79 -49.25 -50.98 -46.67
N VAL O 80 -50.45 -51.22 -47.18
CA VAL O 80 -50.66 -51.05 -48.61
C VAL O 80 -50.46 -49.58 -48.99
N ARG O 81 -50.93 -48.65 -48.16
CA ARG O 81 -50.67 -47.26 -48.48
C ARG O 81 -49.18 -46.99 -48.53
N GLY O 82 -48.42 -47.63 -47.65
CA GLY O 82 -46.98 -47.49 -47.71
C GLY O 82 -46.43 -47.90 -49.06
N MET O 83 -46.87 -49.03 -49.58
CA MET O 83 -46.35 -49.48 -50.86
C MET O 83 -47.06 -48.83 -52.05
N LEU O 84 -48.00 -47.96 -51.81
CA LEU O 84 -48.53 -47.13 -52.89
C LEU O 84 -47.95 -45.73 -52.82
N PRO O 85 -48.11 -44.92 -53.86
CA PRO O 85 -47.94 -43.49 -53.70
C PRO O 85 -49.20 -42.91 -53.08
N HIS O 86 -49.03 -42.02 -52.11
CA HIS O 86 -50.19 -41.41 -51.48
C HIS O 86 -49.97 -39.93 -51.27
N LYS O 87 -49.35 -39.28 -52.22
CA LYS O 87 -49.26 -37.83 -52.27
C LYS O 87 -49.47 -37.35 -53.69
N THR O 88 -50.05 -38.21 -54.54
CA THR O 88 -50.35 -37.85 -55.91
C THR O 88 -51.70 -38.42 -56.29
N LYS O 89 -52.38 -37.73 -57.20
CA LYS O 89 -53.77 -38.07 -57.51
C LYS O 89 -53.87 -39.50 -58.03
N ARG O 90 -52.86 -39.97 -58.76
CA ARG O 90 -52.86 -41.37 -59.16
C ARG O 90 -52.85 -42.27 -57.94
N GLY O 91 -52.04 -41.95 -56.94
CA GLY O 91 -51.98 -42.78 -55.76
C GLY O 91 -53.26 -42.77 -54.95
N GLN O 92 -53.89 -41.60 -54.83
CA GLN O 92 -55.14 -41.54 -54.08
C GLN O 92 -56.26 -42.29 -54.81
N ALA O 93 -56.41 -42.04 -56.11
CA ALA O 93 -57.41 -42.78 -56.88
C ALA O 93 -57.08 -44.26 -56.92
N ALA O 94 -55.82 -44.64 -56.66
CA ALA O 94 -55.50 -46.04 -56.48
C ALA O 94 -56.00 -46.54 -55.14
N LEU O 95 -55.45 -46.00 -54.06
CA LEU O 95 -55.79 -46.42 -52.71
C LEU O 95 -57.28 -46.39 -52.45
N ASP O 96 -58.05 -45.67 -53.26
CA ASP O 96 -59.50 -45.73 -53.16
C ASP O 96 -60.11 -46.74 -54.12
N ARG O 97 -59.37 -47.80 -54.45
CA ARG O 97 -59.94 -48.95 -55.14
C ARG O 97 -59.75 -50.23 -54.36
N LEU O 98 -58.82 -50.26 -53.42
CA LEU O 98 -58.75 -51.31 -52.41
C LEU O 98 -59.87 -51.12 -51.41
N LYS O 99 -60.35 -52.21 -50.85
CA LYS O 99 -61.30 -52.18 -49.74
C LYS O 99 -61.01 -53.35 -48.82
N VAL O 100 -60.71 -53.06 -47.56
CA VAL O 100 -60.47 -54.09 -46.56
C VAL O 100 -61.75 -54.34 -45.79
N PHE O 101 -61.83 -55.53 -45.20
CA PHE O 101 -62.86 -55.83 -44.22
C PHE O 101 -62.27 -56.80 -43.20
N ASP O 102 -62.89 -56.81 -42.03
CA ASP O 102 -62.57 -57.80 -41.02
C ASP O 102 -63.51 -58.98 -41.15
N GLY O 103 -62.96 -60.18 -41.12
CA GLY O 103 -63.80 -61.32 -41.39
C GLY O 103 -64.37 -61.25 -42.79
N ILE O 104 -65.68 -61.12 -42.87
CA ILE O 104 -66.37 -61.13 -44.16
C ILE O 104 -67.74 -60.48 -44.05
N PRO O 105 -68.03 -59.48 -44.88
CA PRO O 105 -69.35 -58.90 -44.89
C PRO O 105 -70.28 -59.74 -45.74
N PRO O 106 -71.59 -59.47 -45.72
CA PRO O 106 -72.51 -60.26 -46.51
C PRO O 106 -72.32 -60.15 -48.01
N PRO O 107 -72.16 -58.95 -48.62
CA PRO O 107 -72.19 -58.91 -50.08
C PRO O 107 -71.10 -59.74 -50.71
N TYR O 108 -70.02 -60.02 -49.97
CA TYR O 108 -68.98 -60.92 -50.41
C TYR O 108 -69.08 -62.30 -49.77
N ASP O 109 -69.92 -62.44 -48.75
CA ASP O 109 -70.08 -63.75 -48.11
C ASP O 109 -70.45 -64.81 -49.13
N LYS O 110 -71.50 -64.57 -49.89
CA LYS O 110 -71.95 -65.49 -50.93
C LYS O 110 -71.13 -65.28 -52.19
N LYS O 111 -69.80 -65.26 -52.06
CA LYS O 111 -68.93 -65.01 -53.19
C LYS O 111 -67.64 -65.79 -52.99
N LYS O 112 -67.05 -66.21 -54.10
CA LYS O 112 -65.81 -66.96 -54.04
C LYS O 112 -64.67 -66.07 -53.60
N ARG O 113 -63.70 -66.67 -52.90
CA ARG O 113 -62.49 -65.96 -52.48
C ARG O 113 -61.29 -66.69 -53.05
N MET O 114 -60.60 -66.07 -54.00
CA MET O 114 -59.37 -66.63 -54.53
C MET O 114 -58.30 -66.54 -53.45
N VAL O 115 -57.07 -66.90 -53.79
CA VAL O 115 -55.92 -66.72 -52.92
C VAL O 115 -54.73 -66.32 -53.76
N VAL O 116 -53.65 -65.96 -53.08
CA VAL O 116 -52.39 -65.58 -53.72
C VAL O 116 -51.30 -66.48 -53.19
N PRO O 117 -51.10 -67.68 -53.77
CA PRO O 117 -50.14 -68.62 -53.20
C PRO O 117 -48.71 -68.16 -53.29
N ALA O 118 -48.44 -67.02 -53.92
CA ALA O 118 -47.12 -66.42 -53.77
C ALA O 118 -46.88 -65.90 -52.37
N ALA O 119 -47.92 -65.81 -51.55
CA ALA O 119 -47.83 -65.19 -50.24
C ALA O 119 -48.23 -66.11 -49.11
N LEU O 120 -48.72 -67.31 -49.40
CA LEU O 120 -49.20 -68.19 -48.35
C LEU O 120 -48.06 -68.57 -47.41
N LYS O 121 -48.39 -68.76 -46.14
CA LYS O 121 -47.34 -69.01 -45.16
C LYS O 121 -46.66 -70.35 -45.41
N VAL O 122 -47.47 -71.39 -45.64
CA VAL O 122 -46.92 -72.72 -45.87
C VAL O 122 -45.91 -72.67 -47.01
N VAL O 123 -46.26 -71.97 -48.08
CA VAL O 123 -45.35 -71.82 -49.20
C VAL O 123 -44.11 -71.05 -48.77
N ARG O 124 -44.29 -69.81 -48.34
CA ARG O 124 -43.20 -68.86 -48.29
C ARG O 124 -42.47 -68.84 -46.96
N LEU O 125 -42.65 -69.83 -46.10
CA LEU O 125 -41.88 -69.81 -44.86
C LEU O 125 -41.61 -71.23 -44.40
N LYS O 126 -40.49 -71.42 -43.71
CA LYS O 126 -40.05 -72.72 -43.28
C LYS O 126 -41.03 -73.32 -42.28
N PRO O 127 -40.85 -74.60 -41.91
CA PRO O 127 -41.69 -75.16 -40.85
C PRO O 127 -41.25 -74.79 -39.46
N THR O 128 -39.97 -74.51 -39.25
CA THR O 128 -39.43 -74.42 -37.90
C THR O 128 -39.25 -72.99 -37.41
N ARG O 129 -39.85 -72.01 -38.09
CA ARG O 129 -39.82 -70.63 -37.61
C ARG O 129 -41.16 -70.29 -37.00
N LYS O 130 -41.21 -69.13 -36.36
CA LYS O 130 -42.37 -68.70 -35.59
C LYS O 130 -43.09 -67.55 -36.27
N PHE O 131 -44.41 -67.54 -36.14
CA PHE O 131 -45.26 -66.52 -36.72
C PHE O 131 -46.26 -66.05 -35.69
N ALA O 132 -46.81 -64.85 -35.89
CA ALA O 132 -47.71 -64.23 -34.93
C ALA O 132 -48.92 -63.66 -35.64
N TYR O 133 -50.11 -63.99 -35.14
CA TYR O 133 -51.34 -63.63 -35.81
C TYR O 133 -51.65 -62.15 -35.69
N LEU O 134 -52.17 -61.57 -36.76
CA LEU O 134 -52.56 -60.17 -36.71
C LEU O 134 -53.76 -59.96 -35.81
N GLY O 135 -54.64 -60.95 -35.71
CA GLY O 135 -55.74 -60.82 -34.77
C GLY O 135 -55.26 -60.62 -33.36
N ARG O 136 -54.33 -61.45 -32.91
CA ARG O 136 -53.82 -61.31 -31.56
C ARG O 136 -52.99 -60.05 -31.39
N LEU O 137 -52.18 -59.71 -32.39
CA LEU O 137 -51.43 -58.45 -32.29
C LEU O 137 -52.38 -57.27 -32.05
N ALA O 138 -53.39 -57.15 -32.90
CA ALA O 138 -54.31 -56.02 -32.77
C ALA O 138 -55.07 -56.07 -31.45
N HIS O 139 -55.49 -57.26 -31.03
CA HIS O 139 -56.25 -57.34 -29.79
C HIS O 139 -55.39 -57.08 -28.57
N GLU O 140 -54.08 -57.30 -28.67
CA GLU O 140 -53.20 -56.93 -27.58
C GLU O 140 -53.02 -55.41 -27.52
N VAL O 141 -52.84 -54.77 -28.67
CA VAL O 141 -52.53 -53.35 -28.65
C VAL O 141 -53.79 -52.55 -28.95
N GLY O 142 -54.94 -53.12 -28.64
CA GLY O 142 -56.16 -52.37 -28.52
C GLY O 142 -57.05 -52.46 -29.73
N TRP O 143 -58.01 -53.37 -29.68
CA TRP O 143 -58.99 -53.53 -30.75
C TRP O 143 -60.16 -54.25 -30.09
N LYS O 144 -61.19 -53.49 -29.76
CA LYS O 144 -62.18 -53.93 -28.80
C LYS O 144 -63.21 -54.86 -29.37
N TYR O 145 -62.88 -55.60 -30.44
CA TYR O 145 -63.92 -56.35 -31.14
C TYR O 145 -63.52 -57.79 -31.41
N GLN O 146 -62.57 -58.33 -30.65
CA GLN O 146 -62.15 -59.72 -30.88
C GLN O 146 -63.33 -60.67 -30.71
N ALA O 147 -64.05 -60.55 -29.60
CA ALA O 147 -65.19 -61.43 -29.37
C ALA O 147 -66.24 -61.26 -30.45
N VAL O 148 -66.55 -60.02 -30.80
CA VAL O 148 -67.63 -59.77 -31.75
C VAL O 148 -67.30 -60.41 -33.09
N THR O 149 -66.10 -60.14 -33.60
CA THR O 149 -65.76 -60.67 -34.92
C THR O 149 -65.71 -62.19 -34.90
N ALA O 150 -65.14 -62.77 -33.84
CA ALA O 150 -65.08 -64.22 -33.77
C ALA O 150 -66.47 -64.82 -33.82
N THR O 151 -67.40 -64.28 -33.01
CA THR O 151 -68.74 -64.83 -32.97
C THR O 151 -69.46 -64.67 -34.30
N LEU O 152 -69.36 -63.49 -34.92
CA LEU O 152 -70.05 -63.29 -36.19
C LEU O 152 -69.52 -64.23 -37.26
N GLU O 153 -68.19 -64.39 -37.33
CA GLU O 153 -67.65 -65.27 -38.36
C GLU O 153 -68.06 -66.71 -38.11
N GLU O 154 -67.96 -67.17 -36.86
CA GLU O 154 -68.30 -68.55 -36.58
C GLU O 154 -69.80 -68.79 -36.72
N LYS O 155 -70.62 -67.75 -36.68
CA LYS O 155 -72.01 -67.93 -37.05
C LYS O 155 -72.17 -68.05 -38.56
N ARG O 156 -71.42 -67.25 -39.32
CA ARG O 156 -71.38 -67.48 -40.76
C ARG O 156 -71.04 -68.92 -41.07
N LYS O 157 -70.09 -69.49 -40.33
CA LYS O 157 -69.56 -70.76 -40.75
C LYS O 157 -70.66 -71.81 -40.70
N GLU O 158 -71.48 -71.74 -39.65
CA GLU O 158 -72.62 -72.61 -39.52
C GLU O 158 -73.67 -72.30 -40.57
N LYS O 159 -73.78 -71.05 -40.99
CA LYS O 159 -74.65 -70.75 -42.12
C LYS O 159 -74.17 -71.47 -43.38
N ALA O 160 -72.85 -71.50 -43.59
CA ALA O 160 -72.30 -71.91 -44.88
C ALA O 160 -72.14 -73.42 -44.98
N LYS O 161 -71.98 -74.10 -43.85
CA LYS O 161 -71.80 -75.54 -43.90
C LYS O 161 -72.99 -76.22 -44.57
N ILE O 162 -74.21 -75.72 -44.32
CA ILE O 162 -75.38 -76.35 -44.93
C ILE O 162 -75.40 -76.11 -46.43
N HIS O 163 -74.97 -74.92 -46.88
CA HIS O 163 -74.80 -74.70 -48.30
C HIS O 163 -73.85 -75.73 -48.90
N TYR O 164 -72.69 -75.89 -48.27
CA TYR O 164 -71.74 -76.89 -48.74
C TYR O 164 -72.37 -78.28 -48.74
N ARG O 165 -73.22 -78.57 -47.76
CA ARG O 165 -73.84 -79.88 -47.67
C ARG O 165 -74.79 -80.12 -48.84
N LYS O 166 -75.65 -79.14 -49.12
CA LYS O 166 -76.52 -79.29 -50.27
C LYS O 166 -75.72 -79.36 -51.55
N LYS O 167 -74.57 -78.70 -51.58
CA LYS O 167 -73.68 -78.81 -52.73
C LYS O 167 -73.21 -80.25 -52.90
N LYS O 168 -72.77 -80.87 -51.81
CA LYS O 168 -72.39 -82.28 -51.87
C LYS O 168 -73.52 -83.11 -52.43
N GLN O 169 -74.73 -82.93 -51.90
CA GLN O 169 -75.84 -83.75 -52.36
C GLN O 169 -76.12 -83.52 -53.84
N LEU O 170 -75.99 -82.27 -54.29
CA LEU O 170 -76.26 -81.99 -55.69
C LEU O 170 -75.21 -82.60 -56.59
N MET O 171 -73.95 -82.59 -56.16
CA MET O 171 -72.91 -83.23 -56.96
C MET O 171 -73.14 -84.72 -57.03
N ARG O 172 -73.57 -85.32 -55.93
CA ARG O 172 -73.91 -86.73 -55.96
C ARG O 172 -75.07 -87.00 -56.91
N LEU O 173 -76.07 -86.13 -56.90
CA LEU O 173 -77.21 -86.30 -57.80
C LEU O 173 -76.77 -86.17 -59.25
N ARG O 174 -75.82 -85.28 -59.53
CA ARG O 174 -75.26 -85.20 -60.87
C ARG O 174 -74.59 -86.51 -61.26
N LYS O 175 -73.79 -87.07 -60.36
CA LYS O 175 -73.16 -88.36 -60.65
C LYS O 175 -74.22 -89.41 -60.99
N GLN O 176 -75.26 -89.49 -60.15
CA GLN O 176 -76.30 -90.49 -60.35
C GLN O 176 -77.03 -90.28 -61.67
N ALA O 177 -77.38 -89.04 -61.97
CA ALA O 177 -78.08 -88.75 -63.21
C ALA O 177 -77.25 -89.13 -64.42
N GLU O 178 -75.95 -88.81 -64.40
CA GLU O 178 -75.10 -89.19 -65.50
C GLU O 178 -75.09 -90.70 -65.67
N LYS O 179 -74.86 -91.42 -64.58
CA LYS O 179 -74.81 -92.87 -64.69
C LYS O 179 -76.16 -93.47 -65.05
N ASN O 180 -77.24 -92.73 -64.84
CA ASN O 180 -78.58 -93.25 -65.09
C ASN O 180 -79.11 -92.91 -66.46
N VAL O 181 -78.59 -91.89 -67.11
CA VAL O 181 -79.03 -91.55 -68.46
C VAL O 181 -77.91 -91.74 -69.48
N GLU O 182 -76.78 -92.30 -69.07
CA GLU O 182 -75.69 -92.55 -70.02
C GLU O 182 -76.00 -93.81 -70.80
N LYS O 183 -77.11 -93.80 -71.53
CA LYS O 183 -77.24 -94.65 -72.70
C LYS O 183 -77.47 -93.78 -73.93
N LYS O 184 -77.72 -92.49 -73.74
CA LYS O 184 -77.93 -91.59 -74.86
C LYS O 184 -76.86 -90.53 -74.99
N ILE O 185 -75.96 -90.37 -74.03
CA ILE O 185 -74.91 -89.38 -74.13
C ILE O 185 -73.58 -89.96 -74.55
N SER O 186 -73.51 -91.28 -74.78
CA SER O 186 -72.24 -91.89 -75.14
C SER O 186 -71.68 -91.27 -76.42
N LYS O 187 -72.55 -90.87 -77.35
CA LYS O 187 -72.09 -90.11 -78.50
C LYS O 187 -71.41 -88.82 -78.04
N PHE O 188 -72.02 -88.15 -77.07
CA PHE O 188 -71.44 -86.94 -76.53
C PHE O 188 -70.28 -87.26 -75.61
N THR O 189 -70.36 -88.38 -74.89
CA THR O 189 -69.24 -88.82 -74.04
C THR O 189 -68.02 -89.14 -74.89
N ASP O 190 -68.23 -89.36 -76.19
CA ASP O 190 -67.12 -89.52 -77.10
C ASP O 190 -66.40 -88.21 -77.31
N VAL O 191 -67.08 -87.23 -77.91
CA VAL O 191 -66.47 -86.02 -78.44
C VAL O 191 -65.91 -85.13 -77.34
N LEU O 192 -65.98 -85.58 -76.09
CA LEU O 192 -65.32 -84.88 -75.00
C LEU O 192 -63.95 -85.49 -74.71
N LYS O 193 -63.91 -86.79 -74.41
CA LYS O 193 -62.64 -87.47 -74.21
C LYS O 193 -61.85 -87.59 -75.50
N THR O 194 -62.48 -87.38 -76.65
CA THR O 194 -61.77 -87.36 -77.91
C THR O 194 -60.84 -86.16 -78.00
N HIS O 195 -61.28 -85.00 -77.52
CA HIS O 195 -60.46 -83.81 -77.49
C HIS O 195 -59.85 -83.57 -76.12
N GLY O 196 -60.06 -84.48 -75.18
CA GLY O 196 -59.21 -84.58 -74.02
C GLY O 196 -59.74 -84.01 -72.72
N LEU O 197 -61.00 -84.26 -72.41
CA LEU O 197 -61.59 -83.76 -71.18
C LEU O 197 -62.15 -84.93 -70.38
N LEU O 198 -62.54 -84.63 -69.14
CA LEU O 198 -63.18 -85.58 -68.23
C LEU O 198 -62.29 -86.73 -67.83
N VAL O 199 -61.03 -86.74 -68.25
CA VAL O 199 -60.12 -87.82 -67.88
C VAL O 199 -58.74 -87.27 -67.54
N SER P 1 -72.62 -60.03 -82.67
CA SER P 1 -71.33 -60.70 -82.77
C SER P 1 -70.56 -60.60 -81.45
N GLY P 2 -69.25 -60.41 -81.54
CA GLY P 2 -68.41 -60.36 -80.36
C GLY P 2 -67.18 -59.49 -80.57
N ARG P 3 -66.40 -59.36 -79.51
CA ARG P 3 -65.17 -58.59 -79.56
C ARG P 3 -64.09 -59.39 -80.27
N LEU P 4 -63.15 -58.67 -80.87
CA LEU P 4 -62.05 -59.30 -81.59
C LEU P 4 -60.69 -58.77 -81.17
N TRP P 5 -60.62 -57.97 -80.12
CA TRP P 5 -59.36 -57.40 -79.68
C TRP P 5 -58.99 -57.96 -78.33
N CYS P 6 -57.74 -58.34 -78.16
CA CYS P 6 -57.26 -58.68 -76.84
C CYS P 6 -57.27 -57.44 -75.96
N LYS P 7 -57.61 -57.64 -74.69
CA LYS P 7 -57.58 -56.58 -73.71
C LYS P 7 -56.13 -56.22 -73.41
N ALA P 8 -55.90 -54.98 -73.00
CA ALA P 8 -54.57 -54.55 -72.62
C ALA P 8 -54.69 -53.50 -71.54
N ILE P 9 -53.74 -53.48 -70.62
CA ILE P 9 -53.71 -52.47 -69.58
C ILE P 9 -52.54 -51.54 -69.86
N PHE P 10 -52.86 -50.31 -70.25
CA PHE P 10 -51.84 -49.28 -70.34
C PHE P 10 -51.27 -49.03 -68.97
N ALA P 11 -49.95 -49.15 -68.82
CA ALA P 11 -49.38 -49.28 -67.48
C ALA P 11 -48.29 -48.28 -67.14
N GLY P 12 -47.70 -47.60 -68.10
CA GLY P 12 -46.62 -46.70 -67.77
C GLY P 12 -45.95 -46.17 -69.02
N TYR P 13 -44.69 -45.82 -68.86
CA TYR P 13 -43.87 -45.27 -69.93
C TYR P 13 -42.44 -45.77 -69.76
N LYS P 14 -41.77 -45.97 -70.89
CA LYS P 14 -40.34 -46.21 -70.86
C LYS P 14 -39.66 -45.08 -70.09
N ARG P 15 -39.10 -45.41 -68.94
CA ARG P 15 -38.52 -44.38 -68.08
C ARG P 15 -37.34 -44.99 -67.35
N GLY P 16 -36.29 -44.18 -67.16
CA GLY P 16 -35.20 -44.71 -66.38
C GLY P 16 -35.57 -44.81 -64.91
N LEU P 17 -35.44 -43.74 -64.14
CA LEU P 17 -36.19 -43.61 -62.90
C LEU P 17 -36.69 -42.20 -62.67
N ARG P 18 -36.01 -41.21 -63.23
CA ARG P 18 -36.39 -39.83 -63.10
C ARG P 18 -36.49 -39.15 -64.45
N ASN P 19 -36.38 -39.89 -65.54
CA ASN P 19 -36.62 -39.37 -66.86
C ASN P 19 -37.75 -40.19 -67.46
N GLN P 20 -38.80 -39.52 -67.90
CA GLN P 20 -39.93 -40.22 -68.50
C GLN P 20 -40.02 -39.86 -69.97
N ARG P 21 -40.04 -40.88 -70.82
CA ARG P 21 -40.25 -40.74 -72.25
C ARG P 21 -41.71 -41.03 -72.58
N GLU P 22 -42.33 -40.13 -73.34
CA GLU P 22 -43.73 -40.25 -73.72
C GLU P 22 -43.91 -40.83 -75.11
N HIS P 23 -42.85 -41.20 -75.80
CA HIS P 23 -42.98 -41.74 -77.14
C HIS P 23 -42.91 -43.25 -77.16
N THR P 24 -42.93 -43.91 -76.02
CA THR P 24 -42.87 -45.37 -75.97
C THR P 24 -43.67 -45.84 -74.76
N ALA P 25 -44.94 -46.15 -74.97
CA ALA P 25 -45.81 -46.59 -73.90
C ALA P 25 -45.55 -48.05 -73.56
N LEU P 26 -45.92 -48.44 -72.35
CA LEU P 26 -45.82 -49.82 -71.91
C LEU P 26 -47.23 -50.38 -71.70
N LEU P 27 -47.48 -51.53 -72.28
CA LEU P 27 -48.73 -52.24 -72.11
C LEU P 27 -48.46 -53.53 -71.35
N LYS P 28 -49.48 -53.99 -70.64
CA LYS P 28 -49.49 -55.34 -70.09
C LYS P 28 -50.69 -56.03 -70.68
N ILE P 29 -50.44 -57.00 -71.55
CA ILE P 29 -51.53 -57.68 -72.23
C ILE P 29 -52.07 -58.75 -71.31
N GLU P 30 -53.29 -58.58 -70.83
CA GLU P 30 -53.94 -59.68 -70.15
C GLU P 30 -53.96 -60.89 -71.07
N GLY P 31 -53.37 -61.98 -70.59
CA GLY P 31 -53.19 -63.19 -71.35
C GLY P 31 -51.75 -63.63 -71.46
N VAL P 32 -50.83 -62.71 -71.70
CA VAL P 32 -49.42 -63.02 -71.67
C VAL P 32 -48.91 -62.74 -70.27
N TYR P 33 -48.29 -63.74 -69.66
CA TYR P 33 -47.85 -63.57 -68.29
C TYR P 33 -46.40 -64.01 -68.13
N ALA P 34 -45.63 -64.03 -69.22
CA ALA P 34 -44.21 -64.30 -69.21
C ALA P 34 -43.66 -64.03 -70.60
N ARG P 35 -42.43 -63.53 -70.67
CA ARG P 35 -41.76 -63.35 -71.94
C ARG P 35 -41.73 -64.67 -72.70
N ASP P 36 -41.49 -64.57 -74.01
CA ASP P 36 -41.55 -65.65 -74.97
C ASP P 36 -42.99 -66.04 -75.23
N GLU P 37 -43.93 -65.14 -74.93
CA GLU P 37 -45.30 -65.26 -75.39
C GLU P 37 -45.70 -64.06 -76.22
N THR P 38 -44.89 -63.01 -76.21
CA THR P 38 -45.07 -61.87 -77.08
C THR P 38 -45.00 -62.20 -78.55
N GLU P 39 -44.24 -63.23 -78.92
CA GLU P 39 -43.92 -63.49 -80.33
C GLU P 39 -45.16 -63.57 -81.21
N PHE P 40 -46.36 -63.61 -80.63
CA PHE P 40 -47.56 -63.48 -81.44
C PHE P 40 -47.96 -62.03 -81.62
N TYR P 41 -47.77 -61.19 -80.62
CA TYR P 41 -48.32 -59.84 -80.69
C TYR P 41 -47.41 -58.86 -81.40
N LEU P 42 -46.11 -59.14 -81.51
CA LEU P 42 -45.18 -58.18 -82.07
C LEU P 42 -45.69 -57.67 -83.40
N GLY P 43 -45.92 -56.36 -83.47
CA GLY P 43 -46.43 -55.73 -84.65
C GLY P 43 -47.94 -55.71 -84.76
N LYS P 44 -48.66 -56.16 -83.74
CA LYS P 44 -50.11 -56.06 -83.77
C LYS P 44 -50.54 -54.62 -83.57
N ARG P 45 -51.50 -54.19 -84.36
CA ARG P 45 -52.03 -52.84 -84.24
C ARG P 45 -52.82 -52.72 -82.95
N CYS P 46 -52.74 -51.56 -82.31
CA CYS P 46 -53.39 -51.33 -81.03
C CYS P 46 -53.89 -49.91 -80.94
N ALA P 47 -55.02 -49.74 -80.27
CA ALA P 47 -55.74 -48.48 -80.25
C ALA P 47 -56.14 -48.11 -78.83
N TYR P 48 -56.15 -46.81 -78.59
CA TYR P 48 -56.75 -46.20 -77.41
C TYR P 48 -58.08 -45.64 -77.85
N VAL P 49 -59.12 -45.82 -77.03
CA VAL P 49 -60.47 -45.44 -77.40
C VAL P 49 -61.14 -44.76 -76.22
N TYR P 50 -61.90 -43.71 -76.48
CA TYR P 50 -62.52 -42.97 -75.38
C TYR P 50 -63.61 -42.06 -75.93
N LYS P 51 -64.17 -41.23 -75.06
CA LYS P 51 -65.28 -40.34 -75.40
C LYS P 51 -64.91 -38.90 -75.07
N ALA P 52 -65.75 -37.97 -75.53
CA ALA P 52 -65.49 -36.56 -75.32
C ALA P 52 -66.77 -35.76 -75.55
N LYS P 53 -66.73 -34.49 -75.15
CA LYS P 53 -67.90 -33.62 -75.27
C LYS P 53 -68.33 -33.47 -76.72
N ASN P 54 -67.50 -32.82 -77.53
CA ASN P 54 -67.85 -32.58 -78.92
C ASN P 54 -67.81 -33.88 -79.71
N ASN P 55 -68.55 -33.89 -80.81
CA ASN P 55 -68.65 -35.08 -81.63
C ASN P 55 -67.38 -35.25 -82.47
N THR P 56 -67.39 -36.25 -83.34
CA THR P 56 -66.36 -36.46 -84.34
C THR P 56 -67.06 -36.92 -85.60
N VAL P 57 -66.29 -37.50 -86.51
CA VAL P 57 -66.85 -38.29 -87.58
C VAL P 57 -66.24 -39.69 -87.46
N THR P 58 -66.97 -40.69 -87.97
CA THR P 58 -66.61 -42.09 -87.77
C THR P 58 -66.68 -42.77 -89.12
N PRO P 59 -65.61 -43.45 -89.55
CA PRO P 59 -65.62 -44.05 -90.88
C PRO P 59 -66.74 -45.06 -91.01
N GLY P 60 -67.35 -45.11 -92.18
CA GLY P 60 -68.45 -46.00 -92.43
C GLY P 60 -69.65 -45.80 -91.52
N GLY P 61 -69.82 -44.60 -90.97
CA GLY P 61 -70.93 -44.36 -90.08
C GLY P 61 -71.20 -42.89 -89.86
N LYS P 62 -72.23 -42.62 -89.07
CA LYS P 62 -72.63 -41.30 -88.64
C LYS P 62 -71.77 -40.83 -87.48
N PRO P 63 -71.73 -39.52 -87.22
CA PRO P 63 -70.87 -39.01 -86.15
C PRO P 63 -71.23 -39.58 -84.79
N ASN P 64 -70.20 -39.95 -84.03
CA ASN P 64 -70.36 -40.49 -82.68
C ASN P 64 -69.28 -39.93 -81.79
N LYS P 65 -69.54 -39.95 -80.49
CA LYS P 65 -68.72 -39.28 -79.49
C LYS P 65 -67.45 -40.02 -79.18
N THR P 66 -67.01 -40.94 -80.02
CA THR P 66 -65.83 -41.74 -79.73
C THR P 66 -64.63 -41.22 -80.51
N ARG P 67 -63.46 -41.31 -79.88
CA ARG P 67 -62.20 -40.96 -80.50
C ARG P 67 -61.19 -42.06 -80.22
N VAL P 68 -60.22 -42.21 -81.12
CA VAL P 68 -59.22 -43.25 -81.00
C VAL P 68 -57.84 -42.70 -81.35
N ILE P 69 -56.85 -43.09 -80.56
CA ILE P 69 -55.45 -42.80 -80.79
C ILE P 69 -54.81 -44.10 -81.25
N TRP P 70 -54.34 -44.13 -82.50
CA TRP P 70 -53.87 -45.37 -83.09
C TRP P 70 -52.46 -45.69 -82.59
N GLY P 71 -51.98 -46.86 -82.96
CA GLY P 71 -50.58 -47.17 -82.73
C GLY P 71 -50.34 -48.66 -82.93
N LYS P 72 -49.15 -49.11 -82.54
CA LYS P 72 -48.85 -50.52 -82.68
C LYS P 72 -47.84 -50.98 -81.65
N VAL P 73 -47.91 -52.28 -81.33
CA VAL P 73 -46.88 -52.91 -80.53
C VAL P 73 -45.59 -52.96 -81.33
N THR P 74 -44.45 -52.84 -80.66
CA THR P 74 -43.17 -52.78 -81.36
C THR P 74 -42.22 -53.88 -80.96
N ARG P 75 -42.03 -54.12 -79.66
CA ARG P 75 -41.03 -55.08 -79.24
C ARG P 75 -41.35 -55.55 -77.84
N ALA P 76 -40.79 -56.70 -77.48
CA ALA P 76 -41.00 -57.22 -76.14
C ALA P 76 -40.20 -56.41 -75.12
N HIS P 77 -40.56 -56.54 -73.86
CA HIS P 77 -40.01 -55.68 -72.82
C HIS P 77 -40.12 -56.37 -71.47
N GLY P 78 -39.00 -56.83 -70.93
CA GLY P 78 -38.97 -57.42 -69.62
C GLY P 78 -39.26 -58.91 -69.64
N ASN P 79 -38.88 -59.58 -68.56
CA ASN P 79 -39.09 -61.01 -68.40
C ASN P 79 -40.51 -61.36 -68.03
N SER P 80 -41.32 -60.39 -67.62
CA SER P 80 -42.65 -60.68 -67.12
C SER P 80 -43.70 -60.69 -68.22
N GLY P 81 -43.45 -60.06 -69.35
CA GLY P 81 -44.40 -60.05 -70.43
C GLY P 81 -44.88 -58.69 -70.85
N MET P 82 -44.43 -57.63 -70.18
CA MET P 82 -44.74 -56.28 -70.64
C MET P 82 -44.32 -56.12 -72.09
N VAL P 83 -45.00 -55.20 -72.80
CA VAL P 83 -44.63 -54.92 -74.18
C VAL P 83 -44.51 -53.42 -74.37
N ARG P 84 -43.66 -53.03 -75.31
CA ARG P 84 -43.55 -51.63 -75.69
C ARG P 84 -44.43 -51.38 -76.91
N ALA P 85 -45.09 -50.23 -76.92
CA ALA P 85 -45.89 -49.88 -78.08
C ALA P 85 -45.78 -48.38 -78.31
N LYS P 86 -45.76 -48.00 -79.57
CA LYS P 86 -45.70 -46.60 -79.93
C LYS P 86 -47.00 -46.21 -80.59
N PHE P 87 -47.55 -45.08 -80.18
CA PHE P 87 -48.82 -44.61 -80.73
C PHE P 87 -48.58 -43.35 -81.56
N ARG P 88 -49.52 -43.07 -82.45
CA ARG P 88 -49.41 -41.93 -83.34
C ARG P 88 -49.57 -40.60 -82.62
N SER P 89 -49.61 -40.63 -81.30
CA SER P 89 -49.56 -39.42 -80.48
C SER P 89 -49.25 -39.85 -79.06
N ASN P 90 -48.41 -39.06 -78.38
CA ASN P 90 -48.03 -39.41 -77.02
C ASN P 90 -49.29 -39.55 -76.17
N LEU P 91 -49.36 -40.63 -75.40
CA LEU P 91 -50.60 -40.95 -74.72
C LEU P 91 -50.96 -39.92 -73.65
N PRO P 92 -52.25 -39.63 -73.47
CA PRO P 92 -52.65 -38.46 -72.69
C PRO P 92 -52.46 -38.59 -71.19
N ALA P 93 -51.90 -39.69 -70.70
CA ALA P 93 -51.40 -39.76 -69.34
C ALA P 93 -52.50 -39.65 -68.29
N LYS P 94 -53.74 -39.41 -68.71
CA LYS P 94 -54.87 -39.56 -67.83
C LYS P 94 -55.25 -41.01 -67.65
N ALA P 95 -54.70 -41.88 -68.47
CA ALA P 95 -55.16 -43.26 -68.60
C ALA P 95 -54.16 -44.28 -68.09
N ILE P 96 -53.09 -43.88 -67.42
CA ILE P 96 -52.17 -44.87 -66.91
C ILE P 96 -52.92 -45.69 -65.86
N GLY P 97 -53.26 -46.91 -66.21
CA GLY P 97 -54.24 -47.68 -65.49
C GLY P 97 -55.55 -47.94 -66.21
N HIS P 98 -55.63 -47.64 -67.49
CA HIS P 98 -56.85 -47.81 -68.27
C HIS P 98 -56.61 -48.84 -69.37
N ARG P 99 -57.59 -48.95 -70.26
CA ARG P 99 -57.71 -50.05 -71.20
C ARG P 99 -57.26 -49.67 -72.61
N ILE P 100 -56.62 -50.62 -73.27
CA ILE P 100 -56.14 -50.48 -74.64
C ILE P 100 -56.60 -51.71 -75.41
N ARG P 101 -57.11 -51.52 -76.62
CA ARG P 101 -57.47 -52.66 -77.44
C ARG P 101 -56.28 -53.04 -78.30
N VAL P 102 -55.82 -54.28 -78.19
CA VAL P 102 -54.74 -54.77 -79.03
C VAL P 102 -55.36 -55.75 -80.01
N MET P 103 -55.53 -55.33 -81.25
CA MET P 103 -56.35 -56.10 -82.15
C MET P 103 -55.51 -57.16 -82.86
N LEU P 104 -56.09 -57.73 -83.90
CA LEU P 104 -55.42 -58.72 -84.73
C LEU P 104 -55.44 -58.27 -86.19
N TYR P 105 -55.12 -57.01 -86.45
CA TYR P 105 -55.14 -56.54 -87.84
C TYR P 105 -53.95 -57.06 -88.63
N PRO P 106 -52.69 -56.75 -88.29
CA PRO P 106 -51.60 -57.46 -88.96
C PRO P 106 -51.44 -58.83 -88.35
N SER P 107 -51.90 -59.87 -89.03
CA SER P 107 -51.86 -61.23 -88.49
C SER P 107 -50.89 -62.04 -89.32
N ARG P 108 -49.70 -62.26 -88.77
CA ARG P 108 -48.60 -62.95 -89.42
C ARG P 108 -48.63 -64.44 -89.17
N ILE P 109 -49.82 -64.99 -88.95
CA ILE P 109 -49.98 -66.43 -88.99
C ILE P 109 -50.25 -66.80 -90.44
N VAL Q 1 -68.36 40.57 -4.72
CA VAL Q 1 -67.38 41.63 -4.61
C VAL Q 1 -66.74 41.88 -5.96
N GLN Q 2 -66.51 43.17 -6.25
CA GLN Q 2 -66.00 43.55 -7.56
C GLN Q 2 -64.49 43.34 -7.62
N ARG Q 3 -64.05 42.53 -8.57
CA ARG Q 3 -62.66 42.51 -8.95
C ARG Q 3 -62.46 43.54 -10.05
N LEU Q 4 -61.37 44.29 -9.95
CA LEU Q 4 -61.20 45.48 -10.76
C LEU Q 4 -60.16 45.25 -11.85
N THR Q 5 -59.98 46.26 -12.69
CA THR Q 5 -59.05 46.17 -13.82
C THR Q 5 -58.29 47.48 -13.97
N TYR Q 6 -57.00 47.36 -14.26
CA TYR Q 6 -56.20 48.54 -14.56
C TYR Q 6 -56.81 49.28 -15.74
N ARG Q 7 -56.87 50.60 -15.62
CA ARG Q 7 -57.53 51.41 -16.63
C ARG Q 7 -56.60 51.97 -17.69
N ARG Q 8 -55.30 51.70 -17.61
CA ARG Q 8 -54.36 52.13 -18.63
C ARG Q 8 -53.62 50.94 -19.20
N ARG Q 9 -52.75 51.21 -20.16
CA ARG Q 9 -52.15 50.15 -20.95
C ARG Q 9 -51.30 49.20 -20.14
N LEU Q 10 -50.67 49.67 -19.07
CA LEU Q 10 -49.89 48.76 -18.26
C LEU Q 10 -50.78 47.70 -17.67
N SER Q 11 -50.18 46.57 -17.33
CA SER Q 11 -50.81 45.61 -16.43
C SER Q 11 -49.79 45.06 -15.47
N TYR Q 12 -48.69 45.77 -15.29
CA TYR Q 12 -47.63 45.40 -14.37
C TYR Q 12 -47.81 46.17 -13.08
N ASN Q 13 -46.91 45.94 -12.14
CA ASN Q 13 -46.81 46.82 -10.97
C ASN Q 13 -45.49 47.55 -11.04
N THR Q 14 -45.51 48.84 -10.76
CA THR Q 14 -44.30 49.65 -10.80
C THR Q 14 -44.42 50.72 -9.72
N ALA Q 15 -43.66 51.80 -9.88
CA ALA Q 15 -43.86 52.98 -9.08
C ALA Q 15 -44.73 54.02 -9.77
N SER Q 16 -44.70 54.09 -11.10
CA SER Q 16 -45.51 55.03 -11.85
C SER Q 16 -46.90 54.50 -12.14
N ASN Q 17 -47.25 53.35 -11.57
CA ASN Q 17 -48.54 52.72 -11.81
C ASN Q 17 -49.15 52.44 -10.45
N LYS Q 18 -49.76 53.46 -9.86
CA LYS Q 18 -50.09 53.37 -8.45
C LYS Q 18 -51.50 53.94 -8.30
N THR Q 19 -52.27 53.37 -7.38
CA THR Q 19 -53.72 53.42 -7.51
C THR Q 19 -54.41 53.82 -6.22
N ARG Q 20 -55.61 54.38 -6.39
CA ARG Q 20 -56.53 54.69 -5.30
C ARG Q 20 -57.92 54.29 -5.75
N LEU Q 21 -58.74 53.82 -4.82
CA LEU Q 21 -60.08 53.36 -5.15
C LEU Q 21 -61.10 54.44 -4.82
N SER Q 22 -62.14 54.55 -5.64
CA SER Q 22 -63.18 55.55 -5.36
C SER Q 22 -64.49 55.09 -5.97
N ARG Q 23 -65.56 55.79 -5.62
CA ARG Q 23 -66.91 55.45 -6.06
C ARG Q 23 -67.47 56.58 -6.90
N THR Q 24 -67.94 56.25 -8.10
CA THR Q 24 -68.56 57.21 -8.97
C THR Q 24 -69.93 57.59 -8.43
N PRO Q 25 -70.60 58.56 -9.03
CA PRO Q 25 -72.02 58.74 -8.73
C PRO Q 25 -72.86 57.53 -9.04
N GLY Q 26 -72.56 56.80 -10.12
CA GLY Q 26 -73.42 55.73 -10.56
C GLY Q 26 -73.26 54.43 -9.80
N ASN Q 27 -72.70 54.52 -8.60
CA ASN Q 27 -72.41 53.36 -7.75
C ASN Q 27 -71.59 52.32 -8.52
N ARG Q 28 -70.37 52.71 -8.84
CA ARG Q 28 -69.40 51.84 -9.47
C ARG Q 28 -68.05 52.12 -8.82
N ILE Q 29 -67.33 51.07 -8.47
CA ILE Q 29 -66.01 51.20 -7.87
C ILE Q 29 -65.00 51.27 -8.98
N VAL Q 30 -64.18 52.33 -8.98
CA VAL Q 30 -63.21 52.54 -10.05
C VAL Q 30 -61.86 52.86 -9.46
N TYR Q 31 -60.83 52.61 -10.26
CA TYR Q 31 -59.48 53.02 -9.92
C TYR Q 31 -59.27 54.49 -10.23
N LEU Q 32 -58.20 55.04 -9.69
CA LEU Q 32 -57.78 56.41 -9.95
C LEU Q 32 -56.30 56.47 -9.65
N TYR Q 33 -55.49 56.65 -10.67
CA TYR Q 33 -54.05 56.69 -10.45
C TYR Q 33 -53.67 58.01 -9.79
N THR Q 34 -52.78 57.93 -8.81
CA THR Q 34 -52.45 59.08 -7.99
C THR Q 34 -51.05 59.57 -8.31
N LYS Q 35 -50.76 60.80 -7.90
CA LYS Q 35 -49.45 61.38 -8.09
C LYS Q 35 -48.59 61.10 -6.87
N LYS Q 36 -47.52 60.34 -7.06
CA LYS Q 36 -46.69 59.91 -5.93
C LYS Q 36 -46.15 61.11 -5.18
N VAL Q 37 -46.26 61.06 -3.85
CA VAL Q 37 -45.90 62.24 -3.07
C VAL Q 37 -44.39 62.40 -3.04
N GLY Q 38 -43.95 63.58 -2.62
CA GLY Q 38 -42.53 63.87 -2.56
C GLY Q 38 -42.06 64.29 -1.19
N LYS Q 39 -41.13 65.24 -1.15
CA LYS Q 39 -40.59 65.72 0.10
C LYS Q 39 -40.39 67.22 0.02
N ALA Q 40 -40.60 67.89 1.15
CA ALA Q 40 -40.27 69.29 1.23
C ALA Q 40 -38.76 69.45 1.19
N PRO Q 41 -38.27 70.63 0.77
CA PRO Q 41 -36.82 70.84 0.71
C PRO Q 41 -36.16 70.57 2.05
N LYS Q 42 -34.84 70.39 2.04
CA LYS Q 42 -34.15 69.93 3.23
C LYS Q 42 -32.93 70.80 3.54
N SER Q 43 -32.14 70.32 4.49
CA SER Q 43 -31.10 71.09 5.12
C SER Q 43 -30.06 71.55 4.12
N ALA Q 44 -30.01 72.84 3.84
CA ALA Q 44 -28.94 73.31 3.00
C ALA Q 44 -27.64 73.46 3.76
N CYS Q 45 -27.61 73.05 5.02
CA CYS Q 45 -26.35 72.92 5.73
C CYS Q 45 -25.83 71.49 5.71
N GLY Q 46 -26.69 70.52 5.40
CA GLY Q 46 -26.25 69.15 5.24
C GLY Q 46 -25.91 68.41 6.50
N VAL Q 47 -26.26 68.94 7.67
CA VAL Q 47 -26.08 68.20 8.92
C VAL Q 47 -27.39 68.03 9.68
N CYS Q 48 -28.34 68.94 9.53
CA CYS Q 48 -29.55 68.89 10.33
C CYS Q 48 -30.43 67.75 9.83
N PRO Q 49 -30.70 66.73 10.64
CA PRO Q 49 -31.45 65.55 10.14
C PRO Q 49 -32.84 65.85 9.65
N GLY Q 50 -33.48 66.90 10.16
CA GLY Q 50 -34.85 67.19 9.80
C GLY Q 50 -34.97 67.68 8.37
N ARG Q 51 -36.22 67.72 7.91
CA ARG Q 51 -36.55 68.32 6.62
C ARG Q 51 -37.49 69.49 6.87
N LEU Q 52 -37.48 70.43 5.93
CA LEU Q 52 -37.95 71.78 6.19
C LEU Q 52 -39.39 71.83 6.64
N ARG Q 53 -39.63 72.59 7.71
CA ARG Q 53 -40.98 72.91 8.18
C ARG Q 53 -41.43 74.28 7.72
N GLY Q 54 -41.30 74.63 6.45
CA GLY Q 54 -41.87 75.89 6.05
C GLY Q 54 -42.53 75.91 4.69
N VAL Q 55 -42.38 74.84 3.93
CA VAL Q 55 -42.58 74.89 2.49
C VAL Q 55 -43.48 73.74 2.06
N ARG Q 56 -44.39 74.02 1.13
CA ARG Q 56 -45.22 72.97 0.56
C ARG Q 56 -44.37 71.87 -0.03
N ALA Q 57 -44.74 70.62 0.25
CA ALA Q 57 -44.05 69.46 -0.29
C ALA Q 57 -44.88 68.88 -1.42
N VAL Q 58 -44.36 68.96 -2.64
CA VAL Q 58 -45.08 68.57 -3.83
C VAL Q 58 -44.05 68.08 -4.84
N ARG Q 59 -44.51 67.51 -5.94
CA ARG Q 59 -43.60 67.09 -6.99
C ARG Q 59 -42.85 68.30 -7.52
N PRO Q 60 -41.54 68.22 -7.71
CA PRO Q 60 -40.77 69.43 -8.05
C PRO Q 60 -41.19 70.06 -9.35
N LYS Q 61 -41.88 69.33 -10.21
CA LYS Q 61 -42.38 69.94 -11.44
C LYS Q 61 -43.66 70.72 -11.22
N VAL Q 62 -44.29 70.57 -10.06
CA VAL Q 62 -45.53 71.31 -9.79
C VAL Q 62 -45.23 72.76 -9.50
N LEU Q 63 -44.01 73.07 -9.07
CA LEU Q 63 -43.71 74.42 -8.61
C LEU Q 63 -43.90 75.47 -9.69
N MET Q 64 -44.02 75.09 -10.95
CA MET Q 64 -44.21 76.12 -11.98
C MET Q 64 -45.53 76.85 -11.86
N ARG Q 65 -46.47 76.37 -11.06
CA ARG Q 65 -47.74 77.06 -10.89
C ARG Q 65 -48.03 77.47 -9.46
N LEU Q 66 -47.34 76.91 -8.47
CA LEU Q 66 -47.62 77.24 -7.08
C LEU Q 66 -47.25 78.69 -6.79
N SER Q 67 -48.00 79.30 -5.88
CA SER Q 67 -47.80 80.70 -5.54
C SER Q 67 -46.40 80.92 -4.96
N LYS Q 68 -45.84 82.08 -5.25
CA LYS Q 68 -44.54 82.45 -4.69
C LYS Q 68 -44.54 82.25 -3.18
N THR Q 69 -45.44 82.94 -2.49
CA THR Q 69 -45.40 82.96 -1.03
C THR Q 69 -45.46 81.57 -0.44
N LYS Q 70 -46.18 80.66 -1.07
CA LYS Q 70 -46.34 79.32 -0.53
C LYS Q 70 -45.05 78.51 -0.56
N LYS Q 71 -44.06 78.91 -1.34
CA LYS Q 71 -42.86 78.10 -1.53
C LYS Q 71 -41.68 78.54 -0.70
N HIS Q 72 -41.87 79.43 0.27
CA HIS Q 72 -40.72 79.83 1.08
C HIS Q 72 -41.22 80.52 2.34
N VAL Q 73 -40.40 80.44 3.39
CA VAL Q 73 -40.69 81.15 4.62
C VAL Q 73 -40.56 82.65 4.36
N SER Q 74 -41.13 83.47 5.23
CA SER Q 74 -41.03 84.91 5.09
C SER Q 74 -39.67 85.46 5.52
N ARG Q 75 -38.83 84.64 6.15
CA ARG Q 75 -37.55 85.11 6.61
C ARG Q 75 -36.59 85.33 5.45
N ALA Q 76 -35.51 86.05 5.72
CA ALA Q 76 -34.40 86.15 4.80
C ALA Q 76 -33.44 84.98 5.02
N TYR Q 77 -32.76 84.60 3.95
CA TYR Q 77 -31.78 83.51 3.97
C TYR Q 77 -32.44 82.21 4.39
N GLY Q 78 -33.71 82.07 4.02
CA GLY Q 78 -34.49 80.92 4.43
C GLY Q 78 -35.38 80.50 3.29
N GLY Q 79 -36.12 79.42 3.52
CA GLY Q 79 -36.86 78.75 2.48
C GLY Q 79 -36.02 77.77 1.71
N SER Q 80 -34.73 77.69 2.02
CA SER Q 80 -33.80 76.69 1.52
C SER Q 80 -33.05 76.14 2.71
N MET Q 81 -33.80 75.70 3.71
CA MET Q 81 -33.23 75.16 4.92
C MET Q 81 -34.08 73.96 5.34
N CYS Q 82 -33.89 73.43 6.55
CA CYS Q 82 -34.85 72.53 7.16
C CYS Q 82 -35.14 73.07 8.55
N ALA Q 83 -36.29 72.72 9.11
CA ALA Q 83 -36.72 73.32 10.39
C ALA Q 83 -35.55 73.56 11.32
N LYS Q 84 -34.72 72.54 11.49
CA LYS Q 84 -33.50 72.72 12.28
C LYS Q 84 -32.54 73.69 11.62
N CYS Q 85 -32.57 73.80 10.29
CA CYS Q 85 -31.72 74.81 9.66
C CYS Q 85 -32.32 76.20 9.81
N VAL Q 86 -33.55 76.38 9.34
CA VAL Q 86 -34.34 77.58 9.55
C VAL Q 86 -34.11 78.19 10.92
N ARG Q 87 -34.02 77.36 11.96
CA ARG Q 87 -33.70 77.97 13.24
C ARG Q 87 -32.19 77.98 13.52
N ASP Q 88 -31.59 76.82 13.65
CA ASP Q 88 -30.25 76.76 14.23
C ASP Q 88 -29.18 77.09 13.20
N ARG Q 89 -29.38 76.75 11.94
CA ARG Q 89 -28.41 77.20 10.94
C ARG Q 89 -28.43 78.71 10.81
N ILE Q 90 -29.60 79.34 10.94
CA ILE Q 90 -29.63 80.78 10.76
C ILE Q 90 -29.05 81.48 11.99
N LYS Q 91 -29.26 80.90 13.18
CA LYS Q 91 -28.57 81.42 14.36
C LYS Q 91 -27.07 81.21 14.25
N ARG Q 92 -26.67 80.01 13.81
CA ARG Q 92 -25.26 79.67 13.74
C ARG Q 92 -24.54 80.58 12.75
N ALA Q 93 -25.19 80.90 11.64
CA ALA Q 93 -24.60 81.80 10.66
C ALA Q 93 -24.29 83.17 11.25
N PHE Q 94 -24.72 83.45 12.47
CA PHE Q 94 -24.43 84.70 13.16
C PHE Q 94 -23.49 84.50 14.32
N LEU Q 95 -23.87 83.60 15.22
CA LEU Q 95 -23.04 83.33 16.37
C LEU Q 95 -21.64 82.94 15.94
N ILE Q 96 -21.46 82.34 14.76
CA ILE Q 96 -20.11 82.24 14.23
C ILE Q 96 -19.65 83.56 13.63
N GLU Q 97 -20.44 84.11 12.73
CA GLU Q 97 -19.95 85.16 11.85
C GLU Q 97 -19.50 86.40 12.63
N GLU Q 98 -20.38 86.92 13.49
CA GLU Q 98 -20.07 88.17 14.16
C GLU Q 98 -18.93 88.01 15.14
N GLN Q 99 -18.94 86.92 15.91
CA GLN Q 99 -17.84 86.63 16.80
C GLN Q 99 -16.53 86.59 16.03
N LYS Q 100 -16.51 85.89 14.89
CA LYS Q 100 -15.27 85.75 14.15
C LYS Q 100 -14.77 87.07 13.61
N ILE Q 101 -15.66 87.90 13.08
CA ILE Q 101 -15.18 89.18 12.57
C ILE Q 101 -14.62 90.03 13.70
N VAL Q 102 -15.29 90.02 14.85
CA VAL Q 102 -14.78 90.82 15.96
C VAL Q 102 -13.44 90.28 16.45
N VAL Q 103 -13.30 88.95 16.53
CA VAL Q 103 -12.02 88.40 16.97
C VAL Q 103 -10.94 88.68 15.95
N LYS Q 104 -11.29 88.74 14.67
CA LYS Q 104 -10.31 89.16 13.67
C LYS Q 104 -9.86 90.58 13.94
N VAL Q 105 -10.78 91.45 14.33
CA VAL Q 105 -10.38 92.81 14.68
C VAL Q 105 -9.43 92.81 15.87
N LEU Q 106 -9.75 92.01 16.89
CA LEU Q 106 -8.92 91.96 18.07
C LEU Q 106 -7.53 91.45 17.73
N LYS Q 107 -7.44 90.38 16.96
CA LYS Q 107 -6.12 89.85 16.63
C LYS Q 107 -5.38 90.74 15.65
N ALA Q 108 -6.09 91.56 14.87
CA ALA Q 108 -5.40 92.54 14.07
C ALA Q 108 -4.75 93.59 14.96
N GLN Q 109 -5.47 94.04 15.99
CA GLN Q 109 -4.85 94.95 16.95
C GLN Q 109 -3.67 94.28 17.64
N ALA Q 110 -3.77 92.97 17.89
CA ALA Q 110 -2.65 92.24 18.46
C ALA Q 110 -1.44 92.20 17.53
N GLN Q 111 -1.67 91.99 16.23
CA GLN Q 111 -0.57 92.02 15.27
C GLN Q 111 0.09 93.39 15.24
N SER Q 112 -0.70 94.45 15.34
CA SER Q 112 -0.11 95.79 15.45
C SER Q 112 0.64 96.01 16.75
N GLN Q 113 0.19 95.40 17.85
CA GLN Q 113 0.83 95.58 19.16
C GLN Q 113 1.70 94.36 19.51
N LYS Q 114 2.95 94.44 19.08
CA LYS Q 114 3.93 93.43 19.47
C LYS Q 114 4.28 93.67 20.93
N GLY R 1 -6.62 23.29 -26.59
CA GLY R 1 -8.05 23.38 -26.83
C GLY R 1 -8.59 24.75 -26.52
N ARG R 2 -9.52 24.84 -25.58
CA ARG R 2 -10.00 26.14 -25.18
C ARG R 2 -8.92 26.89 -24.43
N VAL R 3 -9.15 28.17 -24.22
CA VAL R 3 -8.28 28.98 -23.40
C VAL R 3 -8.78 28.93 -21.97
N ILE R 4 -7.86 28.85 -21.01
CA ILE R 4 -8.25 28.60 -19.64
C ILE R 4 -8.84 29.87 -19.06
N ARG R 5 -9.65 29.72 -18.01
CA ARG R 5 -10.04 30.90 -17.28
C ARG R 5 -8.78 31.61 -16.81
N GLY R 6 -8.70 32.90 -17.04
CA GLY R 6 -7.48 33.62 -16.78
C GLY R 6 -6.59 33.79 -17.99
N GLN R 7 -6.78 32.98 -19.02
CA GLN R 7 -6.47 33.44 -20.37
C GLN R 7 -7.48 34.43 -20.87
N ARG R 8 -8.64 34.54 -20.23
CA ARG R 8 -9.70 35.39 -20.73
C ARG R 8 -9.88 36.67 -19.94
N LYS R 9 -9.28 36.81 -18.76
CA LYS R 9 -9.42 38.08 -18.07
C LYS R 9 -8.89 39.25 -18.87
N GLY R 10 -8.27 39.01 -20.00
CA GLY R 10 -7.99 40.06 -20.95
C GLY R 10 -9.14 40.37 -21.85
N ALA R 11 -10.33 39.87 -21.53
CA ALA R 11 -11.48 40.09 -22.39
C ALA R 11 -11.93 41.54 -22.36
N GLY R 12 -12.02 42.11 -21.16
CA GLY R 12 -12.76 43.35 -21.02
C GLY R 12 -14.25 43.12 -21.09
N SER R 13 -14.68 41.91 -20.78
CA SER R 13 -16.05 41.43 -20.92
C SER R 13 -16.48 40.93 -19.56
N VAL R 14 -17.35 39.93 -19.52
CA VAL R 14 -17.91 39.37 -18.29
C VAL R 14 -16.90 39.31 -17.15
N PHE R 15 -15.62 39.44 -17.47
CA PHE R 15 -14.57 39.50 -16.47
C PHE R 15 -14.10 40.91 -16.16
N ARG R 16 -14.98 41.91 -16.17
CA ARG R 16 -14.56 43.27 -15.88
C ARG R 16 -15.37 43.88 -14.75
N ALA R 17 -14.76 44.86 -14.08
CA ALA R 17 -15.21 45.28 -12.76
C ALA R 17 -16.44 46.15 -12.84
N HIS R 18 -17.44 45.82 -12.02
CA HIS R 18 -18.57 46.71 -11.82
C HIS R 18 -18.13 48.06 -11.28
N VAL R 19 -18.70 49.14 -11.82
CA VAL R 19 -18.29 50.46 -11.38
C VAL R 19 -19.48 51.36 -11.08
N LYS R 20 -20.67 51.00 -11.58
CA LYS R 20 -21.76 51.98 -11.64
C LYS R 20 -22.05 52.61 -10.29
N HIS R 21 -22.08 51.82 -9.23
CA HIS R 21 -22.47 52.35 -7.95
C HIS R 21 -21.34 53.08 -7.24
N ARG R 22 -20.16 53.19 -7.84
CA ARG R 22 -19.08 53.85 -7.15
C ARG R 22 -19.17 55.36 -7.32
N LYS R 23 -18.43 56.07 -6.48
CA LYS R 23 -18.63 57.50 -6.29
C LYS R 23 -17.52 58.37 -6.85
N GLY R 24 -16.50 57.78 -7.45
CA GLY R 24 -15.37 58.55 -7.94
C GLY R 24 -14.08 57.98 -7.40
N ALA R 25 -12.96 58.36 -8.01
CA ALA R 25 -11.68 57.80 -7.58
C ALA R 25 -11.27 58.46 -6.26
N ALA R 26 -10.03 58.21 -5.84
CA ALA R 26 -9.48 58.79 -4.62
C ALA R 26 -8.27 59.61 -5.03
N ARG R 27 -8.47 60.90 -5.28
CA ARG R 27 -7.44 61.73 -5.88
C ARG R 27 -7.24 63.01 -5.11
N LEU R 28 -6.01 63.23 -4.63
CA LEU R 28 -5.67 64.50 -4.04
C LEU R 28 -5.79 65.62 -5.07
N ARG R 29 -5.76 66.86 -4.59
CA ARG R 29 -5.70 67.98 -5.50
C ARG R 29 -4.38 67.98 -6.25
N ALA R 30 -4.45 68.35 -7.53
CA ALA R 30 -3.22 68.59 -8.27
C ALA R 30 -2.54 69.83 -7.72
N VAL R 31 -1.21 69.79 -7.64
CA VAL R 31 -0.47 70.90 -7.05
C VAL R 31 -0.78 72.19 -7.80
N ASP R 32 -0.69 73.29 -7.08
CA ASP R 32 -0.92 74.63 -7.61
C ASP R 32 -0.27 75.60 -6.63
N PHE R 33 -0.02 76.83 -7.09
CA PHE R 33 0.89 77.73 -6.39
C PHE R 33 0.64 77.73 -4.89
N ALA R 34 -0.63 77.68 -4.49
CA ALA R 34 -0.96 77.63 -3.07
C ALA R 34 -0.32 76.43 -2.41
N GLU R 35 -0.69 75.23 -2.86
CA GLU R 35 -0.14 74.03 -2.26
C GLU R 35 1.37 73.95 -2.41
N ARG R 36 1.92 74.53 -3.46
CA ARG R 36 3.35 74.45 -3.71
C ARG R 36 4.12 75.30 -2.72
N HIS R 37 3.63 76.50 -2.44
CA HIS R 37 4.23 77.38 -1.44
C HIS R 37 3.16 77.72 -0.42
N GLY R 38 3.24 77.13 0.77
CA GLY R 38 2.31 77.48 1.82
C GLY R 38 1.29 76.40 2.11
N TYR R 39 0.07 76.84 2.41
CA TYR R 39 -0.96 75.94 2.86
C TYR R 39 -2.32 76.56 2.60
N ILE R 40 -3.27 75.72 2.18
CA ILE R 40 -4.67 76.08 2.03
C ILE R 40 -5.51 75.05 2.74
N LYS R 41 -6.59 75.49 3.39
CA LYS R 41 -7.37 74.62 4.24
C LYS R 41 -8.80 74.54 3.72
N GLY R 42 -9.37 73.34 3.82
CA GLY R 42 -10.75 73.12 3.42
C GLY R 42 -11.55 72.39 4.47
N ILE R 43 -12.80 72.09 4.17
CA ILE R 43 -13.74 71.54 5.14
C ILE R 43 -13.93 70.07 4.84
N VAL R 44 -14.07 69.25 5.88
CA VAL R 44 -14.42 67.84 5.69
C VAL R 44 -15.94 67.83 5.56
N LYS R 45 -16.41 67.94 4.32
CA LYS R 45 -17.84 68.03 4.08
C LYS R 45 -18.59 66.82 4.59
N ASP R 46 -18.09 65.62 4.31
CA ASP R 46 -18.64 64.42 4.96
C ASP R 46 -17.75 63.23 4.71
N ILE R 47 -18.19 62.09 5.21
CA ILE R 47 -17.58 60.79 4.95
C ILE R 47 -18.60 59.93 4.23
N ILE R 48 -18.12 59.07 3.34
CA ILE R 48 -18.99 58.28 2.48
C ILE R 48 -18.36 56.90 2.32
N HIS R 49 -19.20 55.89 2.11
CA HIS R 49 -18.73 54.52 1.91
C HIS R 49 -18.60 54.26 0.42
N ASP R 50 -17.42 53.81 0.01
CA ASP R 50 -17.14 53.58 -1.39
C ASP R 50 -17.40 52.13 -1.73
N PRO R 51 -18.44 51.81 -2.50
CA PRO R 51 -18.82 50.40 -2.68
C PRO R 51 -17.67 49.58 -3.22
N GLY R 52 -17.53 48.37 -2.69
CA GLY R 52 -16.39 47.55 -3.04
C GLY R 52 -15.06 48.10 -2.58
N ARG R 53 -15.03 48.73 -1.41
CA ARG R 53 -13.78 49.06 -0.73
C ARG R 53 -14.05 49.45 0.71
N GLY R 54 -13.33 48.85 1.65
CA GLY R 54 -13.58 49.14 3.04
C GLY R 54 -12.85 50.33 3.60
N ALA R 55 -12.26 51.17 2.77
CA ALA R 55 -11.58 52.35 3.27
C ALA R 55 -12.40 53.57 2.92
N PRO R 56 -13.32 53.99 3.79
CA PRO R 56 -14.32 54.97 3.37
C PRO R 56 -13.69 56.28 2.97
N LEU R 57 -14.28 56.90 1.94
CA LEU R 57 -13.76 58.13 1.37
C LEU R 57 -14.22 59.32 2.18
N ALA R 58 -13.41 60.38 2.15
CA ALA R 58 -13.76 61.64 2.77
C ALA R 58 -13.98 62.67 1.68
N LYS R 59 -15.16 63.25 1.64
CA LYS R 59 -15.50 64.23 0.62
C LYS R 59 -15.31 65.61 1.20
N VAL R 60 -14.43 66.39 0.58
CA VAL R 60 -13.88 67.63 1.11
C VAL R 60 -14.24 68.78 0.19
N VAL R 61 -14.62 69.91 0.76
CA VAL R 61 -14.98 71.12 0.03
C VAL R 61 -13.85 72.13 0.17
N PHE R 62 -13.30 72.57 -0.96
CA PHE R 62 -12.21 73.52 -1.00
C PHE R 62 -12.65 74.75 -1.75
N ARG R 63 -12.26 75.93 -1.27
CA ARG R 63 -12.51 77.13 -2.04
C ARG R 63 -11.47 77.22 -3.15
N ASP R 64 -11.89 77.63 -4.34
CA ASP R 64 -11.01 77.62 -5.51
C ASP R 64 -10.34 78.97 -5.63
N PRO R 65 -9.05 79.07 -5.37
CA PRO R 65 -8.43 80.41 -5.31
C PRO R 65 -8.08 80.96 -6.67
N TYR R 66 -8.98 80.84 -7.64
CA TYR R 66 -8.83 81.60 -8.86
C TYR R 66 -10.14 82.15 -9.37
N ARG R 67 -11.28 81.65 -8.88
CA ARG R 67 -12.59 82.10 -9.29
C ARG R 67 -13.47 82.15 -8.04
N PHE R 68 -14.77 82.31 -8.26
CA PHE R 68 -15.72 82.19 -7.18
C PHE R 68 -16.44 80.84 -7.28
N LYS R 69 -15.77 79.79 -6.82
CA LYS R 69 -16.44 78.50 -6.77
C LYS R 69 -15.69 77.58 -5.82
N LYS R 70 -16.27 76.40 -5.64
CA LYS R 70 -15.72 75.39 -4.76
C LYS R 70 -15.43 74.12 -5.54
N ARG R 71 -14.34 73.46 -5.20
CA ARG R 71 -14.01 72.15 -5.75
C ARG R 71 -14.18 71.11 -4.64
N THR R 72 -14.83 70.00 -4.94
CA THR R 72 -15.12 68.99 -3.95
C THR R 72 -14.42 67.69 -4.31
N GLU R 73 -13.38 67.35 -3.55
CA GLU R 73 -12.55 66.19 -3.83
C GLU R 73 -12.92 65.06 -2.88
N LEU R 74 -12.30 63.89 -3.10
CA LEU R 74 -12.56 62.70 -2.30
C LEU R 74 -11.22 62.05 -1.96
N PHE R 75 -10.74 62.30 -0.75
CA PHE R 75 -9.51 61.65 -0.32
C PHE R 75 -9.84 60.33 0.35
N ILE R 76 -8.80 59.59 0.70
CA ILE R 76 -8.94 58.37 1.49
C ILE R 76 -8.86 58.78 2.97
N ALA R 77 -9.99 58.73 3.65
CA ALA R 77 -10.09 59.27 4.99
C ALA R 77 -9.03 58.66 5.89
N ALA R 78 -8.10 59.48 6.34
CA ALA R 78 -7.16 59.04 7.36
C ALA R 78 -7.91 58.73 8.65
N GLU R 79 -7.41 57.74 9.37
CA GLU R 79 -8.10 57.29 10.57
C GLU R 79 -8.27 58.44 11.55
N GLY R 80 -9.45 58.53 12.14
CA GLY R 80 -9.67 59.46 13.22
C GLY R 80 -10.16 60.84 12.81
N ILE R 81 -10.24 61.15 11.52
CA ILE R 81 -10.83 62.41 11.13
C ILE R 81 -12.35 62.28 11.15
N HIS R 82 -13.04 63.41 11.17
CA HIS R 82 -14.47 63.42 11.34
C HIS R 82 -15.09 64.46 10.43
N THR R 83 -16.40 64.54 10.43
CA THR R 83 -17.06 65.65 9.80
C THR R 83 -16.69 66.91 10.57
N GLY R 84 -16.76 68.05 9.89
CA GLY R 84 -16.50 69.31 10.54
C GLY R 84 -15.08 69.54 10.97
N GLN R 85 -14.12 68.83 10.40
CA GLN R 85 -12.74 69.19 10.63
C GLN R 85 -12.26 70.09 9.50
N PHE R 86 -11.25 70.90 9.80
CA PHE R 86 -10.61 71.73 8.79
C PHE R 86 -9.28 71.08 8.43
N VAL R 87 -9.16 70.64 7.19
CA VAL R 87 -7.99 69.90 6.73
C VAL R 87 -7.05 70.87 6.03
N TYR R 88 -5.78 70.83 6.40
CA TYR R 88 -4.78 71.73 5.85
C TYR R 88 -3.88 70.98 4.89
N CYS R 89 -3.77 71.51 3.67
CA CYS R 89 -3.05 70.89 2.58
C CYS R 89 -2.04 71.88 2.02
N GLY R 90 -0.80 71.44 1.87
CA GLY R 90 0.17 72.23 1.16
C GLY R 90 1.55 72.10 1.77
N LYS R 91 2.41 73.03 1.35
CA LYS R 91 3.84 72.99 1.67
C LYS R 91 4.12 73.41 3.11
N LYS R 92 3.33 74.33 3.66
CA LYS R 92 3.60 74.87 4.98
C LYS R 92 2.60 74.45 6.04
N ALA R 93 1.68 73.54 5.72
CA ALA R 93 0.72 73.09 6.71
C ALA R 93 1.37 72.09 7.66
N GLN R 94 1.55 72.50 8.91
CA GLN R 94 2.33 71.71 9.86
C GLN R 94 1.59 70.45 10.29
N LEU R 95 2.29 69.61 11.03
CA LEU R 95 1.87 68.23 11.26
C LEU R 95 0.54 68.19 12.01
N ASN R 96 -0.47 67.63 11.36
CA ASN R 96 -1.71 67.24 12.02
C ASN R 96 -2.23 66.01 11.31
N ILE R 97 -3.14 65.30 11.98
CA ILE R 97 -3.72 64.10 11.39
C ILE R 97 -4.51 64.46 10.16
N GLY R 98 -4.31 63.70 9.08
CA GLY R 98 -5.07 63.93 7.87
C GLY R 98 -4.92 65.33 7.31
N ASN R 99 -3.70 65.85 7.31
CA ASN R 99 -3.43 67.18 6.77
C ASN R 99 -2.20 67.07 5.88
N VAL R 100 -2.43 66.77 4.61
CA VAL R 100 -1.35 66.37 3.71
C VAL R 100 -0.35 67.50 3.51
N LEU R 101 0.95 67.14 3.57
CA LEU R 101 2.06 68.04 3.37
C LEU R 101 3.17 67.25 2.68
N PRO R 102 3.97 67.89 1.83
CA PRO R 102 4.88 67.13 0.97
C PRO R 102 5.93 66.38 1.77
N VAL R 103 6.09 65.09 1.43
CA VAL R 103 7.15 64.28 2.02
C VAL R 103 8.47 65.01 1.87
N GLY R 104 9.30 64.91 2.89
CA GLY R 104 10.58 65.57 2.91
C GLY R 104 10.61 66.84 3.72
N THR R 105 9.46 67.45 3.99
CA THR R 105 9.34 68.53 4.95
C THR R 105 8.60 68.04 6.17
N MET R 106 8.88 66.81 6.56
CA MET R 106 8.35 66.18 7.76
C MET R 106 9.47 65.36 8.38
N PRO R 107 9.40 65.12 9.68
CA PRO R 107 10.47 64.35 10.31
C PRO R 107 10.39 62.87 9.97
N GLU R 108 11.27 62.07 10.57
CA GLU R 108 11.34 60.65 10.29
C GLU R 108 10.36 59.91 11.20
N GLY R 109 9.33 59.33 10.61
CA GLY R 109 8.33 58.59 11.35
C GLY R 109 6.92 59.12 11.18
N THR R 110 6.71 60.14 10.36
CA THR R 110 5.36 60.60 10.12
C THR R 110 4.62 59.55 9.31
N ILE R 111 3.78 58.77 9.98
CA ILE R 111 3.12 57.63 9.36
C ILE R 111 2.10 58.15 8.35
N VAL R 112 2.43 58.09 7.07
CA VAL R 112 1.59 58.65 6.02
C VAL R 112 0.79 57.55 5.35
N CYS R 113 -0.22 57.97 4.59
CA CYS R 113 -1.00 57.10 3.73
C CYS R 113 -1.50 57.93 2.57
N CYS R 114 -1.90 57.25 1.50
CA CYS R 114 -2.28 57.90 0.25
C CYS R 114 -1.09 58.68 -0.30
N LEU R 115 0.07 58.05 -0.24
CA LEU R 115 1.31 58.59 -0.75
C LEU R 115 1.27 58.75 -2.26
N GLU R 116 2.17 59.56 -2.79
CA GLU R 116 2.32 59.60 -4.24
C GLU R 116 3.45 58.67 -4.69
N GLU R 117 3.60 58.58 -6.00
CA GLU R 117 4.60 57.71 -6.61
C GLU R 117 5.62 58.50 -7.41
N LYS R 118 5.15 59.43 -8.23
CA LYS R 118 5.98 60.47 -8.82
C LYS R 118 5.33 61.81 -8.52
N PRO R 119 6.10 62.88 -8.46
CA PRO R 119 5.52 64.17 -8.07
C PRO R 119 4.38 64.55 -9.00
N GLY R 120 3.17 64.55 -8.46
CA GLY R 120 2.00 64.93 -9.21
C GLY R 120 1.12 63.82 -9.74
N ASP R 121 1.02 62.70 -9.03
CA ASP R 121 0.05 61.67 -9.40
C ASP R 121 -1.27 61.81 -8.68
N ARG R 122 -1.45 62.83 -7.86
CA ARG R 122 -2.63 62.98 -7.03
C ARG R 122 -2.80 61.80 -6.08
N GLY R 123 -1.71 61.16 -5.70
CA GLY R 123 -1.73 60.21 -4.60
C GLY R 123 -2.02 58.79 -5.03
N LYS R 124 -1.03 57.90 -4.92
CA LYS R 124 -1.22 56.55 -5.41
C LYS R 124 -0.94 55.45 -4.40
N LEU R 125 0.14 55.50 -3.64
CA LEU R 125 0.63 54.34 -2.92
C LEU R 125 -0.07 54.21 -1.58
N ALA R 126 -0.27 52.96 -1.15
CA ALA R 126 -0.61 52.63 0.24
C ALA R 126 -1.83 53.41 0.71
N ARG R 127 -2.98 53.06 0.14
CA ARG R 127 -4.24 53.65 0.56
C ARG R 127 -5.35 52.63 0.80
N ALA R 128 -5.06 51.34 0.76
CA ALA R 128 -6.06 50.35 1.10
C ALA R 128 -6.28 50.30 2.61
N SER R 129 -7.29 49.55 3.02
CA SER R 129 -7.75 49.57 4.40
C SER R 129 -6.72 49.05 5.38
N GLY R 130 -6.12 49.95 6.15
CA GLY R 130 -5.26 49.58 7.26
C GLY R 130 -3.78 49.70 7.01
N ASN R 131 -3.36 50.44 5.98
CA ASN R 131 -1.97 50.49 5.58
C ASN R 131 -1.37 51.86 5.79
N TYR R 132 -0.05 51.93 5.69
CA TYR R 132 0.70 53.15 5.94
C TYR R 132 2.12 52.95 5.51
N ALA R 133 2.83 54.05 5.28
CA ALA R 133 4.23 54.01 4.88
C ALA R 133 5.04 54.96 5.74
N THR R 134 6.17 54.49 6.22
CA THR R 134 6.95 55.22 7.23
C THR R 134 8.17 55.84 6.58
N VAL R 135 8.34 57.15 6.72
CA VAL R 135 9.55 57.82 6.25
C VAL R 135 10.69 57.50 7.19
N ILE R 136 11.84 57.11 6.64
CA ILE R 136 13.00 56.73 7.42
C ILE R 136 13.97 57.88 7.59
N SER R 137 14.38 58.52 6.49
CA SER R 137 15.32 59.61 6.54
C SER R 137 15.40 60.23 5.15
N HIS R 138 15.85 61.48 5.12
CA HIS R 138 15.88 62.24 3.88
C HIS R 138 17.27 62.22 3.26
N ASN R 139 17.35 62.75 2.05
CA ASN R 139 18.61 63.15 1.43
C ASN R 139 18.40 64.60 1.02
N PRO R 140 18.82 65.55 1.87
CA PRO R 140 18.44 66.95 1.64
C PRO R 140 18.82 67.48 0.28
N GLU R 141 19.98 67.10 -0.24
CA GLU R 141 20.24 67.32 -1.66
C GLU R 141 19.85 66.06 -2.41
N THR R 142 19.50 66.24 -3.69
CA THR R 142 18.91 65.23 -4.55
C THR R 142 17.51 64.83 -4.10
N LYS R 143 16.99 65.44 -3.03
CA LYS R 143 15.58 65.37 -2.66
C LYS R 143 15.05 63.94 -2.69
N LYS R 144 15.80 63.03 -2.08
CA LYS R 144 15.38 61.65 -1.95
C LYS R 144 15.03 61.36 -0.50
N THR R 145 13.82 60.86 -0.26
CA THR R 145 13.39 60.41 1.05
C THR R 145 13.07 58.93 0.95
N ARG R 146 13.60 58.14 1.86
CA ARG R 146 13.39 56.71 1.81
C ARG R 146 12.16 56.37 2.64
N VAL R 147 11.21 55.68 2.03
CA VAL R 147 10.00 55.27 2.72
C VAL R 147 9.97 53.75 2.80
N LYS R 148 9.44 53.24 3.91
CA LYS R 148 9.22 51.83 4.09
C LYS R 148 7.74 51.57 3.85
N LEU R 149 7.46 50.69 2.91
CA LEU R 149 6.14 50.49 2.34
C LEU R 149 5.45 49.31 3.02
N PRO R 150 4.16 49.08 2.75
CA PRO R 150 3.44 48.07 3.53
C PRO R 150 4.04 46.68 3.43
N SER R 151 4.66 46.33 2.30
CA SER R 151 5.17 44.99 2.10
C SER R 151 6.64 44.85 2.45
N GLY R 152 7.14 45.65 3.39
CA GLY R 152 8.53 45.55 3.77
C GLY R 152 9.51 46.12 2.78
N SER R 153 9.03 46.69 1.68
CA SER R 153 9.93 47.32 0.72
C SER R 153 10.45 48.63 1.28
N LYS R 154 11.58 49.07 0.73
CA LYS R 154 12.16 50.36 1.08
C LYS R 154 12.46 51.11 -0.21
N LYS R 155 11.54 51.97 -0.61
CA LYS R 155 11.63 52.66 -1.88
C LYS R 155 12.12 54.08 -1.67
N VAL R 156 12.94 54.56 -2.60
CA VAL R 156 13.58 55.88 -2.45
C VAL R 156 12.72 56.87 -3.23
N ILE R 157 11.69 57.36 -2.55
CA ILE R 157 10.71 58.23 -3.19
C ILE R 157 11.28 59.64 -3.28
N SER R 158 11.14 60.25 -4.44
CA SER R 158 11.57 61.63 -4.59
C SER R 158 10.78 62.51 -3.63
N SER R 159 11.45 63.54 -3.11
CA SER R 159 10.81 64.47 -2.19
C SER R 159 9.80 65.34 -2.89
N ALA R 160 9.13 66.19 -2.14
CA ALA R 160 8.16 67.12 -2.71
C ALA R 160 7.04 66.39 -3.46
N ASN R 161 6.64 65.23 -2.95
CA ASN R 161 5.41 64.59 -3.37
C ASN R 161 4.56 64.31 -2.14
N ARG R 162 3.26 64.55 -2.25
CA ARG R 162 2.40 64.66 -1.09
C ARG R 162 2.09 63.29 -0.49
N ALA R 163 1.58 63.31 0.74
CA ALA R 163 1.13 62.12 1.44
C ALA R 163 0.32 62.54 2.65
N VAL R 164 -0.87 61.99 2.77
CA VAL R 164 -1.75 62.29 3.90
C VAL R 164 -1.14 61.72 5.16
N VAL R 165 -1.13 62.51 6.22
CA VAL R 165 -0.51 62.10 7.46
C VAL R 165 -1.51 61.31 8.29
N GLY R 166 -1.13 60.11 8.70
CA GLY R 166 -1.99 59.21 9.43
C GLY R 166 -2.19 57.93 8.67
N VAL R 167 -2.88 56.99 9.30
CA VAL R 167 -3.09 55.67 8.73
C VAL R 167 -4.44 55.66 8.02
N VAL R 168 -4.66 54.61 7.23
CA VAL R 168 -5.89 54.49 6.45
C VAL R 168 -7.02 54.02 7.34
N ALA R 169 -8.20 54.62 7.17
CA ALA R 169 -9.36 54.14 7.88
C ALA R 169 -9.73 52.75 7.39
N GLY R 170 -10.78 52.19 7.99
CA GLY R 170 -11.14 50.83 7.65
C GLY R 170 -10.15 49.79 8.08
N GLY R 171 -9.26 50.12 9.01
CA GLY R 171 -8.27 49.17 9.47
C GLY R 171 -8.88 48.02 10.25
N GLY R 172 -8.02 47.03 10.53
CA GLY R 172 -8.48 45.85 11.23
C GLY R 172 -9.54 45.07 10.50
N ARG R 173 -9.71 45.31 9.21
CA ARG R 173 -10.83 44.72 8.49
C ARG R 173 -10.70 43.21 8.39
N ILE R 174 -9.52 42.70 8.07
CA ILE R 174 -9.33 41.25 7.94
C ILE R 174 -8.96 40.74 9.32
N ASP R 175 -9.98 40.57 10.15
CA ASP R 175 -9.86 39.77 11.35
C ASP R 175 -11.14 39.00 11.66
N LYS R 176 -12.17 39.12 10.83
CA LYS R 176 -13.45 38.50 11.09
C LYS R 176 -13.72 37.49 9.99
N PRO R 177 -13.80 36.21 10.30
CA PRO R 177 -14.08 35.21 9.26
C PRO R 177 -15.42 35.49 8.60
N ILE R 178 -15.42 35.48 7.26
CA ILE R 178 -16.64 35.71 6.51
C ILE R 178 -17.69 34.68 6.90
N LEU R 179 -17.25 33.49 7.26
CA LEU R 179 -18.07 32.51 7.95
C LEU R 179 -19.15 31.87 7.09
N LYS R 180 -19.34 32.37 5.87
CA LYS R 180 -20.41 31.81 5.06
C LYS R 180 -20.30 32.18 3.59
N ALA R 181 -20.44 31.15 2.75
CA ALA R 181 -20.22 31.29 1.33
C ALA R 181 -21.02 32.46 0.77
N GLY R 182 -22.28 32.58 1.20
CA GLY R 182 -23.11 33.66 0.69
C GLY R 182 -22.53 35.02 1.00
N ARG R 183 -21.98 35.18 2.21
CA ARG R 183 -21.41 36.46 2.54
C ARG R 183 -20.21 36.76 1.66
N ALA R 184 -19.37 35.75 1.39
CA ALA R 184 -18.26 35.99 0.48
C ALA R 184 -18.76 36.39 -0.90
N TYR R 185 -19.80 35.71 -1.39
CA TYR R 185 -20.47 36.10 -2.62
C TYR R 185 -20.86 37.56 -2.61
N HIS R 186 -21.54 37.99 -1.57
CA HIS R 186 -22.01 39.37 -1.55
C HIS R 186 -20.84 40.34 -1.52
N LYS R 187 -19.71 39.93 -0.93
CA LYS R 187 -18.54 40.78 -0.96
C LYS R 187 -18.03 40.96 -2.37
N TYR R 188 -17.87 39.87 -3.11
CA TYR R 188 -17.21 39.98 -4.41
C TYR R 188 -18.15 40.42 -5.52
N LYS R 189 -19.46 40.39 -5.30
CA LYS R 189 -20.39 40.76 -6.35
C LYS R 189 -20.54 42.26 -6.50
N ALA R 190 -19.93 43.03 -5.62
CA ALA R 190 -19.87 44.48 -5.79
C ALA R 190 -18.56 44.93 -6.40
N LYS R 191 -17.61 44.03 -6.61
CA LYS R 191 -16.31 44.38 -7.16
C LYS R 191 -16.09 43.76 -8.54
N ARG R 192 -16.13 42.44 -8.67
CA ARG R 192 -15.75 41.85 -9.95
C ARG R 192 -16.15 40.39 -9.97
N ASN R 193 -16.33 39.86 -11.18
CA ASN R 193 -16.76 38.49 -11.36
C ASN R 193 -15.52 37.60 -11.26
N CYS R 194 -15.14 37.28 -10.02
CA CYS R 194 -14.04 36.36 -9.81
C CYS R 194 -14.26 35.39 -8.67
N TRP R 195 -15.40 35.39 -8.01
CA TRP R 195 -15.39 34.77 -6.69
C TRP R 195 -15.46 33.25 -6.71
N PRO R 196 -16.43 32.61 -7.37
CA PRO R 196 -16.41 31.15 -7.37
C PRO R 196 -15.26 30.67 -8.26
N ARG R 197 -14.20 30.22 -7.63
CA ARG R 197 -12.99 29.80 -8.32
C ARG R 197 -12.95 28.29 -8.34
N VAL R 198 -12.65 27.73 -9.49
CA VAL R 198 -12.71 26.29 -9.70
C VAL R 198 -11.30 25.78 -9.89
N ARG R 199 -10.93 24.80 -9.07
CA ARG R 199 -9.55 24.34 -9.02
C ARG R 199 -9.14 23.74 -10.35
N GLY R 200 -7.83 23.67 -10.56
CA GLY R 200 -7.33 23.17 -11.82
C GLY R 200 -7.14 21.68 -11.90
N VAL R 201 -7.57 20.95 -10.89
CA VAL R 201 -7.52 19.50 -10.95
C VAL R 201 -8.94 18.95 -11.03
N ALA R 202 -9.91 19.81 -11.34
CA ALA R 202 -11.29 19.38 -11.54
C ALA R 202 -11.77 19.75 -12.92
N MET R 203 -10.86 20.08 -13.82
CA MET R 203 -11.21 20.51 -15.17
C MET R 203 -10.53 19.60 -16.17
N ASN R 204 -11.25 19.29 -17.25
CA ASN R 204 -10.74 18.34 -18.22
C ASN R 204 -9.48 18.87 -18.87
N PRO R 205 -8.53 18.01 -19.23
CA PRO R 205 -7.21 18.50 -19.65
C PRO R 205 -7.26 19.47 -20.80
N VAL R 206 -8.41 19.63 -21.46
CA VAL R 206 -8.55 20.69 -22.44
C VAL R 206 -8.38 22.04 -21.76
N GLU R 207 -8.99 22.22 -20.61
CA GLU R 207 -8.74 23.43 -19.84
C GLU R 207 -7.56 23.19 -18.90
N HIS R 208 -6.80 24.24 -18.68
CA HIS R 208 -5.96 24.38 -17.49
C HIS R 208 -5.01 23.21 -17.29
N PRO R 209 -3.83 23.24 -17.89
CA PRO R 209 -3.02 22.04 -18.08
C PRO R 209 -2.92 21.08 -16.90
N PHE R 210 -3.24 21.54 -15.69
CA PHE R 210 -3.19 20.64 -14.54
C PHE R 210 -4.26 19.57 -14.59
N GLY R 211 -5.26 19.70 -15.45
CA GLY R 211 -6.48 18.94 -15.31
C GLY R 211 -6.33 17.46 -15.59
N GLY R 212 -7.49 16.81 -15.67
CA GLY R 212 -7.60 15.44 -16.12
C GLY R 212 -6.83 14.41 -15.33
N GLY R 213 -6.88 13.17 -15.80
CA GLY R 213 -6.27 12.03 -15.15
C GLY R 213 -7.29 11.21 -14.37
N ASN R 214 -6.99 9.93 -14.22
CA ASN R 214 -7.88 9.05 -13.47
C ASN R 214 -7.70 9.21 -11.98
N HIS R 215 -7.15 10.32 -11.55
CA HIS R 215 -7.06 10.65 -10.14
C HIS R 215 -7.06 12.17 -10.02
N GLN R 216 -6.68 12.66 -8.86
CA GLN R 216 -6.55 14.10 -8.66
C GLN R 216 -5.10 14.57 -8.67
N HIS R 217 -4.20 13.90 -9.39
CA HIS R 217 -2.81 14.30 -9.33
C HIS R 217 -2.49 15.37 -10.37
N ILE R 218 -1.75 16.39 -9.94
CA ILE R 218 -1.39 17.48 -10.83
C ILE R 218 -0.51 16.98 -11.95
N GLY R 219 0.35 16.02 -11.68
CA GLY R 219 1.21 15.46 -12.70
C GLY R 219 2.49 16.24 -12.92
N LYS R 220 2.36 17.50 -13.27
CA LYS R 220 3.58 18.25 -13.53
C LYS R 220 3.99 19.03 -12.30
N PRO R 221 5.28 19.25 -12.08
CA PRO R 221 5.70 20.13 -10.99
C PRO R 221 5.03 21.49 -11.12
N SER R 222 4.50 21.99 -10.01
CA SER R 222 3.73 23.22 -10.05
C SER R 222 4.57 24.40 -10.49
N THR R 223 5.80 24.51 -9.97
CA THR R 223 6.61 25.69 -10.22
C THR R 223 6.82 25.88 -11.72
N ILE R 224 6.79 27.11 -12.17
CA ILE R 224 6.81 27.41 -13.59
C ILE R 224 7.64 28.64 -13.85
N ARG R 225 8.46 28.57 -14.90
CA ARG R 225 9.33 29.68 -15.29
C ARG R 225 8.50 30.88 -15.70
N ARG R 226 9.05 32.08 -15.48
CA ARG R 226 8.36 33.27 -15.94
C ARG R 226 8.31 33.36 -17.45
N ASP R 227 9.11 32.57 -18.15
CA ASP R 227 9.14 32.58 -19.60
C ASP R 227 8.10 31.67 -20.22
N ALA R 228 7.39 30.88 -19.42
CA ALA R 228 6.35 30.03 -19.96
C ALA R 228 5.28 30.89 -20.61
N PRO R 229 4.79 30.53 -21.78
CA PRO R 229 3.88 31.41 -22.51
C PRO R 229 2.52 31.46 -21.86
N ALA R 230 1.66 32.28 -22.43
CA ALA R 230 0.37 32.54 -21.81
C ALA R 230 -0.56 31.35 -21.99
N GLY R 231 -0.65 30.52 -20.95
CA GLY R 231 -1.41 29.29 -21.01
C GLY R 231 -0.74 28.13 -20.31
N ARG R 232 0.55 28.24 -20.04
CA ARG R 232 1.25 27.32 -19.17
C ARG R 232 2.07 28.08 -18.14
N LYS R 233 1.80 29.37 -17.97
CA LYS R 233 2.31 30.12 -16.82
C LYS R 233 1.22 30.07 -15.75
N VAL R 234 1.14 28.92 -15.09
CA VAL R 234 0.01 28.56 -14.28
C VAL R 234 0.54 28.01 -12.96
N GLY R 235 -0.30 28.07 -11.93
CA GLY R 235 0.16 27.60 -10.64
C GLY R 235 1.17 28.56 -10.06
N LEU R 236 2.21 27.99 -9.45
CA LEU R 236 3.12 28.79 -8.66
C LEU R 236 4.15 29.42 -9.58
N ILE R 237 3.95 30.69 -9.95
CA ILE R 237 4.88 31.38 -10.82
C ILE R 237 6.24 31.50 -10.14
N ALA R 238 7.30 31.34 -10.94
CA ALA R 238 8.67 31.69 -10.55
C ALA R 238 8.96 31.37 -9.10
N ALA R 239 8.47 30.24 -8.62
CA ALA R 239 8.41 30.00 -7.19
C ALA R 239 9.81 29.89 -6.63
N ARG R 240 10.24 30.92 -5.91
CA ARG R 240 11.56 30.92 -5.29
C ARG R 240 11.73 29.70 -4.40
N ARG R 241 10.64 29.23 -3.83
CA ARG R 241 10.68 28.33 -2.69
C ARG R 241 9.30 27.69 -2.61
N THR R 242 8.99 27.03 -1.50
CA THR R 242 7.64 26.62 -1.18
C THR R 242 7.61 26.10 0.25
N GLY R 243 6.42 25.98 0.81
CA GLY R 243 6.28 25.50 2.17
C GLY R 243 6.50 26.58 3.21
N ARG R 244 5.67 26.59 4.24
CA ARG R 244 5.69 27.63 5.26
C ARG R 244 7.05 27.69 5.94
N ALA S 1 -67.86 62.97 -73.58
CA ALA S 1 -67.31 63.87 -74.59
C ALA S 1 -65.79 63.87 -74.52
N LYS S 2 -65.19 64.97 -74.96
CA LYS S 2 -63.73 65.12 -74.93
C LYS S 2 -63.38 66.57 -75.21
N ILE S 3 -62.13 66.92 -74.91
CA ILE S 3 -61.59 68.24 -75.19
C ILE S 3 -60.40 68.06 -76.12
N LYS S 4 -59.69 69.14 -76.42
CA LYS S 4 -58.50 69.08 -77.25
C LYS S 4 -57.28 69.47 -76.43
N ALA S 5 -56.14 69.50 -77.12
CA ALA S 5 -54.92 70.08 -76.58
C ALA S 5 -54.30 71.05 -77.55
N ARG S 6 -54.73 71.06 -78.81
CA ARG S 6 -54.25 72.00 -79.80
C ARG S 6 -54.65 73.42 -79.47
N ASP S 7 -55.60 73.62 -78.58
CA ASP S 7 -56.16 74.92 -78.29
C ASP S 7 -55.72 75.53 -76.97
N LEU S 8 -55.13 74.75 -76.06
CA LEU S 8 -54.59 75.31 -74.83
C LEU S 8 -53.23 75.96 -75.02
N ARG S 9 -52.56 75.65 -76.12
CA ARG S 9 -51.19 76.10 -76.33
C ARG S 9 -51.08 77.58 -76.65
N GLY S 10 -52.16 78.34 -76.52
CA GLY S 10 -52.11 79.74 -76.86
C GLY S 10 -52.94 80.64 -75.99
N LYS S 11 -53.37 80.15 -74.84
CA LYS S 11 -54.15 80.93 -73.91
C LYS S 11 -53.20 81.71 -73.00
N LYS S 12 -53.75 82.26 -71.92
CA LYS S 12 -52.97 82.86 -70.86
C LYS S 12 -53.12 82.02 -69.60
N LYS S 13 -52.07 82.02 -68.79
CA LYS S 13 -51.92 81.04 -67.71
C LYS S 13 -53.16 80.96 -66.83
N GLU S 14 -53.73 82.12 -66.48
CA GLU S 14 -54.89 82.10 -65.59
C GLU S 14 -56.07 81.37 -66.21
N GLU S 15 -56.23 81.46 -67.53
CA GLU S 15 -57.30 80.72 -68.19
C GLU S 15 -57.12 79.22 -67.99
N LEU S 16 -55.89 78.74 -68.15
CA LEU S 16 -55.58 77.35 -67.89
C LEU S 16 -55.90 76.97 -66.45
N LEU S 17 -55.52 77.83 -65.49
CA LEU S 17 -55.78 77.54 -64.09
C LEU S 17 -57.27 77.40 -63.83
N LYS S 18 -58.06 78.33 -64.35
CA LYS S 18 -59.51 78.23 -64.18
C LYS S 18 -60.04 76.95 -64.80
N GLN S 19 -59.52 76.59 -65.99
CA GLN S 19 -59.97 75.37 -66.64
C GLN S 19 -59.73 74.14 -65.78
N LEU S 20 -58.50 73.98 -65.29
CA LEU S 20 -58.20 72.76 -64.54
C LEU S 20 -58.86 72.78 -63.18
N ASP S 21 -59.12 73.96 -62.62
CA ASP S 21 -59.84 74.01 -61.36
C ASP S 21 -61.27 73.50 -61.56
N ASP S 22 -61.92 73.92 -62.64
CA ASP S 22 -63.23 73.37 -62.95
C ASP S 22 -63.14 71.86 -63.12
N LEU S 23 -62.11 71.39 -63.81
CA LEU S 23 -61.94 69.95 -64.01
C LEU S 23 -61.80 69.20 -62.69
N LYS S 24 -60.98 69.72 -61.78
CA LYS S 24 -60.78 69.06 -60.50
C LYS S 24 -62.06 69.04 -59.68
N VAL S 25 -62.84 70.12 -59.74
CA VAL S 25 -64.12 70.10 -59.05
C VAL S 25 -65.01 69.02 -59.63
N GLU S 26 -65.01 68.89 -60.95
CA GLU S 26 -65.84 67.85 -61.57
C GLU S 26 -65.38 66.46 -61.11
N LEU S 27 -64.07 66.25 -61.05
CA LEU S 27 -63.56 64.96 -60.62
C LEU S 27 -63.94 64.66 -59.18
N SER S 28 -63.79 65.64 -58.29
CA SER S 28 -64.15 65.39 -56.91
C SER S 28 -65.64 65.23 -56.71
N GLN S 29 -66.45 65.65 -57.69
CA GLN S 29 -67.85 65.25 -57.65
C GLN S 29 -68.01 63.81 -58.12
N LEU S 30 -67.27 63.43 -59.17
CA LEU S 30 -67.41 62.06 -59.66
C LEU S 30 -66.95 61.03 -58.63
N ARG S 31 -66.07 61.41 -57.72
CA ARG S 31 -65.69 60.47 -56.67
C ARG S 31 -66.89 60.11 -55.81
N VAL S 32 -67.65 61.10 -55.34
CA VAL S 32 -68.82 60.78 -54.54
C VAL S 32 -69.89 60.13 -55.41
N ALA S 33 -69.88 60.42 -56.71
CA ALA S 33 -70.76 59.69 -57.60
C ALA S 33 -70.45 58.19 -57.57
N LYS S 34 -69.16 57.86 -57.56
CA LYS S 34 -68.75 56.46 -57.45
C LYS S 34 -69.16 55.87 -56.11
N VAL S 35 -68.99 56.63 -55.04
CA VAL S 35 -69.28 56.09 -53.71
C VAL S 35 -70.77 55.83 -53.56
N THR S 36 -71.61 56.81 -53.90
CA THR S 36 -73.05 56.62 -53.85
C THR S 36 -73.53 55.61 -54.89
N GLY S 37 -72.72 55.35 -55.91
CA GLY S 37 -73.07 54.37 -56.92
C GLY S 37 -74.02 54.91 -57.96
N GLY S 38 -74.42 54.03 -58.85
CA GLY S 38 -75.40 54.35 -59.86
C GLY S 38 -74.86 55.24 -60.96
N ALA S 39 -75.53 55.17 -62.11
CA ALA S 39 -75.19 55.98 -63.28
C ALA S 39 -73.75 55.70 -63.73
N ALA S 40 -73.56 54.46 -64.19
CA ALA S 40 -72.21 54.00 -64.50
C ALA S 40 -71.52 54.88 -65.53
N SER S 41 -72.29 55.64 -66.32
CA SER S 41 -71.65 56.64 -67.16
C SER S 41 -70.84 57.63 -66.34
N LYS S 42 -71.32 57.96 -65.15
CA LYS S 42 -70.56 58.86 -64.30
C LYS S 42 -69.20 58.25 -63.94
N LEU S 43 -69.18 56.96 -63.60
CA LEU S 43 -67.90 56.30 -63.37
C LEU S 43 -67.03 56.37 -64.61
N SER S 44 -67.60 56.03 -65.76
CA SER S 44 -66.82 55.96 -66.99
C SER S 44 -66.31 57.31 -67.45
N LYS S 45 -66.89 58.41 -66.95
CA LYS S 45 -66.36 59.73 -67.29
C LYS S 45 -65.11 60.08 -66.51
N ILE S 46 -64.75 59.31 -65.49
CA ILE S 46 -63.53 59.57 -64.74
C ILE S 46 -62.31 59.40 -65.63
N ARG S 47 -62.29 58.33 -66.43
CA ARG S 47 -61.16 58.08 -67.32
C ARG S 47 -60.94 59.24 -68.27
N VAL S 48 -61.98 60.00 -68.57
CA VAL S 48 -61.83 61.15 -69.44
C VAL S 48 -61.39 62.36 -68.62
N VAL S 49 -62.04 62.61 -67.50
CA VAL S 49 -61.80 63.83 -66.75
C VAL S 49 -60.39 63.84 -66.19
N ARG S 50 -59.98 62.75 -65.54
CA ARG S 50 -58.67 62.72 -64.89
C ARG S 50 -57.54 62.82 -65.90
N LYS S 51 -57.65 62.12 -67.02
CA LYS S 51 -56.62 62.28 -68.05
C LYS S 51 -56.68 63.66 -68.67
N SER S 52 -57.85 64.31 -68.67
CA SER S 52 -57.91 65.69 -69.11
C SER S 52 -57.09 66.59 -68.19
N ILE S 53 -57.21 66.37 -66.88
CA ILE S 53 -56.41 67.12 -65.92
C ILE S 53 -54.93 66.87 -66.16
N ALA S 54 -54.57 65.62 -66.43
CA ALA S 54 -53.18 65.33 -66.77
C ALA S 54 -52.74 66.11 -68.00
N ARG S 55 -53.59 66.19 -69.01
CA ARG S 55 -53.24 66.93 -70.22
C ARG S 55 -53.00 68.40 -69.90
N VAL S 56 -53.88 69.00 -69.12
CA VAL S 56 -53.77 70.43 -68.83
C VAL S 56 -52.49 70.72 -68.05
N LEU S 57 -52.20 69.90 -67.03
CA LEU S 57 -50.95 70.08 -66.31
C LEU S 57 -49.75 69.89 -67.21
N THR S 58 -49.82 68.94 -68.15
CA THR S 58 -48.73 68.80 -69.11
C THR S 58 -48.53 70.10 -69.88
N VAL S 59 -49.62 70.68 -70.37
CA VAL S 59 -49.51 71.92 -71.14
C VAL S 59 -48.87 73.01 -70.30
N ILE S 60 -49.35 73.20 -69.07
CA ILE S 60 -48.84 74.30 -68.27
C ILE S 60 -47.37 74.12 -67.96
N ASN S 61 -46.99 72.94 -67.48
CA ASN S 61 -45.60 72.73 -67.12
C ASN S 61 -44.70 72.87 -68.32
N GLN S 62 -45.10 72.30 -69.45
CA GLN S 62 -44.29 72.39 -70.66
C GLN S 62 -44.10 73.84 -71.06
N THR S 63 -45.17 74.62 -71.07
CA THR S 63 -45.06 76.01 -71.47
C THR S 63 -44.14 76.79 -70.54
N GLN S 64 -44.33 76.60 -69.22
CA GLN S 64 -43.55 77.38 -68.27
C GLN S 64 -42.06 77.08 -68.39
N LYS S 65 -41.70 75.80 -68.51
CA LYS S 65 -40.29 75.48 -68.63
C LYS S 65 -39.74 75.94 -69.97
N GLU S 66 -40.51 75.79 -71.05
CA GLU S 66 -39.99 76.14 -72.37
C GLU S 66 -39.88 77.65 -72.50
N ASN S 67 -40.54 78.40 -71.62
CA ASN S 67 -40.36 79.84 -71.59
C ASN S 67 -39.28 80.25 -70.61
N LEU S 68 -38.99 79.42 -69.61
CA LEU S 68 -37.82 79.67 -68.77
C LEU S 68 -36.53 79.52 -69.56
N ARG S 69 -36.48 78.52 -70.44
CA ARG S 69 -35.27 78.30 -71.24
C ARG S 69 -34.91 79.54 -72.04
N LYS S 70 -35.90 80.24 -72.59
CA LYS S 70 -35.62 81.46 -73.34
C LYS S 70 -35.01 82.52 -72.45
N PHE S 71 -35.55 82.68 -71.25
CA PHE S 71 -35.00 83.68 -70.34
C PHE S 71 -33.55 83.36 -69.97
N TYR S 72 -33.21 82.08 -69.86
CA TYR S 72 -31.85 81.73 -69.47
C TYR S 72 -30.87 81.59 -70.61
N LYS S 73 -31.33 81.45 -71.86
CA LYS S 73 -30.42 81.08 -72.92
C LYS S 73 -29.43 82.19 -73.23
N GLY S 74 -28.16 81.84 -73.32
CA GLY S 74 -27.13 82.83 -73.55
C GLY S 74 -26.55 83.42 -72.28
N LYS S 75 -26.39 82.61 -71.23
CA LYS S 75 -25.78 83.06 -69.99
C LYS S 75 -24.90 81.96 -69.43
N LYS S 76 -23.91 82.36 -68.64
CA LYS S 76 -22.88 81.42 -68.21
C LYS S 76 -23.44 80.33 -67.30
N TYR S 77 -24.22 80.71 -66.30
CA TYR S 77 -24.64 79.80 -65.25
C TYR S 77 -26.13 79.53 -65.35
N LYS S 78 -26.49 78.26 -65.42
CA LYS S 78 -27.85 77.82 -65.66
C LYS S 78 -28.28 76.82 -64.60
N PRO S 79 -29.58 76.67 -64.37
CA PRO S 79 -30.05 75.69 -63.40
C PRO S 79 -29.64 74.28 -63.79
N LEU S 80 -29.36 73.47 -62.77
CA LEU S 80 -28.98 72.09 -62.98
C LEU S 80 -30.04 71.36 -63.78
N ASP S 81 -31.31 71.64 -63.51
CA ASP S 81 -32.38 70.98 -64.25
C ASP S 81 -32.42 71.41 -65.71
N LEU S 82 -31.77 72.52 -66.05
CA LEU S 82 -31.83 73.02 -67.41
C LEU S 82 -30.56 72.77 -68.20
N ARG S 83 -29.46 72.43 -67.55
CA ARG S 83 -28.27 72.06 -68.31
C ARG S 83 -28.52 70.75 -69.04
N PRO S 84 -27.95 70.57 -70.23
CA PRO S 84 -28.35 69.44 -71.07
C PRO S 84 -27.88 68.11 -70.52
N LYS S 85 -28.80 67.36 -69.92
CA LYS S 85 -28.44 66.11 -69.27
C LYS S 85 -28.31 65.02 -70.32
N LYS S 86 -27.12 64.42 -70.41
CA LYS S 86 -26.93 63.27 -71.27
C LYS S 86 -26.60 62.02 -70.47
N THR S 87 -25.51 62.03 -69.71
CA THR S 87 -25.01 60.92 -68.92
C THR S 87 -24.20 61.50 -67.77
N ARG S 88 -23.36 60.68 -67.16
CA ARG S 88 -22.28 61.22 -66.35
C ARG S 88 -21.03 61.45 -67.19
N ALA S 89 -20.50 60.38 -67.76
CA ALA S 89 -19.21 60.44 -68.41
C ALA S 89 -19.20 61.43 -69.57
N MET S 90 -20.28 61.45 -70.36
CA MET S 90 -20.26 62.30 -71.55
C MET S 90 -20.14 63.76 -71.17
N ARG S 91 -20.86 64.19 -70.14
CA ARG S 91 -20.75 65.56 -69.71
C ARG S 91 -19.50 65.81 -68.87
N ARG S 92 -18.82 64.76 -68.41
CA ARG S 92 -17.52 64.95 -67.79
C ARG S 92 -16.36 64.90 -68.78
N ARG S 93 -16.61 64.55 -70.03
CA ARG S 93 -15.54 64.38 -71.01
C ARG S 93 -15.62 65.34 -72.19
N LEU S 94 -16.78 65.47 -72.84
CA LEU S 94 -16.86 66.08 -74.16
C LEU S 94 -16.58 67.58 -74.10
N ASN S 95 -15.79 68.08 -75.05
CA ASN S 95 -15.59 69.51 -75.20
C ASN S 95 -15.07 69.81 -76.59
N LYS S 96 -15.15 71.09 -76.96
CA LYS S 96 -14.89 71.50 -78.33
C LYS S 96 -13.53 72.16 -78.52
N HIS S 97 -12.93 72.67 -77.45
CA HIS S 97 -11.58 73.21 -77.58
C HIS S 97 -10.59 72.48 -76.70
N GLU S 98 -10.89 72.33 -75.41
CA GLU S 98 -9.92 71.69 -74.54
C GLU S 98 -9.64 70.27 -74.99
N GLU S 99 -10.57 69.66 -75.72
CA GLU S 99 -10.35 68.34 -76.32
C GLU S 99 -10.01 68.46 -77.80
N SER S 100 -9.63 69.66 -78.25
CA SER S 100 -9.29 69.85 -79.67
C SER S 100 -8.10 70.78 -79.91
N LEU S 101 -7.40 71.23 -78.88
CA LEU S 101 -6.29 72.13 -79.08
C LEU S 101 -5.09 71.39 -79.65
N LYS S 102 -4.11 72.16 -80.10
CA LYS S 102 -2.81 71.62 -80.51
C LYS S 102 -1.73 72.64 -80.13
N THR S 103 -0.62 72.14 -79.61
CA THR S 103 0.47 73.03 -79.22
C THR S 103 1.10 73.66 -80.44
N LYS S 104 1.86 74.73 -80.21
CA LYS S 104 2.59 75.34 -81.32
C LYS S 104 3.59 74.37 -81.92
N LYS S 105 4.18 73.50 -81.09
CA LYS S 105 5.05 72.46 -81.63
C LYS S 105 4.32 71.62 -82.66
N GLN S 106 3.14 71.13 -82.32
CA GLN S 106 2.39 70.29 -83.27
C GLN S 106 1.97 71.09 -84.49
N GLN S 107 1.51 72.32 -84.30
CA GLN S 107 1.07 73.09 -85.46
C GLN S 107 2.21 73.30 -86.44
N ARG S 108 3.36 73.79 -85.96
CA ARG S 108 4.47 74.05 -86.86
C ARG S 108 5.04 72.76 -87.43
N LYS S 109 5.08 71.70 -86.62
CA LYS S 109 5.49 70.40 -87.15
C LYS S 109 4.62 70.03 -88.33
N GLU S 110 3.32 69.83 -88.10
CA GLU S 110 2.44 69.35 -89.15
C GLU S 110 2.35 70.34 -90.31
N ARG S 111 2.76 71.58 -90.11
CA ARG S 111 2.83 72.47 -91.26
C ARG S 111 4.09 72.21 -92.07
N LEU S 112 5.22 71.96 -91.41
CA LEU S 112 6.46 71.77 -92.14
C LEU S 112 6.57 70.39 -92.76
N TYR S 113 6.04 69.37 -92.09
CA TYR S 113 6.26 67.97 -92.49
C TYR S 113 4.93 67.28 -92.72
N PRO S 114 4.10 67.81 -93.60
CA PRO S 114 2.74 67.30 -93.72
C PRO S 114 2.73 65.90 -94.33
N LEU S 115 1.71 65.14 -93.96
CA LEU S 115 1.47 63.87 -94.63
C LEU S 115 1.10 64.13 -96.09
N ARG S 116 1.63 63.31 -96.99
CA ARG S 116 1.47 63.55 -98.40
C ARG S 116 0.89 62.33 -99.09
N LYS S 117 0.14 62.56 -100.16
CA LYS S 117 -0.49 61.51 -100.93
C LYS S 117 0.36 61.15 -102.12
N TYR S 118 0.32 59.89 -102.52
CA TYR S 118 1.13 59.38 -103.62
C TYR S 118 0.59 58.01 -104.02
N ALA S 119 1.36 57.31 -104.86
CA ALA S 119 1.04 55.96 -105.29
C ALA S 119 2.25 55.42 -106.03
N VAL S 120 2.62 54.19 -105.75
CA VAL S 120 3.83 53.61 -106.33
C VAL S 120 3.45 52.73 -107.51
N LYS S 121 4.11 52.97 -108.63
CA LYS S 121 3.81 52.28 -109.88
C LYS S 121 4.89 51.25 -110.11
N ALA S 122 4.64 50.02 -109.67
CA ALA S 122 5.58 48.93 -109.88
C ALA S 122 5.25 48.19 -111.16
N ALA T 1 46.02 26.17 -96.21
CA ALA T 1 47.14 26.63 -97.03
C ALA T 1 46.73 27.85 -97.84
N LEU T 2 46.28 27.63 -99.07
CA LEU T 2 45.70 28.71 -99.85
C LEU T 2 44.52 29.27 -99.08
N ARG T 3 44.64 30.53 -98.67
CA ARG T 3 43.74 31.11 -97.69
C ARG T 3 42.28 30.94 -98.08
N TYR T 4 41.47 30.48 -97.13
CA TYR T 4 40.03 30.33 -97.33
C TYR T 4 39.29 30.94 -96.15
N PRO T 5 38.10 31.49 -96.39
CA PRO T 5 37.40 32.19 -95.33
C PRO T 5 36.84 31.27 -94.27
N MET T 6 37.51 31.21 -93.12
CA MET T 6 36.95 30.60 -91.92
C MET T 6 37.31 31.52 -90.76
N ALA T 7 36.33 31.88 -89.95
CA ALA T 7 36.51 32.86 -88.89
C ALA T 7 36.86 32.15 -87.59
N VAL T 8 38.02 32.50 -87.02
CA VAL T 8 38.49 31.92 -85.77
C VAL T 8 38.06 32.83 -84.62
N GLY T 9 37.34 32.28 -83.65
CA GLY T 9 36.96 33.02 -82.47
C GLY T 9 35.87 34.04 -82.75
N LEU T 10 36.02 35.21 -82.13
CA LEU T 10 35.10 36.32 -82.36
C LEU T 10 35.65 37.27 -83.42
N ASN T 11 34.83 37.52 -84.45
CA ASN T 11 35.17 38.44 -85.51
C ASN T 11 34.05 39.46 -85.64
N LYS T 12 34.38 40.60 -86.25
CA LYS T 12 33.38 41.53 -86.76
C LYS T 12 33.65 41.81 -88.24
N GLY T 13 33.89 40.74 -88.98
CA GLY T 13 33.97 40.73 -90.43
C GLY T 13 35.18 39.94 -90.90
N HIS T 14 34.92 38.85 -91.63
CA HIS T 14 35.94 38.05 -92.28
C HIS T 14 35.76 38.00 -93.78
N LYS T 15 34.61 38.46 -94.27
CA LYS T 15 34.34 38.51 -95.69
C LYS T 15 33.88 39.87 -96.18
N VAL T 16 33.19 40.64 -95.35
CA VAL T 16 32.61 41.91 -95.79
C VAL T 16 33.52 43.05 -95.37
N THR T 17 33.72 43.99 -96.28
CA THR T 17 34.43 45.21 -95.94
C THR T 17 33.71 45.88 -94.78
N LYS T 18 34.47 46.28 -93.76
CA LYS T 18 33.86 46.99 -92.66
C LYS T 18 33.44 48.36 -93.16
N ASN T 19 32.17 48.52 -93.49
CA ASN T 19 31.68 49.82 -93.94
C ASN T 19 31.65 50.78 -92.77
N VAL T 20 32.02 52.03 -93.04
CA VAL T 20 32.33 52.97 -91.98
C VAL T 20 31.06 53.37 -91.24
N SER T 21 31.26 53.98 -90.08
CA SER T 21 30.18 54.56 -89.31
C SER T 21 30.76 55.54 -88.31
N LYS T 22 29.95 56.50 -87.93
CA LYS T 22 30.27 57.47 -86.90
C LYS T 22 29.61 57.08 -85.59
N PRO T 23 30.25 57.33 -84.45
CA PRO T 23 29.68 56.90 -83.18
C PRO T 23 28.31 57.54 -82.95
N ARG T 24 27.40 56.77 -82.39
CA ARG T 24 26.09 57.29 -82.09
C ARG T 24 26.18 58.29 -80.94
N HIS T 25 25.10 59.03 -80.73
CA HIS T 25 25.13 60.09 -79.74
C HIS T 25 24.67 59.64 -78.36
N SER T 26 24.14 58.41 -78.24
CA SER T 26 23.78 57.84 -76.95
C SER T 26 24.97 57.26 -76.20
N ARG T 27 26.06 56.95 -76.87
CA ARG T 27 27.24 56.45 -76.19
C ARG T 27 28.11 57.57 -75.64
N ARG T 28 27.83 58.81 -76.02
CA ARG T 28 28.61 59.93 -75.53
C ARG T 28 28.26 60.30 -74.09
N ARG T 29 27.02 60.05 -73.66
CA ARG T 29 26.62 60.43 -72.32
C ARG T 29 27.51 59.77 -71.28
N GLY T 30 27.98 60.58 -70.33
CA GLY T 30 28.78 60.09 -69.24
C GLY T 30 30.03 60.89 -68.97
N ARG T 31 30.72 61.37 -70.00
CA ARG T 31 31.93 62.13 -69.79
C ARG T 31 31.59 63.48 -69.19
N LEU T 32 32.56 64.07 -68.49
CA LEU T 32 32.31 65.27 -67.71
C LEU T 32 32.17 66.45 -68.65
N THR T 33 32.22 67.65 -68.10
CA THR T 33 32.45 68.84 -68.90
C THR T 33 33.13 69.87 -68.02
N LYS T 34 33.72 70.89 -68.66
CA LYS T 34 34.38 71.95 -67.93
C LYS T 34 33.45 72.61 -66.92
N HIS T 35 32.16 72.63 -67.21
CA HIS T 35 31.23 73.26 -66.30
C HIS T 35 30.74 72.29 -65.23
N THR T 36 30.37 71.08 -65.64
CA THR T 36 29.81 70.14 -64.68
C THR T 36 30.87 69.71 -63.66
N LYS T 37 32.10 69.47 -64.12
CA LYS T 37 33.18 69.20 -63.18
C LYS T 37 33.35 70.34 -62.20
N PHE T 38 33.19 71.56 -62.68
CA PHE T 38 33.27 72.72 -61.81
C PHE T 38 32.17 72.67 -60.74
N VAL T 39 30.95 72.33 -61.16
CA VAL T 39 29.85 72.25 -60.20
C VAL T 39 30.15 71.20 -59.14
N ARG T 40 30.60 70.04 -59.58
CA ARG T 40 30.95 68.97 -58.64
C ARG T 40 32.02 69.43 -57.66
N ASP T 41 33.09 70.03 -58.18
CA ASP T 41 34.24 70.39 -57.37
C ASP T 41 34.00 71.62 -56.52
N MET T 42 32.89 72.33 -56.73
CA MET T 42 32.58 73.37 -55.77
C MET T 42 31.62 72.88 -54.70
N ILE T 43 30.56 72.15 -55.10
CA ILE T 43 29.63 71.65 -54.10
C ILE T 43 30.32 70.69 -53.15
N ARG T 44 31.34 69.98 -53.64
CA ARG T 44 32.07 69.08 -52.76
C ARG T 44 32.68 69.84 -51.60
N GLU T 45 33.34 70.96 -51.86
CA GLU T 45 33.93 71.66 -50.74
C GLU T 45 32.89 72.44 -49.95
N VAL T 46 31.76 72.78 -50.57
CA VAL T 46 30.69 73.43 -49.82
C VAL T 46 30.14 72.49 -48.76
N CYS T 47 29.94 71.23 -49.12
CA CYS T 47 29.32 70.29 -48.20
C CYS T 47 30.34 69.63 -47.28
N GLY T 48 31.28 68.89 -47.84
CA GLY T 48 32.19 68.12 -47.03
C GLY T 48 32.22 66.66 -47.44
N PHE T 49 32.61 65.83 -46.49
CA PHE T 49 32.69 64.39 -46.72
C PHE T 49 31.80 63.61 -45.76
N ALA T 50 31.49 62.37 -46.15
CA ALA T 50 30.78 61.45 -45.29
C ALA T 50 31.73 60.84 -44.28
N PRO T 51 31.20 60.32 -43.17
CA PRO T 51 32.07 59.67 -42.17
C PRO T 51 32.88 58.51 -42.72
N TYR T 52 32.31 57.70 -43.63
CA TYR T 52 33.08 56.58 -44.14
C TYR T 52 34.24 57.06 -44.99
N GLU T 53 34.06 58.15 -45.73
CA GLU T 53 35.17 58.75 -46.46
C GLU T 53 36.23 59.28 -45.50
N ARG T 54 35.81 59.97 -44.44
CA ARG T 54 36.81 60.52 -43.52
C ARG T 54 37.60 59.44 -42.83
N ARG T 55 36.96 58.34 -42.44
CA ARG T 55 37.68 57.26 -41.79
C ARG T 55 38.73 56.67 -42.72
N ALA T 56 38.35 56.43 -43.97
CA ALA T 56 39.30 55.91 -44.94
C ALA T 56 40.43 56.90 -45.20
N MET T 57 40.12 58.20 -45.15
CA MET T 57 41.17 59.19 -45.32
C MET T 57 42.17 59.13 -44.17
N GLU T 58 41.68 58.92 -42.95
CA GLU T 58 42.58 58.77 -41.82
C GLU T 58 43.41 57.49 -41.95
N LEU T 59 42.80 56.42 -42.45
CA LEU T 59 43.55 55.18 -42.61
C LEU T 59 44.58 55.31 -43.73
N LEU T 60 44.32 56.15 -44.72
CA LEU T 60 45.36 56.46 -45.71
C LEU T 60 46.40 57.41 -45.15
N LYS T 61 46.02 58.23 -44.18
CA LYS T 61 46.99 59.06 -43.47
C LYS T 61 48.02 58.18 -42.78
N VAL T 62 47.55 57.17 -42.05
CA VAL T 62 48.46 56.18 -41.48
C VAL T 62 49.01 55.24 -42.54
N SER T 63 48.42 55.26 -43.74
CA SER T 63 48.98 54.62 -44.93
C SER T 63 49.02 53.09 -44.83
N LYS T 64 47.87 52.49 -44.55
CA LYS T 64 47.74 51.04 -44.69
C LYS T 64 46.65 50.82 -45.75
N ASP T 65 47.08 50.84 -47.02
CA ASP T 65 46.12 50.85 -48.11
C ASP T 65 45.35 49.54 -48.20
N LYS T 66 45.97 48.42 -47.82
CA LYS T 66 45.25 47.15 -47.87
C LYS T 66 44.17 47.05 -46.82
N ARG T 67 44.14 47.95 -45.85
CA ARG T 67 43.01 48.07 -44.93
C ARG T 67 42.04 49.17 -45.33
N ALA T 68 42.56 50.26 -45.91
CA ALA T 68 41.67 51.27 -46.45
C ALA T 68 40.77 50.69 -47.53
N LEU T 69 41.33 49.87 -48.41
CA LEU T 69 40.52 49.26 -49.45
C LEU T 69 39.45 48.38 -48.84
N LYS T 70 39.80 47.59 -47.83
CA LYS T 70 38.80 46.71 -47.23
C LYS T 70 37.69 47.53 -46.58
N PHE T 71 38.04 48.63 -45.94
CA PHE T 71 37.02 49.49 -45.34
C PHE T 71 36.08 50.03 -46.41
N ILE T 72 36.63 50.50 -47.53
CA ILE T 72 35.75 51.07 -48.56
C ILE T 72 34.89 49.98 -49.18
N LYS T 73 35.45 48.78 -49.36
CA LYS T 73 34.71 47.69 -49.97
C LYS T 73 33.56 47.25 -49.08
N LYS T 74 33.85 46.99 -47.81
CA LYS T 74 32.83 46.47 -46.90
C LYS T 74 31.68 47.45 -46.72
N ARG T 75 31.85 48.71 -47.12
CA ARG T 75 30.80 49.71 -47.01
C ARG T 75 30.11 50.04 -48.31
N VAL T 76 30.82 50.07 -49.44
CA VAL T 76 30.21 50.43 -50.71
C VAL T 76 29.86 49.21 -51.54
N GLY T 77 30.69 48.17 -51.57
CA GLY T 77 30.26 46.87 -52.03
C GLY T 77 31.07 46.17 -53.11
N THR T 78 31.43 46.88 -54.16
CA THR T 78 32.06 46.23 -55.31
C THR T 78 33.52 46.61 -55.37
N HIS T 79 34.37 45.60 -55.60
CA HIS T 79 35.80 45.88 -55.68
C HIS T 79 36.12 46.86 -56.79
N ILE T 80 35.33 46.88 -57.88
CA ILE T 80 35.56 47.90 -58.89
C ILE T 80 35.40 49.29 -58.28
N ARG T 81 34.31 49.50 -57.55
CA ARG T 81 34.08 50.81 -56.99
C ARG T 81 35.08 51.15 -55.90
N ALA T 82 35.47 50.17 -55.09
CA ALA T 82 36.48 50.45 -54.07
C ALA T 82 37.81 50.80 -54.70
N LYS T 83 38.20 50.07 -55.76
CA LYS T 83 39.44 50.37 -56.45
C LYS T 83 39.40 51.76 -57.06
N ARG T 84 38.30 52.12 -57.69
CA ARG T 84 38.23 53.43 -58.33
C ARG T 84 38.04 54.54 -57.31
N LYS T 85 37.58 54.23 -56.11
CA LYS T 85 37.32 55.24 -55.11
C LYS T 85 38.52 55.53 -54.22
N ARG T 86 39.36 54.52 -53.96
CA ARG T 86 40.59 54.80 -53.23
C ARG T 86 41.45 55.79 -54.00
N GLU T 87 41.41 55.73 -55.32
CA GLU T 87 42.15 56.71 -56.12
C GLU T 87 41.63 58.13 -55.88
N GLU T 88 40.32 58.30 -55.78
CA GLU T 88 39.82 59.65 -55.52
C GLU T 88 40.06 60.07 -54.09
N LEU T 89 40.16 59.13 -53.15
CA LEU T 89 40.49 59.52 -51.78
C LEU T 89 41.95 59.97 -51.69
N SER T 90 42.85 59.20 -52.28
CA SER T 90 44.14 59.76 -52.65
C SER T 90 43.93 60.83 -53.72
N SER T 91 45.00 61.51 -54.09
CA SER T 91 44.91 62.62 -55.04
C SER T 91 43.97 63.70 -54.51
N VAL T 92 43.50 63.52 -53.28
CA VAL T 92 42.81 64.56 -52.54
C VAL T 92 43.51 64.69 -51.20
N LEU T 93 43.80 63.54 -50.57
CA LEU T 93 44.74 63.59 -49.46
C LEU T 93 46.07 64.17 -49.90
N ALA T 94 46.51 63.81 -51.11
CA ALA T 94 47.75 64.36 -51.64
C ALA T 94 47.65 65.87 -51.81
N ALA T 95 46.52 66.35 -52.30
CA ALA T 95 46.31 67.79 -52.41
C ALA T 95 46.36 68.46 -51.05
N MET T 96 45.75 67.83 -50.04
CA MET T 96 45.77 68.37 -48.69
C MET T 96 47.20 68.56 -48.20
N ARG T 97 48.00 67.49 -48.23
CA ARG T 97 49.37 67.61 -47.74
C ARG T 97 50.17 68.59 -48.58
N LYS T 98 49.99 68.56 -49.90
CA LYS T 98 50.75 69.40 -50.80
C LYS T 98 50.44 70.88 -50.57
N ALA T 99 49.19 71.21 -50.26
CA ALA T 99 48.82 72.59 -50.03
C ALA T 99 49.00 73.01 -48.59
N ALA T 100 49.27 72.07 -47.68
CA ALA T 100 49.65 72.46 -46.32
C ALA T 100 51.13 72.76 -46.23
N ALA T 101 51.97 71.89 -46.79
CA ALA T 101 53.41 72.15 -46.82
C ALA T 101 53.73 73.38 -47.65
N LYS T 102 52.81 73.78 -48.54
CA LYS T 102 52.99 74.98 -49.32
C LYS T 102 53.09 76.18 -48.41
N THR U 1 -37.33 19.75 -22.49
CA THR U 1 -36.76 21.03 -22.12
C THR U 1 -35.77 21.50 -23.15
N LYS U 2 -35.29 20.57 -23.95
CA LYS U 2 -34.42 20.96 -25.05
C LYS U 2 -35.22 21.35 -26.29
N GLY U 3 -36.34 20.68 -26.53
CA GLY U 3 -36.98 20.82 -27.82
C GLY U 3 -38.38 21.40 -27.89
N THR U 4 -39.24 21.10 -26.93
CA THR U 4 -40.61 21.59 -27.02
C THR U 4 -41.09 22.30 -25.77
N SER U 5 -40.48 22.09 -24.62
CA SER U 5 -40.74 22.98 -23.51
C SER U 5 -39.95 24.27 -23.64
N SER U 6 -39.03 24.33 -24.61
CA SER U 6 -38.22 25.51 -24.84
C SER U 6 -38.56 26.22 -26.14
N PHE U 7 -39.66 25.85 -26.78
CA PHE U 7 -40.22 26.64 -27.85
C PHE U 7 -41.35 27.52 -27.39
N GLY U 8 -41.65 27.54 -26.10
CA GLY U 8 -42.65 28.46 -25.63
C GLY U 8 -42.17 29.87 -25.42
N LYS U 9 -40.86 30.06 -25.32
CA LYS U 9 -40.30 31.35 -24.96
C LYS U 9 -39.92 32.19 -26.16
N ARG U 10 -40.12 31.70 -27.37
CA ARG U 10 -39.78 32.43 -28.58
C ARG U 10 -40.78 33.56 -28.77
N ARG U 11 -40.56 34.67 -28.08
CA ARG U 11 -41.41 35.84 -28.26
C ARG U 11 -40.62 37.13 -28.40
N ASN U 12 -39.40 37.07 -28.89
CA ASN U 12 -38.67 38.27 -29.26
C ASN U 12 -38.38 38.28 -30.76
N LYS U 13 -38.02 39.45 -31.25
CA LYS U 13 -37.54 39.59 -32.61
C LYS U 13 -36.10 40.05 -32.58
N THR U 14 -35.20 39.22 -33.12
CA THR U 14 -33.85 39.68 -33.39
C THR U 14 -33.76 40.37 -34.73
N HIS U 15 -34.22 39.71 -35.79
CA HIS U 15 -34.14 40.29 -37.12
C HIS U 15 -35.44 40.95 -37.53
N THR U 16 -35.37 42.20 -37.97
CA THR U 16 -36.51 42.89 -38.57
C THR U 16 -36.10 43.47 -39.92
N LEU U 17 -37.07 44.10 -40.58
CA LEU U 17 -36.89 44.52 -41.96
C LEU U 17 -36.02 45.77 -42.03
N CYS U 18 -34.90 45.69 -42.75
CA CYS U 18 -34.01 46.85 -42.75
C CYS U 18 -34.56 47.90 -43.70
N ARG U 19 -33.82 48.98 -43.88
CA ARG U 19 -34.36 50.12 -44.59
C ARG U 19 -33.97 50.17 -46.06
N ARG U 20 -32.93 49.46 -46.49
CA ARG U 20 -32.55 49.61 -47.88
C ARG U 20 -32.65 48.31 -48.66
N CYS U 21 -32.42 47.16 -48.04
CA CYS U 21 -32.62 45.96 -48.84
C CYS U 21 -34.09 45.55 -48.82
N GLY U 22 -34.75 45.72 -47.68
CA GLY U 22 -36.14 45.36 -47.54
C GLY U 22 -36.38 43.95 -47.07
N SER U 23 -35.34 43.22 -46.74
CA SER U 23 -35.45 41.82 -46.36
C SER U 23 -35.16 41.66 -44.87
N LYS U 24 -35.86 40.73 -44.24
CA LYS U 24 -35.82 40.65 -42.79
C LYS U 24 -34.45 40.19 -42.34
N ALA U 25 -33.55 41.13 -42.10
CA ALA U 25 -32.23 40.79 -41.59
C ALA U 25 -31.74 41.68 -40.47
N TYR U 26 -32.29 42.88 -40.31
CA TYR U 26 -31.68 43.93 -39.51
C TYR U 26 -31.61 43.52 -38.04
N HIS U 27 -30.40 43.24 -37.56
CA HIS U 27 -30.19 42.72 -36.21
C HIS U 27 -30.18 43.87 -35.21
N LEU U 28 -31.33 44.15 -34.60
CA LEU U 28 -31.48 45.38 -33.83
C LEU U 28 -30.46 45.47 -32.71
N GLN U 29 -30.25 44.38 -31.96
CA GLN U 29 -29.31 44.44 -30.85
C GLN U 29 -27.96 44.94 -31.32
N LYS U 30 -27.46 44.39 -32.42
CA LYS U 30 -26.20 44.88 -32.95
C LYS U 30 -26.39 46.10 -33.84
N SER U 31 -27.62 46.40 -34.26
CA SER U 31 -27.92 47.53 -35.12
C SER U 31 -27.09 47.46 -36.41
N THR U 32 -27.38 46.45 -37.21
CA THR U 32 -26.60 46.15 -38.40
C THR U 32 -27.29 45.13 -39.27
N CYS U 33 -27.44 45.44 -40.56
CA CYS U 33 -28.19 44.52 -41.41
C CYS U 33 -27.38 43.25 -41.64
N GLY U 34 -28.08 42.21 -42.12
CA GLY U 34 -27.45 40.94 -42.32
C GLY U 34 -27.40 40.48 -43.76
N LYS U 35 -28.43 40.80 -44.54
CA LYS U 35 -28.49 40.34 -45.93
C LYS U 35 -27.94 41.35 -46.93
N CYS U 36 -27.89 42.61 -46.58
CA CYS U 36 -27.26 43.62 -47.44
C CYS U 36 -26.19 44.41 -46.72
N GLY U 37 -26.44 44.83 -45.50
CA GLY U 37 -25.54 45.69 -44.79
C GLY U 37 -26.08 47.10 -44.89
N TYR U 38 -26.77 47.57 -43.86
CA TYR U 38 -27.28 48.93 -43.97
C TYR U 38 -26.29 49.98 -43.50
N PRO U 39 -25.66 49.84 -42.34
CA PRO U 39 -24.74 50.89 -41.91
C PRO U 39 -23.60 51.10 -42.88
N ALA U 40 -23.13 50.02 -43.49
CA ALA U 40 -21.99 50.11 -44.39
C ALA U 40 -22.36 50.89 -45.64
N LYS U 41 -21.37 51.55 -46.22
CA LYS U 41 -21.58 52.24 -47.49
C LYS U 41 -21.64 51.29 -48.67
N ARG U 42 -21.35 50.01 -48.47
CA ARG U 42 -21.15 49.07 -49.55
C ARG U 42 -22.18 47.95 -49.47
N LYS U 43 -22.93 47.74 -50.55
CA LYS U 43 -23.89 46.65 -50.59
C LYS U 43 -23.12 45.34 -50.55
N ARG U 44 -23.45 44.48 -49.60
CA ARG U 44 -22.69 43.25 -49.44
C ARG U 44 -22.89 42.34 -50.64
N LYS U 45 -21.78 41.93 -51.24
CA LYS U 45 -21.79 41.00 -52.34
C LYS U 45 -20.70 39.97 -52.08
N TYR U 46 -20.93 38.75 -52.52
CA TYR U 46 -19.95 37.70 -52.30
C TYR U 46 -19.92 36.77 -53.50
N ASN U 47 -18.76 36.15 -53.71
CA ASN U 47 -18.60 35.24 -54.83
C ASN U 47 -18.86 33.79 -54.46
N TRP U 48 -19.16 33.49 -53.20
CA TRP U 48 -19.43 32.11 -52.85
C TRP U 48 -20.90 31.78 -52.72
N SER U 49 -21.79 32.72 -53.00
CA SER U 49 -23.22 32.42 -53.08
C SER U 49 -23.72 33.01 -54.38
N ALA U 50 -23.52 32.27 -55.46
CA ALA U 50 -23.94 32.76 -56.75
C ALA U 50 -25.45 32.82 -56.88
N LYS U 51 -26.18 32.12 -56.03
CA LYS U 51 -27.63 32.22 -56.01
C LYS U 51 -28.11 33.26 -55.02
N ALA U 52 -27.20 34.07 -54.48
CA ALA U 52 -27.55 35.31 -53.81
C ALA U 52 -27.00 36.51 -54.53
N LYS U 53 -25.94 36.36 -55.30
CA LYS U 53 -25.53 37.35 -56.27
C LYS U 53 -26.39 37.31 -57.51
N ARG U 54 -27.54 36.65 -57.44
CA ARG U 54 -28.43 36.51 -58.58
C ARG U 54 -29.88 36.87 -58.28
N ARG U 55 -30.28 36.91 -57.02
CA ARG U 55 -31.64 37.28 -56.69
C ARG U 55 -31.83 38.77 -56.60
N ASN U 56 -30.77 39.56 -56.64
CA ASN U 56 -30.93 40.99 -56.43
C ASN U 56 -30.05 41.89 -57.28
N THR U 57 -29.27 41.36 -58.21
CA THR U 57 -28.45 42.24 -59.03
C THR U 57 -29.30 42.85 -60.14
N THR U 58 -28.66 43.53 -61.08
CA THR U 58 -29.38 44.27 -62.11
C THR U 58 -30.34 43.37 -62.86
N GLY U 59 -31.39 43.97 -63.41
CA GLY U 59 -32.38 43.22 -64.14
C GLY U 59 -33.37 42.48 -63.29
N THR U 60 -33.19 42.49 -61.98
CA THR U 60 -34.16 41.86 -61.10
C THR U 60 -35.13 42.88 -60.50
N GLY U 61 -34.72 44.13 -60.42
CA GLY U 61 -35.60 45.18 -59.96
C GLY U 61 -36.53 45.66 -61.06
N ARG U 62 -36.67 46.97 -61.21
CA ARG U 62 -37.49 47.51 -62.28
C ARG U 62 -36.71 48.40 -63.23
N MET U 63 -35.50 48.80 -62.87
CA MET U 63 -34.64 49.60 -63.74
C MET U 63 -35.36 50.84 -64.23
N ARG U 64 -35.62 51.75 -63.31
CA ARG U 64 -36.32 52.98 -63.69
C ARG U 64 -35.48 53.85 -64.60
N HIS U 65 -34.17 53.64 -64.65
CA HIS U 65 -33.32 54.52 -65.44
C HIS U 65 -32.64 53.80 -66.60
N LEU U 66 -32.06 52.63 -66.37
CA LEU U 66 -31.42 51.92 -67.47
C LEU U 66 -32.43 51.55 -68.54
N LYS U 67 -33.63 51.16 -68.13
CA LYS U 67 -34.69 50.80 -69.07
C LYS U 67 -34.96 51.91 -70.08
N ILE U 68 -34.51 53.13 -69.81
CA ILE U 68 -34.61 54.20 -70.77
C ILE U 68 -33.25 54.63 -71.30
N VAL U 69 -32.16 54.37 -70.58
CA VAL U 69 -30.85 54.65 -71.15
C VAL U 69 -30.63 53.80 -72.38
N TYR U 70 -31.06 52.54 -72.32
CA TYR U 70 -30.97 51.69 -73.51
C TYR U 70 -31.95 52.09 -74.60
N ARG U 71 -32.88 53.00 -74.32
CA ARG U 71 -33.72 53.55 -75.38
C ARG U 71 -33.12 54.79 -75.99
N ARG U 72 -32.45 55.60 -75.18
CA ARG U 72 -31.78 56.78 -75.71
C ARG U 72 -30.53 56.41 -76.51
N PHE U 73 -29.82 55.35 -76.10
CA PHE U 73 -28.58 54.99 -76.77
C PHE U 73 -28.79 54.72 -78.25
N ARG U 74 -29.80 53.91 -78.59
CA ARG U 74 -30.00 53.51 -79.97
C ARG U 74 -30.13 54.72 -80.88
N HIS U 75 -30.95 55.68 -80.48
CA HIS U 75 -31.15 56.85 -81.31
C HIS U 75 -30.14 57.95 -81.02
N GLY U 76 -29.16 57.69 -80.16
CA GLY U 76 -27.97 58.51 -80.15
C GLY U 76 -27.98 59.68 -79.21
N PHE U 77 -28.80 59.64 -78.16
CA PHE U 77 -28.75 60.65 -77.10
C PHE U 77 -29.13 62.03 -77.61
N ARG U 78 -30.25 62.10 -78.32
CA ARG U 78 -30.77 63.40 -78.71
C ARG U 78 -31.28 64.14 -77.47
N GLU U 79 -31.40 65.46 -77.61
CA GLU U 79 -32.01 66.29 -76.59
C GLU U 79 -32.29 67.69 -77.14
N GLY U 80 -33.53 68.13 -77.07
CA GLY U 80 -33.90 69.47 -77.49
C GLY U 80 -34.64 69.55 -78.80
N THR U 81 -34.30 68.72 -79.78
CA THR U 81 -34.98 68.74 -81.06
C THR U 81 -36.16 67.79 -81.06
N THR U 82 -37.09 68.03 -81.97
CA THR U 82 -38.31 67.25 -82.12
C THR U 82 -38.61 67.13 -83.60
N PRO U 83 -39.48 66.20 -83.99
CA PRO U 83 -39.88 66.13 -85.39
C PRO U 83 -40.51 67.43 -85.83
N LYS U 84 -40.29 67.80 -87.08
CA LYS U 84 -40.96 68.99 -87.59
C LYS U 84 -42.46 68.71 -87.62
N PRO U 85 -43.27 69.49 -86.93
CA PRO U 85 -44.69 69.14 -86.78
C PRO U 85 -45.43 69.22 -88.11
N LYS U 86 -46.53 68.47 -88.17
CA LYS U 86 -47.30 68.27 -89.39
C LYS U 86 -48.18 69.47 -89.77
N SER V 1 -49.71 42.54 -30.68
CA SER V 1 -49.34 43.90 -30.40
C SER V 1 -50.48 44.84 -30.73
N SER V 2 -50.99 45.53 -29.72
CA SER V 2 -51.83 46.67 -29.99
C SER V 2 -51.03 47.97 -30.03
N HIS V 3 -49.71 47.87 -29.95
CA HIS V 3 -48.79 48.95 -30.27
C HIS V 3 -48.07 48.61 -31.57
N LYS V 4 -48.32 49.38 -32.62
CA LYS V 4 -47.73 49.09 -33.92
C LYS V 4 -47.07 50.35 -34.46
N THR V 5 -45.89 50.19 -35.01
CA THR V 5 -45.22 51.29 -35.68
C THR V 5 -45.86 51.53 -37.03
N PHE V 6 -45.52 52.65 -37.66
CA PHE V 6 -46.23 53.04 -38.87
C PHE V 6 -45.81 52.18 -40.06
N ARG V 7 -44.52 51.88 -40.17
CA ARG V 7 -44.07 51.02 -41.27
C ARG V 7 -44.68 49.63 -41.17
N ILE V 8 -44.70 49.05 -39.97
CA ILE V 8 -45.31 47.72 -39.81
C ILE V 8 -46.81 47.82 -40.05
N LYS V 9 -47.41 48.97 -39.70
CA LYS V 9 -48.82 49.18 -39.97
C LYS V 9 -49.11 49.12 -41.45
N ARG V 10 -48.29 49.76 -42.27
CA ARG V 10 -48.57 49.75 -43.70
C ARG V 10 -48.19 48.42 -44.33
N PHE V 11 -47.22 47.70 -43.78
CA PHE V 11 -46.94 46.36 -44.31
C PHE V 11 -48.11 45.43 -44.04
N LEU V 12 -48.66 45.47 -42.83
CA LEU V 12 -49.88 44.71 -42.57
C LEU V 12 -50.99 45.15 -43.50
N ALA V 13 -51.08 46.44 -43.77
CA ALA V 13 -52.09 46.92 -44.70
C ALA V 13 -51.93 46.35 -46.10
N LYS V 14 -50.71 46.33 -46.64
CA LYS V 14 -50.53 45.84 -48.00
C LYS V 14 -50.78 44.34 -48.09
N LYS V 15 -50.24 43.56 -47.15
CA LYS V 15 -50.58 42.15 -47.16
C LYS V 15 -52.05 41.94 -46.87
N GLN V 16 -52.72 42.94 -46.32
CA GLN V 16 -54.17 42.88 -46.20
C GLN V 16 -54.88 43.13 -47.52
N LYS V 17 -54.41 44.11 -48.30
CA LYS V 17 -55.09 44.43 -49.54
C LYS V 17 -54.96 43.30 -50.54
N GLN V 18 -53.79 42.66 -50.62
CA GLN V 18 -53.63 41.69 -51.70
C GLN V 18 -53.96 40.27 -51.26
N ASN V 19 -55.00 40.14 -50.43
CA ASN V 19 -55.55 38.85 -50.00
C ASN V 19 -57.04 38.85 -50.31
N ARG V 20 -57.42 38.22 -51.41
CA ARG V 20 -58.79 38.30 -51.89
C ARG V 20 -58.97 37.27 -53.00
N PRO V 21 -60.18 36.74 -53.17
CA PRO V 21 -60.44 35.93 -54.35
C PRO V 21 -60.31 36.78 -55.61
N ILE V 22 -60.08 36.11 -56.72
CA ILE V 22 -59.94 36.79 -58.01
C ILE V 22 -61.26 37.47 -58.34
N PRO V 23 -61.32 38.32 -59.34
CA PRO V 23 -62.62 38.78 -59.81
C PRO V 23 -63.41 37.65 -60.45
N GLN V 24 -64.59 37.94 -60.99
CA GLN V 24 -65.40 36.92 -61.62
C GLN V 24 -65.42 37.03 -63.13
N TRP V 25 -64.90 38.11 -63.68
CA TRP V 25 -64.82 38.30 -65.12
C TRP V 25 -63.46 37.95 -65.68
N ILE V 26 -62.44 37.88 -64.83
CA ILE V 26 -61.13 37.45 -65.28
C ILE V 26 -61.20 36.04 -65.83
N ARG V 27 -62.21 35.27 -65.41
CA ARG V 27 -62.39 33.92 -65.93
C ARG V 27 -62.74 33.95 -67.41
N MET V 28 -63.69 34.78 -67.80
CA MET V 28 -64.08 34.86 -69.20
C MET V 28 -63.20 35.81 -70.00
N LYS V 29 -62.22 36.45 -69.38
CA LYS V 29 -61.22 37.18 -70.16
C LYS V 29 -60.52 36.22 -71.12
N THR V 30 -60.23 36.70 -72.32
CA THR V 30 -59.81 35.82 -73.41
C THR V 30 -58.40 35.29 -73.20
N GLY V 31 -58.23 33.98 -73.40
CA GLY V 31 -56.95 33.36 -73.20
C GLY V 31 -56.54 33.24 -71.76
N ASN V 32 -57.49 33.06 -70.86
CA ASN V 32 -57.21 33.07 -69.43
C ASN V 32 -56.55 31.78 -69.00
N LYS V 33 -55.42 31.89 -68.30
CA LYS V 33 -54.79 30.72 -67.72
C LYS V 33 -54.72 30.77 -66.19
N ILE V 34 -55.47 31.66 -65.56
CA ILE V 34 -55.60 31.69 -64.11
C ILE V 34 -57.03 31.33 -63.75
N ARG V 35 -57.21 30.77 -62.55
CA ARG V 35 -58.54 30.40 -62.08
C ARG V 35 -58.81 30.71 -60.63
N TYR V 36 -57.81 31.01 -59.81
CA TYR V 36 -58.01 31.22 -58.39
C TYR V 36 -56.73 31.78 -57.82
N ASN V 37 -56.86 32.69 -56.87
CA ASN V 37 -55.71 33.32 -56.25
C ASN V 37 -54.91 32.26 -55.54
N SER V 38 -53.67 32.02 -55.99
CA SER V 38 -52.85 31.00 -55.38
C SER V 38 -52.13 31.49 -54.14
N LYS V 39 -51.86 32.80 -54.06
CA LYS V 39 -51.12 33.35 -52.94
C LYS V 39 -52.02 33.68 -51.75
N ARG V 40 -53.34 33.53 -51.89
CA ARG V 40 -54.25 33.71 -50.78
C ARG V 40 -53.81 32.88 -49.58
N ARG V 41 -53.59 33.55 -48.46
CA ARG V 41 -53.08 32.90 -47.26
C ARG V 41 -54.12 32.93 -46.15
N HIS V 42 -54.06 31.94 -45.28
CA HIS V 42 -54.97 31.82 -44.15
C HIS V 42 -54.15 31.88 -42.88
N TRP V 43 -54.45 32.87 -42.03
CA TRP V 43 -53.58 33.35 -40.98
C TRP V 43 -53.24 32.32 -39.91
N ARG V 44 -53.79 31.10 -39.95
CA ARG V 44 -53.40 30.08 -39.00
C ARG V 44 -52.50 29.02 -39.60
N ARG V 45 -52.11 29.14 -40.86
CA ARG V 45 -51.19 28.20 -41.47
C ARG V 45 -49.93 28.83 -42.03
N THR V 46 -50.00 30.03 -42.58
CA THR V 46 -48.83 30.78 -42.98
C THR V 46 -48.65 31.92 -41.99
N LYS V 47 -47.47 32.51 -41.96
CA LYS V 47 -47.25 33.47 -40.88
C LYS V 47 -46.52 34.75 -41.26
N LEU V 48 -46.11 34.93 -42.51
CA LEU V 48 -45.54 36.20 -42.98
C LEU V 48 -44.43 36.73 -42.09
N GLY V 49 -43.79 35.85 -41.32
CA GLY V 49 -42.56 36.20 -40.65
C GLY V 49 -41.48 35.18 -40.97
N LEU V 50 -41.73 34.38 -42.02
CA LEU V 50 -40.92 33.21 -42.33
C LEU V 50 -40.70 33.07 -43.85
N ILE W 1 -39.99 -76.73 14.37
CA ILE W 1 -38.55 -76.86 14.54
C ILE W 1 -37.97 -77.59 13.33
N ILE W 2 -36.73 -77.28 12.99
CA ILE W 2 -36.09 -77.76 11.78
C ILE W 2 -35.40 -79.09 12.09
N GLU W 3 -36.17 -80.17 12.00
CA GLU W 3 -35.60 -81.50 12.19
C GLU W 3 -34.62 -81.79 11.06
N PRO W 4 -33.67 -82.70 11.27
CA PRO W 4 -32.61 -82.89 10.27
C PRO W 4 -33.09 -83.24 8.87
N SER W 5 -34.12 -84.07 8.73
CA SER W 5 -34.58 -84.45 7.40
C SER W 5 -35.17 -83.25 6.66
N LEU W 6 -36.11 -82.55 7.30
CA LEU W 6 -36.67 -81.36 6.69
C LEU W 6 -35.59 -80.35 6.38
N ARG W 7 -34.60 -80.21 7.25
CA ARG W 7 -33.51 -79.30 6.98
C ARG W 7 -32.82 -79.71 5.69
N GLN W 8 -32.15 -80.86 5.68
CA GLN W 8 -31.34 -81.18 4.52
C GLN W 8 -32.19 -81.46 3.29
N LEU W 9 -33.50 -81.32 3.37
CA LEU W 9 -34.27 -81.25 2.13
C LEU W 9 -34.52 -79.80 1.72
N ALA W 10 -34.86 -78.94 2.67
CA ALA W 10 -35.10 -77.54 2.33
C ALA W 10 -33.83 -76.87 1.84
N GLN W 11 -32.70 -77.17 2.48
CA GLN W 11 -31.45 -76.60 2.01
C GLN W 11 -31.03 -77.13 0.65
N LYS W 12 -31.68 -78.19 0.16
CA LYS W 12 -31.51 -78.57 -1.24
C LYS W 12 -32.17 -77.57 -2.15
N TYR W 13 -33.37 -77.11 -1.80
CA TYR W 13 -34.08 -76.12 -2.60
C TYR W 13 -33.60 -74.69 -2.35
N ASN W 14 -32.83 -74.45 -1.28
CA ASN W 14 -32.52 -73.07 -0.94
C ASN W 14 -31.08 -72.79 -0.57
N CYS W 15 -30.18 -73.76 -0.58
CA CYS W 15 -28.80 -73.51 -0.19
C CYS W 15 -27.80 -73.93 -1.25
N ASP W 16 -27.90 -75.13 -1.79
CA ASP W 16 -26.90 -75.65 -2.72
C ASP W 16 -27.24 -75.12 -4.10
N LYS W 17 -26.61 -74.01 -4.49
CA LYS W 17 -26.85 -73.39 -5.78
C LYS W 17 -25.54 -72.79 -6.28
N MET W 18 -25.52 -72.51 -7.58
CA MET W 18 -24.33 -72.02 -8.26
C MET W 18 -24.74 -70.69 -8.88
N ILE W 19 -23.90 -69.67 -8.76
CA ILE W 19 -24.33 -68.31 -9.07
C ILE W 19 -23.42 -67.67 -10.11
N CYS W 20 -24.03 -67.00 -11.09
CA CYS W 20 -23.32 -66.34 -12.16
C CYS W 20 -22.76 -65.00 -11.69
N ARG W 21 -21.44 -64.94 -11.47
CA ARG W 21 -20.77 -63.79 -10.87
C ARG W 21 -20.99 -62.49 -11.62
N LYS W 22 -21.57 -62.52 -12.82
CA LYS W 22 -21.90 -61.30 -13.53
C LYS W 22 -23.38 -60.99 -13.59
N CYS W 23 -24.25 -61.99 -13.44
CA CYS W 23 -25.68 -61.73 -13.57
C CYS W 23 -26.49 -62.10 -12.34
N TYR W 24 -25.88 -62.72 -11.34
CA TYR W 24 -26.54 -62.97 -10.07
C TYR W 24 -27.77 -63.86 -10.24
N ALA W 25 -27.56 -65.07 -10.74
CA ALA W 25 -28.67 -65.97 -11.01
C ALA W 25 -28.42 -67.33 -10.37
N ARG W 26 -29.43 -67.85 -9.68
CA ARG W 26 -29.32 -69.16 -9.06
C ARG W 26 -29.30 -70.25 -10.12
N LEU W 27 -28.30 -71.13 -10.04
CA LEU W 27 -28.15 -72.22 -10.99
C LEU W 27 -27.93 -73.50 -10.20
N HIS W 28 -28.40 -74.61 -10.77
CA HIS W 28 -28.17 -75.90 -10.15
C HIS W 28 -26.67 -76.19 -10.09
N PRO W 29 -26.21 -76.92 -9.08
CA PRO W 29 -24.76 -77.02 -8.87
C PRO W 29 -24.01 -77.66 -10.02
N ARG W 30 -24.70 -78.41 -10.87
CA ARG W 30 -24.05 -78.99 -12.03
C ARG W 30 -23.69 -77.91 -13.05
N ALA W 31 -24.46 -76.83 -13.07
CA ALA W 31 -24.37 -75.85 -14.16
C ALA W 31 -22.95 -75.31 -14.29
N VAL W 32 -22.47 -75.24 -15.52
CA VAL W 32 -21.19 -74.58 -15.81
C VAL W 32 -21.38 -73.26 -16.53
N ASN W 33 -22.37 -73.15 -17.40
CA ASN W 33 -22.63 -71.91 -18.11
C ASN W 33 -23.99 -71.36 -17.69
N CYS W 34 -24.00 -70.09 -17.30
CA CYS W 34 -25.23 -69.44 -16.88
C CYS W 34 -26.29 -69.56 -17.96
N ARG W 35 -27.52 -69.79 -17.54
CA ARG W 35 -28.62 -70.03 -18.48
C ARG W 35 -29.20 -68.74 -19.02
N LYS W 36 -28.71 -67.59 -18.59
CA LYS W 36 -29.24 -66.30 -19.01
C LYS W 36 -28.63 -65.91 -20.35
N LYS W 37 -29.01 -64.74 -20.86
CA LYS W 37 -28.35 -64.20 -22.02
C LYS W 37 -28.01 -62.72 -21.88
N LYS W 38 -28.12 -62.15 -20.68
CA LYS W 38 -27.68 -60.79 -20.50
C LYS W 38 -26.28 -60.75 -19.90
N CYS W 39 -25.89 -61.79 -19.16
CA CYS W 39 -24.49 -61.91 -18.80
C CYS W 39 -23.68 -62.40 -20.00
N GLY W 40 -24.31 -63.14 -20.89
CA GLY W 40 -23.68 -63.64 -22.07
C GLY W 40 -23.39 -65.11 -22.07
N HIS W 41 -24.14 -65.90 -21.30
CA HIS W 41 -23.83 -67.30 -21.10
C HIS W 41 -22.37 -67.48 -20.67
N THR W 42 -22.01 -66.82 -19.58
CA THR W 42 -20.62 -66.87 -19.18
C THR W 42 -20.31 -68.18 -18.48
N ASN W 43 -19.03 -68.47 -18.34
CA ASN W 43 -18.61 -69.72 -17.72
C ASN W 43 -18.26 -69.55 -16.25
N ASN W 44 -17.60 -68.46 -15.88
CA ASN W 44 -17.23 -68.28 -14.49
C ASN W 44 -18.47 -68.17 -13.62
N LEU W 45 -18.38 -68.68 -12.39
CA LEU W 45 -19.52 -68.77 -11.49
C LEU W 45 -19.01 -68.67 -10.06
N ARG W 46 -19.87 -68.99 -9.09
CA ARG W 46 -19.42 -69.15 -7.71
C ARG W 46 -20.46 -69.96 -6.95
N PRO W 47 -20.06 -70.73 -5.94
CA PRO W 47 -21.05 -71.43 -5.12
C PRO W 47 -21.74 -70.47 -4.16
N LYS W 48 -22.97 -70.81 -3.78
CA LYS W 48 -23.72 -69.96 -2.87
C LYS W 48 -23.06 -69.94 -1.52
N LYS W 49 -22.92 -68.75 -0.95
CA LYS W 49 -22.27 -68.63 0.34
C LYS W 49 -23.00 -69.48 1.37
N LYS W 50 -22.25 -70.29 2.11
CA LYS W 50 -22.84 -71.16 3.11
C LYS W 50 -23.09 -70.35 4.38
N VAL W 51 -24.29 -70.52 4.95
CA VAL W 51 -24.72 -69.66 6.05
C VAL W 51 -23.90 -69.99 7.30
N LYS W 52 -23.82 -69.03 8.21
CA LYS W 52 -23.24 -69.26 9.52
C LYS W 52 -24.26 -69.97 10.41
N VAL X 1 42.44 -6.64 -37.43
CA VAL X 1 43.40 -6.91 -38.49
C VAL X 1 44.70 -6.17 -38.22
N ASN X 2 45.58 -6.16 -39.21
CA ASN X 2 46.85 -5.45 -39.16
C ASN X 2 47.46 -5.50 -40.53
N VAL X 3 48.19 -4.45 -40.88
CA VAL X 3 48.95 -4.40 -42.12
C VAL X 3 50.24 -3.63 -41.89
N PRO X 4 51.35 -4.00 -42.54
CA PRO X 4 52.58 -3.25 -42.36
C PRO X 4 52.50 -1.92 -43.10
N LYS X 5 53.39 -1.01 -42.71
CA LYS X 5 53.34 0.34 -43.27
C LYS X 5 53.79 0.36 -44.72
N THR X 6 54.77 -0.46 -45.08
CA THR X 6 55.37 -0.42 -46.40
C THR X 6 55.18 -1.75 -47.10
N ARG X 7 54.68 -1.70 -48.34
CA ARG X 7 54.54 -2.90 -49.15
C ARG X 7 54.67 -2.53 -50.61
N ARG X 8 55.18 -3.44 -51.42
CA ARG X 8 55.28 -3.14 -52.84
C ARG X 8 54.02 -3.60 -53.54
N THR X 9 53.66 -2.91 -54.62
CA THR X 9 52.46 -3.23 -55.38
C THR X 9 52.45 -2.36 -56.63
N PHE X 10 51.42 -2.55 -57.45
CA PHE X 10 51.35 -1.87 -58.73
C PHE X 10 51.06 -0.38 -58.55
N CYS X 11 52.02 0.46 -58.92
CA CYS X 11 51.86 1.92 -58.91
C CYS X 11 51.45 2.33 -60.32
N LYS X 12 50.15 2.59 -60.50
CA LYS X 12 49.60 2.78 -61.84
C LYS X 12 50.36 3.85 -62.60
N LYS X 13 50.64 4.99 -61.95
CA LYS X 13 51.36 6.05 -62.64
C LYS X 13 52.74 5.58 -63.06
N CYS X 14 53.44 4.85 -62.19
CA CYS X 14 54.76 4.34 -62.56
C CYS X 14 54.67 3.43 -63.78
N GLY X 15 53.79 2.43 -63.73
CA GLY X 15 53.75 1.41 -64.74
C GLY X 15 54.32 0.07 -64.31
N LYS X 16 54.65 -0.09 -63.03
CA LYS X 16 55.26 -1.31 -62.53
C LYS X 16 55.00 -1.38 -61.02
N HIS X 17 55.38 -2.49 -60.42
CA HIS X 17 55.36 -2.54 -58.97
C HIS X 17 56.43 -1.62 -58.40
N GLN X 18 56.06 -0.89 -57.36
CA GLN X 18 56.95 -0.02 -56.61
C GLN X 18 56.57 -0.12 -55.15
N PRO X 19 57.48 0.25 -54.24
CA PRO X 19 57.11 0.28 -52.83
C PRO X 19 56.13 1.41 -52.57
N HIS X 20 55.22 1.18 -51.62
CA HIS X 20 54.20 2.14 -51.24
C HIS X 20 54.11 2.22 -49.73
N LYS X 21 53.81 3.43 -49.26
CA LYS X 21 53.54 3.70 -47.85
C LYS X 21 52.05 3.86 -47.66
N VAL X 22 51.51 3.32 -46.57
CA VAL X 22 50.07 3.20 -46.37
C VAL X 22 49.66 4.10 -45.21
N THR X 23 48.66 4.94 -45.45
CA THR X 23 48.04 5.75 -44.40
C THR X 23 46.55 5.49 -44.43
N GLN X 24 45.94 5.19 -43.29
CA GLN X 24 44.53 4.86 -43.33
C GLN X 24 43.70 6.13 -43.49
N TYR X 25 42.61 6.01 -44.22
CA TYR X 25 41.85 7.14 -44.74
C TYR X 25 40.93 7.73 -43.68
N LYS X 26 40.74 9.05 -43.74
CA LYS X 26 39.71 9.72 -42.96
C LYS X 26 39.06 10.81 -43.80
N LYS X 27 37.78 11.05 -43.53
CA LYS X 27 36.93 11.82 -44.41
C LYS X 27 37.34 13.29 -44.42
N GLY X 28 36.84 14.01 -45.44
CA GLY X 28 36.97 15.45 -45.51
C GLY X 28 35.80 16.16 -44.88
N LYS X 29 35.69 17.46 -45.17
CA LYS X 29 34.68 18.31 -44.54
C LYS X 29 33.73 18.95 -45.55
N ASP X 30 34.27 19.66 -46.53
CA ASP X 30 33.55 20.43 -47.54
C ASP X 30 34.63 20.93 -48.48
N SER X 31 34.38 21.00 -49.78
CA SER X 31 35.47 21.47 -50.63
C SER X 31 35.79 22.90 -50.22
N LEU X 32 34.93 23.84 -50.59
CA LEU X 32 34.62 25.02 -49.79
C LEU X 32 33.12 25.19 -49.89
N TYR X 33 32.61 24.85 -51.07
CA TYR X 33 31.20 24.77 -51.39
C TYR X 33 31.05 23.61 -52.36
N ALA X 34 29.81 23.17 -52.52
CA ALA X 34 29.54 22.08 -53.44
C ALA X 34 28.04 22.10 -53.69
N GLN X 35 27.63 22.08 -54.96
CA GLN X 35 26.26 22.46 -55.23
C GLN X 35 25.26 21.58 -54.52
N GLY X 36 25.67 20.37 -54.12
CA GLY X 36 24.86 19.65 -53.16
C GLY X 36 24.60 20.44 -51.90
N LYS X 37 25.67 20.83 -51.20
CA LYS X 37 25.50 21.63 -50.00
C LYS X 37 24.81 22.94 -50.32
N ARG X 38 25.04 23.48 -51.50
CA ARG X 38 24.51 24.81 -51.81
C ARG X 38 23.00 24.77 -51.98
N ARG X 39 22.49 23.81 -52.76
CA ARG X 39 21.05 23.67 -52.88
C ARG X 39 20.44 23.22 -51.58
N TYR X 40 21.15 22.41 -50.79
CA TYR X 40 20.59 21.99 -49.52
C TYR X 40 20.40 23.20 -48.62
N ASP X 41 21.33 24.14 -48.66
CA ASP X 41 21.15 25.36 -47.88
C ASP X 41 19.97 26.18 -48.40
N ARG X 42 19.93 26.43 -49.70
CA ARG X 42 18.83 27.26 -50.20
C ARG X 42 17.49 26.53 -50.11
N LYS X 43 17.52 25.23 -49.85
CA LYS X 43 16.29 24.48 -49.67
C LYS X 43 15.85 24.54 -48.21
N GLN X 44 16.80 24.47 -47.29
CA GLN X 44 16.51 24.74 -45.90
C GLN X 44 16.02 26.16 -45.70
N SER X 45 16.38 27.08 -46.58
CA SER X 45 15.99 28.47 -46.39
C SER X 45 14.48 28.59 -46.38
N GLY X 46 14.01 29.64 -45.71
CA GLY X 46 12.58 29.92 -45.65
C GLY X 46 11.91 29.24 -44.48
N TYR X 47 10.64 29.62 -44.29
CA TYR X 47 9.85 29.06 -43.21
C TYR X 47 9.51 27.60 -43.46
N GLY X 48 10.00 26.75 -42.58
CA GLY X 48 9.40 25.47 -42.36
C GLY X 48 10.17 24.31 -42.93
N GLY X 49 9.84 23.13 -42.40
CA GLY X 49 10.25 21.89 -42.99
C GLY X 49 11.71 21.55 -42.80
N GLN X 50 11.95 20.26 -42.64
CA GLN X 50 13.26 19.67 -42.83
C GLN X 50 13.22 18.99 -44.18
N THR X 51 13.83 19.60 -45.18
CA THR X 51 13.64 19.13 -46.54
C THR X 51 14.25 17.76 -46.75
N LYS X 52 15.56 17.67 -46.65
CA LYS X 52 16.19 16.41 -47.03
C LYS X 52 16.29 15.48 -45.83
N PRO X 53 15.99 14.21 -46.02
CA PRO X 53 15.66 13.34 -44.88
C PRO X 53 16.87 12.98 -44.05
N ILE X 54 16.87 13.42 -42.79
CA ILE X 54 17.86 13.01 -41.81
C ILE X 54 17.77 11.51 -41.63
N PHE X 55 18.80 10.90 -41.05
CA PHE X 55 18.97 9.45 -41.06
C PHE X 55 19.28 8.98 -39.66
N ARG X 56 18.35 8.24 -39.05
CA ARG X 56 18.43 7.94 -37.63
C ARG X 56 18.53 6.47 -37.25
N LYS X 57 17.93 5.56 -38.01
CA LYS X 57 17.96 4.16 -37.63
C LYS X 57 19.27 3.56 -38.13
N LYS X 58 20.29 3.58 -37.27
CA LYS X 58 21.62 3.05 -37.53
C LYS X 58 21.65 1.55 -37.29
N ALA X 59 22.43 0.84 -38.09
CA ALA X 59 22.50 -0.60 -37.91
C ALA X 59 23.86 -1.21 -38.19
N LYS X 60 24.88 -0.43 -38.49
CA LYS X 60 26.19 -0.99 -38.79
C LYS X 60 27.22 -0.47 -37.80
N THR X 61 28.05 -1.38 -37.31
CA THR X 61 28.94 -1.11 -36.18
C THR X 61 30.42 -1.09 -36.58
N THR X 62 30.72 -1.01 -37.87
CA THR X 62 32.11 -0.85 -38.28
C THR X 62 32.17 -0.37 -39.71
N LYS X 63 33.08 0.57 -39.97
CA LYS X 63 33.21 1.21 -41.27
C LYS X 63 34.26 0.49 -42.10
N LYS X 64 34.02 0.44 -43.41
CA LYS X 64 34.92 -0.30 -44.30
C LYS X 64 36.24 0.45 -44.40
N ILE X 65 37.25 0.00 -43.63
CA ILE X 65 38.51 0.71 -43.55
C ILE X 65 39.17 0.78 -44.93
N VAL X 66 39.97 1.82 -45.13
CA VAL X 66 40.54 2.12 -46.42
C VAL X 66 42.00 2.55 -46.25
N LEU X 67 42.87 1.97 -47.07
CA LEU X 67 44.29 2.26 -47.04
C LEU X 67 44.64 3.17 -48.21
N ARG X 68 45.45 4.18 -47.95
CA ARG X 68 45.87 5.13 -48.96
C ARG X 68 47.34 4.89 -49.24
N LEU X 69 47.66 4.63 -50.50
CA LEU X 69 48.98 4.21 -50.92
C LEU X 69 49.72 5.38 -51.54
N GLU X 70 50.95 5.59 -51.11
CA GLU X 70 51.81 6.63 -51.68
C GLU X 70 52.99 5.96 -52.34
N CYS X 71 53.31 6.40 -53.56
CA CYS X 71 54.52 5.93 -54.20
C CYS X 71 55.74 6.54 -53.52
N VAL X 72 56.92 6.06 -53.89
CA VAL X 72 58.17 6.52 -53.30
C VAL X 72 59.22 6.88 -54.34
N GLU X 73 58.99 6.58 -55.61
CA GLU X 73 59.94 6.96 -56.64
C GLU X 73 60.05 8.48 -56.71
N PRO X 74 61.25 9.03 -56.79
CA PRO X 74 61.40 10.49 -56.88
C PRO X 74 60.62 11.06 -58.04
N ASN X 75 59.70 11.97 -57.71
CA ASN X 75 58.79 12.64 -58.65
C ASN X 75 57.69 11.72 -59.18
N CYS X 76 57.49 10.56 -58.56
CA CYS X 76 56.25 9.80 -58.72
C CYS X 76 55.46 10.09 -57.46
N ARG X 77 54.81 11.24 -57.45
CA ARG X 77 54.03 11.70 -56.30
C ARG X 77 52.81 10.84 -56.03
N SER X 78 52.43 9.98 -56.96
CA SER X 78 51.05 9.50 -57.02
C SER X 78 50.61 8.81 -55.74
N LYS X 79 49.34 8.97 -55.44
CA LYS X 79 48.69 8.40 -54.28
C LYS X 79 47.39 7.77 -54.76
N ARG X 80 47.20 6.50 -54.41
CA ARG X 80 46.09 5.72 -54.93
C ARG X 80 45.39 5.01 -53.78
N MET X 81 44.09 4.83 -53.90
CA MET X 81 43.30 4.40 -52.75
C MET X 81 42.84 2.95 -52.92
N LEU X 82 42.76 2.25 -51.79
CA LEU X 82 42.50 0.81 -51.81
C LEU X 82 41.67 0.45 -50.60
N ALA X 83 40.90 -0.62 -50.71
CA ALA X 83 39.97 -1.01 -49.67
C ALA X 83 40.47 -2.23 -48.92
N ILE X 84 39.76 -2.56 -47.85
CA ILE X 84 40.01 -3.76 -47.05
C ILE X 84 38.69 -4.20 -46.44
N LYS X 85 38.49 -5.52 -46.34
CA LYS X 85 37.29 -6.05 -45.71
C LYS X 85 37.10 -5.45 -44.32
N ARG X 86 35.86 -5.49 -43.85
CA ARG X 86 35.50 -4.82 -42.61
C ARG X 86 36.30 -5.34 -41.43
N CYS X 87 36.21 -4.63 -40.32
CA CYS X 87 37.00 -4.96 -39.14
C CYS X 87 36.49 -4.15 -37.96
N LYS X 88 36.61 -4.73 -36.77
CA LYS X 88 36.23 -4.04 -35.55
C LYS X 88 37.45 -3.53 -34.78
N HIS X 89 38.64 -3.64 -35.37
CA HIS X 89 39.86 -3.17 -34.75
C HIS X 89 40.86 -2.92 -35.86
N PHE X 90 41.76 -1.98 -35.63
CA PHE X 90 42.75 -1.72 -36.65
C PHE X 90 44.03 -1.22 -36.02
N GLU X 91 45.13 -1.57 -36.65
CA GLU X 91 46.47 -1.29 -36.19
C GLU X 91 47.26 -1.00 -37.45
N LEU X 92 48.52 -0.64 -37.30
CA LEU X 92 49.32 -0.39 -38.49
C LEU X 92 50.79 -0.53 -38.15
N GLY X 93 51.47 -1.38 -38.91
CA GLY X 93 52.90 -1.57 -38.77
C GLY X 93 53.34 -1.90 -37.36
N GLY X 94 52.45 -2.49 -36.58
CA GLY X 94 52.71 -2.68 -35.17
C GLY X 94 53.73 -3.77 -34.85
N ASP X 95 53.54 -4.42 -33.70
CA ASP X 95 54.47 -5.43 -33.23
C ASP X 95 54.05 -6.79 -33.77
N LYS X 96 54.96 -7.45 -34.48
CA LYS X 96 54.62 -8.71 -35.13
C LYS X 96 54.79 -9.89 -34.18
N LYS X 97 54.00 -10.94 -34.42
CA LYS X 97 53.96 -12.10 -33.55
C LYS X 97 54.87 -13.19 -34.05
N ARG X 98 55.70 -13.72 -33.15
CA ARG X 98 56.47 -14.92 -33.42
C ARG X 98 55.83 -16.07 -32.64
N LYS X 99 55.68 -17.21 -33.30
CA LYS X 99 54.95 -18.32 -32.72
C LYS X 99 55.90 -19.44 -32.33
N GLY X 100 55.33 -20.49 -31.72
CA GLY X 100 56.11 -21.60 -31.23
C GLY X 100 56.79 -21.34 -29.90
N GLN X 101 56.72 -20.11 -29.39
CA GLN X 101 57.31 -19.76 -28.10
C GLN X 101 56.30 -19.04 -27.21
N VAL X 102 55.02 -19.08 -27.55
CA VAL X 102 54.02 -18.31 -26.83
C VAL X 102 53.86 -18.87 -25.42
N ILE X 103 53.87 -17.98 -24.44
CA ILE X 103 53.61 -18.32 -23.05
C ILE X 103 52.40 -17.52 -22.61
N GLN X 104 51.48 -18.16 -21.90
CA GLN X 104 50.21 -17.56 -21.50
C GLN X 104 50.37 -16.21 -20.80
N PHE Y 1 43.68 -53.43 -20.41
CA PHE Y 1 44.71 -54.44 -20.32
C PHE Y 1 45.43 -54.59 -21.64
N VAL Y 2 44.75 -55.21 -22.61
CA VAL Y 2 45.25 -55.27 -23.98
C VAL Y 2 44.11 -54.93 -24.93
N LYS Y 3 44.33 -53.95 -25.79
CA LYS Y 3 43.39 -53.67 -26.86
C LYS Y 3 44.15 -53.77 -28.17
N VAL Y 4 43.53 -54.37 -29.17
CA VAL Y 4 44.15 -54.55 -30.47
C VAL Y 4 43.60 -53.51 -31.42
N VAL Y 5 44.35 -53.26 -32.50
CA VAL Y 5 43.92 -52.37 -33.56
C VAL Y 5 43.83 -53.06 -34.90
N LYS Y 6 44.63 -54.09 -35.16
CA LYS Y 6 44.59 -54.84 -36.41
C LYS Y 6 43.52 -55.91 -36.27
N ASN Y 7 42.26 -55.49 -36.34
CA ASN Y 7 41.14 -56.40 -36.20
C ASN Y 7 40.33 -56.40 -37.48
N LYS Y 8 39.34 -57.29 -37.52
CA LYS Y 8 38.49 -57.41 -38.69
C LYS Y 8 37.89 -56.08 -39.09
N ALA Y 9 37.46 -55.28 -38.11
CA ALA Y 9 36.85 -54.00 -38.41
C ALA Y 9 37.84 -53.05 -39.07
N TYR Y 10 39.03 -52.93 -38.49
CA TYR Y 10 40.00 -51.98 -39.03
C TYR Y 10 40.42 -52.37 -40.43
N PHE Y 11 40.60 -53.66 -40.68
CA PHE Y 11 40.91 -54.04 -42.05
C PHE Y 11 39.73 -53.75 -42.97
N LYS Y 12 38.51 -54.04 -42.52
CA LYS Y 12 37.35 -53.77 -43.35
C LYS Y 12 37.26 -52.31 -43.74
N ARG Y 13 37.74 -51.42 -42.88
CA ARG Y 13 37.72 -49.99 -43.16
C ARG Y 13 39.06 -49.47 -43.64
N TYR Y 14 40.03 -50.34 -43.92
CA TYR Y 14 41.31 -49.88 -44.42
C TYR Y 14 41.14 -49.19 -45.78
N GLN Y 15 42.19 -48.53 -46.21
CA GLN Y 15 42.26 -47.92 -47.53
C GLN Y 15 43.70 -48.04 -48.03
N VAL Y 16 43.87 -48.63 -49.20
CA VAL Y 16 45.20 -48.94 -49.71
C VAL Y 16 45.72 -47.76 -50.51
N LYS Y 17 46.93 -47.33 -50.20
CA LYS Y 17 47.58 -46.29 -50.98
C LYS Y 17 47.92 -46.83 -52.36
N PHE Y 18 48.33 -45.94 -53.26
CA PHE Y 18 48.71 -46.37 -54.59
C PHE Y 18 49.87 -47.36 -54.53
N ARG Y 19 50.16 -47.99 -55.67
CA ARG Y 19 51.27 -48.92 -55.72
C ARG Y 19 52.60 -48.22 -55.46
N ARG Y 20 52.95 -47.25 -56.29
CA ARG Y 20 54.20 -46.53 -56.09
C ARG Y 20 54.17 -45.74 -54.80
N ARG Y 21 53.12 -44.94 -54.59
CA ARG Y 21 53.02 -44.12 -53.38
C ARG Y 21 53.03 -44.96 -52.13
N ARG Y 22 52.70 -46.25 -52.23
CA ARG Y 22 52.66 -47.15 -51.10
C ARG Y 22 54.01 -47.79 -50.83
N GLU Y 23 54.63 -48.37 -51.84
CA GLU Y 23 55.92 -48.97 -51.54
C GLU Y 23 56.98 -47.90 -51.35
N GLY Y 24 56.65 -46.65 -51.65
CA GLY Y 24 57.54 -45.54 -51.36
C GLY Y 24 58.56 -45.26 -52.43
N LYS Y 25 58.19 -45.36 -53.71
CA LYS Y 25 59.11 -45.02 -54.78
C LYS Y 25 58.74 -43.77 -55.55
N THR Y 26 57.57 -43.18 -55.31
CA THR Y 26 57.13 -42.06 -56.11
C THR Y 26 56.37 -41.07 -55.26
N ASP Y 27 56.41 -39.81 -55.66
CA ASP Y 27 55.53 -38.78 -55.15
C ASP Y 27 54.56 -38.39 -56.26
N TYR Y 28 53.26 -38.61 -56.03
CA TYR Y 28 52.26 -38.16 -56.97
C TYR Y 28 51.90 -36.69 -56.85
N TYR Y 29 52.04 -36.09 -55.67
CA TYR Y 29 51.81 -34.65 -55.61
C TYR Y 29 52.71 -33.93 -56.61
N ALA Y 30 53.96 -34.38 -56.73
CA ALA Y 30 54.84 -33.80 -57.74
C ALA Y 30 54.40 -34.20 -59.14
N ARG Y 31 54.11 -35.49 -59.34
CA ARG Y 31 53.92 -36.00 -60.69
C ARG Y 31 52.71 -35.34 -61.36
N LYS Y 32 51.60 -35.24 -60.65
CA LYS Y 32 50.41 -34.67 -61.28
C LYS Y 32 50.70 -33.30 -61.84
N ARG Y 33 51.32 -32.43 -61.05
CA ARG Y 33 51.66 -31.08 -61.48
C ARG Y 33 52.85 -31.05 -62.41
N LEU Y 34 53.56 -32.16 -62.55
CA LEU Y 34 54.81 -32.17 -63.30
C LEU Y 34 54.69 -32.74 -64.71
N VAL Y 35 53.79 -33.69 -64.94
CA VAL Y 35 53.79 -34.44 -66.20
C VAL Y 35 52.46 -34.37 -66.94
N ILE Y 36 51.65 -33.36 -66.70
CA ILE Y 36 50.49 -33.11 -67.56
C ILE Y 36 50.71 -31.79 -68.28
N GLN Y 37 50.21 -31.71 -69.52
CA GLN Y 37 50.25 -30.47 -70.28
C GLN Y 37 48.85 -29.92 -70.42
N ASP Y 38 48.78 -28.61 -70.66
CA ASP Y 38 47.50 -27.93 -70.64
C ASP Y 38 46.60 -28.46 -71.74
N LYS Y 39 45.29 -28.53 -71.46
CA LYS Y 39 44.39 -29.09 -72.44
C LYS Y 39 44.15 -28.19 -73.62
N ASN Y 40 44.87 -27.07 -73.73
CA ASN Y 40 44.76 -26.22 -74.92
C ASN Y 40 45.38 -26.86 -76.14
N LYS Y 41 46.40 -27.71 -75.95
CA LYS Y 41 47.18 -28.27 -77.04
C LYS Y 41 46.86 -29.72 -77.33
N TYR Y 42 46.32 -30.44 -76.34
CA TYR Y 42 45.64 -31.72 -76.44
C TYR Y 42 46.55 -32.91 -76.68
N ASN Y 43 47.71 -32.71 -77.27
CA ASN Y 43 48.57 -33.84 -77.53
C ASN Y 43 50.05 -33.48 -77.59
N THR Y 44 50.40 -32.22 -77.39
CA THR Y 44 51.80 -31.84 -77.38
C THR Y 44 52.46 -32.48 -76.16
N PRO Y 45 53.29 -33.49 -76.33
CA PRO Y 45 53.80 -34.22 -75.17
C PRO Y 45 54.64 -33.31 -74.28
N LYS Y 46 54.60 -33.59 -72.98
CA LYS Y 46 55.40 -32.86 -72.01
C LYS Y 46 56.57 -33.74 -71.64
N TYR Y 47 57.63 -33.67 -72.42
CA TYR Y 47 58.79 -34.52 -72.20
C TYR Y 47 59.39 -34.26 -70.83
N ARG Y 48 59.66 -35.33 -70.11
CA ARG Y 48 60.36 -35.27 -68.84
C ARG Y 48 61.75 -35.85 -69.00
N MET Y 49 62.73 -35.17 -68.39
CA MET Y 49 64.07 -35.71 -68.23
C MET Y 49 64.13 -36.34 -66.85
N ILE Y 50 63.70 -37.60 -66.77
CA ILE Y 50 63.87 -38.39 -65.57
C ILE Y 50 65.33 -38.48 -65.21
N VAL Y 51 65.65 -38.23 -63.95
CA VAL Y 51 66.97 -38.60 -63.44
C VAL Y 51 66.76 -39.37 -62.14
N ARG Y 52 67.38 -40.53 -62.03
CA ARG Y 52 67.33 -41.31 -60.80
C ARG Y 52 68.67 -41.98 -60.59
N VAL Y 53 69.21 -41.87 -59.38
CA VAL Y 53 70.56 -42.33 -59.09
C VAL Y 53 70.48 -43.39 -58.00
N THR Y 54 70.98 -44.58 -58.31
CA THR Y 54 70.94 -45.71 -57.41
C THR Y 54 72.13 -45.68 -56.47
N ASN Y 55 72.41 -46.79 -55.80
CA ASN Y 55 73.64 -46.90 -55.03
C ASN Y 55 74.78 -47.45 -55.85
N ARG Y 56 74.54 -47.77 -57.12
CA ARG Y 56 75.57 -48.33 -57.97
C ARG Y 56 75.54 -47.81 -59.40
N ASP Y 57 74.66 -46.87 -59.73
CA ASP Y 57 74.47 -46.49 -61.12
C ASP Y 57 73.59 -45.25 -61.18
N ILE Y 58 73.67 -44.56 -62.32
CA ILE Y 58 72.90 -43.35 -62.57
C ILE Y 58 72.08 -43.59 -63.83
N ILE Y 59 70.83 -43.12 -63.84
CA ILE Y 59 69.92 -43.38 -64.95
C ILE Y 59 69.30 -42.07 -65.37
N CYS Y 60 69.49 -41.70 -66.64
CA CYS Y 60 68.81 -40.57 -67.24
C CYS Y 60 67.86 -41.09 -68.30
N GLN Y 61 66.62 -40.62 -68.28
CA GLN Y 61 65.62 -41.08 -69.23
C GLN Y 61 64.86 -39.87 -69.74
N ILE Y 62 64.32 -40.00 -70.94
CA ILE Y 62 63.41 -39.00 -71.51
C ILE Y 62 62.12 -39.71 -71.82
N ALA Y 63 61.04 -39.28 -71.14
CA ALA Y 63 59.76 -39.94 -71.23
C ALA Y 63 58.67 -38.89 -71.40
N TYR Y 64 57.42 -39.33 -71.44
CA TYR Y 64 56.32 -38.40 -71.36
C TYR Y 64 55.06 -39.14 -70.92
N ALA Y 65 53.92 -38.50 -71.10
CA ALA Y 65 52.66 -38.91 -70.49
C ALA Y 65 51.77 -39.57 -71.54
N ARG Y 66 51.29 -40.77 -71.24
CA ARG Y 66 50.32 -41.45 -72.08
C ARG Y 66 49.30 -42.14 -71.19
N ILE Y 67 48.09 -42.30 -71.72
CA ILE Y 67 46.99 -42.84 -70.93
C ILE Y 67 47.35 -44.22 -70.39
N GLU Y 68 48.18 -44.94 -71.12
CA GLU Y 68 48.65 -46.24 -70.70
C GLU Y 68 50.17 -46.20 -70.62
N GLY Y 69 50.69 -46.15 -69.40
CA GLY Y 69 52.12 -46.13 -69.22
C GLY Y 69 52.71 -44.76 -69.56
N ASP Y 70 54.03 -44.74 -69.67
CA ASP Y 70 54.76 -43.54 -69.99
C ASP Y 70 55.81 -43.89 -71.04
N MET Y 71 55.58 -43.47 -72.27
CA MET Y 71 56.48 -43.79 -73.38
C MET Y 71 57.88 -43.28 -73.05
N ILE Y 72 58.85 -44.17 -73.05
CA ILE Y 72 60.25 -43.78 -72.85
C ILE Y 72 60.84 -43.37 -74.19
N VAL Y 73 61.07 -42.08 -74.38
CA VAL Y 73 61.70 -41.64 -75.61
C VAL Y 73 63.13 -42.14 -75.69
N CYS Y 74 63.88 -42.04 -74.58
CA CYS Y 74 65.27 -42.49 -74.63
C CYS Y 74 65.77 -42.80 -73.24
N ALA Y 75 66.90 -43.50 -73.18
CA ALA Y 75 67.47 -43.90 -71.89
C ALA Y 75 68.98 -44.02 -72.01
N ALA Y 76 69.67 -43.64 -70.94
CA ALA Y 76 71.12 -43.74 -70.87
C ALA Y 76 71.54 -43.95 -69.43
N TYR Y 77 72.30 -45.01 -69.18
CA TYR Y 77 72.77 -45.34 -67.85
C TYR Y 77 74.25 -45.05 -67.72
N ALA Y 78 74.71 -44.98 -66.47
CA ALA Y 78 76.08 -44.59 -66.16
C ALA Y 78 77.04 -45.76 -66.08
N HIS Y 79 76.55 -46.99 -66.20
CA HIS Y 79 77.43 -48.16 -66.10
C HIS Y 79 77.97 -48.58 -67.45
N GLU Y 80 77.59 -47.90 -68.53
CA GLU Y 80 78.05 -48.26 -69.86
C GLU Y 80 79.25 -47.44 -70.32
N LEU Y 81 79.70 -46.49 -69.52
CA LEU Y 81 80.79 -45.59 -69.88
C LEU Y 81 82.09 -46.29 -70.28
N PRO Y 82 82.35 -47.55 -69.89
CA PRO Y 82 83.51 -48.24 -70.47
C PRO Y 82 83.55 -48.23 -71.99
N LYS Y 83 82.41 -48.07 -72.64
CA LYS Y 83 82.43 -47.89 -74.09
C LYS Y 83 83.23 -46.66 -74.49
N TYR Y 84 83.30 -45.66 -73.62
CA TYR Y 84 83.90 -44.37 -73.96
C TYR Y 84 85.17 -44.11 -73.18
N GLY Y 85 85.47 -44.96 -72.19
CA GLY Y 85 86.72 -44.87 -71.47
C GLY Y 85 86.61 -44.43 -70.03
N VAL Y 86 85.40 -44.18 -69.52
CA VAL Y 86 85.25 -43.87 -68.10
C VAL Y 86 85.11 -45.20 -67.37
N LYS Y 87 86.21 -45.68 -66.79
CA LYS Y 87 86.17 -46.99 -66.14
C LYS Y 87 85.63 -46.89 -64.72
N VAL Y 88 86.36 -46.22 -63.83
CA VAL Y 88 85.97 -46.08 -62.44
C VAL Y 88 85.35 -44.70 -62.25
N GLY Y 89 84.33 -44.64 -61.41
CA GLY Y 89 83.47 -43.48 -61.35
C GLY Y 89 82.10 -43.88 -61.87
N LEU Y 90 81.20 -44.18 -60.93
CA LEU Y 90 79.88 -44.69 -61.27
C LEU Y 90 78.77 -43.81 -60.76
N THR Y 91 78.91 -43.24 -59.55
CA THR Y 91 77.99 -42.22 -59.08
C THR Y 91 78.75 -40.95 -58.73
N ASN Y 92 79.86 -40.67 -59.40
CA ASN Y 92 80.52 -39.39 -59.28
C ASN Y 92 79.72 -38.32 -60.01
N TYR Y 93 79.85 -37.09 -59.53
CA TYR Y 93 79.22 -35.97 -60.23
C TYR Y 93 79.69 -35.91 -61.67
N ALA Y 94 80.97 -36.18 -61.88
CA ALA Y 94 81.49 -36.25 -63.24
C ALA Y 94 80.79 -37.34 -64.04
N ALA Y 95 80.57 -38.50 -63.42
CA ALA Y 95 79.85 -39.56 -64.11
C ALA Y 95 78.45 -39.12 -64.50
N ALA Y 96 77.76 -38.42 -63.59
CA ALA Y 96 76.43 -37.92 -63.90
C ALA Y 96 76.47 -36.93 -65.05
N TYR Y 97 77.46 -36.04 -65.04
CA TYR Y 97 77.57 -35.08 -66.14
C TYR Y 97 77.78 -35.80 -67.46
N CYS Y 98 78.67 -36.77 -67.47
CA CYS Y 98 78.94 -37.48 -68.72
C CYS Y 98 77.71 -38.24 -69.19
N THR Y 99 76.97 -38.83 -68.25
CA THR Y 99 75.73 -39.52 -68.61
C THR Y 99 74.71 -38.56 -69.20
N GLY Y 100 74.56 -37.39 -68.60
CA GLY Y 100 73.66 -36.40 -69.15
C GLY Y 100 74.06 -35.98 -70.55
N LEU Y 101 75.35 -35.75 -70.76
CA LEU Y 101 75.83 -35.41 -72.10
C LEU Y 101 75.54 -36.53 -73.07
N LEU Y 102 75.77 -37.77 -72.66
CA LEU Y 102 75.44 -38.91 -73.49
C LEU Y 102 73.98 -38.88 -73.90
N LEU Y 103 73.09 -38.71 -72.94
CA LEU Y 103 71.66 -38.70 -73.24
C LEU Y 103 71.34 -37.59 -74.22
N ALA Y 104 71.85 -36.39 -73.96
CA ALA Y 104 71.51 -35.25 -74.80
C ALA Y 104 71.93 -35.49 -76.23
N ARG Y 105 73.20 -35.81 -76.44
CA ARG Y 105 73.66 -35.98 -77.81
C ARG Y 105 73.02 -37.19 -78.47
N ARG Y 106 72.71 -38.22 -77.67
CA ARG Y 106 72.00 -39.38 -78.21
C ARG Y 106 70.64 -38.97 -78.76
N LEU Y 107 69.90 -38.16 -78.00
CA LEU Y 107 68.59 -37.73 -78.44
C LEU Y 107 68.68 -36.88 -79.70
N LEU Y 108 69.58 -35.89 -79.67
CA LEU Y 108 69.72 -35.04 -80.85
C LEU Y 108 70.12 -35.83 -82.07
N ASN Y 109 70.99 -36.83 -81.92
CA ASN Y 109 71.37 -37.63 -83.08
C ASN Y 109 70.20 -38.46 -83.57
N ARG Y 110 69.44 -39.06 -82.66
CA ARG Y 110 68.29 -39.85 -83.07
C ARG Y 110 67.29 -38.99 -83.83
N PHE Y 111 67.20 -37.72 -83.48
CA PHE Y 111 66.34 -36.82 -84.25
C PHE Y 111 67.07 -36.14 -85.41
N GLY Y 112 68.33 -36.46 -85.62
CA GLY Y 112 69.09 -35.73 -86.63
C GLY Y 112 69.33 -34.29 -86.25
N MET Y 113 69.58 -34.03 -84.96
CA MET Y 113 69.86 -32.69 -84.48
C MET Y 113 71.29 -32.57 -83.97
N ASP Y 114 72.21 -33.36 -84.53
CA ASP Y 114 73.58 -33.39 -84.04
C ASP Y 114 74.55 -32.60 -84.91
N LYS Y 115 74.29 -32.49 -86.21
CA LYS Y 115 75.12 -31.63 -87.04
C LYS Y 115 75.01 -30.18 -86.63
N ILE Y 116 73.96 -29.81 -85.91
CA ILE Y 116 73.85 -28.54 -85.24
C ILE Y 116 73.69 -28.80 -83.75
N TYR Y 117 73.60 -27.71 -82.99
CA TYR Y 117 73.23 -27.78 -81.58
C TYR Y 117 74.28 -28.53 -80.76
N GLU Y 118 75.53 -28.10 -80.90
CA GLU Y 118 76.58 -28.52 -80.00
C GLU Y 118 76.59 -27.61 -78.77
N GLY Y 119 76.88 -28.20 -77.63
CA GLY Y 119 77.14 -27.40 -76.44
C GLY Y 119 78.60 -27.05 -76.39
N GLN Y 120 79.28 -27.35 -75.28
CA GLN Y 120 80.72 -27.17 -75.24
C GLN Y 120 81.34 -28.14 -74.25
N VAL Y 121 82.52 -28.64 -74.61
CA VAL Y 121 83.27 -29.54 -73.76
C VAL Y 121 83.66 -28.90 -72.42
N GLU Y 122 84.17 -27.68 -72.45
CA GLU Y 122 84.79 -27.05 -71.30
C GLU Y 122 83.73 -26.48 -70.36
N VAL Y 123 84.19 -25.68 -69.39
CA VAL Y 123 83.32 -25.08 -68.39
C VAL Y 123 82.22 -24.27 -69.06
N THR Y 124 81.14 -24.05 -68.33
CA THR Y 124 80.09 -23.15 -68.75
C THR Y 124 79.39 -22.71 -67.48
N GLY Y 125 78.54 -21.69 -67.60
CA GLY Y 125 77.67 -21.33 -66.50
C GLY Y 125 76.26 -21.22 -67.01
N ASP Y 126 76.01 -21.79 -68.18
CA ASP Y 126 74.76 -21.55 -68.89
C ASP Y 126 74.39 -22.75 -69.76
N GLU Y 127 73.12 -22.75 -70.15
CA GLU Y 127 72.59 -23.58 -71.22
C GLU Y 127 72.91 -22.97 -72.58
N TYR Y 128 72.23 -23.45 -73.63
CA TYR Y 128 72.44 -22.95 -74.98
C TYR Y 128 71.11 -22.85 -75.70
N ASN Y 129 70.74 -21.64 -76.12
CA ASN Y 129 69.46 -21.35 -76.73
C ASN Y 129 69.53 -21.47 -78.24
N VAL Y 130 68.38 -21.72 -78.85
CA VAL Y 130 68.27 -21.86 -80.29
C VAL Y 130 66.96 -21.27 -80.79
N GLU Y 131 66.71 -21.40 -82.08
CA GLU Y 131 65.53 -20.84 -82.75
C GLU Y 131 64.66 -21.97 -83.28
N SER Y 132 63.34 -21.83 -83.06
CA SER Y 132 62.38 -22.92 -83.28
C SER Y 132 61.51 -22.69 -84.51
N ILE Y 133 61.21 -23.77 -85.23
CA ILE Y 133 60.53 -23.74 -86.53
C ILE Y 133 59.47 -24.84 -86.56
N ASP Y 134 58.85 -25.05 -87.74
CA ASP Y 134 58.00 -26.19 -88.03
C ASP Y 134 58.58 -27.01 -89.17
N GLY Y 135 58.33 -28.33 -89.14
CA GLY Y 135 58.79 -29.21 -90.18
C GLY Y 135 60.21 -29.71 -89.99
N GLN Y 136 61.12 -28.81 -89.62
CA GLN Y 136 62.51 -29.15 -89.35
C GLN Y 136 62.81 -28.74 -87.92
N PRO Y 137 63.72 -29.43 -87.24
CA PRO Y 137 63.90 -29.17 -85.80
C PRO Y 137 64.32 -27.73 -85.52
N GLY Y 138 63.72 -27.18 -84.48
CA GLY Y 138 64.10 -25.86 -84.04
C GLY Y 138 64.75 -25.92 -82.67
N ALA Y 139 64.24 -26.79 -81.81
CA ALA Y 139 64.72 -26.89 -80.44
C ALA Y 139 64.23 -28.19 -79.85
N PHE Y 140 64.59 -28.41 -78.60
CA PHE Y 140 64.14 -29.60 -77.88
C PHE Y 140 64.21 -29.29 -76.39
N THR Y 141 63.07 -29.10 -75.77
CA THR Y 141 63.02 -28.75 -74.36
C THR Y 141 62.31 -29.85 -73.60
N CYS Y 142 62.98 -30.38 -72.59
CA CYS Y 142 62.42 -31.41 -71.73
C CYS Y 142 62.53 -30.92 -70.30
N TYR Y 143 61.43 -30.99 -69.58
CA TYR Y 143 61.39 -30.40 -68.26
C TYR Y 143 62.03 -31.37 -67.28
N LEU Y 144 62.83 -30.84 -66.37
CA LEU Y 144 63.62 -31.72 -65.50
C LEU Y 144 62.71 -32.51 -64.58
N ASP Y 145 63.12 -33.73 -64.24
CA ASP Y 145 62.38 -34.58 -63.29
C ASP Y 145 63.39 -35.12 -62.29
N ALA Y 146 63.42 -34.47 -61.13
CA ALA Y 146 64.36 -34.81 -60.06
C ALA Y 146 63.87 -36.02 -59.30
N GLY Y 147 64.47 -36.28 -58.14
CA GLY Y 147 64.06 -37.38 -57.30
C GLY Y 147 62.70 -37.14 -56.71
N LEU Y 148 62.43 -37.68 -55.52
CA LEU Y 148 61.12 -37.49 -54.94
C LEU Y 148 60.85 -36.01 -54.76
N ALA Y 149 61.56 -35.35 -53.84
CA ALA Y 149 61.66 -33.90 -53.85
C ALA Y 149 63.03 -33.38 -53.44
N ARG Y 150 63.94 -34.24 -53.00
CA ARG Y 150 65.12 -33.80 -52.27
C ARG Y 150 66.18 -33.27 -53.22
N THR Y 151 66.60 -32.02 -52.99
CA THR Y 151 67.77 -31.47 -53.64
C THR Y 151 68.34 -30.38 -52.76
N THR Y 152 69.66 -30.35 -52.64
CA THR Y 152 70.38 -29.23 -52.06
C THR Y 152 71.45 -28.79 -53.04
N THR Y 153 72.09 -27.65 -52.74
CA THR Y 153 73.13 -27.14 -53.61
C THR Y 153 74.19 -28.21 -53.83
N GLY Y 154 74.44 -28.50 -55.10
CA GLY Y 154 75.42 -29.52 -55.40
C GLY Y 154 74.92 -30.95 -55.29
N ASN Y 155 73.99 -31.33 -56.16
CA ASN Y 155 73.58 -32.72 -56.28
C ASN Y 155 73.73 -33.21 -57.72
N LYS Y 156 74.00 -34.50 -57.85
CA LYS Y 156 74.17 -35.08 -59.17
C LYS Y 156 72.89 -35.00 -59.99
N VAL Y 157 71.73 -34.86 -59.33
CA VAL Y 157 70.51 -34.62 -60.09
C VAL Y 157 70.59 -33.29 -60.80
N PHE Y 158 71.44 -32.39 -60.32
CA PHE Y 158 71.74 -31.18 -61.08
C PHE Y 158 72.92 -31.41 -62.00
N GLY Y 159 73.81 -32.34 -61.64
CA GLY Y 159 74.92 -32.64 -62.53
C GLY Y 159 74.46 -33.17 -63.87
N ALA Y 160 73.52 -34.11 -63.85
CA ALA Y 160 72.95 -34.61 -65.08
C ALA Y 160 72.29 -33.49 -65.85
N LEU Y 161 71.65 -32.56 -65.15
CA LEU Y 161 71.08 -31.40 -65.82
C LEU Y 161 72.17 -30.65 -66.59
N LYS Y 162 73.30 -30.39 -65.93
CA LYS Y 162 74.35 -29.64 -66.58
C LYS Y 162 74.88 -30.41 -67.78
N GLY Y 163 75.01 -31.71 -67.63
CA GLY Y 163 75.44 -32.53 -68.75
C GLY Y 163 74.49 -32.43 -69.93
N ALA Y 164 73.19 -32.51 -69.66
CA ALA Y 164 72.21 -32.46 -70.74
C ALA Y 164 72.23 -31.11 -71.43
N VAL Y 165 72.27 -30.03 -70.66
CA VAL Y 165 72.22 -28.71 -71.29
C VAL Y 165 73.52 -28.44 -72.06
N ASP Y 166 74.68 -28.77 -71.48
CA ASP Y 166 75.91 -28.66 -72.22
C ASP Y 166 75.95 -29.61 -73.41
N GLY Y 167 75.10 -30.63 -73.40
CA GLY Y 167 74.91 -31.42 -74.60
C GLY Y 167 73.97 -30.81 -75.61
N GLY Y 168 73.16 -29.84 -75.18
CA GLY Y 168 72.35 -29.08 -76.09
C GLY Y 168 70.85 -29.16 -75.90
N LEU Y 169 70.36 -29.37 -74.68
CA LEU Y 169 68.93 -29.30 -74.45
C LEU Y 169 68.56 -27.99 -73.79
N SER Y 170 67.62 -27.28 -74.39
CA SER Y 170 67.04 -26.10 -73.77
C SER Y 170 66.22 -26.54 -72.57
N ILE Y 171 66.66 -26.15 -71.38
CA ILE Y 171 65.98 -26.56 -70.16
C ILE Y 171 65.77 -25.34 -69.28
N PRO Y 172 64.55 -25.10 -68.80
CA PRO Y 172 64.34 -24.01 -67.85
C PRO Y 172 65.07 -24.29 -66.56
N HIS Y 173 66.07 -23.45 -66.26
CA HIS Y 173 66.85 -23.57 -65.04
C HIS Y 173 67.72 -22.34 -64.87
N SER Y 174 67.69 -21.78 -63.67
CA SER Y 174 68.63 -20.72 -63.28
C SER Y 174 69.55 -21.31 -62.24
N THR Y 175 70.83 -21.38 -62.58
CA THR Y 175 71.76 -22.19 -61.83
C THR Y 175 72.12 -21.56 -60.50
N LYS Y 176 71.35 -21.86 -59.46
CA LYS Y 176 71.66 -21.44 -58.10
C LYS Y 176 71.84 -22.63 -57.16
N ARG Y 177 72.11 -23.82 -57.70
CA ARG Y 177 72.32 -25.00 -56.88
C ARG Y 177 73.49 -25.86 -57.31
N PHE Y 178 74.06 -25.64 -58.48
CA PHE Y 178 75.16 -26.48 -58.92
C PHE Y 178 76.36 -26.28 -58.01
N PRO Y 179 77.20 -27.31 -57.84
CA PRO Y 179 78.45 -27.09 -57.11
C PRO Y 179 79.23 -25.98 -57.78
N GLY Y 180 79.43 -24.89 -57.06
CA GLY Y 180 79.99 -23.70 -57.65
C GLY Y 180 79.23 -22.47 -57.20
N TYR Y 181 78.36 -22.65 -56.22
CA TYR Y 181 77.66 -21.55 -55.60
C TYR Y 181 77.46 -21.86 -54.12
N ASP Y 182 77.50 -20.81 -53.31
CA ASP Y 182 77.20 -20.94 -51.88
C ASP Y 182 76.21 -19.85 -51.47
N SER Y 183 75.34 -20.21 -50.54
CA SER Y 183 74.21 -19.36 -50.20
C SER Y 183 74.64 -18.00 -49.67
N GLU Y 184 75.79 -17.93 -48.99
CA GLU Y 184 76.22 -16.66 -48.45
C GLU Y 184 77.04 -15.84 -49.44
N SER Y 185 77.86 -16.50 -50.27
CA SER Y 185 78.59 -15.76 -51.30
C SER Y 185 77.62 -15.00 -52.20
N LYS Y 186 76.53 -15.65 -52.58
CA LYS Y 186 75.44 -15.08 -53.38
C LYS Y 186 75.84 -14.82 -54.82
N GLU Y 187 77.10 -15.03 -55.17
CA GLU Y 187 77.54 -14.93 -56.55
C GLU Y 187 78.32 -16.19 -56.89
N PHE Y 188 77.96 -16.83 -58.00
CA PHE Y 188 78.66 -18.05 -58.37
C PHE Y 188 79.76 -17.75 -59.39
N ASN Y 189 80.86 -18.49 -59.29
CA ASN Y 189 82.02 -18.32 -60.14
C ASN Y 189 82.15 -19.37 -61.23
N ALA Y 190 81.61 -20.56 -61.01
CA ALA Y 190 81.53 -21.63 -62.00
C ALA Y 190 82.89 -22.25 -62.31
N GLU Y 191 83.97 -21.63 -61.85
CA GLU Y 191 85.25 -22.32 -61.95
C GLU Y 191 85.28 -23.52 -61.02
N VAL Y 192 84.81 -23.33 -59.79
CA VAL Y 192 84.60 -24.47 -58.91
C VAL Y 192 83.68 -25.47 -59.57
N HIS Y 193 82.75 -25.00 -60.41
CA HIS Y 193 81.87 -25.92 -61.09
C HIS Y 193 82.63 -26.79 -62.08
N ARG Y 194 83.52 -26.18 -62.88
CA ARG Y 194 84.34 -26.99 -63.76
C ARG Y 194 85.18 -27.97 -62.96
N LYS Y 195 85.64 -27.53 -61.79
CA LYS Y 195 86.44 -28.40 -60.95
C LYS Y 195 85.65 -29.63 -60.52
N HIS Y 196 84.37 -29.43 -60.18
CA HIS Y 196 83.54 -30.57 -59.83
C HIS Y 196 83.19 -31.42 -61.04
N ILE Y 197 82.96 -30.78 -62.20
CA ILE Y 197 82.62 -31.53 -63.40
C ILE Y 197 83.76 -32.45 -63.79
N MET Y 198 84.99 -31.97 -63.71
CA MET Y 198 86.14 -32.80 -64.00
C MET Y 198 86.63 -33.57 -62.79
N GLY Y 199 85.99 -33.39 -61.64
CA GLY Y 199 86.32 -34.19 -60.48
C GLY Y 199 87.61 -33.81 -59.79
N GLN Y 200 88.07 -32.57 -59.99
CA GLN Y 200 89.34 -32.17 -59.41
C GLN Y 200 89.33 -32.30 -57.89
N ASN Y 201 88.17 -32.11 -57.28
CA ASN Y 201 88.04 -32.34 -55.85
C ASN Y 201 88.30 -33.80 -55.49
N VAL Y 202 87.82 -34.73 -56.32
CA VAL Y 202 88.12 -36.13 -56.10
C VAL Y 202 89.62 -36.37 -56.16
N ALA Y 203 90.29 -35.72 -57.12
CA ALA Y 203 91.73 -35.83 -57.23
C ALA Y 203 92.41 -35.33 -55.97
N ASP Y 204 91.93 -34.21 -55.43
CA ASP Y 204 92.48 -33.72 -54.18
C ASP Y 204 92.25 -34.68 -53.03
N TYR Y 205 91.08 -35.33 -52.98
CA TYR Y 205 90.84 -36.32 -51.94
C TYR Y 205 91.84 -37.46 -52.04
N MET Y 206 92.08 -37.94 -53.26
CA MET Y 206 93.11 -38.95 -53.45
C MET Y 206 94.44 -38.48 -52.91
N ARG Y 207 94.86 -37.28 -53.29
CA ARG Y 207 96.16 -36.78 -52.86
C ARG Y 207 96.22 -36.63 -51.35
N TYR Y 208 95.12 -36.15 -50.76
CA TYR Y 208 95.06 -35.97 -49.31
C TYR Y 208 95.31 -37.29 -48.60
N LEU Y 209 94.66 -38.36 -49.05
CA LEU Y 209 94.97 -39.67 -48.51
C LEU Y 209 96.39 -40.09 -48.81
N MET Y 210 96.88 -39.82 -50.03
CA MET Y 210 98.22 -40.27 -50.42
C MET Y 210 99.29 -39.73 -49.48
N GLU Y 211 99.21 -38.44 -49.14
CA GLU Y 211 100.23 -37.93 -48.22
C GLU Y 211 99.80 -38.00 -46.76
N GLU Y 212 98.61 -38.54 -46.46
CA GLU Y 212 98.33 -38.76 -45.05
C GLU Y 212 98.55 -40.21 -44.61
N ASP Y 213 97.85 -41.14 -45.24
CA ASP Y 213 97.86 -42.53 -44.80
C ASP Y 213 97.66 -43.43 -46.01
N GLU Y 214 98.71 -44.17 -46.37
CA GLU Y 214 98.59 -45.11 -47.48
C GLU Y 214 97.58 -46.20 -47.18
N ASP Y 215 97.55 -46.68 -45.94
CA ASP Y 215 96.60 -47.72 -45.55
C ASP Y 215 95.17 -47.23 -45.74
N ALA Y 216 94.84 -46.07 -45.18
CA ALA Y 216 93.50 -45.51 -45.35
C ALA Y 216 93.23 -45.18 -46.81
N TYR Y 217 94.25 -44.71 -47.54
CA TYR Y 217 94.07 -44.41 -48.95
C TYR Y 217 93.62 -45.65 -49.70
N LYS Y 218 94.36 -46.75 -49.57
CA LYS Y 218 94.00 -47.96 -50.29
C LYS Y 218 92.65 -48.49 -49.82
N LYS Y 219 92.41 -48.47 -48.51
CA LYS Y 219 91.17 -49.02 -48.00
C LYS Y 219 89.96 -48.17 -48.37
N GLN Y 220 90.17 -46.94 -48.81
CA GLN Y 220 89.08 -46.17 -49.39
C GLN Y 220 89.01 -46.24 -50.90
N PHE Y 221 90.13 -46.50 -51.57
CA PHE Y 221 90.21 -46.32 -53.02
C PHE Y 221 90.73 -47.59 -53.68
N SER Y 222 90.35 -48.75 -53.15
CA SER Y 222 90.93 -50.01 -53.61
C SER Y 222 90.81 -50.18 -55.12
N GLN Y 223 89.58 -50.25 -55.64
CA GLN Y 223 89.41 -50.57 -57.05
C GLN Y 223 90.11 -49.56 -57.95
N TYR Y 224 90.39 -48.37 -57.42
CA TYR Y 224 91.12 -47.37 -58.21
C TYR Y 224 92.49 -47.89 -58.62
N ILE Y 225 93.24 -48.44 -57.66
CA ILE Y 225 94.53 -49.01 -57.99
C ILE Y 225 94.35 -50.19 -58.94
N LYS Y 226 93.36 -51.04 -58.70
CA LYS Y 226 93.13 -52.19 -59.57
C LYS Y 226 92.84 -51.79 -61.00
N ASN Y 227 92.22 -50.63 -61.20
CA ASN Y 227 92.12 -50.04 -62.53
C ASN Y 227 93.39 -49.30 -62.91
N ASN Y 228 94.31 -49.09 -61.96
CA ASN Y 228 95.51 -48.29 -62.18
C ASN Y 228 95.14 -46.86 -62.55
N VAL Y 229 94.52 -46.17 -61.59
CA VAL Y 229 94.05 -44.81 -61.76
C VAL Y 229 95.12 -43.85 -61.29
N THR Y 230 95.28 -42.73 -62.01
CA THR Y 230 96.12 -41.62 -61.62
C THR Y 230 95.27 -40.38 -61.40
N PRO Y 231 95.56 -39.59 -60.38
CA PRO Y 231 94.89 -38.28 -60.26
C PRO Y 231 95.21 -37.38 -61.44
N ASP Y 232 96.27 -37.68 -62.19
CA ASP Y 232 96.65 -36.85 -63.32
C ASP Y 232 95.65 -37.00 -64.47
N MET Y 233 95.32 -38.24 -64.83
CA MET Y 233 94.39 -38.42 -65.95
C MET Y 233 92.95 -38.14 -65.55
N MET Y 234 92.66 -38.03 -64.27
CA MET Y 234 91.28 -37.85 -63.85
C MET Y 234 90.72 -36.51 -64.30
N GLU Y 235 91.56 -35.61 -64.78
CA GLU Y 235 91.11 -34.36 -65.38
C GLU Y 235 91.26 -34.33 -66.89
N GLU Y 236 91.66 -35.43 -67.54
CA GLU Y 236 91.79 -35.44 -68.99
C GLU Y 236 91.09 -36.61 -69.66
N MET Y 237 91.09 -37.79 -69.04
CA MET Y 237 90.27 -38.87 -69.54
C MET Y 237 88.81 -38.45 -69.60
N TYR Y 238 88.37 -37.65 -68.62
CA TYR Y 238 87.03 -37.10 -68.69
C TYR Y 238 86.86 -36.25 -69.94
N LYS Y 239 87.82 -35.40 -70.26
CA LYS Y 239 87.69 -34.55 -71.45
C LYS Y 239 87.64 -35.38 -72.72
N LYS Y 240 88.51 -36.37 -72.82
CA LYS Y 240 88.48 -37.20 -74.03
C LYS Y 240 87.23 -38.07 -74.07
N ALA Y 241 86.66 -38.39 -72.91
CA ALA Y 241 85.34 -39.01 -72.88
C ALA Y 241 84.28 -38.05 -73.39
N HIS Y 242 84.40 -36.77 -73.05
CA HIS Y 242 83.50 -35.74 -73.56
C HIS Y 242 83.61 -35.59 -75.06
N ALA Y 243 84.79 -35.86 -75.62
CA ALA Y 243 84.93 -35.94 -77.06
C ALA Y 243 84.31 -37.21 -77.64
N ALA Y 244 84.56 -38.36 -77.02
CA ALA Y 244 84.05 -39.62 -77.56
C ALA Y 244 82.52 -39.67 -77.54
N ILE Y 245 81.92 -39.15 -76.47
CA ILE Y 245 80.47 -39.20 -76.34
C ILE Y 245 79.83 -38.48 -77.52
N ARG Y 246 80.27 -37.26 -77.80
CA ARG Y 246 79.74 -36.55 -78.96
C ARG Y 246 80.32 -37.10 -80.26
N GLU Y 247 81.30 -37.99 -80.18
CA GLU Y 247 81.71 -38.72 -81.38
C GLU Y 247 80.65 -39.72 -81.80
N ASN Y 248 80.11 -40.50 -80.86
CA ASN Y 248 79.04 -41.41 -81.26
C ASN Y 248 78.14 -41.82 -80.11
N PRO Y 249 77.08 -41.07 -79.85
CA PRO Y 249 76.16 -41.40 -78.75
C PRO Y 249 74.95 -42.26 -79.15
N VAL Y 250 75.19 -43.33 -79.91
CA VAL Y 250 74.10 -44.19 -80.38
C VAL Y 250 74.36 -45.62 -79.93
N TYR Y 251 73.34 -46.23 -79.34
CA TYR Y 251 73.48 -47.50 -78.64
C TYR Y 251 73.40 -48.66 -79.63
N GLU Y 252 73.99 -49.79 -79.25
CA GLU Y 252 74.25 -50.89 -80.18
C GLU Y 252 73.88 -52.23 -79.55
N LYS Y 253 72.64 -52.35 -79.07
CA LYS Y 253 72.27 -53.36 -78.07
C LYS Y 253 72.65 -54.80 -78.42
N LYS Y 254 72.63 -55.65 -77.41
CA LYS Y 254 73.42 -56.88 -77.35
C LYS Y 254 72.58 -58.10 -77.67
N PRO Y 255 73.22 -59.28 -77.85
CA PRO Y 255 72.47 -60.51 -78.11
C PRO Y 255 71.73 -61.04 -76.89
N LYS Y 256 71.13 -62.21 -77.03
CA LYS Y 256 70.42 -62.85 -75.93
C LYS Y 256 70.74 -64.33 -75.91
N ARG Y 257 70.99 -64.86 -74.71
CA ARG Y 257 71.41 -66.24 -74.57
C ARG Y 257 70.18 -67.12 -74.40
N GLU Y 258 70.28 -68.40 -74.76
CA GLU Y 258 69.16 -69.30 -74.67
C GLU Y 258 68.78 -69.53 -73.21
N VAL Y 259 67.57 -70.03 -73.00
CA VAL Y 259 66.93 -69.99 -71.70
C VAL Y 259 67.14 -71.34 -71.03
N LYS Y 260 67.36 -71.31 -69.71
CA LYS Y 260 67.36 -72.54 -68.91
C LYS Y 260 65.95 -72.89 -68.45
N LYS Y 261 65.00 -71.96 -68.56
CA LYS Y 261 63.59 -72.28 -68.72
C LYS Y 261 62.97 -72.87 -67.47
N LYS Y 262 63.63 -72.82 -66.34
CA LYS Y 262 63.07 -73.67 -65.31
C LYS Y 262 62.95 -73.01 -63.94
N ARG Y 263 63.72 -71.96 -63.67
CA ARG Y 263 63.83 -71.42 -62.32
C ARG Y 263 63.72 -69.91 -62.27
N TRP Y 264 62.74 -69.43 -61.55
CA TRP Y 264 63.09 -68.43 -60.55
C TRP Y 264 62.47 -68.79 -59.21
N ASN Y 265 61.26 -69.34 -59.21
CA ASN Y 265 60.56 -69.62 -57.97
C ASN Y 265 59.31 -70.47 -58.15
N ARG Y 266 59.23 -71.59 -57.44
CA ARG Y 266 58.02 -72.08 -56.79
C ARG Y 266 56.72 -71.82 -57.54
N PRO Y 267 56.43 -72.54 -58.63
CA PRO Y 267 55.11 -72.39 -59.25
C PRO Y 267 54.01 -72.73 -58.26
N LYS Y 268 52.93 -71.95 -58.33
CA LYS Y 268 51.88 -71.97 -57.32
C LYS Y 268 51.27 -73.36 -57.16
N MET Y 269 50.58 -73.56 -56.06
CA MET Y 269 50.07 -74.87 -55.67
C MET Y 269 48.71 -75.12 -56.31
N SER Y 270 48.52 -76.35 -56.80
CA SER Y 270 47.27 -76.73 -57.42
C SER Y 270 46.16 -76.82 -56.38
N LEU Y 271 44.92 -76.65 -56.85
CA LEU Y 271 43.79 -76.60 -55.92
C LEU Y 271 43.63 -77.91 -55.16
N ALA Y 272 43.72 -79.04 -55.87
CA ALA Y 272 43.59 -80.32 -55.19
C ALA Y 272 44.71 -80.51 -54.17
N GLN Y 273 45.91 -80.04 -54.49
CA GLN Y 273 47.00 -80.11 -53.52
C GLN Y 273 46.68 -79.30 -52.28
N LYS Y 274 46.16 -78.09 -52.47
CA LYS Y 274 45.84 -77.24 -51.33
C LYS Y 274 44.64 -77.77 -50.56
N LYS Y 275 43.81 -78.60 -51.20
CA LYS Y 275 42.62 -79.14 -50.54
C LYS Y 275 42.84 -80.48 -49.88
N ASP Y 276 43.84 -81.24 -50.29
CA ASP Y 276 44.16 -82.48 -49.60
C ASP Y 276 45.35 -82.35 -48.67
N ARG Y 277 46.15 -81.30 -48.79
CA ARG Y 277 47.24 -81.14 -47.84
C ARG Y 277 46.71 -80.91 -46.44
N VAL Y 278 45.64 -80.12 -46.31
CA VAL Y 278 45.04 -79.98 -44.99
C VAL Y 278 44.41 -81.28 -44.56
N ALA Y 279 43.85 -82.03 -45.50
CA ALA Y 279 43.29 -83.34 -45.16
C ALA Y 279 44.36 -84.23 -44.55
N GLN Y 280 45.53 -84.30 -45.19
CA GLN Y 280 46.62 -85.08 -44.62
C GLN Y 280 47.05 -84.51 -43.29
N LYS Y 281 47.31 -83.20 -43.24
CA LYS Y 281 47.83 -82.59 -42.02
C LYS Y 281 46.91 -82.83 -40.85
N LYS Y 282 45.62 -83.03 -41.11
CA LYS Y 282 44.71 -83.41 -40.03
C LYS Y 282 44.78 -84.92 -39.79
N ALA Y 283 44.47 -85.71 -40.83
CA ALA Y 283 44.19 -87.12 -40.63
C ALA Y 283 45.44 -87.90 -40.24
N SER Y 284 46.56 -87.64 -40.91
CA SER Y 284 47.77 -88.40 -40.63
C SER Y 284 48.29 -88.12 -39.21
N PHE Y 285 48.42 -86.84 -38.86
CA PHE Y 285 48.82 -86.56 -37.49
C PHE Y 285 47.75 -87.05 -36.52
N LEU Y 286 46.50 -87.11 -36.97
CA LEU Y 286 45.42 -87.58 -36.11
C LEU Y 286 45.60 -89.04 -35.75
N ARG Y 287 45.83 -89.88 -36.76
CA ARG Y 287 46.08 -91.29 -36.51
C ARG Y 287 47.34 -91.49 -35.72
N ALA Y 288 48.31 -90.58 -35.85
CA ALA Y 288 49.49 -90.67 -34.99
C ALA Y 288 49.13 -90.37 -33.53
N GLN Y 289 48.35 -89.32 -33.30
CA GLN Y 289 47.96 -88.98 -31.93
C GLN Y 289 47.18 -90.13 -31.31
N GLU Y 290 46.28 -90.74 -32.07
CA GLU Y 290 45.51 -91.87 -31.57
C GLU Y 290 46.34 -93.14 -31.47
N ARG Y 291 47.43 -93.24 -32.23
CA ARG Y 291 48.45 -94.22 -31.92
C ARG Y 291 48.96 -94.01 -30.50
N ALA Y 292 49.21 -92.75 -30.15
CA ALA Y 292 49.51 -92.42 -28.76
C ALA Y 292 48.21 -92.37 -27.96
N VAL Z 1 -71.90 9.49 -70.77
CA VAL Z 1 -71.18 8.56 -69.92
C VAL Z 1 -71.39 7.15 -70.45
N ARG Z 2 -70.33 6.36 -70.42
CA ARG Z 2 -70.37 4.98 -70.90
C ARG Z 2 -70.67 4.05 -69.73
N TYR Z 3 -71.78 3.34 -69.81
CA TYR Z 3 -72.09 2.32 -68.83
C TYR Z 3 -71.35 1.04 -69.16
N SER Z 4 -70.98 0.32 -68.11
CA SER Z 4 -70.40 -1.01 -68.28
C SER Z 4 -71.52 -2.02 -68.43
N LEU Z 5 -71.36 -2.91 -69.41
CA LEU Z 5 -72.41 -3.87 -69.76
C LEU Z 5 -73.71 -3.12 -70.07
N ASP Z 6 -73.66 -2.44 -71.22
CA ASP Z 6 -74.87 -1.88 -71.81
C ASP Z 6 -76.02 -2.89 -71.81
N PRO Z 7 -77.26 -2.44 -71.69
CA PRO Z 7 -78.35 -3.38 -71.39
C PRO Z 7 -78.74 -4.25 -72.56
N GLU Z 8 -79.81 -5.02 -72.38
CA GLU Z 8 -80.29 -5.94 -73.41
C GLU Z 8 -81.34 -5.29 -74.29
N ASN Z 9 -82.46 -4.88 -73.72
CA ASN Z 9 -83.44 -4.09 -74.45
C ASN Z 9 -83.37 -2.67 -73.94
N PRO Z 10 -82.96 -1.70 -74.77
CA PRO Z 10 -82.85 -0.33 -74.30
C PRO Z 10 -84.17 0.42 -74.15
N THR Z 11 -85.31 -0.25 -74.38
CA THR Z 11 -86.60 0.40 -74.21
C THR Z 11 -87.46 -0.32 -73.16
N LYS Z 12 -86.85 -1.07 -72.26
CA LYS Z 12 -87.54 -1.56 -71.09
C LYS Z 12 -86.63 -1.55 -69.87
N SER Z 13 -85.50 -0.86 -69.95
CA SER Z 13 -84.54 -0.77 -68.87
C SER Z 13 -84.18 0.68 -68.61
N CYS Z 14 -84.18 1.06 -67.35
CA CYS Z 14 -83.79 2.39 -66.93
C CYS Z 14 -82.41 2.34 -66.29
N LYS Z 15 -81.76 3.49 -66.19
CA LYS Z 15 -80.39 3.55 -65.69
C LYS Z 15 -80.24 4.72 -64.73
N SER Z 16 -79.23 4.60 -63.86
CA SER Z 16 -78.81 5.76 -63.09
C SER Z 16 -77.39 5.49 -62.59
N ARG Z 17 -76.68 6.56 -62.25
CA ARG Z 17 -75.30 6.42 -61.81
C ARG Z 17 -74.90 7.63 -61.01
N GLY Z 18 -73.91 7.44 -60.15
CA GLY Z 18 -73.39 8.48 -59.31
C GLY Z 18 -71.87 8.50 -59.32
N SER Z 19 -71.31 9.69 -59.36
CA SER Z 19 -69.90 9.87 -59.64
C SER Z 19 -69.26 10.72 -58.56
N ASN Z 20 -68.18 10.20 -57.98
CA ASN Z 20 -67.42 10.88 -56.94
C ASN Z 20 -68.31 11.27 -55.77
N LEU Z 21 -68.92 10.29 -55.13
CA LEU Z 21 -69.75 10.50 -53.96
C LEU Z 21 -69.16 9.75 -52.78
N ARG Z 22 -69.21 10.36 -51.60
CA ARG Z 22 -68.26 10.06 -50.52
C ARG Z 22 -68.87 9.08 -49.52
N VAL Z 23 -68.78 7.79 -49.86
CA VAL Z 23 -69.01 6.70 -48.91
C VAL Z 23 -68.01 5.60 -49.16
N HIS Z 24 -67.76 4.83 -48.10
CA HIS Z 24 -66.63 3.92 -48.11
C HIS Z 24 -66.79 2.87 -49.20
N PHE Z 25 -65.69 2.62 -49.91
CA PHE Z 25 -65.72 1.60 -50.95
C PHE Z 25 -66.05 0.26 -50.32
N LYS Z 26 -65.17 -0.22 -49.46
CA LYS Z 26 -65.32 -1.57 -48.91
C LYS Z 26 -66.65 -1.77 -48.21
N ASN Z 27 -67.46 -0.72 -48.08
CA ASN Z 27 -68.82 -0.87 -47.57
C ASN Z 27 -69.84 -0.86 -48.70
N THR Z 28 -69.77 0.13 -49.57
CA THR Z 28 -70.76 0.23 -50.64
C THR Z 28 -70.65 -0.92 -51.61
N ARG Z 29 -69.43 -1.35 -51.92
CA ARG Z 29 -69.29 -2.55 -52.74
C ARG Z 29 -70.10 -3.68 -52.15
N GLU Z 30 -69.97 -3.90 -50.86
CA GLU Z 30 -70.53 -5.11 -50.27
C GLU Z 30 -72.04 -5.01 -50.20
N THR Z 31 -72.55 -3.84 -49.83
CA THR Z 31 -74.00 -3.68 -49.73
C THR Z 31 -74.63 -3.29 -51.05
N ALA Z 32 -73.87 -3.31 -52.14
CA ALA Z 32 -74.46 -3.39 -53.46
C ALA Z 32 -74.39 -4.78 -54.05
N GLN Z 33 -73.31 -5.51 -53.76
CA GLN Z 33 -73.22 -6.90 -54.14
C GLN Z 33 -74.33 -7.70 -53.49
N ALA Z 34 -74.65 -7.39 -52.23
CA ALA Z 34 -75.76 -8.06 -51.58
C ALA Z 34 -77.07 -7.77 -52.30
N ILE Z 35 -77.26 -6.53 -52.76
CA ILE Z 35 -78.56 -6.10 -53.24
C ILE Z 35 -78.79 -6.38 -54.73
N LYS Z 36 -77.74 -6.74 -55.47
CA LYS Z 36 -77.93 -7.02 -56.89
C LYS Z 36 -78.94 -8.12 -57.11
N GLY Z 37 -79.89 -7.86 -58.00
CA GLY Z 37 -80.85 -8.86 -58.42
C GLY Z 37 -82.14 -8.90 -57.64
N MET Z 38 -82.18 -8.32 -56.45
CA MET Z 38 -83.43 -8.24 -55.72
C MET Z 38 -84.41 -7.36 -56.49
N HIS Z 39 -85.68 -7.74 -56.45
CA HIS Z 39 -86.69 -6.92 -57.09
C HIS Z 39 -86.71 -5.54 -56.42
N ILE Z 40 -87.28 -4.56 -57.13
CA ILE Z 40 -87.17 -3.17 -56.69
C ILE Z 40 -87.86 -2.96 -55.35
N ARG Z 41 -89.06 -3.52 -55.18
CA ARG Z 41 -89.82 -3.26 -53.97
C ARG Z 41 -89.16 -3.93 -52.77
N LYS Z 42 -88.74 -5.19 -52.93
CA LYS Z 42 -88.04 -5.88 -51.86
C LYS Z 42 -86.72 -5.23 -51.54
N ALA Z 43 -86.05 -4.64 -52.53
CA ALA Z 43 -84.79 -3.96 -52.24
C ALA Z 43 -85.03 -2.69 -51.44
N THR Z 44 -86.00 -1.88 -51.86
CA THR Z 44 -86.31 -0.68 -51.09
C THR Z 44 -86.74 -1.01 -49.68
N LYS Z 45 -87.39 -2.17 -49.49
CA LYS Z 45 -87.68 -2.59 -48.13
C LYS Z 45 -86.43 -3.05 -47.39
N TYR Z 46 -85.56 -3.79 -48.07
CA TYR Z 46 -84.37 -4.33 -47.42
C TYR Z 46 -83.48 -3.22 -46.90
N LEU Z 47 -83.35 -2.15 -47.67
CA LEU Z 47 -82.51 -1.03 -47.24
C LEU Z 47 -83.13 -0.31 -46.05
N LYS Z 48 -84.41 0.04 -46.15
CA LYS Z 48 -85.09 0.65 -45.02
C LYS Z 48 -85.13 -0.28 -43.83
N ASP Z 49 -84.76 -1.54 -44.00
CA ASP Z 49 -84.69 -2.43 -42.85
C ASP Z 49 -83.26 -2.55 -42.31
N VAL Z 50 -82.26 -2.60 -43.17
CA VAL Z 50 -80.88 -2.66 -42.68
C VAL Z 50 -80.54 -1.38 -41.92
N THR Z 51 -81.03 -0.24 -42.41
CA THR Z 51 -80.80 1.00 -41.68
C THR Z 51 -81.42 0.93 -40.29
N LEU Z 52 -82.62 0.38 -40.18
CA LEU Z 52 -83.27 0.20 -38.89
C LEU Z 52 -82.73 -1.01 -38.15
N LYS Z 53 -81.70 -1.66 -38.69
CA LYS Z 53 -80.90 -2.64 -37.95
C LYS Z 53 -81.70 -3.90 -37.61
N LYS Z 54 -82.30 -4.49 -38.63
CA LYS Z 54 -82.98 -5.76 -38.46
C LYS Z 54 -82.55 -6.80 -39.47
N GLN Z 55 -82.01 -6.39 -40.61
CA GLN Z 55 -81.42 -7.31 -41.57
C GLN Z 55 -79.99 -6.89 -41.84
N CYS Z 56 -79.11 -7.87 -41.92
CA CYS Z 56 -77.69 -7.65 -42.02
C CYS Z 56 -77.18 -7.82 -43.44
N VAL Z 57 -76.20 -6.99 -43.80
CA VAL Z 57 -75.46 -7.16 -45.04
C VAL Z 57 -74.24 -8.01 -44.71
N PRO Z 58 -74.03 -9.14 -45.35
CA PRO Z 58 -72.85 -9.95 -45.06
C PRO Z 58 -71.63 -9.30 -45.66
N PHE Z 59 -70.47 -9.65 -45.11
CA PHE Z 59 -69.21 -9.32 -45.75
C PHE Z 59 -68.58 -10.55 -46.36
N ARG Z 60 -68.33 -10.48 -47.66
CA ARG Z 60 -67.84 -11.59 -48.44
C ARG Z 60 -66.36 -11.43 -48.75
N ARG Z 61 -65.98 -10.35 -49.43
CA ARG Z 61 -64.58 -10.15 -49.80
C ARG Z 61 -63.83 -9.32 -48.76
N TYR Z 62 -64.27 -8.10 -48.54
CA TYR Z 62 -63.62 -7.20 -47.58
C TYR Z 62 -64.02 -7.58 -46.15
N ASN Z 63 -63.78 -8.86 -45.86
CA ASN Z 63 -64.44 -9.58 -44.78
C ASN Z 63 -63.59 -9.75 -43.54
N GLY Z 64 -62.43 -9.10 -43.49
CA GLY Z 64 -61.52 -9.27 -42.38
C GLY Z 64 -61.90 -8.37 -41.22
N GLY Z 65 -61.45 -8.74 -40.03
CA GLY Z 65 -61.58 -7.88 -38.88
C GLY Z 65 -63.00 -7.64 -38.42
N VAL Z 66 -64.02 -7.96 -39.22
CA VAL Z 66 -65.40 -7.66 -38.88
C VAL Z 66 -65.99 -8.81 -38.10
N GLY Z 67 -66.37 -8.55 -36.86
CA GLY Z 67 -67.01 -9.56 -36.05
C GLY Z 67 -68.35 -9.97 -36.62
N ARG Z 68 -68.84 -11.10 -36.13
CA ARG Z 68 -69.97 -11.78 -36.71
C ARG Z 68 -71.26 -11.32 -36.06
N CYS Z 69 -72.38 -11.68 -36.69
CA CYS Z 69 -73.69 -11.35 -36.17
C CYS Z 69 -74.72 -12.34 -36.67
N ALA Z 70 -75.71 -12.61 -35.82
CA ALA Z 70 -76.63 -13.70 -36.07
C ALA Z 70 -77.33 -13.55 -37.41
N GLN Z 71 -77.73 -12.33 -37.77
CA GLN Z 71 -78.50 -12.15 -38.98
C GLN Z 71 -77.70 -12.39 -40.23
N ALA Z 72 -76.48 -12.89 -40.11
CA ALA Z 72 -75.80 -13.39 -41.29
C ALA Z 72 -76.36 -14.71 -41.77
N LYS Z 73 -76.99 -15.48 -40.88
CA LYS Z 73 -77.31 -16.86 -41.19
C LYS Z 73 -78.22 -17.01 -42.40
N GLN Z 74 -78.96 -15.96 -42.77
CA GLN Z 74 -79.76 -16.03 -43.98
C GLN Z 74 -78.87 -16.21 -45.21
N TRP Z 75 -77.90 -15.33 -45.37
CA TRP Z 75 -77.11 -15.36 -46.60
C TRP Z 75 -76.20 -16.57 -46.65
N GLY Z 76 -75.95 -17.21 -45.51
CA GLY Z 76 -75.04 -18.33 -45.43
C GLY Z 76 -73.71 -18.00 -44.83
N TRP Z 77 -73.38 -16.73 -44.68
CA TRP Z 77 -72.10 -16.33 -44.13
C TRP Z 77 -72.20 -16.26 -42.62
N THR Z 78 -71.21 -15.67 -41.96
CA THR Z 78 -71.30 -15.43 -40.53
C THR Z 78 -70.92 -13.99 -40.20
N GLN Z 79 -70.05 -13.39 -41.00
CA GLN Z 79 -69.57 -12.04 -40.74
C GLN Z 79 -70.51 -11.05 -41.40
N GLY Z 80 -71.07 -10.14 -40.60
CA GLY Z 80 -72.04 -9.21 -41.11
C GLY Z 80 -71.89 -7.83 -40.52
N ARG Z 81 -72.58 -6.87 -41.14
CA ARG Z 81 -72.56 -5.49 -40.68
C ARG Z 81 -73.75 -4.77 -41.30
N TRP Z 82 -74.00 -3.54 -40.86
CA TRP Z 82 -75.17 -2.77 -41.26
C TRP Z 82 -74.76 -1.40 -41.74
N PRO Z 83 -74.19 -1.28 -42.93
CA PRO Z 83 -73.66 0.01 -43.34
C PRO Z 83 -74.76 1.01 -43.63
N LYS Z 84 -74.99 1.90 -42.68
CA LYS Z 84 -76.13 2.80 -42.75
C LYS Z 84 -75.94 3.87 -43.81
N LYS Z 85 -74.76 4.49 -43.85
CA LYS Z 85 -74.52 5.53 -44.83
C LYS Z 85 -74.66 4.98 -46.24
N SER Z 86 -74.06 3.83 -46.50
CA SER Z 86 -74.11 3.26 -47.83
C SER Z 86 -75.53 2.86 -48.21
N ALA Z 87 -76.25 2.26 -47.26
CA ALA Z 87 -77.65 1.93 -47.52
C ALA Z 87 -78.41 3.19 -47.90
N GLU Z 88 -78.19 4.26 -47.15
CA GLU Z 88 -78.84 5.53 -47.46
C GLU Z 88 -78.56 5.97 -48.88
N PHE Z 89 -77.28 6.05 -49.25
CA PHE Z 89 -76.98 6.64 -50.55
C PHE Z 89 -77.53 5.80 -51.68
N LEU Z 90 -77.33 4.48 -51.63
CA LEU Z 90 -77.84 3.77 -52.80
C LEU Z 90 -79.36 3.63 -52.76
N LEU Z 91 -79.99 3.78 -51.60
CA LEU Z 91 -81.45 3.92 -51.57
C LEU Z 91 -81.88 5.17 -52.31
N HIS Z 92 -81.20 6.29 -52.04
CA HIS Z 92 -81.52 7.53 -52.71
C HIS Z 92 -81.35 7.40 -54.20
N MET Z 93 -80.25 6.79 -54.63
CA MET Z 93 -80.03 6.59 -56.06
C MET Z 93 -81.06 5.63 -56.65
N LEU Z 94 -81.53 4.69 -55.84
CA LEU Z 94 -82.57 3.78 -56.31
C LEU Z 94 -83.86 4.53 -56.57
N LYS Z 95 -84.18 5.49 -55.71
CA LYS Z 95 -85.31 6.38 -55.99
C LYS Z 95 -85.04 7.20 -57.25
N ASN Z 96 -83.79 7.62 -57.44
CA ASN Z 96 -83.45 8.31 -58.68
C ASN Z 96 -83.82 7.49 -59.89
N ALA Z 97 -83.37 6.24 -59.94
CA ALA Z 97 -83.69 5.37 -61.08
C ALA Z 97 -85.19 5.12 -61.17
N GLU Z 98 -85.87 5.12 -60.03
CA GLU Z 98 -87.31 4.96 -60.01
C GLU Z 98 -87.96 6.08 -60.80
N SER Z 99 -87.58 7.32 -60.49
CA SER Z 99 -88.08 8.46 -61.24
C SER Z 99 -87.67 8.38 -62.70
N ASN Z 100 -86.48 7.89 -62.97
CA ASN Z 100 -86.04 7.77 -64.36
C ASN Z 100 -86.95 6.84 -65.15
N ALA Z 101 -87.30 5.69 -64.58
CA ALA Z 101 -88.16 4.78 -65.31
C ALA Z 101 -89.55 5.37 -65.48
N GLU Z 102 -90.07 6.05 -64.46
CA GLU Z 102 -91.37 6.67 -64.62
C GLU Z 102 -91.33 7.79 -65.66
N LEU Z 103 -90.17 8.43 -65.82
CA LEU Z 103 -89.96 9.37 -66.91
C LEU Z 103 -90.00 8.66 -68.26
N LYS Z 104 -89.27 7.54 -68.37
CA LYS Z 104 -89.25 6.77 -69.61
C LYS Z 104 -90.59 6.16 -69.95
N GLY Z 105 -91.53 6.13 -69.00
CA GLY Z 105 -92.86 5.65 -69.30
C GLY Z 105 -93.04 4.17 -69.17
N LEU Z 106 -92.21 3.52 -68.35
CA LEU Z 106 -92.31 2.09 -68.11
C LEU Z 106 -93.22 1.82 -66.93
N ASP Z 107 -93.19 0.60 -66.41
CA ASP Z 107 -93.95 0.23 -65.23
C ASP Z 107 -93.01 0.02 -64.07
N VAL Z 108 -93.20 0.81 -63.04
CA VAL Z 108 -92.25 0.84 -61.94
C VAL Z 108 -92.35 -0.37 -61.04
N ASP Z 109 -93.55 -0.83 -60.72
CA ASP Z 109 -93.74 -1.92 -59.78
C ASP Z 109 -93.44 -3.28 -60.37
N SER Z 110 -92.68 -3.33 -61.46
CA SER Z 110 -92.34 -4.59 -62.10
C SER Z 110 -90.84 -4.75 -62.32
N LEU Z 111 -90.03 -3.81 -61.83
CA LEU Z 111 -88.62 -3.81 -62.17
C LEU Z 111 -87.83 -4.80 -61.33
N VAL Z 112 -86.58 -4.98 -61.73
CA VAL Z 112 -85.56 -5.64 -60.93
C VAL Z 112 -84.25 -4.91 -61.14
N ILE Z 113 -83.39 -4.89 -60.12
CA ILE Z 113 -82.12 -4.18 -60.18
C ILE Z 113 -81.10 -5.11 -60.80
N GLU Z 114 -80.99 -5.07 -62.12
CA GLU Z 114 -80.36 -6.16 -62.85
C GLU Z 114 -78.86 -5.95 -63.01
N HIS Z 115 -78.35 -4.77 -62.68
CA HIS Z 115 -76.91 -4.57 -62.79
C HIS Z 115 -76.49 -3.47 -61.83
N ILE Z 116 -75.33 -3.64 -61.21
CA ILE Z 116 -74.83 -2.64 -60.28
C ILE Z 116 -73.33 -2.88 -60.09
N GLN Z 117 -72.56 -1.81 -60.04
CA GLN Z 117 -71.17 -1.94 -59.66
C GLN Z 117 -70.68 -0.68 -58.96
N VAL Z 118 -69.49 -0.80 -58.39
CA VAL Z 118 -68.88 0.21 -57.53
C VAL Z 118 -67.39 0.28 -57.83
N ASN Z 119 -66.97 1.39 -58.41
CA ASN Z 119 -65.57 1.64 -58.73
C ASN Z 119 -65.02 2.57 -57.67
N LYS Z 120 -63.70 2.52 -57.47
CA LYS Z 120 -63.09 3.48 -56.56
C LYS Z 120 -63.26 4.89 -57.10
N ALA Z 121 -62.89 5.87 -56.32
CA ALA Z 121 -62.90 7.25 -56.79
C ALA Z 121 -61.64 7.94 -56.32
N PRO Z 122 -61.21 9.00 -56.99
CA PRO Z 122 -59.98 9.68 -56.57
C PRO Z 122 -60.04 10.05 -55.11
N LYS Z 123 -59.01 9.64 -54.38
CA LYS Z 123 -59.03 9.78 -52.94
C LYS Z 123 -58.76 11.22 -52.54
N MET Z 124 -59.56 11.73 -51.61
CA MET Z 124 -59.29 13.00 -50.98
C MET Z 124 -58.43 12.75 -49.74
N ARG Z 125 -57.43 13.60 -49.54
CA ARG Z 125 -56.45 13.36 -48.49
C ARG Z 125 -56.48 14.47 -47.46
N ARG Z 126 -56.22 14.09 -46.22
CA ARG Z 126 -56.09 15.00 -45.10
C ARG Z 126 -55.00 14.47 -44.20
N ARG Z 127 -54.51 15.31 -43.29
CA ARG Z 127 -53.33 15.00 -42.49
C ARG Z 127 -53.75 14.53 -41.11
N THR Z 128 -52.92 13.65 -40.53
CA THR Z 128 -53.09 13.21 -39.15
C THR Z 128 -51.73 13.23 -38.49
N TYR Z 129 -51.71 13.37 -37.17
CA TYR Z 129 -50.49 13.68 -36.45
C TYR Z 129 -50.06 12.49 -35.62
N ARG Z 130 -48.86 11.99 -35.88
CA ARG Z 130 -48.36 10.80 -35.24
C ARG Z 130 -47.29 11.19 -34.23
N ALA Z 131 -46.64 10.19 -33.65
CA ALA Z 131 -45.62 10.42 -32.64
C ALA Z 131 -44.43 11.13 -33.24
N HIS Z 132 -43.51 11.55 -32.31
CA HIS Z 132 -42.18 12.04 -32.66
C HIS Z 132 -42.20 13.15 -33.70
N GLY Z 133 -43.34 13.78 -33.94
CA GLY Z 133 -43.41 14.91 -34.85
C GLY Z 133 -43.72 14.58 -36.30
N ARG Z 134 -44.22 13.40 -36.60
CA ARG Z 134 -44.51 13.03 -37.97
C ARG Z 134 -45.96 13.31 -38.32
N ILE Z 135 -46.26 13.24 -39.62
CA ILE Z 135 -47.62 13.32 -40.13
C ILE Z 135 -47.84 12.10 -41.02
N ASN Z 136 -49.05 11.63 -41.05
CA ASN Z 136 -49.39 10.55 -41.95
C ASN Z 136 -50.69 10.88 -42.68
N PRO Z 137 -50.90 10.36 -43.88
CA PRO Z 137 -52.11 10.70 -44.61
C PRO Z 137 -53.33 10.10 -43.95
N TYR Z 138 -54.44 10.78 -44.16
CA TYR Z 138 -55.73 10.48 -43.55
C TYR Z 138 -56.71 10.69 -44.70
N MET Z 139 -57.02 9.61 -45.40
CA MET Z 139 -57.59 9.70 -46.74
C MET Z 139 -59.02 9.19 -46.73
N SER Z 140 -59.80 9.70 -47.66
CA SER Z 140 -61.15 9.22 -47.93
C SER Z 140 -61.19 8.49 -49.26
N SER Z 141 -62.05 7.49 -49.35
CA SER Z 141 -62.11 6.60 -50.51
C SER Z 141 -63.52 6.50 -51.03
N PRO Z 142 -64.01 7.55 -51.69
CA PRO Z 142 -65.36 7.51 -52.24
C PRO Z 142 -65.46 6.50 -53.36
N CYS Z 143 -66.69 6.24 -53.78
CA CYS Z 143 -66.94 5.23 -54.79
C CYS Z 143 -67.93 5.74 -55.83
N HIS Z 144 -67.60 5.54 -57.09
CA HIS Z 144 -68.54 5.69 -58.20
C HIS Z 144 -69.44 4.46 -58.23
N ILE Z 145 -70.75 4.66 -58.33
CA ILE Z 145 -71.61 3.49 -58.44
C ILE Z 145 -72.51 3.65 -59.64
N GLU Z 146 -72.99 2.54 -60.17
CA GLU Z 146 -73.91 2.64 -61.28
C GLU Z 146 -74.85 1.46 -61.29
N MET Z 147 -76.11 1.72 -61.66
CA MET Z 147 -77.16 0.72 -61.61
C MET Z 147 -77.99 0.76 -62.88
N ILE Z 148 -78.30 -0.41 -63.39
CA ILE Z 148 -79.26 -0.60 -64.49
C ILE Z 148 -80.39 -1.47 -63.97
N LEU Z 149 -81.61 -1.00 -64.13
CA LEU Z 149 -82.80 -1.73 -63.74
C LEU Z 149 -83.56 -2.13 -65.00
N THR Z 150 -84.20 -3.29 -64.94
CA THR Z 150 -84.91 -3.80 -66.10
C THR Z 150 -86.29 -4.24 -65.69
N GLU Z 151 -87.29 -3.97 -66.52
CA GLU Z 151 -88.61 -4.56 -66.28
C GLU Z 151 -88.63 -5.96 -66.88
N LYS Z 152 -88.81 -6.97 -66.04
CA LYS Z 152 -88.74 -8.33 -66.56
C LYS Z 152 -89.79 -9.29 -66.01
N GLU Z 153 -90.40 -9.03 -64.86
CA GLU Z 153 -91.34 -9.99 -64.28
C GLU Z 153 -92.52 -10.27 -65.21
N ALA AA 1 -26.05 34.82 30.72
CA ALA AA 1 -27.50 34.99 30.86
C ALA AA 1 -28.17 33.65 31.07
N LYS AA 2 -29.43 33.70 31.52
CA LYS AA 2 -30.18 32.49 31.82
C LYS AA 2 -30.45 31.62 30.60
N ARG AA 3 -30.56 32.22 29.41
CA ARG AA 3 -30.96 31.48 28.22
C ARG AA 3 -29.83 30.69 27.60
N THR AA 4 -28.58 30.97 27.94
CA THR AA 4 -27.43 30.34 27.31
C THR AA 4 -26.41 29.99 28.38
N LYS AA 5 -25.30 29.41 27.94
CA LYS AA 5 -24.16 29.22 28.83
C LYS AA 5 -22.92 29.94 28.33
N LYS AA 6 -22.46 29.65 27.12
CA LYS AA 6 -21.30 30.37 26.61
C LYS AA 6 -21.38 30.73 25.14
N VAL AA 7 -22.57 30.83 24.54
CA VAL AA 7 -22.61 31.21 23.14
C VAL AA 7 -22.62 32.73 22.97
N GLY AA 8 -23.03 33.46 23.98
CA GLY AA 8 -23.09 34.91 23.83
C GLY AA 8 -24.04 35.31 22.72
N ILE AA 9 -23.56 36.17 21.83
CA ILE AA 9 -24.41 36.73 20.78
C ILE AA 9 -24.47 35.86 19.53
N VAL AA 10 -23.49 35.00 19.30
CA VAL AA 10 -23.45 34.27 18.05
C VAL AA 10 -24.28 33.01 18.15
N GLY AA 11 -25.10 32.91 19.18
CA GLY AA 11 -26.09 31.85 19.16
C GLY AA 11 -26.93 31.87 17.92
N LYS AA 12 -27.13 33.03 17.33
CA LYS AA 12 -27.92 33.13 16.12
C LYS AA 12 -27.32 32.42 14.98
N TYR AA 13 -26.17 31.76 15.14
CA TYR AA 13 -25.60 30.95 14.08
C TYR AA 13 -25.85 29.48 14.31
N GLY AA 14 -26.88 29.16 15.08
CA GLY AA 14 -27.33 27.78 15.20
C GLY AA 14 -26.22 26.86 15.62
N THR AA 15 -26.10 25.73 14.95
CA THR AA 15 -25.09 24.73 15.26
C THR AA 15 -24.05 24.57 14.17
N ARG AA 16 -23.98 25.50 13.24
CA ARG AA 16 -23.08 25.33 12.11
C ARG AA 16 -21.80 26.15 12.34
N TYR AA 17 -20.90 26.09 11.37
CA TYR AA 17 -19.68 26.90 11.24
C TYR AA 17 -18.53 26.52 12.17
N GLY AA 18 -18.72 25.63 13.12
CA GLY AA 18 -17.61 25.22 13.95
C GLY AA 18 -17.65 25.83 15.34
N ALA AA 19 -16.49 25.77 16.00
CA ALA AA 19 -16.38 26.24 17.38
C ALA AA 19 -15.46 27.44 17.51
N SER AA 20 -14.18 27.29 17.15
CA SER AA 20 -13.27 28.42 17.32
C SER AA 20 -13.57 29.53 16.34
N LEU AA 21 -14.22 29.24 15.21
CA LEU AA 21 -14.72 30.32 14.38
C LEU AA 21 -15.73 31.16 15.13
N ARG AA 22 -16.67 30.50 15.82
CA ARG AA 22 -17.66 31.27 16.55
C ARG AA 22 -17.06 31.96 17.75
N LYS AA 23 -16.04 31.38 18.37
CA LYS AA 23 -15.35 32.08 19.45
C LYS AA 23 -14.60 33.30 18.93
N MET AA 24 -14.00 33.17 17.74
CA MET AA 24 -13.24 34.26 17.16
C MET AA 24 -14.16 35.32 16.58
N VAL AA 25 -15.44 35.02 16.42
CA VAL AA 25 -16.38 35.99 15.88
C VAL AA 25 -17.29 36.61 16.94
N LYS AA 26 -17.56 35.91 18.04
CA LYS AA 26 -18.33 36.51 19.11
C LYS AA 26 -17.61 37.70 19.70
N LYS AA 27 -16.29 37.62 19.82
CA LYS AA 27 -15.50 38.72 20.37
C LYS AA 27 -15.64 39.99 19.54
N ILE AA 28 -16.04 39.87 18.29
CA ILE AA 28 -16.16 41.04 17.42
C ILE AA 28 -17.61 41.44 17.19
N GLU AA 29 -18.55 40.50 17.22
CA GLU AA 29 -19.95 40.81 17.00
C GLU AA 29 -20.56 41.65 18.11
N ILE AA 30 -19.92 41.71 19.27
CA ILE AA 30 -20.43 42.51 20.38
C ILE AA 30 -19.85 43.91 20.24
N SER AA 31 -18.59 43.99 19.82
CA SER AA 31 -17.98 45.30 19.67
C SER AA 31 -18.60 46.08 18.53
N GLN AA 32 -18.86 45.43 17.39
CA GLN AA 32 -19.32 46.22 16.26
C GLN AA 32 -20.76 46.66 16.42
N HIS AA 33 -21.52 46.00 17.27
CA HIS AA 33 -22.92 46.35 17.47
C HIS AA 33 -23.19 47.09 18.76
N ALA AA 34 -22.20 47.20 19.63
CA ALA AA 34 -22.40 48.03 20.80
C ALA AA 34 -22.50 49.49 20.38
N LYS AA 35 -23.02 50.31 21.29
CA LYS AA 35 -23.14 51.74 21.07
C LYS AA 35 -22.10 52.45 21.93
N TYR AA 36 -21.14 53.09 21.28
CA TYR AA 36 -20.08 53.81 21.97
C TYR AA 36 -20.56 55.19 22.37
N THR AA 37 -19.74 55.88 23.16
CA THR AA 37 -20.09 57.20 23.67
C THR AA 37 -19.43 58.26 22.78
N CYS AA 38 -20.25 59.02 22.08
CA CYS AA 38 -19.72 60.08 21.23
C CYS AA 38 -18.94 61.08 22.07
N SER AA 39 -17.64 61.14 21.83
CA SER AA 39 -16.77 62.04 22.59
C SER AA 39 -16.84 63.46 22.09
N PHE AA 40 -17.89 63.81 21.35
CA PHE AA 40 -18.10 65.16 20.87
C PHE AA 40 -19.35 65.78 21.46
N CYS AA 41 -20.29 64.96 21.94
CA CYS AA 41 -21.50 65.43 22.58
C CYS AA 41 -21.80 64.72 23.88
N GLY AA 42 -21.10 63.64 24.19
CA GLY AA 42 -21.23 62.97 25.47
C GLY AA 42 -22.29 61.90 25.56
N LYS AA 43 -23.26 61.87 24.65
CA LYS AA 43 -24.36 60.93 24.74
C LYS AA 43 -23.88 59.53 24.36
N THR AA 44 -24.75 58.54 24.55
CA THR AA 44 -24.45 57.15 24.24
C THR AA 44 -25.07 56.81 22.89
N LYS AA 45 -24.49 57.37 21.83
CA LYS AA 45 -25.14 57.27 20.53
C LYS AA 45 -24.20 56.98 19.37
N MET AA 46 -23.10 56.27 19.59
CA MET AA 46 -22.16 56.07 18.51
C MET AA 46 -22.39 54.70 17.89
N LYS AA 47 -22.53 54.63 16.57
CA LYS AA 47 -22.99 53.41 15.92
C LYS AA 47 -22.38 53.29 14.52
N ARG AA 48 -22.21 52.05 14.07
CA ARG AA 48 -21.55 51.76 12.80
C ARG AA 48 -22.56 51.77 11.66
N ARG AA 49 -22.40 52.69 10.71
CA ARG AA 49 -23.31 52.68 9.57
C ARG AA 49 -22.85 51.76 8.45
N ALA AA 50 -21.57 51.40 8.44
CA ALA AA 50 -21.03 50.47 7.46
C ALA AA 50 -19.67 50.03 7.97
N VAL AA 51 -18.87 49.43 7.10
CA VAL AA 51 -17.49 49.17 7.49
C VAL AA 51 -16.77 50.50 7.67
N GLY AA 52 -16.03 50.62 8.76
CA GLY AA 52 -15.08 51.71 8.93
C GLY AA 52 -15.64 53.10 9.13
N ILE AA 53 -16.95 53.26 9.30
CA ILE AA 53 -17.53 54.59 9.44
C ILE AA 53 -18.49 54.59 10.62
N TRP AA 54 -18.25 55.50 11.57
CA TRP AA 54 -19.01 55.57 12.82
C TRP AA 54 -19.84 56.85 12.83
N HIS AA 55 -21.06 56.74 13.34
CA HIS AA 55 -22.02 57.83 13.37
C HIS AA 55 -22.33 58.23 14.80
N CYS AA 56 -22.90 59.41 14.99
CA CYS AA 56 -23.44 59.74 16.31
C CYS AA 56 -24.94 59.97 16.18
N GLY AA 57 -25.55 60.33 17.31
CA GLY AA 57 -27.00 60.40 17.38
C GLY AA 57 -27.60 61.79 17.39
N SER AA 58 -26.99 62.72 18.12
CA SER AA 58 -27.54 64.06 18.25
C SER AA 58 -26.67 65.12 17.59
N CYS AA 59 -25.38 65.15 17.91
CA CYS AA 59 -24.49 66.11 17.26
C CYS AA 59 -24.32 65.80 15.78
N MET AA 60 -24.80 64.65 15.33
CA MET AA 60 -24.90 64.33 13.91
C MET AA 60 -23.54 64.28 13.23
N LYS AA 61 -22.49 64.00 14.00
CA LYS AA 61 -21.15 63.89 13.43
C LYS AA 61 -20.88 62.49 12.94
N THR AA 62 -19.91 62.38 12.04
CA THR AA 62 -19.49 61.12 11.46
C THR AA 62 -17.97 61.07 11.46
N VAL AA 63 -17.41 59.97 11.96
CA VAL AA 63 -15.97 59.84 12.12
C VAL AA 63 -15.51 58.54 11.47
N ALA AA 64 -14.45 58.62 10.68
CA ALA AA 64 -13.88 57.41 10.10
C ALA AA 64 -13.19 56.62 11.20
N GLY AA 65 -13.67 55.39 11.41
CA GLY AA 65 -13.10 54.56 12.45
C GLY AA 65 -12.77 53.19 11.93
N GLY AA 66 -12.38 52.29 12.82
CA GLY AA 66 -12.03 50.95 12.42
C GLY AA 66 -13.22 50.22 11.84
N ALA AA 67 -12.98 48.99 11.42
CA ALA AA 67 -14.06 48.19 10.85
C ALA AA 67 -14.95 47.58 11.92
N TRP AA 68 -14.37 47.24 13.07
CA TRP AA 68 -15.14 46.65 14.16
C TRP AA 68 -15.21 47.51 15.40
N THR AA 69 -14.35 48.52 15.53
CA THR AA 69 -14.36 49.41 16.68
C THR AA 69 -14.13 50.83 16.18
N TYR AA 70 -13.85 51.73 17.12
CA TYR AA 70 -13.72 53.15 16.82
C TYR AA 70 -12.30 53.69 17.00
N ASN AA 71 -11.39 52.90 17.55
CA ASN AA 71 -10.00 53.31 17.61
C ASN AA 71 -9.14 52.07 17.64
N THR AA 72 -8.47 51.78 16.53
CA THR AA 72 -7.50 50.72 16.56
C THR AA 72 -6.30 51.14 17.41
N THR AA 73 -5.71 50.15 18.08
CA THR AA 73 -4.47 50.40 18.81
C THR AA 73 -3.45 51.08 17.91
N SER AA 74 -3.38 50.65 16.65
CA SER AA 74 -2.49 51.29 15.70
C SER AA 74 -2.84 52.76 15.51
N ALA AA 75 -4.12 53.07 15.35
CA ALA AA 75 -4.50 54.46 15.11
C ALA AA 75 -4.13 55.33 16.29
N VAL AA 76 -4.39 54.85 17.51
CA VAL AA 76 -4.15 55.70 18.67
C VAL AA 76 -2.65 55.89 18.89
N THR AA 77 -1.85 54.84 18.68
CA THR AA 77 -0.41 55.01 18.85
C THR AA 77 0.16 55.92 17.77
N VAL AA 78 -0.40 55.87 16.56
CA VAL AA 78 0.02 56.79 15.52
C VAL AA 78 -0.31 58.22 15.90
N LYS AA 79 -1.48 58.45 16.49
CA LYS AA 79 -1.80 59.80 16.91
C LYS AA 79 -0.83 60.29 17.98
N SER AA 80 -0.49 59.41 18.93
CA SER AA 80 0.47 59.81 19.96
C SER AA 80 1.82 60.15 19.34
N ALA AA 81 2.30 59.33 18.41
CA ALA AA 81 3.59 59.60 17.78
C ALA AA 81 3.55 60.86 16.92
N ILE AA 82 2.42 61.14 16.28
CA ILE AA 82 2.26 62.40 15.58
C ILE AA 82 2.43 63.57 16.53
N ARG AA 83 1.83 63.46 17.72
CA ARG AA 83 2.02 64.49 18.73
C ARG AA 83 3.49 64.62 19.11
N ARG AA 84 4.16 63.49 19.33
CA ARG AA 84 5.54 63.50 19.77
C ARG AA 84 6.51 63.98 18.71
N LEU AA 85 6.13 63.93 17.43
CA LEU AA 85 6.95 64.52 16.37
C LEU AA 85 6.64 65.98 16.11
N LYS AA 86 5.37 66.40 16.19
CA LYS AA 86 5.09 67.82 16.11
C LYS AA 86 5.81 68.56 17.23
N GLU AA 87 5.83 67.96 18.44
CA GLU AA 87 6.52 68.59 19.56
C GLU AA 87 8.00 68.79 19.25
N LEU AA 88 8.66 67.74 18.75
CA LEU AA 88 10.08 67.84 18.41
C LEU AA 88 10.33 68.88 17.33
N LYS AA 89 9.51 68.87 16.28
CA LYS AA 89 9.72 69.79 15.17
C LYS AA 89 9.53 71.24 15.60
N ASP AA 90 8.51 71.51 16.41
CA ASP AA 90 8.16 72.87 16.76
C ASP AA 90 8.78 73.32 18.08
N GLN AA 91 9.62 72.49 18.70
CA GLN AA 91 10.38 72.87 19.88
C GLN AA 91 9.43 73.17 21.05
N SER BA 1 -16.04 0.13 -117.19
CA SER BA 1 -16.41 -0.97 -118.07
C SER BA 1 -17.45 -1.87 -117.41
N ALA BA 2 -17.78 -2.96 -118.10
CA ALA BA 2 -18.92 -3.78 -117.69
C ALA BA 2 -18.75 -4.33 -116.28
N HIS BA 3 -17.52 -4.43 -115.81
CA HIS BA 3 -17.33 -4.95 -114.46
C HIS BA 3 -17.02 -3.84 -113.47
N LEU BA 4 -16.40 -2.75 -113.95
CA LEU BA 4 -16.15 -1.61 -113.07
C LEU BA 4 -17.46 -0.98 -112.61
N GLN BA 5 -18.32 -0.68 -113.56
CA GLN BA 5 -19.61 -0.11 -113.23
C GLN BA 5 -20.56 -1.13 -112.78
N TRP BA 6 -20.08 -2.31 -112.41
CA TRP BA 6 -20.85 -3.25 -111.62
C TRP BA 6 -20.35 -3.32 -110.20
N MET BA 7 -19.03 -3.34 -110.00
CA MET BA 7 -18.51 -3.28 -108.65
C MET BA 7 -18.84 -1.95 -108.00
N VAL BA 8 -19.13 -0.91 -108.79
CA VAL BA 8 -19.53 0.35 -108.18
C VAL BA 8 -21.02 0.36 -107.83
N VAL BA 9 -21.88 -0.13 -108.72
CA VAL BA 9 -23.29 -0.24 -108.35
C VAL BA 9 -23.67 -1.69 -108.14
N ARG BA 10 -23.46 -2.19 -106.93
CA ARG BA 10 -23.96 -3.50 -106.54
C ARG BA 10 -24.64 -3.49 -105.20
N ASN BA 11 -24.31 -2.56 -104.33
CA ASN BA 11 -24.99 -2.39 -103.07
C ASN BA 11 -25.27 -0.93 -102.79
N CYS BA 12 -24.70 -0.02 -103.57
CA CYS BA 12 -25.10 1.37 -103.53
C CYS BA 12 -26.54 1.41 -104.00
N SER BA 13 -27.46 1.62 -103.06
CA SER BA 13 -28.87 1.48 -103.33
C SER BA 13 -29.26 2.41 -104.47
N SER BA 14 -29.53 1.83 -105.63
CA SER BA 14 -29.88 2.62 -106.80
C SER BA 14 -31.31 2.37 -107.25
N PHE BA 15 -31.61 1.13 -107.63
CA PHE BA 15 -32.96 0.59 -107.68
C PHE BA 15 -33.11 -0.54 -106.69
N LEU BA 16 -32.04 -0.86 -105.97
CA LEU BA 16 -32.02 -2.01 -105.08
C LEU BA 16 -33.07 -1.87 -104.00
N ILE BA 17 -33.73 -2.99 -103.69
CA ILE BA 17 -34.69 -3.09 -102.59
C ILE BA 17 -34.43 -4.40 -101.88
N LYS BA 18 -34.20 -4.34 -100.57
CA LYS BA 18 -33.92 -5.51 -99.77
C LYS BA 18 -34.84 -5.53 -98.57
N ARG BA 19 -35.68 -6.55 -98.48
CA ARG BA 19 -36.49 -6.77 -97.29
C ARG BA 19 -37.16 -8.14 -97.41
N ASN BA 20 -37.25 -8.85 -96.29
CA ASN BA 20 -37.69 -10.23 -96.23
C ASN BA 20 -36.71 -11.17 -96.93
N LYS BA 21 -35.43 -10.94 -96.67
CA LYS BA 21 -34.35 -11.86 -97.05
C LYS BA 21 -34.30 -12.07 -98.55
N GLN BA 22 -34.54 -11.02 -99.31
CA GLN BA 22 -34.47 -11.10 -100.75
C GLN BA 22 -33.91 -9.79 -101.29
N THR BA 23 -33.38 -9.84 -102.51
CA THR BA 23 -32.89 -8.66 -103.20
C THR BA 23 -33.59 -8.57 -104.53
N TYR BA 24 -34.07 -7.39 -104.88
CA TYR BA 24 -34.61 -7.18 -106.21
C TYR BA 24 -34.20 -5.80 -106.69
N SER BA 25 -34.21 -5.65 -108.00
CA SER BA 25 -33.83 -4.39 -108.64
C SER BA 25 -34.90 -4.04 -109.64
N THR BA 26 -35.20 -2.76 -109.77
CA THR BA 26 -36.34 -2.29 -110.51
C THR BA 26 -35.97 -1.58 -111.79
N GLU BA 27 -34.73 -1.66 -112.23
CA GLU BA 27 -34.29 -0.89 -113.39
C GLU BA 27 -34.98 -1.42 -114.64
N PRO BA 28 -35.22 -0.58 -115.63
CA PRO BA 28 -35.69 -1.08 -116.93
C PRO BA 28 -34.66 -2.00 -117.53
N ASN BA 29 -35.01 -2.57 -118.68
CA ASN BA 29 -34.07 -3.36 -119.47
C ASN BA 29 -33.60 -4.57 -118.68
N ASN BA 30 -34.48 -5.14 -117.86
CA ASN BA 30 -34.11 -6.21 -116.95
C ASN BA 30 -35.08 -7.37 -117.07
N LEU BA 31 -34.54 -8.57 -117.24
CA LEU BA 31 -35.32 -9.78 -117.12
C LEU BA 31 -35.49 -10.10 -115.64
N LYS BA 32 -35.80 -11.36 -115.31
CA LYS BA 32 -36.19 -11.73 -113.95
C LYS BA 32 -35.40 -10.96 -112.92
N ALA BA 33 -36.10 -10.21 -112.08
CA ALA BA 33 -35.50 -9.04 -111.44
C ALA BA 33 -34.35 -9.42 -110.52
N ARG BA 34 -34.40 -10.60 -109.92
CA ARG BA 34 -33.68 -10.83 -108.68
C ARG BA 34 -32.20 -10.62 -108.84
N ASN BA 35 -31.55 -11.50 -109.59
CA ASN BA 35 -30.09 -11.51 -109.59
C ASN BA 35 -29.59 -10.14 -110.03
N SER BA 36 -28.51 -9.68 -109.39
CA SER BA 36 -28.07 -8.31 -109.59
C SER BA 36 -26.84 -8.18 -110.48
N PHE BA 37 -26.26 -9.27 -110.99
CA PHE BA 37 -25.36 -9.19 -112.12
C PHE BA 37 -25.76 -10.23 -113.15
N ARG BA 38 -25.33 -10.02 -114.39
CA ARG BA 38 -25.87 -10.66 -115.58
C ARG BA 38 -27.34 -10.33 -115.75
N TYR BA 39 -27.90 -9.49 -114.88
CA TYR BA 39 -29.32 -9.18 -114.93
C TYR BA 39 -29.56 -7.71 -114.67
N ASN BA 40 -28.73 -6.85 -115.25
CA ASN BA 40 -28.98 -5.42 -115.34
C ASN BA 40 -29.19 -5.04 -116.79
N GLY BA 41 -29.70 -3.83 -117.00
CA GLY BA 41 -29.73 -3.27 -118.33
C GLY BA 41 -28.76 -2.12 -118.42
N LEU BA 42 -28.39 -1.59 -117.26
CA LEU BA 42 -27.53 -0.42 -117.21
C LEU BA 42 -26.08 -0.75 -117.54
N ILE BA 43 -25.56 -1.85 -117.00
CA ILE BA 43 -24.11 -2.05 -116.96
C ILE BA 43 -23.56 -2.81 -118.15
N HIS BA 44 -24.40 -3.47 -118.93
CA HIS BA 44 -23.92 -4.29 -120.03
C HIS BA 44 -24.13 -3.61 -121.37
N ARG BA 45 -23.24 -3.91 -122.31
CA ARG BA 45 -23.39 -3.39 -123.66
C ARG BA 45 -24.39 -4.18 -124.47
N LYS BA 46 -24.71 -5.39 -124.05
CA LYS BA 46 -25.59 -6.28 -124.82
C LYS BA 46 -26.80 -6.62 -123.94
N THR BA 47 -27.80 -5.75 -123.94
CA THR BA 47 -28.95 -5.91 -123.06
C THR BA 47 -30.24 -5.95 -123.84
N VAL BA 48 -31.11 -6.87 -123.43
CA VAL BA 48 -32.43 -7.07 -124.00
C VAL BA 48 -33.45 -6.93 -122.88
N GLY BA 49 -34.39 -6.02 -123.06
CA GLY BA 49 -35.49 -5.85 -122.13
C GLY BA 49 -36.80 -6.24 -122.77
N VAL BA 50 -37.69 -6.81 -121.97
CA VAL BA 50 -38.99 -7.27 -122.43
C VAL BA 50 -40.03 -6.58 -121.59
N GLU BA 51 -40.89 -5.79 -122.22
CA GLU BA 51 -41.88 -5.04 -121.48
C GLU BA 51 -43.27 -5.36 -121.98
N PRO BA 52 -44.28 -5.26 -121.12
CA PRO BA 52 -45.66 -5.28 -121.62
C PRO BA 52 -45.93 -4.02 -122.42
N ALA BA 53 -46.43 -4.19 -123.63
CA ALA BA 53 -46.77 -3.04 -124.44
C ALA BA 53 -47.80 -2.18 -123.73
N ALA BA 54 -47.55 -0.86 -123.71
CA ALA BA 54 -48.40 0.06 -122.97
C ALA BA 54 -49.84 0.04 -123.43
N ASP BA 55 -50.10 -0.41 -124.66
CA ASP BA 55 -51.44 -0.45 -125.20
C ASP BA 55 -52.17 -1.75 -124.91
N GLY BA 56 -51.57 -2.65 -124.13
CA GLY BA 56 -52.28 -3.84 -123.69
C GLY BA 56 -52.31 -4.99 -124.66
N LYS BA 57 -51.50 -4.96 -125.73
CA LYS BA 57 -51.47 -6.04 -126.70
C LYS BA 57 -50.03 -6.33 -127.07
N GLY BA 58 -49.63 -7.59 -126.93
CA GLY BA 58 -48.28 -7.99 -127.29
C GLY BA 58 -47.25 -7.39 -126.36
N VAL BA 59 -46.00 -7.66 -126.69
CA VAL BA 59 -44.87 -7.19 -125.89
C VAL BA 59 -44.11 -6.15 -126.69
N VAL BA 60 -43.15 -5.51 -126.03
CA VAL BA 60 -42.19 -4.63 -126.68
C VAL BA 60 -40.82 -5.08 -126.25
N VAL BA 61 -39.94 -5.34 -127.21
CA VAL BA 61 -38.61 -5.84 -126.93
C VAL BA 61 -37.60 -4.77 -127.32
N VAL BA 62 -36.74 -4.41 -126.36
CA VAL BA 62 -35.79 -3.33 -126.54
C VAL BA 62 -34.39 -3.89 -126.46
N MET BA 63 -33.51 -3.44 -127.33
CA MET BA 63 -32.13 -3.88 -127.35
C MET BA 63 -31.19 -2.69 -127.30
N LYS BA 64 -30.10 -2.83 -126.57
CA LYS BA 64 -29.04 -1.85 -126.66
C LYS BA 64 -28.34 -1.99 -128.00
N ARG BA 65 -27.89 -0.87 -128.55
CA ARG BA 65 -27.14 -0.88 -129.80
C ARG BA 65 -25.69 -0.55 -129.52
N ARG BA 66 -24.76 -1.24 -130.19
CA ARG BA 66 -23.37 -0.82 -130.09
C ARG BA 66 -23.11 0.44 -130.88
N SER BA 67 -24.00 0.77 -131.83
CA SER BA 67 -23.84 1.96 -132.63
C SER BA 67 -23.76 3.19 -131.74
N GLY BA 68 -22.80 4.06 -132.02
CA GLY BA 68 -22.70 5.30 -131.29
C GLY BA 68 -22.26 5.09 -129.86
N GLN BA 69 -21.67 6.11 -129.26
CA GLN BA 69 -21.23 6.01 -127.87
C GLN BA 69 -22.44 5.91 -126.94
N ARG BA 70 -22.16 5.86 -125.65
CA ARG BA 70 -23.20 5.74 -124.65
C ARG BA 70 -23.85 7.10 -124.48
N LYS BA 71 -24.81 7.37 -125.36
CA LYS BA 71 -25.73 8.49 -125.27
C LYS BA 71 -27.12 7.90 -125.04
N PRO BA 72 -27.64 7.93 -123.82
CA PRO BA 72 -28.83 7.12 -123.53
C PRO BA 72 -30.06 7.51 -124.33
N ALA BA 73 -30.13 8.75 -124.81
CA ALA BA 73 -31.34 9.19 -125.51
C ALA BA 73 -31.67 8.25 -126.65
N THR BA 74 -30.68 7.93 -127.48
CA THR BA 74 -30.87 7.00 -128.59
C THR BA 74 -29.76 5.97 -128.52
N SER BA 75 -29.97 4.96 -127.69
CA SER BA 75 -29.13 3.76 -127.74
C SER BA 75 -29.97 2.52 -127.48
N TYR BA 76 -31.27 2.65 -127.26
CA TYR BA 76 -32.16 1.52 -127.03
C TYR BA 76 -33.21 1.52 -128.12
N VAL BA 77 -33.25 0.44 -128.89
CA VAL BA 77 -34.16 0.31 -130.03
C VAL BA 77 -35.32 -0.59 -129.61
N ARG BA 78 -36.54 -0.17 -129.96
CA ARG BA 78 -37.75 -0.82 -129.49
C ARG BA 78 -38.46 -1.49 -130.66
N THR BA 79 -38.90 -2.72 -130.46
CA THR BA 79 -39.60 -3.51 -131.46
C THR BA 79 -40.87 -4.06 -130.84
N THR BA 80 -42.02 -3.57 -131.29
CA THR BA 80 -43.28 -4.12 -130.82
C THR BA 80 -43.47 -5.51 -131.39
N ILE BA 81 -44.29 -6.32 -130.71
CA ILE BA 81 -44.66 -7.64 -131.22
C ILE BA 81 -46.08 -7.93 -130.78
N ASN BA 82 -46.93 -8.28 -131.75
CA ASN BA 82 -48.36 -8.54 -131.51
C ASN BA 82 -48.76 -9.71 -132.41
N LYS BA 83 -48.68 -10.92 -131.86
CA LYS BA 83 -49.00 -12.12 -132.61
C LYS BA 83 -49.62 -13.12 -131.66
N ASN BA 84 -49.97 -14.29 -132.20
CA ASN BA 84 -50.28 -15.43 -131.35
C ASN BA 84 -49.07 -15.77 -130.50
N ALA BA 85 -49.33 -16.40 -129.36
CA ALA BA 85 -48.28 -16.61 -128.37
C ALA BA 85 -47.14 -17.46 -128.93
N ARG BA 86 -47.47 -18.55 -129.63
CA ARG BA 86 -46.42 -19.42 -130.16
C ARG BA 86 -45.53 -18.67 -131.14
N ALA BA 87 -46.13 -17.96 -132.09
CA ALA BA 87 -45.33 -17.24 -133.08
C ALA BA 87 -44.52 -16.13 -132.43
N THR BA 88 -45.09 -15.47 -131.42
CA THR BA 88 -44.35 -14.42 -130.74
C THR BA 88 -43.11 -15.00 -130.08
N LEU BA 89 -43.26 -16.12 -129.37
CA LEU BA 89 -42.11 -16.73 -128.72
C LEU BA 89 -41.10 -17.21 -129.75
N SER BA 90 -41.58 -17.76 -130.86
CA SER BA 90 -40.67 -18.18 -131.92
C SER BA 90 -39.88 -16.98 -132.44
N SER BA 91 -40.54 -15.83 -132.57
CA SER BA 91 -39.85 -14.65 -133.08
C SER BA 91 -38.79 -14.16 -132.10
N ILE BA 92 -39.07 -14.19 -130.80
CA ILE BA 92 -38.05 -13.74 -129.86
C ILE BA 92 -36.89 -14.72 -129.83
N ARG BA 93 -37.18 -16.02 -129.83
CA ARG BA 93 -36.12 -17.01 -129.87
C ARG BA 93 -35.27 -16.83 -131.12
N HIS BA 94 -35.89 -16.53 -132.25
CA HIS BA 94 -35.14 -16.15 -133.43
C HIS BA 94 -34.23 -14.96 -133.13
N MET BA 95 -34.83 -13.84 -132.75
CA MET BA 95 -34.12 -12.59 -132.52
C MET BA 95 -32.90 -12.77 -131.63
N ILE BA 96 -32.91 -13.77 -130.76
CA ILE BA 96 -31.74 -13.96 -129.90
C ILE BA 96 -30.81 -15.02 -130.47
N ARG BA 97 -31.31 -16.24 -130.66
CA ARG BA 97 -30.47 -17.33 -131.13
C ARG BA 97 -29.74 -16.96 -132.40
N LYS BA 98 -30.47 -16.49 -133.40
CA LYS BA 98 -29.87 -16.26 -134.71
C LYS BA 98 -29.03 -14.99 -134.76
N ASN BA 99 -28.99 -14.21 -133.70
CA ASN BA 99 -28.27 -12.96 -133.71
C ASN BA 99 -26.97 -12.98 -132.91
N LYS BA 100 -26.79 -13.99 -132.04
CA LYS BA 100 -25.68 -14.00 -131.10
C LYS BA 100 -25.66 -12.73 -130.25
N TYR BA 101 -26.85 -12.17 -129.99
CA TYR BA 101 -26.93 -10.97 -129.18
C TYR BA 101 -26.48 -11.26 -127.75
N HIS BA 102 -27.26 -12.08 -127.03
CA HIS BA 102 -26.96 -12.42 -125.64
C HIS BA 102 -27.62 -13.74 -125.35
N PRO BA 103 -27.01 -14.84 -125.79
CA PRO BA 103 -27.68 -16.14 -125.72
C PRO BA 103 -28.15 -16.49 -124.34
N ASP BA 104 -27.39 -16.10 -123.33
CA ASP BA 104 -27.72 -16.48 -121.97
C ASP BA 104 -29.01 -15.85 -121.46
N LEU BA 105 -29.64 -14.96 -122.25
CA LEU BA 105 -30.96 -14.45 -121.91
C LEU BA 105 -32.11 -14.98 -122.78
N ARG BA 106 -31.87 -15.96 -123.64
CA ARG BA 106 -32.97 -16.44 -124.49
C ARG BA 106 -34.16 -16.88 -123.65
N MET BA 107 -33.93 -17.76 -122.68
CA MET BA 107 -35.08 -18.35 -121.97
C MET BA 107 -35.65 -17.39 -120.95
N ALA BA 108 -34.83 -16.57 -120.32
CA ALA BA 108 -35.39 -15.55 -119.44
C ALA BA 108 -36.31 -14.62 -120.23
N ALA BA 109 -35.87 -14.16 -121.40
CA ALA BA 109 -36.75 -13.35 -122.23
C ALA BA 109 -38.02 -14.10 -122.59
N ILE BA 110 -37.89 -15.37 -122.99
CA ILE BA 110 -39.05 -16.12 -123.43
C ILE BA 110 -40.06 -16.25 -122.31
N ARG BA 111 -39.60 -16.63 -121.12
CA ARG BA 111 -40.54 -16.80 -120.01
C ARG BA 111 -41.20 -15.48 -119.65
N ARG BA 112 -40.44 -14.39 -119.62
CA ARG BA 112 -41.08 -13.12 -119.28
C ARG BA 112 -42.13 -12.72 -120.30
N ALA BA 113 -41.82 -12.87 -121.59
CA ALA BA 113 -42.79 -12.48 -122.60
C ALA BA 113 -44.04 -13.35 -122.51
N SER BA 114 -43.87 -14.65 -122.29
CA SER BA 114 -45.03 -15.52 -122.15
C SER BA 114 -45.86 -15.15 -120.94
N ALA BA 115 -45.19 -14.77 -119.85
CA ALA BA 115 -45.93 -14.31 -118.67
C ALA BA 115 -46.68 -13.02 -118.95
N ILE BA 116 -46.07 -12.11 -119.71
CA ILE BA 116 -46.76 -10.89 -120.11
C ILE BA 116 -48.05 -11.23 -120.85
N LEU BA 117 -47.93 -12.08 -121.87
CA LEU BA 117 -49.10 -12.43 -122.67
C LEU BA 117 -50.18 -13.07 -121.81
N ARG BA 118 -49.79 -13.96 -120.89
CA ARG BA 118 -50.76 -14.52 -119.97
C ARG BA 118 -51.44 -13.43 -119.16
N SER BA 119 -50.66 -12.49 -118.65
CA SER BA 119 -51.22 -11.41 -117.85
C SER BA 119 -52.23 -10.62 -118.66
N GLN BA 120 -51.99 -10.47 -119.95
CA GLN BA 120 -52.84 -9.59 -120.75
C GLN BA 120 -54.14 -10.28 -121.14
N LYS BA 121 -54.07 -11.50 -121.67
CA LYS BA 121 -55.29 -12.05 -122.28
C LYS BA 121 -56.35 -12.28 -121.21
N PRO BA 122 -57.53 -11.66 -121.33
CA PRO BA 122 -58.50 -11.68 -120.23
C PRO BA 122 -58.94 -13.09 -119.88
N VAL BA 123 -59.09 -13.33 -118.58
CA VAL BA 123 -59.38 -14.66 -118.06
C VAL BA 123 -59.83 -14.51 -116.62
N MET BA 124 -60.53 -15.53 -116.10
CA MET BA 124 -60.97 -15.54 -114.72
C MET BA 124 -59.90 -16.06 -113.76
N VAL BA 125 -58.76 -16.53 -114.28
CA VAL BA 125 -57.69 -17.07 -113.42
C VAL BA 125 -56.58 -16.04 -113.20
N ASP CA 1 -5.73 -101.96 -17.76
CA ASP CA 1 -4.62 -101.02 -17.94
C ASP CA 1 -4.54 -100.66 -19.42
N ARG CA 2 -3.32 -100.49 -19.92
CA ARG CA 2 -3.10 -100.21 -21.32
C ARG CA 2 -3.22 -101.49 -22.13
N ALA CA 3 -2.75 -101.45 -23.38
CA ALA CA 3 -2.64 -102.67 -24.16
C ALA CA 3 -1.47 -103.53 -23.70
N THR CA 4 -0.52 -102.93 -22.97
CA THR CA 4 0.67 -103.67 -22.53
C THR CA 4 0.32 -104.77 -21.54
N TRP CA 5 -0.34 -104.40 -20.44
CA TRP CA 5 -0.78 -105.38 -19.46
C TRP CA 5 -1.70 -106.41 -20.10
N LYS CA 6 -2.54 -105.96 -21.03
CA LYS CA 6 -3.36 -106.89 -21.80
C LYS CA 6 -2.50 -107.95 -22.47
N SER CA 7 -1.49 -107.51 -23.22
CA SER CA 7 -0.67 -108.44 -23.99
C SER CA 7 0.04 -109.43 -23.07
N ASN CA 8 0.60 -108.93 -21.97
CA ASN CA 8 1.30 -109.83 -21.06
C ASN CA 8 0.35 -110.83 -20.41
N TYR CA 9 -0.75 -110.35 -19.83
CA TYR CA 9 -1.55 -111.24 -19.00
C TYR CA 9 -2.47 -112.14 -19.81
N PHE CA 10 -2.70 -111.82 -21.10
CA PHE CA 10 -3.38 -112.76 -21.98
C PHE CA 10 -2.62 -114.08 -22.04
N LEU CA 11 -1.30 -113.99 -22.22
CA LEU CA 11 -0.47 -115.19 -22.21
C LEU CA 11 -0.28 -115.72 -20.80
N LYS CA 12 -0.27 -114.84 -19.79
CA LYS CA 12 -0.04 -115.33 -18.43
C LYS CA 12 -1.18 -116.24 -17.97
N ILE CA 13 -2.42 -115.87 -18.30
CA ILE CA 13 -3.56 -116.67 -17.84
C ILE CA 13 -3.54 -118.06 -18.50
N ILE CA 14 -3.22 -118.11 -19.79
CA ILE CA 14 -3.12 -119.42 -20.44
C ILE CA 14 -1.94 -120.19 -19.89
N GLN CA 15 -0.87 -119.49 -19.47
CA GLN CA 15 0.23 -120.16 -18.79
C GLN CA 15 -0.28 -120.95 -17.60
N LEU CA 16 -0.99 -120.26 -16.70
CA LEU CA 16 -1.48 -120.95 -15.51
C LEU CA 16 -2.57 -121.97 -15.83
N LEU CA 17 -3.40 -121.68 -16.83
CA LEU CA 17 -4.46 -122.61 -17.22
C LEU CA 17 -3.88 -123.92 -17.74
N ASP CA 18 -2.83 -123.82 -18.57
CA ASP CA 18 -2.14 -125.01 -19.05
C ASP CA 18 -1.49 -125.75 -17.89
N ASP CA 19 -0.83 -125.02 -16.98
CA ASP CA 19 -0.04 -125.71 -15.97
C ASP CA 19 -0.92 -126.36 -14.92
N TYR CA 20 -1.69 -125.57 -14.19
CA TYR CA 20 -2.55 -126.10 -13.13
C TYR CA 20 -3.60 -127.01 -13.74
N PRO CA 21 -3.58 -128.33 -13.47
CA PRO CA 21 -4.59 -129.22 -14.06
C PRO CA 21 -5.98 -129.03 -13.50
N LYS CA 22 -6.17 -128.05 -12.61
CA LYS CA 22 -7.50 -127.73 -12.08
C LYS CA 22 -7.69 -126.23 -12.12
N CYS CA 23 -8.56 -125.77 -13.01
CA CYS CA 23 -8.96 -124.36 -13.06
C CYS CA 23 -10.24 -124.18 -12.24
N PHE CA 24 -10.40 -123.00 -11.65
CA PHE CA 24 -11.56 -122.70 -10.81
C PHE CA 24 -12.07 -121.31 -11.17
N ILE CA 25 -13.38 -121.17 -11.35
CA ILE CA 25 -13.98 -119.87 -11.63
C ILE CA 25 -14.62 -119.33 -10.35
N VAL CA 26 -14.10 -118.20 -9.87
CA VAL CA 26 -14.68 -117.48 -8.73
C VAL CA 26 -15.09 -116.09 -9.17
N GLY CA 27 -16.21 -115.61 -8.63
CA GLY CA 27 -16.77 -114.36 -9.11
C GLY CA 27 -16.27 -113.13 -8.35
N ALA CA 28 -16.10 -112.05 -9.11
CA ALA CA 28 -15.68 -110.76 -8.58
C ALA CA 28 -16.65 -109.68 -9.00
N ASP CA 29 -17.91 -110.06 -9.23
CA ASP CA 29 -18.96 -109.07 -9.38
C ASP CA 29 -19.01 -108.17 -8.16
N ASN CA 30 -19.30 -108.73 -7.00
CA ASN CA 30 -19.37 -107.98 -5.77
C ASN CA 30 -18.49 -108.62 -4.72
N VAL CA 31 -17.34 -108.01 -4.47
CA VAL CA 31 -16.49 -108.34 -3.34
C VAL CA 31 -15.82 -107.06 -2.88
N GLY CA 32 -16.06 -106.70 -1.63
CA GLY CA 32 -15.51 -105.47 -1.10
C GLY CA 32 -14.06 -105.59 -0.71
N SER CA 33 -13.49 -104.48 -0.23
CA SER CA 33 -12.07 -104.46 0.07
C SER CA 33 -11.68 -105.47 1.14
N LYS CA 34 -12.44 -105.53 2.24
CA LYS CA 34 -12.14 -106.53 3.27
C LYS CA 34 -12.77 -107.88 2.99
N GLN CA 35 -13.93 -107.91 2.31
CA GLN CA 35 -14.53 -109.17 1.90
C GLN CA 35 -13.62 -109.89 0.91
N MET CA 36 -12.70 -109.14 0.31
CA MET CA 36 -11.70 -109.67 -0.59
C MET CA 36 -10.62 -110.39 0.19
N GLN CA 37 -9.99 -109.68 1.11
CA GLN CA 37 -8.81 -110.22 1.80
C GLN CA 37 -9.19 -111.34 2.76
N GLN CA 38 -10.38 -111.28 3.39
CA GLN CA 38 -10.78 -112.35 4.29
C GLN CA 38 -10.97 -113.67 3.54
N ILE CA 39 -11.11 -113.61 2.22
CA ILE CA 39 -11.10 -114.84 1.43
C ILE CA 39 -9.69 -115.11 0.91
N ARG CA 40 -8.97 -114.05 0.50
CA ARG CA 40 -7.66 -114.19 -0.10
C ARG CA 40 -6.63 -114.76 0.86
N MET CA 41 -6.89 -114.68 2.16
CA MET CA 41 -5.98 -115.31 3.12
C MET CA 41 -5.92 -116.81 2.92
N SER CA 42 -7.09 -117.46 2.86
CA SER CA 42 -7.15 -118.90 2.76
C SER CA 42 -7.18 -119.41 1.33
N LEU CA 43 -7.35 -118.53 0.34
CA LEU CA 43 -7.29 -119.00 -1.04
C LEU CA 43 -5.95 -119.64 -1.39
N ARG CA 44 -4.85 -119.20 -0.79
CA ARG CA 44 -3.52 -119.48 -1.31
C ARG CA 44 -2.65 -120.11 -0.22
N GLY CA 45 -2.63 -121.44 -0.18
CA GLY CA 45 -1.73 -122.18 0.68
C GLY CA 45 -0.79 -123.07 -0.11
N LYS CA 46 -1.30 -123.60 -1.24
CA LYS CA 46 -0.47 -124.12 -2.33
C LYS CA 46 -1.34 -123.91 -3.58
N ALA CA 47 -1.23 -122.72 -4.16
CA ALA CA 47 -2.26 -122.27 -5.06
C ALA CA 47 -1.94 -120.91 -5.68
N VAL CA 48 -2.82 -120.45 -6.55
CA VAL CA 48 -2.74 -119.09 -7.09
C VAL CA 48 -4.15 -118.55 -7.26
N VAL CA 49 -4.26 -117.25 -7.04
CA VAL CA 49 -5.47 -116.48 -7.32
C VAL CA 49 -5.15 -115.52 -8.46
N LEU CA 50 -6.04 -115.44 -9.46
CA LEU CA 50 -5.85 -114.54 -10.60
C LEU CA 50 -7.23 -114.16 -11.13
N MET CA 51 -7.76 -113.03 -10.68
CA MET CA 51 -9.06 -112.63 -11.20
C MET CA 51 -8.82 -111.76 -12.43
N GLY CA 52 -9.89 -111.46 -13.17
CA GLY CA 52 -9.73 -110.94 -14.51
C GLY CA 52 -9.87 -109.42 -14.64
N LYS CA 53 -8.82 -108.78 -15.14
CA LYS CA 53 -8.96 -107.45 -15.69
C LYS CA 53 -8.55 -107.50 -17.16
N ASN CA 54 -7.67 -108.44 -17.49
CA ASN CA 54 -7.41 -108.83 -18.87
C ASN CA 54 -7.32 -110.34 -19.05
N THR CA 55 -7.06 -111.11 -18.00
CA THR CA 55 -6.98 -112.56 -18.13
C THR CA 55 -8.29 -113.15 -18.61
N MET CA 56 -9.38 -112.90 -17.87
CA MET CA 56 -10.66 -113.48 -18.28
C MET CA 56 -11.10 -112.89 -19.61
N MET CA 57 -10.69 -111.66 -19.90
CA MET CA 57 -10.97 -111.04 -21.20
C MET CA 57 -10.28 -111.74 -22.35
N ARG CA 58 -9.10 -112.32 -22.13
CA ARG CA 58 -8.39 -112.97 -23.23
C ARG CA 58 -9.19 -114.13 -23.80
N LYS CA 59 -9.94 -114.83 -22.95
CA LYS CA 59 -10.73 -115.96 -23.41
C LYS CA 59 -11.72 -115.58 -24.51
N ALA CA 60 -12.21 -114.33 -24.51
CA ALA CA 60 -13.11 -113.86 -25.55
C ALA CA 60 -12.51 -114.00 -26.94
N ILE CA 61 -11.22 -114.28 -27.03
CA ILE CA 61 -10.58 -114.64 -28.30
C ILE CA 61 -9.86 -115.99 -28.20
N ARG CA 62 -9.52 -116.46 -27.00
CA ARG CA 62 -9.10 -117.85 -26.82
C ARG CA 62 -10.10 -118.82 -27.44
N GLY CA 63 -11.39 -118.53 -27.34
CA GLY CA 63 -12.42 -119.48 -27.73
C GLY CA 63 -12.21 -120.10 -29.09
N HIS CA 64 -11.39 -119.47 -29.94
CA HIS CA 64 -11.03 -119.99 -31.25
C HIS CA 64 -9.57 -120.44 -31.34
N LEU CA 65 -8.89 -120.57 -30.21
CA LEU CA 65 -7.50 -121.05 -30.19
C LEU CA 65 -7.38 -122.48 -29.69
N GLU CA 66 -8.40 -123.00 -29.03
CA GLU CA 66 -8.58 -124.44 -28.79
C GLU CA 66 -7.37 -125.04 -28.05
N ASN CA 67 -7.23 -124.63 -26.79
CA ASN CA 67 -6.23 -125.27 -25.92
C ASN CA 67 -6.76 -126.58 -25.33
N ASN CA 68 -7.96 -126.56 -24.77
CA ASN CA 68 -8.64 -127.77 -24.31
C ASN CA 68 -10.04 -127.81 -24.91
N PRO CA 69 -10.56 -129.00 -25.19
CA PRO CA 69 -11.99 -129.13 -25.49
C PRO CA 69 -12.82 -128.69 -24.29
N ALA CA 70 -13.95 -128.06 -24.60
CA ALA CA 70 -14.95 -127.64 -23.60
C ALA CA 70 -14.45 -126.51 -22.70
N LEU CA 71 -13.66 -125.59 -23.25
CA LEU CA 71 -13.57 -124.26 -22.65
C LEU CA 71 -14.71 -123.36 -23.08
N GLU CA 72 -15.56 -123.83 -23.99
CA GLU CA 72 -16.82 -123.17 -24.32
C GLU CA 72 -17.93 -123.56 -23.37
N LYS CA 73 -17.57 -124.08 -22.20
CA LYS CA 73 -18.44 -124.10 -21.04
C LYS CA 73 -17.85 -123.28 -19.90
N LEU CA 74 -16.74 -122.59 -20.15
CA LEU CA 74 -16.24 -121.54 -19.26
C LEU CA 74 -16.21 -120.16 -19.92
N LEU CA 75 -16.23 -120.07 -21.25
CA LEU CA 75 -16.34 -118.76 -21.89
C LEU CA 75 -17.80 -118.32 -21.90
N PRO CA 76 -18.78 -119.21 -22.18
CA PRO CA 76 -20.17 -118.88 -21.83
C PRO CA 76 -20.42 -118.74 -20.33
N HIS CA 77 -19.34 -118.82 -19.54
CA HIS CA 77 -19.38 -118.40 -18.14
C HIS CA 77 -18.94 -116.95 -17.98
N ILE CA 78 -19.25 -116.10 -18.95
CA ILE CA 78 -18.75 -114.72 -19.01
C ILE CA 78 -19.68 -113.74 -18.30
N ARG CA 79 -20.98 -113.94 -18.39
CA ARG CA 79 -21.92 -113.02 -17.77
C ARG CA 79 -21.64 -112.92 -16.28
N GLY CA 80 -21.54 -111.69 -15.78
CA GLY CA 80 -21.12 -111.48 -14.41
C GLY CA 80 -19.61 -111.63 -14.27
N ASN CA 81 -19.00 -110.76 -13.49
CA ASN CA 81 -17.55 -110.72 -13.39
C ASN CA 81 -17.01 -112.01 -12.78
N VAL CA 82 -16.09 -112.67 -13.47
CA VAL CA 82 -15.47 -113.89 -12.95
C VAL CA 82 -13.97 -113.87 -13.26
N GLY CA 83 -13.19 -114.22 -12.24
CA GLY CA 83 -11.79 -114.54 -12.39
C GLY CA 83 -11.55 -115.97 -11.95
N PHE CA 84 -10.30 -116.36 -11.70
CA PHE CA 84 -9.98 -117.77 -11.50
C PHE CA 84 -9.11 -117.97 -10.26
N VAL CA 85 -9.23 -119.17 -9.71
CA VAL CA 85 -8.28 -119.72 -8.76
C VAL CA 85 -7.70 -120.99 -9.40
N PHE CA 86 -6.53 -121.40 -8.92
CA PHE CA 86 -5.88 -122.61 -9.41
C PHE CA 86 -5.19 -123.31 -8.25
N THR CA 87 -5.52 -124.60 -8.05
CA THR CA 87 -4.88 -125.42 -7.02
C THR CA 87 -4.53 -126.77 -7.65
N LYS CA 88 -4.03 -127.68 -6.81
CA LYS CA 88 -3.87 -129.08 -7.19
C LYS CA 88 -4.68 -130.02 -6.30
N GLU CA 89 -5.56 -129.47 -5.46
CA GLU CA 89 -6.31 -130.20 -4.45
C GLU CA 89 -7.53 -130.87 -5.08
N ASP CA 90 -8.49 -131.24 -4.25
CA ASP CA 90 -9.82 -131.63 -4.72
C ASP CA 90 -10.56 -130.40 -5.24
N LEU CA 91 -11.86 -130.55 -5.51
CA LEU CA 91 -12.72 -129.38 -5.70
C LEU CA 91 -13.71 -129.20 -4.57
N THR CA 92 -14.10 -130.28 -3.87
CA THR CA 92 -14.83 -130.10 -2.62
C THR CA 92 -13.97 -129.40 -1.58
N GLU CA 93 -12.68 -129.74 -1.51
CA GLU CA 93 -11.75 -128.97 -0.70
C GLU CA 93 -11.82 -127.50 -1.04
N ILE CA 94 -11.84 -127.18 -2.33
CA ILE CA 94 -11.79 -125.78 -2.75
C ILE CA 94 -13.11 -125.09 -2.40
N ARG CA 95 -14.22 -125.79 -2.58
CA ARG CA 95 -15.52 -125.26 -2.17
C ARG CA 95 -15.51 -124.89 -0.69
N ASP CA 96 -14.97 -125.78 0.15
CA ASP CA 96 -15.00 -125.52 1.59
C ASP CA 96 -13.91 -124.58 2.06
N MET CA 97 -12.85 -124.35 1.29
CA MET CA 97 -11.89 -123.33 1.69
C MET CA 97 -12.18 -121.97 1.06
N LEU CA 98 -13.21 -121.87 0.21
CA LEU CA 98 -13.85 -120.56 0.05
C LEU CA 98 -15.07 -120.37 0.95
N LEU CA 99 -15.37 -121.33 1.83
CA LEU CA 99 -16.42 -121.16 2.82
C LEU CA 99 -15.91 -121.25 4.25
N ALA CA 100 -14.63 -121.53 4.46
CA ALA CA 100 -14.02 -121.37 5.78
C ALA CA 100 -13.91 -119.90 6.18
N ASN CA 101 -14.41 -118.98 5.35
CA ASN CA 101 -14.55 -117.59 5.71
C ASN CA 101 -15.91 -117.03 5.36
N LYS CA 102 -16.67 -117.72 4.50
CA LYS CA 102 -18.06 -117.40 4.17
C LYS CA 102 -18.19 -115.96 3.65
N VAL CA 103 -17.65 -115.77 2.45
CA VAL CA 103 -17.63 -114.48 1.74
C VAL CA 103 -19.00 -113.80 1.72
N PRO CA 104 -19.15 -112.69 2.44
CA PRO CA 104 -20.34 -111.80 2.37
C PRO CA 104 -20.18 -110.65 1.37
N ALA CA 105 -20.45 -110.93 0.09
CA ALA CA 105 -20.26 -109.99 -1.01
C ALA CA 105 -20.64 -108.56 -0.65
N ALA CA 106 -19.75 -107.61 -0.94
CA ALA CA 106 -19.98 -106.19 -0.73
C ALA CA 106 -20.10 -105.45 -2.06
N ALA CA 107 -20.62 -104.23 -2.01
CA ALA CA 107 -21.21 -103.60 -3.18
C ALA CA 107 -20.75 -102.16 -3.38
N ARG CA 108 -21.00 -101.65 -4.59
CA ARG CA 108 -20.69 -100.28 -5.01
C ARG CA 108 -21.79 -99.34 -4.56
N ALA CA 109 -21.59 -98.05 -4.82
CA ALA CA 109 -22.66 -97.08 -4.69
C ALA CA 109 -23.80 -97.44 -5.62
N GLY CA 110 -25.03 -97.29 -5.12
CA GLY CA 110 -26.21 -97.64 -5.89
C GLY CA 110 -26.37 -99.11 -6.17
N ALA CA 111 -26.16 -99.98 -5.17
CA ALA CA 111 -26.33 -101.40 -5.34
C ALA CA 111 -27.82 -101.75 -5.42
N ILE CA 112 -28.11 -103.03 -5.62
CA ILE CA 112 -29.50 -103.48 -5.76
C ILE CA 112 -29.71 -104.72 -4.88
N ALA CA 113 -30.86 -104.78 -4.23
CA ALA CA 113 -31.21 -105.93 -3.41
C ALA CA 113 -31.98 -106.94 -4.25
N PRO CA 114 -31.41 -108.11 -4.54
CA PRO CA 114 -32.14 -109.10 -5.34
C PRO CA 114 -33.04 -110.03 -4.52
N CYS CA 115 -32.67 -110.30 -3.27
CA CYS CA 115 -33.25 -111.40 -2.52
C CYS CA 115 -33.73 -110.91 -1.16
N GLU CA 116 -34.09 -111.87 -0.30
CA GLU CA 116 -34.55 -111.62 1.06
C GLU CA 116 -33.75 -112.49 2.02
N VAL CA 117 -33.29 -111.89 3.12
CA VAL CA 117 -32.62 -112.63 4.19
C VAL CA 117 -33.09 -112.08 5.53
N THR CA 118 -33.74 -112.92 6.33
CA THR CA 118 -34.28 -112.47 7.61
C THR CA 118 -33.18 -111.89 8.48
N VAL CA 119 -33.50 -110.80 9.16
CA VAL CA 119 -32.54 -110.03 9.96
C VAL CA 119 -31.89 -110.92 11.02
N PRO CA 120 -30.57 -110.85 11.20
CA PRO CA 120 -29.95 -111.55 12.33
C PRO CA 120 -30.12 -110.75 13.62
N ALA CA 121 -30.65 -111.43 14.64
CA ALA CA 121 -30.96 -110.78 15.91
C ALA CA 121 -29.71 -110.37 16.68
N GLN CA 122 -28.57 -111.01 16.42
CA GLN CA 122 -27.29 -110.58 16.96
C GLN CA 122 -26.35 -110.30 15.81
N ASN CA 123 -25.51 -109.29 15.98
CA ASN CA 123 -24.80 -108.71 14.85
C ASN CA 123 -23.81 -109.69 14.24
N THR CA 124 -23.60 -109.55 12.93
CA THR CA 124 -22.75 -110.44 12.15
C THR CA 124 -21.35 -109.85 11.91
N GLY CA 125 -20.84 -109.06 12.85
CA GLY CA 125 -19.50 -108.53 12.78
C GLY CA 125 -19.49 -107.09 12.31
N LEU CA 126 -19.45 -106.16 13.25
CA LEU CA 126 -19.66 -104.74 12.97
C LEU CA 126 -18.32 -104.02 12.81
N GLY CA 127 -18.29 -103.03 11.94
CA GLY CA 127 -17.16 -102.12 11.85
C GLY CA 127 -17.37 -100.85 12.65
N PRO CA 128 -16.45 -99.92 12.48
CA PRO CA 128 -16.46 -98.71 13.32
C PRO CA 128 -17.59 -97.73 12.98
N GLU CA 129 -18.63 -97.69 13.79
CA GLU CA 129 -19.74 -96.76 13.55
C GLU CA 129 -20.65 -96.75 14.79
N LYS CA 130 -21.82 -96.15 14.65
CA LYS CA 130 -22.73 -95.87 15.75
C LYS CA 130 -23.77 -96.97 15.89
N THR CA 131 -24.77 -96.72 16.76
CA THR CA 131 -26.02 -97.47 16.76
C THR CA 131 -27.04 -96.87 15.79
N SER CA 132 -26.66 -95.81 15.08
CA SER CA 132 -27.48 -95.32 13.98
C SER CA 132 -27.53 -96.32 12.83
N PHE CA 133 -26.43 -97.00 12.57
CA PHE CA 133 -26.41 -98.09 11.59
C PHE CA 133 -27.18 -99.32 12.07
N PHE CA 134 -27.88 -99.21 13.20
CA PHE CA 134 -28.79 -100.22 13.71
C PHE CA 134 -30.24 -99.74 13.69
N GLN CA 135 -30.48 -98.55 14.24
CA GLN CA 135 -31.82 -97.99 14.31
C GLN CA 135 -32.25 -97.30 13.02
N ALA CA 136 -31.35 -97.12 12.05
CA ALA CA 136 -31.80 -96.75 10.71
C ALA CA 136 -32.37 -97.97 9.99
N LEU CA 137 -32.02 -99.16 10.47
CA LEU CA 137 -32.58 -100.42 9.98
C LEU CA 137 -33.85 -100.81 10.69
N GLY CA 138 -33.87 -100.75 12.02
CA GLY CA 138 -35.07 -101.09 12.75
C GLY CA 138 -34.82 -102.20 13.76
N ILE CA 139 -33.57 -102.32 14.21
CA ILE CA 139 -33.17 -103.33 15.17
C ILE CA 139 -32.65 -102.59 16.40
N THR CA 140 -33.42 -102.59 17.48
CA THR CA 140 -33.02 -101.92 18.71
C THR CA 140 -31.67 -102.47 19.19
N THR CA 141 -31.02 -101.71 20.07
CA THR CA 141 -29.64 -101.98 20.45
C THR CA 141 -29.46 -101.86 21.96
N LYS CA 142 -28.53 -102.65 22.51
CA LYS CA 142 -28.13 -102.54 23.90
C LYS CA 142 -26.63 -102.79 24.01
N ILE CA 143 -26.00 -102.18 25.01
CA ILE CA 143 -24.59 -102.44 25.29
C ILE CA 143 -24.47 -103.80 25.97
N SER CA 144 -23.45 -104.56 25.58
CA SER CA 144 -23.41 -105.97 25.93
C SER CA 144 -21.97 -106.47 25.84
N ARG CA 145 -21.81 -107.79 25.69
CA ARG CA 145 -20.53 -108.48 25.58
C ARG CA 145 -19.67 -107.92 24.45
N GLY CA 146 -18.42 -108.40 24.36
CA GLY CA 146 -17.49 -107.92 23.35
C GLY CA 146 -18.02 -107.93 21.93
N THR CA 147 -19.18 -108.55 21.73
CA THR CA 147 -19.91 -108.47 20.47
C THR CA 147 -20.95 -107.35 20.59
N ILE CA 148 -20.76 -106.27 19.82
CA ILE CA 148 -21.76 -105.22 19.73
C ILE CA 148 -23.07 -105.87 19.30
N GLU CA 149 -24.13 -105.65 20.07
CA GLU CA 149 -25.35 -106.44 19.93
C GLU CA 149 -26.54 -105.57 19.56
N ILE CA 150 -27.46 -106.16 18.78
CA ILE CA 150 -28.72 -105.52 18.40
C ILE CA 150 -29.90 -106.33 18.94
N LEU CA 151 -31.12 -105.85 18.74
CA LEU CA 151 -32.29 -106.46 19.38
C LEU CA 151 -33.54 -106.13 18.56
N SER CA 152 -33.96 -107.07 17.71
CA SER CA 152 -35.27 -107.02 17.06
C SER CA 152 -35.49 -108.29 16.28
N ASP CA 153 -36.74 -108.75 16.23
CA ASP CA 153 -37.09 -110.00 15.58
C ASP CA 153 -38.14 -109.79 14.49
N VAL CA 154 -37.95 -108.81 13.61
CA VAL CA 154 -38.88 -108.53 12.53
C VAL CA 154 -38.11 -108.42 11.23
N GLN CA 155 -38.83 -108.56 10.11
CA GLN CA 155 -38.21 -108.49 8.78
C GLN CA 155 -38.29 -107.07 8.24
N LEU CA 156 -37.15 -106.38 8.28
CA LEU CA 156 -36.96 -105.12 7.58
C LEU CA 156 -35.87 -105.21 6.52
N ILE CA 157 -35.40 -106.41 6.21
CA ILE CA 157 -34.64 -106.69 5.00
C ILE CA 157 -35.58 -107.36 4.02
N LYS CA 158 -35.91 -106.65 2.95
CA LYS CA 158 -37.01 -107.04 2.06
C LYS CA 158 -36.51 -107.11 0.63
N THR CA 159 -37.02 -108.08 -0.13
CA THR CA 159 -36.73 -108.16 -1.55
C THR CA 159 -37.37 -106.95 -2.21
N GLY CA 160 -36.54 -105.96 -2.52
CA GLY CA 160 -36.99 -104.64 -2.86
C GLY CA 160 -36.49 -103.56 -1.91
N ASP CA 161 -35.44 -103.83 -1.15
CA ASP CA 161 -34.84 -102.84 -0.27
C ASP CA 161 -33.99 -101.88 -1.09
N LYS CA 162 -34.28 -100.59 -0.99
CA LYS CA 162 -33.56 -99.60 -1.77
C LYS CA 162 -32.13 -99.45 -1.25
N VAL CA 163 -31.17 -99.97 -1.99
CA VAL CA 163 -29.78 -100.04 -1.56
C VAL CA 163 -29.05 -98.83 -2.16
N GLY CA 164 -27.92 -98.49 -1.55
CA GLY CA 164 -27.05 -97.43 -2.04
C GLY CA 164 -25.76 -97.48 -1.26
N ALA CA 165 -24.89 -96.49 -1.53
CA ALA CA 165 -23.66 -96.39 -0.75
C ALA CA 165 -23.94 -96.13 0.73
N SER CA 166 -25.08 -95.49 1.03
CA SER CA 166 -25.45 -95.29 2.42
C SER CA 166 -25.66 -96.62 3.13
N GLU CA 167 -25.94 -97.68 2.38
CA GLU CA 167 -25.96 -99.01 2.96
C GLU CA 167 -24.67 -99.80 2.69
N ALA CA 168 -23.95 -99.51 1.61
CA ALA CA 168 -22.67 -100.16 1.37
C ALA CA 168 -21.65 -99.79 2.46
N THR CA 169 -21.84 -98.66 3.11
CA THR CA 169 -21.09 -98.34 4.32
C THR CA 169 -21.28 -99.47 5.33
N LEU CA 170 -22.52 -99.67 5.76
CA LEU CA 170 -22.81 -100.73 6.72
C LEU CA 170 -22.57 -102.12 6.13
N LEU CA 171 -22.42 -102.24 4.81
CA LEU CA 171 -22.10 -103.54 4.24
C LEU CA 171 -20.62 -103.87 4.40
N ASN CA 172 -19.74 -102.92 4.11
CA ASN CA 172 -18.35 -103.09 4.53
C ASN CA 172 -18.20 -103.06 6.05
N MET CA 173 -19.26 -102.74 6.79
CA MET CA 173 -19.15 -102.76 8.26
C MET CA 173 -19.64 -104.08 8.87
N LEU CA 174 -20.94 -104.38 8.74
CA LEU CA 174 -21.53 -105.61 9.29
C LEU CA 174 -21.27 -106.81 8.39
N ASN CA 175 -21.23 -106.58 7.07
CA ASN CA 175 -20.87 -107.54 6.05
C ASN CA 175 -21.83 -108.70 5.93
N ILE CA 176 -23.07 -108.40 5.55
CA ILE CA 176 -23.98 -109.30 4.84
C ILE CA 176 -24.87 -108.42 3.96
N SER CA 177 -24.95 -108.76 2.68
CA SER CA 177 -25.76 -108.00 1.73
C SER CA 177 -26.78 -108.91 1.06
N PRO CA 178 -27.90 -108.34 0.59
CA PRO CA 178 -28.87 -109.15 -0.17
C PRO CA 178 -28.32 -109.73 -1.46
N PHE CA 179 -27.23 -109.21 -2.00
CA PHE CA 179 -26.66 -109.73 -3.24
C PHE CA 179 -26.17 -111.16 -3.02
N SER CA 180 -25.84 -111.84 -4.11
CA SER CA 180 -25.61 -113.28 -4.04
C SER CA 180 -24.29 -113.74 -4.65
N PHE CA 181 -23.79 -113.06 -5.67
CA PHE CA 181 -22.75 -113.62 -6.53
C PHE CA 181 -21.38 -113.08 -6.16
N GLY CA 182 -20.37 -113.95 -6.34
CA GLY CA 182 -19.01 -113.65 -5.96
C GLY CA 182 -18.11 -114.89 -5.96
N LEU CA 183 -17.15 -114.94 -5.03
CA LEU CA 183 -16.08 -115.94 -5.03
C LEU CA 183 -16.65 -117.31 -4.67
N ILE CA 184 -16.90 -118.13 -5.69
CA ILE CA 184 -17.55 -119.43 -5.52
C ILE CA 184 -16.73 -120.49 -6.25
N ILE CA 185 -16.75 -121.71 -5.74
CA ILE CA 185 -16.09 -122.85 -6.36
C ILE CA 185 -17.16 -123.81 -6.83
N GLN CA 186 -17.48 -123.73 -8.11
CA GLN CA 186 -18.41 -124.65 -8.73
C GLN CA 186 -17.93 -125.07 -10.11
N GLN CA 187 -16.96 -124.36 -10.67
CA GLN CA 187 -16.63 -124.41 -12.08
C GLN CA 187 -15.16 -124.79 -12.15
N VAL CA 188 -14.91 -126.10 -12.23
CA VAL CA 188 -13.60 -126.72 -12.05
C VAL CA 188 -13.24 -127.48 -13.32
N PHE CA 189 -12.19 -127.02 -14.00
CA PHE CA 189 -11.76 -127.62 -15.24
C PHE CA 189 -10.59 -128.56 -14.98
N ASP CA 190 -10.84 -129.86 -15.15
CA ASP CA 190 -9.82 -130.91 -15.24
C ASP CA 190 -10.08 -131.68 -16.52
N ASN CA 191 -9.59 -131.16 -17.64
CA ASN CA 191 -9.48 -131.93 -18.89
C ASN CA 191 -10.83 -132.21 -19.54
N GLY CA 192 -11.79 -131.31 -19.38
CA GLY CA 192 -12.95 -131.31 -20.24
C GLY CA 192 -14.18 -132.10 -19.85
N SER CA 193 -14.71 -131.85 -18.66
CA SER CA 193 -16.02 -132.36 -18.28
C SER CA 193 -16.50 -131.61 -17.05
N ILE CA 194 -17.79 -131.29 -17.02
CA ILE CA 194 -18.39 -130.46 -15.96
C ILE CA 194 -19.39 -131.32 -15.19
N TYR CA 195 -19.28 -131.29 -13.87
CA TYR CA 195 -20.16 -132.01 -12.96
C TYR CA 195 -20.90 -130.99 -12.08
N ASN CA 196 -21.63 -131.50 -11.08
CA ASN CA 196 -22.34 -130.68 -10.11
C ASN CA 196 -21.66 -130.84 -8.76
N PRO CA 197 -20.72 -129.97 -8.41
CA PRO CA 197 -19.96 -130.18 -7.17
C PRO CA 197 -20.81 -130.13 -5.92
N GLU CA 198 -21.86 -129.31 -5.91
CA GLU CA 198 -22.72 -129.15 -4.75
C GLU CA 198 -23.57 -130.39 -4.51
N GLY DA 1 -2.15 -36.72 -16.68
CA GLY DA 1 -1.02 -37.63 -16.59
C GLY DA 1 -1.35 -39.02 -17.09
N ARG DA 2 -2.64 -39.31 -17.19
CA ARG DA 2 -3.08 -40.60 -17.71
C ARG DA 2 -2.50 -40.83 -19.10
N ARG DA 3 -2.94 -40.06 -20.08
CA ARG DA 3 -2.53 -40.18 -21.47
C ARG DA 3 -2.52 -41.66 -21.89
N PRO DA 4 -3.65 -42.34 -21.83
CA PRO DA 4 -3.65 -43.78 -22.08
C PRO DA 4 -3.18 -44.07 -23.50
N ALA DA 5 -2.57 -45.23 -23.69
CA ALA DA 5 -1.83 -45.52 -24.91
C ALA DA 5 -2.72 -45.49 -26.15
N ARG DA 6 -4.01 -45.22 -25.97
CA ARG DA 6 -4.88 -44.98 -27.11
C ARG DA 6 -4.27 -43.96 -28.05
N CYS DA 7 -3.79 -42.84 -27.51
CA CYS DA 7 -3.23 -41.79 -28.37
C CYS DA 7 -1.98 -42.28 -29.09
N TYR DA 8 -1.03 -42.86 -28.36
CA TYR DA 8 0.25 -43.24 -28.91
C TYR DA 8 0.31 -44.71 -29.31
N ARG DA 9 -0.78 -45.29 -29.79
CA ARG DA 9 -0.69 -46.67 -30.24
C ARG DA 9 -0.09 -46.77 -31.63
N TYR DA 10 -0.72 -46.17 -32.63
CA TYR DA 10 -0.26 -46.36 -34.00
C TYR DA 10 1.12 -45.78 -34.21
N CYS DA 11 1.93 -46.46 -35.01
CA CYS DA 11 3.20 -45.90 -35.45
C CYS DA 11 2.93 -44.80 -36.46
N LYS DA 12 3.37 -43.59 -36.16
CA LYS DA 12 2.97 -42.45 -36.96
C LYS DA 12 4.09 -41.44 -37.20
N ASN DA 13 5.34 -41.76 -36.91
CA ASN DA 13 6.39 -40.75 -36.98
C ASN DA 13 7.71 -41.36 -37.40
N LYS DA 14 8.65 -40.48 -37.73
CA LYS DA 14 10.02 -40.91 -37.99
C LYS DA 14 10.70 -41.30 -36.69
N PRO DA 15 11.26 -42.50 -36.59
CA PRO DA 15 11.74 -42.99 -35.30
C PRO DA 15 12.81 -42.10 -34.68
N TYR DA 16 12.46 -41.50 -33.56
CA TYR DA 16 13.42 -40.82 -32.70
C TYR DA 16 14.36 -41.82 -32.04
N PRO DA 17 15.59 -41.47 -31.87
CA PRO DA 17 16.37 -42.13 -30.83
C PRO DA 17 16.40 -41.29 -29.55
N LYS DA 18 16.87 -41.87 -28.46
CA LYS DA 18 17.53 -41.05 -27.47
C LYS DA 18 18.81 -40.54 -28.10
N SER DA 19 18.83 -39.25 -28.45
CA SER DA 19 19.82 -38.74 -29.39
C SER DA 19 20.66 -37.67 -28.71
N ARG DA 20 21.47 -37.00 -29.52
CA ARG DA 20 22.09 -35.76 -29.09
C ARG DA 20 21.12 -34.60 -29.13
N PHE DA 21 20.01 -34.75 -29.87
CA PHE DA 21 19.11 -33.64 -30.12
C PHE DA 21 17.85 -33.68 -29.27
N CYS DA 22 17.47 -34.84 -28.75
CA CYS DA 22 16.36 -34.95 -27.81
C CYS DA 22 16.94 -35.33 -26.45
N ARG DA 23 16.87 -34.40 -25.51
CA ARG DA 23 17.57 -34.56 -24.23
C ARG DA 23 16.58 -34.52 -23.08
N GLY DA 24 16.88 -35.32 -22.06
CA GLY DA 24 16.06 -35.36 -20.87
C GLY DA 24 14.88 -36.30 -20.95
N VAL DA 25 14.90 -37.27 -21.83
CA VAL DA 25 13.76 -38.18 -21.96
C VAL DA 25 13.56 -38.91 -20.65
N PRO DA 26 12.33 -39.10 -20.18
CA PRO DA 26 12.13 -39.93 -18.99
C PRO DA 26 12.58 -41.35 -19.29
N ASP DA 27 13.22 -41.96 -18.31
CA ASP DA 27 13.71 -43.32 -18.48
C ASP DA 27 12.54 -44.28 -18.64
N ALA DA 28 12.72 -45.24 -19.55
CA ALA DA 28 11.74 -46.29 -19.70
C ALA DA 28 11.52 -46.99 -18.37
N LYS DA 29 10.25 -47.22 -18.03
CA LYS DA 29 9.94 -47.83 -16.74
C LYS DA 29 10.56 -49.21 -16.62
N ILE DA 30 10.48 -50.01 -17.69
CA ILE DA 30 11.16 -51.30 -17.72
C ILE DA 30 12.65 -51.05 -17.92
N ARG DA 31 13.47 -51.73 -17.14
CA ARG DA 31 14.90 -51.51 -17.26
C ARG DA 31 15.67 -52.81 -17.42
N ILE DA 32 15.28 -53.83 -16.69
CA ILE DA 32 16.00 -55.10 -16.67
C ILE DA 32 15.16 -56.12 -17.41
N PHE DA 33 15.75 -56.76 -18.41
CA PHE DA 33 14.99 -57.54 -19.37
C PHE DA 33 15.12 -59.03 -19.19
N ASP DA 34 15.93 -59.50 -18.24
CA ASP DA 34 16.10 -60.92 -17.99
C ASP DA 34 15.67 -61.25 -16.58
N LEU DA 35 14.82 -62.25 -16.46
CA LEU DA 35 14.31 -62.72 -15.19
C LEU DA 35 14.53 -64.23 -15.09
N GLY DA 36 14.63 -64.71 -13.86
CA GLY DA 36 14.78 -66.12 -13.65
C GLY DA 36 16.21 -66.58 -13.81
N ARG DA 37 16.38 -67.90 -13.84
CA ARG DA 37 17.72 -68.47 -13.79
C ARG DA 37 18.43 -68.21 -15.11
N LYS DA 38 18.98 -67.01 -15.24
CA LYS DA 38 19.59 -66.53 -16.47
C LYS DA 38 21.06 -66.88 -16.58
N LYS DA 39 21.57 -67.73 -15.69
CA LYS DA 39 22.92 -68.27 -15.82
C LYS DA 39 22.91 -69.67 -16.38
N ALA DA 40 21.75 -70.19 -16.78
CA ALA DA 40 21.64 -71.57 -17.16
C ALA DA 40 22.43 -71.85 -18.44
N LYS DA 41 22.99 -73.04 -18.51
CA LYS DA 41 23.65 -73.47 -19.73
C LYS DA 41 22.62 -73.94 -20.74
N VAL DA 42 23.03 -74.00 -22.00
CA VAL DA 42 22.09 -74.28 -23.07
C VAL DA 42 21.53 -75.68 -22.97
N ASP DA 43 22.32 -76.64 -22.49
CA ASP DA 43 21.88 -78.03 -22.44
C ASP DA 43 20.73 -78.26 -21.47
N GLU DA 44 20.44 -77.29 -20.60
CA GLU DA 44 19.42 -77.47 -19.58
C GLU DA 44 18.00 -77.32 -20.12
N PHE DA 45 17.67 -76.13 -20.57
CA PHE DA 45 16.30 -75.81 -20.96
C PHE DA 45 16.09 -76.00 -22.45
N PRO DA 46 15.52 -77.11 -22.89
CA PRO DA 46 15.37 -77.38 -24.32
C PRO DA 46 14.09 -76.84 -24.94
N LEU DA 47 13.36 -75.98 -24.25
CA LEU DA 47 12.09 -75.46 -24.75
C LEU DA 47 12.10 -73.94 -24.72
N CYS DA 48 11.83 -73.33 -25.87
CA CYS DA 48 11.70 -71.89 -25.98
C CYS DA 48 10.28 -71.55 -26.39
N GLY DA 49 9.61 -70.74 -25.58
CA GLY DA 49 8.26 -70.31 -25.86
C GLY DA 49 8.22 -68.85 -26.27
N HIS DA 50 7.72 -68.61 -27.47
CA HIS DA 50 7.75 -67.29 -28.07
C HIS DA 50 6.44 -66.56 -27.84
N MET DA 51 6.35 -65.38 -28.45
CA MET DA 51 5.13 -64.60 -28.49
C MET DA 51 5.30 -63.58 -29.59
N VAL DA 52 4.52 -63.71 -30.66
CA VAL DA 52 4.65 -62.84 -31.81
C VAL DA 52 3.51 -61.85 -31.81
N SER DA 53 3.80 -60.62 -32.21
CA SER DA 53 2.80 -59.57 -32.28
C SER DA 53 2.14 -59.58 -33.65
N ASP DA 54 0.81 -59.64 -33.66
CA ASP DA 54 0.09 -59.72 -34.90
C ASP DA 54 -0.49 -58.38 -35.33
N GLU DA 55 -0.07 -57.29 -34.71
CA GLU DA 55 -0.50 -55.98 -35.13
C GLU DA 55 0.70 -55.04 -35.20
N TYR DA 56 0.67 -54.16 -36.18
CA TYR DA 56 1.68 -53.12 -36.32
C TYR DA 56 1.26 -51.93 -35.46
N GLU DA 57 1.98 -51.72 -34.36
CA GLU DA 57 1.58 -50.73 -33.38
C GLU DA 57 2.80 -50.31 -32.58
N GLN DA 58 2.56 -49.54 -31.52
CA GLN DA 58 3.58 -49.19 -30.55
C GLN DA 58 3.22 -49.77 -29.20
N LEU DA 59 4.21 -50.28 -28.49
CA LEU DA 59 4.04 -50.84 -27.16
C LEU DA 59 4.79 -49.95 -26.18
N SER DA 60 4.16 -49.65 -25.06
CA SER DA 60 4.74 -48.67 -24.16
C SER DA 60 5.57 -49.35 -23.09
N SER DA 61 6.67 -48.70 -22.71
CA SER DA 61 7.57 -49.28 -21.71
C SER DA 61 6.84 -49.62 -20.42
N GLU DA 62 5.97 -48.73 -19.97
CA GLU DA 62 5.10 -49.02 -18.85
C GLU DA 62 4.37 -50.35 -19.05
N ALA DA 63 3.82 -50.55 -20.25
CA ALA DA 63 3.12 -51.79 -20.54
C ALA DA 63 4.06 -52.97 -20.49
N LEU DA 64 5.29 -52.80 -20.99
CA LEU DA 64 6.25 -53.89 -20.97
C LEU DA 64 6.56 -54.31 -19.55
N GLU DA 65 6.71 -53.34 -18.65
CA GLU DA 65 6.97 -53.66 -17.25
C GLU DA 65 5.82 -54.46 -16.65
N ALA DA 66 4.59 -53.98 -16.87
CA ALA DA 66 3.46 -54.71 -16.31
C ALA DA 66 3.40 -56.12 -16.89
N ALA DA 67 3.60 -56.27 -18.19
CA ALA DA 67 3.53 -57.58 -18.82
C ALA DA 67 4.59 -58.50 -18.27
N ARG DA 68 5.83 -58.02 -18.16
CA ARG DA 68 6.91 -58.89 -17.70
C ARG DA 68 6.66 -59.35 -16.28
N ILE DA 69 6.21 -58.46 -15.40
CA ILE DA 69 5.92 -58.88 -14.03
C ILE DA 69 4.77 -59.88 -14.02
N CYS DA 70 3.71 -59.60 -14.77
CA CYS DA 70 2.54 -60.48 -14.75
C CYS DA 70 2.87 -61.86 -15.30
N ALA DA 71 3.74 -61.94 -16.29
CA ALA DA 71 4.15 -63.23 -16.83
C ALA DA 71 5.22 -63.91 -16.01
N ASN DA 72 5.91 -63.17 -15.13
CA ASN DA 72 6.86 -63.82 -14.24
C ASN DA 72 6.20 -64.39 -12.99
N LYS DA 73 5.18 -63.71 -12.46
CA LYS DA 73 4.56 -64.22 -11.25
C LYS DA 73 3.96 -65.61 -11.46
N TYR DA 74 3.17 -65.78 -12.52
CA TYR DA 74 2.58 -67.09 -12.78
C TYR DA 74 3.64 -68.16 -12.92
N MET DA 75 4.69 -67.86 -13.67
CA MET DA 75 5.57 -68.97 -14.04
C MET DA 75 6.52 -69.29 -12.88
N VAL DA 76 6.78 -68.32 -11.99
CA VAL DA 76 7.30 -68.67 -10.67
C VAL DA 76 6.33 -69.58 -9.92
N LYS DA 77 5.04 -69.25 -9.97
CA LYS DA 77 4.04 -70.09 -9.30
C LYS DA 77 4.16 -71.54 -9.74
N SER DA 78 4.31 -71.77 -11.03
CA SER DA 78 4.30 -73.15 -11.51
C SER DA 78 5.69 -73.79 -11.50
N CYS DA 79 6.62 -73.26 -12.31
CA CYS DA 79 7.87 -73.97 -12.52
C CYS DA 79 8.77 -73.91 -11.29
N GLY DA 80 8.84 -72.76 -10.64
CA GLY DA 80 9.70 -72.61 -9.49
C GLY DA 80 10.53 -71.35 -9.54
N LYS DA 81 11.68 -71.38 -8.87
CA LYS DA 81 12.55 -70.21 -8.77
C LYS DA 81 13.73 -70.25 -9.71
N ASP DA 82 14.15 -71.44 -10.14
CA ASP DA 82 15.23 -71.57 -11.11
C ASP DA 82 14.78 -72.37 -12.33
N GLY DA 83 13.49 -72.32 -12.64
CA GLY DA 83 12.93 -73.09 -13.73
C GLY DA 83 12.83 -72.41 -15.07
N PHE DA 84 13.16 -71.13 -15.21
CA PHE DA 84 12.92 -70.44 -16.47
C PHE DA 84 13.93 -69.32 -16.65
N HIS DA 85 13.87 -68.73 -17.84
CA HIS DA 85 14.68 -67.57 -18.17
C HIS DA 85 13.83 -66.69 -19.08
N ILE DA 86 13.10 -65.76 -18.50
CA ILE DA 86 12.22 -64.87 -19.27
C ILE DA 86 13.08 -63.73 -19.78
N ARG DA 87 13.10 -63.55 -21.10
CA ARG DA 87 13.94 -62.55 -21.74
C ARG DA 87 13.06 -61.69 -22.61
N VAL DA 88 12.70 -60.51 -22.12
CA VAL DA 88 12.10 -59.54 -23.02
C VAL DA 88 13.12 -59.26 -24.11
N ARG DA 89 12.68 -59.29 -25.36
CA ARG DA 89 13.60 -59.11 -26.48
C ARG DA 89 13.28 -57.86 -27.26
N LEU DA 90 12.59 -56.91 -26.66
CA LEU DA 90 12.19 -55.72 -27.36
C LEU DA 90 12.59 -54.52 -26.51
N HIS DA 91 12.97 -53.43 -27.16
CA HIS DA 91 13.50 -52.32 -26.39
C HIS DA 91 12.88 -50.98 -26.77
N PRO DA 92 12.39 -50.24 -25.80
CA PRO DA 92 11.84 -48.90 -26.10
C PRO DA 92 12.93 -47.89 -26.40
N PHE DA 93 13.08 -47.53 -27.66
CA PHE DA 93 13.98 -46.46 -28.07
C PHE DA 93 13.27 -45.29 -28.70
N HIS DA 94 12.06 -45.46 -29.20
CA HIS DA 94 11.37 -44.40 -29.91
C HIS DA 94 10.60 -43.54 -28.91
N VAL DA 95 11.04 -42.31 -28.70
CA VAL DA 95 10.44 -41.42 -27.71
C VAL DA 95 9.21 -40.78 -28.33
N ILE DA 96 8.35 -40.18 -27.51
CA ILE DA 96 7.14 -39.53 -27.99
C ILE DA 96 6.94 -38.24 -27.22
N ARG DA 97 6.37 -37.25 -27.89
CA ARG DA 97 6.22 -35.91 -27.33
C ARG DA 97 4.83 -35.72 -26.76
N ILE DA 98 4.68 -34.65 -25.99
CA ILE DA 98 3.40 -34.27 -25.39
C ILE DA 98 3.32 -32.75 -25.32
N ASN DA 99 2.36 -32.18 -26.02
CA ASN DA 99 2.25 -30.72 -26.13
C ASN DA 99 1.33 -30.20 -25.03
N LYS DA 100 1.94 -29.72 -23.94
CA LYS DA 100 1.16 -29.15 -22.86
C LYS DA 100 0.34 -27.96 -23.36
N MET DA 101 -0.92 -27.91 -22.98
CA MET DA 101 -1.80 -26.80 -23.31
C MET DA 101 -2.14 -26.00 -22.06
N LEU DA 102 -2.42 -24.71 -22.25
CA LEU DA 102 -2.64 -23.80 -21.13
C LEU DA 102 -4.03 -23.99 -20.51
N MET EA 1 -19.78 -96.22 18.14
CA MET EA 1 -18.45 -96.46 18.71
C MET EA 1 -17.49 -95.24 18.66
N PRO EA 2 -17.42 -94.52 17.55
CA PRO EA 2 -16.51 -93.35 17.49
C PRO EA 2 -16.78 -92.33 18.59
N PRO EA 3 -18.06 -92.01 18.91
CA PRO EA 3 -18.28 -91.13 20.07
C PRO EA 3 -18.39 -91.88 21.37
N LYS EA 4 -18.69 -93.17 21.31
CA LYS EA 4 -19.17 -93.92 22.47
C LYS EA 4 -18.29 -95.09 22.84
N PHE EA 5 -17.64 -95.74 21.88
CA PHE EA 5 -16.80 -96.93 22.11
C PHE EA 5 -17.61 -98.07 22.74
N ASP EA 6 -18.53 -98.62 21.95
CA ASP EA 6 -19.11 -99.90 22.29
C ASP EA 6 -18.03 -100.98 22.26
N PRO EA 7 -18.23 -102.11 22.96
CA PRO EA 7 -17.21 -103.17 22.94
C PRO EA 7 -17.07 -103.81 21.57
N ASN EA 8 -15.98 -103.50 20.89
CA ASN EA 8 -15.83 -103.86 19.48
C ASN EA 8 -15.41 -105.32 19.33
N GLU EA 9 -15.96 -105.96 18.30
CA GLU EA 9 -15.51 -107.28 17.87
C GLU EA 9 -14.38 -107.11 16.86
N ILE EA 10 -13.24 -107.72 17.15
CA ILE EA 10 -11.93 -107.15 16.82
C ILE EA 10 -11.64 -107.15 15.32
N LYS EA 11 -12.63 -107.54 14.51
CA LYS EA 11 -12.52 -107.28 13.08
C LYS EA 11 -12.37 -105.78 12.82
N VAL EA 12 -12.87 -104.93 13.73
CA VAL EA 12 -12.78 -103.48 13.59
C VAL EA 12 -11.31 -103.06 13.52
N VAL EA 13 -11.09 -101.91 12.89
CA VAL EA 13 -9.75 -101.30 12.77
C VAL EA 13 -9.83 -99.90 13.35
N TYR EA 14 -9.07 -99.65 14.43
CA TYR EA 14 -9.08 -98.33 15.03
C TYR EA 14 -7.78 -98.07 15.76
N LEU EA 15 -7.55 -96.79 16.05
CA LEU EA 15 -6.27 -96.33 16.57
C LEU EA 15 -5.95 -96.99 17.90
N ARG EA 16 -4.65 -97.14 18.17
CA ARG EA 16 -4.16 -97.75 19.41
C ARG EA 16 -2.89 -97.00 19.80
N CYS EA 17 -3.02 -95.99 20.65
CA CYS EA 17 -1.92 -95.06 20.93
C CYS EA 17 -2.19 -94.37 22.27
N THR EA 18 -1.52 -93.24 22.48
CA THR EA 18 -1.73 -92.36 23.64
C THR EA 18 -1.37 -93.04 24.95
N GLY EA 19 -0.09 -93.39 25.10
CA GLY EA 19 0.45 -93.85 26.37
C GLY EA 19 0.75 -92.68 27.29
N GLY EA 20 0.03 -91.60 27.07
CA GLY EA 20 0.04 -90.40 27.89
C GLY EA 20 0.08 -89.14 27.04
N GLU EA 21 -1.01 -88.38 27.12
CA GLU EA 21 -1.28 -87.18 26.34
C GLU EA 21 -2.56 -86.57 26.88
N VAL EA 22 -2.50 -85.28 27.21
CA VAL EA 22 -3.68 -84.63 27.77
C VAL EA 22 -3.91 -83.36 26.94
N GLY EA 23 -3.60 -83.43 25.65
CA GLY EA 23 -3.90 -82.34 24.76
C GLY EA 23 -5.36 -81.94 24.83
N ALA EA 24 -6.24 -82.81 24.31
CA ALA EA 24 -7.67 -82.67 24.53
C ALA EA 24 -8.36 -84.01 24.75
N THR EA 25 -7.63 -85.12 24.83
CA THR EA 25 -8.25 -86.42 25.06
C THR EA 25 -8.69 -86.57 26.51
N SER EA 26 -7.97 -85.93 27.44
CA SER EA 26 -8.27 -85.96 28.88
C SER EA 26 -8.13 -87.36 29.47
N ALA EA 27 -6.94 -87.95 29.32
CA ALA EA 27 -6.59 -89.23 29.91
C ALA EA 27 -5.09 -89.42 29.75
N LEU EA 28 -4.57 -90.53 30.30
CA LEU EA 28 -3.18 -90.90 30.04
C LEU EA 28 -3.06 -92.29 29.42
N ALA EA 29 -3.61 -93.32 30.06
CA ALA EA 29 -3.32 -94.66 29.54
C ALA EA 29 -4.15 -95.02 28.31
N PRO EA 30 -5.50 -95.06 28.38
CA PRO EA 30 -6.26 -95.46 27.19
C PRO EA 30 -6.85 -94.31 26.41
N LYS EA 31 -7.21 -94.56 25.15
CA LYS EA 31 -8.21 -93.75 24.47
C LYS EA 31 -9.61 -94.31 24.65
N ILE EA 32 -9.75 -95.35 25.47
CA ILE EA 32 -11.05 -95.92 25.78
C ILE EA 32 -11.48 -95.59 27.21
N GLY EA 33 -10.64 -94.87 27.96
CA GLY EA 33 -10.95 -94.54 29.33
C GLY EA 33 -12.04 -93.51 29.46
N PRO EA 34 -11.79 -92.27 29.03
CA PRO EA 34 -12.83 -91.24 29.15
C PRO EA 34 -14.06 -91.57 28.34
N LEU EA 35 -13.88 -91.90 27.06
CA LEU EA 35 -15.01 -92.21 26.19
C LEU EA 35 -15.76 -93.45 26.67
N GLY EA 36 -15.14 -94.25 27.53
CA GLY EA 36 -15.78 -95.42 28.11
C GLY EA 36 -15.71 -95.43 29.63
N LEU EA 37 -15.53 -96.61 30.23
CA LEU EA 37 -15.41 -96.74 31.68
C LEU EA 37 -14.32 -97.75 31.98
N SER EA 38 -13.20 -97.27 32.54
CA SER EA 38 -12.09 -98.13 32.94
C SER EA 38 -11.14 -97.35 33.85
N PRO EA 39 -10.39 -98.03 34.71
CA PRO EA 39 -9.37 -97.36 35.51
C PRO EA 39 -8.12 -97.10 34.68
N LYS EA 40 -7.16 -96.44 35.32
CA LYS EA 40 -5.95 -96.00 34.64
C LYS EA 40 -4.69 -96.62 35.25
N LYS EA 41 -4.77 -97.85 35.75
CA LYS EA 41 -3.67 -98.44 36.49
C LYS EA 41 -2.89 -99.49 35.70
N VAL EA 42 -3.54 -100.30 34.87
CA VAL EA 42 -2.77 -101.17 33.98
C VAL EA 42 -1.86 -100.34 33.09
N GLY EA 43 -2.29 -99.13 32.72
CA GLY EA 43 -1.47 -98.28 31.89
C GLY EA 43 -0.20 -97.78 32.55
N ASP EA 44 -0.27 -97.35 33.81
CA ASP EA 44 0.97 -96.95 34.48
C ASP EA 44 1.77 -98.15 34.96
N ASP EA 45 1.16 -99.31 35.16
CA ASP EA 45 1.92 -100.53 35.35
C ASP EA 45 2.74 -100.84 34.10
N ILE EA 46 2.16 -100.62 32.91
CA ILE EA 46 2.92 -100.70 31.67
C ILE EA 46 4.00 -99.62 31.63
N ALA EA 47 3.65 -98.41 32.07
CA ALA EA 47 4.64 -97.35 32.18
C ALA EA 47 5.79 -97.73 33.11
N LYS EA 48 5.60 -98.72 33.96
CA LYS EA 48 6.71 -99.41 34.61
C LYS EA 48 7.29 -100.43 33.63
N LYS EA 54 9.62 -94.02 26.00
CA LYS EA 54 10.71 -94.63 25.25
C LYS EA 54 10.81 -94.04 23.85
N GLY EA 55 11.94 -93.42 23.52
CA GLY EA 55 13.02 -93.19 24.48
C GLY EA 55 12.84 -91.85 25.15
N LEU EA 56 12.08 -90.99 24.47
CA LEU EA 56 11.58 -89.72 25.01
C LEU EA 56 10.12 -89.54 24.61
N ARG EA 57 9.35 -90.62 24.60
CA ARG EA 57 8.08 -90.72 23.91
C ARG EA 57 7.03 -91.39 24.79
N ILE EA 58 5.92 -91.78 24.15
CA ILE EA 58 4.95 -92.72 24.71
C ILE EA 58 5.07 -94.03 23.95
N THR EA 59 4.45 -95.07 24.49
CA THR EA 59 4.44 -96.38 23.86
C THR EA 59 3.20 -96.52 22.98
N VAL EA 60 3.42 -96.75 21.69
CA VAL EA 60 2.30 -96.88 20.76
C VAL EA 60 1.53 -98.14 21.11
N LYS EA 61 0.32 -97.97 21.63
CA LYS EA 61 -0.37 -99.03 22.34
C LYS EA 61 -0.98 -100.04 21.38
N LEU EA 62 -1.58 -101.09 21.96
CA LEU EA 62 -2.46 -102.00 21.26
C LEU EA 62 -3.63 -102.32 22.17
N THR EA 63 -4.79 -102.57 21.58
CA THR EA 63 -6.04 -102.62 22.35
C THR EA 63 -6.86 -103.85 21.97
N ILE EA 64 -7.26 -104.63 22.99
CA ILE EA 64 -8.10 -105.80 22.83
C ILE EA 64 -9.27 -105.68 23.79
N GLN EA 65 -10.34 -106.42 23.49
CA GLN EA 65 -11.59 -106.34 24.25
C GLN EA 65 -11.86 -107.65 24.98
N ASN EA 66 -11.80 -107.61 26.32
CA ASN EA 66 -12.18 -108.74 27.17
C ASN EA 66 -13.64 -108.64 27.62
N ARG EA 67 -14.52 -108.38 26.66
CA ARG EA 67 -15.98 -108.31 26.79
C ARG EA 67 -16.47 -107.07 27.55
N GLN EA 68 -15.57 -106.39 28.26
CA GLN EA 68 -15.88 -105.04 28.74
C GLN EA 68 -14.64 -104.13 28.79
N ALA EA 69 -13.45 -104.71 28.74
CA ALA EA 69 -12.25 -104.00 29.13
C ALA EA 69 -11.07 -104.37 28.25
N GLN EA 70 -9.94 -103.70 28.49
CA GLN EA 70 -8.73 -103.89 27.72
C GLN EA 70 -7.60 -104.41 28.61
N ILE EA 71 -6.82 -105.34 28.06
CA ILE EA 71 -5.57 -105.79 28.66
C ILE EA 71 -4.46 -105.45 27.69
N GLU EA 72 -3.42 -104.78 28.17
CA GLU EA 72 -2.39 -104.22 27.30
C GLU EA 72 -1.69 -105.31 26.51
N VAL EA 73 -1.74 -105.20 25.18
CA VAL EA 73 -1.30 -106.25 24.26
C VAL EA 73 0.15 -106.02 23.86
N VAL EA 74 0.86 -107.12 23.60
CA VAL EA 74 2.22 -107.09 23.07
C VAL EA 74 2.16 -106.58 21.63
N PRO EA 75 3.18 -105.82 21.16
CA PRO EA 75 3.26 -105.55 19.71
C PRO EA 75 3.36 -106.84 18.91
N SER EA 76 2.34 -107.11 18.10
CA SER EA 76 2.10 -108.44 17.57
C SER EA 76 2.80 -108.72 16.25
N ALA EA 77 3.72 -107.86 15.83
CA ALA EA 77 4.48 -108.09 14.61
C ALA EA 77 5.93 -107.65 14.79
N SER EA 78 6.76 -108.01 13.82
CA SER EA 78 8.14 -107.52 13.82
C SER EA 78 8.21 -106.01 13.62
N ALA EA 79 7.15 -105.40 13.11
CA ALA EA 79 7.17 -103.98 12.78
C ALA EA 79 7.50 -103.14 14.00
N LEU EA 80 6.78 -103.34 15.11
CA LEU EA 80 7.03 -102.49 16.26
C LEU EA 80 8.14 -103.02 17.15
N ILE EA 81 8.53 -104.29 17.03
CA ILE EA 81 9.71 -104.77 17.76
C ILE EA 81 10.95 -104.18 17.12
N ILE EA 82 10.89 -103.80 15.84
CA ILE EA 82 11.97 -103.05 15.23
C ILE EA 82 12.20 -101.74 15.95
N LYS EA 83 11.16 -101.16 16.53
CA LYS EA 83 11.33 -99.99 17.38
C LYS EA 83 11.74 -100.35 18.80
N ALA EA 84 12.29 -101.55 19.01
CA ALA EA 84 12.85 -101.97 20.29
C ALA EA 84 14.35 -102.25 20.20
N LEU EA 85 15.07 -101.51 19.36
CA LEU EA 85 16.52 -101.61 19.28
C LEU EA 85 17.15 -100.50 20.10
N PRO EA 88 21.41 -96.02 17.03
CA PRO EA 88 19.95 -96.11 16.92
C PRO EA 88 19.23 -95.01 17.68
N PRO EA 89 18.92 -93.89 17.03
CA PRO EA 89 18.33 -92.76 17.76
C PRO EA 89 16.94 -93.09 18.26
N ARG EA 90 16.85 -93.36 19.57
CA ARG EA 90 15.58 -93.56 20.25
C ARG EA 90 15.09 -92.28 20.91
N ASP EA 91 15.70 -91.15 20.59
CA ASP EA 91 15.24 -89.85 21.01
C ASP EA 91 13.96 -89.49 20.26
N ARG EA 92 13.06 -88.77 20.95
CA ARG EA 92 11.81 -88.37 20.32
C ARG EA 92 12.08 -87.34 19.23
N LYS EA 93 11.07 -87.14 18.38
CA LYS EA 93 11.14 -86.17 17.28
C LYS EA 93 12.32 -86.50 16.35
N LYS EA 94 12.55 -87.80 16.15
CA LYS EA 94 13.55 -88.34 15.22
C LYS EA 94 12.83 -89.48 14.50
N GLN EA 95 12.26 -89.25 13.31
CA GLN EA 95 12.49 -88.16 12.32
C GLN EA 95 13.90 -88.14 11.78
N LYS EA 96 14.28 -89.17 10.99
CA LYS EA 96 15.57 -89.12 10.32
C LYS EA 96 15.52 -89.77 8.93
N ASN EA 97 14.34 -90.11 8.42
CA ASN EA 97 14.19 -90.88 7.19
C ASN EA 97 14.88 -92.25 7.31
N ILE EA 98 14.28 -93.10 8.14
CA ILE EA 98 12.98 -92.81 8.73
C ILE EA 98 13.10 -92.62 10.25
N LYS EA 99 13.71 -93.59 10.93
CA LYS EA 99 14.19 -93.38 12.28
C LYS EA 99 15.68 -93.68 12.38
N HIS EA 100 16.34 -93.97 11.27
CA HIS EA 100 17.69 -94.52 11.30
C HIS EA 100 18.16 -94.61 9.84
N SER EA 101 19.40 -95.05 9.66
CA SER EA 101 19.93 -95.35 8.34
C SER EA 101 20.15 -96.85 8.14
N GLY EA 102 20.15 -97.63 9.21
CA GLY EA 102 20.46 -99.03 9.20
C GLY EA 102 21.86 -99.26 9.72
N ASN EA 103 21.95 -99.50 11.02
CA ASN EA 103 23.19 -99.81 11.72
C ASN EA 103 22.92 -100.83 12.82
N ILE EA 104 21.78 -101.52 12.70
CA ILE EA 104 21.26 -102.41 13.71
C ILE EA 104 20.63 -103.61 13.01
N THR EA 105 20.75 -104.77 13.64
CA THR EA 105 20.43 -106.04 12.97
C THR EA 105 18.92 -106.24 12.95
N PHE EA 106 18.33 -106.06 11.77
CA PHE EA 106 16.97 -106.51 11.49
C PHE EA 106 16.96 -107.95 11.02
N ASP EA 107 18.13 -108.57 10.91
CA ASP EA 107 18.33 -109.72 10.04
C ASP EA 107 17.66 -110.99 10.59
N GLU EA 108 18.12 -111.46 11.74
CA GLU EA 108 17.68 -112.74 12.29
C GLU EA 108 16.57 -112.57 13.32
N ILE EA 109 15.95 -111.39 13.39
CA ILE EA 109 14.91 -111.11 14.37
C ILE EA 109 13.55 -111.06 13.67
N VAL EA 110 13.54 -110.78 12.37
CA VAL EA 110 12.28 -110.67 11.64
C VAL EA 110 11.58 -112.02 11.53
N ASN EA 111 12.34 -113.11 11.56
CA ASN EA 111 11.75 -114.44 11.36
C ASN EA 111 10.76 -114.81 12.45
N ILE EA 112 10.77 -114.10 13.57
CA ILE EA 112 9.84 -114.39 14.66
C ILE EA 112 8.40 -114.08 14.25
N ALA EA 113 8.20 -113.03 13.46
CA ALA EA 113 6.86 -112.50 13.23
C ALA EA 113 6.11 -113.21 12.11
N ARG EA 114 6.65 -114.28 11.54
CA ARG EA 114 5.95 -115.06 10.52
C ARG EA 114 5.11 -116.18 11.11
N GLN EA 115 5.05 -116.30 12.44
CA GLN EA 115 4.27 -117.32 13.13
C GLN EA 115 3.17 -116.76 14.02
N MET EA 116 3.37 -115.57 14.58
CA MET EA 116 2.38 -114.94 15.45
C MET EA 116 1.44 -114.01 14.72
N ARG EA 117 1.52 -113.95 13.39
CA ARG EA 117 0.65 -113.08 12.60
C ARG EA 117 -0.59 -113.86 12.17
N HIS EA 118 -1.52 -114.03 13.12
CA HIS EA 118 -2.85 -114.58 12.85
C HIS EA 118 -3.76 -113.57 12.18
N ARG EA 119 -3.21 -112.44 11.72
CA ARG EA 119 -3.99 -111.31 11.21
C ARG EA 119 -3.77 -111.05 9.72
N SER EA 120 -2.62 -111.44 9.18
CA SER EA 120 -2.33 -111.18 7.78
C SER EA 120 -3.29 -111.93 6.87
N LEU EA 121 -3.74 -111.25 5.83
CA LEU EA 121 -4.63 -111.80 4.82
C LEU EA 121 -3.94 -111.74 3.46
N ALA EA 122 -4.27 -112.69 2.60
CA ALA EA 122 -3.70 -112.77 1.25
C ALA EA 122 -2.18 -112.89 1.30
N ARG EA 123 -1.70 -113.99 1.87
CA ARG EA 123 -0.28 -114.35 1.87
C ARG EA 123 -0.14 -115.87 1.74
N GLU EA 124 0.89 -116.27 1.00
CA GLU EA 124 1.08 -117.61 0.43
C GLU EA 124 1.98 -118.43 1.36
N LEU EA 125 2.45 -119.57 0.86
CA LEU EA 125 3.68 -120.20 1.31
C LEU EA 125 4.73 -119.14 1.64
N SER EA 126 5.47 -119.36 2.72
CA SER EA 126 6.14 -118.31 3.48
C SER EA 126 6.92 -117.32 2.61
N GLY EA 127 7.26 -117.69 1.37
CA GLY EA 127 7.83 -116.73 0.44
C GLY EA 127 6.93 -115.54 0.15
N THR EA 128 5.69 -115.58 0.59
CA THR EA 128 4.77 -114.45 0.54
C THR EA 128 4.28 -114.02 1.91
N ILE EA 129 4.29 -114.92 2.90
CA ILE EA 129 4.12 -114.49 4.28
C ILE EA 129 5.15 -113.43 4.63
N LYS EA 130 6.40 -113.64 4.22
CA LYS EA 130 7.44 -112.67 4.48
C LYS EA 130 7.19 -111.32 3.82
N GLU EA 131 6.35 -111.25 2.78
CA GLU EA 131 6.16 -110.00 2.05
C GLU EA 131 5.59 -108.90 2.94
N ILE EA 132 4.37 -109.10 3.46
CA ILE EA 132 3.74 -108.07 4.27
C ILE EA 132 4.55 -107.84 5.54
N LEU EA 133 5.12 -108.90 6.10
CA LEU EA 133 5.74 -108.84 7.42
C LEU EA 133 7.17 -108.32 7.37
N GLY EA 134 7.75 -108.14 6.17
CA GLY EA 134 9.00 -107.40 6.04
C GLY EA 134 8.87 -106.09 5.30
N THR EA 135 7.71 -105.84 4.68
CA THR EA 135 7.44 -104.59 4.00
C THR EA 135 6.66 -103.59 4.83
N ALA EA 136 5.73 -104.05 5.68
CA ALA EA 136 4.87 -103.15 6.44
C ALA EA 136 5.68 -102.16 7.27
N GLN EA 137 6.61 -102.66 8.08
CA GLN EA 137 7.53 -101.78 8.79
C GLN EA 137 8.37 -100.98 7.81
N SER EA 138 8.62 -99.72 8.15
CA SER EA 138 9.22 -98.77 7.22
C SER EA 138 10.33 -97.95 7.87
N VAL EA 139 11.27 -98.59 8.56
CA VAL EA 139 12.15 -97.86 9.47
C VAL EA 139 13.51 -97.48 8.88
N GLY EA 140 14.23 -98.40 8.24
CA GLY EA 140 15.61 -98.09 7.95
C GLY EA 140 16.27 -98.59 6.68
N CYS EA 141 15.49 -99.01 5.68
CA CYS EA 141 15.99 -99.52 4.40
C CYS EA 141 16.73 -100.85 4.54
N ASN EA 142 16.67 -101.43 5.73
CA ASN EA 142 17.23 -102.69 6.21
C ASN EA 142 18.75 -102.65 6.41
N VAL EA 143 19.48 -101.87 5.60
CA VAL EA 143 20.56 -100.94 5.94
C VAL EA 143 20.77 -100.07 4.72
N ASP EA 144 20.35 -98.80 4.75
CA ASP EA 144 20.63 -97.81 3.71
C ASP EA 144 19.95 -96.47 3.94
N GLY EA 145 20.26 -95.50 3.09
CA GLY EA 145 19.41 -94.36 2.85
C GLY EA 145 18.51 -94.51 1.65
N ARG EA 146 17.98 -95.70 1.39
CA ARG EA 146 17.16 -95.97 0.21
C ARG EA 146 15.67 -95.79 0.54
N HIS EA 147 14.83 -96.23 -0.38
CA HIS EA 147 13.45 -96.62 -0.08
C HIS EA 147 13.27 -97.96 -0.80
N PRO EA 148 13.74 -99.08 -0.22
CA PRO EA 148 14.02 -100.28 -1.03
C PRO EA 148 12.79 -100.90 -1.66
N HIS EA 149 12.88 -101.10 -2.97
CA HIS EA 149 11.94 -101.89 -3.74
C HIS EA 149 12.61 -103.11 -4.35
N ASP EA 150 13.44 -103.81 -3.56
CA ASP EA 150 13.91 -105.15 -3.87
C ASP EA 150 13.21 -106.19 -3.02
N ILE EA 151 12.34 -105.77 -2.11
CA ILE EA 151 11.59 -106.67 -1.25
C ILE EA 151 10.09 -106.47 -1.47
N ILE EA 152 9.69 -106.22 -2.72
CA ILE EA 152 8.26 -106.27 -3.03
C ILE EA 152 7.70 -107.61 -2.58
N ASP EA 153 8.19 -108.69 -3.18
CA ASP EA 153 7.96 -110.06 -2.72
C ASP EA 153 9.25 -110.52 -2.05
N ASP EA 154 9.15 -110.88 -0.77
CA ASP EA 154 10.24 -110.74 0.19
C ASP EA 154 11.23 -111.90 0.18
N ILE EA 155 11.23 -112.75 -0.85
CA ILE EA 155 12.28 -113.74 -1.03
C ILE EA 155 12.81 -113.79 -2.44
N ASN EA 156 12.35 -112.93 -3.35
CA ASN EA 156 12.70 -113.11 -4.75
C ASN EA 156 13.91 -112.29 -5.18
N SER EA 157 13.81 -110.96 -5.13
CA SER EA 157 14.88 -110.12 -5.66
C SER EA 157 15.99 -109.89 -4.65
N GLY EA 158 15.84 -110.42 -3.44
CA GLY EA 158 16.89 -110.34 -2.45
C GLY EA 158 16.80 -109.11 -1.58
N ALA EA 159 17.55 -109.16 -0.48
CA ALA EA 159 17.63 -108.07 0.50
C ALA EA 159 19.01 -108.13 1.13
N VAL EA 160 19.14 -107.52 2.30
CA VAL EA 160 20.37 -107.64 3.07
C VAL EA 160 20.24 -108.73 4.14
N GLU EA 161 19.02 -109.10 4.53
CA GLU EA 161 18.79 -110.12 5.54
C GLU EA 161 19.14 -111.52 5.07
N CYS EA 162 18.91 -111.85 3.81
CA CYS EA 162 18.99 -113.20 3.28
C CYS EA 162 20.01 -113.25 2.16
N PRO EA 163 20.57 -114.44 1.86
CA PRO EA 163 21.65 -114.66 0.89
C PRO EA 163 21.53 -113.86 -0.41
N PRO FA 1 -37.43 -69.47 -125.29
CA PRO FA 1 -38.43 -69.82 -124.28
C PRO FA 1 -38.40 -71.28 -123.87
N HIS FA 2 -37.28 -71.95 -124.07
CA HIS FA 2 -37.15 -73.28 -123.52
C HIS FA 2 -35.82 -73.54 -122.82
N CYS FA 3 -34.72 -73.01 -123.36
CA CYS FA 3 -33.39 -73.29 -122.84
C CYS FA 3 -32.84 -72.02 -122.22
N SER FA 4 -32.81 -71.97 -120.89
CA SER FA 4 -32.43 -70.80 -120.13
C SER FA 4 -31.49 -71.20 -118.98
N ARG FA 5 -30.41 -71.91 -119.33
CA ARG FA 5 -29.52 -72.56 -118.38
C ARG FA 5 -28.87 -71.58 -117.42
N ASN FA 6 -28.01 -72.07 -116.52
CA ASN FA 6 -27.71 -71.47 -115.23
C ASN FA 6 -28.93 -71.45 -114.32
N PRO FA 7 -29.29 -72.59 -113.75
CA PRO FA 7 -30.39 -72.60 -112.79
C PRO FA 7 -30.08 -71.70 -111.61
N VAL FA 8 -31.10 -71.05 -111.07
CA VAL FA 8 -30.92 -70.20 -109.90
C VAL FA 8 -30.65 -71.11 -108.71
N LEU FA 9 -29.43 -71.04 -108.19
CA LEU FA 9 -29.04 -71.88 -107.07
C LEU FA 9 -29.45 -71.21 -105.76
N VAL FA 10 -28.93 -70.02 -105.52
CA VAL FA 10 -29.48 -69.07 -104.56
C VAL FA 10 -29.69 -67.77 -105.29
N ARG FA 11 -30.51 -66.91 -104.70
CA ARG FA 11 -31.03 -65.72 -105.38
C ARG FA 11 -29.93 -64.98 -106.13
N GLY FA 12 -30.04 -64.95 -107.46
CA GLY FA 12 -29.10 -64.24 -108.29
C GLY FA 12 -27.77 -64.93 -108.52
N ILE FA 13 -27.72 -66.25 -108.48
CA ILE FA 13 -26.49 -67.00 -108.64
C ILE FA 13 -26.74 -68.19 -109.57
N GLY FA 14 -25.82 -68.42 -110.51
CA GLY FA 14 -25.88 -69.60 -111.35
C GLY FA 14 -24.99 -70.71 -110.79
N ARG FA 15 -25.48 -71.95 -110.91
CA ARG FA 15 -24.74 -73.09 -110.39
C ARG FA 15 -23.48 -73.37 -111.18
N TYR FA 16 -23.58 -73.42 -112.50
CA TYR FA 16 -22.42 -73.72 -113.31
C TYR FA 16 -21.46 -72.52 -113.27
N SER FA 17 -20.17 -72.80 -113.17
CA SER FA 17 -19.18 -71.75 -113.02
C SER FA 17 -19.09 -70.94 -114.31
N ARG FA 18 -18.22 -69.93 -114.34
CA ARG FA 18 -18.11 -69.07 -115.51
C ARG FA 18 -17.64 -69.83 -116.74
N SER FA 19 -16.54 -70.57 -116.65
CA SER FA 19 -16.04 -71.28 -117.83
C SER FA 19 -16.96 -72.42 -118.23
N ALA FA 20 -17.45 -73.18 -117.25
CA ALA FA 20 -18.37 -74.26 -117.58
C ALA FA 20 -19.61 -73.72 -118.27
N MET FA 21 -20.11 -72.58 -117.81
CA MET FA 21 -21.25 -71.97 -118.50
C MET FA 21 -20.86 -71.49 -119.88
N TYR FA 22 -19.64 -70.97 -120.03
CA TYR FA 22 -19.20 -70.55 -121.35
C TYR FA 22 -19.29 -71.72 -122.31
N SER FA 23 -18.77 -72.87 -121.87
CA SER FA 23 -18.72 -74.05 -122.73
C SER FA 23 -20.12 -74.60 -123.02
N ARG FA 24 -20.95 -74.73 -121.98
CA ARG FA 24 -22.32 -75.19 -122.21
C ARG FA 24 -23.06 -74.25 -123.15
N LYS FA 25 -23.07 -72.95 -122.83
CA LYS FA 25 -23.61 -71.94 -123.72
C LYS FA 25 -23.02 -72.04 -125.10
N ALA FA 26 -21.86 -72.68 -125.23
CA ALA FA 26 -21.24 -72.92 -126.52
C ALA FA 26 -20.96 -71.61 -127.26
N LEU FA 27 -20.38 -70.65 -126.54
CA LEU FA 27 -19.79 -69.50 -127.21
C LEU FA 27 -18.54 -69.91 -127.97
N TYR FA 28 -17.96 -71.04 -127.62
CA TYR FA 28 -17.04 -71.71 -128.53
C TYR FA 28 -17.86 -72.35 -129.64
N LYS FA 29 -17.24 -72.53 -130.80
CA LYS FA 29 -17.81 -73.24 -131.95
C LYS FA 29 -18.89 -72.40 -132.61
N ARG FA 30 -19.31 -71.33 -131.93
CA ARG FA 30 -19.80 -70.15 -132.61
C ARG FA 30 -18.85 -69.00 -132.33
N LYS FA 31 -17.70 -69.31 -131.74
CA LYS FA 31 -16.53 -68.44 -131.73
C LYS FA 31 -15.31 -69.09 -132.36
N TYR FA 32 -15.24 -70.42 -132.45
CA TYR FA 32 -14.14 -71.07 -133.17
C TYR FA 32 -14.10 -70.65 -134.63
N ALA FA 33 -15.24 -70.29 -135.21
CA ALA FA 33 -15.28 -69.89 -136.60
C ALA FA 33 -16.16 -68.67 -136.88
N ALA FA 34 -16.81 -68.08 -135.88
CA ALA FA 34 -17.88 -67.13 -136.18
C ALA FA 34 -18.18 -66.22 -135.00
N PRO FA 35 -19.13 -65.28 -135.16
CA PRO FA 35 -19.78 -64.57 -134.04
C PRO FA 35 -20.76 -65.45 -133.29
N GLY GA 1 -17.40 -38.06 -76.40
CA GLY GA 1 -16.57 -36.91 -76.66
C GLY GA 1 -15.12 -37.29 -76.87
N VAL GA 2 -14.54 -36.82 -77.96
CA VAL GA 2 -13.14 -37.09 -78.26
C VAL GA 2 -12.30 -36.26 -77.30
N ASP GA 3 -11.00 -36.55 -77.24
CA ASP GA 3 -10.09 -35.81 -76.37
C ASP GA 3 -9.23 -34.80 -77.11
N ILE GA 4 -9.55 -34.48 -78.36
CA ILE GA 4 -8.77 -33.49 -79.09
C ILE GA 4 -8.80 -32.17 -78.34
N ARG GA 5 -7.80 -31.34 -78.57
CA ARG GA 5 -7.79 -30.00 -78.04
C ARG GA 5 -8.03 -29.00 -79.15
N HIS GA 6 -8.79 -27.95 -78.84
CA HIS GA 6 -9.43 -27.12 -79.84
C HIS GA 6 -8.74 -25.79 -80.09
N ASN GA 7 -7.74 -25.43 -79.30
CA ASN GA 7 -7.22 -24.08 -79.39
C ASN GA 7 -6.54 -23.78 -80.71
N LYS GA 8 -6.23 -24.80 -81.51
CA LYS GA 8 -5.69 -24.56 -82.84
C LYS GA 8 -6.64 -24.95 -83.96
N ASP GA 9 -7.95 -24.96 -83.69
CA ASP GA 9 -8.90 -25.39 -84.72
C ASP GA 9 -8.80 -24.54 -85.96
N ARG GA 10 -8.90 -23.22 -85.79
CA ARG GA 10 -9.05 -22.30 -86.90
C ARG GA 10 -7.73 -21.63 -87.24
N LYS GA 11 -7.35 -21.72 -88.52
CA LYS GA 11 -6.10 -21.14 -88.99
C LYS GA 11 -6.32 -19.65 -89.22
N VAL GA 12 -5.47 -18.84 -88.60
CA VAL GA 12 -5.64 -17.39 -88.66
C VAL GA 12 -5.19 -16.79 -89.99
N ARG GA 13 -4.59 -17.59 -90.87
CA ARG GA 13 -4.12 -17.10 -92.16
C ARG GA 13 -5.32 -16.99 -93.09
N ARG GA 14 -6.00 -15.85 -93.01
CA ARG GA 14 -7.37 -15.76 -93.48
C ARG GA 14 -7.44 -15.93 -95.00
N LYS GA 15 -8.64 -16.31 -95.46
CA LYS GA 15 -8.81 -16.94 -96.78
C LYS GA 15 -9.18 -15.93 -97.86
N GLU GA 16 -10.15 -15.07 -97.58
CA GLU GA 16 -10.59 -14.04 -98.54
C GLU GA 16 -10.33 -12.66 -97.95
N PRO GA 17 -9.13 -12.40 -97.38
CA PRO GA 17 -9.03 -11.34 -96.37
C PRO GA 17 -9.22 -9.94 -96.92
N LYS GA 18 -8.96 -8.97 -96.04
CA LYS GA 18 -9.26 -7.57 -96.25
C LYS GA 18 -9.02 -7.17 -97.69
N SER GA 19 -10.09 -6.71 -98.32
CA SER GA 19 -10.08 -6.47 -99.76
C SER GA 19 -11.24 -5.49 -100.01
N GLN GA 20 -10.89 -4.21 -100.15
CA GLN GA 20 -11.77 -3.11 -99.77
C GLN GA 20 -12.00 -2.08 -100.86
N ASP GA 21 -11.02 -1.85 -101.73
CA ASP GA 21 -11.21 -0.99 -102.89
C ASP GA 21 -11.30 -1.82 -104.15
N ILE GA 22 -12.11 -1.33 -105.10
CA ILE GA 22 -12.60 -2.19 -106.16
C ILE GA 22 -11.52 -2.62 -107.13
N TYR GA 23 -10.47 -1.82 -107.32
CA TYR GA 23 -9.44 -2.24 -108.26
C TYR GA 23 -8.69 -3.47 -107.77
N LEU GA 24 -8.20 -3.43 -106.54
CA LEU GA 24 -7.53 -4.59 -105.98
C LEU GA 24 -8.50 -5.75 -105.83
N ARG GA 25 -9.74 -5.47 -105.42
CA ARG GA 25 -10.71 -6.53 -105.31
C ARG GA 25 -10.94 -7.21 -106.65
N LEU GA 26 -10.92 -6.44 -107.74
CA LEU GA 26 -11.16 -7.03 -109.05
C LEU GA 26 -9.93 -7.81 -109.52
N LEU GA 27 -8.73 -7.31 -109.24
CA LEU GA 27 -7.54 -8.10 -109.48
C LEU GA 27 -7.63 -9.45 -108.79
N VAL GA 28 -8.14 -9.47 -107.57
CA VAL GA 28 -8.31 -10.75 -106.88
C VAL GA 28 -9.34 -11.60 -107.61
N LYS GA 29 -10.45 -11.00 -108.02
CA LYS GA 29 -11.46 -11.76 -108.76
C LYS GA 29 -10.92 -12.29 -110.07
N LEU GA 30 -9.79 -11.75 -110.54
CA LEU GA 30 -9.14 -12.29 -111.73
C LEU GA 30 -8.16 -13.40 -111.38
N TYR GA 31 -7.18 -13.13 -110.52
CA TYR GA 31 -6.20 -14.17 -110.22
C TYR GA 31 -6.77 -15.34 -109.45
N ARG GA 32 -7.96 -15.20 -108.86
CA ARG GA 32 -8.53 -16.36 -108.19
C ARG GA 32 -8.76 -17.48 -109.18
N PHE GA 33 -9.24 -17.13 -110.36
CA PHE GA 33 -9.47 -18.10 -111.41
C PHE GA 33 -8.16 -18.78 -111.83
N LEU GA 34 -7.09 -18.00 -111.99
CA LEU GA 34 -5.81 -18.58 -112.36
C LEU GA 34 -5.28 -19.48 -111.25
N ALA GA 35 -5.41 -19.06 -110.01
CA ALA GA 35 -4.93 -19.88 -108.90
C ALA GA 35 -5.66 -21.20 -108.85
N ARG GA 36 -6.98 -21.18 -109.04
CA ARG GA 36 -7.73 -22.43 -109.06
C ARG GA 36 -7.25 -23.33 -110.19
N ARG GA 37 -7.23 -22.80 -111.41
CA ARG GA 37 -7.12 -23.65 -112.59
C ARG GA 37 -5.77 -23.52 -113.30
N THR GA 38 -4.70 -23.33 -112.56
CA THR GA 38 -3.37 -23.43 -113.16
C THR GA 38 -2.38 -23.87 -112.11
N ASN GA 39 -1.63 -24.93 -112.42
CA ASN GA 39 -0.70 -25.50 -111.46
C ASN GA 39 0.44 -24.55 -111.09
N SER GA 40 0.45 -23.32 -111.61
CA SER GA 40 1.57 -22.43 -111.40
C SER GA 40 1.62 -21.91 -109.98
N THR GA 41 2.39 -22.59 -109.14
CA THR GA 41 2.64 -22.13 -107.77
C THR GA 41 2.99 -20.64 -107.70
N PHE GA 42 3.52 -20.08 -108.79
CA PHE GA 42 3.76 -18.64 -108.82
C PHE GA 42 2.46 -17.87 -108.65
N ASN GA 43 1.40 -18.32 -109.30
CA ASN GA 43 0.13 -17.63 -109.11
C ASN GA 43 -0.41 -17.83 -107.71
N GLN GA 44 -0.21 -19.02 -107.13
CA GLN GA 44 -0.59 -19.22 -105.74
C GLN GA 44 0.06 -18.17 -104.86
N VAL GA 45 1.37 -17.98 -104.99
CA VAL GA 45 2.04 -17.05 -104.08
C VAL GA 45 1.64 -15.61 -104.37
N VAL GA 46 1.49 -15.24 -105.65
CA VAL GA 46 1.12 -13.86 -105.96
C VAL GA 46 -0.26 -13.55 -105.39
N LEU GA 47 -1.22 -14.46 -105.59
CA LEU GA 47 -2.52 -14.22 -105.03
C LEU GA 47 -2.48 -14.18 -103.51
N LYS GA 48 -1.71 -15.07 -102.90
CA LYS GA 48 -1.59 -15.05 -101.45
C LYS GA 48 -1.04 -13.73 -100.95
N ARG GA 49 -0.27 -13.04 -101.78
CA ARG GA 49 0.21 -11.72 -101.35
C ARG GA 49 -0.78 -10.60 -101.66
N LEU GA 50 -1.60 -10.74 -102.69
CA LEU GA 50 -2.59 -9.68 -102.93
C LEU GA 50 -3.56 -9.49 -101.78
N PHE GA 51 -3.54 -10.35 -100.77
CA PHE GA 51 -4.38 -10.13 -99.60
C PHE GA 51 -3.68 -9.30 -98.54
N MET GA 52 -2.36 -9.38 -98.46
CA MET GA 52 -1.66 -8.84 -97.30
C MET GA 52 -1.90 -7.34 -97.14
N SER GA 53 -1.71 -6.88 -95.91
CA SER GA 53 -1.85 -5.47 -95.58
C SER GA 53 -0.55 -4.73 -95.85
N ARG GA 54 -0.66 -3.41 -96.03
CA ARG GA 54 0.46 -2.65 -96.54
C ARG GA 54 1.70 -2.78 -95.66
N THR GA 55 1.51 -2.97 -94.35
CA THR GA 55 2.68 -3.18 -93.51
C THR GA 55 3.33 -4.52 -93.78
N ASN GA 56 2.71 -5.37 -94.60
CA ASN GA 56 3.25 -6.65 -94.99
C ASN GA 56 3.63 -6.68 -96.47
N ARG GA 57 3.51 -5.54 -97.15
CA ARG GA 57 3.93 -5.39 -98.53
C ARG GA 57 4.72 -4.10 -98.66
N PRO GA 58 5.91 -4.06 -98.10
CA PRO GA 58 6.67 -2.83 -98.07
C PRO GA 58 7.09 -2.42 -99.47
N PRO GA 59 7.56 -1.20 -99.65
CA PRO GA 59 7.81 -0.71 -101.01
C PRO GA 59 9.16 -1.15 -101.54
N LEU GA 60 9.19 -1.73 -102.74
CA LEU GA 60 10.44 -2.23 -103.30
C LEU GA 60 11.28 -1.07 -103.79
N SER GA 61 12.35 -0.76 -103.06
CA SER GA 61 13.22 0.33 -103.41
C SER GA 61 13.96 0.02 -104.71
N LEU GA 62 14.05 1.00 -105.60
CA LEU GA 62 14.53 0.71 -106.95
C LEU GA 62 16.00 0.32 -106.96
N SER GA 63 16.79 0.82 -106.01
CA SER GA 63 18.18 0.39 -105.94
C SER GA 63 18.26 -1.10 -105.61
N ARG GA 64 17.44 -1.55 -104.66
CA ARG GA 64 17.35 -2.98 -104.40
C ARG GA 64 16.94 -3.73 -105.64
N MET GA 65 15.97 -3.20 -106.37
CA MET GA 65 15.52 -3.89 -107.57
C MET GA 65 16.66 -4.02 -108.58
N ILE GA 66 17.45 -2.96 -108.74
CA ILE GA 66 18.56 -2.99 -109.67
C ILE GA 66 19.59 -4.02 -109.26
N ARG GA 67 20.00 -3.99 -108.00
CA ARG GA 67 21.09 -4.88 -107.63
C ARG GA 67 20.61 -6.29 -107.36
N LYS GA 68 19.30 -6.54 -107.42
CA LYS GA 68 18.79 -7.91 -107.39
C LYS GA 68 18.37 -8.42 -108.76
N MET GA 69 18.26 -7.53 -109.75
CA MET GA 69 17.97 -7.95 -111.11
C MET GA 69 19.24 -8.07 -111.95
N LYS GA 70 20.33 -7.41 -111.54
CA LYS GA 70 21.59 -7.53 -112.26
C LYS GA 70 22.19 -8.93 -112.21
N LEU GA 71 21.81 -9.75 -111.24
CA LEU GA 71 22.52 -11.00 -110.96
C LEU GA 71 22.50 -11.94 -112.17
N PRO GA 72 23.50 -12.79 -112.30
CA PRO GA 72 23.65 -13.56 -113.54
C PRO GA 72 22.48 -14.46 -113.81
N GLY GA 73 22.22 -14.69 -115.09
CA GLY GA 73 21.17 -15.58 -115.52
C GLY GA 73 19.79 -14.97 -115.59
N ARG GA 74 19.64 -13.70 -115.23
CA ARG GA 74 18.34 -13.05 -115.14
C ARG GA 74 18.19 -11.93 -116.17
N GLU GA 75 18.61 -12.19 -117.40
CA GLU GA 75 18.42 -11.23 -118.46
C GLU GA 75 17.02 -11.35 -119.03
N ASN GA 76 16.56 -10.27 -119.66
CA ASN GA 76 15.24 -10.15 -120.30
C ASN GA 76 14.15 -10.92 -119.58
N LYS GA 77 14.00 -10.67 -118.29
CA LYS GA 77 12.93 -11.26 -117.50
C LYS GA 77 12.17 -10.14 -116.83
N THR GA 78 10.84 -10.26 -116.78
CA THR GA 78 10.04 -9.28 -116.07
C THR GA 78 10.19 -9.49 -114.58
N ALA GA 79 10.50 -8.42 -113.86
CA ALA GA 79 10.65 -8.48 -112.42
C ALA GA 79 9.37 -7.92 -111.80
N VAL GA 80 8.72 -8.73 -110.97
CA VAL GA 80 7.37 -8.48 -110.51
C VAL GA 80 7.39 -8.22 -109.02
N VAL GA 81 6.66 -7.20 -108.60
CA VAL GA 81 6.59 -6.74 -107.23
C VAL GA 81 5.14 -6.67 -106.82
N VAL GA 82 4.82 -7.20 -105.64
CA VAL GA 82 3.46 -7.07 -105.13
C VAL GA 82 3.25 -5.77 -104.37
N GLY GA 83 4.30 -5.17 -103.84
CA GLY GA 83 4.19 -3.90 -103.15
C GLY GA 83 4.15 -2.73 -104.10
N THR GA 84 4.99 -1.73 -103.87
CA THR GA 84 5.13 -0.61 -104.79
C THR GA 84 6.61 -0.27 -104.95
N ILE GA 85 6.92 0.49 -105.99
CA ILE GA 85 8.31 0.83 -106.34
C ILE GA 85 8.53 2.31 -106.12
N THR GA 86 9.44 2.64 -105.21
CA THR GA 86 9.82 4.01 -104.95
C THR GA 86 11.23 4.22 -105.48
N ASP GA 87 11.42 5.26 -106.27
CA ASP GA 87 12.74 5.50 -106.84
C ASP GA 87 13.74 5.87 -105.76
N ASP GA 88 15.00 5.58 -106.04
CA ASP GA 88 16.10 5.86 -105.14
C ASP GA 88 16.95 6.97 -105.71
N VAL GA 89 17.52 7.79 -104.83
CA VAL GA 89 18.51 8.78 -105.24
C VAL GA 89 19.92 8.34 -104.92
N ARG GA 90 20.10 7.14 -104.36
CA ARG GA 90 21.41 6.55 -104.20
C ARG GA 90 21.99 6.02 -105.50
N VAL GA 91 21.18 5.97 -106.55
CA VAL GA 91 21.58 5.36 -107.81
C VAL GA 91 21.56 6.44 -108.88
N GLN GA 92 22.64 6.53 -109.63
CA GLN GA 92 22.77 7.46 -110.74
C GLN GA 92 22.58 6.80 -112.09
N GLU GA 93 22.90 5.50 -112.20
CA GLU GA 93 22.84 4.80 -113.47
C GLU GA 93 21.39 4.61 -113.87
N VAL GA 94 21.03 5.14 -115.04
CA VAL GA 94 19.67 5.04 -115.54
C VAL GA 94 19.32 3.56 -115.63
N PRO GA 95 18.10 3.17 -115.29
CA PRO GA 95 17.73 1.76 -115.32
C PRO GA 95 17.81 1.16 -116.72
N LYS GA 96 17.44 -0.10 -116.79
CA LYS GA 96 17.75 -0.93 -117.94
C LYS GA 96 16.71 -2.00 -118.25
N LEU GA 97 15.59 -2.03 -117.54
CA LEU GA 97 14.85 -3.26 -117.32
C LEU GA 97 13.33 -3.05 -117.43
N LYS GA 98 12.58 -4.12 -117.17
CA LYS GA 98 11.15 -4.15 -117.34
C LYS GA 98 10.50 -4.72 -116.09
N VAL GA 99 9.51 -4.01 -115.54
CA VAL GA 99 8.96 -4.31 -114.23
C VAL GA 99 7.53 -4.82 -114.41
N CYS GA 100 6.90 -5.15 -113.28
CA CYS GA 100 5.45 -5.32 -113.24
C CYS GA 100 5.02 -5.21 -111.78
N ALA GA 101 4.52 -4.05 -111.39
CA ALA GA 101 4.18 -3.81 -109.98
C ALA GA 101 2.81 -3.16 -109.89
N LEU GA 102 2.22 -3.24 -108.70
CA LEU GA 102 0.92 -2.63 -108.45
C LEU GA 102 0.95 -1.15 -108.74
N ARG GA 103 1.67 -0.42 -107.90
CA ARG GA 103 1.75 1.02 -107.98
C ARG GA 103 3.22 1.41 -108.06
N VAL GA 104 3.54 2.34 -108.94
CA VAL GA 104 4.91 2.80 -109.12
C VAL GA 104 4.93 4.31 -108.97
N THR GA 105 5.90 4.81 -108.24
CA THR GA 105 5.96 6.24 -107.97
C THR GA 105 6.30 7.00 -109.24
N SER GA 106 5.95 8.29 -109.26
CA SER GA 106 6.08 9.06 -110.49
C SER GA 106 7.53 9.20 -110.91
N ARG GA 107 8.43 9.44 -109.96
CA ARG GA 107 9.83 9.58 -110.33
C ARG GA 107 10.37 8.30 -110.93
N ALA GA 108 10.10 7.17 -110.28
CA ALA GA 108 10.57 5.89 -110.79
C ALA GA 108 9.98 5.59 -112.15
N ARG GA 109 8.72 5.95 -112.36
CA ARG GA 109 8.11 5.70 -113.66
C ARG GA 109 8.76 6.54 -114.73
N SER GA 110 9.00 7.82 -114.43
CA SER GA 110 9.74 8.66 -115.36
C SER GA 110 11.05 7.99 -115.75
N ARG GA 111 11.82 7.58 -114.75
CA ARG GA 111 13.15 7.08 -115.04
C ARG GA 111 13.13 5.74 -115.75
N ILE GA 112 12.16 4.88 -115.46
CA ILE GA 112 12.06 3.61 -116.18
C ILE GA 112 11.75 3.85 -117.65
N LEU GA 113 10.73 4.67 -117.93
CA LEU GA 113 10.39 4.92 -119.32
C LEU GA 113 11.55 5.61 -120.05
N ARG GA 114 12.28 6.48 -119.36
CA ARG GA 114 13.48 7.06 -119.94
C ARG GA 114 14.50 5.97 -120.26
N ALA GA 115 14.68 5.04 -119.34
CA ALA GA 115 15.55 3.90 -119.55
C ALA GA 115 15.13 3.06 -120.74
N GLY GA 116 13.86 3.13 -121.12
CA GLY GA 116 13.40 2.32 -122.23
C GLY GA 116 12.86 0.97 -121.83
N GLY GA 117 12.56 0.76 -120.57
CA GLY GA 117 11.95 -0.47 -120.14
C GLY GA 117 10.46 -0.46 -120.38
N LYS GA 118 9.70 -1.03 -119.46
CA LYS GA 118 8.24 -1.05 -119.56
C LYS GA 118 7.66 -1.04 -118.16
N ILE GA 119 6.38 -0.71 -118.07
CA ILE GA 119 5.61 -0.83 -116.84
C ILE GA 119 4.45 -1.76 -117.14
N LEU GA 120 4.23 -2.74 -116.28
CA LEU GA 120 3.19 -3.74 -116.49
C LEU GA 120 2.29 -3.79 -115.27
N THR GA 121 1.00 -3.58 -115.49
CA THR GA 121 0.01 -3.77 -114.46
C THR GA 121 -0.45 -5.21 -114.51
N PHE GA 122 -0.91 -5.71 -113.35
CA PHE GA 122 -1.10 -7.15 -113.20
C PHE GA 122 -2.05 -7.73 -114.24
N ASP GA 123 -3.00 -6.95 -114.75
CA ASP GA 123 -3.78 -7.43 -115.89
C ASP GA 123 -2.90 -7.59 -117.12
N GLN GA 124 -2.07 -6.59 -117.40
CA GLN GA 124 -1.14 -6.73 -118.51
C GLN GA 124 -0.29 -7.96 -118.34
N LEU GA 125 0.21 -8.20 -117.13
CA LEU GA 125 1.05 -9.36 -116.89
C LEU GA 125 0.28 -10.65 -117.12
N ALA GA 126 -0.94 -10.74 -116.59
CA ALA GA 126 -1.70 -11.98 -116.72
C ALA GA 126 -1.99 -12.29 -118.17
N LEU GA 127 -2.37 -11.28 -118.95
CA LEU GA 127 -2.63 -11.52 -120.36
C LEU GA 127 -1.34 -11.78 -121.12
N ASP GA 128 -0.23 -11.22 -120.65
CA ASP GA 128 1.08 -11.50 -121.23
C ASP GA 128 1.45 -12.97 -121.05
N SER GA 129 1.22 -13.49 -119.87
CA SER GA 129 1.59 -14.85 -119.53
C SER GA 129 0.67 -15.36 -118.43
N PRO GA 130 -0.13 -16.39 -118.71
CA PRO GA 130 -1.08 -16.87 -117.70
C PRO GA 130 -0.43 -17.46 -116.47
N LYS GA 131 0.90 -17.47 -116.40
CA LYS GA 131 1.60 -18.06 -115.29
C LYS GA 131 3.04 -17.57 -115.29
N GLY GA 132 3.80 -17.98 -114.28
CA GLY GA 132 5.19 -17.60 -114.24
C GLY GA 132 5.96 -18.17 -115.40
N CYS GA 133 6.29 -17.33 -116.37
CA CYS GA 133 7.07 -17.75 -117.55
C CYS GA 133 8.20 -16.74 -117.73
N GLY GA 134 9.35 -17.05 -117.18
CA GLY GA 134 10.47 -16.13 -117.20
C GLY GA 134 10.26 -14.89 -116.36
N THR GA 135 9.62 -15.03 -115.21
CA THR GA 135 9.29 -13.90 -114.35
C THR GA 135 10.03 -14.05 -113.03
N VAL GA 136 10.79 -13.05 -112.65
CA VAL GA 136 11.42 -13.00 -111.34
C VAL GA 136 10.49 -12.26 -110.41
N LEU GA 137 10.43 -12.69 -109.16
CA LEU GA 137 9.52 -12.10 -108.18
C LEU GA 137 10.33 -11.58 -106.99
N LEU GA 138 10.05 -10.36 -106.57
CA LEU GA 138 10.81 -9.77 -105.48
C LEU GA 138 9.91 -9.34 -104.33
N SER GA 139 10.48 -8.58 -103.40
CA SER GA 139 9.74 -7.96 -102.32
C SER GA 139 10.64 -6.96 -101.64
N GLY GA 140 10.10 -5.79 -101.33
CA GLY GA 140 10.82 -4.84 -100.51
C GLY GA 140 11.03 -5.42 -99.14
N PRO GA 141 12.05 -4.96 -98.43
CA PRO GA 141 12.37 -5.55 -97.14
C PRO GA 141 11.24 -5.36 -96.15
N ARG GA 142 10.86 -6.43 -95.46
CA ARG GA 142 9.72 -6.41 -94.56
C ARG GA 142 10.10 -6.37 -93.09
N LYS GA 143 11.38 -6.44 -92.77
CA LYS GA 143 11.90 -6.10 -91.44
C LYS GA 143 12.50 -4.71 -91.46
N GLY GA 144 11.87 -3.81 -92.20
CA GLY GA 144 12.45 -2.50 -92.41
C GLY GA 144 11.92 -1.44 -91.47
N ARG GA 145 10.63 -1.49 -91.17
CA ARG GA 145 9.98 -0.41 -90.44
C ARG GA 145 10.66 -0.18 -89.10
N GLU GA 146 10.33 0.95 -88.48
CA GLU GA 146 11.06 1.35 -87.27
C GLU GA 146 10.79 0.40 -86.11
N VAL GA 147 9.54 0.03 -85.88
CA VAL GA 147 9.16 -0.62 -84.64
C VAL GA 147 9.93 -1.90 -84.37
N TYR GA 148 10.67 -2.41 -85.36
CA TYR GA 148 11.43 -3.60 -85.10
C TYR GA 148 12.59 -3.35 -84.16
N ARG GA 149 13.19 -2.16 -84.20
CA ARG GA 149 14.22 -1.88 -83.21
C ARG GA 149 13.63 -1.65 -81.83
N HIS GA 150 12.33 -1.45 -81.72
CA HIS GA 150 11.69 -1.44 -80.40
C HIS GA 150 11.42 -2.85 -79.91
N PHE GA 151 11.03 -3.75 -80.81
CA PHE GA 151 10.70 -5.11 -80.41
C PHE GA 151 11.93 -5.85 -79.89
N GLY GA 152 11.72 -7.09 -79.49
CA GLY GA 152 12.81 -7.96 -79.07
C GLY GA 152 12.84 -8.16 -77.57
N LYS GA 153 14.03 -8.52 -77.09
CA LYS GA 153 14.26 -8.59 -75.65
C LYS GA 153 14.10 -7.21 -75.06
N ALA GA 154 13.36 -7.12 -73.96
CA ALA GA 154 13.09 -5.83 -73.35
C ALA GA 154 14.41 -5.18 -72.95
N PRO GA 155 14.63 -3.92 -73.30
CA PRO GA 155 15.90 -3.27 -72.94
C PRO GA 155 16.04 -3.19 -71.44
N GLY GA 156 17.28 -3.31 -70.96
CA GLY GA 156 17.56 -3.49 -69.57
C GLY GA 156 17.96 -4.90 -69.20
N THR GA 157 17.70 -5.86 -70.05
CA THR GA 157 18.23 -7.20 -69.95
C THR GA 157 19.70 -7.20 -70.34
N PRO GA 158 20.47 -8.20 -69.93
CA PRO GA 158 21.93 -8.10 -70.04
C PRO GA 158 22.45 -7.89 -71.45
N HIS GA 159 21.85 -8.51 -72.46
CA HIS GA 159 22.35 -8.31 -73.82
C HIS GA 159 21.21 -8.14 -74.80
N SER GA 160 20.29 -7.24 -74.51
CA SER GA 160 19.47 -6.72 -75.57
C SER GA 160 20.28 -5.74 -76.41
N HIS GA 161 19.74 -5.39 -77.56
CA HIS GA 161 20.24 -4.24 -78.30
C HIS GA 161 19.06 -3.53 -78.95
N THR GA 162 18.02 -3.32 -78.16
CA THR GA 162 16.75 -2.81 -78.64
C THR GA 162 16.53 -1.37 -78.19
N LYS GA 163 15.66 -0.68 -78.91
CA LYS GA 163 15.44 0.75 -78.72
C LYS GA 163 14.27 0.97 -77.80
N PRO GA 164 14.45 1.53 -76.62
CA PRO GA 164 13.32 1.82 -75.76
C PRO GA 164 12.52 2.98 -76.32
N TYR GA 165 11.36 3.21 -75.73
CA TYR GA 165 10.52 4.36 -76.10
C TYR GA 165 10.85 5.50 -75.14
N VAL GA 166 11.62 6.47 -75.62
CA VAL GA 166 11.85 7.70 -74.87
C VAL GA 166 11.51 8.87 -75.79
N ARG GA 167 11.15 9.99 -75.16
CA ARG GA 167 10.54 11.09 -75.89
C ARG GA 167 11.54 12.09 -76.45
N SER GA 168 12.83 11.87 -76.27
CA SER GA 168 13.88 12.63 -76.94
C SER GA 168 15.09 11.71 -77.07
N LYS GA 169 16.27 12.28 -77.24
CA LYS GA 169 17.48 11.51 -77.06
C LYS GA 169 18.50 12.20 -76.16
N GLY GA 170 18.08 13.20 -75.40
CA GLY GA 170 18.99 13.97 -74.58
C GLY GA 170 19.81 13.16 -73.60
N ARG GA 171 20.73 13.81 -72.90
CA ARG GA 171 21.61 13.09 -72.00
C ARG GA 171 20.94 12.68 -70.70
N LYS GA 172 19.80 13.27 -70.38
CA LYS GA 172 19.20 13.08 -69.06
C LYS GA 172 18.05 12.09 -69.06
N PHE GA 173 17.73 11.47 -70.21
CA PHE GA 173 16.45 10.76 -70.32
C PHE GA 173 16.48 9.35 -69.73
N GLU GA 174 17.23 8.43 -70.31
CA GLU GA 174 17.25 7.14 -69.66
C GLU GA 174 18.64 6.75 -69.19
N ARG GA 175 19.65 7.53 -69.54
CA ARG GA 175 21.03 7.12 -69.43
C ARG GA 175 21.55 7.22 -68.00
N ALA GA 176 20.67 7.15 -67.02
CA ALA GA 176 21.04 7.54 -65.67
C ALA GA 176 21.62 6.38 -64.86
N ARG GA 177 20.80 5.38 -64.53
CA ARG GA 177 21.28 4.19 -63.86
C ARG GA 177 20.93 3.02 -64.75
N GLY GA 178 21.40 1.84 -64.40
CA GLY GA 178 21.20 0.75 -65.32
C GLY GA 178 21.77 1.00 -66.69
N ARG GA 179 22.71 1.94 -66.80
CA ARG GA 179 23.35 2.22 -68.07
C ARG GA 179 24.84 2.41 -67.97
N ARG GA 180 25.38 2.78 -66.81
CA ARG GA 180 26.80 3.08 -66.71
C ARG GA 180 27.24 2.74 -65.29
N ALA GA 181 28.23 1.87 -65.17
CA ALA GA 181 28.60 1.30 -63.88
C ALA GA 181 29.03 2.37 -62.88
N SER GA 182 29.08 3.62 -63.34
CA SER GA 182 29.25 4.76 -62.46
C SER GA 182 27.95 5.20 -61.84
N ARG GA 183 26.85 4.50 -62.11
CA ARG GA 183 25.56 4.90 -61.60
C ARG GA 183 24.71 3.70 -61.17
N GLY GA 184 25.36 2.66 -60.67
CA GLY GA 184 24.64 1.58 -60.01
C GLY GA 184 24.78 0.23 -60.65
N TYR GA 185 24.63 0.15 -61.98
CA TYR GA 185 24.91 -1.05 -62.73
C TYR GA 185 24.70 -0.76 -64.21
N LYS GA 186 25.23 -1.63 -65.06
CA LYS GA 186 25.02 -1.53 -66.49
C LYS GA 186 24.32 -2.79 -66.96
N ASN GA 187 23.53 -2.65 -68.03
CA ASN GA 187 22.72 -3.73 -68.61
C ASN GA 187 23.16 -5.14 -68.27
N VAL HA 1 -32.05 -33.69 -144.38
CA VAL HA 1 -32.86 -32.65 -143.77
C VAL HA 1 -33.88 -33.29 -142.85
N LEU HA 2 -35.01 -33.70 -143.44
CA LEU HA 2 -36.06 -34.41 -142.71
C LEU HA 2 -35.71 -35.86 -142.48
N ALA HA 3 -34.43 -36.22 -142.58
CA ALA HA 3 -33.95 -37.56 -142.30
C ALA HA 3 -33.69 -37.66 -140.81
N THR HA 4 -32.96 -38.71 -140.40
CA THR HA 4 -32.63 -38.89 -138.99
C THR HA 4 -33.92 -39.03 -138.22
N VAL HA 5 -34.52 -40.22 -138.26
CA VAL HA 5 -35.96 -40.50 -138.35
C VAL HA 5 -36.88 -39.60 -137.54
N THR HA 6 -36.34 -38.80 -136.63
CA THR HA 6 -37.12 -37.67 -136.12
C THR HA 6 -37.59 -36.80 -137.29
N LYS HA 7 -38.91 -36.78 -137.55
CA LYS HA 7 -39.44 -36.20 -138.78
C LYS HA 7 -40.76 -35.45 -138.61
N PRO HA 8 -40.87 -34.20 -139.14
CA PRO HA 8 -42.20 -33.62 -139.41
C PRO HA 8 -42.63 -33.72 -140.86
N VAL HA 9 -43.88 -34.12 -141.14
CA VAL HA 9 -44.39 -34.31 -142.50
C VAL HA 9 -45.90 -34.10 -142.51
N GLY HA 10 -46.42 -33.35 -143.50
CA GLY HA 10 -47.86 -33.14 -143.53
C GLY HA 10 -48.64 -33.04 -144.82
N GLY HA 11 -48.00 -33.06 -145.98
CA GLY HA 11 -48.74 -33.18 -147.24
C GLY HA 11 -49.51 -31.96 -147.68
N ASP HA 12 -49.49 -31.64 -148.98
CA ASP HA 12 -50.21 -30.49 -149.51
C ASP HA 12 -50.03 -30.45 -151.02
N LYS HA 13 -50.87 -29.64 -151.69
CA LYS HA 13 -50.76 -29.35 -153.11
C LYS HA 13 -50.04 -28.02 -153.37
N ASN HA 14 -50.57 -26.93 -152.83
CA ASN HA 14 -50.08 -25.59 -153.10
C ASN HA 14 -49.82 -24.88 -151.79
N GLY HA 15 -48.67 -24.24 -151.68
CA GLY HA 15 -48.39 -23.35 -150.56
C GLY HA 15 -48.03 -23.95 -149.22
N GLY HA 16 -49.01 -24.52 -148.51
CA GLY HA 16 -48.76 -25.05 -147.18
C GLY HA 16 -47.72 -26.15 -147.19
N THR HA 17 -46.90 -26.17 -146.15
CA THR HA 17 -45.75 -27.05 -146.11
C THR HA 17 -46.23 -28.48 -145.93
N ARG HA 18 -45.72 -29.36 -146.78
CA ARG HA 18 -46.02 -30.79 -146.73
C ARG HA 18 -45.29 -31.46 -145.59
N VAL HA 19 -44.64 -30.64 -144.76
CA VAL HA 19 -43.68 -31.08 -143.76
C VAL HA 19 -44.03 -30.50 -142.40
N VAL HA 20 -45.29 -30.08 -142.22
CA VAL HA 20 -45.73 -29.37 -141.01
C VAL HA 20 -45.25 -30.12 -139.78
N LYS HA 21 -44.90 -29.37 -138.74
CA LYS HA 21 -44.34 -29.95 -137.53
C LYS HA 21 -45.31 -30.95 -136.93
N LEU HA 22 -44.95 -32.24 -136.94
CA LEU HA 22 -45.74 -33.21 -136.21
C LEU HA 22 -45.69 -32.97 -134.71
N ARG HA 23 -44.69 -32.23 -134.25
CA ARG HA 23 -44.65 -31.71 -132.90
C ARG HA 23 -44.47 -30.21 -132.97
N LYS HA 24 -45.36 -29.46 -132.32
CA LYS HA 24 -45.26 -28.02 -132.33
C LYS HA 24 -44.21 -27.55 -131.34
N MET HA 25 -44.19 -26.27 -131.11
CA MET HA 25 -43.27 -25.63 -130.18
C MET HA 25 -44.08 -24.97 -129.07
N PRO HA 26 -43.67 -25.06 -127.80
CA PRO HA 26 -44.59 -24.75 -126.70
C PRO HA 26 -45.21 -23.37 -126.76
N ARG HA 27 -46.53 -23.35 -126.92
CA ARG HA 27 -47.29 -22.11 -127.06
C ARG HA 27 -47.05 -21.17 -125.90
N TYR HA 28 -46.77 -21.71 -124.73
CA TYR HA 28 -46.81 -20.95 -123.50
C TYR HA 28 -45.70 -21.46 -122.60
N TYR HA 29 -45.32 -20.64 -121.63
CA TYR HA 29 -44.28 -21.04 -120.70
C TYR HA 29 -44.70 -20.72 -119.27
N PRO HA 30 -44.31 -21.53 -118.32
CA PRO HA 30 -44.53 -21.17 -116.92
C PRO HA 30 -43.41 -20.26 -116.44
N THR HA 31 -43.36 -20.00 -115.14
CA THR HA 31 -42.27 -19.22 -114.59
C THR HA 31 -40.99 -20.05 -114.46
N GLU HA 32 -41.10 -21.22 -113.83
CA GLU HA 32 -39.99 -22.16 -113.74
C GLU HA 32 -40.45 -23.58 -114.03
N ASP HA 33 -39.54 -24.52 -113.85
CA ASP HA 33 -39.85 -25.93 -113.85
C ASP HA 33 -38.88 -26.65 -112.91
N VAL HA 34 -39.36 -27.70 -112.27
CA VAL HA 34 -38.53 -28.42 -111.32
C VAL HA 34 -37.37 -29.07 -112.08
N PRO HA 35 -36.19 -29.16 -111.48
CA PRO HA 35 -35.08 -29.85 -112.14
C PRO HA 35 -35.33 -31.34 -112.23
N ARG HA 36 -34.75 -32.01 -113.22
CA ARG HA 36 -35.03 -33.41 -113.49
C ARG HA 36 -34.60 -34.28 -112.32
N LYS HA 37 -35.44 -35.25 -111.96
CA LYS HA 37 -35.14 -36.12 -110.83
C LYS HA 37 -33.92 -36.98 -111.14
N LEU HA 38 -33.42 -37.66 -110.11
CA LEU HA 38 -32.06 -38.16 -110.22
C LEU HA 38 -31.95 -39.48 -110.96
N LEU HA 39 -33.08 -40.10 -111.35
CA LEU HA 39 -33.08 -41.27 -112.22
C LEU HA 39 -32.04 -42.29 -111.75
N SER HA 40 -32.31 -42.90 -110.61
CA SER HA 40 -31.31 -43.79 -110.04
C SER HA 40 -31.97 -45.01 -109.43
N HIS HA 41 -31.54 -46.17 -109.94
CA HIS HA 41 -31.94 -47.48 -109.43
C HIS HA 41 -33.44 -47.64 -109.37
N GLY HA 42 -34.06 -47.90 -110.51
CA GLY HA 42 -35.49 -48.12 -110.57
C GLY HA 42 -36.06 -49.01 -109.48
N LYS HA 43 -37.03 -48.47 -108.74
CA LYS HA 43 -37.94 -49.31 -107.99
C LYS HA 43 -39.21 -49.50 -108.79
N LYS HA 44 -39.55 -50.75 -109.06
CA LYS HA 44 -40.62 -51.04 -109.99
C LYS HA 44 -41.97 -50.60 -109.44
N PRO HA 45 -42.89 -50.21 -110.29
CA PRO HA 45 -44.22 -49.80 -109.82
C PRO HA 45 -44.97 -50.98 -109.23
N PHE HA 46 -46.12 -50.66 -108.62
CA PHE HA 46 -46.80 -51.67 -107.82
C PHE HA 46 -47.33 -52.81 -108.67
N SER HA 47 -47.86 -52.50 -109.85
CA SER HA 47 -48.52 -53.55 -110.62
C SER HA 47 -47.58 -54.60 -111.15
N GLN HA 48 -46.29 -54.55 -110.79
CA GLN HA 48 -45.36 -55.64 -111.08
C GLN HA 48 -44.68 -56.20 -109.85
N HIS HA 49 -44.98 -55.68 -108.66
CA HIS HA 49 -44.43 -56.26 -107.45
C HIS HA 49 -44.84 -57.73 -107.34
N VAL HA 50 -43.89 -58.57 -107.00
CA VAL HA 50 -44.16 -60.01 -106.91
C VAL HA 50 -45.00 -60.29 -105.67
N ARG HA 51 -45.71 -61.41 -105.68
CA ARG HA 51 -46.70 -61.72 -104.67
C ARG HA 51 -46.16 -62.74 -103.69
N LYS HA 52 -46.29 -62.46 -102.40
CA LYS HA 52 -45.80 -63.33 -101.35
C LYS HA 52 -46.99 -63.90 -100.60
N LEU HA 53 -47.07 -65.22 -100.54
CA LEU HA 53 -48.19 -65.91 -99.92
C LEU HA 53 -47.70 -66.64 -98.68
N ARG HA 54 -48.42 -66.48 -97.59
CA ARG HA 54 -48.03 -67.13 -96.34
C ARG HA 54 -48.23 -68.63 -96.45
N ALA HA 55 -47.51 -69.37 -95.62
CA ALA HA 55 -47.48 -70.81 -95.63
C ALA HA 55 -48.62 -71.42 -94.90
N SER HA 56 -49.72 -70.69 -94.77
CA SER HA 56 -50.92 -71.21 -94.13
C SER HA 56 -52.17 -70.98 -94.95
N ILE HA 57 -52.02 -70.57 -96.21
CA ILE HA 57 -53.13 -70.40 -97.13
C ILE HA 57 -53.00 -71.44 -98.22
N THR HA 58 -54.07 -72.18 -98.49
CA THR HA 58 -54.06 -73.14 -99.57
C THR HA 58 -55.46 -73.18 -100.17
N PRO HA 59 -55.58 -73.52 -101.45
CA PRO HA 59 -56.91 -73.54 -102.08
C PRO HA 59 -57.86 -74.43 -101.31
N GLY HA 60 -58.85 -73.81 -100.68
CA GLY HA 60 -59.85 -74.56 -99.95
C GLY HA 60 -59.65 -74.63 -98.45
N THR HA 61 -59.05 -73.60 -97.85
CA THR HA 61 -59.00 -73.52 -96.41
C THR HA 61 -60.09 -72.59 -95.90
N ILE HA 62 -60.18 -72.45 -94.59
CA ILE HA 62 -61.18 -71.59 -93.96
C ILE HA 62 -60.45 -70.50 -93.20
N LEU HA 63 -60.82 -69.25 -93.48
CA LEU HA 63 -60.13 -68.09 -92.94
C LEU HA 63 -61.10 -67.27 -92.12
N ILE HA 64 -60.73 -66.99 -90.87
CA ILE HA 64 -61.58 -66.18 -90.02
C ILE HA 64 -61.44 -64.74 -90.48
N ILE HA 65 -62.38 -64.28 -91.29
CA ILE HA 65 -62.33 -62.93 -91.82
C ILE HA 65 -62.58 -61.93 -90.70
N LEU HA 66 -61.81 -60.84 -90.68
CA LEU HA 66 -61.88 -59.85 -89.61
C LEU HA 66 -62.28 -58.45 -90.09
N THR HA 67 -61.61 -57.92 -91.10
CA THR HA 67 -61.59 -56.48 -91.29
C THR HA 67 -62.84 -55.93 -91.97
N GLY HA 68 -63.65 -56.76 -92.62
CA GLY HA 68 -64.77 -56.25 -93.39
C GLY HA 68 -65.83 -55.61 -92.52
N ARG HA 69 -66.93 -55.21 -93.17
CA ARG HA 69 -68.07 -54.79 -92.36
C ARG HA 69 -68.56 -55.96 -91.54
N HIS HA 70 -68.62 -57.14 -92.14
CA HIS HA 70 -68.96 -58.36 -91.44
C HIS HA 70 -67.67 -59.04 -90.99
N ARG HA 71 -67.22 -58.66 -89.81
CA ARG HA 71 -66.08 -59.27 -89.16
C ARG HA 71 -66.41 -60.69 -88.73
N GLY HA 72 -65.40 -61.37 -88.21
CA GLY HA 72 -65.61 -62.60 -87.47
C GLY HA 72 -66.45 -63.67 -88.13
N LYS HA 73 -66.75 -63.51 -89.42
CA LYS HA 73 -67.47 -64.53 -90.16
C LYS HA 73 -66.49 -65.63 -90.58
N ARG HA 74 -66.92 -66.53 -91.45
CA ARG HA 74 -66.07 -67.56 -92.00
C ARG HA 74 -66.16 -67.54 -93.52
N VAL HA 75 -65.06 -67.89 -94.18
CA VAL HA 75 -65.00 -67.83 -95.62
C VAL HA 75 -64.32 -69.06 -96.18
N VAL HA 76 -64.68 -69.39 -97.42
CA VAL HA 76 -64.08 -70.48 -98.17
C VAL HA 76 -63.16 -69.86 -99.22
N PHE HA 77 -61.89 -70.22 -99.17
CA PHE HA 77 -60.91 -69.59 -100.03
C PHE HA 77 -60.84 -70.32 -101.37
N LEU HA 78 -60.67 -69.54 -102.44
CA LEU HA 78 -60.62 -70.09 -103.79
C LEU HA 78 -59.27 -69.88 -104.45
N LYS HA 79 -58.80 -68.63 -104.56
CA LYS HA 79 -57.57 -68.37 -105.26
C LYS HA 79 -57.03 -67.00 -104.87
N GLN HA 80 -55.71 -66.91 -104.76
CA GLN HA 80 -55.06 -65.62 -104.57
C GLN HA 80 -55.02 -64.91 -105.90
N LEU HA 81 -55.71 -63.78 -106.00
CA LEU HA 81 -55.81 -63.07 -107.26
C LEU HA 81 -54.44 -62.61 -107.73
N SER HA 82 -54.37 -62.26 -109.02
CA SER HA 82 -53.12 -61.78 -109.60
C SER HA 82 -52.63 -60.52 -108.90
N SER HA 83 -53.54 -59.59 -108.61
CA SER HA 83 -53.13 -58.35 -107.98
C SER HA 83 -52.56 -58.58 -106.59
N GLY HA 84 -52.95 -59.67 -105.94
CA GLY HA 84 -52.32 -60.10 -104.72
C GLY HA 84 -53.19 -60.22 -103.49
N LEU HA 85 -54.49 -60.36 -103.64
CA LEU HA 85 -55.38 -60.56 -102.50
C LEU HA 85 -56.41 -61.62 -102.85
N LEU HA 86 -56.97 -62.23 -101.81
CA LEU HA 86 -57.66 -63.51 -101.95
C LEU HA 86 -59.11 -63.32 -102.35
N LEU HA 87 -59.54 -64.05 -103.38
CA LEU HA 87 -60.94 -64.05 -103.82
C LEU HA 87 -61.64 -65.24 -103.18
N VAL HA 88 -62.46 -64.97 -102.15
CA VAL HA 88 -63.07 -66.02 -101.38
C VAL HA 88 -64.59 -65.86 -101.40
N THR HA 89 -65.26 -66.90 -100.93
CA THR HA 89 -66.71 -66.88 -100.76
C THR HA 89 -67.05 -67.84 -99.64
N GLY HA 90 -67.34 -67.29 -98.46
CA GLY HA 90 -68.04 -68.04 -97.46
C GLY HA 90 -69.40 -68.33 -98.05
N PRO HA 91 -69.68 -69.61 -98.34
CA PRO HA 91 -70.77 -69.94 -99.27
C PRO HA 91 -72.03 -69.17 -98.98
N LEU HA 92 -72.42 -68.33 -99.95
CA LEU HA 92 -73.25 -67.17 -99.63
C LEU HA 92 -74.53 -67.55 -98.90
N SER HA 93 -75.04 -68.76 -99.13
CA SER HA 93 -76.20 -69.21 -98.37
C SER HA 93 -75.88 -69.27 -96.88
N LEU HA 94 -74.78 -69.94 -96.52
CA LEU HA 94 -74.48 -70.18 -95.12
C LEU HA 94 -74.16 -68.89 -94.37
N ASN HA 95 -73.56 -67.92 -95.04
CA ASN HA 95 -72.89 -66.84 -94.33
C ASN HA 95 -73.24 -65.48 -94.93
N ARG HA 96 -73.77 -65.43 -96.14
CA ARG HA 96 -74.07 -64.18 -96.81
C ARG HA 96 -72.79 -63.38 -97.03
N VAL HA 97 -71.92 -63.95 -97.87
CA VAL HA 97 -70.73 -63.25 -98.36
C VAL HA 97 -70.61 -63.54 -99.84
N PRO HA 98 -70.46 -62.55 -100.68
CA PRO HA 98 -70.38 -62.81 -102.12
C PRO HA 98 -69.00 -63.32 -102.51
N LEU HA 99 -68.76 -63.47 -103.81
CA LEU HA 99 -67.39 -63.48 -104.27
C LEU HA 99 -66.75 -62.16 -103.87
N ARG HA 100 -65.70 -62.22 -103.05
CA ARG HA 100 -65.18 -60.99 -102.48
C ARG HA 100 -63.67 -61.05 -102.32
N ARG HA 101 -63.03 -59.91 -102.58
CA ARG HA 101 -61.59 -59.75 -102.47
C ARG HA 101 -61.26 -59.30 -101.05
N THR HA 102 -60.56 -60.16 -100.31
CA THR HA 102 -60.10 -59.83 -98.96
C THR HA 102 -58.58 -59.80 -98.95
N HIS HA 103 -58.05 -58.99 -98.05
CA HIS HA 103 -56.62 -58.78 -97.93
C HIS HA 103 -56.02 -59.88 -97.07
N GLN HA 104 -54.88 -60.41 -97.49
CA GLN HA 104 -54.35 -61.57 -96.81
C GLN HA 104 -53.59 -61.22 -95.53
N LYS HA 105 -53.44 -59.95 -95.21
CA LYS HA 105 -52.87 -59.58 -93.93
C LYS HA 105 -53.93 -59.33 -92.87
N PHE HA 106 -55.20 -59.32 -93.24
CA PHE HA 106 -56.30 -59.03 -92.31
C PHE HA 106 -57.18 -60.25 -92.10
N VAL HA 107 -56.60 -61.44 -91.90
CA VAL HA 107 -57.40 -62.66 -91.82
C VAL HA 107 -56.56 -63.74 -91.16
N ILE HA 108 -57.23 -64.76 -90.64
CA ILE HA 108 -56.61 -65.82 -89.85
C ILE HA 108 -56.69 -67.11 -90.65
N ALA HA 109 -55.82 -68.05 -90.33
CA ALA HA 109 -55.82 -69.36 -90.97
C ALA HA 109 -56.05 -70.44 -89.92
N THR HA 110 -57.04 -71.30 -90.17
CA THR HA 110 -57.32 -72.43 -89.28
C THR HA 110 -57.03 -73.74 -90.01
N SER HA 111 -57.14 -74.85 -89.28
CA SER HA 111 -56.83 -76.17 -89.82
C SER HA 111 -58.11 -76.92 -90.19
N THR HA 112 -58.71 -76.49 -91.30
CA THR HA 112 -59.78 -77.26 -91.94
C THR HA 112 -59.73 -76.95 -93.44
N LYS HA 113 -59.03 -77.81 -94.18
CA LYS HA 113 -58.72 -77.56 -95.57
C LYS HA 113 -59.39 -78.63 -96.41
N ILE HA 114 -60.22 -78.20 -97.37
CA ILE HA 114 -61.00 -79.12 -98.19
C ILE HA 114 -60.56 -79.01 -99.64
N ASP HA 115 -61.17 -79.82 -100.49
CA ASP HA 115 -60.87 -79.76 -101.91
C ASP HA 115 -61.93 -78.94 -102.65
N ILE HA 116 -61.52 -78.35 -103.77
CA ILE HA 116 -62.32 -77.33 -104.44
C ILE HA 116 -62.11 -77.41 -105.94
N SER HA 117 -63.09 -76.93 -106.70
CA SER HA 117 -63.02 -76.86 -108.16
C SER HA 117 -64.03 -75.82 -108.66
N GLY HA 118 -63.64 -75.09 -109.70
CA GLY HA 118 -64.43 -74.00 -110.26
C GLY HA 118 -63.61 -72.73 -110.43
N VAL HA 119 -63.50 -72.24 -111.66
CA VAL HA 119 -62.38 -71.38 -112.02
C VAL HA 119 -62.77 -70.15 -112.86
N LYS HA 120 -64.05 -69.80 -112.89
CA LYS HA 120 -64.56 -68.92 -113.93
C LYS HA 120 -64.31 -67.45 -113.63
N ILE HA 121 -63.79 -66.73 -114.62
CA ILE HA 121 -63.67 -65.26 -114.68
C ILE HA 121 -63.28 -64.59 -113.36
N PRO HA 122 -62.06 -64.76 -112.87
CA PRO HA 122 -61.61 -63.90 -111.76
C PRO HA 122 -61.19 -62.51 -112.22
N LYS HA 123 -60.65 -61.73 -111.29
CA LYS HA 123 -60.30 -60.32 -111.50
C LYS HA 123 -61.45 -59.56 -112.15
N HIS HA 124 -62.50 -59.37 -111.37
CA HIS HA 124 -63.73 -58.71 -111.80
C HIS HA 124 -64.22 -57.73 -110.76
N LEU HA 125 -63.66 -57.77 -109.56
CA LEU HA 125 -64.25 -57.18 -108.37
C LEU HA 125 -63.59 -55.83 -108.10
N THR HA 126 -63.74 -54.92 -109.05
CA THR HA 126 -63.15 -53.60 -108.96
C THR HA 126 -64.26 -52.56 -108.81
N ASP HA 127 -63.95 -51.48 -108.11
CA ASP HA 127 -64.96 -50.52 -107.72
C ASP HA 127 -65.48 -49.78 -108.95
N ALA HA 128 -66.38 -48.83 -108.69
CA ALA HA 128 -67.17 -48.08 -109.66
C ALA HA 128 -68.14 -48.98 -110.42
N TYR HA 129 -68.10 -50.29 -110.19
CA TYR HA 129 -69.08 -51.22 -110.71
C TYR HA 129 -69.81 -52.00 -109.64
N PHE HA 130 -69.24 -52.13 -108.44
CA PHE HA 130 -70.12 -52.36 -107.30
C PHE HA 130 -69.60 -51.59 -106.09
N LYS HA 131 -68.98 -50.44 -106.33
CA LYS HA 131 -68.63 -49.48 -105.27
C LYS HA 131 -69.87 -48.82 -104.69
N LYS HA 132 -69.78 -48.46 -103.41
CA LYS HA 132 -70.67 -47.49 -102.77
C LYS HA 132 -70.24 -46.09 -103.19
N LYS HA 133 -70.63 -45.70 -104.41
CA LYS HA 133 -70.30 -44.38 -104.93
C LYS HA 133 -71.05 -43.25 -104.24
N GLN HA 134 -72.00 -43.57 -103.37
CA GLN HA 134 -72.92 -42.57 -102.84
C GLN HA 134 -72.19 -41.41 -102.17
N LEU HA 135 -71.22 -41.69 -101.31
CA LEU HA 135 -70.72 -40.73 -100.33
C LEU HA 135 -69.25 -40.41 -100.58
N ARG HA 136 -68.91 -40.13 -101.84
CA ARG HA 136 -67.56 -39.81 -102.23
C ARG HA 136 -67.61 -38.98 -103.50
N LYS HA 137 -66.48 -38.38 -103.86
CA LYS HA 137 -66.40 -37.48 -105.01
C LYS HA 137 -66.99 -38.01 -106.32
N PRO HA 138 -66.94 -39.32 -106.64
CA PRO HA 138 -67.43 -39.75 -107.96
C PRO HA 138 -68.91 -39.56 -108.23
N ARG HA 139 -69.34 -40.13 -109.35
CA ARG HA 139 -70.63 -40.10 -110.03
C ARG HA 139 -70.80 -38.91 -110.99
N HIS HA 140 -69.92 -37.92 -110.98
CA HIS HA 140 -69.93 -36.79 -111.93
C HIS HA 140 -68.62 -36.03 -111.76
N LYS HA 141 -68.53 -34.84 -112.39
CA LYS HA 141 -67.27 -34.09 -112.38
C LYS HA 141 -67.39 -32.62 -112.00
N GLU HA 142 -68.50 -31.94 -112.31
CA GLU HA 142 -68.57 -30.51 -112.00
C GLU HA 142 -68.73 -30.32 -110.50
N GLY HA 143 -68.38 -29.15 -110.01
CA GLY HA 143 -68.60 -28.83 -108.62
C GLY HA 143 -70.02 -28.36 -108.37
N GLU HA 144 -70.99 -29.26 -108.41
CA GLU HA 144 -72.38 -28.91 -108.18
C GLU HA 144 -72.95 -29.83 -107.11
N ILE HA 145 -74.05 -29.40 -106.50
CA ILE HA 145 -74.53 -29.98 -105.24
C ILE HA 145 -74.77 -31.47 -105.38
N PHE HA 146 -74.01 -32.25 -104.61
CA PHE HA 146 -74.24 -33.68 -104.42
C PHE HA 146 -74.73 -33.91 -102.99
N ASP HA 147 -74.84 -35.18 -102.62
CA ASP HA 147 -75.32 -35.66 -101.33
C ASP HA 147 -76.80 -35.33 -101.10
N THR HA 148 -77.48 -34.76 -102.09
CA THR HA 148 -78.89 -34.44 -102.01
C THR HA 148 -79.75 -35.18 -103.02
N GLU HA 149 -79.42 -35.08 -104.31
CA GLU HA 149 -80.16 -35.75 -105.37
C GLU HA 149 -79.69 -37.17 -105.61
N LYS HA 150 -78.61 -37.59 -104.96
CA LYS HA 150 -77.82 -38.76 -105.38
C LYS HA 150 -77.52 -39.60 -104.14
N GLU HA 151 -78.32 -40.64 -103.90
CA GLU HA 151 -78.21 -41.43 -102.68
C GLU HA 151 -78.19 -42.92 -102.95
N LYS HA 152 -77.81 -43.34 -104.14
CA LYS HA 152 -78.08 -44.69 -104.62
C LYS HA 152 -76.85 -45.57 -104.47
N TYR HA 153 -77.01 -46.71 -103.78
CA TYR HA 153 -76.07 -47.79 -103.97
C TYR HA 153 -76.77 -48.90 -104.72
N GLU HA 154 -75.98 -49.83 -105.23
CA GLU HA 154 -76.23 -50.39 -106.54
C GLU HA 154 -76.58 -51.87 -106.49
N ILE HA 155 -76.75 -52.44 -107.68
CA ILE HA 155 -77.28 -53.78 -107.88
C ILE HA 155 -76.46 -54.45 -108.98
N THR HA 156 -76.32 -55.77 -108.88
CA THR HA 156 -75.68 -56.57 -109.92
C THR HA 156 -76.70 -57.52 -110.53
N GLU HA 157 -76.34 -58.11 -111.67
CA GLU HA 157 -77.21 -59.11 -112.28
C GLU HA 157 -76.42 -60.34 -112.70
N GLN HA 158 -75.12 -60.19 -112.94
CA GLN HA 158 -74.30 -61.32 -113.29
C GLN HA 158 -73.50 -61.86 -112.11
N ARG HA 159 -73.34 -61.04 -111.06
CA ARG HA 159 -72.73 -61.55 -109.85
C ARG HA 159 -73.55 -62.67 -109.26
N LYS HA 160 -74.88 -62.56 -109.31
CA LYS HA 160 -75.73 -63.68 -108.89
C LYS HA 160 -75.40 -64.93 -109.70
N VAL HA 161 -75.26 -64.78 -111.01
CA VAL HA 161 -75.01 -65.92 -111.87
C VAL HA 161 -73.70 -66.59 -111.52
N ASP HA 162 -72.64 -65.80 -111.43
CA ASP HA 162 -71.33 -66.35 -111.11
C ASP HA 162 -71.31 -66.94 -109.70
N GLN HA 163 -72.00 -66.30 -108.76
CA GLN HA 163 -72.14 -66.84 -107.42
C GLN HA 163 -72.71 -68.25 -107.46
N LYS HA 164 -73.82 -68.43 -108.16
CA LYS HA 164 -74.42 -69.76 -108.25
C LYS HA 164 -73.47 -70.73 -108.94
N ALA HA 165 -72.84 -70.29 -110.03
CA ALA HA 165 -71.98 -71.19 -110.80
C ALA HA 165 -70.81 -71.70 -109.98
N VAL HA 166 -70.20 -70.83 -109.17
CA VAL HA 166 -69.04 -71.22 -108.39
C VAL HA 166 -69.45 -71.96 -107.12
N ASP HA 167 -70.64 -71.66 -106.60
CA ASP HA 167 -71.01 -72.18 -105.29
C ASP HA 167 -71.77 -73.49 -105.36
N SER HA 168 -72.44 -73.79 -106.47
CA SER HA 168 -73.13 -75.06 -106.58
C SER HA 168 -72.16 -76.23 -106.70
N GLN HA 169 -70.94 -75.98 -107.13
CA GLN HA 169 -69.91 -77.01 -107.15
C GLN HA 169 -69.24 -77.18 -105.81
N ILE HA 170 -69.53 -76.30 -104.85
CA ILE HA 170 -68.95 -76.39 -103.52
C ILE HA 170 -69.97 -76.80 -102.47
N LEU HA 171 -71.25 -76.53 -102.70
CA LEU HA 171 -72.28 -76.95 -101.75
C LEU HA 171 -72.23 -78.45 -101.45
N PRO HA 172 -72.05 -79.35 -102.42
CA PRO HA 172 -71.75 -80.73 -102.03
C PRO HA 172 -70.51 -80.84 -101.18
N LYS HA 173 -69.47 -80.06 -101.48
CA LYS HA 173 -68.19 -80.26 -100.82
C LYS HA 173 -68.27 -79.96 -99.33
N ILE HA 174 -68.99 -78.92 -98.93
CA ILE HA 174 -69.05 -78.55 -97.53
C ILE HA 174 -69.75 -79.64 -96.71
N LYS HA 175 -70.82 -80.21 -97.26
CA LYS HA 175 -71.68 -81.08 -96.46
C LYS HA 175 -71.01 -82.39 -96.09
N ALA HA 176 -69.95 -82.78 -96.80
CA ALA HA 176 -69.38 -84.11 -96.61
C ALA HA 176 -68.98 -84.36 -95.16
N VAL HA 177 -68.19 -83.47 -94.57
CA VAL HA 177 -67.71 -83.64 -93.21
C VAL HA 177 -68.80 -83.18 -92.24
N PRO HA 178 -68.74 -83.53 -90.96
CA PRO HA 178 -69.82 -83.15 -90.06
C PRO HA 178 -69.77 -81.68 -89.68
N GLN HA 179 -70.96 -81.11 -89.46
CA GLN HA 179 -71.14 -79.81 -88.82
C GLN HA 179 -70.40 -78.69 -89.52
N LEU HA 180 -70.03 -78.88 -90.79
CA LEU HA 180 -69.28 -77.86 -91.50
C LEU HA 180 -70.15 -76.65 -91.83
N GLN HA 181 -71.38 -76.88 -92.29
CA GLN HA 181 -72.25 -75.76 -92.59
C GLN HA 181 -72.57 -74.97 -91.33
N GLY HA 182 -72.80 -75.66 -90.21
CA GLY HA 182 -73.00 -74.94 -88.96
C GLY HA 182 -71.77 -74.16 -88.54
N TYR HA 183 -70.59 -74.74 -88.69
CA TYR HA 183 -69.38 -74.03 -88.33
C TYR HA 183 -69.23 -72.77 -89.16
N LEU HA 184 -69.35 -72.90 -90.48
CA LEU HA 184 -69.25 -71.73 -91.34
C LEU HA 184 -70.33 -70.71 -91.05
N ARG HA 185 -71.51 -71.16 -90.62
CA ARG HA 185 -72.56 -70.23 -90.24
C ARG HA 185 -72.22 -69.48 -88.96
N SER HA 186 -71.45 -70.10 -88.07
CA SER HA 186 -71.11 -69.45 -86.81
C SER HA 186 -70.25 -68.22 -87.06
N VAL HA 187 -69.86 -67.57 -85.97
CA VAL HA 187 -68.86 -66.50 -86.03
C VAL HA 187 -67.74 -66.87 -85.06
N PHE HA 188 -66.72 -66.03 -84.99
CA PHE HA 188 -65.61 -66.25 -84.07
C PHE HA 188 -65.48 -65.04 -83.18
N ALA HA 189 -65.60 -65.25 -81.87
CA ALA HA 189 -65.55 -64.16 -80.93
C ALA HA 189 -64.70 -64.55 -79.74
N LEU HA 190 -64.10 -63.57 -79.11
CA LEU HA 190 -63.20 -63.77 -77.99
C LEU HA 190 -63.95 -63.45 -76.70
N THR HA 191 -63.92 -64.40 -75.76
CA THR HA 191 -64.59 -64.19 -74.49
C THR HA 191 -63.63 -64.38 -73.34
N ASN HA 192 -64.14 -64.45 -72.11
CA ASN HA 192 -63.30 -64.67 -70.95
C ASN HA 192 -62.40 -65.88 -71.17
N GLY HA 193 -61.11 -65.70 -70.90
CA GLY HA 193 -60.19 -66.80 -71.01
C GLY HA 193 -60.09 -67.37 -72.41
N VAL HA 194 -60.05 -66.52 -73.42
CA VAL HA 194 -59.69 -66.94 -74.76
C VAL HA 194 -58.57 -66.03 -75.24
N TYR HA 195 -57.35 -66.56 -75.26
CA TYR HA 195 -56.13 -65.79 -75.42
C TYR HA 195 -55.39 -66.36 -76.60
N PRO HA 196 -55.51 -65.73 -77.77
CA PRO HA 196 -55.15 -66.42 -79.01
C PRO HA 196 -53.72 -66.89 -79.05
N HIS HA 197 -52.81 -66.25 -78.33
CA HIS HA 197 -51.45 -66.75 -78.34
C HIS HA 197 -51.32 -68.07 -77.61
N LYS HA 198 -51.99 -68.25 -76.49
CA LYS HA 198 -52.04 -69.55 -75.85
C LYS HA 198 -53.00 -70.49 -76.57
N LEU HA 199 -53.75 -69.97 -77.51
CA LEU HA 199 -54.70 -70.77 -78.28
C LEU HA 199 -54.10 -71.13 -79.64
N VAL HA 200 -54.68 -72.13 -80.29
CA VAL HA 200 -54.34 -72.48 -81.66
C VAL HA 200 -55.48 -72.06 -82.58
N PHE HA 201 -55.15 -71.58 -83.76
CA PHE HA 201 -56.15 -71.30 -84.79
C PHE HA 201 -55.95 -72.25 -85.98
N ASN IA 1 -11.23 -36.49 -140.11
CA ASN IA 1 -12.18 -35.50 -139.64
C ASN IA 1 -13.00 -36.06 -138.49
N PHE IA 2 -14.28 -35.68 -138.45
CA PHE IA 2 -15.12 -36.02 -137.31
C PHE IA 2 -15.28 -37.52 -137.12
N ALA IA 3 -15.45 -38.27 -138.21
CA ALA IA 3 -15.50 -39.72 -138.09
C ALA IA 3 -14.20 -40.24 -137.49
N GLU IA 4 -13.08 -39.60 -137.82
CA GLU IA 4 -11.79 -40.09 -137.34
C GLU IA 4 -11.58 -39.77 -135.87
N LEU IA 5 -11.99 -38.58 -135.42
CA LEU IA 5 -11.96 -38.30 -133.99
C LEU IA 5 -12.96 -39.15 -133.24
N LYS IA 6 -14.06 -39.53 -133.89
CA LYS IA 6 -14.96 -40.53 -133.32
C LYS IA 6 -14.24 -41.85 -133.13
N ILE IA 7 -13.46 -42.26 -134.13
CA ILE IA 7 -12.68 -43.49 -134.00
C ILE IA 7 -11.70 -43.38 -132.84
N LYS IA 8 -11.02 -42.25 -132.71
CA LYS IA 8 -10.06 -42.08 -131.63
C LYS IA 8 -10.74 -42.06 -130.27
N ARG IA 9 -11.92 -41.44 -130.18
CA ARG IA 9 -12.66 -41.45 -128.93
C ARG IA 9 -13.09 -42.87 -128.57
N LEU IA 10 -13.54 -43.65 -129.56
CA LEU IA 10 -13.90 -45.03 -129.29
C LEU IA 10 -12.67 -45.83 -128.89
N ARG IA 11 -11.52 -45.53 -129.48
CA ARG IA 11 -10.28 -46.16 -129.04
C ARG IA 11 -10.02 -45.87 -127.57
N LYS IA 12 -10.13 -44.61 -127.19
CA LYS IA 12 -9.87 -44.24 -125.80
C LYS IA 12 -10.84 -44.95 -124.85
N LYS IA 13 -12.12 -44.96 -125.20
CA LYS IA 13 -13.12 -45.63 -124.36
C LYS IA 13 -12.84 -47.13 -124.27
N PHE IA 14 -12.57 -47.77 -125.39
CA PHE IA 14 -12.23 -49.18 -125.31
C PHE IA 14 -10.97 -49.36 -124.48
N ALA IA 15 -10.08 -48.37 -124.47
CA ALA IA 15 -8.88 -48.51 -123.65
C ALA IA 15 -9.24 -48.65 -122.18
N GLN IA 16 -10.19 -47.85 -121.70
CA GLN IA 16 -10.58 -48.00 -120.30
C GLN IA 16 -11.28 -49.33 -120.07
N LYS IA 17 -12.08 -49.80 -121.04
CA LYS IA 17 -12.73 -51.10 -120.85
C LYS IA 17 -11.71 -52.24 -120.80
N MET IA 18 -10.85 -52.29 -121.80
CA MET IA 18 -9.62 -53.06 -121.80
C MET IA 18 -8.96 -53.10 -120.42
N LEU IA 19 -8.61 -51.94 -119.91
CA LEU IA 19 -7.85 -51.88 -118.68
C LEU IA 19 -8.66 -52.41 -117.50
N ARG IA 20 -9.93 -52.03 -117.40
CA ARG IA 20 -10.74 -52.47 -116.28
C ARG IA 20 -10.91 -53.98 -116.27
N LYS IA 21 -11.09 -54.57 -117.45
CA LYS IA 21 -11.19 -56.02 -117.50
C LYS IA 21 -9.90 -56.67 -117.01
N ALA IA 22 -8.76 -56.15 -117.47
CA ALA IA 22 -7.50 -56.70 -116.99
C ALA IA 22 -7.41 -56.59 -115.47
N ARG IA 23 -7.80 -55.43 -114.94
CA ARG IA 23 -7.76 -55.21 -113.50
C ARG IA 23 -8.61 -56.24 -112.76
N ARG IA 24 -9.86 -56.39 -113.17
CA ARG IA 24 -10.74 -57.30 -112.44
C ARG IA 24 -10.23 -58.72 -112.52
N LYS IA 25 -9.66 -59.12 -113.66
CA LYS IA 25 -9.07 -60.45 -113.72
C LYS IA 25 -7.99 -60.60 -112.67
N LEU IA 26 -7.12 -59.61 -112.58
CA LEU IA 26 -6.02 -59.70 -111.62
C LEU IA 26 -6.55 -59.77 -110.20
N ILE IA 27 -7.57 -58.97 -109.89
CA ILE IA 27 -8.13 -58.96 -108.53
C ILE IA 27 -8.68 -60.34 -108.19
N TYR IA 28 -9.46 -60.90 -109.11
CA TYR IA 28 -10.05 -62.20 -108.86
C TYR IA 28 -8.98 -63.26 -108.62
N GLU IA 29 -7.94 -63.27 -109.46
CA GLU IA 29 -6.92 -64.30 -109.31
C GLU IA 29 -6.15 -64.14 -108.00
N LYS IA 30 -5.76 -62.90 -107.68
CA LYS IA 30 -5.04 -62.70 -106.43
C LYS IA 30 -5.89 -63.10 -105.24
N ALA IA 31 -7.20 -62.85 -105.31
CA ALA IA 31 -8.07 -63.29 -104.23
C ALA IA 31 -8.07 -64.81 -104.10
N LYS IA 32 -8.14 -65.52 -105.23
CA LYS IA 32 -8.09 -66.98 -105.14
C LYS IA 32 -6.78 -67.44 -104.52
N HIS IA 33 -5.69 -66.82 -104.93
CA HIS IA 33 -4.39 -67.21 -104.37
C HIS IA 33 -4.36 -66.97 -102.87
N TYR IA 34 -4.99 -65.88 -102.42
CA TYR IA 34 -5.02 -65.61 -100.98
C TYR IA 34 -5.86 -66.64 -100.25
N HIS IA 35 -6.96 -67.08 -100.86
CA HIS IA 35 -7.71 -68.19 -100.29
C HIS IA 35 -6.81 -69.40 -100.05
N LYS IA 36 -6.09 -69.82 -101.08
CA LYS IA 36 -5.23 -70.98 -100.93
C LYS IA 36 -4.17 -70.73 -99.87
N GLU IA 37 -3.67 -69.50 -99.81
CA GLU IA 37 -2.65 -69.15 -98.82
C GLU IA 37 -3.16 -69.33 -97.40
N TYR IA 38 -4.34 -68.76 -97.10
CA TYR IA 38 -4.87 -68.88 -95.75
C TYR IA 38 -5.11 -70.33 -95.40
N ARG IA 39 -5.69 -71.10 -96.32
CA ARG IA 39 -5.95 -72.50 -96.02
C ARG IA 39 -4.66 -73.25 -95.72
N GLN IA 40 -3.62 -73.03 -96.54
CA GLN IA 40 -2.36 -73.72 -96.32
C GLN IA 40 -1.78 -73.36 -94.97
N MET IA 41 -1.75 -72.07 -94.64
CA MET IA 41 -1.11 -71.65 -93.40
C MET IA 41 -1.93 -72.03 -92.18
N TYR IA 42 -3.23 -72.27 -92.34
CA TYR IA 42 -4.01 -72.83 -91.23
C TYR IA 42 -3.67 -74.29 -91.03
N ARG IA 43 -3.82 -75.09 -92.10
CA ARG IA 43 -3.58 -76.52 -91.98
C ARG IA 43 -2.17 -76.81 -91.51
N THR IA 44 -1.20 -75.95 -91.84
CA THR IA 44 0.17 -76.21 -91.45
C THR IA 44 0.33 -76.28 -89.93
N GLU IA 45 -0.33 -75.37 -89.21
CA GLU IA 45 -0.21 -75.39 -87.76
C GLU IA 45 -0.83 -76.65 -87.16
N ILE IA 46 -1.99 -77.06 -87.68
CA ILE IA 46 -2.61 -78.30 -87.22
C ILE IA 46 -1.67 -79.46 -87.45
N ARG IA 47 -1.06 -79.51 -88.64
CA ARG IA 47 -0.17 -80.60 -88.98
C ARG IA 47 1.01 -80.64 -88.02
N MET IA 48 1.59 -79.48 -87.73
CA MET IA 48 2.70 -79.44 -86.78
C MET IA 48 2.25 -79.90 -85.40
N ALA IA 49 1.04 -79.52 -85.00
CA ALA IA 49 0.53 -79.96 -83.70
C ALA IA 49 0.45 -81.48 -83.64
N ARG IA 50 -0.19 -82.08 -84.64
CA ARG IA 50 -0.31 -83.54 -84.66
C ARG IA 50 1.05 -84.19 -84.63
N MET IA 51 1.98 -83.69 -85.43
CA MET IA 51 3.26 -84.36 -85.56
C MET IA 51 4.07 -84.27 -84.27
N ALA IA 52 4.05 -83.11 -83.60
CA ALA IA 52 4.72 -83.03 -82.31
C ALA IA 52 4.09 -83.95 -81.28
N ARG IA 53 2.77 -83.90 -81.14
CA ARG IA 53 2.12 -84.71 -80.11
C ARG IA 53 2.36 -86.19 -80.35
N LYS IA 54 2.30 -86.63 -81.61
CA LYS IA 54 2.64 -88.02 -81.90
C LYS IA 54 4.09 -88.30 -81.54
N ALA IA 55 4.99 -87.37 -81.84
CA ALA IA 55 6.39 -87.54 -81.44
C ALA IA 55 6.53 -87.64 -79.93
N GLY IA 56 5.53 -87.20 -79.18
CA GLY IA 56 5.57 -87.27 -77.74
C GLY IA 56 6.14 -86.04 -77.07
N ASN IA 57 6.61 -85.07 -77.84
CA ASN IA 57 7.07 -83.79 -77.34
C ASN IA 57 5.97 -82.76 -77.50
N PHE IA 58 6.27 -81.53 -77.15
CA PHE IA 58 5.28 -80.48 -77.09
C PHE IA 58 5.54 -79.45 -78.18
N TYR IA 59 4.45 -78.94 -78.76
CA TYR IA 59 4.50 -77.94 -79.81
C TYR IA 59 4.01 -76.61 -79.26
N VAL IA 60 4.88 -75.61 -79.31
CA VAL IA 60 4.55 -74.26 -78.89
C VAL IA 60 4.57 -73.37 -80.13
N PRO IA 61 3.51 -72.60 -80.39
CA PRO IA 61 3.51 -71.76 -81.58
C PRO IA 61 4.37 -70.53 -81.38
N ALA IA 62 4.52 -69.77 -82.46
CA ALA IA 62 5.11 -68.45 -82.37
C ALA IA 62 4.04 -67.45 -81.96
N GLU IA 63 4.10 -67.00 -80.71
CA GLU IA 63 3.05 -66.15 -80.20
C GLU IA 63 2.93 -64.90 -81.06
N PRO IA 64 1.72 -64.38 -81.24
CA PRO IA 64 1.37 -63.74 -82.51
C PRO IA 64 2.07 -62.41 -82.71
N LYS IA 65 1.99 -61.93 -83.94
CA LYS IA 65 2.53 -60.65 -84.32
C LYS IA 65 1.48 -59.55 -84.32
N LEU IA 66 0.20 -59.91 -84.38
CA LEU IA 66 -0.88 -58.95 -84.55
C LEU IA 66 -1.81 -59.03 -83.36
N ALA IA 67 -2.15 -57.88 -82.79
CA ALA IA 67 -3.19 -57.83 -81.78
C ALA IA 67 -4.20 -56.77 -82.16
N PHE IA 68 -5.38 -56.87 -81.55
CA PHE IA 68 -6.43 -55.89 -81.72
C PHE IA 68 -6.71 -55.26 -80.38
N VAL IA 69 -6.75 -53.93 -80.34
CA VAL IA 69 -6.81 -53.17 -79.10
C VAL IA 69 -8.06 -52.31 -79.11
N ILE IA 70 -8.81 -52.35 -78.01
CA ILE IA 70 -10.01 -51.53 -77.86
C ILE IA 70 -9.87 -50.71 -76.59
N ARG IA 71 -10.32 -49.47 -76.63
CA ARG IA 71 -10.38 -48.66 -75.43
C ARG IA 71 -11.73 -48.86 -74.78
N ILE IA 72 -11.75 -49.02 -73.46
CA ILE IA 72 -12.99 -49.33 -72.78
C ILE IA 72 -13.33 -48.31 -71.70
N ARG IA 73 -12.33 -47.70 -71.08
CA ARG IA 73 -12.60 -46.72 -70.04
C ARG IA 73 -12.75 -45.34 -70.67
N GLY IA 74 -13.26 -44.43 -69.86
CA GLY IA 74 -13.78 -43.19 -70.39
C GLY IA 74 -12.74 -42.24 -70.92
N ILE IA 75 -13.12 -40.97 -70.97
CA ILE IA 75 -12.19 -39.90 -71.33
C ILE IA 75 -11.89 -38.99 -70.15
N ASN IA 76 -12.69 -39.03 -69.09
CA ASN IA 76 -12.54 -38.08 -68.01
C ASN IA 76 -11.45 -38.51 -67.06
N GLY IA 77 -10.60 -37.56 -66.67
CA GLY IA 77 -9.69 -37.75 -65.57
C GLY IA 77 -8.47 -38.60 -65.83
N VAL IA 78 -8.20 -38.98 -67.07
CA VAL IA 78 -7.11 -39.91 -67.34
C VAL IA 78 -5.77 -39.30 -66.96
N SER IA 79 -4.82 -40.16 -66.60
CA SER IA 79 -3.47 -39.74 -66.27
C SER IA 79 -2.73 -39.28 -67.53
N PRO IA 80 -1.62 -38.56 -67.39
CA PRO IA 80 -0.97 -38.01 -68.58
C PRO IA 80 -0.25 -39.04 -69.44
N LYS IA 81 0.48 -39.98 -68.82
CA LYS IA 81 1.13 -41.02 -69.61
C LYS IA 81 0.10 -41.77 -70.45
N VAL IA 82 -0.95 -42.26 -69.82
CA VAL IA 82 -1.96 -43.00 -70.56
C VAL IA 82 -2.67 -42.10 -71.55
N ARG IA 83 -2.78 -40.82 -71.23
CA ARG IA 83 -3.34 -39.88 -72.20
C ARG IA 83 -2.52 -39.86 -73.48
N LYS IA 84 -1.22 -39.67 -73.35
CA LYS IA 84 -0.41 -39.59 -74.57
C LYS IA 84 -0.28 -40.95 -75.25
N VAL IA 85 -0.29 -42.04 -74.48
CA VAL IA 85 -0.18 -43.35 -75.12
C VAL IA 85 -1.42 -43.68 -75.93
N LEU IA 86 -2.60 -43.36 -75.41
CA LEU IA 86 -3.80 -43.52 -76.22
C LEU IA 86 -3.77 -42.58 -77.41
N GLN IA 87 -3.25 -41.38 -77.23
CA GLN IA 87 -3.11 -40.49 -78.37
C GLN IA 87 -2.21 -41.13 -79.44
N LEU IA 88 -1.14 -41.79 -79.02
CA LEU IA 88 -0.20 -42.39 -79.98
C LEU IA 88 -0.82 -43.56 -80.69
N LEU IA 89 -1.51 -44.44 -79.97
CA LEU IA 89 -2.23 -45.51 -80.65
C LEU IA 89 -3.38 -44.99 -81.48
N ARG IA 90 -3.71 -43.70 -81.34
CA ARG IA 90 -4.74 -43.07 -82.16
C ARG IA 90 -6.05 -43.83 -82.00
N LEU IA 91 -6.30 -44.23 -80.77
CA LEU IA 91 -7.63 -44.53 -80.26
C LEU IA 91 -7.91 -43.50 -79.18
N ARG IA 92 -8.95 -42.70 -79.38
CA ARG IA 92 -9.15 -41.56 -78.51
C ARG IA 92 -10.48 -41.62 -77.74
N GLN IA 93 -11.63 -41.69 -78.40
CA GLN IA 93 -12.86 -41.75 -77.62
C GLN IA 93 -13.10 -43.16 -77.13
N ILE IA 94 -14.14 -43.32 -76.31
CA ILE IA 94 -14.44 -44.64 -75.80
C ILE IA 94 -14.82 -45.55 -76.96
N PHE IA 95 -14.59 -46.84 -76.77
CA PHE IA 95 -14.94 -47.88 -77.74
C PHE IA 95 -14.38 -47.59 -79.12
N ASN IA 96 -13.05 -47.46 -79.19
CA ASN IA 96 -12.31 -47.43 -80.43
C ASN IA 96 -11.37 -48.62 -80.50
N GLY IA 97 -11.16 -49.15 -81.68
CA GLY IA 97 -10.36 -50.35 -81.85
C GLY IA 97 -9.44 -50.24 -83.03
N THR IA 98 -8.19 -50.64 -82.83
CA THR IA 98 -7.18 -50.56 -83.86
C THR IA 98 -6.39 -51.86 -83.89
N PHE IA 99 -5.62 -52.04 -84.96
CA PHE IA 99 -4.69 -53.14 -85.06
C PHE IA 99 -3.30 -52.70 -84.60
N VAL IA 100 -2.54 -53.66 -84.10
CA VAL IA 100 -1.25 -53.35 -83.50
C VAL IA 100 -0.21 -54.40 -83.87
N LYS IA 101 0.87 -53.94 -84.49
CA LYS IA 101 2.09 -54.71 -84.62
C LYS IA 101 2.59 -55.12 -83.25
N LEU IA 102 2.94 -56.39 -83.07
CA LEU IA 102 3.47 -56.86 -81.80
C LEU IA 102 4.98 -56.91 -81.85
N ASN IA 103 5.61 -56.39 -80.81
CA ASN IA 103 7.05 -56.48 -80.62
C ASN IA 103 7.37 -55.94 -79.23
N LYS IA 104 8.65 -56.00 -78.89
CA LYS IA 104 9.07 -55.64 -77.54
C LYS IA 104 8.68 -54.21 -77.19
N ALA IA 105 8.72 -53.30 -78.16
CA ALA IA 105 8.34 -51.93 -77.91
C ALA IA 105 6.83 -51.80 -77.66
N SER IA 106 6.02 -52.37 -78.54
CA SER IA 106 4.57 -52.19 -78.43
C SER IA 106 4.01 -52.88 -77.21
N ILE IA 107 4.56 -54.02 -76.82
CA ILE IA 107 4.04 -54.69 -75.63
C ILE IA 107 4.16 -53.78 -74.42
N ASN IA 108 5.36 -53.25 -74.19
CA ASN IA 108 5.56 -52.38 -73.05
C ASN IA 108 4.82 -51.06 -73.22
N MET IA 109 4.54 -50.65 -74.45
CA MET IA 109 3.68 -49.49 -74.63
C MET IA 109 2.27 -49.78 -74.14
N LEU IA 110 1.76 -50.99 -74.40
CA LEU IA 110 0.43 -51.35 -73.96
C LEU IA 110 0.35 -51.62 -72.47
N ARG IA 111 1.46 -52.01 -71.85
CA ARG IA 111 1.44 -52.33 -70.42
C ARG IA 111 1.20 -51.12 -69.54
N ILE IA 112 1.61 -49.92 -69.95
CA ILE IA 112 1.44 -48.74 -69.12
C ILE IA 112 0.07 -48.11 -69.30
N VAL IA 113 -0.73 -48.61 -70.24
CA VAL IA 113 -2.10 -48.15 -70.38
C VAL IA 113 -2.98 -49.36 -70.07
N GLU IA 114 -2.50 -50.18 -69.15
CA GLU IA 114 -3.07 -51.47 -68.80
C GLU IA 114 -4.58 -51.43 -68.69
N PRO IA 115 -5.16 -50.71 -67.72
CA PRO IA 115 -6.57 -50.91 -67.42
C PRO IA 115 -7.52 -50.23 -68.38
N TYR IA 116 -7.03 -49.48 -69.36
CA TYR IA 116 -7.95 -48.79 -70.27
C TYR IA 116 -8.26 -49.56 -71.52
N ILE IA 117 -7.68 -50.74 -71.75
CA ILE IA 117 -7.87 -51.41 -73.01
C ILE IA 117 -8.34 -52.84 -72.77
N ALA IA 118 -9.03 -53.37 -73.77
CA ALA IA 118 -9.28 -54.79 -73.92
C ALA IA 118 -8.68 -55.18 -75.24
N TRP IA 119 -7.69 -56.06 -75.22
CA TRP IA 119 -6.93 -56.38 -76.42
C TRP IA 119 -6.65 -57.87 -76.47
N GLY IA 120 -6.51 -58.37 -77.69
CA GLY IA 120 -6.28 -59.78 -77.87
C GLY IA 120 -5.84 -60.15 -79.27
N TYR IA 121 -5.98 -61.41 -79.64
CA TYR IA 121 -5.46 -61.85 -80.93
C TYR IA 121 -6.64 -62.03 -81.88
N PRO IA 122 -6.79 -61.20 -82.89
CA PRO IA 122 -7.93 -61.36 -83.79
C PRO IA 122 -7.76 -62.62 -84.60
N ASN IA 123 -8.88 -63.18 -85.02
CA ASN IA 123 -8.86 -64.23 -86.01
C ASN IA 123 -9.27 -63.65 -87.36
N LEU IA 124 -8.86 -64.34 -88.42
CA LEU IA 124 -9.04 -63.76 -89.75
C LEU IA 124 -10.50 -63.46 -90.06
N LYS IA 125 -11.45 -64.22 -89.51
CA LYS IA 125 -12.84 -63.81 -89.66
C LYS IA 125 -13.10 -62.48 -88.97
N SER IA 126 -12.52 -62.30 -87.78
CA SER IA 126 -12.67 -61.06 -87.03
C SER IA 126 -11.95 -59.89 -87.66
N VAL IA 127 -11.01 -60.15 -88.56
CA VAL IA 127 -10.43 -59.06 -89.35
C VAL IA 127 -11.29 -58.79 -90.57
N ASN IA 128 -11.81 -59.85 -91.16
CA ASN IA 128 -12.59 -59.74 -92.37
C ASN IA 128 -13.84 -58.93 -92.12
N GLU IA 129 -14.54 -59.26 -91.03
CA GLU IA 129 -15.76 -58.55 -90.71
C GLU IA 129 -15.47 -57.08 -90.41
N LEU IA 130 -14.46 -56.81 -89.59
CA LEU IA 130 -14.09 -55.43 -89.29
C LEU IA 130 -13.86 -54.63 -90.55
N ILE IA 131 -12.87 -55.03 -91.35
CA ILE IA 131 -12.49 -54.20 -92.48
C ILE IA 131 -13.64 -54.07 -93.46
N TYR IA 132 -14.36 -55.15 -93.73
CA TYR IA 132 -15.44 -55.06 -94.70
C TYR IA 132 -16.54 -54.14 -94.21
N LYS IA 133 -16.90 -54.22 -92.93
CA LYS IA 133 -18.12 -53.53 -92.51
C LYS IA 133 -17.85 -52.12 -92.02
N ARG IA 134 -16.86 -51.93 -91.17
CA ARG IA 134 -16.55 -50.62 -90.62
C ARG IA 134 -15.11 -50.22 -90.88
N GLY IA 135 -14.68 -50.34 -92.13
CA GLY IA 135 -13.37 -49.85 -92.56
C GLY IA 135 -13.54 -48.60 -93.40
N TYR IA 136 -13.04 -47.49 -92.88
CA TYR IA 136 -13.00 -46.23 -93.61
C TYR IA 136 -11.56 -45.79 -93.76
N GLY IA 137 -11.17 -45.46 -94.98
CA GLY IA 137 -9.82 -45.01 -95.22
C GLY IA 137 -9.62 -43.62 -94.68
N LYS IA 138 -8.40 -43.12 -94.87
CA LYS IA 138 -8.03 -41.76 -94.45
C LYS IA 138 -7.36 -41.10 -95.65
N ILE IA 139 -8.17 -40.54 -96.53
CA ILE IA 139 -7.67 -39.88 -97.74
C ILE IA 139 -7.71 -38.38 -97.54
N ASN IA 140 -6.57 -37.73 -97.75
CA ASN IA 140 -6.48 -36.27 -97.66
C ASN IA 140 -7.00 -35.78 -96.32
N LYS IA 141 -6.67 -36.51 -95.26
CA LYS IA 141 -7.18 -36.25 -93.92
C LYS IA 141 -8.69 -36.18 -93.87
N LYS IA 142 -9.38 -36.79 -94.83
CA LYS IA 142 -10.82 -36.69 -94.99
C LYS IA 142 -11.38 -38.10 -95.07
N ARG IA 143 -11.63 -38.71 -93.93
CA ARG IA 143 -12.19 -40.05 -93.85
C ARG IA 143 -13.30 -40.24 -94.88
N ILE IA 144 -13.27 -41.35 -95.58
CA ILE IA 144 -14.33 -41.70 -96.50
C ILE IA 144 -14.63 -43.19 -96.39
N ALA IA 145 -15.72 -43.59 -97.03
CA ALA IA 145 -16.27 -44.92 -96.89
C ALA IA 145 -15.74 -45.83 -97.98
N LEU IA 146 -15.19 -46.97 -97.59
CA LEU IA 146 -14.56 -47.87 -98.55
C LEU IA 146 -15.60 -48.56 -99.42
N THR IA 147 -16.30 -47.78 -100.23
CA THR IA 147 -17.28 -48.38 -101.12
C THR IA 147 -16.61 -49.12 -102.27
N ASP IA 148 -15.93 -48.41 -103.14
CA ASP IA 148 -15.30 -49.00 -104.31
C ASP IA 148 -13.96 -49.58 -103.89
N ASN IA 149 -13.15 -49.97 -104.87
CA ASN IA 149 -11.82 -50.49 -104.60
C ASN IA 149 -10.72 -49.55 -105.06
N THR IA 150 -11.02 -48.67 -106.00
CA THR IA 150 -10.02 -47.74 -106.51
C THR IA 150 -9.52 -46.83 -105.40
N LEU IA 151 -10.33 -46.56 -104.39
CA LEU IA 151 -9.86 -45.75 -103.28
C LEU IA 151 -8.63 -46.37 -102.64
N ILE IA 152 -8.73 -47.66 -102.28
CA ILE IA 152 -7.61 -48.35 -101.69
C ILE IA 152 -6.45 -48.41 -102.67
N ALA IA 153 -6.77 -48.72 -103.93
CA ALA IA 153 -5.71 -48.85 -104.94
C ALA IA 153 -4.90 -47.57 -105.02
N ARG IA 154 -5.55 -46.42 -105.05
CA ARG IA 154 -4.84 -45.17 -105.18
C ARG IA 154 -4.09 -44.80 -103.91
N SER IA 155 -4.71 -44.96 -102.75
CA SER IA 155 -4.03 -44.52 -101.54
C SER IA 155 -2.98 -45.50 -101.04
N LEU IA 156 -2.85 -46.67 -101.67
CA LEU IA 156 -1.79 -47.61 -101.30
C LEU IA 156 -1.07 -48.16 -102.53
N GLY IA 157 -1.16 -47.49 -103.67
CA GLY IA 157 -0.59 -48.04 -104.89
C GLY IA 157 0.88 -48.35 -104.78
N LYS IA 158 1.65 -47.47 -104.14
CA LYS IA 158 3.09 -47.63 -104.06
C LYS IA 158 3.48 -48.94 -103.38
N TYR IA 159 2.59 -49.53 -102.59
CA TYR IA 159 2.87 -50.79 -101.93
C TYR IA 159 2.20 -51.97 -102.62
N ASN IA 160 1.67 -51.77 -103.83
CA ASN IA 160 0.99 -52.83 -104.56
C ASN IA 160 -0.19 -53.39 -103.77
N ILE IA 161 -1.01 -52.52 -103.19
CA ILE IA 161 -2.19 -52.92 -102.43
C ILE IA 161 -3.38 -52.34 -103.14
N ILE IA 162 -4.03 -53.13 -103.97
CA ILE IA 162 -4.96 -52.57 -104.93
C ILE IA 162 -6.36 -53.12 -104.72
N CYS IA 163 -6.52 -54.09 -103.84
CA CYS IA 163 -7.82 -54.70 -103.65
C CYS IA 163 -8.09 -54.94 -102.18
N MET IA 164 -9.37 -55.05 -101.85
CA MET IA 164 -9.78 -55.20 -100.46
C MET IA 164 -9.18 -56.46 -99.85
N GLU IA 165 -9.21 -57.56 -100.59
CA GLU IA 165 -8.67 -58.81 -100.07
C GLU IA 165 -7.18 -58.70 -99.82
N ASP IA 166 -6.45 -58.00 -100.67
CA ASP IA 166 -5.02 -57.87 -100.43
C ASP IA 166 -4.75 -56.96 -99.24
N LEU IA 167 -5.56 -55.91 -99.07
CA LEU IA 167 -5.41 -55.04 -97.91
C LEU IA 167 -5.65 -55.81 -96.62
N ILE IA 168 -6.66 -56.68 -96.59
CA ILE IA 168 -6.81 -57.53 -95.43
C ILE IA 168 -5.63 -58.49 -95.33
N HIS IA 169 -5.06 -58.89 -96.46
CA HIS IA 169 -4.01 -59.88 -96.38
C HIS IA 169 -2.81 -59.35 -95.64
N GLU IA 170 -2.39 -58.12 -95.93
CA GLU IA 170 -1.24 -57.63 -95.16
C GLU IA 170 -1.54 -57.60 -93.67
N ILE IA 171 -2.69 -57.01 -93.30
CA ILE IA 171 -2.97 -56.81 -91.88
C ILE IA 171 -3.04 -58.14 -91.14
N TYR IA 172 -3.57 -59.18 -91.77
CA TYR IA 172 -3.56 -60.46 -91.06
C TYR IA 172 -2.23 -61.18 -91.19
N THR IA 173 -1.41 -60.83 -92.18
CA THR IA 173 -0.15 -61.54 -92.39
C THR IA 173 0.98 -60.55 -92.39
N VAL IA 174 1.08 -59.75 -91.32
CA VAL IA 174 1.75 -58.46 -91.32
C VAL IA 174 2.96 -58.48 -92.24
N GLY IA 175 2.97 -57.57 -93.21
CA GLY IA 175 3.97 -57.56 -94.25
C GLY IA 175 4.86 -56.34 -94.13
N LYS IA 176 5.80 -56.24 -95.06
CA LYS IA 176 6.75 -55.14 -94.98
C LYS IA 176 6.12 -53.80 -95.33
N HIS IA 177 4.80 -53.70 -95.39
CA HIS IA 177 4.14 -52.42 -95.60
C HIS IA 177 2.99 -52.22 -94.62
N PHE IA 178 2.97 -53.01 -93.54
CA PHE IA 178 1.86 -52.98 -92.63
C PHE IA 178 1.71 -51.63 -91.97
N LYS IA 179 2.81 -50.97 -91.67
CA LYS IA 179 2.74 -49.72 -90.94
C LYS IA 179 1.97 -48.66 -91.72
N GLU IA 180 2.24 -48.54 -93.01
CA GLU IA 180 1.48 -47.59 -93.83
C GLU IA 180 0.08 -48.08 -94.11
N ALA IA 181 -0.06 -49.37 -94.40
CA ALA IA 181 -1.40 -49.89 -94.67
C ALA IA 181 -2.32 -49.75 -93.48
N ASN IA 182 -1.76 -49.63 -92.27
CA ASN IA 182 -2.54 -49.54 -91.05
C ASN IA 182 -2.61 -48.12 -90.50
N ASN IA 183 -1.71 -47.24 -90.91
CA ASN IA 183 -2.01 -45.82 -90.76
C ASN IA 183 -3.10 -45.41 -91.73
N PHE IA 184 -3.28 -46.16 -92.82
CA PHE IA 184 -4.34 -45.82 -93.77
C PHE IA 184 -5.73 -45.96 -93.17
N LEU IA 185 -5.94 -46.91 -92.27
CA LEU IA 185 -7.26 -47.16 -91.74
C LEU IA 185 -7.57 -46.22 -90.58
N TRP IA 186 -8.72 -45.57 -90.66
CA TRP IA 186 -9.25 -44.77 -89.56
C TRP IA 186 -9.38 -45.69 -88.36
N PRO IA 187 -9.42 -45.18 -87.13
CA PRO IA 187 -9.75 -46.05 -86.01
C PRO IA 187 -11.11 -46.68 -86.25
N PHE IA 188 -11.23 -47.96 -85.96
CA PHE IA 188 -12.51 -48.62 -86.12
C PHE IA 188 -13.43 -48.13 -85.03
N LYS IA 189 -14.65 -47.75 -85.39
CA LYS IA 189 -15.57 -47.16 -84.44
C LYS IA 189 -16.63 -48.18 -84.07
N LEU IA 190 -16.35 -48.99 -83.05
CA LEU IA 190 -17.24 -50.06 -82.66
C LEU IA 190 -18.35 -49.53 -81.77
N SER IA 191 -19.49 -50.19 -81.81
CA SER IA 191 -20.63 -49.84 -80.99
C SER IA 191 -20.52 -50.50 -79.63
N SER IA 192 -21.27 -49.97 -78.68
CA SER IA 192 -21.28 -50.55 -77.35
C SER IA 192 -21.70 -52.00 -77.44
N PRO IA 193 -21.08 -52.90 -76.67
CA PRO IA 193 -21.34 -54.32 -76.84
C PRO IA 193 -22.79 -54.66 -76.59
N ARG IA 194 -23.27 -55.70 -77.26
CA ARG IA 194 -24.51 -56.32 -76.86
C ARG IA 194 -24.31 -57.12 -75.59
N GLY IA 195 -25.40 -57.66 -75.08
CA GLY IA 195 -25.27 -58.44 -73.87
C GLY IA 195 -24.76 -57.60 -72.72
N GLY IA 196 -23.52 -57.88 -72.30
CA GLY IA 196 -22.95 -57.23 -71.14
C GLY IA 196 -21.48 -56.94 -71.30
N MET IA 197 -20.92 -56.35 -70.26
CA MET IA 197 -19.52 -55.95 -70.19
C MET IA 197 -18.98 -56.29 -68.81
N LYS IA 198 -19.09 -57.56 -68.41
CA LYS IA 198 -18.77 -57.98 -67.04
C LYS IA 198 -17.60 -57.20 -66.48
N LYS IA 199 -17.70 -56.84 -65.20
CA LYS IA 199 -17.29 -55.55 -64.68
C LYS IA 199 -16.11 -54.97 -65.44
N LYS IA 200 -16.27 -53.76 -65.97
CA LYS IA 200 -15.35 -53.24 -66.98
C LYS IA 200 -14.11 -52.59 -66.41
N THR IA 201 -14.04 -52.40 -65.11
CA THR IA 201 -12.95 -51.64 -64.52
C THR IA 201 -11.96 -52.57 -63.84
N THR IA 202 -11.75 -53.75 -64.41
CA THR IA 202 -10.96 -54.76 -63.75
C THR IA 202 -10.28 -55.63 -64.81
N HIS IA 203 -9.04 -56.02 -64.52
CA HIS IA 203 -8.30 -56.85 -65.46
C HIS IA 203 -9.08 -58.12 -65.75
N PHE IA 204 -8.81 -58.73 -66.90
CA PHE IA 204 -9.63 -59.86 -67.32
C PHE IA 204 -9.45 -61.04 -66.39
N VAL IA 205 -8.23 -61.27 -65.92
CA VAL IA 205 -7.95 -62.47 -65.14
C VAL IA 205 -8.56 -62.35 -63.75
N GLU IA 206 -8.94 -61.13 -63.35
CA GLU IA 206 -9.66 -60.92 -62.11
C GLU IA 206 -11.15 -61.09 -62.28
N GLY IA 207 -11.58 -61.73 -63.36
CA GLY IA 207 -13.00 -61.84 -63.66
C GLY IA 207 -13.61 -60.59 -64.23
N GLY IA 208 -12.87 -59.49 -64.27
CA GLY IA 208 -13.28 -58.29 -64.96
C GLY IA 208 -12.93 -58.38 -66.43
N ASP IA 209 -12.73 -57.21 -67.02
CA ASP IA 209 -12.56 -57.14 -68.47
C ASP IA 209 -11.57 -56.04 -68.83
N ALA IA 210 -10.28 -56.37 -68.84
CA ALA IA 210 -9.24 -55.49 -69.34
C ALA IA 210 -7.93 -56.25 -69.34
N GLY IA 211 -7.07 -55.92 -70.29
CA GLY IA 211 -5.79 -56.57 -70.40
C GLY IA 211 -5.78 -57.66 -71.46
N ASN IA 212 -4.75 -58.49 -71.38
CA ASN IA 212 -4.51 -59.51 -72.38
C ASN IA 212 -5.64 -60.55 -72.36
N ARG IA 213 -6.08 -60.94 -73.53
CA ARG IA 213 -7.04 -62.03 -73.66
C ARG IA 213 -6.57 -63.15 -74.55
N GLU IA 214 -5.98 -62.81 -75.69
CA GLU IA 214 -5.34 -63.73 -76.64
C GLU IA 214 -6.33 -64.56 -77.45
N ASP IA 215 -7.55 -64.69 -76.97
CA ASP IA 215 -8.63 -65.32 -77.73
C ASP IA 215 -9.90 -64.52 -77.74
N GLN IA 216 -10.24 -63.86 -76.66
CA GLN IA 216 -11.63 -63.47 -76.45
C GLN IA 216 -12.01 -62.23 -77.25
N ILE IA 217 -11.06 -61.54 -77.85
CA ILE IA 217 -11.45 -60.49 -78.77
C ILE IA 217 -12.26 -61.08 -79.91
N ASN IA 218 -12.00 -62.34 -80.26
CA ASN IA 218 -12.85 -63.02 -81.22
C ASN IA 218 -14.29 -63.03 -80.74
N ARG IA 219 -14.52 -63.24 -79.45
CA ARG IA 219 -15.87 -63.14 -78.90
C ARG IA 219 -16.37 -61.71 -78.95
N LEU IA 220 -15.53 -60.78 -78.50
CA LEU IA 220 -16.02 -59.43 -78.21
C LEU IA 220 -16.33 -58.64 -79.46
N ILE IA 221 -15.66 -58.94 -80.58
CA ILE IA 221 -15.93 -58.16 -81.79
C ILE IA 221 -17.25 -58.55 -82.42
N ARG IA 222 -17.59 -59.84 -82.38
CA ARG IA 222 -18.89 -60.26 -82.88
C ARG IA 222 -20.02 -59.53 -82.18
N ARG IA 223 -19.81 -59.14 -80.92
CA ARG IA 223 -20.83 -58.38 -80.20
C ARG IA 223 -20.68 -56.89 -80.45
N MET IA 224 -19.47 -56.35 -80.33
CA MET IA 224 -19.25 -54.92 -80.52
C MET IA 224 -19.40 -54.52 -81.90
N ASN IA 225 -19.83 -55.39 -82.81
CA ASN IA 225 -20.33 -54.91 -84.09
C ASN IA 225 -21.85 -54.95 -84.15
N LYS JA 1 -12.72 111.41 -6.01
CA LYS JA 1 -11.42 111.99 -5.73
C LYS JA 1 -11.57 113.36 -5.05
N VAL JA 2 -12.73 113.57 -4.42
CA VAL JA 2 -12.95 114.70 -3.52
C VAL JA 2 -13.16 114.17 -2.11
N VAL JA 3 -13.27 115.07 -1.14
CA VAL JA 3 -13.51 114.65 0.24
C VAL JA 3 -15.01 114.42 0.45
N ASN JA 4 -15.41 113.16 0.47
CA ASN JA 4 -16.78 112.76 0.74
C ASN JA 4 -16.74 111.94 2.03
N PRO JA 5 -17.54 112.31 3.03
CA PRO JA 5 -17.44 111.65 4.34
C PRO JA 5 -17.73 110.16 4.31
N LEU JA 6 -18.05 109.60 3.14
CA LEU JA 6 -18.45 108.21 3.04
C LEU JA 6 -17.55 107.36 2.14
N PHE JA 7 -16.70 107.98 1.32
CA PHE JA 7 -15.85 107.21 0.41
C PHE JA 7 -14.81 106.45 1.20
N GLU JA 8 -14.62 105.18 0.86
CA GLU JA 8 -13.86 104.26 1.69
C GLU JA 8 -13.10 103.27 0.82
N LYS JA 9 -11.84 103.01 1.21
CA LYS JA 9 -10.90 102.32 0.33
C LYS JA 9 -11.29 100.87 0.07
N ARG JA 10 -11.76 100.15 1.09
CA ARG JA 10 -11.90 98.70 1.01
C ARG JA 10 -10.64 98.04 0.45
N PRO JA 11 -9.49 98.23 1.07
CA PRO JA 11 -8.24 97.73 0.49
C PRO JA 11 -8.28 96.22 0.36
N LYS JA 12 -7.68 95.71 -0.71
CA LYS JA 12 -7.57 94.28 -0.95
C LYS JA 12 -6.20 93.79 -0.51
N ASN JA 13 -6.16 92.57 -0.01
CA ASN JA 13 -4.91 91.89 0.29
C ASN JA 13 -4.96 90.53 -0.38
N PHE JA 14 -4.17 90.37 -1.43
CA PHE JA 14 -4.05 89.06 -2.05
C PHE JA 14 -3.16 88.19 -1.19
N GLY JA 15 -2.66 87.11 -1.73
CA GLY JA 15 -2.03 86.13 -0.88
C GLY JA 15 -2.95 84.95 -0.63
N ILE JA 16 -2.34 83.83 -0.30
CA ILE JA 16 -3.01 82.55 -0.43
C ILE JA 16 -4.16 82.47 0.58
N GLY JA 17 -5.38 82.42 0.07
CA GLY JA 17 -6.56 82.28 0.91
C GLY JA 17 -7.10 83.57 1.47
N GLN JA 18 -6.47 84.71 1.22
CA GLN JA 18 -6.96 85.97 1.74
C GLN JA 18 -8.08 86.53 0.88
N ASP JA 19 -7.86 86.62 -0.42
CA ASP JA 19 -8.89 87.01 -1.37
C ASP JA 19 -8.47 86.50 -2.73
N ILE JA 20 -9.45 86.03 -3.50
CA ILE JA 20 -9.14 85.28 -4.71
C ILE JA 20 -8.35 86.14 -5.69
N GLN JA 21 -7.34 85.55 -6.31
CA GLN JA 21 -6.42 86.31 -7.14
C GLN JA 21 -7.15 86.91 -8.33
N PRO JA 22 -6.68 88.04 -8.84
CA PRO JA 22 -7.34 88.71 -9.96
C PRO JA 22 -6.78 88.29 -11.30
N LYS JA 23 -7.66 88.30 -12.30
CA LYS JA 23 -7.26 87.95 -13.65
C LYS JA 23 -6.17 88.90 -14.12
N ARG JA 24 -5.10 88.33 -14.66
CA ARG JA 24 -4.00 89.13 -15.18
C ARG JA 24 -3.51 88.52 -16.48
N ASP JA 25 -2.90 89.36 -17.32
CA ASP JA 25 -2.46 88.93 -18.63
C ASP JA 25 -1.42 87.82 -18.53
N LEU JA 26 -1.82 86.62 -18.92
CA LEU JA 26 -0.91 85.48 -19.03
C LEU JA 26 -0.53 85.28 -20.49
N THR JA 27 0.75 85.16 -20.76
CA THR JA 27 1.18 84.84 -22.12
C THR JA 27 2.28 83.80 -22.07
N ARG JA 28 2.67 83.37 -20.87
CA ARG JA 28 3.70 82.36 -20.72
C ARG JA 28 3.14 80.95 -20.53
N PHE JA 29 1.88 80.82 -20.14
CA PHE JA 29 1.35 79.54 -19.71
C PHE JA 29 0.28 78.97 -20.64
N VAL JA 30 -0.29 79.77 -21.53
CA VAL JA 30 -1.50 79.35 -22.22
C VAL JA 30 -1.19 78.17 -23.13
N LYS JA 31 -2.16 77.26 -23.24
CA LYS JA 31 -2.02 76.13 -24.13
C LYS JA 31 -2.16 76.61 -25.57
N TRP JA 32 -1.07 77.00 -26.19
CA TRP JA 32 -1.12 77.48 -27.54
C TRP JA 32 -1.54 76.36 -28.48
N PRO JA 33 -2.11 76.70 -29.63
CA PRO JA 33 -2.48 75.68 -30.60
C PRO JA 33 -1.25 75.00 -31.16
N ARG JA 34 -1.50 73.92 -31.89
CA ARG JA 34 -0.43 73.01 -32.28
C ARG JA 34 0.60 73.69 -33.16
N TYR JA 35 0.16 74.41 -34.19
CA TYR JA 35 1.10 75.02 -35.11
C TYR JA 35 1.95 76.09 -34.42
N ILE JA 36 1.34 76.85 -33.51
CA ILE JA 36 2.11 77.85 -32.79
C ILE JA 36 3.15 77.18 -31.92
N ARG JA 37 2.78 76.11 -31.23
CA ARG JA 37 3.79 75.34 -30.50
C ARG JA 37 4.90 74.90 -31.44
N LEU JA 38 4.54 74.52 -32.67
CA LEU JA 38 5.55 74.07 -33.62
C LEU JA 38 6.52 75.17 -33.99
N GLN JA 39 6.00 76.35 -34.28
CA GLN JA 39 6.89 77.46 -34.61
C GLN JA 39 7.81 77.79 -33.44
N ARG JA 40 7.26 77.84 -32.23
CA ARG JA 40 8.10 78.09 -31.06
C ARG JA 40 9.21 77.05 -30.99
N GLN JA 41 8.86 75.77 -31.10
CA GLN JA 41 9.83 74.71 -30.89
C GLN JA 41 10.93 74.76 -31.94
N ARG JA 42 10.57 75.02 -33.18
CA ARG JA 42 11.60 75.08 -34.23
C ARG JA 42 12.53 76.26 -33.99
N ALA JA 43 11.97 77.44 -33.70
CA ALA JA 43 12.81 78.61 -33.49
C ALA JA 43 13.78 78.36 -32.35
N ILE JA 44 13.30 77.70 -31.29
CA ILE JA 44 14.17 77.43 -30.15
C ILE JA 44 15.23 76.39 -30.52
N LEU JA 45 14.84 75.39 -31.30
CA LEU JA 45 15.80 74.35 -31.69
C LEU JA 45 16.98 74.93 -32.43
N TYR JA 46 16.72 75.88 -33.33
CA TYR JA 46 17.80 76.42 -34.13
C TYR JA 46 18.88 77.11 -33.31
N LYS JA 47 18.58 77.47 -32.06
CA LYS JA 47 19.65 77.87 -31.15
C LYS JA 47 20.12 76.69 -30.32
N ARG JA 48 19.20 75.86 -29.86
CA ARG JA 48 19.54 74.83 -28.90
C ARG JA 48 20.41 73.72 -29.48
N LEU JA 49 20.59 73.67 -30.79
CA LEU JA 49 21.63 72.85 -31.39
C LEU JA 49 22.63 73.73 -32.10
N LYS JA 50 23.56 73.09 -32.81
CA LYS JA 50 24.57 73.81 -33.58
C LYS JA 50 24.23 73.70 -35.05
N VAL JA 51 24.00 74.85 -35.67
CA VAL JA 51 23.79 74.89 -37.11
C VAL JA 51 25.15 74.69 -37.76
N PRO JA 52 25.20 74.21 -38.99
CA PRO JA 52 26.50 74.03 -39.65
C PRO JA 52 27.05 75.37 -40.12
N PRO JA 53 28.29 75.40 -40.57
CA PRO JA 53 28.85 76.66 -41.10
C PRO JA 53 28.04 77.26 -42.24
N ALA JA 54 27.62 76.44 -43.20
CA ALA JA 54 26.91 76.93 -44.36
C ALA JA 54 25.50 77.40 -44.02
N ILE JA 55 25.03 77.13 -42.80
CA ILE JA 55 23.77 77.69 -42.33
C ILE JA 55 24.03 78.90 -41.44
N ASN JA 56 25.10 78.87 -40.67
CA ASN JA 56 25.40 79.99 -39.79
C ASN JA 56 25.89 81.19 -40.57
N GLN JA 57 26.34 80.99 -41.80
CA GLN JA 57 26.65 82.15 -42.61
C GLN JA 57 25.42 83.00 -42.85
N PHE JA 58 24.23 82.41 -42.74
CA PHE JA 58 22.99 83.11 -43.02
C PHE JA 58 22.50 83.97 -41.87
N THR JA 59 23.32 84.22 -40.85
CA THR JA 59 22.85 85.00 -39.71
C THR JA 59 23.64 86.28 -39.47
N GLN JA 60 24.70 86.55 -40.23
CA GLN JA 60 25.39 87.82 -40.14
C GLN JA 60 24.89 88.72 -41.27
N ALA JA 61 23.62 89.11 -41.18
CA ALA JA 61 23.00 89.94 -42.20
C ALA JA 61 23.45 91.38 -42.05
N LEU JA 62 23.02 92.20 -43.01
CA LEU JA 62 23.56 93.53 -43.17
C LEU JA 62 23.11 94.46 -42.04
N ASP JA 63 23.75 95.62 -41.97
CA ASP JA 63 23.31 96.68 -41.08
C ASP JA 63 22.15 97.44 -41.72
N ARG JA 64 21.18 97.79 -40.90
CA ARG JA 64 19.89 98.27 -41.41
C ARG JA 64 20.07 99.48 -42.32
N GLN JA 65 20.87 100.47 -41.90
CA GLN JA 65 21.00 101.67 -42.71
C GLN JA 65 21.72 101.39 -44.02
N THR JA 66 22.71 100.49 -44.00
CA THR JA 66 23.35 100.07 -45.24
C THR JA 66 22.34 99.43 -46.18
N ALA JA 67 21.49 98.56 -45.65
CA ALA JA 67 20.42 98.00 -46.47
C ALA JA 67 19.50 99.09 -46.98
N THR JA 68 19.29 100.15 -46.20
CA THR JA 68 18.41 101.21 -46.67
C THR JA 68 19.02 101.94 -47.86
N GLN JA 69 20.34 102.20 -47.83
CA GLN JA 69 20.94 102.77 -49.03
C GLN JA 69 20.83 101.80 -50.20
N LEU JA 70 21.01 100.51 -49.96
CA LEU JA 70 20.87 99.53 -51.03
C LEU JA 70 19.48 99.61 -51.65
N LEU JA 71 18.45 99.62 -50.82
CA LEU JA 71 17.09 99.63 -51.34
C LEU JA 71 16.74 100.96 -52.02
N LYS JA 72 17.12 102.09 -51.42
CA LYS JA 72 16.83 103.35 -52.09
C LYS JA 72 17.52 103.40 -53.44
N LEU JA 73 18.69 102.76 -53.55
CA LEU JA 73 19.33 102.61 -54.85
C LEU JA 73 18.43 101.78 -55.78
N ALA JA 74 17.94 100.65 -55.28
CA ALA JA 74 17.17 99.75 -56.14
C ALA JA 74 15.88 100.39 -56.64
N HIS JA 75 15.21 101.17 -55.80
CA HIS JA 75 13.89 101.71 -56.16
C HIS JA 75 13.93 102.67 -57.34
N LYS JA 76 15.10 103.11 -57.77
CA LYS JA 76 15.21 103.78 -59.05
C LYS JA 76 15.44 102.80 -60.18
N TYR JA 77 15.56 101.51 -59.86
CA TYR JA 77 15.93 100.48 -60.82
C TYR JA 77 14.92 99.35 -60.93
N ARG JA 78 13.84 99.37 -60.14
CA ARG JA 78 12.94 98.23 -60.15
C ARG JA 78 12.42 97.97 -61.56
N PRO JA 79 12.15 96.72 -61.92
CA PRO JA 79 11.62 96.43 -63.26
C PRO JA 79 10.20 96.96 -63.40
N GLU JA 80 9.64 96.74 -64.59
CA GLU JA 80 8.31 97.26 -64.90
C GLU JA 80 7.24 96.36 -64.31
N THR JA 81 6.36 96.94 -63.52
CA THR JA 81 5.25 96.20 -62.94
C THR JA 81 4.01 96.30 -63.84
N LYS JA 82 2.92 95.71 -63.36
CA LYS JA 82 1.68 95.69 -64.12
C LYS JA 82 1.10 97.09 -64.25
N GLN JA 83 0.34 97.30 -65.32
CA GLN JA 83 -0.34 98.55 -65.62
C GLN JA 83 0.67 99.62 -66.02
N GLU JA 84 1.95 99.29 -65.88
CA GLU JA 84 3.06 100.02 -66.50
C GLU JA 84 3.56 99.31 -67.73
N LYS JA 85 3.77 97.99 -67.60
CA LYS JA 85 4.08 97.16 -68.75
C LYS JA 85 3.13 97.44 -69.90
N LYS JA 86 1.83 97.36 -69.63
CA LYS JA 86 0.82 97.47 -70.67
C LYS JA 86 0.86 98.84 -71.32
N GLN JA 87 0.96 99.90 -70.53
CA GLN JA 87 0.94 101.24 -71.10
C GLN JA 87 2.20 101.51 -71.92
N ARG JA 88 3.36 101.12 -71.41
CA ARG JA 88 4.60 101.31 -72.18
C ARG JA 88 4.55 100.53 -73.48
N LEU JA 89 4.09 99.27 -73.43
CA LEU JA 89 4.06 98.47 -74.65
C LEU JA 89 3.07 99.03 -75.66
N LEU JA 90 1.90 99.49 -75.19
CA LEU JA 90 0.92 100.07 -76.10
C LEU JA 90 1.45 101.34 -76.76
N ALA JA 91 2.07 102.21 -75.96
CA ALA JA 91 2.68 103.40 -76.51
C ALA JA 91 3.79 103.04 -77.50
N ARG JA 92 4.51 101.94 -77.24
CA ARG JA 92 5.55 101.50 -78.17
C ARG JA 92 4.96 100.99 -79.47
N ALA JA 93 3.85 100.26 -79.40
CA ALA JA 93 3.14 99.86 -80.60
C ALA JA 93 2.76 101.08 -81.42
N GLU JA 94 2.30 102.14 -80.76
CA GLU JA 94 1.96 103.36 -81.49
C GLU JA 94 3.18 104.12 -82.00
N LYS JA 95 4.33 104.00 -81.33
CA LYS JA 95 5.58 104.56 -81.83
C LYS JA 95 6.11 103.78 -83.01
N LYS JA 96 5.65 102.53 -83.22
CA LYS JA 96 6.09 101.79 -84.40
C LYS JA 96 5.78 102.53 -85.67
N ALA JA 97 4.56 103.05 -85.82
CA ALA JA 97 4.18 103.84 -86.98
C ALA JA 97 4.96 105.13 -87.08
N ALA JA 98 5.59 105.57 -85.99
CA ALA JA 98 6.45 106.75 -86.00
C ALA JA 98 7.92 106.38 -86.08
N GLY JA 99 8.25 105.09 -86.18
CA GLY JA 99 9.63 104.68 -86.38
C GLY JA 99 10.58 105.07 -85.27
N LYS JA 100 10.08 105.32 -84.07
CA LYS JA 100 10.91 105.74 -82.95
C LYS JA 100 10.93 104.75 -81.80
N GLY JA 101 10.16 103.67 -81.87
CA GLY JA 101 10.18 102.68 -80.82
C GLY JA 101 9.30 101.47 -81.05
N ASP JA 102 9.81 100.29 -80.70
CA ASP JA 102 9.11 99.03 -80.83
C ASP JA 102 9.34 98.24 -79.54
N VAL JA 103 9.03 96.95 -79.57
CA VAL JA 103 9.50 96.04 -78.51
C VAL JA 103 11.02 95.93 -78.51
N PRO JA 104 11.70 95.70 -79.66
CA PRO JA 104 13.18 95.68 -79.64
C PRO JA 104 13.77 97.08 -79.65
N THR JA 105 14.25 97.51 -78.49
CA THR JA 105 14.95 98.78 -78.31
C THR JA 105 15.58 98.73 -76.92
N LYS JA 106 16.51 99.65 -76.67
CA LYS JA 106 17.32 99.61 -75.46
C LYS JA 106 16.46 99.70 -74.21
N ARG JA 107 16.73 98.83 -73.23
CA ARG JA 107 16.22 98.99 -71.88
C ARG JA 107 17.39 99.29 -70.97
N PRO JA 108 17.35 100.39 -70.22
CA PRO JA 108 18.43 100.67 -69.26
C PRO JA 108 18.59 99.52 -68.28
N PRO JA 109 19.74 99.42 -67.62
CA PRO JA 109 19.99 98.27 -66.75
C PRO JA 109 18.95 98.17 -65.64
N VAL JA 110 18.50 96.95 -65.39
CA VAL JA 110 17.44 96.68 -64.44
C VAL JA 110 17.84 95.47 -63.60
N LEU JA 111 16.92 95.03 -62.77
CA LEU JA 111 17.22 93.96 -61.84
C LEU JA 111 17.12 92.60 -62.51
N ARG JA 112 17.73 91.61 -61.87
CA ARG JA 112 17.67 90.21 -62.28
C ARG JA 112 17.27 89.41 -61.05
N ALA JA 113 16.06 88.84 -61.06
CA ALA JA 113 15.46 88.31 -59.85
C ALA JA 113 15.69 86.82 -59.63
N GLY JA 114 15.26 85.98 -60.58
CA GLY JA 114 15.18 84.56 -60.29
C GLY JA 114 16.52 83.96 -59.96
N VAL JA 115 16.48 82.88 -59.16
CA VAL JA 115 17.72 82.24 -58.72
C VAL JA 115 18.47 81.66 -59.91
N ASN JA 116 17.75 81.05 -60.85
CA ASN JA 116 18.44 80.48 -62.01
C ASN JA 116 19.19 81.57 -62.76
N THR JA 117 18.52 82.70 -63.04
CA THR JA 117 19.16 83.78 -63.79
C THR JA 117 20.34 84.35 -63.01
N VAL JA 118 20.17 84.56 -61.72
CA VAL JA 118 21.23 85.16 -60.92
C VAL JA 118 22.44 84.25 -60.91
N THR JA 119 22.24 82.96 -60.67
CA THR JA 119 23.36 82.03 -60.67
C THR JA 119 24.01 81.91 -62.05
N THR JA 120 23.23 81.90 -63.13
CA THR JA 120 23.80 81.90 -64.47
C THR JA 120 24.74 83.08 -64.66
N LEU JA 121 24.26 84.29 -64.40
CA LEU JA 121 25.14 85.43 -64.66
C LEU JA 121 26.27 85.55 -63.64
N VAL JA 122 26.13 84.99 -62.44
CA VAL JA 122 27.26 84.93 -61.54
C VAL JA 122 28.33 84.00 -62.09
N GLU JA 123 27.94 82.82 -62.55
CA GLU JA 123 28.95 81.88 -63.03
C GLU JA 123 29.50 82.29 -64.38
N ASN JA 124 28.86 83.24 -65.06
CA ASN JA 124 29.47 83.88 -66.21
C ASN JA 124 30.19 85.17 -65.82
N LYS JA 125 30.16 85.54 -64.55
CA LYS JA 125 30.89 86.71 -64.04
C LYS JA 125 30.43 87.98 -64.75
N LYS JA 126 29.11 88.14 -64.85
CA LYS JA 126 28.50 89.36 -65.34
C LYS JA 126 27.72 90.08 -64.25
N ALA JA 127 28.05 89.80 -62.98
CA ALA JA 127 27.38 90.41 -61.85
C ALA JA 127 28.34 91.33 -61.11
N GLN JA 128 27.84 92.51 -60.74
CA GLN JA 128 28.61 93.43 -59.91
C GLN JA 128 28.09 93.53 -58.49
N LEU JA 129 26.83 93.18 -58.26
CA LEU JA 129 26.33 93.10 -56.90
C LEU JA 129 25.23 92.06 -56.83
N VAL JA 130 25.24 91.25 -55.76
CA VAL JA 130 24.21 90.26 -55.52
C VAL JA 130 23.63 90.46 -54.13
N VAL JA 131 22.32 90.46 -54.03
CA VAL JA 131 21.65 90.50 -52.76
C VAL JA 131 21.03 89.12 -52.54
N ILE JA 132 20.84 88.75 -51.28
CA ILE JA 132 20.28 87.45 -50.93
C ILE JA 132 19.31 87.62 -49.77
N ALA JA 133 18.05 87.25 -49.97
CA ALA JA 133 17.16 87.14 -48.84
C ALA JA 133 17.64 86.05 -47.90
N HIS JA 134 17.63 86.34 -46.60
CA HIS JA 134 18.19 85.35 -45.68
C HIS JA 134 17.22 84.26 -45.29
N ASP JA 135 15.94 84.57 -45.10
CA ASP JA 135 14.97 83.54 -44.72
C ASP JA 135 14.26 82.92 -45.92
N VAL JA 136 14.87 81.86 -46.46
CA VAL JA 136 14.29 81.14 -47.59
C VAL JA 136 13.81 79.78 -47.11
N ASP JA 137 12.69 79.30 -47.67
CA ASP JA 137 12.01 78.15 -47.05
C ASP JA 137 12.92 76.92 -47.03
N PRO JA 138 13.29 76.31 -48.16
CA PRO JA 138 14.37 75.31 -48.11
C PRO JA 138 15.72 76.00 -48.25
N ILE JA 139 16.50 75.97 -47.18
CA ILE JA 139 17.77 76.68 -47.17
C ILE JA 139 18.71 76.18 -48.24
N GLU JA 140 18.51 74.94 -48.70
CA GLU JA 140 19.35 74.39 -49.74
C GLU JA 140 19.18 75.13 -51.06
N LEU JA 141 18.16 75.97 -51.19
CA LEU JA 141 18.00 76.78 -52.38
C LEU JA 141 19.24 77.65 -52.61
N VAL JA 142 19.72 78.31 -51.58
CA VAL JA 142 20.83 79.25 -51.74
C VAL JA 142 21.90 79.03 -50.69
N VAL JA 143 22.00 77.82 -50.14
CA VAL JA 143 23.12 77.51 -49.26
C VAL JA 143 24.44 77.63 -50.02
N PHE JA 144 24.46 77.22 -51.29
CA PHE JA 144 25.72 77.22 -52.04
C PHE JA 144 26.13 78.62 -52.48
N LEU JA 145 25.17 79.51 -52.69
CA LEU JA 145 25.41 80.77 -53.40
C LEU JA 145 26.59 81.57 -52.88
N PRO JA 146 26.73 81.82 -51.57
CA PRO JA 146 27.88 82.62 -51.12
C PRO JA 146 29.21 82.00 -51.51
N ALA JA 147 29.28 80.68 -51.51
CA ALA JA 147 30.51 80.03 -51.94
C ALA JA 147 30.79 80.33 -53.40
N LEU JA 148 29.76 80.32 -54.24
CA LEU JA 148 29.96 80.67 -55.63
C LEU JA 148 30.51 82.08 -55.78
N CYS JA 149 29.93 83.02 -55.02
CA CYS JA 149 30.40 84.39 -55.09
C CYS JA 149 31.84 84.48 -54.61
N ARG JA 150 32.21 83.69 -53.61
CA ARG JA 150 33.61 83.66 -53.19
C ARG JA 150 34.50 83.10 -54.28
N LYS JA 151 34.04 82.09 -55.01
CA LYS JA 151 34.85 81.51 -56.07
C LYS JA 151 35.13 82.53 -57.17
N MET JA 152 34.13 83.31 -57.54
CA MET JA 152 34.31 84.21 -58.67
C MET JA 152 34.40 85.69 -58.27
N GLY JA 153 34.67 86.00 -57.01
CA GLY JA 153 34.91 87.37 -56.63
C GLY JA 153 33.78 88.33 -56.86
N VAL JA 154 32.54 87.86 -56.84
CA VAL JA 154 31.37 88.69 -57.12
C VAL JA 154 30.80 89.19 -55.81
N PRO JA 155 30.76 90.50 -55.58
CA PRO JA 155 30.23 91.02 -54.31
C PRO JA 155 28.81 90.54 -54.03
N TYR JA 156 28.55 90.18 -52.79
CA TYR JA 156 27.26 89.63 -52.41
C TYR JA 156 26.96 89.94 -50.95
N CYS JA 157 25.68 90.12 -50.64
CA CYS JA 157 25.24 90.54 -49.32
C CYS JA 157 24.01 89.76 -48.90
N ILE JA 158 23.84 89.62 -47.59
CA ILE JA 158 22.73 88.85 -47.00
C ILE JA 158 21.80 89.85 -46.33
N ILE JA 159 20.66 90.10 -46.95
CA ILE JA 159 19.70 91.05 -46.40
C ILE JA 159 18.60 90.30 -45.65
N LYS JA 160 17.93 91.02 -44.77
CA LYS JA 160 16.79 90.48 -44.05
C LYS JA 160 15.56 90.50 -44.93
N GLY JA 161 14.75 89.45 -44.80
CA GLY JA 161 13.45 89.43 -45.43
C GLY JA 161 13.49 89.08 -46.90
N LYS JA 162 12.67 88.12 -47.28
CA LYS JA 162 12.33 87.91 -48.68
C LYS JA 162 11.23 88.87 -49.12
N ALA JA 163 10.49 89.42 -48.17
CA ALA JA 163 9.39 90.31 -48.49
C ALA JA 163 9.88 91.58 -49.16
N ARG JA 164 11.03 92.10 -48.72
CA ARG JA 164 11.56 93.31 -49.34
C ARG JA 164 11.93 93.08 -50.80
N LEU JA 165 12.61 91.97 -51.08
CA LEU JA 165 12.93 91.66 -52.47
C LEU JA 165 11.66 91.45 -53.28
N GLY JA 166 10.61 90.91 -52.65
CA GLY JA 166 9.33 90.84 -53.33
C GLY JA 166 8.78 92.21 -53.68
N ARG JA 167 8.80 93.13 -52.71
CA ARG JA 167 8.38 94.50 -52.96
C ARG JA 167 9.22 95.16 -54.04
N LEU JA 168 10.44 94.70 -54.23
CA LEU JA 168 11.25 95.25 -55.31
C LEU JA 168 10.75 94.84 -56.69
N VAL JA 169 9.69 94.06 -56.78
CA VAL JA 169 8.96 93.85 -58.03
C VAL JA 169 7.49 93.89 -57.69
N HIS JA 170 6.64 93.59 -58.67
CA HIS JA 170 5.23 93.38 -58.33
C HIS JA 170 5.00 92.06 -57.60
N ARG JA 171 5.93 91.12 -57.66
CA ARG JA 171 5.68 89.84 -57.02
C ARG JA 171 5.71 89.97 -55.50
N LYS JA 172 5.46 88.85 -54.83
CA LYS JA 172 5.36 88.82 -53.38
C LYS JA 172 6.71 88.50 -52.73
N THR JA 173 7.54 87.72 -53.40
CA THR JA 173 8.87 87.41 -52.90
C THR JA 173 9.81 87.07 -54.04
N CYS JA 174 11.10 87.29 -53.79
CA CYS JA 174 12.15 86.96 -54.76
C CYS JA 174 13.40 86.60 -53.96
N THR JA 175 13.94 85.41 -54.22
CA THR JA 175 15.01 84.90 -53.37
C THR JA 175 16.23 85.80 -53.43
N THR JA 176 16.62 86.25 -54.62
CA THR JA 176 17.77 87.12 -54.78
C THR JA 176 17.46 88.19 -55.81
N VAL JA 177 18.32 89.21 -55.83
CA VAL JA 177 18.37 90.18 -56.92
C VAL JA 177 19.84 90.46 -57.19
N ALA JA 178 20.11 91.11 -58.32
CA ALA JA 178 21.50 91.39 -58.68
C ALA JA 178 21.56 92.56 -59.63
N PHE JA 179 22.51 93.45 -59.37
CA PHE JA 179 22.89 94.49 -60.32
C PHE JA 179 24.04 93.94 -61.15
N THR JA 180 23.86 93.90 -62.47
CA THR JA 180 24.97 93.59 -63.35
C THR JA 180 25.77 94.85 -63.64
N GLN JA 181 25.11 95.86 -64.21
CA GLN JA 181 25.69 97.17 -64.39
C GLN JA 181 24.61 98.19 -64.09
N VAL JA 182 25.02 99.42 -63.82
CA VAL JA 182 24.10 100.48 -63.44
C VAL JA 182 24.42 101.71 -64.28
N ASN JA 183 23.54 102.71 -64.18
CA ASN JA 183 23.81 103.98 -64.83
C ASN JA 183 25.08 104.58 -64.25
N SER JA 184 25.94 105.07 -65.14
CA SER JA 184 27.27 105.53 -64.72
C SER JA 184 27.18 106.56 -63.61
N GLU JA 185 26.20 107.47 -63.70
CA GLU JA 185 26.05 108.51 -62.69
C GLU JA 185 25.84 107.91 -61.30
N ASP JA 186 25.25 106.71 -61.25
CA ASP JA 186 25.09 106.00 -60.00
C ASP JA 186 26.17 104.95 -59.76
N LYS JA 187 27.14 104.83 -60.68
CA LYS JA 187 28.15 103.80 -60.52
C LYS JA 187 28.95 104.00 -59.25
N GLY JA 188 29.32 105.25 -58.96
CA GLY JA 188 30.07 105.50 -57.75
C GLY JA 188 29.28 105.20 -56.49
N ALA JA 189 28.02 105.63 -56.47
CA ALA JA 189 27.17 105.33 -55.33
C ALA JA 189 27.04 103.83 -55.14
N LEU JA 190 26.96 103.09 -56.25
CA LEU JA 190 27.02 101.64 -56.16
C LEU JA 190 28.32 101.21 -55.50
N ALA JA 191 29.45 101.70 -56.02
CA ALA JA 191 30.75 101.16 -55.67
C ALA JA 191 31.06 101.38 -54.19
N LYS JA 192 30.61 102.49 -53.63
CA LYS JA 192 30.84 102.70 -52.20
C LYS JA 192 30.15 101.61 -51.37
N LEU JA 193 28.86 101.37 -51.64
CA LEU JA 193 28.15 100.30 -50.94
C LEU JA 193 28.76 98.94 -51.27
N VAL JA 194 29.23 98.77 -52.51
CA VAL JA 194 29.88 97.52 -52.90
C VAL JA 194 31.08 97.26 -52.02
N GLU JA 195 31.89 98.29 -51.80
CA GLU JA 195 33.05 98.12 -50.95
C GLU JA 195 32.63 97.83 -49.51
N ALA JA 196 31.63 98.55 -49.01
CA ALA JA 196 31.15 98.30 -47.65
C ALA JA 196 30.70 96.85 -47.50
N ILE JA 197 30.00 96.33 -48.50
CA ILE JA 197 29.52 94.94 -48.46
C ILE JA 197 30.70 93.98 -48.49
N ARG JA 198 31.54 94.09 -49.52
CA ARG JA 198 32.59 93.09 -49.71
C ARG JA 198 33.61 93.11 -48.60
N THR JA 199 33.75 94.24 -47.88
CA THR JA 199 34.64 94.27 -46.73
C THR JA 199 34.26 93.20 -45.71
N ASN JA 200 32.96 92.90 -45.60
CA ASN JA 200 32.48 92.07 -44.51
C ASN JA 200 32.06 90.66 -44.95
N TYR JA 201 31.68 90.47 -46.21
CA TYR JA 201 31.18 89.18 -46.65
C TYR JA 201 32.13 88.39 -47.53
N ASN JA 202 33.10 89.02 -48.18
CA ASN JA 202 33.95 88.27 -49.10
C ASN JA 202 35.34 88.03 -48.53
N ASP JA 203 36.00 89.06 -48.01
CA ASP JA 203 37.40 88.89 -47.62
C ASP JA 203 37.56 87.97 -46.42
N ARG JA 204 36.50 87.77 -45.64
CA ARG JA 204 36.57 86.87 -44.49
C ARG JA 204 35.80 85.59 -44.73
N TYR JA 205 35.80 85.09 -45.97
CA TYR JA 205 35.20 83.80 -46.23
C TYR JA 205 35.82 82.71 -45.38
N ASP JA 206 37.08 82.88 -44.99
CA ASP JA 206 37.70 81.90 -44.13
C ASP JA 206 36.94 81.77 -42.81
N GLU JA 207 36.74 82.87 -42.09
CA GLU JA 207 36.04 82.80 -40.83
C GLU JA 207 34.57 82.47 -41.02
N ILE JA 208 33.97 82.93 -42.13
CA ILE JA 208 32.57 82.59 -42.39
C ILE JA 208 32.39 81.09 -42.50
N ARG JA 209 33.21 80.44 -43.33
CA ARG JA 209 33.06 79.00 -43.52
C ARG JA 209 33.54 78.23 -42.29
N ARG JA 210 34.42 78.84 -41.50
CA ARG JA 210 34.84 78.20 -40.27
C ARG JA 210 33.80 78.37 -39.18
N HIS JA 211 32.85 79.26 -39.37
CA HIS JA 211 31.91 79.63 -38.31
C HIS JA 211 31.04 78.45 -37.93
N TRP JA 212 30.65 78.40 -36.66
CA TRP JA 212 29.61 77.50 -36.20
C TRP JA 212 28.58 78.36 -35.48
N GLY JA 213 27.44 77.78 -35.14
CA GLY JA 213 26.34 78.54 -34.59
C GLY JA 213 25.52 77.79 -33.56
N GLY JA 214 24.47 78.46 -33.11
CA GLY JA 214 23.57 77.87 -32.13
C GLY JA 214 24.31 77.47 -30.88
N ASN JA 215 23.97 76.29 -30.36
CA ASN JA 215 24.67 75.70 -29.22
C ASN JA 215 24.49 76.55 -27.96
N VAL JA 216 23.54 77.47 -27.97
CA VAL JA 216 23.35 78.42 -26.89
C VAL JA 216 22.37 77.82 -25.90
N LEU JA 217 22.84 77.54 -24.69
CA LEU JA 217 22.04 76.83 -23.71
C LEU JA 217 20.98 77.76 -23.13
N GLY JA 218 19.79 77.19 -22.89
CA GLY JA 218 18.64 77.94 -22.42
C GLY JA 218 18.86 78.60 -21.07
N PRO JA 219 18.16 79.71 -20.83
CA PRO JA 219 18.40 80.47 -19.60
C PRO JA 219 18.15 79.68 -18.34
N LYS JA 220 17.20 78.75 -18.34
CA LYS JA 220 16.98 77.92 -17.16
C LYS JA 220 18.25 77.19 -16.78
N SER JA 221 18.85 76.49 -17.73
CA SER JA 221 20.08 75.77 -17.43
C SER JA 221 21.25 76.72 -17.22
N VAL JA 222 21.22 77.90 -17.83
CA VAL JA 222 22.25 78.89 -17.59
C VAL JA 222 22.30 79.24 -16.11
N ALA JA 223 21.15 79.58 -15.54
CA ALA JA 223 21.12 79.88 -14.11
C ALA JA 223 21.44 78.64 -13.29
N ARG JA 224 20.96 77.47 -13.73
CA ARG JA 224 21.19 76.26 -12.96
C ARG JA 224 22.68 75.95 -12.83
N ILE JA 225 23.45 76.18 -13.90
CA ILE JA 225 24.89 76.00 -13.79
C ILE JA 225 25.55 77.18 -13.09
N ALA JA 226 24.96 78.38 -13.20
CA ALA JA 226 25.52 79.54 -12.53
C ALA JA 226 25.53 79.35 -11.02
N LYS JA 227 24.54 78.62 -10.50
CA LYS JA 227 24.56 78.32 -9.07
C LYS JA 227 25.84 77.63 -8.66
N LEU JA 228 26.20 76.53 -9.34
CA LEU JA 228 27.36 75.76 -8.92
C LEU JA 228 28.66 76.48 -9.25
N GLU JA 229 28.68 77.23 -10.35
CA GLU JA 229 29.88 78.02 -10.63
C GLU JA 229 30.08 79.11 -9.59
N LYS JA 230 29.01 79.76 -9.17
CA LYS JA 230 29.11 80.74 -8.09
C LYS JA 230 29.58 80.08 -6.81
N ALA JA 231 29.08 78.88 -6.52
CA ALA JA 231 29.45 78.18 -5.30
C ALA JA 231 30.93 77.81 -5.31
N LYS JA 232 31.44 77.32 -6.44
CA LYS JA 232 32.84 76.91 -6.50
C LYS JA 232 33.77 78.12 -6.55
N ALA JA 233 33.40 79.15 -7.29
CA ALA JA 233 34.22 80.36 -7.29
C ALA JA 233 34.26 80.99 -5.92
N LYS JA 234 33.12 81.02 -5.23
CA LYS JA 234 33.05 81.65 -3.91
C LYS JA 234 33.90 80.92 -2.88
N GLU JA 235 33.71 79.61 -2.74
CA GLU JA 235 34.34 78.85 -1.68
C GLU JA 235 35.63 78.16 -2.11
N LEU JA 236 36.26 78.62 -3.20
CA LEU JA 236 37.50 78.00 -3.63
C LEU JA 236 38.55 78.16 -2.53
N ALA JA 237 39.66 77.44 -2.67
CA ALA JA 237 40.71 77.40 -1.66
C ALA JA 237 40.14 76.95 -0.31
N THR JA 238 39.18 76.02 -0.36
CA THR JA 238 38.51 75.58 0.86
C THR JA 238 39.48 74.91 1.83
N LYS JA 239 40.30 73.98 1.35
CA LYS JA 239 41.33 73.42 2.20
C LYS JA 239 42.46 74.43 2.36
N LEU JA 240 43.32 74.20 3.36
CA LEU JA 240 44.47 75.09 3.57
C LEU JA 240 45.43 75.07 2.38
N GLY JA 241 45.10 74.31 1.34
CA GLY JA 241 45.83 74.40 0.09
C GLY JA 241 45.51 75.69 -0.64
N MET KA 1 -25.32 -79.82 -41.52
CA MET KA 1 -25.23 -81.26 -41.40
C MET KA 1 -26.45 -81.96 -42.01
N LYS KA 2 -27.61 -81.81 -41.38
CA LYS KA 2 -28.84 -82.40 -41.88
C LYS KA 2 -28.73 -83.94 -41.95
N THR KA 3 -28.67 -84.56 -40.77
CA THR KA 3 -28.66 -86.02 -40.71
C THR KA 3 -29.88 -86.59 -41.39
N ILE KA 4 -29.67 -87.63 -42.21
CA ILE KA 4 -30.71 -88.09 -43.12
C ILE KA 4 -31.89 -88.69 -42.35
N LEU KA 5 -31.64 -89.25 -41.17
CA LEU KA 5 -32.72 -89.94 -40.48
C LEU KA 5 -32.36 -90.17 -39.03
N SER KA 6 -33.31 -89.98 -38.14
CA SER KA 6 -33.18 -90.42 -36.75
C SER KA 6 -34.50 -91.03 -36.29
N ASN KA 7 -34.39 -92.05 -35.45
CA ASN KA 7 -35.56 -92.82 -35.06
C ASN KA 7 -35.56 -93.09 -33.57
N GLN KA 8 -36.73 -93.46 -33.08
CA GLN KA 8 -36.91 -93.89 -31.69
C GLN KA 8 -38.13 -94.77 -31.66
N THR KA 9 -38.15 -95.76 -30.77
CA THR KA 9 -39.23 -96.74 -30.73
C THR KA 9 -39.60 -97.02 -29.29
N VAL KA 10 -40.90 -97.03 -29.03
CA VAL KA 10 -41.43 -97.36 -27.71
C VAL KA 10 -42.21 -98.65 -27.83
N ASP KA 11 -41.93 -99.60 -26.94
CA ASP KA 11 -42.62 -100.89 -26.94
C ASP KA 11 -43.82 -100.76 -26.00
N ILE KA 12 -45.00 -100.70 -26.58
CA ILE KA 12 -46.20 -100.37 -25.80
C ILE KA 12 -46.68 -101.60 -25.05
N PRO KA 13 -46.91 -101.52 -23.75
CA PRO KA 13 -47.57 -102.62 -23.04
C PRO KA 13 -48.95 -102.87 -23.63
N GLU KA 14 -49.29 -104.15 -23.73
CA GLU KA 14 -50.53 -104.56 -24.40
C GLU KA 14 -51.75 -103.98 -23.70
N ASN KA 15 -51.66 -103.77 -22.39
CA ASN KA 15 -52.81 -103.42 -21.56
C ASN KA 15 -53.28 -102.01 -21.79
N VAL KA 16 -52.73 -101.34 -22.81
CA VAL KA 16 -53.02 -99.95 -23.12
C VAL KA 16 -53.51 -99.93 -24.57
N ASP KA 17 -54.04 -98.78 -25.00
CA ASP KA 17 -54.47 -98.59 -26.37
C ASP KA 17 -54.13 -97.18 -26.82
N ILE KA 18 -53.70 -97.05 -28.07
CA ILE KA 18 -53.25 -95.77 -28.63
C ILE KA 18 -53.92 -95.52 -29.96
N SER KA 19 -54.56 -94.37 -30.09
CA SER KA 19 -55.13 -93.93 -31.36
C SER KA 19 -54.47 -92.63 -31.80
N LEU KA 20 -54.56 -92.36 -33.09
CA LEU KA 20 -53.80 -91.28 -33.71
C LEU KA 20 -54.55 -90.77 -34.93
N LYS KA 21 -54.64 -89.46 -35.06
CA LYS KA 21 -55.05 -88.80 -36.29
C LYS KA 21 -53.99 -87.72 -36.53
N GLY KA 22 -52.97 -88.05 -37.30
CA GLY KA 22 -51.87 -87.14 -37.35
C GLY KA 22 -51.18 -87.12 -36.00
N ARG KA 23 -50.53 -85.99 -35.70
CA ARG KA 23 -49.70 -85.89 -34.52
C ARG KA 23 -50.48 -86.02 -33.23
N THR KA 24 -51.80 -85.84 -33.26
CA THR KA 24 -52.61 -86.05 -32.06
C THR KA 24 -52.50 -87.49 -31.60
N VAL KA 25 -51.91 -87.73 -30.44
CA VAL KA 25 -51.83 -89.07 -29.88
C VAL KA 25 -52.74 -89.13 -28.67
N ILE KA 26 -53.65 -90.11 -28.65
CA ILE KA 26 -54.55 -90.32 -27.53
C ILE KA 26 -54.28 -91.70 -26.97
N VAL KA 27 -54.13 -91.78 -25.65
CA VAL KA 27 -53.77 -93.00 -24.96
C VAL KA 27 -54.85 -93.33 -23.94
N LYS KA 28 -55.46 -94.51 -24.09
CA LYS KA 28 -56.54 -94.96 -23.21
C LYS KA 28 -56.15 -96.30 -22.61
N GLY KA 29 -56.21 -96.38 -21.28
CA GLY KA 29 -55.82 -97.57 -20.58
C GLY KA 29 -56.70 -97.87 -19.38
N PRO KA 30 -56.09 -98.35 -18.29
CA PRO KA 30 -56.90 -98.70 -17.12
C PRO KA 30 -57.41 -97.51 -16.37
N ARG KA 31 -56.58 -96.50 -16.14
CA ARG KA 31 -56.92 -95.41 -15.24
C ARG KA 31 -57.66 -94.27 -15.92
N GLY KA 32 -57.78 -94.29 -17.24
CA GLY KA 32 -58.47 -93.23 -17.94
C GLY KA 32 -57.85 -93.01 -19.30
N THR KA 33 -58.16 -91.86 -19.88
CA THR KA 33 -57.69 -91.50 -21.20
C THR KA 33 -57.01 -90.14 -21.17
N LEU KA 34 -55.97 -89.99 -21.98
CA LEU KA 34 -55.24 -88.75 -22.11
C LEU KA 34 -55.08 -88.41 -23.58
N ARG KA 35 -55.00 -87.12 -23.87
CA ARG KA 35 -54.71 -86.64 -25.21
C ARG KA 35 -53.45 -85.80 -25.17
N ARG KA 36 -52.79 -85.69 -26.33
CA ARG KA 36 -51.72 -84.72 -26.49
C ARG KA 36 -51.49 -84.54 -27.99
N ASP KA 37 -51.57 -83.31 -28.47
CA ASP KA 37 -51.46 -83.03 -29.88
C ASP KA 37 -50.15 -82.29 -30.13
N PHE KA 38 -49.19 -82.97 -30.73
CA PHE KA 38 -47.85 -82.45 -30.93
C PHE KA 38 -47.81 -81.71 -32.26
N ASN KA 39 -48.29 -80.48 -32.26
CA ASN KA 39 -48.09 -79.63 -33.42
C ASN KA 39 -46.84 -78.79 -33.22
N HIS KA 40 -46.20 -78.48 -34.34
CA HIS KA 40 -44.82 -78.03 -34.37
C HIS KA 40 -43.95 -78.91 -33.49
N ILE KA 41 -44.00 -80.20 -33.78
CA ILE KA 41 -42.84 -81.07 -33.59
C ILE KA 41 -42.40 -81.72 -34.88
N ASN KA 42 -43.29 -81.87 -35.85
CA ASN KA 42 -42.94 -82.08 -37.25
C ASN KA 42 -42.29 -83.45 -37.48
N VAL KA 43 -42.72 -84.46 -36.75
CA VAL KA 43 -42.13 -85.79 -36.84
C VAL KA 43 -43.16 -86.77 -37.41
N GLU KA 44 -42.71 -88.01 -37.65
CA GLU KA 44 -43.56 -89.10 -38.10
C GLU KA 44 -43.82 -90.02 -36.92
N LEU KA 45 -45.05 -90.05 -36.44
CA LEU KA 45 -45.46 -91.02 -35.45
C LEU KA 45 -46.13 -92.18 -36.18
N SER KA 46 -45.59 -93.38 -36.04
CA SER KA 46 -46.17 -94.55 -36.68
C SER KA 46 -46.39 -95.62 -35.62
N LEU KA 47 -47.37 -96.48 -35.85
CA LEU KA 47 -47.70 -97.54 -34.92
C LEU KA 47 -47.67 -98.87 -35.66
N LEU KA 48 -46.81 -99.78 -35.22
CA LEU KA 48 -46.63 -101.06 -35.90
C LEU KA 48 -46.76 -102.20 -34.91
N GLY KA 49 -47.17 -103.36 -35.42
CA GLY KA 49 -47.14 -104.60 -34.67
C GLY KA 49 -48.50 -105.19 -34.36
N LYS KA 50 -48.59 -106.52 -34.41
CA LYS KA 50 -49.75 -107.21 -33.85
C LYS KA 50 -49.76 -106.95 -32.35
N LYS KA 51 -50.95 -106.67 -31.82
CA LYS KA 51 -51.06 -106.11 -30.47
C LYS KA 51 -50.21 -104.85 -30.33
N LYS KA 52 -50.09 -104.10 -31.43
CA LYS KA 52 -49.42 -102.80 -31.49
C LYS KA 52 -48.15 -102.76 -30.63
N LYS KA 53 -47.26 -103.71 -30.92
CA LYS KA 53 -46.05 -103.84 -30.11
C LYS KA 53 -45.33 -102.51 -29.98
N ARG KA 54 -45.09 -101.81 -31.09
CA ARG KA 54 -44.14 -100.71 -31.07
C ARG KA 54 -44.70 -99.48 -31.74
N LEU KA 55 -44.21 -98.34 -31.28
CA LEU KA 55 -44.42 -97.03 -31.88
C LEU KA 55 -43.07 -96.52 -32.34
N ARG KA 56 -43.06 -95.81 -33.45
CA ARG KA 56 -41.83 -95.35 -34.10
C ARG KA 56 -41.96 -93.86 -34.40
N VAL KA 57 -41.13 -93.05 -33.75
CA VAL KA 57 -40.96 -91.65 -34.10
C VAL KA 57 -39.78 -91.55 -35.05
N ASP KA 58 -40.01 -90.90 -36.18
CA ASP KA 58 -38.98 -90.73 -37.19
C ASP KA 58 -38.87 -89.27 -37.57
N LYS KA 59 -37.64 -88.74 -37.53
CA LYS KA 59 -37.34 -87.39 -37.96
C LYS KA 59 -36.43 -87.46 -39.18
N TRP KA 60 -36.90 -86.89 -40.28
CA TRP KA 60 -36.17 -86.88 -41.54
C TRP KA 60 -35.40 -85.58 -41.69
N TRP KA 61 -34.21 -85.69 -42.29
CA TRP KA 61 -33.43 -84.53 -42.70
C TRP KA 61 -33.29 -83.47 -41.64
N GLY KA 62 -33.16 -83.86 -40.39
CA GLY KA 62 -33.08 -82.89 -39.30
C GLY KA 62 -31.69 -82.35 -39.07
N ASN KA 63 -31.63 -81.16 -38.47
CA ASN KA 63 -30.39 -80.59 -37.97
C ASN KA 63 -30.18 -81.03 -36.52
N ARG KA 64 -29.10 -80.56 -35.89
CA ARG KA 64 -28.80 -81.05 -34.54
C ARG KA 64 -29.88 -80.62 -33.55
N LYS KA 65 -30.17 -79.33 -33.50
CA LYS KA 65 -31.21 -78.78 -32.63
C LYS KA 65 -32.53 -79.26 -32.96
N GLU KA 66 -32.66 -80.16 -33.94
CA GLU KA 66 -33.95 -80.67 -34.35
C GLU KA 66 -34.07 -82.17 -34.16
N LEU KA 67 -32.97 -82.92 -34.30
CA LEU KA 67 -32.91 -84.27 -33.74
C LEU KA 67 -33.02 -84.25 -32.23
N ALA KA 68 -32.69 -83.13 -31.59
CA ALA KA 68 -32.88 -83.10 -30.14
C ALA KA 68 -34.32 -83.44 -29.74
N THR KA 69 -35.30 -83.13 -30.60
CA THR KA 69 -36.71 -83.28 -30.23
C THR KA 69 -37.19 -84.72 -30.20
N VAL KA 70 -36.52 -85.64 -30.89
CA VAL KA 70 -37.08 -86.98 -31.05
C VAL KA 70 -37.18 -87.68 -29.70
N ARG KA 71 -36.12 -87.64 -28.92
CA ARG KA 71 -36.17 -88.35 -27.65
C ARG KA 71 -36.99 -87.57 -26.63
N THR KA 72 -37.16 -86.25 -26.85
CA THR KA 72 -38.09 -85.49 -26.02
C THR KA 72 -39.51 -85.99 -26.22
N ILE KA 73 -39.91 -86.18 -27.47
CA ILE KA 73 -41.26 -86.70 -27.73
C ILE KA 73 -41.36 -88.14 -27.23
N CYS KA 74 -40.28 -88.91 -27.34
CA CYS KA 74 -40.26 -90.22 -26.73
C CYS KA 74 -40.58 -90.16 -25.26
N SER KA 75 -39.87 -89.32 -24.52
CA SER KA 75 -40.07 -89.24 -23.08
C SER KA 75 -41.45 -88.70 -22.73
N HIS KA 76 -41.96 -87.74 -23.51
CA HIS KA 76 -43.29 -87.22 -23.26
C HIS KA 76 -44.33 -88.33 -23.33
N VAL KA 77 -44.34 -89.07 -24.45
CA VAL KA 77 -45.35 -90.10 -24.59
C VAL KA 77 -45.07 -91.24 -23.61
N GLN KA 78 -43.82 -91.44 -23.22
CA GLN KA 78 -43.49 -92.44 -22.21
C GLN KA 78 -44.13 -92.09 -20.88
N ASN KA 79 -44.00 -90.83 -20.46
CA ASN KA 79 -44.63 -90.41 -19.21
C ASN KA 79 -46.14 -90.45 -19.33
N MET KA 80 -46.68 -90.18 -20.52
CA MET KA 80 -48.11 -90.39 -20.71
C MET KA 80 -48.50 -91.82 -20.44
N ILE KA 81 -47.71 -92.77 -20.94
CA ILE KA 81 -47.96 -94.19 -20.70
C ILE KA 81 -47.90 -94.47 -19.21
N LYS KA 82 -46.88 -93.92 -18.55
CA LYS KA 82 -46.71 -94.14 -17.11
C LYS KA 82 -47.93 -93.64 -16.34
N GLY KA 83 -48.47 -92.50 -16.74
CA GLY KA 83 -49.66 -92.00 -16.08
C GLY KA 83 -50.89 -92.86 -16.34
N VAL KA 84 -51.13 -93.21 -17.60
CA VAL KA 84 -52.36 -93.94 -17.90
C VAL KA 84 -52.33 -95.31 -17.27
N THR KA 85 -51.17 -95.95 -17.20
CA THR KA 85 -51.08 -97.29 -16.65
C THR KA 85 -50.91 -97.31 -15.14
N LEU KA 86 -50.23 -96.31 -14.59
CA LEU KA 86 -49.93 -96.25 -13.17
C LEU KA 86 -50.53 -95.03 -12.49
N GLY KA 87 -50.35 -93.85 -13.06
CA GLY KA 87 -50.83 -92.63 -12.43
C GLY KA 87 -49.76 -92.00 -11.56
N PHE KA 88 -49.62 -90.68 -11.64
CA PHE KA 88 -48.56 -89.99 -10.93
C PHE KA 88 -49.04 -89.48 -9.58
N ARG KA 89 -48.13 -89.51 -8.62
CA ARG KA 89 -48.37 -89.05 -7.26
C ARG KA 89 -47.15 -88.29 -6.78
N TYR KA 90 -47.38 -87.14 -6.18
CA TYR KA 90 -46.32 -86.33 -5.60
C TYR KA 90 -46.58 -86.18 -4.11
N LYS KA 91 -45.53 -86.02 -3.32
CA LYS KA 91 -45.65 -85.96 -1.87
C LYS KA 91 -44.89 -84.75 -1.36
N MET KA 92 -45.53 -83.98 -0.48
CA MET KA 92 -44.99 -82.71 -0.01
C MET KA 92 -44.90 -82.70 1.51
N ARG KA 93 -43.75 -82.31 2.02
CA ARG KA 93 -43.60 -82.08 3.44
C ARG KA 93 -43.26 -80.61 3.68
N SER KA 94 -43.96 -80.00 4.64
CA SER KA 94 -43.86 -78.57 4.89
C SER KA 94 -42.98 -78.35 6.10
N VAL KA 95 -41.80 -77.79 5.88
CA VAL KA 95 -40.89 -77.52 6.99
C VAL KA 95 -41.42 -76.31 7.75
N TYR KA 96 -41.20 -76.31 9.07
CA TYR KA 96 -41.61 -75.19 9.90
C TYR KA 96 -40.74 -75.18 11.15
N ALA KA 97 -40.57 -73.98 11.72
CA ALA KA 97 -39.74 -73.85 12.90
C ALA KA 97 -40.59 -73.52 14.12
N HIS KA 98 -41.30 -72.41 14.07
CA HIS KA 98 -42.09 -71.97 15.21
C HIS KA 98 -43.53 -71.70 14.82
N PHE KA 99 -43.89 -71.87 13.56
CA PHE KA 99 -45.24 -71.58 13.10
C PHE KA 99 -45.72 -72.79 12.32
N PRO KA 100 -46.41 -73.71 12.96
CA PRO KA 100 -46.80 -74.95 12.28
C PRO KA 100 -47.72 -74.69 11.11
N ILE KA 101 -47.22 -74.98 9.89
CA ILE KA 101 -48.00 -74.77 8.68
C ILE KA 101 -49.34 -75.45 8.83
N ASN KA 102 -50.42 -74.69 8.70
CA ASN KA 102 -51.77 -75.20 8.77
C ASN KA 102 -52.33 -75.25 7.37
N VAL KA 103 -52.24 -76.42 6.74
CA VAL KA 103 -52.76 -76.65 5.41
C VAL KA 103 -53.97 -77.57 5.52
N VAL KA 104 -55.08 -77.14 4.94
CA VAL KA 104 -56.30 -77.95 4.88
C VAL KA 104 -56.81 -77.84 3.46
N ILE KA 105 -57.68 -78.76 3.05
CA ILE KA 105 -58.12 -78.75 1.66
C ILE KA 105 -59.54 -78.23 1.59
N GLN KA 106 -59.72 -76.93 1.29
CA GLN KA 106 -60.99 -76.27 1.54
C GLN KA 106 -62.14 -76.94 0.81
N GLU KA 107 -61.97 -77.20 -0.48
CA GLU KA 107 -62.88 -78.06 -1.20
C GLU KA 107 -62.20 -79.41 -1.36
N ASN KA 108 -62.97 -80.42 -1.75
CA ASN KA 108 -62.44 -81.78 -1.75
C ASN KA 108 -61.25 -81.94 -2.69
N GLY KA 109 -61.44 -81.73 -3.98
CA GLY KA 109 -60.43 -82.11 -4.95
C GLY KA 109 -59.32 -81.13 -5.17
N SER KA 110 -59.51 -79.87 -4.81
CA SER KA 110 -58.52 -78.84 -5.07
C SER KA 110 -58.78 -77.71 -4.09
N LEU KA 111 -58.26 -76.52 -4.40
CA LEU KA 111 -58.49 -75.33 -3.59
C LEU KA 111 -57.93 -75.54 -2.18
N VAL KA 112 -56.62 -75.67 -2.13
CA VAL KA 112 -55.91 -75.90 -0.87
C VAL KA 112 -55.82 -74.59 -0.10
N GLU KA 113 -56.32 -74.59 1.13
CA GLU KA 113 -56.16 -73.46 2.03
C GLU KA 113 -54.86 -73.64 2.81
N ILE KA 114 -54.05 -72.57 2.85
CA ILE KA 114 -52.81 -72.54 3.60
C ILE KA 114 -52.86 -71.35 4.53
N ARG KA 115 -52.51 -71.55 5.80
CA ARG KA 115 -52.46 -70.43 6.74
C ARG KA 115 -51.53 -70.77 7.89
N ASN KA 116 -51.34 -69.77 8.75
CA ASN KA 116 -50.31 -69.78 9.79
C ASN KA 116 -48.95 -70.03 9.17
N PHE KA 117 -48.51 -69.07 8.36
CA PHE KA 117 -47.19 -69.13 7.73
C PHE KA 117 -46.32 -68.06 8.35
N LEU KA 118 -45.30 -68.47 9.10
CA LEU KA 118 -44.33 -67.57 9.71
C LEU KA 118 -44.97 -66.59 10.69
N GLY KA 119 -46.26 -66.73 10.96
CA GLY KA 119 -47.02 -65.73 11.65
C GLY KA 119 -47.89 -64.89 10.75
N GLU KA 120 -47.78 -65.05 9.44
CA GLU KA 120 -48.64 -64.30 8.53
C GLU KA 120 -50.09 -64.66 8.81
N LYS KA 121 -50.94 -63.65 8.95
CA LYS KA 121 -52.37 -63.85 9.00
C LYS KA 121 -52.97 -63.91 7.61
N TYR KA 122 -52.15 -64.08 6.59
CA TYR KA 122 -52.60 -64.08 5.21
C TYR KA 122 -52.93 -65.52 4.81
N ILE KA 123 -54.18 -65.77 4.59
CA ILE KA 123 -54.62 -67.07 4.09
C ILE KA 123 -54.31 -67.14 2.61
N ARG KA 124 -54.14 -68.34 2.09
CA ARG KA 124 -53.98 -68.55 0.66
C ARG KA 124 -54.92 -69.66 0.21
N ARG KA 125 -55.50 -69.48 -0.96
CA ARG KA 125 -56.30 -70.52 -1.60
C ARG KA 125 -55.62 -70.89 -2.91
N VAL KA 126 -54.69 -71.82 -2.84
CA VAL KA 126 -53.93 -72.28 -4.00
C VAL KA 126 -54.82 -73.21 -4.80
N ARG KA 127 -55.04 -72.88 -6.06
CA ARG KA 127 -55.98 -73.61 -6.91
C ARG KA 127 -55.23 -74.70 -7.66
N MET KA 128 -55.43 -75.95 -7.27
CA MET KA 128 -54.78 -77.06 -7.94
C MET KA 128 -55.24 -77.16 -9.38
N ARG KA 129 -54.38 -77.73 -10.22
CA ARG KA 129 -54.70 -77.85 -11.64
C ARG KA 129 -55.91 -78.74 -11.85
N PRO KA 130 -56.71 -78.45 -12.87
CA PRO KA 130 -57.85 -79.32 -13.18
C PRO KA 130 -57.39 -80.76 -13.44
N GLY KA 131 -58.20 -81.71 -12.98
CA GLY KA 131 -57.84 -83.10 -13.10
C GLY KA 131 -56.80 -83.58 -12.12
N VAL KA 132 -56.72 -82.96 -10.95
CA VAL KA 132 -55.72 -83.29 -9.94
C VAL KA 132 -56.41 -83.36 -8.60
N ALA KA 133 -56.18 -84.45 -7.87
CA ALA KA 133 -56.79 -84.65 -6.57
C ALA KA 133 -55.74 -84.43 -5.50
N CYS KA 134 -55.97 -83.45 -4.64
CA CYS KA 134 -55.12 -83.25 -3.48
C CYS KA 134 -55.70 -84.02 -2.31
N SER KA 135 -54.81 -84.47 -1.42
CA SER KA 135 -55.24 -85.26 -0.28
C SER KA 135 -54.16 -85.18 0.79
N VAL KA 136 -54.45 -84.50 1.89
CA VAL KA 136 -53.52 -84.50 3.01
C VAL KA 136 -53.48 -85.91 3.58
N SER KA 137 -52.30 -86.50 3.63
CA SER KA 137 -52.19 -87.84 4.18
C SER KA 137 -52.11 -87.78 5.69
N GLN KA 138 -52.00 -88.95 6.29
CA GLN KA 138 -52.09 -89.10 7.72
C GLN KA 138 -51.06 -90.04 8.32
N ALA KA 139 -50.48 -90.95 7.53
CA ALA KA 139 -49.40 -91.79 8.03
C ALA KA 139 -48.11 -91.01 8.20
N GLN KA 140 -48.00 -89.83 7.59
CA GLN KA 140 -46.88 -88.93 7.80
C GLN KA 140 -47.39 -87.61 8.33
N LYS KA 141 -46.69 -87.06 9.32
CA LYS KA 141 -47.28 -86.02 10.16
C LYS KA 141 -47.68 -84.80 9.34
N ASP KA 142 -46.84 -84.40 8.39
CA ASP KA 142 -47.08 -83.20 7.58
C ASP KA 142 -46.88 -83.61 6.13
N GLU KA 143 -47.96 -84.04 5.47
CA GLU KA 143 -47.83 -84.70 4.19
C GLU KA 143 -48.98 -84.33 3.27
N LEU KA 144 -48.65 -83.75 2.12
CA LEU KA 144 -49.57 -83.54 1.03
C LEU KA 144 -49.38 -84.64 0.00
N VAL KA 145 -50.48 -85.14 -0.54
CA VAL KA 145 -50.45 -86.18 -1.56
C VAL KA 145 -51.22 -85.68 -2.76
N LEU KA 146 -50.52 -85.42 -3.85
CA LEU KA 146 -51.11 -84.92 -5.08
C LEU KA 146 -51.19 -86.08 -6.05
N GLU KA 147 -52.34 -86.26 -6.68
CA GLU KA 147 -52.46 -87.39 -7.60
C GLU KA 147 -53.13 -86.95 -8.89
N GLY KA 148 -52.72 -87.60 -9.97
CA GLY KA 148 -53.29 -87.33 -11.27
C GLY KA 148 -52.73 -88.30 -12.29
N ASN KA 149 -52.93 -87.95 -13.56
CA ASN KA 149 -52.42 -88.78 -14.64
C ASN KA 149 -51.38 -88.06 -15.48
N ASP KA 150 -51.53 -86.77 -15.71
CA ASP KA 150 -50.57 -86.06 -16.55
C ASP KA 150 -49.49 -85.47 -15.64
N ILE KA 151 -48.28 -86.03 -15.74
CA ILE KA 151 -47.19 -85.59 -14.89
C ILE KA 151 -46.95 -84.10 -15.06
N GLU KA 152 -47.14 -83.60 -16.28
CA GLU KA 152 -47.15 -82.15 -16.48
C GLU KA 152 -48.07 -81.48 -15.47
N LEU KA 153 -49.29 -81.97 -15.36
CA LEU KA 153 -50.28 -81.32 -14.52
C LEU KA 153 -49.91 -81.41 -13.05
N VAL KA 154 -49.64 -82.64 -12.58
CA VAL KA 154 -49.40 -82.81 -11.15
C VAL KA 154 -48.16 -82.04 -10.72
N SER KA 155 -47.08 -82.12 -11.51
CA SER KA 155 -45.85 -81.45 -11.13
C SER KA 155 -45.98 -79.94 -11.24
N ASN KA 156 -46.73 -79.45 -12.23
CA ASN KA 156 -46.95 -78.01 -12.33
C ASN KA 156 -47.66 -77.50 -11.09
N SER KA 157 -48.76 -78.16 -10.72
CA SER KA 157 -49.45 -77.80 -9.50
C SER KA 157 -48.52 -77.88 -8.30
N ALA KA 158 -47.65 -78.88 -8.31
CA ALA KA 158 -46.75 -79.10 -7.19
C ALA KA 158 -45.80 -77.93 -7.02
N ALA KA 159 -45.11 -77.55 -8.08
CA ALA KA 159 -44.20 -76.42 -7.98
C ALA KA 159 -44.97 -75.14 -7.70
N LEU KA 160 -46.21 -75.06 -8.16
CA LEU KA 160 -47.01 -73.87 -7.90
C LEU KA 160 -47.24 -73.72 -6.41
N ILE KA 161 -47.69 -74.78 -5.76
CA ILE KA 161 -47.94 -74.72 -4.31
C ILE KA 161 -46.64 -74.46 -3.57
N GLN KA 162 -45.54 -75.10 -3.99
CA GLN KA 162 -44.28 -74.87 -3.30
C GLN KA 162 -43.87 -73.40 -3.39
N GLN KA 163 -43.92 -72.83 -4.58
CA GLN KA 163 -43.44 -71.48 -4.80
C GLN KA 163 -44.38 -70.43 -4.23
N ALA KA 164 -45.66 -70.74 -4.08
CA ALA KA 164 -46.58 -69.76 -3.54
C ALA KA 164 -46.38 -69.50 -2.07
N THR KA 165 -45.58 -70.32 -1.38
CA THR KA 165 -45.31 -70.15 0.03
C THR KA 165 -43.81 -69.91 0.26
N THR KA 166 -43.39 -68.66 0.06
CA THR KA 166 -42.00 -68.28 0.25
C THR KA 166 -41.92 -66.87 0.82
N VAL KA 167 -40.77 -66.59 1.42
CA VAL KA 167 -40.55 -65.38 2.20
C VAL KA 167 -40.25 -64.21 1.27
N LYS KA 168 -40.47 -63.01 1.78
CA LYS KA 168 -40.06 -61.80 1.08
C LYS KA 168 -39.19 -60.94 1.99
N ASN KA 169 -38.08 -60.47 1.44
CA ASN KA 169 -37.11 -59.66 2.17
C ASN KA 169 -36.63 -60.38 3.43
N LYS KA 170 -36.27 -61.65 3.29
CA LYS KA 170 -35.75 -62.45 4.39
C LYS KA 170 -34.64 -63.35 3.85
N ASP KA 171 -33.77 -63.79 4.76
CA ASP KA 171 -32.72 -64.72 4.40
C ASP KA 171 -33.28 -66.11 4.17
N ILE KA 172 -33.17 -66.61 2.94
CA ILE KA 172 -33.58 -67.97 2.64
C ILE KA 172 -32.52 -68.98 3.02
N ARG KA 173 -31.40 -68.56 3.57
CA ARG KA 173 -30.40 -69.49 4.06
C ARG KA 173 -30.63 -69.87 5.52
N LYS KA 174 -31.38 -69.08 6.28
CA LYS KA 174 -31.81 -69.48 7.61
C LYS KA 174 -33.31 -69.62 7.73
N PHE KA 175 -34.08 -68.60 7.34
CA PHE KA 175 -35.52 -68.77 7.22
C PHE KA 175 -35.79 -69.77 6.11
N LEU KA 176 -36.45 -70.87 6.44
CA LEU KA 176 -36.67 -71.94 5.48
C LEU KA 176 -38.13 -72.36 5.40
N ASP KA 177 -38.98 -71.85 6.28
CA ASP KA 177 -40.29 -72.42 6.49
C ASP KA 177 -41.09 -72.42 5.20
N GLY KA 178 -41.74 -73.54 4.92
CA GLY KA 178 -42.56 -73.61 3.72
C GLY KA 178 -42.71 -75.06 3.26
N ILE KA 179 -43.49 -75.22 2.21
CA ILE KA 179 -43.81 -76.51 1.64
C ILE KA 179 -42.83 -76.80 0.53
N TYR KA 180 -42.59 -78.09 0.28
CA TYR KA 180 -41.66 -78.48 -0.77
C TYR KA 180 -42.05 -79.82 -1.34
N VAL KA 181 -41.91 -79.96 -2.65
CA VAL KA 181 -41.98 -81.26 -3.30
C VAL KA 181 -40.81 -82.10 -2.84
N SER KA 182 -41.09 -83.33 -2.41
CA SER KA 182 -40.08 -84.12 -1.73
C SER KA 182 -39.72 -85.41 -2.46
N GLU KA 183 -40.71 -86.18 -2.88
CA GLU KA 183 -40.49 -87.55 -3.30
C GLU KA 183 -41.44 -87.91 -4.43
N LYS KA 184 -40.95 -87.77 -5.65
CA LYS KA 184 -41.75 -87.89 -6.87
C LYS KA 184 -42.15 -89.35 -7.04
N GLY KA 185 -43.42 -89.60 -7.32
CA GLY KA 185 -43.87 -90.98 -7.38
C GLY KA 185 -45.00 -91.27 -8.33
N THR KA 186 -45.55 -92.48 -8.20
CA THR KA 186 -46.66 -92.96 -9.01
C THR KA 186 -47.78 -93.41 -8.08
N VAL KA 187 -48.84 -93.97 -8.65
CA VAL KA 187 -49.95 -94.45 -7.82
C VAL KA 187 -49.67 -95.87 -7.34
N GLN KA 188 -49.61 -96.81 -8.28
CA GLN KA 188 -49.39 -98.22 -7.94
C GLN KA 188 -48.12 -98.70 -8.60
N GLN KA 189 -47.53 -99.73 -8.01
CA GLN KA 189 -46.16 -100.13 -8.30
C GLN KA 189 -46.12 -101.59 -8.71
N ALA KA 190 -45.12 -101.91 -9.53
CA ALA KA 190 -44.96 -103.26 -10.05
C ALA KA 190 -44.60 -104.25 -8.95
N THR LA 1 1.63 -24.70 -27.31
CA THR LA 1 0.62 -24.62 -26.25
C THR LA 1 -0.64 -23.95 -26.78
N GLY LA 2 -0.53 -22.67 -27.09
CA GLY LA 2 -1.60 -21.94 -27.74
C GLY LA 2 -1.50 -22.11 -29.24
N MET LA 3 -0.76 -23.14 -29.64
CA MET LA 3 -0.47 -23.49 -31.03
C MET LA 3 0.43 -22.47 -31.71
N ARG LA 4 0.74 -21.34 -31.05
CA ARG LA 4 1.66 -20.36 -31.61
C ARG LA 4 3.06 -20.94 -31.45
N GLY LA 5 3.34 -21.96 -32.26
CA GLY LA 5 4.61 -22.65 -32.25
C GLY LA 5 4.57 -23.95 -31.48
N ALA LA 6 3.50 -24.71 -31.65
CA ALA LA 6 3.29 -25.94 -30.88
C ALA LA 6 4.24 -27.03 -31.35
N PHE LA 7 4.91 -27.66 -30.40
CA PHE LA 7 5.76 -28.81 -30.68
C PHE LA 7 6.08 -29.47 -29.35
N GLY LA 8 5.81 -30.76 -29.25
CA GLY LA 8 5.89 -31.44 -27.98
C GLY LA 8 7.32 -31.61 -27.49
N LYS LA 9 7.42 -32.09 -26.26
CA LYS LA 9 8.67 -32.31 -25.56
C LYS LA 9 8.69 -33.71 -24.98
N PRO LA 10 9.87 -34.29 -24.79
CA PRO LA 10 9.94 -35.74 -24.53
C PRO LA 10 9.11 -36.15 -23.33
N GLN LA 11 8.44 -37.29 -23.47
CA GLN LA 11 7.60 -37.85 -22.42
C GLN LA 11 7.33 -39.29 -22.73
N GLY LA 12 7.62 -40.17 -21.77
CA GLY LA 12 7.45 -41.59 -22.00
C GLY LA 12 8.41 -42.10 -23.06
N THR LA 13 8.44 -43.40 -23.27
CA THR LA 13 9.34 -43.95 -24.29
C THR LA 13 8.81 -45.31 -24.68
N VAL LA 14 8.56 -45.49 -25.97
CA VAL LA 14 7.84 -46.64 -26.47
C VAL LA 14 8.74 -47.42 -27.40
N ALA LA 15 8.26 -48.59 -27.81
CA ALA LA 15 8.93 -49.41 -28.80
C ALA LA 15 7.95 -49.77 -29.89
N ARG LA 16 8.44 -49.85 -31.12
CA ARG LA 16 7.60 -50.12 -32.28
C ARG LA 16 7.72 -51.59 -32.63
N VAL LA 17 6.60 -52.25 -32.82
CA VAL LA 17 6.59 -53.65 -33.14
C VAL LA 17 6.44 -53.82 -34.65
N HIS LA 18 6.66 -55.03 -35.13
CA HIS LA 18 6.45 -55.37 -36.53
C HIS LA 18 5.71 -56.70 -36.59
N ILE LA 19 4.85 -56.82 -37.59
CA ILE LA 19 4.12 -58.07 -37.76
C ILE LA 19 5.11 -59.20 -37.91
N GLY LA 20 5.16 -60.09 -36.94
CA GLY LA 20 6.17 -61.11 -36.88
C GLY LA 20 7.31 -60.85 -35.93
N GLN LA 21 7.23 -59.81 -35.11
CA GLN LA 21 8.24 -59.57 -34.08
C GLN LA 21 8.14 -60.67 -33.02
N VAL LA 22 9.05 -60.63 -32.05
CA VAL LA 22 9.02 -61.57 -30.94
C VAL LA 22 9.22 -60.84 -29.62
N ILE LA 23 8.12 -60.48 -28.95
CA ILE LA 23 8.19 -59.60 -27.80
C ILE LA 23 8.62 -60.31 -26.53
N MET LA 24 8.60 -61.64 -26.51
CA MET LA 24 8.97 -62.33 -25.27
C MET LA 24 9.25 -63.77 -25.58
N SER LA 25 10.41 -64.25 -25.17
CA SER LA 25 10.78 -65.64 -25.34
C SER LA 25 11.15 -66.20 -23.99
N ILE LA 26 10.45 -67.26 -23.58
CA ILE LA 26 10.69 -67.92 -22.31
C ILE LA 26 11.35 -69.25 -22.61
N ARG LA 27 12.40 -69.58 -21.87
CA ARG LA 27 13.07 -70.85 -22.01
C ARG LA 27 12.93 -71.62 -20.70
N THR LA 28 12.70 -72.93 -20.80
CA THR LA 28 12.59 -73.75 -19.59
C THR LA 28 12.72 -75.22 -19.97
N LYS LA 29 12.40 -76.10 -19.03
CA LYS LA 29 12.41 -77.53 -19.24
C LYS LA 29 11.16 -77.97 -19.99
N LEU LA 30 11.32 -78.97 -20.86
CA LEU LA 30 10.22 -79.37 -21.72
C LEU LA 30 9.00 -79.80 -20.93
N GLN LA 31 9.20 -80.25 -19.70
CA GLN LA 31 8.08 -80.68 -18.87
C GLN LA 31 7.09 -79.55 -18.64
N ASN LA 32 7.51 -78.29 -18.80
CA ASN LA 32 6.69 -77.14 -18.50
C ASN LA 32 5.94 -76.63 -19.72
N LYS LA 33 5.58 -77.52 -20.65
CA LYS LA 33 4.92 -77.09 -21.87
C LYS LA 33 3.64 -76.33 -21.57
N GLU LA 34 2.82 -76.86 -20.66
CA GLU LA 34 1.56 -76.20 -20.34
C GLU LA 34 1.68 -75.22 -19.19
N HIS LA 35 2.88 -74.99 -18.66
CA HIS LA 35 3.05 -73.81 -17.83
C HIS LA 35 3.48 -72.62 -18.65
N VAL LA 36 4.28 -72.86 -19.70
CA VAL LA 36 4.77 -71.76 -20.52
C VAL LA 36 3.60 -70.98 -21.11
N VAL LA 37 2.80 -71.63 -21.95
CA VAL LA 37 1.73 -70.91 -22.62
C VAL LA 37 0.66 -70.47 -21.63
N GLU LA 38 0.38 -71.28 -20.62
CA GLU LA 38 -0.59 -70.86 -19.61
C GLU LA 38 -0.20 -69.52 -19.01
N ALA LA 39 1.04 -69.38 -18.53
CA ALA LA 39 1.45 -68.12 -17.95
C ALA LA 39 1.51 -67.04 -19.01
N LEU LA 40 2.19 -67.32 -20.12
CA LEU LA 40 2.43 -66.30 -21.12
C LEU LA 40 1.14 -65.74 -21.71
N ARG LA 41 0.04 -66.49 -21.66
CA ARG LA 41 -1.19 -65.96 -22.22
C ARG LA 41 -1.68 -64.74 -21.45
N ARG LA 42 -1.25 -64.58 -20.20
CA ARG LA 42 -1.64 -63.38 -19.45
C ARG LA 42 -1.15 -62.11 -20.14
N ALA LA 43 0.08 -62.13 -20.65
CA ALA LA 43 0.61 -60.95 -21.31
C ALA LA 43 -0.27 -60.48 -22.46
N LYS LA 44 -1.04 -61.39 -23.07
CA LYS LA 44 -2.00 -61.00 -24.09
C LYS LA 44 -3.03 -60.01 -23.55
N PHE LA 45 -3.27 -60.02 -22.24
CA PHE LA 45 -4.23 -59.12 -21.63
C PHE LA 45 -3.62 -57.83 -21.13
N LYS LA 46 -2.29 -57.75 -21.06
CA LYS LA 46 -1.65 -56.48 -20.79
C LYS LA 46 -1.25 -55.75 -22.05
N PHE LA 47 -1.07 -56.44 -23.12
CA PHE LA 47 -0.68 -55.66 -24.28
C PHE LA 47 -1.89 -55.24 -25.10
N PRO LA 48 -1.80 -54.14 -25.83
CA PRO LA 48 -2.91 -53.76 -26.70
C PRO LA 48 -3.06 -54.74 -27.85
N GLY LA 49 -4.30 -54.98 -28.24
CA GLY LA 49 -4.57 -55.81 -29.40
C GLY LA 49 -4.26 -57.27 -29.18
N ARG LA 50 -4.13 -57.99 -30.29
CA ARG LA 50 -4.02 -59.44 -30.27
C ARG LA 50 -2.60 -59.86 -30.65
N GLN LA 51 -2.07 -60.86 -29.95
CA GLN LA 51 -0.74 -61.37 -30.20
C GLN LA 51 -0.79 -62.90 -30.14
N LYS LA 52 -0.59 -63.53 -31.29
CA LYS LA 52 -0.53 -64.98 -31.34
C LYS LA 52 0.63 -65.49 -30.50
N ILE LA 53 0.37 -66.54 -29.73
CA ILE LA 53 1.41 -67.19 -28.94
C ILE LA 53 1.89 -68.39 -29.75
N HIS LA 54 3.01 -68.96 -29.32
CA HIS LA 54 3.73 -69.86 -30.21
C HIS LA 54 4.82 -70.59 -29.43
N ILE LA 55 5.09 -71.83 -29.85
CA ILE LA 55 6.13 -72.68 -29.28
C ILE LA 55 7.22 -72.89 -30.32
N SER LA 56 8.44 -72.55 -29.96
CA SER LA 56 9.52 -72.44 -30.94
C SER LA 56 9.91 -73.80 -31.48
N LYS LA 57 10.37 -73.80 -32.72
CA LYS LA 57 10.94 -74.98 -33.34
C LYS LA 57 12.44 -75.05 -33.16
N LYS LA 58 12.97 -74.43 -32.12
CA LYS LA 58 14.41 -74.33 -31.91
C LYS LA 58 14.77 -74.79 -30.50
N TRP LA 59 16.06 -75.06 -30.31
CA TRP LA 59 16.51 -75.57 -29.01
C TRP LA 59 16.36 -74.53 -27.92
N GLY LA 60 16.67 -73.28 -28.23
CA GLY LA 60 16.59 -72.22 -27.24
C GLY LA 60 16.59 -70.86 -27.90
N PHE LA 61 17.37 -69.95 -27.33
CA PHE LA 61 17.61 -68.67 -27.98
C PHE LA 61 18.72 -68.76 -29.01
N THR LA 62 18.93 -69.94 -29.55
CA THR LA 62 19.92 -70.20 -30.57
C THR LA 62 19.35 -69.92 -31.96
N LYS LA 63 20.26 -69.79 -32.93
CA LYS LA 63 19.83 -69.63 -34.32
C LYS LA 63 19.21 -70.90 -34.86
N PHE LA 64 19.35 -72.00 -34.13
CA PHE LA 64 19.31 -73.33 -34.73
C PHE LA 64 17.89 -73.90 -34.72
N ASN LA 65 17.77 -75.16 -35.08
CA ASN LA 65 16.48 -75.77 -35.36
C ASN LA 65 16.22 -76.89 -34.38
N ALA LA 66 15.27 -77.75 -34.72
CA ALA LA 66 14.93 -78.91 -33.91
C ALA LA 66 16.18 -79.70 -33.54
N ASP LA 67 16.04 -80.58 -32.58
CA ASP LA 67 17.11 -81.08 -31.74
C ASP LA 67 18.23 -81.78 -32.51
N GLU LA 68 18.24 -81.88 -33.84
CA GLU LA 68 19.48 -82.19 -34.55
C GLU LA 68 20.61 -81.24 -34.16
N PHE LA 69 20.26 -80.10 -33.55
CA PHE LA 69 21.21 -79.24 -32.87
C PHE LA 69 22.18 -80.04 -32.00
N GLU LA 70 21.65 -80.94 -31.16
CA GLU LA 70 22.54 -81.66 -30.25
C GLU LA 70 23.38 -82.68 -30.99
N ASP LA 71 22.87 -83.25 -32.08
CA ASP LA 71 23.71 -84.08 -32.94
C ASP LA 71 24.89 -83.26 -33.45
N MET LA 72 24.61 -82.04 -33.89
CA MET LA 72 25.66 -81.17 -34.38
C MET LA 72 26.65 -80.84 -33.28
N VAL LA 73 26.17 -80.66 -32.05
CA VAL LA 73 27.05 -80.48 -30.91
C VAL LA 73 27.96 -81.69 -30.72
N ALA LA 74 27.38 -82.89 -30.83
CA ALA LA 74 28.20 -84.10 -30.74
C ALA LA 74 29.28 -84.10 -31.81
N GLU LA 75 28.93 -83.66 -33.01
CA GLU LA 75 29.90 -83.49 -34.08
C GLU LA 75 30.91 -82.40 -33.77
N LYS LA 76 30.64 -81.59 -32.75
CA LYS LA 76 31.53 -80.56 -32.22
C LYS LA 76 31.51 -79.29 -33.04
N ARG LA 77 30.62 -79.20 -34.02
CA ARG LA 77 30.46 -77.96 -34.76
C ARG LA 77 29.74 -76.90 -33.93
N LEU LA 78 29.20 -77.25 -32.78
CA LEU LA 78 28.54 -76.30 -31.88
C LEU LA 78 29.09 -76.47 -30.48
N ILE LA 79 29.56 -75.38 -29.89
CA ILE LA 79 30.29 -75.42 -28.63
C ILE LA 79 29.40 -74.81 -27.55
N PRO LA 80 29.00 -75.56 -26.53
CA PRO LA 80 28.15 -75.00 -25.48
C PRO LA 80 28.96 -74.07 -24.61
N ASP LA 81 28.66 -72.77 -24.68
CA ASP LA 81 29.48 -71.80 -23.97
C ASP LA 81 28.61 -70.56 -23.72
N GLY LA 82 28.12 -70.43 -22.49
CA GLY LA 82 27.28 -69.30 -22.17
C GLY LA 82 25.80 -69.58 -22.35
N CYS LA 83 25.01 -68.52 -22.26
CA CYS LA 83 23.57 -68.64 -22.41
C CYS LA 83 23.19 -69.14 -23.79
N GLY LA 84 24.08 -69.03 -24.76
CA GLY LA 84 23.87 -69.57 -26.07
C GLY LA 84 24.94 -70.57 -26.43
N VAL LA 85 24.93 -71.04 -27.67
CA VAL LA 85 25.94 -71.98 -28.15
C VAL LA 85 26.70 -71.30 -29.28
N LYS LA 86 28.02 -71.47 -29.27
CA LYS LA 86 28.90 -70.81 -30.23
C LYS LA 86 29.04 -71.68 -31.47
N TYR LA 87 28.75 -71.11 -32.64
CA TYR LA 87 28.88 -71.81 -33.90
C TYR LA 87 30.34 -72.02 -34.24
N ILE LA 88 30.64 -73.10 -34.96
CA ILE LA 88 31.99 -73.34 -35.47
C ILE LA 88 31.90 -73.81 -36.91
N PRO LA 89 32.43 -73.07 -37.85
CA PRO LA 89 32.50 -73.57 -39.22
C PRO LA 89 33.67 -74.53 -39.33
N ASN LA 90 33.95 -75.05 -40.51
CA ASN LA 90 35.13 -75.87 -40.69
C ASN LA 90 36.29 -75.06 -41.26
N ARG LA 91 36.14 -73.75 -41.34
CA ARG LA 91 37.22 -72.87 -41.74
C ARG LA 91 38.16 -72.69 -40.57
N GLY LA 92 39.04 -71.69 -40.64
CA GLY LA 92 39.91 -71.39 -39.53
C GLY LA 92 41.26 -72.06 -39.67
N PRO LA 93 42.24 -71.58 -38.90
CA PRO LA 93 43.62 -72.07 -39.04
C PRO LA 93 44.02 -73.16 -38.06
N LEU LA 94 43.09 -73.76 -37.34
CA LEU LA 94 43.46 -74.73 -36.32
C LEU LA 94 43.56 -76.13 -36.86
N ASP LA 95 43.97 -76.28 -38.11
CA ASP LA 95 44.06 -77.57 -38.77
C ASP LA 95 45.09 -78.49 -38.12
N LYS LA 96 45.68 -78.06 -37.00
CA LYS LA 96 46.39 -78.98 -36.11
C LYS LA 96 45.63 -79.28 -34.84
N TRP LA 97 44.80 -78.35 -34.34
CA TRP LA 97 43.94 -78.67 -33.21
C TRP LA 97 42.84 -79.63 -33.61
N ARG LA 98 42.26 -79.45 -34.80
CA ARG LA 98 41.27 -80.39 -35.28
C ARG LA 98 41.88 -81.76 -35.50
N ALA LA 99 43.21 -81.83 -35.67
CA ALA LA 99 43.91 -83.10 -35.71
C ALA LA 99 44.08 -83.66 -34.30
N LEU LA 100 44.75 -82.90 -33.43
CA LEU LA 100 45.06 -83.37 -32.07
C LEU LA 100 43.81 -83.84 -31.33
N HIS LA 101 42.77 -83.01 -31.32
CA HIS LA 101 41.45 -83.46 -30.86
C HIS LA 101 40.41 -82.49 -31.39
N SER LA 102 39.53 -82.97 -32.26
CA SER LA 102 38.48 -82.15 -32.82
C SER LA 102 37.34 -82.00 -31.82
N GLU MA 1 78.05 -66.70 -36.04
CA GLU MA 1 77.95 -66.87 -37.49
C GLU MA 1 78.67 -65.74 -38.22
N ASN MA 2 77.91 -64.75 -38.67
CA ASN MA 2 78.44 -63.69 -39.51
C ASN MA 2 77.90 -62.34 -39.04
N PRO MA 3 78.61 -61.24 -39.35
CA PRO MA 3 78.17 -59.92 -38.87
C PRO MA 3 76.81 -59.52 -39.42
N MET MA 4 76.17 -60.43 -40.13
CA MET MA 4 74.80 -60.19 -40.59
C MET MA 4 73.93 -59.64 -39.46
N ARG MA 5 73.85 -60.34 -38.33
CA ARG MA 5 72.85 -60.07 -37.31
C ARG MA 5 73.41 -59.49 -36.03
N GLU MA 6 74.72 -59.22 -35.98
CA GLU MA 6 75.35 -58.85 -34.72
C GLU MA 6 74.72 -57.60 -34.14
N LEU MA 7 74.39 -57.65 -32.87
CA LEU MA 7 73.90 -56.46 -32.18
C LEU MA 7 75.01 -55.43 -32.08
N ARG MA 8 74.68 -54.19 -32.37
CA ARG MA 8 75.63 -53.09 -32.28
C ARG MA 8 74.89 -51.85 -31.81
N ILE MA 9 75.65 -50.87 -31.30
CA ILE MA 9 75.06 -49.67 -30.75
C ILE MA 9 74.35 -48.89 -31.84
N ARG MA 10 73.14 -48.43 -31.56
CA ARG MA 10 72.44 -47.52 -32.47
C ARG MA 10 72.45 -46.09 -31.97
N LYS MA 11 72.02 -45.85 -30.75
CA LYS MA 11 72.20 -44.51 -30.19
C LYS MA 11 72.16 -44.57 -28.67
N LEU MA 12 72.66 -43.50 -28.07
CA LEU MA 12 72.53 -43.28 -26.62
C LEU MA 12 71.92 -41.92 -26.40
N CYS MA 13 70.73 -41.89 -25.80
CA CYS MA 13 70.00 -40.66 -25.54
C CYS MA 13 70.14 -40.30 -24.08
N LEU MA 14 70.67 -39.12 -23.80
CA LEU MA 14 70.82 -38.63 -22.45
C LEU MA 14 70.10 -37.30 -22.34
N ASN MA 15 69.45 -37.07 -21.20
CA ASN MA 15 68.68 -35.86 -21.02
C ASN MA 15 68.53 -35.53 -19.55
N ILE MA 16 68.12 -34.28 -19.30
CA ILE MA 16 67.89 -33.74 -17.97
C ILE MA 16 66.62 -32.92 -18.03
N CYS MA 17 65.72 -33.14 -17.07
CA CYS MA 17 64.44 -32.44 -17.01
C CYS MA 17 64.42 -31.63 -15.72
N VAL MA 18 65.00 -30.43 -15.78
CA VAL MA 18 65.28 -29.67 -14.58
C VAL MA 18 64.01 -29.23 -13.87
N GLY MA 19 62.88 -29.25 -14.54
CA GLY MA 19 61.63 -28.89 -13.90
C GLY MA 19 61.50 -27.44 -13.50
N GLU MA 20 62.40 -26.57 -13.97
CA GLU MA 20 62.27 -25.13 -13.77
C GLU MA 20 62.65 -24.45 -15.09
N SER MA 21 62.96 -23.16 -15.01
CA SER MA 21 63.12 -22.38 -16.22
C SER MA 21 64.38 -21.52 -16.27
N GLY MA 22 64.92 -21.10 -15.13
CA GLY MA 22 65.95 -20.09 -15.14
C GLY MA 22 67.35 -20.58 -15.42
N ASP MA 23 68.30 -20.13 -14.59
CA ASP MA 23 69.69 -20.55 -14.76
C ASP MA 23 69.89 -22.04 -14.55
N ARG MA 24 68.96 -22.73 -13.88
CA ARG MA 24 69.18 -24.13 -13.56
C ARG MA 24 69.44 -24.94 -14.83
N LEU MA 25 68.54 -24.83 -15.82
CA LEU MA 25 68.74 -25.57 -17.06
C LEU MA 25 69.93 -25.03 -17.84
N THR MA 26 70.21 -23.74 -17.70
CA THR MA 26 71.36 -23.16 -18.38
C THR MA 26 72.65 -23.81 -17.90
N ARG MA 27 72.72 -24.14 -16.62
CA ARG MA 27 73.86 -24.86 -16.09
C ARG MA 27 73.81 -26.35 -16.46
N ALA MA 28 72.61 -26.92 -16.52
CA ALA MA 28 72.49 -28.33 -16.89
C ALA MA 28 72.98 -28.58 -18.31
N ALA MA 29 72.59 -27.70 -19.24
CA ALA MA 29 73.09 -27.79 -20.60
C ALA MA 29 74.60 -27.74 -20.63
N LYS MA 30 75.20 -26.87 -19.80
CA LYS MA 30 76.65 -26.83 -19.72
C LYS MA 30 77.20 -28.16 -19.26
N VAL MA 31 76.55 -28.79 -18.28
CA VAL MA 31 77.05 -30.06 -17.77
C VAL MA 31 77.06 -31.10 -18.89
N LEU MA 32 75.96 -31.17 -19.63
CA LEU MA 32 75.89 -32.11 -20.74
C LEU MA 32 76.93 -31.77 -21.79
N GLU MA 33 77.19 -30.48 -22.00
CA GLU MA 33 78.19 -30.07 -22.98
C GLU MA 33 79.58 -30.53 -22.56
N GLN MA 34 79.93 -30.33 -21.29
CA GLN MA 34 81.20 -30.80 -20.78
C GLN MA 34 81.33 -32.30 -20.93
N LEU MA 35 80.24 -33.03 -20.68
CA LEU MA 35 80.32 -34.48 -20.76
C LEU MA 35 80.47 -34.95 -22.22
N THR MA 36 79.45 -34.70 -23.03
CA THR MA 36 79.45 -35.25 -24.37
C THR MA 36 80.49 -34.59 -25.27
N GLY MA 37 80.54 -33.27 -25.28
CA GLY MA 37 81.43 -32.56 -26.17
C GLY MA 37 80.78 -31.98 -27.39
N GLN MA 38 79.46 -32.09 -27.54
CA GLN MA 38 78.74 -31.43 -28.62
C GLN MA 38 77.52 -30.72 -28.04
N THR MA 39 77.16 -29.60 -28.67
CA THR MA 39 76.10 -28.77 -28.14
C THR MA 39 74.77 -29.52 -28.09
N PRO MA 40 74.07 -29.49 -26.98
CA PRO MA 40 72.78 -30.18 -26.88
C PRO MA 40 71.67 -29.27 -27.35
N VAL MA 41 70.44 -29.75 -27.26
CA VAL MA 41 69.29 -28.91 -27.56
C VAL MA 41 68.31 -28.95 -26.40
N PHE MA 42 67.22 -28.21 -26.53
CA PHE MA 42 66.28 -28.01 -25.43
C PHE MA 42 64.88 -28.37 -25.91
N SER MA 43 64.09 -28.91 -24.99
CA SER MA 43 62.70 -29.25 -25.27
C SER MA 43 61.81 -28.41 -24.36
N LYS MA 44 60.87 -27.71 -24.97
CA LYS MA 44 59.86 -26.96 -24.25
C LYS MA 44 58.76 -27.92 -23.80
N ALA MA 45 57.64 -27.37 -23.33
CA ALA MA 45 56.51 -28.18 -22.93
C ALA MA 45 55.46 -28.22 -24.01
N ARG MA 46 54.60 -29.22 -23.93
CA ARG MA 46 53.48 -29.37 -24.85
C ARG MA 46 52.17 -28.88 -24.27
N TYR MA 47 51.95 -29.11 -22.98
CA TYR MA 47 50.73 -28.71 -22.30
C TYR MA 47 51.12 -27.77 -21.17
N THR MA 48 50.13 -27.36 -20.38
CA THR MA 48 50.37 -26.61 -19.15
C THR MA 48 49.91 -27.46 -17.97
N VAL MA 49 50.76 -27.58 -16.97
CA VAL MA 49 50.42 -28.26 -15.73
C VAL MA 49 50.89 -27.35 -14.60
N ARG MA 50 49.96 -26.60 -14.02
CA ARG MA 50 50.27 -25.79 -12.84
C ARG MA 50 50.68 -26.68 -11.68
N SER MA 51 50.12 -27.89 -11.61
CA SER MA 51 50.44 -28.82 -10.54
C SER MA 51 51.93 -29.14 -10.50
N PHE MA 52 52.63 -28.99 -11.62
CA PHE MA 52 54.05 -29.27 -11.69
C PHE MA 52 54.88 -28.03 -11.94
N GLY MA 53 54.25 -26.91 -12.27
CA GLY MA 53 54.97 -25.69 -12.52
C GLY MA 53 55.37 -25.47 -13.96
N ILE MA 54 54.52 -25.81 -14.92
CA ILE MA 54 54.82 -25.65 -16.33
C ILE MA 54 53.64 -24.99 -17.03
N ARG MA 55 53.93 -24.34 -18.15
CA ARG MA 55 52.92 -23.79 -19.04
C ARG MA 55 53.24 -24.25 -20.45
N ARG MA 56 52.32 -23.97 -21.37
CA ARG MA 56 52.60 -24.27 -22.77
C ARG MA 56 53.84 -23.51 -23.22
N ASN MA 57 54.75 -24.24 -23.86
CA ASN MA 57 56.03 -23.71 -24.36
C ASN MA 57 57.03 -23.45 -23.25
N GLU MA 58 56.75 -23.88 -22.03
CA GLU MA 58 57.68 -23.65 -20.93
C GLU MA 58 58.98 -24.37 -21.21
N LYS MA 59 60.07 -23.63 -21.30
CA LYS MA 59 61.36 -24.17 -21.73
C LYS MA 59 61.94 -24.99 -20.60
N ILE MA 60 61.74 -26.31 -20.64
CA ILE MA 60 62.00 -27.18 -19.50
C ILE MA 60 63.32 -27.91 -19.60
N ALA MA 61 63.46 -28.82 -20.57
CA ALA MA 61 64.49 -29.85 -20.47
C ALA MA 61 65.60 -29.63 -21.47
N VAL MA 62 66.75 -30.24 -21.20
CA VAL MA 62 67.89 -30.22 -22.11
C VAL MA 62 68.30 -31.66 -22.42
N HIS MA 63 68.47 -31.97 -23.70
CA HIS MA 63 68.74 -33.34 -24.10
C HIS MA 63 69.77 -33.37 -25.22
N CYS MA 64 70.32 -34.57 -25.44
CA CYS MA 64 71.19 -34.79 -26.59
C CYS MA 64 71.28 -36.28 -26.87
N THR MA 65 71.77 -36.59 -28.08
CA THR MA 65 71.89 -37.93 -28.61
C THR MA 65 73.32 -38.15 -29.08
N VAL MA 66 73.85 -39.36 -28.86
CA VAL MA 66 75.23 -39.64 -29.22
C VAL MA 66 75.32 -40.97 -29.96
N ARG MA 67 76.19 -41.02 -30.97
CA ARG MA 67 76.37 -42.18 -31.82
C ARG MA 67 77.86 -42.46 -31.98
N GLY MA 68 78.18 -43.73 -32.21
CA GLY MA 68 79.55 -44.11 -32.50
C GLY MA 68 80.42 -44.36 -31.28
N ALA MA 69 81.71 -44.07 -31.39
CA ALA MA 69 82.65 -44.45 -30.34
C ALA MA 69 82.32 -43.79 -29.01
N LYS MA 70 81.99 -42.49 -29.04
CA LYS MA 70 81.67 -41.81 -27.80
C LYS MA 70 80.51 -42.46 -27.09
N ALA MA 71 79.64 -43.17 -27.83
CA ALA MA 71 78.53 -43.86 -27.19
C ALA MA 71 79.04 -44.90 -26.20
N GLU MA 72 79.98 -45.75 -26.63
CA GLU MA 72 80.52 -46.74 -25.71
C GLU MA 72 81.34 -46.08 -24.62
N GLU MA 73 82.10 -45.05 -24.97
CA GLU MA 73 82.82 -44.27 -23.96
C GLU MA 73 81.90 -43.92 -22.80
N ILE MA 74 80.85 -43.15 -23.09
CA ILE MA 74 79.95 -42.65 -22.07
C ILE MA 74 79.20 -43.80 -21.40
N LEU MA 75 78.79 -44.78 -22.19
CA LEU MA 75 78.05 -45.89 -21.62
C LEU MA 75 78.84 -46.55 -20.51
N GLU MA 76 80.08 -46.93 -20.79
CA GLU MA 76 80.91 -47.56 -19.76
C GLU MA 76 81.19 -46.59 -18.61
N LYS MA 77 81.46 -45.32 -18.94
CA LYS MA 77 81.81 -44.36 -17.89
C LYS MA 77 80.67 -44.24 -16.88
N GLY MA 78 79.43 -44.22 -17.36
CA GLY MA 78 78.31 -44.23 -16.45
C GLY MA 78 78.12 -45.57 -15.76
N LEU MA 79 78.20 -46.66 -16.52
CA LEU MA 79 77.93 -47.97 -15.96
C LEU MA 79 78.93 -48.36 -14.89
N LYS MA 80 80.09 -47.70 -14.82
CA LYS MA 80 80.97 -47.97 -13.69
C LYS MA 80 80.31 -47.58 -12.37
N VAL MA 81 79.41 -46.60 -12.40
CA VAL MA 81 78.72 -46.18 -11.18
C VAL MA 81 77.93 -47.34 -10.60
N ARG MA 82 77.11 -47.99 -11.44
CA ARG MA 82 76.41 -49.19 -11.02
C ARG MA 82 77.29 -50.42 -11.08
N GLU MA 83 78.54 -50.25 -11.48
CA GLU MA 83 79.48 -51.34 -11.73
C GLU MA 83 78.77 -52.50 -12.41
N TYR MA 84 78.19 -52.20 -13.57
CA TYR MA 84 77.58 -53.22 -14.42
C TYR MA 84 76.44 -53.95 -13.69
N GLU MA 85 75.39 -53.19 -13.35
CA GLU MA 85 74.20 -53.82 -12.79
C GLU MA 85 72.93 -53.04 -13.15
N LEU MA 86 71.95 -53.77 -13.67
CA LEU MA 86 70.62 -53.25 -13.95
C LEU MA 86 69.59 -54.23 -13.41
N ARG MA 87 68.34 -54.04 -13.82
CA ARG MA 87 67.25 -54.89 -13.39
C ARG MA 87 66.46 -55.37 -14.60
N LYS MA 88 65.73 -56.48 -14.41
CA LYS MA 88 65.00 -57.11 -15.52
C LYS MA 88 64.14 -56.09 -16.25
N ASN MA 89 63.18 -55.50 -15.55
CA ASN MA 89 62.25 -54.56 -16.14
C ASN MA 89 62.94 -53.44 -16.89
N ASN MA 90 64.23 -53.20 -16.67
CA ASN MA 90 64.88 -52.09 -17.34
C ASN MA 90 65.08 -52.34 -18.83
N PHE MA 91 64.83 -53.54 -19.32
CA PHE MA 91 64.90 -53.80 -20.76
C PHE MA 91 63.51 -53.76 -21.35
N SER MA 92 63.28 -52.81 -22.25
CA SER MA 92 61.94 -52.50 -22.72
C SER MA 92 61.48 -53.56 -23.71
N ASP MA 93 60.41 -53.26 -24.45
CA ASP MA 93 59.78 -54.24 -25.33
C ASP MA 93 60.49 -54.35 -26.67
N THR MA 94 61.41 -53.44 -26.99
CA THR MA 94 62.19 -53.55 -28.21
C THR MA 94 63.69 -53.54 -27.93
N GLY MA 95 64.11 -54.15 -26.84
CA GLY MA 95 65.52 -54.34 -26.58
C GLY MA 95 66.30 -53.08 -26.35
N ASN MA 96 65.65 -51.98 -26.02
CA ASN MA 96 66.33 -50.74 -25.71
C ASN MA 96 66.05 -50.41 -24.25
N PHE MA 97 67.11 -50.12 -23.50
CA PHE MA 97 66.99 -50.10 -22.05
C PHE MA 97 67.29 -48.71 -21.52
N GLY MA 98 67.09 -48.54 -20.21
CA GLY MA 98 67.32 -47.24 -19.61
C GLY MA 98 67.68 -47.33 -18.15
N PHE MA 99 68.17 -46.21 -17.63
CA PHE MA 99 68.47 -46.04 -16.22
C PHE MA 99 68.87 -44.59 -15.99
N GLY MA 100 68.52 -44.05 -14.82
CA GLY MA 100 68.89 -42.70 -14.48
C GLY MA 100 69.97 -42.65 -13.43
N ILE MA 101 70.76 -41.58 -13.39
CA ILE MA 101 71.79 -41.41 -12.37
C ILE MA 101 71.63 -40.04 -11.75
N GLN MA 102 71.97 -39.95 -10.47
CA GLN MA 102 71.56 -38.88 -9.57
C GLN MA 102 72.47 -37.66 -9.65
N GLU MA 103 73.78 -37.85 -9.73
CA GLU MA 103 74.71 -36.74 -9.77
C GLU MA 103 75.57 -36.81 -11.03
N HIS MA 104 76.57 -35.93 -11.09
CA HIS MA 104 77.46 -35.86 -12.23
C HIS MA 104 78.93 -35.95 -11.87
N ILE MA 105 79.29 -35.89 -10.58
CA ILE MA 105 80.70 -35.80 -10.23
C ILE MA 105 81.42 -37.13 -10.41
N ASP MA 106 80.75 -38.26 -10.17
CA ASP MA 106 81.43 -39.50 -10.49
C ASP MA 106 81.45 -39.79 -11.99
N LEU MA 107 81.11 -38.82 -12.83
CA LEU MA 107 81.40 -38.87 -14.25
C LEU MA 107 82.53 -37.89 -14.57
N GLY MA 108 83.46 -37.76 -13.64
CA GLY MA 108 84.68 -37.02 -13.86
C GLY MA 108 84.53 -35.53 -14.09
N ILE MA 109 83.72 -34.85 -13.29
CA ILE MA 109 83.65 -33.39 -13.30
C ILE MA 109 83.55 -32.91 -11.85
N LYS MA 110 84.37 -31.92 -11.49
CA LYS MA 110 84.41 -31.46 -10.11
C LYS MA 110 83.15 -30.69 -9.76
N TYR MA 111 82.77 -30.77 -8.48
CA TYR MA 111 81.63 -30.00 -7.99
C TYR MA 111 81.89 -28.52 -8.17
N ASP MA 112 81.11 -27.89 -9.05
CA ASP MA 112 81.26 -26.46 -9.31
C ASP MA 112 80.09 -25.71 -8.72
N PRO MA 113 80.29 -24.92 -7.64
CA PRO MA 113 79.19 -24.16 -7.04
C PRO MA 113 78.52 -23.21 -8.01
N SER MA 114 79.27 -22.74 -9.02
CA SER MA 114 78.66 -21.96 -10.09
C SER MA 114 77.61 -22.78 -10.84
N ILE MA 115 77.66 -24.10 -10.71
CA ILE MA 115 76.65 -25.04 -11.20
C ILE MA 115 76.10 -25.69 -9.94
N GLY MA 116 75.20 -26.65 -10.07
CA GLY MA 116 74.61 -27.30 -8.94
C GLY MA 116 74.79 -28.81 -8.95
N ILE MA 117 73.94 -29.47 -8.18
CA ILE MA 117 73.86 -30.94 -8.15
C ILE MA 117 72.86 -31.34 -9.23
N TYR MA 118 73.36 -31.92 -10.32
CA TYR MA 118 72.53 -32.28 -11.45
C TYR MA 118 72.61 -33.79 -11.69
N GLY MA 119 71.47 -34.38 -11.98
CA GLY MA 119 71.43 -35.77 -12.41
C GLY MA 119 70.96 -35.88 -13.84
N LEU MA 120 71.26 -37.00 -14.49
CA LEU MA 120 70.93 -37.14 -15.90
C LEU MA 120 70.57 -38.59 -16.19
N ASP MA 121 69.84 -38.79 -17.28
CA ASP MA 121 69.36 -40.11 -17.62
C ASP MA 121 70.36 -40.82 -18.53
N PHE MA 122 69.99 -42.04 -18.92
CA PHE MA 122 70.71 -42.80 -19.92
C PHE MA 122 69.75 -43.82 -20.51
N TYR MA 123 69.33 -43.61 -21.76
CA TYR MA 123 68.53 -44.59 -22.46
C TYR MA 123 69.30 -45.04 -23.68
N VAL MA 124 69.59 -46.32 -23.76
CA VAL MA 124 70.38 -46.86 -24.85
C VAL MA 124 69.46 -47.60 -25.81
N VAL MA 125 69.67 -47.38 -27.10
CA VAL MA 125 68.99 -48.13 -28.14
C VAL MA 125 70.03 -48.94 -28.88
N LEU MA 126 69.90 -50.27 -28.78
CA LEU MA 126 70.79 -51.20 -29.48
C LEU MA 126 70.35 -51.32 -30.93
N GLY MA 127 70.94 -52.29 -31.63
CA GLY MA 127 70.49 -52.54 -32.98
C GLY MA 127 71.45 -53.40 -33.75
N ARG MA 128 71.10 -53.59 -35.00
CA ARG MA 128 71.72 -54.39 -36.02
C ARG MA 128 72.04 -53.50 -37.21
N PRO MA 129 72.97 -53.91 -38.07
CA PRO MA 129 73.01 -53.27 -39.38
C PRO MA 129 71.68 -53.49 -40.09
N GLY MA 130 71.20 -52.45 -40.74
CA GLY MA 130 69.93 -52.59 -41.42
C GLY MA 130 68.69 -52.37 -40.58
N PHE MA 131 68.75 -51.55 -39.54
CA PHE MA 131 67.54 -50.87 -39.07
C PHE MA 131 67.30 -49.52 -39.74
N SER MA 132 68.35 -48.86 -40.22
CA SER MA 132 68.12 -47.57 -40.87
C SER MA 132 67.25 -47.68 -42.11
N ILE MA 133 66.94 -48.90 -42.55
CA ILE MA 133 66.08 -49.09 -43.71
C ILE MA 133 64.69 -48.54 -43.47
N ALA MA 134 64.34 -48.31 -42.20
CA ALA MA 134 63.05 -47.76 -41.87
C ALA MA 134 63.09 -46.27 -41.59
N ASP MA 135 64.21 -45.61 -41.87
CA ASP MA 135 64.29 -44.16 -41.72
C ASP MA 135 64.76 -43.47 -42.99
N LYS MA 136 64.65 -44.14 -44.13
CA LYS MA 136 65.20 -43.63 -45.38
C LYS MA 136 64.24 -42.62 -46.02
N LYS MA 137 64.56 -42.28 -47.26
CA LYS MA 137 63.72 -41.45 -48.10
C LYS MA 137 63.46 -42.05 -49.47
N ARG MA 138 64.44 -42.70 -50.08
CA ARG MA 138 64.27 -43.22 -51.43
C ARG MA 138 63.18 -44.29 -51.49
N ARG MA 139 63.18 -45.22 -50.54
CA ARG MA 139 62.14 -46.23 -50.44
C ARG MA 139 62.25 -46.85 -49.06
N THR MA 140 61.12 -47.18 -48.45
CA THR MA 140 61.09 -47.48 -47.04
C THR MA 140 60.16 -48.65 -46.78
N GLY MA 141 60.53 -49.52 -45.86
CA GLY MA 141 59.70 -50.61 -45.41
C GLY MA 141 59.94 -50.90 -43.94
N CYS MA 142 59.66 -52.14 -43.55
CA CYS MA 142 59.87 -52.60 -42.19
C CYS MA 142 61.31 -53.07 -42.01
N ILE MA 143 61.62 -53.45 -40.78
CA ILE MA 143 62.91 -54.04 -40.43
C ILE MA 143 62.80 -55.53 -40.60
N GLY MA 144 61.71 -55.97 -41.21
CA GLY MA 144 61.39 -57.37 -41.25
C GLY MA 144 60.74 -57.81 -39.96
N ALA MA 145 60.39 -59.10 -39.93
CA ALA MA 145 59.71 -59.66 -38.77
C ALA MA 145 60.60 -60.50 -37.88
N LYS MA 146 61.58 -61.21 -38.44
CA LYS MA 146 62.49 -62.01 -37.63
C LYS MA 146 63.87 -61.40 -37.54
N HIS MA 147 64.05 -60.16 -37.99
CA HIS MA 147 65.30 -59.44 -37.90
C HIS MA 147 65.33 -58.47 -36.73
N ARG MA 148 64.61 -58.76 -35.66
CA ARG MA 148 64.43 -57.83 -34.57
C ARG MA 148 64.95 -58.40 -33.27
N ILE MA 149 64.70 -57.67 -32.18
CA ILE MA 149 65.26 -57.95 -30.88
C ILE MA 149 64.17 -57.75 -29.83
N SER MA 150 64.42 -58.29 -28.63
CA SER MA 150 63.44 -58.19 -27.56
C SER MA 150 64.19 -58.13 -26.23
N LYS MA 151 63.45 -58.31 -25.13
CA LYS MA 151 64.02 -58.13 -23.81
C LYS MA 151 65.13 -59.12 -23.53
N GLU MA 152 64.86 -60.41 -23.72
CA GLU MA 152 65.88 -61.42 -23.47
C GLU MA 152 67.01 -61.32 -24.47
N GLU MA 153 66.69 -61.00 -25.72
CA GLU MA 153 67.70 -60.89 -26.75
C GLU MA 153 68.56 -59.64 -26.59
N ALA MA 154 68.18 -58.72 -25.72
CA ALA MA 154 69.08 -57.67 -25.27
C ALA MA 154 69.80 -58.01 -23.97
N MET MA 155 69.13 -58.78 -23.10
CA MET MA 155 69.80 -59.30 -21.92
C MET MA 155 71.03 -60.11 -22.30
N ARG MA 156 70.95 -60.89 -23.37
CA ARG MA 156 72.11 -61.64 -23.84
C ARG MA 156 73.30 -60.72 -24.07
N TRP MA 157 73.07 -59.62 -24.79
CA TRP MA 157 74.16 -58.69 -25.09
C TRP MA 157 74.68 -58.04 -23.82
N PHE MA 158 73.78 -57.65 -22.92
CA PHE MA 158 74.23 -57.02 -21.69
C PHE MA 158 75.09 -57.96 -20.86
N GLN MA 159 74.65 -59.21 -20.69
CA GLN MA 159 75.41 -60.13 -19.84
C GLN MA 159 76.74 -60.51 -20.50
N GLN MA 160 76.73 -60.72 -21.81
CA GLN MA 160 77.95 -61.15 -22.48
C GLN MA 160 78.99 -60.05 -22.52
N LYS MA 161 78.56 -58.84 -22.92
CA LYS MA 161 79.52 -57.81 -23.29
C LYS MA 161 80.15 -57.17 -22.06
N TYR MA 162 79.35 -56.52 -21.23
CA TYR MA 162 79.82 -55.81 -20.06
C TYR MA 162 79.77 -56.65 -18.79
N ASP MA 163 79.50 -57.94 -18.89
CA ASP MA 163 79.52 -58.86 -17.75
C ASP MA 163 78.44 -58.55 -16.71
N GLY MA 164 77.69 -57.46 -16.88
CA GLY MA 164 76.69 -57.11 -15.90
C GLY MA 164 75.62 -58.18 -15.79
N ILE MA 165 75.22 -58.47 -14.55
CA ILE MA 165 74.20 -59.47 -14.30
C ILE MA 165 72.89 -58.74 -13.99
N ILE MA 166 71.83 -59.53 -13.85
CA ILE MA 166 70.48 -59.01 -13.73
C ILE MA 166 69.84 -59.62 -12.49
N LEU MA 167 69.24 -58.77 -11.67
CA LEU MA 167 68.61 -59.16 -10.42
C LEU MA 167 67.14 -59.45 -10.63
N PRO MA 168 66.64 -60.62 -10.22
CA PRO MA 168 65.20 -60.89 -10.31
C PRO MA 168 64.40 -59.92 -9.46
N GLY MA 169 63.49 -59.19 -10.09
CA GLY MA 169 62.64 -58.25 -9.39
C GLY MA 169 61.60 -57.62 -10.29
N VAL NA 1 -45.86 -92.13 -42.63
CA VAL NA 1 -46.61 -91.01 -43.20
C VAL NA 1 -46.41 -90.97 -44.70
N PHE NA 2 -45.18 -90.72 -45.13
CA PHE NA 2 -44.88 -90.70 -46.55
C PHE NA 2 -45.05 -92.10 -47.13
N ARG NA 3 -45.61 -92.14 -48.33
CA ARG NA 3 -45.92 -93.39 -49.00
C ARG NA 3 -45.26 -93.50 -50.37
N ARG NA 4 -44.22 -92.71 -50.62
CA ARG NA 4 -43.40 -92.79 -51.82
C ARG NA 4 -41.98 -92.41 -51.41
N PHE NA 5 -41.16 -93.40 -51.10
CA PHE NA 5 -39.78 -93.13 -50.72
C PHE NA 5 -38.89 -93.01 -51.96
N VAL NA 6 -37.64 -92.62 -51.71
CA VAL NA 6 -36.64 -92.51 -52.77
C VAL NA 6 -35.63 -93.62 -52.53
N GLU NA 7 -35.67 -94.67 -53.35
CA GLU NA 7 -34.81 -95.83 -53.14
C GLU NA 7 -33.73 -95.88 -54.21
N VAL NA 8 -32.95 -96.96 -54.18
CA VAL NA 8 -31.85 -97.14 -55.13
C VAL NA 8 -32.40 -97.46 -56.51
N GLY NA 9 -33.71 -97.67 -56.60
CA GLY NA 9 -34.27 -98.08 -57.87
C GLY NA 9 -35.58 -97.42 -58.16
N ARG NA 10 -35.85 -96.30 -57.50
CA ARG NA 10 -37.09 -95.58 -57.75
C ARG NA 10 -37.17 -95.13 -59.20
N VAL NA 11 -38.39 -94.97 -59.69
CA VAL NA 11 -38.66 -94.60 -61.07
C VAL NA 11 -39.47 -93.31 -61.01
N ALA NA 12 -38.92 -92.23 -61.56
CA ALA NA 12 -39.46 -90.89 -61.34
C ALA NA 12 -39.81 -90.18 -62.64
N TYR NA 13 -40.91 -89.43 -62.58
CA TYR NA 13 -41.33 -88.51 -63.62
C TYR NA 13 -40.55 -87.21 -63.51
N VAL NA 14 -40.14 -86.64 -64.64
CA VAL NA 14 -39.56 -85.30 -64.59
C VAL NA 14 -40.65 -84.27 -64.86
N SER NA 15 -40.63 -83.18 -64.10
CA SER NA 15 -41.67 -82.17 -64.22
C SER NA 15 -41.16 -80.83 -64.71
N PHE NA 16 -39.93 -80.47 -64.38
CA PHE NA 16 -39.30 -79.26 -64.87
C PHE NA 16 -38.23 -79.65 -65.89
N GLY NA 17 -37.42 -78.69 -66.29
CA GLY NA 17 -36.20 -79.00 -67.00
C GLY NA 17 -36.41 -79.20 -68.48
N PRO NA 18 -35.32 -79.46 -69.20
CA PRO NA 18 -35.39 -79.61 -70.65
C PRO NA 18 -35.81 -81.00 -71.09
N HIS NA 19 -35.94 -81.94 -70.15
CA HIS NA 19 -36.44 -83.28 -70.43
C HIS NA 19 -37.88 -83.43 -69.96
N ALA NA 20 -38.57 -82.31 -69.79
CA ALA NA 20 -39.86 -82.31 -69.12
C ALA NA 20 -40.87 -83.18 -69.84
N GLY NA 21 -41.79 -83.75 -69.08
CA GLY NA 21 -42.79 -84.64 -69.61
C GLY NA 21 -42.38 -86.09 -69.69
N LYS NA 22 -41.11 -86.39 -69.47
CA LYS NA 22 -40.59 -87.74 -69.61
C LYS NA 22 -40.60 -88.48 -68.29
N LEU NA 23 -40.28 -89.76 -68.38
CA LEU NA 23 -40.11 -90.64 -67.24
C LEU NA 23 -38.70 -91.21 -67.27
N VAL NA 24 -38.14 -91.51 -66.11
CA VAL NA 24 -36.73 -91.85 -66.00
C VAL NA 24 -36.45 -92.48 -64.65
N ALA NA 25 -35.56 -93.47 -64.58
CA ALA NA 25 -35.30 -94.12 -63.31
C ALA NA 25 -34.10 -93.50 -62.61
N ILE NA 26 -34.24 -93.30 -61.30
CA ILE NA 26 -33.08 -92.98 -60.48
C ILE NA 26 -32.14 -94.16 -60.51
N VAL NA 27 -30.84 -93.89 -60.52
CA VAL NA 27 -29.88 -94.96 -60.32
C VAL NA 27 -29.33 -94.85 -58.91
N ASP NA 28 -28.66 -93.76 -58.59
CA ASP NA 28 -28.05 -93.65 -57.26
C ASP NA 28 -28.00 -92.20 -56.82
N VAL NA 29 -28.03 -91.99 -55.51
CA VAL NA 29 -28.09 -90.66 -54.93
C VAL NA 29 -26.68 -90.12 -54.78
N ILE NA 30 -26.44 -88.92 -55.32
CA ILE NA 30 -25.17 -88.24 -55.14
C ILE NA 30 -25.19 -87.53 -53.80
N ASP NA 31 -26.12 -86.60 -53.63
CA ASP NA 31 -26.30 -85.90 -52.36
C ASP NA 31 -27.78 -85.62 -52.17
N GLN NA 32 -28.07 -84.73 -51.23
CA GLN NA 32 -29.44 -84.36 -50.86
C GLN NA 32 -30.11 -83.47 -51.87
N ASN NA 33 -29.51 -83.24 -53.04
CA ASN NA 33 -30.18 -82.45 -54.05
C ASN NA 33 -30.20 -83.19 -55.37
N ARG NA 34 -29.13 -83.90 -55.69
CA ARG NA 34 -28.90 -84.42 -57.01
C ARG NA 34 -28.70 -85.92 -56.98
N ALA NA 35 -29.32 -86.62 -57.91
CA ALA NA 35 -29.21 -88.06 -58.01
C ALA NA 35 -29.08 -88.48 -59.47
N LEU NA 36 -28.04 -89.24 -59.77
CA LEU NA 36 -27.82 -89.75 -61.12
C LEU NA 36 -29.03 -90.54 -61.58
N VAL NA 37 -29.46 -90.32 -62.82
CA VAL NA 37 -30.63 -91.01 -63.36
C VAL NA 37 -30.39 -91.37 -64.81
N ASP NA 38 -31.30 -92.17 -65.36
CA ASP NA 38 -31.35 -92.47 -66.79
C ASP NA 38 -32.59 -93.27 -67.08
N GLY NA 39 -33.05 -93.20 -68.33
CA GLY NA 39 -33.95 -94.19 -68.86
C GLY NA 39 -33.57 -94.55 -70.27
N PRO NA 40 -33.11 -95.77 -70.48
CA PRO NA 40 -32.58 -96.13 -71.79
C PRO NA 40 -33.69 -96.34 -72.82
N CYS NA 41 -34.79 -96.96 -72.39
CA CYS NA 41 -35.94 -97.12 -73.25
C CYS NA 41 -36.82 -95.89 -73.25
N THR NA 42 -36.54 -94.93 -72.37
CA THR NA 42 -37.23 -93.65 -72.36
C THR NA 42 -36.37 -92.54 -72.94
N ARG NA 43 -35.23 -92.89 -73.55
CA ARG NA 43 -34.49 -91.97 -74.40
C ARG NA 43 -34.01 -90.75 -73.61
N VAL NA 44 -33.14 -91.01 -72.63
CA VAL NA 44 -32.53 -89.98 -71.80
C VAL NA 44 -31.09 -90.40 -71.51
N ARG NA 45 -30.15 -89.46 -71.63
CA ARG NA 45 -28.77 -89.73 -71.27
C ARG NA 45 -28.63 -89.95 -69.77
N ARG NA 46 -27.61 -90.70 -69.38
CA ARG NA 46 -27.31 -90.81 -67.95
C ARG NA 46 -26.62 -89.54 -67.49
N GLN NA 47 -27.25 -88.84 -66.54
CA GLN NA 47 -26.92 -87.47 -66.24
C GLN NA 47 -27.55 -87.09 -64.91
N ALA NA 48 -26.80 -86.31 -64.13
CA ALA NA 48 -27.20 -86.00 -62.75
C ALA NA 48 -28.15 -84.81 -62.73
N MET NA 49 -29.40 -85.05 -62.38
CA MET NA 49 -30.37 -83.97 -62.33
C MET NA 49 -30.85 -83.75 -60.90
N PRO NA 50 -31.19 -82.52 -60.54
CA PRO NA 50 -31.62 -82.24 -59.17
C PRO NA 50 -32.90 -82.97 -58.83
N PHE NA 51 -33.23 -82.96 -57.55
CA PHE NA 51 -34.54 -83.48 -57.15
C PHE NA 51 -35.66 -82.54 -57.54
N LYS NA 52 -35.41 -81.23 -57.55
CA LYS NA 52 -36.49 -80.29 -57.83
C LYS NA 52 -37.07 -80.48 -59.22
N CYS NA 53 -36.30 -81.05 -60.15
CA CYS NA 53 -36.82 -81.39 -61.47
C CYS NA 53 -37.52 -82.75 -61.50
N MET NA 54 -37.60 -83.43 -60.37
CA MET NA 54 -38.05 -84.81 -60.33
C MET NA 54 -39.51 -84.87 -59.89
N GLN NA 55 -40.10 -86.06 -60.00
CA GLN NA 55 -41.46 -86.31 -59.55
C GLN NA 55 -41.67 -87.82 -59.49
N LEU NA 56 -42.26 -88.29 -58.40
CA LEU NA 56 -42.11 -89.67 -57.98
C LEU NA 56 -43.33 -90.52 -58.31
N THR NA 57 -43.10 -91.80 -58.54
CA THR NA 57 -44.12 -92.78 -58.91
C THR NA 57 -43.96 -94.03 -58.07
N ASP NA 58 -44.79 -95.03 -58.35
CA ASP NA 58 -44.90 -96.21 -57.51
C ASP NA 58 -44.06 -97.39 -57.98
N PHE NA 59 -43.24 -97.23 -59.00
CA PHE NA 59 -42.59 -98.36 -59.64
C PHE NA 59 -41.14 -98.45 -59.19
N ILE NA 60 -40.76 -99.61 -58.68
CA ILE NA 60 -39.45 -99.83 -58.10
C ILE NA 60 -38.81 -101.03 -58.77
N LEU NA 61 -37.50 -100.93 -59.01
CA LEU NA 61 -36.80 -101.92 -59.79
C LEU NA 61 -35.72 -102.58 -58.94
N LYS NA 62 -34.84 -103.36 -59.55
CA LYS NA 62 -33.75 -104.00 -58.82
C LYS NA 62 -32.45 -103.83 -59.60
N PHE NA 63 -31.49 -103.13 -59.00
CA PHE NA 63 -30.13 -103.02 -59.49
C PHE NA 63 -29.28 -102.38 -58.39
N PRO NA 64 -27.95 -102.46 -58.50
CA PRO NA 64 -27.08 -102.05 -57.39
C PRO NA 64 -26.77 -100.56 -57.27
N HIS NA 65 -25.83 -100.23 -56.37
CA HIS NA 65 -25.35 -98.87 -56.15
C HIS NA 65 -24.70 -98.27 -57.39
N SER NA 66 -24.59 -99.04 -58.47
CA SER NA 66 -24.25 -98.54 -59.81
C SER NA 66 -24.30 -99.71 -60.77
N ALA NA 67 -24.89 -99.49 -61.94
CA ALA NA 67 -25.02 -100.56 -62.91
C ALA NA 67 -24.74 -100.06 -64.31
N ARG NA 68 -24.83 -100.96 -65.29
CA ARG NA 68 -24.65 -100.61 -66.68
C ARG NA 68 -26.02 -100.54 -67.35
N GLN NA 69 -26.18 -99.58 -68.26
CA GLN NA 69 -27.45 -99.44 -68.95
C GLN NA 69 -27.87 -100.73 -69.66
N LYS NA 70 -26.90 -101.51 -70.14
CA LYS NA 70 -27.20 -102.83 -70.68
C LYS NA 70 -28.06 -103.62 -69.70
N TYR NA 71 -27.73 -103.52 -68.41
CA TYR NA 71 -28.40 -104.36 -67.43
C TYR NA 71 -29.69 -103.71 -66.94
N VAL NA 72 -29.69 -102.37 -66.85
CA VAL NA 72 -30.90 -101.70 -66.39
C VAL NA 72 -31.99 -101.80 -67.45
N ARG NA 73 -31.63 -101.96 -68.72
CA ARG NA 73 -32.66 -102.16 -69.74
C ARG NA 73 -33.42 -103.44 -69.49
N LYS NA 74 -32.70 -104.53 -69.17
CA LYS NA 74 -33.37 -105.77 -68.84
C LYS NA 74 -34.20 -105.62 -67.58
N ALA NA 75 -33.67 -104.89 -66.58
CA ALA NA 75 -34.45 -104.63 -65.37
C ALA NA 75 -35.74 -103.87 -65.69
N TRP NA 76 -35.67 -102.86 -66.53
CA TRP NA 76 -36.82 -102.08 -66.97
C TRP NA 76 -37.85 -102.96 -67.64
N GLU NA 77 -37.45 -103.64 -68.71
CA GLU NA 77 -38.39 -104.46 -69.46
C GLU NA 77 -38.87 -105.67 -68.67
N LYS NA 78 -38.20 -106.03 -67.59
CA LYS NA 78 -38.73 -107.07 -66.71
C LYS NA 78 -40.09 -106.65 -66.17
N ALA NA 79 -40.18 -105.44 -65.64
CA ALA NA 79 -41.46 -104.90 -65.23
C ALA NA 79 -42.33 -104.47 -66.41
N ASP NA 80 -41.71 -104.20 -67.56
CA ASP NA 80 -42.44 -103.68 -68.72
C ASP NA 80 -43.17 -102.39 -68.34
N ILE NA 81 -42.37 -101.41 -67.93
CA ILE NA 81 -42.94 -100.23 -67.27
C ILE NA 81 -43.88 -99.49 -68.19
N ASN NA 82 -43.50 -99.34 -69.46
CA ASN NA 82 -44.23 -98.45 -70.35
C ASN NA 82 -45.65 -98.92 -70.64
N THR NA 83 -46.09 -100.01 -70.03
CA THR NA 83 -47.50 -100.35 -70.01
C THR NA 83 -48.16 -100.05 -68.67
N LYS NA 84 -47.49 -100.37 -67.56
CA LYS NA 84 -48.06 -100.05 -66.25
C LYS NA 84 -48.22 -98.54 -66.08
N TRP NA 85 -47.19 -97.79 -66.46
CA TRP NA 85 -47.30 -96.33 -66.43
C TRP NA 85 -48.45 -95.85 -67.30
N ALA NA 86 -48.42 -96.16 -68.59
CA ALA NA 86 -49.47 -95.71 -69.49
C ALA NA 86 -50.84 -96.22 -69.09
N ALA NA 87 -50.91 -97.16 -68.15
CA ALA NA 87 -52.19 -97.54 -67.57
C ALA NA 87 -52.55 -96.69 -66.36
N THR NA 88 -51.55 -96.21 -65.63
CA THR NA 88 -51.83 -95.33 -64.51
C THR NA 88 -52.60 -94.10 -64.97
N ARG NA 89 -53.49 -93.62 -64.11
CA ARG NA 89 -54.32 -92.49 -64.47
C ARG NA 89 -53.47 -91.23 -64.70
N TRP NA 90 -52.33 -91.13 -64.03
CA TRP NA 90 -51.56 -89.90 -64.01
C TRP NA 90 -51.04 -89.63 -65.43
N ALA NA 91 -51.06 -90.64 -66.28
CA ALA NA 91 -50.71 -90.40 -67.67
C ALA NA 91 -51.92 -90.00 -68.50
N LYS NA 92 -53.09 -90.51 -68.13
CA LYS NA 92 -54.31 -90.16 -68.85
C LYS NA 92 -54.61 -88.67 -68.73
N LYS NA 93 -54.40 -88.11 -67.54
CA LYS NA 93 -54.58 -86.67 -67.35
C LYS NA 93 -53.68 -85.89 -68.28
N ILE NA 94 -52.39 -86.22 -68.28
CA ILE NA 94 -51.47 -85.54 -69.18
C ILE NA 94 -52.01 -85.62 -70.60
N GLU NA 95 -52.14 -86.84 -71.11
CA GLU NA 95 -52.46 -87.05 -72.52
C GLU NA 95 -53.72 -86.31 -72.93
N ALA NA 96 -54.76 -86.37 -72.11
CA ALA NA 96 -55.98 -85.66 -72.44
C ALA NA 96 -55.76 -84.15 -72.42
N ARG NA 97 -54.87 -83.66 -71.55
CA ARG NA 97 -54.69 -82.21 -71.51
C ARG NA 97 -53.96 -81.72 -72.76
N GLU NA 98 -52.98 -82.47 -73.26
CA GLU NA 98 -52.40 -82.00 -74.52
C GLU NA 98 -53.37 -82.21 -75.67
N ARG NA 99 -54.25 -83.21 -75.59
CA ARG NA 99 -55.32 -83.29 -76.57
C ARG NA 99 -56.12 -82.00 -76.59
N LYS NA 100 -56.46 -81.47 -75.41
CA LYS NA 100 -57.16 -80.18 -75.36
C LYS NA 100 -56.30 -79.07 -75.94
N ALA NA 101 -55.07 -78.93 -75.46
CA ALA NA 101 -54.23 -77.80 -75.88
C ALA NA 101 -53.92 -77.83 -77.37
N LYS NA 102 -54.05 -78.97 -78.03
CA LYS NA 102 -53.95 -79.01 -79.48
C LYS NA 102 -55.31 -79.06 -80.16
N MET NA 103 -56.39 -79.07 -79.38
CA MET NA 103 -57.72 -78.98 -79.96
C MET NA 103 -57.93 -77.66 -80.68
N THR NA 104 -58.22 -77.75 -81.98
CA THR NA 104 -58.20 -76.61 -82.89
C THR NA 104 -59.49 -75.79 -82.76
N ASP NA 105 -59.78 -74.94 -83.74
CA ASP NA 105 -60.99 -74.12 -83.63
C ASP NA 105 -62.24 -74.91 -83.98
N PHE NA 106 -62.32 -75.41 -85.22
CA PHE NA 106 -63.51 -76.14 -85.65
C PHE NA 106 -63.84 -77.27 -84.68
N ASP NA 107 -62.81 -77.88 -84.11
CA ASP NA 107 -63.04 -78.80 -83.01
C ASP NA 107 -63.72 -78.10 -81.84
N ARG NA 108 -63.32 -76.85 -81.57
CA ARG NA 108 -63.98 -76.13 -80.48
C ARG NA 108 -65.46 -75.93 -80.79
N TYR NA 109 -65.80 -75.68 -82.06
CA TYR NA 109 -67.21 -75.51 -82.39
C TYR NA 109 -67.98 -76.81 -82.29
N LYS NA 110 -67.34 -77.93 -82.59
CA LYS NA 110 -68.00 -79.20 -82.32
C LYS NA 110 -68.23 -79.38 -80.82
N VAL NA 111 -67.20 -79.10 -80.03
CA VAL NA 111 -67.25 -79.38 -78.60
C VAL NA 111 -68.30 -78.52 -77.92
N MET NA 112 -68.37 -77.25 -78.28
CA MET NA 112 -69.34 -76.37 -77.64
C MET NA 112 -70.76 -76.90 -77.84
N LYS NA 113 -71.12 -77.24 -79.08
CA LYS NA 113 -72.46 -77.73 -79.34
C LYS NA 113 -72.73 -79.05 -78.63
N ALA NA 114 -71.76 -79.97 -78.68
CA ALA NA 114 -71.97 -81.28 -78.06
C ALA NA 114 -72.13 -81.15 -76.55
N LYS NA 115 -71.25 -80.39 -75.91
CA LYS NA 115 -71.32 -80.22 -74.47
C LYS NA 115 -72.58 -79.49 -74.07
N LYS NA 116 -73.02 -78.51 -74.87
CA LYS NA 116 -74.27 -77.82 -74.57
C LYS NA 116 -75.42 -78.80 -74.56
N MET NA 117 -75.48 -79.68 -75.56
CA MET NA 117 -76.55 -80.67 -75.56
C MET NA 117 -76.44 -81.60 -74.36
N ARG NA 118 -75.22 -82.02 -74.03
CA ARG NA 118 -75.07 -82.87 -72.86
C ARG NA 118 -75.60 -82.18 -71.61
N ASN NA 119 -75.31 -80.89 -71.45
CA ASN NA 119 -75.74 -80.20 -70.25
C ASN NA 119 -77.25 -80.11 -70.20
N ARG NA 120 -77.89 -79.87 -71.33
CA ARG NA 120 -79.36 -79.86 -71.32
C ARG NA 120 -79.90 -81.21 -70.90
N ILE NA 121 -79.30 -82.29 -71.39
CA ILE NA 121 -79.74 -83.64 -71.00
C ILE NA 121 -79.53 -83.86 -69.51
N ILE NA 122 -78.37 -83.45 -68.99
CA ILE NA 122 -78.08 -83.63 -67.57
C ILE NA 122 -79.11 -82.90 -66.73
N LYS NA 123 -79.41 -81.65 -67.08
CA LYS NA 123 -80.39 -80.94 -66.31
C LYS NA 123 -81.78 -81.54 -66.47
N ASN NA 124 -82.09 -82.10 -67.63
CA ASN NA 124 -83.33 -82.84 -67.78
C ASN NA 124 -83.47 -83.92 -66.72
N GLU NA 125 -82.52 -84.86 -66.72
CA GLU NA 125 -82.66 -86.00 -65.82
C GLU NA 125 -82.50 -85.58 -64.37
N VAL NA 126 -81.66 -84.58 -64.11
CA VAL NA 126 -81.50 -84.08 -62.75
C VAL NA 126 -82.79 -83.49 -62.24
N LYS NA 127 -83.49 -82.73 -63.09
CA LYS NA 127 -84.78 -82.15 -62.70
C LYS NA 127 -85.77 -83.25 -62.38
N LYS NA 128 -85.78 -84.32 -63.18
CA LYS NA 128 -86.58 -85.48 -62.80
C LYS NA 128 -86.17 -86.00 -61.44
N LEU NA 129 -84.87 -85.93 -61.13
CA LEU NA 129 -84.41 -86.46 -59.84
C LEU NA 129 -84.88 -85.61 -58.67
N GLN NA 130 -84.87 -84.27 -58.82
CA GLN NA 130 -85.47 -83.46 -57.76
C GLN NA 130 -86.96 -83.75 -57.63
N ARG NA 131 -87.65 -83.94 -58.75
CA ARG NA 131 -89.05 -84.33 -58.65
C ARG NA 131 -89.21 -85.61 -57.84
N ALA NA 132 -88.32 -86.58 -58.04
CA ALA NA 132 -88.47 -87.88 -57.40
C ALA NA 132 -88.08 -87.85 -55.92
N ALA NA 133 -87.07 -87.05 -55.56
CA ALA NA 133 -86.57 -87.08 -54.19
C ALA NA 133 -87.61 -86.61 -53.19
N LEU NA 134 -88.29 -85.51 -53.51
CA LEU NA 134 -89.26 -84.92 -52.59
C LEU NA 134 -90.40 -85.88 -52.28
N LEU NA 135 -90.88 -86.61 -53.28
CA LEU NA 135 -92.08 -87.40 -53.12
C LEU NA 135 -91.89 -88.51 -52.09
N LYS NA 136 -90.68 -89.06 -52.02
CA LYS NA 136 -90.34 -90.03 -50.98
C LYS NA 136 -89.74 -89.38 -49.74
N ALA NA 137 -89.38 -88.10 -49.80
CA ALA NA 137 -88.78 -87.46 -48.64
C ALA NA 137 -89.79 -87.38 -47.48
N SER NA 138 -89.35 -86.77 -46.39
CA SER NA 138 -90.19 -86.61 -45.21
C SER NA 138 -90.61 -85.16 -45.00
N GLY OA 1 23.42 76.83 -63.70
CA GLY OA 1 22.06 76.44 -63.41
C GLY OA 1 21.84 76.06 -61.96
N ALA OA 2 20.95 76.80 -61.30
CA ALA OA 2 20.74 76.60 -59.87
C ALA OA 2 20.31 75.17 -59.56
N TYR OA 3 19.41 74.63 -60.39
CA TYR OA 3 18.91 73.30 -60.11
C TYR OA 3 20.00 72.25 -60.24
N LYS OA 4 21.06 72.50 -61.01
CA LYS OA 4 22.19 71.60 -60.97
C LYS OA 4 22.83 71.59 -59.59
N TYR OA 5 23.00 72.76 -58.99
CA TYR OA 5 23.57 72.81 -57.65
C TYR OA 5 22.67 72.11 -56.66
N ILE OA 6 21.36 72.36 -56.75
CA ILE OA 6 20.42 71.72 -55.84
C ILE OA 6 20.47 70.21 -56.00
N GLN OA 7 20.50 69.74 -57.25
CA GLN OA 7 20.59 68.32 -57.54
C GLN OA 7 21.81 67.72 -56.88
N GLU OA 8 22.98 68.32 -57.12
CA GLU OA 8 24.18 67.77 -56.54
C GLU OA 8 24.09 67.77 -55.02
N LEU OA 9 23.44 68.78 -54.45
CA LEU OA 9 23.34 68.85 -53.00
C LEU OA 9 22.50 67.71 -52.46
N TRP OA 10 21.33 67.48 -53.04
CA TRP OA 10 20.48 66.39 -52.57
C TRP OA 10 21.18 65.06 -52.79
N ARG OA 11 21.92 64.93 -53.89
CA ARG OA 11 22.71 63.73 -54.09
C ARG OA 11 23.66 63.50 -52.93
N LYS OA 12 24.39 64.54 -52.54
CA LYS OA 12 25.21 64.41 -51.35
C LYS OA 12 24.32 64.38 -50.11
N LYS OA 13 24.89 63.90 -49.02
CA LYS OA 13 24.18 63.81 -47.75
C LYS OA 13 25.15 64.27 -46.68
N GLN OA 14 24.88 63.89 -45.44
CA GLN OA 14 25.72 64.23 -44.30
C GLN OA 14 25.81 65.75 -44.14
N SER OA 15 24.62 66.36 -44.17
CA SER OA 15 24.32 67.70 -43.68
C SER OA 15 22.97 67.61 -42.96
N ASP OA 16 22.83 68.38 -41.88
CA ASP OA 16 21.79 68.16 -40.88
C ASP OA 16 20.42 68.69 -41.25
N VAL OA 17 20.26 69.35 -42.40
CA VAL OA 17 18.97 69.92 -42.76
C VAL OA 17 17.87 68.87 -42.70
N MET OA 18 18.21 67.63 -43.06
CA MET OA 18 17.27 66.53 -42.92
C MET OA 18 16.83 66.35 -41.48
N ARG OA 19 17.79 66.31 -40.55
CA ARG OA 19 17.42 66.14 -39.16
C ARG OA 19 16.62 67.32 -38.64
N PHE OA 20 16.99 68.53 -39.04
CA PHE OA 20 16.26 69.71 -38.62
C PHE OA 20 14.80 69.62 -39.05
N LEU OA 21 14.57 69.39 -40.34
CA LEU OA 21 13.23 69.52 -40.91
C LEU OA 21 12.52 68.18 -41.07
N LEU OA 22 13.01 67.12 -40.45
CA LEU OA 22 12.19 65.92 -40.36
C LEU OA 22 11.27 65.99 -39.16
N ARG OA 23 11.79 66.43 -38.01
CA ARG OA 23 10.93 66.68 -36.87
C ARG OA 23 9.83 67.67 -37.21
N VAL OA 24 10.13 68.68 -38.03
CA VAL OA 24 9.12 69.64 -38.43
C VAL OA 24 7.93 68.93 -39.05
N ARG OA 25 8.11 67.68 -39.46
CA ARG OA 25 7.00 66.88 -39.93
C ARG OA 25 6.53 65.86 -38.92
N CYS OA 26 7.43 65.25 -38.16
CA CYS OA 26 7.01 64.24 -37.20
C CYS OA 26 6.12 64.85 -36.12
N TRP OA 27 6.47 66.05 -35.66
CA TRP OA 27 5.59 66.74 -34.73
C TRP OA 27 4.25 67.09 -35.37
N GLN OA 28 4.26 67.64 -36.59
CA GLN OA 28 3.03 68.20 -37.13
C GLN OA 28 2.10 67.15 -37.69
N TYR OA 29 2.61 65.98 -38.05
CA TYR OA 29 1.70 64.91 -38.42
C TYR OA 29 0.99 64.32 -37.21
N ARG OA 30 1.43 64.67 -36.01
CA ARG OA 30 0.81 64.24 -34.77
C ARG OA 30 0.06 65.37 -34.08
N GLN OA 31 0.36 66.61 -34.45
CA GLN OA 31 -0.41 67.77 -34.04
C GLN OA 31 -1.63 67.94 -34.95
N LEU OA 32 -1.40 67.92 -36.25
CA LEU OA 32 -2.37 67.86 -37.34
C LEU OA 32 -2.19 66.51 -38.03
N SER OA 33 -2.89 66.31 -39.15
CA SER OA 33 -3.00 64.97 -39.72
C SER OA 33 -1.63 64.37 -40.07
N ALA OA 34 -1.60 63.04 -40.11
CA ALA OA 34 -0.49 62.28 -40.68
C ALA OA 34 -0.46 62.38 -42.19
N LEU OA 35 -1.49 62.96 -42.76
CA LEU OA 35 -1.67 63.16 -44.19
C LEU OA 35 -2.11 64.59 -44.39
N HIS OA 36 -1.20 65.49 -44.79
CA HIS OA 36 -1.70 66.84 -44.95
C HIS OA 36 -1.05 67.51 -46.14
N ARG OA 37 -1.75 68.54 -46.63
CA ARG OA 37 -1.30 69.31 -47.79
C ARG OA 37 -0.10 70.14 -47.39
N ALA OA 38 0.87 70.22 -48.29
CA ALA OA 38 1.92 71.19 -48.13
C ALA OA 38 1.69 72.30 -49.13
N PRO OA 39 2.23 73.47 -48.89
CA PRO OA 39 1.94 74.60 -49.77
C PRO OA 39 2.98 74.80 -50.86
N ARG OA 40 4.06 74.04 -50.81
CA ARG OA 40 5.15 74.17 -51.76
C ARG OA 40 5.97 72.89 -51.78
N PRO OA 41 6.33 72.41 -52.97
CA PRO OA 41 7.16 71.19 -53.04
C PRO OA 41 8.54 71.47 -52.44
N THR OA 42 8.81 70.85 -51.28
CA THR OA 42 10.03 71.14 -50.58
C THR OA 42 11.25 70.87 -51.44
N ARG OA 43 11.13 69.99 -52.40
CA ARG OA 43 12.27 69.81 -53.28
C ARG OA 43 11.90 70.22 -54.69
N PRO OA 44 11.88 71.54 -54.99
CA PRO OA 44 11.59 71.96 -56.36
C PRO OA 44 12.54 71.38 -57.37
N ASP OA 45 13.69 70.87 -56.94
CA ASP OA 45 14.44 69.95 -57.78
C ASP OA 45 13.59 68.76 -58.19
N LYS OA 46 13.27 67.92 -57.22
CA LYS OA 46 12.78 66.59 -57.54
C LYS OA 46 11.36 66.64 -58.09
N ALA OA 47 10.55 67.59 -57.61
CA ALA OA 47 9.20 67.70 -58.14
C ALA OA 47 9.23 67.98 -59.63
N ARG OA 48 10.00 69.00 -60.04
CA ARG OA 48 10.07 69.32 -61.45
C ARG OA 48 10.69 68.17 -62.23
N ARG OA 49 11.74 67.55 -61.68
CA ARG OA 49 12.37 66.46 -62.41
C ARG OA 49 11.39 65.32 -62.65
N LEU OA 50 10.58 64.97 -61.65
CA LEU OA 50 9.52 63.99 -61.89
C LEU OA 50 8.46 64.49 -62.84
N GLY OA 51 8.31 65.79 -62.98
CA GLY OA 51 7.22 66.29 -63.78
C GLY OA 51 6.24 67.02 -62.90
N TYR OA 52 6.34 68.35 -62.94
CA TYR OA 52 5.57 69.24 -62.10
C TYR OA 52 5.77 70.63 -62.65
N LYS OA 53 4.75 71.46 -62.54
CA LYS OA 53 4.88 72.87 -62.88
C LYS OA 53 3.94 73.64 -61.99
N ALA OA 54 4.42 74.71 -61.39
CA ALA OA 54 3.67 75.37 -60.34
C ALA OA 54 2.47 76.12 -60.89
N LYS OA 55 2.11 75.83 -62.14
CA LYS OA 55 0.87 76.36 -62.70
C LYS OA 55 -0.30 76.01 -61.79
N GLN OA 56 -1.33 76.86 -61.82
CA GLN OA 56 -2.47 76.64 -60.96
C GLN OA 56 -3.11 75.29 -61.25
N GLY OA 57 -3.50 74.58 -60.20
CA GLY OA 57 -4.12 73.27 -60.33
C GLY OA 57 -3.27 72.13 -59.84
N TYR OA 58 -2.10 72.41 -59.27
CA TYR OA 58 -1.16 71.38 -58.85
C TYR OA 58 -1.05 71.40 -57.33
N VAL OA 59 -1.06 70.22 -56.72
CA VAL OA 59 -1.05 70.11 -55.27
C VAL OA 59 0.06 69.15 -54.88
N ILE OA 60 0.54 69.26 -53.65
CA ILE OA 60 1.35 68.19 -53.07
C ILE OA 60 0.82 67.89 -51.68
N TYR OA 61 0.69 66.61 -51.38
CA TYR OA 61 0.33 66.18 -50.04
C TYR OA 61 1.50 65.42 -49.45
N ARG OA 62 2.00 65.89 -48.32
CA ARG OA 62 3.06 65.17 -47.63
C ARG OA 62 2.42 64.24 -46.63
N ILE OA 63 2.91 63.00 -46.60
CA ILE OA 63 2.25 61.94 -45.88
C ILE OA 63 3.29 61.07 -45.20
N ARG OA 64 2.95 60.60 -44.01
CA ARG OA 64 3.83 59.72 -43.27
C ARG OA 64 3.39 58.28 -43.48
N VAL OA 65 4.35 57.36 -43.46
CA VAL OA 65 4.03 55.94 -43.42
C VAL OA 65 4.92 55.26 -42.41
N ARG OA 66 4.40 54.20 -41.80
CA ARG OA 66 5.11 53.47 -40.77
C ARG OA 66 5.82 52.29 -41.39
N ARG OA 67 7.10 52.14 -41.08
CA ARG OA 67 7.93 51.14 -41.75
C ARG OA 67 8.16 49.93 -40.87
N GLY OA 68 8.55 48.84 -41.53
CA GLY OA 68 8.77 47.55 -40.94
C GLY OA 68 8.52 46.44 -41.93
N GLY OA 69 8.52 45.22 -41.43
CA GLY OA 69 8.08 44.11 -42.24
C GLY OA 69 6.57 44.13 -42.40
N ARG OA 70 5.95 42.97 -42.48
CA ARG OA 70 4.50 42.88 -42.43
C ARG OA 70 4.12 41.59 -41.70
N LYS OA 71 3.65 41.71 -40.47
CA LYS OA 71 3.28 40.52 -39.70
C LYS OA 71 1.95 40.00 -40.19
N ARG OA 72 1.88 38.71 -40.46
CA ARG OA 72 0.70 38.14 -41.09
C ARG OA 72 -0.47 38.17 -40.13
N PRO OA 73 -1.58 38.81 -40.47
CA PRO OA 73 -2.67 38.96 -39.50
C PRO OA 73 -3.50 37.71 -39.36
N VAL OA 74 -3.25 36.96 -38.29
CA VAL OA 74 -4.12 35.85 -37.89
C VAL OA 74 -4.24 35.84 -36.38
N PRO OA 75 -5.33 35.29 -35.87
CA PRO OA 75 -5.47 35.17 -34.42
C PRO OA 75 -4.34 34.36 -33.79
N LYS OA 76 -3.73 34.94 -32.76
CA LYS OA 76 -2.67 34.31 -31.95
C LYS OA 76 -1.50 33.80 -32.80
N GLY OA 77 -1.44 34.19 -34.07
CA GLY OA 77 -0.21 34.05 -34.81
C GLY OA 77 0.18 32.64 -35.20
N ALA OA 78 -0.66 31.65 -34.94
CA ALA OA 78 -0.37 30.28 -35.36
C ALA OA 78 -1.31 29.93 -36.51
N THR OA 79 -0.79 29.96 -37.73
CA THR OA 79 -1.60 29.85 -38.93
C THR OA 79 -1.82 28.39 -39.29
N TYR OA 80 -3.08 28.00 -39.44
CA TYR OA 80 -3.41 26.63 -39.85
C TYR OA 80 -2.93 26.38 -41.27
N GLY OA 81 -2.39 25.19 -41.49
CA GLY OA 81 -1.94 24.75 -42.80
C GLY OA 81 -0.66 23.96 -42.70
N LYS OA 82 -0.21 23.48 -43.86
CA LYS OA 82 1.04 22.77 -43.92
C LYS OA 82 2.18 23.69 -43.49
N PRO OA 83 3.20 23.16 -42.84
CA PRO OA 83 4.19 24.00 -42.16
C PRO OA 83 5.29 24.56 -43.03
N VAL OA 84 4.92 25.09 -44.19
CA VAL OA 84 5.79 26.02 -44.89
C VAL OA 84 5.02 27.31 -44.96
N HIS OA 85 3.71 27.21 -44.75
CA HIS OA 85 2.86 28.38 -44.69
C HIS OA 85 2.64 28.85 -43.27
N HIS OA 86 3.53 28.49 -42.35
CA HIS OA 86 3.58 29.14 -41.05
C HIS OA 86 4.26 30.48 -41.23
N GLY OA 87 4.70 31.06 -40.13
CA GLY OA 87 5.64 32.16 -40.22
C GLY OA 87 4.96 33.49 -40.31
N VAL OA 88 5.18 34.32 -39.29
CA VAL OA 88 4.54 35.62 -39.21
C VAL OA 88 5.51 36.70 -38.76
N ASN OA 89 6.76 36.34 -38.49
CA ASN OA 89 7.72 37.34 -38.07
C ASN OA 89 8.26 38.14 -39.24
N GLN OA 90 8.93 37.45 -40.17
CA GLN OA 90 9.84 38.08 -41.12
C GLN OA 90 9.19 38.34 -42.46
N LEU OA 91 7.89 38.26 -42.56
CA LEU OA 91 7.23 38.44 -43.85
C LEU OA 91 7.49 39.84 -44.40
N LYS OA 92 7.51 39.94 -45.73
CA LYS OA 92 7.83 41.19 -46.40
C LYS OA 92 6.75 41.50 -47.43
N PHE OA 93 6.18 42.70 -47.32
CA PHE OA 93 5.13 43.12 -48.21
C PHE OA 93 5.66 43.19 -49.63
N ALA OA 94 4.75 43.22 -50.61
CA ALA OA 94 5.14 43.13 -52.00
C ALA OA 94 4.94 44.44 -52.76
N ARG OA 95 5.04 45.57 -52.08
CA ARG OA 95 5.03 46.86 -52.77
C ARG OA 95 5.89 47.85 -52.01
N SER OA 96 6.45 48.80 -52.76
CA SER OA 96 7.34 49.78 -52.18
C SER OA 96 6.60 50.68 -51.20
N LEU OA 97 7.24 50.97 -50.06
CA LEU OA 97 6.64 51.87 -49.08
C LEU OA 97 6.21 53.17 -49.73
N GLN OA 98 7.01 53.63 -50.70
CA GLN OA 98 6.61 54.75 -51.53
C GLN OA 98 5.25 54.49 -52.18
N SER OA 99 5.03 53.28 -52.68
CA SER OA 99 3.76 52.98 -53.33
C SER OA 99 2.62 52.95 -52.34
N VAL OA 100 2.85 52.38 -51.16
CA VAL OA 100 1.82 52.38 -50.13
C VAL OA 100 1.42 53.81 -49.82
N ALA OA 101 2.41 54.68 -49.63
CA ALA OA 101 2.12 56.07 -49.33
C ALA OA 101 1.32 56.71 -50.47
N GLU OA 102 1.78 56.52 -51.70
CA GLU OA 102 1.07 57.09 -52.84
C GLU OA 102 -0.39 56.71 -52.83
N GLU OA 103 -0.68 55.43 -52.62
CA GLU OA 103 -2.07 55.01 -52.69
C GLU OA 103 -2.86 55.53 -51.49
N ARG OA 104 -2.22 55.65 -50.33
CA ARG OA 104 -2.92 56.20 -49.18
C ARG OA 104 -3.40 57.61 -49.47
N ALA OA 105 -2.49 58.45 -49.95
CA ALA OA 105 -2.87 59.83 -50.25
C ALA OA 105 -3.91 59.88 -51.35
N GLY OA 106 -3.77 59.05 -52.38
CA GLY OA 106 -4.73 59.06 -53.47
C GLY OA 106 -6.12 58.69 -53.01
N ARG OA 107 -6.23 57.60 -52.24
CA ARG OA 107 -7.53 57.17 -51.75
C ARG OA 107 -8.12 58.18 -50.80
N HIS OA 108 -7.29 58.91 -50.06
CA HIS OA 108 -7.84 59.92 -49.18
C HIS OA 108 -8.43 61.07 -49.98
N CYS OA 109 -7.71 61.57 -50.98
CA CYS OA 109 -8.18 62.70 -51.76
C CYS OA 109 -8.69 62.20 -53.11
N GLY OA 110 -10.00 61.99 -53.19
CA GLY OA 110 -10.62 61.83 -54.49
C GLY OA 110 -10.56 63.13 -55.25
N ALA OA 111 -10.95 63.08 -56.52
CA ALA OA 111 -10.96 64.24 -57.41
C ALA OA 111 -9.56 64.81 -57.63
N LEU OA 112 -8.53 64.20 -57.06
CA LEU OA 112 -7.15 64.57 -57.32
C LEU OA 112 -6.44 63.31 -57.78
N ARG OA 113 -5.72 63.40 -58.89
CA ARG OA 113 -5.14 62.21 -59.49
C ARG OA 113 -3.63 62.26 -59.33
N VAL OA 114 -3.04 61.11 -59.02
CA VAL OA 114 -1.63 61.08 -58.65
C VAL OA 114 -0.76 61.29 -59.87
N LEU OA 115 0.44 61.81 -59.65
CA LEU OA 115 1.36 61.84 -60.77
C LEU OA 115 2.69 61.17 -60.46
N ASN OA 116 3.25 61.39 -59.26
CA ASN OA 116 4.35 60.62 -58.70
C ASN OA 116 4.61 61.03 -57.27
N SER OA 117 5.67 60.52 -56.67
CA SER OA 117 6.00 60.86 -55.29
C SER OA 117 7.49 60.83 -55.10
N TYR OA 118 7.94 61.24 -53.93
CA TYR OA 118 9.36 61.16 -53.63
C TYR OA 118 9.61 61.33 -52.13
N TRP OA 119 10.84 61.07 -51.75
CA TRP OA 119 11.24 60.86 -50.37
C TRP OA 119 11.75 62.15 -49.76
N VAL OA 120 11.42 62.41 -48.49
CA VAL OA 120 11.83 63.62 -47.80
C VAL OA 120 12.40 63.35 -46.43
N GLY OA 121 12.39 62.11 -45.96
CA GLY OA 121 12.92 61.82 -44.64
C GLY OA 121 12.53 60.45 -44.11
N GLU OA 122 13.30 59.94 -43.16
CA GLU OA 122 13.10 58.56 -42.71
C GLU OA 122 13.68 58.48 -41.30
N ASP OA 123 12.81 58.45 -40.28
CA ASP OA 123 13.32 58.69 -38.94
C ASP OA 123 13.93 57.47 -38.26
N SER OA 124 13.10 56.59 -37.71
CA SER OA 124 13.58 55.28 -37.27
C SER OA 124 12.51 54.24 -37.49
N THR OA 125 11.27 54.71 -37.42
CA THR OA 125 10.09 53.88 -37.58
C THR OA 125 9.10 54.56 -38.52
N TYR OA 126 9.61 55.28 -39.52
CA TYR OA 126 8.72 56.02 -40.39
C TYR OA 126 9.38 56.22 -41.74
N LYS OA 127 8.63 56.84 -42.62
CA LYS OA 127 9.11 57.30 -43.92
C LYS OA 127 8.23 58.47 -44.32
N PHE OA 128 8.84 59.55 -44.77
CA PHE OA 128 8.13 60.80 -44.96
C PHE OA 128 8.09 61.12 -46.44
N PHE OA 129 7.04 60.66 -47.10
CA PHE OA 129 6.96 60.82 -48.54
C PHE OA 129 6.10 62.03 -48.87
N GLU OA 130 6.17 62.43 -50.12
CA GLU OA 130 5.22 63.44 -50.56
C GLU OA 130 4.80 63.13 -51.97
N VAL OA 131 3.57 63.49 -52.29
CA VAL OA 131 2.90 63.04 -53.50
C VAL OA 131 2.49 64.27 -54.29
N ILE OA 132 2.77 64.27 -55.58
CA ILE OA 132 2.32 65.31 -56.47
C ILE OA 132 0.97 64.89 -57.03
N LEU OA 133 0.02 65.82 -57.01
CA LEU OA 133 -1.35 65.51 -57.40
C LEU OA 133 -1.86 66.59 -58.34
N ILE OA 134 -2.65 66.17 -59.31
CA ILE OA 134 -3.22 67.06 -60.32
C ILE OA 134 -4.69 67.23 -60.00
N ASP OA 135 -5.23 68.43 -60.24
CA ASP OA 135 -6.68 68.59 -60.16
C ASP OA 135 -7.24 68.44 -61.57
N PRO OA 136 -7.72 67.26 -61.96
CA PRO OA 136 -8.04 67.03 -63.38
C PRO OA 136 -9.25 67.78 -63.88
N PHE OA 137 -9.78 68.73 -63.12
CA PHE OA 137 -10.96 69.44 -63.59
C PHE OA 137 -10.80 70.94 -63.50
N HIS OA 138 -9.56 71.42 -63.48
CA HIS OA 138 -9.29 72.85 -63.49
C HIS OA 138 -8.95 73.29 -64.91
N LYS OA 139 -9.59 74.36 -65.37
CA LYS OA 139 -9.41 74.77 -66.75
C LYS OA 139 -7.96 75.09 -67.05
N ALA OA 140 -7.21 75.60 -66.06
CA ALA OA 140 -5.80 75.89 -66.28
C ALA OA 140 -4.99 74.65 -66.57
N ILE OA 141 -5.51 73.47 -66.24
CA ILE OA 141 -4.85 72.24 -66.61
C ILE OA 141 -5.43 71.67 -67.89
N ARG OA 142 -6.76 71.67 -68.01
CA ARG OA 142 -7.39 71.04 -69.16
C ARG OA 142 -7.16 71.80 -70.44
N ARG OA 143 -6.81 73.08 -70.38
CA ARG OA 143 -6.50 73.82 -71.58
C ARG OA 143 -5.02 73.78 -71.91
N ASN OA 144 -4.31 72.75 -71.49
CA ASN OA 144 -2.87 72.61 -71.79
C ASN OA 144 -2.64 71.26 -72.47
N PRO OA 145 -2.59 71.22 -73.80
CA PRO OA 145 -2.54 69.94 -74.49
C PRO OA 145 -1.32 69.10 -74.20
N ASP OA 146 -0.22 69.69 -73.69
CA ASP OA 146 0.91 68.84 -73.30
C ASP OA 146 0.52 67.87 -72.21
N THR OA 147 -0.17 68.34 -71.18
CA THR OA 147 -0.60 67.47 -70.09
C THR OA 147 -2.12 67.62 -69.90
N GLN OA 148 -2.86 66.89 -70.71
CA GLN OA 148 -4.25 66.63 -70.40
C GLN OA 148 -4.54 65.15 -70.42
N TRP OA 149 -3.52 64.29 -70.57
CA TRP OA 149 -3.81 62.87 -70.56
C TRP OA 149 -4.42 62.45 -69.23
N ILE OA 150 -4.16 63.24 -68.18
CA ILE OA 150 -4.71 62.94 -66.87
C ILE OA 150 -6.21 63.17 -66.85
N THR OA 151 -6.72 63.98 -67.78
CA THR OA 151 -8.15 64.22 -67.81
C THR OA 151 -8.94 62.96 -68.11
N LYS OA 152 -8.55 62.23 -69.16
CA LYS OA 152 -9.38 61.15 -69.66
C LYS OA 152 -9.53 60.04 -68.63
N PRO OA 153 -10.65 59.32 -68.66
CA PRO OA 153 -10.99 58.42 -67.56
C PRO OA 153 -10.29 57.08 -67.59
N VAL OA 154 -9.32 56.87 -68.48
CA VAL OA 154 -8.59 55.61 -68.47
C VAL OA 154 -7.61 55.64 -67.30
N HIS OA 155 -7.30 56.85 -66.82
CA HIS OA 155 -6.39 57.04 -65.71
C HIS OA 155 -7.12 57.39 -64.42
N LYS OA 156 -8.41 57.11 -64.34
CA LYS OA 156 -9.11 57.37 -63.10
C LYS OA 156 -8.41 56.59 -62.00
N HIS OA 157 -7.72 57.29 -61.11
CA HIS OA 157 -7.03 56.67 -59.98
C HIS OA 157 -5.97 55.67 -60.45
N ARG OA 158 -4.91 56.23 -61.03
CA ARG OA 158 -3.79 55.42 -61.48
C ARG OA 158 -3.14 54.64 -60.35
N GLU OA 159 -3.10 55.21 -59.15
CA GLU OA 159 -2.18 54.71 -58.13
C GLU OA 159 -2.59 53.36 -57.55
N MET OA 160 -3.88 53.07 -57.38
CA MET OA 160 -4.24 51.76 -56.86
C MET OA 160 -3.95 50.66 -57.88
N ARG OA 161 -4.27 50.90 -59.14
CA ARG OA 161 -3.96 49.92 -60.16
C ARG OA 161 -2.47 49.78 -60.39
N GLY OA 162 -1.68 50.78 -60.00
CA GLY OA 162 -0.25 50.65 -60.13
C GLY OA 162 0.25 50.92 -61.53
N LEU OA 163 0.13 52.17 -61.96
CA LEU OA 163 0.77 52.60 -63.19
C LEU OA 163 1.91 53.56 -62.97
N THR OA 164 2.04 54.12 -61.78
CA THR OA 164 3.02 55.17 -61.53
C THR OA 164 4.36 54.57 -61.12
N SER OA 165 5.41 55.34 -61.37
CA SER OA 165 6.78 54.89 -61.13
C SER OA 165 6.99 54.39 -59.71
N ALA OA 166 6.10 54.72 -58.79
CA ALA OA 166 6.25 54.19 -57.44
C ALA OA 166 5.91 52.71 -57.37
N GLY OA 167 4.82 52.31 -58.01
CA GLY OA 167 4.33 50.96 -57.87
C GLY OA 167 4.57 50.08 -59.08
N ARG OA 168 5.01 50.69 -60.17
CA ARG OA 168 5.28 49.90 -61.37
C ARG OA 168 6.42 48.92 -61.14
N LYS OA 169 7.44 49.32 -60.38
CA LYS OA 169 8.53 48.40 -60.10
C LYS OA 169 8.01 47.08 -59.56
N SER OA 170 7.12 47.16 -58.57
CA SER OA 170 6.59 45.94 -57.98
C SER OA 170 5.85 45.07 -58.99
N ARG OA 171 5.41 45.63 -60.11
CA ARG OA 171 4.79 44.81 -61.13
C ARG OA 171 5.76 43.81 -61.74
N GLY OA 172 7.04 43.86 -61.34
CA GLY OA 172 8.02 43.03 -61.99
C GLY OA 172 8.16 43.32 -63.45
N LEU OA 173 7.84 44.54 -63.87
CA LEU OA 173 7.78 44.88 -65.28
C LEU OA 173 9.11 45.45 -65.74
N GLY OA 174 9.56 45.00 -66.90
CA GLY OA 174 10.84 45.41 -67.44
C GLY OA 174 11.08 44.72 -68.76
N LYS OA 175 12.23 45.01 -69.34
CA LYS OA 175 12.57 44.49 -70.66
C LYS OA 175 13.91 43.78 -70.60
N GLY OA 176 13.95 42.57 -71.15
CA GLY OA 176 15.22 41.90 -71.32
C GLY OA 176 15.08 40.40 -71.09
N HIS OA 177 16.17 39.81 -70.63
CA HIS OA 177 16.18 38.43 -70.17
C HIS OA 177 16.00 38.34 -68.66
N LYS OA 178 15.81 39.47 -68.00
CA LYS OA 178 15.59 39.48 -66.56
C LYS OA 178 14.14 39.70 -66.20
N PHE OA 179 13.24 39.64 -67.17
CA PHE OA 179 11.81 39.72 -66.87
C PHE OA 179 11.09 38.84 -67.89
N HIS OA 180 10.94 37.57 -67.57
CA HIS OA 180 10.12 36.65 -68.33
C HIS OA 180 8.89 36.24 -67.55
N HIS OA 181 8.67 36.85 -66.39
CA HIS OA 181 7.46 36.69 -65.62
C HIS OA 181 6.33 37.54 -66.17
N THR OA 182 6.64 38.44 -67.09
CA THR OA 182 5.73 39.51 -67.47
C THR OA 182 5.78 39.76 -68.97
N ILE OA 183 6.12 38.76 -69.77
CA ILE OA 183 6.38 39.03 -71.17
C ILE OA 183 5.07 39.18 -71.93
N GLY OA 184 3.94 39.17 -71.23
CA GLY OA 184 2.66 39.42 -71.87
C GLY OA 184 2.07 40.77 -71.55
N GLY OA 185 2.58 41.43 -70.52
CA GLY OA 185 2.05 42.71 -70.11
C GLY OA 185 1.77 42.79 -68.62
N SER OA 186 1.79 41.66 -67.94
CA SER OA 186 1.50 41.62 -66.52
C SER OA 186 1.83 40.23 -65.98
N ARG OA 187 2.20 40.19 -64.71
CA ARG OA 187 2.51 38.93 -64.06
C ARG OA 187 1.38 37.93 -64.15
N ARG OA 188 0.14 38.39 -64.29
CA ARG OA 188 -1.01 37.52 -64.41
C ARG OA 188 -1.35 37.17 -65.85
N ALA OA 189 -1.15 38.10 -66.79
CA ALA OA 189 -1.42 37.76 -68.18
C ALA OA 189 -0.39 36.78 -68.71
N ALA OA 190 0.88 37.00 -68.40
CA ALA OA 190 1.92 36.11 -68.89
C ALA OA 190 1.78 34.72 -68.30
N TRP OA 191 0.96 34.55 -67.28
CA TRP OA 191 0.57 33.25 -66.77
C TRP OA 191 -0.65 32.74 -67.52
N ARG OA 192 -1.73 33.50 -67.46
CA ARG OA 192 -3.00 33.02 -67.97
C ARG OA 192 -2.94 32.67 -69.43
N ARG OA 193 -1.98 33.19 -70.20
CA ARG OA 193 -1.90 32.68 -71.55
C ARG OA 193 -0.90 31.55 -71.69
N ARG OA 194 -0.09 31.29 -70.68
CA ARG OA 194 0.88 30.22 -70.80
C ARG OA 194 0.43 28.93 -70.15
N ASN OA 195 -0.62 28.98 -69.34
CA ASN OA 195 -1.19 27.76 -68.79
C ASN OA 195 -2.61 27.52 -69.29
N THR OA 196 -2.93 28.00 -70.48
CA THR OA 196 -4.12 27.56 -71.19
C THR OA 196 -3.75 26.45 -72.14
N LEU OA 197 -4.63 25.46 -72.24
CA LEU OA 197 -4.55 24.56 -73.38
C LEU OA 197 -4.80 25.37 -74.64
N GLN OA 198 -4.64 24.75 -75.80
CA GLN OA 198 -4.90 25.43 -77.06
C GLN OA 198 -5.46 24.43 -78.05
N LEU OA 199 -6.77 24.49 -78.26
CA LEU OA 199 -7.48 23.53 -79.08
C LEU OA 199 -7.88 24.21 -80.38
N HIS OA 200 -7.16 23.92 -81.45
CA HIS OA 200 -7.55 24.45 -82.74
C HIS OA 200 -8.85 23.81 -83.20
N ARG OA 201 -9.30 24.23 -84.39
CA ARG OA 201 -10.42 23.54 -85.01
C ARG OA 201 -9.97 22.26 -85.68
N TYR OA 202 -8.68 22.13 -85.92
CA TYR OA 202 -8.08 20.93 -86.49
C TYR OA 202 -6.90 20.52 -85.63
N ARG OA 203 -6.86 19.27 -85.21
CA ARG OA 203 -5.76 18.81 -84.37
C ARG OA 203 -4.99 17.68 -85.04
N GLY PA 1 -22.64 95.81 35.72
CA GLY PA 1 -23.82 94.97 35.76
C GLY PA 1 -24.19 94.45 34.38
N LYS PA 2 -25.46 94.55 34.04
CA LYS PA 2 -25.94 94.06 32.76
C LYS PA 2 -25.58 95.03 31.65
N PHE PA 3 -25.73 94.55 30.42
CA PHE PA 3 -25.23 95.22 29.23
C PHE PA 3 -26.32 95.46 28.20
N MET PA 4 -27.53 95.77 28.64
CA MET PA 4 -28.65 96.02 27.75
C MET PA 4 -29.19 97.43 27.92
N LYS PA 5 -28.29 98.39 28.04
CA LYS PA 5 -28.72 99.76 28.23
C LYS PA 5 -29.17 100.38 26.91
N PRO PA 6 -30.14 101.28 26.95
CA PRO PA 6 -30.61 101.90 25.70
C PRO PA 6 -29.51 102.73 25.08
N GLY PA 7 -29.07 102.31 23.90
CA GLY PA 7 -27.93 102.92 23.28
C GLY PA 7 -26.82 101.92 23.06
N LYS PA 8 -27.19 100.66 22.82
CA LYS PA 8 -26.26 99.64 22.38
C LYS PA 8 -26.74 99.03 21.07
N VAL PA 9 -25.80 98.71 20.19
CA VAL PA 9 -26.16 97.99 18.98
C VAL PA 9 -26.36 96.52 19.30
N VAL PA 10 -27.21 95.86 18.53
CA VAL PA 10 -27.67 94.51 18.84
C VAL PA 10 -27.99 93.80 17.53
N LEU PA 11 -27.80 92.49 17.54
CA LEU PA 11 -28.03 91.65 16.38
C LEU PA 11 -29.41 91.00 16.48
N VAL PA 12 -30.05 90.81 15.34
CA VAL PA 12 -31.35 90.15 15.30
C VAL PA 12 -31.14 88.73 14.81
N LEU PA 13 -31.52 87.76 15.65
CA LEU PA 13 -31.32 86.35 15.37
C LEU PA 13 -32.60 85.63 14.97
N ALA PA 14 -33.69 86.34 14.70
CA ALA PA 14 -34.96 85.64 14.57
C ALA PA 14 -35.94 86.43 13.72
N GLY PA 15 -36.99 85.74 13.29
CA GLY PA 15 -38.09 86.35 12.61
C GLY PA 15 -37.71 86.91 11.26
N ARG PA 16 -38.52 87.86 10.81
CA ARG PA 16 -38.28 88.43 9.50
C ARG PA 16 -36.99 89.24 9.46
N TYR PA 17 -36.38 89.53 10.60
CA TYR PA 17 -35.27 90.46 10.62
C TYR PA 17 -33.94 89.81 10.99
N SER PA 18 -33.86 88.49 10.97
CA SER PA 18 -32.56 87.85 11.15
C SER PA 18 -31.67 88.25 9.99
N GLY PA 19 -30.52 88.82 10.32
CA GLY PA 19 -29.67 89.43 9.32
C GLY PA 19 -29.46 90.91 9.50
N ARG PA 20 -29.94 91.47 10.61
CA ARG PA 20 -30.10 92.90 10.75
C ARG PA 20 -29.55 93.36 12.08
N LYS PA 21 -29.17 94.63 12.11
CA LYS PA 21 -28.70 95.27 13.32
C LYS PA 21 -29.76 96.24 13.83
N ALA PA 22 -29.58 96.66 15.08
CA ALA PA 22 -30.52 97.59 15.67
C ALA PA 22 -29.86 98.25 16.86
N VAL PA 23 -30.55 99.22 17.44
CA VAL PA 23 -30.13 99.87 18.67
C VAL PA 23 -31.32 99.88 19.63
N ILE PA 24 -31.07 99.48 20.87
CA ILE PA 24 -32.12 99.52 21.88
C ILE PA 24 -32.40 100.98 22.23
N VAL PA 25 -33.66 101.38 22.14
CA VAL PA 25 -34.02 102.71 22.62
C VAL PA 25 -34.52 102.69 24.05
N LYS PA 26 -34.92 101.53 24.57
CA LYS PA 26 -35.42 101.43 25.93
C LYS PA 26 -35.42 99.97 26.35
N ASN PA 27 -35.23 99.74 27.65
CA ASN PA 27 -35.08 98.42 28.21
C ASN PA 27 -36.26 98.11 29.12
N ILE PA 28 -36.71 96.87 29.10
CA ILE PA 28 -37.99 96.48 29.70
C ILE PA 28 -37.79 95.27 30.60
N ASP PA 29 -36.68 95.25 31.34
CA ASP PA 29 -36.08 94.04 31.89
C ASP PA 29 -37.07 92.98 32.39
N ASP PA 30 -37.89 93.32 33.39
CA ASP PA 30 -38.65 92.27 34.06
C ASP PA 30 -40.16 92.45 34.06
N GLY PA 31 -40.66 93.57 34.57
CA GLY PA 31 -41.93 93.58 35.28
C GLY PA 31 -43.19 94.00 34.56
N THR PA 32 -43.29 93.85 33.24
CA THR PA 32 -44.54 94.16 32.57
C THR PA 32 -45.65 93.19 32.99
N SER PA 33 -45.31 91.91 33.17
CA SER PA 33 -46.27 90.86 33.46
C SER PA 33 -47.22 90.65 32.28
N ASP PA 34 -47.08 91.48 31.26
CA ASP PA 34 -47.78 91.27 30.00
C ASP PA 34 -47.05 90.25 29.15
N ARG PA 35 -45.86 90.60 28.69
CA ARG PA 35 -44.91 89.65 28.12
C ARG PA 35 -43.91 89.39 29.22
N PRO PA 36 -43.95 88.23 29.88
CA PRO PA 36 -43.08 88.01 31.04
C PRO PA 36 -41.65 87.66 30.69
N TYR PA 37 -41.36 87.24 29.46
CA TYR PA 37 -39.98 86.97 29.10
C TYR PA 37 -39.15 88.23 29.20
N SER PA 38 -38.02 88.15 29.90
CA SER PA 38 -37.12 89.28 30.04
C SER PA 38 -36.73 89.79 28.67
N HIS PA 39 -37.18 90.99 28.30
CA HIS PA 39 -37.10 91.43 26.92
C HIS PA 39 -36.80 92.92 26.83
N ALA PA 40 -36.62 93.38 25.60
CA ALA PA 40 -36.29 94.76 25.31
C ALA PA 40 -36.85 95.14 23.95
N LEU PA 41 -36.75 96.43 23.64
CA LEU PA 41 -37.24 96.99 22.39
C LEU PA 41 -36.05 97.39 21.54
N VAL PA 42 -36.14 97.18 20.23
CA VAL PA 42 -35.06 97.59 19.34
C VAL PA 42 -35.63 98.35 18.17
N ALA PA 43 -34.85 99.34 17.73
CA ALA PA 43 -35.04 100.02 16.48
C ALA PA 43 -33.79 99.79 15.66
N GLY PA 44 -33.98 99.42 14.40
CA GLY PA 44 -32.86 99.16 13.52
C GLY PA 44 -33.21 99.47 12.08
N ILE PA 45 -32.44 98.92 11.15
CA ILE PA 45 -32.66 99.17 9.74
C ILE PA 45 -32.99 97.84 9.07
N ASP PA 46 -33.75 97.91 7.97
CA ASP PA 46 -34.04 96.68 7.25
C ASP PA 46 -33.27 96.59 5.95
N ARG PA 47 -33.36 97.61 5.11
CA ARG PA 47 -32.66 97.63 3.83
C ARG PA 47 -31.45 98.55 3.98
N TYR PA 48 -30.27 97.96 3.91
CA TYR PA 48 -29.07 98.71 4.17
C TYR PA 48 -28.80 99.70 3.05
N PRO PA 49 -28.09 100.79 3.34
CA PRO PA 49 -27.73 101.72 2.27
C PRO PA 49 -26.69 101.10 1.36
N ARG PA 50 -26.87 101.34 0.06
CA ARG PA 50 -26.02 100.64 -0.89
C ARG PA 50 -24.75 101.45 -1.16
N LYS PA 51 -23.83 100.82 -1.89
CA LYS PA 51 -22.44 101.21 -1.78
C LYS PA 51 -22.16 102.54 -2.48
N VAL PA 52 -20.99 103.09 -2.14
CA VAL PA 52 -20.73 104.51 -2.28
C VAL PA 52 -19.42 104.80 -3.01
N THR PA 53 -19.07 103.97 -4.00
CA THR PA 53 -17.90 104.22 -4.82
C THR PA 53 -17.84 105.68 -5.29
N ALA PA 54 -16.65 106.21 -5.50
CA ALA PA 54 -16.50 107.61 -5.86
C ALA PA 54 -16.95 107.84 -7.30
N ALA PA 55 -17.06 109.12 -7.65
CA ALA PA 55 -17.41 109.55 -9.00
C ALA PA 55 -18.76 108.98 -9.43
N MET PA 56 -19.81 109.40 -8.75
CA MET PA 56 -21.18 109.04 -9.12
C MET PA 56 -22.15 110.19 -9.27
N GLY PA 57 -21.87 111.37 -8.71
CA GLY PA 57 -22.80 112.47 -8.84
C GLY PA 57 -23.74 112.60 -7.67
N LYS PA 58 -24.13 113.83 -7.35
CA LYS PA 58 -24.95 114.09 -6.17
C LYS PA 58 -26.31 113.41 -6.26
N LYS PA 59 -26.93 113.45 -7.43
CA LYS PA 59 -28.23 112.80 -7.58
C LYS PA 59 -28.12 111.30 -7.33
N LYS PA 60 -27.08 110.68 -7.88
CA LYS PA 60 -26.93 109.24 -7.66
C LYS PA 60 -26.62 108.93 -6.20
N ILE PA 61 -25.84 109.78 -5.54
CA ILE PA 61 -25.51 109.53 -4.14
C ILE PA 61 -26.76 109.61 -3.27
N ALA PA 62 -27.54 110.67 -3.45
CA ALA PA 62 -28.74 110.85 -2.63
C ALA PA 62 -29.66 109.66 -2.74
N LYS PA 63 -29.72 109.04 -3.92
CA LYS PA 63 -30.50 107.82 -4.06
C LYS PA 63 -29.80 106.65 -3.38
N ARG PA 64 -28.60 106.33 -3.83
CA ARG PA 64 -27.92 105.12 -3.43
C ARG PA 64 -27.54 105.12 -1.95
N SER PA 65 -27.89 106.18 -1.23
CA SER PA 65 -27.71 106.23 0.23
C SER PA 65 -29.03 106.42 0.98
N LYS PA 66 -30.05 105.62 0.68
CA LYS PA 66 -31.28 105.62 1.45
C LYS PA 66 -31.40 104.37 2.30
N ILE PA 67 -32.33 104.41 3.27
CA ILE PA 67 -32.49 103.38 4.28
C ILE PA 67 -33.99 103.06 4.42
N LYS PA 68 -34.27 101.94 5.08
CA LYS PA 68 -35.64 101.53 5.41
C LYS PA 68 -35.64 100.92 6.80
N SER PA 69 -36.09 101.68 7.79
CA SER PA 69 -35.95 101.33 9.19
C SER PA 69 -37.09 100.46 9.67
N PHE PA 70 -36.91 99.88 10.86
CA PHE PA 70 -37.92 99.04 11.47
C PHE PA 70 -37.76 99.09 12.99
N VAL PA 71 -38.83 98.74 13.70
CA VAL PA 71 -38.82 98.66 15.16
C VAL PA 71 -39.61 97.44 15.57
N LYS PA 72 -39.14 96.73 16.60
CA LYS PA 72 -39.87 95.59 17.13
C LYS PA 72 -39.39 95.33 18.55
N VAL PA 73 -40.20 94.56 19.29
CA VAL PA 73 -39.88 94.20 20.66
C VAL PA 73 -39.34 92.78 20.67
N TYR PA 74 -38.12 92.61 21.15
CA TYR PA 74 -37.41 91.35 21.00
C TYR PA 74 -37.01 90.76 22.35
N ASN PA 75 -37.04 89.44 22.42
CA ASN PA 75 -36.56 88.73 23.59
C ASN PA 75 -35.03 88.82 23.69
N TYR PA 76 -34.55 88.92 24.93
CA TYR PA 76 -33.11 88.84 25.16
C TYR PA 76 -32.54 87.60 24.49
N ASN PA 77 -33.21 86.46 24.64
CA ASN PA 77 -32.71 85.22 24.08
C ASN PA 77 -32.72 85.22 22.56
N HIS PA 78 -33.57 86.03 21.95
CA HIS PA 78 -33.52 86.16 20.50
C HIS PA 78 -32.53 87.21 20.05
N LEU PA 79 -31.95 87.99 20.97
CA LEU PA 79 -30.97 88.99 20.59
C LEU PA 79 -29.56 88.61 21.05
N MET PA 80 -28.58 89.38 20.56
CA MET PA 80 -27.16 89.17 20.80
C MET PA 80 -26.49 90.46 21.23
N PRO PA 81 -25.86 90.49 22.40
CA PRO PA 81 -25.18 91.71 22.83
C PRO PA 81 -24.01 92.03 21.91
N THR PA 82 -23.48 93.23 22.07
CA THR PA 82 -22.43 93.71 21.18
C THR PA 82 -21.58 94.74 21.91
N ARG PA 83 -20.26 94.59 21.82
CA ARG PA 83 -19.34 95.55 22.41
C ARG PA 83 -19.54 96.95 21.84
N TYR PA 84 -20.05 97.06 20.63
CA TYR PA 84 -20.19 98.37 20.01
C TYR PA 84 -21.34 99.12 20.66
N SER PA 85 -21.39 100.43 20.42
CA SER PA 85 -22.43 101.26 21.00
C SER PA 85 -22.78 102.36 20.01
N VAL PA 86 -23.97 102.92 20.19
CA VAL PA 86 -24.49 103.94 19.31
C VAL PA 86 -24.86 105.16 20.14
N ASP PA 87 -24.43 106.33 19.68
CA ASP PA 87 -24.74 107.60 20.32
C ASP PA 87 -25.66 108.40 19.39
N ILE PA 88 -26.96 108.24 19.57
CA ILE PA 88 -27.91 109.17 18.97
C ILE PA 88 -29.20 109.18 19.78
N PRO PA 89 -29.45 110.23 20.55
CA PRO PA 89 -30.70 110.30 21.33
C PRO PA 89 -31.87 110.75 20.48
N LEU PA 90 -32.94 109.97 20.56
CA LEU PA 90 -34.13 110.19 19.75
C LEU PA 90 -35.35 110.31 20.66
N ASP PA 91 -36.51 110.47 20.03
CA ASP PA 91 -37.71 110.83 20.77
C ASP PA 91 -38.21 109.70 21.64
N LYS PA 92 -38.47 110.00 22.90
CA LYS PA 92 -39.33 109.17 23.72
C LYS PA 92 -40.80 109.49 23.49
N THR PA 93 -41.09 110.46 22.63
CA THR PA 93 -42.47 110.86 22.39
C THR PA 93 -43.16 109.93 21.40
N VAL PA 94 -42.55 109.71 20.25
CA VAL PA 94 -43.12 108.87 19.21
C VAL PA 94 -42.62 107.43 19.28
N VAL PA 95 -41.31 107.23 19.28
CA VAL PA 95 -40.73 105.89 19.16
C VAL PA 95 -40.89 105.25 20.53
N ASN PA 96 -42.02 104.58 20.75
CA ASN PA 96 -42.30 103.93 22.02
C ASN PA 96 -43.09 102.66 21.76
N LYS PA 97 -42.84 101.66 22.60
CA LYS PA 97 -43.57 100.40 22.54
C LYS PA 97 -45.07 100.61 22.57
N ASP PA 98 -45.52 101.81 22.91
CA ASP PA 98 -46.92 102.19 22.78
C ASP PA 98 -47.23 102.62 21.34
N VAL PA 99 -46.75 101.84 20.37
CA VAL PA 99 -46.92 102.20 18.97
C VAL PA 99 -47.50 101.00 18.25
N PHE PA 100 -47.48 99.85 18.91
CA PHE PA 100 -47.84 98.58 18.30
C PHE PA 100 -49.33 98.34 18.35
N ARG PA 101 -50.12 99.40 18.40
CA ARG PA 101 -51.56 99.33 18.27
C ARG PA 101 -52.09 100.09 17.06
N ASP PA 102 -51.30 101.00 16.49
CA ASP PA 102 -51.88 101.96 15.56
C ASP PA 102 -51.08 102.05 14.27
N PRO PA 103 -51.75 102.10 13.13
CA PRO PA 103 -51.04 102.16 11.85
C PRO PA 103 -50.32 103.48 11.65
N ALA PA 104 -51.02 104.60 11.88
CA ALA PA 104 -50.38 105.90 11.71
C ALA PA 104 -49.21 106.05 12.67
N LEU PA 105 -49.41 105.66 13.93
CA LEU PA 105 -48.33 105.68 14.89
C LEU PA 105 -47.12 104.92 14.37
N LYS PA 106 -47.33 103.67 13.91
CA LYS PA 106 -46.18 102.87 13.52
C LYS PA 106 -45.50 103.45 12.28
N ARG PA 107 -46.28 103.84 11.28
CA ARG PA 107 -45.71 104.43 10.08
C ARG PA 107 -44.86 105.64 10.44
N LYS PA 108 -45.42 106.55 11.22
CA LYS PA 108 -44.70 107.78 11.55
C LYS PA 108 -43.44 107.48 12.35
N ALA PA 109 -43.52 106.53 13.28
CA ALA PA 109 -42.35 106.17 14.07
C ALA PA 109 -41.22 105.70 13.18
N ARG PA 110 -41.50 104.72 12.31
CA ARG PA 110 -40.45 104.21 11.45
C ARG PA 110 -39.95 105.30 10.51
N ARG PA 111 -40.85 106.16 10.03
CA ARG PA 111 -40.45 107.18 9.07
C ARG PA 111 -39.50 108.20 9.67
N GLU PA 112 -39.75 108.64 10.90
CA GLU PA 112 -38.85 109.63 11.47
C GLU PA 112 -37.54 108.98 11.91
N ALA PA 113 -37.62 107.76 12.46
CA ALA PA 113 -36.38 107.07 12.84
C ALA PA 113 -35.50 106.79 11.63
N LYS PA 114 -36.11 106.54 10.47
CA LYS PA 114 -35.32 106.39 9.25
C LYS PA 114 -34.54 107.66 8.94
N VAL PA 115 -35.22 108.80 8.97
CA VAL PA 115 -34.55 110.05 8.63
C VAL PA 115 -33.43 110.35 9.61
N LYS PA 116 -33.65 110.03 10.89
CA LYS PA 116 -32.62 110.30 11.88
C LYS PA 116 -31.41 109.39 11.68
N PHE PA 117 -31.64 108.08 11.45
CA PHE PA 117 -30.54 107.21 11.07
C PHE PA 117 -29.82 107.72 9.83
N GLU PA 118 -30.56 108.15 8.82
CA GLU PA 118 -29.90 108.60 7.61
C GLU PA 118 -29.02 109.81 7.88
N GLU PA 119 -29.53 110.75 8.68
CA GLU PA 119 -28.76 111.92 9.03
C GLU PA 119 -27.46 111.52 9.72
N ARG PA 120 -27.54 110.64 10.72
CA ARG PA 120 -26.31 110.34 11.44
C ARG PA 120 -25.38 109.47 10.60
N TYR PA 121 -25.93 108.65 9.71
CA TYR PA 121 -25.09 107.87 8.80
C TYR PA 121 -24.32 108.80 7.88
N LYS PA 122 -24.96 109.85 7.40
CA LYS PA 122 -24.21 110.93 6.78
C LYS PA 122 -23.24 111.48 7.81
N THR PA 123 -21.99 111.66 7.40
CA THR PA 123 -20.87 111.78 8.33
C THR PA 123 -20.88 110.59 9.28
N GLY PA 124 -20.60 109.43 8.70
CA GLY PA 124 -20.71 108.18 9.41
C GLY PA 124 -19.62 108.01 10.44
N LYS PA 125 -19.70 108.80 11.52
CA LYS PA 125 -18.73 108.68 12.60
C LYS PA 125 -18.56 107.25 13.09
N ASN PA 126 -19.52 106.37 12.79
CA ASN PA 126 -19.32 104.93 12.86
C ASN PA 126 -19.97 104.31 11.65
N LYS PA 127 -19.26 103.38 11.01
CA LYS PA 127 -19.77 102.71 9.82
C LYS PA 127 -20.17 101.27 10.08
N TRP PA 128 -19.64 100.64 11.14
CA TRP PA 128 -19.93 99.24 11.36
C TRP PA 128 -21.42 99.02 11.56
N PHE PA 129 -22.09 99.96 12.20
CA PHE PA 129 -23.53 99.84 12.33
C PHE PA 129 -24.19 99.75 10.97
N PHE PA 130 -23.75 100.57 10.02
CA PHE PA 130 -24.37 100.62 8.71
C PHE PA 130 -23.68 99.76 7.68
N GLN PA 131 -22.73 98.92 8.10
CA GLN PA 131 -22.09 97.95 7.23
C GLN PA 131 -22.80 96.62 7.38
N LYS PA 132 -23.59 96.26 6.38
CA LYS PA 132 -24.36 95.03 6.44
C LYS PA 132 -23.44 93.83 6.66
N LEU PA 133 -23.86 92.93 7.53
CA LEU PA 133 -23.12 91.68 7.67
C LEU PA 133 -23.29 90.87 6.39
N ARG PA 134 -22.21 90.20 6.00
CA ARG PA 134 -22.21 89.34 4.82
C ARG PA 134 -22.40 87.91 5.33
N PHE PA 135 -23.65 87.52 5.53
CA PHE PA 135 -23.95 86.18 6.02
C PHE PA 135 -24.70 85.37 4.98
N SER QA 1 -82.60 29.65 -35.04
CA SER QA 1 -82.82 30.65 -34.01
C SER QA 1 -81.55 30.90 -33.21
N MET QA 2 -80.56 31.47 -33.87
CA MET QA 2 -79.33 31.88 -33.21
C MET QA 2 -79.66 33.06 -32.32
N LEU QA 3 -79.92 32.79 -31.05
CA LEU QA 3 -80.22 33.83 -30.08
C LEU QA 3 -79.03 34.21 -29.22
N ARG QA 4 -77.83 33.72 -29.55
CA ARG QA 4 -76.66 34.19 -28.81
C ARG QA 4 -76.46 35.68 -29.02
N LEU QA 5 -76.69 36.14 -30.24
CA LEU QA 5 -76.44 37.53 -30.62
C LEU QA 5 -77.44 38.48 -29.99
N GLN QA 6 -78.47 37.98 -29.32
CA GLN QA 6 -79.40 38.78 -28.56
C GLN QA 6 -79.31 38.56 -27.06
N LYS QA 7 -78.99 37.34 -26.64
CA LYS QA 7 -78.73 37.13 -25.22
C LYS QA 7 -77.52 37.93 -24.76
N ARG QA 8 -76.47 37.97 -25.59
CA ARG QA 8 -75.30 38.77 -25.23
C ARG QA 8 -75.67 40.25 -25.09
N LEU QA 9 -76.48 40.77 -26.00
CA LEU QA 9 -76.90 42.17 -25.89
C LEU QA 9 -77.71 42.41 -24.64
N ALA QA 10 -78.66 41.52 -24.35
CA ALA QA 10 -79.45 41.67 -23.14
C ALA QA 10 -78.55 41.69 -21.92
N SER QA 11 -77.54 40.82 -21.91
CA SER QA 11 -76.61 40.80 -20.79
C SER QA 11 -75.88 42.12 -20.66
N SER QA 12 -75.30 42.59 -21.76
CA SER QA 12 -74.52 43.81 -21.69
C SER QA 12 -75.36 45.04 -21.37
N VAL QA 13 -76.66 45.00 -21.65
CA VAL QA 13 -77.50 46.14 -21.33
C VAL QA 13 -77.95 46.09 -19.87
N LEU QA 14 -78.40 44.92 -19.40
CA LEU QA 14 -78.82 44.81 -18.01
C LEU QA 14 -77.65 44.81 -17.04
N ARG QA 15 -76.42 44.73 -17.52
CA ARG QA 15 -75.24 44.66 -16.66
C ARG QA 15 -75.28 43.43 -15.76
N CYS QA 16 -75.92 42.37 -16.26
CA CYS QA 16 -75.85 41.05 -15.65
C CYS QA 16 -75.25 40.08 -16.66
N GLY QA 17 -74.60 39.05 -16.15
CA GLY QA 17 -73.95 38.10 -17.03
C GLY QA 17 -74.92 37.30 -17.86
N LYS QA 18 -74.37 36.34 -18.59
CA LYS QA 18 -75.21 35.50 -19.44
C LYS QA 18 -76.01 34.49 -18.64
N LYS QA 19 -75.62 34.21 -17.40
CA LYS QA 19 -76.38 33.29 -16.58
C LYS QA 19 -77.77 33.83 -16.30
N LYS QA 20 -77.86 35.13 -16.04
CA LYS QA 20 -79.05 35.70 -15.41
C LYS QA 20 -80.09 36.17 -16.40
N VAL QA 21 -79.87 36.01 -17.70
CA VAL QA 21 -80.78 36.58 -18.68
C VAL QA 21 -81.85 35.55 -19.04
N TRP QA 22 -83.10 35.88 -18.76
CA TRP QA 22 -84.24 35.05 -19.12
C TRP QA 22 -84.99 35.74 -20.25
N LEU QA 23 -85.33 34.99 -21.29
CA LEU QA 23 -86.09 35.53 -22.40
C LEU QA 23 -87.45 34.86 -22.47
N ASP QA 24 -88.29 35.36 -23.37
CA ASP QA 24 -89.58 34.72 -23.63
C ASP QA 24 -89.34 33.46 -24.47
N PRO QA 25 -89.73 32.28 -23.99
CA PRO QA 25 -89.51 31.06 -24.75
C PRO QA 25 -90.64 30.73 -25.72
N ASN QA 26 -91.62 31.60 -25.89
CA ASN QA 26 -92.69 31.39 -26.84
C ASN QA 26 -92.78 32.47 -27.91
N GLU QA 27 -92.09 33.60 -27.72
CA GLU QA 27 -92.10 34.68 -28.69
C GLU QA 27 -90.72 34.85 -29.31
N THR QA 28 -90.03 33.73 -29.46
CA THR QA 28 -88.69 33.72 -30.01
C THR QA 28 -88.62 34.44 -31.35
N ASN QA 29 -89.66 34.31 -32.17
CA ASN QA 29 -89.61 34.95 -33.49
C ASN QA 29 -89.59 36.47 -33.38
N GLU QA 30 -90.46 37.05 -32.55
CA GLU QA 30 -90.46 38.50 -32.45
C GLU QA 30 -89.20 38.99 -31.74
N ILE QA 31 -88.64 38.17 -30.84
CA ILE QA 31 -87.33 38.52 -30.28
C ILE QA 31 -86.30 38.58 -31.39
N ALA QA 32 -86.36 37.64 -32.33
CA ALA QA 32 -85.46 37.65 -33.46
C ALA QA 32 -85.66 38.88 -34.32
N ASN QA 33 -86.89 39.36 -34.43
CA ASN QA 33 -87.13 40.59 -35.15
C ASN QA 33 -86.46 41.80 -34.51
N ALA QA 34 -85.73 41.63 -33.40
CA ALA QA 34 -85.03 42.71 -32.74
C ALA QA 34 -83.54 42.39 -32.71
N ASN QA 35 -82.72 43.39 -32.99
CA ASN QA 35 -81.31 43.16 -33.25
C ASN QA 35 -80.38 44.17 -32.64
N SER QA 36 -80.88 45.20 -31.96
CA SER QA 36 -80.05 46.31 -31.54
C SER QA 36 -80.36 46.67 -30.10
N ARG QA 37 -79.37 47.30 -29.44
CA ARG QA 37 -79.51 47.60 -28.03
C ARG QA 37 -80.79 48.38 -27.74
N GLN QA 38 -81.19 49.25 -28.67
CA GLN QA 38 -82.42 50.01 -28.47
C GLN QA 38 -83.62 49.06 -28.36
N GLN QA 39 -83.77 48.17 -29.34
CA GLN QA 39 -84.90 47.26 -29.30
C GLN QA 39 -84.82 46.35 -28.09
N ILE QA 40 -83.61 46.02 -27.65
CA ILE QA 40 -83.47 45.19 -26.45
C ILE QA 40 -83.99 45.93 -25.23
N ARG QA 41 -83.66 47.20 -25.10
CA ARG QA 41 -84.20 47.99 -24.00
C ARG QA 41 -85.71 48.07 -24.08
N LYS QA 42 -86.25 48.18 -25.29
CA LYS QA 42 -87.70 48.19 -25.45
C LYS QA 42 -88.33 46.87 -25.01
N LEU QA 43 -87.71 45.76 -25.39
CA LEU QA 43 -88.23 44.46 -24.97
C LEU QA 43 -88.20 44.34 -23.46
N ILE QA 44 -87.13 44.79 -22.82
CA ILE QA 44 -87.09 44.74 -21.36
C ILE QA 44 -88.22 45.58 -20.79
N LYS QA 45 -88.53 46.71 -21.43
CA LYS QA 45 -89.64 47.53 -20.96
C LYS QA 45 -90.95 46.75 -21.01
N ASP QA 46 -91.17 45.97 -22.05
CA ASP QA 46 -92.38 45.16 -22.05
C ASP QA 46 -92.24 43.87 -21.24
N GLY QA 47 -91.06 43.57 -20.71
CA GLY QA 47 -90.90 42.38 -19.91
C GLY QA 47 -90.58 41.12 -20.66
N LEU QA 48 -90.50 41.17 -21.99
CA LEU QA 48 -90.21 39.98 -22.78
C LEU QA 48 -88.89 39.34 -22.41
N ILE QA 49 -87.93 40.15 -21.98
CA ILE QA 49 -86.71 39.66 -21.37
C ILE QA 49 -86.71 40.14 -19.92
N ILE QA 50 -86.19 39.33 -19.02
CA ILE QA 50 -86.06 39.70 -17.62
C ILE QA 50 -84.71 39.21 -17.12
N ARG QA 51 -84.42 39.52 -15.86
CA ARG QA 51 -83.19 39.09 -15.22
C ARG QA 51 -83.53 38.14 -14.08
N LYS QA 52 -82.95 36.95 -14.12
CA LYS QA 52 -83.26 35.96 -13.10
C LYS QA 52 -82.63 36.39 -11.77
N PRO QA 53 -83.41 36.50 -10.70
CA PRO QA 53 -82.83 36.89 -9.41
C PRO QA 53 -81.80 35.86 -8.97
N VAL QA 54 -80.75 36.35 -8.31
CA VAL QA 54 -79.61 35.49 -8.01
C VAL QA 54 -80.06 34.29 -7.21
N THR QA 55 -79.41 33.15 -7.45
CA THR QA 55 -79.63 31.99 -6.61
C THR QA 55 -79.31 32.36 -5.17
N VAL QA 56 -79.88 31.60 -4.24
CA VAL QA 56 -79.74 31.95 -2.84
C VAL QA 56 -78.60 31.14 -2.23
N HIS QA 57 -77.73 31.84 -1.51
CA HIS QA 57 -76.68 31.21 -0.70
C HIS QA 57 -76.81 31.87 0.67
N SER QA 58 -77.70 31.34 1.49
CA SER QA 58 -78.07 31.99 2.73
C SER QA 58 -77.27 31.42 3.89
N ARG QA 59 -76.80 32.31 4.75
CA ARG QA 59 -75.95 31.95 5.87
C ARG QA 59 -76.74 31.68 7.13
N ALA QA 60 -78.08 31.67 7.07
CA ALA QA 60 -78.89 31.52 8.26
C ALA QA 60 -78.43 30.36 9.13
N ARG QA 61 -77.86 29.33 8.51
CA ARG QA 61 -77.23 28.27 9.29
C ARG QA 61 -75.91 28.68 9.90
N CYS QA 62 -75.04 29.37 9.16
CA CYS QA 62 -73.76 29.77 9.73
C CYS QA 62 -73.92 30.77 10.87
N ARG QA 63 -74.89 31.67 10.80
CA ARG QA 63 -75.15 32.56 11.92
C ARG QA 63 -75.58 31.77 13.15
N LYS QA 64 -76.40 30.73 12.97
CA LYS QA 64 -76.78 29.89 14.09
C LYS QA 64 -75.57 29.21 14.70
N ASN QA 65 -74.73 28.61 13.87
CA ASN QA 65 -73.56 27.91 14.39
C ASN QA 65 -72.60 28.88 15.07
N THR QA 66 -72.41 30.06 14.49
CA THR QA 66 -71.54 31.05 15.12
C THR QA 66 -72.10 31.49 16.46
N LEU QA 67 -73.42 31.64 16.55
CA LEU QA 67 -74.04 31.95 17.84
C LEU QA 67 -73.74 30.86 18.86
N ALA QA 68 -73.91 29.61 18.46
CA ALA QA 68 -73.65 28.50 19.37
C ALA QA 68 -72.19 28.48 19.81
N ARG QA 69 -71.27 28.69 18.87
CA ARG QA 69 -69.85 28.67 19.21
C ARG QA 69 -69.47 29.85 20.10
N ARG QA 70 -70.07 31.01 19.86
CA ARG QA 70 -69.91 32.13 20.76
C ARG QA 70 -70.31 31.75 22.17
N LYS QA 71 -71.47 31.11 22.32
CA LYS QA 71 -71.86 30.60 23.63
C LYS QA 71 -70.85 29.61 24.18
N GLY QA 72 -70.16 28.88 23.30
CA GLY QA 72 -69.03 28.11 23.75
C GLY QA 72 -68.95 26.67 23.31
N ARG QA 73 -70.01 26.17 22.69
CA ARG QA 73 -69.98 24.80 22.21
C ARG QA 73 -69.06 24.71 21.00
N HIS QA 74 -68.82 23.49 20.53
CA HIS QA 74 -68.02 23.19 19.35
C HIS QA 74 -66.55 23.51 19.54
N MET QA 75 -66.14 24.05 20.68
CA MET QA 75 -64.80 24.61 20.83
C MET QA 75 -63.91 23.80 21.76
N GLY QA 76 -64.33 22.61 22.16
CA GLY QA 76 -63.45 21.75 22.91
C GLY QA 76 -62.17 21.48 22.14
N ILE QA 77 -61.18 20.97 22.86
CA ILE QA 77 -59.90 20.69 22.24
C ILE QA 77 -60.03 19.71 21.09
N GLY QA 78 -61.13 18.98 21.01
CA GLY QA 78 -61.34 18.09 19.89
C GLY QA 78 -61.52 18.78 18.56
N LYS QA 79 -61.78 20.08 18.55
CA LYS QA 79 -61.99 20.80 17.30
C LYS QA 79 -60.92 21.86 17.09
N ARG QA 80 -59.82 21.80 17.82
CA ARG QA 80 -58.77 22.81 17.76
C ARG QA 80 -57.53 22.21 17.11
N LYS QA 81 -57.47 22.32 15.79
CA LYS QA 81 -56.24 22.00 15.05
C LYS QA 81 -55.46 23.28 14.84
N GLY QA 82 -54.16 23.21 15.08
CA GLY QA 82 -53.37 24.40 15.07
C GLY QA 82 -52.95 24.81 16.48
N THR QA 83 -51.97 25.70 16.54
CA THR QA 83 -51.34 25.97 17.82
C THR QA 83 -52.25 26.86 18.67
N ALA QA 84 -52.02 26.84 19.98
CA ALA QA 84 -52.64 27.84 20.86
C ALA QA 84 -52.09 29.23 20.55
N ASN QA 85 -50.79 29.31 20.29
CA ASN QA 85 -50.17 30.54 19.79
C ASN QA 85 -50.76 30.94 18.44
N ALA QA 86 -51.43 30.03 17.76
CA ALA QA 86 -52.10 30.34 16.50
C ALA QA 86 -53.56 30.69 16.69
N ARG QA 87 -54.22 30.15 17.73
CA ARG QA 87 -55.56 30.60 18.05
C ARG QA 87 -55.56 32.02 18.56
N MET QA 88 -54.65 32.37 19.46
CA MET QA 88 -54.56 33.79 19.81
C MET QA 88 -53.18 34.11 20.35
N PRO QA 89 -52.42 34.93 19.63
CA PRO QA 89 -50.97 34.98 19.84
C PRO QA 89 -50.58 35.54 21.19
N GLU QA 90 -49.39 35.13 21.64
CA GLU QA 90 -48.84 35.65 22.88
C GLU QA 90 -48.59 37.15 22.79
N LYS QA 91 -48.10 37.61 21.63
CA LYS QA 91 -47.84 39.04 21.46
C LYS QA 91 -49.10 39.87 21.62
N VAL QA 92 -50.20 39.43 21.00
CA VAL QA 92 -51.45 40.17 21.14
C VAL QA 92 -52.00 40.06 22.54
N THR QA 93 -51.90 38.89 23.17
CA THR QA 93 -52.33 38.78 24.56
C THR QA 93 -51.63 39.81 25.43
N TRP QA 94 -50.30 39.87 25.32
CA TRP QA 94 -49.54 40.78 26.16
C TRP QA 94 -49.89 42.23 25.84
N MET QA 95 -50.07 42.57 24.56
CA MET QA 95 -50.49 43.93 24.23
C MET QA 95 -51.80 44.26 24.92
N ARG QA 96 -52.79 43.38 24.79
CA ARG QA 96 -54.08 43.62 25.38
C ARG QA 96 -53.95 43.85 26.88
N ARG QA 97 -53.14 43.04 27.55
CA ARG QA 97 -52.97 43.20 28.99
C ARG QA 97 -52.32 44.54 29.31
N MET QA 98 -51.20 44.85 28.65
CA MET QA 98 -50.35 45.91 29.16
C MET QA 98 -50.90 47.27 28.75
N ARG QA 99 -51.48 47.38 27.57
CA ARG QA 99 -52.11 48.64 27.19
C ARG QA 99 -53.37 48.93 28.00
N ILE QA 100 -53.91 47.94 28.69
CA ILE QA 100 -54.98 48.19 29.65
C ILE QA 100 -54.41 48.66 30.98
N LEU QA 101 -53.38 47.96 31.47
CA LEU QA 101 -52.84 48.35 32.76
C LEU QA 101 -52.26 49.76 32.72
N ARG QA 102 -51.61 50.15 31.64
CA ARG QA 102 -51.03 51.50 31.68
C ARG QA 102 -52.10 52.57 31.48
N ARG QA 103 -53.11 52.32 30.64
CA ARG QA 103 -54.21 53.26 30.55
C ARG QA 103 -54.95 53.34 31.87
N LEU QA 104 -54.76 52.34 32.73
CA LEU QA 104 -55.22 52.44 34.11
C LEU QA 104 -54.36 53.41 34.91
N LEU QA 105 -53.05 53.16 34.95
CA LEU QA 105 -52.19 53.95 35.84
C LEU QA 105 -52.15 55.42 35.47
N ARG QA 106 -52.15 55.74 34.18
CA ARG QA 106 -52.20 57.15 33.82
C ARG QA 106 -53.49 57.79 34.33
N ARG QA 107 -54.61 57.06 34.26
CA ARG QA 107 -55.87 57.58 34.78
C ARG QA 107 -55.80 57.77 36.29
N TYR QA 108 -55.16 56.84 36.99
CA TYR QA 108 -54.91 57.02 38.41
C TYR QA 108 -54.19 58.34 38.66
N ARG QA 109 -53.11 58.57 37.91
CA ARG QA 109 -52.31 59.77 38.13
C ARG QA 109 -53.13 61.02 37.90
N GLU QA 110 -53.93 61.04 36.83
CA GLU QA 110 -54.85 62.16 36.64
C GLU QA 110 -55.78 62.33 37.83
N SER QA 111 -56.36 61.24 38.31
CA SER QA 111 -57.27 61.32 39.44
C SER QA 111 -56.56 61.74 40.72
N LYS QA 112 -55.23 61.70 40.72
CA LYS QA 112 -54.39 62.02 41.87
C LYS QA 112 -54.44 60.92 42.94
N LYS QA 113 -55.15 59.83 42.68
CA LYS QA 113 -55.14 58.71 43.61
C LYS QA 113 -53.74 58.19 43.89
N ILE QA 114 -52.83 58.32 42.92
CA ILE QA 114 -51.43 57.97 43.12
C ILE QA 114 -50.57 59.04 42.46
N ASP QA 115 -49.46 59.38 43.10
CA ASP QA 115 -48.58 60.42 42.62
C ASP QA 115 -47.46 59.82 41.76
N ARG QA 116 -46.48 60.66 41.44
CA ARG QA 116 -45.46 60.27 40.48
C ARG QA 116 -44.65 59.08 40.96
N HIS QA 117 -44.25 59.07 42.23
CA HIS QA 117 -43.37 58.00 42.71
C HIS QA 117 -44.07 56.65 42.63
N MET QA 118 -45.30 56.58 43.13
CA MET QA 118 -46.05 55.35 43.02
C MET QA 118 -46.25 54.94 41.58
N TYR QA 119 -46.59 55.90 40.71
CA TYR QA 119 -46.85 55.56 39.32
C TYR QA 119 -45.59 55.02 38.64
N HIS QA 120 -44.45 55.69 38.82
CA HIS QA 120 -43.23 55.30 38.12
C HIS QA 120 -42.51 54.14 38.78
N SER QA 121 -42.86 53.77 40.00
CA SER QA 121 -42.39 52.50 40.54
C SER QA 121 -43.38 51.37 40.32
N LEU QA 122 -44.58 51.71 39.84
CA LEU QA 122 -45.52 50.71 39.36
C LEU QA 122 -45.34 50.39 37.90
N TYR QA 123 -44.84 51.35 37.13
CA TYR QA 123 -44.71 51.24 35.69
C TYR QA 123 -43.63 50.25 35.28
N LEU QA 124 -42.72 49.90 36.17
CA LEU QA 124 -41.79 48.82 35.90
C LEU QA 124 -42.30 47.47 36.38
N LYS QA 125 -43.08 47.45 37.45
CA LYS QA 125 -43.70 46.20 37.88
C LYS QA 125 -44.71 45.70 36.87
N VAL QA 126 -45.59 46.58 36.39
CA VAL QA 126 -46.56 46.20 35.38
C VAL QA 126 -45.85 45.72 34.12
N LYS QA 127 -44.67 46.26 33.84
CA LYS QA 127 -43.94 45.81 32.67
C LYS QA 127 -43.30 44.45 32.88
N GLY QA 128 -42.76 44.21 34.06
CA GLY QA 128 -42.25 42.88 34.34
C GLY QA 128 -43.31 41.88 34.70
N ASN QA 129 -44.57 42.26 34.52
CA ASN QA 129 -45.78 41.49 34.85
C ASN QA 129 -45.63 40.65 36.10
N VAL QA 130 -45.20 41.31 37.18
CA VAL QA 130 -45.51 40.79 38.50
C VAL QA 130 -47.01 40.86 38.75
N PHE QA 131 -47.67 41.88 38.21
CA PHE QA 131 -49.12 42.00 38.26
C PHE QA 131 -49.70 41.58 36.92
N LYS QA 132 -50.82 40.86 36.96
CA LYS QA 132 -51.36 40.21 35.77
C LYS QA 132 -52.60 40.89 35.21
N ASN QA 133 -53.57 41.24 36.05
CA ASN QA 133 -54.87 41.66 35.56
C ASN QA 133 -55.32 42.91 36.29
N LYS QA 134 -56.25 43.63 35.65
CA LYS QA 134 -56.71 44.91 36.19
C LYS QA 134 -57.19 44.79 37.63
N ARG QA 135 -57.90 43.69 37.95
CA ARG QA 135 -58.38 43.51 39.31
C ARG QA 135 -57.23 43.32 40.28
N ILE QA 136 -56.21 42.55 39.88
CA ILE QA 136 -55.04 42.38 40.71
C ILE QA 136 -54.43 43.74 41.01
N LEU QA 137 -54.33 44.58 40.00
CA LEU QA 137 -53.75 45.90 40.19
C LEU QA 137 -54.61 46.74 41.12
N MET QA 138 -55.93 46.69 40.95
CA MET QA 138 -56.82 47.47 41.80
C MET QA 138 -56.65 47.09 43.27
N GLU QA 139 -56.69 45.79 43.57
CA GLU QA 139 -56.48 45.37 44.94
C GLU QA 139 -55.13 45.81 45.44
N HIS QA 140 -54.08 45.64 44.64
CA HIS QA 140 -52.75 45.93 45.15
C HIS QA 140 -52.58 47.40 45.48
N ILE QA 141 -53.13 48.28 44.64
CA ILE QA 141 -52.96 49.70 44.92
C ILE QA 141 -53.85 50.14 46.06
N HIS QA 142 -55.07 49.62 46.14
CA HIS QA 142 -55.92 49.97 47.27
C HIS QA 142 -55.25 49.52 48.57
N LYS QA 143 -54.51 48.41 48.49
CA LYS QA 143 -53.82 47.87 49.66
C LYS QA 143 -52.61 48.71 50.04
N LEU QA 144 -51.78 49.10 49.07
CA LEU QA 144 -50.65 49.97 49.43
C LEU QA 144 -51.12 51.33 49.92
N LYS QA 145 -52.23 51.84 49.38
CA LYS QA 145 -52.77 53.08 49.92
C LYS QA 145 -53.22 52.90 51.35
N ALA QA 146 -53.83 51.75 51.66
CA ALA QA 146 -54.15 51.44 53.06
C ALA QA 146 -52.88 51.37 53.91
N ASP QA 147 -51.79 50.87 53.33
CA ASP QA 147 -50.57 50.74 54.12
C ASP QA 147 -49.92 52.08 54.38
N LYS QA 148 -49.96 52.97 53.38
CA LYS QA 148 -49.49 54.34 53.62
C LYS QA 148 -50.36 55.03 54.66
N ALA QA 149 -51.67 54.78 54.63
CA ALA QA 149 -52.54 55.32 55.68
C ALA QA 149 -52.13 54.80 57.05
N ARG QA 150 -51.82 53.51 57.13
CA ARG QA 150 -51.37 52.94 58.40
C ARG QA 150 -50.09 53.62 58.87
N LYS QA 151 -49.14 53.82 57.96
CA LYS QA 151 -47.89 54.45 58.33
C LYS QA 151 -48.12 55.88 58.81
N LYS QA 152 -48.99 56.63 58.14
CA LYS QA 152 -49.27 57.99 58.57
C LYS QA 152 -49.92 58.02 59.95
N LEU QA 153 -50.91 57.14 60.19
CA LEU QA 153 -51.57 57.12 61.48
C LEU QA 153 -50.61 56.74 62.60
N LEU QA 154 -49.74 55.75 62.34
CA LEU QA 154 -48.80 55.32 63.35
C LEU QA 154 -47.64 56.29 63.53
N ALA QA 155 -47.39 57.17 62.55
CA ALA QA 155 -46.48 58.29 62.78
C ALA QA 155 -47.17 59.37 63.60
N ASP QA 156 -48.48 59.52 63.43
CA ASP QA 156 -49.20 60.55 64.17
C ASP QA 156 -49.27 60.20 65.64
N GLN QA 157 -49.53 58.93 65.97
CA GLN QA 157 -49.43 58.52 67.36
C GLN QA 157 -48.06 58.81 67.92
N ALA QA 158 -47.02 58.61 67.12
CA ALA QA 158 -45.65 58.86 67.57
C ALA QA 158 -45.44 60.32 67.93
N GLU QA 159 -45.83 61.22 67.02
CA GLU QA 159 -45.60 62.65 67.28
C GLU QA 159 -46.43 63.13 68.47
N ALA QA 160 -47.65 62.62 68.62
CA ALA QA 160 -48.48 63.03 69.74
C ALA QA 160 -47.89 62.57 71.08
N ARG QA 161 -47.52 61.27 71.16
CA ARG QA 161 -46.95 60.74 72.39
C ARG QA 161 -45.59 61.39 72.68
N ARG QA 162 -44.88 61.84 71.65
CA ARG QA 162 -43.71 62.67 71.86
C ARG QA 162 -44.10 63.96 72.57
N SER QA 163 -44.90 64.79 71.90
CA SER QA 163 -45.13 66.16 72.37
C SER QA 163 -45.74 66.20 73.76
N LYS QA 164 -46.63 65.25 74.07
CA LYS QA 164 -47.24 65.21 75.40
C LYS QA 164 -46.19 65.33 76.50
N THR QA 165 -45.27 64.37 76.54
CA THR QA 165 -44.23 64.39 77.56
C THR QA 165 -43.24 65.53 77.33
N LYS QA 166 -42.96 65.87 76.07
CA LYS QA 166 -41.92 66.86 75.80
C LYS QA 166 -42.31 68.23 76.31
N GLU QA 167 -43.60 68.45 76.60
CA GLU QA 167 -43.98 69.69 77.24
C GLU QA 167 -44.50 69.51 78.67
N ALA QA 168 -44.95 68.30 79.02
CA ALA QA 168 -45.11 67.99 80.43
C ALA QA 168 -43.79 68.16 81.17
N ARG QA 169 -42.68 68.03 80.46
CA ARG QA 169 -41.37 68.33 81.03
C ARG QA 169 -41.22 69.81 81.36
N LYS QA 170 -41.69 70.70 80.48
CA LYS QA 170 -41.61 72.14 80.76
C LYS QA 170 -42.47 72.49 81.96
N ARG QA 171 -43.69 71.96 82.00
CA ARG QA 171 -44.50 72.25 83.17
C ARG QA 171 -43.94 71.56 84.42
N ARG QA 172 -43.24 70.44 84.25
CA ARG QA 172 -42.56 69.78 85.36
C ARG QA 172 -41.42 70.63 85.90
N GLU QA 173 -40.66 71.30 85.03
CA GLU QA 173 -39.60 72.17 85.52
C GLU QA 173 -40.18 73.43 86.15
N GLU QA 174 -41.33 73.89 85.66
CA GLU QA 174 -42.05 74.94 86.38
C GLU QA 174 -42.37 74.50 87.80
N ARG QA 175 -42.90 73.29 87.95
CA ARG QA 175 -43.19 72.77 89.28
C ARG QA 175 -41.91 72.63 90.11
N LEU QA 176 -40.81 72.18 89.49
CA LEU QA 176 -39.57 71.99 90.21
C LEU QA 176 -39.01 73.32 90.72
N GLN QA 177 -39.03 74.35 89.88
CA GLN QA 177 -38.54 75.66 90.29
C GLN QA 177 -39.55 76.37 91.18
N ALA QA 178 -40.78 75.84 91.28
CA ALA QA 178 -41.71 76.31 92.31
C ALA QA 178 -41.41 75.66 93.65
N LYS QA 179 -41.05 74.37 93.64
CA LYS QA 179 -40.74 73.62 94.84
C LYS QA 179 -39.32 73.85 95.34
N LYS QA 180 -38.48 74.52 94.55
CA LYS QA 180 -37.12 74.84 94.97
C LYS QA 180 -36.84 76.34 94.86
N MET RA 1 80.57 73.73 -42.09
CA MET RA 1 79.27 74.05 -41.52
C MET RA 1 78.66 72.78 -40.93
N SER RA 2 77.90 72.94 -39.84
CA SER RA 2 77.36 71.83 -39.08
C SER RA 2 75.85 71.68 -39.26
N SER RA 3 75.38 71.85 -40.49
CA SER RA 3 73.96 71.73 -40.80
C SER RA 3 73.70 70.45 -41.56
N LYS RA 4 72.67 69.72 -41.12
CA LYS RA 4 72.25 68.50 -41.78
C LYS RA 4 70.77 68.49 -42.14
N VAL RA 5 70.05 69.57 -41.85
CA VAL RA 5 68.59 69.56 -41.87
C VAL RA 5 68.10 69.91 -43.27
N SER RA 6 67.23 69.06 -43.80
CA SER RA 6 66.49 69.31 -45.04
C SER RA 6 65.01 69.39 -44.67
N ARG RA 7 64.59 70.58 -44.21
CA ARG RA 7 63.21 70.76 -43.78
C ARG RA 7 62.24 70.83 -44.96
N ASP RA 8 62.75 70.96 -46.18
CA ASP RA 8 61.91 70.96 -47.37
C ASP RA 8 61.18 69.62 -47.49
N THR RA 9 60.22 69.57 -48.42
CA THR RA 9 59.47 68.32 -48.61
C THR RA 9 60.07 67.45 -49.72
N LEU RA 10 60.25 67.93 -50.95
CA LEU RA 10 59.87 69.25 -51.47
C LEU RA 10 59.38 69.07 -52.91
N TYR RA 11 58.15 69.51 -53.18
CA TYR RA 11 57.54 69.36 -54.50
C TYR RA 11 57.67 70.66 -55.29
N GLU RA 12 58.33 70.57 -56.46
CA GLU RA 12 58.22 71.58 -57.49
C GLU RA 12 57.67 71.03 -58.80
N ALA RA 13 58.21 69.90 -59.28
CA ALA RA 13 57.75 69.22 -60.48
C ALA RA 13 58.58 67.95 -60.65
N VAL RA 14 58.06 67.02 -61.45
CA VAL RA 14 58.73 65.73 -61.67
C VAL RA 14 60.03 65.91 -62.46
N ARG RA 15 60.02 66.75 -63.49
CA ARG RA 15 61.21 66.95 -64.32
C ARG RA 15 61.91 68.29 -64.09
N GLU RA 16 61.34 69.17 -63.25
CA GLU RA 16 61.99 70.43 -62.91
C GLU RA 16 62.95 70.29 -61.74
N VAL RA 17 63.43 69.08 -61.47
CA VAL RA 17 64.26 68.79 -60.31
C VAL RA 17 65.66 69.33 -60.58
N LEU RA 18 65.83 69.99 -61.71
CA LEU RA 18 67.12 70.57 -62.04
C LEU RA 18 67.27 72.02 -61.62
N HIS RA 19 66.21 72.69 -61.19
CA HIS RA 19 66.27 74.12 -60.91
C HIS RA 19 66.32 74.49 -59.43
N GLY RA 20 66.54 73.54 -58.53
CA GLY RA 20 66.53 73.84 -57.10
C GLY RA 20 67.70 73.33 -56.29
N ASN RA 21 68.73 72.81 -56.92
CA ASN RA 21 69.86 72.21 -56.20
C ASN RA 21 71.07 73.15 -56.10
N GLN RA 22 70.98 74.35 -56.65
CA GLN RA 22 72.14 75.16 -57.03
C GLN RA 22 72.64 76.06 -55.90
N ARG RA 23 72.46 75.69 -54.64
CA ARG RA 23 72.83 76.56 -53.53
C ARG RA 23 74.35 76.58 -53.41
N LYS RA 24 75.00 77.47 -54.15
CA LYS RA 24 76.45 77.44 -54.34
C LYS RA 24 77.13 78.54 -53.52
N ARG RA 25 78.11 78.14 -52.71
CA ARG RA 25 79.19 79.04 -52.37
C ARG RA 25 80.55 78.37 -52.46
N ARG RA 26 80.63 77.06 -52.28
CA ARG RA 26 81.87 76.38 -51.91
C ARG RA 26 82.94 76.64 -52.95
N LYS RA 27 83.95 77.42 -52.58
CA LYS RA 27 85.08 77.70 -53.45
C LYS RA 27 86.06 76.54 -53.54
N PHE RA 28 85.92 75.56 -52.65
CA PHE RA 28 86.45 74.23 -52.88
C PHE RA 28 85.46 73.55 -53.82
N LEU RA 29 85.49 72.22 -53.92
CA LEU RA 29 84.50 71.54 -54.74
C LEU RA 29 83.42 70.89 -53.86
N GLU RA 30 82.17 71.07 -54.28
CA GLU RA 30 81.00 70.64 -53.52
C GLU RA 30 80.50 69.32 -54.09
N THR RA 31 80.62 68.24 -53.32
CA THR RA 31 80.19 66.93 -53.79
C THR RA 31 78.68 66.90 -53.73
N VAL RA 32 78.04 67.37 -54.81
CA VAL RA 32 76.58 67.37 -54.86
C VAL RA 32 76.15 65.93 -55.14
N GLU RA 33 75.94 65.17 -54.07
CA GLU RA 33 75.71 63.74 -54.12
C GLU RA 33 74.22 63.42 -53.95
N LEU RA 34 73.91 62.15 -53.76
CA LEU RA 34 72.53 61.67 -53.72
C LEU RA 34 72.44 60.45 -52.82
N GLN RA 35 71.34 60.37 -52.04
CA GLN RA 35 71.06 59.26 -51.15
C GLN RA 35 69.57 59.19 -50.85
N ILE RA 36 69.20 58.24 -49.99
CA ILE RA 36 67.82 57.90 -49.71
C ILE RA 36 67.75 57.25 -48.32
N SER RA 37 66.54 57.17 -47.78
CA SER RA 37 66.31 56.77 -46.40
C SER RA 37 66.68 55.30 -46.18
N LEU RA 38 66.43 54.85 -44.94
CA LEU RA 38 66.63 53.45 -44.55
C LEU RA 38 65.37 52.78 -44.03
N LYS RA 39 64.32 53.53 -43.68
CA LYS RA 39 63.11 52.93 -43.14
C LYS RA 39 62.48 52.00 -44.17
N ASN RA 40 62.17 50.77 -43.75
CA ASN RA 40 61.80 49.66 -44.62
C ASN RA 40 62.87 49.34 -45.65
N TYR RA 41 64.06 49.94 -45.52
CA TYR RA 41 65.21 49.62 -46.35
C TYR RA 41 66.20 48.85 -45.52
N ASP RA 42 66.13 47.52 -45.61
CA ASP RA 42 67.00 46.65 -44.85
C ASP RA 42 68.41 46.78 -45.41
N PRO RA 43 69.37 47.20 -44.58
CA PRO RA 43 70.72 47.48 -45.11
C PRO RA 43 71.37 46.29 -45.80
N GLN RA 44 71.18 45.09 -45.27
CA GLN RA 44 71.73 43.87 -45.88
C GLN RA 44 70.72 42.76 -46.09
N LYS RA 45 69.73 42.58 -45.22
CA LYS RA 45 69.10 41.26 -45.09
C LYS RA 45 68.29 40.87 -46.32
N ASP RA 46 67.20 41.58 -46.60
CA ASP RA 46 66.30 41.16 -47.65
C ASP RA 46 66.24 42.13 -48.83
N LYS RA 47 66.82 43.31 -48.71
CA LYS RA 47 66.78 44.33 -49.75
C LYS RA 47 68.19 44.83 -50.01
N ARG RA 48 68.52 45.04 -51.28
CA ARG RA 48 69.85 45.49 -51.68
C ARG RA 48 69.78 45.96 -53.13
N PHE RA 49 70.85 46.60 -53.58
CA PHE RA 49 70.89 47.22 -54.90
C PHE RA 49 71.74 46.44 -55.88
N SER RA 50 71.41 46.59 -57.17
CA SER RA 50 72.30 46.20 -58.25
C SER RA 50 72.25 47.15 -59.44
N GLY RA 51 71.52 48.27 -59.35
CA GLY RA 51 71.27 49.11 -60.51
C GLY RA 51 72.50 49.86 -61.01
N THR RA 52 72.41 50.28 -62.28
CA THR RA 52 73.51 50.90 -63.02
C THR RA 52 73.20 52.37 -63.31
N VAL RA 53 74.25 53.12 -63.66
CA VAL RA 53 74.12 54.53 -64.01
C VAL RA 53 75.43 54.98 -64.65
N ARG RA 54 75.37 56.10 -65.39
CA ARG RA 54 76.57 56.71 -65.96
C ARG RA 54 76.51 58.22 -65.79
N LEU RA 55 77.48 58.77 -65.04
CA LEU RA 55 77.63 60.22 -64.92
C LEU RA 55 78.42 60.78 -66.10
N LYS RA 56 78.40 62.11 -66.21
CA LYS RA 56 79.19 62.80 -67.22
C LYS RA 56 80.56 63.20 -66.72
N SER RA 57 80.65 63.79 -65.52
CA SER RA 57 81.86 64.45 -65.09
C SER RA 57 82.35 63.82 -63.79
N THR RA 58 83.67 63.76 -63.67
CA THR RA 58 84.30 63.31 -62.43
C THR RA 58 84.24 64.42 -61.40
N PRO RA 59 83.56 64.23 -60.27
CA PRO RA 59 83.51 65.28 -59.25
C PRO RA 59 84.81 65.38 -58.49
N ARG RA 60 84.81 66.18 -57.43
CA ARG RA 60 85.99 66.28 -56.55
C ARG RA 60 86.54 64.92 -56.12
N PRO RA 61 85.73 63.96 -55.66
CA PRO RA 61 86.30 62.63 -55.36
C PRO RA 61 86.85 61.97 -56.61
N LYS RA 62 87.91 61.21 -56.45
CA LYS RA 62 88.62 60.63 -57.60
C LYS RA 62 87.81 59.48 -58.19
N PHE RA 63 87.18 59.74 -59.34
CA PHE RA 63 86.25 58.81 -59.96
C PHE RA 63 86.88 58.01 -61.10
N SER RA 64 88.18 57.72 -61.02
CA SER RA 64 88.91 57.12 -62.12
C SER RA 64 89.16 55.63 -61.86
N VAL RA 65 89.36 54.88 -62.95
CA VAL RA 65 89.54 53.44 -62.92
C VAL RA 65 90.89 53.10 -63.53
N CYS RA 66 91.41 51.92 -63.19
CA CYS RA 66 92.73 51.44 -63.59
C CYS RA 66 92.72 49.92 -63.71
N VAL RA 67 93.88 49.29 -63.59
CA VAL RA 67 93.98 47.84 -63.39
C VAL RA 67 92.95 47.45 -62.34
N LEU RA 68 92.36 46.25 -62.41
CA LEU RA 68 92.93 44.96 -62.84
C LEU RA 68 93.24 44.64 -64.30
N GLY RA 69 93.79 43.43 -64.48
CA GLY RA 69 93.96 42.79 -65.76
C GLY RA 69 92.79 41.87 -66.02
N ASP RA 70 92.96 40.54 -65.98
CA ASP RA 70 91.84 39.66 -66.24
C ASP RA 70 91.31 39.91 -67.65
N GLN RA 71 91.99 39.34 -68.64
CA GLN RA 71 92.36 39.90 -69.94
C GLN RA 71 91.37 40.84 -70.64
N GLN RA 72 91.95 41.68 -71.51
CA GLN RA 72 91.47 42.91 -72.12
C GLN RA 72 91.62 44.10 -71.19
N HIS RA 73 91.85 43.86 -69.91
CA HIS RA 73 92.08 45.01 -69.04
C HIS RA 73 93.56 45.24 -68.78
N CYS RA 74 94.41 44.27 -69.10
CA CYS RA 74 95.82 44.60 -69.30
C CYS RA 74 95.98 45.64 -70.40
N ASP RA 75 95.31 45.41 -71.53
CA ASP RA 75 95.35 46.36 -72.62
C ASP RA 75 94.65 47.67 -72.24
N GLU RA 76 93.55 47.57 -71.50
CA GLU RA 76 92.90 48.79 -71.00
C GLU RA 76 93.82 49.59 -70.09
N ALA RA 77 94.58 48.93 -69.22
CA ALA RA 77 95.49 49.65 -68.34
C ALA RA 77 96.61 50.31 -69.13
N LYS RA 78 97.26 49.56 -70.02
CA LYS RA 78 98.31 50.15 -70.84
C LYS RA 78 97.80 51.25 -71.77
N ALA RA 79 96.50 51.27 -72.04
CA ALA RA 79 95.91 52.34 -72.86
C ALA RA 79 95.43 53.53 -72.04
N VAL RA 80 95.04 53.33 -70.79
CA VAL RA 80 94.45 54.38 -69.97
C VAL RA 80 95.55 54.89 -69.02
N ASP RA 81 96.79 54.47 -69.30
CA ASP RA 81 97.98 55.05 -68.67
C ASP RA 81 97.98 54.83 -67.15
N ILE RA 82 98.11 53.56 -66.80
CA ILE RA 82 98.38 53.13 -65.43
C ILE RA 82 99.27 51.89 -65.51
N PRO RA 83 100.31 51.78 -64.69
CA PRO RA 83 101.10 50.53 -64.67
C PRO RA 83 100.21 49.35 -64.33
N HIS RA 84 100.40 48.26 -65.08
CA HIS RA 84 99.57 47.07 -64.93
C HIS RA 84 100.39 45.94 -64.36
N MET RA 85 99.77 45.16 -63.47
CA MET RA 85 100.43 44.05 -62.80
C MET RA 85 99.36 43.05 -62.40
N ASP RA 86 99.67 41.76 -62.56
CA ASP RA 86 98.66 40.70 -62.35
C ASP RA 86 98.46 40.36 -60.89
N ILE RA 87 99.50 39.81 -60.25
CA ILE RA 87 99.36 39.33 -58.89
C ILE RA 87 100.62 39.63 -58.08
N GLU RA 88 101.61 40.25 -58.73
CA GLU RA 88 102.99 40.19 -58.23
C GLU RA 88 103.09 40.56 -56.76
N ALA RA 89 102.42 41.63 -56.36
CA ALA RA 89 102.28 41.98 -54.94
C ALA RA 89 101.13 42.95 -54.84
N LEU RA 90 100.20 42.70 -53.91
CA LEU RA 90 98.99 43.48 -53.82
C LEU RA 90 99.26 44.89 -53.32
N LYS RA 91 100.10 45.62 -54.05
CA LYS RA 91 100.61 46.91 -53.60
C LYS RA 91 100.28 48.04 -54.55
N LYS RA 92 99.26 47.90 -55.40
CA LYS RA 92 98.87 49.05 -56.23
C LYS RA 92 98.12 50.08 -55.40
N LEU RA 93 96.96 49.71 -54.87
CA LEU RA 93 96.07 50.69 -54.26
C LEU RA 93 95.49 50.19 -52.94
N ASN RA 94 96.25 49.37 -52.22
CA ASN RA 94 95.77 48.76 -50.98
C ASN RA 94 95.70 49.79 -49.85
N LYS RA 95 95.42 49.34 -48.64
CA LYS RA 95 95.41 50.20 -47.47
C LYS RA 95 96.40 49.77 -46.38
N ASN RA 96 97.11 48.64 -46.57
CA ASN RA 96 98.02 48.07 -45.57
C ASN RA 96 99.41 47.74 -46.10
N LYS RA 97 99.52 47.26 -47.34
CA LYS RA 97 100.78 46.86 -47.97
C LYS RA 97 100.98 47.63 -49.27
N LYS RA 98 100.86 48.95 -49.16
CA LYS RA 98 100.56 49.86 -50.26
C LYS RA 98 101.80 50.17 -51.10
N LEU RA 99 101.68 51.14 -52.00
CA LEU RA 99 102.80 51.78 -52.68
C LEU RA 99 102.81 53.29 -52.52
N VAL RA 100 101.64 53.93 -52.61
CA VAL RA 100 101.51 55.37 -52.44
C VAL RA 100 100.40 55.65 -51.44
N LYS RA 101 100.34 56.89 -50.97
CA LYS RA 101 99.37 57.32 -49.97
C LYS RA 101 98.53 58.46 -50.53
N LYS RA 102 97.36 58.13 -51.07
CA LYS RA 102 96.32 59.10 -51.38
C LYS RA 102 95.07 58.71 -50.60
N LEU RA 103 93.95 59.37 -50.91
CA LEU RA 103 92.68 59.13 -50.22
C LEU RA 103 92.46 57.64 -50.02
N ALA RA 104 91.89 57.28 -48.85
CA ALA RA 104 91.83 55.87 -48.46
C ALA RA 104 91.25 54.98 -49.55
N LYS RA 105 90.21 55.44 -50.24
CA LYS RA 105 89.68 54.69 -51.38
C LYS RA 105 90.62 54.73 -52.58
N LYS RA 106 91.37 55.83 -52.72
CA LYS RA 106 92.39 56.04 -53.76
C LYS RA 106 91.76 56.17 -55.15
N TYR RA 107 90.46 55.91 -55.24
CA TYR RA 107 89.60 55.99 -56.42
C TYR RA 107 88.20 55.63 -55.94
N ASP RA 108 87.22 55.76 -56.84
CA ASP RA 108 85.82 55.58 -56.46
C ASP RA 108 85.11 54.53 -57.31
N ALA RA 109 85.87 53.74 -58.07
CA ALA RA 109 85.27 52.75 -58.96
C ALA RA 109 86.32 51.79 -59.53
N PHE RA 110 86.08 50.49 -59.43
CA PHE RA 110 86.88 49.52 -60.17
C PHE RA 110 85.99 48.35 -60.57
N LEU RA 111 86.00 48.03 -61.87
CA LEU RA 111 85.07 47.08 -62.47
C LEU RA 111 85.64 45.66 -62.39
N ALA RA 112 85.08 44.74 -63.17
CA ALA RA 112 85.53 43.35 -63.18
C ALA RA 112 85.65 42.81 -64.61
N SER RA 113 86.07 41.55 -64.70
CA SER RA 113 86.08 40.78 -65.94
C SER RA 113 85.67 39.35 -65.59
N GLU RA 114 85.96 38.42 -66.50
CA GLU RA 114 85.39 37.08 -66.41
C GLU RA 114 86.44 35.97 -66.38
N SER RA 115 87.47 36.08 -65.54
CA SER RA 115 88.24 34.90 -65.17
C SER RA 115 87.87 34.41 -63.77
N LEU RA 116 87.72 35.34 -62.82
CA LEU RA 116 87.13 35.05 -61.53
C LEU RA 116 86.52 36.35 -61.01
N ILE RA 117 85.65 36.23 -60.01
CA ILE RA 117 84.81 37.34 -59.58
C ILE RA 117 85.17 37.88 -58.20
N LYS RA 118 86.12 37.27 -57.51
CA LYS RA 118 86.60 37.78 -56.23
C LYS RA 118 88.07 38.21 -56.29
N GLN RA 119 88.60 38.43 -57.48
CA GLN RA 119 90.01 38.72 -57.69
C GLN RA 119 90.35 40.22 -57.63
N ILE RA 120 89.35 41.10 -57.46
CA ILE RA 120 89.66 42.52 -57.36
C ILE RA 120 90.52 42.84 -56.15
N PRO RA 121 90.15 42.45 -54.91
CA PRO RA 121 91.05 42.67 -53.77
C PRO RA 121 92.33 41.87 -53.81
N ARG RA 122 92.44 40.89 -54.71
CA ARG RA 122 93.67 40.13 -54.89
C ARG RA 122 94.58 40.72 -55.95
N ILE RA 123 94.04 41.57 -56.84
CA ILE RA 123 94.87 42.20 -57.85
C ILE RA 123 95.25 43.61 -57.42
N LEU RA 124 94.27 44.50 -57.29
CA LEU RA 124 94.68 45.85 -56.89
C LEU RA 124 94.49 46.08 -55.40
N GLY RA 125 93.56 45.36 -54.79
CA GLY RA 125 93.48 45.34 -53.36
C GLY RA 125 92.34 46.15 -52.77
N PRO RA 126 92.36 46.26 -51.46
CA PRO RA 126 91.26 46.91 -50.73
C PRO RA 126 91.16 48.42 -50.93
N GLY RA 127 90.36 49.04 -50.07
CA GLY RA 127 89.78 50.34 -50.31
C GLY RA 127 88.35 50.30 -49.85
N LEU RA 128 87.41 50.42 -50.80
CA LEU RA 128 86.02 50.04 -50.52
C LEU RA 128 85.94 48.71 -49.77
N ASN RA 129 86.85 47.77 -50.08
CA ASN RA 129 86.96 46.54 -49.31
C ASN RA 129 87.15 46.84 -47.83
N LYS RA 130 88.10 47.71 -47.50
CA LYS RA 130 88.35 48.05 -46.10
C LYS RA 130 87.20 48.85 -45.51
N ALA RA 131 86.42 49.52 -46.36
CA ALA RA 131 85.28 50.28 -45.89
C ALA RA 131 84.02 49.43 -45.77
N GLY RA 132 84.07 48.17 -46.16
CA GLY RA 132 82.93 47.29 -46.03
C GLY RA 132 82.00 47.27 -47.22
N LYS RA 133 82.38 47.88 -48.33
CA LYS RA 133 81.67 47.76 -49.60
C LYS RA 133 82.48 46.89 -50.54
N PHE RA 134 81.79 46.26 -51.49
CA PHE RA 134 82.44 45.23 -52.31
C PHE RA 134 82.47 45.66 -53.76
N PRO RA 135 83.60 46.15 -54.27
CA PRO RA 135 83.71 46.52 -55.68
C PRO RA 135 84.17 45.38 -56.60
N SER RA 136 84.17 44.14 -56.12
CA SER RA 136 84.70 43.00 -56.86
C SER RA 136 83.63 42.22 -57.60
N LEU RA 137 82.44 42.09 -57.03
CA LEU RA 137 81.32 41.43 -57.69
C LEU RA 137 80.26 42.46 -58.03
N LEU RA 138 79.51 42.18 -59.10
CA LEU RA 138 78.45 43.06 -59.57
C LEU RA 138 78.99 44.46 -59.89
N THR RA 139 79.79 44.49 -60.95
CA THR RA 139 80.25 45.74 -61.55
C THR RA 139 79.52 46.08 -62.84
N HIS RA 140 79.02 45.07 -63.55
CA HIS RA 140 78.22 45.22 -64.76
C HIS RA 140 79.00 45.95 -65.86
N ASN RA 141 80.26 45.58 -66.06
CA ASN RA 141 81.08 46.18 -67.10
C ASN RA 141 82.20 45.21 -67.47
N GLU RA 142 82.66 45.31 -68.72
CA GLU RA 142 83.85 44.58 -69.14
C GLU RA 142 84.81 45.51 -69.87
N ASN RA 143 84.25 46.50 -70.54
CA ASN RA 143 84.99 47.64 -71.11
C ASN RA 143 86.28 47.22 -71.80
N MET RA 144 86.12 46.50 -72.90
CA MET RA 144 87.23 46.21 -73.79
C MET RA 144 87.37 47.21 -74.93
N VAL RA 145 86.32 47.99 -75.19
CA VAL RA 145 86.36 49.05 -76.20
C VAL RA 145 85.85 50.38 -75.66
N ALA RA 146 85.85 50.59 -74.35
CA ALA RA 146 85.28 51.79 -73.75
C ALA RA 146 86.19 52.30 -72.64
N LYS RA 147 86.89 53.39 -72.92
CA LYS RA 147 87.66 54.14 -71.94
C LYS RA 147 86.97 55.44 -71.54
N VAL RA 148 86.28 56.09 -72.48
CA VAL RA 148 85.44 57.23 -72.14
C VAL RA 148 84.36 56.79 -71.15
N ASP RA 149 84.00 55.51 -71.15
CA ASP RA 149 83.09 54.98 -70.15
C ASP RA 149 83.62 55.22 -68.75
N GLU RA 150 84.88 54.87 -68.50
CA GLU RA 150 85.45 55.05 -67.17
C GLU RA 150 85.86 56.49 -66.89
N VAL RA 151 86.20 57.28 -67.90
CA VAL RA 151 86.57 58.66 -67.62
C VAL RA 151 85.33 59.54 -67.54
N LYS RA 152 84.16 58.97 -67.86
CA LYS RA 152 82.88 59.50 -67.40
C LYS RA 152 82.35 58.70 -66.21
N SER RA 153 83.10 57.69 -65.76
CA SER RA 153 82.86 56.99 -64.51
C SER RA 153 81.48 56.31 -64.50
N THR RA 154 81.36 55.30 -65.36
CA THR RA 154 80.21 54.41 -65.28
C THR RA 154 80.19 53.71 -63.93
N ILE RA 155 79.07 53.83 -63.23
CA ILE RA 155 78.99 53.46 -61.82
C ILE RA 155 77.61 52.89 -61.51
N LYS RA 156 77.37 52.61 -60.23
CA LYS RA 156 76.21 51.81 -59.87
C LYS RA 156 75.58 52.27 -58.56
N PHE RA 157 74.63 51.49 -58.06
CA PHE RA 157 74.08 51.61 -56.72
C PHE RA 157 74.34 50.29 -56.00
N GLN RA 158 74.70 50.35 -54.72
CA GLN RA 158 74.98 49.12 -53.99
C GLN RA 158 74.75 49.30 -52.50
N MET RA 159 74.15 48.28 -51.89
CA MET RA 159 73.79 48.25 -50.47
C MET RA 159 74.96 48.57 -49.55
N LYS RA 160 74.63 48.93 -48.32
CA LYS RA 160 75.57 49.02 -47.22
C LYS RA 160 74.82 48.98 -45.90
N LYS RA 161 75.45 48.40 -44.87
CA LYS RA 161 74.81 48.24 -43.57
C LYS RA 161 74.99 49.43 -42.64
N VAL RA 162 75.78 50.42 -43.02
CA VAL RA 162 75.94 51.58 -42.15
C VAL RA 162 74.79 52.55 -42.36
N LEU RA 163 74.76 53.21 -43.52
CA LEU RA 163 73.50 53.73 -44.02
C LEU RA 163 73.27 53.28 -45.45
N CYS RA 164 74.19 53.67 -46.34
CA CYS RA 164 74.04 53.54 -47.78
C CYS RA 164 75.25 54.13 -48.49
N LEU RA 165 75.31 54.00 -49.81
CA LEU RA 165 76.28 54.71 -50.62
C LEU RA 165 75.84 56.18 -50.72
N ALA RA 166 76.53 56.96 -51.55
CA ALA RA 166 76.13 58.35 -51.83
C ALA RA 166 76.75 58.75 -53.15
N VAL RA 167 75.92 58.92 -54.18
CA VAL RA 167 76.42 59.07 -55.55
C VAL RA 167 76.04 60.42 -56.12
N ALA RA 168 77.01 61.09 -56.73
CA ALA RA 168 76.90 62.49 -57.11
C ALA RA 168 76.06 62.66 -58.37
N VAL RA 169 75.30 63.75 -58.41
CA VAL RA 169 74.41 64.08 -59.52
C VAL RA 169 74.88 65.28 -60.31
N GLY RA 170 76.11 65.72 -60.11
CA GLY RA 170 76.67 66.84 -60.86
C GLY RA 170 77.25 67.91 -59.98
N HIS RA 171 77.47 69.09 -60.54
CA HIS RA 171 77.87 70.27 -59.78
C HIS RA 171 76.97 71.43 -60.14
N VAL RA 172 77.03 72.48 -59.31
CA VAL RA 172 76.21 73.67 -59.56
C VAL RA 172 76.75 74.47 -60.74
N LYS RA 173 78.07 74.59 -60.85
CA LYS RA 173 78.65 75.37 -61.93
C LYS RA 173 78.27 74.81 -63.29
N MET RA 174 78.41 73.50 -63.47
CA MET RA 174 77.90 72.86 -64.68
C MET RA 174 76.38 73.01 -64.72
N THR RA 175 75.82 72.98 -65.92
CA THR RA 175 74.41 73.28 -66.10
C THR RA 175 73.52 72.31 -65.34
N ASP RA 176 72.25 72.68 -65.23
CA ASP RA 176 71.24 71.81 -64.62
C ASP RA 176 70.71 70.78 -65.61
N ASP RA 177 70.96 70.98 -66.91
CA ASP RA 177 70.70 69.92 -67.88
C ASP RA 177 71.50 68.67 -67.53
N GLU RA 178 72.67 68.82 -66.93
CA GLU RA 178 73.40 67.66 -66.44
C GLU RA 178 72.65 66.98 -65.31
N LEU RA 179 72.24 67.75 -64.30
CA LEU RA 179 71.62 67.17 -63.12
C LEU RA 179 70.31 66.47 -63.45
N VAL RA 180 69.52 67.05 -64.35
CA VAL RA 180 68.21 66.45 -64.65
C VAL RA 180 68.39 65.06 -65.27
N TYR RA 181 69.28 64.93 -66.26
CA TYR RA 181 69.54 63.63 -66.84
C TYR RA 181 70.15 62.68 -65.81
N ASN RA 182 71.06 63.19 -64.98
CA ASN RA 182 71.73 62.31 -64.04
C ASN RA 182 70.76 61.73 -63.02
N ILE RA 183 69.92 62.57 -62.42
CA ILE RA 183 68.93 62.06 -61.46
C ILE RA 183 67.95 61.13 -62.17
N HIS RA 184 67.43 61.53 -63.32
CA HIS RA 184 66.39 60.74 -63.97
C HIS RA 184 66.93 59.53 -64.70
N LEU RA 185 68.26 59.36 -64.75
CA LEU RA 185 68.87 58.14 -65.28
C LEU RA 185 69.42 57.27 -64.16
N ALA RA 186 69.69 57.83 -62.99
CA ALA RA 186 70.11 57.04 -61.84
C ALA RA 186 68.92 56.50 -61.06
N VAL RA 187 68.07 57.39 -60.51
CA VAL RA 187 67.07 56.95 -59.56
C VAL RA 187 65.83 56.35 -60.19
N ASN RA 188 65.79 56.15 -61.51
CA ASN RA 188 64.67 55.40 -62.07
C ASN RA 188 64.69 53.96 -61.56
N PHE RA 189 65.86 53.32 -61.55
CA PHE RA 189 65.97 52.00 -60.93
C PHE RA 189 65.79 52.06 -59.42
N LEU RA 190 66.22 53.14 -58.76
CA LEU RA 190 65.96 53.27 -57.33
C LEU RA 190 64.47 53.33 -57.06
N VAL RA 191 63.72 54.06 -57.88
CA VAL RA 191 62.27 54.13 -57.73
C VAL RA 191 61.67 52.75 -57.98
N SER RA 192 62.19 52.03 -58.97
CA SER RA 192 61.69 50.69 -59.24
C SER RA 192 61.91 49.77 -58.04
N LEU RA 193 63.12 49.79 -57.49
CA LEU RA 193 63.54 48.82 -56.47
C LEU RA 193 63.27 49.27 -55.04
N LEU RA 194 62.79 50.50 -54.83
CA LEU RA 194 62.41 50.96 -53.50
C LEU RA 194 60.96 51.41 -53.41
N LYS RA 195 60.30 51.64 -54.55
CA LYS RA 195 58.86 51.87 -54.59
C LYS RA 195 58.26 50.56 -55.09
N LYS RA 196 58.06 49.66 -54.18
CA LYS RA 196 57.22 48.48 -54.34
C LYS RA 196 56.24 48.38 -53.19
N ASN RA 197 56.67 48.72 -51.99
CA ASN RA 197 55.90 48.88 -50.77
C ASN RA 197 56.08 50.26 -50.16
N TRP RA 198 57.32 50.76 -50.10
CA TRP RA 198 57.58 52.08 -49.57
C TRP RA 198 57.12 53.08 -50.63
N GLN RA 199 56.05 53.81 -50.33
CA GLN RA 199 55.29 54.57 -51.34
C GLN RA 199 55.84 55.97 -51.60
N ASN RA 200 57.01 56.30 -51.04
CA ASN RA 200 57.70 57.56 -51.33
C ASN RA 200 56.89 58.75 -50.79
N VAL RA 201 56.55 58.67 -49.51
CA VAL RA 201 55.90 59.80 -48.84
C VAL RA 201 56.90 60.92 -48.61
N ARG RA 202 58.03 60.60 -48.00
CA ARG RA 202 59.15 61.52 -47.88
C ARG RA 202 59.89 61.54 -49.22
N ALA RA 203 61.06 62.17 -49.30
CA ALA RA 203 61.68 62.40 -50.59
C ALA RA 203 63.04 61.71 -50.68
N LEU RA 204 63.55 61.67 -51.91
CA LEU RA 204 64.90 61.20 -52.18
C LEU RA 204 65.85 62.39 -52.04
N TYR RA 205 66.85 62.26 -51.17
CA TYR RA 205 67.58 63.45 -50.75
C TYR RA 205 68.84 63.64 -51.59
N ILE RA 206 69.13 64.90 -51.88
CA ILE RA 206 70.33 65.29 -52.61
C ILE RA 206 71.32 65.83 -51.59
N LYS RA 207 72.50 65.20 -51.51
CA LYS RA 207 73.60 65.68 -50.68
C LYS RA 207 74.20 66.91 -51.36
N SER RA 208 73.41 67.97 -51.44
CA SER RA 208 73.84 69.23 -52.07
C SER RA 208 74.71 69.96 -51.07
N THR RA 209 76.02 69.72 -51.15
CA THR RA 209 76.91 70.03 -50.03
C THR RA 209 77.16 71.53 -49.92
N MET RA 210 78.16 71.87 -49.10
CA MET RA 210 78.29 73.20 -48.51
C MET RA 210 77.06 73.55 -47.66
N GLY RA 211 76.87 72.77 -46.60
CA GLY RA 211 76.01 73.17 -45.50
C GLY RA 211 74.53 73.17 -45.76
N LYS RA 212 74.05 72.50 -46.81
CA LYS RA 212 72.61 72.46 -47.11
C LYS RA 212 72.28 71.34 -48.09
N PRO RA 213 72.50 70.08 -47.71
CA PRO RA 213 71.96 68.97 -48.50
C PRO RA 213 70.45 68.87 -48.31
N GLN RA 214 69.74 68.64 -49.39
CA GLN RA 214 68.29 68.85 -49.41
C GLN RA 214 67.65 67.72 -50.22
N ARG RA 215 66.40 67.94 -50.64
CA ARG RA 215 65.65 66.97 -51.42
C ARG RA 215 64.70 67.69 -52.35
N LEU RA 216 64.19 66.97 -53.35
CA LEU RA 216 63.27 67.55 -54.31
C LEU RA 216 62.39 66.47 -54.92
N TYR RA 217 61.09 66.72 -54.95
CA TYR RA 217 60.16 65.95 -55.77
C TYR RA 217 60.09 66.51 -57.18
N SER SA 1 -31.41 -25.74 -20.15
CA SER SA 1 -31.17 -26.20 -18.80
C SER SA 1 -32.19 -27.25 -18.41
N HIS SA 2 -32.10 -27.72 -17.18
CA HIS SA 2 -33.15 -28.51 -16.59
C HIS SA 2 -33.90 -27.66 -15.58
N ARG SA 3 -35.21 -27.84 -15.52
CA ARG SA 3 -36.01 -27.14 -14.53
C ARG SA 3 -35.37 -27.30 -13.16
N LYS SA 4 -34.98 -26.18 -12.55
CA LYS SA 4 -34.09 -26.27 -11.40
C LYS SA 4 -34.80 -26.79 -10.16
N PHE SA 5 -36.12 -26.91 -10.21
CA PHE SA 5 -36.89 -27.55 -9.16
C PHE SA 5 -38.02 -28.32 -9.83
N SER SA 6 -38.52 -29.35 -9.15
CA SER SA 6 -39.60 -30.16 -9.71
C SER SA 6 -40.89 -29.91 -8.95
N ALA SA 7 -41.93 -29.55 -9.69
CA ALA SA 7 -43.26 -29.34 -9.13
C ALA SA 7 -44.27 -30.03 -10.04
N PRO SA 8 -45.37 -30.51 -9.48
CA PRO SA 8 -46.37 -31.19 -10.30
C PRO SA 8 -46.90 -30.30 -11.39
N ARG SA 9 -47.18 -30.90 -12.54
CA ARG SA 9 -47.79 -30.15 -13.63
C ARG SA 9 -49.13 -29.62 -13.19
N HIS SA 10 -49.44 -28.41 -13.60
CA HIS SA 10 -50.73 -27.81 -13.27
C HIS SA 10 -51.81 -28.39 -14.16
N GLY SA 11 -53.03 -28.40 -13.65
CA GLY SA 11 -54.12 -28.91 -14.42
C GLY SA 11 -53.96 -30.40 -14.68
N SER SA 12 -54.81 -30.91 -15.57
CA SER SA 12 -54.72 -32.31 -15.97
C SER SA 12 -54.95 -32.40 -17.46
N LEU SA 13 -54.01 -32.99 -18.17
CA LEU SA 13 -54.09 -33.11 -19.62
C LEU SA 13 -55.09 -34.17 -20.03
N GLY SA 14 -55.66 -34.90 -19.09
CA GLY SA 14 -56.67 -35.89 -19.42
C GLY SA 14 -58.07 -35.34 -19.55
N PHE SA 15 -58.23 -34.03 -19.59
CA PHE SA 15 -59.51 -33.38 -19.80
C PHE SA 15 -59.35 -32.27 -20.82
N LEU SA 16 -58.66 -32.55 -21.92
CA LEU SA 16 -58.10 -31.40 -22.61
C LEU SA 16 -58.53 -31.28 -24.07
N PRO SA 17 -59.77 -31.56 -24.39
CA PRO SA 17 -60.47 -30.70 -25.34
C PRO SA 17 -61.31 -29.71 -24.56
N ARG SA 18 -60.72 -29.02 -23.59
CA ARG SA 18 -61.46 -28.24 -22.62
C ARG SA 18 -62.31 -27.15 -23.28
N LYS SA 19 -63.62 -27.33 -23.27
CA LYS SA 19 -64.50 -26.49 -24.08
C LYS SA 19 -65.92 -26.68 -23.58
N ARG SA 20 -66.83 -25.89 -24.15
CA ARG SA 20 -68.24 -26.06 -23.85
C ARG SA 20 -68.71 -27.42 -24.32
N SER SA 21 -69.46 -28.10 -23.47
CA SER SA 21 -70.00 -29.40 -23.86
C SER SA 21 -71.18 -29.19 -24.80
N SER SA 22 -71.13 -29.84 -25.96
CA SER SA 22 -72.21 -29.72 -26.92
C SER SA 22 -73.54 -30.20 -26.36
N ARG SA 23 -73.54 -31.22 -25.52
CA ARG SA 23 -74.73 -31.67 -24.82
C ARG SA 23 -75.09 -30.64 -23.76
N HIS SA 24 -76.37 -30.54 -23.44
CA HIS SA 24 -76.77 -29.78 -22.28
C HIS SA 24 -77.18 -30.68 -21.12
N ARG SA 25 -77.36 -31.96 -21.37
CA ARG SA 25 -77.72 -32.94 -20.36
C ARG SA 25 -76.63 -33.98 -20.28
N GLY SA 26 -76.22 -34.31 -19.06
CA GLY SA 26 -75.19 -35.32 -18.88
C GLY SA 26 -75.44 -36.54 -19.73
N LYS SA 27 -74.55 -36.79 -20.68
CA LYS SA 27 -74.77 -37.82 -21.70
C LYS SA 27 -74.01 -39.07 -21.29
N VAL SA 28 -74.73 -40.04 -20.72
CA VAL SA 28 -74.11 -41.28 -20.26
C VAL SA 28 -73.36 -41.93 -21.40
N LYS SA 29 -72.06 -42.11 -21.23
CA LYS SA 29 -71.21 -42.72 -22.23
C LYS SA 29 -70.96 -44.19 -21.96
N SER SA 30 -71.65 -44.75 -20.99
CA SER SA 30 -71.39 -46.11 -20.54
C SER SA 30 -72.61 -46.61 -19.78
N PHE SA 31 -72.56 -47.89 -19.42
CA PHE SA 31 -73.59 -48.49 -18.59
C PHE SA 31 -72.99 -49.72 -17.93
N PRO SA 32 -73.50 -50.12 -16.77
CA PRO SA 32 -72.99 -51.33 -16.15
C PRO SA 32 -73.19 -52.52 -17.07
N LYS SA 33 -72.21 -53.43 -17.07
CA LYS SA 33 -72.23 -54.54 -18.01
C LYS SA 33 -73.48 -55.38 -17.83
N ASP SA 34 -74.06 -55.78 -18.95
CA ASP SA 34 -75.30 -56.54 -18.94
C ASP SA 34 -75.07 -57.89 -18.28
N ASP SA 35 -76.12 -58.43 -17.66
CA ASP SA 35 -75.98 -59.68 -16.96
C ASP SA 35 -77.35 -60.29 -16.76
N PRO SA 36 -77.58 -61.52 -17.19
CA PRO SA 36 -78.85 -62.21 -16.88
C PRO SA 36 -78.95 -62.74 -15.46
N SER SA 37 -78.04 -62.38 -14.56
CA SER SA 37 -78.11 -62.82 -13.17
C SER SA 37 -79.02 -61.95 -12.33
N LYS SA 38 -80.00 -61.30 -12.94
CA LYS SA 38 -80.95 -60.47 -12.21
C LYS SA 38 -82.21 -60.34 -13.06
N PRO SA 39 -83.38 -60.27 -12.44
CA PRO SA 39 -84.56 -59.79 -13.16
C PRO SA 39 -84.37 -58.33 -13.57
N VAL SA 40 -84.99 -57.97 -14.69
CA VAL SA 40 -84.70 -56.70 -15.33
C VAL SA 40 -84.94 -55.53 -14.36
N HIS SA 41 -84.25 -54.43 -14.60
CA HIS SA 41 -84.43 -53.18 -13.88
C HIS SA 41 -83.65 -52.09 -14.61
N LEU SA 42 -84.21 -50.89 -14.64
CA LEU SA 42 -83.55 -49.78 -15.32
C LEU SA 42 -82.34 -49.30 -14.53
N THR SA 43 -81.51 -48.48 -15.18
CA THR SA 43 -80.19 -48.16 -14.65
C THR SA 43 -79.79 -46.70 -14.69
N ALA SA 44 -80.59 -45.83 -15.31
CA ALA SA 44 -80.28 -44.40 -15.36
C ALA SA 44 -81.55 -43.63 -15.06
N PHE SA 45 -81.40 -42.37 -14.65
CA PHE SA 45 -82.57 -41.70 -14.11
C PHE SA 45 -82.24 -40.22 -13.89
N LEU SA 46 -83.21 -39.35 -14.19
CA LEU SA 46 -82.95 -37.91 -14.37
C LEU SA 46 -83.46 -37.11 -13.19
N GLY SA 47 -82.60 -36.27 -12.62
CA GLY SA 47 -82.95 -35.38 -11.54
C GLY SA 47 -82.44 -33.96 -11.71
N TYR SA 48 -82.95 -33.08 -10.86
CA TYR SA 48 -82.63 -31.65 -10.94
C TYR SA 48 -82.03 -31.20 -9.63
N LYS SA 49 -80.98 -30.39 -9.73
CA LYS SA 49 -80.24 -29.91 -8.56
C LYS SA 49 -80.89 -28.63 -8.07
N ALA SA 50 -81.43 -28.64 -6.85
CA ALA SA 50 -82.10 -27.46 -6.32
C ALA SA 50 -81.26 -26.72 -5.29
N GLY SA 51 -80.44 -27.40 -4.52
CA GLY SA 51 -79.60 -26.73 -3.56
C GLY SA 51 -79.22 -27.68 -2.44
N MET SA 52 -78.20 -27.32 -1.70
CA MET SA 52 -77.71 -28.17 -0.63
C MET SA 52 -78.47 -27.88 0.65
N THR SA 53 -78.11 -28.65 1.68
CA THR SA 53 -78.65 -28.50 3.03
C THR SA 53 -77.90 -29.45 3.94
N HIS SA 54 -78.03 -29.21 5.25
CA HIS SA 54 -77.29 -29.97 6.23
C HIS SA 54 -77.92 -31.33 6.48
N ILE SA 55 -77.20 -32.14 7.25
CA ILE SA 55 -77.77 -33.37 7.79
C ILE SA 55 -76.95 -33.79 8.98
N VAL SA 56 -77.60 -34.46 9.93
CA VAL SA 56 -76.96 -34.91 11.16
C VAL SA 56 -77.19 -36.40 11.29
N ARG SA 57 -76.13 -37.17 11.43
CA ARG SA 57 -76.26 -38.61 11.63
C ARG SA 57 -75.18 -39.08 12.57
N GLU SA 58 -75.44 -40.20 13.22
CA GLU SA 58 -74.48 -40.83 14.12
C GLU SA 58 -73.63 -41.81 13.31
N VAL SA 59 -72.35 -41.47 13.15
CA VAL SA 59 -71.51 -42.21 12.21
C VAL SA 59 -71.21 -43.58 12.77
N ASP SA 60 -70.95 -44.54 11.87
CA ASP SA 60 -70.97 -45.95 12.21
C ASP SA 60 -69.66 -46.67 11.94
N ARG SA 61 -68.63 -45.95 11.49
CA ARG SA 61 -67.36 -46.58 11.13
C ARG SA 61 -66.75 -47.29 12.34
N PRO SA 62 -66.72 -48.61 12.38
CA PRO SA 62 -66.28 -49.29 13.60
C PRO SA 62 -64.80 -49.13 13.85
N GLY SA 63 -64.45 -48.73 15.06
CA GLY SA 63 -63.07 -48.62 15.47
C GLY SA 63 -62.41 -47.30 15.18
N SER SA 64 -63.08 -46.39 14.46
CA SER SA 64 -62.47 -45.12 14.15
C SER SA 64 -62.63 -44.14 15.30
N LYS SA 65 -61.97 -42.99 15.19
CA LYS SA 65 -61.94 -42.02 16.27
C LYS SA 65 -63.31 -41.43 16.53
N VAL SA 66 -64.10 -41.17 15.49
CA VAL SA 66 -65.39 -40.52 15.65
C VAL SA 66 -66.53 -41.53 15.73
N ASN SA 67 -66.21 -42.80 15.94
CA ASN SA 67 -67.21 -43.86 15.90
C ASN SA 67 -68.36 -43.60 16.88
N LYS SA 68 -69.58 -43.91 16.43
CA LYS SA 68 -70.77 -43.90 17.27
C LYS SA 68 -71.09 -42.51 17.81
N LYS SA 69 -70.59 -41.50 17.11
CA LYS SA 69 -70.80 -40.13 17.53
C LYS SA 69 -71.54 -39.38 16.44
N GLU SA 70 -72.01 -38.19 16.78
CA GLU SA 70 -72.78 -37.40 15.84
C GLU SA 70 -71.87 -36.60 14.93
N VAL SA 71 -72.22 -36.54 13.65
CA VAL SA 71 -71.54 -35.67 12.69
C VAL SA 71 -72.59 -35.01 11.81
N VAL SA 72 -72.16 -33.99 11.09
CA VAL SA 72 -72.98 -33.27 10.13
C VAL SA 72 -72.32 -33.33 8.77
N GLU SA 73 -73.15 -33.53 7.75
CA GLU SA 73 -72.67 -33.61 6.38
C GLU SA 73 -73.53 -32.73 5.51
N ALA SA 74 -72.99 -32.36 4.35
CA ALA SA 74 -73.64 -31.40 3.47
C ALA SA 74 -74.16 -32.14 2.25
N VAL SA 75 -75.47 -32.30 2.16
CA VAL SA 75 -76.09 -33.07 1.09
C VAL SA 75 -76.66 -32.11 0.06
N THR SA 76 -76.88 -32.63 -1.14
CA THR SA 76 -77.41 -31.86 -2.26
C THR SA 76 -78.76 -32.40 -2.67
N ILE SA 77 -79.76 -31.53 -2.70
CA ILE SA 77 -81.14 -31.94 -2.93
C ILE SA 77 -81.38 -32.01 -4.43
N VAL SA 78 -81.33 -33.20 -4.98
CA VAL SA 78 -81.76 -33.46 -6.34
C VAL SA 78 -83.16 -34.00 -6.24
N GLU SA 79 -84.12 -33.31 -6.85
CA GLU SA 79 -85.49 -33.82 -6.85
C GLU SA 79 -85.78 -34.35 -8.24
N THR SA 80 -86.59 -35.40 -8.31
CA THR SA 80 -86.87 -36.09 -9.57
C THR SA 80 -88.35 -36.42 -9.61
N PRO SA 81 -89.18 -35.59 -10.23
CA PRO SA 81 -90.55 -36.01 -10.47
C PRO SA 81 -90.56 -37.23 -11.33
N PRO SA 82 -91.48 -38.17 -11.10
CA PRO SA 82 -91.42 -39.45 -11.77
C PRO SA 82 -91.47 -39.30 -13.28
N MET SA 83 -90.64 -40.07 -13.96
CA MET SA 83 -90.57 -40.01 -15.41
C MET SA 83 -91.62 -40.90 -16.06
N VAL SA 84 -91.86 -40.64 -17.34
CA VAL SA 84 -92.66 -41.51 -18.18
C VAL SA 84 -91.71 -42.17 -19.16
N VAL SA 85 -92.10 -43.33 -19.67
CA VAL SA 85 -91.33 -44.03 -20.70
C VAL SA 85 -92.19 -44.12 -21.96
N VAL SA 86 -91.64 -43.69 -23.08
CA VAL SA 86 -92.42 -43.49 -24.29
C VAL SA 86 -91.84 -44.17 -25.52
N GLY SA 87 -90.79 -44.97 -25.39
CA GLY SA 87 -90.26 -45.59 -26.58
C GLY SA 87 -89.20 -46.61 -26.26
N ILE SA 88 -89.04 -47.55 -27.18
CA ILE SA 88 -88.09 -48.65 -27.02
C ILE SA 88 -87.19 -48.70 -28.23
N VAL SA 89 -85.88 -48.73 -28.00
CA VAL SA 89 -84.88 -48.77 -29.06
C VAL SA 89 -84.10 -50.07 -28.93
N GLY SA 90 -83.76 -50.66 -30.06
CA GLY SA 90 -82.93 -51.85 -30.08
C GLY SA 90 -81.54 -51.53 -30.60
N TYR SA 91 -80.55 -52.17 -30.02
CA TYR SA 91 -79.18 -52.10 -30.54
C TYR SA 91 -78.73 -53.47 -31.00
N VAL SA 92 -77.95 -53.50 -32.07
CA VAL SA 92 -77.25 -54.70 -32.48
C VAL SA 92 -75.77 -54.39 -32.42
N GLU SA 93 -74.95 -55.43 -32.54
CA GLU SA 93 -73.50 -55.27 -32.53
C GLU SA 93 -72.93 -55.65 -33.89
N THR SA 94 -72.02 -54.85 -34.37
CA THR SA 94 -71.29 -55.11 -35.60
C THR SA 94 -69.81 -55.04 -35.25
N PRO SA 95 -68.93 -55.57 -36.08
CA PRO SA 95 -67.50 -55.40 -35.82
C PRO SA 95 -67.08 -53.95 -35.60
N ARG SA 96 -67.92 -52.99 -35.96
CA ARG SA 96 -67.61 -51.57 -35.78
C ARG SA 96 -68.39 -50.94 -34.64
N GLY SA 97 -68.76 -51.72 -33.62
CA GLY SA 97 -69.41 -51.18 -32.43
C GLY SA 97 -70.84 -51.66 -32.32
N LEU SA 98 -71.74 -50.76 -32.01
CA LEU SA 98 -73.17 -51.03 -32.03
C LEU SA 98 -73.81 -50.32 -33.21
N ARG SA 99 -75.08 -50.62 -33.43
CA ARG SA 99 -75.88 -49.93 -34.43
C ARG SA 99 -77.30 -49.82 -33.91
N THR SA 100 -77.89 -48.65 -34.08
CA THR SA 100 -79.25 -48.39 -33.64
C THR SA 100 -80.17 -49.16 -34.58
N PHE SA 101 -80.52 -50.38 -34.19
CA PHE SA 101 -81.30 -51.25 -35.05
C PHE SA 101 -82.63 -50.61 -35.44
N LYS SA 102 -83.50 -50.38 -34.46
CA LYS SA 102 -84.80 -49.80 -34.76
C LYS SA 102 -85.36 -49.18 -33.50
N THR SA 103 -86.43 -48.41 -33.66
CA THR SA 103 -87.13 -47.77 -32.57
C THR SA 103 -88.61 -47.99 -32.72
N VAL SA 104 -89.32 -47.96 -31.60
CA VAL SA 104 -90.77 -48.00 -31.57
C VAL SA 104 -91.23 -46.99 -30.53
N PHE SA 105 -91.94 -45.97 -30.98
CA PHE SA 105 -92.49 -44.98 -30.09
C PHE SA 105 -93.83 -45.44 -29.54
N ALA SA 106 -94.35 -44.69 -28.57
CA ALA SA 106 -95.63 -45.04 -27.99
C ALA SA 106 -96.77 -44.58 -28.89
N GLU SA 107 -97.96 -45.06 -28.57
CA GLU SA 107 -99.16 -44.63 -29.31
C GLU SA 107 -99.34 -43.12 -29.19
N HIS SA 108 -99.56 -42.64 -27.96
CA HIS SA 108 -99.71 -41.22 -27.72
C HIS SA 108 -98.66 -40.77 -26.72
N ILE SA 109 -98.08 -39.61 -26.99
CA ILE SA 109 -97.03 -39.03 -26.17
C ILE SA 109 -97.42 -37.60 -25.82
N SER SA 110 -97.11 -37.19 -24.61
CA SER SA 110 -97.62 -35.94 -24.10
C SER SA 110 -96.91 -34.75 -24.75
N ASP SA 111 -97.54 -33.59 -24.63
CA ASP SA 111 -96.99 -32.38 -25.26
C ASP SA 111 -95.62 -32.05 -24.71
N GLU SA 112 -95.34 -32.38 -23.44
CA GLU SA 112 -94.01 -32.12 -22.91
C GLU SA 112 -92.95 -32.82 -23.75
N CYS SA 113 -93.26 -34.03 -24.23
CA CYS SA 113 -92.30 -34.76 -25.04
C CYS SA 113 -92.35 -34.32 -26.49
N LYS SA 114 -93.54 -34.04 -27.02
CA LYS SA 114 -93.63 -33.52 -28.38
C LYS SA 114 -92.88 -32.21 -28.52
N ARG SA 115 -92.70 -31.49 -27.41
CA ARG SA 115 -92.03 -30.20 -27.45
C ARG SA 115 -90.54 -30.33 -27.64
N ARG SA 116 -90.00 -31.55 -27.61
CA ARG SA 116 -88.57 -31.73 -27.80
C ARG SA 116 -88.19 -31.87 -29.27
N PHE SA 117 -89.17 -31.91 -30.16
CA PHE SA 117 -88.90 -32.08 -31.59
C PHE SA 117 -88.97 -30.76 -32.35
N TYR SA 118 -89.07 -29.64 -31.65
CA TYR SA 118 -89.48 -28.39 -32.27
C TYR SA 118 -88.58 -27.26 -31.78
N LYS SA 119 -88.66 -26.14 -32.47
CA LYS SA 119 -87.94 -24.94 -32.04
C LYS SA 119 -88.90 -23.80 -31.77
N ASN SA 120 -90.03 -23.76 -32.48
CA ASN SA 120 -91.02 -22.69 -32.31
C ASN SA 120 -92.42 -23.30 -32.10
N TRP SA 121 -92.71 -23.69 -30.87
CA TRP SA 121 -94.04 -24.14 -30.52
C TRP SA 121 -95.08 -23.12 -30.96
N HIS SA 122 -94.79 -21.85 -30.75
CA HIS SA 122 -95.71 -20.78 -31.15
C HIS SA 122 -95.86 -20.74 -32.66
N LYS SA 123 -94.77 -20.96 -33.39
CA LYS SA 123 -94.78 -20.81 -34.84
C LYS SA 123 -94.98 -22.12 -35.59
N SER SA 124 -95.48 -23.17 -34.93
CA SER SA 124 -95.52 -24.48 -35.53
C SER SA 124 -96.82 -25.20 -35.18
N LYS SA 125 -97.13 -26.22 -35.98
CA LYS SA 125 -98.37 -26.95 -35.87
C LYS SA 125 -98.28 -28.16 -34.96
N LYS SA 126 -97.14 -28.38 -34.31
CA LYS SA 126 -96.99 -29.44 -33.31
C LYS SA 126 -97.34 -30.80 -33.89
N LYS SA 127 -97.03 -30.99 -35.17
CA LYS SA 127 -97.47 -32.18 -35.90
C LYS SA 127 -96.30 -33.17 -35.98
N ALA SA 128 -96.20 -34.02 -34.95
CA ALA SA 128 -95.26 -35.12 -34.95
C ALA SA 128 -96.03 -36.41 -34.65
N PHE SA 129 -95.67 -37.49 -35.34
CA PHE SA 129 -96.27 -38.79 -35.19
C PHE SA 129 -97.76 -38.82 -35.52
N THR SA 130 -98.28 -37.73 -36.08
CA THR SA 130 -99.70 -37.71 -36.43
C THR SA 130 -100.03 -38.77 -37.48
N LYS SA 131 -99.04 -39.19 -38.27
CA LYS SA 131 -99.24 -40.35 -39.13
C LYS SA 131 -98.83 -41.63 -38.42
N TYR SA 132 -97.76 -41.58 -37.63
CA TYR SA 132 -97.27 -42.77 -36.96
C TYR SA 132 -98.31 -43.38 -36.05
N CYS SA 133 -99.27 -42.57 -35.58
CA CYS SA 133 -100.22 -43.06 -34.60
C CYS SA 133 -101.03 -44.23 -35.14
N LYS SA 134 -101.42 -44.17 -36.42
CA LYS SA 134 -102.28 -45.20 -36.98
C LYS SA 134 -101.58 -46.55 -37.11
N LYS SA 135 -100.26 -46.59 -37.02
CA LYS SA 135 -99.58 -47.87 -36.91
C LYS SA 135 -99.83 -48.52 -35.56
N TRP SA 136 -100.64 -47.89 -34.71
CA TRP SA 136 -101.16 -48.51 -33.51
C TRP SA 136 -102.62 -48.88 -33.64
N GLN SA 137 -103.36 -48.24 -34.55
CA GLN SA 137 -104.79 -48.38 -34.64
C GLN SA 137 -105.27 -49.24 -35.80
N ASP SA 138 -104.41 -49.50 -36.78
CA ASP SA 138 -104.76 -50.38 -37.89
C ASP SA 138 -104.09 -51.72 -37.65
N ASP SA 139 -104.85 -52.81 -37.82
CA ASP SA 139 -104.31 -54.14 -37.54
C ASP SA 139 -103.04 -54.40 -38.31
N ALA SA 140 -103.00 -54.00 -39.58
CA ALA SA 140 -101.77 -54.16 -40.36
C ALA SA 140 -100.58 -53.56 -39.61
N GLY SA 141 -100.76 -52.38 -39.04
CA GLY SA 141 -99.73 -51.81 -38.21
C GLY SA 141 -99.36 -52.72 -37.05
N LYS SA 142 -100.35 -53.35 -36.45
CA LYS SA 142 -100.06 -54.25 -35.34
C LYS SA 142 -99.22 -55.43 -35.81
N ARG SA 143 -99.50 -55.94 -37.01
CA ARG SA 143 -98.68 -57.01 -37.56
C ARG SA 143 -97.24 -56.54 -37.76
N GLN SA 144 -97.06 -55.32 -38.27
CA GLN SA 144 -95.70 -54.80 -38.42
C GLN SA 144 -95.02 -54.67 -37.07
N LEU SA 145 -95.77 -54.25 -36.06
CA LEU SA 145 -95.25 -54.20 -34.71
C LEU SA 145 -94.77 -55.57 -34.26
N ASP SA 146 -95.54 -56.60 -34.59
CA ASP SA 146 -95.13 -57.97 -34.27
C ASP SA 146 -93.82 -58.30 -34.95
N LYS SA 147 -93.69 -57.95 -36.22
CA LYS SA 147 -92.44 -58.21 -36.93
C LYS SA 147 -91.29 -57.50 -36.24
N ASP SA 148 -91.51 -56.26 -35.84
CA ASP SA 148 -90.46 -55.46 -35.21
C ASP SA 148 -90.00 -56.08 -33.90
N PHE SA 149 -90.95 -56.50 -33.06
CA PHE SA 149 -90.56 -57.07 -31.77
C PHE SA 149 -89.91 -58.43 -31.93
N SER SA 150 -90.36 -59.22 -32.91
CA SER SA 150 -89.67 -60.47 -33.17
C SER SA 150 -88.22 -60.21 -33.57
N SER SA 151 -87.99 -59.22 -34.43
CA SER SA 151 -86.63 -58.91 -34.86
C SER SA 151 -85.80 -58.41 -33.68
N MET SA 152 -86.37 -57.53 -32.85
CA MET SA 152 -85.62 -56.97 -31.74
C MET SA 152 -85.36 -58.01 -30.67
N LYS SA 153 -86.21 -59.05 -30.61
CA LYS SA 153 -85.94 -60.15 -29.70
C LYS SA 153 -84.86 -61.06 -30.24
N LYS SA 154 -84.83 -61.27 -31.56
CA LYS SA 154 -83.85 -62.20 -32.09
C LYS SA 154 -82.47 -61.56 -32.21
N TYR SA 155 -82.33 -60.56 -33.07
CA TYR SA 155 -81.00 -60.10 -33.44
C TYR SA 155 -80.39 -59.18 -32.40
N CYS SA 156 -81.18 -58.25 -31.88
CA CYS SA 156 -80.65 -57.24 -30.97
C CYS SA 156 -80.16 -57.89 -29.68
N GLN SA 157 -79.11 -57.32 -29.11
CA GLN SA 157 -78.62 -57.84 -27.84
C GLN SA 157 -78.25 -56.76 -26.84
N VAL SA 158 -78.73 -55.53 -27.02
CA VAL SA 158 -78.79 -54.51 -25.98
C VAL SA 158 -80.05 -53.69 -26.24
N ILE SA 159 -80.90 -53.56 -25.22
CA ILE SA 159 -82.20 -52.91 -25.36
C ILE SA 159 -82.27 -51.72 -24.40
N ARG SA 160 -82.76 -50.60 -24.92
CA ARG SA 160 -82.90 -49.39 -24.13
C ARG SA 160 -84.28 -48.79 -24.37
N VAL SA 161 -84.82 -48.20 -23.31
CA VAL SA 161 -86.16 -47.63 -23.29
C VAL SA 161 -86.02 -46.12 -23.30
N LEU SA 162 -86.67 -45.46 -24.25
CA LEU SA 162 -86.75 -44.00 -24.20
C LEU SA 162 -87.65 -43.58 -23.06
N ALA SA 163 -87.17 -42.63 -22.26
CA ALA SA 163 -87.97 -42.07 -21.19
C ALA SA 163 -87.78 -40.57 -21.20
N HIS SA 164 -88.68 -39.87 -20.52
CA HIS SA 164 -88.53 -38.43 -20.34
C HIS SA 164 -89.14 -38.02 -19.02
N THR SA 165 -88.83 -36.81 -18.60
CA THR SA 165 -89.44 -36.21 -17.43
C THR SA 165 -90.61 -35.35 -17.90
N GLN SA 166 -91.50 -35.00 -16.99
CA GLN SA 166 -92.63 -34.14 -17.32
C GLN SA 166 -92.50 -32.85 -16.54
N MET SA 167 -92.22 -31.77 -17.26
CA MET SA 167 -92.03 -30.46 -16.65
C MET SA 167 -93.28 -29.95 -15.95
N ARG SA 168 -94.46 -30.41 -16.34
CA ARG SA 168 -95.70 -29.87 -15.80
C ARG SA 168 -95.74 -29.91 -14.29
N LEU SA 169 -95.10 -30.89 -13.66
CA LEU SA 169 -95.10 -31.01 -12.20
C LEU SA 169 -93.98 -30.22 -11.56
N LEU SA 170 -93.55 -29.13 -12.17
CA LEU SA 170 -92.26 -28.68 -11.71
C LEU SA 170 -92.18 -27.16 -11.78
N PRO SA 171 -91.65 -26.51 -10.75
CA PRO SA 171 -91.62 -25.04 -10.72
C PRO SA 171 -90.54 -24.40 -11.59
N LEU SA 172 -89.94 -25.13 -12.51
CA LEU SA 172 -88.98 -24.53 -13.42
C LEU SA 172 -89.68 -23.79 -14.55
N ARG SA 173 -89.01 -22.75 -15.06
CA ARG SA 173 -89.55 -22.00 -16.18
C ARG SA 173 -89.80 -22.89 -17.38
N GLN SA 174 -89.02 -23.94 -17.53
CA GLN SA 174 -89.02 -24.73 -18.75
C GLN SA 174 -90.31 -25.53 -18.90
N LYS SA 175 -90.60 -25.89 -20.15
CA LYS SA 175 -91.73 -26.74 -20.49
C LYS SA 175 -91.35 -27.78 -21.53
N LYS SA 176 -90.07 -27.93 -21.84
CA LYS SA 176 -89.60 -28.88 -22.83
C LYS SA 176 -88.97 -30.07 -22.10
N ALA SA 177 -89.58 -31.24 -22.26
CA ALA SA 177 -89.17 -32.42 -21.50
C ALA SA 177 -87.79 -32.89 -21.94
N HIS SA 178 -87.03 -33.42 -21.00
CA HIS SA 178 -85.67 -33.90 -21.26
C HIS SA 178 -85.73 -35.42 -21.45
N LEU SA 179 -85.23 -35.88 -22.60
CA LEU SA 179 -85.43 -37.25 -23.05
C LEU SA 179 -84.12 -38.03 -23.00
N MET SA 180 -84.16 -39.24 -22.46
CA MET SA 180 -82.96 -40.07 -22.35
C MET SA 180 -83.30 -41.54 -22.49
N GLU SA 181 -82.39 -42.31 -23.08
CA GLU SA 181 -82.47 -43.77 -23.05
C GLU SA 181 -82.11 -44.29 -21.68
N ILE SA 182 -82.59 -45.48 -21.39
CA ILE SA 182 -82.17 -46.23 -20.22
C ILE SA 182 -81.94 -47.66 -20.64
N GLN SA 183 -80.79 -48.20 -20.30
CA GLN SA 183 -80.45 -49.56 -20.68
C GLN SA 183 -80.91 -50.52 -19.61
N VAL SA 184 -81.47 -51.65 -20.03
CA VAL SA 184 -82.15 -52.57 -19.14
C VAL SA 184 -81.26 -53.78 -18.94
N ASN SA 185 -80.58 -53.83 -17.79
CA ASN SA 185 -79.82 -55.00 -17.38
C ASN SA 185 -80.78 -56.03 -16.81
N GLY SA 186 -80.44 -57.29 -16.97
CA GLY SA 186 -81.29 -58.34 -16.47
C GLY SA 186 -81.19 -59.56 -17.35
N GLY SA 187 -82.20 -60.44 -17.24
CA GLY SA 187 -82.21 -61.70 -17.95
C GLY SA 187 -82.25 -61.54 -19.46
N THR SA 188 -82.56 -62.62 -20.18
CA THR SA 188 -82.41 -62.62 -21.62
C THR SA 188 -83.18 -61.48 -22.30
N VAL SA 189 -82.81 -61.21 -23.55
CA VAL SA 189 -83.41 -60.09 -24.29
C VAL SA 189 -84.90 -60.31 -24.41
N ALA SA 190 -85.36 -61.56 -24.41
CA ALA SA 190 -86.79 -61.82 -24.42
C ALA SA 190 -87.46 -61.19 -23.20
N GLU SA 191 -86.94 -61.50 -22.02
CA GLU SA 191 -87.52 -60.93 -20.81
C GLU SA 191 -87.41 -59.42 -20.81
N LYS SA 192 -86.24 -58.90 -21.16
CA LYS SA 192 -86.06 -57.45 -21.21
C LYS SA 192 -87.11 -56.80 -22.11
N LEU SA 193 -87.22 -57.31 -23.34
CA LEU SA 193 -88.02 -56.65 -24.36
C LEU SA 193 -89.50 -56.75 -24.05
N ASP SA 194 -89.99 -57.94 -23.72
CA ASP SA 194 -91.40 -58.07 -23.41
C ASP SA 194 -91.76 -57.27 -22.16
N TRP SA 195 -90.88 -57.26 -21.17
CA TRP SA 195 -91.17 -56.51 -19.96
C TRP SA 195 -91.26 -55.02 -20.23
N ALA SA 196 -90.28 -54.48 -20.96
CA ALA SA 196 -90.35 -53.05 -21.27
C ALA SA 196 -91.53 -52.74 -22.17
N ARG SA 197 -91.87 -53.67 -23.07
CA ARG SA 197 -93.09 -53.55 -23.85
C ARG SA 197 -94.28 -53.32 -22.94
N GLU SA 198 -94.41 -54.16 -21.92
CA GLU SA 198 -95.53 -54.01 -21.00
C GLU SA 198 -95.41 -52.72 -20.20
N ARG SA 199 -94.21 -52.23 -19.98
CA ARG SA 199 -94.02 -51.01 -19.20
C ARG SA 199 -94.06 -49.75 -20.05
N LEU SA 200 -94.36 -49.85 -21.34
CA LEU SA 200 -94.51 -48.66 -22.14
C LEU SA 200 -95.66 -47.79 -21.66
N GLU SA 201 -95.43 -46.48 -21.63
CA GLU SA 201 -96.46 -45.46 -21.44
C GLU SA 201 -97.04 -45.49 -20.02
N GLN SA 202 -96.18 -45.66 -19.02
CA GLN SA 202 -96.62 -45.61 -17.63
C GLN SA 202 -95.60 -44.80 -16.82
N GLN SA 203 -96.07 -44.23 -15.73
CA GLN SA 203 -95.20 -43.46 -14.86
C GLN SA 203 -94.10 -44.36 -14.32
N VAL SA 204 -92.90 -43.82 -14.20
CA VAL SA 204 -91.77 -44.54 -13.64
C VAL SA 204 -91.39 -43.88 -12.32
N PRO SA 205 -91.48 -44.59 -11.21
CA PRO SA 205 -91.12 -43.99 -9.92
C PRO SA 205 -89.62 -43.87 -9.76
N VAL SA 206 -89.17 -43.55 -8.54
CA VAL SA 206 -87.76 -43.45 -8.23
C VAL SA 206 -87.27 -44.66 -7.45
N SER SA 207 -87.93 -44.98 -6.35
CA SER SA 207 -87.49 -46.06 -5.48
C SER SA 207 -87.44 -47.39 -6.21
N GLN SA 208 -88.22 -47.56 -7.27
CA GLN SA 208 -88.06 -48.74 -8.12
C GLN SA 208 -86.69 -48.74 -8.78
N VAL SA 209 -86.33 -47.62 -9.42
CA VAL SA 209 -85.12 -47.61 -10.22
C VAL SA 209 -83.88 -47.70 -9.33
N PHE SA 210 -83.84 -46.90 -8.26
CA PHE SA 210 -82.69 -46.86 -7.37
C PHE SA 210 -83.00 -47.47 -6.03
N GLY SA 211 -82.04 -48.22 -5.50
CA GLY SA 211 -82.16 -48.76 -4.17
C GLY SA 211 -81.99 -47.68 -3.12
N GLN SA 212 -81.78 -48.13 -1.89
CA GLN SA 212 -81.64 -47.26 -0.74
C GLN SA 212 -80.24 -47.38 -0.18
N ASP SA 213 -79.69 -46.26 0.26
CA ASP SA 213 -78.33 -46.21 0.80
C ASP SA 213 -77.31 -46.67 -0.22
N GLU SA 214 -77.63 -46.46 -1.49
CA GLU SA 214 -76.87 -46.96 -2.62
C GLU SA 214 -75.62 -46.12 -2.85
N MET SA 215 -75.00 -46.31 -4.00
CA MET SA 215 -73.74 -45.67 -4.35
C MET SA 215 -73.80 -45.39 -5.85
N ILE SA 216 -74.25 -44.20 -6.24
CA ILE SA 216 -74.57 -43.89 -7.62
C ILE SA 216 -73.57 -42.86 -8.15
N ASP SA 217 -73.65 -42.59 -9.45
CA ASP SA 217 -72.77 -41.60 -10.06
C ASP SA 217 -73.59 -40.50 -10.70
N VAL SA 218 -73.07 -39.28 -10.63
CA VAL SA 218 -73.77 -38.08 -11.08
C VAL SA 218 -73.08 -37.57 -12.32
N ILE SA 219 -73.85 -37.30 -13.36
CA ILE SA 219 -73.30 -36.82 -14.63
C ILE SA 219 -74.04 -35.55 -15.02
N GLY SA 220 -73.30 -34.46 -15.21
CA GLY SA 220 -73.93 -33.22 -15.60
C GLY SA 220 -72.92 -32.26 -16.16
N VAL SA 221 -73.43 -31.15 -16.70
CA VAL SA 221 -72.60 -30.10 -17.27
C VAL SA 221 -72.35 -29.04 -16.21
N THR SA 222 -71.08 -28.80 -15.91
CA THR SA 222 -70.70 -28.02 -14.75
C THR SA 222 -71.13 -26.56 -14.88
N LYS SA 223 -70.80 -25.77 -13.87
CA LYS SA 223 -71.05 -24.34 -13.92
C LYS SA 223 -70.11 -23.67 -14.90
N GLY SA 224 -70.60 -22.64 -15.56
CA GLY SA 224 -69.81 -21.93 -16.57
C GLY SA 224 -69.38 -20.58 -16.04
N LYS SA 225 -68.21 -20.12 -16.48
CA LYS SA 225 -67.63 -18.90 -15.92
C LYS SA 225 -67.02 -18.00 -16.98
N GLY SA 226 -67.46 -18.11 -18.23
CA GLY SA 226 -67.04 -17.16 -19.24
C GLY SA 226 -65.57 -17.26 -19.62
N TYR SA 227 -65.21 -16.62 -20.73
CA TYR SA 227 -63.85 -16.68 -21.24
C TYR SA 227 -62.90 -16.18 -20.15
N LYS SA 228 -62.15 -17.10 -19.55
CA LYS SA 228 -61.48 -16.83 -18.29
C LYS SA 228 -59.97 -16.93 -18.45
N GLY SA 229 -59.27 -16.24 -17.57
CA GLY SA 229 -57.84 -16.09 -17.65
C GLY SA 229 -57.10 -17.39 -17.40
N VAL SA 230 -55.81 -17.25 -17.09
CA VAL SA 230 -54.87 -18.35 -17.09
C VAL SA 230 -54.15 -18.50 -15.77
N THR SA 231 -54.56 -17.76 -14.75
CA THR SA 231 -54.16 -18.09 -13.39
C THR SA 231 -55.29 -18.69 -12.60
N SER SA 232 -56.52 -18.54 -13.08
CA SER SA 232 -57.66 -19.21 -12.48
C SER SA 232 -57.99 -20.51 -13.16
N ARG SA 233 -57.86 -20.59 -14.48
CA ARG SA 233 -58.20 -21.80 -15.21
C ARG SA 233 -57.27 -22.96 -14.90
N TRP SA 234 -55.96 -22.75 -14.95
CA TRP SA 234 -55.02 -23.81 -14.65
C TRP SA 234 -54.27 -23.60 -13.35
N HIS SA 235 -54.58 -22.56 -12.59
CA HIS SA 235 -53.95 -22.33 -11.29
C HIS SA 235 -52.44 -22.20 -11.42
N THR SA 236 -52.00 -21.15 -12.08
CA THR SA 236 -50.58 -20.87 -12.27
C THR SA 236 -50.21 -19.58 -11.54
N LYS SA 237 -49.13 -19.63 -10.78
CA LYS SA 237 -48.79 -18.54 -9.87
C LYS SA 237 -48.69 -17.22 -10.59
N LYS SA 238 -49.20 -16.18 -9.95
CA LYS SA 238 -49.06 -14.83 -10.48
C LYS SA 238 -47.61 -14.40 -10.37
N LEU SA 239 -47.09 -13.82 -11.44
CA LEU SA 239 -45.74 -13.31 -11.42
C LEU SA 239 -45.66 -12.14 -10.45
N PRO SA 240 -44.49 -11.88 -9.88
CA PRO SA 240 -44.41 -10.92 -8.78
C PRO SA 240 -44.93 -9.55 -9.20
N ARG SA 241 -45.54 -8.86 -8.26
CA ARG SA 241 -46.39 -7.73 -8.65
C ARG SA 241 -45.57 -6.50 -8.96
N LYS SA 242 -44.58 -6.65 -9.82
CA LYS SA 242 -43.91 -5.51 -10.43
C LYS SA 242 -43.61 -5.75 -11.89
N THR SA 243 -44.21 -6.74 -12.53
CA THR SA 243 -43.86 -7.01 -13.91
C THR SA 243 -44.45 -5.94 -14.83
N HIS SA 244 -44.06 -6.03 -16.09
CA HIS SA 244 -44.53 -5.20 -17.18
C HIS SA 244 -45.89 -5.73 -17.64
N ARG SA 245 -46.15 -5.52 -18.92
CA ARG SA 245 -47.41 -5.65 -19.62
C ARG SA 245 -48.36 -6.70 -19.08
N GLY SA 246 -47.87 -7.71 -18.37
CA GLY SA 246 -48.77 -8.55 -17.61
C GLY SA 246 -48.19 -8.99 -16.28
N LEU SA 247 -49.02 -9.48 -15.36
CA LEU SA 247 -48.51 -10.12 -14.15
C LEU SA 247 -49.27 -11.37 -13.77
N ARG SA 248 -50.18 -11.83 -14.61
CA ARG SA 248 -51.13 -12.90 -14.32
C ARG SA 248 -51.18 -13.86 -15.49
N LYS SA 249 -50.03 -14.37 -15.89
CA LYS SA 249 -49.99 -15.35 -16.96
C LYS SA 249 -48.72 -16.18 -16.87
N VAL SA 250 -48.76 -17.33 -17.53
CA VAL SA 250 -47.56 -18.15 -17.65
C VAL SA 250 -46.48 -17.34 -18.34
N ALA SA 251 -45.23 -17.58 -17.96
CA ALA SA 251 -44.16 -16.69 -18.39
C ALA SA 251 -43.25 -17.33 -19.41
N CYS SA 252 -43.34 -18.63 -19.64
CA CYS SA 252 -42.49 -19.27 -20.63
C CYS SA 252 -43.27 -20.43 -21.23
N ILE SA 253 -43.98 -20.17 -22.33
CA ILE SA 253 -44.92 -21.15 -22.87
C ILE SA 253 -44.24 -22.31 -23.56
N GLY SA 254 -42.93 -22.24 -23.81
CA GLY SA 254 -42.25 -23.35 -24.43
C GLY SA 254 -40.75 -23.38 -24.21
N ALA SA 255 -40.02 -23.82 -25.23
CA ALA SA 255 -38.57 -23.74 -25.28
C ALA SA 255 -38.23 -23.03 -26.58
N TRP SA 256 -36.99 -23.14 -27.05
CA TRP SA 256 -36.80 -22.60 -28.37
C TRP SA 256 -37.40 -23.61 -29.37
N HIS SA 257 -37.04 -23.50 -30.65
CA HIS SA 257 -37.43 -24.55 -31.60
C HIS SA 257 -38.90 -24.89 -31.76
N PRO SA 258 -39.68 -24.14 -32.52
CA PRO SA 258 -40.96 -24.66 -32.97
C PRO SA 258 -40.72 -26.03 -33.58
N ALA SA 259 -41.71 -26.92 -33.40
CA ALA SA 259 -41.55 -28.35 -33.13
C ALA SA 259 -41.22 -28.55 -31.65
N ARG SA 260 -41.00 -27.46 -30.93
CA ARG SA 260 -41.26 -27.38 -29.51
C ARG SA 260 -42.20 -26.22 -29.22
N VAL SA 261 -42.68 -25.55 -30.28
CA VAL SA 261 -43.73 -24.56 -30.18
C VAL SA 261 -44.96 -25.11 -29.45
N ALA SA 262 -45.66 -24.22 -28.75
CA ALA SA 262 -46.71 -24.55 -27.80
C ALA SA 262 -47.59 -25.70 -28.26
N PHE SA 263 -47.75 -26.71 -27.40
CA PHE SA 263 -48.73 -27.77 -27.61
C PHE SA 263 -49.79 -27.80 -26.52
N SER SA 264 -49.40 -28.05 -25.28
CA SER SA 264 -50.35 -28.44 -24.24
C SER SA 264 -49.98 -27.73 -22.94
N VAL SA 265 -49.74 -26.43 -23.01
CA VAL SA 265 -49.09 -25.67 -21.95
C VAL SA 265 -50.02 -24.56 -21.49
N ALA SA 266 -50.82 -24.85 -20.46
CA ALA SA 266 -51.47 -23.84 -19.63
C ALA SA 266 -51.96 -22.61 -20.38
N ARG SA 267 -52.85 -22.78 -21.35
CA ARG SA 267 -53.31 -21.69 -22.17
C ARG SA 267 -54.47 -20.97 -21.50
N ALA SA 268 -55.07 -20.01 -22.23
CA ALA SA 268 -56.06 -19.11 -21.67
C ALA SA 268 -57.37 -19.20 -22.44
N GLY SA 269 -58.22 -20.15 -22.06
CA GLY SA 269 -59.49 -20.35 -22.72
C GLY SA 269 -60.58 -20.64 -21.72
N GLN SA 270 -61.82 -20.68 -22.22
CA GLN SA 270 -62.99 -20.79 -21.37
C GLN SA 270 -62.83 -21.90 -20.34
N LYS SA 271 -63.12 -21.58 -19.09
CA LYS SA 271 -63.19 -22.57 -18.02
C LYS SA 271 -64.63 -22.69 -17.59
N GLY SA 272 -64.96 -23.82 -16.98
CA GLY SA 272 -66.32 -24.12 -16.59
C GLY SA 272 -67.16 -24.62 -17.75
N TYR SA 273 -68.44 -24.81 -17.46
CA TYR SA 273 -69.42 -25.37 -18.41
C TYR SA 273 -68.88 -26.58 -19.14
N HIS SA 274 -68.04 -27.37 -18.49
CA HIS SA 274 -67.57 -28.57 -19.13
C HIS SA 274 -68.48 -29.73 -18.74
N HIS SA 275 -68.04 -30.94 -19.09
CA HIS SA 275 -68.79 -32.15 -18.82
C HIS SA 275 -67.95 -33.01 -17.89
N ARG SA 276 -68.56 -33.55 -16.84
CA ARG SA 276 -67.82 -34.34 -15.87
C ARG SA 276 -68.66 -35.54 -15.49
N THR SA 277 -68.11 -36.37 -14.60
CA THR SA 277 -68.83 -37.53 -14.09
C THR SA 277 -68.20 -37.95 -12.79
N GLU SA 278 -68.89 -37.71 -11.69
CA GLU SA 278 -68.33 -37.98 -10.37
C GLU SA 278 -68.89 -39.30 -9.86
N ILE SA 279 -68.15 -39.93 -8.95
CA ILE SA 279 -68.38 -41.32 -8.61
C ILE SA 279 -68.56 -41.46 -7.10
N ASN SA 280 -69.28 -42.50 -6.71
CA ASN SA 280 -69.40 -42.92 -5.31
C ASN SA 280 -70.15 -41.92 -4.45
N LYS SA 281 -71.06 -41.15 -5.04
CA LYS SA 281 -71.92 -40.29 -4.23
C LYS SA 281 -72.93 -41.14 -3.48
N LYS SA 282 -72.80 -41.21 -2.16
CA LYS SA 282 -73.60 -42.13 -1.37
C LYS SA 282 -74.98 -41.54 -1.15
N ILE SA 283 -75.98 -42.04 -1.89
CA ILE SA 283 -77.34 -41.54 -1.74
C ILE SA 283 -77.85 -41.87 -0.34
N TYR SA 284 -78.62 -40.94 0.23
CA TYR SA 284 -79.14 -41.12 1.59
C TYR SA 284 -80.64 -41.40 1.64
N LYS SA 285 -81.45 -40.49 1.11
CA LYS SA 285 -82.88 -40.58 1.33
C LYS SA 285 -83.60 -40.48 0.00
N ILE SA 286 -84.59 -41.33 -0.19
CA ILE SA 286 -85.46 -41.30 -1.35
C ILE SA 286 -86.82 -40.88 -0.83
N GLY SA 287 -87.07 -39.58 -0.79
CA GLY SA 287 -88.32 -39.09 -0.26
C GLY SA 287 -89.33 -38.87 -1.34
N GLN SA 288 -90.60 -38.90 -0.95
CA GLN SA 288 -91.71 -38.65 -1.84
C GLN SA 288 -92.16 -37.21 -1.72
N GLY SA 289 -92.91 -36.75 -2.72
CA GLY SA 289 -93.44 -35.41 -2.70
C GLY SA 289 -94.58 -35.30 -1.71
N TYR SA 290 -95.53 -34.41 -1.97
CA TYR SA 290 -96.67 -34.24 -1.08
C TYR SA 290 -97.80 -35.09 -1.62
N LEU SA 291 -98.26 -36.04 -0.81
CA LEU SA 291 -99.21 -37.06 -1.23
C LEU SA 291 -100.59 -36.76 -0.65
N ILE SA 292 -101.62 -36.98 -1.44
CA ILE SA 292 -102.99 -36.67 -1.05
C ILE SA 292 -103.74 -37.98 -0.84
N LYS SA 293 -104.36 -38.13 0.32
CA LYS SA 293 -105.36 -39.15 0.61
C LYS SA 293 -106.63 -38.49 1.14
N ASP SA 294 -106.47 -37.47 1.97
CA ASP SA 294 -107.52 -36.54 2.34
C ASP SA 294 -107.01 -35.11 2.32
N GLY SA 295 -105.73 -34.91 2.07
CA GLY SA 295 -105.15 -33.58 2.13
C GLY SA 295 -103.67 -33.62 1.87
N LYS SA 296 -103.05 -32.46 2.10
CA LYS SA 296 -101.65 -32.19 1.77
C LYS SA 296 -100.76 -32.80 2.84
N LEU SA 297 -100.12 -33.93 2.51
CA LEU SA 297 -99.16 -34.55 3.44
C LEU SA 297 -97.78 -34.01 3.11
N ILE SA 298 -97.62 -32.70 3.29
CA ILE SA 298 -96.32 -32.06 3.18
C ILE SA 298 -95.40 -32.42 4.33
N LYS SA 299 -95.93 -32.75 5.49
CA LYS SA 299 -95.24 -32.55 6.74
C LYS SA 299 -94.17 -33.58 7.06
N ASN SA 300 -94.27 -34.79 6.52
CA ASN SA 300 -93.34 -35.83 6.93
C ASN SA 300 -92.10 -35.90 6.07
N ASN SA 301 -91.99 -35.07 5.03
CA ASN SA 301 -90.88 -35.20 4.10
C ASN SA 301 -89.54 -35.17 4.81
N ALA SA 302 -89.31 -34.15 5.64
CA ALA SA 302 -88.07 -34.06 6.39
C ALA SA 302 -88.14 -34.72 7.75
N SER SA 303 -89.33 -35.00 8.26
CA SER SA 303 -89.46 -35.69 9.53
C SER SA 303 -88.88 -37.09 9.38
N THR SA 304 -87.69 -37.31 9.93
CA THR SA 304 -87.06 -38.60 9.63
C THR SA 304 -87.63 -39.71 10.50
N ASP SA 305 -87.16 -39.79 11.75
CA ASP SA 305 -87.92 -40.41 12.83
C ASP SA 305 -87.60 -39.78 14.19
N TYR SA 306 -86.36 -39.28 14.33
CA TYR SA 306 -85.92 -38.64 15.56
C TYR SA 306 -86.45 -37.23 15.70
N ASP SA 307 -86.26 -36.40 14.69
CA ASP SA 307 -87.08 -35.21 14.53
C ASP SA 307 -88.52 -35.67 14.40
N LEU SA 308 -89.43 -34.94 15.02
CA LEU SA 308 -90.84 -35.24 14.86
C LEU SA 308 -91.64 -33.98 14.56
N SER SA 309 -90.96 -32.87 14.31
CA SER SA 309 -91.62 -31.76 13.66
C SER SA 309 -92.20 -32.23 12.33
N ASP SA 310 -93.15 -31.47 11.82
CA ASP SA 310 -93.91 -31.89 10.66
C ASP SA 310 -93.72 -30.84 9.56
N LYS SA 311 -92.73 -31.08 8.70
CA LYS SA 311 -92.27 -30.07 7.78
C LYS SA 311 -91.76 -30.71 6.48
N SER SA 312 -91.68 -29.88 5.45
CA SER SA 312 -91.22 -30.31 4.14
C SER SA 312 -89.69 -30.32 4.11
N ILE SA 313 -89.13 -30.54 2.92
CA ILE SA 313 -87.72 -30.25 2.73
C ILE SA 313 -87.51 -28.78 2.41
N ASN SA 314 -88.48 -28.16 1.75
CA ASN SA 314 -88.34 -26.80 1.29
C ASN SA 314 -88.07 -25.87 2.48
N PRO SA 315 -86.97 -25.12 2.47
CA PRO SA 315 -86.71 -24.22 3.60
C PRO SA 315 -87.63 -23.02 3.56
N LEU SA 316 -87.63 -22.28 4.67
CA LEU SA 316 -88.41 -21.06 4.72
C LEU SA 316 -88.01 -20.15 3.56
N GLY SA 317 -89.02 -19.64 2.86
CA GLY SA 317 -88.72 -18.91 1.65
C GLY SA 317 -88.29 -19.77 0.50
N GLY SA 318 -88.42 -21.09 0.61
CA GLY SA 318 -88.18 -21.96 -0.51
C GLY SA 318 -86.72 -22.08 -0.90
N PHE SA 319 -86.39 -23.15 -1.62
CA PHE SA 319 -85.04 -23.32 -2.13
C PHE SA 319 -84.66 -22.17 -3.05
N VAL SA 320 -83.62 -21.43 -2.66
CA VAL SA 320 -83.20 -20.28 -3.44
C VAL SA 320 -82.98 -20.67 -4.88
N HIS SA 321 -83.46 -19.82 -5.79
CA HIS SA 321 -83.24 -19.96 -7.22
C HIS SA 321 -83.88 -21.20 -7.80
N TYR SA 322 -84.51 -22.03 -6.98
CA TYR SA 322 -85.23 -23.15 -7.56
C TYR SA 322 -86.71 -23.10 -7.24
N GLY SA 323 -87.07 -23.01 -5.98
CA GLY SA 323 -88.47 -23.00 -5.62
C GLY SA 323 -88.85 -24.18 -4.76
N GLU SA 324 -90.15 -24.41 -4.61
CA GLU SA 324 -90.66 -25.47 -3.75
C GLU SA 324 -90.55 -26.82 -4.45
N VAL SA 325 -90.19 -27.84 -3.69
CA VAL SA 325 -90.20 -29.22 -4.16
C VAL SA 325 -91.57 -29.82 -3.87
N THR SA 326 -92.20 -30.42 -4.90
CA THR SA 326 -93.52 -31.02 -4.71
C THR SA 326 -93.57 -32.45 -5.21
N ASN SA 327 -92.43 -33.03 -5.57
CA ASN SA 327 -92.40 -34.39 -6.09
C ASN SA 327 -91.31 -35.14 -5.35
N ASP SA 328 -91.00 -36.34 -5.82
CA ASP SA 328 -89.98 -37.15 -5.16
C ASP SA 328 -88.62 -36.48 -5.28
N PHE SA 329 -87.69 -36.94 -4.44
CA PHE SA 329 -86.37 -36.34 -4.40
C PHE SA 329 -85.40 -37.30 -3.76
N VAL SA 330 -84.12 -37.05 -3.98
CA VAL SA 330 -83.05 -37.89 -3.45
C VAL SA 330 -82.06 -37.03 -2.70
N MET SA 331 -81.35 -37.66 -1.77
CA MET SA 331 -80.43 -36.99 -0.88
C MET SA 331 -79.03 -37.52 -1.13
N LEU SA 332 -78.23 -36.76 -1.87
CA LEU SA 332 -76.85 -37.15 -2.18
C LEU SA 332 -75.87 -36.44 -1.26
N LYS SA 333 -74.90 -37.19 -0.74
CA LYS SA 333 -73.84 -36.56 0.04
C LYS SA 333 -72.92 -35.77 -0.86
N GLY SA 334 -72.25 -34.78 -0.29
CA GLY SA 334 -71.32 -33.96 -1.01
C GLY SA 334 -71.97 -33.14 -2.10
N CYS SA 335 -71.20 -32.24 -2.71
CA CYS SA 335 -71.72 -31.44 -3.80
C CYS SA 335 -71.69 -32.22 -5.10
N VAL SA 336 -72.58 -31.84 -6.01
CA VAL SA 336 -72.58 -32.41 -7.35
C VAL SA 336 -72.12 -31.33 -8.31
N VAL SA 337 -72.03 -31.65 -9.59
CA VAL SA 337 -71.62 -30.68 -10.59
C VAL SA 337 -72.83 -29.85 -10.96
N GLY SA 338 -72.61 -28.80 -11.72
CA GLY SA 338 -73.73 -28.05 -12.28
C GLY SA 338 -74.41 -27.15 -11.27
N THR SA 339 -75.03 -26.10 -11.77
CA THR SA 339 -75.60 -25.05 -10.94
C THR SA 339 -77.06 -25.34 -10.64
N LYS SA 340 -77.74 -24.38 -10.03
CA LYS SA 340 -79.17 -24.54 -9.79
C LYS SA 340 -79.91 -24.58 -11.11
N LYS SA 341 -81.08 -25.20 -11.10
CA LYS SA 341 -81.93 -25.39 -12.27
C LYS SA 341 -81.31 -26.32 -13.30
N ARG SA 342 -80.23 -27.02 -12.97
CA ARG SA 342 -79.58 -27.92 -13.90
C ARG SA 342 -80.47 -29.14 -14.13
N VAL SA 343 -80.08 -29.97 -15.09
CA VAL SA 343 -80.81 -31.20 -15.42
C VAL SA 343 -79.82 -32.37 -15.42
N LEU SA 344 -79.64 -32.98 -14.26
CA LEU SA 344 -78.59 -33.96 -14.03
C LEU SA 344 -78.96 -35.28 -14.66
N THR SA 345 -78.03 -36.24 -14.55
CA THR SA 345 -78.30 -37.64 -14.81
C THR SA 345 -77.73 -38.47 -13.67
N LEU SA 346 -78.51 -39.44 -13.20
CA LEU SA 346 -78.06 -40.31 -12.12
C LEU SA 346 -77.94 -41.72 -12.67
N ARG SA 347 -76.72 -42.22 -12.73
CA ARG SA 347 -76.44 -43.51 -13.34
C ARG SA 347 -76.03 -44.51 -12.27
N LYS SA 348 -76.52 -45.73 -12.41
CA LYS SA 348 -76.18 -46.78 -11.46
C LYS SA 348 -74.67 -46.93 -11.38
N SER SA 349 -74.19 -47.43 -10.24
CA SER SA 349 -72.77 -47.64 -10.07
C SER SA 349 -72.23 -48.55 -11.15
N LEU SA 350 -70.92 -48.51 -11.35
CA LEU SA 350 -70.34 -49.31 -12.41
C LEU SA 350 -69.62 -50.54 -11.85
N LEU SA 351 -68.95 -50.38 -10.70
CA LEU SA 351 -68.12 -51.44 -10.15
C LEU SA 351 -68.89 -52.27 -9.14
N VAL SA 352 -68.17 -53.11 -8.41
CA VAL SA 352 -68.70 -53.86 -7.29
C VAL SA 352 -68.27 -53.13 -6.01
N GLN SA 353 -69.09 -52.18 -5.57
CA GLN SA 353 -68.74 -51.38 -4.41
C GLN SA 353 -68.95 -52.19 -3.12
N THR SA 354 -67.86 -52.48 -2.41
CA THR SA 354 -67.93 -53.40 -1.30
C THR SA 354 -67.06 -53.05 -0.11
N LYS SA 355 -66.74 -51.77 0.11
CA LYS SA 355 -65.96 -51.40 1.29
C LYS SA 355 -66.88 -50.90 2.41
N ARG SA 356 -66.25 -50.54 3.53
CA ARG SA 356 -67.01 -50.03 4.67
C ARG SA 356 -67.93 -48.89 4.26
N ARG SA 357 -67.35 -47.78 3.82
CA ARG SA 357 -68.16 -46.62 3.48
C ARG SA 357 -69.14 -46.94 2.37
N ALA SA 358 -68.89 -47.97 1.57
CA ALA SA 358 -69.88 -48.39 0.58
C ALA SA 358 -71.07 -49.07 1.23
N LEU SA 359 -70.87 -49.78 2.33
CA LEU SA 359 -71.96 -50.55 2.92
C LEU SA 359 -72.71 -49.80 4.02
N GLU SA 360 -72.01 -49.09 4.90
CA GLU SA 360 -72.60 -48.69 6.18
C GLU SA 360 -73.87 -47.87 5.95
N LYS SA 361 -75.01 -48.46 6.30
CA LYS SA 361 -76.28 -47.77 6.15
C LYS SA 361 -76.39 -46.67 7.20
N ILE SA 362 -77.35 -45.77 6.98
CA ILE SA 362 -77.42 -44.52 7.71
C ILE SA 362 -78.76 -44.41 8.43
N ASP SA 363 -78.87 -43.38 9.26
CA ASP SA 363 -80.15 -42.98 9.85
C ASP SA 363 -80.00 -41.53 10.29
N LEU SA 364 -80.68 -40.63 9.60
CA LEU SA 364 -80.47 -39.20 9.84
C LEU SA 364 -81.09 -38.80 11.16
N LYS SA 365 -80.32 -38.08 11.99
CA LYS SA 365 -80.90 -37.52 13.20
C LYS SA 365 -81.96 -36.49 12.85
N PHE SA 366 -81.62 -35.51 12.02
CA PHE SA 366 -82.64 -34.67 11.39
C PHE SA 366 -82.01 -33.92 10.25
N ILE SA 367 -82.86 -33.37 9.39
CA ILE SA 367 -82.45 -32.48 8.31
C ILE SA 367 -82.57 -31.07 8.80
N ASP SA 368 -81.61 -30.22 8.45
CA ASP SA 368 -81.74 -28.79 8.74
C ASP SA 368 -82.63 -28.16 7.68
N THR SA 369 -83.75 -27.61 8.10
CA THR SA 369 -84.65 -26.87 7.23
C THR SA 369 -84.77 -25.47 7.80
N THR SA 370 -83.95 -24.55 7.29
CA THR SA 370 -84.05 -23.16 7.65
C THR SA 370 -83.72 -22.34 6.43
N SER SA 371 -84.07 -21.07 6.46
CA SER SA 371 -83.93 -20.24 5.27
C SER SA 371 -82.47 -20.21 4.82
N LYS SA 372 -82.28 -20.40 3.53
CA LYS SA 372 -80.97 -20.24 2.91
C LYS SA 372 -80.78 -18.88 2.31
N PHE SA 373 -81.76 -17.99 2.44
CA PHE SA 373 -81.72 -16.68 1.82
C PHE SA 373 -81.22 -15.60 2.77
N GLY SA 374 -80.26 -15.95 3.60
CA GLY SA 374 -79.69 -15.02 4.56
C GLY SA 374 -78.81 -15.78 5.50
N HIS SA 375 -78.93 -15.52 6.80
CA HIS SA 375 -78.33 -16.36 7.82
C HIS SA 375 -79.49 -16.85 8.68
N GLY SA 376 -80.13 -17.91 8.23
CA GLY SA 376 -81.38 -18.33 8.84
C GLY SA 376 -81.18 -18.83 10.26
N ARG SA 377 -82.22 -18.68 11.07
CA ARG SA 377 -82.15 -19.14 12.44
C ARG SA 377 -83.42 -19.81 12.93
N PHE SA 378 -84.41 -20.04 12.06
CA PHE SA 378 -85.67 -20.66 12.46
C PHE SA 378 -85.99 -21.81 11.51
N GLN SA 379 -86.50 -22.91 12.08
CA GLN SA 379 -86.83 -24.06 11.28
C GLN SA 379 -88.11 -23.87 10.47
N THR SA 380 -89.19 -23.40 11.10
CA THR SA 380 -90.47 -23.33 10.43
C THR SA 380 -91.25 -22.12 10.95
N VAL SA 381 -92.22 -21.69 10.14
CA VAL SA 381 -93.00 -20.50 10.48
C VAL SA 381 -93.65 -20.63 11.84
N GLU SA 382 -94.12 -21.83 12.16
CA GLU SA 382 -94.72 -22.05 13.47
C GLU SA 382 -93.74 -21.75 14.59
N GLU SA 383 -92.48 -22.18 14.43
CA GLU SA 383 -91.48 -21.90 15.46
C GLU SA 383 -91.09 -20.43 15.44
N LYS SA 384 -91.16 -19.79 14.28
CA LYS SA 384 -90.90 -18.35 14.22
C LYS SA 384 -91.93 -17.59 15.05
N LYS SA 385 -93.21 -17.92 14.90
CA LYS SA 385 -94.23 -17.30 15.75
C LYS SA 385 -93.98 -17.62 17.21
N ALA SA 386 -93.70 -18.88 17.51
CA ALA SA 386 -93.53 -19.29 18.90
C ALA SA 386 -92.30 -18.68 19.56
N PHE SA 387 -91.36 -18.17 18.78
CA PHE SA 387 -90.24 -17.47 19.38
C PHE SA 387 -90.42 -15.96 19.39
N MET SA 388 -91.05 -15.40 18.35
CA MET SA 388 -91.19 -13.96 18.26
C MET SA 388 -92.38 -13.46 19.07
N GLY SA 389 -93.58 -13.92 18.72
CA GLY SA 389 -94.79 -13.39 19.29
C GLY SA 389 -95.53 -12.49 18.33
N PRO SA 390 -96.58 -11.84 18.81
CA PRO SA 390 -97.39 -11.00 17.92
C PRO SA 390 -96.61 -9.85 17.33
N LEU SA 391 -97.03 -9.43 16.13
CA LEU SA 391 -96.36 -8.37 15.39
C LEU SA 391 -97.40 -7.37 14.89
N LYS SA 392 -96.93 -6.40 14.08
CA LYS SA 392 -97.77 -5.28 13.70
C LYS SA 392 -99.00 -5.75 12.93
N LYS SA 393 -98.83 -6.66 11.99
CA LYS SA 393 -99.94 -7.09 11.15
C LYS SA 393 -100.64 -8.32 11.68
N ASP SA 394 -100.22 -8.86 12.81
CA ASP SA 394 -100.93 -9.99 13.40
C ASP SA 394 -102.10 -9.49 14.23
N LYS TA 1 -10.84 -63.61 -58.42
CA LYS TA 1 -11.33 -64.16 -59.67
C LYS TA 1 -12.84 -64.17 -59.66
N ALA TA 2 -13.42 -64.82 -60.65
CA ALA TA 2 -14.87 -64.87 -60.74
C ALA TA 2 -15.25 -66.24 -61.30
N SER TA 3 -15.46 -67.19 -60.40
CA SER TA 3 -15.69 -68.57 -60.75
C SER TA 3 -17.04 -68.71 -61.44
N GLY TA 4 -17.06 -69.44 -62.54
CA GLY TA 4 -18.29 -69.88 -63.14
C GLY TA 4 -18.50 -71.32 -62.75
N THR TA 5 -18.11 -72.23 -63.63
CA THR TA 5 -17.91 -73.64 -63.29
C THR TA 5 -16.47 -74.00 -63.67
N LEU TA 6 -15.65 -74.27 -62.65
CA LEU TA 6 -14.23 -74.49 -62.88
C LEU TA 6 -14.02 -75.64 -63.84
N ARG TA 7 -13.05 -75.49 -64.74
CA ARG TA 7 -12.58 -76.57 -65.58
C ARG TA 7 -11.11 -76.82 -65.33
N GLU TA 8 -10.75 -78.07 -65.11
CA GLU TA 8 -9.44 -78.46 -64.58
C GLU TA 8 -8.42 -78.51 -65.70
N TYR TA 9 -7.78 -77.37 -65.96
CA TYR TA 9 -6.74 -77.28 -66.98
C TYR TA 9 -5.44 -77.87 -66.45
N LYS TA 10 -4.54 -78.19 -67.39
CA LYS TA 10 -3.20 -78.64 -67.09
C LYS TA 10 -2.24 -77.78 -67.91
N VAL TA 11 -1.15 -77.34 -67.28
CA VAL TA 11 -0.21 -76.42 -67.89
C VAL TA 11 1.20 -76.98 -67.70
N VAL TA 12 2.05 -76.79 -68.71
CA VAL TA 12 3.46 -77.15 -68.63
C VAL TA 12 4.30 -76.01 -69.15
N GLY TA 13 5.26 -75.57 -68.34
CA GLY TA 13 6.06 -74.41 -68.66
C GLY TA 13 7.52 -74.61 -68.34
N ARG TA 14 8.31 -73.61 -68.74
CA ARG TA 14 9.75 -73.63 -68.53
C ARG TA 14 10.29 -72.22 -68.66
N CYS TA 15 11.51 -72.02 -68.17
CA CYS TA 15 12.23 -70.80 -68.50
C CYS TA 15 12.73 -70.86 -69.92
N LEU TA 16 12.95 -69.70 -70.53
CA LEU TA 16 13.46 -69.68 -71.89
C LEU TA 16 14.85 -70.34 -71.92
N PRO TA 17 15.20 -71.01 -73.00
CA PRO TA 17 16.50 -71.68 -73.03
C PRO TA 17 17.63 -70.69 -73.19
N THR TA 18 18.32 -70.42 -72.10
CA THR TA 18 19.46 -69.53 -72.15
C THR TA 18 20.64 -70.21 -72.84
N PRO TA 19 21.59 -69.44 -73.36
CA PRO TA 19 22.80 -70.05 -73.92
C PRO TA 19 23.61 -70.84 -72.91
N LYS TA 20 23.52 -70.52 -71.62
CA LYS TA 20 24.29 -71.23 -70.61
C LYS TA 20 24.01 -72.72 -70.64
N CYS TA 21 22.73 -73.11 -70.65
CA CYS TA 21 22.32 -74.51 -70.71
C CYS TA 21 21.22 -74.64 -71.74
N HIS TA 22 21.31 -75.68 -72.55
CA HIS TA 22 20.54 -75.71 -73.79
C HIS TA 22 19.04 -75.70 -73.51
N THR TA 23 18.59 -76.30 -72.42
CA THR TA 23 17.18 -76.22 -72.03
C THR TA 23 16.94 -76.60 -70.58
N PRO TA 24 16.23 -75.79 -69.82
CA PRO TA 24 15.87 -76.15 -68.46
C PRO TA 24 14.77 -77.19 -68.46
N PRO TA 25 14.48 -77.80 -67.32
CA PRO TA 25 13.43 -78.83 -67.27
C PRO TA 25 12.05 -78.25 -67.53
N LEU TA 26 11.07 -79.14 -67.56
CA LEU TA 26 9.69 -78.80 -67.87
C LEU TA 26 8.79 -79.11 -66.68
N TYR TA 27 7.91 -78.17 -66.33
CA TYR TA 27 7.09 -78.29 -65.14
C TYR TA 27 5.61 -78.43 -65.50
N ARG TA 28 4.94 -79.35 -64.81
CA ARG TA 28 3.53 -79.64 -65.02
C ARG TA 28 2.73 -79.26 -63.78
N MET TA 29 1.64 -78.53 -63.98
CA MET TA 29 0.71 -78.18 -62.93
C MET TA 29 -0.71 -78.49 -63.35
N ARG TA 30 -1.54 -78.80 -62.36
CA ARG TA 30 -2.96 -79.08 -62.52
C ARG TA 30 -3.72 -77.94 -61.86
N ILE TA 31 -4.35 -77.09 -62.65
CA ILE TA 31 -4.87 -75.81 -62.18
C ILE TA 31 -6.33 -75.66 -62.57
N PHE TA 32 -7.15 -75.16 -61.65
CA PHE TA 32 -8.59 -75.04 -61.85
C PHE TA 32 -8.92 -73.60 -62.20
N ALA TA 33 -9.27 -73.35 -63.46
CA ALA TA 33 -9.55 -72.01 -63.93
C ALA TA 33 -10.66 -72.03 -64.96
N PRO TA 34 -11.60 -71.10 -64.87
CA PRO TA 34 -12.78 -71.15 -65.76
C PRO TA 34 -12.47 -70.95 -67.22
N ASN TA 35 -11.28 -70.46 -67.55
CA ASN TA 35 -10.83 -70.37 -68.93
C ASN TA 35 -9.32 -70.38 -68.96
N HIS TA 36 -8.76 -70.78 -70.09
CA HIS TA 36 -7.35 -71.13 -70.09
C HIS TA 36 -6.45 -69.90 -70.01
N VAL TA 37 -6.96 -68.72 -70.30
CA VAL TA 37 -6.16 -67.52 -70.06
C VAL TA 37 -5.90 -67.35 -68.57
N VAL TA 38 -6.96 -67.46 -67.76
CA VAL TA 38 -6.78 -67.43 -66.31
C VAL TA 38 -5.96 -68.61 -65.86
N ALA TA 39 -6.08 -69.75 -66.53
CA ALA TA 39 -5.22 -70.88 -66.20
C ALA TA 39 -3.75 -70.51 -66.35
N LYS TA 40 -3.41 -69.87 -67.47
CA LYS TA 40 -2.03 -69.45 -67.70
C LYS TA 40 -1.56 -68.49 -66.62
N SER TA 41 -2.37 -67.48 -66.34
CA SER TA 41 -1.94 -66.47 -65.37
C SER TA 41 -1.75 -67.09 -63.99
N ARG TA 42 -2.67 -67.95 -63.57
CA ARG TA 42 -2.50 -68.52 -62.24
C ARG TA 42 -1.36 -69.53 -62.23
N PHE TA 43 -1.04 -70.14 -63.37
CA PHE TA 43 0.15 -70.97 -63.43
C PHE TA 43 1.38 -70.13 -63.15
N TRP TA 44 1.43 -68.93 -63.73
CA TRP TA 44 2.55 -68.05 -63.46
C TRP TA 44 2.57 -67.64 -61.99
N TYR TA 45 1.39 -67.42 -61.42
CA TYR TA 45 1.34 -67.14 -59.98
C TYR TA 45 2.03 -68.24 -59.20
N PHE TA 46 1.62 -69.49 -59.43
CA PHE TA 46 2.19 -70.60 -58.68
C PHE TA 46 3.69 -70.74 -58.93
N VAL TA 47 4.12 -70.60 -60.17
CA VAL TA 47 5.52 -70.82 -60.47
C VAL TA 47 6.38 -69.75 -59.82
N SER TA 48 6.00 -68.49 -59.95
CA SER TA 48 6.75 -67.44 -59.27
C SER TA 48 6.69 -67.62 -57.77
N GLN TA 49 5.62 -68.21 -57.26
CA GLN TA 49 5.53 -68.47 -55.83
C GLN TA 49 6.53 -69.53 -55.39
N LEU TA 50 6.76 -70.54 -56.22
CA LEU TA 50 7.63 -71.65 -55.83
C LEU TA 50 9.08 -71.44 -56.21
N LYS TA 51 9.37 -71.27 -57.50
CA LYS TA 51 10.74 -71.13 -57.97
C LYS TA 51 10.87 -69.87 -58.82
N LYS TA 52 12.09 -69.32 -58.85
CA LYS TA 52 12.27 -67.96 -59.32
C LYS TA 52 12.09 -67.84 -60.82
N MET TA 53 10.85 -67.99 -61.28
CA MET TA 53 10.52 -67.80 -62.68
C MET TA 53 9.28 -66.94 -62.81
N LYS TA 54 9.23 -66.16 -63.88
CA LYS TA 54 8.13 -65.27 -64.18
C LYS TA 54 7.81 -65.40 -65.65
N LYS TA 55 6.58 -65.03 -66.04
CA LYS TA 55 6.25 -65.15 -67.46
C LYS TA 55 7.18 -64.32 -68.30
N SER TA 56 7.79 -63.28 -67.71
CA SER TA 56 8.81 -62.55 -68.42
C SER TA 56 9.98 -63.45 -68.78
N SER TA 57 10.37 -64.32 -67.87
CA SER TA 57 11.43 -65.29 -68.13
C SER TA 57 10.89 -66.69 -68.30
N GLY TA 58 9.74 -66.84 -68.94
CA GLY TA 58 9.21 -68.17 -69.19
C GLY TA 58 8.14 -68.15 -70.26
N GLU TA 59 7.95 -69.32 -70.88
CA GLU TA 59 6.93 -69.47 -71.90
C GLU TA 59 6.12 -70.73 -71.61
N ILE TA 60 4.83 -70.67 -71.88
CA ILE TA 60 3.91 -71.70 -71.45
C ILE TA 60 3.83 -72.77 -72.52
N VAL TA 61 4.51 -73.89 -72.28
CA VAL TA 61 4.67 -74.89 -73.34
C VAL TA 61 3.33 -75.55 -73.70
N TYR TA 62 2.50 -75.88 -72.71
CA TYR TA 62 1.26 -76.58 -73.00
C TYR TA 62 0.16 -76.12 -72.06
N CYS TA 63 -1.05 -75.98 -72.60
CA CYS TA 63 -2.17 -75.42 -71.85
C CYS TA 63 -3.49 -75.99 -72.33
N GLY TA 64 -4.03 -76.96 -71.60
CA GLY TA 64 -5.31 -77.54 -72.01
C GLY TA 64 -5.94 -78.37 -70.92
N GLN TA 65 -7.26 -78.53 -70.96
CA GLN TA 65 -7.88 -79.23 -69.84
C GLN TA 65 -7.56 -80.72 -69.88
N VAL TA 66 -7.97 -81.40 -68.83
CA VAL TA 66 -7.99 -82.85 -68.81
C VAL TA 66 -9.45 -83.26 -68.75
N PHE TA 67 -9.93 -83.84 -69.84
CA PHE TA 67 -11.29 -84.32 -69.88
C PHE TA 67 -11.46 -85.37 -68.79
N GLU TA 68 -12.63 -85.38 -68.16
CA GLU TA 68 -12.82 -86.21 -67.00
C GLU TA 68 -12.82 -87.68 -67.36
N LYS TA 69 -12.05 -88.45 -66.60
CA LYS TA 69 -12.11 -89.91 -66.70
C LYS TA 69 -13.42 -90.40 -66.12
N SER TA 70 -14.26 -91.01 -66.94
CA SER TA 70 -15.51 -91.61 -66.49
C SER TA 70 -16.37 -90.62 -65.73
N PRO TA 71 -17.03 -89.70 -66.41
CA PRO TA 71 -17.86 -88.72 -65.71
C PRO TA 71 -19.25 -89.25 -65.36
N LEU TA 72 -19.43 -90.56 -65.44
CA LEU TA 72 -20.68 -91.19 -65.03
C LEU TA 72 -20.52 -92.01 -63.76
N ARG TA 73 -19.37 -91.94 -63.10
CA ARG TA 73 -19.09 -92.68 -61.88
C ARG TA 73 -19.11 -91.70 -60.70
N VAL TA 74 -20.06 -91.89 -59.79
CA VAL TA 74 -20.11 -91.05 -58.60
C VAL TA 74 -18.86 -91.29 -57.77
N LYS TA 75 -18.18 -90.21 -57.40
CA LYS TA 75 -16.89 -90.33 -56.73
C LYS TA 75 -16.76 -89.23 -55.68
N ASN TA 76 -16.24 -89.61 -54.53
CA ASN TA 76 -16.14 -88.74 -53.37
C ASN TA 76 -14.69 -88.33 -53.12
N PHE TA 77 -14.44 -87.03 -53.19
CA PHE TA 77 -13.10 -86.48 -53.24
C PHE TA 77 -12.71 -85.91 -51.89
N GLY TA 78 -11.44 -86.11 -51.53
CA GLY TA 78 -10.84 -85.41 -50.40
C GLY TA 78 -9.93 -84.33 -50.95
N ILE TA 79 -10.06 -83.12 -50.39
CA ILE TA 79 -9.46 -81.94 -50.99
C ILE TA 79 -8.64 -81.20 -49.92
N TRP TA 80 -7.35 -81.06 -50.17
CA TRP TA 80 -6.43 -80.44 -49.24
C TRP TA 80 -6.24 -78.98 -49.63
N LEU TA 81 -6.83 -78.09 -48.85
CA LEU TA 81 -6.90 -76.66 -49.14
C LEU TA 81 -6.06 -75.87 -48.15
N ARG TA 82 -5.67 -74.67 -48.57
CA ARG TA 82 -4.93 -73.75 -47.69
C ARG TA 82 -5.39 -72.33 -47.99
N TYR TA 83 -5.97 -71.65 -47.01
CA TYR TA 83 -6.55 -70.34 -47.29
C TYR TA 83 -6.03 -69.33 -46.28
N ASP TA 84 -6.49 -68.09 -46.41
CA ASP TA 84 -6.15 -67.01 -45.50
C ASP TA 84 -7.42 -66.47 -44.86
N SER TA 85 -7.33 -66.12 -43.57
CA SER TA 85 -8.52 -65.99 -42.75
C SER TA 85 -8.53 -64.74 -41.87
N ARG TA 86 -8.10 -63.60 -42.39
CA ARG TA 86 -8.29 -62.34 -41.69
C ARG TA 86 -7.57 -62.32 -40.35
N SER TA 87 -6.89 -63.41 -40.00
CA SER TA 87 -6.03 -63.41 -38.82
C SER TA 87 -4.80 -64.28 -38.99
N GLY TA 88 -4.53 -64.80 -40.18
CA GLY TA 88 -3.44 -65.73 -40.40
C GLY TA 88 -3.83 -66.90 -41.29
N THR TA 89 -2.88 -67.41 -42.06
CA THR TA 89 -3.14 -68.52 -42.96
C THR TA 89 -3.52 -69.77 -42.20
N HIS TA 90 -4.50 -70.50 -42.72
CA HIS TA 90 -4.92 -71.77 -42.15
C HIS TA 90 -4.85 -72.85 -43.21
N ASN TA 91 -4.21 -73.96 -42.86
CA ASN TA 91 -4.36 -75.19 -43.62
C ASN TA 91 -5.72 -75.79 -43.31
N MET TA 92 -6.17 -76.70 -44.16
CA MET TA 92 -7.53 -77.22 -43.95
C MET TA 92 -7.73 -78.36 -44.93
N TYR TA 93 -8.48 -79.37 -44.50
CA TYR TA 93 -8.75 -80.53 -45.33
C TYR TA 93 -10.26 -80.73 -45.41
N ARG TA 94 -10.87 -80.33 -46.52
CA ARG TA 94 -12.30 -80.52 -46.67
C ARG TA 94 -12.58 -81.75 -47.53
N GLU TA 95 -13.86 -81.98 -47.76
CA GLU TA 95 -14.28 -83.18 -48.43
C GLU TA 95 -15.57 -82.91 -49.18
N TYR TA 96 -15.71 -83.52 -50.36
CA TYR TA 96 -16.89 -83.31 -51.17
C TYR TA 96 -17.18 -84.59 -51.90
N ARG TA 97 -18.26 -84.60 -52.67
CA ARG TA 97 -18.75 -85.83 -53.28
C ARG TA 97 -19.54 -85.49 -54.52
N ASP TA 98 -19.00 -85.80 -55.70
CA ASP TA 98 -19.68 -85.36 -56.91
C ASP TA 98 -19.20 -86.25 -58.06
N LEU TA 99 -19.40 -85.81 -59.30
CA LEU TA 99 -18.99 -86.59 -60.47
C LEU TA 99 -17.61 -86.18 -60.98
N THR TA 100 -17.49 -84.96 -61.47
CA THR TA 100 -16.27 -84.48 -62.08
C THR TA 100 -15.41 -83.77 -61.05
N THR TA 101 -14.10 -84.02 -61.11
CA THR TA 101 -13.18 -83.35 -60.21
C THR TA 101 -13.38 -81.84 -60.24
N ALA TA 102 -13.63 -81.30 -61.43
CA ALA TA 102 -13.94 -79.88 -61.54
C ALA TA 102 -15.18 -79.54 -60.74
N GLY TA 103 -16.20 -80.39 -60.78
CA GLY TA 103 -17.37 -80.16 -59.97
C GLY TA 103 -17.04 -80.17 -58.48
N ALA TA 104 -16.19 -81.10 -58.06
CA ALA TA 104 -15.82 -81.14 -56.66
C ALA TA 104 -15.13 -79.86 -56.24
N VAL TA 105 -14.22 -79.37 -57.07
CA VAL TA 105 -13.49 -78.16 -56.69
C VAL TA 105 -14.41 -76.95 -56.70
N THR TA 106 -15.33 -76.88 -57.66
CA THR TA 106 -16.25 -75.74 -57.64
C THR TA 106 -17.15 -75.80 -56.42
N GLN TA 107 -17.55 -77.00 -56.00
CA GLN TA 107 -18.29 -77.12 -54.76
C GLN TA 107 -17.46 -76.63 -53.59
N CYS TA 108 -16.18 -76.97 -53.59
CA CYS TA 108 -15.31 -76.53 -52.51
C CYS TA 108 -15.22 -75.01 -52.45
N TYR TA 109 -15.06 -74.36 -53.59
CA TYR TA 109 -14.99 -72.90 -53.58
C TYR TA 109 -16.29 -72.30 -53.09
N ARG TA 110 -17.42 -72.78 -53.59
CA ARG TA 110 -18.69 -72.20 -53.18
C ARG TA 110 -18.91 -72.36 -51.69
N ASP TA 111 -18.61 -73.54 -51.15
CA ASP TA 111 -18.92 -73.76 -49.76
C ASP TA 111 -17.85 -73.20 -48.84
N MET TA 112 -16.65 -72.92 -49.34
CA MET TA 112 -15.71 -72.15 -48.55
C MET TA 112 -16.15 -70.70 -48.46
N GLY TA 113 -16.57 -70.13 -49.59
CA GLY TA 113 -17.07 -68.77 -49.57
C GLY TA 113 -18.28 -68.60 -48.69
N ALA TA 114 -19.15 -69.62 -48.61
CA ALA TA 114 -20.31 -69.51 -47.73
C ALA TA 114 -19.97 -69.88 -46.29
N ARG TA 115 -19.55 -71.12 -46.06
CA ARG TA 115 -19.34 -71.63 -44.72
C ARG TA 115 -18.13 -71.05 -44.02
N HIS TA 116 -17.26 -70.34 -44.75
CA HIS TA 116 -16.09 -69.74 -44.12
C HIS TA 116 -15.76 -68.35 -44.64
N ARG TA 117 -16.55 -67.81 -45.56
CA ARG TA 117 -16.46 -66.42 -46.00
C ARG TA 117 -15.02 -65.99 -46.23
N ALA TA 118 -14.33 -66.78 -47.04
CA ALA TA 118 -13.04 -66.40 -47.60
C ALA TA 118 -13.17 -66.35 -49.11
N ARG TA 119 -12.80 -65.23 -49.70
CA ARG TA 119 -13.07 -65.02 -51.11
C ARG TA 119 -12.27 -66.01 -51.95
N ALA TA 120 -12.52 -65.98 -53.26
CA ALA TA 120 -11.88 -66.95 -54.14
C ALA TA 120 -10.49 -66.52 -54.56
N HIS TA 121 -10.01 -65.37 -54.11
CA HIS TA 121 -8.68 -64.91 -54.43
C HIS TA 121 -7.67 -65.25 -53.34
N SER TA 122 -8.07 -65.98 -52.32
CA SER TA 122 -7.19 -66.33 -51.21
C SER TA 122 -7.18 -67.81 -50.95
N ILE TA 123 -7.58 -68.62 -51.93
CA ILE TA 123 -7.64 -70.06 -51.79
C ILE TA 123 -6.73 -70.66 -52.84
N GLN TA 124 -5.77 -71.47 -52.40
CA GLN TA 124 -4.83 -72.11 -53.30
C GLN TA 124 -4.82 -73.61 -53.01
N ILE TA 125 -5.38 -74.37 -53.94
CA ILE TA 125 -5.59 -75.80 -53.76
C ILE TA 125 -4.25 -76.52 -53.82
N MET TA 126 -4.04 -77.50 -52.94
CA MET TA 126 -2.89 -78.38 -53.08
C MET TA 126 -3.25 -79.66 -53.83
N LYS TA 127 -4.14 -80.45 -53.25
CA LYS TA 127 -4.50 -81.76 -53.79
C LYS TA 127 -6.01 -81.88 -53.85
N VAL TA 128 -6.47 -82.61 -54.85
CA VAL TA 128 -7.81 -83.19 -54.87
C VAL TA 128 -7.66 -84.63 -55.31
N GLU TA 129 -8.06 -85.58 -54.47
CA GLU TA 129 -7.92 -86.97 -54.86
C GLU TA 129 -9.21 -87.73 -54.57
N GLU TA 130 -9.65 -88.52 -55.55
CA GLU TA 130 -10.73 -89.45 -55.31
C GLU TA 130 -10.23 -90.59 -54.44
N ILE TA 131 -10.89 -90.81 -53.32
CA ILE TA 131 -10.44 -91.77 -52.32
C ILE TA 131 -11.61 -92.66 -51.95
N ALA TA 132 -11.32 -93.79 -51.33
CA ALA TA 132 -12.31 -94.81 -51.07
C ALA TA 132 -13.08 -94.52 -49.79
N ALA TA 133 -14.12 -95.32 -49.57
CA ALA TA 133 -14.98 -95.15 -48.40
C ALA TA 133 -14.24 -95.41 -47.09
N SER TA 134 -13.08 -96.08 -47.14
CA SER TA 134 -12.31 -96.30 -45.94
C SER TA 134 -11.32 -95.18 -45.67
N LYS TA 135 -11.21 -94.20 -46.56
CA LYS TA 135 -10.41 -93.02 -46.31
C LYS TA 135 -11.23 -91.75 -46.24
N CYS TA 136 -12.46 -91.75 -46.72
CA CYS TA 136 -13.34 -90.61 -46.46
C CYS TA 136 -13.57 -90.47 -44.96
N ARG TA 137 -13.64 -89.23 -44.48
CA ARG TA 137 -13.63 -88.99 -43.05
C ARG TA 137 -14.67 -88.01 -42.54
N ARG TA 138 -15.18 -87.10 -43.36
CA ARG TA 138 -16.15 -86.38 -42.55
C ARG TA 138 -17.51 -87.04 -42.62
N PRO TA 139 -18.27 -87.01 -41.51
CA PRO TA 139 -19.54 -87.76 -41.48
C PRO TA 139 -20.53 -87.30 -42.53
N ALA TA 140 -20.55 -86.00 -42.83
CA ALA TA 140 -21.52 -85.48 -43.79
C ALA TA 140 -21.40 -86.21 -45.12
N VAL TA 141 -20.18 -86.45 -45.59
CA VAL TA 141 -20.00 -87.30 -46.75
C VAL TA 141 -20.26 -88.75 -46.39
N LYS TA 142 -19.75 -89.18 -45.24
CA LYS TA 142 -19.74 -90.59 -44.90
C LYS TA 142 -21.13 -91.20 -44.94
N GLN TA 143 -22.15 -90.43 -44.69
CA GLN TA 143 -23.45 -91.07 -44.69
C GLN TA 143 -23.97 -91.41 -46.09
N PHE TA 144 -23.23 -91.43 -47.19
CA PHE TA 144 -23.79 -91.75 -48.49
C PHE TA 144 -23.00 -92.85 -49.22
N HIS TA 145 -22.71 -93.95 -48.54
CA HIS TA 145 -22.52 -95.22 -49.25
C HIS TA 145 -23.32 -96.26 -48.47
N ASP TA 146 -24.55 -96.49 -48.91
CA ASP TA 146 -25.36 -97.58 -48.42
C ASP TA 146 -25.93 -98.29 -49.64
N SER TA 147 -25.82 -99.61 -49.66
CA SER TA 147 -26.36 -100.37 -50.78
C SER TA 147 -27.83 -100.01 -50.99
N LYS TA 148 -28.55 -99.74 -49.91
CA LYS TA 148 -29.92 -99.28 -49.96
C LYS TA 148 -30.05 -98.03 -49.13
N ILE TA 149 -30.55 -96.97 -49.75
CA ILE TA 149 -30.88 -95.73 -49.06
C ILE TA 149 -32.31 -95.38 -49.43
N LYS TA 150 -33.05 -94.88 -48.45
CA LYS TA 150 -34.39 -94.41 -48.72
C LYS TA 150 -34.69 -93.24 -47.81
N PHE TA 151 -35.20 -92.17 -48.37
CA PHE TA 151 -35.63 -91.05 -47.58
C PHE TA 151 -36.65 -90.28 -48.38
N PRO TA 152 -37.78 -89.92 -47.78
CA PRO TA 152 -38.84 -89.27 -48.55
C PRO TA 152 -38.46 -87.83 -48.84
N LEU TA 153 -39.28 -87.22 -49.68
CA LEU TA 153 -39.16 -85.79 -49.88
C LEU TA 153 -39.95 -85.11 -48.78
N PRO TA 154 -39.29 -84.64 -47.73
CA PRO TA 154 -40.00 -84.33 -46.49
C PRO TA 154 -41.08 -83.27 -46.63
N HIS TA 155 -40.68 -82.06 -47.01
CA HIS TA 155 -41.58 -80.91 -47.08
C HIS TA 155 -41.31 -80.24 -48.41
N ARG TA 156 -42.10 -80.57 -49.42
CA ARG TA 156 -41.80 -80.23 -50.80
C ARG TA 156 -42.71 -79.09 -51.27
N VAL TA 157 -42.08 -78.05 -51.81
CA VAL TA 157 -42.80 -76.86 -52.27
C VAL TA 157 -42.14 -76.38 -53.56
N LEU TA 158 -42.96 -75.89 -54.49
CA LEU TA 158 -42.47 -75.46 -55.80
C LEU TA 158 -43.18 -74.19 -56.21
N ARG TA 159 -42.97 -73.79 -57.47
CA ARG TA 159 -43.33 -72.45 -57.93
C ARG TA 159 -44.81 -72.36 -58.30
N ARG TA 160 -45.48 -71.32 -57.82
CA ARG TA 160 -46.82 -70.97 -58.29
C ARG TA 160 -47.01 -69.47 -58.44
N GLN TA 161 -46.02 -68.76 -58.96
CA GLN TA 161 -46.28 -67.39 -59.41
C GLN TA 161 -46.48 -67.30 -60.92
N HIS TA 162 -45.95 -68.27 -61.68
CA HIS TA 162 -46.27 -68.39 -63.09
C HIS TA 162 -47.63 -69.07 -63.27
N LYS TA 163 -47.81 -70.22 -62.63
CA LYS TA 163 -49.15 -70.68 -62.38
C LYS TA 163 -49.79 -69.58 -61.55
N PRO TA 164 -51.10 -69.39 -61.63
CA PRO TA 164 -51.66 -68.05 -61.46
C PRO TA 164 -51.32 -67.43 -60.12
N ARG TA 165 -51.07 -66.12 -60.14
CA ARG TA 165 -51.01 -65.36 -58.90
C ARG TA 165 -52.30 -65.51 -58.12
N PHE TA 166 -53.43 -65.50 -58.82
CA PHE TA 166 -54.75 -65.49 -58.21
C PHE TA 166 -55.46 -66.79 -58.58
N THR TA 167 -55.23 -67.84 -57.80
CA THR TA 167 -55.95 -69.09 -57.97
C THR TA 167 -57.06 -69.19 -56.95
N THR TA 168 -57.94 -70.16 -57.15
CA THR TA 168 -59.10 -70.33 -56.29
C THR TA 168 -58.94 -71.48 -55.32
N LYS TA 169 -57.86 -72.23 -55.42
CA LYS TA 169 -57.58 -73.32 -54.51
C LYS TA 169 -56.30 -73.01 -53.77
N ARG TA 170 -55.84 -73.98 -52.99
CA ARG TA 170 -54.61 -73.77 -52.25
C ARG TA 170 -53.66 -74.93 -52.52
N PRO TA 171 -52.36 -74.69 -52.45
CA PRO TA 171 -51.41 -75.74 -52.80
C PRO TA 171 -51.39 -76.85 -51.77
N ASN TA 172 -51.13 -78.05 -52.26
CA ASN TA 172 -50.84 -79.18 -51.40
C ASN TA 172 -49.34 -79.30 -51.26
N THR TA 173 -48.87 -79.29 -50.03
CA THR TA 173 -47.44 -79.41 -49.76
C THR TA 173 -47.06 -80.78 -49.23
N PHE TA 174 -47.97 -81.74 -49.31
CA PHE TA 174 -47.59 -83.14 -49.33
C PHE TA 174 -47.21 -83.40 -50.78
N PHE TA 175 -47.16 -84.65 -51.22
CA PHE TA 175 -46.95 -84.89 -52.64
C PHE TA 175 -48.02 -84.19 -53.46
N THR UA 1 13.49 -26.61 -46.76
CA THR UA 1 13.07 -25.37 -46.11
C THR UA 1 13.95 -24.20 -46.50
N ASN UA 2 15.26 -24.37 -46.27
CA ASN UA 2 16.19 -23.29 -46.53
C ASN UA 2 16.09 -22.86 -47.99
N THR UA 3 16.69 -21.72 -48.27
CA THR UA 3 16.81 -21.20 -49.62
C THR UA 3 18.27 -21.01 -49.92
N LYS UA 4 18.57 -20.18 -50.91
CA LYS UA 4 19.82 -20.16 -51.64
C LYS UA 4 21.04 -20.55 -50.82
N GLY UA 5 21.82 -21.47 -51.37
CA GLY UA 5 23.08 -21.89 -50.79
C GLY UA 5 23.79 -22.64 -51.88
N LYS UA 6 25.05 -22.29 -52.14
CA LYS UA 6 25.69 -22.80 -53.36
C LYS UA 6 25.75 -24.32 -53.37
N ARG UA 7 25.88 -24.94 -52.19
CA ARG UA 7 25.88 -26.40 -52.09
C ARG UA 7 24.92 -26.80 -50.97
N ARG UA 8 23.65 -26.92 -51.30
CA ARG UA 8 22.67 -27.46 -50.36
C ARG UA 8 22.41 -28.91 -50.69
N GLY UA 9 22.24 -29.74 -49.66
CA GLY UA 9 21.89 -31.11 -49.93
C GLY UA 9 22.92 -31.89 -50.70
N THR UA 10 24.17 -31.42 -50.73
CA THR UA 10 25.26 -32.16 -51.32
C THR UA 10 26.13 -32.82 -50.27
N ARG UA 11 25.52 -33.32 -49.20
CA ARG UA 11 26.27 -34.08 -48.21
C ARG UA 11 26.72 -35.41 -48.79
N TYR UA 12 25.87 -36.05 -49.58
CA TYR UA 12 26.19 -37.33 -50.19
C TYR UA 12 26.61 -37.20 -51.65
N MET UA 13 26.14 -36.18 -52.35
CA MET UA 13 26.45 -36.07 -53.78
C MET UA 13 27.95 -35.96 -54.02
N PHE UA 14 28.55 -34.86 -53.58
CA PHE UA 14 30.00 -34.68 -53.71
C PHE UA 14 30.66 -35.38 -52.53
N SER UA 15 30.92 -36.67 -52.69
CA SER UA 15 31.42 -37.39 -51.54
C SER UA 15 32.49 -38.42 -51.82
N ARG UA 16 33.04 -38.51 -53.04
CA ARG UA 16 34.21 -39.36 -53.26
C ARG UA 16 33.95 -40.78 -52.79
N PRO UA 17 33.37 -41.63 -53.64
CA PRO UA 17 32.66 -42.83 -53.18
C PRO UA 17 33.39 -43.70 -52.18
N PHE UA 18 32.64 -44.63 -51.62
CA PHE UA 18 32.67 -45.26 -50.31
C PHE UA 18 34.00 -45.96 -49.95
N ARG UA 19 35.02 -45.97 -50.80
CA ARG UA 19 36.38 -46.22 -50.36
C ARG UA 19 37.41 -45.29 -50.98
N LYS UA 20 37.14 -44.68 -52.13
CA LYS UA 20 38.18 -44.01 -52.90
C LYS UA 20 38.44 -42.59 -52.44
N HIS UA 21 38.68 -42.38 -51.15
CA HIS UA 21 38.92 -41.03 -50.65
C HIS UA 21 40.32 -40.56 -50.92
N GLY UA 22 41.02 -41.18 -51.85
CA GLY UA 22 42.40 -40.86 -52.10
C GLY UA 22 42.57 -39.67 -53.01
N VAL UA 23 43.83 -39.41 -53.37
CA VAL UA 23 44.09 -38.38 -54.34
C VAL UA 23 43.50 -38.80 -55.67
N VAL UA 24 43.41 -37.85 -56.59
CA VAL UA 24 42.83 -38.11 -57.91
C VAL UA 24 43.76 -39.01 -58.70
N PRO UA 25 43.33 -40.18 -59.13
CA PRO UA 25 44.12 -40.91 -60.13
C PRO UA 25 44.27 -40.09 -61.39
N LEU UA 26 45.48 -40.12 -61.96
CA LEU UA 26 45.86 -39.07 -62.89
C LEU UA 26 45.24 -39.23 -64.27
N ALA UA 27 44.72 -40.41 -64.59
CA ALA UA 27 44.19 -40.61 -65.93
C ALA UA 27 43.06 -39.64 -66.22
N THR UA 28 42.29 -39.28 -65.20
CA THR UA 28 41.22 -38.31 -65.40
C THR UA 28 41.77 -36.95 -65.80
N TYR UA 29 42.99 -36.62 -65.34
CA TYR UA 29 43.70 -35.44 -65.82
C TYR UA 29 44.22 -35.63 -67.23
N MET UA 30 44.65 -36.84 -67.54
CA MET UA 30 45.41 -37.08 -68.75
C MET UA 30 44.53 -37.35 -69.96
N ARG UA 31 43.23 -37.52 -69.76
CA ARG UA 31 42.34 -37.75 -70.88
C ARG UA 31 42.25 -36.54 -71.78
N ILE UA 32 42.08 -36.78 -73.08
CA ILE UA 32 42.08 -35.73 -74.10
C ILE UA 32 40.64 -35.37 -74.43
N TYR UA 33 40.22 -34.16 -74.10
CA TYR UA 33 38.91 -33.66 -74.48
C TYR UA 33 39.08 -32.66 -75.62
N LYS UA 34 38.20 -32.74 -76.59
CA LYS UA 34 38.27 -31.93 -77.80
C LYS UA 34 37.04 -31.05 -77.87
N LYS UA 35 36.90 -30.30 -78.96
CA LYS UA 35 35.75 -29.43 -79.15
C LYS UA 35 34.62 -30.21 -79.81
N GLY UA 36 33.61 -30.57 -79.03
CA GLY UA 36 32.39 -31.10 -79.60
C GLY UA 36 32.17 -32.59 -79.43
N ASP UA 37 32.70 -33.20 -78.39
CA ASP UA 37 32.39 -34.59 -78.08
C ASP UA 37 31.68 -34.66 -76.73
N ILE UA 38 30.71 -35.56 -76.62
CA ILE UA 38 29.75 -35.51 -75.54
C ILE UA 38 30.36 -35.97 -74.24
N VAL UA 39 30.68 -35.02 -73.35
CA VAL UA 39 31.11 -35.32 -72.01
C VAL UA 39 29.87 -35.47 -71.15
N ASP UA 40 30.06 -36.00 -69.93
CA ASP UA 40 29.01 -35.93 -68.92
C ASP UA 40 29.62 -35.43 -67.63
N ILE UA 41 28.78 -34.90 -66.76
CA ILE UA 41 29.23 -34.11 -65.62
C ILE UA 41 28.88 -34.87 -64.35
N LYS UA 42 29.90 -35.37 -63.66
CA LYS UA 42 29.75 -35.96 -62.34
C LYS UA 42 30.72 -35.26 -61.41
N GLY UA 43 30.19 -34.51 -60.45
CA GLY UA 43 31.06 -33.71 -59.60
C GLY UA 43 31.86 -34.58 -58.64
N MET UA 44 33.14 -34.27 -58.52
CA MET UA 44 33.98 -34.84 -57.47
C MET UA 44 33.92 -33.93 -56.25
N GLY UA 45 34.73 -34.26 -55.25
CA GLY UA 45 34.76 -33.45 -54.05
C GLY UA 45 36.13 -32.92 -53.71
N THR UA 46 37.17 -33.65 -54.10
CA THR UA 46 38.53 -33.29 -53.73
C THR UA 46 39.02 -32.06 -54.48
N VAL UA 47 38.45 -31.79 -55.65
CA VAL UA 47 38.98 -30.74 -56.50
C VAL UA 47 38.88 -29.39 -55.84
N GLN UA 48 37.70 -29.10 -55.28
CA GLN UA 48 37.47 -27.92 -54.45
C GLN UA 48 37.49 -26.62 -55.25
N LYS UA 49 37.82 -26.67 -56.53
CA LYS UA 49 37.88 -25.46 -57.35
C LYS UA 49 37.31 -25.76 -58.72
N GLY UA 50 36.14 -25.21 -59.02
CA GLY UA 50 35.54 -25.33 -60.32
C GLY UA 50 34.41 -26.31 -60.44
N MET UA 51 33.79 -26.70 -59.34
CA MET UA 51 32.74 -27.72 -59.40
C MET UA 51 31.58 -27.21 -60.24
N PRO UA 52 30.91 -28.07 -60.97
CA PRO UA 52 29.62 -27.70 -61.52
C PRO UA 52 28.63 -27.55 -60.39
N HIS UA 53 27.58 -26.78 -60.63
CA HIS UA 53 26.57 -26.71 -59.58
C HIS UA 53 25.76 -28.00 -59.55
N LYS UA 54 25.18 -28.29 -58.40
CA LYS UA 54 24.47 -29.55 -58.21
C LYS UA 54 23.29 -29.70 -59.16
N CYS UA 55 22.81 -28.61 -59.76
CA CYS UA 55 21.79 -28.75 -60.79
C CYS UA 55 22.30 -29.52 -62.00
N TYR UA 56 23.60 -29.46 -62.27
CA TYR UA 56 24.21 -30.11 -63.43
C TYR UA 56 24.93 -31.40 -63.07
N HIS UA 57 24.76 -31.90 -61.86
CA HIS UA 57 25.37 -33.18 -61.50
C HIS UA 57 24.64 -34.31 -62.16
N GLY UA 58 25.18 -34.82 -63.26
CA GLY UA 58 24.59 -35.92 -63.97
C GLY UA 58 24.14 -35.60 -65.37
N LYS UA 59 23.73 -34.37 -65.64
CA LYS UA 59 23.37 -33.99 -66.99
C LYS UA 59 24.59 -34.12 -67.89
N THR UA 60 24.35 -34.07 -69.20
CA THR UA 60 25.46 -34.25 -70.12
C THR UA 60 25.18 -33.50 -71.42
N GLY UA 61 26.18 -32.74 -71.86
CA GLY UA 61 26.00 -31.92 -73.04
C GLY UA 61 27.32 -31.65 -73.73
N ARG UA 62 27.21 -31.07 -74.91
CA ARG UA 62 28.32 -30.77 -75.81
C ARG UA 62 29.37 -29.92 -75.10
N VAL UA 63 30.57 -29.91 -75.67
CA VAL UA 63 31.71 -29.14 -75.16
C VAL UA 63 32.19 -28.21 -76.25
N TYR UA 64 32.42 -26.95 -75.91
CA TYR UA 64 32.64 -25.91 -76.91
C TYR UA 64 33.81 -24.99 -76.65
N ASN UA 65 34.38 -24.99 -75.45
CA ASN UA 65 35.54 -24.17 -75.14
C ASN UA 65 36.53 -25.03 -74.40
N VAL UA 66 37.81 -24.82 -74.67
CA VAL UA 66 38.87 -25.58 -74.05
C VAL UA 66 39.96 -24.62 -73.57
N THR UA 67 40.06 -24.47 -72.27
CA THR UA 67 41.06 -23.60 -71.67
C THR UA 67 42.29 -24.42 -71.34
N GLN UA 68 43.16 -23.87 -70.49
CA GLN UA 68 44.32 -24.61 -70.02
C GLN UA 68 43.88 -25.96 -69.45
N HIS UA 69 43.15 -25.92 -68.34
CA HIS UA 69 42.79 -27.09 -67.57
C HIS UA 69 41.36 -27.02 -67.07
N ALA UA 70 40.44 -26.60 -67.93
CA ALA UA 70 39.02 -26.57 -67.65
C ALA UA 70 38.26 -26.28 -68.94
N VAL UA 71 37.18 -27.00 -69.18
CA VAL UA 71 36.44 -26.86 -70.43
C VAL UA 71 35.09 -26.24 -70.18
N GLY UA 72 34.59 -25.54 -71.18
CA GLY UA 72 33.21 -25.10 -71.16
C GLY UA 72 32.30 -26.21 -71.64
N ILE UA 73 31.06 -26.20 -71.18
CA ILE UA 73 30.09 -27.22 -71.53
C ILE UA 73 28.74 -26.57 -71.73
N VAL UA 74 28.03 -27.01 -72.78
CA VAL UA 74 26.66 -26.60 -73.03
C VAL UA 74 25.75 -27.72 -72.57
N VAL UA 75 24.90 -27.46 -71.58
CA VAL UA 75 23.95 -28.46 -71.11
C VAL UA 75 22.57 -27.83 -70.97
N ASN UA 76 21.56 -28.69 -70.99
CA ASN UA 76 20.17 -28.25 -70.90
C ASN UA 76 19.73 -28.24 -69.45
N LYS UA 77 19.56 -27.06 -68.90
CA LYS UA 77 19.03 -26.90 -67.56
C LYS UA 77 17.52 -26.83 -67.65
N GLN UA 78 16.86 -27.59 -66.78
CA GLN UA 78 15.43 -27.49 -66.62
C GLN UA 78 15.12 -26.35 -65.68
N VAL UA 79 14.17 -25.52 -66.07
CA VAL UA 79 13.67 -24.42 -65.27
C VAL UA 79 12.16 -24.51 -65.43
N LYS UA 80 11.41 -23.51 -64.98
CA LYS UA 80 9.99 -23.47 -65.28
C LYS UA 80 9.79 -23.70 -66.78
N GLY UA 81 8.59 -24.07 -67.20
CA GLY UA 81 8.41 -24.97 -68.31
C GLY UA 81 9.26 -24.83 -69.56
N LYS UA 82 9.99 -23.73 -69.71
CA LYS UA 82 10.97 -23.66 -70.77
C LYS UA 82 12.20 -24.46 -70.36
N ILE UA 83 13.03 -24.79 -71.35
CA ILE UA 83 14.25 -25.55 -71.15
C ILE UA 83 15.40 -24.75 -71.71
N LEU UA 84 16.38 -24.42 -70.88
CA LEU UA 84 17.44 -23.52 -71.31
C LEU UA 84 18.68 -24.28 -71.71
N ALA UA 85 19.35 -23.78 -72.76
CA ALA UA 85 20.61 -24.32 -73.24
C ALA UA 85 21.73 -23.49 -72.65
N LYS UA 86 22.11 -23.81 -71.42
CA LYS UA 86 23.03 -22.97 -70.67
C LYS UA 86 24.47 -23.43 -70.86
N ARG UA 87 25.39 -22.49 -70.66
CA ARG UA 87 26.81 -22.71 -70.86
C ARG UA 87 27.54 -22.50 -69.55
N ILE UA 88 28.51 -23.36 -69.25
CA ILE UA 88 29.23 -23.29 -67.99
C ILE UA 88 30.71 -23.60 -68.22
N ASN UA 89 31.50 -23.38 -67.17
CA ASN UA 89 32.89 -23.78 -67.13
C ASN UA 89 33.06 -24.85 -66.06
N VAL UA 90 33.90 -25.85 -66.33
CA VAL UA 90 34.11 -26.94 -65.40
C VAL UA 90 35.57 -27.36 -65.47
N ARG UA 91 36.22 -27.39 -64.31
CA ARG UA 91 37.57 -27.93 -64.26
C ARG UA 91 37.52 -29.40 -64.66
N ILE UA 92 38.49 -29.84 -65.48
CA ILE UA 92 38.37 -31.11 -66.17
C ILE UA 92 38.35 -32.30 -65.24
N GLU UA 93 38.42 -32.08 -63.94
CA GLU UA 93 38.40 -33.23 -63.04
C GLU UA 93 36.99 -33.73 -62.80
N HIS UA 94 35.98 -32.96 -63.22
CA HIS UA 94 34.60 -33.34 -62.99
C HIS UA 94 33.91 -33.90 -64.22
N ILE UA 95 34.55 -33.85 -65.37
CA ILE UA 95 33.93 -34.34 -66.58
C ILE UA 95 34.51 -35.69 -66.96
N LYS UA 96 33.81 -36.40 -67.82
CA LYS UA 96 34.36 -37.59 -68.44
C LYS UA 96 33.57 -37.88 -69.70
N HIS UA 97 34.17 -38.67 -70.57
CA HIS UA 97 33.52 -39.05 -71.81
C HIS UA 97 32.21 -39.78 -71.49
N SER UA 98 31.40 -40.01 -72.52
CA SER UA 98 30.13 -40.68 -72.35
C SER UA 98 29.94 -41.64 -73.51
N LYS UA 99 29.98 -42.94 -73.23
CA LYS UA 99 29.91 -43.95 -74.27
C LYS UA 99 28.65 -43.86 -75.12
N SER UA 100 27.69 -43.02 -74.74
CA SER UA 100 26.44 -42.92 -75.47
C SER UA 100 26.70 -42.67 -76.95
N ARG UA 101 27.52 -41.67 -77.25
CA ARG UA 101 27.81 -41.38 -78.64
C ARG UA 101 28.78 -42.39 -79.23
N ASP UA 102 29.74 -42.87 -78.44
CA ASP UA 102 30.79 -43.72 -78.98
C ASP UA 102 30.22 -45.03 -79.52
N SER UA 103 29.26 -45.61 -78.82
CA SER UA 103 28.60 -46.80 -79.34
C SER UA 103 27.88 -46.51 -80.64
N PHE UA 104 27.21 -45.35 -80.74
CA PHE UA 104 26.58 -44.96 -81.99
C PHE UA 104 27.60 -44.84 -83.11
N LEU UA 105 28.79 -44.33 -82.80
CA LEU UA 105 29.81 -44.19 -83.83
C LEU UA 105 30.30 -45.56 -84.29
N LYS UA 106 30.48 -46.49 -83.35
CA LYS UA 106 30.90 -47.84 -83.73
C LYS UA 106 29.87 -48.49 -84.65
N ARG UA 107 28.60 -48.42 -84.28
CA ARG UA 107 27.56 -48.98 -85.12
C ARG UA 107 27.40 -48.22 -86.43
N VAL UA 108 27.78 -46.95 -86.48
CA VAL UA 108 27.87 -46.25 -87.76
C VAL UA 108 28.94 -46.89 -88.63
N LYS UA 109 30.10 -47.17 -88.06
CA LYS UA 109 31.16 -47.78 -88.85
C LYS UA 109 30.72 -49.13 -89.40
N GLU UA 110 30.06 -49.93 -88.58
CA GLU UA 110 29.62 -51.23 -89.11
C GLU UA 110 28.52 -51.06 -90.16
N ASN UA 111 27.65 -50.07 -90.01
CA ASN UA 111 26.63 -49.84 -91.03
C ASN UA 111 27.27 -49.49 -92.36
N ASP UA 112 28.25 -48.59 -92.35
CA ASP UA 112 28.84 -48.18 -93.62
C ASP UA 112 29.65 -49.31 -94.25
N GLN UA 113 30.36 -50.09 -93.42
CA GLN UA 113 31.04 -51.25 -93.98
C GLN UA 113 30.06 -52.23 -94.58
N LYS UA 114 28.92 -52.43 -93.91
CA LYS UA 114 27.93 -53.35 -94.46
C LYS UA 114 27.35 -52.82 -95.76
N LYS UA 115 27.16 -51.50 -95.85
CA LYS UA 115 26.68 -50.91 -97.09
C LYS UA 115 27.67 -51.15 -98.22
N LYS UA 116 28.96 -50.98 -97.94
CA LYS UA 116 29.97 -51.23 -98.95
C LYS UA 116 29.96 -52.69 -99.38
N GLU UA 117 29.82 -53.61 -98.42
CA GLU UA 117 29.80 -55.01 -98.78
C GLU UA 117 28.55 -55.37 -99.57
N ALA UA 118 27.44 -54.68 -99.31
CA ALA UA 118 26.27 -54.85 -100.15
C ALA UA 118 26.54 -54.33 -101.56
N LYS UA 119 27.27 -53.22 -101.69
CA LYS UA 119 27.72 -52.80 -103.01
C LYS UA 119 28.47 -53.93 -103.70
N GLU UA 120 29.33 -54.63 -102.96
CA GLU UA 120 30.15 -55.65 -103.59
C GLU UA 120 29.37 -56.91 -103.96
N LYS UA 121 28.40 -57.32 -103.14
CA LYS UA 121 27.73 -58.59 -103.41
C LYS UA 121 26.38 -58.43 -104.11
N GLY UA 122 25.88 -57.22 -104.28
CA GLY UA 122 24.62 -56.99 -104.95
C GLY UA 122 23.38 -57.26 -104.14
N THR UA 123 23.51 -57.74 -102.91
CA THR UA 123 22.39 -58.16 -102.08
C THR UA 123 22.14 -57.12 -101.00
N TRP UA 124 20.86 -56.76 -100.81
CA TRP UA 124 20.48 -55.70 -99.88
C TRP UA 124 20.08 -56.31 -98.54
N VAL UA 125 21.04 -56.42 -97.64
CA VAL UA 125 20.78 -56.87 -96.29
C VAL UA 125 20.00 -55.81 -95.55
N GLN UA 126 19.54 -56.17 -94.36
CA GLN UA 126 18.81 -55.23 -93.52
C GLN UA 126 19.79 -54.43 -92.68
N LEU UA 127 19.73 -53.10 -92.78
CA LEU UA 127 20.60 -52.26 -91.98
C LEU UA 127 20.04 -52.14 -90.57
N LYS UA 128 20.80 -51.46 -89.71
CA LYS UA 128 20.78 -51.76 -88.29
C LYS UA 128 19.41 -51.57 -87.61
N ARG UA 129 19.28 -52.30 -86.50
CA ARG UA 129 18.31 -52.09 -85.43
C ARG UA 129 16.86 -52.19 -85.93
N GLN UA 130 16.50 -53.39 -86.31
CA GLN UA 130 15.10 -53.77 -86.23
C GLN UA 130 14.78 -54.17 -84.79
N PRO UA 131 13.69 -53.66 -84.20
CA PRO UA 131 13.47 -53.88 -82.77
C PRO UA 131 13.10 -55.32 -82.45
N ALA UA 132 12.96 -55.64 -81.17
CA ALA UA 132 12.90 -57.04 -80.74
C ALA UA 132 11.55 -57.67 -81.10
N PRO UA 133 11.53 -58.67 -81.98
CA PRO UA 133 10.27 -59.22 -82.46
C PRO UA 133 9.76 -60.31 -81.53
N PRO UA 134 8.55 -60.82 -81.75
CA PRO UA 134 8.01 -61.86 -80.87
C PRO UA 134 8.57 -63.22 -81.22
N ARG UA 135 8.37 -64.16 -80.30
CA ARG UA 135 9.05 -65.44 -80.36
C ARG UA 135 8.59 -66.26 -81.55
N GLU UA 136 9.47 -67.14 -82.01
CA GLU UA 136 9.19 -68.03 -83.11
C GLU UA 136 8.65 -69.37 -82.61
N ALA UA 137 8.16 -70.18 -83.55
CA ALA UA 137 7.55 -71.47 -83.21
C ALA UA 137 8.61 -72.57 -83.27
N HIS UA 138 8.96 -73.12 -82.12
CA HIS UA 138 10.05 -74.06 -82.01
C HIS UA 138 9.59 -75.32 -81.30
N PHE UA 139 10.29 -76.41 -81.55
CA PHE UA 139 9.96 -77.71 -80.97
C PHE UA 139 10.79 -77.95 -79.71
N VAL UA 140 10.12 -78.23 -78.61
CA VAL UA 140 10.79 -78.53 -77.35
C VAL UA 140 10.87 -80.04 -77.19
N ARG UA 141 12.06 -80.59 -77.37
CA ARG UA 141 12.24 -82.02 -77.17
C ARG UA 141 12.10 -82.34 -75.69
N THR UA 142 11.30 -83.37 -75.38
CA THR UA 142 11.10 -83.78 -74.00
C THR UA 142 11.70 -85.14 -73.70
N ASN UA 143 12.54 -85.68 -74.56
CA ASN UA 143 13.16 -86.95 -74.29
C ASN UA 143 14.02 -86.82 -73.03
N GLY UA 144 13.75 -87.68 -72.05
CA GLY UA 144 14.46 -87.64 -70.79
C GLY UA 144 13.57 -87.90 -69.60
N LYS UA 145 12.32 -87.48 -69.66
CA LYS UA 145 11.31 -87.83 -68.65
C LYS UA 145 9.97 -87.28 -69.11
N GLU UA 146 8.95 -87.44 -68.26
CA GLU UA 146 7.69 -86.71 -68.31
C GLU UA 146 7.75 -85.55 -67.32
N PRO UA 147 7.12 -84.41 -67.62
CA PRO UA 147 7.40 -83.20 -66.85
C PRO UA 147 7.13 -83.33 -65.36
N GLU UA 148 7.84 -82.52 -64.59
CA GLU UA 148 7.75 -82.56 -63.14
C GLU UA 148 6.41 -82.02 -62.66
N LEU UA 149 5.82 -82.72 -61.70
CA LEU UA 149 4.59 -82.28 -61.05
C LEU UA 149 4.91 -81.27 -59.95
N LEU UA 150 4.29 -80.09 -60.06
CA LEU UA 150 4.60 -78.97 -59.18
C LEU UA 150 3.34 -78.58 -58.44
N GLU UA 151 3.46 -78.36 -57.14
CA GLU UA 151 2.29 -78.31 -56.28
C GLU UA 151 2.56 -77.39 -55.10
N PRO UA 152 1.55 -76.65 -54.64
CA PRO UA 152 1.79 -75.64 -53.62
C PRO UA 152 2.24 -76.23 -52.29
N ILE UA 153 3.01 -75.41 -51.58
CA ILE UA 153 3.56 -75.74 -50.27
C ILE UA 153 2.53 -75.47 -49.17
N PRO UA 154 2.25 -76.44 -48.31
CA PRO UA 154 1.31 -76.19 -47.22
C PRO UA 154 1.89 -75.19 -46.25
N TYR UA 155 1.00 -74.48 -45.56
CA TYR UA 155 1.46 -73.42 -44.68
C TYR UA 155 2.26 -73.98 -43.51
N GLU UA 156 3.19 -73.18 -43.02
CA GLU UA 156 3.97 -73.51 -41.84
C GLU UA 156 4.31 -72.18 -41.20
N PHE UA 157 4.68 -72.20 -39.93
CA PHE UA 157 5.00 -70.96 -39.22
C PHE UA 157 6.48 -70.93 -38.86
N MET UA 158 7.19 -69.96 -39.43
CA MET UA 158 8.54 -69.62 -39.04
C MET UA 158 8.48 -68.15 -38.62
N ALA UA 159 8.39 -67.91 -37.32
CA ALA UA 159 8.28 -66.55 -36.79
C ALA UA 159 9.53 -65.73 -37.10
N GLN VA 1 -95.27 58.79 20.19
CA GLN VA 1 -94.87 58.39 18.84
C GLN VA 1 -95.64 57.17 18.39
N VAL VA 2 -96.79 57.39 17.77
CA VAL VA 2 -97.67 56.30 17.35
C VAL VA 2 -97.57 56.17 15.84
N LEU VA 3 -97.70 54.93 15.35
CA LEU VA 3 -97.55 54.63 13.93
C LEU VA 3 -98.82 53.96 13.42
N LYS VA 4 -99.24 54.33 12.22
CA LYS VA 4 -100.55 53.98 11.67
C LYS VA 4 -100.37 53.38 10.28
N PHE VA 5 -100.27 52.06 10.20
CA PHE VA 5 -100.13 51.37 8.93
C PHE VA 5 -101.51 51.06 8.36
N THR VA 6 -101.57 50.94 7.03
CA THR VA 6 -102.80 50.66 6.31
C THR VA 6 -102.56 49.47 5.41
N LEU VA 7 -103.31 48.40 5.64
CA LEU VA 7 -103.36 47.25 4.74
C LEU VA 7 -104.64 47.40 3.95
N ASP VA 8 -104.51 47.86 2.72
CA ASP VA 8 -105.66 48.08 1.85
C ASP VA 8 -106.02 46.77 1.17
N CYS VA 9 -107.31 46.44 1.21
CA CYS VA 9 -107.84 45.20 0.67
C CYS VA 9 -109.23 45.55 0.15
N THR VA 10 -109.32 45.83 -1.14
CA THR VA 10 -110.58 46.27 -1.73
C THR VA 10 -111.12 45.28 -2.75
N HIS VA 11 -110.36 45.01 -3.81
CA HIS VA 11 -110.84 44.09 -4.84
C HIS VA 11 -111.05 42.69 -4.29
N PRO VA 12 -110.14 42.09 -3.52
CA PRO VA 12 -110.43 40.79 -2.93
C PRO VA 12 -111.65 40.81 -2.04
N VAL VA 13 -111.87 41.88 -1.28
CA VAL VA 13 -113.06 41.94 -0.45
C VAL VA 13 -114.31 41.91 -1.30
N GLU VA 14 -114.35 42.73 -2.36
CA GLU VA 14 -115.56 42.78 -3.18
C GLU VA 14 -115.71 41.55 -4.05
N ASP VA 15 -114.66 40.75 -4.21
CA ASP VA 15 -114.79 39.45 -4.85
C ASP VA 15 -115.07 38.32 -3.87
N GLY VA 16 -114.97 38.58 -2.57
CA GLY VA 16 -115.26 37.57 -1.57
C GLY VA 16 -114.17 36.55 -1.32
N ILE VA 17 -113.00 36.72 -1.94
CA ILE VA 17 -111.91 35.77 -1.74
C ILE VA 17 -111.17 36.00 -0.43
N MET VA 18 -111.57 37.00 0.35
CA MET VA 18 -111.02 37.24 1.68
C MET VA 18 -111.86 38.30 2.37
N ASP VA 19 -112.08 38.10 3.67
CA ASP VA 19 -112.95 38.95 4.45
C ASP VA 19 -112.13 39.74 5.46
N ALA VA 20 -112.56 40.99 5.66
CA ALA VA 20 -111.94 41.82 6.69
C ALA VA 20 -112.10 41.20 8.07
N ALA VA 21 -113.20 40.48 8.29
CA ALA VA 21 -113.44 39.89 9.60
C ALA VA 21 -112.40 38.82 9.93
N ASN VA 22 -112.33 37.77 9.10
CA ASN VA 22 -111.37 36.70 9.37
C ASN VA 22 -109.93 37.20 9.22
N PHE VA 23 -109.69 38.16 8.34
CA PHE VA 23 -108.37 38.77 8.25
C PHE VA 23 -108.00 39.47 9.57
N GLU VA 24 -108.96 40.22 10.12
CA GLU VA 24 -108.77 40.82 11.43
C GLU VA 24 -108.43 39.77 12.46
N GLN VA 25 -109.18 38.68 12.49
CA GLN VA 25 -108.93 37.64 13.47
C GLN VA 25 -107.54 37.04 13.30
N PHE VA 26 -107.15 36.78 12.05
CA PHE VA 26 -105.82 36.23 11.81
C PHE VA 26 -104.75 37.17 12.33
N LEU VA 27 -104.88 38.46 12.07
CA LEU VA 27 -103.92 39.40 12.62
C LEU VA 27 -103.95 39.38 14.15
N GLN VA 28 -105.15 39.39 14.73
CA GLN VA 28 -105.28 39.47 16.18
C GLN VA 28 -104.63 38.30 16.88
N GLU VA 29 -104.56 37.16 16.20
CA GLU VA 29 -104.03 35.97 16.86
C GLU VA 29 -102.60 35.65 16.41
N ARG VA 30 -102.16 36.20 15.28
CA ARG VA 30 -100.87 35.85 14.72
C ARG VA 30 -99.85 36.99 14.74
N ILE VA 31 -100.26 38.20 15.13
CA ILE VA 31 -99.32 39.32 15.18
C ILE VA 31 -98.56 39.25 16.51
N LYS VA 32 -97.30 38.86 16.44
CA LYS VA 32 -96.48 38.85 17.63
C LYS VA 32 -96.09 40.27 18.00
N VAL VA 33 -95.90 40.49 19.31
CA VAL VA 33 -95.22 41.68 19.81
C VAL VA 33 -94.35 41.24 20.97
N ASN VA 34 -93.09 41.68 20.96
CA ASN VA 34 -92.14 41.40 22.03
C ASN VA 34 -92.16 39.92 22.40
N GLY VA 35 -92.17 39.06 21.40
CA GLY VA 35 -92.23 37.64 21.65
C GLY VA 35 -93.59 37.13 22.08
N LYS VA 36 -94.65 37.91 21.91
CA LYS VA 36 -95.99 37.46 22.25
C LYS VA 36 -96.99 37.86 21.18
N ALA VA 37 -97.83 36.91 20.79
CA ALA VA 37 -98.98 37.15 19.95
C ALA VA 37 -100.22 36.65 20.66
N GLY VA 38 -101.22 37.52 20.79
CA GLY VA 38 -102.38 37.23 21.59
C GLY VA 38 -102.65 38.35 22.55
N ASN VA 39 -103.91 38.50 22.99
CA ASN VA 39 -104.32 39.65 23.78
C ASN VA 39 -104.11 40.94 22.98
N LEU VA 40 -104.15 40.79 21.65
CA LEU VA 40 -103.58 41.71 20.67
C LEU VA 40 -102.05 41.71 20.72
N GLY VA 41 -101.43 40.60 21.10
CA GLY VA 41 -100.02 40.63 21.42
C GLY VA 41 -99.70 41.52 22.57
N GLY VA 42 -100.66 41.72 23.46
CA GLY VA 42 -100.64 42.85 24.35
C GLY VA 42 -101.29 44.00 23.61
N GLY VA 43 -102.41 44.48 24.12
CA GLY VA 43 -103.13 45.58 23.50
C GLY VA 43 -102.29 46.80 23.18
N VAL VA 44 -101.03 46.80 23.61
CA VAL VA 44 -100.09 47.87 23.28
C VAL VA 44 -99.98 48.10 21.79
N VAL VA 45 -100.37 47.13 20.98
CA VAL VA 45 -100.66 47.38 19.58
C VAL VA 45 -102.16 47.18 19.41
N THR VA 46 -102.76 47.95 18.52
CA THR VA 46 -104.20 47.92 18.36
C THR VA 46 -104.58 47.68 16.91
N ILE VA 47 -105.24 46.58 16.67
CA ILE VA 47 -105.75 46.25 15.36
C ILE VA 47 -106.95 47.14 15.06
N GLU VA 48 -107.24 47.34 13.78
CA GLU VA 48 -108.47 47.93 13.33
C GLU VA 48 -109.10 47.04 12.28
N ARG VA 49 -110.44 47.08 12.20
CA ARG VA 49 -111.13 46.49 11.06
C ARG VA 49 -112.07 47.58 10.52
N SER VA 50 -111.53 48.45 9.69
CA SER VA 50 -112.38 49.34 8.94
C SER VA 50 -113.04 48.58 7.80
N LYS VA 51 -114.09 49.17 7.24
CA LYS VA 51 -114.92 48.45 6.28
C LYS VA 51 -114.13 48.07 5.02
N SER VA 52 -113.27 48.96 4.55
CA SER VA 52 -112.52 48.66 3.33
C SER VA 52 -111.10 48.19 3.62
N LYS VA 53 -110.42 48.82 4.57
CA LYS VA 53 -109.01 48.54 4.82
C LYS VA 53 -108.81 48.17 6.27
N ILE VA 54 -107.58 47.84 6.63
CA ILE VA 54 -107.20 47.53 8.00
C ILE VA 54 -106.19 48.55 8.48
N THR VA 55 -106.52 49.22 9.57
CA THR VA 55 -105.64 50.22 10.17
C THR VA 55 -104.97 49.60 11.38
N VAL VA 56 -103.66 49.37 11.27
CA VAL VA 56 -102.88 48.87 12.38
C VAL VA 56 -102.28 50.06 13.10
N THR VA 57 -102.39 50.07 14.43
CA THR VA 57 -101.90 51.18 15.24
C THR VA 57 -100.90 50.63 16.24
N SER VA 58 -99.79 51.34 16.41
CA SER VA 58 -98.82 50.92 17.42
C SER VA 58 -98.25 52.13 18.14
N GLU VA 59 -98.35 52.11 19.47
CA GLU VA 59 -97.59 53.05 20.28
C GLU VA 59 -96.20 52.51 20.58
N VAL VA 60 -95.89 51.32 20.10
CA VAL VA 60 -94.62 50.67 20.38
C VAL VA 60 -93.87 50.57 19.07
N PRO VA 61 -92.53 50.46 19.11
CA PRO VA 61 -91.77 50.25 17.87
C PRO VA 61 -92.23 48.99 17.14
N PHE VA 62 -92.40 49.12 15.83
CA PHE VA 62 -93.07 48.09 15.05
C PHE VA 62 -92.77 48.35 13.58
N SER VA 63 -92.68 47.27 12.79
CA SER VA 63 -92.21 47.40 11.42
C SER VA 63 -93.24 46.91 10.41
N LYS VA 64 -93.33 47.62 9.29
CA LYS VA 64 -94.30 47.32 8.24
C LYS VA 64 -93.96 46.01 7.54
N ARG VA 65 -92.69 45.63 7.55
CA ARG VA 65 -92.28 44.39 6.92
C ARG VA 65 -92.87 43.17 7.62
N TYR VA 66 -93.00 43.22 8.95
CA TYR VA 66 -93.60 42.09 9.65
C TYR VA 66 -95.05 41.93 9.20
N LEU VA 67 -95.72 43.05 8.97
CA LEU VA 67 -97.08 43.01 8.44
C LEU VA 67 -97.11 42.40 7.05
N LYS VA 68 -96.11 42.73 6.24
CA LYS VA 68 -96.04 42.10 4.91
C LYS VA 68 -95.87 40.59 5.03
N TYR VA 69 -94.99 40.14 5.93
CA TYR VA 69 -94.81 38.71 6.11
C TYR VA 69 -96.09 38.02 6.59
N LEU VA 70 -96.77 38.65 7.55
CA LEU VA 70 -98.02 38.07 8.05
C LEU VA 70 -99.07 38.01 6.96
N THR VA 71 -99.19 39.07 6.16
CA THR VA 71 -100.23 39.06 5.13
C THR VA 71 -99.88 38.08 4.01
N LYS VA 72 -98.59 37.90 3.71
CA LYS VA 72 -98.20 36.86 2.77
C LYS VA 72 -98.60 35.48 3.27
N LYS VA 73 -98.34 35.21 4.56
CA LYS VA 73 -98.74 33.92 5.11
C LYS VA 73 -100.25 33.73 5.06
N TYR VA 74 -101.00 34.78 5.40
CA TYR VA 74 -102.46 34.70 5.35
C TYR VA 74 -102.92 34.39 3.93
N LEU VA 75 -102.30 35.04 2.95
CA LEU VA 75 -102.68 34.78 1.56
C LEU VA 75 -102.40 33.33 1.20
N LYS VA 76 -101.29 32.77 1.68
CA LYS VA 76 -101.05 31.36 1.42
C LYS VA 76 -102.12 30.49 2.05
N LYS VA 77 -102.53 30.82 3.28
CA LYS VA 77 -103.56 30.01 3.93
C LYS VA 77 -104.86 30.04 3.15
N ASN VA 78 -105.27 31.22 2.69
CA ASN VA 78 -106.47 31.33 1.88
C ASN VA 78 -106.26 30.98 0.43
N ASN VA 79 -105.07 30.49 0.05
CA ASN VA 79 -104.78 30.14 -1.34
C ASN VA 79 -104.99 31.32 -2.27
N LEU VA 80 -104.53 32.49 -1.82
CA LEU VA 80 -104.56 33.69 -2.63
C LEU VA 80 -103.22 34.01 -3.26
N ARG VA 81 -102.23 33.13 -3.13
CA ARG VA 81 -100.96 33.37 -3.79
C ARG VA 81 -101.02 32.90 -5.24
N ASP VA 82 -102.12 33.23 -5.92
CA ASP VA 82 -102.24 33.06 -7.37
C ASP VA 82 -102.79 34.30 -8.05
N TRP VA 83 -103.53 35.17 -7.37
CA TRP VA 83 -104.00 36.39 -7.98
C TRP VA 83 -103.63 37.62 -7.19
N LEU VA 84 -103.31 37.50 -5.90
CA LEU VA 84 -103.00 38.62 -5.05
C LEU VA 84 -101.49 38.72 -4.83
N ARG VA 85 -100.96 39.92 -5.04
CA ARG VA 85 -99.62 40.24 -4.58
C ARG VA 85 -99.65 41.58 -3.88
N VAL VA 86 -98.69 41.79 -2.99
CA VAL VA 86 -98.68 42.96 -2.11
C VAL VA 86 -97.78 44.01 -2.73
N VAL VA 87 -98.32 45.23 -2.89
CA VAL VA 87 -97.53 46.34 -3.41
C VAL VA 87 -97.64 47.50 -2.44
N ALA VA 88 -96.74 48.47 -2.59
CA ALA VA 88 -96.76 49.68 -1.77
C ALA VA 88 -97.04 50.87 -2.68
N ASN VA 89 -98.33 51.14 -2.87
CA ASN VA 89 -98.73 52.26 -3.72
C ASN VA 89 -98.30 53.60 -3.13
N SER VA 90 -98.39 53.74 -1.81
CA SER VA 90 -97.91 54.92 -1.11
C SER VA 90 -97.04 54.46 0.04
N LYS VA 91 -96.64 55.40 0.89
CA LYS VA 91 -96.06 55.01 2.16
C LYS VA 91 -97.18 54.69 3.14
N GLU VA 92 -96.86 53.88 4.16
CA GLU VA 92 -97.84 53.37 5.12
C GLU VA 92 -98.93 52.53 4.47
N SER VA 93 -98.70 52.03 3.26
CA SER VA 93 -99.76 51.34 2.52
C SER VA 93 -99.25 50.03 1.94
N TYR VA 94 -100.02 48.97 2.15
CA TYR VA 94 -99.90 47.71 1.42
C TYR VA 94 -101.21 47.39 0.71
N GLU VA 95 -101.23 47.60 -0.59
CA GLU VA 95 -102.35 47.22 -1.43
C GLU VA 95 -102.27 45.73 -1.75
N LEU VA 96 -103.35 45.01 -1.49
CA LEU VA 96 -103.56 43.71 -2.12
C LEU VA 96 -103.99 43.97 -3.56
N ARG VA 97 -103.25 43.45 -4.51
CA ARG VA 97 -103.41 43.80 -5.92
C ARG VA 97 -103.58 42.54 -6.74
N TYR VA 98 -104.62 42.50 -7.57
CA TYR VA 98 -104.71 41.46 -8.57
C TYR VA 98 -103.58 41.55 -9.57
N PHE VA 99 -103.21 40.39 -10.09
CA PHE VA 99 -102.18 40.27 -11.10
C PHE VA 99 -102.57 40.97 -12.40
N VAL XA 1 14.33 -27.54 38.62
CA VAL XA 1 13.12 -28.20 38.14
C VAL XA 1 12.14 -28.36 39.28
N HIS XA 2 10.85 -28.47 38.95
CA HIS XA 2 9.85 -28.71 39.98
C HIS XA 2 10.09 -30.04 40.67
N GLY XA 3 10.33 -31.10 39.90
CA GLY XA 3 10.74 -32.37 40.48
C GLY XA 3 9.84 -32.89 41.57
N SER XA 4 8.55 -32.55 41.50
CA SER XA 4 7.62 -33.01 42.52
C SER XA 4 7.38 -34.51 42.39
N LEU XA 5 6.76 -35.06 43.43
CA LEU XA 5 6.37 -36.46 43.57
C LEU XA 5 7.57 -37.41 43.72
N ALA XA 6 8.81 -36.92 43.70
CA ALA XA 6 9.93 -37.83 43.64
C ALA XA 6 11.13 -37.37 44.47
N ARG XA 7 10.91 -36.59 45.52
CA ARG XA 7 12.04 -36.25 46.40
C ARG XA 7 11.73 -36.26 47.89
N ALA XA 8 10.49 -36.09 48.30
CA ALA XA 8 10.20 -35.86 49.71
C ALA XA 8 10.37 -37.14 50.52
N GLY XA 9 10.65 -36.97 51.80
CA GLY XA 9 10.87 -38.09 52.70
C GLY XA 9 12.30 -38.56 52.81
N LYS XA 10 13.27 -37.68 52.57
CA LYS XA 10 14.63 -38.12 52.29
C LYS XA 10 15.37 -38.53 53.57
N VAL XA 11 15.65 -37.57 54.44
CA VAL XA 11 16.49 -37.83 55.61
C VAL XA 11 15.74 -38.55 56.71
N ARG XA 12 14.46 -38.84 56.51
CA ARG XA 12 13.72 -39.69 57.43
C ARG XA 12 13.87 -41.17 57.10
N GLY XA 13 13.72 -41.54 55.83
CA GLY XA 13 14.00 -42.89 55.38
C GLY XA 13 15.47 -43.22 55.31
N GLN XA 14 16.32 -42.21 55.23
CA GLN XA 14 17.76 -42.39 55.36
C GLN XA 14 18.20 -42.44 56.82
N THR XA 15 17.26 -42.72 57.74
CA THR XA 15 17.48 -43.03 59.15
C THR XA 15 16.29 -43.82 59.67
N PRO XA 16 16.38 -45.15 59.72
CA PRO XA 16 15.22 -45.97 60.09
C PRO XA 16 14.76 -45.72 61.50
N LYS XA 17 13.46 -45.93 61.73
CA LYS XA 17 12.81 -45.54 62.97
C LYS XA 17 12.90 -46.65 64.01
N VAL XA 18 13.37 -46.29 65.19
CA VAL XA 18 13.46 -47.19 66.34
C VAL XA 18 12.22 -46.95 67.20
N ALA XA 19 11.39 -47.98 67.35
CA ALA XA 19 10.31 -47.90 68.32
C ALA XA 19 10.91 -47.59 69.67
N LYS XA 20 10.48 -46.48 70.28
CA LYS XA 20 11.13 -45.95 71.47
C LYS XA 20 11.24 -47.07 72.50
N GLN XA 21 12.48 -47.49 72.79
CA GLN XA 21 12.71 -48.73 73.53
C GLN XA 21 12.34 -48.52 74.99
N GLU XA 22 11.05 -48.32 75.23
CA GLU XA 22 10.55 -48.14 76.58
C GLU XA 22 9.25 -48.93 76.75
N LYS XA 23 9.20 -49.69 77.83
CA LYS XA 23 7.94 -50.20 78.36
C LYS XA 23 7.86 -50.08 79.88
N LYS XA 24 8.98 -49.89 80.57
CA LYS XA 24 8.95 -49.64 82.01
C LYS XA 24 8.09 -48.43 82.29
N LYS XA 25 7.35 -48.49 83.40
CA LYS XA 25 6.25 -47.56 83.62
C LYS XA 25 6.69 -46.12 83.47
N LYS XA 26 6.13 -45.43 82.49
CA LYS XA 26 6.28 -43.99 82.37
C LYS XA 26 5.49 -43.38 83.52
N LYS XA 27 6.18 -43.16 84.64
CA LYS XA 27 5.55 -42.65 85.84
C LYS XA 27 5.32 -41.14 85.77
N THR XA 28 5.55 -40.54 84.61
CA THR XA 28 5.39 -39.11 84.43
C THR XA 28 3.92 -38.69 84.59
N GLY XA 29 3.73 -37.46 85.05
CA GLY XA 29 2.43 -36.86 85.19
C GLY XA 29 2.28 -36.07 86.47
N ARG XA 30 2.85 -36.56 87.56
CA ARG XA 30 3.36 -35.66 88.59
C ARG XA 30 4.59 -36.19 89.30
N ALA XA 31 5.10 -37.36 88.92
CA ALA XA 31 6.39 -37.80 89.43
C ALA XA 31 7.49 -36.84 88.99
N LYS XA 32 7.40 -36.33 87.76
CA LYS XA 32 8.32 -35.30 87.29
C LYS XA 32 8.28 -34.06 88.18
N ARG XA 33 7.11 -33.69 88.68
CA ARG XA 33 6.98 -32.50 89.52
C ARG XA 33 7.30 -32.75 90.98
N ARG XA 34 7.34 -34.00 91.41
CA ARG XA 34 7.75 -34.31 92.78
C ARG XA 34 9.26 -34.59 92.87
N MET XA 35 9.73 -35.58 92.13
CA MET XA 35 11.13 -35.98 92.20
C MET XA 35 12.07 -34.87 91.78
N GLN XA 36 11.63 -33.99 90.88
CA GLN XA 36 12.52 -32.91 90.42
C GLN XA 36 12.78 -31.90 91.53
N TYR XA 37 11.72 -31.45 92.20
CA TYR XA 37 11.91 -30.63 93.38
C TYR XA 37 12.76 -31.35 94.41
N ASN XA 38 12.48 -32.63 94.61
CA ASN XA 38 13.22 -33.42 95.59
C ASN XA 38 14.72 -33.41 95.29
N ARG XA 39 15.09 -33.56 94.02
CA ARG XA 39 16.50 -33.71 93.68
C ARG XA 39 17.19 -32.35 93.52
N ARG XA 40 16.68 -31.49 92.65
CA ARG XA 40 17.32 -30.21 92.39
C ARG XA 40 17.02 -29.15 93.43
N PHE XA 41 16.27 -29.45 94.49
CA PHE XA 41 16.02 -28.43 95.49
C PHE XA 41 16.11 -28.93 96.92
N VAL XA 42 16.37 -30.21 97.16
CA VAL XA 42 16.54 -30.74 98.51
C VAL XA 42 17.84 -31.52 98.68
N ASN XA 43 18.45 -31.98 97.60
CA ASN XA 43 19.71 -32.70 97.67
C ASN XA 43 20.86 -31.70 97.72
N SER YA 1 -8.01 69.71 43.05
CA SER YA 1 -8.54 70.36 44.24
C SER YA 1 -9.75 71.19 43.89
N ILE YA 2 -9.76 71.69 42.66
CA ILE YA 2 -10.88 72.51 42.19
C ILE YA 2 -12.18 71.73 42.25
N ASN YA 3 -12.12 70.41 42.06
CA ASN YA 3 -13.33 69.61 42.23
C ASN YA 3 -13.87 69.73 43.65
N SER YA 4 -12.99 69.69 44.64
CA SER YA 4 -13.45 69.78 46.02
C SER YA 4 -13.96 71.18 46.35
N ARG YA 5 -13.20 72.20 45.96
CA ARG YA 5 -13.67 73.57 46.14
C ARG YA 5 -15.02 73.78 45.46
N LEU YA 6 -15.27 73.06 44.38
CA LEU YA 6 -16.55 73.12 43.69
C LEU YA 6 -17.63 72.38 44.48
N GLN YA 7 -17.25 71.28 45.11
CA GLN YA 7 -18.15 70.54 45.99
C GLN YA 7 -18.63 71.41 47.12
N LEU YA 8 -17.76 72.29 47.62
CA LEU YA 8 -18.19 73.23 48.65
C LEU YA 8 -19.40 74.04 48.18
N VAL YA 9 -19.33 74.61 46.98
CA VAL YA 9 -20.45 75.42 46.52
C VAL YA 9 -21.68 74.57 46.28
N MET YA 10 -21.51 73.39 45.69
CA MET YA 10 -22.65 72.48 45.53
C MET YA 10 -23.36 72.19 46.84
N LYS YA 11 -22.62 71.87 47.89
CA LYS YA 11 -23.27 71.65 49.18
C LYS YA 11 -23.92 72.94 49.69
N SER YA 12 -23.19 74.04 49.73
CA SER YA 12 -23.74 75.27 50.27
C SER YA 12 -23.53 76.40 49.27
N GLY YA 13 -24.58 77.16 49.01
CA GLY YA 13 -24.49 78.29 48.12
C GLY YA 13 -25.43 78.16 46.94
N LYS YA 14 -25.41 79.19 46.10
CA LYS YA 14 -26.31 79.31 44.96
C LYS YA 14 -25.55 79.01 43.68
N TYR YA 15 -26.00 78.02 42.93
CA TYR YA 15 -25.42 77.73 41.63
C TYR YA 15 -26.51 77.19 40.71
N VAL YA 16 -26.33 77.43 39.41
CA VAL YA 16 -27.32 77.06 38.42
C VAL YA 16 -26.62 76.29 37.31
N LEU YA 17 -27.37 75.40 36.67
CA LEU YA 17 -26.83 74.44 35.72
C LEU YA 17 -27.49 74.61 34.36
N GLY YA 18 -26.79 74.19 33.33
CA GLY YA 18 -27.32 74.24 31.98
C GLY YA 18 -26.95 75.53 31.26
N TYR YA 19 -27.58 75.72 30.11
CA TYR YA 19 -27.20 76.79 29.20
C TYR YA 19 -28.20 77.94 29.15
N LYS YA 20 -29.47 77.66 28.91
CA LYS YA 20 -30.44 78.75 28.83
C LYS YA 20 -30.65 79.40 30.19
N GLN YA 21 -30.19 78.77 31.26
CA GLN YA 21 -30.17 79.41 32.56
C GLN YA 21 -28.88 80.19 32.79
N SER YA 22 -27.76 79.70 32.26
CA SER YA 22 -26.53 80.47 32.31
C SER YA 22 -26.70 81.82 31.62
N LEU YA 23 -27.33 81.81 30.44
CA LEU YA 23 -27.50 83.07 29.71
C LEU YA 23 -28.41 84.04 30.47
N LYS YA 24 -29.49 83.52 31.06
CA LYS YA 24 -30.35 84.38 31.87
C LYS YA 24 -29.57 85.00 33.01
N MET YA 25 -28.84 84.18 33.77
CA MET YA 25 -28.13 84.70 34.92
C MET YA 25 -27.10 85.74 34.50
N ILE YA 26 -26.35 85.47 33.44
CA ILE YA 26 -25.33 86.43 33.03
C ILE YA 26 -25.96 87.71 32.51
N ARG YA 27 -27.06 87.63 31.77
CA ARG YA 27 -27.67 88.85 31.27
C ARG YA 27 -28.36 89.63 32.39
N GLN YA 28 -28.65 88.99 33.52
CA GLN YA 28 -29.09 89.74 34.68
C GLN YA 28 -27.96 90.07 35.64
N GLY YA 29 -26.73 89.70 35.32
CA GLY YA 29 -25.58 90.15 36.07
C GLY YA 29 -25.31 89.43 37.36
N LYS YA 30 -26.20 88.55 37.81
CA LYS YA 30 -25.92 87.79 39.02
C LYS YA 30 -24.72 86.88 38.82
N ALA YA 31 -24.56 86.32 37.63
CA ALA YA 31 -23.50 85.37 37.39
C ALA YA 31 -22.13 86.02 37.60
N LYS YA 32 -21.28 85.33 38.34
CA LYS YA 32 -19.93 85.81 38.60
C LYS YA 32 -18.86 84.93 37.98
N LEU YA 33 -18.98 83.61 38.09
CA LEU YA 33 -18.12 82.69 37.37
C LEU YA 33 -18.96 81.70 36.58
N VAL YA 34 -18.52 81.44 35.36
CA VAL YA 34 -19.17 80.50 34.45
C VAL YA 34 -18.14 79.48 34.03
N ILE YA 35 -18.43 78.20 34.26
CA ILE YA 35 -17.49 77.12 33.99
C ILE YA 35 -17.95 76.36 32.76
N LEU YA 36 -17.01 76.11 31.85
CA LEU YA 36 -17.28 75.50 30.55
C LEU YA 36 -16.49 74.21 30.43
N ALA YA 37 -17.15 73.13 30.00
CA ALA YA 37 -16.43 71.90 29.70
C ALA YA 37 -15.57 72.10 28.45
N ASN YA 38 -14.76 71.11 28.12
CA ASN YA 38 -13.87 71.30 26.99
C ASN YA 38 -14.57 71.01 25.67
N ASN YA 39 -15.39 69.96 25.61
CA ASN YA 39 -16.07 69.58 24.40
C ASN YA 39 -17.35 70.37 24.15
N CYS YA 40 -17.46 71.56 24.72
CA CYS YA 40 -18.54 72.45 24.35
C CYS YA 40 -18.41 72.77 22.86
N PRO YA 41 -19.52 72.92 22.15
CA PRO YA 41 -19.43 73.37 20.75
C PRO YA 41 -18.67 74.67 20.67
N ALA YA 42 -17.59 74.67 19.90
CA ALA YA 42 -16.65 75.80 19.91
C ALA YA 42 -17.39 77.11 19.70
N LEU YA 43 -18.40 77.09 18.83
CA LEU YA 43 -19.31 78.21 18.75
C LEU YA 43 -19.79 78.65 20.13
N ARG YA 44 -20.36 77.72 20.89
CA ARG YA 44 -20.95 78.07 22.18
C ARG YA 44 -19.88 78.55 23.16
N LYS YA 45 -18.72 77.89 23.18
CA LYS YA 45 -17.66 78.30 24.08
C LYS YA 45 -17.23 79.73 23.80
N SER YA 46 -17.00 80.05 22.53
CA SER YA 46 -16.60 81.40 22.18
C SER YA 46 -17.71 82.39 22.52
N GLU YA 47 -18.97 82.00 22.32
CA GLU YA 47 -20.07 82.89 22.66
C GLU YA 47 -20.07 83.22 24.14
N ILE YA 48 -19.90 82.21 24.99
CA ILE YA 48 -19.86 82.45 26.43
C ILE YA 48 -18.69 83.36 26.78
N GLU YA 49 -17.53 83.12 26.17
CA GLU YA 49 -16.39 83.98 26.47
C GLU YA 49 -16.68 85.42 26.10
N TYR YA 50 -17.35 85.64 24.97
CA TYR YA 50 -17.65 87.00 24.55
C TYR YA 50 -18.65 87.67 25.47
N TYR YA 51 -19.71 86.94 25.85
CA TYR YA 51 -20.66 87.45 26.83
C TYR YA 51 -19.92 87.90 28.10
N ALA YA 52 -19.05 87.03 28.60
CA ALA YA 52 -18.36 87.33 29.86
C ALA YA 52 -17.44 88.53 29.71
N MET YA 53 -16.70 88.60 28.60
CA MET YA 53 -15.78 89.72 28.42
C MET YA 53 -16.54 91.00 28.20
N LEU YA 54 -17.81 90.91 27.82
CA LEU YA 54 -18.66 92.10 27.85
C LEU YA 54 -19.09 92.44 29.27
N ALA YA 55 -19.40 91.43 30.07
CA ALA YA 55 -20.05 91.67 31.36
C ALA YA 55 -19.07 91.75 32.53
N LYS YA 56 -17.77 91.68 32.28
CA LYS YA 56 -16.76 91.61 33.34
C LYS YA 56 -17.11 90.50 34.33
N THR YA 57 -17.11 89.28 33.82
CA THR YA 57 -17.50 88.09 34.56
C THR YA 57 -16.54 86.97 34.23
N GLY YA 58 -16.09 86.24 35.26
CA GLY YA 58 -15.08 85.23 35.03
C GLY YA 58 -15.65 84.02 34.32
N VAL YA 59 -14.85 83.44 33.42
CA VAL YA 59 -15.15 82.17 32.78
C VAL YA 59 -13.95 81.27 32.90
N HIS YA 60 -14.17 80.04 33.36
CA HIS YA 60 -13.10 79.10 33.59
C HIS YA 60 -13.37 77.80 32.86
N HIS YA 61 -12.34 77.27 32.21
CA HIS YA 61 -12.47 76.04 31.45
C HIS YA 61 -12.10 74.85 32.33
N TYR YA 62 -12.99 73.86 32.35
CA TYR YA 62 -12.74 72.62 33.05
C TYR YA 62 -11.98 71.67 32.13
N SER YA 63 -11.63 70.50 32.67
CA SER YA 63 -10.85 69.51 31.93
C SER YA 63 -11.75 68.49 31.23
N GLY YA 64 -12.59 67.80 31.99
CA GLY YA 64 -13.26 66.62 31.49
C GLY YA 64 -14.45 66.91 30.61
N ASN YA 65 -15.10 65.83 30.21
CA ASN YA 65 -16.26 65.89 29.34
C ASN YA 65 -17.47 66.44 30.10
N ASN YA 66 -18.62 66.45 29.40
CA ASN YA 66 -19.85 66.88 30.03
C ASN YA 66 -20.19 65.98 31.22
N ILE YA 67 -20.15 64.66 31.01
CA ILE YA 67 -20.40 63.75 32.11
C ILE YA 67 -19.37 63.95 33.20
N GLU YA 68 -18.13 64.24 32.83
CA GLU YA 68 -17.10 64.48 33.82
C GLU YA 68 -17.45 65.68 34.70
N LEU YA 69 -17.88 66.78 34.08
CA LEU YA 69 -18.22 67.96 34.87
C LEU YA 69 -19.46 67.73 35.72
N GLY YA 70 -20.47 67.08 35.14
CA GLY YA 70 -21.67 66.81 35.90
C GLY YA 70 -21.41 65.95 37.12
N THR YA 71 -20.59 64.92 36.95
CA THR YA 71 -20.26 64.07 38.09
C THR YA 71 -19.33 64.78 39.05
N ALA YA 72 -18.52 65.72 38.55
CA ALA YA 72 -17.74 66.56 39.45
C ALA YA 72 -18.66 67.34 40.37
N CYS YA 73 -19.71 67.96 39.80
CA CYS YA 73 -20.68 68.65 40.64
C CYS YA 73 -21.38 67.68 41.58
N GLY YA 74 -21.81 66.52 41.08
CA GLY YA 74 -22.55 65.57 41.87
C GLY YA 74 -23.83 65.12 41.21
N LYS YA 75 -24.28 65.80 40.17
CA LYS YA 75 -25.50 65.40 39.50
C LYS YA 75 -25.25 64.14 38.68
N TYR YA 76 -26.30 63.64 38.04
CA TYR YA 76 -26.23 62.47 37.18
C TYR YA 76 -26.53 62.82 35.72
N TYR YA 77 -26.05 63.97 35.25
CA TYR YA 77 -26.34 64.33 33.88
C TYR YA 77 -25.31 65.30 33.37
N ARG YA 78 -25.31 65.48 32.06
CA ARG YA 78 -24.32 66.28 31.37
C ARG YA 78 -24.49 67.75 31.67
N VAL YA 79 -23.37 68.45 31.76
CA VAL YA 79 -23.35 69.91 31.85
C VAL YA 79 -22.30 70.43 30.88
N CYS YA 80 -22.70 71.36 30.01
CA CYS YA 80 -21.75 72.00 29.12
C CYS YA 80 -21.39 73.39 29.59
N THR YA 81 -22.19 73.98 30.47
CA THR YA 81 -21.86 75.24 31.10
C THR YA 81 -22.65 75.34 32.40
N LEU YA 82 -22.01 75.83 33.44
CA LEU YA 82 -22.70 76.09 34.70
C LEU YA 82 -22.35 77.49 35.16
N SER YA 83 -23.28 78.12 35.87
CA SER YA 83 -23.07 79.46 36.38
C SER YA 83 -23.15 79.42 37.89
N ILE YA 84 -22.01 79.65 38.55
CA ILE YA 84 -21.98 79.69 40.00
C ILE YA 84 -22.64 81.01 40.41
N ILE YA 85 -23.90 80.93 40.86
CA ILE YA 85 -24.71 82.13 41.03
C ILE YA 85 -24.03 83.09 41.99
N ASP YA 86 -23.92 82.69 43.25
CA ASP YA 86 -23.22 83.44 44.27
C ASP YA 86 -22.31 82.44 44.99
N PRO YA 87 -21.02 82.72 45.09
CA PRO YA 87 -20.09 81.72 45.63
C PRO YA 87 -20.57 81.16 46.95
N GLY YA 88 -20.36 79.86 47.13
CA GLY YA 88 -20.83 79.17 48.30
C GLY YA 88 -20.05 79.56 49.53
N ASP YA 89 -20.39 78.89 50.64
CA ASP YA 89 -19.82 79.24 51.94
C ASP YA 89 -18.29 79.23 51.90
N SER YA 90 -17.69 78.58 50.92
CA SER YA 90 -16.25 78.61 50.72
C SER YA 90 -15.95 79.53 49.54
N ASP YA 91 -15.03 80.46 49.75
CA ASP YA 91 -14.57 81.35 48.70
C ASP YA 91 -13.81 80.52 47.66
N ILE YA 92 -14.39 80.36 46.47
CA ILE YA 92 -13.75 79.58 45.42
C ILE YA 92 -13.29 80.43 44.25
N ILE YA 93 -13.94 81.56 43.98
CA ILE YA 93 -13.42 82.50 42.99
C ILE YA 93 -12.11 83.08 43.50
N ARG YA 94 -11.39 83.75 42.60
CA ARG YA 94 -10.09 84.27 42.96
C ARG YA 94 -10.24 85.50 43.86
N LYS ZA 115 57.40 -43.80 40.83
CA LYS ZA 115 57.21 -45.08 41.50
C LYS ZA 115 56.36 -46.01 40.66
N SER ZA 116 55.66 -46.94 41.31
CA SER ZA 116 54.89 -47.95 40.60
C SER ZA 116 53.69 -47.35 39.90
N TYR ZA 117 53.92 -46.58 38.84
CA TYR ZA 117 52.82 -46.00 38.09
C TYR ZA 117 51.99 -47.06 37.39
N THR ZA 118 52.49 -48.28 37.26
CA THR ZA 118 51.88 -49.31 36.43
C THR ZA 118 50.84 -50.08 37.22
N THR ZA 119 49.80 -50.55 36.52
CA THR ZA 119 48.82 -51.47 37.06
C THR ZA 119 49.37 -52.90 37.23
N PRO ZA 120 50.33 -53.35 36.42
CA PRO ZA 120 51.00 -54.62 36.75
C PRO ZA 120 52.32 -54.43 37.47
N LYS ZA 121 52.55 -55.28 38.46
CA LYS ZA 121 53.82 -55.43 39.16
C LYS ZA 121 54.07 -56.94 39.31
N LYS ZA 122 54.15 -57.62 38.16
CA LYS ZA 122 53.59 -58.94 37.88
C LYS ZA 122 53.46 -59.90 39.05
N ASN ZA 123 54.54 -60.19 39.78
CA ASN ZA 123 54.42 -61.18 40.84
C ASN ZA 123 55.37 -60.80 41.98
N LYS ZA 124 54.83 -60.05 42.94
CA LYS ZA 124 55.49 -59.85 44.22
C LYS ZA 124 55.32 -61.06 45.13
N HIS ZA 125 54.43 -61.99 44.77
CA HIS ZA 125 54.24 -63.20 45.53
C HIS ZA 125 55.52 -64.04 45.53
N LYS ZA 126 55.76 -64.71 46.66
CA LYS ZA 126 56.87 -65.63 46.72
C LYS ZA 126 56.46 -66.98 46.14
N ARG ZA 127 57.44 -67.72 45.65
CA ARG ZA 127 57.15 -69.01 45.04
C ARG ZA 127 56.42 -69.90 46.02
N LYS ZA 128 55.36 -70.55 45.54
CA LYS ZA 128 54.53 -71.40 46.38
C LYS ZA 128 55.17 -72.77 46.51
N LYS ZA 129 55.35 -73.21 47.76
CA LYS ZA 129 56.15 -74.38 48.08
C LYS ZA 129 55.25 -75.53 48.50
N VAL ZA 130 55.37 -76.65 47.78
CA VAL ZA 130 54.64 -77.88 48.12
C VAL ZA 130 55.54 -78.79 48.95
N LYS ZA 131 55.54 -78.58 50.26
CA LYS ZA 131 56.08 -79.57 51.19
C LYS ZA 131 55.24 -79.76 52.44
N LEU ZA 132 54.29 -78.86 52.75
CA LEU ZA 132 53.28 -79.18 53.74
C LEU ZA 132 52.58 -80.48 53.37
N ALA ZA 133 52.08 -80.55 52.14
CA ALA ZA 133 51.61 -81.81 51.60
C ALA ZA 133 52.80 -82.75 51.42
N VAL ZA 134 52.50 -84.04 51.25
CA VAL ZA 134 53.56 -85.05 51.22
C VAL ZA 134 54.55 -84.74 50.12
N LEU ZA 135 55.84 -84.84 50.43
CA LEU ZA 135 56.88 -84.79 49.42
C LEU ZA 135 58.10 -85.58 49.90
N LYS ZA 136 59.00 -85.85 48.97
CA LYS ZA 136 60.06 -86.84 49.15
C LYS ZA 136 61.13 -86.35 50.11
N TYR ZA 137 61.34 -87.08 51.23
CA TYR ZA 137 62.45 -86.83 52.14
C TYR ZA 137 63.37 -88.03 52.36
N TYR ZA 138 62.86 -89.16 52.85
CA TYR ZA 138 63.56 -90.43 53.08
C TYR ZA 138 62.68 -91.62 52.74
N LYS ZA 139 63.31 -92.68 52.22
CA LYS ZA 139 62.68 -93.98 52.03
C LYS ZA 139 62.40 -94.64 53.39
N VAL ZA 140 61.63 -95.73 53.34
CA VAL ZA 140 61.26 -96.52 54.51
C VAL ZA 140 61.63 -97.96 54.22
N ASP ZA 141 61.83 -98.73 55.28
CA ASP ZA 141 62.33 -100.10 55.17
C ASP ZA 141 62.20 -100.76 56.54
N GLU ZA 142 62.63 -102.02 56.62
CA GLU ZA 142 62.61 -102.76 57.86
C GLU ZA 142 63.52 -102.09 58.88
N ASN ZA 143 63.12 -102.18 60.16
CA ASN ZA 143 63.81 -101.47 61.22
C ASN ZA 143 65.29 -101.84 61.28
N GLY ZA 144 66.14 -100.83 61.39
CA GLY ZA 144 67.58 -101.01 61.46
C GLY ZA 144 68.34 -100.62 60.21
N LYS ZA 145 67.69 -100.65 59.04
CA LYS ZA 145 68.33 -100.23 57.80
C LYS ZA 145 67.35 -99.34 57.05
N ILE ZA 146 67.74 -98.09 56.79
CA ILE ZA 146 66.86 -97.14 56.12
C ILE ZA 146 67.68 -96.35 55.11
N SER ZA 147 67.11 -96.17 53.92
CA SER ZA 147 67.81 -95.62 52.77
C SER ZA 147 67.43 -94.15 52.57
N ARG ZA 148 68.02 -93.55 51.53
CA ARG ZA 148 67.88 -92.12 51.29
C ARG ZA 148 66.98 -91.87 50.10
N LEU ZA 149 66.04 -90.92 50.25
CA LEU ZA 149 65.27 -90.44 49.12
C LEU ZA 149 65.96 -89.26 48.43
N ARG ZA 150 66.39 -88.27 49.21
CA ARG ZA 150 67.35 -87.27 48.74
C ARG ZA 150 68.35 -87.05 49.85
N ARG ZA 151 69.64 -87.05 49.51
CA ARG ZA 151 70.67 -87.32 50.49
C ARG ZA 151 70.72 -86.25 51.58
N GLU ZA 152 70.81 -86.70 52.83
CA GLU ZA 152 70.93 -85.81 53.98
C GLU ZA 152 72.07 -86.28 54.88
N CYS ZA 153 73.25 -86.48 54.32
CA CYS ZA 153 74.39 -86.83 55.15
C CYS ZA 153 75.50 -85.78 54.96
N PRO ZA 154 76.34 -85.55 55.98
CA PRO ZA 154 77.35 -84.49 55.87
C PRO ZA 154 78.57 -84.94 55.07
N SER ZA 155 78.69 -84.42 53.86
CA SER ZA 155 79.73 -84.84 52.92
C SER ZA 155 81.13 -84.43 53.38
N VAL ZA 162 67.88 -79.99 55.93
CA VAL ZA 162 68.99 -80.09 55.00
C VAL ZA 162 68.64 -81.09 53.90
N PHE ZA 163 69.11 -80.81 52.68
CA PHE ZA 163 68.98 -81.73 51.55
C PHE ZA 163 70.21 -81.55 50.67
N MET ZA 164 71.22 -82.41 50.86
CA MET ZA 164 72.35 -82.48 49.94
C MET ZA 164 71.83 -83.22 48.71
N ALA ZA 165 71.33 -82.47 47.73
CA ALA ZA 165 70.62 -83.08 46.62
C ALA ZA 165 71.13 -82.49 45.32
N SER ZA 166 71.22 -83.36 44.32
CA SER ZA 166 71.62 -82.96 42.97
C SER ZA 166 70.47 -82.18 42.37
N HIS ZA 167 70.49 -80.85 42.52
CA HIS ZA 167 69.41 -80.02 42.00
C HIS ZA 167 69.25 -80.29 40.51
N PHE ZA 168 70.23 -79.90 39.74
CA PHE ZA 168 70.32 -80.35 38.35
C PHE ZA 168 71.64 -81.06 38.07
N ASP ZA 169 72.76 -80.46 38.43
CA ASP ZA 169 74.07 -81.07 38.25
C ASP ZA 169 74.99 -80.88 39.46
N ARG ZA 170 74.51 -80.28 40.55
CA ARG ZA 170 75.34 -79.93 41.68
C ARG ZA 170 74.63 -80.28 42.98
N HIS ZA 171 75.43 -80.49 44.03
CA HIS ZA 171 74.93 -80.58 45.39
C HIS ZA 171 74.92 -79.20 46.03
N TYR ZA 172 73.81 -78.86 46.68
CA TYR ZA 172 73.64 -77.53 47.27
C TYR ZA 172 72.48 -77.58 48.25
N CYS ZA 173 72.52 -76.68 49.22
CA CYS ZA 173 71.52 -76.62 50.27
C CYS ZA 173 71.00 -75.20 50.41
N GLY ZA 174 69.82 -75.07 51.02
CA GLY ZA 174 69.08 -73.83 50.93
C GLY ZA 174 69.88 -72.59 51.31
N LYS ZA 175 70.21 -72.46 52.59
CA LYS ZA 175 70.65 -71.18 53.15
C LYS ZA 175 72.13 -71.11 53.47
N CYS ZA 176 72.69 -72.16 54.07
CA CYS ZA 176 74.10 -72.12 54.44
C CYS ZA 176 75.02 -72.09 53.23
N CYS ZA 177 74.48 -72.33 52.02
CA CYS ZA 177 75.27 -72.47 50.80
C CYS ZA 177 76.32 -73.57 50.96
N LEU ZA 178 75.84 -74.74 51.34
CA LEU ZA 178 76.71 -75.86 51.63
C LEU ZA 178 77.54 -76.23 50.41
N THR ZA 179 78.61 -76.98 50.64
CA THR ZA 179 79.66 -77.17 49.64
C THR ZA 179 79.87 -78.65 49.37
N TYR ZA 180 79.45 -79.10 48.19
CA TYR ZA 180 80.06 -80.22 47.50
C TYR ZA 180 79.43 -80.25 46.11
N CYS ZA 181 79.79 -81.23 45.32
CA CYS ZA 181 79.23 -81.33 43.98
C CYS ZA 181 78.36 -82.56 43.77
N PHE ZA 182 78.89 -83.75 44.06
CA PHE ZA 182 78.30 -85.02 43.64
C PHE ZA 182 78.21 -86.04 44.78
N ASN ZA 183 78.05 -85.57 46.02
CA ASN ZA 183 77.79 -86.42 47.18
C ASN ZA 183 77.15 -85.57 48.27
N ALA AB 1 -66.96 37.44 65.45
CA ALA AB 1 -66.76 38.25 64.25
C ALA AB 1 -67.67 37.76 63.14
N ASP AB 2 -67.27 37.98 61.89
CA ASP AB 2 -67.93 37.37 60.74
C ASP AB 2 -67.42 35.94 60.58
N ILE AB 3 -67.51 35.21 61.69
CA ILE AB 3 -66.95 33.86 61.83
C ILE AB 3 -67.99 32.79 61.62
N GLN AB 4 -69.27 33.12 61.76
CA GLN AB 4 -70.34 32.13 61.78
C GLN AB 4 -70.49 31.36 60.46
N THR AB 5 -69.67 31.66 59.46
CA THR AB 5 -69.84 31.12 58.11
C THR AB 5 -68.71 30.17 57.71
N GLU AB 6 -68.32 29.28 58.61
CA GLU AB 6 -67.56 28.11 58.18
C GLU AB 6 -68.54 27.11 57.56
N ARG AB 7 -68.02 25.99 57.07
CA ARG AB 7 -68.87 25.12 56.26
C ARG AB 7 -69.90 24.35 57.07
N ALA AB 8 -70.11 24.72 58.34
CA ALA AB 8 -71.24 24.27 59.13
C ALA AB 8 -71.74 25.48 59.92
N TYR AB 9 -72.53 25.25 60.97
CA TYR AB 9 -72.93 26.31 61.87
C TYR AB 9 -72.44 25.99 63.27
N GLN AB 10 -71.91 27.02 63.96
CA GLN AB 10 -71.34 26.83 65.28
C GLN AB 10 -71.82 27.90 66.25
N LYS AB 11 -71.94 27.49 67.51
CA LYS AB 11 -72.55 28.27 68.58
C LYS AB 11 -72.24 27.54 69.89
N GLN AB 12 -72.86 27.98 70.99
CA GLN AB 12 -72.76 27.27 72.27
C GLN AB 12 -74.11 26.73 72.67
N PRO AB 13 -74.21 25.45 73.01
CA PRO AB 13 -75.52 24.83 73.30
C PRO AB 13 -75.92 24.75 74.76
N THR AB 14 -75.15 25.29 75.70
CA THR AB 14 -75.44 25.07 77.11
C THR AB 14 -76.74 25.73 77.52
N ILE AB 15 -76.81 27.05 77.45
CA ILE AB 15 -78.00 27.82 77.78
C ILE AB 15 -78.58 28.35 76.48
N PHE AB 16 -79.84 28.03 76.22
CA PHE AB 16 -80.40 28.23 74.88
C PHE AB 16 -80.61 29.70 74.60
N GLN AB 17 -80.14 30.15 73.45
CA GLN AB 17 -80.30 31.52 73.02
C GLN AB 17 -81.57 31.74 72.21
N ASN AB 18 -82.22 30.70 71.76
CA ASN AB 18 -83.45 30.85 70.99
C ASN AB 18 -84.67 30.71 71.89
N LYS AB 19 -84.47 30.71 73.21
CA LYS AB 19 -85.53 30.44 74.18
C LYS AB 19 -86.51 31.60 74.31
N LYS AB 20 -86.20 32.75 73.73
CA LYS AB 20 -87.14 33.87 73.65
C LYS AB 20 -87.43 34.20 72.19
N ARG AB 21 -88.72 34.31 71.87
CA ARG AB 21 -89.15 34.54 70.49
C ARG AB 21 -88.64 35.86 69.93
N VAL AB 22 -88.84 36.95 70.67
CA VAL AB 22 -88.35 38.24 70.22
C VAL AB 22 -86.83 38.17 70.13
N LEU AB 23 -86.27 38.80 69.10
CA LEU AB 23 -84.84 38.72 68.82
C LEU AB 23 -84.07 39.57 69.84
N LEU AB 24 -84.22 39.19 71.11
CA LEU AB 24 -83.45 39.78 72.21
C LEU AB 24 -82.68 38.71 72.98
N GLY AB 25 -82.99 37.43 72.78
CA GLY AB 25 -82.30 36.37 73.47
C GLY AB 25 -81.37 35.61 72.56
N GLU AB 26 -81.60 35.71 71.26
CA GLU AB 26 -80.77 35.08 70.26
C GLU AB 26 -79.49 35.90 70.15
N THR AB 27 -78.63 35.59 69.18
CA THR AB 27 -77.33 36.29 69.03
C THR AB 27 -77.61 37.78 69.17
N GLY AB 28 -78.39 38.39 68.28
CA GLY AB 28 -79.26 39.49 68.62
C GLY AB 28 -78.74 40.46 69.66
N LYS AB 29 -79.61 40.70 70.64
CA LYS AB 29 -79.37 41.67 71.71
C LYS AB 29 -78.22 41.26 72.63
N GLU AB 30 -78.41 40.19 73.39
CA GLU AB 30 -77.44 39.76 74.40
C GLU AB 30 -76.82 38.45 73.94
N LYS AB 31 -75.50 38.46 73.76
CA LYS AB 31 -74.83 37.34 73.09
C LYS AB 31 -75.06 36.04 73.85
N LEU AB 32 -75.18 34.95 73.08
CA LEU AB 32 -75.38 33.63 73.66
C LEU AB 32 -74.21 33.25 74.56
N PRO AB 33 -74.36 32.18 75.36
CA PRO AB 33 -73.22 31.70 76.15
C PRO AB 33 -72.06 31.26 75.28
N ARG AB 34 -70.93 31.01 75.94
CA ARG AB 34 -69.79 30.33 75.32
C ARG AB 34 -69.06 29.59 76.44
N TYR AB 35 -69.34 28.30 76.58
CA TYR AB 35 -68.84 27.57 77.75
C TYR AB 35 -67.32 27.52 77.73
N TYR AB 36 -66.72 27.68 78.90
CA TYR AB 36 -65.29 27.57 79.07
C TYR AB 36 -65.05 26.28 79.85
N LYS AB 37 -64.46 25.28 79.19
CA LYS AB 37 -64.15 24.08 79.94
C LYS AB 37 -63.21 24.41 81.09
N ASN AB 38 -63.33 23.68 82.19
CA ASN AB 38 -62.54 23.97 83.36
C ASN AB 38 -61.05 23.97 83.00
N ILE AB 39 -60.43 25.13 83.13
CA ILE AB 39 -59.06 25.35 82.69
C ILE AB 39 -58.20 25.64 83.93
N GLY AB 40 -56.97 25.13 83.93
CA GLY AB 40 -56.16 25.27 85.12
C GLY AB 40 -54.73 24.76 85.07
N LEU AB 41 -54.14 24.57 86.26
CA LEU AB 41 -52.68 24.58 86.48
C LEU AB 41 -52.12 25.99 86.27
N GLY AB 42 -52.85 26.98 86.77
CA GLY AB 42 -52.51 28.37 86.58
C GLY AB 42 -53.25 29.07 85.46
N PHE AB 43 -54.30 28.48 84.92
CA PHE AB 43 -54.85 28.93 83.67
C PHE AB 43 -56.34 29.23 83.82
N LYS AB 44 -56.81 30.17 83.01
CA LYS AB 44 -58.07 30.87 83.19
C LYS AB 44 -58.51 31.42 81.84
N THR AB 45 -59.47 32.33 81.84
CA THR AB 45 -60.03 32.84 80.59
C THR AB 45 -59.54 34.26 80.37
N PRO AB 46 -58.54 34.48 79.50
CA PRO AB 46 -58.02 35.83 79.29
C PRO AB 46 -58.98 36.72 78.53
N LYS AB 47 -58.51 37.88 78.10
CA LYS AB 47 -59.30 38.76 77.26
C LYS AB 47 -60.04 37.99 76.16
N GLU AB 48 -59.29 37.31 75.30
CA GLU AB 48 -59.79 36.89 73.98
C GLU AB 48 -61.17 36.24 74.08
N ALA AB 49 -61.28 35.20 74.90
CA ALA AB 49 -62.50 34.41 74.92
C ALA AB 49 -63.72 35.25 75.30
N ILE AB 50 -63.58 36.08 76.33
CA ILE AB 50 -64.71 36.90 76.75
C ILE AB 50 -64.99 38.01 75.75
N GLU AB 51 -63.94 38.64 75.23
CA GLU AB 51 -64.14 39.79 74.34
C GLU AB 51 -64.69 39.39 72.98
N GLY AB 52 -64.58 38.12 72.60
CA GLY AB 52 -64.93 37.71 71.25
C GLY AB 52 -65.61 36.35 71.16
N THR AB 53 -66.08 36.07 69.94
CA THR AB 53 -66.63 34.78 69.53
C THR AB 53 -65.48 34.00 68.88
N TYR AB 54 -64.70 33.30 69.71
CA TYR AB 54 -63.46 32.67 69.28
C TYR AB 54 -63.46 31.17 69.59
N ILE AB 55 -64.52 30.48 69.18
CA ILE AB 55 -64.69 29.07 69.48
C ILE AB 55 -63.77 28.22 68.61
N ASP AB 56 -63.25 27.15 69.21
CA ASP AB 56 -62.60 26.08 68.48
C ASP AB 56 -62.78 24.78 69.25
N LYS AB 57 -63.08 23.71 68.51
CA LYS AB 57 -63.23 22.38 69.10
C LYS AB 57 -61.92 21.82 69.64
N LYS AB 58 -60.78 22.36 69.20
CA LYS AB 58 -59.45 21.97 69.68
C LYS AB 58 -58.73 23.14 70.35
N CYS AB 59 -59.49 24.15 70.78
CA CYS AB 59 -58.91 25.27 71.52
C CYS AB 59 -58.47 24.79 72.90
N PRO AB 60 -57.47 25.43 73.50
CA PRO AB 60 -57.08 25.06 74.87
C PRO AB 60 -57.82 25.83 75.95
N PHE AB 61 -58.37 27.00 75.63
CA PHE AB 61 -59.18 27.76 76.56
C PHE AB 61 -60.65 27.39 76.47
N THR AB 62 -61.01 26.56 75.49
CA THR AB 62 -62.36 26.05 75.26
C THR AB 62 -62.21 24.66 74.64
N GLY AB 63 -63.26 24.16 74.01
CA GLY AB 63 -63.13 22.95 73.22
C GLY AB 63 -62.89 21.69 74.03
N ASN AB 64 -62.71 20.56 73.35
CA ASN AB 64 -62.62 19.26 74.01
C ASN AB 64 -61.19 18.79 74.24
N VAL AB 65 -60.27 19.70 74.55
CA VAL AB 65 -58.89 19.28 74.80
C VAL AB 65 -58.70 19.04 76.29
N SER AB 66 -57.68 18.24 76.62
CA SER AB 66 -57.32 17.93 78.00
C SER AB 66 -55.83 18.10 78.14
N ILE AB 67 -55.39 19.16 78.82
CA ILE AB 67 -53.98 19.47 78.92
C ILE AB 67 -53.38 18.56 79.98
N ARG AB 68 -52.78 17.45 79.56
CA ARG AB 68 -52.15 16.50 80.47
C ARG AB 68 -50.97 15.84 79.78
N GLY AB 69 -50.30 14.96 80.52
CA GLY AB 69 -49.13 14.22 80.06
C GLY AB 69 -47.78 14.86 80.33
N ARG AB 70 -47.45 15.92 79.59
CA ARG AB 70 -46.33 16.79 79.92
C ARG AB 70 -46.74 18.22 79.59
N ILE AB 71 -45.91 19.16 80.00
CA ILE AB 71 -46.17 20.58 79.82
C ILE AB 71 -44.85 21.26 79.48
N LEU AB 72 -44.79 21.95 78.34
CA LEU AB 72 -43.50 22.46 77.85
C LEU AB 72 -43.69 23.86 77.26
N SER AB 73 -42.70 24.31 76.51
CA SER AB 73 -42.70 25.66 75.96
C SER AB 73 -41.70 25.73 74.80
N GLY AB 74 -41.64 26.88 74.15
CA GLY AB 74 -40.73 27.05 73.04
C GLY AB 74 -40.70 28.48 72.54
N VAL AB 75 -40.23 28.66 71.31
CA VAL AB 75 -39.98 29.96 70.72
C VAL AB 75 -40.74 30.09 69.40
N VAL AB 76 -41.18 31.32 69.11
CA VAL AB 76 -41.96 31.63 67.90
C VAL AB 76 -40.99 31.95 66.78
N THR AB 77 -41.08 31.20 65.68
CA THR AB 77 -40.09 31.36 64.62
C THR AB 77 -40.68 31.74 63.27
N LYS AB 78 -41.62 30.95 62.73
CA LYS AB 78 -42.01 31.07 61.33
C LYS AB 78 -43.52 31.22 61.27
N MET AB 79 -43.99 32.38 60.79
CA MET AB 79 -45.40 32.76 60.92
C MET AB 79 -46.22 32.49 59.67
N LYS AB 80 -45.81 31.53 58.84
CA LYS AB 80 -46.64 31.05 57.74
C LYS AB 80 -47.67 30.05 58.27
N MET AB 81 -48.27 29.29 57.36
CA MET AB 81 -49.05 28.09 57.71
C MET AB 81 -50.25 28.46 58.59
N GLN AB 82 -51.25 29.04 57.93
CA GLN AB 82 -52.48 29.50 58.55
C GLN AB 82 -52.99 28.55 59.63
N ARG AB 83 -53.02 29.05 60.87
CA ARG AB 83 -53.58 28.39 62.06
C ARG AB 83 -52.65 27.33 62.65
N THR AB 84 -51.46 27.15 62.10
CA THR AB 84 -50.49 26.21 62.65
C THR AB 84 -49.12 26.87 62.70
N ILE AB 85 -48.39 26.63 63.79
CA ILE AB 85 -47.10 27.26 63.99
C ILE AB 85 -46.04 26.19 64.23
N VAL AB 86 -44.81 26.54 63.89
CA VAL AB 86 -43.66 25.67 64.06
C VAL AB 86 -42.69 26.35 65.01
N ILE AB 87 -42.24 25.60 66.01
CA ILE AB 87 -41.48 26.13 67.13
C ILE AB 87 -40.27 25.24 67.37
N ARG AB 88 -39.12 25.85 67.65
CA ARG AB 88 -37.88 25.12 67.89
C ARG AB 88 -37.62 25.04 69.39
N ARG AB 89 -37.51 23.82 69.90
CA ARG AB 89 -37.10 23.59 71.28
C ARG AB 89 -35.63 23.21 71.34
N ASP AB 90 -34.79 24.23 71.16
CA ASP AB 90 -33.34 24.01 71.08
C ASP AB 90 -32.79 23.57 72.43
N TYR AB 91 -32.29 22.35 72.47
CA TYR AB 91 -31.57 21.81 73.61
C TYR AB 91 -30.19 21.38 73.12
N LEU AB 92 -29.33 20.95 74.04
CA LEU AB 92 -27.98 20.53 73.69
C LEU AB 92 -27.71 19.16 74.30
N HIS AB 93 -27.52 18.16 73.44
CA HIS AB 93 -27.37 16.78 73.89
C HIS AB 93 -26.09 16.61 74.70
N TYR AB 94 -26.10 15.63 75.61
CA TYR AB 94 -24.97 15.33 76.48
C TYR AB 94 -24.57 13.87 76.29
N ILE AB 95 -23.27 13.60 76.27
CA ILE AB 95 -22.71 12.32 75.87
C ILE AB 95 -21.84 11.78 77.00
N ARG AB 96 -21.68 10.47 77.05
CA ARG AB 96 -20.83 9.85 78.06
C ARG AB 96 -19.56 9.21 77.50
N LYS AB 97 -19.61 8.68 76.28
CA LYS AB 97 -18.38 8.20 75.65
C LYS AB 97 -17.32 9.30 75.68
N TYR AB 98 -17.60 10.43 75.04
CA TYR AB 98 -16.93 11.66 75.35
C TYR AB 98 -17.59 12.29 76.57
N ASN AB 99 -16.82 13.08 77.30
CA ASN AB 99 -17.38 13.80 78.43
C ASN AB 99 -17.87 15.20 78.05
N ARG AB 100 -18.34 15.36 76.82
CA ARG AB 100 -18.79 16.65 76.32
C ARG AB 100 -20.20 16.54 75.76
N PHE AB 101 -20.74 17.68 75.35
CA PHE AB 101 -22.11 17.79 74.88
C PHE AB 101 -22.15 17.81 73.36
N GLU AB 102 -23.35 17.57 72.82
CA GLU AB 102 -23.65 17.71 71.40
C GLU AB 102 -24.90 18.57 71.23
N LYS AB 103 -25.08 19.09 70.02
CA LYS AB 103 -26.19 19.98 69.70
C LYS AB 103 -27.22 19.23 68.86
N ARG AB 104 -28.47 19.25 69.31
CA ARG AB 104 -29.57 18.62 68.59
C ARG AB 104 -30.87 19.20 69.12
N HIS AB 105 -31.77 19.54 68.21
CA HIS AB 105 -33.04 20.18 68.55
C HIS AB 105 -34.17 19.47 67.85
N LYS AB 106 -35.34 19.46 68.47
CA LYS AB 106 -36.55 18.92 67.86
C LYS AB 106 -37.57 20.02 67.66
N ASN AB 107 -38.06 20.14 66.43
CA ASN AB 107 -39.05 21.13 66.05
C ASN AB 107 -40.44 20.63 66.41
N MET AB 108 -41.27 21.52 66.94
CA MET AB 108 -42.58 21.14 67.43
C MET AB 108 -43.66 21.87 66.64
N SER AB 109 -44.78 21.17 66.42
CA SER AB 109 -45.89 21.67 65.64
C SER AB 109 -47.11 21.82 66.55
N VAL AB 110 -47.70 23.02 66.55
CA VAL AB 110 -48.82 23.35 67.42
C VAL AB 110 -49.83 24.15 66.62
N HIS AB 111 -51.13 23.91 66.86
CA HIS AB 111 -52.16 24.80 66.36
C HIS AB 111 -52.37 25.92 67.37
N LEU AB 112 -52.76 27.09 66.88
CA LEU AB 112 -52.91 28.28 67.71
C LEU AB 112 -54.26 28.92 67.42
N SER AB 113 -55.08 29.07 68.46
CA SER AB 113 -56.48 29.49 68.29
C SER AB 113 -56.55 30.89 67.67
N PRO AB 114 -57.61 31.18 66.92
CA PRO AB 114 -57.79 32.56 66.42
C PRO AB 114 -57.85 33.58 67.53
N CYS AB 115 -57.92 33.13 68.79
CA CYS AB 115 -57.77 34.04 69.91
C CYS AB 115 -56.48 34.82 69.80
N PHE AB 116 -55.36 34.13 69.63
CA PHE AB 116 -54.05 34.75 69.71
C PHE AB 116 -53.66 35.28 68.34
N ARG AB 117 -53.36 36.58 68.27
CA ARG AB 117 -52.88 37.20 67.05
C ARG AB 117 -51.88 38.29 67.44
N ASP AB 118 -51.40 39.02 66.43
CA ASP AB 118 -50.28 39.95 66.60
C ASP AB 118 -49.10 39.22 67.24
N VAL AB 119 -48.94 37.96 66.87
CA VAL AB 119 -47.78 37.17 67.26
C VAL AB 119 -46.64 37.56 66.32
N GLN AB 120 -45.48 37.85 66.88
CA GLN AB 120 -44.31 38.21 66.10
C GLN AB 120 -43.16 37.29 66.44
N ILE AB 121 -42.06 37.44 65.69
CA ILE AB 121 -40.96 36.48 65.75
C ILE AB 121 -40.23 36.63 67.08
N GLY AB 122 -39.66 35.53 67.57
CA GLY AB 122 -38.75 35.57 68.68
C GLY AB 122 -39.36 35.89 70.04
N ASP AB 123 -40.10 34.95 70.62
CA ASP AB 123 -40.50 35.06 72.02
C ASP AB 123 -40.63 33.68 72.66
N ILE AB 124 -41.38 33.60 73.75
CA ILE AB 124 -41.72 32.34 74.39
C ILE AB 124 -43.20 32.08 74.16
N VAL AB 125 -43.53 30.82 73.90
CA VAL AB 125 -44.90 30.34 73.94
C VAL AB 125 -44.95 29.07 74.77
N THR AB 126 -45.79 29.06 75.79
CA THR AB 126 -45.98 27.88 76.61
C THR AB 126 -47.02 26.98 75.95
N VAL AB 127 -46.89 25.67 76.17
CA VAL AB 127 -47.58 24.68 75.36
C VAL AB 127 -47.97 23.51 76.25
N GLY AB 128 -49.12 22.90 75.93
CA GLY AB 128 -49.58 21.70 76.57
C GLY AB 128 -49.88 20.58 75.59
N GLU AB 129 -50.16 19.40 76.16
CA GLU AB 129 -50.51 18.20 75.42
C GLU AB 129 -51.95 17.80 75.72
N CYS AB 130 -52.70 17.46 74.66
CA CYS AB 130 -54.10 17.05 74.78
C CYS AB 130 -54.32 15.87 73.83
N ARG AB 131 -55.58 15.60 73.53
CA ARG AB 131 -55.89 14.49 72.64
C ARG AB 131 -55.17 14.68 71.30
N PRO AB 132 -54.59 13.61 70.74
CA PRO AB 132 -53.92 13.72 69.44
C PRO AB 132 -54.75 14.47 68.41
N LEU AB 133 -54.24 15.59 67.90
CA LEU AB 133 -55.03 16.41 67.00
C LEU AB 133 -54.83 16.03 65.54
N SER AB 134 -53.60 15.77 65.12
CA SER AB 134 -53.32 15.35 63.76
C SER AB 134 -51.93 14.70 63.76
N LYS AB 135 -51.43 14.41 62.56
CA LYS AB 135 -50.11 13.76 62.43
C LYS AB 135 -49.04 14.50 63.23
N THR AB 136 -48.95 15.81 63.06
CA THR AB 136 -47.87 16.61 63.62
C THR AB 136 -48.29 17.39 64.86
N VAL AB 137 -49.35 18.19 64.74
CA VAL AB 137 -49.80 18.99 65.87
C VAL AB 137 -50.35 18.05 66.94
N ARG AB 138 -49.57 17.85 67.99
CA ARG AB 138 -50.00 17.09 69.15
C ARG AB 138 -50.08 17.99 70.38
N PHE AB 139 -50.03 19.30 70.21
CA PHE AB 139 -49.81 20.27 71.26
C PHE AB 139 -50.85 21.40 71.22
N ASN AB 140 -50.67 22.37 72.11
CA ASN AB 140 -51.61 23.48 72.28
C ASN AB 140 -50.86 24.70 72.79
N VAL AB 141 -51.15 25.87 72.20
CA VAL AB 141 -50.58 27.16 72.62
C VAL AB 141 -51.34 27.68 73.83
N LEU AB 142 -50.63 28.29 74.78
CA LEU AB 142 -51.27 28.88 75.96
C LEU AB 142 -50.96 30.35 76.15
N LYS AB 143 -49.68 30.76 76.11
CA LYS AB 143 -49.29 32.14 76.41
C LYS AB 143 -48.28 32.64 75.39
N VAL AB 144 -48.29 33.96 75.15
CA VAL AB 144 -47.32 34.62 74.29
C VAL AB 144 -46.67 35.74 75.11
N THR AB 145 -45.34 35.81 75.08
CA THR AB 145 -44.59 36.68 75.99
C THR AB 145 -44.15 37.99 75.35
N LYS AB 146 -43.30 37.93 74.32
CA LYS AB 146 -42.56 39.11 73.87
C LYS AB 146 -42.91 39.42 72.43
N ALA AB 147 -43.59 40.55 72.20
CA ALA AB 147 -43.98 40.98 70.87
C ALA AB 147 -43.65 42.46 70.67
N ALA AB 148 -42.45 42.87 71.04
CA ALA AB 148 -42.07 44.28 70.94
C ALA AB 148 -40.56 44.39 70.83
N GLY AB 149 -40.09 45.61 70.60
CA GLY AB 149 -38.66 45.86 70.56
C GLY AB 149 -37.97 45.43 71.83
N THR AB 150 -36.64 45.28 71.73
CA THR AB 150 -35.90 44.60 72.79
C THR AB 150 -35.71 45.48 74.03
N LYS AB 151 -35.50 46.79 73.84
CA LYS AB 151 -34.98 47.61 74.92
C LYS AB 151 -35.62 49.00 75.05
N LYS AB 152 -36.86 49.19 74.61
CA LYS AB 152 -37.49 50.50 74.69
C LYS AB 152 -38.99 50.34 74.90
N GLN AB 153 -39.69 51.49 74.84
CA GLN AB 153 -41.13 51.53 75.01
C GLN AB 153 -41.83 51.83 73.68
N PRO BB 1 103.76 -0.82 -2.94
CA PRO BB 1 104.39 -0.18 -4.11
C PRO BB 1 103.38 0.09 -5.23
N GLU BB 2 103.85 0.63 -6.36
CA GLU BB 2 102.98 0.82 -7.50
C GLU BB 2 102.41 -0.53 -7.93
N LYS BB 3 101.10 -0.54 -8.18
CA LYS BB 3 100.34 -1.78 -8.24
C LYS BB 3 100.91 -2.75 -9.27
N PHE BB 4 101.48 -3.85 -8.77
CA PHE BB 4 102.00 -4.87 -9.66
C PHE BB 4 100.88 -5.57 -10.41
N GLN BB 5 99.78 -5.88 -9.72
CA GLN BB 5 98.70 -6.66 -10.29
C GLN BB 5 97.38 -6.03 -9.90
N HIS BB 6 96.30 -6.77 -10.16
CA HIS BB 6 94.93 -6.38 -9.85
C HIS BB 6 94.17 -7.68 -9.64
N ILE BB 7 92.84 -7.66 -9.87
CA ILE BB 7 91.97 -8.82 -9.65
C ILE BB 7 92.66 -10.11 -10.10
N LEU BB 8 92.66 -11.11 -9.21
CA LEU BB 8 93.51 -12.29 -9.30
C LEU BB 8 92.69 -13.53 -9.60
N ARG BB 9 93.39 -14.66 -9.78
CA ARG BB 9 92.81 -15.91 -10.24
C ARG BB 9 93.47 -17.03 -9.43
N VAL BB 10 92.84 -17.43 -8.32
CA VAL BB 10 93.48 -18.23 -7.28
C VAL BB 10 92.65 -19.48 -7.05
N LEU BB 11 93.30 -20.65 -7.07
CA LEU BB 11 92.66 -21.93 -6.75
C LEU BB 11 91.46 -22.21 -7.64
N ASN BB 12 91.33 -21.49 -8.76
CA ASN BB 12 90.08 -21.35 -9.50
C ASN BB 12 88.99 -20.78 -8.59
N THR BB 13 89.24 -19.56 -8.12
CA THR BB 13 88.37 -18.82 -7.22
C THR BB 13 88.89 -17.38 -7.13
N ASN BB 14 87.98 -16.41 -7.22
CA ASN BB 14 88.39 -15.02 -7.19
C ASN BB 14 88.37 -14.49 -5.76
N ILE BB 15 89.24 -13.51 -5.49
CA ILE BB 15 89.51 -13.06 -4.13
C ILE BB 15 89.38 -11.55 -4.03
N ASP BB 16 89.71 -11.03 -2.84
CA ASP BB 16 89.62 -9.59 -2.55
C ASP BB 16 90.98 -8.94 -2.75
N GLY BB 17 91.06 -7.98 -3.67
CA GLY BB 17 92.22 -7.12 -3.74
C GLY BB 17 92.08 -6.01 -2.73
N ARG BB 18 90.88 -5.90 -2.15
CA ARG BB 18 90.59 -4.85 -1.18
C ARG BB 18 91.47 -4.97 0.05
N ARG BB 19 91.53 -6.17 0.63
CA ARG BB 19 92.39 -6.42 1.78
C ARG BB 19 93.78 -6.86 1.33
N LYS BB 20 94.71 -6.85 2.28
CA LYS BB 20 96.10 -7.16 1.98
C LYS BB 20 96.25 -8.66 1.73
N ILE BB 21 97.50 -9.10 1.65
CA ILE BB 21 97.81 -10.49 1.33
C ILE BB 21 97.09 -11.44 2.29
N ALA BB 22 97.46 -11.38 3.58
CA ALA BB 22 96.94 -12.37 4.52
C ALA BB 22 95.44 -12.20 4.74
N PHE BB 23 95.01 -10.99 5.04
CA PHE BB 23 93.62 -10.76 5.40
C PHE BB 23 92.72 -10.61 4.19
N ALA BB 24 93.21 -10.94 2.99
CA ALA BB 24 92.36 -11.22 1.84
C ALA BB 24 92.50 -12.65 1.34
N ILE BB 25 93.59 -13.32 1.72
CA ILE BB 25 93.67 -14.77 1.58
C ILE BB 25 92.70 -15.44 2.54
N THR BB 26 92.31 -14.76 3.61
CA THR BB 26 91.20 -15.27 4.44
C THR BB 26 89.89 -15.35 3.67
N ALA BB 27 89.77 -14.69 2.52
CA ALA BB 27 88.58 -14.74 1.69
C ALA BB 27 88.55 -15.97 0.79
N ILE BB 28 89.22 -17.04 1.21
CA ILE BB 28 89.28 -18.28 0.45
C ILE BB 28 88.56 -19.34 1.27
N LYS BB 29 88.04 -20.35 0.58
CA LYS BB 29 87.39 -21.47 1.25
C LYS BB 29 88.42 -22.27 2.05
N GLY BB 30 88.09 -22.52 3.32
CA GLY BB 30 88.92 -23.31 4.20
C GLY BB 30 90.06 -22.58 4.86
N VAL BB 31 90.11 -21.26 4.75
CA VAL BB 31 91.23 -20.44 5.21
C VAL BB 31 90.71 -19.47 6.27
N GLY BB 32 91.59 -19.02 7.14
CA GLY BB 32 91.29 -17.92 8.03
C GLY BB 32 92.45 -16.95 8.10
N ARG BB 33 92.39 -15.97 9.01
CA ARG BB 33 93.57 -15.17 9.28
C ARG BB 33 94.72 -16.05 9.76
N ARG BB 34 94.40 -16.98 10.64
CA ARG BB 34 95.38 -17.89 11.21
C ARG BB 34 96.02 -18.76 10.12
N TYR BB 35 95.20 -19.39 9.28
CA TYR BB 35 95.72 -20.19 8.18
C TYR BB 35 96.50 -19.33 7.20
N ALA BB 36 96.03 -18.12 6.91
CA ALA BB 36 96.70 -17.25 5.96
C ALA BB 36 98.11 -16.93 6.42
N HIS BB 37 98.26 -16.45 7.66
CA HIS BB 37 99.58 -16.18 8.19
C HIS BB 37 100.44 -17.44 8.25
N VAL BB 38 99.88 -18.57 8.69
CA VAL BB 38 100.69 -19.78 8.84
C VAL BB 38 101.24 -20.22 7.48
N VAL BB 39 100.37 -20.25 6.47
CA VAL BB 39 100.81 -20.72 5.15
C VAL BB 39 101.80 -19.75 4.54
N LEU BB 40 101.60 -18.44 4.74
CA LEU BB 40 102.56 -17.49 4.18
C LEU BB 40 103.91 -17.55 4.89
N ARG BB 41 103.91 -17.86 6.20
CA ARG BB 41 105.17 -18.06 6.90
C ARG BB 41 105.86 -19.33 6.43
N LYS BB 42 105.09 -20.37 6.11
CA LYS BB 42 105.69 -21.60 5.61
C LYS BB 42 106.22 -21.42 4.19
N ALA BB 43 105.60 -20.55 3.42
CA ALA BB 43 106.03 -20.29 2.05
C ALA BB 43 107.03 -19.15 1.93
N ASP BB 44 107.33 -18.45 3.03
CA ASP BB 44 108.30 -17.37 3.04
C ASP BB 44 107.94 -16.29 2.02
N ILE BB 45 106.75 -15.72 2.19
CA ILE BB 45 106.25 -14.67 1.31
C ILE BB 45 105.77 -13.51 2.16
N ASP BB 46 105.97 -12.30 1.63
CA ASP BB 46 105.94 -11.06 2.40
C ASP BB 46 104.59 -10.81 3.08
N LEU BB 47 104.65 -10.04 4.17
CA LEU BB 47 103.48 -9.53 4.89
C LEU BB 47 103.36 -8.02 4.82
N THR BB 48 104.47 -7.28 4.93
CA THR BB 48 104.44 -5.83 4.95
C THR BB 48 103.82 -5.25 3.68
N LYS BB 49 103.83 -6.02 2.59
CA LYS BB 49 103.28 -5.57 1.32
C LYS BB 49 101.77 -5.84 1.29
N ARG BB 50 101.17 -5.78 0.10
CA ARG BB 50 99.73 -5.94 -0.06
C ARG BB 50 99.49 -6.87 -1.24
N ALA BB 51 98.35 -7.57 -1.21
CA ALA BB 51 98.01 -8.51 -2.28
C ALA BB 51 97.62 -7.81 -3.57
N GLY BB 52 97.07 -6.59 -3.48
CA GLY BB 52 96.67 -5.87 -4.67
C GLY BB 52 97.82 -5.47 -5.56
N GLU BB 53 99.02 -5.35 -5.00
CA GLU BB 53 100.24 -5.23 -5.81
C GLU BB 53 101.15 -6.43 -5.62
N LEU BB 54 100.62 -7.57 -5.16
CA LEU BB 54 101.42 -8.78 -5.08
C LEU BB 54 101.36 -9.51 -6.41
N THR BB 55 102.49 -10.02 -6.85
CA THR BB 55 102.62 -10.59 -8.18
C THR BB 55 102.03 -11.99 -8.23
N GLU BB 56 101.51 -12.36 -9.41
CA GLU BB 56 100.99 -13.70 -9.57
C GLU BB 56 102.07 -14.76 -9.43
N ASP BB 57 103.34 -14.38 -9.52
CA ASP BB 57 104.41 -15.28 -9.11
C ASP BB 57 104.21 -15.72 -7.67
N GLU BB 58 104.10 -14.75 -6.76
CA GLU BB 58 103.90 -15.01 -5.35
C GLU BB 58 102.43 -15.19 -5.00
N VAL BB 59 101.57 -15.36 -6.00
CA VAL BB 59 100.25 -15.94 -5.80
C VAL BB 59 100.24 -17.43 -6.14
N GLU BB 60 100.86 -17.81 -7.26
CA GLU BB 60 100.97 -19.22 -7.61
C GLU BB 60 101.87 -19.97 -6.66
N ARG BB 61 102.93 -19.33 -6.16
CA ARG BB 61 103.68 -19.91 -5.06
C ARG BB 61 102.76 -20.26 -3.91
N VAL BB 62 101.93 -19.31 -3.47
CA VAL BB 62 101.07 -19.53 -2.32
C VAL BB 62 100.03 -20.62 -2.62
N ILE BB 63 99.52 -20.63 -3.85
CA ILE BB 63 98.57 -21.67 -4.24
C ILE BB 63 99.21 -23.04 -4.11
N THR BB 64 100.39 -23.21 -4.70
CA THR BB 64 101.07 -24.49 -4.62
C THR BB 64 101.52 -24.82 -3.20
N ILE BB 65 101.55 -23.84 -2.31
CA ILE BB 65 101.92 -24.12 -0.93
C ILE BB 65 100.69 -24.57 -0.12
N MET BB 66 99.54 -23.93 -0.34
CA MET BB 66 98.34 -24.38 0.36
C MET BB 66 97.76 -25.68 -0.19
N GLN BB 67 97.94 -25.96 -1.49
CA GLN BB 67 97.25 -27.09 -2.10
C GLN BB 67 97.61 -28.40 -1.45
N ASN BB 68 98.91 -28.65 -1.25
CA ASN BB 68 99.38 -29.92 -0.71
C ASN BB 68 100.23 -29.65 0.53
N PRO BB 69 99.61 -29.51 1.70
CA PRO BB 69 100.38 -29.20 2.91
C PRO BB 69 101.37 -30.29 3.30
N ARG BB 70 101.03 -31.57 3.05
CA ARG BB 70 101.88 -32.66 3.51
C ARG BB 70 103.27 -32.59 2.88
N GLN BB 71 103.38 -32.05 1.68
CA GLN BB 71 104.70 -31.80 1.11
C GLN BB 71 105.49 -30.86 2.00
N TYR BB 72 104.81 -30.00 2.75
CA TYR BB 72 105.46 -29.07 3.66
C TYR BB 72 105.14 -29.36 5.12
N LYS BB 73 104.12 -30.17 5.40
CA LYS BB 73 103.68 -30.52 6.75
C LYS BB 73 103.48 -29.26 7.59
N ILE BB 74 102.51 -28.45 7.19
CA ILE BB 74 101.89 -27.54 8.13
C ILE BB 74 101.04 -28.46 8.99
N PRO BB 75 101.21 -28.46 10.31
CA PRO BB 75 100.72 -29.58 11.14
C PRO BB 75 99.28 -29.96 10.84
N ASP BB 76 98.98 -31.25 10.95
CA ASP BB 76 97.74 -31.80 10.43
C ASP BB 76 96.52 -31.34 11.24
N TRP BB 77 96.69 -31.15 12.55
CA TRP BB 77 95.59 -30.59 13.33
C TRP BB 77 95.23 -29.18 12.86
N PHE BB 78 96.17 -28.51 12.19
CA PHE BB 78 95.93 -27.25 11.50
C PHE BB 78 95.28 -27.45 10.14
N LEU BB 79 95.01 -28.69 9.75
CA LEU BB 79 94.58 -29.01 8.39
C LEU BB 79 93.17 -29.59 8.48
N ASN BB 80 92.18 -28.82 8.03
CA ASN BB 80 90.82 -28.94 8.56
C ASN BB 80 90.30 -30.38 8.47
N ARG BB 81 90.40 -31.01 7.32
CA ARG BB 81 89.85 -32.35 7.13
C ARG BB 81 90.81 -33.37 7.73
N GLN BB 82 90.24 -34.36 8.40
CA GLN BB 82 91.00 -35.28 9.25
C GLN BB 82 90.04 -36.35 9.74
N LYS BB 83 90.57 -37.56 9.92
CA LYS BB 83 89.91 -38.62 10.69
C LYS BB 83 88.40 -38.67 10.45
N ASP BB 84 88.02 -38.54 9.18
CA ASP BB 84 86.62 -38.42 8.79
C ASP BB 84 85.96 -39.80 8.81
N VAL BB 85 84.81 -39.89 8.13
CA VAL BB 85 83.95 -41.07 8.24
C VAL BB 85 84.27 -42.19 7.25
N LYS BB 86 85.13 -41.95 6.25
CA LYS BB 86 85.50 -42.98 5.28
C LYS BB 86 86.88 -42.66 4.70
N ASP BB 87 87.77 -43.64 4.74
CA ASP BB 87 89.10 -43.55 4.13
C ASP BB 87 89.86 -42.34 4.65
N GLY BB 88 90.14 -42.36 5.95
CA GLY BB 88 90.74 -41.19 6.59
C GLY BB 88 92.19 -41.01 6.21
N LYS BB 89 92.52 -39.77 5.86
CA LYS BB 89 93.90 -39.34 5.66
C LYS BB 89 94.02 -37.95 6.29
N TYR BB 90 95.22 -37.38 6.22
CA TYR BB 90 95.49 -36.09 6.85
C TYR BB 90 95.96 -35.10 5.79
N SER BB 91 95.25 -33.98 5.68
CA SER BB 91 95.56 -32.91 4.74
C SER BB 91 94.59 -31.75 5.04
N GLN BB 92 94.76 -30.66 4.28
CA GLN BB 92 93.83 -29.54 4.32
C GLN BB 92 93.15 -29.40 2.97
N VAL BB 93 91.88 -29.03 3.02
CA VAL BB 93 91.09 -28.82 1.82
C VAL BB 93 90.68 -27.36 1.79
N LEU BB 94 90.41 -26.88 0.58
CA LEU BB 94 90.14 -25.49 0.24
C LEU BB 94 89.13 -25.55 -0.90
N ALA BB 95 89.21 -24.61 -1.85
CA ALA BB 95 88.25 -24.44 -2.94
C ALA BB 95 87.75 -25.78 -3.47
N ASN BB 96 86.62 -25.78 -4.16
CA ASN BB 96 85.40 -26.53 -3.83
C ASN BB 96 85.55 -27.98 -3.42
N GLY BB 97 86.77 -28.45 -3.20
CA GLY BB 97 86.90 -29.69 -2.44
C GLY BB 97 86.16 -29.69 -1.12
N LEU BB 98 86.10 -28.53 -0.44
CA LEU BB 98 85.27 -28.44 0.76
C LEU BB 98 83.81 -28.72 0.48
N ASP BB 99 83.26 -28.11 -0.57
CA ASP BB 99 81.86 -28.39 -0.90
C ASP BB 99 81.68 -29.88 -1.23
N ASN BB 100 82.61 -30.46 -1.99
CA ASN BB 100 82.52 -31.87 -2.32
C ASN BB 100 82.46 -32.72 -1.05
N LYS BB 101 83.38 -32.46 -0.11
CA LYS BB 101 83.50 -33.32 1.05
C LYS BB 101 82.36 -33.09 2.05
N LEU BB 102 82.01 -31.82 2.29
CA LEU BB 102 80.86 -31.54 3.15
C LEU BB 102 79.60 -32.14 2.55
N ARG BB 103 79.43 -32.03 1.22
CA ARG BB 103 78.36 -32.70 0.53
C ARG BB 103 78.34 -34.18 0.90
N GLU BB 104 79.41 -34.89 0.57
CA GLU BB 104 79.44 -36.35 0.73
C GLU BB 104 79.11 -36.75 2.16
N ASP BB 105 79.73 -36.08 3.14
CA ASP BB 105 79.42 -36.36 4.54
C ASP BB 105 77.95 -36.12 4.82
N LEU BB 106 77.37 -35.08 4.21
CA LEU BB 106 75.98 -34.77 4.44
C LEU BB 106 75.07 -35.86 3.89
N GLU BB 107 75.37 -36.39 2.70
CA GLU BB 107 74.54 -37.49 2.22
C GLU BB 107 74.71 -38.73 3.09
N ARG BB 108 75.91 -38.97 3.62
CA ARG BB 108 76.04 -40.06 4.58
C ARG BB 108 75.04 -39.89 5.72
N LEU BB 109 75.05 -38.70 6.34
CA LEU BB 109 74.16 -38.46 7.47
C LEU BB 109 72.68 -38.51 7.05
N LYS BB 110 72.37 -37.88 5.92
CA LYS BB 110 71.01 -37.79 5.41
C LYS BB 110 70.43 -39.17 5.18
N LYS BB 111 71.20 -40.03 4.51
CA LYS BB 111 70.78 -41.40 4.26
C LYS BB 111 70.69 -42.22 5.53
N ILE BB 112 71.52 -41.92 6.54
CA ILE BB 112 71.59 -42.86 7.65
C ILE BB 112 70.67 -42.52 8.80
N ARG BB 113 70.12 -41.29 8.84
CA ARG BB 113 69.16 -40.85 9.89
C ARG BB 113 69.81 -40.69 11.27
N ALA BB 114 70.90 -39.95 11.36
CA ALA BB 114 71.33 -39.53 12.69
C ALA BB 114 70.48 -38.35 13.16
N HIS BB 115 70.69 -37.94 14.41
CA HIS BB 115 69.90 -36.83 14.93
C HIS BB 115 70.20 -35.52 14.22
N ARG BB 116 71.47 -35.24 13.94
CA ARG BB 116 71.79 -34.04 13.18
C ARG BB 116 71.35 -34.16 11.73
N GLY BB 117 71.47 -35.36 11.16
CA GLY BB 117 70.96 -35.63 9.83
C GLY BB 117 69.46 -35.62 9.72
N LEU BB 118 68.75 -35.57 10.84
CA LEU BB 118 67.30 -35.35 10.85
C LEU BB 118 66.92 -33.94 11.27
N ARG BB 119 67.73 -33.28 12.07
CA ARG BB 119 67.46 -31.88 12.35
C ARG BB 119 67.85 -30.99 11.19
N HIS BB 120 68.59 -31.51 10.21
CA HIS BB 120 68.64 -30.83 8.92
C HIS BB 120 67.42 -31.15 8.05
N PHE BB 121 66.68 -32.22 8.36
CA PHE BB 121 65.33 -32.36 7.81
C PHE BB 121 64.34 -31.45 8.52
N TRP BB 122 64.64 -31.03 9.75
CA TRP BB 122 63.80 -30.10 10.48
C TRP BB 122 64.32 -28.67 10.43
N GLY BB 123 65.43 -28.42 9.75
CA GLY BB 123 65.94 -27.08 9.54
C GLY BB 123 66.24 -26.30 10.81
N LEU BB 124 67.23 -26.73 11.59
CA LEU BB 124 67.56 -26.08 12.85
C LEU BB 124 69.01 -26.34 13.21
N ARG BB 125 69.38 -25.93 14.42
CA ARG BB 125 70.74 -26.05 14.94
C ARG BB 125 70.86 -27.33 15.74
N VAL BB 126 71.88 -28.12 15.44
CA VAL BB 126 71.93 -29.50 15.91
C VAL BB 126 71.87 -29.56 17.43
N ARG BB 127 72.58 -28.66 18.11
CA ARG BB 127 72.69 -28.72 19.56
C ARG BB 127 73.28 -27.42 20.08
N GLY BB 128 72.79 -26.99 21.24
CA GLY BB 128 71.62 -27.56 21.88
C GLY BB 128 70.36 -26.92 21.33
N GLN BB 129 70.45 -25.62 21.03
CA GLN BB 129 69.42 -24.91 20.29
C GLN BB 129 68.03 -25.08 20.90
N HIS BB 130 67.77 -24.45 22.04
CA HIS BB 130 66.39 -24.14 22.35
C HIS BB 130 65.74 -23.47 21.16
N THR BB 131 64.56 -23.94 20.80
CA THR BB 131 63.74 -23.20 19.86
C THR BB 131 62.30 -23.42 20.30
N LYS BB 132 61.83 -22.53 21.17
CA LYS BB 132 60.42 -22.43 21.51
C LYS BB 132 59.86 -21.09 21.04
N THR BB 133 60.45 -20.01 21.53
CA THR BB 133 60.39 -18.70 20.91
C THR BB 133 61.79 -18.18 20.62
N THR BB 134 62.82 -18.91 21.05
CA THR BB 134 64.18 -18.43 21.10
C THR BB 134 64.98 -18.93 19.90
N GLY BB 135 65.75 -18.03 19.30
CA GLY BB 135 66.81 -18.41 18.39
C GLY BB 135 66.41 -18.85 17.00
N ARG BB 136 65.27 -18.38 16.49
CA ARG BB 136 64.89 -18.60 15.09
C ARG BB 136 65.05 -17.25 14.38
N ARG BB 137 66.05 -17.17 13.50
CA ARG BB 137 66.41 -15.92 12.83
C ARG BB 137 65.25 -15.29 12.04
N THR CB 1 99.36 54.96 85.66
CA THR CB 1 100.17 54.86 84.46
C THR CB 1 100.60 53.42 84.23
N GLU CB 2 101.86 53.21 83.85
CA GLU CB 2 102.37 51.90 83.46
C GLU CB 2 101.55 51.34 82.31
N GLN CB 3 101.20 52.23 81.38
CA GLN CB 3 100.19 51.90 80.38
C GLN CB 3 100.81 51.09 79.25
N MET CB 4 100.00 50.20 78.67
CA MET CB 4 100.48 49.21 77.71
C MET CB 4 100.33 49.75 76.29
N THR CB 5 101.45 50.03 75.65
CA THR CB 5 101.52 50.32 74.23
C THR CB 5 101.69 49.02 73.45
N LEU CB 6 101.15 49.00 72.24
CA LEU CB 6 101.10 47.77 71.46
C LEU CB 6 102.49 47.36 71.00
N ARG CB 7 102.72 46.04 70.96
CA ARG CB 7 103.94 45.46 70.41
C ARG CB 7 103.68 44.36 69.40
N GLY CB 8 102.50 43.74 69.40
CA GLY CB 8 102.17 42.77 68.38
C GLY CB 8 100.90 41.96 68.62
N THR CB 9 100.42 41.31 67.57
CA THR CB 9 99.38 40.30 67.66
C THR CB 9 99.96 38.99 67.12
N LEU CB 10 99.72 37.90 67.83
CA LEU CB 10 100.38 36.64 67.55
C LEU CB 10 99.34 35.63 67.07
N LYS CB 11 99.57 35.09 65.88
CA LYS CB 11 98.69 34.13 65.24
C LYS CB 11 99.49 32.89 64.89
N GLY CB 12 98.81 31.74 64.88
CA GLY CB 12 99.48 30.48 64.56
C GLY CB 12 99.09 29.34 65.48
N HIS CB 13 98.06 29.56 66.31
CA HIS CB 13 97.52 28.53 67.19
C HIS CB 13 96.10 28.18 66.76
N ASN CB 14 95.87 26.88 66.56
CA ASN CB 14 94.56 26.38 66.18
C ASN CB 14 93.96 25.49 67.27
N GLY CB 15 94.46 25.62 68.50
CA GLY CB 15 93.81 25.04 69.66
C GLY CB 15 93.77 26.07 70.77
N TRP CB 16 92.98 25.76 71.80
CA TRP CB 16 92.69 26.77 72.82
C TRP CB 16 93.98 27.22 73.50
N VAL CB 17 94.15 28.54 73.62
CA VAL CB 17 95.36 29.10 74.19
C VAL CB 17 95.16 29.16 75.69
N THR CB 18 95.37 28.00 76.35
CA THR CB 18 95.12 27.85 77.77
C THR CB 18 96.39 27.89 78.60
N GLN CB 19 97.54 27.65 77.99
CA GLN CB 19 98.82 27.61 78.67
C GLN CB 19 99.76 28.63 78.05
N ILE CB 20 100.29 29.52 78.88
CA ILE CB 20 101.37 30.42 78.51
C ILE CB 20 102.44 30.30 79.59
N ALA CB 21 103.69 30.17 79.17
CA ALA CB 21 104.79 30.01 80.10
C ALA CB 21 105.97 30.87 79.66
N THR CB 22 106.81 31.25 80.62
CA THR CB 22 108.02 32.00 80.32
C THR CB 22 108.99 31.79 81.47
N THR CB 23 110.14 31.18 81.15
CA THR CB 23 111.13 30.99 82.19
C THR CB 23 112.11 32.16 82.20
N PRO CB 24 112.48 32.66 83.38
CA PRO CB 24 113.26 33.90 83.45
C PRO CB 24 114.61 33.83 82.76
N GLN CB 25 115.15 32.62 82.53
CA GLN CB 25 116.42 32.51 81.83
C GLN CB 25 116.37 33.19 80.47
N PHE CB 26 115.26 33.03 79.76
CA PHE CB 26 115.07 33.67 78.45
C PHE CB 26 113.60 34.01 78.26
N PRO CB 27 113.25 35.30 78.28
CA PRO CB 27 111.92 35.69 77.79
C PRO CB 27 111.72 35.40 76.31
N ASP CB 28 112.76 34.92 75.61
CA ASP CB 28 112.54 34.27 74.33
C ASP CB 28 111.75 32.99 74.50
N MET CB 29 112.12 32.17 75.50
CA MET CB 29 111.42 30.92 75.76
C MET CB 29 110.08 31.22 76.41
N ILE CB 30 109.15 31.66 75.56
CA ILE CB 30 107.74 31.75 75.92
C ILE CB 30 107.01 30.62 75.22
N LEU CB 31 106.11 29.97 75.94
CA LEU CB 31 105.34 28.85 75.45
C LEU CB 31 103.89 29.26 75.36
N SER CB 32 103.33 29.18 74.16
CA SER CB 32 101.89 29.28 73.95
C SER CB 32 101.41 27.89 73.53
N ALA CB 33 100.38 27.38 74.20
CA ALA CB 33 99.94 26.01 74.01
C ALA CB 33 98.50 25.95 73.52
N SER CB 34 98.24 24.99 72.64
CA SER CB 34 96.97 24.88 71.95
C SER CB 34 96.47 23.45 71.99
N ARG CB 35 95.17 23.28 72.25
CA ARG CB 35 94.59 21.96 72.40
C ARG CB 35 94.58 21.15 71.11
N ASP CB 36 94.81 21.77 69.96
CA ASP CB 36 94.96 21.03 68.73
C ASP CB 36 96.40 20.62 68.49
N LYS CB 37 97.17 20.44 69.57
CA LYS CB 37 98.49 19.81 69.52
C LYS CB 37 99.52 20.66 68.78
N THR CB 38 99.33 21.97 68.80
CA THR CB 38 100.34 22.91 68.35
C THR CB 38 100.86 23.68 69.56
N ILE CB 39 101.91 23.13 70.18
CA ILE CB 39 102.59 23.79 71.29
C ILE CB 39 103.82 24.46 70.73
N ILE CB 40 103.99 25.75 71.00
CA ILE CB 40 105.07 26.54 70.42
C ILE CB 40 105.84 27.23 71.51
N MET CB 41 107.16 27.05 71.51
CA MET CB 41 108.10 27.95 72.18
C MET CB 41 108.53 28.99 71.16
N TRP CB 42 108.63 30.25 71.58
CA TRP CB 42 108.79 31.32 70.60
C TRP CB 42 110.20 31.92 70.63
N LYS CB 43 110.38 32.95 69.82
CA LYS CB 43 111.59 33.77 69.78
C LYS CB 43 111.12 35.18 69.45
N LEU CB 44 111.81 36.20 69.95
CA LEU CB 44 111.27 37.55 69.84
C LEU CB 44 112.21 38.49 69.10
N THR CB 45 111.60 39.44 68.39
CA THR CB 45 112.31 40.49 67.69
C THR CB 45 112.42 41.79 68.49
N ARG CB 46 111.54 41.99 69.47
CA ARG CB 46 111.43 43.26 70.20
C ARG CB 46 111.15 44.42 69.26
N ASP CB 47 110.58 44.13 68.09
CA ASP CB 47 110.11 45.10 67.11
C ASP CB 47 108.59 45.20 67.22
N GLU CB 48 107.98 45.89 66.25
CA GLU CB 48 106.54 46.01 66.22
C GLU CB 48 105.88 45.41 64.98
N THR CB 49 106.66 44.84 64.05
CA THR CB 49 106.06 44.02 63.00
C THR CB 49 105.39 42.80 63.61
N ASN CB 50 106.18 41.94 64.26
CA ASN CB 50 105.67 40.82 65.04
C ASN CB 50 106.64 40.57 66.18
N TYR CB 51 106.22 40.89 67.41
CA TYR CB 51 107.08 40.69 68.58
C TYR CB 51 107.19 39.23 68.98
N GLY CB 52 106.20 38.40 68.63
CA GLY CB 52 106.28 36.99 68.94
C GLY CB 52 106.20 36.14 67.70
N ILE CB 53 107.28 35.42 67.42
CA ILE CB 53 107.37 34.53 66.25
C ILE CB 53 107.73 33.13 66.74
N PRO CB 54 107.38 32.08 66.01
CA PRO CB 54 107.53 30.72 66.55
C PRO CB 54 108.93 30.15 66.32
N GLN CB 55 109.44 29.38 67.28
CA GLN CB 55 110.71 28.67 67.12
C GLN CB 55 110.52 27.16 67.13
N ARG CB 56 109.93 26.61 68.20
CA ARG CB 56 109.87 25.16 68.35
C ARG CB 56 108.44 24.70 68.52
N ALA CB 57 108.17 23.50 67.97
CA ALA CB 57 106.85 22.88 68.05
C ALA CB 57 106.98 21.46 68.55
N LEU CB 58 106.03 21.08 69.39
CA LEU CB 58 105.96 19.74 69.97
C LEU CB 58 104.84 18.97 69.28
N ARG CB 59 105.06 17.68 69.08
CA ARG CB 59 104.05 16.82 68.44
C ARG CB 59 104.19 15.44 69.06
N GLY CB 60 103.40 15.18 70.11
CA GLY CB 60 103.42 13.89 70.77
C GLY CB 60 102.07 13.49 71.32
N HIS CB 61 101.00 14.08 70.82
CA HIS CB 61 99.72 14.07 71.52
C HIS CB 61 98.62 13.59 70.58
N SER CB 62 97.42 13.41 71.13
CA SER CB 62 96.25 13.06 70.33
C SER CB 62 94.97 13.72 70.82
N HIS CB 63 95.05 14.71 71.68
CA HIS CB 63 93.88 15.31 72.31
C HIS CB 63 94.20 16.75 72.69
N PHE CB 64 93.40 17.27 73.61
CA PHE CB 64 93.49 18.64 74.04
C PHE CB 64 94.80 18.84 74.81
N VAL CB 65 95.21 20.10 74.92
CA VAL CB 65 96.46 20.43 75.60
C VAL CB 65 96.13 21.27 76.82
N SER CB 66 96.45 20.73 78.00
CA SER CB 66 96.16 21.44 79.25
C SER CB 66 97.27 22.42 79.60
N ASP CB 67 98.47 21.92 79.89
CA ASP CB 67 99.56 22.78 80.34
C ASP CB 67 100.90 22.22 79.89
N VAL CB 68 101.84 23.13 79.64
CA VAL CB 68 103.24 22.79 79.42
C VAL CB 68 104.08 23.97 79.87
N VAL CB 69 105.04 23.73 80.75
CA VAL CB 69 105.80 24.80 81.39
C VAL CB 69 107.28 24.53 81.22
N ILE CB 70 108.07 25.59 81.35
CA ILE CB 70 109.52 25.54 81.16
C ILE CB 70 110.19 25.62 82.53
N SER CB 71 111.00 24.61 82.85
CA SER CB 71 111.63 24.55 84.16
C SER CB 71 112.96 25.29 84.17
N SER CB 72 113.65 25.21 85.31
CA SER CB 72 114.88 25.96 85.55
C SER CB 72 116.14 25.23 85.08
N ASP CB 73 116.02 23.99 84.63
CA ASP CB 73 117.19 23.21 84.24
C ASP CB 73 117.89 23.79 83.02
N GLY CB 74 117.24 24.70 82.30
CA GLY CB 74 117.77 25.24 81.07
C GLY CB 74 117.36 24.51 79.81
N GLN CB 75 116.79 23.31 79.95
CA GLN CB 75 116.47 22.49 78.79
C GLN CB 75 115.15 21.72 78.92
N PHE CB 76 114.46 21.82 80.05
CA PHE CB 76 113.35 20.92 80.34
C PHE CB 76 112.03 21.67 80.30
N ALA CB 77 111.01 21.00 79.76
CA ALA CB 77 109.64 21.50 79.78
C ALA CB 77 108.75 20.40 80.32
N LEU CB 78 108.20 20.62 81.51
CA LEU CB 78 107.30 19.66 82.16
C LEU CB 78 105.90 19.87 81.60
N SER CB 79 105.29 18.80 81.09
CA SER CB 79 104.05 18.96 80.33
C SER CB 79 103.00 17.96 80.77
N GLY CB 80 101.76 18.29 80.44
CA GLY CB 80 100.63 17.39 80.56
C GLY CB 80 99.45 17.89 79.74
N SER CB 81 98.90 17.01 78.91
CA SER CB 81 97.75 17.31 78.08
C SER CB 81 96.70 16.27 78.39
N TRP CB 82 95.68 16.17 77.54
CA TRP CB 82 94.67 15.14 77.75
C TRP CB 82 95.05 13.81 77.11
N ASP CB 83 96.32 13.62 76.75
CA ASP CB 83 96.79 12.29 76.41
C ASP CB 83 96.72 11.36 77.61
N GLY CB 84 96.90 11.90 78.81
CA GLY CB 84 96.90 11.13 80.03
C GLY CB 84 98.27 10.78 80.56
N THR CB 85 99.32 11.42 80.08
CA THR CB 85 100.69 11.05 80.37
C THR CB 85 101.52 12.26 80.80
N LEU CB 86 102.54 11.99 81.61
CA LEU CB 86 103.58 12.93 81.96
C LEU CB 86 104.63 12.90 80.86
N ARG CB 87 104.90 14.06 80.26
CA ARG CB 87 105.86 14.19 79.17
C ARG CB 87 106.84 15.30 79.51
N LEU CB 88 108.11 14.94 79.61
CA LEU CB 88 109.18 15.92 79.78
C LEU CB 88 109.81 16.17 78.42
N TRP CB 89 109.60 17.37 77.89
CA TRP CB 89 110.15 17.73 76.60
C TRP CB 89 111.55 18.29 76.76
N ASP CB 90 112.51 17.75 76.02
CA ASP CB 90 113.79 18.41 75.82
C ASP CB 90 113.72 19.10 74.47
N LEU CB 91 113.68 20.43 74.50
CA LEU CB 91 113.58 21.22 73.28
C LEU CB 91 114.89 21.27 72.53
N THR CB 92 116.02 21.12 73.23
CA THR CB 92 117.28 20.94 72.52
C THR CB 92 117.24 19.71 71.64
N THR CB 93 116.50 18.68 72.07
CA THR CB 93 116.20 17.54 71.22
C THR CB 93 114.87 17.71 70.50
N GLY CB 94 114.03 18.63 70.96
CA GLY CB 94 112.69 18.77 70.41
C GLY CB 94 111.87 17.50 70.52
N THR CB 95 112.06 16.75 71.61
CA THR CB 95 111.47 15.43 71.71
C THR CB 95 111.14 15.13 73.17
N THR CB 96 110.07 14.38 73.39
CA THR CB 96 109.73 13.95 74.74
C THR CB 96 110.72 12.89 75.20
N THR CB 97 111.49 13.21 76.22
CA THR CB 97 112.47 12.30 76.81
C THR CB 97 111.82 11.29 77.74
N ARG CB 98 111.15 11.77 78.80
CA ARG CB 98 110.50 10.89 79.75
C ARG CB 98 108.98 11.02 79.61
N ARG CB 99 108.35 9.95 79.13
CA ARG CB 99 106.92 9.89 78.91
C ARG CB 99 106.33 8.65 79.60
N PHE CB 100 105.42 8.88 80.55
CA PHE CB 100 104.78 7.79 81.28
C PHE CB 100 103.33 8.10 81.57
N VAL CB 101 102.44 7.13 81.34
CA VAL CB 101 101.02 7.27 81.63
C VAL CB 101 100.80 6.89 83.09
N GLY CB 102 100.15 7.76 83.84
CA GLY CB 102 100.03 7.53 85.27
C GLY CB 102 98.75 7.96 85.97
N HIS CB 103 97.69 8.25 85.22
CA HIS CB 103 96.42 8.67 85.80
C HIS CB 103 95.30 7.80 85.23
N THR CB 104 94.18 7.72 85.96
CA THR CB 104 92.99 7.11 85.40
C THR CB 104 92.32 8.05 84.40
N LYS CB 105 92.59 9.34 84.53
CA LYS CB 105 92.08 10.39 83.64
C LYS CB 105 93.25 11.12 82.99
N ASP CB 106 92.95 12.23 82.34
CA ASP CB 106 93.97 13.13 81.82
C ASP CB 106 94.54 13.96 82.97
N VAL CB 107 95.67 14.61 82.70
CA VAL CB 107 96.38 15.37 83.72
C VAL CB 107 96.27 16.87 83.40
N LEU CB 108 96.18 17.69 84.45
CA LEU CB 108 95.86 19.10 84.30
C LEU CB 108 96.73 20.06 85.10
N SER CB 109 97.40 19.62 86.18
CA SER CB 109 98.22 20.52 87.00
C SER CB 109 99.45 19.75 87.49
N VAL CB 110 100.56 19.89 86.75
CA VAL CB 110 101.83 19.30 87.14
C VAL CB 110 102.83 20.44 87.30
N ALA CB 111 103.59 20.41 88.41
CA ALA CB 111 104.49 21.49 88.77
C ALA CB 111 105.84 20.94 89.23
N PHE CB 112 106.89 21.66 88.85
CA PHE CB 112 108.25 21.27 89.22
C PHE CB 112 108.43 21.43 90.73
N SER CB 113 109.65 21.16 91.18
CA SER CB 113 110.04 21.39 92.57
C SER CB 113 111.53 21.69 92.62
N SER CB 114 112.00 22.04 93.82
CA SER CB 114 113.43 22.27 94.03
C SER CB 114 114.20 20.97 94.21
N ASP CB 115 113.52 19.81 94.11
CA ASP CB 115 114.24 18.55 93.98
C ASP CB 115 114.89 18.42 92.61
N ASN CB 116 114.24 18.95 91.57
CA ASN CB 116 114.67 18.85 90.18
C ASN CB 116 114.72 17.42 89.66
N ARG CB 117 114.18 16.49 90.45
CA ARG CB 117 113.84 15.15 89.98
C ARG CB 117 112.46 14.73 90.45
N GLN CB 118 111.88 15.41 91.43
CA GLN CB 118 110.56 15.12 91.95
C GLN CB 118 109.60 16.23 91.52
N ILE CB 119 108.41 15.86 91.07
CA ILE CB 119 107.44 16.79 90.52
C ILE CB 119 106.06 16.44 91.06
N VAL CB 120 105.29 17.47 91.42
CA VAL CB 120 103.95 17.25 91.95
C VAL CB 120 102.96 17.19 90.79
N SER CB 121 101.99 16.28 90.87
CA SER CB 121 101.05 16.10 89.77
C SER CB 121 99.64 16.05 90.33
N GLY CB 122 98.69 16.50 89.51
CA GLY CB 122 97.30 16.46 89.89
C GLY CB 122 96.44 16.53 88.65
N SER CB 123 95.26 15.94 88.78
CA SER CB 123 94.36 15.75 87.64
C SER CB 123 92.94 15.88 88.16
N ARG CB 124 91.99 15.44 87.36
CA ARG CB 124 90.64 15.36 87.91
C ARG CB 124 90.43 14.13 88.74
N ASP CB 125 91.53 13.48 89.14
CA ASP CB 125 91.45 12.36 90.06
C ASP CB 125 91.05 12.77 91.47
N LYS CB 126 90.72 14.04 91.68
CA LYS CB 126 90.27 14.56 92.98
C LYS CB 126 91.31 14.34 94.07
N THR CB 127 92.54 14.05 93.68
CA THR CB 127 93.68 13.81 94.56
C THR CB 127 94.93 14.27 93.84
N ILE CB 128 96.11 13.86 94.34
CA ILE CB 128 97.37 14.21 93.70
C ILE CB 128 98.34 13.03 93.71
N LYS CB 129 99.53 13.30 93.18
CA LYS CB 129 100.58 12.30 92.99
C LYS CB 129 101.92 13.02 93.02
N LEU CB 130 102.99 12.24 93.11
CA LEU CB 130 104.35 12.76 93.07
C LEU CB 130 105.19 11.83 92.21
N TRP CB 131 105.95 12.39 91.28
CA TRP CB 131 106.59 11.60 90.24
C TRP CB 131 108.08 11.92 90.15
N ASN CB 132 108.85 10.90 89.77
CA ASN CB 132 110.30 11.01 89.65
C ASN CB 132 110.68 11.55 88.28
N THR CB 133 111.96 11.44 87.93
CA THR CB 133 112.42 11.68 86.57
C THR CB 133 112.69 10.39 85.81
N LEU CB 134 113.02 9.31 86.53
CA LEU CB 134 113.21 7.99 85.95
C LEU CB 134 112.49 6.96 86.81
N GLY CB 135 111.98 5.92 86.17
CA GLY CB 135 111.36 4.82 86.89
C GLY CB 135 109.88 4.97 87.17
N VAL CB 136 109.47 4.69 88.41
CA VAL CB 136 108.06 4.79 88.79
C VAL CB 136 107.89 5.93 89.80
N CYS CB 137 106.63 6.32 90.00
CA CYS CB 137 106.31 7.53 90.74
C CYS CB 137 106.71 7.42 92.21
N LYS CB 138 106.90 8.58 92.83
CA LYS CB 138 107.21 8.64 94.26
C LYS CB 138 105.97 8.41 95.13
N TYR CB 139 104.80 8.86 94.68
CA TYR CB 139 103.63 8.84 95.56
C TYR CB 139 102.35 8.87 94.74
N THR CB 140 101.31 8.25 95.29
CA THR CB 140 99.99 8.14 94.68
C THR CB 140 98.96 8.34 95.79
N VAL CB 141 98.43 9.56 95.94
CA VAL CB 141 97.59 9.88 97.10
C VAL CB 141 96.28 9.11 97.04
N GLN CB 142 95.94 8.43 98.13
CA GLN CB 142 94.60 7.87 98.29
C GLN CB 142 93.90 8.41 99.53
N ASP CB 143 94.31 9.57 100.03
CA ASP CB 143 93.61 10.28 101.08
C ASP CB 143 92.65 11.30 100.47
N GLU CB 144 91.92 12.02 101.33
CA GLU CB 144 90.85 12.89 100.88
C GLU CB 144 91.35 13.91 99.85
N SER CB 145 92.23 14.83 100.23
CA SER CB 145 93.00 15.64 99.30
C SER CB 145 92.13 16.27 98.21
N HIS CB 146 91.34 17.29 98.61
CA HIS CB 146 90.45 17.98 97.68
C HIS CB 146 89.30 17.07 97.25
N SER CB 147 88.35 16.83 98.15
CA SER CB 147 87.33 15.80 98.00
C SER CB 147 86.50 15.91 96.74
N GLU CB 148 86.71 16.96 95.94
CA GLU CB 148 86.07 17.06 94.63
C GLU CB 148 87.11 17.28 93.54
N TRP CB 149 86.67 17.67 92.35
CA TRP CB 149 87.59 17.91 91.23
C TRP CB 149 88.76 18.79 91.65
N VAL CB 150 89.94 18.49 91.12
CA VAL CB 150 91.14 19.27 91.37
C VAL CB 150 91.39 20.14 90.15
N SER CB 151 91.55 21.44 90.36
CA SER CB 151 91.66 22.39 89.26
C SER CB 151 92.98 23.12 89.21
N CYS CB 152 93.75 23.15 90.30
CA CYS CB 152 95.01 23.87 90.30
C CYS CB 152 95.88 23.39 91.46
N VAL CB 153 97.06 22.86 91.14
CA VAL CB 153 98.08 22.52 92.11
C VAL CB 153 99.39 23.17 91.65
N ARG CB 154 100.09 23.82 92.57
CA ARG CB 154 101.33 24.49 92.19
C ARG CB 154 102.33 24.48 93.34
N PHE CB 155 103.54 24.04 93.02
CA PHE CB 155 104.69 24.17 93.91
C PHE CB 155 104.91 25.62 94.26
N SER CB 156 105.12 25.90 95.53
CA SER CB 156 105.40 27.25 95.96
C SER CB 156 106.90 27.49 96.08
N PRO CB 157 107.35 28.73 95.92
CA PRO CB 157 108.73 29.04 96.30
C PRO CB 157 108.90 28.79 97.79
N ASN CB 158 110.11 28.40 98.16
CA ASN CB 158 110.34 27.82 99.48
C ASN CB 158 110.30 28.88 100.56
N SER CB 159 109.09 29.18 101.06
CA SER CB 159 108.94 30.19 102.09
C SER CB 159 109.57 29.75 103.40
N SER CB 160 109.02 28.71 104.01
CA SER CB 160 109.60 28.10 105.20
C SER CB 160 109.78 26.60 105.07
N ASN CB 161 109.33 26.00 103.96
CA ASN CB 161 109.47 24.61 103.59
C ASN CB 161 108.99 24.50 102.16
N PRO CB 162 109.64 23.72 101.30
CA PRO CB 162 109.06 23.51 99.96
C PRO CB 162 107.72 22.79 100.06
N ILE CB 163 106.63 23.52 99.84
CA ILE CB 163 105.28 22.97 99.92
C ILE CB 163 104.55 23.33 98.63
N ILE CB 164 103.32 22.83 98.51
CA ILE CB 164 102.52 23.06 97.32
C ILE CB 164 101.14 23.55 97.75
N VAL CB 165 100.66 24.60 97.09
CA VAL CB 165 99.32 25.15 97.33
C VAL CB 165 98.41 24.72 96.19
N SER CB 166 97.16 24.44 96.51
CA SER CB 166 96.27 23.89 95.51
C SER CB 166 94.80 24.14 95.87
N CYS CB 167 94.03 24.58 94.89
CA CYS CB 167 92.60 24.76 95.10
C CYS CB 167 91.89 23.41 95.07
N GLY CB 168 90.77 23.32 95.78
CA GLY CB 168 89.97 22.12 95.72
C GLY CB 168 88.50 22.46 95.58
N TRP CB 169 87.80 21.69 94.75
CA TRP CB 169 86.42 22.02 94.42
C TRP CB 169 85.48 21.90 95.62
N ASP CB 170 86.00 21.61 96.81
CA ASP CB 170 85.23 21.72 98.04
C ASP CB 170 85.25 23.13 98.59
N LYS CB 171 85.81 24.09 97.83
CA LYS CB 171 86.02 25.51 98.15
C LYS CB 171 87.22 25.72 99.05
N LEU CB 172 87.95 24.67 99.39
CA LEU CB 172 89.04 24.75 100.34
C LEU CB 172 90.36 24.79 99.58
N VAL CB 173 91.26 25.64 100.00
CA VAL CB 173 92.61 25.57 99.42
C VAL CB 173 93.49 24.78 100.37
N LYS CB 174 94.08 23.71 99.85
CA LYS CB 174 94.86 22.79 100.66
C LYS CB 174 96.32 22.94 100.27
N VAL CB 175 97.17 22.86 101.29
CA VAL CB 175 98.62 22.85 101.11
C VAL CB 175 99.11 21.45 101.44
N TRP CB 176 99.92 20.89 100.56
CA TRP CB 176 100.51 19.57 100.77
C TRP CB 176 102.03 19.73 100.92
N ASN CB 177 102.62 18.89 101.77
CA ASN CB 177 104.06 18.95 102.01
C ASN CB 177 104.81 18.12 100.98
N LEU CB 178 106.01 18.57 100.64
CA LEU CB 178 106.85 17.89 99.67
C LEU CB 178 107.77 16.87 100.31
N ALA CB 179 107.61 16.60 101.60
CA ALA CB 179 108.37 15.54 102.25
C ALA CB 179 107.53 14.63 103.12
N ASN CB 180 106.38 15.08 103.61
CA ASN CB 180 105.50 14.29 104.46
C ASN CB 180 104.27 13.78 103.74
N CYS CB 181 103.77 14.53 102.76
CA CYS CB 181 102.56 14.17 102.02
C CYS CB 181 101.35 14.06 102.96
N LYS CB 182 101.00 15.20 103.55
CA LYS CB 182 99.87 15.29 104.47
C LYS CB 182 99.17 16.62 104.28
N LEU CB 183 98.00 16.76 104.89
CA LEU CB 183 97.17 17.95 104.76
C LEU CB 183 97.79 19.08 105.58
N LYS CB 184 98.73 19.78 104.95
CA LYS CB 184 99.57 20.73 105.68
C LYS CB 184 98.72 21.87 106.26
N THR CB 185 97.91 22.52 105.42
CA THR CB 185 96.94 23.52 105.89
C THR CB 185 95.70 23.46 105.02
N ASN CB 186 94.55 23.69 105.65
CA ASN CB 186 93.23 23.58 105.02
C ASN CB 186 92.50 24.91 105.18
N HIS CB 187 92.67 25.82 104.23
CA HIS CB 187 92.10 27.15 104.34
C HIS CB 187 90.67 27.15 103.79
N ILE CB 188 89.75 27.64 104.62
CA ILE CB 188 88.41 28.01 104.17
C ILE CB 188 88.58 29.18 103.20
N GLY CB 189 88.37 28.93 101.92
CA GLY CB 189 88.67 29.94 100.92
C GLY CB 189 87.65 30.08 99.81
N HIS CB 190 88.15 30.29 98.59
CA HIS CB 190 87.35 30.66 97.43
C HIS CB 190 86.02 29.94 97.35
N THR CB 191 84.97 30.70 97.07
CA THR CB 191 83.64 30.16 96.86
C THR CB 191 83.61 29.34 95.57
N GLY CB 192 82.86 28.25 95.61
CA GLY CB 192 82.81 27.34 94.48
C GLY CB 192 84.15 26.66 94.26
N TYR CB 193 84.61 26.76 93.02
CA TYR CB 193 85.91 26.27 92.64
C TYR CB 193 86.66 27.32 91.83
N LEU CB 194 87.80 26.92 91.29
CA LEU CB 194 88.69 27.85 90.60
C LEU CB 194 89.23 27.23 89.33
N ASN CB 195 89.91 28.05 88.55
CA ASN CB 195 90.93 27.55 87.64
C ASN CB 195 92.31 27.74 88.25
N THR CB 196 92.49 28.78 89.08
CA THR CB 196 93.84 29.16 89.48
C THR CB 196 93.90 29.64 90.95
N VAL CB 197 95.00 29.24 91.60
CA VAL CB 197 95.57 29.95 92.75
C VAL CB 197 97.01 30.32 92.39
N THR CB 198 97.38 31.54 92.74
CA THR CB 198 98.63 32.09 92.21
C THR CB 198 99.43 32.73 93.34
N VAL CB 199 100.75 32.53 93.29
CA VAL CB 199 101.65 33.02 94.33
C VAL CB 199 102.51 34.15 93.77
N SER CB 200 102.87 35.06 94.66
CA SER CB 200 103.69 36.25 94.47
C SER CB 200 105.17 35.83 94.44
N PRO CB 201 106.16 36.78 94.37
CA PRO CB 201 107.57 36.35 94.21
C PRO CB 201 108.04 35.25 95.18
N ASP CB 202 108.02 35.54 96.48
CA ASP CB 202 108.53 34.59 97.47
C ASP CB 202 107.44 33.72 98.06
N GLY CB 203 106.18 34.02 97.79
CA GLY CB 203 105.07 33.42 98.48
C GLY CB 203 104.34 34.37 99.41
N SER CB 204 104.43 35.67 99.16
CA SER CB 204 103.84 36.66 100.08
C SER CB 204 102.38 36.94 99.74
N LEU CB 205 101.93 36.55 98.56
CA LEU CB 205 100.53 36.69 98.16
C LEU CB 205 100.10 35.41 97.46
N CYS CB 206 98.84 35.01 97.67
CA CYS CB 206 98.27 33.81 97.04
C CYS CB 206 96.79 34.10 96.70
N ALA CB 207 96.54 34.56 95.48
CA ALA CB 207 95.20 34.89 95.06
C ALA CB 207 94.47 33.68 94.51
N SER CB 208 93.14 33.73 94.59
CA SER CB 208 92.28 32.61 94.24
C SER CB 208 91.26 33.04 93.20
N GLY CB 209 91.56 32.79 91.93
CA GLY CB 209 90.71 33.20 90.83
C GLY CB 209 90.03 32.01 90.19
N GLY CB 210 88.73 32.14 89.98
CA GLY CB 210 87.95 31.06 89.40
C GLY CB 210 86.47 31.37 89.28
N LYS CB 211 85.63 30.39 89.63
CA LYS CB 211 84.19 30.49 89.42
C LYS CB 211 83.56 31.67 90.14
N ASP CB 212 84.20 32.20 91.17
CA ASP CB 212 83.63 33.27 91.97
C ASP CB 212 84.20 34.64 91.63
N GLY CB 213 85.00 34.76 90.58
CA GLY CB 213 85.40 36.06 90.07
C GLY CB 213 86.18 36.93 91.03
N GLN CB 214 86.77 36.34 92.06
CA GLN CB 214 87.45 37.11 93.09
C GLN CB 214 88.95 37.05 92.91
N ALA CB 215 89.66 37.65 93.87
CA ALA CB 215 91.08 37.43 94.10
C ALA CB 215 91.24 37.35 95.61
N MET CB 216 91.28 36.12 96.14
CA MET CB 216 91.34 35.85 97.56
C MET CB 216 92.76 35.42 97.88
N LEU CB 217 93.45 36.21 98.70
CA LEU CB 217 94.87 36.03 98.91
C LEU CB 217 95.15 35.42 100.29
N TRP CB 218 96.06 34.47 100.30
CA TRP CB 218 96.62 33.89 101.49
C TRP CB 218 98.12 34.20 101.50
N ASP CB 219 98.69 34.31 102.70
CA ASP CB 219 100.12 34.13 102.80
C ASP CB 219 100.40 32.64 102.70
N LEU CB 220 101.62 32.28 102.34
CA LEU CB 220 101.93 30.88 102.14
C LEU CB 220 102.87 30.34 103.21
N ASN CB 221 103.46 31.21 104.01
CA ASN CB 221 104.50 30.80 104.95
C ASN CB 221 103.99 29.74 105.92
N GLU CB 222 102.82 29.97 106.50
CA GLU CB 222 102.24 29.03 107.45
C GLU CB 222 100.76 28.81 107.20
N GLY CB 223 100.16 29.68 106.39
CA GLY CB 223 98.75 29.58 106.07
C GLY CB 223 97.91 30.60 106.82
N LYS CB 224 97.47 31.65 106.13
CA LYS CB 224 96.80 32.74 106.83
C LYS CB 224 96.08 33.64 105.83
N HIS CB 225 95.02 34.29 106.30
CA HIS CB 225 94.20 35.20 105.49
C HIS CB 225 94.93 36.50 105.18
N LEU CB 226 94.87 36.94 103.92
CA LEU CB 226 95.28 38.30 103.57
C LEU CB 226 94.10 39.23 103.29
N TYR CB 227 93.36 38.97 102.21
CA TYR CB 227 92.26 39.84 101.76
C TYR CB 227 91.59 39.27 100.53
N THR CB 228 90.60 39.98 99.97
CA THR CB 228 89.97 39.58 98.71
C THR CB 228 89.59 40.83 97.94
N LEU CB 229 90.16 40.98 96.75
CA LEU CB 229 89.84 42.06 95.82
C LEU CB 229 89.17 41.45 94.60
N ASP CB 230 88.00 41.97 94.22
CA ASP CB 230 87.24 41.34 93.13
C ASP CB 230 88.00 41.47 91.81
N GLY CB 231 87.43 40.86 90.77
CA GLY CB 231 87.93 41.05 89.42
C GLY CB 231 86.88 41.65 88.50
N GLY CB 232 86.74 41.07 87.32
CA GLY CB 232 85.77 41.56 86.36
C GLY CB 232 84.49 40.76 86.34
N ASP CB 233 84.15 40.22 85.16
CA ASP CB 233 82.98 39.35 85.09
C ASP CB 233 83.32 37.94 85.55
N ILE CB 234 84.22 37.28 84.84
CA ILE CB 234 84.66 35.93 85.19
C ILE CB 234 86.19 35.89 85.12
N ILE CB 235 86.81 35.39 86.17
CA ILE CB 235 88.26 35.25 86.24
C ILE CB 235 88.61 33.77 86.27
N ASN CB 236 89.58 33.37 85.47
CA ASN CB 236 90.17 32.05 85.58
C ASN CB 236 91.68 32.07 85.38
N ALA CB 237 92.29 33.24 85.22
CA ALA CB 237 93.74 33.34 85.05
C ALA CB 237 94.25 34.57 85.77
N LEU CB 238 95.12 34.33 86.75
CA LEU CB 238 95.79 35.38 87.50
C LEU CB 238 97.17 35.60 86.91
N CYS CB 239 97.79 36.72 87.29
CA CYS CB 239 99.20 36.91 87.04
C CYS CB 239 99.80 37.71 88.18
N PHE CB 240 100.43 37.01 89.10
CA PHE CB 240 101.45 37.58 89.98
C PHE CB 240 102.78 37.53 89.24
N SER CB 241 103.11 38.63 88.56
CA SER CB 241 104.35 38.78 87.82
C SER CB 241 105.50 38.55 88.79
N PRO CB 242 106.53 37.81 88.39
CA PRO CB 242 107.57 37.38 89.34
C PRO CB 242 108.25 38.52 90.08
N ASN CB 243 108.33 39.72 89.50
CA ASN CB 243 109.03 40.83 90.14
C ASN CB 243 108.13 42.00 90.53
N ARG CB 244 106.83 41.76 90.78
CA ARG CB 244 105.92 42.85 91.17
C ARG CB 244 104.92 42.34 92.20
N TYR CB 245 104.76 43.12 93.27
CA TYR CB 245 103.75 42.87 94.30
C TYR CB 245 102.38 43.35 93.84
N TRP CB 246 101.98 42.91 92.65
CA TRP CB 246 100.76 43.39 92.04
C TRP CB 246 99.98 42.18 91.58
N LEU CB 247 98.78 42.41 91.06
CA LEU CB 247 98.02 41.38 90.36
C LEU CB 247 97.52 41.93 89.03
N CYS CB 248 97.90 41.29 87.94
CA CYS CB 248 97.30 41.58 86.65
C CYS CB 248 96.35 40.44 86.31
N ALA CB 249 95.10 40.77 86.06
CA ALA CB 249 94.11 39.72 85.89
C ALA CB 249 93.97 39.36 84.43
N ALA CB 250 93.23 38.28 84.15
CA ALA CB 250 92.66 38.06 82.82
C ALA CB 250 91.17 37.78 83.03
N THR CB 251 90.40 38.84 83.22
CA THR CB 251 88.97 38.71 83.47
C THR CB 251 88.16 38.60 82.19
N GLY CB 252 88.81 38.28 81.08
CA GLY CB 252 88.13 38.08 79.82
C GLY CB 252 88.21 39.28 78.91
N PRO CB 253 87.11 40.01 78.80
CA PRO CB 253 87.09 41.20 77.94
C PRO CB 253 87.87 42.37 78.52
N SER CB 254 87.67 42.63 79.80
CA SER CB 254 88.28 43.77 80.47
C SER CB 254 89.40 43.26 81.35
N ILE CB 255 90.62 43.76 81.11
CA ILE CB 255 91.81 43.28 81.79
C ILE CB 255 92.32 44.42 82.68
N LYS CB 256 92.63 44.08 83.93
CA LYS CB 256 92.89 45.08 84.96
C LYS CB 256 94.22 44.85 85.65
N ILE CB 257 94.82 45.95 86.08
CA ILE CB 257 96.03 45.96 86.90
C ILE CB 257 95.64 46.40 88.31
N TRP CB 258 96.12 45.69 89.32
CA TRP CB 258 95.84 46.00 90.72
C TRP CB 258 97.15 46.10 91.47
N ASP CB 259 97.32 47.18 92.24
CA ASP CB 259 98.37 47.20 93.25
C ASP CB 259 97.82 46.57 94.51
N LEU CB 260 98.56 45.59 95.06
CA LEU CB 260 98.09 44.85 96.21
C LEU CB 260 98.79 45.25 97.50
N GLU CB 261 99.83 46.08 97.42
CA GLU CB 261 100.39 46.74 98.59
C GLU CB 261 99.49 47.87 99.08
N GLY CB 262 98.89 48.62 98.17
CA GLY CB 262 97.90 49.61 98.53
C GLY CB 262 96.49 49.07 98.41
N LYS CB 263 96.37 47.83 97.91
CA LYS CB 263 95.08 47.16 97.77
C LYS CB 263 94.09 48.01 96.98
N ILE CB 264 94.59 48.64 95.90
CA ILE CB 264 93.78 49.50 95.06
C ILE CB 264 94.04 49.16 93.60
N ILE CB 265 92.97 49.13 92.81
CA ILE CB 265 93.08 48.92 91.37
C ILE CB 265 93.78 50.11 90.74
N VAL CB 266 94.80 49.84 89.92
CA VAL CB 266 95.59 50.90 89.31
C VAL CB 266 94.93 51.42 88.04
N ASP CB 267 94.75 50.53 87.06
CA ASP CB 267 94.21 50.93 85.76
C ASP CB 267 93.54 49.74 85.10
N GLU CB 268 92.86 50.03 83.99
CA GLU CB 268 91.92 49.12 83.34
C GLU CB 268 92.09 49.21 81.83
N LEU CB 269 91.67 48.15 81.13
CA LEU CB 269 91.53 48.16 79.68
C LEU CB 269 90.27 47.40 79.32
N LYS CB 270 89.45 47.98 78.46
CA LYS CB 270 88.27 47.33 77.91
C LYS CB 270 88.48 47.15 76.41
N GLN CB 271 88.33 45.91 75.93
CA GLN CB 271 88.52 45.64 74.51
C GLN CB 271 87.91 44.28 74.20
N GLU CB 272 87.26 44.16 73.04
CA GLU CB 272 86.70 42.91 72.58
C GLU CB 272 86.60 42.89 71.07
N VAL CB 273 86.63 41.69 70.51
CA VAL CB 273 86.00 41.41 69.23
C VAL CB 273 84.66 40.80 69.61
N ILE CB 274 83.66 41.66 69.83
CA ILE CB 274 82.37 41.24 70.34
C ILE CB 274 81.30 41.57 69.31
N SER CB 275 80.42 40.61 69.06
CA SER CB 275 79.31 40.83 68.14
C SER CB 275 77.98 40.55 68.82
N THR CB 276 77.90 39.47 69.60
CA THR CB 276 76.65 39.00 70.20
C THR CB 276 76.74 39.04 71.73
N SER CB 277 75.70 38.49 72.37
CA SER CB 277 75.45 38.66 73.79
C SER CB 277 76.26 37.69 74.64
N SER CB 278 75.87 37.53 75.90
CA SER CB 278 76.57 36.67 76.85
C SER CB 278 76.37 35.20 76.49
N LYS CB 279 76.89 34.79 75.33
CA LYS CB 279 76.70 33.45 74.78
C LYS CB 279 78.02 32.90 74.26
N ALA CB 280 79.08 33.06 75.07
CA ALA CB 280 80.45 32.77 74.64
C ALA CB 280 80.86 33.63 73.46
N GLU CB 281 80.29 34.82 73.34
CA GLU CB 281 80.76 35.84 72.40
C GLU CB 281 81.97 36.60 72.93
N PRO CB 282 82.01 37.03 74.18
CA PRO CB 282 83.22 37.67 74.69
C PRO CB 282 84.41 36.75 74.54
N PRO CB 283 85.44 37.17 73.83
CA PRO CB 283 86.65 36.34 73.74
C PRO CB 283 87.36 36.39 75.07
N GLN CB 284 86.88 35.61 76.04
CA GLN CB 284 87.32 35.82 77.41
C GLN CB 284 88.68 35.17 77.64
N CYS CB 285 89.70 36.01 77.78
CA CYS CB 285 91.05 35.56 78.08
C CYS CB 285 91.06 34.91 79.45
N THR CB 286 91.18 33.57 79.48
CA THR CB 286 91.36 32.83 80.72
C THR CB 286 92.77 32.26 80.81
N SER CB 287 93.75 32.93 80.20
CA SER CB 287 95.13 32.48 80.20
C SER CB 287 96.03 33.64 79.80
N LEU CB 288 97.02 33.94 80.64
CA LEU CB 288 97.96 35.00 80.29
C LEU CB 288 99.32 34.71 80.91
N ALA CB 289 100.31 35.49 80.49
CA ALA CB 289 101.57 35.62 81.21
C ALA CB 289 102.28 36.85 80.71
N TRP CB 290 103.07 37.47 81.58
CA TRP CB 290 103.88 38.60 81.18
C TRP CB 290 105.24 38.09 80.71
N SER CB 291 106.20 39.01 80.59
CA SER CB 291 107.57 38.67 80.24
C SER CB 291 108.24 37.91 81.38
N ALA CB 292 109.50 37.53 81.16
CA ALA CB 292 110.30 37.02 82.26
C ALA CB 292 110.45 38.07 83.35
N ASP CB 293 110.64 39.33 82.95
CA ASP CB 293 110.80 40.44 83.87
C ASP CB 293 109.56 41.30 84.00
N GLY CB 294 108.65 41.25 83.03
CA GLY CB 294 107.41 41.98 83.09
C GLY CB 294 107.29 43.19 82.18
N GLN CB 295 108.09 43.28 81.12
CA GLN CB 295 107.99 44.41 80.19
C GLN CB 295 106.75 44.30 79.32
N THR CB 296 106.32 43.08 79.01
CA THR CB 296 105.29 42.82 78.02
C THR CB 296 104.27 41.82 78.55
N LEU CB 297 103.06 41.88 78.01
CA LEU CB 297 101.96 40.99 78.37
C LEU CB 297 101.54 40.19 77.14
N PHE CB 298 101.65 38.87 77.22
CA PHE CB 298 101.08 37.97 76.22
C PHE CB 298 99.80 37.40 76.81
N ALA CB 299 98.66 37.86 76.30
CA ALA CB 299 97.36 37.38 76.72
C ALA CB 299 96.86 36.39 75.68
N GLY CB 300 96.68 35.13 76.08
CA GLY CB 300 96.20 34.11 75.19
C GLY CB 300 94.69 34.10 75.16
N TYR CB 301 94.12 34.51 74.04
CA TYR CB 301 92.69 34.69 73.89
C TYR CB 301 92.09 33.43 73.28
N THR CB 302 91.06 32.90 73.94
CA THR CB 302 90.46 31.60 73.61
C THR CB 302 89.72 31.62 72.30
N ASP CB 303 89.88 32.70 71.54
CA ASP CB 303 89.60 32.70 70.11
C ASP CB 303 90.84 32.25 69.33
N ASN CB 304 91.67 31.42 69.95
CA ASN CB 304 92.81 30.77 69.31
C ASN CB 304 93.82 31.81 68.80
N LEU CB 305 94.01 32.84 69.63
CA LEU CB 305 94.78 34.01 69.20
C LEU CB 305 95.59 34.50 70.39
N VAL CB 306 96.57 35.37 70.15
CA VAL CB 306 97.37 35.95 71.23
C VAL CB 306 97.55 37.44 70.98
N ARG CB 307 97.51 38.24 72.06
CA ARG CB 307 97.82 39.66 71.93
C ARG CB 307 99.01 40.02 72.83
N VAL CB 308 99.70 41.11 72.47
CA VAL CB 308 100.94 41.51 73.11
C VAL CB 308 100.85 42.98 73.49
N TRP CB 309 101.22 43.31 74.73
CA TRP CB 309 101.27 44.67 75.23
C TRP CB 309 102.64 44.93 75.85
N GLN CB 310 102.98 46.20 76.09
CA GLN CB 310 104.21 46.55 76.78
C GLN CB 310 104.02 47.79 77.65
N VAL CB 311 104.53 47.73 78.88
CA VAL CB 311 104.35 48.80 79.85
C VAL CB 311 105.30 49.96 79.55
N THR CB 312 104.78 51.18 79.61
CA THR CB 312 105.51 52.39 79.29
C THR CB 312 104.86 53.55 80.05
N ILE CB 313 105.61 54.64 80.20
CA ILE CB 313 105.20 55.86 80.89
C ILE CB 313 103.73 56.16 80.69
N SER DB 1 51.46 59.95 1.77
CA SER DB 1 52.27 60.04 2.97
C SER DB 1 52.84 61.44 3.13
N LEU DB 2 52.71 62.00 4.34
CA LEU DB 2 53.23 63.32 4.65
C LEU DB 2 53.33 63.47 6.16
N GLY DB 3 54.28 64.29 6.60
CA GLY DB 3 54.33 64.70 7.99
C GLY DB 3 53.45 65.91 8.23
N PRO DB 4 53.63 66.52 9.39
CA PRO DB 4 52.83 67.70 9.72
C PRO DB 4 53.38 68.97 9.09
N GLN DB 5 52.50 69.96 8.92
CA GLN DB 5 52.94 71.29 8.51
C GLN DB 5 53.84 71.95 9.54
N VAL DB 6 53.83 71.45 10.78
CA VAL DB 6 54.61 72.02 11.88
C VAL DB 6 56.01 71.42 11.89
N ALA DB 7 56.90 71.99 12.71
CA ALA DB 7 58.30 71.56 12.76
C ALA DB 7 58.72 71.19 14.17
N GLU DB 8 57.91 70.37 14.85
CA GLU DB 8 58.14 69.92 16.22
C GLU DB 8 58.12 71.07 17.23
N GLY DB 9 57.36 72.12 16.94
CA GLY DB 9 57.06 73.16 17.89
C GLY DB 9 55.61 73.17 18.35
N GLU DB 10 54.84 72.15 17.99
CA GLU DB 10 53.42 72.11 18.32
C GLU DB 10 52.97 70.65 18.27
N ASN DB 11 52.62 70.10 19.42
CA ASN DB 11 52.18 68.72 19.46
C ASN DB 11 50.82 68.58 18.79
N VAL DB 12 50.75 67.74 17.77
CA VAL DB 12 49.50 67.43 17.07
C VAL DB 12 48.93 66.15 17.67
N PHE DB 13 47.90 66.29 18.48
CA PHE DB 13 47.37 65.20 19.29
C PHE DB 13 46.40 64.33 18.47
N GLY DB 14 46.32 63.06 18.84
CA GLY DB 14 45.36 62.15 18.25
C GLY DB 14 45.02 61.06 19.23
N VAL DB 15 43.78 60.58 19.16
CA VAL DB 15 43.24 59.64 20.13
C VAL DB 15 43.27 58.25 19.53
N CYS DB 16 43.56 57.25 20.36
CA CYS DB 16 43.60 55.86 19.93
C CYS DB 16 42.62 55.04 20.75
N HIS DB 17 41.73 54.33 20.08
CA HIS DB 17 40.90 53.31 20.71
C HIS DB 17 41.74 52.05 20.86
N ILE DB 18 41.93 51.62 22.11
CA ILE DB 18 42.66 50.38 22.41
C ILE DB 18 41.58 49.40 22.84
N PHE DB 19 41.08 48.60 21.90
CA PHE DB 19 40.11 47.57 22.24
C PHE DB 19 40.84 46.41 22.88
N ALA DB 20 40.62 46.22 24.17
CA ALA DB 20 41.22 45.11 24.91
C ALA DB 20 40.11 44.23 25.46
N SER DB 21 40.14 42.96 25.08
CA SER DB 21 39.24 41.91 25.58
C SER DB 21 39.81 40.60 25.07
N PHE DB 22 39.02 39.53 25.16
CA PHE DB 22 39.28 38.37 24.33
C PHE DB 22 38.78 38.72 22.93
N ASN DB 23 38.59 37.72 22.06
CA ASN DB 23 38.02 38.01 20.75
C ASN DB 23 38.91 39.00 20.01
N ASP DB 24 40.04 38.51 19.47
CA ASP DB 24 41.32 39.22 19.41
C ASP DB 24 41.31 40.74 19.30
N THR DB 25 42.17 41.36 20.11
CA THR DB 25 42.15 42.78 20.45
C THR DB 25 42.46 43.66 19.23
N PHE DB 26 42.45 44.97 19.47
CA PHE DB 26 42.42 45.96 18.40
C PHE DB 26 43.14 47.21 18.87
N VAL DB 27 43.87 47.87 17.97
CA VAL DB 27 44.49 49.16 18.22
C VAL DB 27 44.16 50.07 17.04
N HIS DB 28 43.71 51.29 17.30
CA HIS DB 28 43.15 52.11 16.24
C HIS DB 28 43.39 53.58 16.56
N VAL DB 29 44.38 54.18 15.91
CA VAL DB 29 44.71 55.60 16.11
C VAL DB 29 43.94 56.43 15.09
N THR DB 30 43.46 57.59 15.53
CA THR DB 30 42.62 58.45 14.73
C THR DB 30 42.79 59.87 15.25
N ASP DB 31 42.35 60.85 14.46
CA ASP DB 31 42.47 62.22 14.91
C ASP DB 31 41.64 62.44 16.18
N LEU DB 32 41.85 63.59 16.82
CA LEU DB 32 41.22 63.86 18.10
C LEU DB 32 39.70 63.73 18.02
N SER DB 33 39.12 64.06 16.87
CA SER DB 33 37.69 63.89 16.69
C SER DB 33 37.31 62.45 16.35
N GLY DB 34 38.29 61.59 16.07
CA GLY DB 34 38.04 60.19 15.83
C GLY DB 34 37.56 59.85 14.44
N LYS DB 35 37.39 60.85 13.56
CA LYS DB 35 36.76 60.60 12.27
C LYS DB 35 37.68 59.82 11.34
N GLU DB 36 38.93 60.22 11.24
CA GLU DB 36 39.87 59.57 10.34
C GLU DB 36 40.30 58.22 10.93
N THR DB 37 41.29 57.60 10.32
CA THR DB 37 41.79 56.32 10.81
C THR DB 37 43.26 56.18 10.47
N ILE DB 38 44.08 55.93 11.49
CA ILE DB 38 45.51 55.75 11.33
C ILE DB 38 45.89 54.43 12.00
N CYS DB 39 46.46 53.52 11.21
CA CYS DB 39 46.96 52.23 11.72
C CYS DB 39 45.85 51.43 12.41
N ARG DB 40 44.84 51.08 11.61
CA ARG DB 40 43.79 50.17 12.06
C ARG DB 40 44.41 48.78 12.19
N VAL DB 41 45.12 48.56 13.29
CA VAL DB 41 45.99 47.40 13.44
C VAL DB 41 45.45 46.50 14.55
N THR DB 42 45.16 45.25 14.20
CA THR DB 42 44.56 44.31 15.13
C THR DB 42 45.65 43.64 15.93
N GLY DB 43 45.25 42.68 16.77
CA GLY DB 43 46.21 41.78 17.36
C GLY DB 43 46.45 40.54 16.51
N GLY DB 44 45.57 40.29 15.54
CA GLY DB 44 45.65 39.12 14.70
C GLY DB 44 45.72 39.38 13.21
N MET DB 45 46.00 40.60 12.77
CA MET DB 45 46.22 40.88 11.37
C MET DB 45 47.59 40.40 10.90
N LYS DB 46 48.33 39.70 11.77
CA LYS DB 46 49.76 39.53 11.61
C LYS DB 46 50.17 38.17 11.07
N VAL DB 47 49.85 37.09 11.78
CA VAL DB 47 50.35 35.76 11.45
C VAL DB 47 49.29 34.73 11.81
N LYS DB 48 49.49 33.50 11.32
CA LYS DB 48 48.57 32.39 11.55
C LYS DB 48 48.78 31.81 12.94
N ALA DB 49 48.25 30.62 13.19
CA ALA DB 49 48.04 30.08 14.53
C ALA DB 49 47.02 30.94 15.28
N ASP DB 50 45.80 30.89 14.74
CA ASP DB 50 44.75 31.85 15.07
C ASP DB 50 44.37 31.80 16.55
N ARG DB 51 44.69 30.72 17.25
CA ARG DB 51 44.45 30.67 18.69
C ARG DB 51 45.17 31.80 19.41
N ASP DB 52 46.45 31.97 19.12
CA ASP DB 52 47.25 33.02 19.74
C ASP DB 52 47.06 34.37 19.09
N GLU DB 53 45.94 34.56 18.37
CA GLU DB 53 45.69 35.86 17.75
C GLU DB 53 45.68 36.96 18.80
N SER DB 54 45.05 36.72 19.95
CA SER DB 54 45.00 37.68 21.05
C SER DB 54 46.02 37.26 22.10
N SER DB 55 47.01 38.12 22.33
CA SER DB 55 48.10 37.83 23.27
C SER DB 55 48.97 39.07 23.49
N PRO DB 56 49.89 39.03 24.46
CA PRO DB 56 50.91 40.09 24.52
C PRO DB 56 51.67 40.23 23.22
N TYR DB 57 52.01 39.11 22.59
CA TYR DB 57 52.64 39.14 21.28
C TYR DB 57 51.72 39.76 20.23
N ALA DB 58 50.43 39.87 20.53
CA ALA DB 58 49.51 40.57 19.64
C ALA DB 58 49.57 42.07 19.86
N ALA DB 59 49.32 42.50 21.09
CA ALA DB 59 49.19 43.94 21.33
C ALA DB 59 50.51 44.67 21.12
N MET DB 60 51.65 44.05 21.48
CA MET DB 60 52.92 44.73 21.28
C MET DB 60 53.14 45.03 19.80
N LEU DB 61 52.86 44.05 18.94
CA LEU DB 61 52.99 44.24 17.51
C LEU DB 61 51.98 45.21 16.95
N ALA DB 62 50.75 45.21 17.46
CA ALA DB 62 49.78 46.20 16.98
C ALA DB 62 50.25 47.61 17.27
N ALA DB 63 50.63 47.89 18.51
CA ALA DB 63 51.08 49.22 18.89
C ALA DB 63 52.39 49.60 18.20
N GLN DB 64 53.33 48.66 18.04
CA GLN DB 64 54.57 48.95 17.34
C GLN DB 64 54.32 49.23 15.86
N ASP DB 65 53.35 48.54 15.26
CA ASP DB 65 52.92 48.88 13.90
C ASP DB 65 52.40 50.30 13.85
N VAL DB 66 51.57 50.66 14.83
CA VAL DB 66 51.05 52.02 14.87
C VAL DB 66 52.19 53.04 14.94
N ALA DB 67 53.24 52.72 15.69
CA ALA DB 67 54.31 53.69 15.94
C ALA DB 67 54.95 54.17 14.65
N GLN DB 68 54.99 53.35 13.61
CA GLN DB 68 55.69 53.78 12.40
C GLN DB 68 54.89 54.80 11.60
N ARG DB 69 53.65 54.45 11.23
CA ARG DB 69 52.85 55.36 10.42
C ARG DB 69 52.36 56.56 11.20
N CYS DB 70 52.26 56.49 12.54
CA CYS DB 70 51.95 57.71 13.26
C CYS DB 70 53.11 58.71 13.25
N LYS DB 71 54.35 58.24 13.10
CA LYS DB 71 55.48 59.11 12.82
C LYS DB 71 55.51 59.58 11.37
N GLU DB 72 55.21 58.68 10.43
CA GLU DB 72 55.20 59.05 9.03
C GLU DB 72 54.06 60.02 8.71
N LEU DB 73 53.07 60.13 9.59
CA LEU DB 73 52.04 61.15 9.50
C LEU DB 73 52.20 62.24 10.55
N GLY DB 74 53.14 62.10 11.47
CA GLY DB 74 53.59 63.20 12.29
C GLY DB 74 52.79 63.49 13.53
N ILE DB 75 51.79 62.67 13.87
CA ILE DB 75 51.16 62.83 15.16
C ILE DB 75 52.20 62.57 16.23
N THR DB 76 52.34 63.50 17.17
CA THR DB 76 53.36 63.39 18.22
C THR DB 76 52.80 62.91 19.54
N ALA DB 77 51.55 63.25 19.84
CA ALA DB 77 50.91 62.96 21.12
C ALA DB 77 49.64 62.15 20.89
N LEU DB 78 49.38 61.23 21.83
CA LEU DB 78 48.36 60.20 21.63
C LEU DB 78 47.55 60.08 22.91
N HIS DB 79 46.29 60.48 22.85
CA HIS DB 79 45.34 60.03 23.87
C HIS DB 79 45.09 58.54 23.70
N ILE DB 80 44.76 57.88 24.80
CA ILE DB 80 44.35 56.48 24.77
C ILE DB 80 42.98 56.37 25.43
N LYS DB 81 42.00 55.90 24.66
CA LYS DB 81 40.69 55.53 25.18
C LYS DB 81 40.60 54.02 25.11
N LEU DB 82 40.50 53.37 26.26
CA LEU DB 82 40.44 51.93 26.31
C LEU DB 82 39.01 51.47 26.08
N ARG DB 83 38.84 50.40 25.32
CA ARG DB 83 37.52 49.94 24.93
C ARG DB 83 37.41 48.45 25.27
N ALA DB 84 36.18 48.01 25.53
CA ALA DB 84 35.91 46.62 25.91
C ALA DB 84 34.71 46.12 25.12
N THR DB 85 34.25 44.91 25.42
CA THR DB 85 33.18 44.33 24.62
C THR DB 85 31.91 45.17 24.70
N GLY DB 86 31.47 45.51 25.91
CA GLY DB 86 30.41 46.49 26.08
C GLY DB 86 29.03 45.87 26.23
N GLY DB 87 28.05 46.76 26.31
CA GLY DB 87 26.66 46.33 26.39
C GLY DB 87 26.44 45.38 27.55
N ASN DB 88 25.74 44.29 27.28
CA ASN DB 88 25.61 43.20 28.23
C ASN DB 88 26.75 42.20 28.12
N ARG DB 89 27.72 42.45 27.23
CA ARG DB 89 28.83 41.53 27.03
C ARG DB 89 29.85 41.68 28.15
N THR DB 90 31.05 41.12 27.96
CA THR DB 90 32.05 41.09 29.02
C THR DB 90 32.38 42.49 29.54
N LYS DB 91 32.54 43.44 28.63
CA LYS DB 91 32.90 44.84 28.93
C LYS DB 91 33.97 44.91 30.04
N THR DB 92 35.13 44.34 29.73
CA THR DB 92 36.25 44.32 30.64
C THR DB 92 37.52 44.16 29.82
N PRO DB 93 38.58 44.93 30.11
CA PRO DB 93 39.82 44.78 29.35
C PRO DB 93 40.44 43.40 29.56
N GLY DB 94 41.16 42.94 28.54
CA GLY DB 94 41.66 41.58 28.53
C GLY DB 94 43.17 41.48 28.66
N PRO DB 95 43.74 40.44 28.04
CA PRO DB 95 45.15 40.13 28.26
C PRO DB 95 46.15 40.79 27.33
N GLY DB 96 45.82 41.93 26.73
CA GLY DB 96 46.77 42.58 25.85
C GLY DB 96 47.07 44.04 26.12
N ALA DB 97 46.15 44.71 26.84
CA ALA DB 97 46.24 46.15 27.01
C ALA DB 97 47.59 46.57 27.58
N GLN DB 98 48.09 45.84 28.57
CA GLN DB 98 49.37 46.17 29.16
C GLN DB 98 50.48 46.05 28.12
N SER DB 99 50.38 45.07 27.23
CA SER DB 99 51.43 44.89 26.22
C SER DB 99 51.41 46.02 25.20
N ALA DB 100 50.23 46.41 24.72
CA ALA DB 100 50.17 47.52 23.78
C ALA DB 100 50.69 48.81 24.42
N LEU DB 101 50.25 49.08 25.65
CA LEU DB 101 50.67 50.30 26.34
C LEU DB 101 52.18 50.29 26.61
N ARG DB 102 52.71 49.15 27.05
CA ARG DB 102 54.14 49.05 27.34
C ARG DB 102 54.98 49.20 26.07
N ALA DB 103 54.57 48.52 25.00
CA ALA DB 103 55.33 48.61 23.76
C ALA DB 103 55.37 50.03 23.23
N LEU DB 104 54.21 50.71 23.21
CA LEU DB 104 54.26 52.09 22.73
C LEU DB 104 54.94 53.04 23.71
N ALA DB 105 54.85 52.80 25.01
CA ALA DB 105 55.54 53.62 25.98
C ALA DB 105 57.06 53.54 25.84
N ARG DB 106 57.60 52.34 25.65
CA ARG DB 106 58.99 52.22 25.29
C ARG DB 106 59.30 52.78 23.91
N SER DB 107 58.41 52.59 22.93
CA SER DB 107 58.57 53.17 21.61
C SER DB 107 58.64 54.69 21.65
N GLY DB 108 58.12 55.31 22.71
CA GLY DB 108 58.34 56.71 22.94
C GLY DB 108 57.66 57.65 21.98
N MET DB 109 56.41 57.38 21.61
CA MET DB 109 55.60 58.36 20.90
C MET DB 109 54.60 58.93 21.89
N LYS DB 110 54.68 60.24 22.13
CA LYS DB 110 54.12 60.85 23.34
C LYS DB 110 52.74 60.31 23.66
N ILE DB 111 52.54 59.88 24.90
CA ILE DB 111 51.24 59.41 25.38
C ILE DB 111 50.69 60.47 26.31
N GLY DB 112 49.59 61.11 25.90
CA GLY DB 112 49.04 62.24 26.61
C GLY DB 112 48.08 61.86 27.72
N ARG DB 113 46.84 62.34 27.63
CA ARG DB 113 45.88 62.06 28.69
C ARG DB 113 45.57 60.56 28.75
N ILE DB 114 45.30 60.09 29.96
CA ILE DB 114 44.96 58.69 30.23
C ILE DB 114 43.49 58.65 30.63
N GLU DB 115 42.75 57.68 30.07
CA GLU DB 115 41.31 57.68 30.15
C GLU DB 115 40.76 56.34 29.63
N ASP DB 116 39.51 56.06 29.96
CA ASP DB 116 38.92 54.72 29.74
C ASP DB 116 37.41 54.90 29.54
N VAL DB 117 36.93 54.64 28.32
CA VAL DB 117 35.54 54.97 27.96
C VAL DB 117 34.76 53.84 27.29
N THR DB 118 35.01 52.58 27.69
CA THR DB 118 34.29 51.43 27.13
C THR DB 118 32.77 51.67 27.18
N PRO DB 119 32.00 51.06 26.27
CA PRO DB 119 30.57 51.40 26.18
C PRO DB 119 29.74 50.71 27.25
N ILE DB 120 28.71 51.42 27.71
CA ILE DB 120 27.87 50.89 28.78
C ILE DB 120 26.39 51.14 28.51
N PRO DB 121 25.52 50.19 28.84
CA PRO DB 121 24.10 50.48 28.97
C PRO DB 121 23.73 50.87 30.38
N SER DB 122 22.73 51.76 30.48
CA SER DB 122 22.03 51.88 31.76
C SER DB 122 21.38 50.55 32.11
N ASP DB 123 20.77 49.91 31.11
CA ASP DB 123 20.57 48.46 31.07
C ASP DB 123 20.01 48.08 29.72
N SER DB 124 20.36 46.88 29.27
CA SER DB 124 19.96 46.38 27.98
C SER DB 124 19.59 44.92 28.12
N THR DB 125 19.47 44.23 26.99
CA THR DB 125 19.02 42.86 26.98
C THR DB 125 20.13 41.91 27.44
N ARG DB 126 19.90 40.61 27.25
CA ARG DB 126 20.63 39.57 27.95
C ARG DB 126 21.76 38.99 27.10
N ARG DB 127 22.32 37.87 27.56
CA ARG DB 127 23.40 37.13 26.92
C ARG DB 127 22.89 35.72 26.58
N LYS DB 128 23.75 34.91 25.98
CA LYS DB 128 23.34 33.58 25.52
C LYS DB 128 23.05 32.65 26.69
N GLY DB 129 22.04 31.81 26.54
CA GLY DB 129 21.66 30.84 27.55
C GLY DB 129 20.37 31.20 28.25
N GLY DB 130 20.45 31.47 29.55
CA GLY DB 130 19.34 32.07 30.27
C GLY DB 130 19.06 31.51 31.64
N ARG DB 131 19.15 30.21 31.80
CA ARG DB 131 19.04 29.63 33.14
C ARG DB 131 20.16 28.66 33.45
N ARG DB 132 20.61 27.88 32.47
CA ARG DB 132 21.73 26.99 32.69
C ARG DB 132 23.07 27.66 32.40
N GLY DB 133 23.06 28.77 31.66
CA GLY DB 133 24.30 29.48 31.41
C GLY DB 133 25.26 28.70 30.54
N ARG DB 134 26.54 29.00 30.70
CA ARG DB 134 27.62 28.27 30.04
C ARG DB 134 28.10 27.25 31.06
N ARG DB 135 27.56 26.03 30.98
CA ARG DB 135 27.86 25.03 32.01
C ARG DB 135 29.35 24.75 32.11
N LEU DB 136 30.11 25.02 31.06
CA LEU DB 136 31.54 24.84 31.13
C LEU DB 136 32.16 25.91 32.02
N VAL EB 1 75.33 -42.21 -0.74
CA VAL EB 1 76.41 -42.71 0.11
C VAL EB 1 75.93 -43.93 0.87
N GLU EB 2 76.64 -45.04 0.73
CA GLU EB 2 77.84 -45.08 -0.12
C GLU EB 2 77.65 -46.08 -1.26
N GLN EB 3 77.97 -45.63 -2.48
CA GLN EB 3 77.97 -46.53 -3.64
C GLN EB 3 79.31 -47.24 -3.67
N LYS EB 4 79.33 -48.47 -3.17
CA LYS EB 4 80.54 -49.27 -3.15
C LYS EB 4 80.85 -49.88 -4.46
N LYS EB 5 80.29 -49.33 -5.55
CA LYS EB 5 80.25 -50.03 -6.83
C LYS EB 5 79.53 -51.37 -6.66
N LYS EB 6 78.23 -51.21 -6.42
CA LYS EB 6 77.35 -52.23 -5.87
C LYS EB 6 77.41 -53.52 -6.68
N ARG EB 7 76.80 -54.56 -6.11
CA ARG EB 7 76.88 -55.96 -6.51
C ARG EB 7 78.21 -56.58 -6.07
N THR EB 8 79.14 -55.80 -5.52
CA THR EB 8 80.47 -56.27 -5.13
C THR EB 8 81.04 -55.34 -4.06
N PHE EB 9 82.08 -55.85 -3.38
CA PHE EB 9 83.11 -55.01 -2.75
C PHE EB 9 82.54 -54.05 -1.69
N ARG EB 10 82.13 -54.64 -0.56
CA ARG EB 10 81.83 -53.81 0.60
C ARG EB 10 83.05 -52.99 1.01
N LYS EB 11 82.82 -51.67 1.20
CA LYS EB 11 83.92 -50.73 1.44
C LYS EB 11 83.43 -49.60 2.33
N PHE EB 12 83.59 -49.76 3.64
CA PHE EB 12 83.39 -48.69 4.61
C PHE EB 12 84.72 -48.56 5.34
N THR EB 13 85.64 -47.79 4.76
CA THR EB 13 87.03 -47.78 5.15
C THR EB 13 87.36 -46.71 6.18
N TYR EB 14 86.42 -46.39 7.09
CA TYR EB 14 86.53 -45.19 7.91
C TYR EB 14 87.89 -45.07 8.58
N ARG EB 15 88.44 -43.86 8.51
CA ARG EB 15 89.72 -43.43 9.09
C ARG EB 15 90.93 -44.02 8.37
N GLY EB 16 90.75 -44.83 7.34
CA GLY EB 16 91.82 -45.17 6.43
C GLY EB 16 92.25 -46.62 6.38
N VAL EB 17 91.59 -47.52 7.10
CA VAL EB 17 91.84 -48.95 6.94
C VAL EB 17 90.55 -49.53 6.38
N ASP EB 18 90.58 -50.79 5.97
CA ASP EB 18 89.49 -51.35 5.19
C ASP EB 18 88.56 -52.16 6.08
N LEU EB 19 87.31 -52.32 5.62
CA LEU EB 19 86.33 -53.06 6.39
C LEU EB 19 86.52 -54.57 6.30
N ASP EB 20 86.98 -55.09 5.16
CA ASP EB 20 87.25 -56.52 5.05
C ASP EB 20 88.51 -56.92 5.80
N GLN EB 21 89.25 -55.98 6.37
CA GLN EB 21 90.27 -56.25 7.37
C GLN EB 21 89.89 -55.71 8.74
N LEU EB 22 88.78 -54.97 8.84
CA LEU EB 22 88.35 -54.36 10.09
C LEU EB 22 87.27 -55.14 10.81
N LEU EB 23 86.49 -55.96 10.10
CA LEU EB 23 85.60 -56.91 10.76
C LEU EB 23 86.38 -57.85 11.68
N ASP EB 24 87.59 -58.20 11.29
CA ASP EB 24 88.48 -59.09 12.04
C ASP EB 24 89.68 -58.26 12.46
N MET EB 25 89.57 -57.54 13.58
CA MET EB 25 90.56 -56.54 13.95
C MET EB 25 90.79 -56.63 15.47
N SER EB 26 91.46 -55.62 16.03
CA SER EB 26 91.84 -55.62 17.43
C SER EB 26 91.54 -54.27 18.07
N TYR EB 27 91.30 -54.33 19.38
CA TYR EB 27 90.80 -53.18 20.14
C TYR EB 27 91.77 -52.02 20.14
N GLU EB 28 93.08 -52.27 20.07
CA GLU EB 28 94.05 -51.18 20.07
C GLU EB 28 93.84 -50.26 18.87
N GLN EB 29 93.94 -50.82 17.66
CA GLN EB 29 93.73 -49.99 16.48
C GLN EB 29 92.29 -49.50 16.39
N LEU EB 30 91.33 -50.29 16.89
CA LEU EB 30 89.95 -49.82 16.89
C LEU EB 30 89.78 -48.57 17.74
N MET EB 31 90.45 -48.50 18.89
CA MET EB 31 90.37 -47.33 19.74
C MET EB 31 91.13 -46.15 19.15
N GLN EB 32 92.29 -46.40 18.54
CA GLN EB 32 92.99 -45.28 17.93
C GLN EB 32 92.30 -44.79 16.66
N LEU EB 33 91.34 -45.56 16.12
CA LEU EB 33 90.53 -45.10 15.00
C LEU EB 33 89.26 -44.38 15.46
N TYR EB 34 88.59 -44.91 16.48
CA TYR EB 34 87.39 -44.25 16.99
C TYR EB 34 87.73 -42.84 17.49
N SER EB 35 86.77 -41.94 17.40
CA SER EB 35 86.99 -40.55 17.75
C SER EB 35 87.28 -40.42 19.24
N ALA EB 36 87.57 -39.17 19.66
CA ALA EB 36 87.97 -38.94 21.05
C ALA EB 36 86.84 -39.25 22.03
N ARG EB 37 85.58 -39.05 21.62
CA ARG EB 37 84.47 -39.35 22.51
C ARG EB 37 84.23 -40.85 22.61
N GLN EB 38 84.28 -41.55 21.48
CA GLN EB 38 84.23 -43.01 21.52
C GLN EB 38 85.40 -43.57 22.30
N ARG EB 39 86.60 -43.05 22.04
CA ARG EB 39 87.78 -43.45 22.79
C ARG EB 39 87.60 -43.17 24.28
N ARG EB 40 86.89 -42.08 24.61
CA ARG EB 40 86.76 -41.69 26.00
C ARG EB 40 85.75 -42.58 26.72
N ARG EB 41 84.71 -43.01 26.00
CA ARG EB 41 83.82 -44.04 26.52
C ARG EB 41 84.56 -45.36 26.71
N LEU EB 42 85.45 -45.68 25.78
CA LEU EB 42 86.16 -46.96 25.85
C LEU EB 42 87.26 -46.95 26.91
N SER EB 43 87.76 -45.78 27.29
CA SER EB 43 88.80 -45.71 28.30
C SER EB 43 88.27 -45.81 29.72
N ARG EB 44 87.01 -46.22 29.88
CA ARG EB 44 86.50 -46.68 31.17
C ARG EB 44 85.82 -48.03 31.07
N GLY EB 45 85.89 -48.70 29.93
CA GLY EB 45 85.40 -50.06 29.72
C GLY EB 45 84.00 -50.10 29.13
N LEU EB 46 83.73 -51.18 28.40
CA LEU EB 46 82.37 -51.51 27.97
C LEU EB 46 81.82 -52.60 28.90
N ARG EB 47 81.34 -52.15 30.06
CA ARG EB 47 81.11 -53.02 31.20
C ARG EB 47 79.94 -53.98 30.93
N ARG EB 48 79.64 -54.83 31.93
CA ARG EB 48 78.75 -55.98 31.78
C ARG EB 48 77.48 -55.66 31.01
N LYS EB 49 77.03 -54.41 31.09
CA LYS EB 49 75.83 -53.99 30.39
C LYS EB 49 75.88 -54.35 28.91
N GLN EB 50 77.09 -54.36 28.33
CA GLN EB 50 77.25 -54.70 26.93
C GLN EB 50 77.88 -56.08 26.72
N HIS EB 51 78.55 -56.64 27.73
CA HIS EB 51 79.01 -58.03 27.66
C HIS EB 51 77.84 -58.99 27.57
N SER EB 52 76.85 -58.82 28.46
CA SER EB 52 75.67 -59.66 28.44
C SER EB 52 74.93 -59.56 27.12
N LEU EB 53 75.12 -58.46 26.40
CA LEU EB 53 74.59 -58.33 25.05
C LEU EB 53 75.45 -59.05 24.02
N LEU EB 54 76.74 -58.72 23.98
CA LEU EB 54 77.63 -59.28 22.95
C LEU EB 54 77.61 -60.80 22.96
N LYS EB 55 77.45 -61.42 24.14
CA LYS EB 55 77.30 -62.87 24.15
C LYS EB 55 76.08 -63.30 23.34
N ARG EB 56 74.95 -62.62 23.53
CA ARG EB 56 73.75 -62.94 22.76
C ARG EB 56 73.89 -62.51 21.30
N LEU EB 57 74.69 -61.49 21.03
CA LEU EB 57 74.94 -61.11 19.65
C LEU EB 57 75.63 -62.23 18.89
N ARG EB 58 76.69 -62.80 19.48
CA ARG EB 58 77.35 -63.93 18.85
C ARG EB 58 76.43 -65.15 18.80
N LYS EB 59 75.66 -65.38 19.87
CA LYS EB 59 74.70 -66.48 19.85
C LYS EB 59 73.70 -66.33 18.71
N ALA EB 60 73.18 -65.12 18.52
CA ALA EB 60 72.23 -64.85 17.46
C ALA EB 60 72.85 -65.04 16.09
N LYS EB 61 74.07 -64.51 15.90
CA LYS EB 61 74.71 -64.61 14.60
C LYS EB 61 74.98 -66.06 14.22
N LYS EB 62 75.36 -66.88 15.20
CA LYS EB 62 75.59 -68.29 14.89
C LYS EB 62 74.27 -69.02 14.66
N GLU EB 63 73.25 -68.77 15.50
CA GLU EB 63 72.03 -69.57 15.44
C GLU EB 63 71.21 -69.24 14.19
N ALA EB 64 71.02 -67.96 13.89
CA ALA EB 64 70.31 -67.58 12.69
C ALA EB 64 71.24 -67.71 11.48
N PRO EB 65 70.81 -68.37 10.41
CA PRO EB 65 71.70 -68.60 9.28
C PRO EB 65 72.12 -67.30 8.65
N PRO EB 66 73.37 -67.19 8.19
CA PRO EB 66 73.79 -65.97 7.46
C PRO EB 66 73.01 -65.72 6.18
N MET EB 67 72.32 -66.72 5.61
CA MET EB 67 71.34 -66.49 4.57
C MET EB 67 70.02 -65.97 5.11
N GLU EB 68 69.96 -65.69 6.41
CA GLU EB 68 68.97 -64.82 7.00
C GLU EB 68 69.73 -63.82 7.85
N LYS EB 69 69.04 -63.05 8.68
CA LYS EB 69 69.75 -62.15 9.57
C LYS EB 69 69.67 -62.64 11.01
N PRO EB 70 70.66 -62.33 11.83
CA PRO EB 70 70.60 -62.71 13.26
C PRO EB 70 69.42 -62.06 13.96
N GLU EB 71 69.08 -62.52 15.16
CA GLU EB 71 67.87 -62.05 15.80
C GLU EB 71 68.01 -60.61 16.29
N VAL EB 72 66.87 -60.03 16.64
CA VAL EB 72 66.79 -58.66 17.14
C VAL EB 72 67.15 -58.71 18.63
N VAL EB 73 68.28 -58.11 18.97
CA VAL EB 73 68.67 -57.94 20.35
C VAL EB 73 68.21 -56.56 20.82
N LYS EB 74 67.58 -56.54 21.98
CA LYS EB 74 67.00 -55.33 22.55
C LYS EB 74 67.86 -54.82 23.71
N THR EB 75 68.10 -53.51 23.72
CA THR EB 75 68.88 -52.84 24.74
C THR EB 75 67.98 -51.91 25.50
N HIS EB 76 67.99 -51.99 26.83
CA HIS EB 76 67.33 -50.95 27.61
C HIS EB 76 67.99 -49.61 27.44
N LEU EB 77 69.24 -49.61 26.95
CA LEU EB 77 70.10 -48.44 26.94
C LEU EB 77 70.07 -47.78 25.56
N ARG EB 78 70.82 -46.67 25.45
CA ARG EB 78 70.89 -45.91 24.22
C ARG EB 78 72.29 -45.54 23.78
N ASP EB 79 73.33 -45.88 24.54
CA ASP EB 79 74.67 -45.38 24.29
C ASP EB 79 75.61 -46.55 24.07
N MET EB 80 76.05 -46.73 22.82
CA MET EB 80 76.94 -47.83 22.48
C MET EB 80 77.68 -47.60 21.17
N ILE EB 81 79.01 -47.75 21.20
CA ILE EB 81 79.79 -47.69 19.97
C ILE EB 81 79.56 -48.97 19.17
N ILE EB 82 79.17 -48.80 17.91
CA ILE EB 82 78.88 -49.95 17.05
C ILE EB 82 80.19 -50.66 16.75
N LEU EB 83 80.33 -51.89 17.22
CA LEU EB 83 81.59 -52.61 17.11
C LEU EB 83 81.75 -53.20 15.72
N PRO EB 84 82.96 -53.63 15.35
CA PRO EB 84 83.17 -54.22 14.02
C PRO EB 84 82.34 -55.45 13.70
N GLU EB 85 82.07 -56.35 14.66
CA GLU EB 85 81.35 -57.57 14.34
C GLU EB 85 79.85 -57.36 14.21
N MET EB 86 79.29 -56.29 14.77
CA MET EB 86 77.87 -56.05 14.63
C MET EB 86 77.51 -55.24 13.40
N VAL EB 87 78.26 -55.39 12.32
CA VAL EB 87 77.84 -54.91 11.01
C VAL EB 87 76.86 -55.92 10.40
N GLY EB 88 75.75 -55.42 9.88
CA GLY EB 88 74.83 -56.26 9.16
C GLY EB 88 73.73 -56.91 9.98
N SER EB 89 73.37 -56.33 11.12
CA SER EB 89 72.34 -56.87 12.00
C SER EB 89 71.08 -55.99 11.98
N MET EB 90 70.07 -56.44 12.71
CA MET EB 90 68.87 -55.67 12.95
C MET EB 90 68.56 -55.74 14.43
N VAL EB 91 68.53 -54.58 15.10
CA VAL EB 91 68.45 -54.55 16.56
C VAL EB 91 67.40 -53.54 16.99
N GLY EB 92 66.57 -53.92 17.96
CA GLY EB 92 65.52 -53.02 18.42
C GLY EB 92 65.86 -52.38 19.75
N VAL EB 93 66.15 -51.07 19.72
CA VAL EB 93 66.56 -50.34 20.92
C VAL EB 93 65.32 -49.90 21.67
N TYR EB 94 65.48 -49.55 22.94
CA TYR EB 94 64.41 -48.93 23.70
C TYR EB 94 64.68 -47.43 23.83
N ASN EB 95 63.81 -46.61 23.27
CA ASN EB 95 63.95 -45.17 23.35
C ASN EB 95 63.57 -44.61 24.72
N GLY EB 96 63.34 -45.48 25.70
CA GLY EB 96 62.81 -45.09 26.98
C GLY EB 96 61.34 -45.37 27.14
N LYS EB 97 60.58 -45.31 26.04
CA LYS EB 97 59.17 -45.70 26.04
C LYS EB 97 58.88 -46.85 25.11
N THR EB 98 59.38 -46.81 23.87
CA THR EB 98 58.96 -47.73 22.83
C THR EB 98 60.16 -48.47 22.25
N PHE EB 99 59.90 -49.70 21.81
CA PHE EB 99 60.89 -50.45 21.05
C PHE EB 99 60.94 -49.88 19.65
N ASN EB 100 62.09 -49.33 19.26
CA ASN EB 100 62.29 -48.88 17.88
C ASN EB 100 63.35 -49.76 17.24
N GLN EB 101 62.98 -50.45 16.16
CA GLN EB 101 63.93 -51.31 15.47
C GLN EB 101 64.81 -50.47 14.55
N VAL EB 102 66.12 -50.66 14.68
CA VAL EB 102 67.12 -49.94 13.92
C VAL EB 102 67.90 -50.96 13.08
N GLU EB 103 68.14 -50.59 11.83
CA GLU EB 103 68.83 -51.46 10.88
C GLU EB 103 70.30 -51.12 10.84
N ILE EB 104 71.16 -52.07 11.21
CA ILE EB 104 72.59 -51.86 11.13
C ILE EB 104 72.98 -51.52 9.70
N LYS EB 105 73.42 -50.39 9.50
CA LYS EB 105 73.98 -50.15 8.20
C LYS EB 105 75.50 -50.20 8.29
N PRO EB 106 76.19 -50.61 7.22
CA PRO EB 106 77.65 -50.59 7.25
C PRO EB 106 78.23 -49.21 7.33
N GLU EB 107 77.43 -48.16 7.10
CA GLU EB 107 77.84 -46.78 7.31
C GLU EB 107 77.16 -46.15 8.53
N MET EB 108 77.02 -46.91 9.61
CA MET EB 108 76.75 -46.36 10.93
C MET EB 108 77.93 -46.52 11.88
N ILE EB 109 78.81 -47.49 11.64
CA ILE EB 109 79.66 -48.03 12.70
C ILE EB 109 80.70 -46.99 13.10
N GLY EB 110 80.81 -46.78 14.40
CA GLY EB 110 81.66 -45.73 14.92
C GLY EB 110 80.87 -44.53 15.40
N HIS EB 111 79.77 -44.78 16.10
CA HIS EB 111 79.02 -43.72 16.76
C HIS EB 111 78.12 -44.35 17.82
N TYR EB 112 77.19 -43.56 18.36
CA TYR EB 112 76.35 -43.98 19.47
C TYR EB 112 74.94 -44.28 18.99
N LEU EB 113 74.29 -45.26 19.63
CA LEU EB 113 72.98 -45.70 19.15
C LEU EB 113 71.90 -44.67 19.42
N GLY EB 114 72.11 -43.79 20.41
CA GLY EB 114 71.10 -42.83 20.78
C GLY EB 114 70.98 -41.65 19.85
N GLU EB 115 71.85 -41.55 18.84
CA GLU EB 115 71.69 -40.55 17.80
C GLU EB 115 70.87 -41.11 16.64
N PHE EB 116 71.03 -42.40 16.33
CA PHE EB 116 70.14 -43.06 15.40
C PHE EB 116 68.76 -43.25 15.98
N SER EB 117 68.65 -43.42 17.30
CA SER EB 117 67.37 -43.54 17.99
C SER EB 117 67.28 -42.42 19.01
N ILE EB 118 66.38 -41.47 18.78
CA ILE EB 118 66.22 -40.32 19.66
C ILE EB 118 64.90 -40.44 20.41
N THR EB 119 64.62 -39.43 21.24
CA THR EB 119 63.52 -39.54 22.19
C THR EB 119 62.62 -38.33 22.26
N TYR EB 120 63.04 -37.14 21.82
CA TYR EB 120 62.10 -36.05 21.62
C TYR EB 120 61.26 -36.44 20.41
N LYS EB 121 60.30 -37.30 20.68
CA LYS EB 121 59.55 -37.98 19.62
C LYS EB 121 58.83 -36.96 18.76
N PRO EB 122 59.01 -37.00 17.43
CA PRO EB 122 58.55 -35.90 16.57
C PRO EB 122 57.20 -35.34 16.96
N VAL EB 123 57.17 -34.02 17.22
CA VAL EB 123 55.98 -33.40 17.77
C VAL EB 123 54.97 -33.15 16.65
N LYS EB 124 53.70 -33.06 17.05
CA LYS EB 124 52.68 -32.46 16.20
C LYS EB 124 52.60 -30.97 16.49
N HIS EB 125 52.09 -30.22 15.53
CA HIS EB 125 52.20 -28.78 15.57
C HIS EB 125 50.84 -28.13 15.47
N GLY EB 126 50.84 -26.80 15.56
CA GLY EB 126 49.62 -26.04 15.57
C GLY EB 126 49.94 -24.56 15.56
N ARG EB 127 48.93 -23.77 15.89
CA ARG EB 127 49.04 -22.32 15.94
C ARG EB 127 48.50 -21.80 17.27
N GLY FB 1 -8.08 22.93 63.63
CA GLY FB 1 -6.85 22.76 64.38
C GLY FB 1 -6.96 21.72 65.48
N LYS FB 2 -6.40 22.04 66.65
CA LYS FB 2 -6.62 21.27 67.86
C LYS FB 2 -7.40 22.15 68.82
N CYS FB 3 -8.73 22.09 68.74
CA CYS FB 3 -9.62 22.91 69.54
C CYS FB 3 -10.19 22.05 70.66
N ARG FB 4 -10.60 22.71 71.75
CA ARG FB 4 -10.96 21.94 72.94
C ARG FB 4 -12.14 22.53 73.69
N GLY FB 5 -13.03 23.26 73.01
CA GLY FB 5 -14.24 23.73 73.66
C GLY FB 5 -15.13 22.61 74.16
N LEU FB 6 -16.28 22.93 74.75
CA LEU FB 6 -17.10 21.91 75.39
C LEU FB 6 -18.16 21.30 74.47
N ARG FB 7 -19.11 22.10 73.98
CA ARG FB 7 -20.24 21.58 73.20
C ARG FB 7 -19.83 21.15 71.80
N THR FB 8 -18.54 21.01 71.56
CA THR FB 8 -17.99 20.92 70.21
C THR FB 8 -18.36 19.64 69.48
N ALA FB 9 -19.17 18.75 70.07
CA ALA FB 9 -19.26 17.39 69.53
C ALA FB 9 -19.65 17.38 68.05
N ARG FB 10 -20.41 18.38 67.60
CA ARG FB 10 -20.77 18.42 66.17
C ARG FB 10 -19.53 18.50 65.30
N LYS FB 11 -18.49 19.19 65.76
CA LYS FB 11 -17.22 19.10 65.06
C LYS FB 11 -16.43 17.88 65.52
N LEU FB 12 -16.36 17.69 66.83
CA LEU FB 12 -15.46 16.71 67.46
C LEU FB 12 -15.72 15.31 66.93
N ARG FB 13 -16.92 14.78 67.18
CA ARG FB 13 -17.19 13.39 66.87
C ARG FB 13 -17.17 13.09 65.39
N SER FB 14 -17.70 13.99 64.55
CA SER FB 14 -17.69 13.73 63.12
C SER FB 14 -16.30 13.84 62.51
N HIS FB 15 -15.51 14.84 62.90
CA HIS FB 15 -14.13 14.90 62.44
C HIS FB 15 -13.35 13.69 62.94
N ARG FB 16 -13.61 13.26 64.18
CA ARG FB 16 -12.92 12.08 64.68
C ARG FB 16 -13.32 10.84 63.90
N ARG FB 17 -14.59 10.72 63.53
CA ARG FB 17 -15.00 9.60 62.69
C ARG FB 17 -14.27 9.64 61.36
N ASP FB 18 -14.21 10.80 60.72
CA ASP FB 18 -13.55 10.90 59.43
C ASP FB 18 -12.06 10.58 59.53
N GLN FB 19 -11.42 11.09 60.57
CA GLN FB 19 -10.00 10.83 60.81
C GLN FB 19 -9.75 9.42 61.31
N LYS FB 20 -10.78 8.71 61.76
CA LYS FB 20 -10.64 7.29 62.01
C LYS FB 20 -10.48 6.53 60.71
N TRP FB 21 -10.99 7.08 59.61
CA TRP FB 21 -11.00 6.34 58.36
C TRP FB 21 -9.61 6.29 57.76
N HIS FB 22 -8.62 5.88 58.54
CA HIS FB 22 -7.29 5.68 57.98
C HIS FB 22 -6.60 4.40 58.42
N ASP FB 23 -6.95 3.83 59.57
CA ASP FB 23 -6.29 2.63 60.07
C ASP FB 23 -6.64 1.43 59.19
N LYS FB 24 -5.66 0.55 58.98
CA LYS FB 24 -5.97 -0.77 58.43
C LYS FB 24 -6.92 -1.52 59.36
N GLN FB 25 -6.65 -1.48 60.67
CA GLN FB 25 -7.51 -2.13 61.65
C GLN FB 25 -8.90 -1.52 61.70
N TYR FB 26 -9.18 -0.52 60.86
CA TYR FB 26 -10.53 -0.03 60.63
C TYR FB 26 -11.03 -0.41 59.24
N LYS FB 27 -10.22 -0.16 58.20
CA LYS FB 27 -10.65 -0.45 56.83
C LYS FB 27 -10.92 -1.93 56.64
N LYS FB 28 -9.95 -2.77 56.99
CA LYS FB 28 -10.02 -4.21 56.76
C LYS FB 28 -11.22 -4.86 57.45
N ALA FB 29 -11.96 -4.11 58.26
CA ALA FB 29 -13.15 -4.65 58.90
C ALA FB 29 -14.31 -3.65 58.95
N HIS FB 30 -14.30 -2.61 58.12
CA HIS FB 30 -15.48 -1.75 58.09
C HIS FB 30 -15.81 -1.23 56.70
N LEU FB 31 -15.49 -2.01 55.67
CA LEU FB 31 -16.04 -1.74 54.34
C LEU FB 31 -16.02 -3.03 53.54
N GLY FB 32 -17.06 -3.24 52.75
CA GLY FB 32 -17.36 -4.57 52.21
C GLY FB 32 -16.20 -5.23 51.49
N THR FB 33 -15.26 -4.43 50.96
CA THR FB 33 -14.20 -4.98 50.12
C THR FB 33 -13.45 -6.10 50.81
N ALA FB 34 -13.16 -5.96 52.10
CA ALA FB 34 -12.34 -6.95 52.79
C ALA FB 34 -13.01 -8.32 52.78
N LEU FB 35 -14.26 -8.38 53.23
CA LEU FB 35 -14.98 -9.65 53.22
C LEU FB 35 -15.19 -10.14 51.80
N LYS FB 36 -15.74 -9.28 50.93
CA LYS FB 36 -16.11 -9.68 49.59
C LYS FB 36 -14.92 -9.88 48.66
N ALA FB 37 -13.69 -9.80 49.17
CA ALA FB 37 -12.54 -10.20 48.38
C ALA FB 37 -11.50 -11.00 49.14
N ASN FB 38 -11.79 -11.41 50.38
CA ASN FB 38 -10.95 -12.43 50.99
C ASN FB 38 -10.98 -13.68 50.12
N PRO FB 39 -9.84 -14.35 49.91
CA PRO FB 39 -9.80 -15.45 48.91
C PRO FB 39 -10.89 -16.49 49.06
N PHE FB 40 -11.46 -16.61 50.25
CA PHE FB 40 -12.72 -17.30 50.47
C PHE FB 40 -13.65 -16.44 51.32
N GLY FB 41 -14.89 -16.89 51.44
CA GLY FB 41 -15.91 -16.09 52.10
C GLY FB 41 -15.72 -15.95 53.60
N GLY FB 42 -14.67 -16.57 54.12
CA GLY FB 42 -14.34 -16.49 55.52
C GLY FB 42 -14.60 -17.78 56.26
N ALA FB 43 -13.55 -18.55 56.51
CA ALA FB 43 -13.65 -19.80 57.27
C ALA FB 43 -12.28 -20.32 57.67
N SER FB 44 -12.16 -20.79 58.91
CA SER FB 44 -10.89 -21.39 59.34
C SER FB 44 -10.54 -22.60 58.50
N HIS FB 45 -11.55 -23.33 58.03
CA HIS FB 45 -11.36 -24.38 57.04
C HIS FB 45 -11.54 -23.83 55.63
N ALA FB 46 -10.98 -24.55 54.67
CA ALA FB 46 -11.28 -24.33 53.27
C ALA FB 46 -11.32 -25.72 52.63
N LYS FB 47 -12.50 -26.34 52.67
CA LYS FB 47 -12.66 -27.59 51.98
C LYS FB 47 -12.76 -27.34 50.48
N GLY FB 48 -12.36 -28.34 49.70
CA GLY FB 48 -12.32 -28.19 48.26
C GLY FB 48 -11.92 -29.48 47.58
N ILE FB 49 -11.51 -29.35 46.32
CA ILE FB 49 -11.10 -30.48 45.50
C ILE FB 49 -9.74 -30.20 44.89
N VAL FB 50 -8.78 -31.08 45.16
CA VAL FB 50 -7.45 -30.93 44.57
C VAL FB 50 -7.56 -31.09 43.06
N LEU FB 51 -6.95 -30.17 42.33
CA LEU FB 51 -6.92 -30.30 40.87
C LEU FB 51 -5.53 -30.51 40.29
N GLU FB 52 -4.46 -30.23 41.03
CA GLU FB 52 -3.14 -30.72 40.65
C GLU FB 52 -2.13 -30.49 41.75
N LYS FB 53 -0.98 -31.17 41.61
CA LYS FB 53 0.09 -31.21 42.59
C LYS FB 53 1.39 -30.80 41.91
N VAL FB 54 2.10 -29.82 42.46
CA VAL FB 54 3.29 -29.31 41.79
C VAL FB 54 4.30 -28.81 42.83
N GLY FB 55 5.46 -28.37 42.38
CA GLY FB 55 6.44 -27.74 43.24
C GLY FB 55 6.52 -26.23 43.00
N VAL FB 56 6.75 -25.50 44.09
CA VAL FB 56 6.87 -24.06 44.05
C VAL FB 56 8.30 -23.68 44.35
N GLU FB 57 8.81 -22.71 43.59
CA GLU FB 57 10.16 -22.20 43.76
C GLU FB 57 10.29 -21.48 45.08
N ALA FB 58 11.53 -21.25 45.47
CA ALA FB 58 11.86 -20.30 46.52
C ALA FB 58 12.83 -19.28 45.97
N LYS FB 59 13.05 -18.22 46.75
CA LYS FB 59 14.10 -17.26 46.42
C LYS FB 59 15.46 -17.84 46.80
N GLN FB 60 16.44 -17.54 45.96
CA GLN FB 60 17.79 -18.11 46.00
C GLN FB 60 18.52 -17.96 47.34
N PRO FB 61 18.24 -16.91 48.18
CA PRO FB 61 18.83 -16.91 49.53
C PRO FB 61 18.56 -18.20 50.29
N ASN FB 62 17.29 -18.51 50.50
CA ASN FB 62 16.86 -19.84 50.97
C ASN FB 62 16.30 -20.59 49.77
N SER FB 63 17.20 -21.17 48.98
CA SER FB 63 16.78 -21.94 47.81
C SER FB 63 16.06 -23.19 48.24
N ALA FB 64 14.91 -23.46 47.61
CA ALA FB 64 14.06 -24.58 48.02
C ALA FB 64 12.97 -24.76 46.98
N ILE FB 65 12.43 -25.97 46.93
CA ILE FB 65 11.34 -26.33 46.02
C ILE FB 65 10.30 -27.04 46.88
N ARG FB 66 9.32 -26.30 47.37
CA ARG FB 66 8.37 -26.86 48.32
C ARG FB 66 7.14 -27.42 47.62
N LYS FB 67 6.45 -28.31 48.34
CA LYS FB 67 5.40 -29.14 47.76
C LYS FB 67 4.06 -28.43 47.93
N CYS FB 68 3.46 -28.01 46.81
CA CYS FB 68 2.26 -27.20 46.87
C CYS FB 68 1.20 -27.73 45.93
N VAL FB 69 -0.06 -27.65 46.37
CA VAL FB 69 -1.19 -28.22 45.66
C VAL FB 69 -2.18 -27.11 45.30
N ARG FB 70 -2.69 -27.16 44.07
CA ARG FB 70 -3.81 -26.33 43.66
C ARG FB 70 -5.09 -26.97 44.17
N VAL FB 71 -5.80 -26.26 45.02
CA VAL FB 71 -7.08 -26.70 45.55
C VAL FB 71 -8.19 -25.97 44.81
N GLN FB 72 -9.21 -26.71 44.40
CA GLN FB 72 -10.42 -26.15 43.82
C GLN FB 72 -11.45 -26.04 44.93
N LEU FB 73 -11.73 -24.81 45.34
CA LEU FB 73 -12.63 -24.55 46.45
C LEU FB 73 -14.02 -25.11 46.14
N ILE FB 74 -14.71 -25.55 47.18
CA ILE FB 74 -16.12 -25.89 47.05
C ILE FB 74 -17.03 -24.73 47.43
N LYS FB 75 -16.71 -24.01 48.52
CA LYS FB 75 -17.59 -22.94 48.98
C LYS FB 75 -17.77 -21.86 47.91
N ASN FB 76 -16.73 -21.58 47.13
CA ASN FB 76 -16.89 -20.75 45.94
C ASN FB 76 -16.62 -21.52 44.66
N GLY FB 77 -15.41 -22.05 44.49
CA GLY FB 77 -15.07 -22.73 43.26
C GLY FB 77 -13.74 -22.31 42.67
N LYS FB 78 -13.11 -21.28 43.21
CA LYS FB 78 -11.87 -20.76 42.66
C LYS FB 78 -10.72 -21.75 42.91
N LYS FB 79 -9.50 -21.34 42.56
CA LYS FB 79 -8.32 -22.16 42.77
C LYS FB 79 -7.36 -21.44 43.70
N ILE FB 80 -6.75 -22.18 44.62
CA ILE FB 80 -5.79 -21.63 45.57
C ILE FB 80 -4.58 -22.55 45.65
N THR FB 81 -3.48 -22.03 46.17
CA THR FB 81 -2.23 -22.78 46.28
C THR FB 81 -1.86 -22.96 47.74
N ALA FB 82 -1.62 -24.20 48.16
CA ALA FB 82 -1.30 -24.49 49.55
C ALA FB 82 -0.16 -25.49 49.67
N PHE FB 83 0.84 -25.16 50.46
CA PHE FB 83 1.95 -26.05 50.73
C PHE FB 83 1.50 -27.18 51.66
N VAL FB 84 2.26 -28.26 51.69
CA VAL FB 84 1.94 -29.42 52.52
C VAL FB 84 3.14 -29.74 53.40
N PRO FB 85 2.97 -29.85 54.71
CA PRO FB 85 4.07 -30.21 55.63
C PRO FB 85 4.30 -31.71 55.76
N ASN FB 86 5.03 -32.09 56.81
CA ASN FB 86 5.19 -33.49 57.23
C ASN FB 86 5.98 -34.28 56.18
N ASP FB 87 7.29 -33.98 56.14
CA ASP FB 87 8.23 -34.42 55.11
C ASP FB 87 7.88 -35.78 54.52
N GLY FB 88 7.81 -35.84 53.19
CA GLY FB 88 7.33 -37.02 52.48
C GLY FB 88 5.90 -36.92 52.02
N CYS FB 89 5.18 -35.86 52.41
CA CYS FB 89 3.73 -35.79 52.24
C CYS FB 89 3.34 -34.97 51.01
N LEU FB 90 3.75 -35.45 49.84
CA LEU FB 90 3.12 -34.99 48.61
C LEU FB 90 2.76 -36.21 47.79
N ASN FB 91 3.57 -37.25 47.92
CA ASN FB 91 3.42 -38.49 47.16
C ASN FB 91 2.11 -39.20 47.49
N PHE FB 92 1.56 -38.97 48.68
CA PHE FB 92 0.32 -39.61 49.08
C PHE FB 92 -0.86 -39.04 48.30
N ILE FB 93 -0.84 -37.72 48.10
CA ILE FB 93 -2.03 -36.96 47.71
C ILE FB 93 -2.60 -37.52 46.42
N GLU FB 94 -3.83 -37.99 46.48
CA GLU FB 94 -4.57 -38.40 45.29
C GLU FB 94 -5.58 -37.31 44.97
N GLU FB 95 -5.37 -36.64 43.84
CA GLU FB 95 -6.15 -35.47 43.46
C GLU FB 95 -7.62 -35.83 43.25
N ASN FB 96 -8.44 -34.84 42.94
CA ASN FB 96 -9.89 -35.02 42.83
C ASN FB 96 -10.48 -35.62 44.09
N ASP FB 97 -9.96 -35.18 45.24
CA ASP FB 97 -10.46 -35.63 46.54
C ASP FB 97 -10.59 -34.44 47.47
N GLU FB 98 -11.60 -34.48 48.34
CA GLU FB 98 -12.05 -33.30 49.08
C GLU FB 98 -11.11 -33.03 50.24
N VAL FB 99 -10.46 -31.88 50.21
CA VAL FB 99 -9.31 -31.57 51.04
C VAL FB 99 -9.56 -30.31 51.85
N LEU FB 100 -8.85 -30.21 52.98
CA LEU FB 100 -8.87 -29.04 53.86
C LEU FB 100 -7.60 -28.24 53.67
N VAL FB 101 -7.78 -26.94 53.37
CA VAL FB 101 -6.69 -25.98 53.35
C VAL FB 101 -7.11 -24.78 54.18
N ALA FB 102 -6.27 -24.38 55.11
CA ALA FB 102 -6.46 -23.15 55.86
C ALA FB 102 -5.42 -22.13 55.40
N GLY FB 103 -5.78 -20.85 55.45
CA GLY FB 103 -4.84 -19.80 55.09
C GLY FB 103 -3.52 -20.01 55.80
N PHE FB 104 -2.42 -19.51 55.23
CA PHE FB 104 -1.08 -19.92 55.68
C PHE FB 104 -0.79 -19.49 57.12
N GLY FB 105 -1.78 -18.94 57.83
CA GLY FB 105 -1.61 -18.61 59.22
C GLY FB 105 -1.40 -17.13 59.46
N ARG FB 106 -1.05 -16.40 58.40
CA ARG FB 106 -0.68 -15.01 58.55
C ARG FB 106 -1.88 -14.07 58.34
N LYS FB 107 -3.10 -14.61 58.43
CA LYS FB 107 -4.29 -13.81 58.69
C LYS FB 107 -4.50 -12.73 57.63
N GLY FB 108 -4.76 -13.18 56.41
CA GLY FB 108 -4.95 -12.29 55.28
C GLY FB 108 -3.68 -11.84 54.61
N HIS FB 109 -2.57 -12.55 54.82
CA HIS FB 109 -1.29 -12.17 54.26
C HIS FB 109 -0.42 -13.41 54.32
N ALA FB 110 0.79 -13.33 53.75
CA ALA FB 110 1.60 -14.52 53.52
C ALA FB 110 2.97 -14.39 54.18
N VAL FB 111 3.67 -15.52 54.23
CA VAL FB 111 5.06 -15.54 54.66
C VAL FB 111 5.93 -15.19 53.47
N GLY FB 112 7.15 -14.75 53.75
CA GLY FB 112 8.05 -14.32 52.71
C GLY FB 112 8.64 -15.42 51.84
N ASP FB 113 9.45 -16.31 52.42
CA ASP FB 113 10.41 -17.09 51.65
C ASP FB 113 9.73 -18.07 50.70
N ILE FB 114 8.41 -18.18 50.75
CA ILE FB 114 7.66 -18.92 49.74
C ILE FB 114 6.58 -17.96 49.25
N PRO FB 115 6.92 -16.99 48.41
CA PRO FB 115 5.96 -15.95 48.03
C PRO FB 115 4.79 -16.51 47.23
N GLY FB 116 3.65 -15.83 47.37
CA GLY FB 116 2.42 -16.25 46.73
C GLY FB 116 1.62 -17.27 47.50
N VAL FB 117 2.20 -17.90 48.51
CA VAL FB 117 1.57 -18.99 49.24
C VAL FB 117 0.98 -18.45 50.53
N ARG FB 118 -0.34 -18.30 50.55
CA ARG FB 118 -1.07 -17.87 51.74
C ARG FB 118 -2.07 -18.95 52.16
N PHE FB 119 -1.72 -20.22 51.95
CA PHE FB 119 -2.58 -21.34 52.28
C PHE FB 119 -1.72 -22.58 52.55
N LYS FB 120 -2.30 -23.52 53.29
CA LYS FB 120 -1.59 -24.74 53.66
C LYS FB 120 -2.58 -25.85 53.99
N VAL FB 121 -2.12 -27.10 53.83
CA VAL FB 121 -2.99 -28.26 53.75
C VAL FB 121 -3.02 -29.00 55.08
N VAL FB 122 -4.17 -29.58 55.40
CA VAL FB 122 -4.26 -30.53 56.50
C VAL FB 122 -4.95 -31.81 56.06
N LYS FB 123 -6.11 -31.70 55.40
CA LYS FB 123 -6.87 -32.89 55.02
C LYS FB 123 -6.58 -33.29 53.57
N VAL FB 124 -6.37 -34.59 53.34
CA VAL FB 124 -6.43 -35.20 52.01
C VAL FB 124 -7.11 -36.55 52.16
N ALA FB 125 -7.92 -36.90 51.17
CA ALA FB 125 -8.85 -38.03 51.29
C ALA FB 125 -9.57 -37.98 52.63
N ASN FB 126 -9.99 -36.78 53.00
CA ASN FB 126 -10.67 -36.52 54.27
C ASN FB 126 -9.86 -37.01 55.46
N VAL FB 127 -8.54 -37.13 55.30
CA VAL FB 127 -7.65 -37.64 56.33
C VAL FB 127 -6.51 -36.65 56.52
N SER FB 128 -6.27 -36.26 57.77
CA SER FB 128 -5.32 -35.21 58.10
C SER FB 128 -3.88 -35.62 57.79
N LEU FB 129 -3.05 -34.65 57.40
CA LEU FB 129 -1.62 -34.90 57.28
C LEU FB 129 -0.96 -35.01 58.65
N LEU FB 130 -1.47 -34.26 59.63
CA LEU FB 130 -0.99 -34.36 61.01
C LEU FB 130 -1.35 -35.69 61.65
N ALA FB 131 -2.22 -36.48 61.01
CA ALA FB 131 -2.42 -37.87 61.35
C ALA FB 131 -1.71 -38.82 60.39
N LEU FB 132 -1.53 -38.40 59.14
CA LEU FB 132 -0.84 -39.23 58.15
C LEU FB 132 0.61 -39.47 58.54
N TYR FB 133 1.33 -38.40 58.91
CA TYR FB 133 2.73 -38.62 59.26
C TYR FB 133 2.85 -39.29 60.62
N LYS FB 134 2.00 -38.93 61.57
CA LYS FB 134 2.17 -39.49 62.90
C LYS FB 134 1.62 -40.92 63.02
N GLY FB 135 0.81 -41.36 62.05
CA GLY FB 135 0.48 -42.77 61.94
C GLY FB 135 -0.62 -43.26 62.85
N LYS FB 136 -1.30 -42.39 63.58
CA LYS FB 136 -2.44 -42.84 64.37
C LYS FB 136 -3.63 -43.23 63.50
N LYS FB 137 -3.67 -42.80 62.25
CA LYS FB 137 -4.66 -43.23 61.28
C LYS FB 137 -3.97 -43.36 59.92
N GLU FB 138 -4.77 -43.48 58.87
CA GLU FB 138 -4.26 -43.53 57.50
C GLU FB 138 -5.39 -43.16 56.56
N ARG FB 139 -5.01 -42.73 55.35
CA ARG FB 139 -5.99 -42.39 54.35
C ARG FB 139 -6.66 -43.64 53.80
N PRO FB 140 -7.85 -43.51 53.21
CA PRO FB 140 -8.37 -44.53 52.30
C PRO FB 140 -7.85 -44.36 50.87
N ARG FB 141 -6.54 -44.17 50.75
CA ARG FB 141 -5.86 -43.90 49.48
C ARG FB 141 -6.13 -44.92 48.39
N SER GB 1 30.61 45.56 105.15
CA SER GB 1 29.67 45.08 106.15
C SER GB 1 29.87 45.87 107.43
N GLY GB 2 29.44 45.30 108.55
CA GLY GB 2 29.74 45.85 109.85
C GLY GB 2 29.01 47.14 110.19
N ALA GB 3 28.86 47.40 111.48
CA ALA GB 3 28.31 48.67 111.95
C ALA GB 3 29.38 49.56 112.56
N LEU GB 4 30.66 49.20 112.40
CA LEU GB 4 31.77 50.04 112.85
C LEU GB 4 32.17 50.96 111.71
N ASP GB 5 31.91 52.26 111.88
CA ASP GB 5 32.26 53.23 110.86
C ASP GB 5 33.76 53.28 110.59
N VAL GB 6 34.57 52.77 111.51
CA VAL GB 6 36.02 52.70 111.31
C VAL GB 6 36.42 51.65 110.28
N LEU GB 7 35.79 50.46 110.31
CA LEU GB 7 35.93 49.54 109.20
C LEU GB 7 35.21 50.05 107.97
N GLN GB 8 34.14 50.80 108.15
CA GLN GB 8 33.30 51.32 107.08
C GLN GB 8 33.97 52.52 106.43
N MET GB 9 33.19 53.29 105.69
CA MET GB 9 33.65 54.48 105.01
C MET GB 9 34.52 55.35 105.91
N LYS GB 10 35.77 55.54 105.50
CA LYS GB 10 36.64 56.57 106.07
C LYS GB 10 37.47 57.19 104.97
N GLU GB 11 37.99 58.38 105.26
CA GLU GB 11 38.93 59.03 104.35
C GLU GB 11 40.14 58.14 104.09
N GLU GB 12 40.44 57.24 105.02
CA GLU GB 12 41.61 56.37 104.92
C GLU GB 12 41.58 55.54 103.65
N ASP GB 13 40.39 55.27 103.13
CA ASP GB 13 40.29 54.58 101.85
C ASP GB 13 40.27 55.53 100.67
N VAL GB 14 39.48 56.61 100.76
CA VAL GB 14 39.28 57.49 99.60
C VAL GB 14 40.56 58.19 99.19
N LEU GB 15 41.41 58.58 100.16
CA LEU GB 15 42.67 59.26 99.85
C LEU GB 15 43.52 58.47 98.87
N LYS GB 16 43.22 57.18 98.71
CA LYS GB 16 43.91 56.31 97.76
C LYS GB 16 43.00 55.78 96.69
N PHE GB 17 41.71 55.65 97.02
CA PHE GB 17 40.71 55.21 96.05
C PHE GB 17 40.62 56.20 94.89
N LEU GB 18 40.58 57.50 95.19
CA LEU GB 18 40.60 58.48 94.12
C LEU GB 18 41.97 58.58 93.47
N ALA GB 19 43.04 58.28 94.22
CA ALA GB 19 44.37 58.35 93.66
C ALA GB 19 44.54 57.33 92.54
N ALA GB 20 44.08 56.10 92.77
CA ALA GB 20 44.25 55.06 91.77
C ALA GB 20 43.38 55.31 90.54
N GLY GB 21 42.09 55.59 90.75
CA GLY GB 21 41.14 55.61 89.65
C GLY GB 21 40.04 54.59 89.88
N THR GB 22 39.72 54.36 91.15
CA THR GB 22 38.76 53.34 91.55
C THR GB 22 37.32 53.73 91.24
N HIS GB 23 37.07 54.97 90.86
CA HIS GB 23 35.73 55.43 90.53
C HIS GB 23 35.47 55.47 89.03
N LEU GB 24 35.96 54.48 88.28
CA LEU GB 24 35.66 54.33 86.86
C LEU GB 24 35.94 52.90 86.45
N GLY GB 25 34.94 52.23 85.86
CA GLY GB 25 35.16 50.85 85.45
C GLY GB 25 35.47 50.60 83.99
N GLY GB 26 34.62 51.08 83.10
CA GLY GB 26 34.68 50.73 81.69
C GLY GB 26 33.44 51.24 80.99
N THR GB 27 33.48 51.13 79.65
CA THR GB 27 32.44 51.77 78.84
C THR GB 27 31.08 51.11 79.04
N ASN GB 28 30.94 49.83 78.71
CA ASN GB 28 29.65 49.18 78.63
C ASN GB 28 29.33 48.43 79.93
N LEU GB 29 28.21 47.72 79.93
CA LEU GB 29 27.68 47.10 81.14
C LEU GB 29 26.97 45.81 80.81
N ASP GB 30 27.24 44.76 81.59
CA ASP GB 30 26.46 43.54 81.55
C ASP GB 30 25.27 43.67 82.50
N PHE GB 31 24.26 42.81 82.30
CA PHE GB 31 23.02 43.03 83.05
C PHE GB 31 23.07 42.50 84.48
N GLN GB 32 24.25 42.33 85.09
CA GLN GB 32 24.35 41.86 86.47
C GLN GB 32 25.25 42.74 87.33
N MET GB 33 25.33 44.05 87.06
CA MET GB 33 26.22 44.97 87.75
C MET GB 33 25.51 46.23 88.23
N GLU GB 34 24.22 46.37 87.92
CA GLU GB 34 23.49 47.59 88.23
C GLU GB 34 23.44 47.88 89.73
N GLN GB 35 23.71 46.88 90.57
CA GLN GB 35 23.66 47.05 92.02
C GLN GB 35 24.71 48.02 92.53
N TYR GB 36 25.76 48.29 91.76
CA TYR GB 36 27.02 48.83 92.27
C TYR GB 36 27.41 50.15 91.59
N ILE GB 37 26.43 50.95 91.19
CA ILE GB 37 26.69 52.22 90.51
C ILE GB 37 25.76 53.29 91.09
N TYR GB 38 26.18 54.55 90.97
CA TYR GB 38 25.31 55.66 91.38
C TYR GB 38 25.17 56.75 90.32
N LYS GB 39 26.25 57.05 89.60
CA LYS GB 39 26.22 58.14 88.63
C LYS GB 39 26.82 57.68 87.30
N ARG GB 40 26.55 58.45 86.26
CA ARG GB 40 27.07 58.20 84.92
C ARG GB 40 27.60 59.49 84.34
N LYS GB 41 28.70 59.40 83.59
CA LYS GB 41 29.30 60.56 82.99
C LYS GB 41 28.47 61.04 81.79
N SER GB 42 29.00 62.04 81.10
CA SER GB 42 28.64 62.33 79.72
C SER GB 42 29.71 61.87 78.76
N ASP GB 43 30.55 60.92 79.17
CA ASP GB 43 31.85 60.67 78.56
C ASP GB 43 32.06 59.20 78.21
N GLY GB 44 31.09 58.34 78.50
CA GLY GB 44 31.12 56.97 78.04
C GLY GB 44 31.61 55.93 79.01
N ILE GB 45 31.74 56.26 80.30
CA ILE GB 45 32.17 55.29 81.29
C ILE GB 45 31.24 55.38 82.48
N TYR GB 46 31.16 54.27 83.23
CA TYR GB 46 30.37 54.18 84.43
C TYR GB 46 31.27 54.21 85.66
N ILE GB 47 30.92 55.05 86.62
CA ILE GB 47 31.71 55.29 87.82
C ILE GB 47 31.10 54.45 88.93
N ILE GB 48 31.83 53.42 89.37
CA ILE GB 48 31.27 52.37 90.21
C ILE GB 48 30.94 52.93 91.58
N ASN GB 49 30.24 52.14 92.40
CA ASN GB 49 30.01 52.49 93.80
C ASN GB 49 31.15 51.94 94.65
N LEU GB 50 32.00 52.84 95.15
CA LEU GB 50 33.06 52.42 96.05
C LEU GB 50 32.53 52.04 97.44
N LYS GB 51 31.40 52.60 97.86
CA LYS GB 51 30.82 52.19 99.14
C LYS GB 51 30.30 50.75 99.07
N ARG GB 52 29.48 50.44 98.05
CA ARG GB 52 29.06 49.06 97.86
C ARG GB 52 30.26 48.17 97.61
N THR GB 53 31.28 48.72 96.94
CA THR GB 53 32.55 48.02 96.75
C THR GB 53 33.13 47.57 98.08
N TRP GB 54 33.25 48.50 99.03
CA TRP GB 54 33.79 48.15 100.34
C TRP GB 54 32.84 47.24 101.10
N GLU GB 55 31.54 47.39 100.85
CA GLU GB 55 30.55 46.52 101.48
C GLU GB 55 30.79 45.06 101.12
N LYS GB 56 30.73 44.74 99.83
CA LYS GB 56 30.97 43.37 99.40
C LYS GB 56 32.42 42.96 99.58
N LEU GB 57 33.34 43.92 99.63
CA LEU GB 57 34.73 43.61 99.93
C LEU GB 57 34.88 43.15 101.37
N LEU GB 58 34.13 43.76 102.28
CA LEU GB 58 34.19 43.33 103.67
C LEU GB 58 33.48 41.99 103.84
N LEU GB 59 32.42 41.76 103.05
CA LEU GB 59 31.85 40.42 103.00
C LEU GB 59 32.86 39.40 102.48
N ALA GB 60 33.65 39.81 101.49
CA ALA GB 60 34.75 38.97 101.02
C ALA GB 60 35.72 38.67 102.15
N ALA GB 61 36.06 39.68 102.95
CA ALA GB 61 36.91 39.46 104.11
C ALA GB 61 36.25 38.50 105.08
N ARG GB 62 34.94 38.63 105.28
CA ARG GB 62 34.22 37.71 106.15
C ARG GB 62 34.37 36.28 105.66
N ALA GB 63 34.22 36.07 104.36
CA ALA GB 63 34.40 34.75 103.79
C ALA GB 63 35.82 34.25 104.00
N ILE GB 64 36.80 35.12 103.78
CA ILE GB 64 38.20 34.71 103.89
C ILE GB 64 38.55 34.35 105.32
N VAL GB 65 37.87 34.98 106.28
CA VAL GB 65 38.18 34.68 107.68
C VAL GB 65 37.37 33.50 108.17
N ALA GB 66 36.22 33.22 107.53
CA ALA GB 66 35.52 32.00 107.93
C ALA GB 66 36.29 30.76 107.59
N ILE GB 67 37.43 30.94 106.93
CA ILE GB 67 38.40 29.87 106.79
C ILE GB 67 38.92 29.57 108.19
N GLU GB 68 38.41 28.49 108.79
CA GLU GB 68 38.69 28.23 110.19
C GLU GB 68 40.16 27.91 110.42
N ASN GB 69 40.77 27.19 109.48
CA ASN GB 69 42.19 26.86 109.53
C ASN GB 69 42.83 27.16 108.19
N PRO GB 70 43.66 28.19 108.09
CA PRO GB 70 44.27 28.51 106.79
C PRO GB 70 45.42 27.60 106.45
N ALA GB 71 45.14 26.60 105.64
CA ALA GB 71 46.14 25.96 104.80
C ALA GB 71 45.55 25.50 103.48
N ASP GB 72 44.28 25.80 103.20
CA ASP GB 72 43.45 24.93 102.39
C ASP GB 72 42.62 25.72 101.38
N VAL GB 73 43.08 26.91 100.99
CA VAL GB 73 42.30 27.77 100.10
C VAL GB 73 43.23 28.35 99.04
N SER GB 74 42.74 28.42 97.79
CA SER GB 74 43.58 28.80 96.66
C SER GB 74 43.30 30.23 96.26
N VAL GB 75 44.37 30.98 96.02
CA VAL GB 75 44.28 32.30 95.38
C VAL GB 75 44.95 32.21 94.02
N ILE GB 76 44.22 32.52 92.95
CA ILE GB 76 44.62 32.11 91.61
C ILE GB 76 44.44 33.24 90.61
N SER GB 77 45.40 33.31 89.70
CA SER GB 77 45.21 33.86 88.37
C SER GB 77 45.96 32.97 87.39
N SER GB 78 46.04 33.43 86.16
CA SER GB 78 47.05 32.94 85.23
C SER GB 78 47.60 34.09 84.41
N ARG GB 79 47.18 35.32 84.69
CA ARG GB 79 47.64 36.51 83.99
C ARG GB 79 48.60 37.28 84.87
N ASN GB 80 49.72 37.70 84.30
CA ASN GB 80 50.75 38.40 85.07
C ASN GB 80 50.25 39.71 85.64
N THR GB 81 49.18 40.27 85.07
CA THR GB 81 48.61 41.53 85.57
C THR GB 81 48.16 41.41 87.03
N GLY GB 82 47.92 40.20 87.51
CA GLY GB 82 47.62 39.98 88.91
C GLY GB 82 48.42 38.85 89.50
N GLN GB 83 49.37 38.31 88.72
CA GLN GB 83 50.23 37.25 89.23
C GLN GB 83 51.05 37.71 90.43
N ARG GB 84 51.68 38.89 90.32
CA ARG GB 84 52.45 39.43 91.43
C ARG GB 84 51.57 39.64 92.66
N ALA GB 85 50.37 40.19 92.46
CA ALA GB 85 49.48 40.47 93.56
C ALA GB 85 49.05 39.20 94.27
N VAL GB 86 48.70 38.15 93.51
CA VAL GB 86 48.27 36.92 94.16
C VAL GB 86 49.45 36.26 94.87
N LEU GB 87 50.64 36.30 94.27
CA LEU GB 87 51.81 35.75 94.94
C LEU GB 87 52.03 36.42 96.29
N LYS GB 88 52.07 37.75 96.29
CA LYS GB 88 52.36 38.48 97.52
C LYS GB 88 51.18 38.55 98.47
N PHE GB 89 49.99 38.14 98.03
CA PHE GB 89 48.88 38.00 98.96
C PHE GB 89 48.96 36.65 99.66
N ALA GB 90 49.22 35.59 98.90
CA ALA GB 90 49.32 34.26 99.49
C ALA GB 90 50.54 34.13 100.39
N ALA GB 91 51.67 34.73 99.98
CA ALA GB 91 52.89 34.62 100.77
C ALA GB 91 52.68 35.12 102.20
N ALA GB 92 51.93 36.20 102.35
CA ALA GB 92 51.67 36.76 103.67
C ALA GB 92 50.41 36.21 104.31
N THR GB 93 49.52 35.58 103.56
CA THR GB 93 48.28 35.08 104.18
C THR GB 93 48.44 33.66 104.69
N GLY GB 94 49.08 32.78 103.91
CA GLY GB 94 49.22 31.39 104.27
C GLY GB 94 48.50 30.43 103.36
N ALA GB 95 47.35 30.82 102.81
CA ALA GB 95 46.63 30.02 101.83
C ALA GB 95 47.41 29.99 100.53
N THR GB 96 47.24 28.91 99.77
CA THR GB 96 48.21 28.59 98.72
C THR GB 96 47.94 29.39 97.46
N PRO GB 97 48.99 29.84 96.75
CA PRO GB 97 48.80 30.53 95.47
C PRO GB 97 48.94 29.65 94.25
N ILE GB 98 48.18 29.95 93.20
CA ILE GB 98 48.42 29.46 91.85
C ILE GB 98 48.29 30.62 90.87
N ALA GB 99 49.29 30.79 90.02
CA ALA GB 99 49.33 31.91 89.11
C ALA GB 99 50.15 31.55 87.88
N GLY GB 100 49.93 32.30 86.81
CA GLY GB 100 50.65 32.08 85.57
C GLY GB 100 50.11 30.94 84.74
N ARG GB 101 50.38 29.70 85.15
CA ARG GB 101 49.96 28.52 84.41
C ARG GB 101 49.19 27.56 85.31
N PHE GB 102 47.99 27.19 84.88
CA PHE GB 102 47.17 26.22 85.58
C PHE GB 102 47.20 24.88 84.85
N THR GB 103 46.72 23.85 85.55
CA THR GB 103 46.61 22.51 84.97
C THR GB 103 45.23 21.97 85.27
N PRO GB 104 44.33 21.87 84.29
CA PRO GB 104 43.02 21.28 84.55
C PRO GB 104 43.16 19.87 85.10
N GLY GB 105 42.38 19.58 86.14
CA GLY GB 105 42.44 18.30 86.80
C GLY GB 105 43.17 18.31 88.12
N THR GB 106 43.91 19.37 88.46
CA THR GB 106 44.60 19.43 89.75
C THR GB 106 43.63 19.21 90.90
N PHE GB 107 42.53 19.99 90.92
CA PHE GB 107 41.50 19.79 91.92
C PHE GB 107 40.21 19.28 91.30
N THR GB 108 40.28 18.76 90.08
CA THR GB 108 39.15 18.08 89.45
C THR GB 108 39.41 16.63 89.14
N ASN GB 109 40.54 16.31 88.51
CA ASN GB 109 40.85 14.91 88.22
C ASN GB 109 41.12 14.16 89.51
N GLN GB 110 40.49 12.99 89.66
CA GLN GB 110 40.64 12.22 90.89
C GLN GB 110 42.10 11.83 91.10
N ILE GB 111 42.78 11.37 90.05
CA ILE GB 111 44.19 11.00 90.09
C ILE GB 111 44.97 12.15 89.47
N GLN GB 112 45.92 12.70 90.21
CA GLN GB 112 46.62 13.86 89.68
C GLN GB 112 47.86 14.14 90.51
N THR GB 113 48.89 14.65 89.85
CA THR GB 113 50.03 15.27 90.51
C THR GB 113 49.75 16.74 90.68
N ALA GB 114 50.17 17.30 91.81
CA ALA GB 114 49.65 18.57 92.30
C ALA GB 114 48.14 18.49 92.47
N PHE GB 115 47.67 17.31 92.89
CA PHE GB 115 46.27 17.14 93.25
C PHE GB 115 46.02 17.94 94.53
N ARG GB 116 45.52 19.15 94.37
CA ARG GB 116 45.36 20.07 95.49
C ARG GB 116 43.91 20.09 95.92
N GLU GB 117 43.72 20.18 97.23
CA GLU GB 117 42.39 20.19 97.84
C GLU GB 117 42.13 21.57 98.42
N PRO GB 118 41.70 22.53 97.60
CA PRO GB 118 41.31 23.83 98.13
C PRO GB 118 40.00 23.71 98.90
N ARG GB 119 39.64 24.82 99.55
CA ARG GB 119 38.36 24.93 100.20
C ARG GB 119 37.64 26.25 99.94
N LEU GB 120 38.33 27.24 99.37
CA LEU GB 120 37.71 28.37 98.73
C LEU GB 120 38.53 28.70 97.50
N LEU GB 121 37.86 29.24 96.48
CA LEU GB 121 38.52 29.66 95.25
C LEU GB 121 38.51 31.18 95.18
N VAL GB 122 39.69 31.76 95.02
CA VAL GB 122 39.84 33.19 94.80
C VAL GB 122 40.36 33.35 93.40
N VAL GB 123 39.67 34.11 92.56
CA VAL GB 123 40.15 34.33 91.21
C VAL GB 123 40.33 35.82 91.00
N THR GB 124 41.38 36.18 90.26
CA THR GB 124 41.55 37.57 89.87
C THR GB 124 40.37 38.05 89.02
N ASP GB 125 39.94 37.23 88.06
CA ASP GB 125 38.87 37.67 87.18
C ASP GB 125 38.25 36.49 86.46
N PRO GB 126 36.92 36.47 86.29
CA PRO GB 126 36.30 35.41 85.47
C PRO GB 126 36.77 35.40 84.03
N ARG GB 127 37.00 36.56 83.42
CA ARG GB 127 37.57 36.56 82.08
C ARG GB 127 39.01 36.10 82.09
N ALA GB 128 39.64 36.00 83.25
CA ALA GB 128 41.04 35.60 83.36
C ALA GB 128 41.23 34.13 83.68
N ASP GB 129 40.28 33.52 84.40
CA ASP GB 129 40.36 32.10 84.75
C ASP GB 129 39.12 31.41 84.21
N HIS GB 130 39.18 30.98 82.95
CA HIS GB 130 38.04 30.32 82.33
C HIS GB 130 37.84 28.95 82.97
N GLN GB 131 38.82 28.07 82.80
CA GLN GB 131 38.70 26.68 83.24
C GLN GB 131 38.62 26.55 84.76
N PRO GB 132 39.47 27.21 85.55
CA PRO GB 132 39.34 27.04 87.01
C PRO GB 132 38.00 27.45 87.55
N LEU GB 133 37.36 28.48 86.96
CA LEU GB 133 36.02 28.87 87.42
C LEU GB 133 35.01 27.77 87.13
N THR GB 134 35.10 27.16 85.95
CA THR GB 134 34.22 26.04 85.63
C THR GB 134 34.45 24.88 86.61
N GLU GB 135 35.71 24.60 86.93
CA GLU GB 135 36.00 23.52 87.87
C GLU GB 135 35.56 23.85 89.28
N ALA GB 136 35.56 25.14 89.64
CA ALA GB 136 34.98 25.57 90.90
C ALA GB 136 33.47 25.40 90.93
N SER GB 137 32.82 25.52 89.78
CA SER GB 137 31.42 25.09 89.68
C SER GB 137 31.28 23.58 89.70
N TYR GB 138 32.33 22.86 89.30
CA TYR GB 138 32.30 21.40 89.28
C TYR GB 138 32.39 20.81 90.69
N VAL GB 139 33.25 21.36 91.54
CA VAL GB 139 33.43 20.86 92.90
C VAL GB 139 32.88 21.88 93.89
N ASN GB 140 32.31 21.39 94.99
CA ASN GB 140 31.52 22.26 95.85
C ASN GB 140 32.39 23.21 96.65
N LEU GB 141 33.04 24.16 95.98
CA LEU GB 141 33.87 25.13 96.68
C LEU GB 141 33.54 26.54 96.20
N PRO GB 142 33.19 27.45 97.11
CA PRO GB 142 32.70 28.77 96.71
C PRO GB 142 33.74 29.59 95.96
N THR GB 143 33.23 30.62 95.29
CA THR GB 143 33.98 31.41 94.32
C THR GB 143 33.93 32.89 94.70
N ILE GB 144 35.10 33.52 94.74
CA ILE GB 144 35.21 34.95 94.97
C ILE GB 144 35.95 35.57 93.79
N ALA GB 145 35.46 36.73 93.34
CA ALA GB 145 35.94 37.29 92.09
C ALA GB 145 35.71 38.80 92.04
N LEU GB 146 36.61 39.48 91.34
CA LEU GB 146 36.41 40.87 90.96
C LEU GB 146 35.33 40.97 89.89
N CYS GB 147 34.75 42.16 89.74
CA CYS GB 147 33.60 42.35 88.86
C CYS GB 147 33.64 43.75 88.27
N ASN GB 148 33.72 43.82 86.95
CA ASN GB 148 33.63 45.08 86.23
C ASN GB 148 32.24 45.22 85.61
N THR GB 149 31.91 46.45 85.19
CA THR GB 149 30.69 46.65 84.43
C THR GB 149 30.68 45.84 83.14
N ASP GB 150 31.85 45.75 82.48
CA ASP GB 150 31.94 44.98 81.24
C ASP GB 150 31.87 43.48 81.51
N SER GB 151 32.51 43.03 82.57
CA SER GB 151 32.90 41.63 82.69
C SER GB 151 31.67 40.71 82.73
N PRO GB 152 31.75 39.55 82.10
CA PRO GB 152 30.82 38.46 82.43
C PRO GB 152 30.98 38.06 83.89
N LEU GB 153 29.87 37.65 84.51
CA LEU GB 153 29.82 37.53 85.96
C LEU GB 153 29.34 36.16 86.42
N ARG GB 154 29.48 35.14 85.58
CA ARG GB 154 28.83 33.86 85.84
C ARG GB 154 29.47 33.15 87.04
N TYR GB 155 28.64 32.39 87.76
CA TYR GB 155 29.03 31.56 88.91
C TYR GB 155 29.68 32.37 90.03
N VAL GB 156 29.64 33.69 89.96
CA VAL GB 156 30.25 34.53 90.98
C VAL GB 156 29.38 34.49 92.22
N ASP GB 157 29.93 34.00 93.32
CA ASP GB 157 29.23 34.08 94.60
C ASP GB 157 29.61 35.29 95.41
N ILE GB 158 30.90 35.61 95.55
CA ILE GB 158 31.32 36.81 96.25
C ILE GB 158 31.89 37.78 95.23
N ALA GB 159 31.24 38.94 95.11
CA ALA GB 159 31.57 39.92 94.09
C ALA GB 159 32.36 41.08 94.69
N ILE GB 160 33.39 41.51 93.98
CA ILE GB 160 34.11 42.72 94.36
C ILE GB 160 33.98 43.74 93.25
N PRO GB 161 33.10 44.72 93.37
CA PRO GB 161 32.89 45.70 92.30
C PRO GB 161 34.05 46.66 92.13
N CYS GB 162 34.81 46.49 91.06
CA CYS GB 162 35.86 47.42 90.67
C CYS GB 162 36.39 47.04 89.30
N ASN GB 163 36.99 48.02 88.63
CA ASN GB 163 37.74 47.72 87.43
C ASN GB 163 38.93 46.82 87.78
N ASN GB 164 39.09 45.74 87.02
CA ASN GB 164 40.17 44.79 87.23
C ASN GB 164 41.17 44.81 86.08
N LYS GB 165 41.06 45.81 85.20
CA LYS GB 165 41.99 45.90 84.08
C LYS GB 165 43.37 46.33 84.55
N GLY GB 166 43.43 47.27 85.49
CA GLY GB 166 44.62 48.08 85.70
C GLY GB 166 45.42 47.69 86.93
N ALA GB 167 46.74 47.72 86.77
CA ALA GB 167 47.62 47.39 87.87
C ALA GB 167 47.38 48.30 89.06
N HIS GB 168 47.11 49.58 88.82
CA HIS GB 168 47.00 50.53 89.93
C HIS GB 168 45.76 50.23 90.79
N SER GB 169 44.59 50.11 90.16
CA SER GB 169 43.38 49.81 90.91
C SER GB 169 43.45 48.42 91.55
N VAL GB 170 43.90 47.41 90.80
CA VAL GB 170 43.91 46.05 91.35
C VAL GB 170 44.93 45.95 92.48
N GLY GB 171 46.03 46.69 92.38
CA GLY GB 171 46.99 46.70 93.46
C GLY GB 171 46.45 47.37 94.71
N LEU GB 172 45.75 48.50 94.54
CA LEU GB 172 45.02 49.06 95.67
C LEU GB 172 44.09 48.01 96.28
N MET GB 173 43.40 47.24 95.44
CA MET GB 173 42.42 46.29 95.97
C MET GB 173 43.08 45.18 96.78
N TRP GB 174 44.11 44.54 96.24
CA TRP GB 174 44.83 43.55 97.03
C TRP GB 174 45.44 44.16 98.29
N TRP GB 175 46.04 45.34 98.16
CA TRP GB 175 46.82 45.90 99.25
C TRP GB 175 45.92 46.36 100.40
N MET GB 176 44.67 46.74 100.09
CA MET GB 176 43.73 47.13 101.13
C MET GB 176 42.87 45.95 101.60
N LEU GB 177 42.63 44.97 100.73
CA LEU GB 177 41.95 43.74 101.13
C LEU GB 177 42.75 42.98 102.16
N ALA GB 178 44.07 42.91 102.00
CA ALA GB 178 44.89 42.23 102.99
C ALA GB 178 44.69 42.87 104.36
N ARG GB 179 44.78 44.20 104.42
CA ARG GB 179 44.56 44.89 105.69
C ARG GB 179 43.17 44.65 106.21
N GLU GB 180 42.15 44.69 105.35
CA GLU GB 180 40.77 44.51 105.81
C GLU GB 180 40.54 43.12 106.38
N VAL GB 181 41.02 42.09 105.69
CA VAL GB 181 40.81 40.73 106.15
C VAL GB 181 41.54 40.52 107.47
N LEU GB 182 42.79 40.96 107.58
CA LEU GB 182 43.50 40.78 108.84
C LEU GB 182 42.89 41.65 109.94
N ARG GB 183 42.30 42.79 109.57
CA ARG GB 183 41.55 43.62 110.51
C ARG GB 183 40.42 42.84 111.15
N MET GB 184 39.57 42.24 110.31
CA MET GB 184 38.43 41.53 110.85
C MET GB 184 38.87 40.24 111.52
N ARG GB 185 40.07 39.75 111.20
CA ARG GB 185 40.68 38.71 112.00
C ARG GB 185 41.06 39.22 113.39
N GLY GB 186 41.47 40.48 113.49
CA GLY GB 186 41.77 41.07 114.78
C GLY GB 186 43.24 41.23 115.10
N THR GB 187 44.14 40.85 114.20
CA THR GB 187 45.55 41.11 114.45
C THR GB 187 45.85 42.60 114.32
N ILE GB 188 44.99 43.34 113.64
CA ILE GB 188 45.12 44.77 113.46
C ILE GB 188 43.99 45.45 114.23
N SER GB 189 44.34 46.03 115.38
CA SER GB 189 43.38 46.68 116.28
C SER GB 189 43.34 48.19 116.06
N ARG GB 190 43.47 48.62 114.81
CA ARG GB 190 43.47 50.03 114.44
C ARG GB 190 44.64 50.75 115.10
N GLU GB 191 45.74 50.02 115.29
CA GLU GB 191 46.91 50.61 115.93
C GLU GB 191 47.73 51.44 114.95
N HIS GB 192 47.84 51.00 113.70
CA HIS GB 192 48.78 51.63 112.77
C HIS GB 192 48.10 51.75 111.42
N PRO GB 193 48.53 52.71 110.60
CA PRO GB 193 48.43 52.52 109.15
C PRO GB 193 49.50 51.57 108.68
N TRP GB 194 49.17 50.75 107.70
CA TRP GB 194 50.09 49.69 107.29
C TRP GB 194 51.16 50.24 106.36
N GLU GB 195 52.42 49.98 106.71
CA GLU GB 195 53.57 50.65 106.10
C GLU GB 195 53.79 50.27 104.64
N VAL GB 196 53.18 49.22 104.14
CA VAL GB 196 53.27 48.87 102.73
C VAL GB 196 52.43 49.85 101.93
N MET GB 197 53.02 50.37 100.81
CA MET GB 197 52.35 51.37 99.98
C MET GB 197 51.99 50.81 98.61
N PRO GB 198 50.93 51.32 97.99
CA PRO GB 198 50.32 50.63 96.84
C PRO GB 198 51.23 50.44 95.65
N ASP GB 199 52.36 51.14 95.56
CA ASP GB 199 53.31 50.85 94.49
C ASP GB 199 53.80 49.41 94.56
N LEU GB 200 53.69 48.77 95.73
CA LEU GB 200 54.12 47.39 95.87
C LEU GB 200 53.27 46.43 95.04
N TYR GB 201 51.99 46.75 94.83
CA TYR GB 201 51.08 45.85 94.12
C TYR GB 201 50.68 46.38 92.74
N PHE GB 202 51.44 47.32 92.19
CA PHE GB 202 51.28 47.73 90.80
C PHE GB 202 52.32 46.99 89.97
N TYR GB 203 51.86 46.06 89.12
CA TYR GB 203 52.72 45.05 88.54
C TYR GB 203 53.97 45.67 87.93
N ARG GB 204 55.08 44.93 88.00
CA ARG GB 204 56.40 45.41 87.62
C ARG GB 204 57.04 44.48 86.62
N ASP GB 205 57.76 45.06 85.66
CA ASP GB 205 58.74 44.34 84.86
C ASP GB 205 60.05 44.37 85.65
N PRO GB 206 60.37 43.32 86.39
CA PRO GB 206 61.36 43.46 87.48
C PRO GB 206 62.78 43.69 87.02
N GLU GB 207 63.25 44.93 87.17
CA GLU GB 207 64.63 45.31 86.92
C GLU GB 207 65.33 45.84 88.16
N GLU GB 208 64.63 45.93 89.29
CA GLU GB 208 65.23 46.33 90.56
C GLU GB 208 66.16 45.25 91.10
N VAL HB 1 47.41 50.99 -3.82
CA VAL HB 1 47.36 52.03 -4.84
C VAL HB 1 48.24 53.20 -4.42
N VAL HB 2 47.90 54.39 -4.95
CA VAL HB 2 48.54 55.61 -4.50
C VAL HB 2 48.35 55.74 -2.99
N ASP HB 3 49.43 56.06 -2.29
CA ASP HB 3 49.47 56.10 -0.84
C ASP HB 3 48.36 56.99 -0.29
N PRO HB 4 47.38 56.44 0.43
CA PRO HB 4 46.17 57.21 0.76
C PRO HB 4 46.45 58.46 1.58
N PHE HB 5 47.56 58.53 2.28
CA PHE HB 5 47.93 59.67 3.08
C PHE HB 5 48.60 60.77 2.27
N SER HB 6 48.29 60.86 0.97
CA SER HB 6 49.04 61.74 0.07
C SER HB 6 48.61 63.19 0.22
N LYS HB 7 47.32 63.48 0.05
CA LYS HB 7 46.83 64.84 -0.08
C LYS HB 7 45.98 65.27 1.12
N LYS HB 8 46.22 64.68 2.27
CA LYS HB 8 45.56 65.08 3.51
C LYS HB 8 46.48 66.04 4.23
N ASP HB 9 45.98 67.24 4.54
CA ASP HB 9 46.76 68.28 5.19
C ASP HB 9 46.10 68.71 6.48
N TRP HB 10 46.90 69.28 7.38
CA TRP HB 10 46.50 69.50 8.76
C TRP HB 10 45.80 70.84 8.90
N TYR HB 11 44.50 70.84 8.64
CA TYR HB 11 43.66 72.00 8.88
C TYR HB 11 43.69 72.37 10.35
N ASP HB 12 43.71 73.68 10.62
CA ASP HB 12 43.95 74.23 11.95
C ASP HB 12 42.67 74.21 12.78
N VAL HB 13 42.83 74.28 14.09
CA VAL HB 13 41.72 74.25 15.02
C VAL HB 13 41.74 75.51 15.88
N LYS HB 14 40.58 75.89 16.41
CA LYS HB 14 40.45 77.11 17.19
C LYS HB 14 39.29 76.97 18.17
N ALA HB 15 39.43 77.62 19.32
CA ALA HB 15 38.46 77.62 20.41
C ALA HB 15 37.65 78.91 20.41
N PRO HB 16 36.63 79.01 21.27
CA PRO HB 16 36.03 80.33 21.54
C PRO HB 16 37.06 81.25 22.20
N ALA HB 17 36.79 82.55 22.10
CA ALA HB 17 37.68 83.53 22.72
C ALA HB 17 37.62 83.49 24.24
N MET HB 18 36.55 82.91 24.80
CA MET HB 18 36.37 82.88 26.24
C MET HB 18 37.27 81.87 26.93
N PHE HB 19 37.90 80.97 26.16
CA PHE HB 19 38.90 80.08 26.75
C PHE HB 19 40.29 80.69 26.75
N ASN HB 20 41.25 79.87 27.17
CA ASN HB 20 42.60 80.33 27.44
C ASN HB 20 43.62 79.79 26.46
N ILE HB 21 43.22 78.91 25.54
CA ILE HB 21 44.06 78.44 24.45
C ILE HB 21 43.24 78.50 23.17
N ARG HB 22 43.77 79.18 22.15
CA ARG HB 22 43.05 79.31 20.90
C ARG HB 22 43.56 78.40 19.80
N ASN HB 23 44.85 78.06 19.79
CA ASN HB 23 45.37 77.12 18.79
C ASN HB 23 45.46 75.74 19.43
N ILE HB 24 44.33 75.02 19.37
CA ILE HB 24 44.19 73.74 20.06
C ILE HB 24 45.01 72.65 19.38
N GLY HB 25 44.87 72.53 18.07
CA GLY HB 25 45.52 71.44 17.36
C GLY HB 25 45.15 71.43 15.90
N LYS HB 26 45.26 70.24 15.31
CA LYS HB 26 45.25 70.10 13.86
C LYS HB 26 44.50 68.82 13.50
N THR HB 27 44.04 68.75 12.25
CA THR HB 27 43.36 67.56 11.78
C THR HB 27 43.48 67.45 10.26
N LEU HB 28 43.78 66.25 9.77
CA LEU HB 28 44.04 66.02 8.35
C LEU HB 28 42.75 65.78 7.56
N VAL HB 29 42.78 66.19 6.29
CA VAL HB 29 41.72 65.91 5.33
C VAL HB 29 42.24 66.24 3.93
N THR HB 30 41.67 65.61 2.90
CA THR HB 30 41.99 65.92 1.51
C THR HB 30 41.17 67.10 1.01
N ARG HB 31 41.62 67.66 -0.11
CA ARG HB 31 41.04 68.87 -0.67
C ARG HB 31 40.07 68.54 -1.81
N THR HB 32 39.66 69.58 -2.53
CA THR HB 32 38.72 69.46 -3.65
C THR HB 32 39.40 68.79 -4.83
N GLN HB 33 39.08 67.52 -5.08
CA GLN HB 33 39.49 66.94 -6.36
C GLN HB 33 38.40 66.10 -7.03
N GLY HB 34 37.44 65.56 -6.31
CA GLY HB 34 36.43 64.72 -6.91
C GLY HB 34 35.03 65.27 -6.77
N THR HB 35 34.24 64.63 -5.90
CA THR HB 35 32.92 65.12 -5.51
C THR HB 35 32.79 65.23 -3.99
N LYS HB 36 33.90 65.31 -3.27
CA LYS HB 36 33.89 65.31 -1.82
C LYS HB 36 34.66 66.51 -1.27
N ILE HB 37 34.33 67.70 -1.76
CA ILE HB 37 35.02 68.92 -1.35
C ILE HB 37 35.17 68.95 0.17
N ALA HB 38 36.34 69.42 0.63
CA ALA HB 38 36.78 69.17 1.99
C ALA HB 38 35.84 69.76 3.03
N SER HB 39 35.52 71.05 2.92
CA SER HB 39 34.76 71.71 3.98
C SER HB 39 33.37 71.10 4.14
N ASP HB 40 32.82 70.56 3.06
CA ASP HB 40 31.49 69.95 3.14
C ASP HB 40 31.47 68.81 4.16
N GLY HB 41 32.40 67.87 4.04
CA GLY HB 41 32.54 66.83 5.04
C GLY HB 41 33.31 67.25 6.26
N LEU HB 42 33.84 68.47 6.26
CA LEU HB 42 34.57 68.99 7.41
C LEU HB 42 33.61 69.54 8.45
N LYS HB 43 32.61 70.32 8.03
CA LYS HB 43 31.56 70.76 8.93
C LYS HB 43 30.76 69.56 9.41
N GLY HB 44 30.42 69.56 10.70
CA GLY HB 44 29.75 68.44 11.32
C GLY HB 44 30.68 67.52 12.11
N ARG HB 45 31.98 67.56 11.83
CA ARG HB 45 32.96 66.92 12.68
C ARG HB 45 32.90 67.55 14.07
N VAL HB 46 33.23 66.78 15.10
CA VAL HB 46 33.22 67.30 16.46
C VAL HB 46 34.34 66.64 17.25
N PHE HB 47 35.06 67.43 18.05
CA PHE HB 47 36.23 66.93 18.75
C PHE HB 47 35.88 66.63 20.20
N GLU HB 48 36.91 66.32 21.00
CA GLU HB 48 36.74 66.11 22.43
C GLU HB 48 37.80 66.92 23.15
N VAL HB 49 37.47 68.16 23.51
CA VAL HB 49 38.42 69.13 24.03
C VAL HB 49 38.05 69.42 25.47
N SER HB 50 39.00 69.22 26.38
CA SER HB 50 38.68 69.31 27.79
C SER HB 50 39.29 70.57 28.42
N LEU HB 51 38.69 70.98 29.53
CA LEU HB 51 39.27 72.02 30.34
C LEU HB 51 40.71 71.69 30.71
N ALA HB 52 40.98 70.41 30.93
CA ALA HB 52 42.28 69.87 31.34
C ALA HB 52 43.31 69.89 30.23
N ASP HB 53 43.02 70.50 29.09
CA ASP HB 53 44.08 70.95 28.20
C ASP HB 53 43.84 72.35 27.66
N LEU HB 54 42.65 72.92 27.84
CA LEU HB 54 42.34 74.21 27.25
C LEU HB 54 42.38 75.40 28.19
N GLN HB 55 42.28 75.20 29.51
CA GLN HB 55 42.29 76.39 30.36
C GLN HB 55 43.34 76.32 31.46
N ASN HB 56 44.58 76.01 31.10
CA ASN HB 56 45.67 75.85 32.07
C ASN HB 56 45.25 74.94 33.22
N ASP HB 57 44.38 73.97 32.90
CA ASP HB 57 43.85 73.03 33.89
C ASP HB 57 43.19 73.79 35.04
N GLU HB 58 42.52 74.91 34.72
CA GLU HB 58 41.69 75.59 35.71
C GLU HB 58 40.70 74.63 36.35
N VAL HB 59 40.07 73.79 35.54
CA VAL HB 59 39.32 72.63 36.01
C VAL HB 59 39.75 71.47 35.12
N ALA HB 60 39.55 70.24 35.59
CA ALA HB 60 40.14 69.09 34.93
C ALA HB 60 39.15 68.03 34.47
N PHE HB 61 38.07 67.77 35.19
CA PHE HB 61 37.26 66.58 34.98
C PHE HB 61 36.15 66.78 33.96
N ARG HB 62 36.06 67.96 33.36
CA ARG HB 62 34.83 68.42 32.73
C ARG HB 62 35.09 68.74 31.27
N LYS HB 63 34.81 67.80 30.37
CA LYS HB 63 35.27 67.88 28.99
C LYS HB 63 34.16 68.42 28.10
N PHE HB 64 34.52 69.35 27.21
CA PHE HB 64 33.59 69.94 26.25
C PHE HB 64 33.78 69.29 24.88
N LYS HB 65 32.80 69.49 24.00
CA LYS HB 65 32.73 68.78 22.73
C LYS HB 65 33.27 69.59 21.55
N LEU HB 66 32.67 70.74 21.27
CA LEU HB 66 33.19 71.61 20.21
C LEU HB 66 33.19 70.94 18.84
N ILE HB 67 32.02 70.88 18.21
CA ILE HB 67 31.91 70.67 16.77
C ILE HB 67 32.74 71.72 16.04
N THR HB 68 33.24 71.36 14.86
CA THR HB 68 33.84 72.31 13.92
C THR HB 68 32.72 72.84 13.02
N GLU HB 69 32.68 74.16 12.84
CA GLU HB 69 31.53 74.79 12.20
C GLU HB 69 31.75 75.13 10.72
N ASP HB 70 32.74 75.97 10.40
CA ASP HB 70 32.88 76.44 9.03
C ASP HB 70 34.30 76.96 8.80
N VAL HB 71 34.44 77.73 7.72
CA VAL HB 71 35.70 78.27 7.24
C VAL HB 71 35.63 79.78 7.36
N GLN HB 72 36.26 80.33 8.41
CA GLN HB 72 36.49 81.77 8.51
C GLN HB 72 37.98 81.97 8.72
N GLY HB 73 38.68 82.38 7.66
CA GLY HB 73 40.12 82.38 7.70
C GLY HB 73 40.70 80.99 7.57
N LYS HB 74 39.91 80.05 7.06
CA LYS HB 74 40.36 78.67 6.82
C LYS HB 74 40.88 78.03 8.10
N ASN HB 75 40.11 78.16 9.17
CA ASN HB 75 40.39 77.52 10.45
C ASN HB 75 39.15 76.77 10.94
N CYS HB 76 39.34 75.95 11.96
CA CYS HB 76 38.24 75.23 12.62
C CYS HB 76 37.67 76.12 13.70
N LEU HB 77 36.57 76.79 13.41
CA LEU HB 77 35.82 77.48 14.45
C LEU HB 77 34.87 76.48 15.11
N THR HB 78 34.90 76.44 16.44
CA THR HB 78 34.15 75.48 17.21
C THR HB 78 32.87 76.11 17.75
N ASN HB 79 31.78 75.37 17.61
CA ASN HB 79 30.49 75.73 18.20
C ASN HB 79 30.21 74.74 19.31
N PHE HB 80 29.60 75.25 20.39
CA PHE HB 80 29.26 74.40 21.52
C PHE HB 80 28.32 73.29 21.09
N HIS HB 81 28.63 72.06 21.49
CA HIS HB 81 27.78 70.90 21.29
C HIS HB 81 27.35 70.25 22.59
N GLY HB 82 28.26 70.11 23.54
CA GLY HB 82 27.93 69.49 24.81
C GLY HB 82 29.18 69.30 25.64
N MET HB 83 29.01 68.55 26.72
CA MET HB 83 30.06 68.37 27.70
C MET HB 83 29.72 67.16 28.56
N ASP HB 84 30.75 66.40 28.90
CA ASP HB 84 30.54 65.16 29.64
C ASP HB 84 31.61 65.04 30.71
N LEU HB 85 31.42 64.09 31.60
CA LEU HB 85 32.25 63.92 32.78
C LEU HB 85 33.05 62.64 32.70
N THR HB 86 34.00 62.50 33.63
CA THR HB 86 34.89 61.35 33.62
C THR HB 86 34.31 60.22 34.45
N ARG HB 87 34.40 59.00 33.91
CA ARG HB 87 33.82 57.83 34.59
C ARG HB 87 34.46 57.59 35.94
N ASP HB 88 35.76 57.83 36.06
CA ASP HB 88 36.41 57.68 37.35
C ASP HB 88 35.73 58.56 38.38
N LYS HB 89 35.43 59.81 38.00
CA LYS HB 89 34.78 60.72 38.92
C LYS HB 89 33.37 60.26 39.26
N MET HB 90 32.62 59.85 38.24
CA MET HB 90 31.27 59.36 38.49
C MET HB 90 31.27 58.25 39.53
N CYS HB 91 32.08 57.21 39.32
CA CYS HB 91 32.07 56.06 40.21
C CYS HB 91 32.76 56.31 41.55
N SER HB 92 33.82 57.12 41.58
CA SER HB 92 34.39 57.51 42.86
C SER HB 92 33.39 58.33 43.67
N MET HB 93 32.42 58.94 43.00
CA MET HB 93 31.39 59.65 43.74
C MET HB 93 30.17 58.77 43.99
N VAL HB 94 30.04 57.67 43.25
CA VAL HB 94 29.01 56.67 43.50
C VAL HB 94 29.70 55.56 44.30
N LYS HB 95 29.77 55.73 45.61
CA LYS HB 95 30.29 54.70 46.48
C LYS HB 95 29.17 54.18 47.37
N LYS HB 96 29.50 53.25 48.24
CA LYS HB 96 28.45 52.63 49.03
C LYS HB 96 27.98 53.61 50.12
N TRP HB 97 26.75 53.37 50.57
CA TRP HB 97 26.07 54.02 51.69
C TRP HB 97 25.70 55.46 51.43
N GLN HB 98 26.12 56.08 50.34
CA GLN HB 98 25.83 57.47 50.09
C GLN HB 98 24.72 57.56 49.05
N THR HB 99 23.57 58.10 49.45
CA THR HB 99 22.41 58.12 48.59
C THR HB 99 22.60 59.09 47.43
N MET HB 100 22.10 58.66 46.27
CA MET HB 100 21.92 59.43 45.05
C MET HB 100 20.79 60.44 45.18
N ILE HB 101 21.02 61.64 44.65
CA ILE HB 101 19.94 62.49 44.18
C ILE HB 101 20.38 63.04 42.83
N GLU HB 102 19.61 62.74 41.79
CA GLU HB 102 19.92 63.22 40.45
C GLU HB 102 18.75 64.03 39.92
N ALA HB 103 19.06 65.12 39.22
CA ALA HB 103 18.03 65.92 38.58
C ALA HB 103 18.39 66.21 37.13
N HIS HB 104 17.37 66.20 36.28
CA HIS HB 104 17.48 66.36 34.84
C HIS HB 104 16.58 67.49 34.37
N VAL HB 105 17.06 68.29 33.42
CA VAL HB 105 16.33 69.49 33.01
C VAL HB 105 16.72 69.85 31.58
N ASP HB 106 15.76 70.46 30.87
CA ASP HB 106 15.95 71.08 29.57
C ASP HB 106 15.74 72.58 29.72
N VAL HB 107 16.55 73.37 29.02
CA VAL HB 107 16.56 74.82 29.20
C VAL HB 107 16.75 75.51 27.86
N LYS HB 108 16.10 76.66 27.70
CA LYS HB 108 16.25 77.49 26.51
C LYS HB 108 16.46 78.94 26.93
N THR HB 109 17.62 79.49 26.58
CA THR HB 109 18.08 80.79 27.05
C THR HB 109 17.41 81.92 26.25
N THR HB 110 17.94 83.14 26.40
CA THR HB 110 17.47 84.25 25.56
C THR HB 110 17.76 83.99 24.09
N ASP HB 111 18.95 83.50 23.76
CA ASP HB 111 19.23 82.98 22.43
C ASP HB 111 18.76 81.54 22.26
N GLY HB 112 17.91 81.06 23.16
CA GLY HB 112 17.14 79.85 22.97
C GLY HB 112 17.91 78.56 22.89
N TYR HB 113 19.18 78.55 23.31
CA TYR HB 113 19.97 77.33 23.21
C TYR HB 113 19.42 76.27 24.15
N LEU HB 114 18.73 75.29 23.59
CA LEU HB 114 18.15 74.20 24.34
C LEU HB 114 19.25 73.23 24.75
N LEU HB 115 19.45 73.08 26.05
CA LEU HB 115 20.44 72.18 26.61
C LEU HB 115 19.78 71.32 27.69
N ARG HB 116 20.26 70.09 27.81
CA ARG HB 116 19.87 69.20 28.90
C ARG HB 116 21.04 69.08 29.85
N LEU HB 117 20.77 69.22 31.14
CA LEU HB 117 21.79 69.26 32.18
C LEU HB 117 21.38 68.35 33.33
N PHE HB 118 22.22 67.35 33.62
CA PHE HB 118 21.97 66.37 34.66
C PHE HB 118 22.94 66.59 35.81
N CYS HB 119 22.44 67.01 36.95
CA CYS HB 119 23.27 67.17 38.14
C CYS HB 119 23.14 65.95 39.04
N VAL HB 120 24.28 65.46 39.51
CA VAL HB 120 24.35 64.30 40.40
C VAL HB 120 24.93 64.76 41.73
N GLY HB 121 24.24 64.44 42.83
CA GLY HB 121 24.71 64.76 44.15
C GLY HB 121 24.59 63.56 45.06
N PHE HB 122 25.48 63.48 46.05
CA PHE HB 122 25.51 62.37 47.00
C PHE HB 122 25.55 62.83 48.44
N THR HB 123 24.86 62.07 49.29
CA THR HB 123 24.92 62.31 50.73
C THR HB 123 26.33 62.06 51.26
N LYS HB 124 26.53 62.34 52.56
CA LYS HB 124 27.83 62.13 53.19
C LYS HB 124 27.68 61.68 54.64
N LYS HB 125 28.77 61.80 55.40
CA LYS HB 125 28.83 61.54 56.82
C LYS HB 125 29.35 62.78 57.54
N ARG HB 126 28.67 63.19 58.60
CA ARG HB 126 28.98 64.45 59.26
C ARG HB 126 30.35 64.40 59.93
N ASN HB 127 30.72 65.53 60.54
CA ASN HB 127 31.93 65.60 61.36
C ASN HB 127 31.84 64.72 62.59
N ASN HB 128 30.65 64.32 63.01
CA ASN HB 128 30.50 63.46 64.16
C ASN HB 128 29.44 62.38 64.00
N GLN HB 129 28.76 62.31 62.86
CA GLN HB 129 27.85 61.20 62.60
C GLN HB 129 28.61 59.88 62.67
N ILE HB 130 27.99 58.87 63.27
CA ILE HB 130 28.64 57.58 63.39
C ILE HB 130 27.67 56.48 62.93
N ARG HB 131 26.65 56.84 62.15
CA ARG HB 131 25.69 55.84 61.68
C ARG HB 131 26.23 54.97 60.57
N LYS HB 132 27.07 55.53 59.69
CA LYS HB 132 27.70 54.85 58.56
C LYS HB 132 26.71 54.54 57.44
N THR HB 133 25.40 54.71 57.67
CA THR HB 133 24.39 54.53 56.64
C THR HB 133 23.80 55.89 56.33
N SER HB 134 24.14 56.42 55.15
CA SER HB 134 23.82 57.80 54.79
C SER HB 134 22.61 57.88 53.88
N TYR HB 135 21.59 57.06 54.12
CA TYR HB 135 20.40 57.07 53.28
C TYR HB 135 19.55 58.31 53.53
N ALA HB 136 18.94 58.79 52.46
CA ALA HB 136 18.13 60.00 52.50
C ALA HB 136 16.68 59.64 52.21
N GLN HB 137 15.78 60.15 53.06
CA GLN HB 137 14.37 59.77 53.00
C GLN HB 137 13.74 60.26 51.69
N HIS HB 138 12.50 59.86 51.47
CA HIS HB 138 11.87 60.02 50.16
C HIS HB 138 11.57 61.49 49.88
N GLN HB 139 10.83 62.14 50.79
CA GLN HB 139 10.50 63.54 50.59
C GLN HB 139 11.77 64.38 50.52
N GLN HB 140 12.73 64.13 51.40
CA GLN HB 140 13.95 64.93 51.43
C GLN HB 140 14.73 64.76 50.14
N VAL HB 141 14.85 63.54 49.63
CA VAL HB 141 15.44 63.34 48.31
C VAL HB 141 14.73 64.21 47.30
N ARG HB 142 13.40 64.31 47.42
CA ARG HB 142 12.65 65.10 46.44
C ARG HB 142 12.87 66.61 46.60
N GLN HB 143 12.99 67.14 47.83
CA GLN HB 143 13.31 68.57 47.90
C GLN HB 143 14.74 68.89 47.49
N ILE HB 144 15.69 67.98 47.70
CA ILE HB 144 17.05 68.23 47.24
C ILE HB 144 17.09 68.17 45.71
N ARG HB 145 16.33 67.23 45.14
CA ARG HB 145 16.02 67.26 43.72
C ARG HB 145 15.47 68.63 43.31
N LYS HB 146 14.52 69.14 44.09
CA LYS HB 146 13.88 70.41 43.78
C LYS HB 146 14.87 71.57 43.91
N LYS HB 147 15.76 71.51 44.92
CA LYS HB 147 16.81 72.51 45.02
C LYS HB 147 17.70 72.49 43.78
N MET HB 148 18.07 71.30 43.33
CA MET HB 148 18.88 71.19 42.12
C MET HB 148 18.14 71.79 40.93
N MET HB 149 16.85 71.49 40.80
CA MET HB 149 16.08 72.04 39.69
C MET HB 149 15.99 73.57 39.78
N GLU HB 150 15.82 74.11 40.98
CA GLU HB 150 15.75 75.56 41.11
C GLU HB 150 17.08 76.19 40.71
N ILE HB 151 18.19 75.54 41.05
CA ILE HB 151 19.49 76.03 40.61
C ILE HB 151 19.54 76.09 39.09
N MET HB 152 19.19 74.98 38.44
CA MET HB 152 19.28 74.90 36.98
C MET HB 152 18.36 75.88 36.28
N THR HB 153 17.15 76.09 36.80
CA THR HB 153 16.25 77.04 36.15
C THR HB 153 16.73 78.47 36.37
N ARG HB 154 16.88 78.87 37.64
CA ARG HB 154 17.25 80.25 37.94
C ARG HB 154 18.50 80.67 37.16
N GLU HB 155 19.52 79.82 37.13
CA GLU HB 155 20.76 80.23 36.50
C GLU HB 155 20.64 80.39 35.00
N VAL HB 156 20.06 79.41 34.29
CA VAL HB 156 20.24 79.34 32.84
C VAL HB 156 18.97 79.72 32.09
N GLN HB 157 17.91 80.13 32.80
CA GLN HB 157 16.83 80.83 32.12
C GLN HB 157 17.29 82.22 31.66
N THR HB 158 18.46 82.65 32.11
CA THR HB 158 19.11 83.89 31.71
C THR HB 158 19.77 83.72 30.34
N ASN HB 159 20.72 84.60 30.04
CA ASN HB 159 21.45 84.61 28.78
C ASN HB 159 22.15 83.30 28.43
N ASP HB 160 22.73 83.26 27.22
CA ASP HB 160 22.95 82.07 26.41
C ASP HB 160 24.25 81.28 26.61
N LEU HB 161 24.58 80.50 25.57
CA LEU HB 161 25.75 79.62 25.47
C LEU HB 161 26.98 80.11 26.23
N LYS HB 162 27.43 81.33 25.92
CA LYS HB 162 28.67 81.82 26.50
C LYS HB 162 28.60 81.81 28.01
N GLU HB 163 27.58 82.43 28.59
CA GLU HB 163 27.51 82.47 30.04
C GLU HB 163 27.19 81.12 30.65
N VAL HB 164 26.41 80.27 29.98
CA VAL HB 164 26.08 79.01 30.63
C VAL HB 164 27.32 78.12 30.71
N VAL HB 165 28.10 78.07 29.63
CA VAL HB 165 29.35 77.34 29.68
C VAL HB 165 30.28 77.98 30.71
N ASN HB 166 30.29 79.32 30.76
CA ASN HB 166 31.07 80.03 31.77
C ASN HB 166 30.71 79.54 33.18
N LYS HB 167 29.45 79.69 33.57
CA LYS HB 167 29.01 79.32 34.91
C LYS HB 167 29.18 77.84 35.17
N LEU HB 168 29.25 77.02 34.13
CA LEU HB 168 29.63 75.62 34.31
C LEU HB 168 31.12 75.46 34.56
N ILE HB 169 31.94 76.38 34.04
CA ILE HB 169 33.40 76.19 34.06
C ILE HB 169 33.94 75.94 35.46
N PRO HB 170 33.63 76.74 36.48
CA PRO HB 170 34.05 76.40 37.85
C PRO HB 170 33.10 75.48 38.57
N ASP HB 171 32.05 75.00 37.90
CA ASP HB 171 30.93 74.29 38.51
C ASP HB 171 30.26 75.17 39.57
N SER HB 172 30.33 76.49 39.38
CA SER HB 172 29.63 77.46 40.22
C SER HB 172 28.15 77.40 40.04
N ILE HB 173 27.72 76.46 39.20
CA ILE HB 173 26.33 76.01 39.17
C ILE HB 173 26.14 74.83 40.09
N GLY HB 174 27.20 74.05 40.31
CA GLY HB 174 27.06 72.80 41.03
C GLY HB 174 27.50 72.88 42.49
N LYS HB 175 28.61 73.55 42.75
CA LYS HB 175 29.07 73.69 44.13
C LYS HB 175 28.06 74.45 44.98
N ASP HB 176 27.45 75.48 44.40
CA ASP HB 176 26.41 76.20 45.11
C ASP HB 176 25.18 75.33 45.37
N ILE HB 177 25.02 74.23 44.63
CA ILE HB 177 23.94 73.29 44.95
C ILE HB 177 24.17 72.68 46.32
N GLU HB 178 25.38 72.18 46.58
CA GLU HB 178 25.68 71.68 47.92
C GLU HB 178 25.58 72.78 48.96
N LYS HB 179 26.00 74.00 48.59
CA LYS HB 179 25.84 75.14 49.50
C LYS HB 179 24.39 75.28 49.93
N ALA HB 180 23.47 75.23 48.97
CA ALA HB 180 22.05 75.43 49.27
C ALA HB 180 21.38 74.17 49.81
N CYS HB 181 22.03 73.01 49.68
CA CYS HB 181 21.48 71.75 50.16
C CYS HB 181 22.03 71.32 51.52
N GLN HB 182 23.03 72.02 52.05
CA GLN HB 182 23.49 71.75 53.41
C GLN HB 182 22.39 71.97 54.45
N SER HB 183 21.36 72.76 54.12
CA SER HB 183 20.28 72.99 55.06
C SER HB 183 19.53 71.71 55.39
N ILE HB 184 19.55 70.72 54.49
CA ILE HB 184 19.04 69.38 54.75
C ILE HB 184 20.27 68.50 54.52
N TYR HB 185 20.14 67.16 54.58
CA TYR HB 185 21.27 66.23 54.52
C TYR HB 185 22.30 66.75 53.51
N PRO HB 186 23.57 66.85 53.91
CA PRO HB 186 24.53 67.68 53.16
C PRO HB 186 24.47 67.66 51.64
N LEU HB 187 24.37 66.49 50.98
CA LEU HB 187 24.49 66.40 49.53
C LEU HB 187 25.83 66.96 49.07
N HIS HB 188 26.88 66.22 49.43
CA HIS HB 188 28.22 66.79 49.55
C HIS HB 188 28.84 67.13 48.19
N ASP HB 189 29.10 66.14 47.32
CA ASP HB 189 29.76 66.43 46.05
C ASP HB 189 28.74 66.51 44.93
N VAL HB 190 28.32 67.74 44.61
CA VAL HB 190 27.42 67.98 43.49
C VAL HB 190 28.22 68.31 42.23
N PHE HB 191 28.07 67.50 41.18
CA PHE HB 191 28.71 67.79 39.91
C PHE HB 191 27.74 67.62 38.76
N VAL HB 192 28.02 68.37 37.69
CA VAL HB 192 27.11 68.49 36.55
C VAL HB 192 27.55 67.41 35.56
N ARG HB 193 26.98 66.20 35.72
CA ARG HB 193 27.58 65.02 35.10
C ARG HB 193 27.46 65.00 33.58
N LYS HB 194 26.43 65.64 33.01
CA LYS HB 194 26.30 65.66 31.57
C LYS HB 194 25.47 66.87 31.14
N VAL HB 195 25.93 67.57 30.11
CA VAL HB 195 25.15 68.60 29.44
C VAL HB 195 25.24 68.34 27.94
N LYS HB 196 24.13 68.51 27.23
CA LYS HB 196 24.11 68.27 25.80
C LYS HB 196 23.21 69.29 25.12
N MET HB 197 23.50 69.59 23.85
CA MET HB 197 22.60 70.41 23.05
C MET HB 197 21.46 69.54 22.52
N LEU HB 198 20.24 70.07 22.57
CA LEU HB 198 19.09 69.38 22.02
C LEU HB 198 18.49 70.12 20.84
N LYS HB 199 18.34 71.44 20.93
CA LYS HB 199 17.92 72.24 19.79
C LYS HB 199 18.78 73.47 19.65
N LYS HB 200 18.91 73.94 18.41
CA LYS HB 200 19.74 75.08 18.06
C LYS HB 200 18.90 76.13 17.34
N PRO HB 201 18.60 77.27 17.95
CA PRO HB 201 17.80 78.30 17.26
C PRO HB 201 18.49 78.80 16.00
N LYS HB 202 17.69 79.48 15.17
CA LYS HB 202 18.07 79.81 13.79
C LYS HB 202 19.48 80.35 13.74
N PHE HB 203 20.21 79.97 12.69
CA PHE HB 203 21.63 80.22 12.61
C PHE HB 203 21.94 81.32 11.60
N GLU HB 204 22.78 82.26 12.01
CA GLU HB 204 23.18 83.38 11.18
C GLU HB 204 24.64 83.72 11.46
N LEU HB 205 25.27 84.32 10.45
CA LEU HB 205 26.68 84.67 10.55
C LEU HB 205 26.93 85.71 11.64
N GLY HB 206 26.05 86.71 11.76
CA GLY HB 206 26.24 87.70 12.81
C GLY HB 206 26.27 87.08 14.19
N LYS HB 207 25.30 86.20 14.46
CA LYS HB 207 25.26 85.47 15.72
C LYS HB 207 26.54 84.66 15.91
N LEU HB 208 26.87 83.81 14.94
CA LEU HB 208 28.02 82.91 15.11
C LEU HB 208 29.30 83.70 15.33
N MET HB 209 29.53 84.73 14.51
CA MET HB 209 30.78 85.47 14.60
C MET HB 209 30.88 86.23 15.92
N GLU HB 210 29.83 86.95 16.31
CA GLU HB 210 29.92 87.67 17.57
C GLU HB 210 30.05 86.72 18.76
N LEU HB 211 29.45 85.52 18.66
CA LEU HB 211 29.57 84.56 19.75
C LEU HB 211 30.96 83.97 19.84
N HIS HB 212 31.61 83.72 18.71
CA HIS HB 212 32.93 83.09 18.70
C HIS HB 212 34.05 84.10 18.96
N GLY HB 213 34.16 85.12 18.12
CA GLY HB 213 35.22 86.11 18.25
C GLY HB 213 36.61 85.60 17.95
N GLU IB 1 45.59 -3.11 105.33
CA GLU IB 1 45.63 -3.24 103.89
C GLU IB 1 45.33 -1.92 103.17
N TRP IB 2 44.04 -1.65 102.96
CA TRP IB 2 43.60 -0.64 102.03
C TRP IB 2 43.78 0.76 102.60
N MET IB 3 43.89 1.73 101.70
CA MET IB 3 44.19 3.11 102.08
C MET IB 3 43.23 4.06 101.40
N PRO IB 4 42.84 5.16 102.05
CA PRO IB 4 42.13 6.22 101.34
C PRO IB 4 43.10 7.14 100.65
N VAL IB 5 42.56 8.02 99.80
CA VAL IB 5 43.35 9.05 99.12
C VAL IB 5 42.75 10.44 99.31
N THR IB 6 41.54 10.66 98.80
CA THR IB 6 40.90 11.97 98.88
C THR IB 6 40.46 12.26 100.31
N LYS IB 7 40.36 13.55 100.63
CA LYS IB 7 40.17 13.97 102.01
C LYS IB 7 38.89 13.39 102.59
N LEU IB 8 37.78 13.46 101.85
CA LEU IB 8 36.50 13.03 102.41
C LEU IB 8 36.50 11.53 102.69
N GLY IB 9 36.96 10.72 101.74
CA GLY IB 9 37.04 9.29 101.98
C GLY IB 9 38.00 8.95 103.11
N ARG IB 10 39.11 9.69 103.20
CA ARG IB 10 40.04 9.48 104.29
C ARG IB 10 39.37 9.74 105.63
N LEU IB 11 38.53 10.77 105.70
CA LEU IB 11 37.72 10.99 106.91
C LEU IB 11 36.79 9.80 107.15
N MET IB 12 36.17 9.31 106.09
CA MET IB 12 35.15 8.28 106.26
C MET IB 12 35.79 7.04 106.88
N LYS IB 13 37.01 6.72 106.44
CA LYS IB 13 37.82 5.79 107.21
C LYS IB 13 38.05 6.32 108.62
N ASP IB 14 38.41 7.58 108.72
CA ASP IB 14 38.46 8.32 109.98
C ASP IB 14 37.01 8.63 110.34
N VAL IB 15 36.35 7.60 110.87
CA VAL IB 15 34.91 7.36 110.94
C VAL IB 15 34.11 8.42 111.69
N LYS IB 16 34.78 9.48 112.16
CA LYS IB 16 34.08 10.54 112.87
C LYS IB 16 32.76 10.94 112.21
N ILE IB 17 32.62 10.75 110.90
CA ILE IB 17 31.33 10.84 110.22
C ILE IB 17 30.76 9.44 110.08
N LYS IB 18 29.48 9.30 110.41
CA LYS IB 18 28.85 7.99 110.47
C LYS IB 18 27.83 7.71 109.38
N SER IB 19 27.18 8.72 108.83
CA SER IB 19 26.06 8.52 107.92
C SER IB 19 26.26 9.29 106.63
N LEU IB 20 25.61 8.80 105.56
CA LEU IB 20 25.62 9.46 104.26
C LEU IB 20 24.88 10.79 104.33
N GLU IB 21 24.36 11.11 105.52
CA GLU IB 21 23.66 12.36 105.70
C GLU IB 21 24.62 13.53 105.66
N GLU IB 22 25.78 13.39 106.33
CA GLU IB 22 26.78 14.44 106.32
C GLU IB 22 27.38 14.64 104.94
N ILE IB 23 26.87 13.93 103.93
CA ILE IB 23 27.27 14.12 102.54
C ILE IB 23 26.10 14.68 101.76
N TYR IB 24 24.98 13.97 101.77
CA TYR IB 24 23.82 14.38 100.99
C TYR IB 24 23.04 15.51 101.63
N LEU IB 25 23.58 16.14 102.68
CA LEU IB 25 23.23 17.53 102.93
C LEU IB 25 23.87 18.43 101.88
N PHE IB 26 25.15 18.21 101.60
CA PHE IB 26 25.94 19.14 100.82
C PHE IB 26 25.99 18.80 99.33
N SER IB 27 25.59 17.58 98.95
CA SER IB 27 25.72 17.09 97.59
C SER IB 27 27.18 17.16 97.14
N LEU IB 28 27.99 16.37 97.82
CA LEU IB 28 29.44 16.42 97.67
C LEU IB 28 29.90 15.54 96.51
N PRO IB 29 30.83 16.03 95.69
CA PRO IB 29 31.45 15.15 94.70
C PRO IB 29 32.38 14.18 95.40
N ILE IB 30 31.92 12.95 95.54
CA ILE IB 30 32.62 11.93 96.32
C ILE IB 30 33.44 11.11 95.35
N LYS IB 31 34.63 11.62 95.04
CA LYS IB 31 35.38 11.23 93.86
C LYS IB 31 36.07 9.88 93.98
N GLU IB 32 35.82 9.12 95.03
CA GLU IB 32 36.47 7.83 95.20
C GLU IB 32 35.46 6.78 95.64
N SER IB 33 35.68 5.55 95.18
CA SER IB 33 34.71 4.49 95.39
C SER IB 33 34.55 4.17 96.86
N GLU IB 34 35.66 3.94 97.55
CA GLU IB 34 35.64 3.22 98.83
C GLU IB 34 34.86 3.93 99.93
N ILE IB 35 34.31 5.11 99.68
CA ILE IB 35 33.50 5.77 100.70
C ILE IB 35 32.31 4.88 101.08
N ILE IB 36 31.55 4.44 100.08
CA ILE IB 36 30.37 3.68 100.43
C ILE IB 36 30.69 2.21 100.58
N ASP IB 37 31.84 1.76 100.06
CA ASP IB 37 32.35 0.45 100.45
C ASP IB 37 33.00 0.45 101.84
N PHE IB 38 33.09 1.62 102.47
CA PHE IB 38 33.22 1.67 103.92
C PHE IB 38 31.85 1.67 104.57
N PHE IB 39 30.95 2.54 104.07
CA PHE IB 39 29.61 2.64 104.64
C PHE IB 39 28.92 1.28 104.71
N LEU IB 40 29.20 0.40 103.76
CA LEU IB 40 28.75 -0.98 103.78
C LEU IB 40 29.94 -1.91 103.87
N GLY IB 41 29.69 -3.11 104.40
CA GLY IB 41 30.69 -4.16 104.43
C GLY IB 41 30.27 -5.39 103.68
N ALA IB 42 28.95 -5.62 103.57
CA ALA IB 42 28.41 -6.79 102.89
C ALA IB 42 27.01 -6.44 102.39
N SER IB 43 26.23 -7.49 102.10
CA SER IB 43 24.82 -7.38 101.72
C SER IB 43 24.59 -6.49 100.50
N LEU IB 44 25.60 -6.33 99.67
CA LEU IB 44 25.55 -5.42 98.53
C LEU IB 44 24.94 -6.19 97.35
N LYS IB 45 23.60 -6.28 97.31
CA LYS IB 45 22.96 -7.23 96.40
C LYS IB 45 23.00 -6.68 94.98
N ASP IB 46 23.53 -7.46 94.04
CA ASP IB 46 23.75 -6.96 92.69
C ASP IB 46 22.92 -7.75 91.67
N GLU IB 47 22.99 -7.29 90.43
CA GLU IB 47 22.45 -8.01 89.28
C GLU IB 47 23.16 -7.52 88.02
N VAL IB 48 23.71 -8.45 87.25
CA VAL IB 48 24.44 -8.14 86.03
C VAL IB 48 23.42 -8.11 84.90
N LEU IB 49 23.00 -6.90 84.52
CA LEU IB 49 21.95 -6.74 83.51
C LEU IB 49 22.37 -7.32 82.17
N LYS IB 50 23.36 -6.71 81.50
CA LYS IB 50 23.53 -7.11 80.10
C LYS IB 50 24.82 -6.58 79.51
N ILE IB 51 25.13 -7.08 78.31
CA ILE IB 51 26.32 -6.71 77.54
C ILE IB 51 25.89 -6.27 76.15
N MET IB 52 26.23 -5.04 75.78
CA MET IB 52 26.00 -4.51 74.44
C MET IB 52 27.33 -4.16 73.80
N PRO IB 53 27.78 -4.90 72.78
CA PRO IB 53 29.00 -4.49 72.06
C PRO IB 53 28.71 -3.29 71.16
N VAL IB 54 29.71 -2.42 71.01
CA VAL IB 54 29.65 -1.27 70.11
C VAL IB 54 30.98 -1.16 69.39
N GLN IB 55 30.94 -1.03 68.06
CA GLN IB 55 32.14 -1.18 67.24
C GLN IB 55 32.29 -0.01 66.28
N LYS IB 56 33.54 0.33 65.97
CA LYS IB 56 33.91 1.34 64.97
C LYS IB 56 34.48 0.65 63.75
N GLN IB 57 34.03 1.08 62.57
CA GLN IB 57 34.37 0.42 61.30
C GLN IB 57 35.61 1.03 60.67
N THR IB 58 36.56 0.18 60.30
CA THR IB 58 37.82 0.58 59.71
C THR IB 58 38.11 -0.28 58.49
N ARG IB 59 39.22 0.02 57.81
CA ARG IB 59 39.64 -0.77 56.67
C ARG IB 59 40.01 -2.19 57.05
N ALA IB 60 40.31 -2.45 58.32
CA ALA IB 60 40.73 -3.74 58.82
C ALA IB 60 39.59 -4.32 59.67
N GLY IB 61 39.88 -5.42 60.36
CA GLY IB 61 38.94 -5.96 61.31
C GLY IB 61 38.50 -4.87 62.26
N GLN IB 62 37.24 -4.45 62.16
CA GLN IB 62 36.78 -3.28 62.87
C GLN IB 62 36.82 -3.50 64.37
N ARG IB 63 36.92 -2.41 65.11
CA ARG IB 63 37.31 -2.43 66.52
C ARG IB 63 36.09 -2.34 67.42
N THR IB 64 35.87 -3.37 68.23
CA THR IB 64 34.65 -3.52 69.03
C THR IB 64 34.99 -3.48 70.50
N ARG IB 65 34.14 -2.83 71.29
CA ARG IB 65 34.27 -2.78 72.74
C ARG IB 65 32.90 -2.92 73.38
N PHE IB 66 32.86 -3.59 74.53
CA PHE IB 66 31.60 -4.09 75.10
C PHE IB 66 31.21 -3.25 76.32
N LYS IB 67 29.92 -2.91 76.43
CA LYS IB 67 29.41 -2.17 77.58
C LYS IB 67 28.52 -3.07 78.42
N ALA IB 68 28.78 -3.12 79.73
CA ALA IB 68 28.08 -4.02 80.65
C ALA IB 68 27.27 -3.21 81.66
N PHE IB 69 25.96 -3.32 81.60
CA PHE IB 69 25.11 -2.75 82.63
C PHE IB 69 25.00 -3.73 83.79
N VAL IB 70 25.14 -3.20 85.02
CA VAL IB 70 24.93 -3.94 86.27
C VAL IB 70 24.28 -2.96 87.25
N ALA IB 71 23.59 -3.49 88.25
CA ALA IB 71 22.93 -2.64 89.23
C ALA IB 71 23.08 -3.20 90.64
N ILE IB 72 23.04 -2.29 91.61
CA ILE IB 72 23.21 -2.62 93.02
C ILE IB 72 22.00 -2.11 93.82
N GLY IB 73 21.58 -2.90 94.81
CA GLY IB 73 20.51 -2.53 95.70
C GLY IB 73 20.61 -3.27 97.01
N ASP IB 74 19.80 -2.81 97.98
CA ASP IB 74 19.74 -3.43 99.30
C ASP IB 74 18.31 -3.65 99.79
N TYR IB 75 17.30 -3.50 98.92
CA TYR IB 75 15.90 -3.75 99.27
C TYR IB 75 15.42 -2.85 100.41
N ASN IB 76 16.11 -1.73 100.63
CA ASN IB 76 15.82 -0.83 101.75
C ASN IB 76 15.59 0.61 101.34
N GLY IB 77 16.24 1.07 100.28
CA GLY IB 77 16.24 2.47 99.94
C GLY IB 77 17.56 2.88 99.31
N HIS IB 78 18.53 1.97 99.34
CA HIS IB 78 19.78 2.14 98.62
C HIS IB 78 19.69 1.44 97.28
N VAL IB 79 20.15 2.12 96.23
CA VAL IB 79 20.08 1.60 94.87
C VAL IB 79 21.03 2.40 94.00
N GLY IB 80 21.52 1.77 92.93
CA GLY IB 80 22.44 2.44 92.04
C GLY IB 80 22.72 1.59 90.81
N LEU IB 81 23.42 2.22 89.87
CA LEU IB 81 23.67 1.65 88.56
C LEU IB 81 25.15 1.76 88.24
N GLY IB 82 25.68 0.76 87.52
CA GLY IB 82 27.05 0.76 87.05
C GLY IB 82 27.16 0.33 85.60
N VAL IB 83 27.71 1.21 84.77
CA VAL IB 83 27.74 1.05 83.33
C VAL IB 83 29.16 1.32 82.86
N LYS IB 84 29.84 0.29 82.34
CA LYS IB 84 31.23 0.44 81.94
C LYS IB 84 31.48 -0.20 80.60
N CYS IB 85 32.31 0.45 79.78
CA CYS IB 85 32.73 -0.04 78.48
C CYS IB 85 34.19 -0.50 78.56
N SER IB 86 34.45 -1.70 78.06
CA SER IB 86 35.76 -2.31 78.24
C SER IB 86 36.09 -3.18 77.02
N LYS IB 87 37.38 -3.51 76.90
CA LYS IB 87 37.80 -4.55 75.95
C LYS IB 87 37.02 -5.82 76.18
N GLU IB 88 37.03 -6.32 77.42
CA GLU IB 88 36.61 -7.68 77.72
C GLU IB 88 35.39 -7.66 78.61
N VAL IB 89 34.61 -8.75 78.53
CA VAL IB 89 33.44 -8.90 79.38
C VAL IB 89 33.83 -8.84 80.85
N ALA IB 90 34.99 -9.38 81.20
CA ALA IB 90 35.43 -9.38 82.60
C ALA IB 90 35.66 -7.95 83.09
N THR IB 91 36.45 -7.18 82.35
CA THR IB 91 36.74 -5.80 82.75
C THR IB 91 35.46 -4.97 82.73
N ALA IB 92 34.57 -5.25 81.77
CA ALA IB 92 33.28 -4.57 81.77
C ALA IB 92 32.49 -4.87 83.04
N ILE IB 93 32.49 -6.13 83.45
CA ILE IB 93 31.78 -6.51 84.67
C ILE IB 93 32.35 -5.78 85.86
N ARG IB 94 33.68 -5.79 86.00
CA ARG IB 94 34.31 -5.16 87.16
C ARG IB 94 34.11 -3.65 87.15
N GLY IB 95 34.17 -3.02 85.97
CA GLY IB 95 33.91 -1.60 85.88
C GLY IB 95 32.48 -1.25 86.24
N ALA IB 96 31.53 -2.07 85.79
CA ALA IB 96 30.14 -1.88 86.21
C ALA IB 96 30.01 -2.03 87.71
N ILE IB 97 30.72 -2.98 88.29
CA ILE IB 97 30.68 -3.19 89.74
C ILE IB 97 31.15 -1.92 90.47
N ILE IB 98 32.30 -1.39 90.08
CA ILE IB 98 32.85 -0.21 90.76
C ILE IB 98 31.96 1.00 90.55
N LEU IB 99 31.51 1.22 89.31
CA LEU IB 99 30.67 2.38 89.05
C LEU IB 99 29.37 2.30 89.82
N ALA IB 100 28.81 1.10 89.94
CA ALA IB 100 27.56 0.94 90.67
C ALA IB 100 27.79 1.12 92.15
N LYS IB 101 28.97 0.71 92.65
CA LYS IB 101 29.30 0.96 94.05
C LYS IB 101 29.40 2.45 94.34
N LEU IB 102 29.98 3.23 93.44
CA LEU IB 102 30.08 4.67 93.69
C LEU IB 102 28.78 5.40 93.42
N SER IB 103 27.96 4.93 92.49
CA SER IB 103 26.80 5.69 92.03
C SER IB 103 25.62 5.60 92.98
N ILE IB 104 25.81 5.12 94.20
CA ILE IB 104 24.68 4.87 95.09
C ILE IB 104 23.91 6.16 95.38
N VAL IB 105 22.59 6.08 95.34
CA VAL IB 105 21.71 7.22 95.61
C VAL IB 105 20.59 6.80 96.55
N PRO IB 106 20.60 7.25 97.80
CA PRO IB 106 19.48 6.94 98.71
C PRO IB 106 18.23 7.69 98.29
N VAL IB 107 17.07 7.16 98.67
CA VAL IB 107 15.79 7.63 98.19
C VAL IB 107 14.94 8.12 99.35
N ARG IB 108 14.19 9.20 99.11
CA ARG IB 108 13.15 9.65 100.02
C ARG IB 108 11.91 8.80 99.77
N ARG IB 109 11.52 8.02 100.78
CA ARG IB 109 10.45 7.06 100.64
C ARG IB 109 9.18 7.55 101.33
N GLY IB 110 8.10 6.79 101.12
CA GLY IB 110 6.82 7.11 101.69
C GLY IB 110 5.83 6.00 101.41
N TYR IB 111 4.56 6.33 101.30
CA TYR IB 111 3.52 5.33 101.14
C TYR IB 111 2.68 5.63 99.91
N TRP IB 112 1.76 4.72 99.65
CA TRP IB 112 0.72 4.84 98.63
C TRP IB 112 -0.40 5.78 99.05
N GLY IB 113 -0.41 6.21 100.31
CA GLY IB 113 -1.46 7.03 100.85
C GLY IB 113 -1.74 6.73 102.31
N ASN IB 114 -1.24 5.58 102.76
CA ASN IB 114 -1.25 5.26 104.18
C ASN IB 114 -0.23 6.14 104.90
N LYS IB 115 -0.37 6.22 106.23
CA LYS IB 115 0.53 7.00 107.05
C LYS IB 115 1.11 6.16 108.17
N ILE IB 116 1.00 4.84 108.09
CA ILE IB 116 1.47 3.93 109.14
C ILE IB 116 2.30 2.84 108.50
N GLY IB 117 3.14 2.20 109.32
CA GLY IB 117 3.94 1.08 108.86
C GLY IB 117 5.36 1.44 108.47
N LYS IB 118 5.79 0.94 107.31
CA LYS IB 118 7.12 1.20 106.77
C LYS IB 118 7.02 1.64 105.32
N PRO IB 119 7.72 2.70 104.92
CA PRO IB 119 7.60 3.20 103.55
C PRO IB 119 8.02 2.16 102.53
N HIS IB 120 7.35 2.18 101.37
CA HIS IB 120 7.52 1.13 100.37
C HIS IB 120 7.59 1.62 98.93
N THR IB 121 7.46 2.91 98.66
CA THR IB 121 7.30 3.36 97.29
C THR IB 121 7.65 4.84 97.19
N VAL IB 122 7.33 5.44 96.05
CA VAL IB 122 7.48 6.88 95.83
C VAL IB 122 6.45 7.61 96.69
N PRO IB 123 6.73 8.85 97.11
CA PRO IB 123 5.72 9.58 97.87
C PRO IB 123 4.45 9.84 97.09
N CYS IB 124 4.55 10.05 95.77
CA CYS IB 124 3.46 10.61 95.00
C CYS IB 124 3.57 10.12 93.56
N LYS IB 125 2.88 10.83 92.65
CA LYS IB 125 2.94 10.56 91.23
C LYS IB 125 4.07 11.37 90.62
N VAL IB 126 5.05 10.69 90.03
CA VAL IB 126 6.24 11.36 89.51
C VAL IB 126 6.52 10.84 88.10
N THR IB 127 7.53 11.43 87.45
CA THR IB 127 7.94 10.96 86.14
C THR IB 127 9.40 11.28 85.87
N GLY IB 128 10.12 10.29 85.34
CA GLY IB 128 11.53 10.42 85.06
C GLY IB 128 11.86 10.24 83.59
N ARG IB 129 12.73 11.10 83.07
CA ARG IB 129 12.95 11.22 81.64
C ARG IB 129 14.42 11.13 81.31
N CYS IB 130 14.69 10.60 80.12
CA CYS IB 130 15.95 10.73 79.39
C CYS IB 130 15.75 9.95 78.09
N GLY IB 131 16.69 10.12 77.17
CA GLY IB 131 16.54 9.48 75.87
C GLY IB 131 15.27 9.95 75.23
N SER IB 132 14.40 9.01 74.87
CA SER IB 132 13.04 9.31 74.47
C SER IB 132 12.01 8.78 75.45
N VAL IB 133 12.43 8.16 76.54
CA VAL IB 133 11.53 7.45 77.43
C VAL IB 133 11.19 8.32 78.62
N LEU IB 134 9.91 8.58 78.80
CA LEU IB 134 9.37 9.26 79.97
C LEU IB 134 8.55 8.22 80.73
N VAL IB 135 9.10 7.74 81.84
CA VAL IB 135 8.43 6.73 82.65
C VAL IB 135 7.78 7.41 83.85
N ARG IB 136 6.47 7.28 83.93
CA ARG IB 136 5.69 7.89 85.00
C ARG IB 136 5.46 6.84 86.08
N LEU IB 137 5.94 7.15 87.29
CA LEU IB 137 5.84 6.25 88.43
C LEU IB 137 4.62 6.60 89.26
N ILE IB 138 3.89 5.56 89.68
CA ILE IB 138 2.75 5.70 90.57
C ILE IB 138 2.95 4.72 91.72
N PRO IB 139 2.68 5.11 92.96
CA PRO IB 139 2.80 4.18 94.08
C PRO IB 139 1.77 3.07 93.99
N ALA IB 140 1.83 2.17 94.97
CA ALA IB 140 0.90 1.05 95.03
C ALA IB 140 0.89 0.50 96.45
N PRO IB 141 -0.28 0.15 96.98
CA PRO IB 141 -0.37 -0.24 98.39
C PRO IB 141 0.14 -1.64 98.66
N ARG IB 142 -0.08 -2.12 99.89
CA ARG IB 142 0.24 -3.49 100.23
C ARG IB 142 -0.57 -4.45 99.37
N GLY IB 143 0.02 -5.59 99.06
CA GLY IB 143 -0.64 -6.58 98.24
C GLY IB 143 -0.59 -6.30 96.76
N THR IB 144 0.05 -5.21 96.34
CA THR IB 144 0.06 -4.81 94.94
C THR IB 144 1.39 -5.08 94.25
N GLY IB 145 2.39 -5.55 94.98
CA GLY IB 145 3.58 -6.07 94.36
C GLY IB 145 4.27 -5.07 93.42
N ILE IB 146 4.85 -5.63 92.37
CA ILE IB 146 5.62 -4.86 91.40
C ILE IB 146 4.90 -4.95 90.05
N VAL IB 147 4.66 -3.80 89.43
CA VAL IB 147 3.98 -3.73 88.13
C VAL IB 147 4.92 -3.00 87.19
N SER IB 148 5.66 -3.77 86.41
CA SER IB 148 6.76 -3.23 85.61
C SER IB 148 7.12 -4.23 84.52
N ALA IB 149 8.07 -3.84 83.68
CA ALA IB 149 8.87 -4.78 82.92
C ALA IB 149 9.95 -5.32 83.86
N PRO IB 150 10.81 -6.23 83.39
CA PRO IB 150 11.94 -6.64 84.24
C PRO IB 150 12.79 -5.48 84.71
N VAL IB 151 13.06 -4.48 83.86
CA VAL IB 151 13.94 -3.38 84.25
C VAL IB 151 13.37 -2.52 85.37
N PRO IB 152 12.14 -2.00 85.29
CA PRO IB 152 11.61 -1.24 86.42
C PRO IB 152 11.30 -2.15 87.59
N LYS IB 153 10.91 -3.40 87.31
CA LYS IB 153 10.64 -4.36 88.37
C LYS IB 153 11.87 -4.51 89.28
N LYS IB 154 12.98 -4.91 88.69
CA LYS IB 154 14.25 -4.94 89.39
C LYS IB 154 14.57 -3.57 90.00
N LEU IB 155 14.85 -2.57 89.15
CA LEU IB 155 15.37 -1.30 89.67
C LEU IB 155 14.38 -0.54 90.53
N LEU IB 156 13.25 -1.14 90.88
CA LEU IB 156 12.44 -0.66 91.99
C LEU IB 156 12.50 -1.56 93.22
N MET IB 157 12.35 -2.88 93.06
CA MET IB 157 12.49 -3.76 94.22
C MET IB 157 13.87 -3.63 94.84
N MET IB 158 14.91 -3.68 94.00
CA MET IB 158 16.27 -3.44 94.46
C MET IB 158 16.47 -2.05 95.02
N ALA IB 159 15.64 -1.09 94.60
CA ALA IB 159 15.57 0.22 95.25
C ALA IB 159 14.76 0.17 96.52
N GLY IB 160 14.23 -0.99 96.87
CA GLY IB 160 13.47 -1.12 98.09
C GLY IB 160 12.05 -0.68 97.85
N ILE IB 161 11.78 -0.27 96.61
CA ILE IB 161 10.42 0.10 96.21
C ILE IB 161 9.67 -1.19 95.93
N ASP IB 162 8.77 -1.55 96.84
CA ASP IB 162 8.16 -2.87 96.89
C ASP IB 162 6.92 -2.99 96.04
N ASP IB 163 6.04 -2.00 96.07
CA ASP IB 163 4.77 -2.07 95.36
C ASP IB 163 4.66 -0.82 94.50
N CYS IB 164 4.31 -1.00 93.23
CA CYS IB 164 4.48 0.09 92.28
C CYS IB 164 3.72 -0.19 90.98
N TYR IB 165 3.19 0.89 90.39
CA TYR IB 165 2.74 0.94 89.01
C TYR IB 165 3.78 1.70 88.19
N THR IB 166 4.22 1.12 87.08
CA THR IB 166 5.05 1.83 86.12
C THR IB 166 4.21 2.18 84.90
N SER IB 167 4.52 3.31 84.27
CA SER IB 167 3.94 3.67 82.98
C SER IB 167 5.06 4.19 82.10
N ALA IB 168 4.94 3.99 80.79
CA ALA IB 168 5.95 4.48 79.84
C ALA IB 168 5.24 5.20 78.71
N ARG IB 169 5.70 6.41 78.38
CA ARG IB 169 5.26 7.09 77.18
C ARG IB 169 6.20 6.85 76.01
N GLY IB 170 7.31 6.14 76.25
CA GLY IB 170 8.31 5.92 75.24
C GLY IB 170 8.60 4.45 75.06
N CYS IB 171 9.70 4.18 74.37
CA CYS IB 171 10.03 2.81 74.01
C CYS IB 171 10.91 2.14 75.06
N THR IB 172 10.28 1.30 75.88
CA THR IB 172 11.03 0.49 76.84
C THR IB 172 11.94 -0.51 76.17
N ALA IB 173 11.70 -0.80 74.89
CA ALA IB 173 12.59 -1.70 74.15
C ALA IB 173 14.00 -1.13 74.08
N THR IB 174 14.13 0.18 74.33
CA THR IB 174 15.44 0.82 74.46
C THR IB 174 15.85 0.72 75.93
N LEU IB 175 16.50 -0.40 76.26
CA LEU IB 175 16.79 -0.73 77.65
C LEU IB 175 17.75 0.25 78.31
N GLY IB 176 18.77 0.73 77.61
CA GLY IB 176 19.74 1.61 78.22
C GLY IB 176 19.17 2.88 78.80
N ASN IB 177 18.68 3.76 77.91
CA ASN IB 177 18.05 4.97 78.38
C ASN IB 177 16.77 4.70 79.13
N PHE IB 178 16.16 3.54 78.93
CA PHE IB 178 15.06 3.14 79.81
C PHE IB 178 15.53 3.05 81.26
N ALA IB 179 16.66 2.36 81.47
CA ALA IB 179 17.21 2.21 82.81
C ALA IB 179 17.61 3.56 83.38
N LYS IB 180 18.23 4.39 82.55
CA LYS IB 180 18.63 5.72 83.04
C LYS IB 180 17.42 6.55 83.43
N ALA IB 181 16.34 6.49 82.63
CA ALA IB 181 15.14 7.24 82.96
C ALA IB 181 14.48 6.74 84.23
N THR IB 182 14.35 5.41 84.35
CA THR IB 182 13.68 4.85 85.51
C THR IB 182 14.53 4.99 86.76
N PHE IB 183 15.83 5.26 86.62
CA PHE IB 183 16.64 5.63 87.78
C PHE IB 183 16.59 7.11 88.08
N ASP IB 184 16.46 7.96 87.06
CA ASP IB 184 16.30 9.39 87.30
C ASP IB 184 15.01 9.66 88.07
N ALA IB 185 13.95 8.91 87.75
CA ALA IB 185 12.70 9.07 88.48
C ALA IB 185 12.90 8.83 89.97
N ILE IB 186 13.63 7.77 90.32
CA ILE IB 186 13.93 7.51 91.72
C ILE IB 186 14.82 8.61 92.28
N SER IB 187 15.76 9.11 91.48
CA SER IB 187 16.70 10.12 91.93
C SER IB 187 16.03 11.44 92.26
N LYS IB 188 14.87 11.73 91.68
CA LYS IB 188 14.29 13.07 91.83
C LYS IB 188 13.28 13.20 92.96
N THR IB 189 13.18 12.22 93.87
CA THR IB 189 12.15 12.29 94.90
C THR IB 189 12.31 13.50 95.83
N TYR IB 190 13.50 14.08 95.91
CA TYR IB 190 13.72 15.25 96.75
C TYR IB 190 13.41 16.56 96.03
N SER IB 191 12.98 16.49 94.76
CA SER IB 191 12.73 17.71 93.99
C SER IB 191 11.44 18.39 94.42
N TYR IB 192 10.37 17.62 94.64
CA TYR IB 192 9.12 18.21 95.08
C TYR IB 192 9.21 18.82 96.47
N LEU IB 193 8.31 19.77 96.70
CA LEU IB 193 8.28 20.59 97.90
C LEU IB 193 6.92 20.42 98.53
N THR IB 194 6.91 20.04 99.80
CA THR IB 194 5.70 19.62 100.51
C THR IB 194 5.52 20.41 101.79
N PRO IB 195 4.32 20.44 102.36
CA PRO IB 195 4.19 21.04 103.70
C PRO IB 195 5.02 20.33 104.75
N ASP IB 196 5.36 19.06 104.51
CA ASP IB 196 6.32 18.30 105.31
C ASP IB 196 7.74 18.80 105.14
N LEU IB 197 7.89 19.76 104.23
CA LEU IB 197 9.09 20.50 103.88
C LEU IB 197 8.81 21.96 104.21
N TRP IB 198 9.58 22.88 103.62
CA TRP IB 198 9.29 24.32 103.71
C TRP IB 198 9.71 24.89 105.06
N LYS IB 199 10.82 24.40 105.59
CA LYS IB 199 11.43 24.99 106.78
C LYS IB 199 12.83 25.45 106.42
N GLU IB 200 13.59 25.84 107.44
CA GLU IB 200 14.99 26.18 107.22
C GLU IB 200 15.87 25.28 108.08
N THR IB 201 16.85 24.64 107.44
CA THR IB 201 17.66 23.63 108.11
C THR IB 201 18.59 24.29 109.13
N VAL IB 202 19.31 23.46 109.88
CA VAL IB 202 20.15 23.92 110.98
C VAL IB 202 21.61 24.05 110.58
N PHE IB 203 21.95 23.75 109.33
CA PHE IB 203 23.31 23.96 108.80
C PHE IB 203 24.35 23.24 109.66
N THR IB 204 24.23 21.92 109.69
CA THR IB 204 25.20 21.10 110.41
C THR IB 204 26.54 21.22 109.71
N LYS IB 205 27.42 22.03 110.29
CA LYS IB 205 28.60 22.54 109.62
C LYS IB 205 29.39 21.45 108.91
N SER IB 206 29.94 21.78 107.74
CA SER IB 206 30.64 20.88 106.83
C SER IB 206 31.48 19.87 107.58
N PRO IB 207 31.51 18.60 107.13
CA PRO IB 207 32.55 17.69 107.63
C PRO IB 207 33.91 18.38 107.71
N TYR IB 208 34.26 19.12 106.66
CA TYR IB 208 35.46 19.93 106.67
C TYR IB 208 35.50 20.83 107.91
N GLN IB 209 34.53 21.74 108.02
CA GLN IB 209 34.60 22.76 109.05
C GLN IB 209 34.63 22.15 110.44
N GLU IB 210 33.80 21.15 110.70
CA GLU IB 210 33.72 20.63 112.06
C GLU IB 210 34.95 19.80 112.38
N PHE IB 211 35.51 19.11 111.40
CA PHE IB 211 36.57 18.14 111.59
C PHE IB 211 37.82 18.53 110.80
N THR IB 212 38.18 19.82 110.87
CA THR IB 212 39.42 20.29 110.26
C THR IB 212 40.65 19.60 110.85
N ASP IB 213 40.50 19.00 112.03
CA ASP IB 213 41.64 18.52 112.81
C ASP IB 213 42.55 17.63 111.97
N HIS IB 214 41.95 16.69 111.23
CA HIS IB 214 42.71 15.87 110.31
C HIS IB 214 42.85 16.53 108.93
N LEU IB 215 41.98 17.48 108.60
CA LEU IB 215 41.94 18.00 107.24
C LEU IB 215 43.19 18.77 106.87
N VAL IB 216 43.87 19.36 107.84
CA VAL IB 216 45.15 20.02 107.59
C VAL IB 216 46.21 18.99 107.97
N LYS IB 217 46.51 18.09 107.03
CA LYS IB 217 47.59 17.13 107.24
C LYS IB 217 48.48 16.92 106.01
N THR IB 218 47.99 17.19 104.79
CA THR IB 218 48.73 16.92 103.58
C THR IB 218 48.10 17.69 102.41
N ARG JB 1 13.84 8.60 38.27
CA ARG JB 1 13.45 9.85 38.90
C ARG JB 1 11.93 10.02 38.87
N ALA JB 2 11.39 10.60 39.94
CA ALA JB 2 9.95 10.69 40.08
C ALA JB 2 9.34 11.64 39.04
N LYS JB 3 10.10 12.65 38.59
CA LYS JB 3 9.59 13.51 37.53
C LYS JB 3 9.21 12.70 36.30
N TRP JB 4 10.09 11.81 35.85
CA TRP JB 4 9.72 11.07 34.65
C TRP JB 4 8.92 9.82 34.94
N ARG JB 5 8.87 9.34 36.19
CA ARG JB 5 7.80 8.41 36.53
C ARG JB 5 6.45 9.09 36.30
N LYS JB 6 6.31 10.34 36.76
CA LYS JB 6 5.06 11.06 36.55
C LYS JB 6 4.81 11.33 35.07
N LYS JB 7 5.87 11.63 34.31
CA LYS JB 7 5.66 11.83 32.87
C LYS JB 7 5.25 10.54 32.16
N ARG JB 8 5.84 9.41 32.55
CA ARG JB 8 5.39 8.14 31.99
C ARG JB 8 3.92 7.90 32.32
N MET JB 9 3.53 8.20 33.56
CA MET JB 9 2.13 8.06 33.92
C MET JB 9 1.24 8.99 33.10
N ARG JB 10 1.71 10.21 32.84
CA ARG JB 10 0.93 11.16 32.06
C ARG JB 10 0.70 10.65 30.64
N ARG JB 11 1.77 10.22 29.98
CA ARG JB 11 1.64 9.70 28.62
C ARG JB 11 0.72 8.49 28.60
N LEU JB 12 0.89 7.57 29.55
CA LEU JB 12 0.05 6.39 29.56
C LEU JB 12 -1.40 6.74 29.86
N LYS JB 13 -1.61 7.80 30.65
CA LYS JB 13 -2.97 8.27 30.89
C LYS JB 13 -3.60 8.81 29.61
N ARG JB 14 -2.82 9.53 28.80
CA ARG JB 14 -3.35 9.97 27.51
C ARG JB 14 -3.69 8.78 26.62
N LYS JB 15 -2.82 7.77 26.62
CA LYS JB 15 -3.10 6.56 25.86
C LYS JB 15 -4.42 5.92 26.29
N ARG JB 16 -4.59 5.72 27.59
CA ARG JB 16 -5.80 5.05 28.06
C ARG JB 16 -7.04 5.91 27.84
N ARG JB 17 -6.91 7.24 28.01
CA ARG JB 17 -8.03 8.13 27.76
C ARG JB 17 -8.51 8.02 26.32
N LYS JB 18 -7.58 8.04 25.36
CA LYS JB 18 -8.01 7.97 23.98
C LYS JB 18 -8.52 6.57 23.62
N MET JB 19 -7.86 5.52 24.11
CA MET JB 19 -8.31 4.17 23.81
C MET JB 19 -9.67 3.86 24.41
N ARG JB 20 -10.05 4.53 25.50
CA ARG JB 20 -11.39 4.40 26.06
C ARG JB 20 -12.40 5.28 25.36
N GLN JB 21 -12.01 6.48 24.92
CA GLN JB 21 -12.95 7.36 24.25
C GLN JB 21 -13.23 6.93 22.81
N ARG JB 22 -12.33 6.17 22.20
CA ARG JB 22 -12.49 5.81 20.80
C ARG JB 22 -13.74 4.95 20.57
N SER JB 23 -13.95 3.95 21.43
CA SER JB 23 -15.10 3.06 21.28
C SER JB 23 -16.18 3.33 22.32
N MET KB 1 86.22 -32.26 65.82
CA MET KB 1 85.91 -33.68 65.73
C MET KB 1 87.14 -34.49 65.31
N ALA KB 2 86.93 -35.78 65.07
CA ALA KB 2 88.01 -36.77 64.97
C ALA KB 2 88.93 -36.55 63.78
N VAL KB 3 88.78 -35.45 63.04
CA VAL KB 3 89.60 -35.18 61.86
C VAL KB 3 90.49 -33.96 62.02
N GLN KB 4 90.62 -33.41 63.24
CA GLN KB 4 91.57 -32.35 63.58
C GLN KB 4 91.56 -31.22 62.55
N ILE KB 5 90.42 -30.52 62.52
CA ILE KB 5 90.17 -29.52 61.48
C ILE KB 5 90.41 -28.12 61.99
N SER KB 6 90.35 -27.15 61.08
CA SER KB 6 90.68 -25.77 61.37
C SER KB 6 89.74 -25.18 62.42
N LYS KB 7 90.14 -24.01 62.93
CA LYS KB 7 89.31 -23.33 63.93
C LYS KB 7 87.96 -22.94 63.35
N LYS KB 8 87.89 -22.68 62.04
CA LYS KB 8 86.62 -22.35 61.42
C LYS KB 8 85.61 -23.47 61.60
N ARG KB 9 85.88 -24.62 60.97
CA ARG KB 9 84.96 -25.75 61.09
C ARG KB 9 84.94 -26.32 62.50
N LYS KB 10 85.90 -25.98 63.35
CA LYS KB 10 85.87 -26.45 64.74
C LYS KB 10 84.83 -25.68 65.56
N PHE KB 11 84.91 -24.35 65.53
CA PHE KB 11 83.85 -23.53 66.10
C PHE KB 11 82.50 -23.88 65.48
N VAL KB 12 82.48 -24.14 64.17
CA VAL KB 12 81.24 -24.52 63.51
C VAL KB 12 80.72 -25.83 64.08
N ALA KB 13 81.60 -26.80 64.31
CA ALA KB 13 81.17 -28.06 64.91
C ALA KB 13 80.61 -27.84 66.31
N ASP KB 14 81.25 -26.95 67.07
CA ASP KB 14 80.74 -26.63 68.41
C ASP KB 14 79.30 -26.12 68.31
N GLY KB 15 79.06 -25.17 67.41
CA GLY KB 15 77.72 -24.65 67.25
C GLY KB 15 76.75 -25.67 66.69
N ILE KB 16 77.23 -26.53 65.79
CA ILE KB 16 76.42 -27.62 65.27
C ILE KB 16 75.95 -28.50 66.42
N PHE KB 17 76.81 -28.76 67.39
CA PHE KB 17 76.40 -29.61 68.51
C PHE KB 17 75.46 -28.88 69.47
N LYS KB 18 75.72 -27.59 69.73
CA LYS KB 18 74.76 -26.80 70.50
C LYS KB 18 73.38 -26.89 69.90
N ALA KB 19 73.28 -26.69 68.58
CA ALA KB 19 72.00 -26.81 67.88
C ALA KB 19 71.45 -28.23 67.97
N GLU KB 20 72.29 -29.23 67.67
CA GLU KB 20 71.83 -30.60 67.59
C GLU KB 20 71.43 -31.15 68.96
N LEU KB 21 71.76 -30.45 70.04
CA LEU KB 21 71.33 -30.87 71.36
C LEU KB 21 70.23 -30.01 71.96
N ASN KB 22 70.10 -28.74 71.54
CA ASN KB 22 69.08 -27.89 72.15
C ASN KB 22 67.70 -28.52 71.99
N GLU KB 23 67.21 -28.63 70.76
CA GLU KB 23 65.87 -29.15 70.55
C GLU KB 23 65.76 -30.61 70.97
N PHE KB 24 66.87 -31.35 70.96
CA PHE KB 24 66.86 -32.68 71.57
C PHE KB 24 66.42 -32.64 73.02
N LEU KB 25 67.06 -31.80 73.82
CA LEU KB 25 66.69 -31.73 75.23
C LEU KB 25 65.29 -31.14 75.40
N THR KB 26 64.91 -30.18 74.56
CA THR KB 26 63.58 -29.59 74.69
C THR KB 26 62.48 -30.58 74.35
N ARG KB 27 62.65 -31.41 73.33
CA ARG KB 27 61.64 -32.37 72.92
C ARG KB 27 61.81 -33.74 73.57
N GLU KB 28 62.86 -33.89 74.39
CA GLU KB 28 63.10 -35.10 75.17
C GLU KB 28 62.69 -34.94 76.62
N LEU KB 29 63.23 -33.93 77.28
CA LEU KB 29 63.18 -33.85 78.74
C LEU KB 29 62.07 -32.94 79.23
N ALA KB 30 61.20 -32.44 78.35
CA ALA KB 30 60.16 -31.49 78.75
C ALA KB 30 58.95 -32.21 79.35
N GLU KB 31 59.24 -33.10 80.31
CA GLU KB 31 58.24 -33.65 81.21
C GLU KB 31 58.18 -32.84 82.50
N ASP KB 32 58.43 -31.54 82.39
CA ASP KB 32 58.63 -30.62 83.49
C ASP KB 32 58.54 -29.21 82.94
N GLY KB 33 58.99 -28.23 83.70
CA GLY KB 33 59.31 -26.94 83.11
C GLY KB 33 60.58 -27.02 82.30
N TYR KB 34 60.80 -26.02 81.45
CA TYR KB 34 62.03 -25.97 80.65
C TYR KB 34 62.53 -24.54 80.54
N SER KB 35 63.81 -24.34 80.87
CA SER KB 35 64.43 -23.02 80.82
C SER KB 35 65.53 -22.91 79.77
N GLY KB 36 66.56 -23.73 79.83
CA GLY KB 36 67.63 -23.63 78.85
C GLY KB 36 68.85 -24.45 79.23
N VAL KB 37 69.93 -24.17 78.51
CA VAL KB 37 71.21 -24.85 78.71
C VAL KB 37 72.33 -23.82 78.54
N GLU KB 38 73.56 -24.25 78.83
CA GLU KB 38 74.73 -23.41 78.59
C GLU KB 38 75.95 -24.30 78.50
N VAL KB 39 76.67 -24.23 77.37
CA VAL KB 39 77.83 -25.08 77.12
C VAL KB 39 79.09 -24.23 77.19
N ARG KB 40 80.20 -24.86 77.52
CA ARG KB 40 81.49 -24.24 77.29
C ARG KB 40 82.57 -25.30 77.23
N VAL KB 41 83.70 -24.94 76.62
CA VAL KB 41 84.82 -25.85 76.37
C VAL KB 41 86.08 -25.26 76.97
N THR KB 42 86.75 -26.04 77.80
CA THR KB 42 87.99 -25.69 78.47
C THR KB 42 89.06 -26.75 78.18
N PRO KB 43 90.32 -26.53 78.60
CA PRO KB 43 91.36 -27.54 78.38
C PRO KB 43 90.96 -28.89 78.96
N THR KB 44 91.18 -29.95 78.17
CA THR KB 44 90.87 -31.35 78.49
C THR KB 44 89.54 -31.50 79.22
N ARG KB 45 88.56 -30.65 78.88
CA ARG KB 45 87.23 -30.71 79.45
C ARG KB 45 86.24 -30.25 78.40
N THR KB 46 84.96 -30.44 78.68
CA THR KB 46 83.86 -29.77 77.99
C THR KB 46 82.60 -29.92 78.82
N GLU KB 47 82.11 -28.82 79.40
CA GLU KB 47 81.09 -28.88 80.43
C GLU KB 47 79.79 -28.26 79.94
N ILE KB 48 78.66 -28.92 80.23
CA ILE KB 48 77.36 -28.51 79.73
C ILE KB 48 76.44 -28.44 80.94
N ILE KB 49 75.80 -27.29 81.14
CA ILE KB 49 75.01 -27.02 82.33
C ILE KB 49 73.55 -26.90 81.89
N ILE KB 50 72.71 -27.80 82.40
CA ILE KB 50 71.31 -27.91 82.04
C ILE KB 50 70.48 -27.25 83.12
N LEU KB 51 69.45 -26.49 82.71
CA LEU KB 51 68.78 -25.54 83.57
C LEU KB 51 67.28 -25.70 83.38
N ALA KB 52 66.59 -26.28 84.37
CA ALA KB 52 65.17 -26.58 84.23
C ALA KB 52 64.54 -26.71 85.61
N THR KB 53 63.20 -26.61 85.65
CA THR KB 53 62.44 -26.55 86.89
C THR KB 53 62.18 -27.92 87.51
N ARG KB 54 62.98 -28.93 87.16
CA ARG KB 54 63.05 -30.16 87.92
C ARG KB 54 64.47 -30.68 87.83
N THR KB 55 65.24 -30.49 88.91
CA THR KB 55 66.59 -31.02 88.96
C THR KB 55 66.60 -32.53 88.76
N GLN KB 56 65.52 -33.21 89.16
CA GLN KB 56 65.52 -34.66 89.17
C GLN KB 56 65.37 -35.24 87.77
N ASN KB 57 64.67 -34.56 86.86
CA ASN KB 57 64.61 -35.03 85.48
C ASN KB 57 65.99 -35.05 84.85
N VAL KB 58 66.76 -33.98 85.03
CA VAL KB 58 68.08 -33.86 84.43
C VAL KB 58 69.17 -34.50 85.29
N LEU KB 59 68.82 -35.00 86.49
CA LEU KB 59 69.75 -35.74 87.33
C LEU KB 59 69.40 -37.22 87.46
N GLY KB 60 68.34 -37.69 86.80
CA GLY KB 60 68.05 -39.10 86.72
C GLY KB 60 67.67 -39.75 88.04
N GLU KB 61 67.24 -41.00 87.97
CA GLU KB 61 66.93 -41.75 89.18
C GLU KB 61 68.15 -42.60 89.57
N LYS KB 62 68.68 -42.33 90.76
CA LYS KB 62 69.87 -43.01 91.29
C LYS KB 62 70.97 -43.07 90.23
N GLY KB 63 71.20 -41.93 89.58
CA GLY KB 63 72.25 -41.83 88.59
C GLY KB 63 72.02 -42.65 87.33
N ARG KB 64 70.82 -43.15 87.10
CA ARG KB 64 70.60 -44.07 86.00
C ARG KB 64 70.45 -43.34 84.66
N ARG KB 65 69.44 -42.46 84.54
CA ARG KB 65 69.16 -41.82 83.26
C ARG KB 65 70.35 -40.99 82.78
N ILE KB 66 71.00 -40.30 83.71
CA ILE KB 66 72.06 -39.37 83.36
C ILE KB 66 73.44 -40.02 83.34
N ARG KB 67 73.52 -41.32 83.57
CA ARG KB 67 74.70 -42.08 83.19
C ARG KB 67 74.39 -43.06 82.06
N GLU KB 68 73.12 -43.10 81.61
CA GLU KB 68 72.68 -43.89 80.47
C GLU KB 68 72.71 -43.10 79.17
N LEU KB 69 72.13 -41.90 79.17
CA LEU KB 69 72.03 -41.13 77.93
C LEU KB 69 73.38 -40.56 77.52
N THR KB 70 74.16 -40.13 78.51
CA THR KB 70 75.36 -39.35 78.28
C THR KB 70 76.41 -40.11 77.48
N ALA KB 71 76.69 -41.36 77.84
CA ALA KB 71 77.78 -42.09 77.22
C ALA KB 71 77.45 -42.48 75.78
N VAL KB 72 76.22 -42.94 75.54
CA VAL KB 72 75.81 -43.25 74.17
C VAL KB 72 75.88 -42.00 73.30
N VAL KB 73 75.31 -40.88 73.75
CA VAL KB 73 75.33 -39.68 72.93
C VAL KB 73 76.76 -39.22 72.69
N GLN KB 74 77.58 -39.23 73.75
CA GLN KB 74 78.99 -38.84 73.68
C GLN KB 74 79.74 -39.65 72.62
N LYS KB 75 79.83 -40.96 72.82
CA LYS KB 75 80.59 -41.78 71.88
C LYS KB 75 79.96 -41.79 70.49
N ARG KB 76 78.64 -41.61 70.38
CA ARG KB 76 77.99 -41.62 69.08
C ARG KB 76 78.43 -40.43 68.25
N PHE KB 77 78.34 -39.21 68.82
CA PHE KB 77 78.86 -38.08 68.08
C PHE KB 77 80.38 -38.13 67.95
N GLY KB 78 81.05 -38.82 68.85
CA GLY KB 78 82.47 -39.10 68.74
C GLY KB 78 83.28 -38.16 69.59
N PHE KB 79 83.61 -38.59 70.80
CA PHE KB 79 84.15 -37.74 71.84
C PHE KB 79 85.08 -38.59 72.70
N PRO KB 80 85.90 -37.97 73.56
CA PRO KB 80 86.65 -38.74 74.56
C PRO KB 80 85.74 -39.27 75.66
N GLU KB 81 86.33 -39.83 76.72
CA GLU KB 81 85.59 -40.34 77.85
C GLU KB 81 85.73 -39.39 79.04
N GLY KB 82 84.62 -39.16 79.74
CA GLY KB 82 84.65 -38.33 80.92
C GLY KB 82 84.80 -36.85 80.65
N SER KB 83 84.63 -36.41 79.41
CA SER KB 83 84.76 -35.00 79.07
C SER KB 83 83.43 -34.27 79.12
N VAL KB 84 82.39 -34.83 78.52
CA VAL KB 84 81.08 -34.18 78.41
C VAL KB 84 80.22 -34.58 79.60
N GLU KB 85 79.61 -33.58 80.25
CA GLU KB 85 78.70 -33.82 81.37
C GLU KB 85 77.58 -32.79 81.32
N LEU KB 86 76.45 -33.15 81.97
CA LEU KB 86 75.24 -32.32 82.09
C LEU KB 86 75.00 -32.03 83.58
N TYR KB 87 75.13 -30.77 83.97
CA TYR KB 87 75.03 -30.37 85.37
C TYR KB 87 73.71 -29.64 85.62
N ALA KB 88 72.94 -30.13 86.58
CA ALA KB 88 71.58 -29.66 86.78
C ALA KB 88 71.51 -28.36 87.57
N GLU KB 89 70.51 -27.53 87.26
CA GLU KB 89 70.20 -26.37 88.10
C GLU KB 89 68.76 -25.96 87.87
N LYS KB 90 68.04 -25.67 88.96
CA LYS KB 90 66.67 -25.18 88.91
C LYS KB 90 66.67 -23.66 88.97
N VAL KB 91 65.98 -23.03 88.02
CA VAL KB 91 66.05 -21.58 87.87
C VAL KB 91 65.54 -20.91 89.13
N ALA KB 92 66.42 -20.18 89.82
CA ALA KB 92 66.07 -19.50 91.05
C ALA KB 92 65.03 -18.41 90.81
N THR KB 93 65.27 -17.53 89.84
CA THR KB 93 64.41 -16.38 89.58
C THR KB 93 63.31 -16.71 88.58
N ARG KB 94 62.84 -17.95 88.58
CA ARG KB 94 61.80 -18.36 87.64
C ARG KB 94 60.54 -17.53 87.81
N GLY KB 95 59.85 -17.28 86.70
CA GLY KB 95 58.73 -16.37 86.68
C GLY KB 95 58.74 -15.48 85.45
N LEU KB 96 59.93 -15.15 84.96
CA LEU KB 96 60.07 -14.47 83.67
C LEU KB 96 60.93 -15.26 82.69
N CYS KB 97 61.00 -16.58 82.85
CA CYS KB 97 61.62 -17.45 81.85
C CYS KB 97 60.57 -17.77 80.82
N ALA KB 98 60.41 -16.85 79.85
CA ALA KB 98 59.27 -16.88 78.95
C ALA KB 98 59.09 -18.23 78.29
N ILE KB 99 60.19 -18.91 77.96
CA ILE KB 99 60.08 -20.29 77.45
C ILE KB 99 59.42 -21.19 78.49
N ALA KB 100 59.82 -21.03 79.76
CA ALA KB 100 59.25 -21.87 80.81
C ALA KB 100 57.75 -21.63 80.97
N GLN KB 101 57.32 -20.37 81.01
CA GLN KB 101 55.87 -20.15 81.15
C GLN KB 101 55.12 -20.56 79.89
N ALA KB 102 55.74 -20.38 78.72
CA ALA KB 102 55.08 -20.84 77.50
C ALA KB 102 54.95 -22.36 77.50
N GLU KB 103 55.91 -23.08 78.05
CA GLU KB 103 55.81 -24.53 78.06
C GLU KB 103 54.81 -25.01 79.12
N SER KB 104 54.76 -24.33 80.27
CA SER KB 104 53.70 -24.62 81.22
C SER KB 104 52.34 -24.37 80.58
N LEU KB 105 52.22 -23.30 79.80
CA LEU KB 105 50.98 -23.00 79.09
C LEU KB 105 50.67 -24.09 78.08
N ARG KB 106 51.69 -24.62 77.41
CA ARG KB 106 51.46 -25.69 76.46
C ARG KB 106 50.93 -26.94 77.16
N TYR KB 107 51.53 -27.32 78.28
CA TYR KB 107 50.89 -28.26 79.20
C TYR KB 107 49.41 -27.96 79.40
N LYS KB 108 49.10 -26.80 79.96
CA LYS KB 108 47.74 -26.56 80.45
C LYS KB 108 46.73 -26.42 79.30
N LEU KB 109 47.20 -26.08 78.10
CA LEU KB 109 46.30 -25.93 76.95
C LEU KB 109 46.08 -27.24 76.21
N LEU KB 110 47.08 -28.13 76.16
CA LEU KB 110 46.81 -29.42 75.55
C LEU KB 110 45.85 -30.26 76.38
N GLY KB 111 45.66 -29.92 77.66
CA GLY KB 111 44.64 -30.56 78.47
C GLY KB 111 43.22 -30.13 78.15
N GLY KB 112 43.04 -28.94 77.57
CA GLY KB 112 41.73 -28.49 77.12
C GLY KB 112 41.14 -27.31 77.86
N LEU KB 113 41.89 -26.64 78.74
CA LEU KB 113 41.34 -25.52 79.50
C LEU KB 113 41.61 -24.19 78.77
N ALA KB 114 40.77 -23.20 79.06
CA ALA KB 114 40.56 -22.08 78.15
C ALA KB 114 41.79 -21.18 78.01
N VAL KB 115 42.00 -20.70 76.79
CA VAL KB 115 43.23 -20.00 76.44
C VAL KB 115 43.29 -18.62 77.09
N ARG KB 116 42.17 -17.89 77.10
CA ARG KB 116 42.20 -16.53 77.66
C ARG KB 116 42.40 -16.55 79.17
N ARG KB 117 41.67 -17.42 79.87
CA ARG KB 117 41.82 -17.54 81.32
C ARG KB 117 43.12 -18.22 81.70
N ALA KB 118 43.82 -18.84 80.75
CA ALA KB 118 45.17 -19.34 81.04
C ALA KB 118 46.24 -18.29 80.73
N CYS KB 119 46.03 -17.47 79.70
CA CYS KB 119 46.98 -16.42 79.41
C CYS KB 119 46.90 -15.29 80.44
N TYR KB 120 45.72 -15.06 81.01
CA TYR KB 120 45.63 -14.20 82.18
C TYR KB 120 46.51 -14.74 83.31
N GLY KB 121 46.55 -16.07 83.48
CA GLY KB 121 47.41 -16.65 84.49
C GLY KB 121 48.88 -16.50 84.17
N VAL KB 122 49.24 -16.67 82.89
CA VAL KB 122 50.62 -16.44 82.46
C VAL KB 122 51.03 -15.01 82.83
N LEU KB 123 50.18 -14.05 82.48
CA LEU KB 123 50.46 -12.65 82.79
C LEU KB 123 50.57 -12.44 84.28
N ARG KB 124 49.66 -13.06 85.05
CA ARG KB 124 49.66 -12.91 86.50
C ARG KB 124 50.93 -13.46 87.12
N PHE KB 125 51.42 -14.60 86.63
CA PHE KB 125 52.63 -15.19 87.22
C PHE KB 125 53.87 -14.38 86.86
N ILE KB 126 53.96 -13.90 85.61
CA ILE KB 126 55.13 -13.10 85.26
C ILE KB 126 55.12 -11.77 85.98
N MET KB 127 53.94 -11.18 86.19
CA MET KB 127 53.89 -9.95 86.98
C MET KB 127 54.08 -10.21 88.46
N GLU KB 128 53.80 -11.43 88.92
CA GLU KB 128 54.23 -11.82 90.26
C GLU KB 128 55.74 -11.77 90.38
N SER KB 129 56.44 -12.38 89.43
CA SER KB 129 57.89 -12.35 89.47
C SER KB 129 58.48 -11.03 88.98
N GLY KB 130 57.65 -10.08 88.57
CA GLY KB 130 58.09 -8.72 88.31
C GLY KB 130 58.51 -8.46 86.88
N ALA KB 131 57.76 -7.63 86.17
CA ALA KB 131 58.00 -7.43 84.74
C ALA KB 131 57.80 -5.97 84.38
N LYS KB 132 58.01 -5.67 83.09
CA LYS KB 132 57.88 -4.32 82.57
C LYS KB 132 57.07 -4.26 81.27
N GLY KB 133 56.56 -5.38 80.80
CA GLY KB 133 55.80 -5.41 79.56
C GLY KB 133 55.85 -6.76 78.85
N CYS KB 134 54.70 -7.16 78.32
CA CYS KB 134 54.60 -8.47 77.70
C CYS KB 134 53.49 -8.46 76.65
N GLU KB 135 53.60 -9.42 75.73
CA GLU KB 135 52.72 -9.58 74.59
C GLU KB 135 52.62 -11.06 74.28
N VAL KB 136 51.43 -11.63 74.47
CA VAL KB 136 51.21 -13.06 74.25
C VAL KB 136 50.10 -13.24 73.22
N VAL KB 137 50.41 -13.95 72.14
CA VAL KB 137 49.53 -14.03 70.98
C VAL KB 137 49.31 -15.50 70.64
N VAL KB 138 48.05 -15.88 70.43
CA VAL KB 138 47.70 -17.25 70.06
C VAL KB 138 46.85 -17.21 68.81
N SER KB 139 46.99 -18.23 67.99
CA SER KB 139 46.28 -18.34 66.72
C SER KB 139 45.57 -19.69 66.66
N GLY KB 140 44.51 -19.77 65.85
CA GLY KB 140 43.82 -21.02 65.69
C GLY KB 140 42.33 -20.88 65.88
N LYS KB 141 41.56 -21.76 65.24
CA LYS KB 141 40.11 -21.65 65.24
C LYS KB 141 39.52 -22.22 66.51
N LEU KB 142 38.85 -21.38 67.30
CA LEU KB 142 38.13 -21.84 68.47
C LEU KB 142 36.70 -22.28 68.13
N ARG KB 143 36.30 -22.19 66.87
CA ARG KB 143 35.07 -22.84 66.40
C ARG KB 143 34.98 -22.90 64.89
N GLY KB 144 34.88 -24.11 64.33
CA GLY KB 144 34.41 -24.28 62.97
C GLY KB 144 35.47 -24.15 61.89
N GLN KB 145 35.16 -23.32 60.89
CA GLN KB 145 35.84 -23.30 59.60
C GLN KB 145 36.54 -21.99 59.27
N ARG KB 146 36.19 -20.90 59.95
CA ARG KB 146 36.72 -19.58 59.65
C ARG KB 146 37.77 -19.19 60.68
N ALA KB 147 38.88 -18.66 60.19
CA ALA KB 147 40.09 -18.46 60.99
C ALA KB 147 39.90 -17.39 62.04
N LYS KB 148 40.54 -17.59 63.20
CA LYS KB 148 40.57 -16.60 64.28
C LYS KB 148 41.91 -16.67 65.02
N SER KB 149 42.25 -15.55 65.65
CA SER KB 149 43.42 -15.44 66.51
C SER KB 149 43.13 -14.38 67.56
N MET KB 150 43.82 -14.47 68.69
CA MET KB 150 43.63 -13.53 69.78
C MET KB 150 44.99 -13.13 70.35
N LYS KB 151 45.02 -11.98 71.03
CA LYS KB 151 46.28 -11.32 71.39
C LYS KB 151 46.09 -10.53 72.68
N PHE KB 152 47.04 -10.66 73.61
CA PHE KB 152 47.06 -9.92 74.85
C PHE KB 152 48.32 -9.06 74.91
N VAL KB 153 48.18 -7.83 75.41
CA VAL KB 153 49.29 -6.88 75.49
C VAL KB 153 49.17 -6.06 76.78
N ASP KB 154 50.30 -5.82 77.42
CA ASP KB 154 50.35 -4.76 78.43
C ASP KB 154 51.80 -4.36 78.66
N GLY KB 155 51.98 -3.23 79.33
CA GLY KB 155 53.30 -2.78 79.69
C GLY KB 155 54.04 -2.11 78.53
N LEU KB 156 55.36 -2.07 78.71
CA LEU KB 156 56.25 -1.55 77.67
C LEU KB 156 56.83 -2.71 76.89
N MET KB 157 56.74 -2.66 75.56
CA MET KB 157 57.21 -3.78 74.74
C MET KB 157 57.93 -3.22 73.51
N ILE KB 158 59.24 -2.97 73.65
CA ILE KB 158 59.99 -2.42 72.52
C ILE KB 158 60.03 -3.45 71.40
N HIS KB 159 59.92 -2.95 70.17
CA HIS KB 159 59.81 -3.82 69.01
C HIS KB 159 60.99 -3.72 68.06
N SER KB 160 61.38 -2.51 67.67
CA SER KB 160 62.52 -2.37 66.77
C SER KB 160 63.81 -2.37 67.58
N GLY KB 161 64.93 -2.08 66.91
CA GLY KB 161 66.21 -2.05 67.56
C GLY KB 161 66.72 -3.43 67.92
N ASP KB 162 67.98 -3.51 68.35
CA ASP KB 162 68.58 -4.77 68.76
C ASP KB 162 68.17 -5.26 70.16
N PRO KB 163 67.78 -4.42 71.12
CA PRO KB 163 67.70 -4.92 72.49
C PRO KB 163 66.50 -5.81 72.73
N VAL KB 164 65.72 -6.09 71.69
CA VAL KB 164 64.57 -6.99 71.86
C VAL KB 164 65.04 -8.37 72.28
N ASN KB 165 65.91 -9.00 71.48
CA ASN KB 165 66.23 -10.40 71.73
C ASN KB 165 66.81 -10.59 73.13
N TYR KB 166 67.68 -9.68 73.58
CA TYR KB 166 68.34 -9.86 74.86
C TYR KB 166 67.71 -9.06 76.00
N TYR KB 167 66.60 -8.37 75.76
CA TYR KB 167 65.99 -7.60 76.84
C TYR KB 167 64.53 -7.98 77.05
N VAL KB 168 63.90 -8.59 76.04
CA VAL KB 168 62.75 -9.48 76.21
C VAL KB 168 63.21 -10.86 75.78
N ASP KB 169 62.81 -11.89 76.54
CA ASP KB 169 63.28 -13.24 76.25
C ASP KB 169 62.20 -14.00 75.48
N THR KB 170 62.01 -13.60 74.23
CA THR KB 170 60.91 -14.09 73.39
C THR KB 170 60.86 -15.61 73.35
N ALA KB 171 59.65 -16.15 73.14
CA ALA KB 171 59.44 -17.59 73.11
C ALA KB 171 58.25 -17.92 72.22
N VAL KB 172 58.36 -19.01 71.44
CA VAL KB 172 57.32 -19.44 70.51
C VAL KB 172 57.06 -20.94 70.72
N ARG KB 173 55.84 -21.38 70.38
CA ARG KB 173 55.49 -22.78 70.54
C ARG KB 173 54.27 -23.14 69.70
N HIS KB 174 54.14 -24.43 69.37
CA HIS KB 174 52.97 -25.03 68.73
C HIS KB 174 52.19 -25.87 69.75
N VAL KB 175 50.93 -26.16 69.41
CA VAL KB 175 50.17 -27.22 70.05
C VAL KB 175 49.40 -27.98 68.98
N LEU KB 176 49.30 -29.30 69.15
CA LEU KB 176 48.54 -30.18 68.27
C LEU KB 176 47.26 -30.58 68.97
N LEU KB 177 46.15 -30.59 68.23
CA LEU KB 177 44.84 -30.94 68.74
C LEU KB 177 44.19 -31.95 67.81
N ARG KB 178 43.22 -32.69 68.35
CA ARG KB 178 42.35 -33.49 67.48
C ARG KB 178 41.70 -32.63 66.40
N GLN KB 179 41.44 -31.36 66.67
CA GLN KB 179 40.90 -30.42 65.69
C GLN KB 179 41.98 -29.68 64.92
N GLY KB 180 43.22 -29.65 65.41
CA GLY KB 180 44.29 -29.03 64.66
C GLY KB 180 45.23 -28.23 65.56
N VAL KB 181 46.07 -27.44 64.90
CA VAL KB 181 47.18 -26.79 65.57
C VAL KB 181 46.74 -25.43 66.12
N LEU KB 182 47.40 -24.99 67.18
CA LEU KB 182 47.38 -23.59 67.60
C LEU KB 182 48.82 -23.11 67.74
N GLY KB 183 49.03 -21.82 67.55
CA GLY KB 183 50.35 -21.20 67.70
C GLY KB 183 50.34 -20.24 68.86
N ILE KB 184 51.43 -20.25 69.64
CA ILE KB 184 51.56 -19.43 70.84
C ILE KB 184 52.88 -18.67 70.78
N LYS KB 185 52.85 -17.40 71.19
CA LYS KB 185 54.04 -16.59 71.34
C LYS KB 185 53.94 -15.80 72.64
N VAL KB 186 55.02 -15.80 73.43
CA VAL KB 186 55.11 -15.04 74.67
C VAL KB 186 56.35 -14.15 74.58
N LYS KB 187 56.15 -12.83 74.73
CA LYS KB 187 57.23 -11.85 74.75
C LYS KB 187 57.20 -11.17 76.11
N ILE KB 188 58.25 -11.37 76.91
CA ILE KB 188 58.31 -10.84 78.27
C ILE KB 188 59.59 -10.04 78.43
N MET KB 189 59.46 -8.83 78.98
CA MET KB 189 60.60 -8.06 79.44
C MET KB 189 61.41 -8.87 80.44
N LEU KB 190 62.71 -8.61 80.51
CA LEU KB 190 63.51 -9.25 81.53
C LEU KB 190 63.31 -8.53 82.87
N PRO KB 191 63.23 -9.27 83.98
CA PRO KB 191 62.78 -8.68 85.26
C PRO KB 191 63.77 -7.76 85.95
N TRP KB 192 65.05 -8.13 85.99
CA TRP KB 192 66.00 -7.44 86.83
C TRP KB 192 66.53 -6.17 86.16
N ASP KB 193 66.40 -5.05 86.86
CA ASP KB 193 67.09 -3.83 86.47
C ASP KB 193 68.61 -4.01 86.43
N PRO KB 194 69.26 -4.58 87.48
CA PRO KB 194 70.70 -4.82 87.36
C PRO KB 194 70.99 -5.96 86.41
N SER KB 195 72.25 -6.36 86.33
CA SER KB 195 72.63 -7.53 85.54
C SER KB 195 72.65 -8.74 86.46
N GLY KB 196 71.45 -9.17 86.85
CA GLY KB 196 71.29 -10.43 87.55
C GLY KB 196 71.36 -11.56 86.55
N LYS KB 197 70.91 -12.76 86.91
CA LYS KB 197 71.03 -13.90 86.01
C LYS KB 197 70.35 -13.62 84.68
N ILE KB 198 69.08 -13.20 84.72
CA ILE KB 198 68.37 -12.78 83.52
C ILE KB 198 68.22 -11.27 83.57
N GLY KB 199 69.10 -10.62 84.32
CA GLY KB 199 69.14 -9.19 84.36
C GLY KB 199 70.04 -8.62 83.28
N PRO KB 200 69.51 -7.71 82.48
CA PRO KB 200 70.32 -7.07 81.44
C PRO KB 200 71.21 -5.98 81.99
N LYS KB 201 71.81 -5.19 81.09
CA LYS KB 201 72.73 -4.12 81.48
C LYS KB 201 72.14 -3.24 82.58
N LYS KB 202 73.04 -2.67 83.39
CA LYS KB 202 72.60 -1.84 84.50
C LYS KB 202 71.84 -0.60 84.06
N PRO KB 203 72.30 0.21 83.12
CA PRO KB 203 71.57 1.43 82.77
C PRO KB 203 70.27 1.12 82.04
N LEU KB 204 69.35 2.07 82.13
CA LEU KB 204 68.13 2.01 81.34
C LEU KB 204 68.22 2.99 80.18
N PRO KB 205 67.79 2.60 78.99
CA PRO KB 205 67.93 3.49 77.80
C PRO KB 205 66.99 4.70 77.89
N ASP KB 206 67.25 5.56 78.86
CA ASP KB 206 66.37 6.68 79.16
C ASP KB 206 67.21 7.84 79.69
N HIS KB 207 66.56 8.81 80.33
CA HIS KB 207 67.16 10.10 80.62
C HIS KB 207 68.17 9.99 81.77
N VAL KB 208 68.76 11.13 82.13
CA VAL KB 208 69.64 11.25 83.27
C VAL KB 208 68.80 11.49 84.52
N SER KB 209 69.43 11.41 85.69
CA SER KB 209 68.79 11.75 86.94
C SER KB 209 69.88 12.13 87.95
N ILE KB 210 69.49 12.21 89.22
CA ILE KB 210 70.41 12.54 90.30
C ILE KB 210 70.30 11.47 91.38
N VAL KB 211 71.45 11.03 91.89
CA VAL KB 211 71.51 10.16 93.06
C VAL KB 211 71.91 11.01 94.26
N GLU KB 212 72.96 11.80 94.07
CA GLU KB 212 73.36 12.81 95.05
C GLU KB 212 74.18 13.84 94.28
N PRO KB 213 73.53 14.87 93.76
CA PRO KB 213 74.26 15.92 93.04
C PRO KB 213 75.03 16.79 94.02
N LYS KB 214 75.81 17.71 93.47
CA LYS KB 214 76.62 18.60 94.30
C LYS KB 214 76.36 20.04 93.88
N ASP KB 215 76.28 20.91 94.88
CA ASP KB 215 76.20 22.36 94.71
C ASP KB 215 77.45 22.96 95.30
N GLU KB 216 77.48 24.29 95.34
CA GLU KB 216 78.55 25.06 95.99
C GLU KB 216 77.96 26.22 96.77
N ILE KB 217 76.94 25.94 97.59
CA ILE KB 217 76.06 26.99 98.10
C ILE KB 217 76.60 27.63 99.38
N LEU KB 218 77.06 26.85 100.35
CA LEU KB 218 77.27 27.38 101.70
C LEU KB 218 78.40 28.41 101.72
N PRO KB 219 78.24 29.51 102.47
CA PRO KB 219 79.32 30.50 102.59
C PRO KB 219 80.63 29.88 103.05
N THR KB 220 81.67 30.10 102.24
CA THR KB 220 83.03 29.64 102.52
C THR KB 220 83.96 30.82 102.25
N THR KB 221 84.39 31.49 103.32
CA THR KB 221 85.04 32.79 103.25
C THR KB 221 86.41 32.73 103.92
N PRO KB 222 87.31 33.73 103.77
CA PRO KB 222 88.72 33.49 104.08
C PRO KB 222 89.02 33.27 105.56
N ILE KB 223 89.26 32.00 105.90
CA ILE KB 223 89.89 31.58 107.16
C ILE KB 223 90.55 30.23 106.85
N SER KB 224 91.31 29.68 107.80
CA SER KB 224 92.05 28.46 107.52
C SER KB 224 91.82 27.42 108.61
N GLU KB 225 92.56 26.32 108.50
CA GLU KB 225 92.75 25.36 109.58
C GLU KB 225 94.12 24.71 109.43
N GLN KB 226 94.77 24.46 110.56
CA GLN KB 226 96.17 24.04 110.58
C GLN KB 226 96.28 22.62 111.13
N LYS KB 227 96.18 21.64 110.25
CA LYS KB 227 96.47 20.25 110.61
C LYS KB 227 97.69 19.77 109.84
N ALA LB 1 -49.52 -7.28 69.99
CA ALA LB 1 -49.78 -8.68 70.28
C ALA LB 1 -51.15 -9.10 69.75
N ARG LB 2 -51.21 -10.28 69.14
CA ARG LB 2 -52.43 -10.72 68.47
C ARG LB 2 -53.50 -11.19 69.45
N GLY LB 3 -53.12 -11.66 70.63
CA GLY LB 3 -54.08 -12.09 71.62
C GLY LB 3 -53.44 -12.40 72.96
N PRO LB 4 -54.26 -12.47 74.01
CA PRO LB 4 -53.70 -12.62 75.37
C PRO LB 4 -52.86 -13.89 75.49
N LYS LB 5 -51.82 -13.81 76.30
CA LYS LB 5 -50.95 -14.94 76.57
C LYS LB 5 -51.54 -15.83 77.66
N LYS LB 6 -51.01 -17.05 77.76
CA LYS LB 6 -51.49 -18.01 78.74
C LYS LB 6 -50.39 -18.59 79.63
N HIS LB 7 -49.12 -18.48 79.26
CA HIS LB 7 -48.03 -19.05 80.03
C HIS LB 7 -47.17 -17.93 80.61
N LEU LB 8 -46.97 -17.94 81.93
CA LEU LB 8 -46.06 -17.02 82.61
C LEU LB 8 -44.83 -17.80 83.04
N LYS LB 9 -43.71 -17.09 83.15
CA LYS LB 9 -42.42 -17.76 83.38
C LYS LB 9 -42.05 -17.80 84.86
N ARG LB 10 -41.16 -18.74 85.20
CA ARG LB 10 -40.50 -18.69 86.50
C ARG LB 10 -39.83 -17.34 86.72
N VAL LB 11 -38.81 -17.04 85.91
CA VAL LB 11 -38.01 -15.85 86.14
C VAL LB 11 -38.81 -14.56 85.97
N ALA LB 12 -39.83 -14.57 85.10
CA ALA LB 12 -40.61 -13.35 84.86
C ALA LB 12 -41.50 -12.98 86.04
N ALA LB 13 -41.83 -13.94 86.90
CA ALA LB 13 -42.71 -13.69 88.02
C ALA LB 13 -42.04 -12.73 89.00
N PRO LB 14 -42.83 -12.08 89.86
CA PRO LB 14 -42.23 -11.22 90.89
C PRO LB 14 -41.33 -12.01 91.83
N LYS LB 15 -40.28 -11.35 92.31
CA LYS LB 15 -39.28 -12.02 93.14
C LYS LB 15 -39.73 -12.22 94.57
N HIS LB 16 -40.78 -11.53 95.00
CA HIS LB 16 -41.22 -11.66 96.38
C HIS LB 16 -41.92 -12.98 96.66
N TRP LB 17 -41.72 -14.00 95.80
CA TRP LB 17 -42.31 -15.31 95.98
C TRP LB 17 -41.23 -16.40 96.05
N MET LB 18 -39.99 -16.01 96.31
CA MET LB 18 -38.85 -16.93 96.35
C MET LB 18 -38.72 -17.67 95.00
N LEU LB 19 -38.34 -16.89 93.99
CA LEU LB 19 -38.19 -17.44 92.65
C LEU LB 19 -37.05 -18.45 92.58
N ASP LB 20 -37.29 -19.53 91.85
CA ASP LB 20 -36.42 -20.69 91.79
C ASP LB 20 -35.87 -20.87 90.38
N LYS LB 21 -34.64 -21.38 90.31
CA LYS LB 21 -33.87 -21.34 89.08
C LYS LB 21 -33.59 -22.70 88.46
N LEU LB 22 -33.97 -23.80 89.10
CA LEU LB 22 -33.76 -25.12 88.50
C LEU LB 22 -35.05 -25.89 88.24
N THR LB 23 -36.11 -25.65 89.01
CA THR LB 23 -37.38 -26.37 88.86
C THR LB 23 -37.85 -26.34 87.40
N SER LB 24 -38.09 -25.13 86.91
CA SER LB 24 -38.68 -24.99 85.58
C SER LB 24 -38.47 -23.61 85.00
N VAL LB 25 -39.22 -23.35 83.92
CA VAL LB 25 -39.25 -22.03 83.29
C VAL LB 25 -40.59 -21.33 83.46
N PHE LB 26 -41.68 -22.07 83.71
CA PHE LB 26 -43.05 -21.59 83.63
C PHE LB 26 -43.49 -21.07 85.00
N ALA LB 27 -44.78 -20.82 85.18
CA ALA LB 27 -45.21 -20.25 86.44
C ALA LB 27 -46.66 -20.54 86.77
N PRO LB 28 -47.01 -20.55 88.06
CA PRO LB 28 -48.43 -20.52 88.45
C PRO LB 28 -49.02 -19.12 88.34
N ARG LB 29 -49.85 -18.90 87.35
CA ARG LB 29 -50.41 -17.56 87.23
C ARG LB 29 -51.78 -17.51 87.90
N PRO LB 30 -52.20 -16.36 88.40
CA PRO LB 30 -53.53 -16.23 89.00
C PRO LB 30 -54.60 -16.05 87.94
N SER LB 31 -55.83 -15.80 88.41
CA SER LB 31 -56.98 -15.68 87.55
C SER LB 31 -57.40 -14.24 87.27
N THR LB 32 -56.46 -13.28 87.43
CA THR LB 32 -56.58 -11.93 86.89
C THR LB 32 -57.80 -11.19 87.44
N GLY LB 33 -57.73 -10.86 88.73
CA GLY LB 33 -58.68 -9.97 89.35
C GLY LB 33 -58.01 -8.98 90.30
N PRO LB 34 -58.73 -8.51 91.32
CA PRO LB 34 -58.12 -7.57 92.27
C PRO LB 34 -56.97 -8.22 93.02
N HIS LB 35 -56.00 -7.38 93.43
CA HIS LB 35 -54.71 -7.85 93.95
C HIS LB 35 -53.97 -8.67 92.89
N LYS LB 36 -53.49 -7.90 91.91
CA LYS LB 36 -53.02 -8.36 90.61
C LYS LB 36 -51.72 -9.16 90.75
N LEU LB 37 -51.14 -9.55 89.62
CA LEU LB 37 -49.93 -10.37 89.61
C LEU LB 37 -48.82 -9.81 90.48
N ARG LB 38 -48.56 -8.50 90.37
CA ARG LB 38 -47.46 -7.90 91.13
C ARG LB 38 -47.76 -7.92 92.63
N GLU LB 39 -49.03 -7.92 93.01
CA GLU LB 39 -49.42 -7.88 94.42
C GLU LB 39 -50.40 -8.99 94.75
N CYS LB 40 -50.12 -10.22 94.31
CA CYS LB 40 -50.96 -11.36 94.60
C CYS LB 40 -50.18 -12.47 95.29
N LEU LB 41 -50.88 -13.56 95.58
CA LEU LB 41 -50.30 -14.80 96.06
C LEU LB 41 -51.02 -15.98 95.40
N PRO LB 42 -50.34 -16.77 94.58
CA PRO LB 42 -50.93 -18.06 94.19
C PRO LB 42 -51.09 -18.96 95.40
N LEU LB 43 -52.35 -19.20 95.77
CA LEU LB 43 -52.63 -20.00 96.95
C LEU LB 43 -52.09 -21.41 96.80
N ILE LB 44 -51.88 -21.86 95.56
CA ILE LB 44 -51.25 -23.15 95.33
C ILE LB 44 -49.83 -23.15 95.89
N ILE LB 45 -49.05 -22.10 95.60
CA ILE LB 45 -47.72 -22.04 96.19
C ILE LB 45 -47.81 -21.75 97.69
N PHE LB 46 -48.91 -21.12 98.14
CA PHE LB 46 -49.07 -20.96 99.58
C PHE LB 46 -49.12 -22.29 100.28
N LEU LB 47 -49.98 -23.20 99.80
CA LEU LB 47 -50.08 -24.52 100.37
C LEU LB 47 -48.89 -25.41 99.99
N ARG LB 48 -48.11 -24.99 98.99
CA ARG LB 48 -47.00 -25.79 98.49
C ARG LB 48 -45.73 -25.57 99.30
N ASN LB 49 -45.29 -24.31 99.41
CA ASN LB 49 -44.03 -24.00 100.08
C ASN LB 49 -44.16 -23.05 101.26
N LYS LB 50 -45.15 -22.15 101.25
CA LYS LB 50 -45.24 -21.15 102.30
C LYS LB 50 -45.48 -21.74 103.69
N LEU LB 51 -46.33 -22.76 103.80
CA LEU LB 51 -46.36 -23.63 104.97
C LEU LB 51 -45.94 -25.06 104.66
N LYS LB 52 -45.77 -25.41 103.38
CA LYS LB 52 -45.05 -26.61 102.94
C LYS LB 52 -45.93 -27.84 103.21
N TYR LB 53 -47.25 -27.62 103.22
CA TYR LB 53 -48.21 -28.68 103.55
C TYR LB 53 -48.01 -29.90 102.67
N ALA LB 54 -48.14 -29.73 101.36
CA ALA LB 54 -47.95 -30.81 100.40
C ALA LB 54 -46.67 -30.53 99.64
N LEU LB 55 -45.74 -31.50 99.65
CA LEU LB 55 -44.40 -31.30 99.11
C LEU LB 55 -44.45 -30.73 97.70
N THR LB 56 -45.27 -31.30 96.84
CA THR LB 56 -45.40 -30.84 95.47
C THR LB 56 -46.86 -30.53 95.16
N GLY LB 57 -47.07 -29.85 94.03
CA GLY LB 57 -48.38 -29.34 93.70
C GLY LB 57 -49.44 -30.41 93.44
N ASP LB 58 -49.02 -31.65 93.18
CA ASP LB 58 -49.99 -32.68 92.79
C ASP LB 58 -51.04 -32.88 93.86
N GLU LB 59 -50.70 -32.60 95.13
CA GLU LB 59 -51.67 -32.71 96.21
C GLU LB 59 -52.23 -31.36 96.65
N VAL LB 60 -51.55 -30.26 96.36
CA VAL LB 60 -51.97 -28.96 96.87
C VAL LB 60 -53.40 -28.66 96.41
N LYS LB 61 -53.73 -29.08 95.19
CA LYS LB 61 -55.01 -28.78 94.59
C LYS LB 61 -56.19 -29.42 95.32
N LYS LB 62 -55.95 -30.24 96.35
CA LYS LB 62 -56.98 -31.13 96.87
C LYS LB 62 -57.80 -30.52 97.99
N ILE LB 63 -57.26 -29.55 98.73
CA ILE LB 63 -57.96 -29.08 99.92
C ILE LB 63 -59.22 -28.32 99.55
N CYS LB 64 -59.22 -27.65 98.40
CA CYS LB 64 -60.42 -26.97 97.93
C CYS LB 64 -61.57 -27.95 97.75
N MET LB 65 -61.33 -29.07 97.04
CA MET LB 65 -62.37 -30.08 96.91
C MET LB 65 -62.71 -30.70 98.25
N GLN LB 66 -61.72 -30.88 99.12
CA GLN LB 66 -61.98 -31.39 100.46
C GLN LB 66 -62.83 -30.42 101.26
N ARG LB 67 -62.96 -29.17 100.81
CA ARG LB 67 -63.92 -28.22 101.36
C ARG LB 67 -63.66 -27.90 102.83
N PHE LB 68 -62.37 -27.79 103.17
CA PHE LB 68 -61.97 -27.28 104.48
C PHE LB 68 -61.53 -25.83 104.42
N ILE LB 69 -61.32 -25.28 103.22
CA ILE LB 69 -60.78 -23.94 103.05
C ILE LB 69 -61.75 -23.13 102.21
N LYS LB 70 -61.88 -21.84 102.54
CA LYS LB 70 -62.81 -20.93 101.91
C LYS LB 70 -62.06 -19.64 101.58
N ILE LB 71 -62.57 -18.90 100.61
CA ILE LB 71 -61.92 -17.66 100.17
C ILE LB 71 -62.95 -16.53 100.20
N ASP LB 72 -62.70 -15.52 101.04
CA ASP LB 72 -63.47 -14.28 101.06
C ASP LB 72 -64.96 -14.54 101.27
N GLY LB 73 -65.25 -15.32 102.31
CA GLY LB 73 -66.63 -15.56 102.71
C GLY LB 73 -67.44 -16.36 101.71
N LYS LB 74 -66.81 -16.92 100.70
CA LYS LB 74 -67.51 -17.67 99.66
C LYS LB 74 -66.66 -18.88 99.29
N VAL LB 75 -67.35 -19.94 98.86
CA VAL LB 75 -66.68 -21.20 98.57
C VAL LB 75 -65.57 -21.00 97.56
N ARG LB 76 -64.58 -21.89 97.61
CA ARG LB 76 -63.48 -21.86 96.67
C ARG LB 76 -63.48 -23.14 95.86
N ALA LB 77 -63.54 -23.02 94.55
CA ALA LB 77 -63.32 -24.14 93.65
C ALA LB 77 -61.98 -24.06 92.95
N ASP LB 78 -61.47 -22.85 92.73
CA ASP LB 78 -60.16 -22.62 92.16
C ASP LB 78 -59.14 -22.58 93.29
N ILE LB 79 -58.11 -23.42 93.19
CA ILE LB 79 -57.05 -23.46 94.19
C ILE LB 79 -56.29 -22.15 94.29
N THR LB 80 -56.59 -21.20 93.41
CA THR LB 80 -55.97 -19.89 93.44
C THR LB 80 -57.02 -18.86 93.09
N TYR LB 81 -56.75 -17.61 93.42
CA TYR LB 81 -57.66 -16.50 93.22
C TYR LB 81 -56.82 -15.23 93.27
N PRO LB 82 -57.29 -14.16 92.64
CA PRO LB 82 -56.59 -12.87 92.80
C PRO LB 82 -56.75 -12.31 94.21
N ALA LB 83 -55.69 -12.43 95.00
CA ALA LB 83 -55.72 -12.15 96.43
C ALA LB 83 -54.33 -11.73 96.87
N GLY LB 84 -54.25 -10.62 97.58
CA GLY LB 84 -52.97 -10.05 97.97
C GLY LB 84 -52.90 -9.56 99.39
N PHE LB 85 -52.56 -8.28 99.54
CA PHE LB 85 -52.42 -7.65 100.84
C PHE LB 85 -53.77 -7.62 101.54
N MET LB 86 -53.76 -7.93 102.84
CA MET LB 86 -54.99 -8.07 103.64
C MET LB 86 -55.93 -9.10 103.04
N ASP LB 87 -55.55 -10.37 103.11
CA ASP LB 87 -56.38 -11.47 102.64
C ASP LB 87 -56.49 -12.50 103.76
N VAL LB 88 -57.71 -12.72 104.24
CA VAL LB 88 -57.95 -13.64 105.35
C VAL LB 88 -58.24 -15.02 104.80
N ILE LB 89 -57.49 -16.00 105.30
CA ILE LB 89 -57.68 -17.41 104.94
C ILE LB 89 -57.68 -18.23 106.23
N SER LB 90 -58.78 -18.95 106.48
CA SER LB 90 -59.04 -19.59 107.77
C SER LB 90 -59.04 -21.11 107.62
N ILE LB 91 -57.88 -21.73 107.85
CA ILE LB 91 -57.73 -23.18 107.82
C ILE LB 91 -58.31 -23.73 109.11
N ASP LB 92 -59.56 -24.18 109.06
CA ASP LB 92 -60.16 -24.80 110.24
C ASP LB 92 -60.02 -26.32 110.22
N LYS LB 93 -58.79 -26.76 109.98
CA LYS LB 93 -58.41 -28.15 110.24
C LYS LB 93 -57.09 -28.25 110.98
N THR LB 94 -56.21 -27.25 110.88
CA THR LB 94 -55.17 -27.00 111.86
C THR LB 94 -55.34 -25.68 112.58
N GLY LB 95 -56.44 -24.96 112.33
CA GLY LB 95 -56.73 -23.74 113.05
C GLY LB 95 -55.89 -22.55 112.69
N GLU LB 96 -55.32 -22.52 111.48
CA GLU LB 96 -54.35 -21.49 111.11
C GLU LB 96 -55.05 -20.45 110.23
N ASN LB 97 -55.09 -19.20 110.70
CA ASN LB 97 -55.77 -18.13 109.99
C ASN LB 97 -54.78 -17.02 109.68
N PHE LB 98 -54.72 -16.62 108.42
CA PHE LB 98 -53.64 -15.78 107.92
C PHE LB 98 -54.22 -14.55 107.23
N ARG LB 99 -53.47 -13.46 107.29
CA ARG LB 99 -53.87 -12.18 106.71
C ARG LB 99 -53.11 -11.82 105.43
N LEU LB 100 -52.06 -12.58 105.09
CA LEU LB 100 -51.26 -12.38 103.87
C LEU LB 100 -50.53 -11.03 103.88
N ILE LB 101 -50.50 -10.35 105.01
CA ILE LB 101 -50.04 -8.96 105.07
C ILE LB 101 -48.55 -8.82 104.81
N TYR LB 102 -48.10 -7.59 104.59
CA TYR LB 102 -46.72 -7.30 104.22
C TYR LB 102 -45.75 -7.36 105.37
N ASP LB 103 -44.55 -7.86 105.08
CA ASP LB 103 -43.44 -8.02 106.02
C ASP LB 103 -42.71 -6.70 106.20
N THR LB 104 -41.53 -6.77 106.82
CA THR LB 104 -40.64 -5.61 106.88
C THR LB 104 -40.29 -5.13 105.48
N LYS LB 105 -40.36 -6.04 104.50
CA LYS LB 105 -39.92 -5.74 103.15
C LYS LB 105 -40.98 -6.01 102.10
N GLY LB 106 -41.99 -6.82 102.43
CA GLY LB 106 -43.03 -7.17 101.47
C GLY LB 106 -43.04 -8.62 101.05
N ARG LB 107 -42.81 -9.54 101.98
CA ARG LB 107 -42.78 -10.98 101.69
C ARG LB 107 -44.10 -11.68 101.91
N PHE LB 108 -45.21 -10.96 102.14
CA PHE LB 108 -46.47 -11.57 102.55
C PHE LB 108 -46.28 -12.36 103.84
N ALA LB 109 -45.70 -11.68 104.85
CA ALA LB 109 -45.24 -12.32 106.07
C ALA LB 109 -46.30 -13.25 106.64
N VAL LB 110 -45.84 -14.37 107.19
CA VAL LB 110 -46.74 -15.36 107.79
C VAL LB 110 -47.37 -14.70 109.01
N HIS LB 111 -48.64 -14.30 108.90
CA HIS LB 111 -49.33 -13.62 109.97
C HIS LB 111 -50.47 -14.49 110.45
N ARG LB 112 -50.51 -14.74 111.76
CA ARG LB 112 -51.63 -15.43 112.37
C ARG LB 112 -52.59 -14.41 112.96
N ILE LB 113 -53.88 -14.60 112.68
CA ILE LB 113 -54.92 -13.63 113.02
C ILE LB 113 -55.98 -14.31 113.86
N THR LB 114 -56.64 -13.52 114.69
CA THR LB 114 -57.88 -13.96 115.30
C THR LB 114 -59.00 -13.79 114.28
N PRO LB 115 -59.80 -14.84 114.01
CA PRO LB 115 -60.91 -14.67 113.06
C PRO LB 115 -61.89 -13.58 113.48
N GLU LB 116 -61.97 -13.24 114.77
CA GLU LB 116 -62.82 -12.12 115.17
C GLU LB 116 -62.35 -10.82 114.54
N GLU LB 117 -61.06 -10.54 114.60
CA GLU LB 117 -60.51 -9.38 113.91
C GLU LB 117 -60.55 -9.56 112.40
N ALA LB 118 -60.57 -10.81 111.94
CA ALA LB 118 -60.57 -11.08 110.51
C ALA LB 118 -61.93 -10.83 109.87
N LYS LB 119 -63.03 -11.03 110.62
CA LYS LB 119 -64.37 -10.88 110.06
C LYS LB 119 -64.53 -9.52 109.38
N TYR LB 120 -64.24 -8.45 110.11
CA TYR LB 120 -64.35 -7.11 109.55
C TYR LB 120 -63.05 -6.74 108.84
N LYS LB 121 -63.09 -6.79 107.51
CA LYS LB 121 -61.96 -6.39 106.69
C LYS LB 121 -61.98 -4.88 106.46
N LEU LB 122 -60.80 -4.30 106.33
CA LEU LB 122 -60.65 -2.90 105.97
C LEU LB 122 -60.40 -2.83 104.48
N CYS LB 123 -61.20 -2.02 103.77
CA CYS LB 123 -61.10 -1.88 102.33
C CYS LB 123 -60.85 -0.44 101.94
N LYS LB 124 -59.86 -0.23 101.07
CA LYS LB 124 -59.53 1.09 100.56
C LYS LB 124 -60.57 1.50 99.53
N VAL LB 125 -60.83 2.81 99.45
CA VAL LB 125 -61.78 3.33 98.47
C VAL LB 125 -61.04 3.60 97.16
N ARG LB 126 -61.52 3.01 96.07
CA ARG LB 126 -61.00 3.39 94.77
C ARG LB 126 -61.50 4.76 94.36
N LYS LB 127 -62.80 4.90 94.18
CA LYS LB 127 -63.36 6.18 93.75
C LYS LB 127 -64.88 6.11 93.85
N ILE LB 128 -65.48 7.29 93.94
CA ILE LB 128 -66.94 7.45 93.68
C ILE LB 128 -67.11 8.45 92.52
N PHE LB 129 -67.27 7.94 91.29
CA PHE LB 129 -67.52 8.83 90.13
C PHE LB 129 -68.87 9.51 90.36
N VAL LB 130 -69.77 8.89 91.13
CA VAL LB 130 -71.15 9.38 91.45
C VAL LB 130 -72.06 8.19 91.18
N GLY LB 131 -72.96 7.86 92.12
CA GLY LB 131 -73.79 6.65 91.95
C GLY LB 131 -74.98 6.85 91.05
N THR LB 132 -75.53 5.73 90.58
CA THR LB 132 -76.79 5.67 89.87
C THR LB 132 -77.95 6.09 90.76
N LYS LB 133 -79.06 6.46 90.12
CA LYS LB 133 -80.29 6.86 90.80
C LYS LB 133 -80.08 8.06 91.71
N GLY LB 134 -79.06 8.87 91.39
CA GLY LB 134 -78.70 9.95 92.29
C GLY LB 134 -78.13 9.51 93.61
N ILE LB 135 -77.79 8.23 93.74
CA ILE LB 135 -77.33 7.66 95.01
C ILE LB 135 -75.96 7.04 94.82
N PRO LB 136 -74.93 7.57 95.46
CA PRO LB 136 -73.57 7.03 95.28
C PRO LB 136 -73.41 5.64 95.87
N HIS LB 137 -72.44 4.92 95.32
CA HIS LB 137 -72.06 3.60 95.81
C HIS LB 137 -70.59 3.36 95.49
N LEU LB 138 -69.80 3.14 96.55
CA LEU LB 138 -68.36 3.20 96.50
C LEU LB 138 -67.75 1.93 95.92
N VAL LB 139 -66.47 2.02 95.57
CA VAL LB 139 -65.70 0.93 94.99
C VAL LB 139 -64.43 0.72 95.84
N THR LB 140 -63.95 -0.52 95.87
CA THR LB 140 -62.75 -0.89 96.62
C THR LB 140 -61.74 -1.58 95.71
N HIS LB 141 -60.46 -1.50 96.08
CA HIS LB 141 -59.43 -2.10 95.26
C HIS LB 141 -59.42 -3.62 95.36
N ASP LB 142 -60.02 -4.20 96.38
CA ASP LB 142 -60.35 -5.62 96.37
C ASP LB 142 -61.58 -5.91 95.53
N ALA LB 143 -61.99 -4.96 94.69
CA ALA LB 143 -63.17 -5.09 93.83
C ALA LB 143 -64.43 -5.33 94.68
N ARG LB 144 -64.77 -4.34 95.47
CA ARG LB 144 -66.08 -4.30 96.12
C ARG LB 144 -66.79 -3.02 95.72
N THR LB 145 -67.65 -3.11 94.71
CA THR LB 145 -68.56 -2.01 94.38
C THR LB 145 -69.61 -2.00 95.48
N ILE LB 146 -69.22 -1.48 96.63
CA ILE LB 146 -70.03 -1.52 97.84
C ILE LB 146 -71.13 -0.48 97.69
N ARG LB 147 -72.38 -0.92 97.83
CA ARG LB 147 -73.47 0.02 97.89
C ARG LB 147 -73.61 0.57 99.30
N TYR LB 148 -74.09 1.81 99.39
CA TYR LB 148 -74.38 2.46 100.66
C TYR LB 148 -73.18 2.46 101.59
N PRO LB 149 -72.17 3.33 101.37
CA PRO LB 149 -71.20 3.63 102.44
C PRO LB 149 -71.71 4.72 103.37
N ASP LB 150 -70.86 5.23 104.26
CA ASP LB 150 -71.25 6.41 105.03
C ASP LB 150 -71.16 7.66 104.15
N PRO LB 151 -72.11 8.60 104.28
CA PRO LB 151 -72.24 9.70 103.32
C PRO LB 151 -71.32 10.88 103.56
N LEU LB 152 -70.07 10.59 103.91
CA LEU LB 152 -69.09 11.65 104.07
C LEU LB 152 -67.69 11.25 103.61
N ILE LB 153 -67.49 10.04 103.07
CA ILE LB 153 -66.14 9.53 102.84
C ILE LB 153 -65.56 10.16 101.57
N LYS LB 154 -64.38 10.74 101.70
CA LYS LB 154 -63.57 11.17 100.57
C LYS LB 154 -62.57 10.07 100.22
N MET LB 155 -62.17 10.05 98.95
CA MET LB 155 -61.25 9.03 98.46
C MET LB 155 -59.96 9.00 99.27
N ASN LB 156 -59.23 7.88 99.14
CA ASN LB 156 -58.03 7.55 99.89
C ASN LB 156 -58.29 7.32 101.38
N ASP LB 157 -59.53 7.04 101.77
CA ASP LB 157 -59.82 6.51 103.09
C ASP LB 157 -59.88 4.99 103.01
N THR LB 158 -60.38 4.35 104.07
CA THR LB 158 -60.56 2.91 104.07
C THR LB 158 -61.85 2.57 104.78
N ILE LB 159 -62.65 1.70 104.17
CA ILE LB 159 -63.90 1.26 104.76
C ILE LB 159 -63.68 -0.08 105.44
N GLN LB 160 -64.64 -0.46 106.28
CA GLN LB 160 -64.53 -1.60 107.16
C GLN LB 160 -65.80 -2.44 106.99
N ILE LB 161 -65.75 -3.39 106.06
CA ILE LB 161 -66.84 -4.31 105.84
C ILE LB 161 -66.50 -5.65 106.51
N ASP LB 162 -67.53 -6.45 106.74
CA ASP LB 162 -67.43 -7.71 107.47
C ASP LB 162 -67.46 -8.91 106.53
N LEU LB 163 -66.72 -8.81 105.42
CA LEU LB 163 -66.86 -9.73 104.29
C LEU LB 163 -68.26 -9.66 103.70
N GLU LB 164 -68.89 -8.49 103.81
CA GLU LB 164 -70.28 -8.28 103.48
C GLU LB 164 -70.42 -7.10 102.53
N THR LB 165 -71.64 -6.94 102.00
CA THR LB 165 -71.92 -5.99 100.93
C THR LB 165 -73.08 -5.04 101.25
N GLY LB 166 -73.16 -4.54 102.48
CA GLY LB 166 -74.21 -3.62 102.88
C GLY LB 166 -73.68 -2.25 103.26
N LYS LB 167 -74.25 -1.67 104.30
CA LYS LB 167 -73.71 -0.43 104.85
C LYS LB 167 -72.44 -0.73 105.66
N ILE LB 168 -71.83 0.32 106.18
CA ILE LB 168 -70.51 0.15 106.80
C ILE LB 168 -70.46 0.69 108.22
N THR LB 169 -69.28 0.61 108.82
CA THR LB 169 -69.02 0.93 110.22
C THR LB 169 -67.99 2.06 110.30
N ASP LB 170 -67.48 2.28 111.52
CA ASP LB 170 -66.46 3.31 111.78
C ASP LB 170 -65.41 3.38 110.69
N PHE LB 171 -65.31 4.55 110.06
CA PHE LB 171 -64.46 4.74 108.89
C PHE LB 171 -63.40 5.80 109.16
N ILE LB 172 -62.26 5.62 108.54
CA ILE LB 172 -61.13 6.55 108.64
C ILE LB 172 -61.27 7.60 107.55
N LYS LB 173 -60.62 8.75 107.74
CA LYS LB 173 -60.51 9.79 106.73
C LYS LB 173 -59.05 10.22 106.66
N PHE LB 174 -58.51 10.29 105.44
CA PHE LB 174 -57.10 10.59 105.22
C PHE LB 174 -56.77 12.00 105.70
N ASP LB 175 -55.98 12.12 106.77
CA ASP LB 175 -55.56 13.44 107.26
C ASP LB 175 -54.20 13.28 107.93
N THR LB 176 -53.76 14.35 108.59
CA THR LB 176 -52.37 14.45 109.05
C THR LB 176 -52.05 13.41 110.10
N GLY LB 177 -50.88 12.79 109.96
CA GLY LB 177 -50.31 11.94 111.00
C GLY LB 177 -51.03 10.66 111.30
N ASN LB 178 -51.63 10.00 110.31
CA ASN LB 178 -52.41 8.81 110.56
C ASN LB 178 -51.85 7.62 109.79
N LEU LB 179 -51.88 6.46 110.43
CA LEU LB 179 -50.92 5.39 110.17
C LEU LB 179 -51.09 4.81 108.77
N CYS LB 180 -49.98 4.35 108.20
CA CYS LB 180 -49.97 3.92 106.81
C CYS LB 180 -49.06 2.70 106.61
N MET LB 181 -49.46 1.85 105.67
CA MET LB 181 -48.67 0.73 105.18
C MET LB 181 -48.68 0.75 103.67
N VAL LB 182 -47.53 0.95 103.06
CA VAL LB 182 -47.47 1.11 101.61
C VAL LB 182 -47.94 -0.17 100.92
N THR LB 183 -48.49 0.00 99.71
CA THR LB 183 -48.92 -1.11 98.85
C THR LB 183 -47.97 -1.12 97.66
N GLY LB 184 -46.89 -1.88 97.79
CA GLY LB 184 -45.82 -1.82 96.82
C GLY LB 184 -44.80 -0.76 97.20
N GLY LB 185 -44.18 -0.17 96.17
CA GLY LB 185 -43.18 0.85 96.40
C GLY LB 185 -41.99 0.33 97.20
N ALA LB 186 -41.07 1.24 97.47
CA ALA LB 186 -39.87 0.90 98.23
C ALA LB 186 -40.00 1.17 99.72
N ASN LB 187 -41.15 1.67 100.18
CA ASN LB 187 -41.32 2.02 101.58
C ASN LB 187 -42.11 0.97 102.35
N LEU LB 188 -41.89 -0.31 102.05
CA LEU LB 188 -42.48 -1.37 102.84
C LEU LB 188 -41.73 -1.51 104.16
N GLY LB 189 -42.48 -1.63 105.25
CA GLY LB 189 -41.90 -1.74 106.57
C GLY LB 189 -41.60 -0.42 107.24
N ARG LB 190 -41.95 0.71 106.61
CA ARG LB 190 -41.75 2.04 107.19
C ARG LB 190 -43.12 2.63 107.47
N ILE LB 191 -43.59 2.46 108.70
CA ILE LB 191 -44.92 2.87 109.14
C ILE LB 191 -44.75 4.04 110.11
N GLY LB 192 -45.44 5.14 109.85
CA GLY LB 192 -45.33 6.26 110.76
C GLY LB 192 -46.38 7.31 110.49
N VAL LB 193 -46.41 8.30 111.37
CA VAL LB 193 -47.33 9.41 111.22
C VAL LB 193 -46.96 10.21 109.97
N ILE LB 194 -47.98 10.61 109.22
CA ILE LB 194 -47.76 11.26 107.93
C ILE LB 194 -47.17 12.65 108.12
N THR LB 195 -47.78 13.47 108.99
CA THR LB 195 -47.23 14.72 109.48
C THR LB 195 -47.22 15.82 108.41
N ASN LB 196 -47.45 15.44 107.16
CA ASN LB 196 -47.39 16.38 106.05
C ASN LB 196 -47.81 15.67 104.78
N ARG LB 197 -48.51 16.39 103.90
CA ARG LB 197 -48.95 15.78 102.64
C ARG LB 197 -48.90 16.84 101.56
N GLU LB 198 -47.93 16.72 100.65
CA GLU LB 198 -47.78 17.64 99.54
C GLU LB 198 -48.84 17.30 98.50
N ARG LB 199 -50.01 17.94 98.63
CA ARG LB 199 -51.04 17.85 97.61
C ARG LB 199 -50.69 18.89 96.56
N HIS LB 200 -49.61 18.63 95.82
CA HIS LB 200 -48.99 19.63 94.95
C HIS LB 200 -49.51 19.52 93.53
N PRO LB 201 -50.15 20.57 93.02
CA PRO LB 201 -50.60 20.55 91.62
C PRO LB 201 -49.41 20.52 90.67
N GLY LB 202 -49.64 19.94 89.49
CA GLY LB 202 -48.61 19.78 88.49
C GLY LB 202 -47.96 18.42 88.44
N SER LB 203 -48.30 17.52 89.35
CA SER LB 203 -47.74 16.17 89.36
C SER LB 203 -48.63 15.29 90.23
N PHE LB 204 -48.12 14.10 90.54
CA PHE LB 204 -48.82 13.15 91.38
C PHE LB 204 -48.61 13.51 92.84
N ASP LB 205 -49.69 13.54 93.63
CA ASP LB 205 -49.60 14.00 95.00
C ASP LB 205 -48.66 13.12 95.81
N VAL LB 206 -48.10 13.68 96.88
CA VAL LB 206 -47.07 13.03 97.68
C VAL LB 206 -47.45 13.13 99.15
N VAL LB 207 -47.09 12.10 99.92
CA VAL LB 207 -47.39 12.01 101.34
C VAL LB 207 -46.06 11.91 102.09
N HIS LB 208 -45.74 12.92 102.89
CA HIS LB 208 -44.61 12.82 103.80
C HIS LB 208 -44.94 11.80 104.89
N VAL LB 209 -43.91 11.18 105.43
CA VAL LB 209 -44.05 10.16 106.46
C VAL LB 209 -42.99 10.42 107.52
N LYS LB 210 -43.44 10.71 108.75
CA LYS LB 210 -42.60 10.71 109.93
C LYS LB 210 -42.72 9.33 110.58
N ASP LB 211 -41.64 8.56 110.50
CA ASP LB 211 -41.68 7.16 110.90
C ASP LB 211 -42.00 7.04 112.39
N ALA LB 212 -42.45 5.84 112.77
CA ALA LB 212 -42.64 5.53 114.18
C ALA LB 212 -41.32 5.45 114.93
N ASN LB 213 -40.19 5.42 114.20
CA ASN LB 213 -38.88 5.40 114.81
C ASN LB 213 -38.07 6.67 114.54
N GLY LB 214 -38.49 7.49 113.59
CA GLY LB 214 -37.85 8.77 113.37
C GLY LB 214 -37.63 9.19 111.93
N ASN LB 215 -37.41 8.24 111.04
CA ASN LB 215 -36.98 8.56 109.69
C ASN LB 215 -38.10 9.23 108.90
N SER LB 216 -37.80 10.40 108.34
CA SER LB 216 -38.77 11.19 107.60
C SER LB 216 -38.51 11.07 106.11
N PHE LB 217 -39.56 10.88 105.33
CA PHE LB 217 -39.40 10.80 103.89
C PHE LB 217 -40.72 11.21 103.23
N ALA LB 218 -40.83 10.92 101.93
CA ALA LB 218 -42.05 11.26 101.20
C ALA LB 218 -42.29 10.19 100.14
N THR LB 219 -43.54 9.81 99.97
CA THR LB 219 -43.95 8.71 99.09
C THR LB 219 -44.97 9.25 98.08
N ARG LB 220 -45.04 8.60 96.92
CA ARG LB 220 -46.12 8.94 96.00
C ARG LB 220 -47.48 8.62 96.62
N LEU LB 221 -48.49 9.39 96.21
CA LEU LB 221 -49.82 9.24 96.79
C LEU LB 221 -50.33 7.81 96.68
N SER LB 222 -50.26 7.23 95.47
CA SER LB 222 -50.86 5.92 95.22
C SER LB 222 -50.27 4.84 96.12
N ASN LB 223 -48.99 4.98 96.47
CA ASN LB 223 -48.35 3.95 97.27
C ASN LB 223 -48.96 3.83 98.66
N ILE LB 224 -49.21 4.94 99.33
CA ILE LB 224 -49.57 4.94 100.75
C ILE LB 224 -50.96 4.35 100.93
N PHE LB 225 -51.10 3.48 101.93
CA PHE LB 225 -52.37 2.86 102.26
C PHE LB 225 -52.75 3.15 103.71
N VAL LB 226 -53.92 3.76 103.89
CA VAL LB 226 -54.45 4.07 105.22
C VAL LB 226 -54.62 2.79 106.02
N ILE LB 227 -54.01 2.73 107.20
CA ILE LB 227 -54.20 1.60 108.09
C ILE LB 227 -54.75 2.00 109.46
N GLY LB 228 -54.63 3.26 109.86
CA GLY LB 228 -55.14 3.66 111.16
C GLY LB 228 -55.18 5.15 111.42
N LYS LB 229 -56.35 5.63 111.85
CA LYS LB 229 -56.55 7.01 112.25
C LYS LB 229 -55.91 7.25 113.61
N GLY LB 230 -55.68 8.51 113.92
CA GLY LB 230 -55.06 8.84 115.19
C GLY LB 230 -53.66 8.28 115.25
N ASN LB 231 -53.33 7.66 116.39
CA ASN LB 231 -52.04 7.02 116.58
C ASN LB 231 -52.18 5.51 116.80
N LYS LB 232 -53.23 4.90 116.25
CA LYS LB 232 -53.39 3.45 116.36
C LYS LB 232 -54.01 2.86 115.10
N PRO LB 233 -53.30 1.95 114.42
CA PRO LB 233 -53.95 1.16 113.36
C PRO LB 233 -54.54 -0.13 113.92
N TRP LB 234 -55.77 -0.43 113.55
CA TRP LB 234 -56.42 -1.65 114.00
C TRP LB 234 -55.85 -2.89 113.35
N ILE LB 235 -54.98 -2.75 112.35
CA ILE LB 235 -54.41 -3.88 111.63
C ILE LB 235 -53.19 -4.39 112.38
N SER LB 236 -53.19 -5.68 112.68
CA SER LB 236 -52.15 -6.27 113.49
C SER LB 236 -50.86 -6.43 112.68
N LEU LB 237 -49.71 -6.22 113.33
CA LEU LB 237 -48.42 -6.24 112.66
C LEU LB 237 -47.60 -7.44 113.11
N PRO LB 238 -47.01 -8.18 112.16
CA PRO LB 238 -46.36 -9.45 112.48
C PRO LB 238 -44.93 -9.30 112.97
N ARG LB 239 -44.20 -10.43 113.04
CA ARG LB 239 -42.80 -10.40 113.41
C ARG LB 239 -42.02 -9.46 112.50
N GLY LB 240 -41.16 -8.65 113.10
CA GLY LB 240 -40.58 -7.49 112.46
C GLY LB 240 -41.12 -6.17 113.00
N LYS LB 241 -42.23 -6.20 113.74
CA LYS LB 241 -42.81 -5.04 114.41
C LYS LB 241 -43.12 -3.89 113.44
N GLY LB 242 -43.35 -4.22 112.18
CA GLY LB 242 -43.69 -3.20 111.20
C GLY LB 242 -42.58 -2.20 110.93
N ILE LB 243 -41.34 -2.57 111.25
CA ILE LB 243 -40.19 -1.72 110.93
C ILE LB 243 -39.07 -2.60 110.35
N ARG LB 244 -38.63 -2.28 109.14
CA ARG LB 244 -37.53 -3.03 108.56
C ARG LB 244 -36.23 -2.65 109.24
N LEU LB 245 -35.76 -3.49 110.14
CA LEU LB 245 -34.47 -3.26 110.75
C LEU LB 245 -33.39 -3.29 109.68
N THR LB 246 -32.49 -2.32 109.72
CA THR LB 246 -31.53 -2.09 108.66
C THR LB 246 -30.72 -3.36 108.40
N ILE LB 247 -30.34 -3.54 107.12
CA ILE LB 247 -29.42 -4.61 106.76
C ILE LB 247 -28.16 -4.54 107.60
N ALA LB 248 -27.69 -3.32 107.88
CA ALA LB 248 -26.54 -3.13 108.76
C ALA LB 248 -26.83 -3.66 110.15
N GLU LB 249 -28.03 -3.39 110.67
CA GLU LB 249 -28.42 -3.95 111.96
C GLU LB 249 -28.80 -5.42 111.86
N GLU LB 250 -29.43 -5.83 110.75
CA GLU LB 250 -29.95 -7.20 110.67
C GLU LB 250 -28.87 -8.26 110.76
N ARG LB 251 -27.59 -7.88 110.80
CA ARG LB 251 -26.52 -8.86 110.86
C ARG LB 251 -26.66 -9.76 112.09
N ASP LB 252 -26.98 -9.16 113.24
CA ASP LB 252 -27.09 -9.93 114.48
C ASP LB 252 -28.39 -10.73 114.54
N LYS LB 253 -29.49 -10.19 114.01
CA LYS LB 253 -30.78 -10.84 114.17
C LYS LB 253 -31.12 -11.83 113.06
N ARG LB 254 -30.34 -11.86 111.98
CA ARG LB 254 -30.41 -12.97 111.04
C ARG LB 254 -29.48 -14.11 111.42
N LEU LB 255 -28.73 -13.98 112.52
CA LEU LB 255 -27.65 -14.92 112.83
C LEU LB 255 -27.64 -15.44 114.26
N ALA LB 256 -28.20 -14.72 115.23
CA ALA LB 256 -28.38 -15.23 116.58
C ALA LB 256 -29.78 -15.79 116.82
N ALA LB 257 -30.63 -15.75 115.79
CA ALA LB 257 -31.95 -16.36 115.81
C ALA LB 257 -32.14 -17.43 114.75
N LYS LB 258 -31.44 -17.33 113.62
CA LYS LB 258 -31.28 -18.42 112.66
C LYS LB 258 -29.83 -18.89 112.72
N GLN LB 259 -29.65 -20.20 112.86
CA GLN LB 259 -28.34 -20.87 112.94
C GLN LB 259 -27.60 -20.61 114.24
N SER LB 260 -28.27 -20.07 115.26
CA SER LB 260 -27.72 -20.01 116.61
C SER LB 260 -28.69 -20.44 117.70
N SER LB 261 -30.00 -20.37 117.47
CA SER LB 261 -31.01 -20.90 118.38
C SER LB 261 -31.88 -21.93 117.66
N GLY LB 262 -31.25 -22.70 116.76
CA GLY LB 262 -31.95 -23.65 115.92
C GLY LB 262 -31.18 -23.93 114.64
N VAL MB 1 -10.10 37.49 70.55
CA VAL MB 1 -9.77 38.44 71.60
C VAL MB 1 -8.88 37.84 72.67
N ARG MB 2 -8.31 38.72 73.48
CA ARG MB 2 -7.62 38.29 74.69
C ARG MB 2 -8.61 37.55 75.57
N MET MB 3 -8.13 36.51 76.25
CA MET MB 3 -9.05 35.60 76.93
C MET MB 3 -8.45 35.11 78.23
N ASN MB 4 -9.33 34.67 79.12
CA ASN MB 4 -9.01 33.75 80.21
C ASN MB 4 -7.79 34.22 81.01
N VAL MB 5 -8.00 35.31 81.74
CA VAL MB 5 -6.99 35.82 82.64
C VAL MB 5 -6.65 34.83 83.74
N LEU MB 6 -7.55 33.90 84.06
CA LEU MB 6 -7.20 32.81 84.97
C LEU MB 6 -6.06 31.96 84.40
N ALA MB 7 -6.25 31.49 83.16
CA ALA MB 7 -5.20 30.75 82.49
C ALA MB 7 -3.93 31.58 82.35
N ASP MB 8 -4.09 32.88 82.08
CA ASP MB 8 -2.92 33.71 81.89
C ASP MB 8 -2.18 33.95 83.21
N ALA MB 9 -2.90 33.94 84.33
CA ALA MB 9 -2.23 33.98 85.62
C ALA MB 9 -1.45 32.70 85.86
N LEU MB 10 -2.08 31.55 85.62
CA LEU MB 10 -1.40 30.28 85.83
C LEU MB 10 -0.27 30.04 84.84
N LYS MB 11 -0.20 30.82 83.75
CA LYS MB 11 0.98 30.72 82.91
C LYS MB 11 2.03 31.76 83.28
N SER MB 12 1.64 32.96 83.68
CA SER MB 12 2.64 33.97 84.01
C SER MB 12 3.36 33.65 85.30
N ILE MB 13 2.64 33.11 86.30
CA ILE MB 13 3.31 32.77 87.55
C ILE MB 13 4.35 31.67 87.31
N ASN MB 14 4.01 30.68 86.48
CA ASN MB 14 4.97 29.63 86.20
C ASN MB 14 6.04 30.08 85.21
N ASN MB 15 5.77 31.14 84.45
CA ASN MB 15 6.81 31.74 83.63
C ASN MB 15 7.88 32.39 84.51
N ALA MB 16 7.46 33.11 85.53
CA ALA MB 16 8.42 33.78 86.39
C ALA MB 16 8.99 32.86 87.47
N GLU MB 17 8.26 31.84 87.87
CA GLU MB 17 8.61 31.05 89.05
C GLU MB 17 9.91 30.28 88.83
N LYS MB 18 10.02 29.55 87.73
CA LYS MB 18 11.24 28.83 87.43
C LYS MB 18 12.40 29.77 87.11
N ARG MB 19 12.13 31.07 86.94
CA ARG MB 19 13.16 32.08 86.88
C ARG MB 19 13.44 32.70 88.24
N GLY MB 20 12.61 32.43 89.24
CA GLY MB 20 12.96 32.63 90.64
C GLY MB 20 12.68 33.99 91.25
N LYS MB 21 12.00 34.89 90.54
CA LYS MB 21 11.74 36.21 91.11
C LYS MB 21 10.82 36.13 92.32
N ARG MB 22 11.13 36.95 93.33
CA ARG MB 22 10.49 36.83 94.64
C ARG MB 22 9.01 37.18 94.57
N GLN MB 23 8.67 38.29 93.93
CA GLN MB 23 7.28 38.64 93.68
C GLN MB 23 7.01 38.62 92.18
N VAL MB 24 5.77 38.86 91.77
CA VAL MB 24 5.42 38.94 90.37
C VAL MB 24 4.29 39.94 90.20
N LEU MB 25 4.26 40.61 89.05
CA LEU MB 25 3.20 41.52 88.65
C LEU MB 25 2.52 40.99 87.40
N ILE MB 26 1.19 40.95 87.43
CA ILE MB 26 0.38 40.45 86.33
C ILE MB 26 -0.61 41.54 85.95
N ARG MB 27 -0.67 41.86 84.65
CA ARG MB 27 -1.51 42.95 84.18
C ARG MB 27 -3.00 42.73 84.45
N PRO MB 28 -3.63 41.64 84.02
CA PRO MB 28 -5.05 41.47 84.26
C PRO MB 28 -5.33 40.69 85.53
N CYS MB 29 -6.60 40.69 85.92
CA CYS MB 29 -7.02 40.00 87.13
C CYS MB 29 -8.53 39.90 87.13
N SER MB 30 -9.04 39.17 88.11
CA SER MB 30 -10.47 39.09 88.35
C SER MB 30 -10.67 38.73 89.82
N LYS MB 31 -11.90 38.96 90.29
CA LYS MB 31 -12.24 38.57 91.65
C LYS MB 31 -12.07 37.07 91.85
N VAL MB 32 -12.28 36.28 90.80
CA VAL MB 32 -12.22 34.84 90.94
C VAL MB 32 -10.77 34.35 91.03
N ILE MB 33 -9.87 34.92 90.23
CA ILE MB 33 -8.46 34.55 90.41
C ILE MB 33 -7.94 35.10 91.72
N VAL MB 34 -8.48 36.23 92.19
CA VAL MB 34 -8.24 36.66 93.57
C VAL MB 34 -8.66 35.56 94.53
N ARG MB 35 -9.80 34.95 94.26
CA ARG MB 35 -10.31 33.88 95.10
C ARG MB 35 -9.43 32.65 95.08
N PHE MB 36 -8.89 32.28 93.92
CA PHE MB 36 -7.83 31.26 93.86
C PHE MB 36 -6.62 31.67 94.68
N LEU MB 37 -6.22 32.94 94.62
CA LEU MB 37 -5.11 33.40 95.44
C LEU MB 37 -5.39 33.12 96.92
N THR MB 38 -6.63 33.37 97.34
CA THR MB 38 -6.99 33.17 98.75
C THR MB 38 -7.03 31.69 99.13
N VAL MB 39 -7.58 30.85 98.25
CA VAL MB 39 -7.54 29.40 98.49
C VAL MB 39 -6.09 28.93 98.56
N MET MB 40 -5.23 29.49 97.71
CA MET MB 40 -3.81 29.17 97.74
C MET MB 40 -3.20 29.58 99.08
N MET MB 41 -3.61 30.74 99.60
CA MET MB 41 -3.08 31.19 100.88
C MET MB 41 -3.52 30.30 102.03
N LYS MB 42 -4.78 29.84 102.02
CA LYS MB 42 -5.23 29.04 103.16
C LYS MB 42 -4.38 27.79 103.35
N HIS MB 43 -3.79 27.29 102.26
CA HIS MB 43 -2.74 26.28 102.36
C HIS MB 43 -1.34 26.89 102.50
N GLY MB 44 -1.18 28.16 102.15
CA GLY MB 44 0.08 28.85 102.36
C GLY MB 44 1.07 28.77 101.23
N TYR MB 45 0.67 28.32 100.05
CA TYR MB 45 1.62 28.23 98.95
C TYR MB 45 2.20 29.59 98.62
N ILE MB 46 1.35 30.60 98.53
CA ILE MB 46 1.77 31.96 98.34
C ILE MB 46 1.65 32.69 99.67
N GLY MB 47 2.26 33.86 99.76
CA GLY MB 47 2.15 34.73 100.92
C GLY MB 47 1.07 35.77 100.74
N GLU MB 48 1.16 36.85 101.52
CA GLU MB 48 0.27 37.96 101.27
C GLU MB 48 0.68 38.65 99.96
N PHE MB 49 -0.23 39.46 99.44
CA PHE MB 49 -0.04 40.03 98.12
C PHE MB 49 -0.85 41.32 98.03
N GLU MB 50 -0.58 42.09 96.98
CA GLU MB 50 -1.16 43.41 96.81
C GLU MB 50 -1.94 43.46 95.50
N ILE MB 51 -2.98 44.28 95.50
CA ILE MB 51 -3.93 44.36 94.40
C ILE MB 51 -3.87 45.78 93.86
N ILE MB 52 -3.01 46.00 92.86
CA ILE MB 52 -2.82 47.33 92.32
C ILE MB 52 -4.07 47.72 91.55
N ASP MB 53 -4.60 48.90 91.86
CA ASP MB 53 -5.91 49.32 91.37
C ASP MB 53 -5.72 50.21 90.15
N ASP MB 54 -6.11 49.69 89.00
CA ASP MB 54 -6.24 50.46 87.76
C ASP MB 54 -7.44 49.90 87.01
N HIS MB 55 -8.54 50.66 87.03
CA HIS MB 55 -9.87 50.16 86.69
C HIS MB 55 -9.88 49.50 85.32
N ARG MB 56 -8.78 49.66 84.59
CA ARG MB 56 -8.68 49.19 83.22
C ARG MB 56 -8.55 47.66 83.19
N ALA MB 57 -7.64 47.12 84.00
CA ALA MB 57 -7.57 45.67 84.11
C ALA MB 57 -7.57 45.23 85.58
N GLY MB 58 -6.86 45.99 86.41
CA GLY MB 58 -6.59 45.56 87.76
C GLY MB 58 -5.36 44.69 87.73
N LYS MB 59 -4.25 45.15 88.32
CA LYS MB 59 -3.02 44.39 88.29
C LYS MB 59 -2.84 43.73 89.65
N ILE MB 60 -2.13 42.60 89.66
CA ILE MB 60 -1.88 41.88 90.90
C ILE MB 60 -0.38 41.68 91.06
N VAL MB 61 0.16 42.06 92.22
CA VAL MB 61 1.49 41.63 92.62
C VAL MB 61 1.32 40.59 93.71
N VAL MB 62 1.97 39.44 93.52
CA VAL MB 62 1.83 38.29 94.40
C VAL MB 62 3.21 37.68 94.60
N ASN MB 63 3.52 37.25 95.81
CA ASN MB 63 4.82 36.65 96.07
C ASN MB 63 4.80 35.16 95.73
N LEU MB 64 5.86 34.72 95.06
CA LEU MB 64 6.09 33.31 94.78
C LEU MB 64 7.01 32.73 95.85
N THR MB 65 6.77 31.48 96.22
CA THR MB 65 7.43 30.87 97.34
C THR MB 65 7.77 29.42 96.97
N GLY MB 66 8.70 28.82 97.71
CA GLY MB 66 9.05 27.43 97.54
C GLY MB 66 8.00 26.47 98.06
N ARG MB 67 6.76 26.91 98.16
CA ARG MB 67 5.66 26.07 98.60
C ARG MB 67 4.88 25.47 97.44
N LEU MB 68 5.37 25.61 96.21
CA LEU MB 68 4.57 25.47 95.00
C LEU MB 68 5.28 24.59 93.98
N ASN MB 69 4.51 23.94 93.11
CA ASN MB 69 5.03 23.35 91.88
C ASN MB 69 4.40 23.99 90.63
N LYS MB 70 3.07 23.94 90.54
CA LYS MB 70 2.31 24.49 89.42
C LYS MB 70 0.83 24.28 89.71
N CYS MB 71 -0.01 25.07 89.05
CA CYS MB 71 -1.46 24.93 89.13
C CYS MB 71 -2.05 25.07 87.73
N GLY MB 72 -2.91 24.11 87.36
CA GLY MB 72 -3.42 24.05 86.01
C GLY MB 72 -4.77 24.73 85.82
N VAL MB 73 -5.06 25.07 84.56
CA VAL MB 73 -6.30 25.73 84.16
C VAL MB 73 -6.97 24.90 83.08
N ILE MB 74 -8.27 24.63 83.25
CA ILE MB 74 -8.98 23.69 82.40
C ILE MB 74 -10.10 24.45 81.70
N SER MB 75 -9.86 24.87 80.47
CA SER MB 75 -10.92 25.23 79.53
C SER MB 75 -10.97 24.13 78.48
N PRO MB 76 -12.10 23.42 78.31
CA PRO MB 76 -13.48 23.66 78.74
C PRO MB 76 -13.68 23.53 80.22
N ARG MB 77 -14.82 23.99 80.72
CA ARG MB 77 -15.09 24.07 82.15
C ARG MB 77 -16.10 22.99 82.52
N PHE MB 78 -15.62 21.91 83.12
CA PHE MB 78 -16.39 20.69 83.38
C PHE MB 78 -17.31 20.85 84.59
N ASP MB 79 -17.81 19.73 85.09
CA ASP MB 79 -18.56 19.61 86.33
C ASP MB 79 -18.18 18.30 87.01
N VAL MB 80 -17.95 18.36 88.32
CA VAL MB 80 -17.65 17.18 89.12
C VAL MB 80 -18.96 16.69 89.73
N GLN MB 81 -19.46 15.56 89.24
CA GLN MB 81 -20.73 15.02 89.68
C GLN MB 81 -20.67 14.39 91.06
N LEU MB 82 -19.55 14.55 91.77
CA LEU MB 82 -19.29 13.97 93.08
C LEU MB 82 -19.19 12.45 93.04
N LYS MB 83 -19.37 11.85 91.87
CA LYS MB 83 -18.85 10.52 91.60
C LYS MB 83 -17.42 10.60 91.07
N ASP MB 84 -17.17 11.51 90.16
CA ASP MB 84 -15.89 11.61 89.47
C ASP MB 84 -14.83 12.33 90.28
N LEU MB 85 -15.16 12.83 91.47
CA LEU MB 85 -14.21 13.62 92.23
C LEU MB 85 -12.95 12.83 92.53
N GLU MB 86 -13.10 11.60 93.02
CA GLU MB 86 -11.95 10.77 93.36
C GLU MB 86 -11.13 10.45 92.11
N LYS MB 87 -11.83 10.19 91.00
CA LYS MB 87 -11.16 10.01 89.71
C LYS MB 87 -10.27 11.20 89.38
N TRP MB 88 -10.82 12.41 89.45
CA TRP MB 88 -10.05 13.60 89.10
C TRP MB 88 -8.88 13.78 90.06
N GLN MB 89 -9.10 13.53 91.36
CA GLN MB 89 -8.02 13.57 92.32
C GLN MB 89 -6.89 12.63 91.92
N ASN MB 90 -7.24 11.38 91.58
CA ASN MB 90 -6.23 10.36 91.36
C ASN MB 90 -5.57 10.49 89.99
N ASN MB 91 -6.15 11.25 89.07
CA ASN MB 91 -5.56 11.30 87.74
C ASN MB 91 -4.98 12.66 87.34
N LEU MB 92 -5.31 13.76 88.04
CA LEU MB 92 -4.65 15.02 87.77
C LEU MB 92 -3.52 15.40 88.72
N LEU MB 93 -3.76 15.48 90.02
CA LEU MB 93 -2.77 16.08 90.89
C LEU MB 93 -1.77 15.04 91.39
N PRO MB 94 -0.50 15.43 91.55
CA PRO MB 94 0.55 14.45 91.80
C PRO MB 94 0.48 13.82 93.18
N SER MB 95 -0.27 14.39 94.12
CA SER MB 95 -0.14 13.94 95.50
C SER MB 95 -1.48 14.01 96.22
N ARG MB 96 -1.71 13.02 97.09
CA ARG MB 96 -2.75 13.12 98.10
C ARG MB 96 -2.22 13.67 99.41
N GLN MB 97 -0.90 13.85 99.53
CA GLN MB 97 -0.28 14.46 100.68
C GLN MB 97 -0.18 15.98 100.57
N PHE MB 98 -0.42 16.54 99.39
CA PHE MB 98 -0.61 17.98 99.22
C PHE MB 98 -1.30 18.19 97.90
N GLY MB 99 -1.83 19.39 97.71
CA GLY MB 99 -2.44 19.73 96.44
C GLY MB 99 -3.83 19.14 96.36
N PHE MB 100 -4.81 19.95 95.98
CA PHE MB 100 -6.20 19.55 96.14
C PHE MB 100 -7.01 20.27 95.07
N ILE MB 101 -7.61 19.51 94.15
CA ILE MB 101 -8.18 20.12 92.96
C ILE MB 101 -9.28 21.11 93.34
N VAL MB 102 -9.52 22.07 92.47
CA VAL MB 102 -10.31 23.26 92.80
C VAL MB 102 -11.65 23.15 92.07
N LEU MB 103 -12.70 23.71 92.68
CA LEU MB 103 -14.05 23.60 92.15
C LEU MB 103 -14.82 24.89 92.38
N THR MB 104 -15.49 25.39 91.36
CA THR MB 104 -16.49 26.44 91.55
C THR MB 104 -17.89 25.82 91.50
N THR MB 105 -18.64 25.99 92.59
CA THR MB 105 -19.92 25.35 92.75
C THR MB 105 -20.82 26.16 93.67
N SER MB 106 -21.99 25.60 93.97
CA SER MB 106 -23.06 26.32 94.66
C SER MB 106 -22.83 26.44 96.16
N ALA MB 107 -21.61 26.23 96.63
CA ALA MB 107 -21.34 26.40 98.05
C ALA MB 107 -20.11 27.26 98.31
N GLY MB 108 -19.79 28.19 97.40
CA GLY MB 108 -18.60 29.00 97.52
C GLY MB 108 -17.44 28.39 96.74
N ILE MB 109 -16.33 29.12 96.74
CA ILE MB 109 -15.10 28.54 96.22
C ILE MB 109 -14.58 27.51 97.21
N MET MB 110 -13.70 26.64 96.74
CA MET MB 110 -13.29 25.49 97.52
C MET MB 110 -12.28 24.65 96.75
N ASP MB 111 -11.54 23.84 97.50
CA ASP MB 111 -10.75 22.76 96.95
C ASP MB 111 -11.42 21.44 97.32
N HIS MB 112 -10.95 20.35 96.70
CA HIS MB 112 -11.80 19.17 96.59
C HIS MB 112 -12.05 18.50 97.93
N GLU MB 113 -11.11 18.55 98.87
CA GLU MB 113 -11.41 18.00 100.19
C GLU MB 113 -12.55 18.76 100.84
N GLU MB 114 -12.50 20.08 100.82
CA GLU MB 114 -13.54 20.86 101.51
C GLU MB 114 -14.85 20.75 100.76
N ALA MB 115 -14.75 20.58 99.42
CA ALA MB 115 -15.92 20.30 98.60
C ALA MB 115 -16.60 19.00 99.02
N ARG MB 116 -15.81 17.93 99.16
CA ARG MB 116 -16.38 16.67 99.60
C ARG MB 116 -16.96 16.80 101.00
N ARG MB 117 -16.33 17.62 101.83
CA ARG MB 117 -16.85 17.79 103.19
C ARG MB 117 -18.22 18.46 103.19
N LYS MB 118 -18.42 19.46 102.31
CA LYS MB 118 -19.76 20.03 102.22
C LYS MB 118 -20.68 19.25 101.30
N HIS MB 119 -20.18 18.20 100.64
CA HIS MB 119 -21.00 17.26 99.87
C HIS MB 119 -21.59 17.90 98.60
N THR MB 120 -20.96 18.95 98.07
CA THR MB 120 -21.44 19.61 96.86
C THR MB 120 -20.29 19.76 95.89
N GLY MB 121 -20.50 19.33 94.64
CA GLY MB 121 -19.51 19.43 93.60
C GLY MB 121 -19.88 20.44 92.53
N GLY MB 122 -19.05 20.52 91.50
CA GLY MB 122 -19.24 21.51 90.46
C GLY MB 122 -18.10 21.50 89.46
N LYS MB 123 -17.84 22.68 88.91
CA LYS MB 123 -16.90 22.82 87.81
C LYS MB 123 -15.46 22.67 88.28
N ILE MB 124 -14.63 22.00 87.47
CA ILE MB 124 -13.19 22.05 87.67
C ILE MB 124 -12.63 23.27 86.95
N LEU MB 125 -11.78 24.03 87.66
CA LEU MB 125 -11.02 25.09 87.01
C LEU MB 125 -9.55 25.03 87.41
N GLY MB 126 -9.25 24.45 88.59
CA GLY MB 126 -7.90 24.50 89.10
C GLY MB 126 -7.51 23.22 89.82
N PHE MB 127 -6.20 22.99 89.85
CA PHE MB 127 -5.58 21.86 90.54
C PHE MB 127 -4.10 22.18 90.67
N PHE MB 128 -3.62 22.17 91.90
CA PHE MB 128 -2.33 22.75 92.23
C PHE MB 128 -1.44 21.77 92.96
N PHE MB 129 -0.17 22.13 93.04
CA PHE MB 129 0.82 21.28 93.69
C PHE MB 129 2.13 22.04 93.90
N THR NB 1 99.82 27.74 44.31
CA THR NB 1 99.87 28.93 43.47
C THR NB 1 101.27 29.07 42.90
N PRO NB 2 101.41 28.73 41.62
CA PRO NB 2 102.73 28.46 41.04
C PRO NB 2 103.51 29.71 40.64
N ASP NB 3 104.80 29.47 40.38
CA ASP NB 3 105.71 30.50 39.90
C ASP NB 3 105.62 30.69 38.38
N ILE NB 4 105.06 29.72 37.65
CA ILE NB 4 104.81 29.84 36.22
C ILE NB 4 103.71 28.86 35.81
N LYS NB 5 102.81 29.29 34.93
CA LYS NB 5 101.64 28.51 34.58
C LYS NB 5 101.76 28.05 33.13
N LEU NB 6 102.11 26.79 32.93
CA LEU NB 6 102.47 26.24 31.63
C LEU NB 6 101.91 24.83 31.50
N PHE NB 7 101.76 24.38 30.24
CA PHE NB 7 101.29 23.04 29.92
C PHE NB 7 102.42 22.08 29.53
N GLY NB 8 103.67 22.52 29.55
CA GLY NB 8 104.73 21.82 28.88
C GLY NB 8 104.72 21.98 27.38
N LYS NB 9 103.72 22.68 26.84
CA LYS NB 9 103.64 22.98 25.41
C LYS NB 9 103.16 24.40 25.10
N TRP NB 10 102.45 25.06 26.01
CA TRP NB 10 102.02 26.45 25.90
C TRP NB 10 101.51 26.88 27.28
N SER NB 11 101.12 28.15 27.38
CA SER NB 11 100.87 28.80 28.66
C SER NB 11 99.45 28.52 29.17
N THR NB 12 99.25 28.79 30.47
CA THR NB 12 98.01 28.47 31.17
C THR NB 12 97.25 29.70 31.66
N ASP NB 13 97.89 30.85 31.81
CA ASP NB 13 97.19 32.09 32.10
C ASP NB 13 96.75 32.68 30.77
N ASP NB 14 96.41 33.98 30.77
CA ASP NB 14 95.97 34.71 29.57
C ASP NB 14 94.59 34.24 29.11
N VAL NB 15 93.69 34.06 30.09
CA VAL NB 15 92.31 33.71 29.82
C VAL NB 15 91.42 34.79 30.44
N GLN NB 16 90.39 35.19 29.71
CA GLN NB 16 89.67 36.44 29.95
C GLN NB 16 88.18 36.20 29.77
N ILE NB 17 87.41 37.28 29.59
CA ILE NB 17 85.99 37.21 29.28
C ILE NB 17 85.70 37.98 27.99
N ASN NB 18 84.79 37.43 27.19
CA ASN NB 18 84.42 37.98 25.89
C ASN NB 18 83.02 38.59 25.86
N ASP NB 19 82.03 37.92 26.46
CA ASP NB 19 80.66 38.41 26.59
C ASP NB 19 80.38 38.38 28.10
N ILE NB 20 80.54 39.53 28.75
CA ILE NB 20 80.57 39.65 30.20
C ILE NB 20 79.45 38.88 30.87
N SER NB 21 78.33 38.71 30.16
CA SER NB 21 77.17 38.04 30.74
C SER NB 21 77.44 36.61 31.17
N LEU NB 22 78.63 36.08 30.91
CA LEU NB 22 79.03 34.77 31.39
C LEU NB 22 80.22 34.83 32.35
N GLN NB 23 80.47 35.99 32.97
CA GLN NB 23 81.58 36.11 33.90
C GLN NB 23 81.33 35.23 35.12
N ASP NB 24 82.42 34.65 35.64
CA ASP NB 24 82.46 33.77 36.81
C ASP NB 24 81.81 32.42 36.56
N TYR NB 25 81.64 32.01 35.31
CA TYR NB 25 81.18 30.65 35.01
C TYR NB 25 82.22 29.90 34.18
N ILE NB 26 82.82 30.58 33.21
CA ILE NB 26 84.05 30.11 32.60
C ILE NB 26 85.19 30.39 33.57
N ALA NB 27 85.80 29.32 34.09
CA ALA NB 27 86.79 29.45 35.14
C ALA NB 27 88.13 28.91 34.66
N VAL NB 28 89.18 29.72 34.86
CA VAL NB 28 90.55 29.28 34.59
C VAL NB 28 91.47 29.50 35.78
N LYS NB 29 91.15 30.42 36.68
CA LYS NB 29 91.88 30.59 37.93
C LYS NB 29 90.87 30.48 39.05
N GLU NB 30 90.51 29.26 39.44
CA GLU NB 30 89.66 29.09 40.62
C GLU NB 30 90.51 29.22 41.88
N LYS NB 31 91.43 28.27 42.12
CA LYS NB 31 92.50 28.44 43.10
C LYS NB 31 93.84 27.87 42.69
N TYR NB 32 93.99 27.25 41.51
CA TYR NB 32 95.22 26.58 41.16
C TYR NB 32 95.30 26.32 39.66
N ALA NB 33 96.29 25.53 39.27
CA ALA NB 33 96.43 25.00 37.92
C ALA NB 33 97.29 23.74 38.01
N LYS NB 34 97.24 22.93 36.96
CA LYS NB 34 97.89 21.63 36.96
C LYS NB 34 98.65 21.41 35.66
N TYR NB 35 99.59 20.45 35.71
CA TYR NB 35 100.27 20.00 34.50
C TYR NB 35 99.28 19.55 33.45
N LEU NB 36 98.30 18.75 33.85
CA LEU NB 36 97.19 18.35 32.99
C LEU NB 36 95.99 18.00 33.87
N PRO NB 37 94.80 18.48 33.50
CA PRO NB 37 93.62 18.29 34.35
C PRO NB 37 93.26 16.84 34.58
N HIS NB 38 92.75 16.56 35.78
CA HIS NB 38 92.22 15.26 36.16
C HIS NB 38 91.48 15.43 37.48
N SER NB 39 90.30 14.83 37.57
CA SER NB 39 89.51 14.95 38.79
C SER NB 39 88.46 13.86 38.85
N ALA NB 40 87.88 13.69 40.03
CA ALA NB 40 86.78 12.78 40.27
C ALA NB 40 85.42 13.41 39.98
N GLY NB 41 85.39 14.71 39.72
CA GLY NB 41 84.18 15.49 39.89
C GLY NB 41 84.06 16.10 41.27
N ARG NB 42 85.19 16.42 41.90
CA ARG NB 42 85.20 16.82 43.30
C ARG NB 42 84.35 18.05 43.56
N TYR NB 43 84.19 18.90 42.54
CA TYR NB 43 83.45 20.15 42.64
C TYR NB 43 81.94 19.94 42.69
N ALA NB 44 81.48 18.70 42.87
CA ALA NB 44 80.07 18.33 42.83
C ALA NB 44 79.29 18.79 44.04
N ALA NB 45 79.84 19.74 44.81
CA ALA NB 45 79.23 20.12 46.07
C ALA NB 45 77.83 20.72 45.88
N LYS NB 46 77.67 21.57 44.87
CA LYS NB 46 76.43 22.32 44.71
C LYS NB 46 76.20 22.51 43.21
N ARG NB 47 75.38 23.50 42.87
CA ARG NB 47 75.36 24.04 41.52
C ARG NB 47 76.39 25.14 41.33
N PHE NB 48 76.76 25.87 42.39
CA PHE NB 48 77.67 27.00 42.23
C PHE NB 48 79.11 26.60 41.99
N ARG NB 49 79.61 25.56 42.66
CA ARG NB 49 81.01 25.21 42.43
C ARG NB 49 81.18 24.50 41.10
N LYS NB 50 80.13 23.85 40.59
CA LYS NB 50 80.18 23.38 39.20
C LYS NB 50 79.84 24.49 38.21
N ALA NB 51 79.28 25.60 38.67
CA ALA NB 51 79.15 26.79 37.84
C ALA NB 51 80.49 27.49 37.66
N GLN NB 52 81.30 27.54 38.73
CA GLN NB 52 82.61 28.18 38.69
C GLN NB 52 83.75 27.16 38.69
N CYS NB 53 83.45 25.92 38.29
CA CYS NB 53 84.48 24.89 38.11
C CYS NB 53 85.34 25.24 36.89
N PRO NB 54 86.64 24.91 36.90
CA PRO NB 54 87.51 25.31 35.79
C PRO NB 54 87.02 24.75 34.46
N ILE NB 55 87.32 25.48 33.38
CA ILE NB 55 86.80 25.11 32.07
C ILE NB 55 87.57 23.93 31.48
N VAL NB 56 88.90 23.93 31.60
CA VAL NB 56 89.66 22.83 31.03
C VAL NB 56 89.35 21.53 31.77
N GLU NB 57 89.29 21.59 33.10
CA GLU NB 57 88.84 20.43 33.85
C GLU NB 57 87.39 20.09 33.51
N ARG NB 58 86.57 21.11 33.29
CA ARG NB 58 85.17 20.91 32.95
C ARG NB 58 85.03 20.05 31.71
N LEU NB 59 85.72 20.45 30.64
CA LEU NB 59 85.62 19.75 29.36
C LEU NB 59 86.31 18.40 29.42
N THR NB 60 87.50 18.34 30.05
CA THR NB 60 88.22 17.08 30.13
C THR NB 60 87.43 16.03 30.90
N ASN NB 61 86.75 16.43 31.98
CA ASN NB 61 85.92 15.48 32.70
C ASN NB 61 84.62 15.21 31.98
N SER NB 62 84.08 16.19 31.25
CA SER NB 62 82.79 16.04 30.59
C SER NB 62 82.84 15.18 29.34
N MET NB 63 83.99 15.10 28.68
CA MET NB 63 84.08 14.43 27.39
C MET NB 63 83.92 12.92 27.47
N MET NB 64 83.72 12.37 28.67
CA MET NB 64 83.50 10.93 28.87
C MET NB 64 82.03 10.69 29.19
N MET NB 65 81.22 10.51 28.15
CA MET NB 65 79.77 10.35 28.28
C MET NB 65 79.26 8.98 27.84
N HIS NB 66 79.68 8.51 26.68
CA HIS NB 66 79.00 7.41 26.00
C HIS NB 66 79.38 6.07 26.66
N GLY NB 67 79.18 6.03 27.98
CA GLY NB 67 79.31 4.81 28.74
C GLY NB 67 80.71 4.38 29.11
N ARG NB 68 81.14 3.24 28.56
CA ARG NB 68 82.43 2.58 28.81
C ARG NB 68 83.62 3.44 28.48
N ASN NB 69 83.45 4.66 27.99
CA ASN NB 69 84.61 5.48 27.64
C ASN NB 69 85.20 6.21 28.84
N ASN NB 70 84.46 6.35 29.94
CA ASN NB 70 85.12 6.74 31.18
C ASN NB 70 85.95 5.61 31.74
N GLY NB 71 85.75 4.39 31.23
CA GLY NB 71 86.57 3.22 31.42
C GLY NB 71 87.82 3.19 30.58
N LYS NB 72 88.05 4.24 29.79
CA LYS NB 72 89.34 4.53 29.15
C LYS NB 72 89.54 6.04 29.29
N LYS NB 73 90.17 6.46 30.39
CA LYS NB 73 90.29 7.89 30.71
C LYS NB 73 91.65 8.48 30.39
N LEU NB 74 92.74 7.74 30.59
CA LEU NB 74 94.07 8.26 30.28
C LEU NB 74 94.18 8.61 28.80
N MET NB 75 93.82 7.67 27.93
CA MET NB 75 93.94 7.88 26.49
C MET NB 75 92.94 8.93 26.02
N THR NB 76 91.81 9.07 26.72
CA THR NB 76 90.86 10.12 26.38
C THR NB 76 91.46 11.52 26.63
N VAL NB 77 92.19 11.68 27.72
CA VAL NB 77 92.84 12.97 27.97
C VAL NB 77 94.00 13.16 27.01
N ARG NB 78 94.67 12.07 26.64
CA ARG NB 78 95.62 12.12 25.53
C ARG NB 78 94.94 12.73 24.30
N ILE NB 79 93.73 12.29 24.02
CA ILE NB 79 92.95 12.84 22.91
C ILE NB 79 92.66 14.33 23.11
N VAL NB 80 92.27 14.74 24.32
CA VAL NB 80 91.89 16.14 24.48
C VAL NB 80 93.10 17.05 24.28
N LYS NB 81 94.26 16.66 24.83
CA LYS NB 81 95.44 17.49 24.61
C LYS NB 81 95.91 17.39 23.17
N HIS NB 82 95.71 16.23 22.53
CA HIS NB 82 95.94 16.13 21.09
C HIS NB 82 95.12 17.15 20.33
N ALA NB 83 93.83 17.26 20.65
CA ALA NB 83 92.95 18.16 19.91
C ALA NB 83 93.32 19.62 20.15
N PHE NB 84 93.68 19.96 21.38
CA PHE NB 84 94.16 21.31 21.65
C PHE NB 84 95.43 21.60 20.84
N GLU NB 85 96.32 20.62 20.75
CA GLU NB 85 97.50 20.76 19.91
C GLU NB 85 97.15 20.91 18.43
N ILE NB 86 96.14 20.17 17.96
CA ILE NB 86 95.74 20.25 16.56
C ILE NB 86 95.23 21.65 16.24
N ILE NB 87 94.47 22.25 17.16
CA ILE NB 87 94.06 23.63 16.98
C ILE NB 87 95.28 24.54 16.95
N HIS NB 88 96.19 24.35 17.91
CA HIS NB 88 97.41 25.15 18.00
C HIS NB 88 98.21 25.08 16.70
N LEU NB 89 98.11 23.97 16.00
CA LEU NB 89 98.90 23.78 14.78
C LEU NB 89 98.17 24.32 13.56
N LEU NB 90 96.91 23.91 13.37
CA LEU NB 90 96.14 24.37 12.21
C LEU NB 90 95.93 25.87 12.24
N THR NB 91 95.25 26.37 13.27
CA THR NB 91 94.88 27.78 13.33
C THR NB 91 95.89 28.64 14.08
N GLY NB 92 96.94 28.05 14.65
CA GLY NB 92 97.98 28.86 15.26
C GLY NB 92 97.73 29.18 16.72
N GLU NB 93 97.13 30.35 16.97
CA GLU NB 93 97.00 30.95 18.29
C GLU NB 93 96.43 30.01 19.35
N ASN NB 94 96.60 30.36 20.61
CA ASN NB 94 96.45 29.41 21.71
C ASN NB 94 95.04 28.85 21.73
N PRO NB 95 94.86 27.53 21.70
CA PRO NB 95 93.53 26.95 21.53
C PRO NB 95 92.56 27.22 22.67
N LEU NB 96 93.05 27.53 23.87
CA LEU NB 96 92.16 27.67 25.01
C LEU NB 96 91.34 28.96 24.94
N GLN NB 97 91.99 30.08 24.59
CA GLN NB 97 91.25 31.32 24.37
C GLN NB 97 90.29 31.19 23.19
N VAL NB 98 90.72 30.48 22.15
CA VAL NB 98 89.88 30.30 20.98
C VAL NB 98 88.65 29.46 21.33
N LEU NB 99 88.82 28.42 22.14
CA LEU NB 99 87.66 27.67 22.61
C LEU NB 99 86.80 28.50 23.54
N VAL NB 100 87.41 29.40 24.31
CA VAL NB 100 86.61 30.31 25.14
C VAL NB 100 85.68 31.12 24.25
N ASN NB 101 86.24 31.75 23.22
CA ASN NB 101 85.41 32.57 22.35
C ASN NB 101 84.47 31.72 21.50
N ALA NB 102 84.82 30.45 21.27
CA ALA NB 102 83.95 29.55 20.51
C ALA NB 102 82.74 29.14 21.34
N ILE NB 103 82.94 28.82 22.62
CA ILE NB 103 81.82 28.60 23.52
C ILE NB 103 80.95 29.84 23.58
N ILE NB 104 81.57 31.03 23.65
CA ILE NB 104 80.79 32.26 23.65
C ILE NB 104 79.93 32.37 22.41
N ASN NB 105 80.53 32.18 21.23
CA ASN NB 105 79.79 32.35 19.99
C ASN NB 105 78.81 31.21 19.72
N SER NB 106 78.95 30.07 20.40
CA SER NB 106 78.03 28.95 20.21
C SER NB 106 77.23 28.67 21.49
N GLY NB 107 77.07 29.69 22.32
CA GLY NB 107 76.15 29.62 23.43
C GLY NB 107 74.73 29.92 22.99
N PRO NB 108 73.74 29.22 23.59
CA PRO NB 108 72.34 29.55 23.33
C PRO NB 108 71.88 30.80 24.05
N ARG NB 109 70.60 31.14 23.94
CA ARG NB 109 70.13 32.34 24.64
C ARG NB 109 68.85 32.15 25.44
N GLU NB 110 67.90 31.33 24.99
CA GLU NB 110 66.64 31.25 25.72
C GLU NB 110 66.06 29.84 25.61
N ASP NB 111 65.23 29.49 26.59
CA ASP NB 111 64.58 28.17 26.64
C ASP NB 111 63.09 28.35 26.90
N SER NB 112 62.27 27.58 26.18
CA SER NB 112 60.82 27.74 26.20
C SER NB 112 60.18 26.53 26.86
N THR NB 113 59.41 26.79 27.92
CA THR NB 113 58.71 25.77 28.68
C THR NB 113 57.30 25.54 28.14
N ARG NB 114 56.62 24.55 28.72
CA ARG NB 114 55.36 24.00 28.22
C ARG NB 114 54.23 24.34 29.20
N ILE NB 115 53.62 25.52 29.01
CA ILE NB 115 52.49 25.97 29.81
C ILE NB 115 51.34 26.32 28.86
N GLY NB 116 50.36 25.44 28.78
CA GLY NB 116 49.21 25.67 27.92
C GLY NB 116 48.33 26.78 28.42
N ARG NB 117 48.13 27.83 27.60
CA ARG NB 117 47.33 28.97 28.05
C ARG NB 117 45.89 28.55 28.32
N ALA NB 118 45.26 27.88 27.35
CA ALA NB 118 43.90 27.38 27.54
C ALA NB 118 43.82 25.86 27.48
N GLY NB 119 44.95 25.17 27.40
CA GLY NB 119 44.99 23.72 27.42
C GLY NB 119 45.98 23.13 26.43
N THR NB 120 46.13 23.72 25.25
CA THR NB 120 47.05 23.23 24.24
C THR NB 120 48.48 23.59 24.61
N VAL NB 121 49.36 22.60 24.54
CA VAL NB 121 50.77 22.75 24.89
C VAL NB 121 51.40 23.85 24.03
N ARG NB 122 51.82 24.92 24.67
CA ARG NB 122 52.56 25.99 24.01
C ARG NB 122 53.98 26.04 24.56
N ARG NB 123 54.72 27.06 24.16
CA ARG NB 123 56.05 27.31 24.66
C ARG NB 123 56.12 28.73 25.20
N GLN NB 124 57.03 28.95 26.13
CA GLN NB 124 57.25 30.29 26.71
C GLN NB 124 58.73 30.48 27.04
N ALA NB 125 59.30 31.59 26.56
CA ALA NB 125 60.74 31.79 26.56
C ALA NB 125 61.20 32.46 27.85
N VAL NB 126 62.22 31.86 28.48
CA VAL NB 126 62.92 32.41 29.64
C VAL NB 126 64.39 32.53 29.28
N ASP NB 127 65.04 33.58 29.79
CA ASP NB 127 66.45 33.80 29.51
C ASP NB 127 67.29 32.65 30.05
N VAL NB 128 68.10 32.06 29.19
CA VAL NB 128 69.01 31.00 29.59
C VAL NB 128 69.97 31.55 30.63
N SER NB 129 70.01 30.89 31.78
CA SER NB 129 71.01 31.21 32.78
C SER NB 129 72.39 30.98 32.18
N PRO NB 130 73.33 31.93 32.35
CA PRO NB 130 74.59 31.84 31.61
C PRO NB 130 75.33 30.53 31.84
N LEU NB 131 75.22 29.94 33.02
CA LEU NB 131 75.83 28.63 33.23
C LEU NB 131 75.22 27.57 32.33
N ARG NB 132 73.89 27.50 32.27
CA ARG NB 132 73.29 26.53 31.36
C ARG NB 132 73.67 26.85 29.93
N ARG NB 133 73.89 28.14 29.61
CA ARG NB 133 74.32 28.49 28.26
C ARG NB 133 75.67 27.88 27.93
N VAL NB 134 76.68 28.13 28.77
CA VAL NB 134 78.01 27.62 28.50
C VAL NB 134 78.01 26.10 28.48
N ASN NB 135 77.21 25.49 29.35
CA ASN NB 135 77.15 24.03 29.35
C ASN NB 135 76.46 23.49 28.11
N GLN NB 136 75.40 24.14 27.63
CA GLN NB 136 74.82 23.71 26.36
C GLN NB 136 75.86 23.79 25.25
N ALA NB 137 76.62 24.89 25.21
CA ALA NB 137 77.62 25.03 24.15
C ALA NB 137 78.65 23.90 24.22
N ILE NB 138 79.27 23.70 25.39
CA ILE NB 138 80.34 22.70 25.51
C ILE NB 138 79.78 21.29 25.31
N TRP NB 139 78.67 20.99 25.97
CA TRP NB 139 78.09 19.65 26.04
C TRP NB 139 77.09 19.40 24.92
N LEU NB 140 77.06 20.27 23.92
CA LEU NB 140 76.54 19.90 22.60
C LEU NB 140 77.61 19.95 21.52
N LEU NB 141 78.70 20.69 21.74
CA LEU NB 141 79.88 20.50 20.90
C LEU NB 141 80.50 19.13 21.13
N CYS NB 142 80.44 18.62 22.35
CA CYS NB 142 80.85 17.23 22.59
C CYS NB 142 79.93 16.25 21.87
N THR NB 143 78.62 16.53 21.86
CA THR NB 143 77.69 15.71 21.10
C THR NB 143 78.04 15.73 19.62
N GLY NB 144 78.40 16.89 19.09
CA GLY NB 144 78.83 16.97 17.70
C GLY NB 144 80.14 16.23 17.46
N ALA NB 145 81.07 16.31 18.40
CA ALA NB 145 82.34 15.61 18.23
C ALA NB 145 82.16 14.10 18.23
N ARG NB 146 81.15 13.61 18.95
CA ARG NB 146 80.81 12.20 18.84
C ARG NB 146 80.09 11.89 17.53
N GLU NB 147 79.12 12.73 17.13
CA GLU NB 147 78.40 12.47 15.89
C GLU NB 147 79.33 12.55 14.68
N ALA NB 148 80.47 13.23 14.82
CA ALA NB 148 81.41 13.29 13.71
C ALA NB 148 82.27 12.03 13.63
N ALA NB 149 83.08 11.77 14.66
CA ALA NB 149 83.95 10.61 14.67
C ALA NB 149 83.17 9.30 14.82
N PHE NB 150 81.84 9.36 14.91
CA PHE NB 150 81.04 8.14 14.84
C PHE NB 150 80.73 7.77 13.40
N ARG NB 151 80.31 8.76 12.59
CA ARG NB 151 79.89 8.54 11.22
C ARG NB 151 80.82 9.26 10.23
N ASN NB 152 82.11 9.30 10.54
CA ASN NB 152 83.09 9.88 9.62
C ASN NB 152 84.40 9.11 9.73
N ILE NB 153 85.45 9.68 9.17
CA ILE NB 153 86.78 9.07 9.23
C ILE NB 153 87.58 9.65 10.39
N LYS NB 154 87.43 10.94 10.64
CA LYS NB 154 88.29 11.65 11.58
C LYS NB 154 88.18 11.07 12.98
N THR NB 155 89.31 11.05 13.67
CA THR NB 155 89.36 10.53 15.02
C THR NB 155 88.79 11.57 15.99
N ILE NB 156 88.80 11.23 17.28
CA ILE NB 156 88.13 12.05 18.27
C ILE NB 156 88.78 13.43 18.37
N ALA NB 157 90.10 13.46 18.52
CA ALA NB 157 90.81 14.72 18.68
C ALA NB 157 90.70 15.58 17.43
N GLU NB 158 90.82 14.96 16.25
CA GLU NB 158 90.72 15.73 15.02
C GLU NB 158 89.33 16.32 14.84
N CYS NB 159 88.28 15.55 15.15
CA CYS NB 159 86.92 16.08 15.10
C CYS NB 159 86.74 17.25 16.07
N LEU NB 160 87.26 17.09 17.30
CA LEU NB 160 87.09 18.14 18.31
C LEU NB 160 87.82 19.41 17.90
N ALA NB 161 89.04 19.27 17.37
CA ALA NB 161 89.81 20.43 16.94
C ALA NB 161 89.16 21.11 15.74
N ASP NB 162 88.61 20.35 14.80
CA ASP NB 162 87.88 20.95 13.69
C ASP NB 162 86.68 21.74 14.20
N GLU NB 163 85.96 21.18 15.16
CA GLU NB 163 84.81 21.88 15.72
C GLU NB 163 85.21 23.18 16.41
N LEU NB 164 86.29 23.15 17.20
CA LEU NB 164 86.74 24.37 17.88
C LEU NB 164 87.34 25.39 16.92
N ILE NB 165 87.86 24.94 15.78
CA ILE NB 165 88.19 25.89 14.72
C ILE NB 165 86.92 26.58 14.23
N ASN NB 166 86.01 25.78 13.68
CA ASN NB 166 84.92 26.31 12.87
C ASN NB 166 83.73 26.78 13.69
N ALA NB 167 83.80 26.73 15.02
CA ALA NB 167 82.73 27.28 15.84
C ALA NB 167 82.82 28.80 15.91
N ALA NB 168 83.88 29.32 16.50
CA ALA NB 168 84.10 30.77 16.52
C ALA NB 168 84.63 31.26 15.18
N LYS NB 169 85.44 30.44 14.50
CA LYS NB 169 86.05 30.84 13.23
C LYS NB 169 85.27 30.30 12.04
N GLY NB 170 83.94 30.23 12.14
CA GLY NB 170 83.11 29.78 11.05
C GLY NB 170 81.66 29.81 11.48
N SER NB 171 80.78 30.05 10.50
CA SER NB 171 79.36 30.16 10.76
C SER NB 171 78.61 29.00 10.12
N SER NB 172 77.65 28.46 10.88
CA SER NB 172 76.91 27.25 10.50
C SER NB 172 77.84 26.06 10.30
N ASN NB 173 78.88 25.97 11.14
CA ASN NB 173 79.85 24.89 11.09
C ASN NB 173 79.89 24.11 12.40
N SER NB 174 78.72 23.81 12.96
CA SER NB 174 78.64 22.99 14.17
C SER NB 174 77.20 22.59 14.43
N TYR NB 175 77.05 21.36 14.94
CA TYR NB 175 75.75 20.94 15.45
C TYR NB 175 75.28 21.88 16.54
N ALA NB 176 76.19 22.32 17.39
CA ALA NB 176 75.85 23.32 18.40
C ALA NB 176 75.47 24.65 17.76
N ILE NB 177 76.17 25.05 16.69
CA ILE NB 177 75.91 26.36 16.13
C ILE NB 177 74.61 26.36 15.33
N LYS NB 178 74.04 25.19 15.04
CA LYS NB 178 72.65 25.19 14.56
C LYS NB 178 71.64 25.04 15.70
N LYS NB 179 71.97 24.28 16.75
CA LYS NB 179 71.09 24.25 17.92
C LYS NB 179 70.87 25.66 18.45
N LYS NB 180 71.88 26.51 18.34
CA LYS NB 180 71.79 27.87 18.85
C LYS NB 180 70.67 28.64 18.16
N ASP NB 181 70.68 28.68 16.82
CA ASP NB 181 69.66 29.46 16.13
C ASP NB 181 68.30 28.80 16.31
N GLU NB 182 68.24 27.47 16.30
CA GLU NB 182 66.97 26.80 16.55
C GLU NB 182 66.36 27.30 17.86
N LEU NB 183 67.14 27.25 18.95
CA LEU NB 183 66.60 27.61 20.25
C LEU NB 183 66.19 29.07 20.30
N GLU NB 184 67.00 29.96 19.71
CA GLU NB 184 66.71 31.39 19.85
C GLU NB 184 65.50 31.81 19.01
N ARG NB 185 65.35 31.26 17.79
CA ARG NB 185 64.17 31.56 16.98
C ARG NB 185 62.91 30.94 17.59
N VAL NB 186 63.05 29.74 18.17
CA VAL NB 186 61.95 29.15 18.92
C VAL NB 186 61.53 30.09 20.05
N ALA NB 187 62.51 30.65 20.76
CA ALA NB 187 62.21 31.59 21.83
C ALA NB 187 61.51 32.84 21.31
N LYS NB 188 61.98 33.38 20.19
CA LYS NB 188 61.31 34.51 19.57
C LYS NB 188 59.84 34.24 19.31
N SER NB 189 59.54 33.29 18.43
CA SER NB 189 58.14 33.13 18.06
C SER NB 189 57.29 32.49 19.15
N ASN NB 190 57.91 31.89 20.17
CA ASN NB 190 57.20 31.17 21.22
C ASN NB 190 57.22 31.93 22.54
N ARG NB 191 57.69 33.18 22.53
CA ARG NB 191 57.65 34.07 23.69
C ARG NB 191 56.41 33.91 24.57
N MET OB 1 -78.67 -46.30 36.98
CA MET OB 1 -79.23 -45.29 37.87
C MET OB 1 -79.85 -45.94 39.10
N LYS OB 2 -79.00 -46.45 39.97
CA LYS OB 2 -79.46 -47.05 41.23
C LYS OB 2 -80.11 -45.95 42.06
N LEU OB 3 -81.42 -46.00 42.20
CA LEU OB 3 -82.20 -44.95 42.85
C LEU OB 3 -82.95 -45.50 44.05
N ASN OB 4 -83.10 -44.67 45.07
CA ASN OB 4 -83.72 -45.07 46.32
C ASN OB 4 -85.17 -44.65 46.31
N ILE OB 5 -86.06 -45.64 46.36
CA ILE OB 5 -87.49 -45.39 46.59
C ILE OB 5 -87.70 -45.10 48.06
N SER OB 6 -88.44 -44.02 48.35
CA SER OB 6 -88.85 -43.68 49.70
C SER OB 6 -90.37 -43.78 49.81
N PHE OB 7 -90.82 -44.76 50.57
CA PHE OB 7 -92.20 -44.82 51.06
C PHE OB 7 -92.36 -43.80 52.17
N PRO OB 8 -93.28 -42.84 52.03
CA PRO OB 8 -93.33 -41.70 52.95
C PRO OB 8 -94.25 -41.83 54.16
N ALA OB 9 -95.17 -42.79 54.19
CA ALA OB 9 -96.06 -42.88 55.35
C ALA OB 9 -95.34 -43.46 56.57
N THR OB 10 -94.49 -44.47 56.39
CA THR OB 10 -93.69 -44.99 57.49
C THR OB 10 -92.21 -44.60 57.41
N GLY OB 11 -91.72 -44.19 56.24
CA GLY OB 11 -90.34 -43.79 56.11
C GLY OB 11 -89.43 -44.94 55.73
N CYS OB 12 -89.81 -45.68 54.70
CA CYS OB 12 -89.04 -46.84 54.25
C CYS OB 12 -88.30 -46.52 52.96
N GLN OB 13 -87.18 -47.20 52.72
CA GLN OB 13 -86.43 -46.96 51.49
C GLN OB 13 -85.88 -48.26 50.91
N LYS OB 14 -85.67 -48.23 49.59
CA LYS OB 14 -85.40 -49.40 48.79
C LYS OB 14 -84.49 -49.01 47.63
N LEU OB 15 -83.80 -49.99 47.07
CA LEU OB 15 -82.84 -49.76 45.98
C LEU OB 15 -83.38 -50.36 44.69
N ILE OB 16 -83.47 -49.53 43.65
CA ILE OB 16 -83.91 -49.95 42.33
C ILE OB 16 -82.74 -49.70 41.38
N GLU OB 17 -82.31 -50.75 40.67
CA GLU OB 17 -81.25 -50.59 39.69
C GLU OB 17 -81.88 -50.54 38.30
N VAL OB 18 -82.03 -49.34 37.77
CA VAL OB 18 -82.75 -49.11 36.51
C VAL OB 18 -81.76 -49.18 35.35
N ASP OB 19 -81.99 -50.12 34.44
CA ASP OB 19 -81.09 -50.36 33.31
C ASP OB 19 -81.83 -50.26 31.98
N ASP OB 20 -82.87 -49.41 31.91
CA ASP OB 20 -83.71 -49.32 30.73
C ASP OB 20 -84.10 -47.87 30.49
N GLU OB 21 -83.73 -47.35 29.32
CA GLU OB 21 -83.83 -45.93 29.04
C GLU OB 21 -85.29 -45.46 29.08
N ARG OB 22 -86.20 -46.29 28.56
CA ARG OB 22 -87.62 -45.92 28.56
C ARG OB 22 -88.15 -45.74 29.98
N LYS OB 23 -87.75 -46.62 30.89
CA LYS OB 23 -88.05 -46.45 32.30
C LYS OB 23 -87.22 -45.34 32.93
N LEU OB 24 -86.23 -44.83 32.21
CA LEU OB 24 -85.44 -43.68 32.67
C LEU OB 24 -85.90 -42.35 32.08
N ARG OB 25 -86.88 -42.33 31.18
CA ARG OB 25 -87.21 -41.10 30.47
C ARG OB 25 -87.53 -39.96 31.43
N THR OB 26 -88.45 -40.19 32.37
CA THR OB 26 -88.82 -39.14 33.31
C THR OB 26 -87.68 -38.77 34.25
N PHE OB 27 -86.55 -39.44 34.15
CA PHE OB 27 -85.35 -39.10 34.91
C PHE OB 27 -84.26 -38.49 34.03
N TYR OB 28 -84.66 -37.83 32.94
CA TYR OB 28 -83.75 -37.03 32.11
C TYR OB 28 -84.27 -35.60 32.06
N GLU OB 29 -83.39 -34.64 32.34
CA GLU OB 29 -83.71 -33.20 32.26
C GLU OB 29 -84.80 -32.83 33.26
N LYS OB 30 -84.80 -33.47 34.43
CA LYS OB 30 -85.73 -33.10 35.49
C LYS OB 30 -84.96 -32.79 36.77
N ARG OB 31 -85.18 -31.58 37.28
CA ARG OB 31 -84.45 -31.03 38.41
C ARG OB 31 -84.89 -31.66 39.73
N MET OB 32 -84.27 -31.22 40.83
CA MET OB 32 -84.31 -31.92 42.11
C MET OB 32 -85.44 -31.43 42.99
N ALA OB 33 -86.00 -32.36 43.77
CA ALA OB 33 -87.17 -32.10 44.63
C ALA OB 33 -88.37 -31.66 43.79
N THR OB 34 -88.77 -32.51 42.84
CA THR OB 34 -89.87 -32.20 41.92
C THR OB 34 -90.84 -33.37 41.84
N GLU OB 35 -92.11 -33.05 41.51
CA GLU OB 35 -93.18 -34.02 41.30
C GLU OB 35 -93.57 -33.95 39.82
N VAL OB 36 -92.81 -34.64 38.97
CA VAL OB 36 -93.08 -34.72 37.55
C VAL OB 36 -93.64 -36.11 37.27
N ALA OB 37 -94.46 -36.23 36.22
CA ALA OB 37 -95.21 -37.45 35.94
C ALA OB 37 -94.31 -38.67 36.03
N ALA OB 38 -94.60 -39.54 36.99
CA ALA OB 38 -93.70 -40.63 37.37
C ALA OB 38 -94.27 -41.99 36.99
N ASP OB 39 -95.26 -41.98 36.11
CA ASP OB 39 -95.90 -43.21 35.69
C ASP OB 39 -94.99 -44.08 34.83
N ALA OB 40 -93.91 -43.51 34.29
CA ALA OB 40 -93.08 -44.19 33.30
C ALA OB 40 -92.11 -45.20 33.91
N LEU OB 41 -92.34 -45.64 35.15
CA LEU OB 41 -91.44 -46.61 35.75
C LEU OB 41 -91.69 -48.01 35.20
N GLY OB 42 -92.87 -48.55 35.47
CA GLY OB 42 -93.23 -49.88 34.99
C GLY OB 42 -94.69 -50.13 35.27
N GLU OB 43 -95.19 -51.20 34.66
CA GLU OB 43 -96.62 -51.50 34.73
C GLU OB 43 -97.13 -51.64 36.16
N GLU OB 44 -96.30 -52.16 37.07
CA GLU OB 44 -96.69 -52.27 38.47
C GLU OB 44 -96.35 -51.02 39.27
N TRP OB 45 -95.71 -50.03 38.64
CA TRP OB 45 -95.52 -48.72 39.25
C TRP OB 45 -96.10 -47.60 38.42
N LYS OB 46 -96.73 -47.91 37.28
CA LYS OB 46 -97.29 -46.89 36.41
C LYS OB 46 -98.52 -46.30 37.09
N GLY OB 47 -98.30 -45.34 37.97
CA GLY OB 47 -99.29 -44.87 38.91
C GLY OB 47 -98.65 -44.45 40.22
N TYR OB 48 -97.39 -44.81 40.38
CA TYR OB 48 -96.58 -44.34 41.50
C TYR OB 48 -96.06 -42.95 41.18
N VAL OB 49 -96.50 -41.95 41.95
CA VAL OB 49 -96.18 -40.55 41.69
C VAL OB 49 -95.07 -40.12 42.63
N VAL OB 50 -93.97 -39.61 42.08
CA VAL OB 50 -92.75 -39.38 42.85
C VAL OB 50 -92.53 -37.89 43.06
N ARG OB 51 -92.03 -37.57 44.26
CA ARG OB 51 -91.27 -36.35 44.52
C ARG OB 51 -89.80 -36.76 44.45
N ILE OB 52 -89.22 -36.65 43.27
CA ILE OB 52 -87.83 -37.04 43.06
C ILE OB 52 -86.93 -35.98 43.68
N SER OB 53 -86.11 -36.40 44.65
CA SER OB 53 -85.29 -35.47 45.42
C SER OB 53 -83.88 -35.33 44.83
N GLY OB 54 -83.74 -35.45 43.52
CA GLY OB 54 -82.43 -35.50 42.93
C GLY OB 54 -81.73 -36.78 43.30
N GLY OB 55 -80.42 -36.68 43.45
CA GLY OB 55 -79.62 -37.83 43.80
C GLY OB 55 -78.14 -37.52 43.93
N ASN OB 56 -77.32 -38.33 43.27
CA ASN OB 56 -75.87 -38.15 43.29
C ASN OB 56 -75.39 -38.50 41.89
N ASP OB 57 -74.45 -37.73 41.35
CA ASP OB 57 -74.14 -37.84 39.93
C ASP OB 57 -73.24 -39.05 39.66
N LYS OB 58 -72.66 -39.08 38.46
CA LYS OB 58 -71.67 -40.09 38.13
C LYS OB 58 -70.40 -39.87 38.95
N GLN OB 59 -69.75 -40.98 39.31
CA GLN OB 59 -68.59 -40.99 40.21
C GLN OB 59 -68.98 -40.34 41.55
N GLY OB 60 -70.18 -40.68 42.02
CA GLY OB 60 -70.57 -40.51 43.40
C GLY OB 60 -70.64 -39.10 43.94
N PHE OB 61 -70.34 -38.09 43.15
CA PHE OB 61 -70.43 -36.71 43.66
C PHE OB 61 -71.88 -36.33 43.89
N PRO OB 62 -72.25 -35.94 45.10
CA PRO OB 62 -73.66 -35.62 45.35
C PRO OB 62 -74.14 -34.42 44.58
N MET OB 63 -75.45 -34.38 44.37
CA MET OB 63 -76.13 -33.27 43.71
C MET OB 63 -76.30 -32.11 44.69
N LYS OB 64 -77.10 -31.13 44.32
CA LYS OB 64 -77.64 -30.20 45.30
C LYS OB 64 -78.94 -29.63 44.76
N GLN OB 65 -79.54 -28.73 45.53
CA GLN OB 65 -80.86 -28.20 45.21
C GLN OB 65 -80.71 -26.85 44.48
N GLY OB 66 -81.34 -26.75 43.32
CA GLY OB 66 -81.41 -25.51 42.59
C GLY OB 66 -80.12 -24.93 42.09
N VAL OB 67 -79.04 -25.73 42.00
CA VAL OB 67 -77.82 -25.24 41.40
C VAL OB 67 -78.03 -24.87 39.93
N LEU OB 68 -79.06 -25.44 39.30
CA LEU OB 68 -79.51 -25.15 37.93
C LEU OB 68 -78.55 -25.66 36.87
N THR OB 69 -77.40 -26.21 37.27
CA THR OB 69 -76.35 -26.59 36.35
C THR OB 69 -76.57 -28.00 35.85
N HIS OB 70 -76.26 -28.21 34.58
CA HIS OB 70 -76.43 -29.49 33.92
C HIS OB 70 -75.18 -30.37 33.98
N GLY OB 71 -74.03 -29.82 34.37
CA GLY OB 71 -72.79 -30.57 34.40
C GLY OB 71 -72.01 -30.32 35.67
N ARG OB 72 -70.87 -31.01 35.77
CA ARG OB 72 -70.01 -30.86 36.93
C ARG OB 72 -69.47 -29.43 37.01
N VAL OB 73 -69.39 -28.92 38.23
CA VAL OB 73 -68.75 -27.64 38.50
C VAL OB 73 -68.00 -27.76 39.82
N ARG OB 74 -67.26 -26.72 40.16
CA ARG OB 74 -66.61 -26.60 41.46
C ARG OB 74 -67.06 -25.29 42.11
N LEU OB 75 -67.73 -25.40 43.26
CA LEU OB 75 -68.65 -24.38 43.73
C LEU OB 75 -68.36 -24.05 45.18
N LEU OB 76 -68.66 -22.81 45.58
CA LEU OB 76 -68.38 -22.34 46.94
C LEU OB 76 -69.56 -22.66 47.85
N LEU OB 77 -69.25 -23.23 49.00
CA LEU OB 77 -70.26 -23.63 49.96
C LEU OB 77 -70.02 -22.89 51.27
N SER OB 78 -70.77 -23.27 52.30
CA SER OB 78 -70.62 -22.66 53.61
C SER OB 78 -71.24 -23.58 54.66
N LYS OB 79 -70.93 -23.31 55.92
CA LYS OB 79 -71.50 -24.06 57.03
C LYS OB 79 -73.02 -23.91 57.04
N GLY OB 80 -73.69 -25.00 57.40
CA GLY OB 80 -75.12 -24.93 57.60
C GLY OB 80 -75.92 -24.94 56.32
N HIS OB 81 -75.74 -25.96 55.47
CA HIS OB 81 -76.52 -26.14 54.26
C HIS OB 81 -76.65 -27.63 54.00
N SER OB 82 -77.07 -27.96 52.78
CA SER OB 82 -77.21 -29.35 52.36
C SER OB 82 -75.90 -29.83 51.72
N CYS OB 83 -75.92 -31.08 51.26
CA CYS OB 83 -74.84 -31.71 50.49
C CYS OB 83 -73.51 -31.75 51.24
N TYR OB 84 -73.48 -31.36 52.51
CA TYR OB 84 -72.22 -31.42 53.24
C TYR OB 84 -72.51 -31.51 54.73
N ARG OB 85 -71.51 -31.99 55.45
CA ARG OB 85 -71.47 -31.93 56.91
C ARG OB 85 -70.09 -31.37 57.27
N PRO OB 86 -70.01 -30.14 57.77
CA PRO OB 86 -68.69 -29.52 57.99
C PRO OB 86 -67.89 -30.22 59.08
N ARG OB 87 -66.72 -29.66 59.37
CA ARG OB 87 -65.78 -30.27 60.29
C ARG OB 87 -65.43 -29.39 61.48
N ARG OB 88 -66.01 -28.20 61.60
CA ARG OB 88 -65.60 -27.27 62.64
C ARG OB 88 -66.66 -26.18 62.71
N THR OB 89 -66.39 -25.12 63.46
CA THR OB 89 -67.33 -24.03 63.70
C THR OB 89 -66.82 -22.78 62.99
N GLY OB 90 -67.32 -22.52 61.79
CA GLY OB 90 -66.85 -21.42 60.98
C GLY OB 90 -66.03 -21.79 59.76
N GLU OB 91 -66.03 -23.07 59.37
CA GLU OB 91 -65.19 -23.55 58.27
C GLU OB 91 -65.96 -23.59 56.96
N ARG OB 92 -65.39 -23.01 55.91
CA ARG OB 92 -65.98 -22.97 54.58
C ARG OB 92 -64.98 -23.54 53.58
N LYS OB 93 -65.33 -24.68 52.98
CA LYS OB 93 -64.39 -25.45 52.16
C LYS OB 93 -64.91 -25.55 50.73
N ARG OB 94 -63.96 -25.50 49.79
CA ARG OB 94 -64.26 -25.58 48.36
C ARG OB 94 -64.50 -27.04 47.98
N LYS OB 95 -65.76 -27.39 47.70
CA LYS OB 95 -66.14 -28.73 47.30
C LYS OB 95 -66.93 -28.69 46.00
N SER OB 96 -67.00 -29.83 45.33
CA SER OB 96 -67.76 -29.98 44.11
C SER OB 96 -69.14 -30.56 44.40
N VAL OB 97 -70.17 -29.84 43.98
CA VAL OB 97 -71.55 -30.31 44.08
C VAL OB 97 -72.02 -30.61 42.66
N ARG OB 98 -73.20 -31.19 42.53
CA ARG OB 98 -73.79 -31.45 41.24
C ARG OB 98 -75.11 -30.69 41.11
N GLY OB 99 -75.38 -30.23 39.89
CA GLY OB 99 -76.59 -29.46 39.66
C GLY OB 99 -77.84 -30.28 39.87
N CYS OB 100 -78.92 -29.57 40.19
CA CYS OB 100 -80.17 -30.21 40.58
C CYS OB 100 -80.81 -31.01 39.46
N ILE OB 101 -80.35 -30.83 38.21
CA ILE OB 101 -80.93 -31.57 37.09
C ILE OB 101 -80.22 -32.91 36.93
N VAL OB 102 -80.91 -33.85 36.27
CA VAL OB 102 -80.38 -35.17 35.98
C VAL OB 102 -80.31 -35.32 34.45
N ASP OB 103 -79.12 -35.62 33.93
CA ASP OB 103 -78.84 -35.59 32.50
C ASP OB 103 -78.07 -36.81 32.04
N ALA OB 104 -78.19 -37.93 32.76
CA ALA OB 104 -77.43 -39.17 32.51
C ALA OB 104 -75.95 -38.99 32.83
N ASN OB 105 -75.63 -38.00 33.66
CA ASN OB 105 -74.36 -37.94 34.36
C ASN OB 105 -74.46 -38.50 35.76
N LEU OB 106 -75.39 -39.41 36.00
CA LEU OB 106 -75.68 -39.92 37.32
C LEU OB 106 -75.76 -41.43 37.28
N SER OB 107 -75.04 -42.08 38.21
CA SER OB 107 -75.16 -43.51 38.40
C SER OB 107 -76.09 -43.86 39.55
N VAL OB 108 -76.48 -42.89 40.37
CA VAL OB 108 -77.44 -43.09 41.45
C VAL OB 108 -78.42 -41.93 41.48
N LEU OB 109 -79.54 -42.16 42.17
CA LEU OB 109 -80.66 -41.22 42.15
C LEU OB 109 -81.54 -41.48 43.37
N ASN OB 110 -82.41 -40.52 43.68
CA ASN OB 110 -83.25 -40.63 44.87
C ASN OB 110 -84.65 -40.09 44.61
N LEU OB 111 -85.66 -40.87 44.99
CA LEU OB 111 -87.05 -40.56 44.74
C LEU OB 111 -87.85 -40.83 46.02
N VAL OB 112 -88.88 -40.03 46.27
CA VAL OB 112 -89.81 -40.28 47.37
C VAL OB 112 -91.20 -40.39 46.77
N ILE OB 113 -91.74 -41.60 46.70
CA ILE OB 113 -93.00 -41.76 45.99
C ILE OB 113 -94.13 -41.32 46.92
N VAL OB 114 -94.88 -40.30 46.51
CA VAL OB 114 -95.82 -39.62 47.40
C VAL OB 114 -97.24 -40.11 47.17
N LYS OB 115 -97.80 -39.84 46.00
CA LYS OB 115 -99.22 -40.11 45.72
C LYS OB 115 -99.32 -41.48 45.04
N LYS OB 116 -99.13 -42.53 45.85
CA LYS OB 116 -99.27 -43.90 45.36
C LYS OB 116 -100.71 -44.11 44.93
N GLY OB 117 -100.94 -44.19 43.62
CA GLY OB 117 -102.29 -44.23 43.09
C GLY OB 117 -102.81 -45.62 42.79
N GLU OB 118 -102.75 -45.99 41.51
CA GLU OB 118 -103.38 -47.19 40.99
C GLU OB 118 -102.53 -48.44 41.14
N LYS OB 119 -101.32 -48.32 41.68
CA LYS OB 119 -100.36 -49.42 41.69
C LYS OB 119 -99.84 -49.70 43.09
N ASP OB 120 -99.36 -50.92 43.28
CA ASP OB 120 -98.66 -51.31 44.49
C ASP OB 120 -97.77 -52.50 44.18
N ILE OB 121 -96.66 -52.61 44.91
CA ILE OB 121 -95.64 -53.61 44.63
C ILE OB 121 -95.70 -54.67 45.74
N PRO OB 122 -95.40 -55.95 45.44
CA PRO OB 122 -95.25 -56.92 46.52
C PRO OB 122 -93.95 -56.77 47.29
N GLY OB 123 -94.00 -56.17 48.48
CA GLY OB 123 -92.79 -55.93 49.24
C GLY OB 123 -92.71 -54.59 49.93
N LEU OB 124 -93.63 -53.66 49.65
CA LEU OB 124 -93.59 -52.34 50.27
C LEU OB 124 -94.80 -52.02 51.13
N THR OB 125 -96.02 -52.13 50.59
CA THR OB 125 -97.23 -51.86 51.35
C THR OB 125 -97.67 -53.05 52.18
N ASP OB 126 -96.84 -54.09 52.26
CA ASP OB 126 -97.14 -55.31 53.00
C ASP OB 126 -96.14 -55.58 54.13
N THR OB 127 -95.22 -54.65 54.39
CA THR OB 127 -94.27 -54.75 55.49
C THR OB 127 -94.04 -53.35 56.05
N THR OB 128 -93.35 -53.28 57.20
CA THR OB 128 -93.14 -52.01 57.89
C THR OB 128 -91.78 -52.00 58.58
N VAL OB 129 -91.15 -50.84 58.61
CA VAL OB 129 -89.87 -50.65 59.28
C VAL OB 129 -90.14 -50.28 60.74
N PRO OB 130 -89.53 -50.96 61.70
CA PRO OB 130 -89.77 -50.61 63.11
C PRO OB 130 -89.08 -49.31 63.48
N ARG OB 131 -89.81 -48.44 64.16
CA ARG OB 131 -89.29 -47.13 64.50
C ARG OB 131 -88.12 -47.22 65.47
N ARG OB 132 -87.21 -46.26 65.37
CA ARG OB 132 -86.11 -46.09 66.32
C ARG OB 132 -86.58 -45.27 67.51
N LEU OB 133 -85.64 -44.73 68.27
CA LEU OB 133 -85.97 -43.96 69.45
C LEU OB 133 -86.95 -42.85 69.10
N GLY OB 134 -88.19 -42.96 69.58
CA GLY OB 134 -89.26 -42.11 69.14
C GLY OB 134 -89.63 -41.02 70.12
N PRO OB 135 -90.84 -41.07 70.65
CA PRO OB 135 -91.39 -39.90 71.35
C PRO OB 135 -90.71 -39.63 72.69
N LYS OB 136 -90.30 -38.37 72.87
CA LYS OB 136 -89.65 -37.96 74.11
C LYS OB 136 -90.12 -36.59 74.59
N ARG OB 137 -91.33 -36.16 74.21
CA ARG OB 137 -91.89 -34.88 74.65
C ARG OB 137 -93.30 -35.12 75.15
N ALA OB 138 -93.89 -34.08 75.75
CA ALA OB 138 -95.26 -34.13 76.25
C ALA OB 138 -96.30 -34.03 75.15
N SER OB 139 -95.95 -33.47 74.00
CA SER OB 139 -96.89 -33.37 72.89
C SER OB 139 -97.31 -34.76 72.41
N ARG OB 140 -96.34 -35.67 72.28
CA ARG OB 140 -96.59 -36.99 71.73
C ARG OB 140 -97.55 -37.77 72.60
N ILE OB 141 -97.58 -37.48 73.90
CA ILE OB 141 -98.57 -38.06 74.79
C ILE OB 141 -99.91 -37.34 74.65
N ARG OB 142 -99.91 -36.03 74.96
CA ARG OB 142 -101.16 -35.32 75.17
C ARG OB 142 -101.96 -35.15 73.87
N LYS OB 143 -101.30 -34.67 72.81
CA LYS OB 143 -102.05 -34.35 71.59
C LYS OB 143 -102.42 -35.60 70.81
N LEU OB 144 -101.65 -36.67 70.97
CA LEU OB 144 -102.08 -37.96 70.40
C LEU OB 144 -103.22 -38.56 71.20
N PHE OB 145 -103.22 -38.37 72.52
CA PHE OB 145 -104.23 -38.99 73.38
C PHE OB 145 -105.40 -38.07 73.68
N ASN OB 146 -105.49 -36.92 73.00
CA ASN OB 146 -106.61 -35.99 73.16
C ASN OB 146 -106.78 -35.55 74.62
N LEU OB 147 -105.66 -35.24 75.27
CA LEU OB 147 -105.63 -34.95 76.70
C LEU OB 147 -105.39 -33.46 76.97
N SER OB 148 -105.23 -33.16 78.25
CA SER OB 148 -105.03 -31.80 78.74
C SER OB 148 -104.15 -31.89 79.98
N LYS OB 149 -104.19 -30.85 80.81
CA LYS OB 149 -103.35 -30.82 82.01
C LYS OB 149 -103.91 -31.73 83.10
N GLU OB 150 -103.02 -32.11 84.02
CA GLU OB 150 -103.37 -32.79 85.28
C GLU OB 150 -104.07 -34.12 85.03
N ASP OB 151 -103.30 -35.08 84.52
CA ASP OB 151 -103.79 -36.45 84.46
C ASP OB 151 -102.66 -37.47 84.66
N ASP OB 152 -101.52 -37.03 85.22
CA ASP OB 152 -100.32 -37.85 85.33
C ASP OB 152 -99.92 -38.42 83.96
N VAL OB 153 -99.68 -37.50 83.03
CA VAL OB 153 -99.38 -37.86 81.64
C VAL OB 153 -97.97 -38.43 81.52
N ARG OB 154 -97.28 -38.60 82.64
CA ARG OB 154 -95.90 -39.09 82.60
C ARG OB 154 -95.80 -40.45 81.91
N GLN OB 155 -96.71 -41.38 82.23
CA GLN OB 155 -96.52 -42.78 81.82
C GLN OB 155 -97.63 -43.28 80.91
N TYR OB 156 -97.95 -42.55 79.84
CA TYR OB 156 -98.80 -43.07 78.79
C TYR OB 156 -98.07 -43.25 77.46
N VAL OB 157 -96.82 -42.82 77.35
CA VAL OB 157 -96.09 -42.73 76.10
C VAL OB 157 -95.67 -44.11 75.62
N VAL OB 158 -95.15 -44.19 74.40
CA VAL OB 158 -94.75 -45.47 73.82
C VAL OB 158 -93.73 -46.15 74.71
N ARG OB 159 -93.99 -47.41 75.03
CA ARG OB 159 -93.07 -48.26 75.76
C ARG OB 159 -92.54 -49.31 74.80
N LYS OB 160 -91.21 -49.35 74.65
CA LYS OB 160 -90.54 -50.08 73.60
C LYS OB 160 -89.92 -51.37 74.12
N PRO OB 161 -89.82 -52.40 73.27
CA PRO OB 161 -89.15 -53.64 73.65
C PRO OB 161 -87.69 -53.68 73.24
N LEU OB 162 -86.89 -54.33 74.08
CA LEU OB 162 -85.44 -54.42 73.89
C LEU OB 162 -84.99 -55.78 74.41
N ASN OB 163 -84.59 -56.70 73.51
CA ASN OB 163 -84.43 -58.10 73.90
C ASN OB 163 -83.19 -58.75 73.29
N LYS OB 164 -82.03 -58.12 73.38
CA LYS OB 164 -80.82 -58.67 72.78
C LYS OB 164 -79.65 -58.67 73.76
N GLU OB 165 -79.89 -59.15 74.98
CA GLU OB 165 -78.81 -59.29 75.96
C GLU OB 165 -78.78 -60.67 76.60
N GLY OB 166 -79.47 -61.64 76.00
CA GLY OB 166 -79.53 -62.99 76.52
C GLY OB 166 -80.58 -63.24 77.57
N LYS OB 167 -81.40 -62.24 77.90
CA LYS OB 167 -82.33 -62.33 79.02
C LYS OB 167 -83.60 -61.54 78.75
N LYS OB 168 -84.35 -61.24 79.82
CA LYS OB 168 -85.72 -60.76 79.69
C LYS OB 168 -85.80 -59.51 78.81
N PRO OB 169 -86.82 -59.43 77.96
CA PRO OB 169 -87.08 -58.19 77.22
C PRO OB 169 -87.36 -57.04 78.17
N ARG OB 170 -86.91 -55.86 77.78
CA ARG OB 170 -87.18 -54.64 78.51
C ARG OB 170 -88.25 -53.83 77.80
N THR OB 171 -89.25 -53.38 78.55
CA THR OB 171 -90.15 -52.32 78.13
C THR OB 171 -89.62 -51.02 78.73
N LYS OB 172 -89.25 -50.08 77.87
CA LYS OB 172 -88.62 -48.85 78.32
C LYS OB 172 -89.39 -47.65 77.81
N ALA OB 173 -89.17 -46.51 78.48
CA ALA OB 173 -89.81 -45.23 78.24
C ALA OB 173 -88.73 -44.16 78.25
N PRO OB 174 -89.02 -42.91 77.84
CA PRO OB 174 -87.95 -41.93 77.64
C PRO OB 174 -87.69 -41.04 78.85
N LYS OB 175 -86.63 -40.24 78.73
CA LYS OB 175 -86.35 -39.16 79.68
C LYS OB 175 -86.83 -37.87 79.04
N ILE OB 176 -87.85 -37.25 79.63
CA ILE OB 176 -88.56 -36.15 79.01
C ILE OB 176 -88.31 -34.89 79.85
N GLN OB 177 -88.83 -33.75 79.38
CA GLN OB 177 -88.79 -32.50 80.13
C GLN OB 177 -90.16 -31.82 80.07
N ARG OB 178 -90.24 -30.66 80.71
CA ARG OB 178 -91.34 -29.71 80.59
C ARG OB 178 -92.70 -30.39 80.74
N LEU OB 179 -92.95 -30.83 81.97
CA LEU OB 179 -94.25 -31.36 82.36
C LEU OB 179 -94.64 -30.77 83.71
N VAL OB 180 -95.94 -30.72 83.97
CA VAL OB 180 -96.44 -30.32 85.28
C VAL OB 180 -95.87 -31.26 86.34
N THR OB 181 -95.03 -30.73 87.22
CA THR OB 181 -94.37 -31.53 88.24
C THR OB 181 -94.24 -30.73 89.52
N PRO OB 182 -94.16 -31.41 90.67
CA PRO OB 182 -93.66 -30.74 91.88
C PRO OB 182 -92.26 -30.18 91.70
N ARG OB 183 -91.46 -30.77 90.81
CA ARG OB 183 -90.17 -30.19 90.48
C ARG OB 183 -90.33 -28.79 89.91
N VAL OB 184 -91.22 -28.64 88.93
CA VAL OB 184 -91.53 -27.33 88.35
C VAL OB 184 -92.07 -26.39 89.42
N LEU OB 185 -92.97 -26.91 90.28
CA LEU OB 185 -93.46 -26.14 91.42
C LEU OB 185 -92.31 -25.52 92.21
N GLN OB 186 -91.43 -26.37 92.77
CA GLN OB 186 -90.33 -25.92 93.61
C GLN OB 186 -89.43 -24.91 92.90
N HIS OB 187 -89.08 -25.21 91.64
CA HIS OB 187 -88.19 -24.32 90.91
C HIS OB 187 -88.81 -22.94 90.73
N LYS OB 188 -90.09 -22.90 90.35
CA LYS OB 188 -90.73 -21.60 90.15
C LYS OB 188 -90.91 -20.87 91.47
N ARG OB 189 -91.02 -21.59 92.59
CA ARG OB 189 -90.99 -20.92 93.88
C ARG OB 189 -89.66 -20.22 94.10
N ARG OB 190 -88.58 -21.00 94.20
CA ARG OB 190 -87.30 -20.46 94.68
C ARG OB 190 -86.70 -19.45 93.71
N ARG OB 191 -86.81 -19.74 92.40
CA ARG OB 191 -86.16 -18.92 91.38
C ARG OB 191 -86.50 -17.44 91.55
N ILE OB 192 -87.78 -17.13 91.79
CA ILE OB 192 -88.16 -15.74 92.03
C ILE OB 192 -88.20 -15.39 93.50
N ALA OB 193 -88.20 -16.38 94.40
CA ALA OB 193 -88.19 -16.09 95.84
C ALA OB 193 -86.90 -15.39 96.26
N LEU OB 194 -85.76 -15.83 95.69
CA LEU OB 194 -84.49 -15.20 96.03
C LEU OB 194 -84.52 -13.69 95.79
N LYS OB 195 -84.75 -13.29 94.53
CA LYS OB 195 -84.82 -11.88 94.21
C LYS OB 195 -86.01 -11.20 94.88
N LYS OB 196 -87.05 -11.96 95.23
CA LYS OB 196 -88.17 -11.39 95.97
C LYS OB 196 -87.70 -10.82 97.29
N GLN OB 197 -86.97 -11.61 98.08
CA GLN OB 197 -86.42 -11.08 99.32
C GLN OB 197 -85.39 -9.98 99.05
N ARG OB 198 -84.58 -10.16 98.01
CA ARG OB 198 -83.57 -9.15 97.65
C ARG OB 198 -84.20 -7.78 97.46
N THR OB 199 -85.35 -7.72 96.79
CA THR OB 199 -85.96 -6.45 96.44
C THR OB 199 -86.38 -5.68 97.68
N LYS OB 200 -87.10 -6.32 98.60
CA LYS OB 200 -87.52 -5.63 99.81
C LYS OB 200 -86.32 -5.19 100.63
N LYS OB 201 -85.29 -6.03 100.75
CA LYS OB 201 -84.11 -5.64 101.51
C LYS OB 201 -83.47 -4.38 100.92
N ASN OB 202 -83.21 -4.40 99.62
CA ASN OB 202 -82.47 -3.30 98.99
C ASN OB 202 -83.31 -2.03 98.98
N LYS OB 203 -84.62 -2.14 98.75
CA LYS OB 203 -85.48 -0.97 98.83
C LYS OB 203 -85.50 -0.37 100.23
N GLU OB 204 -85.57 -1.21 101.25
CA GLU OB 204 -85.73 -0.73 102.62
C GLU OB 204 -84.47 -0.03 103.12
N GLU OB 205 -83.29 -0.50 102.67
CA GLU OB 205 -82.07 0.18 103.12
C GLU OB 205 -81.73 1.43 102.31
N ALA OB 206 -82.43 1.67 101.19
CA ALA OB 206 -82.26 2.93 100.47
C ALA OB 206 -82.66 4.11 101.34
N ALA OB 207 -83.79 3.98 102.05
CA ALA OB 207 -84.16 4.99 103.03
C ALA OB 207 -83.24 4.98 104.24
N GLU OB 208 -82.57 3.86 104.54
CA GLU OB 208 -81.55 3.86 105.58
C GLU OB 208 -80.39 4.78 105.22
N TYR OB 209 -79.97 4.74 103.96
CA TYR OB 209 -78.93 5.66 103.52
C TYR OB 209 -79.47 7.09 103.41
N ALA OB 210 -80.73 7.23 102.98
CA ALA OB 210 -81.34 8.55 102.93
C ALA OB 210 -81.44 9.18 104.32
N LYS OB 211 -81.55 8.35 105.37
CA LYS OB 211 -81.49 8.87 106.75
C LYS OB 211 -80.21 9.66 106.95
N LEU OB 212 -79.08 9.09 106.55
CA LEU OB 212 -77.79 9.72 106.78
C LEU OB 212 -77.49 10.79 105.73
N LEU OB 213 -78.32 10.87 104.68
CA LEU OB 213 -78.21 11.98 103.72
C LEU OB 213 -79.02 13.20 104.17
N ALA OB 214 -80.15 12.97 104.84
CA ALA OB 214 -81.15 14.02 105.04
C ALA OB 214 -80.71 15.06 106.07
N LYS OB 215 -79.96 14.64 107.10
CA LYS OB 215 -79.50 15.61 108.08
C LYS OB 215 -78.49 16.57 107.45
N ARG OB 216 -77.69 16.08 106.49
CA ARG OB 216 -76.81 16.97 105.75
C ARG OB 216 -77.61 17.91 104.86
N MET OB 217 -78.65 17.34 104.20
CA MET OB 217 -79.61 18.17 103.47
C MET OB 217 -80.06 19.36 104.29
N LYS OB 218 -80.43 19.10 105.55
CA LYS OB 218 -80.88 20.17 106.44
C LYS OB 218 -79.76 21.11 106.87
N GLU OB 219 -78.61 20.58 107.30
CA GLU OB 219 -77.52 21.40 107.82
C GLU OB 219 -76.79 22.19 106.73
N ALA OB 220 -77.22 22.08 105.48
CA ALA OB 220 -76.64 22.88 104.39
C ALA OB 220 -76.55 24.39 104.67
N LYS OB 221 -77.24 24.90 105.69
CA LYS OB 221 -77.56 26.32 105.85
C LYS OB 221 -76.38 27.26 106.10
N GLU OB 222 -75.14 26.75 106.05
CA GLU OB 222 -73.99 27.53 106.51
C GLU OB 222 -73.77 28.80 105.70
N LYS OB 223 -74.23 28.87 104.46
CA LYS OB 223 -73.94 30.04 103.64
C LYS OB 223 -74.65 31.29 104.16
N ARG OB 224 -75.82 31.13 104.78
CA ARG OB 224 -76.47 32.27 105.42
C ARG OB 224 -75.63 32.82 106.56
N GLN OB 225 -75.04 31.94 107.36
CA GLN OB 225 -74.16 32.40 108.43
C GLN OB 225 -72.88 33.00 107.86
N GLU OB 226 -72.43 32.53 106.70
CA GLU OB 226 -71.26 33.17 106.07
C GLU OB 226 -71.59 34.56 105.55
N GLN OB 227 -72.81 34.76 105.07
CA GLN OB 227 -73.34 36.10 104.81
C GLN OB 227 -73.43 36.97 106.05
N ILE OB 228 -73.85 36.38 107.17
CA ILE OB 228 -73.84 37.11 108.44
C ILE OB 228 -72.43 37.59 108.75
N ALA OB 229 -71.46 36.68 108.70
CA ALA OB 229 -70.08 37.05 108.92
C ALA OB 229 -69.61 38.09 107.91
N LYS OB 230 -70.14 38.06 106.68
CA LYS OB 230 -69.73 39.05 105.67
C LYS OB 230 -70.24 40.45 106.02
N ARG OB 231 -71.50 40.57 106.41
CA ARG OB 231 -71.96 41.88 106.89
C ARG OB 231 -71.20 42.32 108.13
N ARG OB 232 -70.77 41.38 108.98
CA ARG OB 232 -69.92 41.76 110.10
C ARG OB 232 -68.55 42.25 109.64
N ARG OB 233 -68.02 41.65 108.58
CA ARG OB 233 -66.79 42.15 107.98
C ARG OB 233 -66.96 43.57 107.45
N LEU OB 234 -68.09 43.85 106.80
CA LEU OB 234 -68.31 45.20 106.29
C LEU OB 234 -68.49 46.18 107.43
N SER OB 235 -69.14 45.75 108.52
CA SER OB 235 -69.25 46.60 109.70
C SER OB 235 -67.88 46.90 110.30
N SER OB 236 -67.00 45.90 110.31
CA SER OB 236 -65.63 46.12 110.80
C SER OB 236 -64.88 47.11 109.93
N LEU OB 237 -64.92 46.93 108.61
CA LEU OB 237 -64.23 47.85 107.70
C LEU OB 237 -64.92 49.21 107.65
N PRO PB 1 113.62 7.33 66.25
CA PRO PB 1 114.83 8.10 65.96
C PRO PB 1 114.57 9.60 65.86
N LEU PB 2 115.52 10.35 65.27
CA LEU PB 2 115.41 11.80 65.19
C LEU PB 2 115.87 12.35 63.84
N GLN PB 3 115.94 11.54 62.78
CA GLN PB 3 116.70 11.92 61.60
C GLN PB 3 115.97 11.68 60.28
N SER PB 4 114.77 11.12 60.29
CA SER PB 4 114.01 10.87 59.07
C SER PB 4 112.55 10.74 59.47
N VAL PB 5 111.67 10.57 58.47
CA VAL PB 5 110.24 10.42 58.74
C VAL PB 5 109.65 9.33 57.86
N GLN PB 6 108.99 8.34 58.49
CA GLN PB 6 108.40 7.20 57.81
C GLN PB 6 106.95 7.08 58.29
N VAL PB 7 106.02 7.64 57.53
CA VAL PB 7 104.59 7.56 57.87
C VAL PB 7 103.81 7.33 56.58
N PHE PB 8 102.50 7.19 56.74
CA PHE PB 8 101.63 6.64 55.73
C PHE PB 8 100.96 7.70 54.87
N GLY PB 9 100.15 7.22 53.93
CA GLY PB 9 99.29 8.06 53.10
C GLY PB 9 98.56 7.16 52.11
N ARG PB 10 97.42 7.66 51.63
CA ARG PB 10 96.60 6.80 50.78
C ARG PB 10 95.45 7.58 50.16
N LYS PB 11 94.98 7.08 49.02
CA LYS PB 11 93.70 7.41 48.43
C LYS PB 11 92.64 6.61 49.20
N LYS PB 12 91.44 6.45 48.63
CA LYS PB 12 90.36 5.67 49.24
C LYS PB 12 90.88 4.40 49.93
N THR PB 13 91.60 3.54 49.21
CA THR PB 13 92.20 2.35 49.82
C THR PB 13 93.64 2.11 49.40
N ALA PB 14 94.10 2.57 48.25
CA ALA PB 14 95.46 2.32 47.80
C ALA PB 14 96.42 2.99 48.76
N THR PB 15 97.25 2.21 49.46
CA THR PB 15 98.02 2.71 50.59
C THR PB 15 99.50 2.65 50.31
N ALA PB 16 100.17 3.80 50.45
CA ALA PB 16 101.60 3.94 50.41
C ALA PB 16 102.09 4.41 51.78
N VAL PB 17 103.35 4.13 52.09
CA VAL PB 17 103.99 4.70 53.27
C VAL PB 17 105.31 5.31 52.81
N ALA PB 18 105.44 6.62 52.98
CA ALA PB 18 106.60 7.37 52.50
C ALA PB 18 107.57 7.66 53.65
N HIS PB 19 108.84 7.63 53.31
CA HIS PB 19 109.94 7.89 54.23
C HIS PB 19 110.85 8.91 53.57
N CYS PB 20 110.79 10.14 54.06
CA CYS PB 20 111.76 11.17 53.71
C CYS PB 20 113.00 10.99 54.57
N LYS PB 21 114.17 11.00 53.93
CA LYS PB 21 115.40 10.61 54.61
C LYS PB 21 116.51 11.61 54.34
N ARG PB 22 117.27 11.93 55.39
CA ARG PB 22 118.44 12.79 55.27
C ARG PB 22 119.49 12.13 54.39
N GLY PB 23 120.06 12.91 53.48
CA GLY PB 23 121.08 12.38 52.60
C GLY PB 23 121.57 13.32 51.51
N ASN PB 24 121.63 12.83 50.28
CA ASN PB 24 122.04 13.63 49.14
C ASN PB 24 120.87 14.25 48.39
N GLY PB 25 119.66 13.75 48.60
CA GLY PB 25 118.49 14.22 47.90
C GLY PB 25 118.14 13.29 46.76
N LEU PB 26 117.19 12.38 47.00
CA LEU PB 26 116.79 11.40 46.01
C LEU PB 26 115.31 11.10 46.21
N ILE PB 27 114.63 10.74 45.12
CA ILE PB 27 113.21 10.46 45.16
C ILE PB 27 112.99 9.08 44.55
N LYS PB 28 112.19 8.26 45.22
CA LYS PB 28 111.91 6.92 44.74
C LYS PB 28 110.55 6.47 45.23
N VAL PB 29 109.67 6.14 44.30
CA VAL PB 29 108.33 5.67 44.62
C VAL PB 29 108.26 4.17 44.32
N ASN PB 30 107.70 3.41 45.27
CA ASN PB 30 107.61 1.95 45.21
C ASN PB 30 108.97 1.29 45.32
N GLY PB 31 110.00 2.04 45.74
CA GLY PB 31 111.35 1.58 45.50
C GLY PB 31 111.67 1.46 44.03
N ARG PB 32 111.08 2.33 43.21
CA ARG PB 32 111.21 2.38 41.77
C ARG PB 32 111.30 3.84 41.31
N PRO PB 33 111.77 4.11 40.10
CA PRO PB 33 111.95 5.51 39.66
C PRO PB 33 110.67 6.31 39.72
N LEU PB 34 110.84 7.62 39.90
CA LEU PB 34 109.72 8.53 40.18
C LEU PB 34 108.68 8.50 39.07
N GLU PB 35 109.03 8.99 37.87
CA GLU PB 35 108.07 9.03 36.79
C GLU PB 35 107.59 7.63 36.46
N MET PB 36 108.46 6.64 36.65
CA MET PB 36 108.36 5.37 35.93
C MET PB 36 107.37 4.39 36.57
N ILE PB 37 106.42 4.87 37.38
CA ILE PB 37 105.21 4.10 37.59
C ILE PB 37 104.56 3.87 36.22
N GLU PB 38 104.70 4.85 35.33
CA GLU PB 38 104.39 4.81 33.91
C GLU PB 38 102.91 4.58 33.63
N PRO PB 39 102.03 5.50 34.02
CA PRO PB 39 100.71 5.53 33.38
C PRO PB 39 100.81 5.83 31.90
N ARG PB 40 101.91 6.48 31.50
CA ARG PB 40 102.26 6.84 30.13
C ARG PB 40 101.29 7.84 29.52
N THR PB 41 100.28 8.28 30.28
CA THR PB 41 99.52 9.49 30.01
C THR PB 41 99.65 10.51 31.13
N LEU PB 42 99.71 10.06 32.38
CA LEU PB 42 99.91 10.93 33.53
C LEU PB 42 101.40 11.03 33.86
N GLN PB 43 102.23 11.00 32.82
CA GLN PB 43 103.64 11.34 32.99
C GLN PB 43 103.81 12.74 33.58
N TYR PB 44 102.82 13.61 33.38
CA TYR PB 44 102.84 14.97 33.90
C TYR PB 44 102.44 15.05 35.36
N LYS PB 45 101.87 13.99 35.92
CA LYS PB 45 101.09 14.11 37.15
C LYS PB 45 101.98 14.34 38.37
N LEU PB 46 102.88 13.40 38.67
CA LEU PB 46 103.55 13.38 39.96
C LEU PB 46 104.85 14.16 39.98
N LEU PB 47 105.01 15.16 39.12
CA LEU PB 47 106.09 16.14 39.26
C LEU PB 47 105.58 17.58 39.39
N GLU PB 48 104.27 17.77 39.51
CA GLU PB 48 103.75 19.10 39.85
C GLU PB 48 104.20 19.53 41.23
N PRO PB 49 103.88 18.82 42.32
CA PRO PB 49 104.45 19.22 43.62
C PRO PB 49 105.95 19.11 43.65
N VAL PB 50 106.54 18.12 42.96
CA VAL PB 50 107.98 17.93 43.03
C VAL PB 50 108.71 19.14 42.45
N LEU PB 51 108.08 19.83 41.50
CA LEU PB 51 108.67 21.06 40.98
C LEU PB 51 107.96 22.31 41.48
N LEU PB 52 107.07 22.19 42.47
CA LEU PB 52 106.42 23.37 43.04
C LEU PB 52 106.41 23.42 44.57
N LEU PB 53 107.13 22.52 45.24
CA LEU PB 53 107.26 22.57 46.70
C LEU PB 53 108.56 23.21 47.15
N GLY PB 54 109.44 23.56 46.21
CA GLY PB 54 110.77 24.02 46.55
C GLY PB 54 111.83 23.03 46.11
N LYS PB 55 112.50 23.34 45.01
CA LYS PB 55 113.61 22.51 44.56
C LYS PB 55 114.70 22.42 45.62
N GLU PB 56 114.83 23.44 46.47
CA GLU PB 56 115.70 23.39 47.64
C GLU PB 56 115.25 22.34 48.65
N ARG PB 57 113.94 22.25 48.92
CA ARG PB 57 113.41 21.27 49.85
C ARG PB 57 113.32 19.89 49.24
N PHE PB 58 113.56 19.76 47.94
CA PHE PB 58 113.82 18.48 47.29
C PHE PB 58 115.31 18.25 47.05
N ALA PB 59 116.16 18.74 47.96
CA ALA PB 59 117.59 18.53 47.86
C ALA PB 59 118.17 17.64 48.94
N GLY PB 60 117.47 17.47 50.07
CA GLY PB 60 117.99 16.67 51.16
C GLY PB 60 117.18 15.42 51.45
N VAL PB 61 116.16 15.16 50.62
CA VAL PB 61 115.17 14.13 50.90
C VAL PB 61 115.52 12.88 50.10
N ASP PB 62 115.49 11.72 50.76
CA ASP PB 62 115.73 10.42 50.15
C ASP PB 62 114.44 9.62 50.30
N ILE PB 63 113.52 9.79 49.35
CA ILE PB 63 112.18 9.25 49.47
C ILE PB 63 112.20 7.76 49.18
N ARG PB 64 111.77 6.95 50.14
CA ARG PB 64 111.47 5.54 49.90
C ARG PB 64 110.07 5.22 50.41
N VAL PB 65 109.27 4.58 49.56
CA VAL PB 65 107.85 4.37 49.82
C VAL PB 65 107.52 2.89 49.64
N ARG PB 66 106.69 2.36 50.52
CA ARG PB 66 106.23 0.97 50.49
C ARG PB 66 104.73 0.96 50.28
N VAL PB 67 104.26 0.37 49.16
CA VAL PB 67 102.92 0.63 48.67
C VAL PB 67 102.23 -0.68 48.33
N LYS PB 68 100.89 -0.66 48.36
CA LYS PB 68 100.06 -1.79 47.95
C LYS PB 68 98.60 -1.36 47.88
N GLY PB 69 97.86 -2.01 46.98
CA GLY PB 69 96.41 -2.00 46.99
C GLY PB 69 95.82 -1.30 45.77
N GLY PB 70 94.62 -1.74 45.40
CA GLY PB 70 93.74 -0.94 44.55
C GLY PB 70 94.26 -0.67 43.16
N GLY PB 71 94.07 0.58 42.70
CA GLY PB 71 94.35 0.97 41.34
C GLY PB 71 95.48 1.97 41.20
N HIS PB 72 95.73 2.34 39.94
CA HIS PB 72 96.97 3.03 39.57
C HIS PB 72 97.01 4.46 40.08
N VAL PB 73 96.09 5.31 39.60
CA VAL PB 73 96.07 6.70 40.04
C VAL PB 73 95.70 6.80 41.50
N ALA PB 74 94.96 5.81 42.02
CA ALA PB 74 94.74 5.74 43.45
C ALA PB 74 96.05 5.60 44.20
N GLN PB 75 96.94 4.73 43.74
CA GLN PB 75 98.26 4.62 44.36
C GLN PB 75 99.10 5.88 44.13
N ILE PB 76 98.84 6.59 43.01
CA ILE PB 76 99.54 7.84 42.76
C ILE PB 76 99.18 8.88 43.82
N TYR PB 77 97.88 9.03 44.12
CA TYR PB 77 97.56 9.92 45.24
C TYR PB 77 97.98 9.31 46.58
N ALA PB 78 98.12 7.99 46.66
CA ALA PB 78 98.67 7.40 47.88
C ALA PB 78 100.06 7.94 48.17
N ILE PB 79 100.94 7.89 47.17
CA ILE PB 79 102.30 8.41 47.36
C ILE PB 79 102.28 9.93 47.52
N ARG PB 80 101.42 10.63 46.77
CA ARG PB 80 101.41 12.09 46.84
C ARG PB 80 100.95 12.58 48.20
N GLN PB 81 100.04 11.84 48.84
CA GLN PB 81 99.66 12.13 50.22
C GLN PB 81 100.77 11.73 51.18
N SER PB 82 101.35 10.55 50.98
CA SER PB 82 102.29 9.98 51.94
C SER PB 82 103.53 10.86 52.09
N ILE PB 83 104.09 11.33 50.97
CA ILE PB 83 105.32 12.10 51.03
C ILE PB 83 105.10 13.40 51.79
N SER PB 84 103.96 14.07 51.53
CA SER PB 84 103.63 15.28 52.27
C SER PB 84 103.41 14.99 53.75
N LYS PB 85 102.74 13.87 54.04
CA LYS PB 85 102.46 13.50 55.42
C LYS PB 85 103.75 13.28 56.21
N ALA PB 86 104.74 12.66 55.58
CA ALA PB 86 106.02 12.49 56.25
C ALA PB 86 106.75 13.82 56.39
N LEU PB 87 106.82 14.61 55.32
CA LEU PB 87 107.65 15.82 55.37
C LEU PB 87 107.09 16.87 56.31
N VAL PB 88 105.78 16.86 56.57
CA VAL PB 88 105.21 17.87 57.47
C VAL PB 88 105.72 17.66 58.90
N ALA PB 89 105.75 16.41 59.37
CA ALA PB 89 106.36 16.13 60.67
C ALA PB 89 107.88 16.26 60.63
N TYR PB 90 108.50 15.90 59.50
CA TYR PB 90 109.90 16.16 59.24
C TYR PB 90 110.26 17.62 59.51
N TYR PB 91 109.32 18.52 59.23
CA TYR PB 91 109.60 19.95 59.40
C TYR PB 91 109.15 20.46 60.77
N GLN PB 92 108.01 19.98 61.27
CA GLN PB 92 107.46 20.56 62.50
C GLN PB 92 108.11 19.96 63.74
N LYS PB 93 108.18 18.63 63.83
CA LYS PB 93 108.62 18.00 65.07
C LYS PB 93 110.13 18.15 65.28
N TYR PB 94 110.93 17.54 64.39
CA TYR PB 94 112.37 17.57 64.55
C TYR PB 94 112.96 18.96 64.32
N VAL PB 95 112.29 19.79 63.53
CA VAL PB 95 112.85 21.03 63.00
C VAL PB 95 111.96 22.19 63.45
N ASP PB 96 112.46 23.41 63.29
CA ASP PB 96 111.86 24.60 63.88
C ASP PB 96 110.60 25.00 63.13
N GLU PB 97 110.14 26.22 63.41
CA GLU PB 97 108.90 26.70 62.82
C GLU PB 97 109.13 27.49 61.53
N ALA PB 98 110.27 28.17 61.40
CA ALA PB 98 110.57 28.88 60.15
C ALA PB 98 110.66 27.89 58.99
N SER PB 99 111.35 26.77 59.19
CA SER PB 99 111.40 25.74 58.16
C SER PB 99 110.01 25.21 57.83
N LYS PB 100 109.15 25.13 58.85
CA LYS PB 100 107.78 24.70 58.60
C LYS PB 100 107.03 25.70 57.73
N LYS PB 101 107.23 27.00 58.01
CA LYS PB 101 106.34 28.04 57.48
C LYS PB 101 106.15 27.95 55.98
N GLU PB 102 107.21 27.63 55.24
CA GLU PB 102 107.11 27.59 53.78
C GLU PB 102 106.21 26.46 53.29
N ILE PB 103 106.45 25.25 53.78
CA ILE PB 103 105.79 24.09 53.19
C ILE PB 103 104.42 23.88 53.79
N LYS PB 104 104.21 24.30 55.05
CA LYS PB 104 102.85 24.28 55.59
C LYS PB 104 101.91 25.11 54.74
N ASP PB 105 102.37 26.27 54.26
CA ASP PB 105 101.54 27.09 53.39
C ASP PB 105 101.47 26.51 51.98
N ILE PB 106 102.59 26.01 51.46
CA ILE PB 106 102.55 25.43 50.11
C ILE PB 106 101.60 24.23 50.07
N LEU PB 107 101.27 23.66 51.24
CA LEU PB 107 100.26 22.61 51.29
C LEU PB 107 98.99 23.04 50.56
N ILE PB 108 98.32 24.09 51.05
CA ILE PB 108 97.14 24.55 50.34
C ILE PB 108 97.51 25.35 49.10
N GLN PB 109 98.74 25.87 49.01
CA GLN PB 109 99.12 26.57 47.80
C GLN PB 109 99.10 25.63 46.60
N TYR PB 110 99.30 24.33 46.82
CA TYR PB 110 98.85 23.37 45.83
C TYR PB 110 97.36 23.11 46.03
N ASP PB 111 97.04 22.45 47.15
CA ASP PB 111 95.68 22.13 47.57
C ASP PB 111 95.69 21.46 48.94
N ARG PB 112 94.65 21.70 49.74
CA ARG PB 112 94.49 20.99 50.99
C ARG PB 112 94.09 19.53 50.80
N THR PB 113 93.86 19.11 49.55
CA THR PB 113 93.36 17.78 49.24
C THR PB 113 94.36 16.67 49.56
N LEU PB 114 95.60 17.01 49.88
CA LEU PB 114 96.66 16.02 49.99
C LEU PB 114 96.95 15.56 51.42
N LEU PB 115 96.75 16.42 52.43
CA LEU PB 115 97.06 16.01 53.79
C LEU PB 115 96.19 14.85 54.23
N VAL PB 116 94.88 14.95 53.99
CA VAL PB 116 93.95 13.82 54.14
C VAL PB 116 93.17 13.67 52.84
N ALA PB 117 93.09 12.45 52.34
CA ALA PB 117 92.43 12.18 51.08
C ALA PB 117 90.92 12.13 51.27
N ASP PB 118 90.23 11.54 50.30
CA ASP PB 118 88.79 11.45 50.36
C ASP PB 118 88.37 10.69 51.62
N PRO PB 119 87.34 11.14 52.32
CA PRO PB 119 86.70 10.27 53.31
C PRO PB 119 85.75 9.29 52.64
N ARG PB 120 85.94 9.10 51.33
CA ARG PB 120 85.07 8.30 50.48
C ARG PB 120 85.65 6.91 50.24
N ARG PB 121 84.76 5.99 49.85
CA ARG PB 121 85.13 4.66 49.40
C ARG PB 121 83.91 4.06 48.69
N CYS PB 122 84.16 3.08 47.83
CA CYS PB 122 83.09 2.23 47.34
C CYS PB 122 82.60 1.33 48.47
N GLU PB 123 81.29 1.15 48.55
CA GLU PB 123 80.71 0.36 49.63
C GLU PB 123 79.95 -0.83 49.05
N SER PB 124 79.34 -1.60 49.95
CA SER PB 124 78.75 -2.88 49.58
C SER PB 124 77.62 -2.71 48.57
N LYS PB 125 77.55 -3.66 47.64
CA LYS PB 125 76.41 -3.72 46.74
C LYS PB 125 75.13 -3.92 47.54
N LYS PB 126 74.05 -3.26 47.13
CA LYS PB 126 72.74 -3.47 47.71
C LYS PB 126 71.89 -4.25 46.71
N PHE PB 127 71.36 -5.40 47.15
CA PHE PB 127 70.76 -6.32 46.21
C PHE PB 127 69.41 -5.79 45.73
N GLY PB 128 68.96 -6.33 44.61
CA GLY PB 128 67.92 -5.68 43.85
C GLY PB 128 68.42 -4.58 42.95
N GLY PB 129 69.73 -4.31 42.96
CA GLY PB 129 70.32 -3.33 42.08
C GLY PB 129 71.74 -3.72 41.73
N PRO PB 130 72.16 -3.46 40.49
CA PRO PB 130 73.46 -4.00 40.03
C PRO PB 130 74.67 -3.29 40.61
N GLY PB 131 74.50 -2.36 41.53
CA GLY PB 131 75.61 -1.64 42.13
C GLY PB 131 75.30 -1.25 43.56
N ALA PB 132 75.59 0.01 43.88
CA ALA PB 132 75.38 0.51 45.23
C ALA PB 132 74.04 1.22 45.40
N ARG PB 133 73.55 1.87 44.34
CA ARG PB 133 72.30 2.62 44.40
C ARG PB 133 71.27 2.24 43.34
N ALA PB 134 71.69 1.72 42.19
CA ALA PB 134 70.75 1.38 41.14
C ALA PB 134 69.79 0.29 41.62
N ARG PB 135 68.78 0.00 40.80
CA ARG PB 135 67.84 -1.07 41.08
C ARG PB 135 67.60 -1.92 39.84
N TYR PB 136 67.51 -3.24 40.04
CA TYR PB 136 67.05 -4.13 38.99
C TYR PB 136 65.69 -3.68 38.48
N GLN PB 137 65.55 -3.66 37.16
CA GLN PB 137 64.38 -3.05 36.53
C GLN PB 137 63.10 -3.80 36.92
N LYS PB 138 62.00 -3.06 36.92
CA LYS PB 138 60.69 -3.58 37.33
C LYS PB 138 59.86 -3.92 36.09
N SER PB 139 59.60 -5.21 35.90
CA SER PB 139 58.97 -5.69 34.68
C SER PB 139 57.46 -5.84 34.86
N TYR PB 140 56.78 -6.20 33.78
CA TYR PB 140 55.33 -6.35 33.76
C TYR PB 140 54.97 -7.48 32.80
N ARG PB 141 53.71 -7.53 32.39
CA ARG PB 141 53.22 -8.55 31.47
C ARG PB 141 52.33 -7.98 30.36
N ARG QB 1 58.69 45.93 14.40
CA ARG QB 1 59.21 45.31 15.61
C ARG QB 1 60.71 45.55 15.77
N VAL QB 2 61.12 45.90 16.98
CA VAL QB 2 62.52 46.17 17.31
C VAL QB 2 62.99 45.15 18.34
N GLN QB 3 64.28 44.82 18.31
CA GLN QB 3 64.90 43.87 19.23
C GLN QB 3 66.13 44.49 19.87
N PRO QB 4 65.96 45.35 20.85
CA PRO QB 4 67.12 45.93 21.53
C PRO QB 4 67.87 44.87 22.36
N ILE QB 5 69.15 44.75 22.10
CA ILE QB 5 70.02 43.87 22.86
C ILE QB 5 70.33 44.53 24.20
N LYS QB 6 70.29 43.73 25.26
CA LYS QB 6 70.44 44.29 26.60
C LYS QB 6 71.19 43.33 27.51
N LEU QB 7 71.74 43.89 28.59
CA LEU QB 7 72.55 43.15 29.56
C LEU QB 7 71.90 43.34 30.93
N ALA QB 8 71.08 42.37 31.34
CA ALA QB 8 70.14 42.56 32.45
C ALA QB 8 70.80 42.17 33.76
N ARG QB 9 71.24 43.15 34.53
CA ARG QB 9 71.74 42.86 35.88
C ARG QB 9 70.58 42.47 36.78
N VAL QB 10 70.58 41.22 37.24
CA VAL QB 10 69.51 40.73 38.10
C VAL QB 10 69.60 41.34 39.49
N THR QB 11 68.61 42.16 39.84
CA THR QB 11 68.64 42.82 41.13
C THR QB 11 68.12 41.91 42.25
N LYS QB 12 67.44 40.83 41.87
CA LYS QB 12 67.01 39.79 42.81
C LYS QB 12 66.37 38.65 42.04
N VAL QB 13 66.44 37.44 42.62
CA VAL QB 13 65.72 36.28 42.12
C VAL QB 13 64.67 35.89 43.15
N LEU QB 14 63.68 35.09 42.72
CA LEU QB 14 62.49 34.83 43.52
C LEU QB 14 62.13 33.36 43.60
N GLY QB 15 63.08 32.50 43.92
CA GLY QB 15 62.72 31.11 44.12
C GLY QB 15 62.60 30.35 42.80
N ARG QB 16 62.79 29.04 42.87
CA ARG QB 16 62.78 28.16 41.70
C ARG QB 16 61.44 27.47 41.48
N THR QB 17 60.34 28.16 41.76
CA THR QB 17 59.02 27.56 41.86
C THR QB 17 58.11 27.97 40.70
N GLY QB 18 56.84 27.61 40.83
CA GLY QB 18 55.80 28.00 39.90
C GLY QB 18 55.73 27.11 38.69
N SER QB 19 56.73 27.20 37.81
CA SER QB 19 56.82 26.35 36.64
C SER QB 19 58.02 25.43 36.81
N GLN QB 20 57.81 24.16 36.51
CA GLN QB 20 58.77 23.10 36.82
C GLN QB 20 59.85 22.97 35.76
N GLY QB 21 60.19 24.05 35.07
CA GLY QB 21 61.34 24.09 34.21
C GLY QB 21 62.60 24.61 34.87
N GLN QB 22 62.72 24.48 36.20
CA GLN QB 22 63.81 25.10 36.97
C GLN QB 22 63.99 26.56 36.60
N CYS QB 23 62.86 27.24 36.35
CA CYS QB 23 62.86 28.65 36.01
C CYS QB 23 63.09 29.46 37.28
N THR QB 24 63.08 30.79 37.14
CA THR QB 24 63.36 31.70 38.23
C THR QB 24 62.93 33.12 37.87
N GLN QB 25 62.10 33.74 38.70
CA GLN QB 25 61.58 35.07 38.42
C GLN QB 25 62.60 36.12 38.84
N VAL QB 26 62.81 37.11 37.98
CA VAL QB 26 63.87 38.10 38.20
C VAL QB 26 63.32 39.50 37.94
N ARG QB 27 63.99 40.47 38.54
CA ARG QB 27 63.59 41.88 38.53
C ARG QB 27 64.77 42.77 38.12
N VAL QB 28 65.40 42.41 36.99
CA VAL QB 28 66.65 43.03 36.56
C VAL QB 28 66.51 44.54 36.45
N GLU QB 29 67.65 45.23 36.59
CA GLU QB 29 67.80 46.65 36.24
C GLU QB 29 68.94 46.75 35.25
N PHE QB 30 68.61 47.05 34.00
CA PHE QB 30 69.44 46.79 32.82
C PHE QB 30 70.73 47.59 32.78
N MET QB 31 71.04 48.31 33.87
CA MET QB 31 72.18 49.23 33.97
C MET QB 31 71.96 50.49 33.14
N ASP QB 32 70.93 50.51 32.29
CA ASP QB 32 70.84 51.49 31.23
C ASP QB 32 69.53 52.27 31.20
N ASP QB 33 68.40 51.61 31.44
CA ASP QB 33 67.09 52.25 31.39
C ASP QB 33 66.63 52.57 32.80
N THR QB 34 65.83 53.62 32.93
CA THR QB 34 65.40 54.10 34.23
C THR QB 34 63.92 53.85 34.53
N SER QB 35 63.02 54.16 33.61
CA SER QB 35 61.60 53.96 33.85
C SER QB 35 61.05 52.76 33.08
N ARG QB 36 61.92 51.97 32.46
CA ARG QB 36 61.53 50.68 31.88
C ARG QB 36 62.04 49.59 32.82
N SER QB 37 61.11 48.83 33.39
CA SER QB 37 61.43 47.71 34.25
C SER QB 37 60.68 46.49 33.75
N ILE QB 38 61.37 45.63 33.03
CA ILE QB 38 60.77 44.40 32.51
C ILE QB 38 61.08 43.30 33.51
N ILE QB 39 60.07 42.85 34.24
CA ILE QB 39 60.22 41.76 35.18
C ILE QB 39 60.13 40.45 34.39
N ARG QB 40 61.13 39.58 34.56
CA ARG QB 40 61.33 38.50 33.59
C ARG QB 40 61.45 37.16 34.33
N ASN QB 41 61.80 36.13 33.56
CA ASN QB 41 62.01 34.79 34.05
C ASN QB 41 63.21 34.19 33.34
N VAL QB 42 63.89 33.29 34.04
CA VAL QB 42 65.08 32.61 33.55
C VAL QB 42 64.95 31.13 33.86
N LYS QB 43 66.00 30.37 33.52
CA LYS QB 43 66.04 28.94 33.79
C LYS QB 43 67.43 28.56 34.25
N GLY QB 44 67.57 28.22 35.53
CA GLY QB 44 68.81 27.70 36.03
C GLY QB 44 69.60 28.64 36.91
N PRO QB 45 70.92 28.44 36.95
CA PRO QB 45 71.78 29.16 37.90
C PRO QB 45 71.84 30.65 37.62
N VAL QB 46 71.30 31.44 38.54
CA VAL QB 46 71.33 32.90 38.45
C VAL QB 46 71.62 33.44 39.86
N ARG QB 47 72.72 34.17 40.01
CA ARG QB 47 73.01 34.89 41.26
C ARG QB 47 72.97 36.38 40.91
N GLU QB 48 72.76 37.22 41.91
CA GLU QB 48 72.76 38.66 41.69
C GLU QB 48 74.15 39.15 41.35
N GLY QB 49 74.23 40.06 40.38
CA GLY QB 49 75.47 40.71 39.99
C GLY QB 49 75.81 40.54 38.52
N ASP QB 50 75.57 39.36 37.95
CA ASP QB 50 75.93 39.10 36.56
C ASP QB 50 74.72 39.34 35.66
N VAL QB 51 74.95 40.07 34.58
CA VAL QB 51 73.87 40.38 33.66
C VAL QB 51 73.51 39.14 32.84
N LEU QB 52 72.23 38.85 32.78
CA LEU QB 52 71.69 37.87 31.85
C LEU QB 52 71.72 38.47 30.45
N THR QB 53 71.95 37.61 29.46
CA THR QB 53 72.07 38.04 28.07
C THR QB 53 70.68 38.30 27.51
N LEU QB 54 70.54 39.33 26.68
CA LEU QB 54 69.26 39.66 26.08
C LEU QB 54 69.45 40.03 24.62
N LEU QB 55 68.78 39.29 23.73
CA LEU QB 55 68.57 39.76 22.37
C LEU QB 55 67.52 40.86 22.29
N GLU QB 56 66.40 40.70 22.99
CA GLU QB 56 65.29 41.65 22.88
C GLU QB 56 64.95 42.15 24.26
N SER QB 57 64.88 43.47 24.42
CA SER QB 57 64.57 44.07 25.70
C SER QB 57 63.12 43.88 26.10
N GLU QB 58 62.35 43.09 25.37
CA GLU QB 58 60.92 42.98 25.61
C GLU QB 58 60.55 41.50 25.72
N ARG QB 59 60.75 40.95 26.92
CA ARG QB 59 60.22 39.64 27.35
C ARG QB 59 59.85 39.78 28.83
N GLU QB 60 58.61 40.21 29.09
CA GLU QB 60 58.16 40.42 30.46
C GLU QB 60 57.44 39.18 30.93
N ALA QB 61 58.00 38.51 31.93
CA ALA QB 61 57.48 37.22 32.39
C ALA QB 61 56.72 37.41 33.69
N ARG QB 62 55.39 37.34 33.60
CA ARG QB 62 54.51 37.13 34.73
C ARG QB 62 53.42 36.15 34.33
N ARG QB 63 53.81 35.16 33.52
CA ARG QB 63 52.88 34.32 32.75
C ARG QB 63 52.07 35.20 31.79
N LEU QB 64 52.79 35.78 30.82
CA LEU QB 64 52.19 36.60 29.78
C LEU QB 64 52.43 35.99 28.39
N GLY RB 1 -6.74 39.50 68.81
CA GLY RB 1 -7.60 39.92 67.73
C GLY RB 1 -6.85 40.42 66.51
N ARG RB 2 -7.32 41.54 65.96
CA ARG RB 2 -6.64 42.27 64.89
C ARG RB 2 -6.56 41.47 63.58
N MET RB 3 -7.72 41.18 62.99
CA MET RB 3 -7.72 40.71 61.61
C MET RB 3 -7.51 41.83 60.59
N HIS RB 4 -8.48 42.74 60.44
CA HIS RB 4 -8.50 43.65 59.30
C HIS RB 4 -7.26 44.53 59.19
N ALA RB 5 -6.37 44.50 60.17
CA ALA RB 5 -5.07 45.13 60.06
C ALA RB 5 -4.02 44.10 60.45
N PRO RB 6 -2.85 44.14 59.82
CA PRO RB 6 -1.77 43.25 60.22
C PRO RB 6 -0.91 43.83 61.34
N GLY RB 7 -0.91 45.16 61.45
CA GLY RB 7 -0.25 45.79 62.56
C GLY RB 7 -1.03 45.62 63.85
N LYS RB 8 -0.29 45.59 64.95
CA LYS RB 8 -0.88 45.38 66.25
C LYS RB 8 -0.77 46.60 67.15
N GLY RB 9 -0.11 47.67 66.71
CA GLY RB 9 0.16 48.78 67.60
C GLY RB 9 -1.11 49.45 68.09
N LEU RB 10 -1.06 49.93 69.33
CA LEU RB 10 -2.13 50.70 69.94
C LEU RB 10 -1.51 51.92 70.62
N SER RB 11 -2.13 53.08 70.43
CA SER RB 11 -1.64 54.27 71.12
C SER RB 11 -2.80 55.15 71.58
N GLN RB 12 -3.99 54.57 71.77
CA GLN RB 12 -5.21 55.35 71.90
C GLN RB 12 -5.18 56.35 73.06
N SER RB 13 -5.15 55.87 74.29
CA SER RB 13 -5.25 56.73 75.45
C SER RB 13 -5.25 55.85 76.69
N ALA RB 14 -4.90 56.47 77.81
CA ALA RB 14 -5.16 55.91 79.14
C ALA RB 14 -5.43 57.10 80.05
N LEU RB 15 -6.71 57.45 80.18
CA LEU RB 15 -7.18 58.59 80.95
C LEU RB 15 -6.58 58.58 82.35
N PRO RB 16 -6.46 59.74 83.00
CA PRO RB 16 -5.93 59.75 84.37
C PRO RB 16 -6.78 58.89 85.28
N TYR RB 17 -6.14 57.84 85.83
CA TYR RB 17 -6.79 56.99 86.82
C TYR RB 17 -7.61 57.80 87.82
N ARG RB 18 -7.08 58.96 88.23
CA ARG RB 18 -7.83 59.86 89.11
C ARG RB 18 -9.03 60.39 88.36
N ARG RB 19 -10.20 59.80 88.63
CA ARG RB 19 -11.44 60.17 87.98
C ARG RB 19 -11.93 61.55 88.40
N SER RB 20 -11.07 62.30 89.09
CA SER RB 20 -11.39 63.62 89.59
C SER RB 20 -11.67 64.58 88.44
N VAL RB 21 -12.29 65.70 88.78
CA VAL RB 21 -12.59 66.73 87.77
C VAL RB 21 -11.29 67.36 87.28
N PRO RB 22 -11.15 67.61 85.97
CA PRO RB 22 -9.86 68.10 85.44
C PRO RB 22 -9.22 69.25 86.20
N THR RB 23 -9.91 70.39 86.31
CA THR RB 23 -9.42 71.56 87.06
C THR RB 23 -8.10 72.10 86.51
N TRP RB 24 -8.12 72.62 85.28
CA TRP RB 24 -7.14 73.60 84.83
C TRP RB 24 -7.81 74.92 84.52
N LEU RB 25 -8.75 74.95 83.58
CA LEU RB 25 -9.84 75.93 83.51
C LEU RB 25 -11.10 75.12 83.73
N LYS RB 26 -11.76 75.32 84.88
CA LYS RB 26 -12.90 74.48 85.21
C LYS RB 26 -13.96 74.53 84.13
N LEU RB 27 -14.41 75.74 83.76
CA LEU RB 27 -15.37 75.94 82.67
C LEU RB 27 -16.54 74.97 82.81
N THR RB 28 -17.33 75.21 83.86
CA THR RB 28 -18.25 74.20 84.36
C THR RB 28 -19.38 73.93 83.36
N SER RB 29 -20.34 73.12 83.81
CA SER RB 29 -21.24 72.38 82.94
C SER RB 29 -22.06 73.26 81.99
N ASP RB 30 -22.31 74.53 82.33
CA ASP RB 30 -23.27 75.32 81.56
C ASP RB 30 -22.76 75.57 80.14
N ASP RB 31 -21.64 76.28 80.02
CA ASP RB 31 -21.06 76.51 78.70
C ASP RB 31 -20.64 75.21 78.03
N VAL RB 32 -20.34 74.16 78.80
CA VAL RB 32 -20.03 72.87 78.19
C VAL RB 32 -21.24 72.32 77.45
N LYS RB 33 -22.41 72.34 78.10
CA LYS RB 33 -23.63 71.91 77.42
C LYS RB 33 -23.94 72.81 76.24
N GLU RB 34 -23.69 74.11 76.37
CA GLU RB 34 -23.92 75.01 75.23
C GLU RB 34 -23.03 74.65 74.06
N GLN RB 35 -21.74 74.40 74.30
CA GLN RB 35 -20.85 74.04 73.20
C GLN RB 35 -21.19 72.68 72.63
N ILE RB 36 -21.57 71.73 73.49
CA ILE RB 36 -21.96 70.41 72.97
C ILE RB 36 -23.16 70.53 72.05
N TYR RB 37 -24.21 71.24 72.48
CA TYR RB 37 -25.33 71.47 71.60
C TYR RB 37 -24.95 72.24 70.34
N LYS RB 38 -24.09 73.25 70.45
CA LYS RB 38 -23.70 73.98 69.24
C LYS RB 38 -22.98 73.07 68.25
N LEU RB 39 -22.01 72.29 68.75
CA LEU RB 39 -21.24 71.42 67.89
C LEU RB 39 -22.14 70.40 67.21
N ALA RB 40 -23.02 69.75 67.97
CA ALA RB 40 -23.96 68.82 67.35
C ALA RB 40 -24.94 69.54 66.42
N LYS RB 41 -25.29 70.78 66.74
CA LYS RB 41 -26.29 71.52 65.98
C LYS RB 41 -25.80 71.83 64.57
N LYS RB 42 -24.60 72.37 64.46
CA LYS RB 42 -24.12 72.84 63.17
C LYS RB 42 -23.79 71.71 62.21
N GLY RB 43 -23.88 70.46 62.66
CA GLY RB 43 -23.62 69.33 61.79
C GLY RB 43 -22.30 68.62 62.06
N LEU RB 44 -21.98 68.44 63.34
CA LEU RB 44 -20.74 67.77 63.70
C LEU RB 44 -21.03 66.45 64.40
N THR RB 45 -20.06 65.56 64.32
CA THR RB 45 -19.74 64.19 64.68
C THR RB 45 -19.11 64.13 66.07
N PRO RB 46 -19.55 63.19 66.92
CA PRO RB 46 -19.03 63.17 68.30
C PRO RB 46 -17.52 63.03 68.38
N SER RB 47 -16.91 62.30 67.44
CA SER RB 47 -15.48 62.09 67.48
C SER RB 47 -14.71 63.40 67.41
N GLN RB 48 -15.19 64.37 66.62
CA GLN RB 48 -14.54 65.66 66.53
C GLN RB 48 -15.15 66.71 67.45
N ILE RB 49 -16.40 66.52 67.87
CA ILE RB 49 -16.96 67.32 68.95
C ILE RB 49 -16.10 67.20 70.19
N GLY RB 50 -15.72 65.97 70.55
CA GLY RB 50 -14.83 65.79 71.68
C GLY RB 50 -13.48 66.45 71.48
N VAL RB 51 -12.95 66.38 70.25
CA VAL RB 51 -11.65 67.01 69.98
C VAL RB 51 -11.74 68.52 70.18
N ILE RB 52 -12.82 69.14 69.69
CA ILE RB 52 -12.98 70.59 69.88
C ILE RB 52 -13.15 70.92 71.36
N LEU RB 53 -13.93 70.12 72.08
CA LEU RB 53 -14.16 70.39 73.51
C LEU RB 53 -12.88 70.20 74.32
N ARG RB 54 -11.97 69.33 73.85
CA ARG RB 54 -10.67 69.22 74.50
C ARG RB 54 -9.73 70.34 74.08
N ASP RB 55 -9.86 70.83 72.85
CA ASP RB 55 -8.94 71.86 72.36
C ASP RB 55 -9.24 73.21 72.98
N SER RB 56 -10.42 73.77 72.72
CA SER RB 56 -10.68 75.15 73.13
C SER RB 56 -11.00 75.23 74.62
N HIS RB 57 -12.10 74.61 75.04
CA HIS RB 57 -12.41 74.55 76.47
C HIS RB 57 -11.41 73.68 77.21
N GLY RB 58 -11.21 72.46 76.74
CA GLY RB 58 -10.31 71.55 77.43
C GLY RB 58 -11.06 70.52 78.25
N VAL RB 59 -11.15 69.29 77.75
CA VAL RB 59 -11.78 68.19 78.48
C VAL RB 59 -10.97 66.92 78.28
N ALA RB 60 -10.84 66.16 79.38
CA ALA RB 60 -10.37 64.80 79.32
C ALA RB 60 -11.49 63.79 79.18
N GLN RB 61 -12.70 64.15 79.63
CA GLN RB 61 -13.86 63.28 79.53
C GLN RB 61 -15.11 64.11 79.83
N VAL RB 62 -16.11 64.05 78.94
CA VAL RB 62 -17.35 64.79 79.15
C VAL RB 62 -18.13 64.19 80.31
N ARG RB 63 -18.01 62.89 80.54
CA ARG RB 63 -18.65 62.26 81.68
C ARG RB 63 -18.18 62.86 82.99
N PHE RB 64 -17.01 63.49 83.00
CA PHE RB 64 -16.46 64.10 84.20
C PHE RB 64 -17.18 65.41 84.54
N VAL RB 65 -17.34 66.29 83.55
CA VAL RB 65 -18.10 67.52 83.78
C VAL RB 65 -19.56 67.20 84.03
N THR RB 66 -20.17 66.37 83.19
CA THR RB 66 -21.58 66.08 83.33
C THR RB 66 -21.83 64.60 83.10
N GLY RB 67 -22.72 64.02 83.91
CA GLY RB 67 -22.90 62.57 83.90
C GLY RB 67 -23.33 62.04 82.55
N ASN RB 68 -24.33 62.67 81.94
CA ASN RB 68 -24.70 62.34 80.57
C ASN RB 68 -23.59 62.77 79.62
N LYS RB 69 -23.32 61.96 78.61
CA LYS RB 69 -22.27 62.26 77.65
C LYS RB 69 -22.89 62.84 76.38
N ILE RB 70 -22.07 63.02 75.35
CA ILE RB 70 -22.53 63.67 74.12
C ILE RB 70 -23.63 62.86 73.46
N LEU RB 71 -23.39 61.57 73.23
CA LEU RB 71 -24.41 60.75 72.58
C LEU RB 71 -25.67 60.67 73.44
N ARG RB 72 -25.50 60.51 74.74
CA ARG RB 72 -26.65 60.41 75.63
C ARG RB 72 -27.51 61.66 75.56
N ILE RB 73 -26.89 62.84 75.63
CA ILE RB 73 -27.69 64.05 75.75
C ILE RB 73 -28.24 64.48 74.40
N LEU RB 74 -27.52 64.19 73.31
CA LEU RB 74 -28.16 64.33 72.00
C LEU RB 74 -29.35 63.41 71.86
N LYS RB 75 -29.24 62.17 72.35
CA LYS RB 75 -30.35 61.24 72.23
C LYS RB 75 -31.54 61.68 73.08
N SER RB 76 -31.28 62.37 74.19
CA SER RB 76 -32.35 62.95 74.99
C SER RB 76 -32.85 64.27 74.42
N LYS RB 77 -32.10 64.89 73.51
CA LYS RB 77 -32.55 66.13 72.86
C LYS RB 77 -33.43 65.82 71.65
N GLY RB 78 -32.92 65.03 70.71
CA GLY RB 78 -33.62 64.71 69.49
C GLY RB 78 -32.75 64.78 68.25
N LEU RB 79 -31.45 65.02 68.44
CA LEU RB 79 -30.52 65.26 67.34
C LEU RB 79 -29.73 64.01 67.00
N ALA RB 80 -30.37 62.84 67.03
CA ALA RB 80 -29.70 61.62 66.61
C ALA RB 80 -29.31 61.73 65.14
N PRO RB 81 -28.14 61.24 64.74
CA PRO RB 81 -27.63 61.50 63.39
C PRO RB 81 -28.22 60.52 62.38
N ASP RB 82 -27.71 60.61 61.15
CA ASP RB 82 -28.19 59.75 60.07
C ASP RB 82 -27.74 58.31 60.27
N LEU RB 83 -26.44 58.08 60.21
CA LEU RB 83 -25.81 56.81 60.48
C LEU RB 83 -24.64 57.03 61.42
N PRO RB 84 -24.27 56.02 62.21
CA PRO RB 84 -23.23 56.21 63.20
C PRO RB 84 -21.84 56.32 62.59
N GLU RB 85 -20.89 56.58 63.48
CA GLU RB 85 -19.53 56.94 63.09
C GLU RB 85 -18.84 55.82 62.32
N ASP RB 86 -18.96 54.58 62.80
CA ASP RB 86 -18.20 53.49 62.20
C ASP RB 86 -18.75 53.06 60.85
N LEU RB 87 -20.08 53.14 60.65
CA LEU RB 87 -20.60 52.91 59.31
C LEU RB 87 -20.25 54.07 58.39
N TYR RB 88 -20.36 55.31 58.90
CA TYR RB 88 -20.28 56.47 58.02
C TYR RB 88 -18.86 56.75 57.54
N HIS RB 89 -17.85 56.65 58.41
CA HIS RB 89 -16.48 56.92 57.98
C HIS RB 89 -16.01 55.88 56.97
N LEU RB 90 -16.35 54.62 57.21
CA LEU RB 90 -15.99 53.57 56.24
C LEU RB 90 -16.76 53.73 54.94
N ILE RB 91 -18.01 54.19 54.99
CA ILE RB 91 -18.72 54.49 53.75
C ILE RB 91 -18.03 55.61 52.98
N LYS RB 92 -17.63 56.67 53.68
CA LYS RB 92 -17.07 57.81 52.97
C LYS RB 92 -15.60 57.63 52.61
N LYS RB 93 -14.96 56.56 53.07
CA LYS RB 93 -13.71 56.15 52.42
C LYS RB 93 -13.93 55.10 51.35
N ALA RB 94 -14.99 54.31 51.46
CA ALA RB 94 -15.36 53.37 50.41
C ALA RB 94 -15.68 54.10 49.12
N VAL RB 95 -16.39 55.22 49.24
CA VAL RB 95 -16.69 56.00 48.05
C VAL RB 95 -15.42 56.34 47.30
N ALA RB 96 -14.40 56.77 48.04
CA ALA RB 96 -13.10 57.08 47.44
C ALA RB 96 -12.44 55.83 46.86
N VAL RB 97 -12.51 54.71 47.58
CA VAL RB 97 -11.85 53.49 47.09
C VAL RB 97 -12.48 53.03 45.78
N ARG RB 98 -13.80 53.01 45.72
CA ARG RB 98 -14.50 52.58 44.51
C ARG RB 98 -14.28 53.57 43.37
N LYS RB 99 -14.26 54.86 43.68
CA LYS RB 99 -13.87 55.85 42.68
C LYS RB 99 -12.50 55.49 42.09
N HIS RB 100 -11.52 55.25 42.98
CA HIS RB 100 -10.22 54.76 42.52
C HIS RB 100 -10.30 53.56 41.60
N LEU RB 101 -10.88 52.46 42.07
CA LEU RB 101 -10.83 51.23 41.28
C LEU RB 101 -11.49 51.42 39.93
N GLU RB 102 -12.71 51.93 39.90
CA GLU RB 102 -13.36 52.07 38.61
C GLU RB 102 -12.81 53.22 37.79
N ARG RB 103 -11.81 53.97 38.30
CA ARG RB 103 -11.10 54.87 37.40
C ARG RB 103 -9.79 54.27 36.94
N ASN RB 104 -9.19 53.41 37.75
CA ASN RB 104 -8.02 52.61 37.37
C ASN RB 104 -8.38 51.15 37.60
N ARG RB 105 -9.09 50.55 36.66
CA ARG RB 105 -9.58 49.18 36.77
C ARG RB 105 -8.48 48.15 37.01
N LYS RB 106 -7.28 48.36 36.50
CA LYS RB 106 -6.24 47.35 36.57
C LYS RB 106 -5.73 47.11 38.00
N ASP RB 107 -6.10 47.95 38.95
CA ASP RB 107 -5.55 47.86 40.31
C ASP RB 107 -6.13 46.64 41.00
N LYS RB 108 -5.63 45.49 40.58
CA LYS RB 108 -6.08 44.21 41.10
C LYS RB 108 -5.94 44.11 42.58
N ASP RB 109 -4.99 44.83 43.19
CA ASP RB 109 -4.78 44.75 44.63
C ASP RB 109 -5.39 45.94 45.38
N ALA RB 110 -6.40 46.59 44.80
CA ALA RB 110 -7.23 47.49 45.58
C ALA RB 110 -8.68 47.03 45.59
N LYS RB 111 -9.03 46.10 44.71
CA LYS RB 111 -10.24 45.31 44.94
C LYS RB 111 -10.13 44.55 46.24
N PHE RB 112 -8.91 44.17 46.63
CA PHE RB 112 -8.68 43.51 47.91
C PHE RB 112 -8.91 44.45 49.08
N ARG RB 113 -8.97 45.75 48.85
CA ARG RB 113 -9.40 46.61 49.92
C ARG RB 113 -10.87 46.93 49.85
N LEU RB 114 -11.41 47.10 48.63
CA LEU RB 114 -12.85 47.24 48.47
C LEU RB 114 -13.60 46.11 49.16
N ILE RB 115 -13.11 44.87 49.00
CA ILE RB 115 -13.81 43.71 49.56
C ILE RB 115 -13.82 43.77 51.08
N LEU RB 116 -12.69 44.13 51.70
CA LEU RB 116 -12.72 44.35 53.13
C LEU RB 116 -13.57 45.54 53.50
N ILE RB 117 -13.87 46.42 52.55
CA ILE RB 117 -14.76 47.54 52.86
C ILE RB 117 -16.20 47.08 52.97
N GLU RB 118 -16.70 46.36 51.97
CA GLU RB 118 -18.01 45.74 52.18
C GLU RB 118 -18.00 44.81 53.38
N SER RB 119 -16.87 44.19 53.69
CA SER RB 119 -16.82 43.33 54.87
C SER RB 119 -16.88 44.10 56.18
N ARG RB 120 -16.17 45.23 56.29
CA ARG RB 120 -16.20 46.02 57.52
C ARG RB 120 -17.56 46.66 57.70
N ILE RB 121 -18.11 47.25 56.63
CA ILE RB 121 -19.43 47.84 56.74
C ILE RB 121 -20.47 46.75 56.95
N HIS RB 122 -20.24 45.54 56.45
CA HIS RB 122 -21.17 44.44 56.68
C HIS RB 122 -21.17 44.00 58.13
N ARG RB 123 -19.97 43.83 58.70
CA ARG RB 123 -19.86 43.51 60.12
C ARG RB 123 -20.56 44.58 60.97
N LEU RB 124 -20.21 45.84 60.76
CA LEU RB 124 -20.80 46.89 61.58
C LEU RB 124 -22.26 47.12 61.26
N ALA RB 125 -22.72 46.76 60.07
CA ALA RB 125 -24.13 46.88 59.75
C ALA RB 125 -24.94 45.83 60.47
N ARG RB 126 -24.48 44.58 60.46
CA ARG RB 126 -25.20 43.58 61.25
C ARG RB 126 -24.94 43.75 62.75
N TYR RB 127 -24.00 44.61 63.14
CA TYR RB 127 -23.92 45.00 64.55
C TYR RB 127 -24.94 46.07 64.88
N TYR RB 128 -24.94 47.17 64.13
CA TYR RB 128 -25.90 48.24 64.39
C TYR RB 128 -27.33 47.82 64.11
N LYS RB 129 -27.53 46.69 63.42
CA LYS RB 129 -28.86 46.09 63.35
C LYS RB 129 -29.36 45.71 64.74
N THR RB 130 -28.53 45.01 65.52
CA THR RB 130 -28.92 44.67 66.88
C THR RB 130 -28.86 45.89 67.80
N LYS RB 131 -27.93 46.81 67.54
CA LYS RB 131 -27.96 48.09 68.25
C LYS RB 131 -29.25 48.84 68.01
N ARG RB 132 -29.91 48.59 66.89
CA ARG RB 132 -31.18 49.23 66.56
C ARG RB 132 -31.05 50.74 66.60
N VAL RB 133 -29.96 51.22 66.01
CA VAL RB 133 -29.88 52.57 65.45
C VAL RB 133 -30.04 52.52 63.94
N LEU RB 134 -30.21 51.33 63.39
CA LEU RB 134 -30.51 51.05 61.99
C LEU RB 134 -31.77 50.22 61.94
N PRO RB 135 -32.53 50.31 60.85
CA PRO RB 135 -33.75 49.51 60.72
C PRO RB 135 -33.46 48.03 60.83
N PRO RB 136 -34.48 47.19 61.09
CA PRO RB 136 -34.21 45.77 61.29
C PRO RB 136 -33.53 45.12 60.10
N ASN RB 137 -33.78 45.63 58.89
CA ASN RB 137 -33.01 45.27 57.71
C ASN RB 137 -32.37 46.53 57.17
N TRP RB 138 -31.08 46.46 56.88
CA TRP RB 138 -30.35 47.57 56.29
C TRP RB 138 -29.43 47.03 55.20
N LYS RB 139 -29.72 47.41 53.96
CA LYS RB 139 -29.19 46.72 52.78
C LYS RB 139 -28.03 47.50 52.19
N TYR RB 140 -26.85 46.89 52.16
CA TYR RB 140 -25.69 47.42 51.45
C TYR RB 140 -25.15 46.32 50.55
N GLU RB 141 -25.43 46.44 49.26
CA GLU RB 141 -24.85 45.59 48.23
C GLU RB 141 -24.03 46.43 47.25
N SER RB 142 -23.52 47.56 47.75
CA SER RB 142 -23.11 48.71 46.96
C SER RB 142 -24.28 49.35 46.23
N SER RB 143 -25.51 48.93 46.55
CA SER RB 143 -26.72 49.63 46.13
C SER RB 143 -27.02 50.81 47.04
N THR RB 144 -26.56 50.75 48.29
CA THR RB 144 -26.60 51.86 49.21
C THR RB 144 -25.32 52.69 49.10
N ALA RB 145 -24.54 52.48 48.03
CA ALA RB 145 -23.23 53.11 47.91
C ALA RB 145 -23.37 54.64 47.85
N SER RB 146 -24.32 55.14 47.09
CA SER RB 146 -24.42 56.57 46.83
C SER RB 146 -25.82 57.13 47.05
N ALA RB 147 -26.69 56.42 47.77
CA ALA RB 147 -28.02 56.95 48.03
C ALA RB 147 -27.96 58.25 48.83
N LEU RB 148 -27.07 58.30 49.82
CA LEU RB 148 -26.81 59.47 50.63
C LEU RB 148 -25.76 60.40 50.00
N VAL RB 149 -25.28 60.07 48.81
CA VAL RB 149 -24.23 60.83 48.13
C VAL RB 149 -24.90 61.61 47.00
N ALA RB 150 -24.70 62.92 47.00
CA ALA RB 150 -25.22 63.78 45.95
C ALA RB 150 -24.15 64.10 44.91
N GLY SB 1 -61.65 -5.43 51.94
CA GLY SB 1 -60.37 -5.09 51.34
C GLY SB 1 -59.93 -3.68 51.66
N ILE SB 2 -60.88 -2.88 52.15
CA ILE SB 2 -60.57 -1.54 52.64
C ILE SB 2 -60.30 -1.60 54.13
N SER SB 3 -59.21 -0.97 54.57
CA SER SB 3 -58.93 -0.88 55.99
C SER SB 3 -57.99 0.29 56.25
N ARG SB 4 -58.24 1.00 57.35
CA ARG SB 4 -57.47 2.19 57.69
C ARG SB 4 -56.01 1.86 57.96
N ASP SB 5 -55.12 2.78 57.58
CA ASP SB 5 -53.70 2.65 57.87
C ASP SB 5 -53.11 4.04 58.07
N ASN SB 6 -52.29 4.20 59.10
CA ASN SB 6 -51.56 5.44 59.32
C ASN SB 6 -50.10 5.35 58.92
N TRP SB 7 -49.39 4.30 59.29
CA TRP SB 7 -48.01 4.13 58.90
C TRP SB 7 -47.85 3.94 57.40
N HIS SB 8 -48.93 3.69 56.68
CA HIS SB 8 -48.89 3.63 55.23
C HIS SB 8 -48.57 4.98 54.61
N LYS SB 9 -48.90 6.06 55.31
CA LYS SB 9 -48.73 7.42 54.81
C LYS SB 9 -47.26 7.77 54.86
N ARG SB 10 -46.85 8.74 54.05
CA ARG SB 10 -45.46 9.16 54.06
C ARG SB 10 -45.11 9.80 55.40
N ARG SB 11 -43.83 9.78 55.74
CA ARG SB 11 -43.39 10.41 56.98
C ARG SB 11 -43.41 11.93 56.86
N LYS SB 12 -43.03 12.58 57.96
CA LYS SB 12 -43.04 14.03 58.04
C LYS SB 12 -42.17 14.67 56.98
N THR SB 13 -41.05 14.04 56.61
CA THR SB 13 -40.10 14.60 55.67
C THR SB 13 -40.07 13.87 54.34
N GLY SB 14 -41.20 13.39 53.86
CA GLY SB 14 -41.23 12.78 52.55
C GLY SB 14 -40.71 11.36 52.51
N GLY SB 15 -40.35 10.78 53.64
CA GLY SB 15 -39.96 9.39 53.69
C GLY SB 15 -41.17 8.49 53.71
N LYS SB 16 -40.95 7.20 53.94
CA LYS SB 16 -42.06 6.25 54.00
C LYS SB 16 -41.85 5.36 55.20
N ARG SB 17 -42.84 5.28 56.08
CA ARG SB 17 -42.82 4.30 57.15
C ARG SB 17 -42.99 2.92 56.52
N LYS SB 18 -41.89 2.22 56.35
CA LYS SB 18 -41.86 0.94 55.65
C LYS SB 18 -42.71 -0.07 56.42
N PRO SB 19 -43.16 -1.15 55.77
CA PRO SB 19 -43.90 -2.17 56.50
C PRO SB 19 -42.98 -2.99 57.40
N TYR SB 20 -43.55 -3.49 58.49
CA TYR SB 20 -42.80 -4.33 59.41
C TYR SB 20 -43.58 -5.54 59.93
N HIS SB 21 -44.87 -5.66 59.60
CA HIS SB 21 -45.82 -6.53 60.29
C HIS SB 21 -46.90 -6.95 59.29
N LYS SB 22 -48.03 -7.44 59.82
CA LYS SB 22 -49.17 -7.86 59.01
C LYS SB 22 -50.40 -7.02 59.33
N LYS SB 23 -51.14 -6.64 58.27
CA LYS SB 23 -52.30 -5.75 58.40
C LYS SB 23 -53.40 -6.41 59.23
N ARG SB 24 -53.82 -5.73 60.31
CA ARG SB 24 -54.63 -6.35 61.34
C ARG SB 24 -56.09 -5.94 61.27
N LYS SB 25 -56.89 -6.58 62.11
CA LYS SB 25 -58.30 -6.28 62.27
C LYS SB 25 -58.55 -5.14 63.26
N TYR SB 26 -57.53 -4.68 63.98
CA TYR SB 26 -57.70 -3.47 64.77
C TYR SB 26 -58.06 -2.30 63.87
N GLU SB 27 -57.33 -2.16 62.77
CA GLU SB 27 -57.54 -1.07 61.82
C GLU SB 27 -58.56 -1.51 60.79
N LEU SB 28 -59.77 -0.98 60.88
CA LEU SB 28 -60.84 -1.27 59.95
C LEU SB 28 -61.21 -0.03 59.17
N GLY SB 29 -61.73 -0.24 57.97
CA GLY SB 29 -62.22 0.86 57.16
C GLY SB 29 -63.54 0.54 56.50
N ARG SB 30 -64.38 -0.24 57.19
CA ARG SB 30 -65.52 -0.98 56.64
C ARG SB 30 -66.25 -0.24 55.52
N PRO SB 31 -66.52 -0.90 54.40
CA PRO SB 31 -67.18 -0.26 53.26
C PRO SB 31 -68.69 -0.42 53.29
N ALA SB 32 -69.36 0.61 52.80
CA ALA SB 32 -70.82 0.66 52.85
C ALA SB 32 -71.32 1.53 51.71
N ALA SB 33 -72.58 1.95 51.80
CA ALA SB 33 -73.14 2.97 50.96
C ALA SB 33 -73.80 4.01 51.85
N ASN SB 34 -74.29 5.08 51.24
CA ASN SB 34 -74.92 6.15 51.99
C ASN SB 34 -76.44 6.01 51.98
N THR SB 35 -77.02 6.05 53.17
CA THR SB 35 -78.44 5.75 53.35
C THR SB 35 -79.28 6.97 53.00
N LYS SB 36 -79.95 6.89 51.85
CA LYS SB 36 -80.96 7.86 51.44
C LYS SB 36 -82.28 7.48 52.08
N ILE SB 37 -83.38 7.99 51.54
CA ILE SB 37 -84.70 7.65 52.04
C ILE SB 37 -85.30 6.56 51.16
N GLY SB 38 -86.00 5.61 51.79
CA GLY SB 38 -86.61 4.50 51.09
C GLY SB 38 -87.19 3.47 52.04
N PRO SB 39 -87.04 2.18 51.71
CA PRO SB 39 -87.53 1.13 52.61
C PRO SB 39 -86.56 0.85 53.74
N ARG SB 40 -87.08 0.86 54.96
CA ARG SB 40 -86.25 0.70 56.17
C ARG SB 40 -85.45 -0.59 56.14
N ARG SB 41 -84.13 -0.47 56.04
CA ARG SB 41 -83.26 -1.65 55.99
C ARG SB 41 -82.04 -1.37 56.85
N ILE SB 42 -81.70 -2.30 57.74
CA ILE SB 42 -80.55 -2.16 58.63
C ILE SB 42 -79.86 -3.51 58.72
N HIS SB 43 -78.56 -3.51 59.01
CA HIS SB 43 -77.85 -4.73 59.37
C HIS SB 43 -76.86 -4.46 60.48
N THR SB 44 -76.72 -5.41 61.39
CA THR SB 44 -75.70 -5.37 62.43
C THR SB 44 -74.38 -5.87 61.85
N VAL SB 45 -73.29 -5.26 62.32
CA VAL SB 45 -71.94 -5.63 61.90
C VAL SB 45 -71.16 -5.99 63.15
N ARG SB 46 -70.42 -7.09 63.07
CA ARG SB 46 -69.62 -7.60 64.18
C ARG SB 46 -68.22 -6.97 64.07
N VAL SB 47 -67.87 -6.14 65.04
CA VAL SB 47 -66.70 -5.27 64.94
C VAL SB 47 -65.72 -5.55 66.07
N ARG SB 48 -64.69 -4.71 66.17
CA ARG SB 48 -63.75 -4.77 67.27
C ARG SB 48 -64.45 -5.04 68.59
N GLY SB 49 -63.81 -5.86 69.42
CA GLY SB 49 -64.29 -6.10 70.76
C GLY SB 49 -65.51 -6.99 70.84
N GLY SB 50 -65.85 -7.67 69.75
CA GLY SB 50 -66.98 -8.56 69.75
C GLY SB 50 -68.30 -7.82 69.76
N ASN SB 51 -68.22 -6.53 70.05
CA ASN SB 51 -69.40 -5.69 70.01
C ASN SB 51 -69.95 -5.66 68.59
N LYS SB 52 -71.23 -5.36 68.46
CA LYS SB 52 -71.90 -5.34 67.17
C LYS SB 52 -72.74 -4.07 67.08
N LYS SB 53 -72.56 -3.35 65.98
CA LYS SB 53 -73.18 -2.04 65.82
C LYS SB 53 -74.01 -1.98 64.56
N TYR SB 54 -74.92 -1.01 64.52
CA TYR SB 54 -76.00 -0.98 63.54
C TYR SB 54 -75.60 -0.10 62.36
N ARG SB 55 -75.41 -0.69 61.19
CA ARG SB 55 -75.14 0.05 59.97
C ARG SB 55 -76.43 0.10 59.15
N ALA SB 56 -76.87 1.31 58.80
CA ALA SB 56 -78.09 1.48 58.05
C ALA SB 56 -77.88 1.16 56.57
N LEU SB 57 -78.99 0.91 55.88
CA LEU SB 57 -79.05 0.75 54.43
C LEU SB 57 -80.02 1.72 53.80
N ARG SB 58 -81.24 1.82 54.35
CA ARG SB 58 -82.22 2.83 53.96
C ARG SB 58 -83.14 3.06 55.14
N LEU SB 59 -83.76 4.24 55.17
CA LEU SB 59 -84.62 4.67 56.26
C LEU SB 59 -85.38 5.92 55.82
N ASP SB 60 -86.47 6.21 56.52
CA ASP SB 60 -87.33 7.36 56.19
C ASP SB 60 -87.54 8.34 57.33
N VAL SB 61 -87.64 7.89 58.57
CA VAL SB 61 -88.17 8.70 59.66
C VAL SB 61 -87.30 8.52 60.89
N GLY SB 62 -87.39 9.49 61.79
CA GLY SB 62 -86.60 9.44 63.00
C GLY SB 62 -87.19 10.26 64.12
N ASN SB 63 -86.31 11.01 64.80
CA ASN SB 63 -86.70 11.86 65.92
C ASN SB 63 -86.24 13.27 65.66
N PHE SB 64 -87.18 14.16 65.32
CA PHE SB 64 -86.84 15.55 65.06
C PHE SB 64 -87.42 16.40 66.17
N SER SB 65 -86.56 17.14 66.86
CA SER SB 65 -86.96 17.94 68.02
C SER SB 65 -87.17 19.39 67.61
N TRP SB 66 -87.69 20.15 68.57
CA TRP SB 66 -87.77 21.60 68.50
C TRP SB 66 -87.05 22.17 69.71
N GLY SB 67 -86.13 23.10 69.46
CA GLY SB 67 -85.32 23.67 70.51
C GLY SB 67 -86.08 24.68 71.36
N SER SB 68 -86.66 25.71 70.72
CA SER SB 68 -87.32 26.78 71.43
C SER SB 68 -88.49 26.30 72.28
N GLU SB 69 -88.88 25.04 72.16
CA GLU SB 69 -89.72 24.40 73.17
C GLU SB 69 -89.20 23.02 73.56
N CYS SB 70 -88.22 22.47 72.85
CA CYS SB 70 -87.62 21.18 73.16
C CYS SB 70 -88.69 20.07 73.18
N CYS SB 71 -89.21 19.79 71.99
CA CYS SB 71 -90.20 18.74 71.83
C CYS SB 71 -89.98 18.02 70.51
N THR SB 72 -89.86 16.69 70.56
CA THR SB 72 -89.59 15.92 69.36
C THR SB 72 -90.84 15.20 68.87
N ARG SB 73 -90.89 15.02 67.57
CA ARG SB 73 -91.88 14.19 66.90
C ARG SB 73 -91.14 13.30 65.92
N LYS SB 74 -91.89 12.56 65.12
CA LYS SB 74 -91.33 11.63 64.14
C LYS SB 74 -91.84 12.02 62.77
N THR SB 75 -91.00 12.70 62.00
CA THR SB 75 -91.39 13.27 60.72
C THR SB 75 -90.70 12.52 59.59
N ARG SB 76 -90.89 13.01 58.38
CA ARG SB 76 -90.44 12.35 57.16
C ARG SB 76 -89.30 13.14 56.52
N ILE SB 77 -88.27 12.41 56.10
CA ILE SB 77 -87.21 12.99 55.27
C ILE SB 77 -87.67 12.80 53.83
N ILE SB 78 -88.39 13.79 53.32
CA ILE SB 78 -88.82 13.75 51.92
C ILE SB 78 -87.62 13.92 50.99
N ASP SB 79 -86.67 14.76 51.39
CA ASP SB 79 -85.63 15.27 50.51
C ASP SB 79 -84.40 15.58 51.34
N VAL SB 80 -83.40 16.19 50.71
CA VAL SB 80 -82.22 16.72 51.39
C VAL SB 80 -81.86 18.00 50.68
N VAL SB 81 -81.97 19.14 51.36
CA VAL SB 81 -81.80 20.41 50.67
C VAL SB 81 -80.37 20.93 50.80
N TYR SB 82 -79.59 20.45 51.76
CA TYR SB 82 -78.17 20.77 51.75
C TYR SB 82 -77.40 19.77 52.58
N ASN SB 83 -76.18 19.48 52.11
CA ASN SB 83 -75.14 18.85 52.90
C ASN SB 83 -73.94 19.79 52.89
N ALA SB 84 -73.09 19.67 53.90
CA ALA SB 84 -72.16 20.73 54.25
C ALA SB 84 -70.73 20.48 53.74
N SER SB 85 -70.53 19.55 52.82
CA SER SB 85 -69.19 19.23 52.33
C SER SB 85 -69.06 19.26 50.81
N ASN SB 86 -70.07 18.85 50.07
CA ASN SB 86 -70.02 18.83 48.62
C ASN SB 86 -71.36 19.29 48.07
N ASN SB 87 -71.33 19.82 46.85
CA ASN SB 87 -72.51 20.47 46.30
C ASN SB 87 -73.51 19.48 45.70
N GLU SB 88 -73.19 18.19 45.63
CA GLU SB 88 -74.08 17.21 45.00
C GLU SB 88 -74.78 16.29 46.00
N LEU SB 89 -74.38 16.30 47.28
CA LEU SB 89 -75.06 15.47 48.27
C LEU SB 89 -76.47 15.96 48.54
N VAL SB 90 -76.75 17.23 48.27
CA VAL SB 90 -78.10 17.77 48.27
C VAL SB 90 -79.00 16.83 47.47
N ARG SB 91 -78.62 16.60 46.22
CA ARG SB 91 -79.40 15.72 45.36
C ARG SB 91 -79.25 14.26 45.77
N THR SB 92 -78.02 13.84 46.08
CA THR SB 92 -77.77 12.45 46.42
C THR SB 92 -78.63 11.97 47.58
N LYS SB 93 -78.99 12.87 48.50
CA LYS SB 93 -79.91 12.57 49.59
C LYS SB 93 -79.29 11.60 50.61
N THR SB 94 -78.03 11.81 50.95
CA THR SB 94 -77.43 11.02 52.01
C THR SB 94 -78.10 11.34 53.35
N LEU SB 95 -77.64 10.67 54.40
CA LEU SB 95 -78.15 10.92 55.75
C LEU SB 95 -76.92 10.96 56.66
N VAL SB 96 -76.41 12.16 56.91
CA VAL SB 96 -75.14 12.36 57.59
C VAL SB 96 -75.34 13.37 58.71
N LYS SB 97 -74.29 13.58 59.48
CA LYS SB 97 -74.35 14.53 60.58
C LYS SB 97 -74.39 15.96 60.04
N ASN SB 98 -75.20 16.78 60.70
CA ASN SB 98 -75.52 18.15 60.29
C ASN SB 98 -75.86 18.23 58.80
N CYS SB 99 -76.69 17.27 58.37
CA CYS SB 99 -77.31 17.32 57.07
C CYS SB 99 -78.53 18.22 57.13
N ILE SB 100 -78.71 19.04 56.10
CA ILE SB 100 -79.76 20.07 56.07
C ILE SB 100 -80.88 19.61 55.15
N VAL SB 101 -82.11 19.61 55.65
CA VAL SB 101 -83.26 19.09 54.93
C VAL SB 101 -84.41 20.09 54.98
N LEU SB 102 -85.12 20.18 53.85
CA LEU SB 102 -86.44 20.79 53.79
C LEU SB 102 -87.45 19.67 53.99
N ILE SB 103 -88.04 19.60 55.16
CA ILE SB 103 -88.95 18.53 55.51
C ILE SB 103 -90.24 19.10 56.06
N ASP SB 104 -91.06 18.17 56.54
CA ASP SB 104 -92.48 18.41 56.74
C ASP SB 104 -92.75 19.11 58.06
N SER SB 105 -93.69 20.04 58.02
CA SER SB 105 -94.13 20.78 59.18
C SER SB 105 -95.22 20.09 59.98
N THR SB 106 -95.98 19.18 59.35
CA THR SB 106 -97.31 18.81 59.85
C THR SB 106 -97.34 18.39 61.31
N PRO SB 107 -96.43 17.53 61.82
CA PRO SB 107 -96.52 17.19 63.26
C PRO SB 107 -96.38 18.38 64.18
N TYR SB 108 -95.41 19.27 63.95
CA TYR SB 108 -95.24 20.42 64.84
C TYR SB 108 -96.28 21.48 64.60
N ARG SB 109 -96.73 21.65 63.35
CA ARG SB 109 -97.83 22.55 63.08
C ARG SB 109 -99.09 22.08 63.80
N GLN SB 110 -99.35 20.77 63.80
CA GLN SB 110 -100.40 20.23 64.64
C GLN SB 110 -100.15 20.57 66.10
N TRP SB 111 -98.93 20.30 66.58
CA TRP SB 111 -98.59 20.57 67.97
C TRP SB 111 -98.82 22.01 68.36
N TYR SB 112 -98.74 22.95 67.42
CA TYR SB 112 -98.82 24.36 67.80
C TYR SB 112 -100.21 24.93 67.52
N GLU SB 113 -100.69 24.80 66.27
CA GLU SB 113 -102.02 25.31 65.93
C GLU SB 113 -103.09 24.63 66.77
N SER SB 114 -102.88 23.36 67.12
CA SER SB 114 -103.91 22.61 67.82
C SER SB 114 -104.13 23.10 69.25
N HIS SB 115 -103.05 23.44 69.95
CA HIS SB 115 -103.12 23.60 71.40
C HIS SB 115 -102.87 25.01 71.89
N TYR SB 116 -102.72 25.99 71.01
CA TYR SB 116 -102.31 27.31 71.46
C TYR SB 116 -103.06 28.47 70.80
N ALA SB 117 -103.99 28.20 69.88
CA ALA SB 117 -104.89 29.17 69.28
C ALA SB 117 -104.19 30.28 68.50
N LEU SB 118 -102.87 30.18 68.31
CA LEU SB 118 -102.15 31.06 67.39
C LEU SB 118 -101.27 30.17 66.52
N PRO SB 119 -101.79 29.70 65.39
CA PRO SB 119 -101.00 28.83 64.51
C PRO SB 119 -99.67 29.42 64.11
N LEU SB 120 -98.60 28.77 64.54
CA LEU SB 120 -97.27 29.03 64.00
C LEU SB 120 -97.11 28.43 62.61
N GLY SB 121 -98.04 27.57 62.19
CA GLY SB 121 -98.06 27.05 60.84
C GLY SB 121 -98.68 28.05 59.89
N ARG SB 122 -97.93 29.10 59.57
CA ARG SB 122 -98.48 30.26 58.89
C ARG SB 122 -98.35 30.16 57.38
N LYS SB 123 -99.46 30.35 56.68
CA LYS SB 123 -99.42 30.63 55.26
C LYS SB 123 -100.23 31.89 54.98
N LYS SB 124 -101.28 32.11 55.78
CA LYS SB 124 -101.93 33.41 55.89
C LYS SB 124 -102.07 33.80 57.36
N GLY SB 125 -101.06 33.44 58.16
CA GLY SB 125 -100.92 33.88 59.52
C GLY SB 125 -101.41 32.91 60.56
N ALA SB 126 -102.49 32.19 60.28
CA ALA SB 126 -103.11 31.33 61.29
C ALA SB 126 -104.11 30.42 60.58
N LYS SB 127 -104.88 29.68 61.36
CA LYS SB 127 -105.84 28.72 60.84
C LYS SB 127 -106.96 28.52 61.86
N LEU SB 128 -108.20 28.53 61.39
CA LEU SB 128 -109.38 28.32 62.24
C LEU SB 128 -109.38 29.25 63.46
N THR SB 129 -109.23 30.55 63.21
CA THR SB 129 -109.25 31.51 64.31
C THR SB 129 -110.58 31.55 65.04
N PRO SB 130 -111.74 31.70 64.38
CA PRO SB 130 -113.01 31.69 65.14
C PRO SB 130 -113.22 30.38 65.89
N GLU SB 131 -112.80 29.26 65.30
CA GLU SB 131 -113.01 27.97 65.92
C GLU SB 131 -112.12 27.80 67.14
N GLU SB 132 -110.90 28.38 67.10
CA GLU SB 132 -110.03 28.40 68.26
C GLU SB 132 -110.47 29.43 69.31
N GLU SB 133 -111.35 30.36 68.94
CA GLU SB 133 -111.86 31.30 69.93
C GLU SB 133 -112.55 30.58 71.09
N GLU SB 134 -113.33 29.55 70.78
CA GLU SB 134 -114.02 28.81 71.84
C GLU SB 134 -113.02 28.12 72.76
N ILE SB 135 -111.89 27.67 72.23
CA ILE SB 135 -110.99 26.87 73.05
C ILE SB 135 -110.01 27.76 73.80
N LEU SB 136 -109.88 29.02 73.39
CA LEU SB 136 -109.06 29.96 74.16
C LEU SB 136 -109.87 31.15 74.70
N ASN SB 137 -110.63 31.82 73.83
CA ASN SB 137 -111.10 33.16 74.15
C ASN SB 137 -112.19 33.19 75.23
N LYS SB 138 -113.34 32.53 75.04
CA LYS SB 138 -114.36 32.46 76.09
C LYS SB 138 -115.30 31.28 75.83
N LYS SB 139 -115.05 30.15 76.50
CA LYS SB 139 -116.11 29.16 76.71
C LYS SB 139 -116.15 28.57 78.11
N ARG SB 140 -115.10 28.72 78.92
CA ARG SB 140 -115.09 28.32 80.32
C ARG SB 140 -114.46 29.44 81.14
N SER SB 141 -114.98 30.65 80.94
CA SER SB 141 -114.31 31.90 81.29
C SER SB 141 -113.56 31.78 82.60
N LYS SB 142 -112.32 32.27 82.60
CA LYS SB 142 -111.31 32.26 83.65
C LYS SB 142 -110.52 30.95 83.72
N LYS SB 143 -110.64 30.04 82.75
CA LYS SB 143 -109.75 28.89 82.69
C LYS SB 143 -108.95 28.81 81.39
N ILE SB 144 -109.64 28.76 80.24
CA ILE SB 144 -108.94 28.53 78.97
C ILE SB 144 -108.12 29.74 78.59
N GLN SB 145 -108.71 30.94 78.71
CA GLN SB 145 -107.98 32.18 78.47
C GLN SB 145 -106.63 32.16 79.14
N LYS SB 146 -106.64 32.01 80.47
CA LYS SB 146 -105.41 32.04 81.25
C LYS SB 146 -104.46 30.91 80.86
N LYS SB 147 -104.98 29.68 80.71
CA LYS SB 147 -104.06 28.56 80.55
C LYS SB 147 -103.42 28.56 79.17
N TYR SB 148 -104.20 28.81 78.11
CA TYR SB 148 -103.56 28.89 76.79
C TYR SB 148 -102.75 30.17 76.59
N ASP SB 149 -103.08 31.27 77.27
CA ASP SB 149 -102.13 32.38 77.25
C ASP SB 149 -100.82 32.00 77.94
N GLU SB 150 -100.93 31.28 79.06
CA GLU SB 150 -99.76 30.80 79.79
C GLU SB 150 -98.94 29.79 79.01
N ARG SB 151 -99.53 29.13 78.02
CA ARG SB 151 -98.81 28.15 77.24
C ARG SB 151 -98.47 28.60 75.83
N LYS SB 152 -99.03 29.71 75.34
CA LYS SB 152 -98.70 30.20 74.00
C LYS SB 152 -97.29 30.76 73.90
N LYS SB 153 -96.60 30.91 75.02
CA LYS SB 153 -95.40 31.73 75.08
C LYS SB 153 -94.17 30.90 74.67
N ASN SB 154 -93.04 31.61 74.52
CA ASN SB 154 -91.73 30.98 74.33
C ASN SB 154 -91.74 30.10 73.08
N ALA SB 155 -91.84 30.76 71.92
CA ALA SB 155 -91.81 30.10 70.62
C ALA SB 155 -91.59 31.16 69.56
N LYS SB 156 -90.59 30.96 68.70
CA LYS SB 156 -90.08 32.03 67.83
C LYS SB 156 -91.03 32.29 66.67
N ILE SB 157 -91.99 33.19 66.90
CA ILE SB 157 -92.77 33.80 65.82
C ILE SB 157 -91.97 35.03 65.41
N SER SB 158 -90.96 34.80 64.57
CA SER SB 158 -90.13 35.86 64.02
C SER SB 158 -90.13 35.73 62.51
N SER SB 159 -89.70 36.80 61.83
CA SER SB 159 -89.79 36.85 60.37
C SER SB 159 -89.14 35.63 59.71
N LEU SB 160 -87.92 35.29 60.10
CA LEU SB 160 -87.20 34.24 59.39
C LEU SB 160 -87.79 32.86 59.70
N LEU SB 161 -88.14 32.59 60.96
CA LEU SB 161 -88.68 31.26 61.25
C LEU SB 161 -90.09 31.10 60.69
N GLU SB 162 -90.88 32.16 60.68
CA GLU SB 162 -92.16 32.06 59.99
C GLU SB 162 -91.95 31.90 58.49
N GLU SB 163 -90.79 32.29 57.97
CA GLU SB 163 -90.55 32.15 56.53
C GLU SB 163 -90.56 30.70 56.06
N GLN SB 164 -90.23 29.72 56.93
CA GLN SB 164 -90.42 28.33 56.52
C GLN SB 164 -91.90 28.01 56.30
N PHE SB 165 -92.76 28.38 57.24
CA PHE SB 165 -94.19 28.17 57.05
C PHE SB 165 -94.70 28.90 55.84
N GLN SB 166 -94.18 30.10 55.59
CA GLN SB 166 -94.57 30.85 54.40
C GLN SB 166 -94.10 30.15 53.13
N GLN SB 167 -92.91 29.55 53.17
CA GLN SB 167 -92.34 28.87 52.02
C GLN SB 167 -92.78 27.43 51.88
N GLY SB 168 -93.81 27.00 52.60
CA GLY SB 168 -94.46 25.73 52.38
C GLY SB 168 -93.87 24.54 53.09
N LYS SB 169 -92.55 24.44 53.18
CA LYS SB 169 -91.91 23.28 53.78
C LYS SB 169 -90.79 23.75 54.70
N LEU SB 170 -90.77 23.23 55.92
CA LEU SB 170 -89.90 23.76 56.95
C LEU SB 170 -88.47 23.26 56.83
N LEU SB 171 -87.61 23.83 57.66
CA LEU SB 171 -86.19 23.55 57.66
C LEU SB 171 -85.79 22.81 58.92
N ALA SB 172 -85.19 21.63 58.73
CA ALA SB 172 -84.66 20.87 59.85
C ALA SB 172 -83.25 20.41 59.50
N CYS SB 173 -82.53 19.96 60.52
CA CYS SB 173 -81.20 19.41 60.36
C CYS SB 173 -81.10 18.12 61.13
N ILE SB 174 -80.10 17.33 60.78
CA ILE SB 174 -79.82 16.06 61.44
C ILE SB 174 -78.33 16.00 61.76
N ALA SB 175 -77.99 15.30 62.83
CA ALA SB 175 -76.59 15.09 63.18
C ALA SB 175 -76.34 13.63 63.53
N SER SB 176 -76.90 12.73 62.72
CA SER SB 176 -76.88 11.30 63.04
C SER SB 176 -75.73 10.63 62.33
N ARG SB 177 -75.57 9.33 62.61
CA ARG SB 177 -74.55 8.49 61.97
C ARG SB 177 -75.05 7.06 61.96
N PRO SB 178 -76.14 6.77 61.23
CA PRO SB 178 -76.70 5.41 61.24
C PRO SB 178 -75.76 4.40 60.67
N GLY SB 179 -74.69 4.83 59.99
CA GLY SB 179 -73.63 3.91 59.60
C GLY SB 179 -73.04 3.15 60.76
N GLN SB 180 -73.08 3.72 61.96
CA GLN SB 180 -72.86 2.95 63.17
C GLN SB 180 -73.89 3.19 64.25
N CYS SB 181 -74.55 4.36 64.29
CA CYS SB 181 -75.58 4.63 65.28
C CYS SB 181 -76.88 3.91 64.99
N GLY SB 182 -77.18 3.64 63.72
CA GLY SB 182 -78.35 2.87 63.34
C GLY SB 182 -79.61 3.65 63.05
N ARG SB 183 -79.66 4.94 63.32
CA ARG SB 183 -80.90 5.68 63.08
C ARG SB 183 -80.59 7.13 62.71
N ALA SB 184 -81.68 7.90 62.63
CA ALA SB 184 -81.68 9.25 62.09
C ALA SB 184 -82.47 10.17 63.01
N ASP SB 185 -81.79 11.17 63.57
CA ASP SB 185 -82.44 12.06 64.53
C ASP SB 185 -81.79 13.43 64.52
N GLY SB 186 -82.62 14.46 64.58
CA GLY SB 186 -82.17 15.83 64.51
C GLY SB 186 -83.16 16.78 65.14
N TYR SB 187 -83.25 17.99 64.57
CA TYR SB 187 -84.04 19.06 65.18
C TYR SB 187 -84.27 20.17 64.17
N VAL SB 188 -85.29 20.98 64.45
CA VAL SB 188 -85.77 22.00 63.52
C VAL SB 188 -84.97 23.28 63.66
N LEU SB 189 -84.60 23.88 62.53
CA LEU SB 189 -83.72 25.04 62.51
C LEU SB 189 -84.52 26.34 62.37
N GLU SB 190 -83.81 27.47 62.41
CA GLU SB 190 -84.48 28.75 62.35
C GLU SB 190 -83.48 29.86 62.02
N GLY SB 191 -84.02 30.95 61.48
CA GLY SB 191 -83.34 32.24 61.46
C GLY SB 191 -81.88 32.22 61.07
N LYS SB 192 -81.03 32.53 62.05
CA LYS SB 192 -79.58 32.45 61.89
C LYS SB 192 -79.12 31.14 61.29
N GLU SB 193 -79.95 30.10 61.36
CA GLU SB 193 -79.66 28.85 60.65
C GLU SB 193 -80.30 28.84 59.27
N LEU SB 194 -81.53 29.34 59.18
CA LEU SB 194 -82.24 29.33 57.90
C LEU SB 194 -81.49 30.15 56.87
N GLU SB 195 -81.42 31.47 57.07
CA GLU SB 195 -80.76 32.33 56.10
C GLU SB 195 -79.36 31.81 55.80
N PHE SB 196 -78.69 31.21 56.80
CA PHE SB 196 -77.35 30.70 56.58
C PHE SB 196 -77.35 29.56 55.55
N TYR SB 197 -78.12 28.50 55.82
CA TYR SB 197 -78.05 27.33 54.93
C TYR SB 197 -78.73 27.59 53.58
N LEU SB 198 -79.88 28.26 53.57
CA LEU SB 198 -80.48 28.61 52.28
C LEU SB 198 -79.61 29.62 51.54
N ARG SB 199 -78.77 30.37 52.26
CA ARG SB 199 -77.79 31.22 51.60
C ARG SB 199 -76.69 30.38 51.00
N LYS SB 200 -76.32 29.29 51.67
CA LYS SB 200 -75.38 28.35 51.09
C LYS SB 200 -75.90 27.81 49.76
N ILE SB 201 -77.18 27.43 49.73
CA ILE SB 201 -77.75 26.86 48.50
C ILE SB 201 -77.97 27.94 47.43
N LYS SB 202 -78.44 29.13 47.83
CA LYS SB 202 -78.57 30.24 46.90
C LYS SB 202 -77.21 30.65 46.35
N ALA SB 203 -76.14 30.44 47.13
CA ALA SB 203 -74.78 30.64 46.66
C ALA SB 203 -74.32 29.53 45.73
N ARG SB 204 -74.82 28.31 45.91
CA ARG SB 204 -74.67 27.31 44.87
C ARG SB 204 -75.30 27.81 43.57
N LYS SB 205 -76.47 28.43 43.69
CA LYS SB 205 -77.16 28.95 42.51
C LYS SB 205 -76.35 30.04 41.83
N GLY SB 206 -76.21 31.19 42.47
CA GLY SB 206 -75.41 32.28 41.94
C GLY SB 206 -75.97 33.00 40.73
N MET TB 1 72.89 20.37 58.12
CA MET TB 1 73.59 20.50 59.38
C MET TB 1 72.67 20.37 60.59
N GLY TB 2 72.90 19.33 61.38
CA GLY TB 2 72.14 19.13 62.59
C GLY TB 2 70.72 18.66 62.34
N ARG TB 3 70.00 18.51 63.44
CA ARG TB 3 68.61 18.10 63.43
C ARG TB 3 67.97 18.48 64.75
N VAL TB 4 66.65 18.61 64.73
CA VAL TB 4 65.93 19.02 65.93
C VAL TB 4 65.93 17.87 66.94
N ARG TB 5 66.18 18.21 68.19
CA ARG TB 5 66.67 17.26 69.18
C ARG TB 5 65.55 16.72 70.07
N THR TB 6 65.87 15.67 70.83
CA THR TB 6 64.90 14.72 71.33
C THR TB 6 64.60 14.88 72.83
N LYS TB 7 63.63 14.07 73.29
CA LYS TB 7 63.22 14.11 74.69
C LYS TB 7 64.32 13.62 75.61
N THR TB 8 65.15 12.68 75.13
CA THR TB 8 66.16 12.11 76.01
C THR TB 8 67.21 13.14 76.38
N VAL TB 9 67.31 14.22 75.61
CA VAL TB 9 68.17 15.33 75.95
C VAL TB 9 67.38 16.50 76.52
N LYS TB 10 66.10 16.65 76.18
CA LYS TB 10 65.29 17.66 76.84
C LYS TB 10 65.20 17.40 78.35
N LYS TB 11 64.94 16.14 78.73
CA LYS TB 11 64.96 15.75 80.13
C LYS TB 11 66.36 15.84 80.71
N ALA TB 12 67.35 15.33 79.98
CA ALA TB 12 68.72 15.31 80.48
C ALA TB 12 69.29 16.71 80.62
N ALA TB 13 68.64 17.71 80.04
CA ALA TB 13 69.06 19.08 80.24
C ALA TB 13 68.23 19.78 81.31
N ARG TB 14 66.90 19.63 81.30
CA ARG TB 14 66.10 20.25 82.34
C ARG TB 14 66.13 19.46 83.64
N VAL TB 15 67.05 18.51 83.78
CA VAL TB 15 67.48 18.03 85.11
C VAL TB 15 68.81 18.64 85.52
N ILE TB 16 69.79 18.66 84.61
CA ILE TB 16 71.14 19.05 85.00
C ILE TB 16 71.27 20.57 85.11
N ILE TB 17 70.63 21.32 84.21
CA ILE TB 17 70.62 22.77 84.37
C ILE TB 17 69.79 23.18 85.56
N GLU TB 18 69.06 22.23 86.17
CA GLU TB 18 68.35 22.50 87.40
C GLU TB 18 69.23 22.25 88.62
N LYS TB 19 69.91 21.11 88.66
CA LYS TB 19 70.71 20.73 89.83
C LYS TB 19 72.20 21.01 89.65
N TYR TB 20 72.80 20.46 88.60
CA TYR TB 20 74.22 20.58 88.32
C TYR TB 20 74.59 21.92 87.69
N TYR TB 21 73.62 22.83 87.49
CA TYR TB 21 73.85 24.05 86.72
C TYR TB 21 75.07 24.81 87.19
N THR TB 22 75.06 25.25 88.46
CA THR TB 22 76.19 26.02 88.97
C THR TB 22 77.49 25.25 88.80
N ARG TB 23 77.43 23.92 88.83
CA ARG TB 23 78.57 23.05 88.56
C ARG TB 23 78.65 22.65 87.09
N LEU TB 24 77.75 23.17 86.23
CA LEU TB 24 77.77 22.87 84.81
C LEU TB 24 78.64 23.87 84.06
N GLY TB 25 79.20 23.42 82.93
CA GLY TB 25 80.24 24.16 82.24
C GLY TB 25 79.74 25.42 81.56
N ASN TB 26 80.64 26.01 80.76
CA ASN TB 26 80.28 27.16 79.94
C ASN TB 26 80.48 26.89 78.45
N ASP TB 27 81.22 25.85 78.09
CA ASP TB 27 81.44 25.51 76.69
C ASP TB 27 81.39 24.00 76.48
N PHE TB 28 81.26 23.61 75.21
CA PHE TB 28 80.88 22.25 74.86
C PHE TB 28 81.84 21.21 75.43
N HIS TB 29 83.14 21.45 75.28
CA HIS TB 29 84.11 20.44 75.67
C HIS TB 29 83.98 20.15 77.16
N THR TB 30 83.86 21.23 77.95
CA THR TB 30 83.58 21.12 79.37
C THR TB 30 82.29 20.35 79.61
N ASN TB 31 81.25 20.65 78.83
CA ASN TB 31 79.97 19.98 79.07
C ASN TB 31 80.09 18.48 78.90
N LYS TB 32 80.78 18.07 77.85
CA LYS TB 32 80.92 16.66 77.53
C LYS TB 32 81.72 15.93 78.61
N ARG TB 33 82.81 16.54 79.09
CA ARG TB 33 83.61 15.83 80.09
C ARG TB 33 83.00 15.94 81.48
N VAL TB 34 82.08 16.88 81.68
CA VAL TB 34 81.17 16.82 82.82
C VAL TB 34 80.25 15.62 82.71
N CYS TB 35 79.65 15.45 81.53
CA CYS TB 35 78.78 14.31 81.25
C CYS TB 35 79.45 12.98 81.51
N GLU TB 36 80.75 12.87 81.23
CA GLU TB 36 81.42 11.59 81.42
C GLU TB 36 81.27 11.08 82.85
N GLU TB 37 81.43 11.97 83.84
CA GLU TB 37 81.31 11.50 85.21
C GLU TB 37 79.89 11.58 85.75
N ILE TB 38 79.20 12.70 85.57
CA ILE TB 38 77.89 12.88 86.19
C ILE TB 38 76.76 12.62 85.18
N ALA TB 39 77.00 11.75 84.20
CA ALA TB 39 75.94 11.27 83.33
C ALA TB 39 75.99 9.74 83.33
N ILE TB 40 74.81 9.13 83.19
CA ILE TB 40 74.69 7.69 83.11
C ILE TB 40 73.81 7.34 81.89
N ILE TB 41 74.45 7.01 80.77
CA ILE TB 41 73.76 6.67 79.54
C ILE TB 41 74.48 5.53 78.85
N PRO TB 42 73.76 4.77 78.02
CA PRO TB 42 74.37 3.62 77.35
C PRO TB 42 75.16 3.95 76.09
N SER TB 43 75.58 5.18 75.87
CA SER TB 43 76.23 5.52 74.61
C SER TB 43 77.03 6.80 74.73
N LYS TB 44 77.62 7.19 73.61
CA LYS TB 44 78.18 8.52 73.40
C LYS TB 44 77.33 9.37 72.46
N LYS TB 45 76.40 8.74 71.73
CA LYS TB 45 75.49 9.52 70.88
C LYS TB 45 74.62 10.44 71.73
N LEU TB 46 74.03 9.91 72.80
CA LEU TB 46 73.23 10.75 73.68
C LEU TB 46 74.11 11.78 74.37
N ARG TB 47 75.32 11.39 74.74
CA ARG TB 47 76.25 12.26 75.46
C ARG TB 47 76.67 13.47 74.62
N ASN TB 48 76.99 13.24 73.35
CA ASN TB 48 77.37 14.34 72.48
C ASN TB 48 76.25 15.35 72.34
N LYS TB 49 75.02 14.87 72.16
CA LYS TB 49 73.88 15.77 72.03
C LYS TB 49 73.57 16.47 73.35
N ILE TB 50 73.73 15.79 74.49
CA ILE TB 50 73.61 16.48 75.77
C ILE TB 50 74.59 17.62 75.85
N ALA TB 51 75.85 17.37 75.47
CA ALA TB 51 76.86 18.42 75.55
C ALA TB 51 76.57 19.56 74.59
N GLY TB 52 76.07 19.25 73.39
CA GLY TB 52 75.67 20.30 72.48
C GLY TB 52 74.54 21.15 73.03
N TYR TB 53 73.51 20.52 73.60
CA TYR TB 53 72.43 21.32 74.13
C TYR TB 53 72.80 22.02 75.42
N VAL TB 54 73.82 21.54 76.14
CA VAL TB 54 74.24 22.33 77.29
C VAL TB 54 75.02 23.54 76.82
N THR TB 55 75.80 23.39 75.75
CA THR TB 55 76.35 24.57 75.08
C THR TB 55 75.25 25.56 74.76
N HIS TB 56 74.14 25.05 74.21
CA HIS TB 56 72.95 25.88 73.98
C HIS TB 56 72.48 26.53 75.29
N LEU TB 57 72.49 25.77 76.39
CA LEU TB 57 72.01 26.33 77.65
C LEU TB 57 72.84 27.51 78.10
N MET TB 58 74.17 27.40 78.04
CA MET TB 58 74.99 28.54 78.43
C MET TB 58 74.85 29.69 77.45
N LYS TB 59 74.62 29.39 76.18
CA LYS TB 59 74.22 30.44 75.25
C LYS TB 59 72.98 31.17 75.80
N ARG TB 60 72.09 30.41 76.44
CA ARG TB 60 70.81 30.98 76.88
C ARG TB 60 70.82 31.46 78.34
N ILE TB 61 71.89 31.19 79.10
CA ILE TB 61 71.82 31.40 80.55
C ILE TB 61 71.90 32.88 80.88
N GLN TB 62 73.02 33.52 80.55
CA GLN TB 62 73.28 34.90 80.92
C GLN TB 62 72.67 35.88 79.92
N ARG TB 63 71.62 35.47 79.22
CA ARG TB 63 71.03 36.21 78.11
C ARG TB 63 69.80 37.00 78.52
N GLY TB 64 69.79 37.56 79.73
CA GLY TB 64 68.63 38.24 80.26
C GLY TB 64 67.68 37.23 80.88
N PRO TB 65 66.60 37.71 81.52
CA PRO TB 65 65.57 36.78 81.99
C PRO TB 65 65.11 35.89 80.85
N VAL TB 66 65.43 34.60 80.94
CA VAL TB 66 65.24 33.66 79.83
C VAL TB 66 64.16 32.66 80.22
N ARG TB 67 63.20 32.45 79.31
CA ARG TB 67 62.06 31.59 79.57
C ARG TB 67 62.28 30.14 79.14
N GLY TB 68 63.42 29.83 78.53
CA GLY TB 68 63.71 28.49 78.08
C GLY TB 68 64.58 27.65 78.97
N ILE TB 69 64.93 28.14 80.16
CA ILE TB 69 65.64 27.38 81.18
C ILE TB 69 65.16 27.84 82.55
N SER TB 70 65.64 27.16 83.59
CA SER TB 70 65.41 27.58 84.95
C SER TB 70 66.59 27.18 85.81
N ILE TB 71 67.07 28.13 86.61
CA ILE TB 71 68.26 27.96 87.44
C ILE TB 71 68.07 28.75 88.73
N LYS TB 72 68.96 28.52 89.70
CA LYS TB 72 68.90 29.27 90.95
C LYS TB 72 69.08 30.76 90.70
N LEU TB 73 70.15 31.15 90.01
CA LEU TB 73 70.40 32.57 89.76
C LEU TB 73 69.11 33.28 89.34
N GLN TB 74 68.42 32.72 88.35
CA GLN TB 74 67.15 33.29 87.91
C GLN TB 74 66.12 33.28 89.03
N GLU TB 75 65.90 32.12 89.66
CA GLU TB 75 64.87 32.02 90.70
C GLU TB 75 65.05 33.09 91.76
N GLU TB 76 66.21 33.08 92.43
CA GLU TB 76 66.44 34.10 93.42
C GLU TB 76 66.32 35.50 92.84
N GLU TB 77 67.03 35.83 91.76
CA GLU TB 77 67.07 37.23 91.34
C GLU TB 77 65.67 37.77 91.08
N ARG TB 78 64.78 36.97 90.46
CA ARG TB 78 63.43 37.48 90.22
C ARG TB 78 62.66 37.62 91.53
N GLU TB 79 62.79 36.64 92.43
CA GLU TB 79 62.10 36.76 93.72
C GLU TB 79 62.62 37.96 94.52
N ARG TB 80 63.94 38.15 94.51
CA ARG TB 80 64.56 39.26 95.24
C ARG TB 80 64.15 40.60 94.66
N ARG TB 81 64.08 40.72 93.34
CA ARG TB 81 63.57 41.95 92.77
C ARG TB 81 62.14 42.21 93.21
N ASP TB 82 61.29 41.17 93.16
CA ASP TB 82 59.93 41.33 93.66
C ASP TB 82 59.92 41.72 95.13
N ASN TB 83 60.90 41.27 95.90
CA ASN TB 83 61.13 41.76 97.25
C ASN TB 83 61.63 43.19 97.15
N TYR TB 84 60.73 44.15 97.30
CA TYR TB 84 60.96 45.49 96.77
C TYR TB 84 60.67 46.54 97.82
N VAL TB 85 61.21 47.73 97.60
CA VAL TB 85 61.06 48.89 98.46
C VAL TB 85 60.10 49.88 97.80
N PRO TB 86 58.80 49.86 98.11
CA PRO TB 86 57.91 50.89 97.57
C PRO TB 86 58.44 52.28 97.87
N GLU TB 87 58.73 53.02 96.79
CA GLU TB 87 59.03 54.43 96.94
C GLU TB 87 57.81 55.16 97.48
N VAL TB 88 57.95 56.46 97.73
CA VAL TB 88 56.89 57.15 98.45
C VAL TB 88 55.69 57.23 97.52
N SER TB 89 54.75 56.31 97.69
CA SER TB 89 53.63 56.19 96.78
C SER TB 89 52.32 55.81 97.47
N ALA TB 90 52.15 56.13 98.76
CA ALA TB 90 50.84 55.93 99.39
C ALA TB 90 49.78 56.83 98.78
N LEU TB 91 50.10 58.10 98.53
CA LEU TB 91 49.27 58.99 97.74
C LEU TB 91 49.18 58.56 96.29
N ASP TB 92 50.07 57.64 95.88
CA ASP TB 92 50.11 56.95 94.60
C ASP TB 92 50.57 57.87 93.48
N GLN TB 93 50.53 59.18 93.70
CA GLN TB 93 50.93 60.20 92.74
C GLN TB 93 50.64 61.57 93.34
N GLU TB 94 51.04 62.61 92.62
CA GLU TB 94 50.88 63.99 93.05
C GLU TB 94 49.42 64.44 92.91
N ILE TB 95 49.19 65.75 92.92
CA ILE TB 95 47.86 66.36 92.87
C ILE TB 95 46.95 65.66 91.86
N ILE TB 96 45.69 65.44 92.26
CA ILE TB 96 44.71 64.71 91.48
C ILE TB 96 43.51 65.60 91.17
N GLU TB 97 43.22 65.75 89.88
CA GLU TB 97 41.96 66.26 89.39
C GLU TB 97 40.96 65.11 89.30
N VAL TB 98 39.70 65.41 89.64
CA VAL TB 98 38.62 64.44 89.54
C VAL TB 98 37.37 65.15 89.03
N ASP TB 99 36.36 64.35 88.68
CA ASP TB 99 35.20 64.87 87.98
C ASP TB 99 34.11 65.36 88.92
N PRO TB 100 33.36 66.38 88.51
CA PRO TB 100 32.19 66.79 89.30
C PRO TB 100 31.19 65.67 89.46
N ASP TB 101 31.09 64.77 88.49
CA ASP TB 101 30.24 63.60 88.67
C ASP TB 101 30.71 62.76 89.84
N THR TB 102 32.03 62.56 89.95
CA THR TB 102 32.55 61.80 91.08
C THR TB 102 32.35 62.56 92.39
N LYS TB 103 32.44 63.89 92.35
CA LYS TB 103 32.20 64.68 93.56
C LYS TB 103 30.76 64.55 94.01
N GLU TB 104 29.82 64.64 93.08
CA GLU TB 104 28.42 64.50 93.42
C GLU TB 104 28.10 63.08 93.88
N MET TB 105 28.79 62.09 93.34
CA MET TB 105 28.66 60.74 93.87
C MET TB 105 29.14 60.68 95.31
N LEU TB 106 30.35 61.18 95.56
CA LEU TB 106 30.93 61.16 96.91
C LEU TB 106 30.21 62.10 97.86
N LYS TB 107 29.27 62.90 97.36
CA LYS TB 107 28.34 63.61 98.25
C LYS TB 107 27.46 62.62 99.01
N LEU TB 108 26.99 61.57 98.32
CA LEU TB 108 26.24 60.52 99.01
C LEU TB 108 27.02 59.98 100.19
N LEU TB 109 28.28 59.60 99.94
CA LEU TB 109 29.18 59.26 101.01
C LEU TB 109 29.52 60.46 101.89
N ASP TB 110 29.17 61.67 101.44
CA ASP TB 110 29.62 62.93 102.05
C ASP TB 110 31.14 62.96 102.14
N PHE TB 111 31.78 62.58 101.03
CA PHE TB 111 33.23 62.42 100.97
C PHE TB 111 33.83 63.37 99.94
N GLY TB 112 35.08 63.76 100.19
CA GLY TB 112 35.90 64.46 99.22
C GLY TB 112 37.35 64.02 99.35
N SER TB 113 38.22 64.75 98.66
CA SER TB 113 39.66 64.57 98.79
C SER TB 113 40.35 65.74 98.11
N LEU TB 114 41.67 65.64 97.99
CA LEU TB 114 42.43 66.66 97.28
C LEU TB 114 41.88 66.80 95.86
N SER TB 115 41.19 67.91 95.59
CA SER TB 115 40.25 67.98 94.48
C SER TB 115 40.56 69.18 93.59
N ASN TB 116 40.27 69.03 92.29
CA ASN TB 116 40.40 70.13 91.35
C ASN TB 116 39.27 70.22 90.34
N LEU TB 117 38.30 69.31 90.34
CA LEU TB 117 37.12 69.36 89.48
C LEU TB 117 37.53 69.31 88.00
N GLN TB 118 38.05 68.15 87.60
CA GLN TB 118 38.40 67.93 86.20
C GLN TB 118 37.16 68.00 85.31
N VAL TB 119 37.22 68.87 84.29
CA VAL TB 119 36.10 69.09 83.37
C VAL TB 119 36.41 68.42 82.04
N THR TB 120 35.60 67.42 81.68
CA THR TB 120 35.72 66.71 80.42
C THR TB 120 34.33 66.41 79.82
N GLN TB 121 33.44 67.42 79.79
CA GLN TB 121 32.02 67.12 79.70
C GLN TB 121 31.54 66.75 78.29
N PRO TB 122 31.68 67.61 77.26
CA PRO TB 122 30.99 67.33 76.00
C PRO TB 122 31.59 66.16 75.22
N THR TB 123 30.73 65.45 74.48
CA THR TB 123 31.10 64.27 73.72
C THR TB 123 30.93 64.53 72.23
N VAL TB 124 31.70 63.79 71.42
CA VAL TB 124 31.80 64.03 69.98
C VAL TB 124 31.22 62.86 69.20
N GLY TB 125 30.16 62.25 69.72
CA GLY TB 125 29.73 61.00 69.09
C GLY TB 125 30.63 59.85 69.51
N MET TB 126 30.02 58.71 69.75
CA MET TB 126 30.72 57.69 70.51
C MET TB 126 30.50 56.35 69.81
N ASN TB 127 30.77 55.26 70.54
CA ASN TB 127 31.29 54.00 69.99
C ASN TB 127 30.81 53.68 68.58
N PHE TB 128 31.75 53.33 67.72
CA PHE TB 128 31.54 53.26 66.29
C PHE TB 128 30.36 52.37 65.93
N LYS TB 129 29.48 52.89 65.08
CA LYS TB 129 28.36 52.15 64.54
C LYS TB 129 28.46 52.13 63.02
N PRO UB 1 -34.93 -23.24 74.02
CA PRO UB 1 -35.37 -23.01 75.40
C PRO UB 1 -35.14 -24.22 76.28
N VAL UB 2 -34.65 -24.00 77.49
CA VAL UB 2 -34.25 -25.08 78.40
C VAL UB 2 -34.57 -24.67 79.83
N ALA UB 3 -34.51 -25.66 80.73
CA ALA UB 3 -34.69 -25.44 82.15
C ALA UB 3 -33.50 -25.88 83.00
N ARG UB 4 -32.37 -26.20 82.38
CA ARG UB 4 -31.17 -26.56 83.13
C ARG UB 4 -30.58 -25.34 83.83
N SER UB 5 -29.54 -25.56 84.63
CA SER UB 5 -28.82 -24.44 85.20
C SER UB 5 -28.02 -23.72 84.12
N TRP UB 6 -27.32 -22.66 84.52
CA TRP UB 6 -26.57 -21.89 83.54
C TRP UB 6 -25.22 -21.37 84.02
N VAL UB 7 -24.84 -21.57 85.28
CA VAL UB 7 -23.80 -20.77 85.93
C VAL UB 7 -22.47 -21.50 85.88
N CYS UB 8 -21.42 -20.77 85.52
CA CYS UB 8 -20.04 -21.23 85.63
C CYS UB 8 -19.13 -20.04 85.84
N ARG UB 9 -17.93 -20.32 86.36
CA ARG UB 9 -16.92 -19.30 86.59
C ARG UB 9 -15.55 -19.85 86.18
N LYS UB 10 -14.53 -19.00 86.21
CA LYS UB 10 -13.17 -19.44 85.97
C LYS UB 10 -12.36 -19.46 87.27
N THR UB 11 -11.58 -20.52 87.45
CA THR UB 11 -10.74 -20.67 88.62
C THR UB 11 -9.25 -20.72 88.32
N TYR UB 12 -8.80 -21.48 87.32
CA TYR UB 12 -7.39 -21.54 86.98
C TYR UB 12 -7.03 -20.37 86.07
N VAL UB 13 -6.82 -19.20 86.68
CA VAL UB 13 -6.58 -17.97 85.95
C VAL UB 13 -5.29 -18.11 85.14
N THR UB 14 -5.30 -17.55 83.93
CA THR UB 14 -4.19 -17.68 83.01
C THR UB 14 -2.96 -16.94 83.52
N PRO UB 15 -1.76 -17.41 83.20
CA PRO UB 15 -0.57 -16.60 83.46
C PRO UB 15 -0.37 -15.51 82.42
N ARG UB 16 -0.12 -14.30 82.91
CA ARG UB 16 -0.09 -13.15 82.03
C ARG UB 16 1.23 -12.95 81.32
N ARG UB 17 2.28 -13.69 81.72
CA ARG UB 17 3.55 -13.71 81.02
C ARG UB 17 4.36 -14.92 81.49
N PRO UB 18 3.97 -16.14 81.10
CA PRO UB 18 4.68 -17.33 81.60
C PRO UB 18 6.06 -17.59 80.98
N PHE UB 19 6.49 -16.78 80.01
CA PHE UB 19 7.71 -17.12 79.25
C PHE UB 19 8.97 -16.48 79.84
N GLU UB 20 9.22 -16.65 81.13
CA GLU UB 20 10.52 -16.28 81.69
C GLU UB 20 11.03 -17.28 82.72
N LYS UB 21 10.18 -18.24 83.09
CA LYS UB 21 10.48 -19.24 84.11
C LYS UB 21 10.60 -18.62 85.50
N SER UB 22 10.44 -17.30 85.64
CA SER UB 22 10.51 -16.74 86.99
C SER UB 22 9.17 -16.79 87.71
N ARG UB 23 8.09 -16.41 87.03
CA ARG UB 23 6.79 -16.78 87.56
C ARG UB 23 6.71 -18.28 87.71
N LEU UB 24 7.49 -19.02 86.92
CA LEU UB 24 7.60 -20.46 87.11
C LEU UB 24 8.43 -20.80 88.34
N ASP UB 25 9.37 -19.93 88.73
CA ASP UB 25 10.07 -20.12 90.00
C ASP UB 25 9.06 -20.08 91.12
N GLN UB 26 8.13 -19.12 91.04
CA GLN UB 26 7.00 -19.10 91.97
C GLN UB 26 6.17 -20.37 91.86
N GLU UB 27 5.85 -20.78 90.63
CA GLU UB 27 4.95 -21.90 90.42
C GLU UB 27 5.56 -23.22 90.92
N LEU UB 28 6.88 -23.37 90.78
CA LEU UB 28 7.56 -24.58 91.21
C LEU UB 28 7.94 -24.52 92.69
N LYS UB 29 8.08 -23.32 93.26
CA LYS UB 29 8.24 -23.27 94.71
C LYS UB 29 6.92 -23.47 95.42
N LEU UB 30 5.80 -23.25 94.75
CA LEU UB 30 4.52 -23.64 95.35
C LEU UB 30 4.42 -25.15 95.54
N ILE UB 31 4.90 -25.93 94.57
CA ILE UB 31 4.94 -27.38 94.78
C ILE UB 31 6.14 -27.77 95.63
N GLY UB 32 7.18 -26.94 95.64
CA GLY UB 32 8.31 -27.19 96.52
C GLY UB 32 7.97 -26.93 97.98
N GLU UB 33 6.90 -26.20 98.22
CA GLU UB 33 6.46 -25.96 99.59
C GLU UB 33 5.21 -26.72 99.96
N TYR UB 34 4.39 -27.17 98.98
CA TYR UB 34 3.25 -27.95 99.43
C TYR UB 34 2.87 -29.11 98.51
N GLY UB 35 3.57 -29.31 97.40
CA GLY UB 35 3.48 -30.52 96.61
C GLY UB 35 2.13 -30.95 96.06
N LEU UB 36 1.22 -30.02 95.79
CA LEU UB 36 -0.10 -30.43 95.36
C LEU UB 36 -0.10 -30.70 93.85
N ARG UB 37 -1.30 -30.85 93.28
CA ARG UB 37 -1.51 -31.61 92.04
C ARG UB 37 -1.00 -30.89 90.81
N ASN UB 38 -1.61 -29.75 90.46
CA ASN UB 38 -1.15 -28.98 89.31
C ASN UB 38 -1.23 -27.50 89.67
N LYS UB 39 -1.21 -26.65 88.65
CA LYS UB 39 -1.16 -25.22 88.87
C LYS UB 39 -2.52 -24.55 88.70
N ARG UB 40 -3.57 -25.31 88.40
CA ARG UB 40 -4.92 -24.82 88.59
C ARG UB 40 -5.12 -24.30 90.00
N GLU UB 41 -4.59 -24.99 91.01
CA GLU UB 41 -4.68 -24.51 92.39
C GLU UB 41 -3.85 -23.25 92.60
N VAL UB 42 -2.67 -23.21 92.00
CA VAL UB 42 -1.88 -21.97 92.00
C VAL UB 42 -2.76 -20.81 91.59
N TRP UB 43 -3.36 -20.92 90.41
CA TRP UB 43 -4.15 -19.83 89.87
C TRP UB 43 -5.44 -19.61 90.66
N ARG UB 44 -6.01 -20.66 91.26
CA ARG UB 44 -7.23 -20.49 92.04
C ARG UB 44 -6.95 -19.70 93.30
N VAL UB 45 -5.83 -19.99 93.97
CA VAL UB 45 -5.47 -19.25 95.17
C VAL UB 45 -5.16 -17.81 94.82
N LYS UB 46 -4.45 -17.60 93.71
CA LYS UB 46 -4.13 -16.24 93.32
C LYS UB 46 -5.37 -15.46 92.90
N PHE UB 47 -6.40 -16.13 92.39
CA PHE UB 47 -7.67 -15.45 92.14
C PHE UB 47 -8.41 -15.14 93.43
N THR UB 48 -8.50 -16.11 94.33
CA THR UB 48 -9.27 -15.92 95.55
C THR UB 48 -8.68 -14.81 96.40
N LEU UB 49 -7.35 -14.80 96.55
CA LEU UB 49 -6.70 -13.77 97.33
C LEU UB 49 -6.90 -12.40 96.71
N ALA UB 50 -6.66 -12.29 95.41
CA ALA UB 50 -6.88 -11.02 94.73
C ALA UB 50 -8.31 -10.56 94.93
N LYS UB 51 -9.28 -11.47 94.83
CA LYS UB 51 -10.67 -11.06 94.93
C LYS UB 51 -10.98 -10.52 96.32
N ILE UB 52 -10.52 -11.22 97.36
CA ILE UB 52 -10.82 -10.75 98.71
C ILE UB 52 -10.13 -9.41 98.98
N ARG UB 53 -8.83 -9.36 98.72
CA ARG UB 53 -8.05 -8.15 98.97
C ARG UB 53 -8.64 -6.97 98.24
N LYS UB 54 -8.95 -7.15 96.96
CA LYS UB 54 -9.53 -6.09 96.15
C LYS UB 54 -10.95 -5.76 96.57
N ALA UB 55 -11.74 -6.74 97.02
CA ALA UB 55 -13.07 -6.43 97.52
C ALA UB 55 -12.99 -5.46 98.67
N ALA UB 56 -12.00 -5.65 99.55
CA ALA UB 56 -11.77 -4.65 100.58
C ALA UB 56 -11.24 -3.34 99.99
N ARG UB 57 -10.22 -3.43 99.13
CA ARG UB 57 -9.45 -2.24 98.75
C ARG UB 57 -10.25 -1.28 97.89
N GLU UB 58 -10.89 -1.78 96.84
CA GLU UB 58 -11.62 -0.88 95.94
C GLU UB 58 -12.79 -0.24 96.67
N LEU UB 59 -13.21 -0.83 97.79
CA LEU UB 59 -14.21 -0.18 98.62
C LEU UB 59 -13.58 0.76 99.64
N LEU UB 60 -12.28 0.59 99.91
CA LEU UB 60 -11.59 1.46 100.86
C LEU UB 60 -11.74 2.93 100.51
N THR UB 61 -11.43 3.30 99.27
CA THR UB 61 -11.21 4.70 98.95
C THR UB 61 -12.47 5.53 99.12
N LEU UB 62 -13.63 4.89 99.15
CA LEU UB 62 -14.90 5.61 99.14
C LEU UB 62 -15.05 6.47 100.39
N ASP UB 63 -16.07 7.32 100.37
CA ASP UB 63 -16.39 8.16 101.52
C ASP UB 63 -16.50 7.29 102.76
N GLU UB 64 -15.58 7.51 103.70
CA GLU UB 64 -15.65 6.77 104.94
C GLU UB 64 -16.92 7.14 105.69
N LYS UB 65 -17.30 6.27 106.63
CA LYS UB 65 -18.52 6.38 107.42
C LYS UB 65 -19.78 6.14 106.60
N ASP UB 66 -19.65 5.94 105.29
CA ASP UB 66 -20.81 5.60 104.46
C ASP UB 66 -21.43 4.31 104.97
N PRO UB 67 -22.76 4.26 105.16
CA PRO UB 67 -23.37 3.05 105.73
C PRO UB 67 -22.94 1.77 105.06
N ARG UB 68 -22.71 1.78 103.75
CA ARG UB 68 -22.18 0.60 103.08
C ARG UB 68 -20.86 0.14 103.73
N ARG UB 69 -19.91 1.06 103.90
CA ARG UB 69 -18.65 0.68 104.55
C ARG UB 69 -18.86 0.40 106.03
N LEU UB 70 -19.54 1.28 106.73
CA LEU UB 70 -19.70 1.16 108.18
C LEU UB 70 -20.38 -0.15 108.55
N PHE UB 71 -21.11 -0.75 107.60
CA PHE UB 71 -21.63 -2.10 107.78
C PHE UB 71 -20.63 -3.15 107.32
N GLU UB 72 -20.27 -3.11 106.04
CA GLU UB 72 -19.66 -4.27 105.42
C GLU UB 72 -18.16 -4.36 105.66
N GLY UB 73 -17.49 -3.30 106.11
CA GLY UB 73 -16.10 -3.43 106.48
C GLY UB 73 -15.90 -4.40 107.63
N ASN UB 74 -16.50 -4.09 108.78
CA ASN UB 74 -16.42 -5.00 109.90
C ASN UB 74 -17.28 -6.25 109.69
N ALA UB 75 -18.28 -6.19 108.79
CA ALA UB 75 -18.98 -7.41 108.42
C ALA UB 75 -18.04 -8.42 107.79
N LEU UB 76 -17.26 -8.00 106.78
CA LEU UB 76 -16.28 -8.90 106.19
C LEU UB 76 -15.16 -9.24 107.16
N LEU UB 77 -14.82 -8.32 108.06
CA LEU UB 77 -13.87 -8.66 109.11
C LEU UB 77 -14.33 -9.89 109.88
N ARG UB 78 -15.60 -9.92 110.27
CA ARG UB 78 -16.11 -11.10 110.96
C ARG UB 78 -16.29 -12.29 110.02
N ARG UB 79 -16.65 -12.05 108.77
CA ARG UB 79 -16.75 -13.15 107.82
C ARG UB 79 -15.41 -13.84 107.65
N LEU UB 80 -14.32 -13.11 107.88
CA LEU UB 80 -13.00 -13.71 107.80
C LEU UB 80 -12.52 -14.22 109.16
N VAL UB 81 -13.06 -13.72 110.28
CA VAL UB 81 -12.70 -14.34 111.54
C VAL UB 81 -13.30 -15.74 111.62
N ARG UB 82 -14.52 -15.89 111.11
CA ARG UB 82 -15.16 -17.21 111.15
C ARG UB 82 -14.38 -18.20 110.29
N ILE UB 83 -13.96 -17.76 109.10
CA ILE UB 83 -13.28 -18.66 108.18
C ILE UB 83 -11.77 -18.71 108.43
N GLY UB 84 -11.26 -17.91 109.34
CA GLY UB 84 -9.90 -18.04 109.84
C GLY UB 84 -8.79 -17.74 108.86
N VAL UB 85 -9.07 -17.66 107.56
CA VAL UB 85 -8.01 -17.40 106.60
C VAL UB 85 -7.34 -16.08 106.90
N LEU UB 86 -8.08 -15.15 107.48
CA LEU UB 86 -7.53 -13.98 108.14
C LEU UB 86 -7.14 -14.38 109.56
N ASP UB 87 -5.88 -14.15 109.91
CA ASP UB 87 -5.29 -14.69 111.12
C ASP UB 87 -5.74 -13.88 112.33
N GLU UB 88 -5.05 -14.06 113.45
CA GLU UB 88 -5.37 -13.31 114.66
C GLU UB 88 -4.71 -11.94 114.63
N GLY UB 89 -5.49 -10.90 114.97
CA GLY UB 89 -4.99 -9.55 115.04
C GLY UB 89 -4.79 -8.85 113.71
N LYS UB 90 -4.66 -9.61 112.62
CA LYS UB 90 -4.44 -9.04 111.29
C LYS UB 90 -5.72 -8.52 110.67
N MET UB 91 -6.74 -8.23 111.48
CA MET UB 91 -8.08 -8.01 110.98
C MET UB 91 -8.45 -6.53 111.09
N LYS UB 92 -8.07 -5.78 110.06
CA LYS UB 92 -8.54 -4.41 109.86
C LYS UB 92 -8.66 -4.17 108.37
N LEU UB 93 -9.42 -3.14 108.00
CA LEU UB 93 -9.86 -3.00 106.62
C LEU UB 93 -8.72 -2.61 105.68
N ASP UB 94 -7.53 -2.34 106.20
CA ASP UB 94 -6.34 -2.35 105.36
C ASP UB 94 -5.29 -3.34 105.84
N TYR UB 95 -5.42 -3.88 107.06
CA TYR UB 95 -4.65 -5.07 107.40
C TYR UB 95 -4.96 -6.24 106.49
N ILE UB 96 -6.11 -6.24 105.82
CA ILE UB 96 -6.46 -7.37 104.94
C ILE UB 96 -5.41 -7.52 103.84
N LEU UB 97 -4.97 -6.40 103.25
CA LEU UB 97 -4.09 -6.48 102.10
C LEU UB 97 -2.73 -7.09 102.40
N GLY UB 98 -2.49 -7.52 103.63
CA GLY UB 98 -1.29 -8.29 103.90
C GLY UB 98 -1.41 -9.77 103.62
N LEU UB 99 -2.64 -10.28 103.50
CA LEU UB 99 -2.87 -11.71 103.35
C LEU UB 99 -2.19 -12.25 102.11
N LYS UB 100 -1.24 -13.16 102.31
CA LYS UB 100 -0.41 -13.70 101.23
C LYS UB 100 -0.71 -15.19 101.05
N ILE UB 101 -0.20 -15.74 99.95
CA ILE UB 101 -0.56 -17.10 99.53
C ILE UB 101 -0.25 -18.11 100.61
N GLU UB 102 0.84 -17.89 101.34
CA GLU UB 102 1.28 -18.88 102.31
C GLU UB 102 0.22 -19.16 103.37
N ASP UB 103 -0.41 -18.13 103.94
CA ASP UB 103 -1.48 -18.31 104.92
C ASP UB 103 -2.44 -19.41 104.50
N PHE UB 104 -2.98 -19.29 103.31
CA PHE UB 104 -3.96 -20.22 102.78
C PHE UB 104 -3.32 -21.53 102.36
N LEU UB 105 -2.02 -21.52 102.11
CA LEU UB 105 -1.32 -22.79 101.92
C LEU UB 105 -1.16 -23.58 103.23
N GLU UB 106 -1.26 -22.95 104.40
CA GLU UB 106 -1.33 -23.84 105.56
C GLU UB 106 -2.76 -24.09 106.05
N ARG UB 107 -3.64 -23.09 105.96
CA ARG UB 107 -4.91 -23.16 106.70
C ARG UB 107 -5.95 -24.06 106.07
N ARG UB 108 -5.76 -24.55 104.84
CA ARG UB 108 -6.70 -25.49 104.26
C ARG UB 108 -6.58 -26.84 104.97
N LEU UB 109 -7.30 -27.85 104.48
CA LEU UB 109 -7.05 -29.20 104.99
C LEU UB 109 -5.89 -29.85 104.28
N GLN UB 110 -5.66 -29.48 103.01
CA GLN UB 110 -4.52 -29.99 102.26
C GLN UB 110 -3.22 -29.86 103.05
N THR UB 111 -3.15 -28.86 103.92
CA THR UB 111 -2.05 -28.78 104.88
C THR UB 111 -2.47 -29.29 106.25
N GLN UB 112 -3.73 -29.08 106.61
CA GLN UB 112 -4.16 -29.36 107.98
C GLN UB 112 -3.95 -30.81 108.34
N VAL UB 113 -4.08 -31.73 107.39
CA VAL UB 113 -3.95 -33.14 107.70
C VAL UB 113 -2.59 -33.44 108.33
N PHE UB 114 -1.52 -32.94 107.70
CA PHE UB 114 -0.19 -33.13 108.26
C PHE UB 114 0.06 -32.16 109.41
N LYS UB 115 -0.71 -31.07 109.48
CA LYS UB 115 -0.59 -30.20 110.65
C LYS UB 115 -1.18 -30.84 111.90
N LEU UB 116 -1.94 -31.93 111.76
CA LEU UB 116 -2.43 -32.70 112.90
C LEU UB 116 -1.53 -33.87 113.28
N GLY UB 117 -0.24 -33.82 112.95
CA GLY UB 117 0.70 -34.82 113.44
C GLY UB 117 0.48 -36.22 112.91
N LEU UB 118 -0.42 -36.39 111.96
CA LEU UB 118 -0.68 -37.68 111.33
C LEU UB 118 0.43 -37.94 110.33
N ALA UB 119 0.19 -38.83 109.37
CA ALA UB 119 1.17 -39.30 108.39
C ALA UB 119 2.18 -38.23 108.01
N LYS UB 120 3.46 -38.61 108.02
CA LYS UB 120 4.57 -37.77 108.43
C LYS UB 120 5.14 -36.93 107.28
N SER UB 121 4.31 -36.60 106.31
CA SER UB 121 4.69 -35.63 105.28
C SER UB 121 3.42 -35.08 104.66
N ILE UB 122 3.56 -33.97 103.93
CA ILE UB 122 2.40 -33.33 103.32
C ILE UB 122 1.80 -34.22 102.24
N HIS UB 123 2.65 -34.93 101.48
CA HIS UB 123 2.15 -35.87 100.49
C HIS UB 123 1.51 -37.07 101.16
N HIS UB 124 2.02 -37.46 102.33
CA HIS UB 124 1.44 -38.60 103.05
C HIS UB 124 0.07 -38.21 103.59
N ALA UB 125 -0.08 -36.96 104.02
CA ALA UB 125 -1.39 -36.42 104.34
C ALA UB 125 -2.30 -36.45 103.12
N ARG UB 126 -1.80 -36.03 101.95
CA ARG UB 126 -2.62 -36.03 100.75
C ARG UB 126 -3.10 -37.43 100.37
N VAL UB 127 -2.22 -38.43 100.49
CA VAL UB 127 -2.61 -39.77 100.09
C VAL UB 127 -3.56 -40.39 101.11
N LEU UB 128 -3.37 -40.12 102.39
CA LEU UB 128 -4.37 -40.60 103.34
C LEU UB 128 -5.72 -39.94 103.05
N ILE UB 129 -5.69 -38.67 102.62
CA ILE UB 129 -6.91 -38.04 102.14
C ILE UB 129 -7.50 -38.87 101.01
N ARG UB 130 -6.67 -39.28 100.06
CA ARG UB 130 -7.14 -40.14 98.98
C ARG UB 130 -7.73 -41.44 99.50
N GLN UB 131 -7.33 -41.86 100.70
CA GLN UB 131 -7.76 -43.13 101.27
C GLN UB 131 -8.74 -42.97 102.45
N ARG UB 132 -9.31 -41.77 102.62
CA ARG UB 132 -10.40 -41.52 103.58
C ARG UB 132 -10.05 -42.00 104.99
N HIS UB 133 -8.88 -41.61 105.49
CA HIS UB 133 -8.51 -41.98 106.86
C HIS UB 133 -9.23 -41.12 107.90
N ILE UB 134 -9.48 -39.85 107.59
CA ILE UB 134 -9.86 -38.87 108.59
C ILE UB 134 -11.27 -38.38 108.34
N ARG UB 135 -11.95 -38.01 109.42
CA ARG UB 135 -13.14 -37.16 109.37
C ARG UB 135 -12.99 -36.07 110.42
N VAL UB 136 -12.69 -34.85 109.96
CA VAL UB 136 -12.53 -33.71 110.86
C VAL UB 136 -13.78 -33.43 111.66
N ARG UB 137 -14.92 -33.95 111.23
CA ARG UB 137 -16.22 -33.89 111.88
C ARG UB 137 -16.95 -35.06 111.26
N LYS UB 138 -18.29 -35.10 111.27
CA LYS UB 138 -18.98 -36.14 110.48
C LYS UB 138 -18.45 -36.20 109.05
N GLN UB 139 -17.80 -35.15 108.58
CA GLN UB 139 -17.32 -35.00 107.21
C GLN UB 139 -16.10 -35.89 106.99
N VAL UB 140 -16.31 -37.12 106.54
CA VAL UB 140 -15.19 -38.01 106.19
C VAL UB 140 -14.61 -37.49 104.88
N VAL UB 141 -13.49 -36.78 104.97
CA VAL UB 141 -13.01 -36.00 103.84
C VAL UB 141 -12.16 -36.87 102.92
N ASN UB 142 -12.28 -36.62 101.61
CA ASN UB 142 -11.53 -37.34 100.60
C ASN UB 142 -11.01 -36.42 99.51
N ILE UB 143 -10.82 -35.13 99.80
CA ILE UB 143 -10.47 -34.12 98.81
C ILE UB 143 -9.15 -33.47 99.22
N PRO UB 144 -8.17 -33.38 98.34
CA PRO UB 144 -6.90 -32.75 98.71
C PRO UB 144 -6.93 -31.23 98.70
N SER UB 145 -8.11 -30.62 98.80
CA SER UB 145 -8.21 -29.18 98.95
C SER UB 145 -9.39 -28.78 99.83
N PHE UB 146 -9.73 -29.61 100.82
CA PHE UB 146 -10.74 -29.23 101.80
C PHE UB 146 -10.30 -28.00 102.57
N ILE UB 147 -11.25 -27.13 102.89
CA ILE UB 147 -10.97 -25.84 103.51
C ILE UB 147 -11.16 -25.96 105.02
N VAL UB 148 -10.19 -25.45 105.78
CA VAL UB 148 -10.14 -25.61 107.23
C VAL UB 148 -9.99 -24.25 107.90
N ARG UB 149 -10.49 -24.17 109.13
CA ARG UB 149 -10.45 -22.99 109.97
C ARG UB 149 -9.77 -23.33 111.29
N LEU UB 150 -9.73 -22.34 112.19
CA LEU UB 150 -9.37 -22.64 113.57
C LEU UB 150 -10.39 -23.57 114.22
N ASP UB 151 -11.64 -23.52 113.75
CA ASP UB 151 -12.66 -24.44 114.25
C ASP UB 151 -12.53 -25.82 113.62
N SER UB 152 -12.16 -25.89 112.35
CA SER UB 152 -12.02 -27.17 111.66
C SER UB 152 -10.68 -27.85 111.95
N GLN UB 153 -9.74 -27.15 112.59
CA GLN UB 153 -8.37 -27.66 112.69
C GLN UB 153 -8.30 -28.97 113.49
N LYS UB 154 -8.84 -29.01 114.70
CA LYS UB 154 -8.47 -30.02 115.69
C LYS UB 154 -9.68 -30.77 116.23
N HIS UB 155 -10.49 -31.33 115.35
CA HIS UB 155 -11.60 -32.16 115.81
C HIS UB 155 -11.64 -33.52 115.09
N ILE UB 156 -10.50 -34.01 114.62
CA ILE UB 156 -10.46 -35.30 113.93
C ILE UB 156 -10.79 -36.41 114.91
N ASP UB 157 -11.66 -37.33 114.48
CA ASP UB 157 -11.86 -38.61 115.16
C ASP UB 157 -12.00 -39.69 114.10
N PHE UB 158 -11.05 -40.63 114.11
CA PHE UB 158 -10.85 -41.49 112.95
C PHE UB 158 -12.07 -42.38 112.69
N SER UB 159 -12.19 -42.77 111.42
CA SER UB 159 -13.38 -43.38 110.87
C SER UB 159 -13.19 -44.88 110.66
N LEU UB 160 -14.31 -45.59 110.61
CA LEU UB 160 -14.31 -47.00 110.29
C LEU UB 160 -13.90 -47.26 108.86
N ARG UB 161 -13.52 -46.22 108.13
CA ARG UB 161 -12.89 -46.35 106.81
C ARG UB 161 -11.43 -45.94 106.86
N SER UB 162 -10.81 -46.02 108.03
CA SER UB 162 -9.37 -45.86 108.20
C SER UB 162 -8.80 -47.12 108.85
N PRO UB 163 -7.99 -47.91 108.16
CA PRO UB 163 -7.26 -48.98 108.85
C PRO UB 163 -6.41 -48.46 109.99
N TYR UB 164 -5.91 -47.23 109.88
CA TYR UB 164 -5.33 -46.51 111.00
C TYR UB 164 -6.35 -46.20 112.08
N GLY UB 165 -7.63 -46.08 111.73
CA GLY UB 165 -8.65 -45.72 112.69
C GLY UB 165 -9.46 -46.89 113.19
N GLY UB 166 -9.47 -47.98 112.43
CA GLY UB 166 -10.22 -49.17 112.81
C GLY UB 166 -11.61 -49.21 112.21
N GLY UB 167 -11.92 -50.28 111.49
CA GLY UB 167 -13.20 -50.34 110.81
C GLY UB 167 -13.25 -51.28 109.61
N ARG UB 168 -13.60 -50.72 108.46
CA ARG UB 168 -13.78 -51.48 107.23
C ARG UB 168 -12.57 -52.37 106.93
N PRO UB 169 -12.78 -53.48 106.21
CA PRO UB 169 -11.66 -54.28 105.72
C PRO UB 169 -11.10 -53.74 104.41
N GLY UB 170 -9.86 -54.14 104.11
CA GLY UB 170 -9.18 -53.72 102.92
C GLY UB 170 -8.65 -54.91 102.14
N ARG UB 171 -8.36 -54.66 100.85
CA ARG UB 171 -7.99 -55.75 99.95
C ARG UB 171 -6.65 -56.38 100.36
N VAL UB 172 -5.67 -55.56 100.75
CA VAL UB 172 -4.35 -56.12 101.10
C VAL UB 172 -4.38 -56.76 102.49
N LYS UB 173 -5.18 -56.23 103.40
CA LYS UB 173 -5.33 -56.90 104.69
C LYS UB 173 -6.00 -58.26 104.52
N ARG UB 174 -7.04 -58.32 103.69
CA ARG UB 174 -7.66 -59.61 103.40
C ARG UB 174 -6.69 -60.55 102.70
N LYS UB 175 -5.86 -60.01 101.82
CA LYS UB 175 -4.82 -60.83 101.18
C LYS UB 175 -3.83 -61.36 102.21
N ASN UB 176 -3.42 -60.52 103.16
CA ASN UB 176 -2.49 -60.94 104.19
C ASN UB 176 -3.10 -62.01 105.09
N ALA UB 177 -4.40 -61.91 105.39
CA ALA UB 177 -5.05 -62.94 106.20
C ALA UB 177 -5.20 -64.25 105.43
N LYS UB 178 -5.67 -64.17 104.18
CA LYS UB 178 -5.84 -65.36 103.37
C LYS UB 178 -4.52 -66.06 103.10
N LYS UB 179 -3.42 -65.29 103.01
CA LYS UB 179 -2.11 -65.87 102.82
C LYS UB 179 -1.39 -66.15 104.12
N GLY UB 180 -1.95 -65.72 105.25
CA GLY UB 180 -1.55 -66.31 106.53
C GLY UB 180 -2.22 -67.63 106.81
N GLN UB 181 -3.38 -67.86 106.18
CA GLN UB 181 -3.98 -69.19 106.19
C GLN UB 181 -3.06 -70.24 105.57
N GLY UB 182 -2.18 -69.86 104.65
CA GLY UB 182 -1.34 -70.82 103.97
C GLY UB 182 0.16 -70.66 104.16
N GLY UB 183 0.64 -69.42 104.25
CA GLY UB 183 2.05 -69.14 104.43
C GLY UB 183 2.69 -68.53 103.20
N ALA UB 184 3.85 -67.89 103.42
CA ALA UB 184 4.70 -67.35 102.36
C ALA UB 184 4.01 -66.22 101.58
N GLY UB 185 3.57 -65.20 102.30
CA GLY UB 185 2.89 -64.07 101.68
C GLY UB 185 3.11 -62.73 102.34
N MET VB 1 9.38 14.11 107.56
CA MET VB 1 9.97 13.66 108.82
C MET VB 1 9.45 12.28 109.19
N GLN VB 2 9.72 11.87 110.43
CA GLN VB 2 9.16 10.63 110.98
C GLN VB 2 8.07 11.02 111.97
N SER VB 3 6.82 11.00 111.51
CA SER VB 3 5.74 11.30 112.43
C SER VB 3 5.55 10.16 113.41
N ASN VB 4 4.69 10.40 114.40
CA ASN VB 4 4.56 9.52 115.56
C ASN VB 4 4.08 8.12 115.16
N ALA VB 5 3.07 8.06 114.31
CA ALA VB 5 2.48 6.78 113.90
C ALA VB 5 3.24 6.20 112.72
N GLY VB 6 4.24 6.90 112.23
CA GLY VB 6 4.96 6.47 111.06
C GLY VB 6 4.54 7.13 109.77
N GLU VB 7 4.06 8.37 109.82
CA GLU VB 7 3.72 9.11 108.61
C GLU VB 7 5.02 9.57 107.96
N PHE VB 8 5.86 8.62 107.60
CA PHE VB 8 7.25 8.89 107.25
C PHE VB 8 7.29 9.58 105.89
N VAL VB 9 7.71 10.85 105.89
CA VAL VB 9 7.74 11.63 104.65
C VAL VB 9 9.18 11.99 104.31
N ASP VB 10 10.01 12.18 105.33
CA ASP VB 10 11.43 12.40 105.14
C ASP VB 10 12.20 11.18 105.64
N LEU VB 11 13.08 10.66 104.81
CA LEU VB 11 14.16 9.83 105.32
C LEU VB 11 15.20 10.67 106.05
N TYR VB 12 15.18 11.99 105.82
CA TYR VB 12 16.00 13.00 106.47
C TYR VB 12 15.59 14.33 105.85
N VAL VB 13 16.17 15.40 106.36
CA VAL VB 13 15.91 16.75 105.84
C VAL VB 13 17.06 17.13 104.92
N PRO VB 14 16.84 17.19 103.60
CA PRO VB 14 17.90 17.69 102.72
C PRO VB 14 18.19 19.16 102.97
N ARG VB 15 19.43 19.55 102.70
CA ARG VB 15 19.84 20.94 102.91
C ARG VB 15 19.01 21.86 102.02
N LYS VB 16 18.15 22.64 102.66
CA LYS VB 16 17.25 23.53 101.95
C LYS VB 16 18.00 24.80 101.59
N CYS VB 17 17.72 25.35 100.41
CA CYS VB 17 18.35 26.58 99.99
C CYS VB 17 17.39 27.73 100.19
N SER VB 18 17.80 28.71 100.99
CA SER VB 18 16.97 29.86 101.33
C SER VB 18 17.26 31.09 100.48
N ALA VB 19 18.34 31.08 99.71
CA ALA VB 19 18.69 32.25 98.91
C ALA VB 19 17.67 32.53 97.81
N SER VB 20 16.83 31.55 97.47
CA SER VB 20 15.76 31.79 96.51
C SER VB 20 14.45 31.15 96.95
N ASN VB 21 14.37 30.64 98.18
CA ASN VB 21 13.20 29.90 98.67
C ASN VB 21 12.83 28.79 97.69
N ARG VB 22 13.74 27.84 97.56
CA ARG VB 22 13.53 26.68 96.69
C ARG VB 22 14.34 25.52 97.23
N ILE VB 23 13.81 24.32 97.08
CA ILE VB 23 14.49 23.11 97.52
C ILE VB 23 15.27 22.53 96.35
N ILE VB 24 16.32 21.79 96.68
CA ILE VB 24 17.22 21.18 95.72
C ILE VB 24 17.09 19.67 95.81
N GLY VB 25 17.81 18.96 94.96
CA GLY VB 25 17.82 17.51 95.01
C GLY VB 25 19.05 16.96 95.72
N ALA VB 26 19.15 15.62 95.67
CA ALA VB 26 20.23 14.93 96.38
C ALA VB 26 21.57 15.13 95.69
N LYS VB 27 21.60 15.00 94.37
CA LYS VB 27 22.83 15.07 93.57
C LYS VB 27 22.97 16.45 92.94
N ASP VB 28 23.59 17.36 93.68
CA ASP VB 28 23.87 18.73 93.23
C ASP VB 28 25.37 18.97 93.34
N HIS VB 29 25.81 20.11 92.79
CA HIS VB 29 27.19 20.52 93.01
C HIS VB 29 27.39 22.00 93.27
N ALA VB 30 26.46 22.87 92.89
CA ALA VB 30 26.65 24.30 93.11
C ALA VB 30 25.85 24.82 94.31
N SER VB 31 25.08 23.95 94.97
CA SER VB 31 24.42 24.31 96.22
C SER VB 31 25.49 24.26 97.32
N ILE VB 32 26.12 25.41 97.56
CA ILE VB 32 27.31 25.53 98.40
C ILE VB 32 26.90 26.22 99.70
N PRO VB 33 26.94 25.53 100.84
CA PRO VB 33 26.61 26.18 102.11
C PRO VB 33 27.83 26.82 102.75
N MET VB 34 28.28 27.92 102.16
CA MET VB 34 29.45 28.61 102.67
C MET VB 34 29.17 29.18 104.06
N ASN VB 35 30.24 29.26 104.85
CA ASN VB 35 30.24 29.90 106.15
C ASN VB 35 30.81 31.30 106.04
N VAL VB 36 30.43 32.17 106.97
CA VAL VB 36 30.91 33.54 107.03
C VAL VB 36 31.12 33.92 108.49
N ALA VB 37 32.26 34.54 108.79
CA ALA VB 37 32.65 34.80 110.16
C ALA VB 37 31.80 35.93 110.75
N GLU VB 38 31.57 35.85 112.06
CA GLU VB 38 30.87 36.89 112.79
C GLU VB 38 31.87 37.82 113.47
N VAL VB 39 31.53 39.11 113.52
CA VAL VB 39 32.40 40.14 114.07
C VAL VB 39 32.07 40.37 115.54
N ASP VB 40 33.01 40.98 116.25
CA ASP VB 40 32.80 41.36 117.64
C ASP VB 40 32.20 42.76 117.76
N LYS VB 41 32.54 43.64 116.81
CA LYS VB 41 32.10 45.05 116.81
C LYS VB 41 32.46 45.76 118.12
N VAL VB 42 33.57 45.35 118.71
CA VAL VB 42 34.36 46.24 119.55
C VAL VB 42 35.63 46.66 118.82
N THR VB 43 36.17 45.81 117.94
CA THR VB 43 37.14 46.21 116.94
C THR VB 43 36.76 45.79 115.53
N GLY VB 44 35.62 45.11 115.35
CA GLY VB 44 35.34 44.46 114.10
C GLY VB 44 36.00 43.11 113.95
N ARG VB 45 36.49 42.53 115.04
CA ARG VB 45 37.24 41.29 114.97
C ARG VB 45 36.32 40.08 114.87
N PHE VB 46 36.77 39.08 114.11
CA PHE VB 46 36.10 37.78 114.06
C PHE VB 46 35.80 37.25 115.45
N ASN VB 47 34.64 36.61 115.60
CA ASN VB 47 34.32 35.88 116.83
C ASN VB 47 33.28 34.81 116.54
N GLY VB 48 33.74 33.57 116.37
CA GLY VB 48 33.03 32.37 116.79
C GLY VB 48 31.55 32.21 116.55
N GLN VB 49 30.97 32.93 115.58
CA GLN VB 49 29.60 32.66 115.17
C GLN VB 49 29.50 32.75 113.65
N SER VB 50 28.46 32.09 113.13
CA SER VB 50 28.37 31.74 111.73
C SER VB 50 27.22 32.46 111.05
N LYS VB 51 27.52 33.10 109.93
CA LYS VB 51 26.52 33.58 108.99
C LYS VB 51 26.60 32.70 107.74
N THR VB 52 25.56 31.92 107.50
CA THR VB 52 25.63 30.86 106.51
C THR VB 52 24.85 31.22 105.25
N TYR VB 53 25.29 30.65 104.13
CA TYR VB 53 24.67 30.93 102.83
C TYR VB 53 24.71 29.69 101.96
N ALA VB 54 23.54 29.16 101.63
CA ALA VB 54 23.44 27.94 100.81
C ALA VB 54 22.38 28.21 99.75
N ILE VB 55 22.82 28.56 98.56
CA ILE VB 55 21.92 28.90 97.47
C ILE VB 55 21.64 27.65 96.66
N CYS VB 56 20.50 27.62 95.98
CA CYS VB 56 20.24 26.52 95.05
C CYS VB 56 21.32 26.52 93.97
N GLY VB 57 21.74 25.33 93.56
CA GLY VB 57 22.92 25.21 92.73
C GLY VB 57 22.83 25.96 91.41
N ALA VB 58 21.69 25.84 90.72
CA ALA VB 58 21.60 26.28 89.33
C ALA VB 58 21.73 27.80 89.15
N ILE VB 59 21.44 28.60 90.17
CA ILE VB 59 21.42 30.04 89.96
C ILE VB 59 22.82 30.58 89.69
N ARG VB 60 23.86 29.86 90.10
CA ARG VB 60 25.21 30.34 89.86
C ARG VB 60 25.47 30.55 88.38
N ARG VB 61 24.95 29.65 87.54
CA ARG VB 61 25.14 29.80 86.10
C ARG VB 61 24.56 31.12 85.61
N MET VB 62 23.35 31.47 86.05
CA MET VB 62 22.80 32.79 85.80
C MET VB 62 23.62 33.89 86.44
N GLY VB 63 24.48 33.55 87.39
CA GLY VB 63 25.32 34.56 88.01
C GLY VB 63 24.54 35.55 88.83
N GLU VB 64 23.45 35.11 89.45
CA GLU VB 64 22.70 35.91 90.39
C GLU VB 64 23.19 35.73 91.82
N SER VB 65 24.17 34.85 92.02
CA SER VB 65 24.55 34.44 93.38
C SER VB 65 25.08 35.62 94.19
N ASP VB 66 25.88 36.48 93.57
CA ASP VB 66 26.36 37.68 94.24
C ASP VB 66 25.19 38.52 94.73
N ASP VB 67 24.19 38.73 93.88
CA ASP VB 67 23.05 39.55 94.23
C ASP VB 67 22.23 38.92 95.34
N SER VB 68 22.01 37.61 95.24
CA SER VB 68 21.22 36.91 96.24
C SER VB 68 21.89 36.96 97.60
N ILE VB 69 23.21 36.77 97.64
CA ILE VB 69 23.89 36.83 98.94
C ILE VB 69 24.01 38.27 99.41
N LEU VB 70 24.01 39.24 98.49
CA LEU VB 70 23.85 40.63 98.93
C LEU VB 70 22.55 40.79 99.72
N ARG VB 71 21.44 40.34 99.14
CA ARG VB 71 20.16 40.45 99.83
C ARG VB 71 20.19 39.68 101.15
N LEU VB 72 20.78 38.48 101.13
CA LEU VB 72 20.84 37.66 102.34
C LEU VB 72 21.65 38.34 103.44
N ALA VB 73 22.79 38.94 103.08
CA ALA VB 73 23.62 39.57 104.09
C ALA VB 73 22.96 40.83 104.64
N LYS VB 74 22.39 41.66 103.76
CA LYS VB 74 21.66 42.84 104.23
C LYS VB 74 20.57 42.43 105.20
N SER VB 75 19.79 41.41 104.85
CA SER VB 75 18.73 40.96 105.77
C SER VB 75 19.32 40.40 107.05
N HIS VB 76 20.42 39.66 106.95
CA HIS VB 76 21.06 39.04 108.11
C HIS VB 76 21.64 40.07 109.07
N GLY VB 77 21.86 41.29 108.63
CA GLY VB 77 22.20 42.35 109.55
C GLY VB 77 23.66 42.42 109.93
N ILE VB 78 24.48 41.54 109.34
CA ILE VB 78 25.91 41.76 109.38
C ILE VB 78 26.33 42.79 108.33
N VAL VB 79 25.46 43.08 107.37
CA VAL VB 79 25.65 44.14 106.40
C VAL VB 79 24.49 45.11 106.56
N SER VB 80 24.81 46.36 106.92
CA SER VB 80 23.79 47.36 107.18
C SER VB 80 23.79 48.50 106.17
N GLN VB 81 24.91 48.72 105.48
CA GLN VB 81 25.07 49.86 104.59
C GLN VB 81 24.08 49.78 103.43
N ASN VB 82 23.40 50.88 103.16
CA ASN VB 82 22.45 50.98 102.04
C ASN VB 82 22.48 52.40 101.50
N PHE VB 83 22.66 52.54 100.19
CA PHE VB 83 22.68 53.87 99.60
C PHE VB 83 21.26 54.31 99.26
N GLY WB 1 64.78 -91.10 88.85
CA GLY WB 1 64.03 -90.51 89.94
C GLY WB 1 63.02 -91.45 90.53
N GLY WB 2 62.01 -90.90 91.22
CA GLY WB 2 60.94 -91.72 91.76
C GLY WB 2 60.26 -92.54 90.68
N VAL WB 3 60.32 -93.86 90.80
CA VAL WB 3 59.90 -94.75 89.73
C VAL WB 3 58.38 -94.93 89.71
N MET WB 4 57.70 -94.03 89.00
CA MET WB 4 56.27 -94.13 88.78
C MET WB 4 55.93 -94.48 87.35
N ASP WB 5 56.55 -93.79 86.39
CA ASP WB 5 56.45 -94.09 84.96
C ASP WB 5 57.69 -93.52 84.30
N VAL WB 6 57.67 -93.42 82.97
CA VAL WB 6 58.78 -92.77 82.27
C VAL WB 6 58.22 -91.66 81.38
N ASN WB 7 56.98 -91.84 80.92
CA ASN WB 7 56.35 -90.88 80.02
C ASN WB 7 55.93 -89.60 80.72
N THR WB 8 56.03 -89.55 82.05
CA THR WB 8 55.70 -88.34 82.79
C THR WB 8 56.60 -87.18 82.39
N ALA WB 9 57.81 -87.48 81.94
CA ALA WB 9 58.79 -86.46 81.58
C ALA WB 9 58.47 -85.76 80.27
N LEU WB 10 58.05 -86.52 79.25
CA LEU WB 10 57.99 -86.02 77.88
C LEU WB 10 57.24 -84.71 77.77
N GLN WB 11 56.14 -84.56 78.52
CA GLN WB 11 55.35 -83.32 78.46
C GLN WB 11 56.19 -82.12 78.87
N GLU WB 12 56.82 -82.18 80.04
CA GLU WB 12 57.60 -81.04 80.52
C GLU WB 12 58.86 -80.83 79.69
N VAL WB 13 59.50 -81.92 79.27
CA VAL WB 13 60.70 -81.82 78.44
C VAL WB 13 60.39 -81.14 77.12
N LEU WB 14 59.28 -81.53 76.48
CA LEU WB 14 58.92 -80.97 75.19
C LEU WB 14 58.47 -79.52 75.33
N LYS WB 15 57.77 -79.18 76.41
CA LYS WB 15 57.40 -77.78 76.61
C LYS WB 15 58.64 -76.91 76.83
N THR WB 16 59.67 -77.45 77.49
CA THR WB 16 60.87 -76.66 77.75
C THR WB 16 61.77 -76.55 76.53
N ALA WB 17 61.84 -77.59 75.71
CA ALA WB 17 62.88 -77.65 74.67
C ALA WB 17 62.70 -76.59 73.61
N LEU WB 18 61.46 -76.31 73.20
CA LEU WB 18 61.22 -75.41 72.07
C LEU WB 18 61.79 -74.02 72.30
N ILE WB 19 61.85 -73.58 73.55
CA ILE WB 19 62.49 -72.29 73.86
C ILE WB 19 63.86 -72.50 74.49
N HIS WB 20 64.24 -73.73 74.83
CA HIS WB 20 65.60 -74.01 75.25
C HIS WB 20 66.53 -74.38 74.09
N ASP WB 21 66.02 -74.31 72.85
CA ASP WB 21 66.84 -74.46 71.65
C ASP WB 21 67.48 -75.85 71.53
N GLY WB 22 66.79 -76.86 72.04
CA GLY WB 22 67.35 -78.19 72.05
C GLY WB 22 66.38 -79.27 71.63
N LEU WB 23 65.47 -78.94 70.72
CA LEU WB 23 64.47 -79.87 70.21
C LEU WB 23 64.57 -79.89 68.69
N ALA WB 24 65.18 -80.94 68.14
CA ALA WB 24 65.26 -81.02 66.69
C ALA WB 24 63.91 -81.44 66.13
N ARG WB 25 63.60 -80.93 64.95
CA ARG WB 25 62.25 -80.96 64.41
C ARG WB 25 62.21 -81.93 63.23
N GLY WB 26 61.18 -82.79 63.20
CA GLY WB 26 60.99 -83.55 61.98
C GLY WB 26 62.02 -84.66 61.80
N ILE WB 27 61.86 -85.38 60.69
CA ILE WB 27 62.82 -86.41 60.32
C ILE WB 27 64.12 -85.78 59.82
N ARG WB 28 64.01 -84.70 59.05
CA ARG WB 28 65.12 -84.22 58.24
C ARG WB 28 66.31 -83.81 59.10
N GLU WB 29 66.13 -82.75 59.88
CA GLU WB 29 67.23 -82.13 60.58
C GLU WB 29 67.50 -82.76 61.94
N ALA WB 30 66.58 -83.60 62.42
CA ALA WB 30 66.87 -84.49 63.53
C ALA WB 30 67.71 -85.69 63.08
N ALA WB 31 67.44 -86.23 61.89
CA ALA WB 31 68.23 -87.35 61.39
C ALA WB 31 69.61 -86.92 60.91
N LYS WB 32 69.76 -85.70 60.39
CA LYS WB 32 71.11 -85.24 60.06
C LYS WB 32 72.02 -85.27 61.29
N ALA WB 33 71.45 -85.15 62.49
CA ALA WB 33 72.23 -85.23 63.72
C ALA WB 33 72.27 -86.66 64.28
N LEU WB 34 71.15 -87.39 64.19
CA LEU WB 34 71.13 -88.82 64.47
C LEU WB 34 72.07 -89.61 63.56
N ASP WB 35 72.68 -88.92 62.59
CA ASP WB 35 73.83 -89.48 61.90
C ASP WB 35 74.96 -89.77 62.88
N LYS WB 36 75.14 -88.93 63.89
CA LYS WB 36 76.24 -89.06 64.84
C LYS WB 36 75.72 -89.02 66.29
N ARG WB 37 76.66 -88.94 67.23
CA ARG WB 37 76.40 -89.06 68.66
C ARG WB 37 76.34 -87.67 69.30
N GLN WB 38 75.24 -86.96 69.05
CA GLN WB 38 74.97 -85.69 69.72
C GLN WB 38 73.55 -85.59 70.26
N ALA WB 39 72.59 -86.29 69.65
CA ALA WB 39 71.19 -86.29 70.10
C ALA WB 39 70.67 -87.70 69.90
N HIS WB 40 70.53 -88.45 70.99
CA HIS WB 40 70.17 -89.86 70.93
C HIS WB 40 68.95 -90.16 71.80
N LEU WB 41 68.14 -89.15 72.09
CA LEU WB 41 66.88 -89.34 72.79
C LEU WB 41 65.78 -88.97 71.81
N CYS WB 42 64.85 -89.89 71.58
CA CYS WB 42 63.94 -89.79 70.44
C CYS WB 42 62.52 -90.09 70.92
N VAL WB 43 61.57 -89.27 70.48
CA VAL WB 43 60.17 -89.37 70.87
C VAL WB 43 59.28 -89.23 69.64
N LEU WB 44 58.21 -90.02 69.60
CA LEU WB 44 57.15 -89.91 68.59
C LEU WB 44 55.79 -90.12 69.23
N ALA WB 45 54.76 -90.08 68.38
CA ALA WB 45 53.42 -90.48 68.74
C ALA WB 45 52.88 -91.41 67.66
N SER WB 46 51.97 -92.30 68.05
CA SER WB 46 51.41 -93.32 67.18
C SER WB 46 50.15 -92.88 66.46
N ASN WB 47 49.21 -92.27 67.16
CA ASN WB 47 47.98 -91.74 66.56
C ASN WB 47 48.32 -90.43 65.88
N CYS WB 48 48.15 -90.37 64.56
CA CYS WB 48 48.58 -89.23 63.77
C CYS WB 48 47.68 -89.11 62.55
N ASP WB 49 47.91 -88.07 61.75
CA ASP WB 49 47.31 -87.99 60.42
C ASP WB 49 47.99 -88.92 59.42
N GLU WB 50 49.12 -89.53 59.78
CA GLU WB 50 49.84 -90.34 58.82
C GLU WB 50 50.73 -91.38 59.51
N PRO WB 51 50.30 -92.64 59.59
CA PRO WB 51 51.25 -93.70 59.95
C PRO WB 51 52.12 -94.14 58.77
N MET WB 52 52.60 -93.18 57.99
CA MET WB 52 53.58 -93.43 56.93
C MET WB 52 54.85 -92.59 57.12
N TYR WB 53 54.69 -91.28 57.33
CA TYR WB 53 55.80 -90.43 57.75
C TYR WB 53 56.36 -90.83 59.10
N VAL WB 54 55.53 -91.39 59.97
CA VAL WB 54 55.96 -91.58 61.35
C VAL WB 54 57.04 -92.66 61.46
N LYS WB 55 56.91 -93.77 60.74
CA LYS WB 55 57.84 -94.88 60.94
C LYS WB 55 59.26 -94.52 60.52
N LEU WB 56 59.47 -93.39 59.85
CA LEU WB 56 60.82 -92.86 59.71
C LEU WB 56 61.46 -92.64 61.07
N VAL WB 57 60.69 -92.20 62.08
CA VAL WB 57 61.27 -92.10 63.41
C VAL WB 57 61.61 -93.49 63.96
N GLU WB 58 60.74 -94.48 63.68
CA GLU WB 58 61.04 -95.85 64.09
C GLU WB 58 62.38 -96.31 63.53
N ALA WB 59 62.51 -96.29 62.22
CA ALA WB 59 63.69 -96.85 61.57
C ALA WB 59 64.92 -95.95 61.69
N LEU WB 60 64.73 -94.68 62.07
CA LEU WB 60 65.87 -93.78 62.20
C LEU WB 60 66.33 -93.69 63.64
N CYS WB 61 65.50 -94.08 64.61
CA CYS WB 61 65.87 -94.06 66.00
C CYS WB 61 66.05 -95.45 66.58
N ALA WB 62 65.82 -96.50 65.78
CA ALA WB 62 66.40 -97.79 66.09
C ALA WB 62 67.90 -97.81 65.83
N GLU WB 63 68.45 -96.75 65.25
CA GLU WB 63 69.88 -96.65 64.99
C GLU WB 63 70.60 -96.06 66.19
N HIS WB 64 71.83 -96.52 66.42
CA HIS WB 64 72.71 -96.02 67.48
C HIS WB 64 72.07 -96.19 68.86
N GLN WB 65 72.02 -97.46 69.30
CA GLN WB 65 71.75 -97.77 70.70
C GLN WB 65 70.35 -97.29 71.13
N ILE WB 66 69.36 -98.00 70.60
CA ILE WB 66 67.94 -97.64 70.53
C ILE WB 66 67.42 -96.92 71.77
N ASN WB 67 66.65 -95.84 71.54
CA ASN WB 67 66.08 -95.03 72.63
C ASN WB 67 64.66 -94.55 72.36
N LEU WB 68 63.91 -95.19 71.46
CA LEU WB 68 62.60 -94.67 71.06
C LEU WB 68 61.65 -94.57 72.25
N ILE WB 69 60.87 -93.49 72.28
CA ILE WB 69 59.81 -93.29 73.26
C ILE WB 69 58.53 -92.96 72.50
N LYS WB 70 57.43 -93.62 72.85
CA LYS WB 70 56.18 -93.55 72.12
C LYS WB 70 55.09 -92.94 72.99
N VAL WB 71 54.33 -92.00 72.44
CA VAL WB 71 53.09 -91.54 73.04
C VAL WB 71 51.99 -91.64 71.99
N ASP WB 72 50.81 -91.15 72.32
CA ASP WB 72 49.70 -91.15 71.38
C ASP WB 72 49.47 -89.74 70.85
N ASP WB 73 48.65 -89.63 69.82
CA ASP WB 73 48.05 -88.36 69.41
C ASP WB 73 49.12 -87.31 69.08
N ASN WB 74 49.70 -87.49 67.88
CA ASN WB 74 50.59 -86.51 67.24
C ASN WB 74 50.16 -85.08 67.61
N LYS WB 75 48.85 -84.83 67.59
CA LYS WB 75 48.32 -83.54 68.02
C LYS WB 75 48.78 -83.20 69.43
N LYS WB 76 48.59 -84.14 70.39
CA LYS WB 76 49.01 -83.90 71.76
C LYS WB 76 50.53 -83.82 71.89
N LEU WB 77 51.25 -84.59 71.08
CA LEU WB 77 52.71 -84.54 71.11
C LEU WB 77 53.18 -83.14 70.72
N GLY WB 78 52.58 -82.55 69.68
CA GLY WB 78 52.90 -81.19 69.31
C GLY WB 78 52.46 -80.17 70.34
N GLU WB 79 51.34 -80.41 71.01
CA GLU WB 79 50.96 -79.54 72.12
C GLU WB 79 52.00 -79.60 73.23
N TRP WB 80 52.53 -80.79 73.51
CA TRP WB 80 53.61 -80.94 74.48
C TRP WB 80 54.83 -80.14 74.04
N VAL WB 81 55.22 -80.28 72.77
CA VAL WB 81 56.34 -79.49 72.25
C VAL WB 81 56.03 -78.00 72.41
N GLY WB 82 54.76 -77.63 72.36
CA GLY WB 82 54.35 -76.26 72.54
C GLY WB 82 54.43 -75.44 71.27
N LEU WB 83 53.88 -75.98 70.18
CA LEU WB 83 53.95 -75.30 68.90
C LEU WB 83 53.23 -73.95 68.95
N CYS WB 84 51.99 -73.93 69.41
CA CYS WB 84 51.20 -72.70 69.44
C CYS WB 84 50.29 -72.68 70.65
N LYS WB 85 49.56 -71.56 70.77
CA LYS WB 85 48.83 -71.22 71.98
C LYS WB 85 47.67 -72.17 72.19
N ILE WB 86 47.85 -73.09 73.14
CA ILE WB 86 46.80 -74.02 73.55
C ILE WB 86 47.22 -74.62 74.89
N ASP WB 87 46.23 -74.89 75.74
CA ASP WB 87 46.49 -75.62 76.97
C ASP WB 87 45.23 -76.42 77.29
N ARG WB 88 45.20 -77.66 76.80
CA ARG WB 88 44.22 -78.69 77.12
C ARG WB 88 44.59 -79.93 76.31
N GLU WB 89 44.07 -81.09 76.74
CA GLU WB 89 44.30 -82.32 76.00
C GLU WB 89 43.64 -82.31 74.64
N GLY WB 90 42.72 -81.39 74.40
CA GLY WB 90 42.10 -81.23 73.09
C GLY WB 90 42.32 -79.85 72.52
N LYS WB 91 41.63 -79.50 71.44
CA LYS WB 91 41.83 -78.22 70.77
C LYS WB 91 40.65 -77.28 70.99
N PRO WB 92 40.75 -76.31 71.91
CA PRO WB 92 39.91 -75.12 71.82
C PRO WB 92 40.52 -74.06 70.94
N ARG WB 93 41.75 -74.27 70.45
CA ARG WB 93 42.43 -73.34 69.57
C ARG WB 93 43.65 -74.03 68.95
N LYS WB 94 44.06 -73.53 67.79
CA LYS WB 94 45.42 -73.69 67.26
C LYS WB 94 45.81 -75.17 67.12
N VAL WB 95 45.18 -75.83 66.15
CA VAL WB 95 45.53 -77.20 65.78
C VAL WB 95 47.03 -77.32 65.57
N VAL WB 96 47.70 -78.17 66.37
CA VAL WB 96 49.15 -78.30 66.34
C VAL WB 96 49.52 -79.74 66.68
N GLY WB 97 50.66 -80.19 66.17
CA GLY WB 97 51.09 -81.56 66.40
C GLY WB 97 52.53 -81.80 66.00
N CYS WB 98 53.12 -82.83 66.61
CA CYS WB 98 54.49 -83.22 66.32
C CYS WB 98 54.57 -84.73 66.19
N SER WB 99 55.51 -85.20 65.37
CA SER WB 99 55.64 -86.62 65.09
C SER WB 99 57.04 -87.18 65.31
N CYS WB 100 58.09 -86.44 64.96
CA CYS WB 100 59.46 -86.92 65.12
C CYS WB 100 60.25 -85.84 65.84
N VAL WB 101 60.63 -86.11 67.08
CA VAL WB 101 61.36 -85.13 67.87
C VAL WB 101 62.54 -85.83 68.52
N VAL WB 102 63.72 -85.22 68.47
CA VAL WB 102 64.88 -85.72 69.20
C VAL WB 102 65.34 -84.59 70.11
N VAL WB 103 65.60 -84.95 71.37
CA VAL WB 103 65.68 -83.96 72.44
C VAL WB 103 67.12 -83.93 72.94
N LYS WB 104 67.85 -82.91 72.50
CA LYS WB 104 69.21 -82.73 73.01
C LYS WB 104 69.20 -82.34 74.49
N ASP WB 105 68.07 -81.85 74.99
CA ASP WB 105 67.87 -81.62 76.42
C ASP WB 105 67.50 -82.95 77.05
N TYR WB 106 68.52 -83.74 77.41
CA TYR WB 106 68.27 -85.06 77.96
C TYR WB 106 67.48 -84.93 79.27
N GLY WB 107 67.04 -86.07 79.78
CA GLY WB 107 65.81 -86.12 80.53
C GLY WB 107 65.77 -85.48 81.91
N LYS WB 108 66.30 -84.25 82.03
CA LYS WB 108 65.78 -83.32 83.02
C LYS WB 108 65.85 -83.82 84.47
N GLU WB 109 67.00 -83.68 85.13
CA GLU WB 109 67.12 -83.98 86.56
C GLU WB 109 66.05 -83.22 87.34
N SER WB 110 66.08 -83.26 88.67
CA SER WB 110 65.00 -83.65 89.59
C SER WB 110 63.56 -83.48 89.10
N GLN WB 111 62.58 -83.80 89.97
CA GLN WB 111 61.52 -84.81 89.84
C GLN WB 111 60.99 -85.19 88.45
N ALA WB 112 60.01 -86.10 88.44
CA ALA WB 112 59.99 -87.41 87.78
C ALA WB 112 60.61 -87.57 86.40
N LYS WB 113 61.00 -86.49 85.73
CA LYS WB 113 61.76 -86.64 84.49
C LYS WB 113 63.08 -87.39 84.71
N ASP WB 114 63.56 -87.42 85.95
CA ASP WB 114 64.82 -88.11 86.25
C ASP WB 114 64.76 -89.58 85.86
N VAL WB 115 63.57 -90.19 85.94
CA VAL WB 115 63.43 -91.60 85.57
C VAL WB 115 63.79 -91.80 84.10
N ILE WB 116 63.27 -90.96 83.22
CA ILE WB 116 63.60 -91.11 81.81
C ILE WB 116 65.06 -90.75 81.57
N GLU WB 117 65.60 -89.80 82.34
CA GLU WB 117 67.03 -89.51 82.21
C GLU WB 117 67.91 -90.68 82.64
N GLU WB 118 67.40 -91.54 83.53
CA GLU WB 118 68.24 -92.56 84.14
C GLU WB 118 68.89 -93.49 83.11
N TYR WB 119 68.09 -94.07 82.22
CA TYR WB 119 68.63 -95.08 81.32
C TYR WB 119 69.17 -94.49 80.01
N PHE WB 120 68.93 -93.22 79.75
CA PHE WB 120 69.61 -92.53 78.65
C PHE WB 120 70.88 -91.82 79.09
N LYS WB 121 71.18 -91.81 80.39
CA LYS WB 121 72.47 -91.32 80.83
C LYS WB 121 73.62 -92.17 80.35
N CYS WB 122 73.39 -93.47 80.10
CA CYS WB 122 74.46 -94.43 79.86
C CYS WB 122 74.83 -94.53 78.38
N LYS WB 123 74.56 -93.49 77.58
CA LYS WB 123 74.90 -93.47 76.17
C LYS WB 123 75.38 -92.10 75.74
N LYS WB 124 76.28 -91.50 76.52
CA LYS WB 124 76.78 -90.15 76.21
C LYS WB 124 77.80 -90.15 75.08
N MET XB 1 64.25 -58.38 56.10
CA MET XB 1 63.53 -59.53 56.61
C MET XB 1 63.33 -59.46 58.12
N LEU XB 2 62.39 -60.26 58.65
CA LEU XB 2 62.05 -60.23 60.05
C LEU XB 2 62.43 -61.51 60.78
N MET XB 3 61.87 -62.65 60.36
CA MET XB 3 62.10 -63.90 61.08
C MET XB 3 63.53 -64.39 61.00
N PRO XB 4 64.18 -64.43 59.82
CA PRO XB 4 65.60 -64.82 59.80
C PRO XB 4 66.44 -63.85 60.61
N LYS XB 5 67.46 -64.39 61.27
CA LYS XB 5 68.29 -63.60 62.17
C LYS XB 5 69.69 -64.17 62.25
N LYS XB 6 70.69 -63.33 61.97
CA LYS XB 6 72.03 -63.51 62.52
C LYS XB 6 72.66 -62.21 62.96
N ASN XB 7 71.98 -61.06 62.77
CA ASN XB 7 72.46 -59.75 63.19
C ASN XB 7 71.33 -58.89 63.75
N ARG XB 8 70.51 -59.46 64.65
CA ARG XB 8 69.33 -58.77 65.16
C ARG XB 8 69.23 -58.78 66.68
N ILE XB 9 69.98 -59.64 67.38
CA ILE XB 9 69.82 -59.81 68.81
C ILE XB 9 70.65 -58.82 69.61
N ALA XB 10 71.55 -58.09 68.96
CA ALA XB 10 72.47 -57.22 69.69
C ALA XB 10 71.75 -56.06 70.38
N ILE XB 11 70.53 -55.73 69.94
CA ILE XB 11 69.83 -54.56 70.46
C ILE XB 11 69.50 -54.72 71.94
N TYR XB 12 69.23 -55.94 72.39
CA TYR XB 12 68.83 -56.14 73.78
C TYR XB 12 70.03 -56.01 74.72
N GLU XB 13 71.20 -56.54 74.31
CA GLU XB 13 72.42 -56.27 75.06
C GLU XB 13 72.77 -54.78 75.01
N LEU XB 14 72.50 -54.11 73.88
CA LEU XB 14 72.70 -52.68 73.82
C LEU XB 14 71.82 -51.95 74.83
N LEU XB 15 70.57 -52.40 74.96
CA LEU XB 15 69.58 -51.75 75.79
C LEU XB 15 69.80 -52.02 77.28
N PHE XB 16 70.50 -53.10 77.61
CA PHE XB 16 70.97 -53.28 78.99
C PHE XB 16 72.41 -52.87 79.22
N LYS XB 17 73.13 -52.47 78.16
CA LYS XB 17 74.43 -51.85 78.34
C LYS XB 17 74.29 -50.36 78.58
N GLU XB 18 73.35 -49.71 77.88
CA GLU XB 18 72.86 -48.39 78.24
C GLU XB 18 71.41 -48.30 77.77
N GLY XB 19 70.58 -47.58 78.54
CA GLY XB 19 69.16 -47.50 78.26
C GLY XB 19 68.70 -46.39 77.36
N VAL XB 20 69.61 -45.60 76.80
CA VAL XB 20 69.27 -44.55 75.84
C VAL XB 20 70.07 -44.81 74.57
N MET XB 21 69.38 -44.83 73.43
CA MET XB 21 69.96 -45.29 72.18
C MET XB 21 69.73 -44.27 71.08
N VAL XB 22 70.72 -44.15 70.19
CA VAL XB 22 70.68 -43.26 69.04
C VAL XB 22 70.62 -44.10 67.77
N ALA XB 23 69.95 -43.57 66.74
CA ALA XB 23 69.86 -44.28 65.48
C ALA XB 23 69.76 -43.29 64.32
N LYS XB 24 70.05 -43.78 63.12
CA LYS XB 24 69.94 -43.00 61.89
C LYS XB 24 68.95 -43.68 60.94
N LYS XB 25 68.34 -42.88 60.07
CA LYS XB 25 67.22 -43.31 59.23
C LYS XB 25 67.64 -43.92 57.90
N ASP XB 26 68.91 -44.27 57.73
CA ASP XB 26 69.41 -44.66 56.41
C ASP XB 26 69.75 -46.15 56.36
N VAL XB 27 69.15 -46.84 55.38
CA VAL XB 27 69.54 -48.20 55.03
C VAL XB 27 70.40 -48.24 53.78
N HIS XB 28 70.31 -47.22 52.92
CA HIS XB 28 71.21 -47.08 51.78
C HIS XB 28 72.63 -46.75 52.20
N MET XB 29 72.83 -46.45 53.48
CA MET XB 29 74.09 -46.03 54.04
C MET XB 29 74.66 -47.13 54.93
N PRO XB 30 75.63 -47.93 54.43
CA PRO XB 30 76.23 -48.97 55.30
C PRO XB 30 76.91 -48.37 56.52
N LYS XB 31 76.97 -47.05 56.57
CA LYS XB 31 77.49 -46.35 57.74
C LYS XB 31 76.71 -46.71 58.99
N HIS XB 32 77.45 -47.02 60.05
CA HIS XB 32 76.90 -47.16 61.39
C HIS XB 32 77.89 -46.49 62.35
N PRO XB 33 77.43 -45.55 63.17
CA PRO XB 33 78.34 -44.90 64.13
C PRO XB 33 78.42 -45.69 65.42
N GLU XB 34 79.10 -45.14 66.42
CA GLU XB 34 79.09 -45.62 67.81
C GLU XB 34 79.39 -47.12 67.88
N LEU XB 35 80.64 -47.45 67.55
CA LEU XB 35 81.20 -48.80 67.73
C LEU XB 35 80.46 -49.80 66.83
N ALA XB 36 80.64 -49.60 65.53
CA ALA XB 36 79.99 -50.41 64.50
C ALA XB 36 80.85 -51.55 63.98
N ASP XB 37 81.74 -52.10 64.80
CA ASP XB 37 82.59 -53.21 64.38
C ASP XB 37 82.06 -54.55 64.89
N LYS XB 38 80.78 -54.64 65.21
CA LYS XB 38 80.14 -55.86 65.67
C LYS XB 38 79.42 -56.60 64.55
N ASN XB 39 79.53 -56.12 63.31
CA ASN XB 39 78.91 -56.72 62.12
C ASN XB 39 77.37 -56.64 62.18
N VAL XB 40 76.88 -55.42 62.40
CA VAL XB 40 75.47 -55.08 62.24
C VAL XB 40 75.40 -53.61 61.83
N PRO XB 41 75.74 -53.29 60.58
CA PRO XB 41 75.97 -51.88 60.18
C PRO XB 41 74.68 -51.06 60.11
N ASN XB 42 74.12 -50.77 61.28
CA ASN XB 42 72.86 -50.00 61.42
C ASN XB 42 71.73 -50.66 60.64
N LEU XB 43 71.51 -51.94 60.91
CA LEU XB 43 70.34 -52.66 60.44
C LEU XB 43 69.62 -53.26 61.63
N HIS XB 44 68.47 -53.88 61.36
CA HIS XB 44 67.75 -54.71 62.32
C HIS XB 44 67.35 -53.95 63.58
N VAL XB 45 67.47 -52.62 63.59
CA VAL XB 45 66.87 -51.79 64.61
C VAL XB 45 65.41 -51.50 64.27
N MET XB 46 65.06 -51.52 62.99
CA MET XB 46 63.73 -51.19 62.48
C MET XB 46 62.86 -52.41 62.26
N LYS XB 47 63.29 -53.60 62.69
CA LYS XB 47 62.57 -54.82 62.36
C LYS XB 47 61.63 -55.26 63.48
N ALA XB 48 62.18 -55.51 64.67
CA ALA XB 48 61.36 -55.96 65.81
C ALA XB 48 61.33 -54.97 66.96
N MET XB 49 62.25 -54.02 67.02
CA MET XB 49 62.16 -52.96 68.02
C MET XB 49 60.91 -52.10 67.83
N GLN XB 50 60.43 -51.97 66.59
CA GLN XB 50 59.20 -51.22 66.35
C GLN XB 50 58.02 -51.87 67.08
N SER XB 51 57.94 -53.20 67.04
CA SER XB 51 56.80 -53.90 67.62
C SER XB 51 56.97 -54.09 69.13
N LEU XB 52 58.10 -53.68 69.69
CA LEU XB 52 58.28 -53.56 71.13
C LEU XB 52 57.93 -52.15 71.60
N LYS XB 53 58.34 -51.14 70.82
CA LYS XB 53 57.80 -49.81 71.00
C LYS XB 53 56.28 -49.81 71.01
N SER XB 54 55.67 -50.56 70.09
CA SER XB 54 54.21 -50.68 70.07
C SER XB 54 53.68 -51.20 71.40
N ARG XB 55 54.44 -52.06 72.07
CA ARG XB 55 54.13 -52.39 73.45
C ARG XB 55 54.29 -51.18 74.35
N GLY XB 56 55.30 -50.36 74.09
CA GLY XB 56 55.57 -49.19 74.89
C GLY XB 56 56.62 -49.36 75.96
N TYR XB 57 57.48 -50.36 75.85
CA TYR XB 57 58.47 -50.65 76.88
C TYR XB 57 59.72 -49.82 76.69
N VAL XB 58 59.87 -49.15 75.55
CA VAL XB 58 60.82 -48.09 75.33
C VAL XB 58 60.06 -46.93 74.66
N LYS XB 59 60.80 -45.89 74.29
CA LYS XB 59 60.19 -44.70 73.69
C LYS XB 59 61.00 -44.26 72.48
N GLU XB 60 60.35 -43.58 71.53
CA GLU XB 60 61.00 -43.18 70.29
C GLU XB 60 60.71 -41.73 69.94
N GLN XB 61 61.64 -41.12 69.21
CA GLN XB 61 61.43 -39.79 68.65
C GLN XB 61 62.23 -39.60 67.37
N PHE XB 62 61.64 -38.87 66.42
CA PHE XB 62 62.31 -38.41 65.20
C PHE XB 62 62.82 -36.99 65.40
N ALA XB 63 64.04 -36.73 64.91
CA ALA XB 63 64.53 -35.39 64.67
C ALA XB 63 65.90 -35.49 64.03
N TRP XB 64 66.22 -34.53 63.17
CA TRP XB 64 67.58 -34.24 62.70
C TRP XB 64 68.36 -35.53 62.41
N ARG XB 65 67.81 -36.35 61.53
CA ARG XB 65 68.41 -37.61 61.09
C ARG XB 65 68.78 -38.52 62.27
N HIS XB 66 68.23 -38.26 63.44
CA HIS XB 66 68.60 -39.00 64.65
C HIS XB 66 67.36 -39.41 65.41
N PHE XB 67 67.13 -40.71 65.48
CA PHE XB 67 66.00 -41.28 66.21
C PHE XB 67 66.47 -41.70 67.60
N TYR XB 68 65.62 -41.40 68.59
CA TYR XB 68 65.96 -41.50 70.00
C TYR XB 68 65.11 -42.56 70.68
N TRP XB 69 65.76 -43.43 71.45
CA TRP XB 69 65.15 -44.65 72.00
C TRP XB 69 65.40 -44.70 73.50
N TYR XB 70 64.33 -44.54 74.28
CA TYR XB 70 64.38 -44.29 75.71
C TYR XB 70 63.95 -45.56 76.43
N LEU XB 71 64.85 -46.20 77.18
CA LEU XB 71 64.45 -47.42 77.87
C LEU XB 71 63.63 -47.09 79.11
N THR XB 72 62.58 -47.88 79.34
CA THR XB 72 61.68 -47.66 80.46
C THR XB 72 61.75 -48.82 81.45
N ASN XB 73 61.26 -48.53 82.66
CA ASN XB 73 61.47 -49.39 83.82
C ASN XB 73 60.81 -50.76 83.66
N GLU XB 74 59.58 -50.79 83.14
CA GLU XB 74 58.84 -52.04 83.06
C GLU XB 74 59.34 -52.95 81.94
N GLY XB 75 60.32 -52.52 81.15
CA GLY XB 75 60.84 -53.33 80.08
C GLY XB 75 61.94 -54.29 80.43
N ILE XB 76 62.56 -54.13 81.61
CA ILE XB 76 63.80 -54.86 81.91
C ILE XB 76 63.53 -56.35 81.98
N GLN XB 77 62.43 -56.73 82.65
CA GLN XB 77 62.18 -58.15 82.90
C GLN XB 77 62.06 -58.94 81.61
N TYR XB 78 61.31 -58.41 80.64
CA TYR XB 78 61.07 -59.15 79.40
C TYR XB 78 62.23 -58.96 78.41
N LEU XB 79 62.74 -57.72 78.29
CA LEU XB 79 63.94 -57.46 77.51
C LEU XB 79 65.13 -58.21 78.05
N ARG XB 80 65.00 -58.83 79.21
CA ARG XB 80 65.96 -59.78 79.72
C ARG XB 80 65.54 -61.21 79.41
N ASP XB 81 64.32 -61.59 79.79
CA ASP XB 81 63.82 -62.95 79.62
C ASP XB 81 63.90 -63.43 78.18
N TYR XB 82 64.14 -62.51 77.23
CA TYR XB 82 64.52 -62.94 75.89
C TYR XB 82 65.90 -63.60 75.89
N LEU XB 83 66.75 -63.30 76.90
CA LEU XB 83 68.07 -63.91 77.06
C LEU XB 83 68.22 -64.72 78.34
N HIS XB 84 67.32 -64.54 79.31
CA HIS XB 84 67.36 -65.22 80.61
C HIS XB 84 68.61 -64.85 81.41
N LEU XB 85 69.15 -63.67 81.15
CA LEU XB 85 70.30 -63.15 81.89
C LEU XB 85 69.89 -62.83 83.34
N PRO XB 86 70.84 -62.49 84.20
CA PRO XB 86 70.48 -62.03 85.53
C PRO XB 86 69.77 -60.71 85.46
N PRO XB 87 68.80 -60.45 86.36
CA PRO XB 87 68.12 -59.15 86.38
C PRO XB 87 69.02 -58.00 86.80
N GLU XB 88 69.90 -57.54 85.91
CA GLU XB 88 70.70 -56.35 86.16
C GLU XB 88 70.05 -55.15 85.48
N ILE XB 89 69.95 -54.06 86.21
CA ILE XB 89 69.34 -52.83 85.70
C ILE XB 89 70.44 -51.77 85.62
N VAL XB 90 71.66 -52.16 85.95
CA VAL XB 90 72.82 -51.26 86.01
C VAL XB 90 73.52 -51.29 84.66
N PRO XB 91 73.29 -50.32 83.78
CA PRO XB 91 74.02 -50.30 82.51
C PRO XB 91 75.51 -50.05 82.70
N ALA XB 92 75.85 -48.88 83.26
CA ALA XB 92 77.21 -48.58 83.69
C ALA XB 92 77.27 -47.67 84.92
N THR XB 93 76.13 -47.32 85.51
CA THR XB 93 76.04 -46.15 86.38
C THR XB 93 76.77 -46.36 87.69
N LEU XB 94 77.61 -45.39 88.07
CA LEU XB 94 78.23 -45.38 89.39
C LEU XB 94 77.46 -44.52 90.38
N ARG XB 95 76.17 -44.33 90.16
CA ARG XB 95 75.27 -43.77 91.16
C ARG XB 95 75.67 -42.34 91.54
N ARG XB 96 76.02 -41.55 90.53
CA ARG XB 96 76.46 -40.18 90.73
C ARG XB 96 75.45 -39.24 90.12
N SER XB 97 74.78 -38.46 90.97
CA SER XB 97 73.93 -37.36 90.53
C SER XB 97 74.83 -36.25 90.01
N ARG XB 98 74.99 -36.20 88.70
CA ARG XB 98 75.99 -35.33 88.10
C ARG XB 98 75.41 -34.45 87.00
N GLN YB 1 71.28 -59.29 46.34
CA GLN YB 1 70.35 -59.95 45.42
C GLN YB 1 70.72 -59.59 43.98
N GLN YB 2 70.34 -60.45 43.03
CA GLN YB 2 70.62 -60.23 41.61
C GLN YB 2 69.81 -59.07 41.03
N LEU YB 3 68.94 -58.45 41.82
CA LEU YB 3 68.07 -57.38 41.32
C LEU YB 3 67.96 -56.20 42.27
N TYR YB 4 68.39 -56.34 43.53
CA TYR YB 4 67.99 -55.39 44.57
C TYR YB 4 68.89 -54.17 44.62
N TRP YB 5 70.19 -54.36 44.86
CA TRP YB 5 71.09 -53.23 45.10
C TRP YB 5 72.28 -53.29 44.14
N SER YB 6 72.43 -52.24 43.35
CA SER YB 6 73.63 -52.02 42.55
C SER YB 6 74.05 -50.56 42.48
N HIS YB 7 73.64 -49.71 43.43
CA HIS YB 7 73.81 -48.26 43.32
C HIS YB 7 74.45 -47.67 44.56
N PRO YB 8 75.77 -47.50 44.60
CA PRO YB 8 76.36 -46.60 45.58
C PRO YB 8 76.04 -45.14 45.26
N ARG YB 9 75.62 -44.40 46.28
CA ARG YB 9 75.12 -43.04 46.11
C ARG YB 9 76.27 -42.05 46.31
N LYS YB 10 76.78 -41.49 45.19
CA LYS YB 10 77.86 -40.52 45.26
C LYS YB 10 77.72 -39.39 44.22
N PHE YB 11 76.50 -38.96 43.93
CA PHE YB 11 76.27 -38.14 42.74
C PHE YB 11 75.35 -36.97 43.02
N GLY YB 12 75.58 -35.85 42.34
CA GLY YB 12 74.62 -34.77 42.31
C GLY YB 12 74.59 -33.94 43.58
N GLN YB 13 73.47 -33.25 43.77
CA GLN YB 13 73.34 -32.35 44.92
C GLN YB 13 72.53 -32.96 46.07
N GLY YB 14 71.62 -33.88 45.76
CA GLY YB 14 70.82 -34.50 46.81
C GLY YB 14 71.36 -35.83 47.26
N SER YB 15 72.64 -36.08 46.98
CA SER YB 15 73.27 -37.31 47.43
C SER YB 15 73.27 -37.41 48.94
N ARG YB 16 73.76 -36.37 49.62
CA ARG YB 16 73.89 -36.33 51.06
C ARG YB 16 72.73 -35.52 51.64
N SER YB 17 72.12 -36.06 52.70
CA SER YB 17 70.82 -35.59 53.15
C SER YB 17 70.93 -34.33 54.01
N CYS YB 18 69.96 -33.43 53.86
CA CYS YB 18 69.69 -32.46 54.93
C CYS YB 18 69.35 -33.22 56.19
N ARG YB 19 69.99 -32.85 57.29
CA ARG YB 19 69.86 -33.65 58.49
C ARG YB 19 68.48 -33.53 59.12
N VAL YB 20 67.86 -32.35 59.02
CA VAL YB 20 66.66 -32.07 59.82
C VAL YB 20 65.39 -32.39 59.03
N CYS YB 21 65.32 -31.94 57.78
CA CYS YB 21 64.15 -32.20 56.96
C CYS YB 21 64.43 -33.12 55.80
N SER YB 22 65.70 -33.23 55.38
CA SER YB 22 66.13 -34.16 54.34
C SER YB 22 65.37 -33.98 53.04
N ASN YB 23 64.87 -32.77 52.77
CA ASN YB 23 64.09 -32.51 51.58
C ASN YB 23 65.03 -32.09 50.47
N ARG YB 24 64.95 -32.77 49.33
CA ARG YB 24 65.91 -32.61 48.25
C ARG YB 24 65.30 -31.74 47.15
N HIS YB 25 65.43 -30.42 47.33
CA HIS YB 25 65.14 -29.45 46.28
C HIS YB 25 66.32 -28.51 46.09
N GLY YB 26 67.51 -28.92 46.52
CA GLY YB 26 68.69 -28.07 46.50
C GLY YB 26 69.31 -27.90 47.88
N LEU YB 27 70.56 -28.34 48.03
CA LEU YB 27 71.29 -28.23 49.29
C LEU YB 27 72.69 -27.72 49.02
N ILE YB 28 73.46 -27.62 50.10
CA ILE YB 28 74.68 -26.83 50.15
C ILE YB 28 75.64 -27.45 51.17
N ARG YB 29 76.93 -27.37 50.88
CA ARG YB 29 77.91 -27.84 51.86
C ARG YB 29 79.05 -26.86 52.09
N LYS YB 30 78.71 -25.61 52.39
CA LYS YB 30 79.73 -24.63 52.75
C LYS YB 30 80.59 -25.14 53.92
N TYR YB 31 79.98 -25.30 55.09
CA TYR YB 31 80.70 -25.76 56.28
C TYR YB 31 80.24 -27.15 56.70
N GLY YB 32 79.97 -28.01 55.71
CA GLY YB 32 79.66 -29.39 55.96
C GLY YB 32 78.31 -29.65 56.60
N LEU YB 33 77.53 -28.61 56.89
CA LEU YB 33 76.24 -28.81 57.52
C LEU YB 33 75.31 -29.65 56.64
N ASN YB 34 75.28 -29.33 55.34
CA ASN YB 34 74.34 -29.94 54.40
C ASN YB 34 72.92 -29.88 54.97
N MET YB 35 72.43 -28.65 55.13
CA MET YB 35 71.14 -28.41 55.75
C MET YB 35 70.51 -27.18 55.11
N CYS YB 36 69.19 -27.22 54.95
CA CYS YB 36 68.47 -26.15 54.26
C CYS YB 36 68.70 -24.81 54.92
N ARG YB 37 68.54 -23.73 54.14
CA ARG YB 37 68.56 -22.40 54.73
C ARG YB 37 67.26 -22.09 55.45
N GLN YB 38 66.15 -22.67 55.00
CA GLN YB 38 64.93 -22.60 55.79
C GLN YB 38 65.10 -23.32 57.12
N CYS YB 39 66.05 -24.25 57.20
CA CYS YB 39 66.44 -24.88 58.45
C CYS YB 39 67.45 -24.04 59.22
N PHE YB 40 68.36 -23.39 58.49
CA PHE YB 40 69.47 -22.67 59.11
C PHE YB 40 69.01 -21.36 59.73
N ARG YB 41 68.05 -20.69 59.10
CA ARG YB 41 67.48 -19.51 59.71
C ARG YB 41 66.68 -19.86 60.96
N GLN YB 42 66.38 -21.14 61.17
CA GLN YB 42 65.67 -21.55 62.37
C GLN YB 42 66.63 -22.01 63.46
N TYR YB 43 67.79 -22.54 63.07
CA TYR YB 43 68.68 -23.10 64.08
C TYR YB 43 70.08 -22.48 64.10
N ALA YB 44 70.29 -21.34 63.45
CA ALA YB 44 71.62 -20.77 63.51
C ALA YB 44 71.86 -19.94 64.77
N LYS YB 45 70.81 -19.60 65.52
CA LYS YB 45 71.05 -19.00 66.83
C LYS YB 45 71.72 -19.99 67.76
N ASP YB 46 71.57 -21.28 67.47
CA ASP YB 46 72.25 -22.33 68.19
C ASP YB 46 73.51 -22.81 67.47
N ILE YB 47 73.59 -22.59 66.15
CA ILE YB 47 74.84 -22.85 65.44
C ILE YB 47 75.90 -21.83 65.80
N GLY YB 48 75.50 -20.57 65.96
CA GLY YB 48 76.44 -19.52 66.28
C GLY YB 48 76.34 -18.33 65.35
N PHE YB 49 75.57 -18.48 64.27
CA PHE YB 49 75.44 -17.44 63.26
C PHE YB 49 74.20 -16.61 63.56
N ILE YB 50 74.42 -15.35 63.94
CA ILE YB 50 73.35 -14.42 64.31
C ILE YB 50 73.57 -13.11 63.57
N LYS YB 51 72.52 -12.61 62.92
CA LYS YB 51 72.65 -11.48 62.00
C LYS YB 51 73.16 -10.24 62.73
N LEU YB 52 74.20 -9.60 62.18
CA LEU YB 52 74.71 -8.35 62.72
C LEU YB 52 75.25 -7.41 61.64
N ASP YB 53 74.77 -7.52 60.40
CA ASP YB 53 75.36 -6.76 59.30
C ASP YB 53 75.06 -5.26 59.43
N VAL ZB 1 124.16 2.08 35.87
CA VAL ZB 1 122.98 2.41 36.65
C VAL ZB 1 122.25 1.13 37.02
N THR ZB 2 121.02 1.26 37.53
CA THR ZB 2 120.17 0.12 37.83
C THR ZB 2 119.18 -0.08 36.69
N VAL ZB 3 118.79 -1.34 36.46
CA VAL ZB 3 117.93 -1.67 35.34
C VAL ZB 3 116.51 -1.15 35.53
N LYS ZB 4 116.20 -0.58 36.70
CA LYS ZB 4 114.91 0.08 36.88
C LYS ZB 4 114.86 1.45 36.22
N ASP ZB 5 115.98 2.18 36.19
CA ASP ZB 5 116.01 3.54 35.68
C ASP ZB 5 115.86 3.61 34.16
N VAL ZB 6 116.20 2.55 33.44
CA VAL ZB 6 115.92 2.46 32.02
C VAL ZB 6 114.43 2.24 31.88
N ASN ZB 7 113.90 2.54 30.69
CA ASN ZB 7 112.49 2.24 30.46
C ASN ZB 7 112.28 0.74 30.47
N GLN ZB 8 111.19 0.31 31.08
CA GLN ZB 8 110.93 -1.12 31.24
C GLN ZB 8 110.84 -1.81 29.87
N GLN ZB 9 110.16 -1.17 28.93
CA GLN ZB 9 109.95 -1.78 27.62
C GLN ZB 9 111.22 -1.82 26.79
N GLU ZB 10 111.97 -0.71 26.76
CA GLU ZB 10 113.19 -0.71 25.96
C GLU ZB 10 114.28 -1.56 26.58
N PHE ZB 11 114.28 -1.73 27.90
CA PHE ZB 11 115.17 -2.70 28.54
C PHE ZB 11 115.00 -4.08 27.91
N VAL ZB 12 113.75 -4.56 27.84
CA VAL ZB 12 113.51 -5.90 27.31
C VAL ZB 12 113.71 -5.92 25.79
N ARG ZB 13 113.37 -4.83 25.10
CA ARG ZB 13 113.57 -4.82 23.65
C ARG ZB 13 115.05 -4.95 23.29
N ALA ZB 14 115.91 -4.20 23.99
CA ALA ZB 14 117.33 -4.31 23.69
C ALA ZB 14 117.93 -5.57 24.29
N LEU ZB 15 117.31 -6.13 25.34
CA LEU ZB 15 117.73 -7.44 25.80
C LEU ZB 15 117.48 -8.48 24.73
N ALA ZB 16 116.32 -8.39 24.06
CA ALA ZB 16 116.03 -9.25 22.93
C ALA ZB 16 117.00 -9.00 21.79
N ALA ZB 17 117.39 -7.74 21.56
CA ALA ZB 17 118.38 -7.45 20.53
C ALA ZB 17 119.70 -8.14 20.83
N PHE ZB 18 120.20 -7.98 22.07
CA PHE ZB 18 121.48 -8.59 22.44
C PHE ZB 18 121.43 -10.10 22.29
N LEU ZB 19 120.42 -10.74 22.89
CA LEU ZB 19 120.34 -12.19 22.83
C LEU ZB 19 120.08 -12.70 21.42
N LYS ZB 20 119.27 -11.99 20.64
CA LYS ZB 20 119.03 -12.37 19.25
C LYS ZB 20 120.31 -12.35 18.44
N LYS ZB 21 121.07 -11.25 18.50
CA LYS ZB 21 122.30 -11.19 17.72
C LYS ZB 21 123.31 -12.21 18.24
N SER ZB 22 123.29 -12.49 19.53
CA SER ZB 22 124.08 -13.60 20.04
C SER ZB 22 123.54 -14.94 19.60
N GLY ZB 23 122.32 -14.98 19.05
CA GLY ZB 23 121.77 -16.17 18.43
C GLY ZB 23 121.53 -17.32 19.38
N LYS ZB 24 121.98 -17.17 20.62
CA LYS ZB 24 121.86 -18.26 21.58
C LYS ZB 24 120.41 -18.50 21.99
N LEU ZB 25 119.64 -17.42 22.17
CA LEU ZB 25 118.29 -17.55 22.68
C LEU ZB 25 117.43 -18.34 21.71
N LYS ZB 26 116.57 -19.21 22.27
CA LYS ZB 26 115.82 -20.17 21.49
C LYS ZB 26 115.15 -19.53 20.29
N VAL ZB 27 115.54 -20.00 19.11
CA VAL ZB 27 114.91 -19.60 17.86
C VAL ZB 27 113.61 -20.39 17.74
N PRO ZB 28 112.59 -19.87 17.07
CA PRO ZB 28 111.25 -20.47 17.14
C PRO ZB 28 111.21 -21.89 16.59
N GLU ZB 29 110.31 -22.70 17.17
CA GLU ZB 29 110.04 -24.03 16.65
C GLU ZB 29 108.96 -23.99 15.57
N TRP ZB 30 107.97 -23.10 15.72
CA TRP ZB 30 107.01 -22.78 14.66
C TRP ZB 30 106.51 -21.37 14.92
N VAL ZB 31 106.59 -20.50 13.91
CA VAL ZB 31 106.57 -19.06 14.16
C VAL ZB 31 105.15 -18.54 14.34
N ASP ZB 32 104.24 -18.88 13.42
CA ASP ZB 32 102.90 -18.32 13.44
C ASP ZB 32 101.83 -19.30 13.92
N THR ZB 33 102.15 -20.58 14.03
CA THR ZB 33 101.16 -21.56 14.44
C THR ZB 33 101.07 -21.66 15.96
N VAL ZB 34 101.85 -20.86 16.69
CA VAL ZB 34 101.75 -20.78 18.15
C VAL ZB 34 100.46 -20.08 18.51
N LYS ZB 35 99.68 -20.69 19.41
CA LYS ZB 35 98.47 -20.05 19.89
C LYS ZB 35 98.75 -19.04 21.01
N LEU ZB 36 99.79 -19.28 21.81
CA LEU ZB 36 100.33 -18.28 22.73
C LEU ZB 36 99.26 -17.81 23.72
N ALA ZB 37 98.96 -18.70 24.67
CA ALA ZB 37 97.98 -18.38 25.71
C ALA ZB 37 96.62 -18.18 25.09
N LYS ZB 38 95.95 -19.29 24.75
CA LYS ZB 38 94.81 -19.33 23.84
C LYS ZB 38 93.71 -18.33 24.17
N HIS ZB 39 93.80 -17.66 25.32
CA HIS ZB 39 93.06 -16.41 25.47
C HIS ZB 39 93.41 -15.45 24.35
N LYS ZB 40 94.64 -15.55 23.83
CA LYS ZB 40 95.01 -14.89 22.57
C LYS ZB 40 94.60 -15.82 21.43
N GLU ZB 41 93.34 -15.70 21.02
CA GLU ZB 41 92.75 -16.57 20.01
C GLU ZB 41 93.51 -16.52 18.69
N LEU ZB 42 94.00 -15.36 18.29
CA LEU ZB 42 94.73 -15.21 17.03
C LEU ZB 42 96.15 -15.73 17.23
N ALA ZB 43 97.04 -15.36 16.32
CA ALA ZB 43 98.41 -15.87 16.33
C ALA ZB 43 99.43 -14.75 16.46
N PRO ZB 44 100.66 -15.07 16.89
CA PRO ZB 44 101.78 -14.13 16.76
C PRO ZB 44 102.31 -14.10 15.33
N TYR ZB 45 102.69 -12.90 14.89
CA TYR ZB 45 102.96 -12.64 13.47
C TYR ZB 45 104.43 -12.67 13.10
N ASP ZB 46 105.32 -12.07 13.89
CA ASP ZB 46 106.73 -11.97 13.53
C ASP ZB 46 107.58 -12.82 14.44
N GLU ZB 47 108.63 -13.41 13.87
CA GLU ZB 47 109.50 -14.37 14.54
C GLU ZB 47 110.37 -13.73 15.61
N ASN ZB 48 110.15 -12.45 15.90
CA ASN ZB 48 110.78 -11.78 17.05
C ASN ZB 48 109.92 -11.88 18.31
N TRP ZB 49 109.19 -12.99 18.47
CA TRP ZB 49 108.32 -13.16 19.62
C TRP ZB 49 109.07 -13.81 20.79
N PHE ZB 50 109.77 -14.92 20.51
CA PHE ZB 50 110.40 -15.66 21.60
C PHE ZB 50 111.50 -14.85 22.24
N TYR ZB 51 112.23 -14.07 21.45
CA TYR ZB 51 113.25 -13.20 22.02
C TYR ZB 51 112.65 -12.35 23.13
N THR ZB 52 111.56 -11.66 22.82
CA THR ZB 52 110.94 -10.75 23.78
C THR ZB 52 110.33 -11.52 24.95
N ARG ZB 53 109.64 -12.64 24.67
CA ARG ZB 53 108.97 -13.35 25.76
C ARG ZB 53 109.98 -13.93 26.74
N ALA ZB 54 111.05 -14.55 26.26
CA ALA ZB 54 112.09 -15.06 27.14
C ALA ZB 54 112.79 -13.93 27.87
N ALA ZB 55 113.10 -12.84 27.15
CA ALA ZB 55 113.70 -11.69 27.79
C ALA ZB 55 112.85 -11.17 28.93
N SER ZB 56 111.53 -11.19 28.74
CA SER ZB 56 110.64 -10.62 29.74
C SER ZB 56 110.45 -11.56 30.92
N THR ZB 57 110.49 -12.87 30.67
CA THR ZB 57 110.52 -13.79 31.80
C THR ZB 57 111.80 -13.61 32.61
N ALA ZB 58 112.92 -13.38 31.94
CA ALA ZB 58 114.15 -13.06 32.65
C ALA ZB 58 113.99 -11.78 33.48
N ARG ZB 59 113.35 -10.77 32.90
CA ARG ZB 59 113.19 -9.51 33.62
C ARG ZB 59 112.26 -9.68 34.83
N HIS ZB 60 111.19 -10.47 34.68
CA HIS ZB 60 110.32 -10.71 35.82
C HIS ZB 60 111.03 -11.53 36.88
N LEU ZB 61 111.95 -12.40 36.47
CA LEU ZB 61 112.81 -13.07 37.42
C LEU ZB 61 113.68 -12.07 38.16
N TYR ZB 62 114.18 -11.04 37.45
CA TYR ZB 62 114.89 -9.96 38.14
C TYR ZB 62 113.98 -9.27 39.13
N LEU ZB 63 112.73 -9.01 38.73
CA LEU ZB 63 111.76 -8.40 39.62
C LEU ZB 63 111.62 -9.21 40.90
N ARG ZB 64 111.42 -10.52 40.75
CA ARG ZB 64 111.55 -11.48 41.83
C ARG ZB 64 111.96 -12.81 41.25
N GLY ZB 65 113.02 -13.40 41.81
CA GLY ZB 65 113.54 -14.67 41.33
C GLY ZB 65 112.70 -15.86 41.75
N GLY ZB 66 112.98 -17.00 41.12
CA GLY ZB 66 112.31 -18.24 41.46
C GLY ZB 66 110.85 -18.30 41.11
N ALA ZB 67 110.47 -17.86 39.91
CA ALA ZB 67 109.08 -17.87 39.49
C ALA ZB 67 108.74 -19.17 38.77
N GLY ZB 68 107.54 -19.24 38.22
CA GLY ZB 68 107.07 -20.43 37.52
C GLY ZB 68 105.88 -20.14 36.64
N VAL ZB 69 105.34 -21.17 35.99
CA VAL ZB 69 104.33 -20.98 34.94
C VAL ZB 69 103.11 -20.26 35.48
N GLY ZB 70 102.57 -20.74 36.60
CA GLY ZB 70 101.36 -20.14 37.14
C GLY ZB 70 101.54 -18.67 37.46
N SER ZB 71 102.73 -18.31 37.95
CA SER ZB 71 103.02 -16.96 38.41
C SER ZB 71 103.69 -16.09 37.36
N MET ZB 72 103.90 -16.59 36.15
CA MET ZB 72 104.37 -15.68 35.11
C MET ZB 72 103.33 -15.50 34.00
N THR ZB 73 102.67 -16.59 33.61
CA THR ZB 73 101.59 -16.47 32.63
C THR ZB 73 100.46 -15.57 33.15
N LYS ZB 74 100.35 -15.43 34.47
CA LYS ZB 74 99.33 -14.56 35.03
C LYS ZB 74 99.54 -13.12 34.59
N ILE ZB 75 100.78 -12.63 34.63
CA ILE ZB 75 101.02 -11.27 34.18
C ILE ZB 75 101.17 -11.21 32.66
N TYR ZB 76 101.73 -12.26 32.04
CA TYR ZB 76 101.82 -12.26 30.58
C TYR ZB 76 100.46 -12.19 29.94
N GLY ZB 77 99.44 -12.73 30.60
CA GLY ZB 77 98.09 -12.75 30.05
C GLY ZB 77 97.41 -11.41 30.13
N GLY ZB 78 96.16 -11.40 29.71
CA GLY ZB 78 95.40 -10.17 29.61
C GLY ZB 78 93.92 -10.43 29.48
N ARG ZB 79 93.28 -9.74 28.53
CA ARG ZB 79 91.86 -9.84 28.30
C ARG ZB 79 91.57 -10.52 26.97
N GLN ZB 80 90.48 -11.30 26.94
CA GLN ZB 80 89.99 -11.94 25.74
C GLN ZB 80 88.50 -11.66 25.59
N ARG ZB 81 88.02 -11.64 24.35
CA ARG ZB 81 86.59 -11.54 24.06
C ARG ZB 81 86.09 -12.89 23.58
N ASN ZB 82 85.01 -13.37 24.19
CA ASN ZB 82 84.66 -14.79 24.16
C ASN ZB 82 83.39 -15.06 23.36
N GLY ZB 83 83.26 -14.42 22.20
CA GLY ZB 83 82.16 -14.76 21.32
C GLY ZB 83 80.79 -14.55 21.93
N VAL ZB 84 80.14 -15.63 22.32
CA VAL ZB 84 78.84 -15.58 22.99
C VAL ZB 84 78.97 -15.86 24.49
N MET ZB 85 80.15 -15.64 25.06
CA MET ZB 85 80.42 -15.86 26.47
C MET ZB 85 81.06 -14.64 27.10
N PRO ZB 86 80.91 -14.47 28.42
CA PRO ZB 86 81.70 -13.46 29.13
C PRO ZB 86 83.16 -13.85 29.28
N SER ZB 87 83.95 -13.06 30.01
CA SER ZB 87 85.39 -13.27 30.10
C SER ZB 87 85.81 -13.78 31.47
N HIS ZB 88 86.44 -14.95 31.47
CA HIS ZB 88 87.13 -15.48 32.63
C HIS ZB 88 88.62 -15.45 32.33
N PHE ZB 89 89.46 -15.94 33.25
CA PHE ZB 89 90.89 -16.03 32.99
C PHE ZB 89 91.36 -17.46 33.19
N SER ZB 90 91.98 -18.03 32.16
CA SER ZB 90 92.57 -19.37 32.23
C SER ZB 90 93.85 -19.33 31.42
N ARG ZB 91 94.98 -19.18 32.13
CA ARG ZB 91 96.26 -18.92 31.49
C ARG ZB 91 96.63 -20.04 30.54
N GLY ZB 92 97.24 -19.68 29.41
CA GLY ZB 92 97.38 -20.60 28.31
C GLY ZB 92 98.73 -21.28 28.19
N SER ZB 93 99.59 -20.75 27.33
CA SER ZB 93 100.86 -21.40 27.00
C SER ZB 93 101.72 -21.61 28.23
N LYS ZB 94 101.89 -22.87 28.62
CA LYS ZB 94 102.75 -23.29 29.71
C LYS ZB 94 104.14 -23.70 29.24
N SER ZB 95 104.23 -24.49 28.17
CA SER ZB 95 105.52 -24.95 27.69
C SER ZB 95 106.31 -23.85 26.98
N VAL ZB 96 105.65 -22.80 26.51
CA VAL ZB 96 106.40 -21.69 25.91
C VAL ZB 96 107.30 -21.05 26.96
N ALA ZB 97 106.71 -20.69 28.11
CA ALA ZB 97 107.50 -20.12 29.20
C ALA ZB 97 108.41 -21.17 29.84
N ARG ZB 98 107.97 -22.43 29.89
CA ARG ZB 98 108.85 -23.48 30.39
C ARG ZB 98 110.08 -23.64 29.50
N ARG ZB 99 109.91 -23.54 28.18
CA ARG ZB 99 111.03 -23.63 27.26
C ARG ZB 99 111.90 -22.38 27.30
N VAL ZB 100 111.29 -21.22 27.54
CA VAL ZB 100 112.05 -20.03 27.94
C VAL ZB 100 113.00 -20.39 29.07
N LEU ZB 101 112.44 -20.88 30.17
CA LEU ZB 101 113.25 -21.13 31.36
C LEU ZB 101 114.29 -22.22 31.09
N GLN ZB 102 113.97 -23.22 30.28
CA GLN ZB 102 114.95 -24.26 29.97
C GLN ZB 102 116.08 -23.70 29.12
N ALA ZB 103 115.74 -22.95 28.07
CA ALA ZB 103 116.74 -22.41 27.17
C ALA ZB 103 117.63 -21.37 27.83
N LEU ZB 104 117.22 -20.84 28.98
CA LEU ZB 104 118.13 -19.97 29.73
C LEU ZB 104 118.79 -20.66 30.92
N GLU ZB 105 118.18 -21.71 31.48
CA GLU ZB 105 118.76 -22.47 32.59
C GLU ZB 105 119.89 -23.36 32.11
N GLY ZB 106 119.80 -23.89 30.90
CA GLY ZB 106 120.96 -24.47 30.26
C GLY ZB 106 121.99 -23.44 29.86
N LEU ZB 107 121.60 -22.16 29.82
CA LEU ZB 107 122.49 -21.05 29.49
C LEU ZB 107 123.07 -20.36 30.72
N LYS ZB 108 122.69 -20.78 31.92
CA LYS ZB 108 123.31 -20.34 33.16
C LYS ZB 108 123.25 -18.82 33.34
N MET ZB 109 122.30 -18.17 32.67
CA MET ZB 109 121.91 -16.81 33.02
C MET ZB 109 120.71 -16.79 33.96
N VAL ZB 110 119.98 -17.92 34.06
CA VAL ZB 110 119.01 -18.16 35.11
C VAL ZB 110 119.36 -19.50 35.75
N GLU ZB 111 119.40 -19.53 37.07
CA GLU ZB 111 119.88 -20.70 37.81
C GLU ZB 111 118.78 -21.22 38.73
N LYS ZB 112 119.02 -22.40 39.29
CA LYS ZB 112 118.01 -23.09 40.09
C LYS ZB 112 117.81 -22.37 41.42
N ASP ZB 113 116.56 -22.02 41.72
CA ASP ZB 113 116.19 -21.45 43.01
C ASP ZB 113 116.00 -22.55 44.03
N GLN ZB 114 116.14 -22.20 45.31
CA GLN ZB 114 116.04 -23.20 46.37
C GLN ZB 114 114.68 -23.90 46.35
N ASP ZB 115 114.74 -25.23 46.35
CA ASP ZB 115 113.60 -26.15 46.53
C ASP ZB 115 112.71 -26.26 45.29
N TRP ZB 116 112.85 -25.31 44.35
CA TRP ZB 116 112.19 -25.21 43.04
C TRP ZB 116 112.55 -23.92 42.31
N GLY ZB 117 112.16 -23.83 41.04
CA GLY ZB 117 112.11 -22.56 40.33
C GLY ZB 117 113.33 -22.29 39.47
N ARG ZB 118 113.34 -21.07 38.94
CA ARG ZB 118 114.48 -20.54 38.20
C ARG ZB 118 114.90 -19.21 38.84
N LYS ZB 119 116.06 -19.20 39.47
CA LYS ZB 119 116.58 -18.02 40.14
C LYS ZB 119 117.58 -17.33 39.22
N LEU ZB 120 118.32 -16.38 39.77
CA LEU ZB 120 119.15 -15.48 39.00
C LEU ZB 120 120.63 -15.73 39.26
N THR ZB 121 121.46 -15.62 38.18
CA THR ZB 121 122.91 -15.73 38.31
C THR ZB 121 123.56 -14.37 38.35
N PRO ZB 122 124.73 -14.26 38.99
CA PRO ZB 122 125.52 -13.03 38.84
C PRO ZB 122 125.83 -12.74 37.38
N GLN ZB 123 125.96 -13.78 36.55
CA GLN ZB 123 126.25 -13.58 35.14
C GLN ZB 123 125.08 -12.92 34.42
N GLY ZB 124 123.87 -13.45 34.60
CA GLY ZB 124 122.70 -12.83 34.00
C GLY ZB 124 122.50 -11.41 34.52
N GLN ZB 125 122.67 -11.23 35.83
CA GLN ZB 125 122.58 -9.90 36.41
C GLN ZB 125 123.55 -8.94 35.73
N ARG ZB 126 124.81 -9.35 35.61
CA ARG ZB 126 125.84 -8.45 35.08
C ARG ZB 126 125.57 -8.11 33.61
N ASP ZB 127 125.21 -9.11 32.81
CA ASP ZB 127 124.93 -8.84 31.40
C ASP ZB 127 123.77 -7.87 31.25
N LEU ZB 128 122.67 -8.14 31.95
CA LEU ZB 128 121.49 -7.30 31.78
C LEU ZB 128 121.74 -5.92 32.35
N ASP ZB 129 122.58 -5.80 33.37
CA ASP ZB 129 122.78 -4.49 33.96
C ASP ZB 129 123.77 -3.66 33.14
N ARG ZB 130 124.67 -4.32 32.41
CA ARG ZB 130 125.46 -3.62 31.39
C ARG ZB 130 124.56 -3.11 30.26
N ILE ZB 131 123.68 -3.97 29.74
CA ILE ZB 131 122.81 -3.50 28.67
C ILE ZB 131 121.91 -2.37 29.17
N ALA ZB 132 121.58 -2.36 30.46
CA ALA ZB 132 120.79 -1.27 31.01
C ALA ZB 132 121.51 0.07 30.89
N GLY ZB 133 122.75 0.15 31.38
CA GLY ZB 133 123.51 1.38 31.24
C GLY ZB 133 123.71 1.77 29.80
N GLN ZB 134 123.94 0.77 28.94
CA GLN ZB 134 124.03 1.01 27.50
C GLN ZB 134 122.81 1.76 26.99
N VAL ZB 135 121.63 1.17 27.17
CA VAL ZB 135 120.41 1.75 26.63
C VAL ZB 135 120.15 3.11 27.26
N ALA ZB 136 120.35 3.22 28.58
CA ALA ZB 136 120.04 4.46 29.27
C ALA ZB 136 120.90 5.61 28.75
N ALA ZB 137 122.19 5.37 28.53
CA ALA ZB 137 123.02 6.43 27.97
C ALA ZB 137 122.71 6.67 26.50
N ALA ZB 138 122.19 5.68 25.79
CA ALA ZB 138 121.70 5.94 24.44
C ALA ZB 138 120.33 6.61 24.52
N LYS ZB 139 119.78 6.95 23.36
CA LYS ZB 139 118.47 7.58 23.31
C LYS ZB 139 117.39 6.63 23.82
N LYS ZB 140 116.20 7.17 24.07
CA LYS ZB 140 115.16 6.45 24.78
C LYS ZB 140 113.79 7.00 24.40
N LYS ZB 141 112.76 6.23 24.75
CA LYS ZB 141 111.37 6.63 24.57
C LYS ZB 141 110.55 6.14 25.76
N SER AC 1 -37.59 73.74 115.32
CA SER AC 1 -36.16 73.62 115.57
C SER AC 1 -35.42 73.16 114.31
N ALA AC 2 -36.19 72.88 113.26
CA ALA AC 2 -35.64 72.31 112.03
C ALA AC 2 -36.32 72.93 110.81
N LYS AC 3 -36.47 74.26 110.81
CA LYS AC 3 -37.26 74.92 109.78
C LYS AC 3 -36.64 74.72 108.40
N ILE AC 4 -35.50 75.34 108.16
CA ILE AC 4 -34.68 75.03 106.99
C ILE AC 4 -33.27 74.82 107.49
N VAL AC 5 -33.10 74.86 108.81
CA VAL AC 5 -31.84 74.47 109.42
C VAL AC 5 -31.70 72.96 109.51
N LYS AC 6 -32.79 72.22 109.33
CA LYS AC 6 -32.75 70.75 109.27
C LYS AC 6 -34.01 70.28 108.54
N PRO AC 7 -33.92 70.09 107.22
CA PRO AC 7 -35.04 69.45 106.51
C PRO AC 7 -35.29 68.06 107.05
N ASN AC 8 -36.57 67.69 107.16
CA ASN AC 8 -36.97 66.45 107.82
C ASN AC 8 -36.99 65.30 106.82
N GLY AC 9 -36.30 64.22 107.16
CA GLY AC 9 -36.27 63.06 106.29
C GLY AC 9 -36.25 61.70 106.95
N GLU AC 10 -36.23 61.63 108.28
CA GLU AC 10 -36.17 60.37 109.00
C GLU AC 10 -36.84 60.56 110.36
N LYS AC 11 -36.66 59.57 111.25
CA LYS AC 11 -37.36 59.51 112.53
C LYS AC 11 -36.73 60.33 113.66
N PRO AC 12 -35.45 60.15 114.02
CA PRO AC 12 -34.91 60.81 115.21
C PRO AC 12 -34.46 62.24 114.92
N ASP AC 13 -34.50 63.06 115.98
CA ASP AC 13 -34.37 64.51 115.84
C ASP AC 13 -33.53 65.12 116.98
N GLU AC 14 -32.39 64.51 117.31
CA GLU AC 14 -31.79 64.82 118.62
C GLU AC 14 -30.61 65.80 118.56
N PHE AC 15 -29.52 65.44 117.90
CA PHE AC 15 -28.30 66.24 117.95
C PHE AC 15 -28.11 67.10 116.72
N GLU AC 16 -28.60 66.63 115.57
CA GLU AC 16 -28.59 67.44 114.36
C GLU AC 16 -29.32 68.75 114.56
N SER AC 17 -30.30 68.78 115.47
CA SER AC 17 -31.05 70.02 115.70
C SER AC 17 -30.19 71.06 116.40
N GLY AC 18 -29.44 70.66 117.43
CA GLY AC 18 -28.51 71.58 118.06
C GLY AC 18 -27.41 72.01 117.11
N ILE AC 19 -26.92 71.07 116.30
CA ILE AC 19 -25.98 71.42 115.25
C ILE AC 19 -26.60 72.45 114.32
N SER AC 20 -27.89 72.31 114.02
CA SER AC 20 -28.57 73.23 113.11
C SER AC 20 -28.73 74.61 113.75
N GLN AC 21 -28.92 74.65 115.07
CA GLN AC 21 -28.94 75.93 115.76
C GLN AC 21 -27.58 76.62 115.61
N ALA AC 22 -26.51 75.84 115.74
CA ALA AC 22 -25.19 76.38 115.44
C ALA AC 22 -25.10 76.89 114.01
N LEU AC 23 -25.68 76.14 113.06
CA LEU AC 23 -25.63 76.54 111.65
C LEU AC 23 -26.37 77.85 111.42
N LEU AC 24 -27.52 78.02 112.05
CA LEU AC 24 -28.28 79.25 111.89
C LEU AC 24 -27.60 80.42 112.58
N GLU AC 25 -26.80 80.16 113.61
CA GLU AC 25 -25.95 81.22 114.14
C GLU AC 25 -24.80 81.57 113.19
N LEU AC 26 -24.27 80.59 112.46
CA LEU AC 26 -23.24 80.85 111.47
C LEU AC 26 -23.74 81.64 110.26
N GLU AC 27 -24.95 81.33 109.78
CA GLU AC 27 -25.43 81.89 108.52
C GLU AC 27 -25.83 83.36 108.64
N MET AC 28 -25.50 84.02 109.73
CA MET AC 28 -25.71 85.46 109.89
C MET AC 28 -24.62 86.30 109.24
N ASN AC 29 -23.51 85.68 108.83
CA ASN AC 29 -22.33 86.40 108.38
C ASN AC 29 -22.21 86.37 106.86
N SER AC 30 -21.24 87.13 106.35
CA SER AC 30 -21.13 87.43 104.92
C SER AC 30 -20.42 86.35 104.12
N ASP AC 31 -20.40 85.10 104.60
CA ASP AC 31 -19.94 83.99 103.79
C ASP AC 31 -20.88 82.79 103.83
N LEU AC 32 -22.01 82.88 104.53
CA LEU AC 32 -22.91 81.75 104.69
C LEU AC 32 -24.38 82.14 104.55
N LYS AC 33 -24.66 83.34 104.05
CA LYS AC 33 -26.03 83.83 103.90
C LYS AC 33 -26.68 83.15 102.71
N ALA AC 34 -27.77 82.43 102.96
CA ALA AC 34 -28.54 81.67 101.97
C ALA AC 34 -27.71 80.58 101.31
N GLN AC 35 -26.44 80.43 101.69
CA GLN AC 35 -25.62 79.30 101.31
C GLN AC 35 -25.57 78.23 102.39
N LEU AC 36 -25.72 78.62 103.66
CA LEU AC 36 -25.93 77.70 104.76
C LEU AC 36 -27.41 77.62 105.14
N ARG AC 37 -28.28 78.30 104.38
CA ARG AC 37 -29.71 78.29 104.63
C ARG AC 37 -30.44 77.17 103.89
N GLU AC 38 -29.79 76.45 102.99
CA GLU AC 38 -30.55 75.46 102.21
C GLU AC 38 -30.00 74.05 102.32
N LEU AC 39 -28.69 73.88 102.24
CA LEU AC 39 -28.06 72.56 102.29
C LEU AC 39 -27.76 72.26 103.75
N ASN AC 40 -28.81 72.02 104.52
CA ASN AC 40 -28.70 71.74 105.94
C ASN AC 40 -28.97 70.27 106.19
N ILE AC 41 -28.16 69.68 107.06
CA ILE AC 41 -28.20 68.26 107.35
C ILE AC 41 -29.53 67.87 107.97
N THR AC 42 -29.91 66.61 107.81
CA THR AC 42 -31.17 66.08 108.35
C THR AC 42 -31.00 65.14 109.53
N ALA AC 43 -30.00 64.24 109.49
CA ALA AC 43 -29.79 63.30 110.58
C ALA AC 43 -28.35 63.45 111.08
N ALA AC 44 -28.11 62.94 112.28
CA ALA AC 44 -26.76 62.97 112.82
C ALA AC 44 -26.63 61.91 113.90
N LYS AC 45 -25.59 61.09 113.77
CA LYS AC 45 -25.37 59.93 114.63
C LYS AC 45 -24.02 60.03 115.31
N GLU AC 46 -23.97 59.64 116.58
CA GLU AC 46 -22.74 59.76 117.36
C GLU AC 46 -21.89 58.49 117.19
N ILE AC 47 -20.60 58.67 116.89
CA ILE AC 47 -19.66 57.55 116.82
C ILE AC 47 -18.35 58.03 117.41
N GLU AC 48 -17.36 57.14 117.43
CA GLU AC 48 -16.04 57.50 117.90
C GLU AC 48 -15.25 58.18 116.79
N VAL AC 49 -14.14 58.82 117.18
CA VAL AC 49 -13.08 59.23 116.26
C VAL AC 49 -11.73 58.90 116.91
N GLY AC 50 -11.17 57.76 116.52
CA GLY AC 50 -9.92 57.35 117.12
C GLY AC 50 -10.14 56.84 118.55
N GLY AC 51 -9.05 56.87 119.32
CA GLY AC 51 -9.07 56.44 120.70
C GLY AC 51 -9.14 57.61 121.65
N GLY AC 52 -9.83 57.40 122.78
CA GLY AC 52 -9.95 58.41 123.80
C GLY AC 52 -10.76 59.62 123.42
N ARG AC 53 -11.61 59.51 122.39
CA ARG AC 53 -12.39 60.64 121.89
C ARG AC 53 -13.75 60.14 121.44
N LYS AC 54 -14.50 61.03 120.79
CA LYS AC 54 -15.79 60.73 120.19
C LYS AC 54 -16.13 61.89 119.27
N ALA AC 55 -17.21 61.75 118.51
CA ALA AC 55 -17.64 62.79 117.57
C ALA AC 55 -19.02 62.45 117.02
N ILE AC 56 -19.49 63.30 116.11
CA ILE AC 56 -20.82 63.26 115.54
C ILE AC 56 -20.70 63.24 114.02
N ILE AC 57 -21.55 62.43 113.39
CA ILE AC 57 -21.59 62.26 111.94
C ILE AC 57 -22.88 62.90 111.45
N ILE AC 58 -22.81 63.53 110.28
CA ILE AC 58 -23.93 64.25 109.68
C ILE AC 58 -24.38 63.51 108.42
N PHE AC 59 -25.66 63.19 108.38
CA PHE AC 59 -26.31 62.62 107.21
C PHE AC 59 -27.16 63.71 106.59
N VAL AC 60 -26.73 64.22 105.45
CA VAL AC 60 -27.55 65.03 104.56
C VAL AC 60 -28.57 64.05 103.99
N PRO AC 61 -29.74 64.50 103.52
CA PRO AC 61 -30.54 63.63 102.64
C PRO AC 61 -29.75 63.18 101.43
N VAL AC 62 -28.72 63.91 101.06
CA VAL AC 62 -27.72 63.58 100.04
C VAL AC 62 -28.39 63.48 98.67
N PRO AC 63 -29.03 64.53 98.20
CA PRO AC 63 -28.92 64.91 96.78
C PRO AC 63 -27.86 65.96 96.53
N GLN AC 64 -27.06 66.27 97.55
CA GLN AC 64 -26.40 67.57 97.68
C GLN AC 64 -24.89 67.52 97.66
N LEU AC 65 -24.27 66.36 97.86
CA LEU AC 65 -22.84 66.35 98.15
C LEU AC 65 -22.02 66.87 96.97
N LYS AC 66 -22.62 66.98 95.78
CA LYS AC 66 -21.96 67.71 94.71
C LYS AC 66 -21.68 69.16 95.13
N SER AC 67 -22.74 69.93 95.35
CA SER AC 67 -22.60 71.32 95.75
C SER AC 67 -22.61 71.51 97.26
N PHE AC 68 -22.55 70.43 98.02
CA PHE AC 68 -22.55 70.56 99.48
C PHE AC 68 -21.19 70.98 100.02
N GLN AC 69 -20.09 70.50 99.43
CA GLN AC 69 -18.78 70.83 99.98
C GLN AC 69 -18.48 72.32 99.87
N LYS AC 70 -19.04 72.99 98.86
CA LYS AC 70 -18.75 74.40 98.66
C LYS AC 70 -19.27 75.25 99.81
N ILE AC 71 -20.11 74.69 100.66
CA ILE AC 71 -20.38 75.28 101.98
C ILE AC 71 -19.86 74.42 103.12
N GLN AC 72 -19.56 73.14 102.87
CA GLN AC 72 -19.05 72.27 103.93
C GLN AC 72 -17.63 72.66 104.33
N VAL AC 73 -16.87 73.27 103.41
CA VAL AC 73 -15.54 73.75 103.76
C VAL AC 73 -15.65 74.84 104.83
N ARG AC 74 -16.49 75.84 104.58
CA ARG AC 74 -16.77 76.84 105.59
C ARG AC 74 -17.40 76.21 106.82
N LEU AC 75 -18.16 75.13 106.61
CA LEU AC 75 -18.88 74.51 107.71
C LEU AC 75 -17.93 73.86 108.69
N VAL AC 76 -16.93 73.11 108.19
CA VAL AC 76 -15.93 72.57 109.10
C VAL AC 76 -15.12 73.70 109.72
N ARG AC 77 -14.59 74.62 108.89
CA ARG AC 77 -13.69 75.64 109.43
C ARG AC 77 -14.39 76.60 110.39
N GLU AC 78 -15.73 76.62 110.41
CA GLU AC 78 -16.47 77.51 111.30
C GLU AC 78 -17.57 76.83 112.09
N LEU AC 79 -17.53 75.51 112.22
CA LEU AC 79 -18.31 74.79 113.22
C LEU AC 79 -17.50 73.80 114.03
N GLU AC 80 -16.30 73.44 113.59
CA GLU AC 80 -15.34 72.81 114.50
C GLU AC 80 -15.04 73.74 115.66
N LYS AC 81 -15.21 75.05 115.45
CA LYS AC 81 -15.08 76.03 116.53
C LYS AC 81 -16.13 75.81 117.61
N LYS AC 82 -17.40 75.72 117.21
CA LYS AC 82 -18.50 75.72 118.17
C LYS AC 82 -18.90 74.31 118.61
N PHE AC 83 -18.38 73.27 117.96
CA PHE AC 83 -18.39 71.91 118.47
C PHE AC 83 -17.01 71.29 118.40
N SER AC 84 -16.02 72.01 118.90
CA SER AC 84 -14.67 71.50 118.94
C SER AC 84 -14.58 70.27 119.85
N GLY AC 85 -13.40 69.66 119.87
CA GLY AC 85 -13.20 68.45 120.62
C GLY AC 85 -13.75 67.21 119.96
N LYS AC 86 -14.39 67.35 118.81
CA LYS AC 86 -14.95 66.24 118.05
C LYS AC 86 -14.65 66.51 116.58
N HIS AC 87 -15.34 65.83 115.67
CA HIS AC 87 -15.14 66.08 114.25
C HIS AC 87 -16.44 65.99 113.49
N VAL AC 88 -16.48 66.71 112.37
CA VAL AC 88 -17.64 66.80 111.49
C VAL AC 88 -17.16 66.63 110.06
N VAL AC 89 -17.90 65.86 109.26
CA VAL AC 89 -17.62 65.73 107.84
C VAL AC 89 -18.84 65.14 107.16
N PHE AC 90 -19.09 65.56 105.92
CA PHE AC 90 -20.33 65.22 105.21
C PHE AC 90 -20.30 63.79 104.71
N ILE AC 91 -21.46 63.14 104.75
CA ILE AC 91 -21.59 61.73 104.45
C ILE AC 91 -22.69 61.57 103.41
N ALA AC 92 -22.63 60.48 102.65
CA ALA AC 92 -23.68 60.13 101.71
C ALA AC 92 -24.58 59.09 102.36
N GLN AC 93 -25.79 59.49 102.73
CA GLN AC 93 -26.69 58.55 103.38
C GLN AC 93 -27.32 57.62 102.36
N ARG AC 94 -27.03 56.33 102.51
CA ARG AC 94 -27.64 55.30 101.67
C ARG AC 94 -28.09 54.18 102.59
N ARG AC 95 -29.38 53.84 102.54
CA ARG AC 95 -29.84 52.71 103.34
C ARG AC 95 -29.14 51.46 102.84
N ILE AC 96 -29.52 50.99 101.66
CA ILE AC 96 -28.74 50.55 100.51
C ILE AC 96 -29.79 50.22 99.45
N LEU AC 97 -29.45 50.29 98.17
CA LEU AC 97 -30.35 49.60 97.25
C LEU AC 97 -29.96 48.13 97.27
N PRO AC 98 -30.86 47.23 97.69
CA PRO AC 98 -30.52 45.81 97.74
C PRO AC 98 -30.26 45.24 96.35
N LYS AC 99 -29.65 44.05 96.35
CA LYS AC 99 -29.16 43.44 95.12
C LYS AC 99 -30.29 43.24 94.11
N PRO AC 100 -30.14 43.70 92.86
CA PRO AC 100 -31.21 43.51 91.88
C PRO AC 100 -31.53 42.05 91.60
N THR AC 101 -30.52 41.22 91.35
CA THR AC 101 -30.74 39.86 90.88
C THR AC 101 -31.50 39.00 91.88
N ARG AC 102 -31.61 39.42 93.14
CA ARG AC 102 -32.55 38.82 94.07
C ARG AC 102 -33.80 39.69 94.12
N LYS AC 103 -34.95 39.09 93.83
CA LYS AC 103 -36.21 39.81 93.70
C LYS AC 103 -37.35 38.82 93.78
N SER AC 104 -38.42 39.21 94.49
CA SER AC 104 -39.75 38.66 94.23
C SER AC 104 -40.82 39.74 94.33
N ARG AC 105 -40.43 41.01 94.48
CA ARG AC 105 -41.38 42.06 94.84
C ARG AC 105 -41.39 43.13 93.75
N THR AC 106 -42.39 44.00 93.84
CA THR AC 106 -42.75 44.97 92.81
C THR AC 106 -42.50 46.42 93.23
N LYS AC 107 -42.59 46.73 94.54
CA LYS AC 107 -42.29 48.09 95.03
C LYS AC 107 -40.81 48.36 95.16
N ASN AC 108 -39.97 47.50 94.57
CA ASN AC 108 -38.53 47.75 94.47
C ASN AC 108 -38.14 47.83 92.98
N LYS AC 109 -37.91 49.06 92.53
CA LYS AC 109 -37.87 49.42 91.11
C LYS AC 109 -36.97 48.48 90.32
N GLN AC 110 -37.32 48.28 89.05
CA GLN AC 110 -36.95 47.08 88.31
C GLN AC 110 -35.55 47.09 87.71
N LYS AC 111 -34.84 48.22 87.65
CA LYS AC 111 -33.48 48.20 87.13
C LYS AC 111 -32.57 49.05 88.02
N ARG AC 112 -31.38 48.52 88.32
CA ARG AC 112 -30.45 49.18 89.22
C ARG AC 112 -29.38 49.90 88.40
N PRO AC 113 -29.31 51.23 88.47
CA PRO AC 113 -28.06 51.90 88.07
C PRO AC 113 -26.94 51.56 89.04
N ARG AC 114 -25.71 51.59 88.53
CA ARG AC 114 -24.57 51.20 89.36
C ARG AC 114 -24.42 52.13 90.56
N SER AC 115 -24.79 53.40 90.42
CA SER AC 115 -24.54 54.40 91.44
C SER AC 115 -25.23 54.10 92.76
N ARG AC 116 -25.98 53.00 92.86
CA ARG AC 116 -26.57 52.61 94.12
C ARG AC 116 -26.03 51.27 94.62
N THR AC 117 -25.09 50.65 93.92
CA THR AC 117 -24.55 49.36 94.35
C THR AC 117 -23.68 49.52 95.58
N LEU AC 118 -23.09 48.40 96.01
CA LEU AC 118 -22.27 48.44 97.21
C LEU AC 118 -20.90 49.05 96.93
N THR AC 119 -20.41 48.92 95.70
CA THR AC 119 -19.05 49.36 95.40
C THR AC 119 -18.99 50.85 95.08
N ALA AC 120 -19.86 51.32 94.17
CA ALA AC 120 -19.88 52.74 93.84
C ALA AC 120 -20.18 53.58 95.06
N VAL AC 121 -21.15 53.15 95.87
CA VAL AC 121 -21.43 53.83 97.14
C VAL AC 121 -20.19 53.84 98.02
N HIS AC 122 -19.36 52.79 97.94
CA HIS AC 122 -18.18 52.75 98.79
C HIS AC 122 -17.13 53.76 98.34
N ASP AC 123 -16.91 53.89 97.03
CA ASP AC 123 -16.01 54.95 96.59
C ASP AC 123 -16.61 56.31 96.91
N ALA AC 124 -17.94 56.40 96.96
CA ALA AC 124 -18.57 57.61 97.45
C ALA AC 124 -18.26 57.85 98.93
N ILE AC 125 -18.15 56.77 99.71
CA ILE AC 125 -17.77 56.90 101.12
C ILE AC 125 -16.35 57.46 101.25
N LEU AC 126 -15.42 56.93 100.45
CA LEU AC 126 -14.06 57.44 100.49
C LEU AC 126 -14.01 58.91 100.08
N GLU AC 127 -14.71 59.28 99.01
CA GLU AC 127 -14.85 60.70 98.66
C GLU AC 127 -15.39 61.50 99.84
N ASP AC 128 -16.42 60.99 100.51
CA ASP AC 128 -17.03 61.68 101.63
C ASP AC 128 -16.00 62.00 102.70
N LEU AC 129 -15.26 60.99 103.14
CA LEU AC 129 -14.36 61.26 104.25
C LEU AC 129 -13.12 62.04 103.83
N VAL AC 130 -12.73 61.99 102.56
CA VAL AC 130 -11.75 62.98 102.09
C VAL AC 130 -12.17 63.60 100.75
N PHE AC 131 -12.90 64.70 100.85
CA PHE AC 131 -13.18 65.60 99.72
C PHE AC 131 -12.00 66.50 99.36
N PRO AC 132 -11.49 67.35 100.27
CA PRO AC 132 -10.58 68.41 99.83
C PRO AC 132 -9.22 67.91 99.37
N SER AC 133 -8.77 66.77 99.87
CA SER AC 133 -7.54 66.14 99.44
C SER AC 133 -7.91 64.96 98.54
N GLU AC 134 -7.49 65.02 97.28
CA GLU AC 134 -7.88 63.99 96.33
C GLU AC 134 -7.14 62.69 96.60
N ILE AC 135 -7.68 61.61 96.07
CA ILE AC 135 -7.08 60.28 96.18
C ILE AC 135 -6.15 60.07 95.00
N VAL AC 136 -4.88 59.79 95.29
CA VAL AC 136 -3.90 59.61 94.22
C VAL AC 136 -3.34 58.20 94.24
N GLY AC 137 -4.07 57.28 94.88
CA GLY AC 137 -3.70 55.89 94.72
C GLY AC 137 -4.48 54.93 95.59
N LYS AC 138 -4.51 53.65 95.21
CA LYS AC 138 -5.20 52.63 95.99
C LYS AC 138 -4.49 51.30 95.74
N ARG AC 139 -3.63 50.91 96.67
CA ARG AC 139 -3.03 49.59 96.68
C ARG AC 139 -3.74 48.77 97.76
N ILE AC 140 -4.27 47.62 97.37
CA ILE AC 140 -5.11 46.81 98.25
C ILE AC 140 -4.31 45.62 98.75
N ARG AC 141 -4.24 45.45 100.05
CA ARG AC 141 -3.39 44.45 100.69
C ARG AC 141 -4.23 43.43 101.44
N VAL AC 142 -3.68 42.23 101.58
CA VAL AC 142 -4.38 41.08 102.13
C VAL AC 142 -3.80 40.73 103.49
N LYS AC 143 -4.68 40.49 104.46
CA LYS AC 143 -4.32 40.31 105.86
C LYS AC 143 -4.68 38.89 106.29
N LEU AC 144 -3.64 38.10 106.58
CA LEU AC 144 -3.56 36.94 107.46
C LEU AC 144 -4.30 35.70 107.00
N ASP AC 145 -5.35 35.81 106.19
CA ASP AC 145 -5.60 34.80 105.17
C ASP AC 145 -6.25 35.45 103.95
N GLY AC 146 -7.28 36.26 104.21
CA GLY AC 146 -8.00 36.97 103.17
C GLY AC 146 -8.58 38.30 103.60
N SER AC 147 -8.40 38.69 104.87
CA SER AC 147 -8.99 39.93 105.35
C SER AC 147 -8.38 41.11 104.61
N ARG AC 148 -8.95 42.29 104.79
CA ARG AC 148 -8.70 43.40 103.88
C ARG AC 148 -7.92 44.52 104.56
N LEU AC 149 -7.04 45.16 103.79
CA LEU AC 149 -6.46 46.45 104.10
C LEU AC 149 -6.39 47.24 102.81
N ILE AC 150 -6.60 48.55 102.88
CA ILE AC 150 -6.57 49.39 101.69
C ILE AC 150 -5.65 50.58 101.96
N LYS AC 151 -4.46 50.56 101.38
CA LYS AC 151 -3.63 51.75 101.34
C LYS AC 151 -4.15 52.68 100.26
N VAL AC 152 -4.36 53.94 100.61
CA VAL AC 152 -4.91 54.95 99.74
C VAL AC 152 -4.02 56.17 99.84
N HIS AC 153 -3.67 56.75 98.70
CA HIS AC 153 -2.67 57.80 98.63
C HIS AC 153 -3.31 59.10 98.17
N LEU AC 154 -2.93 60.20 98.82
CA LEU AC 154 -3.57 61.48 98.64
C LEU AC 154 -2.57 62.55 98.19
N ASP AC 155 -3.12 63.66 97.68
CA ASP AC 155 -2.34 64.76 97.13
C ASP AC 155 -1.40 65.38 98.17
N LYS AC 156 -0.13 65.50 97.78
CA LYS AC 156 0.90 66.05 98.66
C LYS AC 156 0.58 67.48 99.10
N ALA AC 157 0.16 68.32 98.15
CA ALA AC 157 -0.10 69.72 98.46
C ALA AC 157 -1.43 69.95 99.16
N GLN AC 158 -2.10 68.90 99.62
CA GLN AC 158 -3.38 69.01 100.30
C GLN AC 158 -3.35 68.39 101.69
N GLN AC 159 -2.15 68.17 102.23
CA GLN AC 159 -2.02 67.78 103.63
C GLN AC 159 -2.25 68.93 104.58
N ASN AC 160 -2.24 70.17 104.09
CA ASN AC 160 -2.28 71.36 104.92
C ASN AC 160 -3.56 71.46 105.76
N ASN AC 161 -4.46 70.50 105.62
CA ASN AC 161 -5.82 70.64 106.12
C ASN AC 161 -6.29 69.54 107.07
N VAL AC 162 -5.92 68.27 106.85
CA VAL AC 162 -6.54 67.18 107.59
C VAL AC 162 -5.52 66.30 108.31
N GLU AC 163 -4.40 66.87 108.74
CA GLU AC 163 -3.35 66.04 109.33
C GLU AC 163 -3.50 65.83 110.84
N HIS AC 164 -4.04 66.77 111.60
CA HIS AC 164 -4.47 66.40 112.94
C HIS AC 164 -5.75 65.57 112.91
N LYS AC 165 -6.32 65.38 111.70
CA LYS AC 165 -7.48 64.54 111.46
C LYS AC 165 -7.06 63.37 110.59
N VAL AC 166 -5.95 62.71 110.96
CA VAL AC 166 -5.36 61.68 110.12
C VAL AC 166 -5.98 60.30 110.39
N GLU AC 167 -6.34 60.03 111.64
CA GLU AC 167 -6.98 58.75 111.95
C GLU AC 167 -8.50 58.85 111.87
N THR AC 168 -9.05 60.06 111.78
CA THR AC 168 -10.50 60.23 111.83
C THR AC 168 -11.18 59.50 110.67
N PHE AC 169 -10.61 59.61 109.47
CA PHE AC 169 -11.21 58.97 108.32
C PHE AC 169 -11.33 57.47 108.54
N SER AC 170 -10.21 56.78 108.72
CA SER AC 170 -10.25 55.34 108.92
C SER AC 170 -11.02 54.95 110.18
N GLY AC 171 -11.21 55.88 111.12
CA GLY AC 171 -12.12 55.61 112.21
C GLY AC 171 -13.56 55.49 111.74
N VAL AC 172 -13.98 56.42 110.88
CA VAL AC 172 -15.37 56.41 110.40
C VAL AC 172 -15.60 55.27 109.40
N TYR AC 173 -14.63 55.05 108.51
CA TYR AC 173 -14.75 54.02 107.48
C TYR AC 173 -15.04 52.65 108.07
N LYS AC 174 -14.58 52.37 109.29
CA LYS AC 174 -14.79 51.04 109.83
C LYS AC 174 -16.27 50.75 110.03
N LYS AC 175 -17.02 51.72 110.57
CA LYS AC 175 -18.46 51.52 110.70
C LYS AC 175 -19.16 51.66 109.35
N LEU AC 176 -18.76 52.64 108.53
CA LEU AC 176 -19.49 52.86 107.29
C LEU AC 176 -19.33 51.70 106.30
N THR AC 177 -18.13 51.15 106.19
CA THR AC 177 -17.80 50.14 105.19
C THR AC 177 -17.46 48.78 105.81
N GLY AC 178 -16.63 48.76 106.86
CA GLY AC 178 -16.36 47.55 107.58
C GLY AC 178 -14.93 47.06 107.64
N LYS AC 179 -14.00 47.73 106.97
CA LYS AC 179 -12.63 47.24 106.90
C LYS AC 179 -11.64 48.37 107.19
N ASP AC 180 -10.35 48.07 107.01
CA ASP AC 180 -9.26 48.92 107.47
C ASP AC 180 -8.57 49.60 106.29
N VAL AC 181 -8.49 50.92 106.34
CA VAL AC 181 -7.88 51.74 105.30
C VAL AC 181 -6.86 52.67 105.94
N ASN AC 182 -5.83 53.00 105.17
CA ASN AC 182 -4.79 53.92 105.61
C ASN AC 182 -4.51 54.88 104.47
N PHE AC 183 -3.96 56.05 104.80
CA PHE AC 183 -3.80 57.13 103.83
C PHE AC 183 -2.37 57.64 103.86
N GLU AC 184 -1.63 57.33 102.82
CA GLU AC 184 -0.25 57.76 102.67
C GLU AC 184 -0.21 58.86 101.61
N PHE AC 185 1.00 59.39 101.40
CA PHE AC 185 1.17 60.56 100.56
C PHE AC 185 2.40 60.35 99.69
N PRO AC 186 2.24 59.96 98.44
CA PRO AC 186 3.34 59.33 97.69
C PRO AC 186 4.29 60.37 97.12
N GLU AC 187 5.20 59.88 96.29
CA GLU AC 187 6.00 60.74 95.44
C GLU AC 187 5.16 61.25 94.28
N PHE AC 188 5.40 62.51 93.90
CA PHE AC 188 4.82 63.08 92.70
C PHE AC 188 5.90 63.26 91.64
N GLN AC 189 5.54 62.97 90.39
CA GLN AC 189 6.46 63.10 89.26
C GLN AC 189 7.18 64.44 89.29
N ALA BC 1 114.44 -26.29 77.22
CA ALA BC 1 114.37 -25.34 78.31
C ALA BC 1 113.49 -24.15 77.95
N ILE BC 2 114.07 -23.17 77.27
CA ILE BC 2 113.36 -21.96 76.85
C ILE BC 2 113.09 -22.04 75.36
N HIS BC 3 111.82 -21.92 74.98
CA HIS BC 3 111.38 -22.26 73.63
C HIS BC 3 110.04 -21.63 73.35
N ARG BC 4 109.65 -21.69 72.09
CA ARG BC 4 108.49 -20.95 71.60
C ARG BC 4 107.18 -21.70 71.83
N ILE BC 5 106.60 -21.59 73.03
CA ILE BC 5 105.30 -22.18 73.30
C ILE BC 5 104.23 -21.21 72.82
N ARG BC 6 103.25 -21.74 72.09
CA ARG BC 6 102.21 -20.92 71.45
C ARG BC 6 100.93 -21.11 72.24
N ILE BC 7 100.66 -20.20 73.17
CA ILE BC 7 99.46 -20.30 73.99
C ILE BC 7 98.29 -19.82 73.14
N THR BC 8 97.56 -20.76 72.56
CA THR BC 8 96.51 -20.47 71.60
C THR BC 8 95.19 -20.26 72.33
N LEU BC 9 94.40 -19.30 71.85
CA LEU BC 9 93.10 -19.00 72.41
C LEU BC 9 92.12 -18.88 71.25
N THR BC 10 91.43 -19.98 70.94
CA THR BC 10 90.41 -19.95 69.90
C THR BC 10 89.14 -19.37 70.50
N SER BC 11 88.63 -18.29 69.92
CA SER BC 11 87.99 -17.31 70.78
C SER BC 11 86.79 -16.65 70.12
N ARG BC 12 85.92 -16.11 70.97
CA ARG BC 12 84.71 -15.44 70.56
C ARG BC 12 84.41 -14.16 71.33
N ASN BC 13 84.91 -14.01 72.56
CA ASN BC 13 84.48 -12.96 73.48
C ASN BC 13 85.61 -11.93 73.58
N VAL BC 14 85.50 -10.84 72.81
CA VAL BC 14 86.65 -9.99 72.55
C VAL BC 14 87.10 -9.24 73.80
N LYS BC 15 86.17 -8.81 74.63
CA LYS BC 15 86.54 -8.17 75.89
C LYS BC 15 87.33 -9.15 76.76
N SER BC 16 86.80 -10.37 76.90
CA SER BC 16 87.47 -11.45 77.61
C SER BC 16 88.62 -12.05 76.80
N LEU BC 17 89.02 -11.40 75.72
CA LEU BC 17 90.24 -11.72 75.00
C LEU BC 17 91.31 -10.68 75.23
N GLU BC 18 90.94 -9.41 75.04
CA GLU BC 18 91.84 -8.32 75.34
C GLU BC 18 92.25 -8.34 76.81
N LYS BC 19 91.35 -8.77 77.69
CA LYS BC 19 91.65 -8.76 79.12
C LYS BC 19 92.51 -9.97 79.54
N VAL BC 20 92.59 -11.00 78.69
CA VAL BC 20 93.28 -12.21 79.11
C VAL BC 20 94.63 -12.37 78.43
N CYS BC 21 94.74 -12.04 77.15
CA CYS BC 21 96.00 -12.27 76.44
C CYS BC 21 97.08 -11.31 76.89
N ALA BC 22 96.74 -10.28 77.67
CA ALA BC 22 97.71 -9.37 78.26
C ALA BC 22 97.95 -9.67 79.74
N ASP BC 23 96.98 -10.27 80.43
CA ASP BC 23 97.25 -10.71 81.79
C ASP BC 23 98.13 -11.95 81.81
N LEU BC 24 98.00 -12.82 80.82
CA LEU BC 24 98.97 -13.90 80.69
C LEU BC 24 100.34 -13.36 80.32
N ILE BC 25 100.43 -12.08 79.94
CA ILE BC 25 101.69 -11.37 79.83
C ILE BC 25 102.13 -10.78 81.17
N ARG BC 26 101.16 -10.28 81.95
CA ARG BC 26 101.47 -9.79 83.30
C ARG BC 26 102.06 -10.88 84.18
N GLY BC 27 101.68 -12.13 83.94
CA GLY BC 27 102.32 -13.23 84.65
C GLY BC 27 103.82 -13.28 84.41
N ALA BC 28 104.24 -13.14 83.15
CA ALA BC 28 105.66 -13.11 82.85
C ALA BC 28 106.31 -11.80 83.26
N LYS BC 29 105.53 -10.71 83.33
CA LYS BC 29 106.05 -9.42 83.77
C LYS BC 29 106.00 -9.25 85.29
N GLU BC 30 105.51 -10.24 86.02
CA GLU BC 30 105.68 -10.33 87.47
C GLU BC 30 106.74 -11.36 87.86
N LYS BC 31 106.85 -12.47 87.12
CA LYS BC 31 107.87 -13.46 87.43
C LYS BC 31 109.17 -13.26 86.64
N ASN BC 32 109.21 -12.28 85.74
CA ASN BC 32 110.40 -11.93 84.97
C ASN BC 32 110.93 -13.12 84.16
N LEU BC 33 110.14 -13.55 83.18
CA LEU BC 33 110.55 -14.57 82.21
C LEU BC 33 110.43 -14.00 80.80
N LYS BC 34 110.61 -14.87 79.80
CA LYS BC 34 110.59 -14.46 78.39
C LYS BC 34 109.19 -14.60 77.83
N VAL BC 35 108.62 -13.49 77.36
CA VAL BC 35 107.23 -13.45 76.88
C VAL BC 35 107.18 -12.74 75.53
N LYS BC 36 106.13 -13.04 74.77
CA LYS BC 36 105.89 -12.48 73.45
C LYS BC 36 104.38 -12.39 73.27
N GLY BC 37 103.83 -11.19 73.40
CA GLY BC 37 102.43 -11.00 73.68
C GLY BC 37 101.43 -11.39 72.60
N PRO BC 38 100.27 -10.75 72.63
CA PRO BC 38 99.13 -11.22 71.84
C PRO BC 38 99.28 -10.92 70.36
N VAL BC 39 98.60 -11.73 69.57
CA VAL BC 39 98.44 -11.46 68.15
C VAL BC 39 97.20 -10.61 67.99
N ARG BC 40 97.22 -9.73 66.99
CA ARG BC 40 96.03 -9.05 66.51
C ARG BC 40 95.95 -9.49 65.06
N MET BC 41 94.97 -10.33 64.77
CA MET BC 41 94.99 -11.16 63.59
C MET BC 41 94.10 -10.53 62.53
N PRO BC 42 94.39 -10.76 61.25
CA PRO BC 42 93.37 -10.49 60.22
C PRO BC 42 92.18 -11.40 60.46
N THR BC 43 91.09 -10.81 60.92
CA THR BC 43 90.02 -11.61 61.47
C THR BC 43 89.16 -12.21 60.38
N LYS BC 44 88.13 -12.94 60.81
CA LYS BC 44 87.39 -13.82 59.93
C LYS BC 44 85.97 -13.30 59.77
N THR BC 45 85.54 -13.12 58.52
CA THR BC 45 84.19 -12.67 58.17
C THR BC 45 83.56 -13.77 57.33
N LEU BC 46 82.63 -14.52 57.92
CA LEU BC 46 82.19 -15.80 57.37
C LEU BC 46 80.76 -15.71 56.85
N ARG BC 47 80.33 -14.53 56.42
CA ARG BC 47 78.90 -14.29 56.25
C ARG BC 47 78.41 -14.81 54.89
N ILE BC 48 77.20 -15.36 54.91
CA ILE BC 48 76.58 -15.97 53.73
C ILE BC 48 75.18 -15.38 53.54
N THR BC 49 74.83 -15.07 52.30
CA THR BC 49 73.55 -14.46 51.97
C THR BC 49 72.60 -15.52 51.43
N THR BC 50 71.50 -15.73 52.14
CA THR BC 50 70.51 -16.75 51.80
C THR BC 50 69.18 -16.10 51.46
N ARG BC 51 68.19 -16.93 51.18
CA ARG BC 51 66.87 -16.43 50.82
C ARG BC 51 66.09 -15.97 52.05
N LYS BC 52 65.45 -14.82 51.94
CA LYS BC 52 64.57 -14.31 52.98
C LYS BC 52 63.11 -14.66 52.70
N THR BC 53 62.85 -15.93 52.43
CA THR BC 53 61.49 -16.39 52.17
C THR BC 53 61.35 -17.88 52.45
N PRO BC 54 60.54 -18.27 53.43
CA PRO BC 54 60.32 -19.71 53.65
C PRO BC 54 59.73 -20.37 52.41
N CYS BC 55 58.52 -19.97 52.04
CA CYS BC 55 58.04 -20.22 50.69
C CYS BC 55 57.11 -19.15 50.16
N GLY BC 56 56.82 -18.08 50.91
CA GLY BC 56 55.90 -17.06 50.42
C GLY BC 56 56.60 -15.83 49.89
N GLU BC 57 56.77 -15.76 48.58
CA GLU BC 57 57.58 -14.71 47.97
C GLU BC 57 56.81 -13.98 46.88
N GLY BC 58 57.23 -12.75 46.63
CA GLY BC 58 56.78 -12.00 45.47
C GLY BC 58 57.93 -11.30 44.77
N SER BC 59 59.09 -11.25 45.40
CA SER BC 59 60.23 -10.51 44.89
C SER BC 59 61.51 -11.21 45.30
N LYS BC 60 62.65 -10.63 44.91
CA LYS BC 60 63.96 -11.15 45.30
C LYS BC 60 64.32 -10.66 46.70
N THR BC 61 64.72 -11.58 47.57
CA THR BC 61 65.14 -11.24 48.92
C THR BC 61 66.43 -11.98 49.25
N TRP BC 62 67.38 -11.27 49.84
CA TRP BC 62 68.65 -11.88 50.23
C TRP BC 62 69.04 -11.36 51.60
N ASP BC 63 68.96 -12.23 52.60
CA ASP BC 63 69.38 -11.95 53.96
C ASP BC 63 70.90 -12.10 54.04
N ARG BC 64 71.43 -12.22 55.26
CA ARG BC 64 72.84 -12.49 55.45
C ARG BC 64 72.97 -13.17 56.82
N PHE BC 65 74.03 -13.95 57.00
CA PHE BC 65 74.38 -14.53 58.30
C PHE BC 65 75.87 -14.31 58.52
N GLN BC 66 76.20 -13.46 59.50
CA GLN BC 66 77.56 -13.06 59.85
C GLN BC 66 77.89 -13.55 61.26
N MET BC 67 79.18 -13.66 61.55
CA MET BC 67 79.63 -14.12 62.86
C MET BC 67 80.86 -13.34 63.30
N ARG BC 68 81.17 -13.46 64.59
CA ARG BC 68 82.39 -12.95 65.20
C ARG BC 68 83.18 -14.14 65.72
N ILE BC 69 84.36 -14.36 65.15
CA ILE BC 69 85.29 -15.38 65.64
C ILE BC 69 86.67 -14.74 65.68
N HIS BC 70 87.58 -15.37 66.44
CA HIS BC 70 88.91 -14.82 66.58
C HIS BC 70 89.87 -15.94 66.97
N LYS BC 71 91.16 -15.65 66.80
CA LYS BC 71 92.25 -16.51 67.27
C LYS BC 71 93.28 -15.60 67.91
N ARG BC 72 93.38 -15.64 69.23
CA ARG BC 72 94.22 -14.72 69.99
C ARG BC 72 95.29 -15.52 70.71
N LEU BC 73 96.54 -15.07 70.60
CA LEU BC 73 97.67 -15.96 70.76
C LEU BC 73 98.74 -15.29 71.61
N ILE BC 74 99.08 -15.91 72.75
CA ILE BC 74 100.26 -15.56 73.54
C ILE BC 74 101.41 -16.43 73.05
N ASP BC 75 102.65 -16.04 73.35
CA ASP BC 75 103.81 -16.71 72.78
C ASP BC 75 104.97 -16.62 73.76
N LEU BC 76 105.15 -17.63 74.60
CA LEU BC 76 106.01 -17.47 75.77
C LEU BC 76 107.13 -18.50 75.73
N HIS BC 77 108.30 -18.12 76.27
CA HIS BC 77 109.48 -18.99 76.32
C HIS BC 77 109.69 -19.55 77.73
N SER BC 78 108.81 -20.47 78.14
CA SER BC 78 108.98 -21.20 79.38
C SER BC 78 108.71 -22.68 79.16
N PRO BC 79 109.16 -23.55 80.09
CA PRO BC 79 108.85 -24.98 79.98
C PRO BC 79 107.36 -25.28 79.98
N SER BC 80 107.03 -26.55 79.80
CA SER BC 80 105.64 -26.96 79.63
C SER BC 80 104.84 -26.89 80.93
N GLU BC 81 105.50 -26.69 82.07
CA GLU BC 81 104.83 -26.78 83.36
C GLU BC 81 104.59 -25.44 84.02
N ILE BC 82 105.61 -24.56 84.02
CA ILE BC 82 105.45 -23.28 84.68
C ILE BC 82 104.35 -22.47 83.99
N VAL BC 83 104.11 -22.74 82.70
CA VAL BC 83 102.98 -22.12 82.02
C VAL BC 83 101.65 -22.58 82.62
N LYS BC 84 101.53 -23.90 82.87
CA LYS BC 84 100.35 -24.39 83.58
C LYS BC 84 100.17 -23.65 84.89
N GLN BC 85 101.26 -23.53 85.64
CA GLN BC 85 101.19 -22.95 86.99
C GLN BC 85 100.78 -21.48 86.94
N ILE BC 86 101.39 -20.70 86.05
CA ILE BC 86 101.07 -19.28 85.96
C ILE BC 86 99.67 -19.06 85.41
N THR BC 87 99.16 -19.97 84.58
CA THR BC 87 97.87 -19.78 83.92
C THR BC 87 96.76 -20.46 84.72
N SER BC 88 95.90 -19.66 85.34
CA SER BC 88 94.64 -20.16 85.88
C SER BC 88 93.50 -19.16 85.69
N ILE BC 89 93.71 -18.10 84.90
CA ILE BC 89 92.81 -16.96 84.84
C ILE BC 89 92.07 -16.88 83.50
N SER BC 90 92.25 -17.86 82.63
CA SER BC 90 91.58 -17.87 81.33
C SER BC 90 90.32 -18.73 81.32
N ILE BC 91 90.16 -19.63 82.29
CA ILE BC 91 89.02 -20.54 82.31
C ILE BC 91 87.89 -19.94 83.14
N GLU BC 92 87.93 -18.63 83.32
CA GLU BC 92 86.83 -17.89 83.92
C GLU BC 92 85.76 -17.51 82.90
N PRO BC 93 86.13 -17.00 81.70
CA PRO BC 93 85.12 -16.84 80.64
C PRO BC 93 85.10 -18.05 79.71
N GLY BC 94 84.20 -18.05 78.72
CA GLY BC 94 84.21 -19.11 77.73
C GLY BC 94 84.98 -18.79 76.46
N VAL BC 95 86.24 -19.23 76.40
CA VAL BC 95 87.11 -19.07 75.23
C VAL BC 95 88.10 -20.24 75.23
N GLU BC 96 88.14 -20.99 74.14
CA GLU BC 96 88.86 -22.27 74.13
C GLU BC 96 90.36 -22.03 74.28
N VAL BC 97 90.93 -22.53 75.37
CA VAL BC 97 92.32 -22.30 75.74
C VAL BC 97 93.09 -23.57 75.43
N GLU BC 98 94.15 -23.46 74.63
CA GLU BC 98 94.93 -24.61 74.23
C GLU BC 98 96.41 -24.25 74.28
N VAL BC 99 97.15 -24.89 75.18
CA VAL BC 99 98.55 -24.58 75.43
C VAL BC 99 99.38 -25.70 74.84
N THR BC 100 100.24 -25.37 73.87
CA THR BC 100 101.06 -26.36 73.18
C THR BC 100 102.40 -25.73 72.80
N ILE BC 101 103.45 -26.55 72.83
CA ILE BC 101 104.76 -26.13 72.37
C ILE BC 101 104.67 -25.58 70.94
N ALA BC 102 104.32 -26.43 69.99
CA ALA BC 102 104.11 -26.02 68.61
C ALA BC 102 102.68 -25.55 68.43
N ASP BC 103 102.29 -25.26 67.20
CA ASP BC 103 100.90 -24.91 66.92
C ASP BC 103 99.99 -26.09 67.21
N ALA BC 104 98.77 -25.79 67.64
CA ALA BC 104 97.86 -26.80 68.18
C ALA BC 104 97.52 -27.91 67.20
N ASP CC 1 -32.42 -53.51 114.12
CA ASP CC 1 -31.00 -53.75 113.94
C ASP CC 1 -30.16 -52.65 114.59
N THR CC 2 -28.95 -52.44 114.07
CA THR CC 2 -28.14 -51.31 114.51
C THR CC 2 -28.67 -50.00 113.95
N VAL CC 3 -29.52 -50.06 112.93
CA VAL CC 3 -29.99 -48.86 112.25
C VAL CC 3 -30.97 -48.11 113.13
N THR CC 4 -30.89 -46.78 113.09
CA THR CC 4 -31.79 -45.90 113.83
C THR CC 4 -32.46 -44.94 112.86
N ILE CC 5 -33.71 -44.60 113.17
CA ILE CC 5 -34.58 -43.81 112.30
C ILE CC 5 -34.94 -42.51 113.01
N ARG CC 6 -34.82 -41.40 112.28
CA ARG CC 6 -34.91 -40.05 112.84
C ARG CC 6 -35.91 -39.24 112.02
N THR CC 7 -37.16 -39.18 112.48
CA THR CC 7 -38.18 -38.43 111.77
C THR CC 7 -38.03 -36.95 112.06
N ARG CC 8 -37.82 -36.16 111.01
CA ARG CC 8 -37.61 -34.72 111.13
C ARG CC 8 -38.66 -33.96 110.32
N LYS CC 9 -39.02 -32.78 110.80
CA LYS CC 9 -40.06 -31.94 110.23
C LYS CC 9 -41.39 -32.70 110.17
N PHE CC 10 -41.85 -33.07 111.37
CA PHE CC 10 -43.13 -33.74 111.54
C PHE CC 10 -44.26 -32.77 111.26
N MET CC 11 -44.61 -32.62 109.99
CA MET CC 11 -45.65 -31.67 109.58
C MET CC 11 -46.99 -32.36 109.62
N THR CC 12 -47.94 -31.75 110.34
CA THR CC 12 -49.28 -32.31 110.53
C THR CC 12 -50.20 -31.71 109.47
N ASN CC 13 -50.40 -32.46 108.40
CA ASN CC 13 -51.25 -32.05 107.29
C ASN CC 13 -52.68 -32.52 107.57
N ARG CC 14 -53.21 -32.05 108.70
CA ARG CC 14 -54.56 -32.43 109.09
C ARG CC 14 -55.58 -32.05 108.04
N LEU CC 15 -55.32 -30.98 107.27
CA LEU CC 15 -56.20 -30.66 106.16
C LEU CC 15 -56.35 -31.86 105.23
N LEU CC 16 -55.26 -32.59 105.00
CA LEU CC 16 -55.29 -33.78 104.16
C LEU CC 16 -55.26 -35.05 104.99
N GLN CC 17 -55.41 -34.94 106.31
CA GLN CC 17 -55.35 -36.07 107.24
C GLN CC 17 -54.06 -36.86 107.04
N ARG CC 18 -52.94 -36.18 107.23
CA ARG CC 18 -51.64 -36.78 106.98
C ARG CC 18 -50.66 -36.29 108.03
N LYS CC 19 -49.61 -37.06 108.25
CA LYS CC 19 -48.49 -36.69 109.08
C LYS CC 19 -47.21 -37.05 108.33
N GLN CC 20 -46.44 -36.04 107.96
CA GLN CC 20 -45.33 -36.19 107.01
C GLN CC 20 -44.03 -35.85 107.69
N MET CC 21 -42.93 -36.38 107.14
CA MET CC 21 -41.61 -36.04 107.67
C MET CC 21 -40.54 -36.52 106.71
N VAL CC 22 -39.37 -35.89 106.80
CA VAL CC 22 -38.18 -36.50 106.24
C VAL CC 22 -37.65 -37.50 107.24
N ILE CC 23 -36.81 -38.41 106.80
CA ILE CC 23 -36.39 -39.54 107.62
C ILE CC 23 -34.87 -39.65 107.55
N ASP CC 24 -34.23 -39.68 108.71
CA ASP CC 24 -32.81 -39.96 108.79
C ASP CC 24 -32.67 -41.44 109.06
N VAL CC 25 -32.17 -42.16 108.07
CA VAL CC 25 -31.90 -43.59 108.20
C VAL CC 25 -30.40 -43.71 108.45
N LEU CC 26 -30.02 -44.35 109.54
CA LEU CC 26 -28.64 -44.37 109.98
C LEU CC 26 -28.03 -45.76 109.82
N HIS CC 27 -27.04 -45.89 108.94
CA HIS CC 27 -26.32 -47.13 108.75
C HIS CC 27 -24.84 -46.83 109.00
N PRO CC 28 -24.19 -47.54 109.93
CA PRO CC 28 -22.78 -47.24 110.20
C PRO CC 28 -21.82 -47.78 109.15
N GLY CC 29 -21.94 -49.07 108.81
CA GLY CC 29 -21.01 -49.66 107.87
C GLY CC 29 -21.55 -50.79 107.01
N LYS CC 30 -22.85 -51.06 107.09
CA LYS CC 30 -23.43 -52.22 106.48
C LYS CC 30 -23.92 -51.87 105.06
N ALA CC 31 -24.65 -52.80 104.46
CA ALA CC 31 -25.22 -52.57 103.14
C ALA CC 31 -26.10 -51.33 103.16
N THR CC 32 -26.22 -50.67 102.02
CA THR CC 32 -27.03 -49.46 101.95
C THR CC 32 -28.44 -49.77 102.42
N VAL CC 33 -28.77 -49.31 103.61
CA VAL CC 33 -30.01 -49.69 104.27
C VAL CC 33 -31.20 -49.14 103.49
N PRO CC 34 -32.23 -49.93 103.25
CA PRO CC 34 -33.11 -49.70 102.11
C PRO CC 34 -34.18 -48.64 102.34
N LYS CC 35 -35.04 -48.54 101.33
CA LYS CC 35 -36.14 -47.58 101.30
C LYS CC 35 -37.28 -48.03 102.21
N THR CC 36 -37.49 -49.34 102.31
CA THR CC 36 -38.73 -49.85 102.88
C THR CC 36 -38.62 -50.20 104.36
N GLU CC 37 -37.41 -50.11 104.92
CA GLU CC 37 -37.24 -50.45 106.33
C GLU CC 37 -37.79 -49.36 107.24
N ILE CC 38 -38.00 -48.15 106.70
CA ILE CC 38 -38.69 -47.12 107.47
C ILE CC 38 -40.08 -47.60 107.86
N ARG CC 39 -40.77 -48.28 106.94
CA ARG CC 39 -42.12 -48.77 107.21
C ARG CC 39 -42.16 -49.70 108.42
N GLU CC 40 -41.28 -50.71 108.44
CA GLU CC 40 -41.28 -51.66 109.55
C GLU CC 40 -40.75 -51.02 110.83
N LYS CC 41 -39.62 -50.32 110.76
CA LYS CC 41 -39.10 -49.67 111.95
C LYS CC 41 -40.05 -48.62 112.50
N LEU CC 42 -41.00 -48.15 111.69
CA LEU CC 42 -41.94 -47.15 112.14
C LEU CC 42 -43.22 -47.79 112.65
N ALA CC 43 -43.59 -48.96 112.12
CA ALA CC 43 -44.73 -49.68 112.66
C ALA CC 43 -44.35 -50.45 113.91
N LYS CC 44 -43.05 -50.52 114.22
CA LYS CC 44 -42.64 -51.11 115.50
C LYS CC 44 -42.40 -50.03 116.57
N MET CC 45 -42.20 -48.78 116.18
CA MET CC 45 -42.04 -47.70 117.16
C MET CC 45 -43.29 -46.85 117.31
N TYR CC 46 -43.80 -46.28 116.21
CA TYR CC 46 -45.02 -45.47 116.28
C TYR CC 46 -46.25 -46.27 116.68
N LYS CC 47 -46.14 -47.59 116.88
CA LYS CC 47 -47.27 -48.42 117.28
C LYS CC 47 -48.42 -48.31 116.28
N THR CC 48 -48.11 -47.88 115.07
CA THR CC 48 -49.12 -47.60 114.05
C THR CC 48 -49.34 -48.83 113.16
N THR CC 49 -50.18 -48.65 112.16
CA THR CC 49 -50.58 -49.71 111.24
C THR CC 49 -49.66 -49.71 110.02
N PRO CC 50 -49.05 -50.85 109.68
CA PRO CC 50 -48.09 -50.88 108.57
C PRO CC 50 -48.73 -50.86 107.18
N ASP CC 51 -50.04 -50.61 107.09
CA ASP CC 51 -50.73 -50.61 105.80
C ASP CC 51 -50.92 -49.22 105.23
N VAL CC 52 -50.66 -48.16 106.01
CA VAL CC 52 -50.99 -46.80 105.60
C VAL CC 52 -49.75 -45.92 105.56
N ILE CC 53 -48.55 -46.50 105.51
CA ILE CC 53 -47.30 -45.76 105.65
C ILE CC 53 -46.48 -45.92 104.37
N PHE CC 54 -45.97 -44.79 103.87
CA PHE CC 54 -45.36 -44.76 102.55
C PHE CC 54 -44.12 -43.86 102.57
N VAL CC 55 -43.11 -44.21 101.78
CA VAL CC 55 -41.86 -43.44 101.72
C VAL CC 55 -41.53 -43.12 100.27
N PHE CC 56 -40.74 -42.06 100.07
CA PHE CC 56 -40.06 -41.80 98.81
C PHE CC 56 -39.04 -40.69 99.01
N GLY CC 57 -38.25 -40.40 97.97
CA GLY CC 57 -37.30 -39.30 98.01
C GLY CC 57 -36.09 -39.51 98.89
N PHE CC 58 -35.20 -40.42 98.52
CA PHE CC 58 -34.08 -40.81 99.38
C PHE CC 58 -32.75 -40.23 98.91
N ARG CC 59 -31.78 -40.19 99.83
CA ARG CC 59 -30.44 -39.67 99.55
C ARG CC 59 -29.49 -40.16 100.63
N THR CC 60 -28.52 -41.01 100.26
CA THR CC 60 -27.50 -41.43 101.20
C THR CC 60 -26.37 -40.39 101.21
N HIS CC 61 -25.48 -40.46 102.21
CA HIS CC 61 -24.48 -39.43 102.44
C HIS CC 61 -23.13 -39.91 101.92
N PHE CC 62 -22.27 -38.96 101.53
CA PHE CC 62 -20.93 -39.27 101.03
C PHE CC 62 -20.01 -39.50 102.22
N GLY CC 63 -19.59 -40.75 102.41
CA GLY CC 63 -18.75 -41.13 103.52
C GLY CC 63 -19.31 -42.21 104.41
N GLY CC 64 -20.27 -43.01 103.94
CA GLY CC 64 -20.72 -44.18 104.66
C GLY CC 64 -21.43 -43.92 105.97
N GLY CC 65 -22.21 -42.84 106.07
CA GLY CC 65 -22.92 -42.54 107.30
C GLY CC 65 -24.43 -42.42 107.19
N LYS CC 66 -24.89 -41.18 107.06
CA LYS CC 66 -26.28 -40.80 107.23
C LYS CC 66 -27.07 -41.02 105.93
N THR CC 67 -28.40 -41.05 106.06
CA THR CC 67 -29.27 -41.05 104.89
C THR CC 67 -30.52 -40.23 105.23
N THR CC 68 -31.11 -39.60 104.22
CA THR CC 68 -32.33 -38.81 104.41
C THR CC 68 -33.31 -39.13 103.29
N GLY CC 69 -34.49 -39.62 103.66
CA GLY CC 69 -35.53 -39.96 102.70
C GLY CC 69 -36.89 -39.84 103.35
N PHE CC 70 -37.86 -39.33 102.59
CA PHE CC 70 -39.14 -38.94 103.16
C PHE CC 70 -40.00 -40.14 103.53
N GLY CC 71 -40.60 -40.04 104.71
CA GLY CC 71 -41.66 -40.97 105.11
C GLY CC 71 -42.92 -40.21 105.45
N MET CC 72 -44.05 -40.92 105.38
CA MET CC 72 -45.34 -40.29 105.58
C MET CC 72 -46.34 -41.33 106.06
N ILE CC 73 -47.29 -40.87 106.87
CA ILE CC 73 -48.40 -41.68 107.38
C ILE CC 73 -49.66 -40.89 107.09
N TYR CC 74 -50.76 -41.59 106.84
CA TYR CC 74 -52.05 -40.92 106.78
C TYR CC 74 -52.85 -41.24 108.04
N ASP CC 75 -53.85 -40.41 108.33
CA ASP CC 75 -54.77 -40.76 109.41
C ASP CC 75 -55.42 -42.10 109.14
N SER CC 76 -55.59 -42.45 107.86
CA SER CC 76 -55.70 -43.81 107.38
C SER CC 76 -55.59 -43.76 105.86
N LEU CC 77 -55.36 -44.93 105.25
CA LEU CC 77 -55.34 -44.96 103.79
C LEU CC 77 -56.73 -44.78 103.22
N ASP CC 78 -57.76 -44.99 104.03
CA ASP CC 78 -59.13 -44.78 103.58
C ASP CC 78 -59.36 -43.34 103.16
N TYR CC 79 -58.50 -42.41 103.61
CA TYR CC 79 -58.65 -41.02 103.25
C TYR CC 79 -57.76 -40.66 102.06
N ALA CC 80 -56.56 -41.22 102.00
CA ALA CC 80 -55.71 -41.06 100.81
C ALA CC 80 -56.25 -41.84 99.62
N LYS CC 81 -57.25 -42.69 99.83
CA LYS CC 81 -57.90 -43.38 98.72
C LYS CC 81 -58.50 -42.38 97.74
N LYS CC 82 -58.96 -41.23 98.24
CA LYS CC 82 -59.44 -40.13 97.43
C LYS CC 82 -58.58 -38.88 97.53
N ASN CC 83 -57.74 -38.79 98.56
CA ASN CC 83 -57.02 -37.55 98.85
C ASN CC 83 -55.66 -37.51 98.15
N GLU CC 84 -54.87 -38.56 98.30
CA GLU CC 84 -53.54 -38.65 97.70
C GLU CC 84 -53.67 -38.81 96.18
N PRO CC 85 -52.70 -38.28 95.41
CA PRO CC 85 -52.61 -38.70 94.01
C PRO CC 85 -51.98 -40.08 93.91
N LYS CC 86 -51.74 -40.55 92.69
CA LYS CC 86 -51.47 -41.96 92.46
C LYS CC 86 -50.00 -42.32 92.40
N HIS CC 87 -49.11 -41.40 91.97
CA HIS CC 87 -47.75 -41.80 91.65
C HIS CC 87 -46.83 -41.76 92.87
N ARG CC 88 -47.13 -40.91 93.85
CA ARG CC 88 -46.41 -41.04 95.12
C ARG CC 88 -46.69 -42.39 95.77
N LEU CC 89 -47.87 -42.95 95.52
CA LEU CC 89 -48.18 -44.32 95.94
C LEU CC 89 -47.54 -45.33 95.00
N ALA CC 90 -47.51 -45.03 93.71
CA ALA CC 90 -46.90 -45.93 92.73
C ALA CC 90 -45.41 -46.04 92.89
N ARG CC 91 -44.80 -45.17 93.69
CA ARG CC 91 -43.43 -45.39 94.15
C ARG CC 91 -43.23 -46.85 94.51
N HIS CC 92 -44.11 -47.40 95.35
CA HIS CC 92 -44.19 -48.83 95.62
C HIS CC 92 -45.17 -49.54 94.69
N GLY CC 93 -46.42 -49.08 94.66
CA GLY CC 93 -47.34 -49.44 93.61
C GLY CC 93 -48.29 -50.57 93.88
N LEU CC 94 -49.58 -50.25 94.03
CA LEU CC 94 -50.62 -51.27 94.00
C LEU CC 94 -51.89 -50.82 93.25
N TYR CC 95 -51.82 -49.77 92.44
CA TYR CC 95 -52.94 -49.29 91.66
C TYR CC 95 -52.74 -49.53 90.17
N GLU CC 96 -53.73 -49.10 89.39
CA GLU CC 96 -53.70 -49.11 87.94
C GLU CC 96 -53.55 -47.68 87.44
N LYS CC 97 -52.76 -47.51 86.39
CA LYS CC 97 -52.62 -46.20 85.76
C LYS CC 97 -52.25 -46.41 84.30
N LYS CC 98 -52.45 -45.36 83.50
CA LYS CC 98 -52.17 -45.39 82.07
C LYS CC 98 -50.85 -44.67 81.82
N LYS CC 99 -49.75 -45.40 82.04
CA LYS CC 99 -48.42 -44.82 81.90
C LYS CC 99 -47.44 -45.70 81.13
N THR CC 100 -47.87 -46.89 80.67
CA THR CC 100 -47.07 -47.62 79.71
C THR CC 100 -47.43 -47.25 78.28
N SER CC 101 -48.42 -46.39 78.09
CA SER CC 101 -48.90 -46.04 76.76
C SER CC 101 -49.55 -44.67 76.79
N ARG CC 102 -48.84 -43.66 76.29
CA ARG CC 102 -49.46 -42.39 75.90
C ARG CC 102 -49.32 -42.16 74.41
N LYS CC 103 -48.10 -42.26 73.88
CA LYS CC 103 -47.90 -42.20 72.44
C LYS CC 103 -48.45 -43.44 71.76
N GLN CC 104 -48.84 -44.46 72.53
CA GLN CC 104 -49.51 -45.62 71.98
C GLN CC 104 -51.02 -45.49 72.02
N ARG CC 105 -51.56 -44.45 72.67
CA ARG CC 105 -52.97 -44.14 72.55
C ARG CC 105 -53.22 -42.94 71.65
N LYS CC 106 -52.19 -42.11 71.44
CA LYS CC 106 -52.33 -40.93 70.59
C LYS CC 106 -52.74 -41.31 69.17
N GLU CC 107 -52.15 -42.38 68.64
CA GLU CC 107 -52.45 -42.77 67.26
C GLU CC 107 -53.94 -43.07 67.08
N ARG CC 108 -54.51 -43.89 67.95
CA ARG CC 108 -55.95 -44.16 67.87
C ARG CC 108 -56.78 -42.94 68.22
N LYS CC 109 -56.27 -42.09 69.12
CA LYS CC 109 -56.99 -40.88 69.52
C LYS CC 109 -57.18 -39.94 68.32
N ASN CC 110 -56.13 -39.78 67.52
CA ASN CC 110 -56.28 -39.02 66.29
C ASN CC 110 -56.98 -39.82 65.19
N ARG CC 111 -56.96 -41.16 65.28
CA ARG CC 111 -57.76 -41.95 64.33
C ARG CC 111 -59.24 -41.70 64.49
N MET CC 112 -59.70 -41.57 65.74
CA MET CC 112 -61.12 -41.28 65.97
C MET CC 112 -61.57 -40.04 65.21
N LYS CC 113 -60.71 -39.03 65.14
CA LYS CC 113 -61.03 -37.76 64.46
C LYS CC 113 -60.99 -37.87 62.95
N LYS CC 114 -60.88 -39.07 62.37
CA LYS CC 114 -61.05 -39.19 60.92
C LYS CC 114 -62.53 -39.08 60.53
N VAL CC 115 -63.41 -39.71 61.29
CA VAL CC 115 -64.85 -39.67 61.01
C VAL CC 115 -65.61 -39.51 62.32
N ARG CC 116 -66.64 -38.68 62.28
CA ARG CC 116 -67.59 -38.51 63.37
C ARG CC 116 -68.87 -39.30 63.08
N GLY CC 117 -69.64 -39.56 64.13
CA GLY CC 117 -71.01 -39.98 64.00
C GLY CC 117 -71.24 -41.36 63.43
N THR CC 118 -70.25 -41.97 62.77
CA THR CC 118 -70.37 -43.35 62.32
C THR CC 118 -69.98 -44.24 63.49
N ALA CC 119 -70.97 -44.97 64.02
CA ALA CC 119 -70.89 -45.63 65.33
C ALA CC 119 -69.52 -46.21 65.64
N LYS CC 120 -68.92 -46.88 64.66
CA LYS CC 120 -67.68 -47.60 64.87
C LYS CC 120 -66.44 -46.77 64.61
N ALA CC 121 -66.57 -45.46 64.39
CA ALA CC 121 -65.43 -44.61 64.04
C ALA CC 121 -64.30 -44.71 65.07
N ASN CC 122 -64.57 -44.28 66.30
CA ASN CC 122 -63.60 -44.49 67.37
C ASN CC 122 -63.58 -45.93 67.84
N VAL CC 123 -64.62 -46.71 67.53
CA VAL CC 123 -64.63 -48.12 67.88
C VAL CC 123 -63.70 -48.89 66.95
N GLY CC 124 -63.84 -48.69 65.64
CA GLY CC 124 -63.06 -49.42 64.66
C GLY CC 124 -61.67 -48.86 64.41
N ALA CC 125 -61.61 -47.62 63.93
CA ALA CC 125 -60.35 -46.91 63.69
C ALA CC 125 -59.38 -47.75 62.86
N GLY CC 126 -59.83 -48.15 61.68
CA GLY CC 126 -59.00 -48.93 60.78
C GLY CC 126 -58.01 -48.09 60.00
N PRO DC 1 16.99 37.23 93.32
CA PRO DC 1 17.02 36.77 91.92
C PRO DC 1 16.66 37.88 90.95
N LEU DC 2 17.35 39.02 91.09
CA LEU DC 2 17.02 40.26 90.38
C LEU DC 2 15.52 40.54 90.41
N ALA DC 3 14.87 40.12 91.49
CA ALA DC 3 13.51 40.53 91.74
C ALA DC 3 13.50 41.97 92.24
N LYS DC 4 12.65 42.79 91.66
CA LYS DC 4 12.59 44.19 92.04
C LYS DC 4 11.35 44.39 92.89
N ASP DC 5 11.34 45.49 93.64
CA ASP DC 5 10.29 45.76 94.61
C ASP DC 5 8.97 45.92 93.88
N LEU DC 6 8.11 44.91 93.93
CA LEU DC 6 6.98 44.92 93.01
C LEU DC 6 5.75 45.60 93.58
N LEU DC 7 5.65 45.74 94.91
CA LEU DC 7 4.63 46.65 95.44
C LEU DC 7 4.94 48.09 95.04
N HIS DC 8 6.22 48.47 95.07
CA HIS DC 8 6.66 49.80 94.69
C HIS DC 8 8.10 49.79 94.20
N PRO DC 9 8.33 49.75 92.90
CA PRO DC 9 9.70 49.86 92.36
C PRO DC 9 10.10 51.32 92.21
N SER DC 10 11.32 51.51 91.69
CA SER DC 10 11.91 52.84 91.62
C SER DC 10 11.10 53.74 90.69
N PRO DC 11 11.08 55.05 90.97
CA PRO DC 11 10.21 55.96 90.20
C PRO DC 11 10.58 56.11 88.74
N GLU DC 12 11.83 56.50 88.46
CA GLU DC 12 12.19 56.91 87.11
C GLU DC 12 11.90 55.84 86.07
N GLU DC 13 11.93 54.57 86.48
CA GLU DC 13 11.64 53.50 85.52
C GLU DC 13 10.23 53.64 84.98
N GLU DC 14 9.27 54.01 85.83
CA GLU DC 14 7.90 54.12 85.35
C GLU DC 14 7.73 55.25 84.34
N LYS DC 15 8.32 56.42 84.61
CA LYS DC 15 8.25 57.52 83.65
C LYS DC 15 8.95 57.15 82.35
N ARG DC 16 10.20 56.66 82.43
CA ARG DC 16 10.94 56.25 81.25
C ARG DC 16 10.24 55.15 80.47
N LYS DC 17 9.38 54.36 81.12
CA LYS DC 17 8.60 53.32 80.48
C LYS DC 17 7.51 53.93 79.61
N HIS DC 18 6.90 53.09 78.78
CA HIS DC 18 5.74 53.52 78.01
C HIS DC 18 4.55 53.69 78.94
N LYS DC 19 3.75 54.73 78.67
CA LYS DC 19 2.67 55.10 79.57
C LYS DC 19 1.65 53.97 79.72
N LYS DC 20 1.51 53.14 78.69
CA LYS DC 20 0.44 52.15 78.66
C LYS DC 20 0.73 50.91 79.48
N LYS DC 21 1.96 50.73 79.95
CA LYS DC 21 2.32 49.57 80.72
C LYS DC 21 2.57 49.88 82.20
N ARG DC 22 2.19 51.08 82.65
CA ARG DC 22 2.66 51.60 83.91
C ARG DC 22 2.08 50.81 85.09
N LEU DC 23 2.65 51.06 86.28
CA LEU DC 23 2.10 50.51 87.51
C LEU DC 23 0.65 50.92 87.67
N VAL DC 24 0.36 52.19 87.42
CA VAL DC 24 -0.97 52.65 87.05
C VAL DC 24 -0.80 53.59 85.87
N GLN DC 25 -1.57 53.37 84.81
CA GLN DC 25 -1.29 53.99 83.52
C GLN DC 25 -1.94 55.37 83.42
N SER DC 26 -1.12 56.40 83.35
CA SER DC 26 -1.53 57.80 83.27
C SER DC 26 -0.86 58.47 82.09
N PRO DC 27 -1.49 59.50 81.52
CA PRO DC 27 -1.04 60.03 80.23
C PRO DC 27 0.27 60.79 80.32
N ASN DC 28 0.94 60.86 79.16
CA ASN DC 28 2.11 61.71 78.94
C ASN DC 28 1.72 63.10 78.47
N SER DC 29 0.49 63.54 78.73
CA SER DC 29 -0.01 64.83 78.31
C SER DC 29 -0.17 65.75 79.51
N TYR DC 30 -0.03 67.04 79.26
CA TYR DC 30 -0.28 68.07 80.25
C TYR DC 30 -1.28 69.05 79.64
N PHE DC 31 -1.48 70.20 80.29
CA PHE DC 31 -2.39 71.21 79.76
C PHE DC 31 -1.70 72.56 79.65
N MET DC 32 -2.13 73.33 78.65
CA MET DC 32 -1.44 74.55 78.22
C MET DC 32 -2.28 75.75 78.60
N ASP DC 33 -1.85 76.48 79.63
CA ASP DC 33 -2.50 77.73 80.03
C ASP DC 33 -1.66 78.89 79.51
N VAL DC 34 -1.83 79.20 78.24
CA VAL DC 34 -0.90 80.03 77.50
C VAL DC 34 -1.40 81.46 77.48
N LYS DC 35 -0.54 82.38 77.05
CA LYS DC 35 -0.92 83.78 76.94
C LYS DC 35 -1.50 84.15 75.59
N CYS DC 36 -1.05 83.50 74.50
CA CYS DC 36 -1.32 83.93 73.13
C CYS DC 36 -0.81 85.36 73.00
N PRO DC 37 0.52 85.54 72.97
CA PRO DC 37 1.10 86.85 73.28
C PRO DC 37 0.61 87.95 72.36
N GLY DC 38 0.45 89.14 72.95
CA GLY DC 38 0.06 90.33 72.22
C GLY DC 38 -1.24 90.96 72.67
N CYS DC 39 -1.97 90.32 73.60
CA CYS DC 39 -3.21 90.84 74.14
C CYS DC 39 -3.21 90.67 75.65
N TYR DC 40 -4.01 91.50 76.33
CA TYR DC 40 -4.01 91.48 77.79
C TYR DC 40 -4.94 90.43 78.38
N LYS DC 41 -5.24 89.35 77.65
CA LYS DC 41 -5.96 88.23 78.22
C LYS DC 41 -5.12 86.94 78.15
N ILE DC 42 -5.61 85.92 78.83
CA ILE DC 42 -4.94 84.64 78.94
C ILE DC 42 -5.96 83.53 78.67
N THR DC 43 -5.62 82.63 77.75
CA THR DC 43 -6.52 81.59 77.29
C THR DC 43 -5.76 80.28 77.16
N THR DC 44 -6.49 79.17 77.21
CA THR DC 44 -5.88 77.85 77.32
C THR DC 44 -6.28 76.96 76.15
N VAL DC 45 -5.43 75.96 75.89
CA VAL DC 45 -5.55 75.04 74.76
C VAL DC 45 -5.19 73.64 75.24
N PHE DC 46 -5.58 72.64 74.44
CA PHE DC 46 -5.15 71.27 74.67
C PHE DC 46 -3.68 71.15 74.26
N SER DC 47 -2.83 70.63 75.15
CA SER DC 47 -1.39 70.72 74.97
C SER DC 47 -0.88 69.90 73.78
N HIS DC 48 -1.75 69.20 73.08
CA HIS DC 48 -1.42 68.55 71.83
C HIS DC 48 -2.51 68.82 70.81
N ALA DC 49 -2.94 70.08 70.76
CA ALA DC 49 -4.09 70.48 69.96
C ALA DC 49 -3.86 70.16 68.49
N GLN DC 50 -4.64 69.20 68.00
CA GLN DC 50 -4.63 68.80 66.61
C GLN DC 50 -5.64 69.60 65.79
N THR DC 51 -6.30 70.57 66.43
CA THR DC 51 -7.07 71.60 65.76
C THR DC 51 -6.70 72.92 66.41
N VAL DC 52 -6.29 73.89 65.60
CA VAL DC 52 -5.59 75.06 66.12
C VAL DC 52 -6.52 75.96 66.91
N VAL DC 53 -5.95 76.70 67.85
CA VAL DC 53 -6.59 77.83 68.50
C VAL DC 53 -5.77 79.07 68.15
N LEU DC 54 -6.43 80.07 67.56
CA LEU DC 54 -5.72 81.16 66.93
C LEU DC 54 -5.08 82.10 67.96
N CYS DC 55 -3.89 82.57 67.62
CA CYS DC 55 -3.13 83.49 68.48
C CYS DC 55 -3.28 84.91 67.92
N VAL DC 56 -4.33 85.61 68.35
CA VAL DC 56 -4.66 86.92 67.81
C VAL DC 56 -3.98 88.05 68.56
N GLY DC 57 -2.95 87.76 69.35
CA GLY DC 57 -2.25 88.82 70.04
C GLY DC 57 -1.09 89.39 69.25
N CYS DC 58 -0.26 88.51 68.67
CA CYS DC 58 0.82 88.90 67.78
C CYS DC 58 0.42 88.90 66.32
N SER DC 59 -0.85 88.60 66.02
CA SER DC 59 -1.35 88.45 64.65
C SER DC 59 -0.63 87.30 63.94
N THR DC 60 -0.80 86.10 64.49
CA THR DC 60 -0.11 84.91 64.04
C THR DC 60 -0.92 83.69 64.51
N VAL DC 61 -0.28 82.53 64.53
CA VAL DC 61 -0.90 81.29 64.99
C VAL DC 61 -0.29 80.89 66.32
N LEU DC 62 -1.02 80.06 67.09
CA LEU DC 62 -0.55 79.65 68.41
C LEU DC 62 0.00 78.23 68.38
N CYS DC 63 -0.75 77.29 67.82
CA CYS DC 63 -0.42 75.86 67.89
C CYS DC 63 -0.26 75.30 66.49
N GLN DC 64 0.97 74.96 66.12
CA GLN DC 64 1.21 74.09 64.99
C GLN DC 64 1.22 72.65 65.49
N PRO DC 65 0.23 71.84 65.18
CA PRO DC 65 0.28 70.44 65.61
C PRO DC 65 1.34 69.68 64.82
N THR DC 66 2.33 69.16 65.52
CA THR DC 66 3.47 68.47 64.90
C THR DC 66 3.58 67.09 65.53
N GLY DC 67 3.05 66.08 64.83
CA GLY DC 67 3.09 64.72 65.34
C GLY DC 67 2.23 64.58 66.58
N GLY DC 68 2.74 63.83 67.54
CA GLY DC 68 2.04 63.61 68.78
C GLY DC 68 2.16 64.73 69.79
N LYS DC 69 2.21 65.98 69.30
CA LYS DC 69 2.37 67.13 70.18
C LYS DC 69 1.87 68.37 69.45
N ALA DC 70 1.59 69.43 70.21
CA ALA DC 70 1.27 70.74 69.64
C ALA DC 70 2.42 71.69 69.95
N ARG DC 71 3.16 72.09 68.92
CA ARG DC 71 4.33 72.96 69.08
C ARG DC 71 3.92 74.40 68.84
N LEU DC 72 4.32 75.28 69.76
CA LEU DC 72 3.88 76.67 69.75
C LEU DC 72 4.94 77.56 69.12
N THR DC 73 4.50 78.46 68.24
CA THR DC 73 5.40 79.46 67.68
C THR DC 73 5.64 80.62 68.65
N GLU DC 74 4.58 81.31 69.04
CA GLU DC 74 4.65 82.35 70.06
C GLU DC 74 3.59 82.07 71.10
N GLY DC 75 4.04 81.77 72.31
CA GLY DC 75 3.18 81.45 73.43
C GLY DC 75 4.00 81.36 74.70
N CYS DC 76 3.56 82.04 75.76
CA CYS DC 76 4.42 82.28 76.90
C CYS DC 76 4.28 81.24 78.00
N SER DC 77 3.10 81.17 78.61
CA SER DC 77 2.96 80.53 79.91
C SER DC 77 2.71 79.03 79.76
N PHE DC 78 3.78 78.25 79.84
CA PHE DC 78 3.69 76.82 80.02
C PHE DC 78 3.39 76.54 81.48
N ARG DC 79 2.38 75.70 81.73
CA ARG DC 79 2.01 75.32 83.09
C ARG DC 79 2.02 73.81 83.24
N ARG DC 80 2.63 73.36 84.34
CA ARG DC 80 2.76 71.95 84.64
C ARG DC 80 1.57 71.50 85.50
N LYS DC 81 1.71 70.34 86.14
CA LYS DC 81 0.61 69.62 86.79
C LYS DC 81 -0.32 70.52 87.59
N GLN DC 82 -1.62 70.24 87.49
CA GLN DC 82 -2.65 71.05 88.13
C GLN DC 82 -3.80 70.22 88.68
N HIS DC 83 -3.65 68.90 88.79
CA HIS DC 83 -4.79 68.04 89.06
C HIS DC 83 -4.47 67.03 90.15
N ARG EC 1 78.41 -1.17 0.30
CA ARG EC 1 77.71 0.06 0.67
C ARG EC 1 78.26 1.26 -0.07
N ASP EC 2 77.55 2.38 0.05
CA ASP EC 2 77.88 3.60 -0.68
C ASP EC 2 79.19 4.18 -0.16
N LYS EC 3 80.25 4.02 -0.94
CA LYS EC 3 81.62 4.18 -0.46
C LYS EC 3 82.30 5.37 -1.12
N LEU EC 4 83.18 6.01 -0.36
CA LEU EC 4 83.90 7.22 -0.78
C LEU EC 4 84.86 6.95 -1.92
N ASN EC 5 85.15 5.69 -2.22
CA ASN EC 5 86.07 5.29 -3.30
C ASN EC 5 87.47 5.86 -3.08
N ASN EC 6 87.83 6.07 -1.80
CA ASN EC 6 89.22 6.37 -1.46
C ASN EC 6 90.12 5.33 -2.10
N LEU EC 7 91.05 5.79 -2.94
CA LEU EC 7 91.80 4.90 -3.80
C LEU EC 7 92.52 3.86 -2.97
N VAL EC 8 92.44 2.60 -3.41
CA VAL EC 8 92.68 1.48 -2.49
C VAL EC 8 94.14 1.04 -2.47
N LEU EC 9 94.89 1.25 -3.55
CA LEU EC 9 96.29 0.86 -3.58
C LEU EC 9 97.10 2.05 -4.09
N PHE EC 10 98.40 1.86 -4.24
CA PHE EC 10 99.28 2.98 -4.59
C PHE EC 10 99.02 3.47 -6.02
N ASP EC 11 99.06 4.79 -6.20
CA ASP EC 11 98.44 5.45 -7.33
C ASP EC 11 99.40 6.40 -8.03
N LYS EC 12 99.60 6.19 -9.34
CA LYS EC 12 100.64 6.91 -10.07
C LYS EC 12 100.52 8.42 -9.92
N ALA EC 13 99.45 9.00 -10.48
CA ALA EC 13 99.29 10.45 -10.45
C ALA EC 13 99.16 10.96 -9.03
N THR EC 14 98.40 10.25 -8.20
CA THR EC 14 98.36 10.60 -6.79
C THR EC 14 99.71 10.37 -6.13
N TYR EC 15 100.54 9.46 -6.63
CA TYR EC 15 101.85 9.27 -6.01
C TYR EC 15 102.74 10.48 -6.29
N ASP EC 16 102.68 11.02 -7.50
CA ASP EC 16 103.40 12.27 -7.79
C ASP EC 16 102.89 13.43 -6.95
N LYS EC 17 101.56 13.62 -6.90
CA LYS EC 17 101.00 14.71 -6.12
C LYS EC 17 101.34 14.56 -4.63
N LEU EC 18 101.30 13.33 -4.11
CA LEU EC 18 101.72 13.07 -2.74
C LEU EC 18 103.19 13.44 -2.55
N CYS EC 19 104.05 12.91 -3.42
CA CYS EC 19 105.49 13.08 -3.25
C CYS EC 19 105.91 14.54 -3.27
N LYS EC 20 105.24 15.39 -4.03
CA LYS EC 20 105.71 16.76 -4.14
C LYS EC 20 104.65 17.80 -3.79
N GLU EC 21 103.60 17.43 -3.06
CA GLU EC 21 102.60 18.41 -2.67
C GLU EC 21 102.20 18.32 -1.21
N VAL EC 22 102.23 17.13 -0.61
CA VAL EC 22 101.53 16.92 0.66
C VAL EC 22 102.28 17.48 1.87
N PRO EC 23 103.58 17.17 2.09
CA PRO EC 23 104.23 17.70 3.31
C PRO EC 23 104.45 19.21 3.23
N ASN EC 24 103.34 19.96 3.32
CA ASN EC 24 103.36 21.40 3.11
C ASN EC 24 102.50 22.18 4.09
N TYR EC 25 101.59 21.55 4.83
CA TYR EC 25 100.71 22.22 5.78
C TYR EC 25 101.28 22.10 7.19
N LYS EC 26 100.54 22.63 8.16
CA LYS EC 26 100.82 22.39 9.56
C LYS EC 26 99.98 21.26 10.15
N LEU EC 27 99.25 20.53 9.32
CA LEU EC 27 98.50 19.37 9.78
C LEU EC 27 98.62 18.25 8.76
N ILE EC 28 99.12 17.10 9.20
CA ILE EC 28 99.27 15.92 8.36
C ILE EC 28 98.83 14.70 9.16
N THR EC 29 98.06 13.81 8.54
CA THR EC 29 97.56 12.60 9.15
C THR EC 29 97.15 11.69 8.01
N PRO EC 30 97.34 10.38 8.10
CA PRO EC 30 96.88 9.50 7.02
C PRO EC 30 95.40 9.67 6.69
N ALA EC 31 94.55 9.85 7.70
CA ALA EC 31 93.14 10.13 7.42
C ALA EC 31 92.97 11.50 6.77
N VAL EC 32 93.80 12.47 7.16
CA VAL EC 32 93.75 13.79 6.52
C VAL EC 32 94.05 13.65 5.04
N VAL EC 33 95.07 12.87 4.71
CA VAL EC 33 95.39 12.61 3.30
C VAL EC 33 94.21 11.94 2.61
N SER EC 34 93.64 10.92 3.25
CA SER EC 34 92.59 10.14 2.60
C SER EC 34 91.28 10.91 2.49
N GLU EC 35 91.15 12.05 3.14
CA GLU EC 35 89.95 12.86 2.92
C GLU EC 35 90.21 14.18 2.21
N ARG EC 36 91.47 14.60 2.11
CA ARG EC 36 91.83 15.73 1.26
C ARG EC 36 92.02 15.27 -0.18
N LEU EC 37 92.97 14.38 -0.41
CA LEU EC 37 93.00 13.60 -1.65
C LEU EC 37 92.31 12.27 -1.40
N LYS EC 38 92.46 11.34 -2.32
CA LYS EC 38 91.77 10.06 -2.26
C LYS EC 38 92.81 8.95 -2.16
N ILE EC 39 92.78 8.22 -1.05
CA ILE EC 39 93.76 7.17 -0.77
C ILE EC 39 93.22 6.33 0.37
N ARG EC 40 93.74 5.12 0.55
CA ARG EC 40 93.43 4.37 1.76
C ARG EC 40 94.44 4.72 2.86
N GLY EC 41 94.05 4.45 4.10
CA GLY EC 41 94.78 4.99 5.23
C GLY EC 41 96.18 4.44 5.37
N SER EC 42 96.35 3.12 5.20
CA SER EC 42 97.69 2.56 5.26
C SER EC 42 98.51 3.04 4.06
N LEU EC 43 97.85 3.30 2.93
CA LEU EC 43 98.54 3.88 1.80
C LEU EC 43 99.08 5.25 2.14
N ALA EC 44 98.27 6.06 2.82
CA ALA EC 44 98.72 7.37 3.28
C ALA EC 44 99.83 7.21 4.30
N ARG EC 45 99.76 6.18 5.13
CA ARG EC 45 100.87 5.88 6.04
C ARG EC 45 102.15 5.63 5.26
N ALA EC 46 102.06 4.88 4.18
CA ALA EC 46 103.25 4.50 3.42
C ALA EC 46 103.84 5.69 2.68
N ALA EC 47 102.99 6.51 2.06
CA ALA EC 47 103.51 7.69 1.37
C ALA EC 47 103.99 8.73 2.37
N LEU EC 48 103.34 8.82 3.53
CA LEU EC 48 103.80 9.68 4.60
C LEU EC 48 105.16 9.25 5.12
N GLN EC 49 105.38 7.93 5.23
CA GLN EC 49 106.69 7.43 5.65
C GLN EC 49 107.72 7.62 4.53
N GLU EC 50 107.29 7.58 3.28
CA GLU EC 50 108.20 7.88 2.18
C GLU EC 50 108.66 9.34 2.25
N LEU EC 51 107.75 10.25 2.60
CA LEU EC 51 108.14 11.66 2.73
C LEU EC 51 108.94 11.90 4.01
N LEU EC 52 108.64 11.14 5.07
CA LEU EC 52 109.46 11.18 6.28
C LEU EC 52 110.87 10.69 6.00
N SER EC 53 111.00 9.71 5.11
CA SER EC 53 112.31 9.19 4.73
C SER EC 53 113.24 10.33 4.32
N LYS EC 54 112.75 11.19 3.42
CA LYS EC 54 113.51 12.40 3.11
C LYS EC 54 113.57 13.34 4.31
N GLY EC 55 112.47 13.44 5.07
CA GLY EC 55 112.47 14.27 6.26
C GLY EC 55 112.10 15.71 5.97
N LEU EC 56 110.94 15.90 5.35
CA LEU EC 56 110.50 17.21 4.90
C LEU EC 56 109.64 17.92 5.93
N ILE EC 57 109.59 17.41 7.17
CA ILE EC 57 108.57 17.81 8.15
C ILE EC 57 109.12 17.62 9.55
N LYS EC 58 108.59 18.40 10.51
CA LYS EC 58 108.86 18.15 11.92
C LYS EC 58 107.61 17.61 12.60
N LEU EC 59 107.81 16.58 13.42
CA LEU EC 59 106.70 15.92 14.09
C LEU EC 59 106.22 16.75 15.28
N VAL EC 60 104.96 16.53 15.65
CA VAL EC 60 104.43 17.12 16.88
C VAL EC 60 103.82 16.04 17.77
N SER EC 61 103.00 15.17 17.19
CA SER EC 61 102.28 14.14 17.93
C SER EC 61 102.77 12.76 17.51
N LYS EC 62 102.54 11.77 18.38
CA LYS EC 62 102.86 10.37 18.09
C LYS EC 62 101.86 9.50 18.87
N HIS EC 63 100.79 9.12 18.21
CA HIS EC 63 99.73 8.36 18.86
C HIS EC 63 99.11 7.37 17.89
N ARG EC 64 98.53 6.31 18.46
CA ARG EC 64 97.74 5.38 17.65
C ARG EC 64 96.50 6.05 17.09
N ALA EC 65 95.95 7.03 17.82
CA ALA EC 65 94.80 7.77 17.30
C ALA EC 65 95.17 8.52 16.03
N GLN EC 66 96.32 9.19 16.03
CA GLN EC 66 96.82 9.92 14.88
C GLN EC 66 98.19 10.50 15.24
N VAL EC 67 98.90 10.95 14.22
CA VAL EC 67 100.14 11.68 14.41
C VAL EC 67 100.06 12.95 13.57
N ILE EC 68 100.78 13.97 14.01
CA ILE EC 68 100.74 15.28 13.37
C ILE EC 68 102.11 15.62 12.83
N TYR EC 69 102.17 15.94 11.55
CA TYR EC 69 103.39 16.34 10.87
C TYR EC 69 103.23 17.77 10.39
N THR EC 70 104.15 18.65 10.82
CA THR EC 70 104.01 20.08 10.61
C THR EC 70 105.12 20.62 9.72
N ARG EC 71 104.80 21.76 9.10
CA ARG EC 71 105.61 22.34 8.05
C ARG EC 71 106.94 22.85 8.59
N ASN EC 72 108.02 22.55 7.86
CA ASN EC 72 109.32 23.18 8.05
C ASN EC 72 109.78 23.90 6.79
N THR EC 73 108.85 24.34 5.94
CA THR EC 73 109.15 24.88 4.61
C THR EC 73 110.01 23.89 3.82
N LYS EC 74 109.76 22.60 4.04
CA LYS EC 74 110.43 21.52 3.33
C LYS EC 74 109.39 20.66 2.65
N GLY EC 75 109.66 20.26 1.42
CA GLY EC 75 108.73 19.42 0.68
C GLY EC 75 108.79 19.60 -0.82
N THR FC 1 17.07 19.51 58.38
CA THR FC 1 18.49 19.75 58.22
C THR FC 1 18.74 20.89 57.25
N LYS FC 2 19.72 21.73 57.57
CA LYS FC 2 20.12 22.79 56.65
C LYS FC 2 21.54 23.25 57.00
N LYS FC 3 22.47 23.09 56.07
CA LYS FC 3 23.86 23.43 56.31
C LYS FC 3 24.15 24.91 56.10
N ARG FC 4 23.12 25.76 56.21
CA ARG FC 4 23.31 27.20 56.15
C ARG FC 4 22.34 27.86 57.12
N ARG FC 5 22.64 29.12 57.44
CA ARG FC 5 21.78 29.89 58.34
C ARG FC 5 20.67 30.60 57.57
N ASN FC 6 21.05 31.48 56.64
CA ASN FC 6 20.10 32.10 55.72
C ASN FC 6 20.21 31.53 54.32
N ASN FC 7 20.86 30.37 54.18
CA ASN FC 7 20.93 29.66 52.90
C ASN FC 7 21.57 30.51 51.81
N GLY FC 8 22.59 31.29 52.17
CA GLY FC 8 23.39 32.00 51.19
C GLY FC 8 22.69 33.13 50.47
N ARG FC 9 21.60 33.66 51.03
CA ARG FC 9 20.91 34.79 50.45
C ARG FC 9 20.18 35.52 51.56
N ALA FC 10 20.08 36.84 51.41
CA ALA FC 10 19.64 37.73 52.46
C ALA FC 10 18.17 38.09 52.37
N LYS FC 11 17.32 37.17 51.94
CA LYS FC 11 15.88 37.42 51.89
C LYS FC 11 15.35 37.28 53.30
N LYS FC 12 15.14 38.41 53.98
CA LYS FC 12 14.78 38.40 55.40
C LYS FC 12 13.78 39.52 55.64
N GLY FC 13 12.50 39.17 55.66
CA GLY FC 13 11.44 40.15 55.81
C GLY FC 13 10.87 40.69 54.52
N ARG FC 14 11.15 40.05 53.38
CA ARG FC 14 10.88 40.62 52.07
C ARG FC 14 10.56 39.51 51.08
N GLY FC 15 9.88 39.90 50.00
CA GLY FC 15 9.44 38.93 49.02
C GLY FC 15 10.57 38.48 48.11
N HIS FC 16 10.18 37.84 47.02
CA HIS FC 16 11.16 37.31 46.08
C HIS FC 16 12.00 38.45 45.51
N VAL FC 17 13.29 38.18 45.33
CA VAL FC 17 14.28 39.23 45.13
C VAL FC 17 14.86 39.13 43.71
N GLN FC 18 15.37 40.26 43.21
CA GLN FC 18 15.75 40.44 41.82
C GLN FC 18 16.77 39.40 41.35
N PRO FC 19 16.85 39.18 40.03
CA PRO FC 19 17.92 38.36 39.46
C PRO FC 19 19.07 39.19 38.88
N ILE FC 20 20.27 38.61 38.98
CA ILE FC 20 21.50 39.11 38.38
C ILE FC 20 22.33 37.90 37.96
N ARG FC 21 23.13 38.06 36.89
CA ARG FC 21 23.76 36.92 36.25
C ARG FC 21 25.28 37.07 36.17
N CYS FC 22 25.95 35.99 36.54
CA CYS FC 22 27.39 35.79 36.52
C CYS FC 22 27.96 36.19 35.17
N THR FC 23 29.26 36.49 35.11
CA THR FC 23 29.91 36.82 33.85
C THR FC 23 31.10 35.93 33.52
N ASN FC 24 31.64 35.22 34.51
CA ASN FC 24 32.51 34.09 34.24
C ASN FC 24 31.70 32.85 33.89
N CYS FC 25 30.37 32.93 33.99
CA CYS FC 25 29.47 31.80 33.90
C CYS FC 25 28.22 32.03 33.09
N ALA FC 26 27.77 33.28 32.94
CA ALA FC 26 26.54 33.63 32.23
C ALA FC 26 25.33 32.90 32.80
N ARG FC 27 25.30 32.76 34.13
CA ARG FC 27 24.20 32.09 34.82
C ARG FC 27 23.43 33.08 35.67
N CYS FC 28 22.11 32.96 35.66
CA CYS FC 28 21.24 33.84 36.43
C CYS FC 28 20.99 33.27 37.82
N VAL FC 29 21.17 34.11 38.84
CA VAL FC 29 20.81 33.78 40.21
C VAL FC 29 20.25 35.04 40.88
N PRO FC 30 19.41 34.87 41.89
CA PRO FC 30 18.91 36.05 42.60
C PRO FC 30 20.03 36.82 43.27
N LYS FC 31 19.82 38.14 43.41
CA LYS FC 31 20.88 39.04 43.85
C LYS FC 31 21.32 38.74 45.28
N ASP FC 32 20.38 38.35 46.14
CA ASP FC 32 20.75 37.97 47.50
C ASP FC 32 21.63 36.74 47.51
N LYS FC 33 21.36 35.78 46.63
CA LYS FC 33 22.16 34.55 46.57
C LYS FC 33 23.54 34.80 45.95
N ALA FC 34 23.63 35.72 45.00
CA ALA FC 34 24.88 35.95 44.31
C ALA FC 34 25.95 36.48 45.26
N ILE FC 35 27.17 36.63 44.74
CA ILE FC 35 28.30 37.19 45.47
C ILE FC 35 28.78 38.44 44.73
N LYS FC 36 28.98 39.52 45.48
CA LYS FC 36 29.25 40.84 44.92
C LYS FC 36 30.55 41.39 45.49
N LYS FC 37 31.50 41.69 44.61
CA LYS FC 37 32.75 42.32 44.99
C LYS FC 37 32.83 43.64 44.25
N PHE FC 38 33.53 44.63 44.79
CA PHE FC 38 33.70 45.90 44.08
C PHE FC 38 35.19 46.11 43.86
N VAL FC 39 35.62 45.95 42.60
CA VAL FC 39 37.02 46.00 42.23
C VAL FC 39 37.30 47.38 41.66
N ILE FC 40 38.43 47.97 42.04
CA ILE FC 40 38.97 49.12 41.33
C ILE FC 40 40.42 48.82 41.00
N ARG FC 41 40.90 49.40 39.91
CA ARG FC 41 42.31 49.24 39.55
C ARG FC 41 42.69 50.32 38.56
N ASN FC 42 43.96 50.38 38.20
CA ASN FC 42 44.41 51.15 37.06
C ASN FC 42 44.26 50.32 35.78
N ILE FC 43 44.68 50.90 34.65
CA ILE FC 43 44.50 50.24 33.37
C ILE FC 43 45.36 48.98 33.29
N VAL FC 44 46.68 49.14 33.31
CA VAL FC 44 47.60 48.01 33.30
C VAL FC 44 47.70 47.46 34.71
N GLU FC 45 47.46 46.16 34.87
CA GLU FC 45 47.33 45.59 36.21
C GLU FC 45 48.69 45.43 36.90
N ALA FC 46 49.71 46.10 36.39
CA ALA FC 46 51.01 46.19 37.05
C ALA FC 46 51.50 47.63 36.92
N ALA FC 47 52.78 47.85 37.20
CA ALA FC 47 53.34 49.19 37.26
C ALA FC 47 53.79 49.70 35.90
N ALA FC 48 53.17 49.27 34.80
CA ALA FC 48 53.55 49.76 33.48
C ALA FC 48 53.25 51.24 33.31
N VAL FC 49 52.46 51.84 34.21
CA VAL FC 49 52.21 53.28 34.13
C VAL FC 49 53.50 54.06 34.30
N ARG FC 50 54.54 53.44 34.87
CA ARG FC 50 55.86 54.05 34.88
C ARG FC 50 56.40 54.21 33.47
N ASP FC 51 56.32 53.15 32.66
CA ASP FC 51 56.68 53.26 31.26
C ASP FC 51 55.81 54.29 30.55
N ILE FC 52 54.50 54.25 30.82
CA ILE FC 52 53.58 55.22 30.24
C ILE FC 52 53.99 56.64 30.59
N SER FC 53 54.55 56.84 31.78
CA SER FC 53 55.03 58.14 32.18
C SER FC 53 56.34 58.49 31.50
N GLU FC 54 57.18 57.49 31.20
CA GLU FC 54 58.51 57.76 30.67
C GLU FC 54 58.44 58.63 29.41
N ALA FC 55 57.53 58.30 28.49
CA ALA FC 55 57.34 59.05 27.25
C ALA FC 55 55.92 59.58 27.25
N SER FC 56 55.72 60.75 27.85
CA SER FC 56 54.37 61.29 28.03
C SER FC 56 54.40 62.80 27.86
N VAL FC 57 53.26 63.35 27.43
CA VAL FC 57 53.13 64.79 27.27
C VAL FC 57 53.20 65.49 28.62
N PHE FC 58 52.21 65.22 29.47
CA PHE FC 58 52.29 65.55 30.88
C PHE FC 58 53.25 64.57 31.54
N ASP FC 59 53.74 64.88 32.74
CA ASP FC 59 54.66 63.99 33.44
C ASP FC 59 54.03 62.64 33.68
N ALA FC 60 52.99 62.60 34.53
CA ALA FC 60 52.17 61.41 34.69
C ALA FC 60 50.79 61.89 35.10
N TYR FC 61 49.75 61.31 34.50
CA TYR FC 61 48.43 61.90 34.62
C TYR FC 61 47.71 61.27 35.82
N VAL FC 62 46.59 61.88 36.21
CA VAL FC 62 45.96 61.57 37.50
C VAL FC 62 45.32 60.18 37.46
N LEU FC 63 45.41 59.51 36.31
CA LEU FC 63 45.10 58.10 36.17
C LEU FC 63 43.66 57.78 36.57
N PRO FC 64 42.66 58.15 35.76
CA PRO FC 64 41.31 57.67 36.01
C PRO FC 64 41.26 56.15 36.02
N LYS FC 65 40.68 55.61 37.09
CA LYS FC 65 40.75 54.19 37.37
C LYS FC 65 39.75 53.43 36.50
N LEU FC 66 39.57 52.16 36.82
CA LEU FC 66 38.40 51.39 36.40
C LEU FC 66 37.73 50.84 37.65
N TYR FC 67 36.43 51.12 37.76
CA TYR FC 67 35.58 50.71 38.87
C TYR FC 67 34.53 49.74 38.33
N VAL FC 68 34.44 48.57 38.94
CA VAL FC 68 33.52 47.54 38.47
C VAL FC 68 32.89 46.83 39.67
N LYS FC 69 31.60 46.52 39.55
CA LYS FC 69 30.91 45.69 40.54
C LYS FC 69 31.00 44.26 40.03
N LEU FC 70 32.09 43.59 40.38
CA LEU FC 70 32.35 42.24 39.91
C LEU FC 70 31.32 41.26 40.48
N HIS FC 71 30.74 40.47 39.60
CA HIS FC 71 29.76 39.44 39.93
C HIS FC 71 30.33 38.06 39.63
N TYR FC 72 30.03 37.11 40.53
CA TYR FC 72 30.23 35.70 40.27
C TYR FC 72 28.96 34.96 40.66
N CYS FC 73 28.71 33.84 40.01
CA CYS FC 73 27.80 32.88 40.60
C CYS FC 73 28.55 32.12 41.69
N VAL FC 74 27.80 31.34 42.48
CA VAL FC 74 28.45 30.55 43.51
C VAL FC 74 29.41 29.53 42.89
N SER FC 75 28.97 28.85 41.83
CA SER FC 75 29.78 27.79 41.25
C SER FC 75 30.96 28.36 40.47
N CYS FC 76 30.77 29.49 39.81
CA CYS FC 76 31.92 30.13 39.19
C CYS FC 76 32.88 30.69 40.23
N ALA FC 77 32.37 31.11 41.38
CA ALA FC 77 33.25 31.49 42.49
C ALA FC 77 34.10 30.30 42.91
N ILE FC 78 33.50 29.12 43.01
CA ILE FC 78 34.27 27.92 43.35
C ILE FC 78 35.30 27.62 42.27
N HIS FC 79 34.89 27.63 41.00
CA HIS FC 79 35.81 27.30 39.92
C HIS FC 79 36.97 28.30 39.83
N SER FC 80 36.70 29.58 40.09
CA SER FC 80 37.66 30.65 39.86
C SER FC 80 38.28 31.19 41.15
N LYS FC 81 38.05 30.52 42.29
CA LYS FC 81 38.74 30.83 43.55
C LYS FC 81 38.51 32.29 43.98
N VAL FC 82 37.24 32.60 44.29
CA VAL FC 82 36.95 33.78 45.08
C VAL FC 82 37.17 33.48 46.55
N VAL FC 83 36.50 32.45 47.06
CA VAL FC 83 36.70 31.90 48.39
C VAL FC 83 36.62 30.38 48.28
N ARG FC 84 36.67 29.71 49.43
CA ARG FC 84 36.38 28.28 49.49
C ARG FC 84 35.64 28.01 50.80
N ASN FC 85 35.48 26.72 51.10
CA ASN FC 85 34.63 26.31 52.22
C ASN FC 85 35.22 26.75 53.56
N ARG FC 86 34.46 26.51 54.62
CA ARG FC 86 34.87 26.79 55.99
C ARG FC 86 34.32 25.70 56.89
N SER FC 87 34.84 25.62 58.12
CA SER FC 87 34.51 24.51 59.01
C SER FC 87 33.02 24.52 59.38
N ARG FC 88 32.57 23.43 59.99
CA ARG FC 88 31.14 23.31 60.27
C ARG FC 88 30.65 24.39 61.21
N GLU FC 89 31.55 25.03 61.96
CA GLU FC 89 31.23 26.29 62.63
C GLU FC 89 31.89 27.48 61.97
N ALA FC 90 33.08 27.31 61.38
CA ALA FC 90 33.81 28.43 60.81
C ALA FC 90 33.14 29.01 59.58
N ARG FC 91 32.13 28.32 59.04
CA ARG FC 91 31.31 28.96 58.03
C ARG FC 91 30.53 30.13 58.61
N LYS FC 92 30.25 30.08 59.91
CA LYS FC 92 29.44 31.13 60.54
C LYS FC 92 30.16 32.46 60.50
N ASP FC 93 31.41 32.51 60.98
CA ASP FC 93 32.16 33.76 60.92
C ASP FC 93 32.70 34.00 59.51
N ARG FC 94 33.02 35.25 59.22
CA ARG FC 94 33.10 35.73 57.85
C ARG FC 94 34.41 36.46 57.60
N THR FC 95 34.93 36.35 56.39
CA THR FC 95 36.11 37.12 55.96
C THR FC 95 36.15 37.18 54.43
N PRO FC 96 35.40 38.11 53.83
CA PRO FC 96 35.32 38.18 52.37
C PRO FC 96 36.65 38.60 51.76
N PRO FC 97 36.89 38.29 50.49
CA PRO FC 97 38.16 38.69 49.88
C PRO FC 97 38.27 40.19 49.81
N PRO FC 98 39.45 40.75 50.09
CA PRO FC 98 39.64 42.20 50.17
C PRO FC 98 39.64 42.89 48.80
N ALA GC 1 1.12 2.94 -63.43
CA ALA GC 1 0.58 1.60 -63.59
C ALA GC 1 0.77 1.13 -65.01
N PRO GC 2 2.01 0.91 -65.40
CA PRO GC 2 2.35 0.78 -66.82
C PRO GC 2 2.46 -0.67 -67.26
N SER GC 3 2.65 -0.84 -68.57
CA SER GC 3 3.07 -2.14 -69.12
C SER GC 3 4.15 -2.07 -70.19
N ARG GC 4 4.28 -0.97 -70.95
CA ARG GC 4 5.32 -0.89 -71.97
C ARG GC 4 6.08 0.43 -72.01
N ASN GC 5 5.44 1.57 -71.78
CA ASN GC 5 6.03 2.89 -71.99
C ASN GC 5 6.10 3.68 -70.68
N GLY GC 6 6.80 4.83 -70.71
CA GLY GC 6 7.10 5.62 -69.52
C GLY GC 6 6.95 7.12 -69.63
N MET GC 7 5.97 7.59 -70.39
CA MET GC 7 5.86 8.98 -70.78
C MET GC 7 4.79 9.72 -69.98
N ILE GC 8 5.16 10.87 -69.41
CA ILE GC 8 4.31 11.65 -68.51
C ILE GC 8 4.00 13.01 -69.12
N LEU GC 9 2.83 13.54 -68.79
CA LEU GC 9 2.25 14.69 -69.46
C LEU GC 9 1.71 15.70 -68.46
N LYS GC 10 1.50 16.91 -68.96
CA LYS GC 10 1.21 18.11 -68.19
C LYS GC 10 -0.22 18.27 -67.71
N PRO GC 11 -1.26 18.06 -68.55
CA PRO GC 11 -2.56 18.66 -68.22
C PRO GC 11 -3.17 18.07 -66.96
N HIS GC 12 -2.70 18.52 -65.80
CA HIS GC 12 -3.40 18.21 -64.57
C HIS GC 12 -3.13 19.32 -63.55
N PHE GC 13 -4.09 20.20 -63.40
CA PHE GC 13 -4.24 21.02 -62.22
C PHE GC 13 -5.50 20.52 -61.53
N HIS GC 14 -5.37 20.05 -60.28
CA HIS GC 14 -6.50 19.41 -59.60
C HIS GC 14 -7.69 20.35 -59.43
N LYS GC 15 -7.44 21.63 -59.22
CA LYS GC 15 -8.43 22.64 -59.58
C LYS GC 15 -8.32 22.88 -61.07
N ASP GC 16 -9.46 22.91 -61.74
CA ASP GC 16 -9.53 22.47 -63.12
C ASP GC 16 -8.61 23.28 -64.03
N TRP GC 17 -8.16 22.63 -65.10
CA TRP GC 17 -7.71 23.32 -66.29
C TRP GC 17 -8.84 23.52 -67.29
N GLN GC 18 -10.05 23.06 -66.97
CA GLN GC 18 -11.15 23.25 -67.90
C GLN GC 18 -11.38 24.73 -68.13
N ARG GC 19 -11.11 25.54 -67.12
CA ARG GC 19 -11.52 26.93 -67.15
C ARG GC 19 -10.71 27.75 -68.11
N ARG GC 20 -10.01 27.12 -69.04
CA ARG GC 20 -9.27 27.82 -70.07
C ARG GC 20 -9.63 27.21 -71.42
N VAL GC 21 -9.06 27.79 -72.48
CA VAL GC 21 -9.79 27.94 -73.73
C VAL GC 21 -10.28 26.60 -74.25
N ALA GC 22 -11.40 26.68 -74.98
CA ALA GC 22 -11.77 25.78 -76.05
C ALA GC 22 -12.12 26.54 -77.32
N THR GC 23 -12.46 27.82 -77.22
CA THR GC 23 -13.01 28.59 -78.32
C THR GC 23 -11.91 28.84 -79.34
N TRP GC 24 -11.96 28.13 -80.45
CA TRP GC 24 -11.29 28.58 -81.65
C TRP GC 24 -12.29 28.59 -82.80
N PHE GC 25 -13.58 28.41 -82.51
CA PHE GC 25 -14.61 28.56 -83.52
C PHE GC 25 -14.69 29.97 -84.06
N ASN GC 26 -13.94 30.91 -83.50
CA ASN GC 26 -13.82 32.22 -84.12
C ASN GC 26 -13.19 32.11 -85.49
N GLN GC 27 -12.19 31.24 -85.64
CA GLN GC 27 -11.18 31.28 -86.69
C GLN GC 27 -11.72 31.74 -88.05
N PRO GC 28 -12.77 31.12 -88.61
CA PRO GC 28 -13.30 31.65 -89.86
C PRO GC 28 -13.86 33.05 -89.70
N ALA GC 29 -14.58 33.32 -88.62
CA ALA GC 29 -15.15 34.65 -88.43
C ALA GC 29 -14.05 35.69 -88.29
N ARG GC 30 -12.99 35.36 -87.56
CA ARG GC 30 -11.88 36.27 -87.43
C ARG GC 30 -11.19 36.51 -88.77
N LYS GC 31 -11.04 35.46 -89.57
CA LYS GC 31 -10.46 35.64 -90.89
C LYS GC 31 -11.31 36.62 -91.70
N ILE GC 32 -12.63 36.43 -91.65
CA ILE GC 32 -13.51 37.34 -92.38
C ILE GC 32 -13.32 38.76 -91.89
N ARG GC 33 -13.23 38.94 -90.58
CA ARG GC 33 -13.13 40.29 -90.01
C ARG GC 33 -11.86 40.99 -90.45
N ARG GC 34 -10.72 40.32 -90.30
CA ARG GC 34 -9.46 40.96 -90.65
C ARG GC 34 -9.37 41.23 -92.14
N ARG GC 35 -9.84 40.29 -92.97
CA ARG GC 35 -9.84 40.52 -94.40
C ARG GC 35 -10.70 41.73 -94.76
N LYS GC 36 -11.87 41.83 -94.14
CA LYS GC 36 -12.74 42.96 -94.43
C LYS GC 36 -12.11 44.27 -93.98
N ALA GC 37 -11.39 44.25 -92.87
CA ALA GC 37 -10.71 45.46 -92.41
C ALA GC 37 -9.66 45.90 -93.42
N ARG GC 38 -8.89 44.95 -93.96
CA ARG GC 38 -7.93 45.31 -94.99
C ARG GC 38 -8.60 45.87 -96.23
N GLN GC 39 -9.69 45.25 -96.69
CA GLN GC 39 -10.45 45.84 -97.78
C GLN GC 39 -10.80 47.28 -97.47
N ALA GC 40 -11.29 47.51 -96.25
CA ALA GC 40 -11.74 48.85 -95.87
C ALA GC 40 -10.62 49.87 -95.96
N ARG GC 41 -9.50 49.62 -95.27
CA ARG GC 41 -8.49 50.66 -95.21
C ARG GC 41 -7.77 50.82 -96.54
N ALA GC 42 -7.60 49.72 -97.28
CA ALA GC 42 -7.01 49.85 -98.60
C ALA GC 42 -7.91 50.63 -99.53
N ARG GC 43 -9.22 50.61 -99.30
CA ARG GC 43 -10.11 51.50 -100.03
C ARG GC 43 -9.97 52.94 -99.56
N ARG GC 44 -9.86 53.14 -98.26
CA ARG GC 44 -9.85 54.50 -97.73
C ARG GC 44 -8.62 55.26 -98.17
N ILE GC 45 -7.43 54.66 -98.03
CA ILE GC 45 -6.24 55.29 -98.60
C ILE GC 45 -5.98 54.63 -99.94
N ALA GC 46 -6.60 55.19 -101.00
CA ALA GC 46 -6.63 54.45 -102.26
C ALA GC 46 -5.28 54.42 -102.94
N PRO GC 47 -4.70 55.53 -103.40
CA PRO GC 47 -3.51 55.41 -104.23
C PRO GC 47 -2.28 54.93 -103.47
N ARG GC 48 -2.20 55.20 -102.17
CA ARG GC 48 -1.01 54.81 -101.41
C ARG GC 48 -0.86 53.29 -101.46
N PRO GC 49 0.37 52.79 -101.42
CA PRO GC 49 0.60 51.36 -101.64
C PRO GC 49 -0.15 50.52 -100.62
N ALA GC 50 -0.51 49.30 -101.04
CA ALA GC 50 -1.28 48.42 -100.17
C ALA GC 50 -0.58 48.20 -98.83
N ALA GC 51 0.58 47.56 -98.85
CA ALA GC 51 1.29 47.22 -97.62
C ALA GC 51 2.04 48.39 -97.02
N GLY GC 52 1.80 49.60 -97.51
CA GLY GC 52 2.32 50.80 -96.90
C GLY GC 52 3.77 51.11 -97.22
N PRO GC 53 4.61 51.12 -96.20
CA PRO GC 53 5.97 51.61 -96.37
C PRO GC 53 6.84 50.61 -97.10
N ILE GC 54 7.96 51.11 -97.63
CA ILE GC 54 9.04 50.22 -98.04
C ILE GC 54 9.72 49.67 -96.80
N ARG GC 55 10.14 48.41 -96.88
CA ARG GC 55 10.96 47.83 -95.84
C ARG GC 55 12.36 47.56 -96.40
N PRO GC 56 13.38 47.59 -95.56
CA PRO GC 56 14.74 47.40 -96.04
C PRO GC 56 15.19 45.96 -95.97
N ILE GC 57 16.14 45.60 -96.83
CA ILE GC 57 16.67 44.25 -96.82
C ILE GC 57 17.76 44.15 -95.77
N VAL GC 58 17.64 43.13 -94.91
CA VAL GC 58 18.56 42.92 -93.80
C VAL GC 58 18.99 41.46 -93.79
N ARG GC 59 20.09 41.19 -93.12
CA ARG GC 59 20.58 39.83 -92.95
C ARG GC 59 20.40 39.42 -91.49
N CYS GC 60 19.87 38.22 -91.30
CA CYS GC 60 19.31 37.84 -90.03
C CYS GC 60 20.40 37.56 -88.99
N PRO GC 61 20.00 37.38 -87.75
CA PRO GC 61 20.91 36.93 -86.70
C PRO GC 61 21.38 35.49 -86.87
N THR GC 62 21.67 34.85 -85.75
CA THR GC 62 22.61 33.76 -85.51
C THR GC 62 22.79 32.72 -86.61
N VAL GC 63 23.90 31.99 -86.50
CA VAL GC 63 24.47 31.12 -87.53
C VAL GC 63 23.42 30.37 -88.32
N ARG GC 64 22.32 29.99 -87.66
CA ARG GC 64 21.34 29.13 -88.31
C ARG GC 64 20.73 29.79 -89.54
N TYR GC 65 20.45 31.09 -89.48
CA TYR GC 65 20.00 31.85 -90.66
C TYR GC 65 20.88 33.08 -90.80
N HIS GC 66 22.05 32.93 -91.42
CA HIS GC 66 22.83 34.11 -91.77
C HIS GC 66 23.15 34.11 -93.26
N THR GC 67 22.31 33.49 -94.06
CA THR GC 67 22.52 33.40 -95.49
C THR GC 67 21.39 34.02 -96.30
N LYS GC 68 20.18 34.07 -95.77
CA LYS GC 68 19.05 34.63 -96.47
C LYS GC 68 18.72 36.02 -95.93
N VAL GC 69 18.02 36.80 -96.74
CA VAL GC 69 17.64 38.16 -96.39
C VAL GC 69 16.13 38.21 -96.25
N ARG GC 70 15.66 39.30 -95.67
CA ARG GC 70 14.23 39.49 -95.45
C ARG GC 70 13.98 40.97 -95.17
N ALA GC 71 12.71 41.32 -95.10
CA ALA GC 71 12.29 42.69 -94.82
C ALA GC 71 12.42 42.96 -93.33
N GLY GC 72 13.37 43.81 -92.95
CA GLY GC 72 13.57 44.18 -91.56
C GLY GC 72 12.54 45.15 -91.06
N ARG GC 73 12.94 46.03 -90.14
CA ARG GC 73 12.00 47.00 -89.60
C ARG GC 73 11.87 48.20 -90.50
N GLY GC 74 12.94 48.95 -90.69
CA GLY GC 74 12.90 50.17 -91.47
C GLY GC 74 14.30 50.58 -91.89
N PHE GC 75 14.35 51.58 -92.77
CA PHE GC 75 15.64 52.13 -93.16
C PHE GC 75 16.29 52.81 -91.98
N SER GC 76 17.62 52.84 -91.98
CA SER GC 76 18.36 53.42 -90.87
C SER GC 76 18.81 54.84 -91.20
N LEU GC 77 19.34 55.51 -90.19
CA LEU GC 77 19.53 56.95 -90.32
C LEU GC 77 20.74 57.30 -91.17
N GLU GC 78 21.87 56.63 -90.97
CA GLU GC 78 23.04 56.99 -91.76
C GLU GC 78 22.88 56.57 -93.21
N GLU GC 79 22.22 55.44 -93.45
CA GLU GC 79 21.95 55.05 -94.83
C GLU GC 79 20.97 56.02 -95.49
N LEU GC 80 19.98 56.50 -94.74
CA LEU GC 80 19.14 57.57 -95.28
C LEU GC 80 19.95 58.83 -95.55
N ARG GC 81 20.86 59.18 -94.66
CA ARG GC 81 21.67 60.38 -94.83
C ARG GC 81 22.47 60.32 -96.12
N VAL GC 82 23.13 59.19 -96.38
CA VAL GC 82 23.84 58.99 -97.64
C VAL GC 82 22.89 58.91 -98.82
N ALA GC 83 21.65 58.50 -98.60
CA ALA GC 83 20.64 58.63 -99.64
C ALA GC 83 20.19 60.06 -99.84
N GLY GC 84 20.52 60.96 -98.91
CA GLY GC 84 20.13 62.34 -99.05
C GLY GC 84 18.66 62.63 -98.81
N ILE GC 85 17.99 61.85 -97.97
CA ILE GC 85 16.60 62.08 -97.62
C ILE GC 85 16.52 62.43 -96.14
N HIS GC 86 15.82 63.51 -95.84
CA HIS GC 86 15.64 63.92 -94.45
C HIS GC 86 14.77 62.92 -93.73
N LYS GC 87 15.10 62.67 -92.45
CA LYS GC 87 14.38 61.65 -91.70
C LYS GC 87 12.92 62.03 -91.50
N LYS GC 88 12.64 63.30 -91.26
CA LYS GC 88 11.27 63.72 -91.05
C LYS GC 88 10.45 63.71 -92.33
N VAL GC 89 11.10 63.65 -93.50
CA VAL GC 89 10.41 63.64 -94.79
C VAL GC 89 10.22 62.22 -95.33
N ALA GC 90 11.13 61.30 -94.99
CA ALA GC 90 11.04 59.94 -95.52
C ALA GC 90 9.70 59.31 -95.19
N ARG GC 91 9.22 59.49 -93.98
CA ARG GC 91 7.97 58.83 -93.61
C ARG GC 91 6.80 59.43 -94.37
N THR GC 92 6.82 60.75 -94.59
CA THR GC 92 5.75 61.38 -95.36
C THR GC 92 5.75 60.93 -96.81
N ILE GC 93 6.91 60.62 -97.37
CA ILE GC 93 6.94 60.09 -98.73
C ILE GC 93 6.93 58.57 -98.63
N GLY GC 94 6.59 58.06 -97.46
CA GLY GC 94 6.35 56.64 -97.33
C GLY GC 94 7.60 55.79 -97.36
N ILE GC 95 8.45 55.96 -96.34
CA ILE GC 95 9.62 55.11 -96.14
C ILE GC 95 9.69 54.77 -94.65
N SER GC 96 10.06 53.54 -94.36
CA SER GC 96 10.15 53.09 -92.97
C SER GC 96 11.49 53.45 -92.35
N VAL GC 97 11.45 53.89 -91.10
CA VAL GC 97 12.62 54.36 -90.38
C VAL GC 97 12.62 53.76 -88.98
N ASP GC 98 13.71 53.10 -88.61
CA ASP GC 98 13.97 52.75 -87.21
C ASP GC 98 15.40 53.11 -86.86
N PRO GC 99 15.61 54.23 -86.17
CA PRO GC 99 16.98 54.69 -85.93
C PRO GC 99 17.82 53.70 -85.17
N ARG GC 100 17.22 52.89 -84.31
CA ARG GC 100 17.98 51.98 -83.46
C ARG GC 100 18.90 51.05 -84.23
N ARG GC 101 18.79 50.99 -85.56
CA ARG GC 101 19.51 50.01 -86.37
C ARG GC 101 20.79 50.63 -86.88
N ARG GC 102 21.91 50.27 -86.25
CA ARG GC 102 23.22 50.66 -86.74
C ARG GC 102 23.49 49.92 -88.04
N ASN GC 103 24.28 50.54 -88.92
CA ASN GC 103 24.54 49.98 -90.23
C ASN GC 103 26.04 49.79 -90.41
N LYS GC 104 26.44 48.63 -90.92
CA LYS GC 104 27.84 48.36 -91.21
C LYS GC 104 28.07 47.84 -92.61
N SER GC 105 27.04 47.85 -93.46
CA SER GC 105 27.22 47.82 -94.92
C SER GC 105 25.95 48.39 -95.53
N THR GC 106 26.00 49.66 -95.93
CA THR GC 106 24.82 50.32 -96.48
C THR GC 106 24.53 49.73 -97.85
N GLU GC 107 24.15 48.46 -97.83
CA GLU GC 107 23.79 47.75 -99.03
C GLU GC 107 22.36 48.05 -99.45
N SER GC 108 21.60 48.74 -98.60
CA SER GC 108 20.19 48.99 -98.87
C SER GC 108 20.01 50.07 -99.92
N LEU GC 109 20.53 51.27 -99.66
CA LEU GC 109 20.10 52.44 -100.41
C LEU GC 109 20.29 52.26 -101.90
N GLN GC 110 21.47 51.75 -102.30
CA GLN GC 110 21.97 51.71 -103.67
C GLN GC 110 20.87 51.38 -104.65
N ALA GC 111 20.16 50.28 -104.39
CA ALA GC 111 18.95 49.99 -105.10
C ALA GC 111 17.75 50.62 -104.40
N ASN GC 112 17.49 50.21 -103.15
CA ASN GC 112 16.17 50.43 -102.56
C ASN GC 112 15.66 51.86 -102.75
N VAL GC 113 16.43 52.86 -102.33
CA VAL GC 113 15.83 54.18 -102.31
C VAL GC 113 15.74 54.76 -103.71
N GLN GC 114 16.78 54.56 -104.53
CA GLN GC 114 16.72 55.09 -105.88
C GLN GC 114 15.61 54.42 -106.69
N ARG GC 115 15.48 53.10 -106.56
CA ARG GC 115 14.41 52.38 -107.23
C ARG GC 115 13.05 52.84 -106.71
N LEU GC 116 12.93 53.07 -105.40
CA LEU GC 116 11.67 53.52 -104.83
C LEU GC 116 11.29 54.88 -105.38
N LYS GC 117 12.25 55.80 -105.43
CA LYS GC 117 11.98 57.12 -106.01
C LYS GC 117 11.65 57.00 -107.49
N GLU GC 118 12.31 56.07 -108.19
CA GLU GC 118 12.00 55.83 -109.59
C GLU GC 118 10.56 55.38 -109.75
N TYR GC 119 10.09 54.51 -108.87
CA TYR GC 119 8.71 54.05 -108.95
C TYR GC 119 7.75 55.16 -108.53
N ARG GC 120 8.14 55.96 -107.54
CA ARG GC 120 7.33 57.09 -107.11
C ARG GC 120 7.15 58.11 -108.21
N SER GC 121 8.15 58.28 -109.08
CA SER GC 121 8.03 59.14 -110.24
C SER GC 121 7.42 58.43 -111.44
N LYS GC 122 7.43 57.09 -111.47
CA LYS GC 122 6.56 56.36 -112.38
C LYS GC 122 5.11 56.69 -112.08
N LEU GC 123 4.78 56.75 -110.79
CA LEU GC 123 3.53 57.34 -110.31
C LEU GC 123 3.87 58.30 -109.18
N VAL GC 124 3.63 59.58 -109.41
CA VAL GC 124 4.29 60.65 -108.71
C VAL GC 124 3.55 60.98 -107.42
N LEU GC 125 4.29 61.47 -106.44
CA LEU GC 125 3.72 62.24 -105.35
C LEU GC 125 2.74 63.25 -105.93
N PHE GC 126 1.47 63.10 -105.63
CA PHE GC 126 0.48 64.02 -106.14
C PHE GC 126 0.63 65.38 -105.47
N PRO GC 127 0.55 66.48 -106.21
CA PRO GC 127 0.66 67.79 -105.59
C PRO GC 127 -0.46 68.03 -104.59
N ARG GC 128 -0.17 68.85 -103.58
CA ARG GC 128 -1.14 69.13 -102.54
C ARG GC 128 -2.30 69.98 -103.02
N LYS GC 129 -2.23 70.53 -104.23
CA LYS GC 129 -3.34 71.23 -104.84
C LYS GC 129 -3.41 70.79 -106.30
N PRO GC 130 -4.59 70.89 -106.94
CA PRO GC 130 -4.66 70.56 -108.36
C PRO GC 130 -3.71 71.37 -109.21
N SER GC 131 -3.51 72.64 -108.87
CA SER GC 131 -2.38 73.42 -109.34
C SER GC 131 -1.20 73.04 -108.46
N ALA GC 132 -0.01 72.94 -109.06
CA ALA GC 132 1.14 72.40 -108.34
C ALA GC 132 2.24 73.44 -108.21
N PRO GC 133 2.01 74.59 -107.55
CA PRO GC 133 3.13 75.50 -107.33
C PRO GC 133 3.96 75.09 -106.13
N LYS GC 134 5.08 74.43 -106.38
CA LYS GC 134 6.09 74.09 -105.38
C LYS GC 134 5.50 73.62 -104.06
N LYS GC 135 4.34 72.98 -104.11
CA LYS GC 135 3.83 72.19 -102.99
C LYS GC 135 3.44 70.86 -103.59
N GLY GC 136 4.23 70.45 -104.59
CA GLY GC 136 4.03 69.26 -105.38
C GLY GC 136 4.82 69.39 -106.67
N ASP GC 137 5.49 68.32 -107.07
CA ASP GC 137 6.37 68.38 -108.23
C ASP GC 137 6.18 67.14 -109.09
N SER GC 138 6.48 67.31 -110.38
CA SER GC 138 6.54 66.22 -111.35
C SER GC 138 5.23 65.44 -111.44
N SER GC 139 4.10 66.14 -111.31
CA SER GC 139 2.80 65.51 -111.52
C SER GC 139 2.61 65.05 -112.96
N ALA GC 140 3.63 65.18 -113.81
CA ALA GC 140 3.51 64.77 -115.20
C ALA GC 140 3.07 63.31 -115.31
N GLU GC 141 3.42 62.49 -114.33
CA GLU GC 141 3.00 61.09 -114.34
C GLU GC 141 1.74 60.84 -113.52
N GLU GC 142 0.88 61.85 -113.43
CA GLU GC 142 -0.54 61.63 -113.20
C GLU GC 142 -1.25 62.34 -114.35
N LEU GC 143 -0.57 63.35 -114.91
CA LEU GC 143 -0.98 63.93 -116.17
C LEU GC 143 -0.93 62.91 -117.30
N LYS GC 144 -0.08 61.90 -117.15
CA LYS GC 144 0.00 60.77 -118.05
C LYS GC 144 -0.99 59.67 -117.66
N LEU GC 145 -0.94 59.23 -116.40
CA LEU GC 145 -1.85 58.21 -115.89
C LEU GC 145 -1.64 58.02 -114.40
N ALA GC 146 -2.39 57.12 -113.79
CA ALA GC 146 -2.16 56.70 -112.42
C ALA GC 146 -2.34 55.19 -112.35
N THR GC 147 -2.17 54.64 -111.15
CA THR GC 147 -2.65 53.30 -110.84
C THR GC 147 -3.92 53.48 -110.04
N GLN GC 148 -5.05 53.13 -110.65
CA GLN GC 148 -6.30 53.09 -109.90
C GLN GC 148 -6.30 51.99 -108.84
N LEU GC 149 -5.18 51.26 -108.73
CA LEU GC 149 -4.88 50.37 -107.62
C LEU GC 149 -3.51 50.72 -107.07
N THR GC 150 -2.96 49.81 -106.29
CA THR GC 150 -1.68 50.03 -105.65
C THR GC 150 -0.68 48.98 -106.13
N GLY GC 151 0.55 49.10 -105.65
CA GLY GC 151 1.45 47.99 -105.73
C GLY GC 151 1.49 47.27 -104.39
N PRO GC 152 1.17 45.96 -104.38
CA PRO GC 152 1.35 45.19 -103.14
C PRO GC 152 2.82 45.06 -102.75
N VAL GC 153 3.11 44.27 -101.71
CA VAL GC 153 4.42 44.31 -101.06
C VAL GC 153 5.55 44.24 -102.09
N MET GC 154 6.56 45.10 -101.90
CA MET GC 154 7.71 45.20 -102.80
C MET GC 154 8.62 43.99 -102.65
N PRO GC 155 9.25 43.55 -103.74
CA PRO GC 155 9.95 42.27 -103.71
C PRO GC 155 11.18 42.31 -102.83
N ILE GC 156 11.45 41.19 -102.17
CA ILE GC 156 12.62 41.07 -101.31
C ILE GC 156 13.48 39.85 -101.58
N ARG GC 157 12.94 38.74 -102.09
CA ARG GC 157 13.65 37.47 -102.09
C ARG GC 157 13.90 37.01 -103.51
N ASN GC 158 15.08 37.31 -104.06
CA ASN GC 158 15.45 36.80 -105.38
C ASN GC 158 16.93 36.45 -105.61
N VAL GC 159 17.81 36.57 -104.63
CA VAL GC 159 19.25 36.63 -104.90
C VAL GC 159 19.92 35.30 -104.62
N PHE GC 160 20.52 34.72 -105.66
CA PHE GC 160 21.58 33.71 -105.64
C PHE GC 160 22.54 34.01 -106.77
N LYS GC 161 23.78 33.57 -106.62
CA LYS GC 161 24.80 33.88 -107.61
C LYS GC 161 24.70 32.92 -108.79
N LYS GC 162 25.52 33.17 -109.80
CA LYS GC 162 25.76 32.22 -110.88
C LYS GC 162 27.00 31.41 -110.55
N GLU GC 163 27.02 30.16 -110.98
CA GLU GC 163 28.05 29.21 -110.58
C GLU GC 163 28.51 28.45 -111.80
N LYS GC 164 29.54 28.96 -112.47
CA LYS GC 164 29.93 28.50 -113.80
C LYS GC 164 30.81 27.27 -113.70
N ALA GC 165 31.11 26.70 -114.87
CA ALA GC 165 31.92 25.49 -114.96
C ALA GC 165 33.37 25.88 -115.24
N ARG GC 166 34.17 25.95 -114.18
CA ARG GC 166 35.57 26.29 -114.30
C ARG GC 166 36.40 25.03 -114.07
N VAL GC 167 37.43 24.84 -114.88
CA VAL GC 167 38.25 23.64 -114.74
C VAL GC 167 39.02 23.71 -113.43
N ILE GC 168 39.40 22.54 -112.91
CA ILE GC 168 40.05 22.48 -111.62
C ILE GC 168 41.49 22.91 -111.76
N THR GC 169 41.94 23.77 -110.83
CA THR GC 169 43.33 24.18 -110.76
C THR GC 169 44.07 23.32 -109.74
N GLU GC 170 45.38 23.21 -109.94
CA GLU GC 170 46.16 22.19 -109.25
C GLU GC 170 46.26 22.45 -107.75
N GLU GC 171 46.56 23.69 -107.37
CA GLU GC 171 46.79 23.97 -105.97
C GLU GC 171 45.54 23.76 -105.13
N GLU GC 172 44.36 23.96 -105.73
CA GLU GC 172 43.12 23.65 -105.03
C GLU GC 172 43.08 22.19 -104.61
N LYS GC 173 43.39 21.29 -105.53
CA LYS GC 173 43.42 19.88 -105.20
C LYS GC 173 44.49 19.59 -104.15
N ASN GC 174 45.69 20.17 -104.32
CA ASN GC 174 46.74 19.90 -103.35
C ASN GC 174 46.37 20.41 -101.97
N PHE GC 175 45.47 21.39 -101.87
CA PHE GC 175 44.99 21.85 -100.58
C PHE GC 175 44.31 20.71 -99.84
N LYS GC 176 44.55 20.64 -98.53
CA LYS GC 176 43.99 19.61 -97.68
C LYS GC 176 43.02 20.25 -96.71
N ALA GC 177 41.77 19.76 -96.69
CA ALA GC 177 40.68 20.47 -96.05
C ALA GC 177 40.47 20.07 -94.60
N PHE GC 178 40.40 18.76 -94.34
CA PHE GC 178 40.14 18.31 -92.98
C PHE GC 178 41.27 18.68 -92.05
N ALA GC 179 42.51 18.51 -92.51
CA ALA GC 179 43.65 18.94 -91.71
C ALA GC 179 43.59 20.43 -91.43
N SER GC 180 43.28 21.23 -92.45
CA SER GC 180 43.14 22.66 -92.24
C SER GC 180 42.15 22.94 -91.14
N LEU GC 181 40.96 22.37 -91.24
CA LEU GC 181 39.92 22.68 -90.28
C LEU GC 181 40.33 22.28 -88.88
N ARG GC 182 40.78 21.05 -88.70
CA ARG GC 182 41.15 20.60 -87.36
C ARG GC 182 42.28 21.45 -86.77
N MET GC 183 43.34 21.67 -87.53
CA MET GC 183 44.51 22.31 -86.96
C MET GC 183 44.26 23.79 -86.71
N ALA GC 184 43.59 24.47 -87.66
CA ALA GC 184 43.22 25.85 -87.41
C ALA GC 184 42.17 25.99 -86.32
N ARG GC 185 41.42 24.93 -86.05
CA ARG GC 185 40.50 24.97 -84.91
C ARG GC 185 41.27 24.89 -83.60
N ALA GC 186 42.29 24.04 -83.55
CA ALA GC 186 43.06 23.91 -82.31
C ALA GC 186 43.95 25.12 -82.07
N ASN GC 187 44.34 25.83 -83.14
CA ASN GC 187 45.16 27.03 -82.96
C ASN GC 187 44.51 27.99 -81.98
N ALA GC 188 43.33 28.51 -82.32
CA ALA GC 188 42.74 29.58 -81.54
C ALA GC 188 42.48 29.16 -80.11
N ARG GC 189 42.16 27.89 -79.89
CA ARG GC 189 41.96 27.43 -78.52
C ARG GC 189 43.28 27.37 -77.76
N LEU GC 190 44.39 27.10 -78.45
CA LEU GC 190 45.69 27.10 -77.78
C LEU GC 190 46.38 28.45 -77.81
N PHE GC 191 45.75 29.48 -78.37
CA PHE GC 191 46.45 30.74 -78.64
C PHE GC 191 46.96 31.38 -77.35
N GLY GC 192 46.10 31.51 -76.35
CA GLY GC 192 46.49 32.27 -75.15
C GLY GC 192 47.60 31.61 -74.37
N ILE GC 193 47.51 30.30 -74.17
CA ILE GC 193 48.47 29.62 -73.32
C ILE GC 193 49.86 29.67 -73.94
N ARG GC 194 49.95 29.64 -75.27
CA ARG GC 194 51.23 29.84 -75.92
C ARG GC 194 51.81 31.21 -75.58
N ALA GC 195 50.96 32.24 -75.55
CA ALA GC 195 51.44 33.56 -75.16
C ALA GC 195 51.95 33.56 -73.72
N LYS GC 196 51.20 32.92 -72.82
CA LYS GC 196 51.65 32.87 -71.43
C LYS GC 196 53.03 32.23 -71.32
N ARG GC 197 53.21 31.08 -71.97
CA ARG GC 197 54.49 30.39 -71.82
C ARG GC 197 55.60 31.01 -72.65
N ALA GC 198 55.26 31.78 -73.69
CA ALA GC 198 56.27 32.58 -74.36
C ALA GC 198 56.79 33.67 -73.43
N LYS GC 199 55.88 34.35 -72.72
CA LYS GC 199 56.32 35.28 -71.68
C LYS GC 199 57.17 34.56 -70.64
N GLU GC 200 56.73 33.38 -70.21
CA GLU GC 200 57.48 32.62 -69.23
C GLU GC 200 58.91 32.38 -69.71
N ALA GC 201 59.06 31.90 -70.95
CA ALA GC 201 60.39 31.65 -71.48
C ALA GC 201 61.20 32.93 -71.59
N ALA GC 202 60.57 34.03 -72.02
CA ALA GC 202 61.27 35.29 -72.17
C ALA GC 202 61.78 35.84 -70.86
N GLU GC 203 61.10 35.57 -69.75
CA GLU GC 203 61.55 36.09 -68.46
C GLU GC 203 62.98 35.65 -68.15
N GLN GC 204 63.23 34.35 -68.17
CA GLN GC 204 64.60 33.90 -67.95
C GLN GC 204 65.49 34.15 -69.17
N ASP GC 205 64.94 34.11 -70.39
CA ASP GC 205 65.75 34.35 -71.57
C ASP GC 205 66.28 35.77 -71.65
N VAL GC 206 65.72 36.69 -70.86
CA VAL GC 206 66.28 38.04 -70.78
C VAL GC 206 66.97 38.32 -69.43
N GLU GC 207 66.56 37.64 -68.35
CA GLU GC 207 67.34 37.80 -67.13
C GLU GC 207 68.70 37.10 -67.25
N LYS GC 208 68.87 36.22 -68.24
CA LYS GC 208 70.17 35.68 -68.59
C LYS GC 208 70.87 36.49 -69.66
N LYS GC 209 70.24 37.56 -70.17
CA LYS GC 209 70.92 38.55 -70.97
C LYS GC 209 71.32 39.78 -70.17
N LYS GC 210 70.69 39.99 -69.02
CA LYS GC 210 71.12 41.03 -68.08
C LYS GC 210 72.62 40.88 -67.78
ZN ZN HC . -30.81 44.69 -45.47
ZN ZN IC . -25.40 -65.25 -15.83
ZN ZN JC . 54.86 5.44 -58.40
ZN ZN KC . -22.34 62.90 19.42
ZN ZN LC . 66.45 -28.87 55.49
ZN ZN MC . 29.19 31.42 36.71
#